data_6MSH
#
_entry.id   6MSH
#
loop_
_entity.id
_entity.type
_entity.pdbx_description
1 polymer '26S proteasome non-ATPase regulatory subunit 1'
2 polymer '26S proteasome non-ATPase regulatory subunit 3'
3 polymer '26S proteasome non-ATPase regulatory subunit 12'
4 polymer '26S proteasome non-ATPase regulatory subunit 11'
5 polymer '26S proteasome non-ATPase regulatory subunit 6'
6 polymer '26S proteasome non-ATPase regulatory subunit 7'
7 polymer '26S proteasome non-ATPase regulatory subunit 13'
8 polymer '26S proteasome non-ATPase regulatory subunit 4'
9 polymer '26S proteasome non-ATPase regulatory subunit 14'
10 polymer '26S proteasome non-ATPase regulatory subunit 8'
11 polymer '26S proteasome complex subunit SEM1'
12 polymer '26S proteasome non-ATPase regulatory subunit 2'
13 polymer '26S proteasome regulatory subunit 7'
14 polymer '26S proteasome regulatory subunit 4'
15 polymer '26S proteasome regulatory subunit 8'
16 polymer '26S proteasome regulatory subunit 6B'
17 polymer '26S proteasome regulatory subunit 10B'
18 polymer '26S proteasome regulatory subunit 6A'
19 polymer substrate
20 polymer 'Proteasome subunit alpha type-6'
21 polymer 'Proteasome subunit alpha type-2'
22 polymer 'Proteasome subunit alpha type-4'
23 polymer 'Proteasome subunit alpha type-7'
24 polymer 'Proteasome subunit alpha type-5'
25 polymer 'Proteasome subunit alpha type-1'
26 polymer 'Proteasome subunit alpha type-3'
27 polymer 'Proteasome subunit beta type-6'
28 polymer 'Proteasome subunit beta type-7'
29 polymer 'Proteasome subunit beta type-3'
30 polymer 'Proteasome subunit beta type-2'
31 polymer 'Proteasome subunit beta type-5'
32 polymer 'Proteasome subunit beta type-1'
33 polymer 'Proteasome subunit beta type-4'
34 non-polymer 'ZINC ION'
35 non-polymer "ADENOSINE-5'-TRIPHOSPHATE"
36 non-polymer "ADENOSINE-5'-DIPHOSPHATE"
#
loop_
_entity_poly.entity_id
_entity_poly.type
_entity_poly.pdbx_seq_one_letter_code
_entity_poly.pdbx_strand_id
1 'polypeptide(L)'
;MITSAAGIISLLDEDEPQLKEFALHKLNAVVNDFWAEISESVDKIEVLYEDEGFRSRQFAALVASKVFYHLGAFEESLNY
ALGAGDLFNVNDNSEYVETIIAKCIDHYTKQCVENADLPEGEKKPIDQRLEGIVNKMFQRCLDDHKYKQAIGIALETRRL
DVFEKTILESNDVPGMLAYSLKLCMSLMQNKQFRNKVLRVLVKIYMNLEKPDFINVCQCLIFLDDPQAVSDILEKLVKED
NLLMAYQICFDLYESASQQFLSSVIQNLRTVGTPIASVPGSTNTGTVPGSEKDSDSMETEEKTSSAFVGKTPEASPEPKD
QTLKMIKILSGEMAIELHLQFLIRNNNTDLMILKNTKDAVRNSVCHTATVIANSFMHCGTTSDQFLRDNLEWLARATNWA
KFTATASLGVIHKGHEKEALQLMATYLPKDTSPGSAYQEGGGLYALGLIHANHGGDIIDYLLNQLKNASNDIVRHGGSLG
LGLAAMGTARQDVYDLLKTNLYQDDAVTGEAAGLALGLVMLGSKNAQAIEDMVGYAQETQHEKILRGLAVGIALVMYGRM
EEADALIESLCRDKDPILRRSGMYTVAMAYCGSGNNKAIRRLLHVAVSDVNDDVRRAAVESLGFILFRTPEQCPSVVSLL
SESYNPHVRYGAAMALGICCAGTGNKEAINLLEPMTNDPVNYVRQGALIASALIMIQQTEITCPKVNQFRQLYSKVINDK
HDDVMAKFGAILAQGILDAGGHNVTISLQSRTGHTHMPSVVGVLVFTQFWFWFPLSHFLSLAYTPTCVIGLNKDLKMPKV
QYKSNCKPSTFAYPAPLEVPKEKEKEKVSTAVLSITAKAKKKEKEKEKKEEEKMEVDEAEKKEEKEKKKEPEPNFQLLDN
PARVMPAQLKVLTMPETCRYQPFKPLSIGGIIILKDTSEDIEELVEPVAAHGPKIEEEEQEPEPPEPFEYIDD
;
U
2 'polypeptide(L)'
;KQEGSARRRGADKAKPPPGGGEQEPPPPPAPQDVEMKEEAATGGGSTGEADGKTAAAAAEHSQRELDTVTLEDIKEHVKQ
LEKAVSGKEPRFVLRALRMLPSTSRRLNHYVLYKAVQGFFTSNNATRDFLLPFLEEPMDTEADLQFRPRTGKAASTPLLP
EVEAYLQLLVVIFMMNSKRYKEAQKISDDLMQKISTQNRRALDLVAAKCYYYHARVYEFLDKLDVVRSFLHARLRTATLR
HDADGQATLLNLLLRNYLHYSLYDQAEKLVSKSVFPEQANNNEWARYLYYTGRIKAIQLEYSEARRTMTNALRKAPQHTA
VGFKQTVHKLLIVVELLLGEIPDRLQFRQPSLKRSLMPYFLLTQAVRTGNLAKFNQVLDQFGEKFQADGTYTLIIRLRHN
VIKTGVRMISLSYSRISLADIAQKLQLDSPEDAEFIVAKAIRDGVIEASINHEKGYVQSKEMIDIYSTREPQLAFHQRIS
FCLDIHNMSVKAMRFPPKSYNKDLESAEERREREQQDLEFAKEMAEDDDDSFP
;
V
3 'polypeptide(L)'
;MADGGSERADGRIVKMEVDYSATVDQRLPECAKLAKEGRLQEVIETLLSLEKQTRTASDMVSTSRILVAVVKMCYEAKEW
DLLNENIMLLSKRRSQLKQAVAKMVQQCCTYVEEITDLPIKLRLIDTLRMVTEGKIYVEIERARLTKTLATIKEQNGDVK
EAASILQELQVETYGSMEKKERVEFILEQMRLCLAVKDYIRTQIISKKINTKFFQEENTEKLKLKYYNLMIQLDQHEGSY
LSICKHYRAIYDTPCIQAESEKWQQALKSVVLYVILAPFDNEQSDLVHRISGDKKLEEIPKYKDLLKLFTTMELMRWSTL
VEDYGMELRKGSLESPATDVFGSTEEGEKRWKDLKNRVVEHNIRIMAKYYTRITMKRMAQLLDLSVDESEAFLSNLVVNK
TIFAKVDRLAGIINFQRPKDPNNLLNDWSQKLNSLMSLVNKTTHLIAKEEMIHNLQ
;
W
4 'polypeptide(L)'
;MAAAAVVEFQRAQSLLSTDREASIDILHSIVKRDIQENDEEAVQVKEQSILELGSLLAKTGQAAELGGLLKYVRPFLNSI
SKAKAARLVRSLLDLFLDMEAATGQEVELCLECIEWAKSEKRTFLRQALEARLVSLYFDTKRYQEALHLGSQLLRELKKM
DDKALLVEVQLLESKTYHALSNLPKARAALTSARTTANAIYCPPKLQATLDMQSGIIHAAEEKDWKTAYSYFYEAFEGYD
SIDSPKAITSLKYMLLCKIMLNTPEDVQALVSGKLALRYAGRQTEALKCVAQASKNRSLADFEKALTDYRAELRDDPIIS
THLAKLYDNLLEQNLIRVIEPFSRVQIEHISSLIKLSKADVERKLSQMILDKKFHGILDQGEGVLIIFDEPPVDKTYEAA
LETIQNMSKVVDSLYNKAKKLT
;
X
5 'polypeptide(L)'
;MPLENLEEEGLPKNPDLRIAQLRFLLSLPEHRGDAAVRDELMAAVRDNNMAPYYEALCKSLDWQIDVDLLNKMKKANEDE
LKRLDEELEDAEKNLGESEIRDAMMAKAEYLCRIGDKEGALTAFRKTYDKTVALGHRLDIVFYLLRIGLFYMDNDLITRN
TEKAKSLIEEGGDWDRRNRLKVYQGLYCVAIRDFKQAAELFLDTVSTFTSYELMDYKTFVTYTVYVSMIALERPDLREKV
IKGAEILEVLHSLPAVRQYLFSLYECRYSVFFQSLAVVEQEMKKDWLFAPHYRYYVREMRIHAYSQLLESYRSLTLGYMA
EAFGVGVEFIDQELSRFIAAGRLHCKIDKVNEIVETNRPDSKNWQYQETIKKGDLLLNRVQKLSRVINM
;
Y
6 'polypeptide(L)'
;MPELAVQKVVVHPLVLLSVVDHFNRIGKVGNQKRVVGVLLGSWQKKVLDVSNSFAVPFDEDDKDDSVWFLDHDYLENMYG
MFKKVNARERIVGWYHTGPKLHKNDIAINELMKRYCPNSVLVIIDVKPKDLGLPTEAYISVEEVHDDGTPTSKTFEHVTS
EIGAEEAEEVGVEHLLRDIKDTTVGTLSQRITNQVHGLKGLNSKLLDIRSYLEKVATGKLPINHQIIYQLQDVFNLLPDV
SLQEFVKAFYLKTNDQMVVVYLASLIRSVVALHNLINNKIANRDAEKKEGQEKEESKKDRKEDKEKDKDKEKSDVKKEEK
KEKK
;
Z
7 'polypeptide(L)'
;MKDVPGFLQQSQNSGPGQPAVWHRLEELYTKKLWHQLTLQVLDFVQDPCFAQGDGLIKLYENFISEFEHRVNPLSLVEII
LHVVRQMTDPNVALTFLEKTREKVKSSDEAVILCKTAIGALKLNIGDLQVTKETIEDVEEMLNNLPGVTSVHSRFYDLSS
KYYQTIGNHASYYKDALRFLGCVDIKDLPVSEQQERAFTLGLAGLLGEGVFNFGELLMHPVLESLRNTDRQWLIDTLYAF
NSGNVERFQTLKTAWGQQPDLAANEAQLLRKIQLLCLMEMTFTRPANHRQLTFEEIAKSAKITVNEVELLVMKALSVGLV
KGSIDEVDKRVHMTWVQPRVLDLQQIKGMKDRLEFWCTDVKSMEMLVEHQAHDILT
;
a
8 'polypeptide(L)'
;MVLESTMVCVDNSEYMRNGDFLPTRLQAQQDAVNIVCHSKTRSNPENNVGLITLANDCEVLTTLTPDTGRILSKLHTVQP
KGKITFCTGIRVAHLALKHRQGKNHKMRIIAFVGSPVEDNEKDLVKLAKRLKKEKVNVDIINFGEEEVNTEKLTAFVNTL
NGKDGTGSHLVTVPPGPSLADALISSPILAGEGGAMLGLGASDFEFGVDPSADPELALALRVSMEEQRQRQEEEARRAAA
ASAAEAGIATTGTEDSDDALLKMTISQQEFGRTGLPDLSSMTEEEQIAYAMQMSLQGAEFGQAESADIDASSAMDTSEPA
KEEDDYDVMQDPEFLQSVLENLPGVDPNNEAIRNAMGSLASQATKDGKKDKKEEDKK
;
b
9 'polypeptide(L)'
;DRLLRLGGGMPGLGQGPPTDAPAVDTAEQVYISSLALLKMLKHGRAGVPMEVMGLMLGEFVDDYTVRVIDVFAMPQSGTG
VSVEAVDPVFQAKMLDMLKQTGRPEMVVGWYHSHPGFGCWLSGVDINTQQSFEALSERAVAVVVDPIQSVKGKVVIDAFR
LINANMMVLGHEPRQTTSNLGHLNKPSIQALIHGLNRHYYSITINYRKNELEQKMLLNLHKKSWMEGLTLQDYSEHCKHN
ESVVKEMLELAKNYNKAVEEEDKMTPEQLAIKNVGKQDPKRHLEEHVDVLMTSNIVQCLAAMLDTVVFK
;
c
10 'polypeptide(L)'
;FIKGRAPRAPPRERRRATRGGLRQVVAPPRALGSTSRPHFRRASVCRRRCRKSGGLLAASRKMAAAAVNGAAGFSSSGPA
ATSGAVLQAATGMYEQLKGEWNRKSPNLSKCGEELGRLKLVLLELNFLPTTGTKLTKQQLILARDILEIGAQWSILRKDI
PSFERYMAQLKCYYFDYKEQLPESAYMHQLLGLNLLFLLSQNRVAEFHTELERLPAKDIQTNVYIKHPVSLEQYLMEGSY
NKVFLAKGNIPAESYTFFIDILLDTIRDEIAGCIEKAYEKILFTEATRILFFNTPKKMTDYAKKRGWVLGPNNYYSFASQ
QQKPEDTTIPSTELAKQVIEYARQLEMIV
;
d
11 'polypeptide(L)' MSEKKQPVDLGLLEEDDEFEEFPAEDWAGLDEDEDAHVWEDNWDDDNVEDDFSNQLRAELEKHGYKMETS e
12 'polypeptide(L)'
;MEEGGRDKAPVQPQQSPAAAPGGTDEKPSGKERRDAGDKDKEQELSEEDKQLQDELEMLVERLGEKDTSLYRPALEELRR
QIRSSTTSMTSVPKPLKFLRPHYGKLKEIYENMAPGENKRFAADIISVLAMTMSGERECLKYRLVGSQEELASWGHEYVR
HLAGEVAKEWQELDDAEKVQREPLLTLVKEIVPYNMAHNAEHEACDLLMEIEQVDMLEKDIDENAYAKVCLYLTSCVNYV
PEPENSALLRCALGVFRKFSRFPEALRLALMLNDMELVEDIFTSCKDVVVQKQMAFMLGRHGVFLELSEDVEEYEDLTEI
MSNVQLNSNFLALARELDIMEPKVPDDIYKTHLENNRFGGSGSQVDSARMNLASSFVNGFVNAAFGQDKLLTDDGNKWLY
KNKDHGMLSAAASLGMILLWDVDGGLTQIDKYLYSSEDYIKSGALLACGIVNSGVRNECDPALALLSDYVLHNSNTMRLG
SIFGLGLAYAGSNREDVLTLLLPVMGDSKSSMEVAGVTALACGMIAVGSCNGDVTSTILQTIMEKSETELKDTYARWLPL
GLGLNHLGKGEAIEAILAALEVVSEPFRSFANTLVDVCAYAGSGNVLKVQQLLHICSEHFDSKEKEEDKDKKEKKDKDKK
EAPADMGAHQGVAVLGIALIAMGEEIGAEMALRTFGHLLRYGEPTLRRAVPLALALISVSNPRLNILDTLSKFSHDADPE
VSYNSIFAMGMVGSGTNNARLAAMLRQLAQYHAKDPNNLFMVRLAQGLTHLGKGTLTLCPYHSDRQLMSQVAVAGLLTVL
VSFLDVRNIILGKSHYVLYGLVAAMQPRMLVTFDEELRPLPVSVRVGQAVDVVGQAGKPKTITGFQTHTTPVLLAHGERA
ELATEEFLPVTP
;
f
13 'polypeptide(L)'
;MPDYLGADQRKTKEDEKDDKPIRALDEGDIALLKTYGQSTYSRQIKQVEDDIQQLLKKINELTGIKESDTGLAPPALWDL
AADKQTLQSEQPLQVARCTKIINADSEDPKYIINVKQFAKFVVDLSDQVAPTDIEEGMRVGVDRNKYQIHIPLPPKIDPT
VTMMQVEEKPDVTYSDVGGCKEQIEKLREVVETPLLHPERFVNLGIEPPKGVLLFGPPGTGKTLCARAVANRTDACFIRV
IGSELVQKYVGEGARMVRELFEMARTKKACLIFFDEIDAIGGARFDDGAGGDNEVQRTMLELINQLDGFDPRGNIKVLMA
TNRPDTLDPALMRPGRLDRKIEFSLPDLEGRTHIFKIHARSMSVERDIRFELLARLCPNSTGAEIRSVCTEAGMFAIRAR
RKIATEKDFLEAVNKVIKSYAKFSATPRYMTYN
;
A
14 'polypeptide(L)'
;MGQSQSGGHGPGGGKKDDKDKKKKYEPPVPTRVGKKKKKTKGPDAASKLPLVTPHTQCRLKLLKLERIKDYLLMEEEFIR
NQEQMKPLEEKQEEERSKVDDLRGTPMSVGTLEEIIDDNHAIVSTSVGSEHYVSILSFVDKDLLEPGCSVLLNHKVHAVI
GVLMDDTDPLVTVMKVEKAPQETYADIGGLDNQIQEIKESVELPLTHPEYYEEMGIKPPKGVILYGPPGTGKTLLAKAVA
NQTSATFLRVVGSELIQKYLGDGPKLVRELFRVAEEHAPSIVFIDEIDAIGTKRYDSNSGGEREIQRTMLELLNQLDGFD
SRGDVKVIMATNRIETLDPALIRPGRIDRKIEFPLPDEKTKKRIFQIHTSRMTLADDVTLDDLIMAKDDLSGADIKAICT
EAGLMALRERRMKVTNEDFKKSKENVLYKKQEGTPEGLYL
;
B
15 'polypeptide(L)'
;MELEEGKAGSGLRQYYLSKIEELQLIVNDKSQNLRRLQAQRNELNAKVRLLREELQLLQEQGSYVGEVVRAMDKKKVLVK
VHPEGKFVVDVDKNIDINDVTPNCRVALRNDSYTLHKILPNKVDPLVSLMMVEKVPDSTYEMIGGLDKQIKEIKEVIELP
VKHPELFEALGIAQPKGVLLYGPPGTGKTLLARAVAHHTDCTFIRVSGSELVQKFIGEGARMVRELFVMAREHAPSIIFM
DEIDSIGSSRLEGGSGGDSEVQRTMLELLNQLDGFEATKNIKVIMATNRIDILDSALLRPGRIDRKIEFPPPNEEARLDI
LKIHSRKMNLTRGINLRKIAELMPGASGAEVKGVCTEAGMYALRERRVHVTQEDFEMAVAKVMQKDSEKNMSIKKLWK
;
C
16 'polypeptide(L)'
;MEEIGILVEKAQDEIPALSVSRPQTGLSFLGPEPEDLEDLYSRYKKLQQELEFLEVQEEYIKDEQKNLKKEFLHAQEEVK
RIQSIPLVIGQFLEAVDQNTAIVGSTTGSNYYVRILSTIDRELLKPNASVALHKHSNALVDVLPPEADSSIMMLTSDQKP
DVMYADIGGMDIQKQEVREAVELPLTHFELYKQIGIDPPRGVLMYGPPGCGKTMLAKAVAHHTTAAFIRVVGSEFVQKYL
GEGPRMVRDVFRLAKENAPAIIFIDEIDAIATKRFDAQTGADREVQRILLELLNQMDGFDQNVNVKVIMATNRADTLDPA
LLRPGRLDRKIEFPLPDRRQKRLIFSTITSKMNLSEEVDLEDYVARPDKISGADINSICQESGMLAVRENRYIVLAKDFE
KAYKTVIKKDEQEHEFYK
;
D
17 'polypeptide(L)'
;MAIPGIPYERRLLIMADPRDKALQDYRKKLLEHKEIDGRLKELREQLKELTKQYEKSENDLKALQSVGQIVGEVLKQLTE
EKFIVKATNGPRYVVGCRRQLDKSKLKPGTRVALDMTTLTIMRYLPREVDPLVYNMSHEDPGNVSYSEIGGLSEQIRELR
EVIELPLTNPELFQRVGIIPPKGCLLYGPPGTGKTLLARAVASQLDCNFLKVVSSSIVDKYIGESARLIREMFNYARDHQ
PCIIFMDEIDAIGGRRFSEGTSADREIQRTLMELLNQMDGFDTLHRVKMIMATNRPDTLDPALLRPGRLDRKIHIDLPNE
QARLDILKIHAGPITKHGEIDYEAIVKLSDGFNGADLRNVCTEAGMFAIRADHDFVVQEDFMKAVRKVADSKKLESKLDY
KPV
;
E
18 'polypeptide(L)'
;MNLLPNIESPVTRQEKMATVWDEAEQDGIGEEVLKMSTEEIIQRTRLLDSEIKIMKSEVLRVTHELQAMKDKIKENSEKI
KVNKTLPYLVSNVIELLDVDPNDQEEDGANIDLDSQRKGKCAVIKTSTRQTYFLPVIGLVDAEKLKPGDLVGVNKDSYLI
LETLPTEYDSRVKAMEVDERPTEQYSDIGGLDKQIQELVEAIVLPMNHKEKFENLGIQPPKGVLMYGPPGTGKTLLARAC
AAQTKATFLKLAGPQLVQMFIGDGAKLVRDAFALAKEKAPSIIFIDELDAIGTKRFDSEKAGDREVQRTMLELLNQLDGF
QPNTQVKVIAATNRVDILDPALLRSGRLDRKIEFPMPNEEARARIMQIHSRKMNVSPDVNYEELARCTDDFNGAQCKAVC
VEAGMIALRRGATELTHEDYMEGILEVQAKKKANLQYYA
;
F
19 'polypeptide(L)'
;(UNK)(UNK)(UNK)(UNK)(UNK)(UNK)(UNK)(UNK)(UNK)(UNK)(UNK)(UNK)(UNK)(UNK)(UNK)(UNK)
(UNK)(UNK)(UNK)(UNK)(UNK)(UNK)
;
v
20 'polypeptide(L)'
;SRGSSAGFDRHITIFSPEGRLYQVEYAFKAINQGGLTSVAVRGKDCAVIVTQKKVPDKLLDSSTVTHLFKITENIGCVMT
GMTADSRSQVQRARYEAANWKYKYGYEIPVDMLCKRIADISQVYTQNAEMRPLGCCMILIGIDEEQGPQVYKCDPAGYYC
GFKATAAGVKQTESTSFLEKKVKKKFDWTFEQTVETAITCLSTVLSIDFKPSEIEVGVVTVENPKFRILTEAEIDAHLVA
LAERD
;
G,g
21 'polypeptide(L)'
;AERGYSFSLTTFSPSGKLVQIEYALAAVAGGAPSVGIKAANGVVLATEKKQKSILYDERSVHKVEPITKHIGLVYSGMGP
DYRVLVHRARKLAQQYYLVYQEPIPTAQLVQRVASVMQEYTQSGGVRPFGVSLLICGWNEGRPYLFQSDPSGAYFAWKAT
AMGKNYVNGKTFLEKRYNEDLELEDAIHTAILTLKESFEGQMTEDNIEVGICNEAGFRRLTPTEVKDYLAAIA
;
H,h
22 'polypeptide(L)'
;SRRYDSRTTIFSPEGRLYQVEYAMEAIGHAGTCLGILANDGVLLAAERRNIHKLLDEVFFSEKIYKLNEDMACSVAGITS
DANVLTNELRLIAQRYLLQYQEPIPCEQLVTALCDIKQAYTQFGGKRPFGVSLLYIGWDKHYGFQLYQSDPSGNYGGWKA
TCIGNNSAAAVSMLKQDYKEGEMTLKSALALAIKVLNKTMDVSKLSAEKVEIATLTRENGKTVIRVLKQKEVEQLIKKHE
EEEAKAEREKKEKEQKEKDK
;
I,i
23 'polypeptide(L)'
;SYDRAITVFSPDGHLFQVEYAQEAVKKGSTAVGVRGRDIVVLGVEKKSVAKLQDERTVRKICALDDNVCMAFAGLTADAR
IVINRARVECQSHRLTVEDPVTVEYITRYIASLKQRYTQSNGRRPFGISALIVGFDFDGTPRLYQTDPSGTYHAWKANAI
GRGAKSVREFLEKNYTDEAIETDDLTIKLVIKALLEVVQSGGKNIELAVMRRDQSLKILNPEEIEKYVAEIEKEKEENEK
KKQKKAS
;
J,j
24 'polypeptide(L)'
;FLTRSEYDRGVNTFSPEGRLFQVEYAIEAIKLGSTAIGIQTSEGVCLAVEKRITSPLMEPSSIEKIVEIDAHIGCAMSGL
IADAKTLIDKARVETQNHWFTYNETMTVESVTQAVSNLALQFGEEDADPGAMSRPFGVALLFGGVDEKGPQLFHMDPSGT
FVQCDARAIGSASEGAQSSLQEVYHKSMTLKEAIKSSLIILKQVMEEKLNATNIELATVQPGQNFHMFTKEELEEVIKDI
;
K,k
25 'polypeptide(L)'
;QLSKVKFRNQYDNDVTVWSPQGRIHQIEYAMEAVKQGSATVGLKSKTHAVLVALKRAQSELAAHQKKILHVDNHIGISIA
GLTADARLLCNFMRQECLDSRFVFDRPLPVSRLVSLIGSKTQIPTQRYGRRPYGVGLLIAGYDDMGPHIFQTCPSANYFD
CRAMSIGARSQSARTYLERHMSEFMECNLNELVKHGLRALRETLPAEQDLTTKNVSIGIVGKDLEFTIYDDDDVSPFLEG
LEERPQRKAQPAQPADEPAEKADEPMEH
;
L,l
26 'polypeptide(L)'
;SSIGTGYDLSASTFSPDGRVFQVEYAMKAVENSSTAIGIRCKDGVVFGVEKLVLSKLYEEGSNKRLFNVDRHVGMAVAGL
LADARSLADIAREEASNFRSNFGYNIPLKHLADRVAMYVHAYTLYSAVRPFGCSFMLGSYSVNDGAQLYMIDPSGVSYGY
WGCAIGKARQAAKTEIEKLQMKEMTCRDIVKEVAKIIYIVHDEVKDKAFELELSWVGELTNGRHEIVPKDIREEAEKYAK
ESLKEEDESDDDNM
;
M,m
27 'polypeptide(L)'
;AATLLAARGAGPAPAWGPEAFTPDWESREVSTGTTIMAVQFDGGVVLGADSRTTTGSYIANRVTDKLTPIHDRIFCCRSG
SAADTQAVADAVTYQLGFHSIELNEPPLVHTAASLFKEMCYRYREDLMAGIIIAGWDPQEGGQVYSVPMGGMMVRQSFAI
GGSGSSYIYGYVDATYREGMTKEECLQFTANALALAMERDGSSGGVIRLAAIAESGVERQVLLGDQIPKFAVATLPPA
;
N,n
28 'polypeptide(L)'
;AAVSVYAPPVGGFSFDNCRRNAVLEADFAKRGYKLPKVRKTGTTIAGVVYKDGIVLGADTRATEGMVVADKNCSKIHFIS
PNIYCCGAGTAADTDMTTQLISSNLELHSLSTGRLPRVVTANRMLKQMLFRYQGYIGAALVLGGVDVTGPHLYSIYPHGS
TDKLPYVTMGSGSLAAMAVFEDKFRPDMEEEEAKNLVSEAIAAGIFNDLGSGSNIDLCVISKNKLDFLRPYTVPNKKGTR
LGRYRCEKGTTAVLTEKITPLEIEVLEETVQTMDTS
;
O,o
29 'polypeptide(L)'
;SIMSYNGGAVMAMKGKNCVAIAADRRFGIQAQMVTTDFQKIFPMGDRLYIGLAGLATDVQTVAQRLKFRLNLYELKEGRQ
IKPYTLMSMVANLLYEKRFGPYYTEPVIAGLDPKTFKPFICSLDLIGCPMVTDDFVVSGTCAEQMYGMCESLWEPNMDPD
HLFETISQAMLNAVDRDAVSGMGVIVHIIEKDKITTRTLKARMD
;
P,p
30 'polypeptide(L)'
;MEYLIGIQGPDYVLVASDRVAASNIVQMKDDHDKMFKMSEKILLLCVGEAGDTVQFAEYIQKNVQLYKMRNGYELSPTAA
ANFTRRNLADCLRSRTPYHVNLLLAGYDEHEGPALYYMDYLAALAKAPFAAHGYGAFLTLSILDRYYTPTISRERAVELL
RKCLEELQKRFILNLPTFSVRIIDKNGIHDLDNISFPKQGS
;
Q,q
31 'polypeptide(L)'
;ALASVLERPLPVNQRGFFGLGGRADLLDLGPGSLSDGLSLAAPGWGVPEEPGIEMLHGTTTLAFKFRHGVIVAADSRATA
GAYIASQTVKKVIEINPYLLGTMAGGAADCSFWERLLARQCRIYELRNKERISVAAASKLLANMVYQYKGMGLSMGTMIC
GWDKRGPGLYYVDSEGNRISGATFSVGSGSVYAYGVMDRGYSYDLEVEQAYDLARRAIYQATYRDAYSGGAVNLYHVRED
GWIRVSSDNVADLHEKYSGSTP
;
R,r
32 'polypeptide(L)'
;LSSTAMYSAPGRDLGMEPHRAAGPLQLRFSPYVFNGGTILAIAGEDFAIVASDTRLSEGFSIHTRDSPKCYKLTDKTVIG
CSGFHGDCLTLTKIIEARLKMYKHSNNKAMTTGAIAAMLSTILYSRRFFPYYVYNIIGGLDEEGKGAVYSFDPVGSYQRD
SFKAGGSASAMLQPLLDNQVGFKNMQNVEHVPLSLDRAMRLVKDVFISAAERDVYTGDALRICIVTKEGIREETVSLRKD
;
S,s
33 'polypeptide(L)'
;EAFLGSRSGLWAGGPAPGQFYRIPSTPDSFMDPASALYRGPITRTQNPMVTGTSVLGVKFEGGVVIAADMLGSYGSLARF
RNISRIMRVNNSTMLGASGDYADFQYLKQVLGQMVIDEELLGDGHSYSPRAIHSWLTRAMYSRRSKMNPLWNTMVIGGYA
DGESFLGYVDMLGVAYEAPSLATGYGAYLAQPLLREVLEKQPVLSQTEARDLVERCMRVLYYRDARSYNRFQIATVTEKG
VEIEGPLSTETNWDIAHMISGFE
;
T,t
#
# COMPACT_ATOMS: atom_id res chain seq x y z
N GLY A 7 39.69 -125.89 -54.05
CA GLY A 7 40.83 -126.72 -54.42
C GLY A 7 40.86 -126.97 -55.90
N ILE A 8 39.83 -126.47 -56.59
CA ILE A 8 39.70 -126.67 -58.02
C ILE A 8 40.64 -125.77 -58.82
N ILE A 9 41.19 -124.73 -58.20
CA ILE A 9 41.88 -123.68 -58.94
C ILE A 9 43.21 -124.18 -59.47
N SER A 10 43.98 -124.88 -58.62
CA SER A 10 45.22 -125.51 -59.04
C SER A 10 44.96 -126.67 -60.00
N LEU A 11 43.78 -127.29 -59.91
CA LEU A 11 43.41 -128.33 -60.85
C LEU A 11 43.14 -127.74 -62.22
N LEU A 12 42.58 -126.53 -62.26
CA LEU A 12 42.43 -125.81 -63.52
C LEU A 12 43.76 -125.29 -64.04
N ASP A 13 44.75 -125.15 -63.16
CA ASP A 13 46.09 -124.76 -63.56
C ASP A 13 46.87 -125.93 -64.15
N GLU A 14 46.64 -127.15 -63.68
CA GLU A 14 47.40 -128.31 -64.11
C GLU A 14 46.84 -128.85 -65.42
N ASP A 15 47.72 -129.04 -66.40
CA ASP A 15 47.32 -129.48 -67.73
C ASP A 15 47.06 -130.97 -67.68
N GLU A 16 45.81 -131.33 -67.46
CA GLU A 16 45.37 -132.73 -67.49
C GLU A 16 43.90 -132.77 -67.87
N PRO A 17 43.55 -133.40 -69.00
CA PRO A 17 42.17 -133.29 -69.49
C PRO A 17 41.17 -134.08 -68.65
N GLN A 18 41.56 -135.23 -68.09
CA GLN A 18 40.67 -135.93 -67.18
C GLN A 18 40.52 -135.21 -65.86
N LEU A 19 41.51 -134.41 -65.46
CA LEU A 19 41.37 -133.64 -64.23
C LEU A 19 40.49 -132.42 -64.43
N LYS A 20 40.64 -131.75 -65.57
CA LYS A 20 39.87 -130.54 -65.82
C LYS A 20 38.39 -130.83 -66.03
N GLU A 21 38.06 -131.98 -66.63
CA GLU A 21 36.67 -132.40 -66.73
C GLU A 21 36.06 -132.59 -65.36
N PHE A 22 36.82 -133.19 -64.44
CA PHE A 22 36.32 -133.43 -63.10
C PHE A 22 36.24 -132.14 -62.29
N ALA A 23 37.02 -131.13 -62.68
CA ALA A 23 36.95 -129.84 -61.98
C ALA A 23 35.70 -129.09 -62.37
N LEU A 24 35.41 -129.00 -63.67
CA LEU A 24 34.20 -128.29 -64.09
C LEU A 24 32.95 -129.09 -63.77
N HIS A 25 33.06 -130.41 -63.63
CA HIS A 25 31.95 -131.22 -63.11
C HIS A 25 31.66 -130.85 -61.66
N LYS A 26 32.69 -130.49 -60.91
CA LYS A 26 32.48 -129.98 -59.57
C LYS A 26 32.08 -128.51 -59.60
N LEU A 27 32.45 -127.79 -60.67
CA LEU A 27 32.15 -126.35 -60.73
C LEU A 27 30.66 -126.09 -60.95
N ASN A 28 30.07 -126.72 -61.97
CA ASN A 28 28.68 -126.46 -62.31
C ASN A 28 27.69 -127.04 -61.30
N ALA A 29 28.15 -127.86 -60.37
CA ALA A 29 27.28 -128.39 -59.32
C ALA A 29 27.28 -127.51 -58.07
N VAL A 30 28.37 -126.80 -57.79
CA VAL A 30 28.49 -126.02 -56.56
C VAL A 30 28.30 -124.52 -56.79
N VAL A 31 27.95 -124.11 -58.02
CA VAL A 31 27.92 -122.69 -58.38
C VAL A 31 26.74 -121.97 -57.73
N ASN A 32 25.79 -122.71 -57.17
CA ASN A 32 24.72 -122.14 -56.35
C ASN A 32 25.23 -121.56 -55.03
N ASP A 33 26.41 -121.99 -54.55
CA ASP A 33 26.91 -121.57 -53.25
C ASP A 33 28.13 -120.67 -53.33
N PHE A 34 29.16 -121.06 -54.06
CA PHE A 34 30.32 -120.19 -54.23
C PHE A 34 30.07 -119.27 -55.41
N TRP A 35 30.02 -117.97 -55.15
CA TRP A 35 29.44 -117.04 -56.11
C TRP A 35 30.49 -116.15 -56.78
N ALA A 36 31.26 -115.45 -55.96
CA ALA A 36 32.37 -114.66 -56.48
C ALA A 36 33.71 -115.26 -56.12
N GLU A 37 33.71 -116.42 -55.46
CA GLU A 37 34.93 -117.15 -55.20
C GLU A 37 35.59 -117.62 -56.49
N ILE A 38 34.82 -117.78 -57.54
CA ILE A 38 35.30 -118.42 -58.75
C ILE A 38 35.58 -117.30 -59.76
N SER A 39 35.83 -116.10 -59.25
CA SER A 39 36.01 -114.93 -60.10
C SER A 39 37.25 -115.06 -60.96
N GLU A 40 38.36 -115.47 -60.36
CA GLU A 40 39.60 -115.57 -61.13
C GLU A 40 39.62 -116.83 -61.97
N SER A 41 38.87 -117.87 -61.59
CA SER A 41 38.93 -119.12 -62.33
C SER A 41 38.12 -119.04 -63.62
N VAL A 42 36.99 -118.33 -63.61
CA VAL A 42 36.20 -118.19 -64.83
C VAL A 42 36.91 -117.28 -65.83
N ASP A 43 37.87 -116.48 -65.37
CA ASP A 43 38.80 -115.84 -66.28
C ASP A 43 39.73 -116.88 -66.91
N LYS A 44 40.20 -117.82 -66.09
CA LYS A 44 41.11 -118.86 -66.58
C LYS A 44 40.37 -119.86 -67.46
N ILE A 45 39.08 -120.06 -67.21
CA ILE A 45 38.28 -120.90 -68.12
C ILE A 45 38.11 -120.19 -69.46
N GLU A 46 37.88 -118.88 -69.41
CA GLU A 46 37.55 -118.14 -70.63
C GLU A 46 38.78 -117.89 -71.50
N VAL A 47 39.93 -117.66 -70.88
CA VAL A 47 41.18 -117.58 -71.65
C VAL A 47 41.50 -118.93 -72.26
N LEU A 48 41.19 -120.02 -71.56
CA LEU A 48 41.41 -121.35 -72.10
C LEU A 48 40.17 -121.89 -72.81
N TYR A 49 39.31 -120.99 -73.29
CA TYR A 49 38.16 -121.41 -74.09
C TYR A 49 38.47 -121.53 -75.57
N GLU A 50 39.46 -120.79 -76.06
CA GLU A 50 39.82 -120.84 -77.48
C GLU A 50 40.48 -122.14 -77.92
N ASP A 51 40.79 -123.05 -76.99
CA ASP A 51 41.29 -124.37 -77.33
C ASP A 51 40.16 -125.15 -77.98
N GLU A 52 40.29 -125.39 -79.28
CA GLU A 52 39.28 -126.13 -80.02
C GLU A 52 39.48 -127.64 -79.93
N GLY A 53 40.69 -128.09 -79.62
CA GLY A 53 40.97 -129.50 -79.45
C GLY A 53 40.78 -130.03 -78.05
N PHE A 54 40.07 -129.28 -77.20
CA PHE A 54 39.85 -129.67 -75.82
C PHE A 54 38.36 -129.84 -75.61
N ARG A 55 37.97 -131.06 -75.22
CA ARG A 55 36.58 -131.49 -75.30
C ARG A 55 35.88 -131.26 -73.96
N SER A 56 35.94 -130.01 -73.51
CA SER A 56 35.16 -129.60 -72.35
C SER A 56 34.62 -128.19 -72.54
N ARG A 57 34.57 -127.72 -73.78
CA ARG A 57 34.28 -126.33 -74.05
C ARG A 57 32.81 -125.97 -73.85
N GLN A 58 31.92 -126.95 -73.91
CA GLN A 58 30.51 -126.69 -73.72
C GLN A 58 30.20 -126.31 -72.28
N PHE A 59 30.72 -127.10 -71.33
CA PHE A 59 30.60 -126.75 -69.92
C PHE A 59 31.47 -125.55 -69.56
N ALA A 60 32.54 -125.32 -70.33
CA ALA A 60 33.35 -124.12 -70.15
C ALA A 60 32.55 -122.86 -70.46
N ALA A 61 31.81 -122.88 -71.56
CA ALA A 61 30.94 -121.75 -71.88
C ALA A 61 29.70 -121.72 -71.01
N LEU A 62 29.37 -122.86 -70.37
CA LEU A 62 28.23 -122.89 -69.45
C LEU A 62 28.54 -122.11 -68.18
N VAL A 63 29.61 -122.49 -67.48
CA VAL A 63 29.90 -121.83 -66.20
C VAL A 63 30.46 -120.43 -66.40
N ALA A 64 30.95 -120.12 -67.60
CA ALA A 64 31.26 -118.73 -67.92
C ALA A 64 29.98 -117.92 -68.08
N SER A 65 28.91 -118.57 -68.55
CA SER A 65 27.62 -117.89 -68.61
C SER A 65 27.00 -117.75 -67.22
N LYS A 66 27.23 -118.73 -66.35
CA LYS A 66 26.58 -118.74 -65.04
C LYS A 66 27.11 -117.64 -64.13
N VAL A 67 28.37 -117.24 -64.33
CA VAL A 67 28.98 -116.28 -63.43
C VAL A 67 28.70 -114.85 -63.87
N PHE A 68 28.64 -114.58 -65.18
CA PHE A 68 28.50 -113.20 -65.62
C PHE A 68 27.09 -112.68 -65.46
N TYR A 69 26.09 -113.58 -65.51
CA TYR A 69 24.73 -113.20 -65.16
C TYR A 69 24.60 -112.92 -63.67
N HIS A 70 25.34 -113.68 -62.85
CA HIS A 70 25.40 -113.38 -61.43
C HIS A 70 26.04 -112.02 -61.17
N LEU A 71 27.15 -111.74 -61.86
CA LEU A 71 27.74 -110.40 -61.86
C LEU A 71 26.83 -109.37 -62.50
N GLY A 72 26.29 -109.70 -63.68
CA GLY A 72 25.40 -108.78 -64.36
C GLY A 72 25.79 -108.55 -65.81
N ALA A 73 26.91 -109.12 -66.24
CA ALA A 73 27.35 -108.96 -67.61
C ALA A 73 26.46 -109.81 -68.52
N PHE A 74 25.44 -109.18 -69.09
CA PHE A 74 24.37 -109.92 -69.75
C PHE A 74 24.71 -110.25 -71.20
N GLU A 75 25.42 -109.35 -71.89
CA GLU A 75 25.82 -109.64 -73.27
C GLU A 75 26.86 -110.75 -73.30
N GLU A 76 27.82 -110.72 -72.37
CA GLU A 76 28.82 -111.79 -72.31
C GLU A 76 28.20 -113.08 -71.80
N SER A 77 27.16 -112.99 -70.97
CA SER A 77 26.36 -114.17 -70.65
C SER A 77 25.64 -114.68 -71.88
N LEU A 78 25.17 -113.77 -72.74
CA LEU A 78 24.39 -114.17 -73.90
C LEU A 78 25.28 -114.65 -75.04
N ASN A 79 26.51 -114.13 -75.14
CA ASN A 79 27.43 -114.63 -76.16
C ASN A 79 27.93 -116.02 -75.83
N TYR A 80 28.03 -116.35 -74.54
CA TYR A 80 28.55 -117.66 -74.17
C TYR A 80 27.40 -118.64 -73.99
N ALA A 81 26.17 -118.13 -73.90
CA ALA A 81 25.00 -119.01 -73.93
C ALA A 81 24.76 -119.54 -75.33
N LEU A 82 25.00 -118.71 -76.35
CA LEU A 82 24.91 -119.21 -77.72
C LEU A 82 26.07 -120.14 -78.04
N GLY A 83 27.28 -119.78 -77.62
CA GLY A 83 28.46 -120.55 -77.91
C GLY A 83 28.59 -121.84 -77.13
N ALA A 84 27.75 -122.05 -76.11
CA ALA A 84 27.77 -123.30 -75.35
C ALA A 84 27.30 -124.45 -76.23
N GLY A 85 26.10 -124.35 -76.76
CA GLY A 85 25.65 -125.35 -77.73
C GLY A 85 24.41 -126.06 -77.22
N ASP A 86 24.42 -127.39 -77.43
CA ASP A 86 23.24 -128.19 -77.17
C ASP A 86 23.09 -128.49 -75.68
N LEU A 87 24.20 -128.55 -74.94
CA LEU A 87 24.14 -128.69 -73.48
C LEU A 87 23.59 -127.45 -72.82
N PHE A 88 23.63 -126.32 -73.50
CA PHE A 88 22.77 -125.20 -73.15
C PHE A 88 21.33 -125.42 -73.61
N ASN A 89 21.14 -126.01 -74.80
CA ASN A 89 19.83 -126.02 -75.43
C ASN A 89 18.89 -127.02 -74.76
N VAL A 90 19.42 -127.95 -73.97
CA VAL A 90 18.56 -128.95 -73.35
C VAL A 90 17.75 -128.35 -72.21
N ASN A 91 18.23 -127.26 -71.60
CA ASN A 91 17.64 -126.72 -70.39
C ASN A 91 16.43 -125.85 -70.71
N ASP A 92 15.31 -126.17 -70.09
CA ASP A 92 14.12 -125.34 -70.21
C ASP A 92 13.48 -125.08 -68.85
N ASN A 93 13.78 -125.93 -67.86
CA ASN A 93 13.18 -125.82 -66.53
C ASN A 93 14.20 -125.23 -65.55
N SER A 94 14.31 -123.91 -65.57
CA SER A 94 15.10 -123.18 -64.56
C SER A 94 14.72 -121.71 -64.46
N GLU A 95 15.08 -121.09 -63.34
CA GLU A 95 15.05 -119.64 -63.22
C GLU A 95 16.20 -118.97 -63.94
N TYR A 96 17.31 -119.68 -64.10
CA TYR A 96 18.43 -119.10 -64.80
C TYR A 96 18.20 -119.06 -66.30
N VAL A 97 17.63 -120.14 -66.86
CA VAL A 97 17.59 -120.27 -68.31
C VAL A 97 16.49 -119.39 -68.90
N GLU A 98 15.47 -119.07 -68.09
CA GLU A 98 14.30 -118.38 -68.61
C GLU A 98 14.57 -116.89 -68.81
N THR A 99 15.60 -116.37 -68.13
CA THR A 99 15.85 -114.93 -68.20
C THR A 99 16.80 -114.60 -69.33
N ILE A 100 17.78 -115.47 -69.59
CA ILE A 100 18.73 -115.20 -70.66
C ILE A 100 18.11 -115.45 -72.01
N ILE A 101 17.09 -116.30 -72.09
CA ILE A 101 16.35 -116.42 -73.34
C ILE A 101 15.40 -115.25 -73.48
N ALA A 102 14.99 -114.66 -72.35
CA ALA A 102 14.19 -113.44 -72.42
C ALA A 102 15.04 -112.30 -72.95
N LYS A 103 16.31 -112.23 -72.52
CA LYS A 103 17.23 -111.26 -73.10
C LYS A 103 17.58 -111.61 -74.53
N CYS A 104 17.53 -112.91 -74.86
CA CYS A 104 17.88 -113.32 -76.21
C CYS A 104 16.78 -112.93 -77.20
N ILE A 105 15.53 -113.18 -76.84
CA ILE A 105 14.40 -112.68 -77.63
C ILE A 105 14.39 -111.16 -77.65
N ASP A 106 14.80 -110.54 -76.53
CA ASP A 106 15.01 -109.10 -76.49
C ASP A 106 16.10 -108.69 -77.46
N HIS A 107 17.23 -109.39 -77.45
CA HIS A 107 18.32 -109.08 -78.37
C HIS A 107 17.95 -109.42 -79.81
N TYR A 108 17.18 -110.49 -80.00
CA TYR A 108 16.85 -110.90 -81.37
C TYR A 108 15.86 -109.96 -82.02
N THR A 109 14.87 -109.46 -81.27
CA THR A 109 13.89 -108.60 -81.92
C THR A 109 14.45 -107.19 -82.11
N LYS A 110 15.40 -106.78 -81.27
CA LYS A 110 15.97 -105.45 -81.43
C LYS A 110 17.03 -105.47 -82.52
N GLN A 111 17.49 -106.66 -82.89
CA GLN A 111 18.29 -106.80 -84.10
C GLN A 111 17.41 -106.74 -85.34
N CYS A 112 16.27 -107.43 -85.31
CA CYS A 112 15.38 -107.46 -86.47
C CYS A 112 14.68 -106.12 -86.66
N VAL A 113 14.41 -105.40 -85.56
CA VAL A 113 13.96 -104.01 -85.68
C VAL A 113 15.06 -103.14 -86.27
N GLU A 114 16.31 -103.43 -85.91
CA GLU A 114 17.43 -102.69 -86.49
C GLU A 114 17.62 -103.03 -87.96
N ASN A 115 17.47 -104.31 -88.33
CA ASN A 115 17.71 -104.67 -89.72
C ASN A 115 16.51 -104.40 -90.62
N ALA A 116 15.35 -104.07 -90.04
CA ALA A 116 14.21 -103.69 -90.87
C ALA A 116 14.30 -102.26 -91.39
N ASP A 117 15.33 -101.50 -91.00
CA ASP A 117 15.54 -100.17 -91.53
C ASP A 117 16.49 -100.14 -92.72
N LEU A 118 17.20 -101.24 -92.98
CA LEU A 118 18.06 -101.35 -94.16
C LEU A 118 17.72 -102.63 -94.93
N PRO A 119 16.65 -102.58 -95.75
CA PRO A 119 16.33 -103.76 -96.58
C PRO A 119 17.27 -103.92 -97.75
N GLU A 120 18.04 -102.90 -98.09
CA GLU A 120 19.01 -102.99 -99.19
C GLU A 120 20.36 -103.38 -98.60
N GLY A 121 20.53 -104.70 -98.43
CA GLY A 121 21.76 -105.34 -97.97
C GLY A 121 22.20 -104.88 -96.60
N GLU A 122 23.54 -104.83 -96.45
CA GLU A 122 24.30 -104.37 -95.26
C GLU A 122 23.77 -104.91 -93.94
N LYS A 123 23.29 -106.15 -93.98
CA LYS A 123 22.63 -106.77 -92.85
C LYS A 123 23.66 -107.37 -91.90
N LYS A 124 23.34 -107.30 -90.62
CA LYS A 124 24.19 -107.87 -89.59
C LYS A 124 24.11 -109.40 -89.65
N PRO A 125 25.20 -110.09 -89.34
CA PRO A 125 25.17 -111.55 -89.36
C PRO A 125 24.31 -112.11 -88.25
N ILE A 126 23.63 -113.21 -88.58
CA ILE A 126 22.66 -113.83 -87.69
C ILE A 126 23.16 -115.23 -87.35
N ASP A 127 23.36 -115.49 -86.07
CA ASP A 127 23.71 -116.83 -85.63
C ASP A 127 22.52 -117.76 -85.82
N GLN A 128 22.82 -119.03 -86.07
CA GLN A 128 21.78 -120.02 -86.27
C GLN A 128 21.29 -120.61 -84.96
N ARG A 129 22.09 -120.51 -83.90
CA ARG A 129 21.67 -121.04 -82.61
C ARG A 129 20.72 -120.10 -81.89
N LEU A 130 20.78 -118.80 -82.19
CA LEU A 130 19.82 -117.88 -81.59
C LEU A 130 18.45 -118.04 -82.20
N GLU A 131 18.38 -118.27 -83.51
CA GLU A 131 17.10 -118.60 -84.11
C GLU A 131 16.74 -120.06 -83.87
N GLY A 132 17.71 -120.86 -83.43
CA GLY A 132 17.42 -122.24 -83.08
C GLY A 132 16.69 -122.36 -81.77
N ILE A 133 16.72 -121.30 -80.96
CA ILE A 133 15.88 -121.28 -79.77
C ILE A 133 14.71 -120.33 -79.95
N VAL A 134 14.70 -119.55 -81.04
CA VAL A 134 13.51 -118.77 -81.40
C VAL A 134 12.38 -119.70 -81.82
N ASN A 135 12.68 -120.61 -82.74
CA ASN A 135 11.66 -121.55 -83.19
C ASN A 135 11.40 -122.64 -82.17
N LYS A 136 12.42 -123.05 -81.40
CA LYS A 136 12.21 -124.05 -80.34
C LYS A 136 11.27 -123.52 -79.29
N MET A 137 11.41 -122.24 -78.92
CA MET A 137 10.43 -121.60 -78.07
C MET A 137 9.09 -121.46 -78.77
N PHE A 138 9.11 -121.15 -80.06
CA PHE A 138 7.87 -121.08 -80.82
C PHE A 138 7.23 -122.46 -80.97
N GLN A 139 8.03 -123.53 -80.97
CA GLN A 139 7.42 -124.85 -80.90
C GLN A 139 6.83 -125.13 -79.53
N ARG A 140 7.43 -124.55 -78.49
CA ARG A 140 6.79 -124.60 -77.17
C ARG A 140 5.56 -123.71 -77.14
N CYS A 141 5.53 -122.67 -78.00
CA CYS A 141 4.35 -121.82 -78.08
C CYS A 141 3.18 -122.58 -78.71
N LEU A 142 3.46 -123.43 -79.69
CA LEU A 142 2.41 -124.22 -80.31
C LEU A 142 1.96 -125.35 -79.39
N ASP A 143 2.86 -125.80 -78.52
CA ASP A 143 2.52 -126.87 -77.57
C ASP A 143 1.61 -126.36 -76.46
N ASP A 144 1.46 -125.05 -76.33
CA ASP A 144 0.63 -124.48 -75.27
C ASP A 144 -0.86 -124.71 -75.51
N HIS A 145 -1.25 -124.96 -76.77
CA HIS A 145 -2.61 -124.72 -77.27
C HIS A 145 -3.08 -123.33 -76.85
N LYS A 146 -2.28 -122.33 -77.19
CA LYS A 146 -2.57 -120.92 -76.93
C LYS A 146 -1.74 -120.14 -77.95
N TYR A 147 -2.40 -119.65 -78.99
CA TYR A 147 -1.66 -119.03 -80.08
C TYR A 147 -1.66 -117.51 -80.00
N LYS A 148 -2.43 -116.93 -79.07
CA LYS A 148 -2.25 -115.52 -78.75
C LYS A 148 -0.87 -115.26 -78.17
N GLN A 149 -0.38 -116.18 -77.35
CA GLN A 149 1.01 -116.16 -76.94
C GLN A 149 1.95 -116.29 -78.13
N ALA A 150 1.61 -117.14 -79.09
CA ALA A 150 2.48 -117.36 -80.25
C ALA A 150 2.43 -116.20 -81.23
N ILE A 151 1.30 -115.51 -81.32
CA ILE A 151 1.20 -114.41 -82.27
C ILE A 151 1.90 -113.18 -81.73
N GLY A 152 2.15 -113.13 -80.42
CA GLY A 152 2.76 -111.95 -79.84
C GLY A 152 4.22 -111.81 -80.20
N ILE A 153 4.99 -112.90 -80.02
CA ILE A 153 6.39 -112.90 -80.46
C ILE A 153 6.47 -112.70 -81.97
N ALA A 154 5.53 -113.30 -82.70
CA ALA A 154 5.55 -113.26 -84.16
C ALA A 154 5.34 -111.86 -84.70
N LEU A 155 4.59 -111.03 -83.96
CA LEU A 155 4.51 -109.63 -84.32
C LEU A 155 5.73 -108.84 -83.85
N GLU A 156 6.30 -109.21 -82.71
CA GLU A 156 7.49 -108.51 -82.24
C GLU A 156 8.73 -108.83 -83.04
N THR A 157 8.85 -110.04 -83.58
CA THR A 157 10.06 -110.45 -84.25
C THR A 157 10.17 -109.91 -85.67
N ARG A 158 9.12 -109.28 -86.18
CA ARG A 158 9.01 -108.74 -87.54
C ARG A 158 9.26 -109.83 -88.59
N ARG A 159 8.40 -110.85 -88.52
CA ARG A 159 8.48 -111.98 -89.43
C ARG A 159 7.07 -112.29 -89.92
N LEU A 160 6.96 -112.71 -91.19
CA LEU A 160 5.68 -112.79 -91.85
C LEU A 160 5.15 -114.21 -92.05
N ASP A 161 6.03 -115.23 -92.21
CA ASP A 161 5.53 -116.57 -92.46
C ASP A 161 4.99 -117.22 -91.18
N VAL A 162 5.61 -116.89 -90.04
CA VAL A 162 5.11 -117.33 -88.74
C VAL A 162 3.74 -116.71 -88.45
N PHE A 163 3.49 -115.51 -88.99
CA PHE A 163 2.18 -114.88 -88.88
C PHE A 163 1.13 -115.67 -89.66
N GLU A 164 1.49 -116.13 -90.86
CA GLU A 164 0.57 -116.89 -91.69
C GLU A 164 0.32 -118.29 -91.13
N LYS A 165 1.30 -118.84 -90.42
CA LYS A 165 1.19 -120.21 -89.95
C LYS A 165 0.41 -120.31 -88.65
N THR A 166 0.50 -119.27 -87.80
CA THR A 166 -0.25 -119.27 -86.55
C THR A 166 -1.76 -119.08 -86.78
N ILE A 167 -2.13 -118.19 -87.70
CA ILE A 167 -3.54 -117.88 -87.93
C ILE A 167 -4.30 -119.04 -88.56
N LEU A 168 -3.59 -119.97 -89.21
CA LEU A 168 -4.21 -121.16 -89.77
C LEU A 168 -3.37 -122.34 -89.29
N GLU A 169 -3.59 -122.80 -88.06
CA GLU A 169 -3.09 -124.13 -87.74
C GLU A 169 -4.19 -125.05 -87.23
N SER A 170 -4.69 -124.80 -86.01
CA SER A 170 -5.84 -125.52 -85.50
C SER A 170 -6.92 -124.53 -85.11
N ASN A 171 -6.58 -123.62 -84.20
CA ASN A 171 -7.31 -122.39 -83.93
C ASN A 171 -8.77 -122.63 -83.51
N ASP A 172 -8.99 -123.11 -82.28
CA ASP A 172 -10.34 -123.33 -81.77
C ASP A 172 -10.70 -122.12 -80.91
N VAL A 173 -11.61 -121.25 -81.38
CA VAL A 173 -12.38 -121.33 -82.63
C VAL A 173 -11.73 -120.47 -83.72
N PRO A 174 -11.93 -120.82 -85.03
CA PRO A 174 -11.18 -120.13 -86.09
C PRO A 174 -11.72 -118.74 -86.39
N GLY A 175 -11.46 -117.79 -85.50
CA GLY A 175 -11.91 -116.43 -85.72
C GLY A 175 -10.84 -115.41 -85.40
N MET A 176 -9.59 -115.86 -85.38
CA MET A 176 -8.46 -115.01 -85.05
C MET A 176 -8.03 -114.11 -86.20
N LEU A 177 -8.65 -114.25 -87.37
CA LEU A 177 -8.34 -113.35 -88.48
C LEU A 177 -8.83 -111.94 -88.19
N ALA A 178 -9.95 -111.82 -87.47
CA ALA A 178 -10.41 -110.50 -87.05
C ALA A 178 -9.60 -110.00 -85.86
N TYR A 179 -9.14 -110.91 -84.99
CA TYR A 179 -8.39 -110.49 -83.81
C TYR A 179 -7.02 -109.96 -84.17
N SER A 180 -6.39 -110.55 -85.18
CA SER A 180 -5.11 -110.04 -85.66
C SER A 180 -5.30 -108.72 -86.41
N LEU A 181 -6.44 -108.57 -87.09
CA LEU A 181 -6.71 -107.35 -87.84
C LEU A 181 -6.98 -106.18 -86.91
N LYS A 182 -7.56 -106.44 -85.74
CA LYS A 182 -7.76 -105.38 -84.76
C LYS A 182 -6.43 -104.94 -84.16
N LEU A 183 -5.55 -105.90 -83.85
CA LEU A 183 -4.25 -105.58 -83.27
C LEU A 183 -3.39 -104.81 -84.25
N CYS A 184 -3.44 -105.17 -85.54
CA CYS A 184 -2.75 -104.39 -86.55
C CYS A 184 -3.34 -103.00 -86.70
N MET A 185 -4.66 -102.87 -86.57
CA MET A 185 -5.27 -101.56 -86.73
C MET A 185 -5.09 -100.69 -85.50
N SER A 186 -5.29 -101.23 -84.30
CA SER A 186 -5.34 -100.42 -83.08
C SER A 186 -3.96 -100.05 -82.55
N LEU A 187 -3.16 -101.04 -82.19
CA LEU A 187 -1.84 -100.78 -81.60
C LEU A 187 -0.77 -101.00 -82.67
N MET A 188 -0.22 -99.91 -83.17
CA MET A 188 0.77 -99.91 -84.23
C MET A 188 1.39 -98.52 -84.26
N GLN A 189 2.68 -98.46 -84.54
CA GLN A 189 3.35 -97.18 -84.77
C GLN A 189 3.98 -97.09 -86.13
N ASN A 190 4.58 -98.18 -86.61
CA ASN A 190 5.26 -98.19 -87.89
C ASN A 190 4.27 -98.38 -89.04
N LYS A 191 4.50 -97.65 -90.12
CA LYS A 191 3.73 -97.79 -91.34
C LYS A 191 4.46 -98.60 -92.40
N GLN A 192 5.66 -99.10 -92.09
CA GLN A 192 6.48 -99.78 -93.07
C GLN A 192 5.93 -101.17 -93.40
N PHE A 193 5.88 -102.04 -92.41
CA PHE A 193 5.40 -103.40 -92.60
C PHE A 193 3.89 -103.50 -92.45
N ARG A 194 3.21 -102.36 -92.30
CA ARG A 194 1.78 -102.36 -92.07
C ARG A 194 1.02 -102.80 -93.31
N ASN A 195 1.54 -102.49 -94.49
CA ASN A 195 0.98 -103.09 -95.69
C ASN A 195 1.37 -104.55 -95.84
N LYS A 196 2.54 -104.95 -95.32
CA LYS A 196 2.95 -106.34 -95.37
C LYS A 196 2.05 -107.22 -94.54
N VAL A 197 1.72 -106.76 -93.32
CA VAL A 197 0.75 -107.48 -92.49
C VAL A 197 -0.62 -107.44 -93.13
N LEU A 198 -0.94 -106.35 -93.85
CA LEU A 198 -2.22 -106.27 -94.54
C LEU A 198 -2.26 -107.19 -95.75
N ARG A 199 -1.17 -107.22 -96.54
CA ARG A 199 -1.19 -108.03 -97.76
C ARG A 199 -0.98 -109.51 -97.47
N VAL A 200 -0.53 -109.86 -96.26
CA VAL A 200 -0.49 -111.26 -95.90
C VAL A 200 -1.80 -111.68 -95.27
N LEU A 201 -2.60 -110.71 -94.78
CA LEU A 201 -3.97 -111.04 -94.42
C LEU A 201 -4.83 -111.28 -95.64
N VAL A 202 -4.59 -110.56 -96.74
CA VAL A 202 -5.43 -110.79 -97.90
C VAL A 202 -5.03 -112.06 -98.64
N LYS A 203 -3.86 -112.62 -98.33
CA LYS A 203 -3.52 -113.95 -98.82
C LYS A 203 -4.42 -115.00 -98.21
N ILE A 204 -4.57 -114.99 -96.89
CA ILE A 204 -5.42 -115.98 -96.22
C ILE A 204 -6.89 -115.66 -96.43
N TYR A 205 -7.24 -114.42 -96.73
CA TYR A 205 -8.65 -114.09 -96.96
C TYR A 205 -9.10 -114.55 -98.33
N MET A 206 -8.24 -114.47 -99.34
CA MET A 206 -8.65 -114.85 -100.69
C MET A 206 -8.71 -116.36 -100.86
N ASN A 207 -7.73 -117.10 -100.34
CA ASN A 207 -7.85 -118.55 -100.40
C ASN A 207 -8.55 -119.15 -99.19
N LEU A 208 -9.32 -118.32 -98.46
CA LEU A 208 -10.22 -118.82 -97.44
C LEU A 208 -11.32 -119.64 -98.10
N GLU A 209 -11.86 -120.59 -97.33
CA GLU A 209 -12.92 -121.47 -97.81
C GLU A 209 -14.21 -120.72 -98.11
N LYS A 210 -14.38 -119.50 -97.58
CA LYS A 210 -15.55 -118.67 -97.85
C LYS A 210 -15.09 -117.33 -98.43
N PRO A 211 -14.84 -117.27 -99.73
CA PRO A 211 -14.43 -116.01 -100.37
C PRO A 211 -15.65 -115.14 -100.62
N ASP A 212 -15.42 -113.84 -100.89
CA ASP A 212 -14.18 -113.09 -100.72
C ASP A 212 -14.55 -111.77 -100.07
N PHE A 213 -15.86 -111.51 -100.15
CA PHE A 213 -16.49 -110.19 -100.16
C PHE A 213 -16.05 -109.21 -99.08
N ILE A 214 -16.16 -109.53 -97.78
CA ILE A 214 -16.11 -108.47 -96.77
C ILE A 214 -14.66 -108.17 -96.34
N ASN A 215 -13.81 -109.19 -96.32
CA ASN A 215 -12.51 -109.02 -95.69
C ASN A 215 -11.54 -108.26 -96.59
N VAL A 216 -11.43 -108.70 -97.84
CA VAL A 216 -10.42 -108.15 -98.77
C VAL A 216 -10.79 -106.74 -99.16
N CYS A 217 -12.09 -106.50 -99.40
CA CYS A 217 -12.56 -105.19 -99.83
C CYS A 217 -12.33 -104.14 -98.75
N GLN A 218 -12.51 -104.51 -97.48
CA GLN A 218 -12.22 -103.57 -96.41
C GLN A 218 -10.72 -103.35 -96.23
N CYS A 219 -9.91 -104.35 -96.57
CA CYS A 219 -8.47 -104.15 -96.53
C CYS A 219 -7.99 -103.33 -97.70
N LEU A 220 -8.58 -103.55 -98.88
CA LEU A 220 -8.14 -102.82 -100.06
C LEU A 220 -8.69 -101.41 -100.11
N ILE A 221 -9.75 -101.12 -99.34
CA ILE A 221 -10.07 -99.73 -99.01
C ILE A 221 -8.94 -99.12 -98.22
N PHE A 222 -8.41 -99.87 -97.25
CA PHE A 222 -7.31 -99.37 -96.43
C PHE A 222 -6.02 -99.30 -97.23
N LEU A 223 -5.86 -100.19 -98.21
CA LEU A 223 -4.69 -100.13 -99.08
C LEU A 223 -5.09 -99.29 -100.29
N ASP A 224 -4.26 -99.27 -101.33
CA ASP A 224 -4.45 -98.40 -102.48
C ASP A 224 -4.41 -99.19 -103.79
N ASP A 225 -5.20 -100.26 -103.86
CA ASP A 225 -5.31 -101.09 -105.06
C ASP A 225 -6.54 -100.71 -105.85
N PRO A 226 -6.42 -99.99 -106.97
CA PRO A 226 -7.62 -99.65 -107.76
C PRO A 226 -8.05 -100.74 -108.69
N GLN A 227 -7.17 -101.68 -109.02
CA GLN A 227 -7.49 -102.73 -109.99
C GLN A 227 -7.79 -104.08 -109.35
N ALA A 228 -7.24 -104.36 -108.18
CA ALA A 228 -7.51 -105.64 -107.53
C ALA A 228 -8.92 -105.72 -106.96
N VAL A 229 -9.53 -104.57 -106.66
CA VAL A 229 -10.95 -104.56 -106.32
C VAL A 229 -11.80 -104.91 -107.54
N SER A 230 -11.42 -104.41 -108.72
CA SER A 230 -12.15 -104.71 -109.93
C SER A 230 -11.90 -106.14 -110.40
N ASP A 231 -10.80 -106.75 -109.96
CA ASP A 231 -10.52 -108.13 -110.31
C ASP A 231 -11.45 -109.09 -109.58
N ILE A 232 -11.95 -108.69 -108.42
CA ILE A 232 -12.75 -109.60 -107.60
C ILE A 232 -14.22 -109.21 -107.65
N LEU A 233 -14.52 -107.93 -107.88
CA LEU A 233 -15.90 -107.51 -108.04
C LEU A 233 -16.49 -108.02 -109.35
N GLU A 234 -15.66 -108.16 -110.38
CA GLU A 234 -16.09 -108.82 -111.61
C GLU A 234 -16.42 -110.29 -111.34
N LYS A 235 -15.62 -110.93 -110.48
CA LYS A 235 -15.89 -112.32 -110.12
C LYS A 235 -17.14 -112.44 -109.25
N LEU A 236 -17.43 -111.42 -108.45
CA LEU A 236 -18.68 -111.41 -107.68
C LEU A 236 -19.89 -111.26 -108.59
N VAL A 237 -19.73 -110.60 -109.73
CA VAL A 237 -20.80 -110.51 -110.71
C VAL A 237 -20.85 -111.78 -111.55
N LYS A 238 -19.67 -112.34 -111.87
CA LYS A 238 -19.60 -113.53 -112.72
C LYS A 238 -20.15 -114.77 -112.02
N GLU A 239 -20.05 -114.82 -110.70
CA GLU A 239 -20.60 -115.96 -109.95
C GLU A 239 -22.10 -115.87 -109.73
N ASP A 240 -22.78 -114.87 -110.32
CA ASP A 240 -24.19 -114.57 -110.15
C ASP A 240 -24.55 -114.36 -108.69
N ASN A 241 -23.92 -113.36 -108.07
CA ASN A 241 -24.17 -113.04 -106.66
C ASN A 241 -24.31 -111.52 -106.59
N LEU A 242 -25.54 -111.04 -106.46
CA LEU A 242 -25.82 -109.61 -106.46
C LEU A 242 -26.56 -109.15 -105.22
N LEU A 243 -26.84 -110.05 -104.28
CA LEU A 243 -27.48 -109.63 -103.03
C LEU A 243 -26.43 -109.09 -102.05
N MET A 244 -25.27 -109.76 -101.96
CA MET A 244 -24.20 -109.27 -101.11
C MET A 244 -23.18 -108.42 -101.86
N ALA A 245 -23.18 -108.46 -103.20
CA ALA A 245 -22.40 -107.50 -103.96
C ALA A 245 -23.00 -106.11 -103.84
N TYR A 246 -24.32 -106.05 -103.68
CA TYR A 246 -25.01 -104.81 -103.38
C TYR A 246 -24.60 -104.26 -102.02
N GLN A 247 -24.27 -105.16 -101.07
CA GLN A 247 -23.88 -104.73 -99.73
C GLN A 247 -22.43 -104.29 -99.68
N ILE A 248 -21.55 -104.99 -100.40
CA ILE A 248 -20.13 -104.69 -100.31
C ILE A 248 -19.79 -103.40 -101.07
N CYS A 249 -20.64 -102.97 -101.99
CA CYS A 249 -20.35 -101.75 -102.73
C CYS A 249 -20.78 -100.51 -101.96
N PHE A 250 -21.85 -100.61 -101.17
CA PHE A 250 -22.20 -99.51 -100.28
C PHE A 250 -21.17 -99.36 -99.16
N ASP A 251 -20.63 -100.48 -98.70
CA ASP A 251 -19.55 -100.41 -97.71
C ASP A 251 -18.29 -99.83 -98.32
N LEU A 252 -18.10 -99.99 -99.63
CA LEU A 252 -16.98 -99.34 -100.29
C LEU A 252 -17.26 -97.85 -100.48
N TYR A 253 -18.52 -97.50 -100.71
CA TYR A 253 -18.89 -96.10 -100.87
C TYR A 253 -18.80 -95.34 -99.55
N GLU A 254 -19.29 -95.93 -98.47
CA GLU A 254 -19.30 -95.25 -97.18
C GLU A 254 -17.89 -95.13 -96.60
N SER A 255 -17.09 -96.19 -96.69
CA SER A 255 -15.76 -96.14 -96.08
C SER A 255 -14.78 -95.35 -96.93
N ALA A 256 -14.55 -95.78 -98.17
CA ALA A 256 -13.45 -95.26 -98.96
C ALA A 256 -13.74 -93.83 -99.46
N SER A 257 -12.67 -93.05 -99.55
CA SER A 257 -12.76 -91.65 -99.95
C SER A 257 -12.58 -91.46 -101.45
N GLN A 258 -12.45 -90.20 -101.86
CA GLN A 258 -12.22 -89.78 -103.24
C GLN A 258 -10.86 -90.31 -103.72
N GLN A 259 -10.69 -90.41 -105.05
CA GLN A 259 -9.51 -90.80 -105.83
C GLN A 259 -9.28 -92.31 -105.76
N PHE A 260 -10.08 -93.01 -104.94
CA PHE A 260 -10.15 -94.46 -105.03
C PHE A 260 -11.39 -94.88 -105.80
N LEU A 261 -12.51 -94.20 -105.56
CA LEU A 261 -13.74 -94.49 -106.29
C LEU A 261 -13.66 -94.00 -107.74
N SER A 262 -12.96 -92.90 -107.97
CA SER A 262 -12.76 -92.41 -109.34
C SER A 262 -11.84 -93.34 -110.12
N SER A 263 -10.96 -94.05 -109.41
CA SER A 263 -10.01 -94.94 -110.06
C SER A 263 -10.66 -96.26 -110.46
N VAL A 264 -11.50 -96.82 -109.58
CA VAL A 264 -12.06 -98.14 -109.83
C VAL A 264 -13.15 -98.08 -110.90
N ILE A 265 -13.90 -96.98 -110.95
CA ILE A 265 -14.95 -96.83 -111.95
C ILE A 265 -14.35 -96.54 -113.33
N GLN A 266 -13.07 -96.18 -113.37
CA GLN A 266 -12.33 -96.19 -114.63
C GLN A 266 -11.80 -97.57 -114.96
N ASN A 267 -11.45 -98.35 -113.93
CA ASN A 267 -11.01 -99.72 -114.14
C ASN A 267 -12.17 -100.68 -114.35
N LEU A 268 -13.37 -100.30 -113.91
CA LEU A 268 -14.50 -101.24 -113.96
C LEU A 268 -15.02 -101.42 -115.37
N ARG A 269 -15.02 -100.34 -116.16
CA ARG A 269 -15.54 -100.36 -117.51
C ARG A 269 -14.51 -100.81 -118.53
N THR A 270 -13.37 -101.33 -118.10
CA THR A 270 -12.30 -101.66 -119.02
C THR A 270 -12.56 -102.95 -119.79
N ASP A 320 -29.02 -102.92 -116.46
CA ASP A 320 -28.18 -104.11 -116.39
C ASP A 320 -27.34 -104.09 -115.11
N GLN A 321 -26.70 -105.22 -114.81
CA GLN A 321 -25.90 -105.32 -113.59
C GLN A 321 -24.60 -104.55 -113.70
N THR A 322 -24.16 -104.25 -114.93
CA THR A 322 -23.00 -103.39 -115.12
C THR A 322 -23.38 -101.93 -114.86
N LEU A 323 -24.54 -101.52 -115.36
CA LEU A 323 -25.00 -100.16 -115.12
C LEU A 323 -25.43 -99.98 -113.67
N LYS A 324 -25.90 -101.07 -113.03
CA LYS A 324 -26.26 -101.02 -111.62
C LYS A 324 -25.02 -100.80 -110.75
N MET A 325 -23.92 -101.46 -111.10
CA MET A 325 -22.73 -101.41 -110.25
C MET A 325 -21.92 -100.14 -110.49
N ILE A 326 -22.23 -99.40 -111.56
CA ILE A 326 -21.67 -98.05 -111.71
C ILE A 326 -22.32 -97.10 -110.71
N LYS A 327 -23.65 -97.18 -110.58
CA LYS A 327 -24.40 -96.19 -109.81
C LYS A 327 -24.15 -96.35 -108.31
N ILE A 328 -23.96 -97.59 -107.86
CA ILE A 328 -23.74 -97.84 -106.44
C ILE A 328 -22.28 -97.66 -106.04
N LEU A 329 -21.39 -97.49 -107.01
CA LEU A 329 -20.00 -97.14 -106.77
C LEU A 329 -19.68 -95.71 -107.17
N SER A 330 -20.66 -94.95 -107.62
CA SER A 330 -20.52 -93.51 -107.80
C SER A 330 -21.29 -92.76 -106.72
N GLY A 331 -22.56 -93.10 -106.54
CA GLY A 331 -23.34 -92.66 -105.41
C GLY A 331 -24.34 -91.61 -105.80
N GLU A 332 -25.56 -92.04 -106.06
CA GLU A 332 -26.68 -91.12 -106.23
C GLU A 332 -27.76 -91.47 -105.24
N MET A 333 -28.07 -92.76 -105.14
CA MET A 333 -29.13 -93.22 -104.26
C MET A 333 -28.75 -93.08 -102.80
N ALA A 334 -27.46 -93.17 -102.47
CA ALA A 334 -27.02 -93.01 -101.10
C ALA A 334 -27.23 -91.58 -100.62
N ILE A 335 -27.09 -90.62 -101.53
CA ILE A 335 -27.55 -89.27 -101.27
C ILE A 335 -29.07 -89.25 -101.14
N GLU A 336 -29.76 -90.05 -101.96
CA GLU A 336 -31.21 -89.95 -102.05
C GLU A 336 -31.90 -90.53 -100.82
N LEU A 337 -31.48 -91.72 -100.41
CA LEU A 337 -32.05 -92.35 -99.22
C LEU A 337 -31.71 -91.58 -97.96
N HIS A 338 -30.55 -90.91 -97.95
CA HIS A 338 -30.26 -89.94 -96.90
C HIS A 338 -31.17 -88.73 -97.02
N LEU A 339 -31.39 -88.24 -98.25
CA LEU A 339 -32.31 -87.13 -98.45
C LEU A 339 -33.74 -87.56 -98.13
N GLN A 340 -34.08 -88.81 -98.45
CA GLN A 340 -35.38 -89.34 -98.06
C GLN A 340 -35.50 -89.46 -96.55
N PHE A 341 -34.38 -89.79 -95.88
CA PHE A 341 -34.39 -89.91 -94.43
C PHE A 341 -34.64 -88.58 -93.75
N LEU A 342 -34.07 -87.50 -94.30
CA LEU A 342 -34.14 -86.21 -93.62
C LEU A 342 -35.49 -85.54 -93.84
N ILE A 343 -36.10 -85.76 -95.00
CA ILE A 343 -37.40 -85.17 -95.25
C ILE A 343 -38.49 -85.91 -94.49
N ARG A 344 -38.27 -87.17 -94.12
CA ARG A 344 -39.23 -87.87 -93.28
C ARG A 344 -39.14 -87.42 -91.83
N ASN A 345 -37.98 -87.62 -91.21
CA ASN A 345 -37.79 -87.40 -89.78
C ASN A 345 -37.32 -85.99 -89.55
N ASN A 346 -37.95 -85.30 -88.60
CA ASN A 346 -37.65 -83.90 -88.35
C ASN A 346 -38.05 -83.57 -86.92
N ASN A 347 -37.17 -82.91 -86.17
CA ASN A 347 -37.49 -82.43 -84.83
C ASN A 347 -36.79 -81.10 -84.61
N THR A 348 -37.44 -80.01 -84.99
CA THR A 348 -36.94 -78.67 -84.76
C THR A 348 -38.03 -77.81 -84.17
N ASP A 349 -37.78 -77.32 -82.95
CA ASP A 349 -38.76 -76.48 -82.26
C ASP A 349 -38.67 -75.05 -82.78
N LEU A 350 -39.83 -74.47 -83.00
CA LEU A 350 -39.97 -73.13 -83.55
C LEU A 350 -39.94 -72.05 -82.48
N MET A 351 -40.37 -72.37 -81.26
CA MET A 351 -40.53 -71.37 -80.21
C MET A 351 -39.19 -70.82 -79.74
N ILE A 352 -38.18 -71.71 -79.61
CA ILE A 352 -36.86 -71.32 -79.15
C ILE A 352 -36.22 -70.35 -80.15
N LEU A 353 -36.43 -70.62 -81.44
CA LEU A 353 -35.93 -69.74 -82.48
C LEU A 353 -36.61 -68.38 -82.46
N LYS A 354 -37.84 -68.33 -81.97
CA LYS A 354 -38.50 -67.04 -81.79
C LYS A 354 -37.96 -66.31 -80.57
N ASN A 355 -37.69 -67.05 -79.49
CA ASN A 355 -37.19 -66.42 -78.27
C ASN A 355 -35.75 -65.96 -78.43
N THR A 356 -35.01 -66.55 -79.38
CA THR A 356 -33.75 -65.97 -79.77
C THR A 356 -33.92 -64.80 -80.72
N LYS A 357 -34.99 -64.77 -81.50
CA LYS A 357 -35.15 -63.74 -82.52
C LYS A 357 -35.52 -62.39 -81.92
N ASP A 358 -36.45 -62.38 -80.98
CA ASP A 358 -36.98 -61.12 -80.47
C ASP A 358 -36.00 -60.40 -79.54
N ALA A 359 -35.03 -61.10 -78.96
CA ALA A 359 -34.04 -60.46 -78.10
C ALA A 359 -32.86 -59.90 -78.89
N VAL A 360 -32.97 -59.81 -80.22
CA VAL A 360 -31.94 -59.25 -81.08
C VAL A 360 -32.23 -57.76 -81.29
N ARG A 361 -31.29 -56.93 -80.84
CA ARG A 361 -31.37 -55.49 -80.97
C ARG A 361 -30.84 -55.05 -82.33
N ASN A 362 -30.55 -53.77 -82.51
CA ASN A 362 -30.07 -53.23 -83.78
C ASN A 362 -28.57 -53.43 -83.96
N SER A 363 -28.02 -54.48 -83.36
CA SER A 363 -26.64 -54.93 -83.55
C SER A 363 -26.53 -55.75 -84.82
N VAL A 364 -25.39 -56.40 -85.00
CA VAL A 364 -25.19 -57.35 -86.07
C VAL A 364 -25.38 -58.73 -85.46
N CYS A 365 -26.57 -59.27 -85.62
CA CYS A 365 -26.82 -60.65 -85.20
C CYS A 365 -27.70 -61.39 -86.21
N HIS A 366 -28.07 -60.77 -87.33
CA HIS A 366 -28.85 -61.48 -88.35
C HIS A 366 -28.02 -62.59 -88.99
N THR A 367 -26.73 -62.34 -89.20
CA THR A 367 -25.83 -63.39 -89.68
C THR A 367 -25.71 -64.52 -88.66
N ALA A 368 -25.81 -64.18 -87.38
CA ALA A 368 -25.74 -65.19 -86.33
C ALA A 368 -26.99 -66.02 -86.28
N THR A 369 -28.15 -65.42 -86.58
CA THR A 369 -29.37 -66.20 -86.65
C THR A 369 -29.39 -67.11 -87.88
N VAL A 370 -29.02 -66.57 -89.04
CA VAL A 370 -29.17 -67.34 -90.27
C VAL A 370 -28.05 -68.37 -90.39
N ILE A 371 -27.00 -68.27 -89.57
CA ILE A 371 -26.07 -69.39 -89.53
C ILE A 371 -26.57 -70.45 -88.57
N ALA A 372 -27.40 -70.05 -87.60
CA ALA A 372 -27.89 -70.99 -86.60
C ALA A 372 -28.98 -71.89 -87.18
N ASN A 373 -29.96 -71.31 -87.87
CA ASN A 373 -31.03 -72.10 -88.45
C ASN A 373 -30.55 -73.01 -89.58
N SER A 374 -29.54 -72.57 -90.32
CA SER A 374 -28.93 -73.41 -91.35
C SER A 374 -28.24 -74.63 -90.74
N PHE A 375 -27.65 -74.45 -89.56
CA PHE A 375 -27.05 -75.59 -88.86
C PHE A 375 -28.11 -76.55 -88.35
N MET A 376 -29.22 -76.03 -87.84
CA MET A 376 -30.24 -76.90 -87.30
C MET A 376 -31.31 -77.27 -88.32
N HIS A 377 -31.17 -76.83 -89.58
CA HIS A 377 -32.03 -77.34 -90.64
C HIS A 377 -31.21 -77.84 -91.81
N CYS A 378 -29.99 -78.33 -91.55
CA CYS A 378 -29.13 -78.80 -92.62
C CYS A 378 -29.65 -80.09 -93.20
N GLY A 379 -30.03 -80.06 -94.48
CA GLY A 379 -30.64 -81.19 -95.12
C GLY A 379 -32.11 -81.39 -94.83
N THR A 380 -32.68 -80.62 -93.90
CA THR A 380 -34.12 -80.66 -93.64
C THR A 380 -34.91 -80.22 -94.87
N THR A 381 -34.36 -79.26 -95.62
CA THR A 381 -34.94 -78.69 -96.84
C THR A 381 -36.34 -78.14 -96.56
N SER A 382 -36.41 -77.16 -95.68
CA SER A 382 -37.64 -76.47 -95.36
C SER A 382 -37.38 -74.97 -95.30
N ASP A 383 -38.15 -74.20 -96.04
CA ASP A 383 -38.03 -72.75 -96.06
C ASP A 383 -39.22 -72.17 -95.30
N GLN A 384 -38.97 -71.75 -94.09
CA GLN A 384 -40.01 -71.08 -93.33
C GLN A 384 -39.56 -69.72 -92.82
N PHE A 385 -38.27 -69.54 -92.55
CA PHE A 385 -37.78 -68.27 -92.03
C PHE A 385 -37.55 -67.26 -93.13
N LEU A 386 -37.26 -67.74 -94.34
CA LEU A 386 -37.22 -66.88 -95.52
C LEU A 386 -38.61 -66.63 -96.09
N ARG A 387 -39.65 -67.08 -95.40
CA ARG A 387 -41.03 -66.95 -95.83
C ARG A 387 -41.88 -66.16 -94.85
N ASP A 388 -41.72 -66.35 -93.55
CA ASP A 388 -42.60 -65.68 -92.58
C ASP A 388 -42.15 -64.24 -92.31
N ASN A 389 -40.85 -64.00 -92.18
CA ASN A 389 -40.31 -62.65 -92.09
C ASN A 389 -39.21 -62.47 -93.14
N LEU A 390 -39.65 -62.07 -94.33
CA LEU A 390 -38.73 -61.70 -95.39
C LEU A 390 -38.13 -60.33 -95.14
N GLU A 391 -38.90 -59.44 -94.50
CA GLU A 391 -38.46 -58.06 -94.33
C GLU A 391 -37.44 -57.93 -93.21
N TRP A 392 -37.53 -58.79 -92.20
CA TRP A 392 -36.55 -58.77 -91.12
C TRP A 392 -35.20 -59.30 -91.59
N LEU A 393 -35.21 -60.31 -92.46
CA LEU A 393 -33.96 -60.85 -92.99
C LEU A 393 -33.29 -59.87 -93.94
N ALA A 394 -34.07 -59.08 -94.68
CA ALA A 394 -33.53 -58.13 -95.63
C ALA A 394 -33.24 -56.77 -95.02
N ARG A 395 -33.33 -56.66 -93.70
CA ARG A 395 -33.03 -55.41 -92.99
C ARG A 395 -31.55 -55.05 -93.07
N ALA A 396 -30.69 -56.00 -92.72
CA ALA A 396 -29.26 -55.73 -92.71
C ALA A 396 -28.66 -55.94 -94.09
N THR A 397 -27.41 -55.53 -94.25
CA THR A 397 -26.81 -55.49 -95.58
C THR A 397 -25.34 -55.87 -95.62
N ASN A 398 -24.81 -55.91 -96.83
CA ASN A 398 -23.42 -56.00 -97.28
C ASN A 398 -22.79 -57.38 -97.06
N TRP A 399 -23.28 -58.14 -96.08
CA TRP A 399 -22.96 -59.56 -95.93
C TRP A 399 -24.13 -60.36 -95.39
N ALA A 400 -25.16 -59.70 -94.85
CA ALA A 400 -26.30 -60.43 -94.31
C ALA A 400 -27.15 -60.98 -95.43
N LYS A 401 -27.18 -60.28 -96.58
CA LYS A 401 -27.76 -60.88 -97.76
C LYS A 401 -26.85 -61.95 -98.34
N PHE A 402 -25.53 -61.81 -98.15
CA PHE A 402 -24.60 -62.83 -98.61
C PHE A 402 -24.76 -64.11 -97.80
N THR A 403 -24.84 -63.99 -96.48
CA THR A 403 -24.81 -65.17 -95.62
C THR A 403 -26.14 -65.91 -95.67
N ALA A 404 -27.24 -65.18 -95.84
CA ALA A 404 -28.56 -65.80 -95.88
C ALA A 404 -28.74 -66.62 -97.14
N THR A 405 -28.36 -66.07 -98.30
CA THR A 405 -28.44 -66.87 -99.53
C THR A 405 -27.37 -67.95 -99.56
N ALA A 406 -26.32 -67.82 -98.75
CA ALA A 406 -25.47 -68.96 -98.49
C ALA A 406 -26.19 -69.96 -97.60
N SER A 407 -26.93 -69.47 -96.60
CA SER A 407 -27.64 -70.36 -95.69
C SER A 407 -28.81 -71.05 -96.36
N LEU A 408 -29.35 -70.46 -97.43
CA LEU A 408 -30.41 -71.13 -98.19
C LEU A 408 -29.89 -72.40 -98.85
N GLY A 409 -28.63 -72.40 -99.27
CA GLY A 409 -28.03 -73.62 -99.79
C GLY A 409 -27.72 -74.63 -98.72
N VAL A 410 -27.47 -74.20 -97.48
CA VAL A 410 -27.09 -75.11 -96.41
C VAL A 410 -28.29 -75.94 -95.96
N ILE A 411 -29.47 -75.31 -95.95
CA ILE A 411 -30.70 -76.04 -95.60
C ILE A 411 -31.01 -77.08 -96.67
N HIS A 412 -30.80 -76.73 -97.93
CA HIS A 412 -30.98 -77.66 -99.04
C HIS A 412 -29.67 -78.39 -99.34
N LYS A 413 -29.14 -79.05 -98.31
CA LYS A 413 -27.91 -79.82 -98.43
C LYS A 413 -28.23 -81.09 -99.20
N GLY A 414 -28.06 -81.03 -100.52
CA GLY A 414 -28.10 -82.23 -101.33
C GLY A 414 -29.43 -82.48 -102.01
N HIS A 415 -29.52 -82.11 -103.27
CA HIS A 415 -30.62 -82.55 -104.12
C HIS A 415 -30.06 -83.14 -105.40
N GLU A 416 -28.99 -82.51 -105.89
CA GLU A 416 -28.18 -82.80 -107.07
C GLU A 416 -28.93 -82.51 -108.37
N LYS A 417 -30.25 -82.34 -108.31
CA LYS A 417 -30.99 -81.75 -109.41
C LYS A 417 -32.01 -80.71 -108.94
N GLU A 418 -32.69 -80.99 -107.82
CA GLU A 418 -33.86 -80.21 -107.41
C GLU A 418 -33.48 -78.82 -106.97
N ALA A 419 -32.34 -78.67 -106.30
CA ALA A 419 -31.88 -77.33 -105.95
C ALA A 419 -31.38 -76.58 -107.17
N LEU A 420 -30.88 -77.30 -108.17
CA LEU A 420 -30.41 -76.66 -109.39
C LEU A 420 -31.59 -76.11 -110.19
N GLN A 421 -32.72 -76.80 -110.16
CA GLN A 421 -33.92 -76.27 -110.82
C GLN A 421 -34.71 -75.33 -109.91
N LEU A 422 -34.43 -75.32 -108.61
CA LEU A 422 -35.02 -74.34 -107.72
C LEU A 422 -34.27 -73.02 -107.74
N MET A 423 -32.95 -73.07 -107.60
CA MET A 423 -32.11 -71.88 -107.65
C MET A 423 -31.77 -71.45 -109.06
N ALA A 424 -32.38 -72.07 -110.07
CA ALA A 424 -32.33 -71.54 -111.43
C ALA A 424 -33.10 -70.23 -111.56
N THR A 425 -33.98 -69.93 -110.61
CA THR A 425 -34.68 -68.66 -110.57
C THR A 425 -33.73 -67.48 -110.39
N TYR A 426 -32.73 -67.63 -109.51
CA TYR A 426 -31.83 -66.52 -109.18
C TYR A 426 -30.60 -66.63 -110.07
N LEU A 427 -30.72 -66.09 -111.29
CA LEU A 427 -29.63 -66.12 -112.26
C LEU A 427 -28.53 -65.14 -111.84
N PRO A 428 -27.27 -65.45 -112.15
CA PRO A 428 -26.21 -64.47 -111.86
C PRO A 428 -26.02 -63.42 -112.95
N LYS A 429 -27.12 -62.95 -113.56
CA LYS A 429 -27.11 -61.72 -114.32
C LYS A 429 -28.45 -61.00 -114.18
N ASP A 430 -29.35 -61.55 -113.36
CA ASP A 430 -30.74 -61.12 -113.35
C ASP A 430 -31.34 -60.88 -111.97
N THR A 431 -30.62 -61.17 -110.89
CA THR A 431 -31.14 -60.90 -109.55
C THR A 431 -31.23 -59.40 -109.29
N SER A 432 -30.09 -58.72 -109.34
CA SER A 432 -29.99 -57.30 -109.15
C SER A 432 -28.68 -56.92 -109.80
N PRO A 433 -28.65 -55.87 -110.64
CA PRO A 433 -27.38 -55.43 -111.21
C PRO A 433 -26.43 -54.85 -110.17
N GLY A 434 -26.98 -54.26 -109.10
CA GLY A 434 -26.17 -53.67 -108.06
C GLY A 434 -26.16 -54.42 -106.73
N SER A 435 -26.16 -55.75 -106.78
CA SER A 435 -25.96 -56.56 -105.57
C SER A 435 -25.23 -57.83 -105.99
N ALA A 436 -23.91 -57.81 -105.87
CA ALA A 436 -23.11 -58.99 -106.19
C ALA A 436 -23.07 -59.99 -105.05
N TYR A 437 -23.54 -59.59 -103.86
CA TYR A 437 -23.58 -60.51 -102.73
C TYR A 437 -24.69 -61.52 -102.90
N GLN A 438 -25.71 -61.18 -103.69
CA GLN A 438 -26.77 -62.13 -103.99
C GLN A 438 -26.25 -63.24 -104.89
N GLU A 439 -25.67 -62.86 -106.04
CA GLU A 439 -25.14 -63.85 -106.97
C GLU A 439 -23.87 -64.50 -106.44
N GLY A 440 -23.08 -63.78 -105.65
CA GLY A 440 -21.86 -64.36 -105.11
C GLY A 440 -22.15 -65.41 -104.05
N GLY A 441 -23.12 -65.13 -103.18
CA GLY A 441 -23.59 -66.14 -102.27
C GLY A 441 -24.38 -67.24 -102.94
N GLY A 442 -24.91 -66.97 -104.14
CA GLY A 442 -25.61 -68.00 -104.88
C GLY A 442 -24.66 -69.05 -105.45
N LEU A 443 -23.58 -68.58 -106.07
CA LEU A 443 -22.59 -69.50 -106.61
C LEU A 443 -21.81 -70.17 -105.49
N TYR A 444 -21.70 -69.49 -104.34
CA TYR A 444 -21.20 -70.15 -103.14
C TYR A 444 -22.15 -71.23 -102.68
N ALA A 445 -23.47 -70.97 -102.77
CA ALA A 445 -24.43 -71.95 -102.27
C ALA A 445 -24.55 -73.14 -103.20
N LEU A 446 -24.42 -72.93 -104.51
CA LEU A 446 -24.44 -74.05 -105.45
C LEU A 446 -23.24 -74.96 -105.26
N GLY A 447 -22.11 -74.40 -104.83
CA GLY A 447 -20.96 -75.23 -104.53
C GLY A 447 -21.12 -76.03 -103.25
N LEU A 448 -21.87 -75.49 -102.30
CA LEU A 448 -22.14 -76.21 -101.06
C LEU A 448 -23.04 -77.42 -101.31
N ILE A 449 -24.05 -77.27 -102.16
CA ILE A 449 -25.01 -78.34 -102.38
C ILE A 449 -24.41 -79.44 -103.23
N HIS A 450 -23.73 -79.06 -104.31
CA HIS A 450 -23.10 -80.01 -105.22
C HIS A 450 -21.63 -80.14 -104.83
N ALA A 451 -21.38 -80.94 -103.80
CA ALA A 451 -20.03 -81.19 -103.33
C ALA A 451 -19.76 -82.69 -103.45
N ASN A 452 -18.52 -83.02 -103.82
CA ASN A 452 -18.08 -84.38 -104.13
C ASN A 452 -18.95 -85.03 -105.20
N HIS A 453 -19.37 -84.23 -106.20
CA HIS A 453 -20.18 -84.70 -107.32
C HIS A 453 -19.66 -84.03 -108.58
N GLY A 454 -18.84 -84.75 -109.33
CA GLY A 454 -18.36 -84.22 -110.59
C GLY A 454 -19.42 -84.26 -111.67
N GLY A 455 -19.10 -83.64 -112.79
CA GLY A 455 -20.03 -83.63 -113.91
C GLY A 455 -19.99 -82.30 -114.62
N ASP A 456 -21.16 -81.89 -115.12
CA ASP A 456 -21.28 -80.63 -115.83
C ASP A 456 -21.10 -79.44 -114.90
N ILE A 457 -21.34 -79.62 -113.60
CA ILE A 457 -21.46 -78.50 -112.68
C ILE A 457 -20.10 -77.88 -112.41
N ILE A 458 -19.06 -78.71 -112.40
CA ILE A 458 -17.70 -78.19 -112.40
C ILE A 458 -17.43 -77.40 -113.68
N ASP A 459 -17.86 -77.94 -114.81
CA ASP A 459 -17.64 -77.24 -116.08
C ASP A 459 -18.58 -76.05 -116.23
N TYR A 460 -19.78 -76.12 -115.65
CA TYR A 460 -20.71 -75.00 -115.76
C TYR A 460 -20.28 -73.85 -114.86
N LEU A 461 -19.74 -74.15 -113.69
CA LEU A 461 -19.14 -73.12 -112.87
C LEU A 461 -17.80 -72.66 -113.41
N LEU A 462 -17.19 -73.49 -114.26
CA LEU A 462 -15.95 -73.08 -114.93
C LEU A 462 -16.23 -71.96 -115.92
N ASN A 463 -17.30 -72.09 -116.72
CA ASN A 463 -17.65 -71.08 -117.71
C ASN A 463 -18.08 -69.78 -117.07
N GLN A 464 -18.60 -69.83 -115.84
CA GLN A 464 -19.02 -68.59 -115.18
C GLN A 464 -17.83 -67.84 -114.60
N LEU A 465 -16.79 -68.54 -114.15
CA LEU A 465 -15.61 -67.84 -113.66
C LEU A 465 -14.80 -67.24 -114.78
N LYS A 466 -14.85 -67.85 -115.97
CA LYS A 466 -14.15 -67.29 -117.11
C LYS A 466 -14.78 -65.97 -117.55
N ASN A 467 -16.04 -65.73 -117.22
CA ASN A 467 -16.69 -64.45 -117.47
C ASN A 467 -17.33 -63.98 -116.17
N ALA A 468 -16.52 -63.34 -115.33
CA ALA A 468 -16.98 -62.79 -114.07
C ALA A 468 -17.22 -61.30 -114.21
N SER A 469 -18.12 -60.77 -113.39
CA SER A 469 -18.42 -59.35 -113.43
C SER A 469 -17.57 -58.57 -112.43
N ASN A 470 -17.69 -58.92 -111.15
CA ASN A 470 -16.95 -58.23 -110.11
C ASN A 470 -16.16 -59.21 -109.26
N ASP A 471 -15.47 -58.67 -108.26
CA ASP A 471 -14.62 -59.46 -107.40
C ASP A 471 -15.36 -60.12 -106.26
N ILE A 472 -16.54 -59.60 -105.90
CA ILE A 472 -17.41 -60.27 -104.93
C ILE A 472 -17.83 -61.63 -105.45
N VAL A 473 -18.16 -61.70 -106.74
CA VAL A 473 -18.61 -62.94 -107.33
C VAL A 473 -17.43 -63.89 -107.50
N ARG A 474 -16.22 -63.35 -107.66
CA ARG A 474 -15.03 -64.19 -107.76
C ARG A 474 -14.65 -64.84 -106.43
N HIS A 475 -15.24 -64.40 -105.33
CA HIS A 475 -15.16 -65.17 -104.09
C HIS A 475 -16.01 -66.43 -104.17
N GLY A 476 -17.33 -66.23 -104.24
CA GLY A 476 -18.23 -67.37 -104.10
C GLY A 476 -18.25 -68.25 -105.34
N GLY A 477 -17.73 -67.74 -106.45
CA GLY A 477 -17.52 -68.59 -107.60
C GLY A 477 -16.39 -69.58 -107.37
N SER A 478 -15.23 -69.09 -106.92
CA SER A 478 -14.10 -69.98 -106.70
C SER A 478 -14.32 -70.88 -105.49
N LEU A 479 -15.04 -70.40 -104.48
CA LEU A 479 -15.35 -71.25 -103.33
C LEU A 479 -16.35 -72.33 -103.71
N GLY A 480 -17.26 -72.00 -104.62
CA GLY A 480 -18.16 -73.01 -105.13
C GLY A 480 -17.46 -74.00 -106.02
N LEU A 481 -16.51 -73.51 -106.82
CA LEU A 481 -15.82 -74.37 -107.77
C LEU A 481 -14.82 -75.27 -107.07
N GLY A 482 -14.16 -74.77 -106.03
CA GLY A 482 -13.19 -75.57 -105.33
C GLY A 482 -13.82 -76.71 -104.54
N LEU A 483 -15.01 -76.47 -103.98
CA LEU A 483 -15.68 -77.50 -103.22
C LEU A 483 -16.29 -78.56 -104.14
N ALA A 484 -16.69 -78.16 -105.34
CA ALA A 484 -17.17 -79.15 -106.31
C ALA A 484 -16.03 -80.02 -106.81
N ALA A 485 -14.84 -79.42 -106.99
CA ALA A 485 -13.67 -80.14 -107.47
C ALA A 485 -12.75 -80.56 -106.33
N MET A 486 -13.30 -80.74 -105.13
CA MET A 486 -12.53 -81.07 -103.94
C MET A 486 -12.06 -82.51 -104.03
N GLY A 487 -10.75 -82.69 -104.22
CA GLY A 487 -10.18 -84.01 -104.34
C GLY A 487 -10.11 -84.55 -105.75
N THR A 488 -10.34 -83.72 -106.75
CA THR A 488 -10.31 -84.16 -108.15
C THR A 488 -8.95 -84.00 -108.79
N ALA A 489 -8.27 -82.88 -108.51
CA ALA A 489 -7.00 -82.48 -109.13
C ALA A 489 -7.12 -82.47 -110.65
N ARG A 490 -8.04 -81.67 -111.12
CA ARG A 490 -8.22 -81.39 -112.54
C ARG A 490 -7.27 -80.27 -112.95
N GLN A 491 -6.63 -80.44 -114.11
CA GLN A 491 -5.67 -79.44 -114.59
C GLN A 491 -6.33 -78.13 -114.96
N ASP A 492 -7.57 -78.17 -115.48
CA ASP A 492 -8.21 -76.96 -115.98
C ASP A 492 -8.60 -76.01 -114.85
N VAL A 493 -9.14 -76.55 -113.76
CA VAL A 493 -9.43 -75.74 -112.59
C VAL A 493 -8.14 -75.37 -111.88
N TYR A 494 -7.08 -76.17 -112.06
CA TYR A 494 -5.79 -75.83 -111.45
C TYR A 494 -5.10 -74.72 -112.24
N ASP A 495 -5.35 -74.67 -113.56
CA ASP A 495 -4.74 -73.62 -114.38
C ASP A 495 -5.43 -72.28 -114.17
N LEU A 496 -6.74 -72.30 -113.91
CA LEU A 496 -7.44 -71.02 -113.78
C LEU A 496 -7.32 -70.49 -112.35
N LEU A 497 -7.11 -71.38 -111.38
CA LEU A 497 -6.89 -70.94 -110.00
C LEU A 497 -5.49 -70.38 -109.80
N LYS A 498 -4.52 -70.84 -110.59
CA LYS A 498 -3.20 -70.21 -110.57
C LYS A 498 -3.27 -68.78 -111.08
N THR A 499 -3.79 -68.60 -112.30
CA THR A 499 -3.83 -67.27 -112.91
C THR A 499 -4.81 -66.34 -112.22
N ASN A 500 -5.73 -66.88 -111.42
CA ASN A 500 -6.54 -66.03 -110.55
C ASN A 500 -5.69 -65.46 -109.43
N LEU A 501 -4.79 -66.26 -108.88
CA LEU A 501 -3.87 -65.76 -107.86
C LEU A 501 -2.89 -64.77 -108.47
N TYR A 502 -2.47 -65.00 -109.70
CA TYR A 502 -1.55 -64.07 -110.34
C TYR A 502 -2.25 -62.83 -110.88
N GLN A 503 -3.56 -62.67 -110.65
CA GLN A 503 -4.24 -61.42 -110.97
C GLN A 503 -3.77 -60.27 -110.11
N ASP A 504 -3.20 -60.57 -108.94
CA ASP A 504 -2.71 -59.63 -107.93
C ASP A 504 -3.82 -58.69 -107.48
N ASP A 505 -4.88 -59.27 -106.92
CA ASP A 505 -6.02 -58.51 -106.41
C ASP A 505 -6.17 -58.87 -104.94
N ALA A 506 -6.17 -57.85 -104.08
CA ALA A 506 -6.11 -58.09 -102.65
C ALA A 506 -7.49 -58.11 -101.99
N VAL A 507 -8.45 -58.81 -102.58
CA VAL A 507 -9.69 -59.09 -101.87
C VAL A 507 -10.03 -60.55 -102.06
N THR A 508 -9.41 -61.17 -103.07
CA THR A 508 -9.81 -62.50 -103.52
C THR A 508 -8.70 -63.51 -103.34
N GLY A 509 -7.64 -63.15 -102.60
CA GLY A 509 -6.59 -64.11 -102.32
C GLY A 509 -7.04 -65.19 -101.35
N GLU A 510 -7.90 -64.82 -100.39
CA GLU A 510 -8.51 -65.83 -99.53
C GLU A 510 -9.55 -66.63 -100.29
N ALA A 511 -10.04 -66.10 -101.40
CA ALA A 511 -10.91 -66.88 -102.27
C ALA A 511 -10.11 -67.87 -103.11
N ALA A 512 -8.93 -67.47 -103.56
CA ALA A 512 -8.11 -68.36 -104.37
C ALA A 512 -7.32 -69.32 -103.49
N GLY A 513 -6.89 -68.86 -102.32
CA GLY A 513 -6.03 -69.68 -101.48
C GLY A 513 -6.76 -70.85 -100.85
N LEU A 514 -8.02 -70.64 -100.48
CA LEU A 514 -8.83 -71.76 -100.00
C LEU A 514 -9.15 -72.74 -101.11
N ALA A 515 -9.41 -72.23 -102.30
CA ALA A 515 -9.87 -73.09 -103.39
C ALA A 515 -8.72 -73.93 -103.94
N LEU A 516 -7.49 -73.42 -103.85
CA LEU A 516 -6.36 -74.16 -104.39
C LEU A 516 -6.01 -75.35 -103.50
N GLY A 517 -6.23 -75.21 -102.19
CA GLY A 517 -6.05 -76.35 -101.30
C GLY A 517 -7.15 -77.38 -101.43
N LEU A 518 -8.31 -76.99 -101.96
CA LEU A 518 -9.41 -77.93 -102.12
C LEU A 518 -9.17 -78.86 -103.30
N VAL A 519 -8.77 -78.29 -104.44
CA VAL A 519 -8.56 -79.10 -105.63
C VAL A 519 -7.26 -79.88 -105.54
N MET A 520 -6.39 -79.56 -104.58
CA MET A 520 -5.12 -80.25 -104.40
C MET A 520 -5.03 -80.90 -103.02
N LEU A 521 -6.17 -81.28 -102.46
CA LEU A 521 -6.26 -81.86 -101.12
C LEU A 521 -5.58 -83.21 -101.05
N GLY A 522 -4.49 -83.29 -100.29
CA GLY A 522 -3.69 -84.50 -100.18
C GLY A 522 -3.06 -84.90 -101.49
N SER A 523 -2.39 -83.96 -102.15
CA SER A 523 -1.91 -84.20 -103.51
C SER A 523 -0.39 -84.26 -103.56
N LYS A 524 0.27 -83.39 -102.78
CA LYS A 524 1.72 -83.20 -102.75
C LYS A 524 2.24 -82.94 -104.17
N ASN A 525 1.82 -81.82 -104.75
CA ASN A 525 2.33 -81.40 -106.04
C ASN A 525 3.74 -80.88 -105.89
N ALA A 526 4.57 -81.10 -106.90
CA ALA A 526 5.94 -80.64 -106.90
C ALA A 526 6.07 -79.17 -107.30
N GLN A 527 4.97 -78.52 -107.70
CA GLN A 527 5.02 -77.14 -108.14
C GLN A 527 4.00 -76.24 -107.46
N ALA A 528 2.95 -76.80 -106.85
CA ALA A 528 1.95 -75.96 -106.21
C ALA A 528 2.50 -75.33 -104.94
N ILE A 529 3.16 -76.15 -104.09
CA ILE A 529 3.70 -75.67 -102.82
C ILE A 529 4.80 -74.65 -103.06
N GLU A 530 5.62 -74.87 -104.07
CA GLU A 530 6.67 -73.92 -104.42
C GLU A 530 6.10 -72.61 -104.96
N ASP A 531 5.06 -72.69 -105.79
CA ASP A 531 4.49 -71.47 -106.36
C ASP A 531 3.71 -70.69 -105.31
N MET A 532 3.12 -71.38 -104.34
CA MET A 532 2.44 -70.67 -103.26
C MET A 532 3.43 -70.04 -102.31
N VAL A 533 4.48 -70.77 -101.91
CA VAL A 533 5.46 -70.18 -101.02
C VAL A 533 6.39 -69.26 -101.79
N GLY A 534 6.38 -69.34 -103.12
CA GLY A 534 7.07 -68.35 -103.92
C GLY A 534 6.26 -67.09 -104.12
N TYR A 535 4.94 -67.19 -103.96
CA TYR A 535 4.12 -65.99 -104.10
C TYR A 535 4.00 -65.24 -102.78
N ALA A 536 3.87 -65.95 -101.67
CA ALA A 536 3.57 -65.29 -100.39
C ALA A 536 4.84 -64.87 -99.67
N GLN A 537 5.72 -64.15 -100.38
CA GLN A 537 6.86 -63.53 -99.76
C GLN A 537 6.88 -62.04 -100.10
N GLU A 538 6.67 -61.71 -101.37
CA GLU A 538 6.84 -60.37 -101.89
C GLU A 538 5.54 -59.59 -101.96
N THR A 539 4.44 -60.15 -101.46
CA THR A 539 3.17 -59.46 -101.49
C THR A 539 3.12 -58.41 -100.38
N GLN A 540 1.97 -57.73 -100.26
CA GLN A 540 1.91 -56.63 -99.30
C GLN A 540 0.61 -56.59 -98.48
N HIS A 541 -0.06 -57.71 -98.29
CA HIS A 541 -1.28 -57.74 -97.50
C HIS A 541 -1.24 -58.96 -96.59
N GLU A 542 -2.22 -59.05 -95.70
CA GLU A 542 -2.26 -60.15 -94.75
C GLU A 542 -3.34 -61.17 -95.07
N LYS A 543 -4.38 -60.77 -95.81
CA LYS A 543 -5.36 -61.74 -96.29
C LYS A 543 -4.71 -62.70 -97.28
N ILE A 544 -3.90 -62.15 -98.18
CA ILE A 544 -3.19 -62.95 -99.17
C ILE A 544 -2.17 -63.86 -98.48
N LEU A 545 -1.71 -63.49 -97.29
CA LEU A 545 -0.95 -64.42 -96.47
C LEU A 545 -1.87 -65.50 -95.90
N ARG A 546 -3.06 -65.10 -95.44
CA ARG A 546 -3.92 -66.06 -94.75
C ARG A 546 -4.67 -66.97 -95.72
N GLY A 547 -4.90 -66.50 -96.95
CA GLY A 547 -5.54 -67.36 -97.92
C GLY A 547 -4.64 -68.49 -98.35
N LEU A 548 -3.39 -68.17 -98.66
CA LEU A 548 -2.42 -69.19 -99.03
C LEU A 548 -1.98 -70.01 -97.82
N ALA A 549 -2.21 -69.50 -96.61
CA ALA A 549 -1.82 -70.23 -95.40
C ALA A 549 -2.59 -71.52 -95.25
N VAL A 550 -3.91 -71.45 -95.45
CA VAL A 550 -4.73 -72.65 -95.35
C VAL A 550 -4.50 -73.52 -96.58
N GLY A 551 -4.19 -72.89 -97.71
CA GLY A 551 -4.01 -73.65 -98.95
C GLY A 551 -2.79 -74.52 -98.94
N ILE A 552 -1.69 -74.03 -98.38
CA ILE A 552 -0.50 -74.87 -98.24
C ILE A 552 -0.64 -75.85 -97.08
N ALA A 553 -1.61 -75.64 -96.20
CA ALA A 553 -1.89 -76.66 -95.20
C ALA A 553 -2.79 -77.75 -95.75
N LEU A 554 -3.78 -77.35 -96.54
CA LEU A 554 -4.78 -78.28 -97.06
C LEU A 554 -4.26 -79.08 -98.25
N VAL A 555 -3.10 -78.71 -98.80
CA VAL A 555 -2.60 -79.39 -99.99
C VAL A 555 -2.02 -80.75 -99.61
N MET A 556 -1.58 -80.91 -98.37
CA MET A 556 -1.07 -82.19 -97.90
C MET A 556 -1.95 -82.71 -96.78
N TYR A 557 -2.17 -84.01 -96.79
CA TYR A 557 -3.04 -84.64 -95.81
C TYR A 557 -2.55 -86.09 -95.67
N GLY A 558 -1.97 -86.41 -94.52
CA GLY A 558 -1.53 -87.75 -94.26
C GLY A 558 -0.33 -88.14 -95.10
N ARG A 559 0.78 -87.43 -94.94
CA ARG A 559 2.01 -87.81 -95.59
C ARG A 559 2.96 -88.54 -94.67
N MET A 560 2.98 -88.20 -93.38
CA MET A 560 3.52 -88.93 -92.24
C MET A 560 5.05 -88.99 -92.19
N GLU A 561 5.72 -88.74 -93.31
CA GLU A 561 7.13 -88.36 -93.32
C GLU A 561 7.46 -87.45 -94.48
N GLU A 562 6.48 -87.12 -95.32
CA GLU A 562 6.75 -86.48 -96.61
C GLU A 562 6.46 -84.99 -96.56
N ALA A 563 6.54 -84.40 -95.38
CA ALA A 563 6.39 -82.96 -95.27
C ALA A 563 7.40 -82.41 -94.27
N ASP A 564 8.23 -83.30 -93.70
CA ASP A 564 9.02 -82.96 -92.51
C ASP A 564 10.05 -81.87 -92.80
N ALA A 565 10.56 -81.83 -94.03
CA ALA A 565 11.43 -80.73 -94.42
C ALA A 565 10.62 -79.47 -94.70
N LEU A 566 9.41 -79.62 -95.22
CA LEU A 566 8.55 -78.47 -95.50
C LEU A 566 8.01 -77.87 -94.21
N ILE A 567 7.69 -78.72 -93.23
CA ILE A 567 7.28 -78.25 -91.90
C ILE A 567 8.41 -77.47 -91.25
N GLU A 568 9.65 -77.94 -91.42
CA GLU A 568 10.81 -77.20 -90.95
C GLU A 568 11.01 -75.91 -91.73
N SER A 569 10.69 -75.94 -93.03
CA SER A 569 10.91 -74.77 -93.87
C SER A 569 9.95 -73.64 -93.52
N LEU A 570 8.73 -73.98 -93.10
CA LEU A 570 7.79 -72.93 -92.74
C LEU A 570 8.01 -72.44 -91.32
N CYS A 571 8.51 -73.30 -90.43
CA CYS A 571 8.64 -72.96 -89.01
C CYS A 571 9.91 -72.17 -88.72
N ARG A 572 11.00 -72.44 -89.43
CA ARG A 572 12.22 -71.68 -89.24
C ARG A 572 12.09 -70.25 -89.75
N ASP A 573 11.19 -70.01 -90.70
CA ASP A 573 10.94 -68.67 -91.22
C ASP A 573 10.42 -67.77 -90.10
N LYS A 574 10.72 -66.48 -90.23
CA LYS A 574 10.30 -65.47 -89.27
C LYS A 574 8.89 -64.96 -89.53
N ASP A 575 8.23 -65.44 -90.57
CA ASP A 575 6.88 -64.99 -90.87
C ASP A 575 5.92 -65.57 -89.84
N PRO A 576 5.18 -64.73 -89.11
CA PRO A 576 4.27 -65.27 -88.08
C PRO A 576 3.07 -65.99 -88.67
N ILE A 577 2.65 -65.61 -89.87
CA ILE A 577 1.56 -66.29 -90.53
C ILE A 577 2.04 -67.64 -91.06
N LEU A 578 3.25 -67.68 -91.60
CA LEU A 578 3.75 -68.93 -92.16
C LEU A 578 4.13 -69.93 -91.07
N ARG A 579 4.63 -69.44 -89.93
CA ARG A 579 4.81 -70.32 -88.78
C ARG A 579 3.47 -70.80 -88.25
N ARG A 580 2.46 -69.94 -88.29
CA ARG A 580 1.10 -70.37 -87.95
C ARG A 580 0.59 -71.40 -88.95
N SER A 581 0.90 -71.20 -90.22
CA SER A 581 0.38 -72.07 -91.27
C SER A 581 1.01 -73.44 -91.23
N GLY A 582 2.30 -73.51 -90.89
CA GLY A 582 2.96 -74.81 -90.79
C GLY A 582 2.43 -75.65 -89.63
N MET A 583 1.87 -74.99 -88.62
CA MET A 583 1.27 -75.74 -87.53
C MET A 583 0.00 -76.43 -87.96
N TYR A 584 -0.72 -75.85 -88.92
CA TYR A 584 -1.86 -76.55 -89.50
C TYR A 584 -1.39 -77.69 -90.38
N THR A 585 -0.27 -77.51 -91.06
CA THR A 585 0.19 -78.49 -92.03
C THR A 585 0.73 -79.72 -91.34
N VAL A 586 1.41 -79.53 -90.20
CA VAL A 586 1.89 -80.66 -89.42
C VAL A 586 0.72 -81.35 -88.72
N ALA A 587 -0.37 -80.63 -88.47
CA ALA A 587 -1.54 -81.24 -87.85
C ALA A 587 -2.32 -82.07 -88.86
N MET A 588 -2.37 -81.61 -90.11
CA MET A 588 -3.14 -82.32 -91.13
C MET A 588 -2.39 -83.52 -91.68
N ALA A 589 -1.06 -83.48 -91.66
CA ALA A 589 -0.30 -84.65 -92.10
C ALA A 589 -0.27 -85.73 -91.04
N TYR A 590 -0.65 -85.42 -89.81
CA TYR A 590 -0.60 -86.32 -88.66
C TYR A 590 -1.99 -86.41 -88.05
N CYS A 591 -2.79 -87.36 -88.49
CA CYS A 591 -4.15 -87.50 -87.99
C CYS A 591 -4.32 -88.92 -87.48
N GLY A 592 -4.77 -89.03 -86.23
CA GLY A 592 -4.91 -90.32 -85.58
C GLY A 592 -3.60 -91.00 -85.26
N SER A 593 -2.50 -90.25 -85.28
CA SER A 593 -1.16 -90.82 -85.20
C SER A 593 -0.51 -90.38 -83.89
N GLY A 594 -0.08 -91.36 -83.10
CA GLY A 594 0.58 -91.05 -81.85
C GLY A 594 2.07 -90.86 -82.02
N ASN A 595 2.46 -90.00 -82.96
CA ASN A 595 3.86 -89.67 -83.13
C ASN A 595 4.32 -88.83 -81.95
N ASN A 596 5.23 -89.40 -81.15
CA ASN A 596 5.76 -88.67 -80.00
C ASN A 596 6.58 -87.47 -80.47
N LYS A 597 7.29 -87.61 -81.59
CA LYS A 597 8.16 -86.55 -82.04
C LYS A 597 7.37 -85.37 -82.59
N ALA A 598 6.20 -85.63 -83.17
CA ALA A 598 5.33 -84.55 -83.62
C ALA A 598 4.85 -83.71 -82.44
N ILE A 599 4.24 -84.37 -81.44
CA ILE A 599 3.70 -83.68 -80.28
C ILE A 599 4.82 -83.11 -79.40
N ARG A 600 6.02 -83.70 -79.46
CA ARG A 600 7.19 -83.06 -78.84
C ARG A 600 7.50 -81.77 -79.57
N ARG A 601 7.45 -81.79 -80.89
CA ARG A 601 7.79 -80.62 -81.68
C ARG A 601 6.64 -79.64 -81.73
N LEU A 602 5.41 -80.14 -81.58
CA LEU A 602 4.24 -79.27 -81.60
C LEU A 602 4.12 -78.50 -80.27
N LEU A 603 4.49 -79.13 -79.16
CA LEU A 603 4.38 -78.45 -77.86
C LEU A 603 5.58 -77.57 -77.56
N HIS A 604 6.76 -77.93 -78.06
CA HIS A 604 7.95 -77.12 -77.80
C HIS A 604 7.86 -75.80 -78.54
N VAL A 605 7.20 -75.79 -79.70
CA VAL A 605 7.05 -74.56 -80.45
C VAL A 605 5.85 -73.77 -79.96
N ALA A 606 4.99 -74.38 -79.15
CA ALA A 606 3.83 -73.67 -78.63
C ALA A 606 4.22 -72.68 -77.54
N VAL A 607 5.07 -73.12 -76.61
CA VAL A 607 5.44 -72.27 -75.48
C VAL A 607 6.59 -71.35 -75.85
N SER A 608 7.53 -71.84 -76.68
CA SER A 608 8.71 -71.05 -77.00
C SER A 608 8.39 -69.88 -77.91
N ASP A 609 7.33 -69.98 -78.70
CA ASP A 609 7.01 -68.89 -79.60
C ASP A 609 6.13 -67.89 -78.87
N VAL A 610 6.07 -66.68 -79.43
CA VAL A 610 5.56 -65.54 -78.68
C VAL A 610 4.31 -64.91 -79.31
N ASN A 611 4.08 -65.05 -80.61
CA ASN A 611 2.85 -64.56 -81.21
C ASN A 611 1.68 -65.41 -80.74
N ASP A 612 0.55 -64.76 -80.42
CA ASP A 612 -0.59 -65.49 -79.87
C ASP A 612 -1.26 -66.35 -80.91
N ASP A 613 -1.12 -65.99 -82.18
CA ASP A 613 -1.82 -66.70 -83.24
C ASP A 613 -1.25 -68.09 -83.45
N VAL A 614 0.08 -68.19 -83.51
CA VAL A 614 0.71 -69.49 -83.62
C VAL A 614 0.60 -70.25 -82.30
N ARG A 615 0.47 -69.53 -81.19
CA ARG A 615 0.29 -70.22 -79.91
C ARG A 615 -1.10 -70.80 -79.80
N ARG A 616 -2.09 -70.14 -80.41
CA ARG A 616 -3.40 -70.76 -80.50
C ARG A 616 -3.38 -71.94 -81.46
N ALA A 617 -2.77 -71.76 -82.63
CA ALA A 617 -2.88 -72.76 -83.69
C ALA A 617 -2.08 -74.00 -83.36
N ALA A 618 -1.06 -73.87 -82.51
CA ALA A 618 -0.35 -75.05 -82.05
C ALA A 618 -1.19 -75.85 -81.07
N VAL A 619 -1.86 -75.17 -80.13
CA VAL A 619 -2.65 -75.89 -79.14
C VAL A 619 -4.06 -76.17 -79.62
N GLU A 620 -4.46 -75.63 -80.77
CA GLU A 620 -5.68 -76.13 -81.41
C GLU A 620 -5.43 -77.40 -82.19
N SER A 621 -4.17 -77.67 -82.54
CA SER A 621 -3.81 -78.85 -83.31
C SER A 621 -3.81 -80.14 -82.49
N LEU A 622 -4.03 -80.04 -81.17
CA LEU A 622 -4.07 -81.22 -80.31
C LEU A 622 -5.20 -82.17 -80.70
N GLY A 623 -6.35 -81.61 -81.07
CA GLY A 623 -7.48 -82.45 -81.41
C GLY A 623 -7.32 -83.11 -82.77
N PHE A 624 -6.61 -82.45 -83.68
CA PHE A 624 -6.41 -83.00 -85.01
C PHE A 624 -5.48 -84.20 -85.01
N ILE A 625 -4.63 -84.32 -83.98
CA ILE A 625 -3.67 -85.40 -83.94
C ILE A 625 -4.03 -86.48 -82.93
N LEU A 626 -4.97 -86.23 -82.02
CA LEU A 626 -5.29 -87.18 -80.97
C LEU A 626 -6.78 -87.49 -80.90
N PHE A 627 -7.52 -87.32 -82.01
CA PHE A 627 -8.95 -87.58 -81.99
C PHE A 627 -9.26 -89.07 -81.86
N ARG A 628 -8.32 -89.91 -82.29
CA ARG A 628 -8.55 -91.35 -82.24
C ARG A 628 -8.53 -91.88 -80.82
N THR A 629 -7.68 -91.33 -79.96
CA THR A 629 -7.64 -91.68 -78.54
C THR A 629 -8.16 -90.53 -77.68
N PRO A 630 -9.40 -90.62 -77.19
CA PRO A 630 -9.92 -89.54 -76.34
C PRO A 630 -9.39 -89.57 -74.92
N GLU A 631 -8.57 -90.55 -74.55
CA GLU A 631 -8.03 -90.67 -73.21
C GLU A 631 -6.77 -89.85 -73.00
N GLN A 632 -6.40 -89.02 -73.97
CA GLN A 632 -5.20 -88.21 -73.89
C GLN A 632 -5.46 -86.73 -74.04
N CYS A 633 -6.50 -86.34 -74.78
CA CYS A 633 -6.85 -84.93 -74.93
C CYS A 633 -7.20 -84.21 -73.63
N PRO A 634 -7.98 -84.77 -72.68
CA PRO A 634 -8.19 -84.01 -71.43
C PRO A 634 -6.98 -84.03 -70.52
N SER A 635 -5.98 -84.87 -70.79
CA SER A 635 -4.78 -84.87 -69.97
C SER A 635 -3.96 -83.61 -70.19
N VAL A 636 -3.84 -83.16 -71.44
CA VAL A 636 -2.99 -82.01 -71.74
C VAL A 636 -3.77 -80.71 -71.76
N VAL A 637 -5.05 -80.73 -72.09
CA VAL A 637 -5.83 -79.50 -72.11
C VAL A 637 -6.08 -78.94 -70.72
N SER A 638 -6.28 -79.82 -69.73
CA SER A 638 -6.66 -79.41 -68.37
C SER A 638 -5.61 -78.56 -67.71
N LEU A 639 -4.36 -78.62 -68.16
CA LEU A 639 -3.33 -77.75 -67.66
C LEU A 639 -3.10 -76.54 -68.57
N LEU A 640 -3.24 -76.74 -69.88
CA LEU A 640 -3.06 -75.64 -70.83
C LEU A 640 -4.23 -74.70 -70.88
N SER A 641 -5.40 -75.14 -70.43
CA SER A 641 -6.56 -74.28 -70.32
C SER A 641 -6.56 -73.47 -69.04
N GLU A 642 -5.45 -73.48 -68.30
CA GLU A 642 -5.29 -72.66 -67.12
C GLU A 642 -3.93 -71.96 -67.17
N SER A 643 -3.61 -71.38 -68.32
CA SER A 643 -2.40 -70.62 -68.50
C SER A 643 -2.59 -69.22 -67.93
N TYR A 644 -1.60 -68.36 -68.16
CA TYR A 644 -1.77 -66.98 -67.73
C TYR A 644 -2.48 -66.14 -68.78
N ASN A 645 -2.21 -66.37 -70.06
CA ASN A 645 -2.95 -65.62 -71.07
C ASN A 645 -4.20 -66.38 -71.50
N PRO A 646 -5.23 -65.68 -71.99
CA PRO A 646 -6.43 -66.39 -72.49
C PRO A 646 -6.19 -67.19 -73.75
N HIS A 647 -5.20 -66.82 -74.56
CA HIS A 647 -5.01 -67.45 -75.87
C HIS A 647 -4.63 -68.92 -75.75
N VAL A 648 -3.73 -69.23 -74.82
CA VAL A 648 -3.41 -70.62 -74.55
C VAL A 648 -4.60 -71.30 -73.89
N ARG A 649 -5.36 -70.56 -73.08
CA ARG A 649 -6.59 -71.12 -72.53
C ARG A 649 -7.65 -71.30 -73.62
N TYR A 650 -7.66 -70.41 -74.61
CA TYR A 650 -8.69 -70.49 -75.64
C TYR A 650 -8.49 -71.66 -76.57
N GLY A 651 -7.28 -71.82 -77.10
CA GLY A 651 -7.04 -72.88 -78.06
C GLY A 651 -7.10 -74.26 -77.45
N ALA A 652 -6.85 -74.35 -76.15
CA ALA A 652 -7.10 -75.60 -75.43
C ALA A 652 -8.59 -75.91 -75.38
N ALA A 653 -9.43 -74.87 -75.33
CA ALA A 653 -10.87 -75.12 -75.29
C ALA A 653 -11.39 -75.59 -76.64
N MET A 654 -10.84 -75.07 -77.74
CA MET A 654 -11.27 -75.57 -79.03
C MET A 654 -10.73 -76.96 -79.30
N ALA A 655 -9.55 -77.26 -78.77
CA ALA A 655 -8.97 -78.58 -78.97
C ALA A 655 -9.72 -79.66 -78.20
N LEU A 656 -10.23 -79.31 -77.02
CA LEU A 656 -11.00 -80.27 -76.24
C LEU A 656 -12.32 -80.58 -76.92
N GLY A 657 -12.86 -79.62 -77.67
CA GLY A 657 -14.12 -79.85 -78.37
C GLY A 657 -13.93 -80.69 -79.63
N ILE A 658 -12.87 -80.43 -80.39
CA ILE A 658 -12.69 -81.12 -81.67
C ILE A 658 -12.02 -82.47 -81.51
N CYS A 659 -11.45 -82.76 -80.35
CA CYS A 659 -10.91 -84.08 -80.09
C CYS A 659 -12.03 -85.08 -79.85
N CYS A 660 -12.83 -84.84 -78.82
CA CYS A 660 -13.91 -85.76 -78.48
C CYS A 660 -15.16 -85.36 -79.25
N ALA A 661 -15.66 -86.27 -80.08
CA ALA A 661 -16.70 -85.89 -81.03
C ALA A 661 -18.07 -85.85 -80.39
N GLY A 662 -18.59 -86.99 -79.95
CA GLY A 662 -19.96 -87.00 -79.47
C GLY A 662 -20.17 -87.88 -78.27
N THR A 663 -19.11 -88.11 -77.52
CA THR A 663 -19.12 -89.06 -76.43
C THR A 663 -19.41 -88.30 -75.14
N GLY A 664 -20.32 -88.84 -74.33
CA GLY A 664 -20.51 -88.32 -73.01
C GLY A 664 -19.24 -88.55 -72.20
N ASN A 665 -18.47 -87.49 -72.00
CA ASN A 665 -17.18 -87.60 -71.35
C ASN A 665 -17.25 -87.32 -69.87
N LYS A 666 -17.94 -86.22 -69.50
CA LYS A 666 -18.22 -85.68 -68.16
C LYS A 666 -16.95 -85.08 -67.54
N GLU A 667 -15.80 -85.30 -68.15
CA GLU A 667 -14.58 -84.64 -67.73
C GLU A 667 -14.34 -83.39 -68.55
N ALA A 668 -14.50 -83.49 -69.87
CA ALA A 668 -14.41 -82.32 -70.74
C ALA A 668 -15.49 -81.30 -70.38
N ILE A 669 -16.68 -81.78 -70.04
CA ILE A 669 -17.71 -80.93 -69.46
C ILE A 669 -17.22 -80.28 -68.18
N ASN A 670 -16.52 -81.04 -67.34
CA ASN A 670 -16.04 -80.52 -66.07
C ASN A 670 -14.93 -79.50 -66.27
N LEU A 671 -14.13 -79.65 -67.33
CA LEU A 671 -13.06 -78.70 -67.58
C LEU A 671 -13.57 -77.42 -68.20
N LEU A 672 -14.55 -77.51 -69.11
CA LEU A 672 -15.07 -76.33 -69.78
C LEU A 672 -15.97 -75.48 -68.88
N GLU A 673 -16.36 -75.99 -67.71
CA GLU A 673 -17.24 -75.22 -66.83
C GLU A 673 -16.56 -74.00 -66.22
N PRO A 674 -15.32 -74.05 -65.72
CA PRO A 674 -14.63 -72.78 -65.44
C PRO A 674 -14.15 -72.05 -66.68
N MET A 675 -14.13 -72.71 -67.84
CA MET A 675 -13.72 -72.03 -69.06
C MET A 675 -14.79 -71.06 -69.54
N THR A 676 -16.04 -71.48 -69.54
CA THR A 676 -17.13 -70.55 -69.79
C THR A 676 -17.36 -69.59 -68.63
N ASN A 677 -16.82 -69.88 -67.47
CA ASN A 677 -16.90 -68.97 -66.33
C ASN A 677 -15.61 -68.15 -66.25
N ASP A 678 -15.46 -67.23 -67.21
CA ASP A 678 -14.24 -66.46 -67.32
C ASP A 678 -14.59 -65.01 -67.61
N PRO A 679 -13.77 -64.06 -67.14
CA PRO A 679 -14.05 -62.66 -67.48
C PRO A 679 -13.86 -62.33 -68.96
N VAL A 680 -13.02 -63.08 -69.68
CA VAL A 680 -12.71 -62.70 -71.05
C VAL A 680 -13.75 -63.27 -72.01
N ASN A 681 -14.22 -62.41 -72.94
CA ASN A 681 -15.42 -62.72 -73.72
C ASN A 681 -15.23 -63.86 -74.72
N TYR A 682 -14.10 -63.90 -75.41
CA TYR A 682 -13.96 -64.91 -76.46
C TYR A 682 -13.61 -66.26 -75.88
N VAL A 683 -13.00 -66.30 -74.70
CA VAL A 683 -12.73 -67.61 -74.11
C VAL A 683 -14.01 -68.13 -73.45
N ARG A 684 -14.98 -67.26 -73.20
CA ARG A 684 -16.33 -67.75 -72.91
C ARG A 684 -16.98 -68.27 -74.18
N GLN A 685 -16.68 -67.66 -75.32
CA GLN A 685 -17.31 -68.03 -76.58
C GLN A 685 -16.94 -69.44 -76.99
N GLY A 686 -15.65 -69.74 -77.09
CA GLY A 686 -15.22 -71.04 -77.58
C GLY A 686 -15.53 -72.16 -76.61
N ALA A 687 -15.65 -71.82 -75.32
CA ALA A 687 -16.17 -72.77 -74.35
C ALA A 687 -17.62 -73.12 -74.63
N LEU A 688 -18.42 -72.16 -75.09
CA LEU A 688 -19.77 -72.47 -75.53
C LEU A 688 -19.74 -73.25 -76.83
N ILE A 689 -18.77 -72.97 -77.69
CA ILE A 689 -18.60 -73.71 -78.92
C ILE A 689 -18.23 -75.15 -78.63
N ALA A 690 -17.30 -75.36 -77.70
CA ALA A 690 -16.83 -76.69 -77.41
C ALA A 690 -17.87 -77.51 -76.66
N SER A 691 -18.67 -76.84 -75.82
CA SER A 691 -19.74 -77.55 -75.11
C SER A 691 -20.84 -77.98 -76.06
N ALA A 692 -21.10 -77.19 -77.11
CA ALA A 692 -22.07 -77.63 -78.09
C ALA A 692 -21.51 -78.74 -78.97
N LEU A 693 -20.20 -78.74 -79.19
CA LEU A 693 -19.62 -79.78 -80.03
C LEU A 693 -19.57 -81.12 -79.31
N ILE A 694 -19.41 -81.12 -78.00
CA ILE A 694 -19.36 -82.39 -77.30
C ILE A 694 -20.76 -82.93 -77.04
N MET A 695 -21.74 -82.04 -76.91
CA MET A 695 -23.12 -82.46 -76.66
C MET A 695 -23.86 -82.48 -77.99
N ILE A 696 -24.06 -83.68 -78.52
CA ILE A 696 -24.80 -83.86 -79.76
C ILE A 696 -25.61 -85.15 -79.70
N GLN A 697 -26.93 -84.99 -79.83
CA GLN A 697 -27.94 -86.03 -79.68
C GLN A 697 -27.80 -86.74 -78.33
N GLN A 698 -27.74 -85.95 -77.28
CA GLN A 698 -27.55 -86.46 -75.92
C GLN A 698 -28.74 -86.07 -75.07
N THR A 699 -29.15 -86.98 -74.20
CA THR A 699 -30.33 -86.78 -73.38
C THR A 699 -29.91 -86.50 -71.95
N GLU A 700 -30.91 -86.44 -71.06
CA GLU A 700 -30.62 -86.22 -69.65
C GLU A 700 -30.01 -87.47 -69.02
N ILE A 701 -30.35 -88.66 -69.52
CA ILE A 701 -29.78 -89.87 -68.96
C ILE A 701 -28.35 -90.06 -69.46
N THR A 702 -27.94 -89.35 -70.51
CA THR A 702 -26.57 -89.45 -70.98
C THR A 702 -25.61 -88.67 -70.09
N CYS A 703 -25.90 -87.38 -69.88
CA CYS A 703 -25.15 -86.58 -68.92
C CYS A 703 -26.06 -85.49 -68.36
N PRO A 704 -25.97 -85.21 -67.05
CA PRO A 704 -26.96 -84.32 -66.42
C PRO A 704 -26.80 -82.86 -66.78
N LYS A 705 -25.66 -82.46 -67.31
CA LYS A 705 -25.34 -81.06 -67.53
C LYS A 705 -26.00 -80.47 -68.76
N VAL A 706 -26.84 -81.23 -69.47
CA VAL A 706 -27.47 -80.75 -70.70
C VAL A 706 -28.43 -79.62 -70.38
N ASN A 707 -29.41 -79.89 -69.52
CA ASN A 707 -30.38 -78.87 -69.13
C ASN A 707 -29.73 -77.77 -68.31
N GLN A 708 -28.63 -78.10 -67.63
CA GLN A 708 -27.78 -77.08 -67.01
C GLN A 708 -27.25 -76.12 -68.07
N PHE A 709 -26.81 -76.66 -69.20
CA PHE A 709 -26.20 -75.82 -70.22
C PHE A 709 -27.24 -75.14 -71.10
N ARG A 710 -28.43 -75.73 -71.25
CA ARG A 710 -29.46 -75.12 -72.08
C ARG A 710 -30.01 -73.86 -71.43
N GLN A 711 -30.24 -73.90 -70.12
CA GLN A 711 -30.66 -72.68 -69.41
C GLN A 711 -29.50 -71.71 -69.27
N LEU A 712 -28.26 -72.20 -69.32
CA LEU A 712 -27.11 -71.31 -69.30
C LEU A 712 -26.96 -70.59 -70.64
N TYR A 713 -27.21 -71.31 -71.73
CA TYR A 713 -27.28 -70.67 -73.05
C TYR A 713 -28.40 -69.66 -73.09
N SER A 714 -29.51 -69.99 -72.43
CA SER A 714 -30.65 -69.10 -72.41
C SER A 714 -30.38 -67.84 -71.59
N LYS A 715 -29.71 -68.01 -70.44
CA LYS A 715 -29.47 -66.89 -69.53
C LYS A 715 -28.53 -65.88 -70.15
N VAL A 716 -27.57 -66.32 -70.96
CA VAL A 716 -26.65 -65.39 -71.59
C VAL A 716 -27.19 -64.84 -72.90
N ILE A 717 -28.24 -65.43 -73.46
CA ILE A 717 -28.81 -64.91 -74.70
C ILE A 717 -30.04 -64.04 -74.43
N ASN A 718 -30.69 -64.20 -73.28
CA ASN A 718 -31.79 -63.32 -72.93
C ASN A 718 -31.35 -62.12 -72.11
N ASP A 719 -30.13 -62.14 -71.60
CA ASP A 719 -29.57 -60.97 -70.95
C ASP A 719 -29.30 -59.89 -71.99
N LYS A 720 -29.47 -58.64 -71.57
CA LYS A 720 -29.14 -57.48 -72.39
C LYS A 720 -27.72 -57.00 -72.15
N HIS A 721 -27.26 -57.01 -70.91
CA HIS A 721 -25.98 -56.44 -70.56
C HIS A 721 -24.84 -57.42 -70.74
N ASP A 722 -24.69 -57.96 -71.95
CA ASP A 722 -23.58 -58.84 -72.30
C ASP A 722 -22.91 -58.33 -73.57
N ASP A 723 -21.78 -58.95 -73.90
CA ASP A 723 -21.17 -58.67 -75.19
C ASP A 723 -21.92 -59.38 -76.30
N VAL A 724 -21.79 -58.80 -77.50
CA VAL A 724 -22.31 -59.47 -78.69
C VAL A 724 -21.48 -60.72 -78.97
N MET A 725 -20.17 -60.64 -78.75
CA MET A 725 -19.27 -61.78 -78.90
C MET A 725 -19.59 -62.88 -77.90
N ALA A 726 -20.13 -62.51 -76.73
CA ALA A 726 -20.60 -63.52 -75.78
C ALA A 726 -21.83 -64.23 -76.31
N LYS A 727 -22.87 -63.46 -76.67
CA LYS A 727 -24.10 -64.05 -77.14
C LYS A 727 -23.99 -64.61 -78.56
N PHE A 728 -22.90 -64.29 -79.28
CA PHE A 728 -22.65 -64.98 -80.54
C PHE A 728 -22.27 -66.42 -80.29
N GLY A 729 -21.58 -66.68 -79.16
CA GLY A 729 -21.26 -68.05 -78.81
C GLY A 729 -22.47 -68.83 -78.39
N ALA A 730 -23.48 -68.17 -77.84
CA ALA A 730 -24.68 -68.86 -77.39
C ALA A 730 -25.60 -69.20 -78.57
N ILE A 731 -25.77 -68.25 -79.49
CA ILE A 731 -26.63 -68.47 -80.64
C ILE A 731 -26.01 -69.50 -81.58
N LEU A 732 -24.69 -69.64 -81.55
CA LEU A 732 -24.04 -70.72 -82.27
C LEU A 732 -24.24 -72.04 -81.52
N ALA A 733 -24.26 -71.98 -80.19
CA ALA A 733 -24.47 -73.17 -79.39
C ALA A 733 -25.89 -73.70 -79.53
N GLN A 734 -26.83 -72.82 -79.92
CA GLN A 734 -28.21 -73.26 -80.15
C GLN A 734 -28.30 -74.11 -81.41
N GLY A 735 -27.62 -73.70 -82.48
CA GLY A 735 -27.75 -74.41 -83.75
C GLY A 735 -26.97 -75.71 -83.82
N ILE A 736 -25.87 -75.80 -83.07
CA ILE A 736 -25.07 -77.02 -83.10
C ILE A 736 -25.71 -78.11 -82.23
N LEU A 737 -26.37 -77.72 -81.14
CA LEU A 737 -26.95 -78.70 -80.22
C LEU A 737 -28.12 -79.44 -80.85
N ASP A 738 -28.86 -78.77 -81.72
CA ASP A 738 -30.04 -79.35 -82.36
C ASP A 738 -29.86 -79.41 -83.87
N ALA A 739 -28.65 -79.72 -84.31
CA ALA A 739 -28.32 -79.68 -85.73
C ALA A 739 -29.01 -80.80 -86.50
N GLY A 740 -29.68 -80.42 -87.59
CA GLY A 740 -30.35 -81.40 -88.43
C GLY A 740 -31.58 -82.05 -87.83
N GLY A 741 -32.11 -81.52 -86.74
CA GLY A 741 -33.28 -82.10 -86.12
C GLY A 741 -33.02 -83.43 -85.44
N HIS A 742 -31.89 -83.54 -84.73
CA HIS A 742 -31.46 -84.76 -84.03
C HIS A 742 -31.32 -85.94 -84.99
N ASN A 743 -30.75 -85.69 -86.16
CA ASN A 743 -30.65 -86.73 -87.18
C ASN A 743 -29.23 -86.87 -87.69
N VAL A 744 -28.45 -85.80 -87.60
CA VAL A 744 -27.07 -85.80 -88.06
C VAL A 744 -26.15 -85.62 -86.86
N THR A 745 -24.86 -85.91 -87.07
CA THR A 745 -23.86 -85.75 -86.03
C THR A 745 -22.50 -85.55 -86.70
N ILE A 746 -21.54 -85.09 -85.93
CA ILE A 746 -20.19 -84.88 -86.45
C ILE A 746 -19.28 -85.97 -85.93
N SER A 747 -18.38 -86.41 -86.81
CA SER A 747 -17.43 -87.48 -86.50
C SER A 747 -16.32 -87.41 -87.52
N LEU A 748 -15.08 -87.33 -87.04
CA LEU A 748 -13.92 -87.53 -87.89
C LEU A 748 -13.72 -89.00 -88.23
N GLN A 749 -14.40 -89.88 -87.54
CA GLN A 749 -14.23 -91.32 -87.67
C GLN A 749 -15.31 -91.87 -88.59
N SER A 750 -14.92 -92.77 -89.48
CA SER A 750 -15.89 -93.45 -90.32
C SER A 750 -16.37 -94.73 -89.65
N ARG A 751 -17.06 -95.57 -90.40
CA ARG A 751 -17.64 -96.81 -89.92
C ARG A 751 -16.61 -97.85 -89.54
N THR A 752 -15.60 -98.07 -90.37
CA THR A 752 -14.73 -99.23 -90.22
C THR A 752 -13.26 -98.86 -90.00
N GLY A 753 -12.99 -97.91 -89.11
CA GLY A 753 -11.62 -97.57 -88.77
C GLY A 753 -10.95 -96.57 -89.69
N HIS A 754 -11.49 -96.36 -90.88
CA HIS A 754 -10.99 -95.36 -91.81
C HIS A 754 -11.37 -93.96 -91.31
N THR A 755 -10.68 -92.95 -91.80
CA THR A 755 -10.98 -91.58 -91.42
C THR A 755 -11.58 -90.82 -92.59
N HIS A 756 -12.49 -89.89 -92.27
CA HIS A 756 -13.05 -89.04 -93.30
C HIS A 756 -12.08 -87.93 -93.67
N MET A 757 -11.97 -87.66 -94.96
CA MET A 757 -11.37 -86.40 -95.39
C MET A 757 -12.34 -85.21 -95.32
N PRO A 758 -13.60 -85.26 -95.78
CA PRO A 758 -14.41 -84.03 -95.74
C PRO A 758 -14.86 -83.64 -94.34
N SER A 759 -14.91 -84.59 -93.40
CA SER A 759 -15.26 -84.23 -92.04
C SER A 759 -14.08 -83.60 -91.30
N VAL A 760 -12.89 -83.61 -91.90
CA VAL A 760 -11.76 -82.90 -91.32
C VAL A 760 -11.59 -81.54 -91.97
N VAL A 761 -11.78 -81.47 -93.28
CA VAL A 761 -11.73 -80.19 -94.00
C VAL A 761 -12.83 -79.27 -93.50
N GLY A 762 -13.99 -79.83 -93.14
CA GLY A 762 -15.08 -79.01 -92.64
C GLY A 762 -14.78 -78.38 -91.30
N VAL A 763 -14.10 -79.11 -90.41
CA VAL A 763 -13.93 -78.58 -89.06
C VAL A 763 -12.74 -77.62 -88.98
N LEU A 764 -11.71 -77.82 -89.81
CA LEU A 764 -10.53 -76.98 -89.67
C LEU A 764 -10.71 -75.62 -90.32
N VAL A 765 -11.53 -75.53 -91.37
CA VAL A 765 -11.84 -74.21 -91.90
C VAL A 765 -12.85 -73.52 -91.00
N PHE A 766 -13.64 -74.32 -90.28
CA PHE A 766 -14.51 -73.77 -89.25
C PHE A 766 -13.72 -73.17 -88.10
N THR A 767 -12.49 -73.64 -87.85
CA THR A 767 -11.65 -73.05 -86.83
C THR A 767 -11.16 -71.65 -87.21
N GLN A 768 -11.25 -71.30 -88.49
CA GLN A 768 -10.83 -69.99 -89.00
C GLN A 768 -11.96 -68.99 -88.98
N PHE A 769 -12.92 -69.17 -88.08
CA PHE A 769 -14.10 -68.33 -88.07
C PHE A 769 -13.84 -66.95 -87.50
N TRP A 770 -12.71 -66.74 -86.82
CA TRP A 770 -12.33 -65.39 -86.43
C TRP A 770 -12.05 -64.50 -87.62
N PHE A 771 -11.47 -65.05 -88.68
CA PHE A 771 -10.93 -64.23 -89.74
C PHE A 771 -11.90 -64.06 -90.91
N TRP A 772 -12.95 -64.87 -90.96
CA TRP A 772 -13.96 -64.78 -92.00
C TRP A 772 -15.19 -65.52 -91.52
N PHE A 773 -16.32 -64.83 -91.44
CA PHE A 773 -17.50 -65.47 -90.86
C PHE A 773 -18.21 -66.48 -91.78
N PRO A 774 -18.30 -66.32 -93.13
CA PRO A 774 -18.87 -67.41 -93.93
C PRO A 774 -18.04 -68.70 -94.03
N LEU A 775 -16.92 -68.79 -93.33
CA LEU A 775 -16.23 -70.07 -93.25
C LEU A 775 -16.98 -71.08 -92.39
N SER A 776 -17.90 -70.61 -91.55
CA SER A 776 -18.67 -71.51 -90.69
C SER A 776 -19.64 -72.39 -91.47
N HIS A 777 -19.99 -72.01 -92.71
CA HIS A 777 -20.82 -72.85 -93.55
C HIS A 777 -20.19 -74.20 -93.86
N PHE A 778 -18.86 -74.26 -93.91
CA PHE A 778 -18.14 -75.48 -94.27
C PHE A 778 -18.24 -76.58 -93.21
N LEU A 779 -18.69 -76.25 -92.00
CA LEU A 779 -18.84 -77.24 -90.95
C LEU A 779 -19.92 -78.28 -91.26
N SER A 780 -20.84 -77.95 -92.18
CA SER A 780 -21.95 -78.83 -92.56
C SER A 780 -21.49 -80.13 -93.21
N LEU A 781 -20.28 -80.17 -93.78
CA LEU A 781 -19.79 -81.37 -94.43
C LEU A 781 -19.53 -82.50 -93.44
N ALA A 782 -19.25 -82.18 -92.19
CA ALA A 782 -19.01 -83.18 -91.16
C ALA A 782 -20.30 -83.75 -90.58
N TYR A 783 -21.45 -83.33 -91.06
CA TYR A 783 -22.72 -83.82 -90.53
C TYR A 783 -22.98 -85.22 -91.06
N THR A 784 -22.88 -86.21 -90.19
CA THR A 784 -23.07 -87.57 -90.67
C THR A 784 -24.37 -88.16 -90.14
N PRO A 785 -25.12 -88.87 -90.99
CA PRO A 785 -26.39 -89.46 -90.53
C PRO A 785 -26.20 -90.56 -89.50
N THR A 786 -27.27 -90.79 -88.74
CA THR A 786 -27.34 -91.85 -87.75
C THR A 786 -28.56 -92.73 -88.06
N CYS A 787 -28.71 -93.07 -89.33
CA CYS A 787 -29.80 -93.91 -89.79
C CYS A 787 -29.31 -95.35 -89.95
N VAL A 788 -30.28 -96.27 -89.98
CA VAL A 788 -30.05 -97.67 -90.34
C VAL A 788 -31.16 -98.13 -91.27
N ILE A 789 -30.88 -98.13 -92.58
CA ILE A 789 -31.91 -98.41 -93.57
C ILE A 789 -31.65 -99.77 -94.19
N GLY A 790 -32.65 -100.65 -94.15
CA GLY A 790 -32.51 -101.99 -94.69
C GLY A 790 -32.93 -102.10 -96.14
N LEU A 791 -32.28 -101.32 -97.00
CA LEU A 791 -32.62 -101.29 -98.42
C LEU A 791 -31.91 -102.44 -99.14
N ASN A 792 -32.65 -103.49 -99.48
CA ASN A 792 -32.04 -104.68 -100.07
C ASN A 792 -31.91 -104.59 -101.59
N LYS A 793 -32.93 -104.09 -102.27
CA LYS A 793 -32.85 -103.93 -103.71
C LYS A 793 -32.52 -102.45 -103.97
N ASP A 794 -32.47 -102.03 -105.22
CA ASP A 794 -32.28 -100.63 -105.54
C ASP A 794 -33.49 -99.76 -105.19
N LEU A 795 -34.68 -100.35 -104.99
CA LEU A 795 -35.84 -99.54 -104.65
C LEU A 795 -36.62 -100.13 -103.48
N LYS A 796 -36.45 -101.42 -103.21
CA LYS A 796 -37.26 -102.11 -102.21
C LYS A 796 -36.87 -101.67 -100.81
N MET A 797 -37.69 -100.79 -100.25
CA MET A 797 -37.60 -100.37 -98.86
C MET A 797 -38.81 -100.95 -98.12
N PRO A 798 -38.68 -102.16 -97.59
CA PRO A 798 -39.76 -102.70 -96.76
C PRO A 798 -39.76 -102.00 -95.42
N LYS A 799 -40.88 -102.08 -94.74
CA LYS A 799 -41.01 -101.45 -93.44
C LYS A 799 -40.89 -102.54 -92.39
N VAL A 800 -39.66 -102.80 -91.98
CA VAL A 800 -39.33 -103.82 -90.99
C VAL A 800 -39.33 -103.17 -89.62
N GLN A 801 -40.04 -103.79 -88.67
CA GLN A 801 -40.24 -103.18 -87.36
C GLN A 801 -39.35 -103.88 -86.34
N TYR A 802 -38.14 -103.33 -86.16
CA TYR A 802 -37.17 -103.83 -85.19
C TYR A 802 -37.25 -103.00 -83.92
N LYS A 803 -36.78 -103.59 -82.82
CA LYS A 803 -36.76 -102.94 -81.53
C LYS A 803 -35.33 -102.91 -81.00
N SER A 804 -35.19 -102.43 -79.76
CA SER A 804 -33.93 -102.47 -79.03
C SER A 804 -34.20 -103.06 -77.66
N ASN A 805 -33.15 -103.13 -76.83
CA ASN A 805 -33.26 -103.63 -75.46
C ASN A 805 -32.41 -102.75 -74.56
N CYS A 806 -33.04 -101.74 -73.98
CA CYS A 806 -32.34 -100.83 -73.09
C CYS A 806 -32.46 -101.32 -71.66
N LYS A 807 -31.32 -101.35 -70.95
CA LYS A 807 -31.35 -101.67 -69.54
C LYS A 807 -32.10 -100.63 -68.72
N PRO A 808 -31.95 -99.29 -68.94
CA PRO A 808 -32.94 -98.38 -68.35
C PRO A 808 -34.16 -98.19 -69.23
N SER A 809 -34.98 -97.20 -68.89
CA SER A 809 -36.13 -96.83 -69.69
C SER A 809 -35.73 -95.98 -70.90
N THR A 810 -36.71 -95.38 -71.56
CA THR A 810 -36.54 -94.77 -72.86
C THR A 810 -35.72 -93.49 -72.80
N PHE A 811 -34.98 -93.25 -73.88
CA PHE A 811 -34.21 -92.06 -74.20
C PHE A 811 -34.33 -91.91 -75.72
N ALA A 812 -33.34 -91.25 -76.34
CA ALA A 812 -33.13 -91.37 -77.80
C ALA A 812 -34.25 -90.81 -78.67
N TYR A 813 -34.15 -89.47 -79.04
CA TYR A 813 -35.08 -88.53 -79.69
C TYR A 813 -36.10 -87.89 -78.74
N PRO A 814 -35.68 -86.88 -77.98
CA PRO A 814 -36.63 -86.13 -77.14
C PRO A 814 -37.63 -85.34 -77.95
N ALA A 815 -38.58 -84.71 -77.22
CA ALA A 815 -39.73 -83.98 -77.74
C ALA A 815 -39.58 -82.48 -77.47
N PRO A 816 -40.07 -81.62 -78.37
CA PRO A 816 -39.94 -80.17 -78.14
C PRO A 816 -40.83 -79.69 -77.01
N LEU A 817 -40.31 -78.75 -76.23
CA LEU A 817 -41.03 -78.19 -75.10
C LEU A 817 -41.84 -76.97 -75.53
N GLU A 818 -42.84 -76.64 -74.72
CA GLU A 818 -43.56 -75.39 -74.91
C GLU A 818 -43.97 -74.92 -73.50
N VAL A 819 -43.16 -74.04 -72.94
CA VAL A 819 -43.37 -73.46 -71.60
C VAL A 819 -42.99 -71.98 -71.65
N PRO A 820 -43.95 -71.08 -71.97
CA PRO A 820 -43.72 -69.63 -71.98
C PRO A 820 -43.42 -69.05 -70.60
N PRO A 873 -41.75 -99.76 -70.61
CA PRO A 873 -41.26 -100.75 -71.57
C PRO A 873 -39.87 -100.38 -72.12
N ASN A 874 -39.20 -101.33 -72.76
CA ASN A 874 -37.89 -101.09 -73.35
C ASN A 874 -37.74 -101.85 -74.66
N PHE A 875 -38.85 -102.06 -75.36
CA PHE A 875 -38.84 -102.90 -76.56
C PHE A 875 -39.54 -102.18 -77.71
N GLN A 876 -39.23 -100.90 -77.86
CA GLN A 876 -39.97 -100.04 -78.78
C GLN A 876 -39.60 -100.35 -80.24
N LEU A 877 -40.60 -100.71 -81.02
CA LEU A 877 -40.40 -101.06 -82.42
C LEU A 877 -40.08 -99.81 -83.25
N LEU A 878 -39.24 -99.98 -84.26
CA LEU A 878 -38.74 -98.89 -85.09
C LEU A 878 -38.72 -99.32 -86.55
N ASP A 879 -39.01 -98.38 -87.46
CA ASP A 879 -39.03 -98.67 -88.88
C ASP A 879 -37.64 -98.46 -89.48
N ASN A 880 -37.53 -98.70 -90.79
CA ASN A 880 -36.23 -98.59 -91.45
C ASN A 880 -35.75 -97.16 -91.62
N PRO A 881 -36.57 -96.18 -92.11
CA PRO A 881 -35.99 -94.82 -92.05
C PRO A 881 -36.16 -94.19 -90.68
N ALA A 882 -35.38 -94.66 -89.71
CA ALA A 882 -35.44 -94.17 -88.34
C ALA A 882 -34.03 -93.93 -87.83
N ARG A 883 -33.91 -92.91 -86.98
CA ARG A 883 -32.63 -92.60 -86.38
C ARG A 883 -32.30 -93.62 -85.29
N VAL A 884 -31.05 -93.58 -84.86
CA VAL A 884 -30.57 -94.38 -83.74
C VAL A 884 -29.42 -93.63 -83.11
N MET A 885 -29.38 -93.64 -81.78
CA MET A 885 -28.28 -93.01 -81.08
C MET A 885 -27.01 -93.82 -81.30
N PRO A 886 -25.88 -93.17 -81.56
CA PRO A 886 -24.65 -93.92 -81.86
C PRO A 886 -24.07 -94.71 -80.69
N ALA A 887 -24.63 -94.58 -79.48
CA ALA A 887 -24.18 -95.38 -78.36
C ALA A 887 -25.08 -96.58 -78.08
N GLN A 888 -26.30 -96.60 -78.62
CA GLN A 888 -27.21 -97.72 -78.44
C GLN A 888 -27.15 -98.68 -79.63
N LEU A 889 -26.03 -98.65 -80.36
CA LEU A 889 -25.86 -99.53 -81.52
C LEU A 889 -25.56 -100.96 -81.12
N LYS A 890 -25.20 -101.22 -79.87
CA LYS A 890 -24.89 -102.57 -79.43
C LYS A 890 -25.94 -103.16 -78.51
N VAL A 891 -26.85 -102.35 -77.96
CA VAL A 891 -27.93 -102.89 -77.13
C VAL A 891 -29.19 -103.18 -77.92
N LEU A 892 -29.18 -102.96 -79.23
CA LEU A 892 -30.33 -103.26 -80.05
C LEU A 892 -30.47 -104.76 -80.29
N THR A 893 -31.54 -105.13 -81.00
CA THR A 893 -31.79 -106.51 -81.38
C THR A 893 -32.63 -106.52 -82.65
N MET A 894 -32.18 -107.28 -83.66
CA MET A 894 -32.99 -107.48 -84.85
C MET A 894 -34.19 -108.37 -84.51
N PRO A 895 -35.29 -108.31 -85.30
CA PRO A 895 -36.44 -109.17 -85.01
C PRO A 895 -36.16 -110.65 -85.28
N GLU A 896 -36.22 -111.45 -84.21
CA GLU A 896 -36.08 -112.89 -84.34
C GLU A 896 -37.40 -113.58 -84.60
N THR A 897 -38.53 -112.95 -84.25
CA THR A 897 -39.83 -113.51 -84.53
C THR A 897 -40.23 -113.36 -86.00
N CYS A 898 -39.55 -112.48 -86.73
CA CYS A 898 -39.78 -112.32 -88.16
C CYS A 898 -38.72 -113.10 -88.93
N ARG A 899 -39.14 -113.62 -90.08
CA ARG A 899 -38.25 -114.44 -90.90
C ARG A 899 -37.23 -113.59 -91.65
N TYR A 900 -37.59 -112.35 -91.98
CA TYR A 900 -36.73 -111.42 -92.72
C TYR A 900 -35.54 -111.04 -91.85
N GLN A 901 -34.39 -111.65 -92.13
CA GLN A 901 -33.19 -111.42 -91.34
C GLN A 901 -32.07 -110.90 -92.22
N PRO A 902 -31.30 -109.91 -91.74
CA PRO A 902 -30.26 -109.33 -92.57
C PRO A 902 -29.07 -110.26 -92.73
N PHE A 903 -28.24 -109.93 -93.72
CA PHE A 903 -27.04 -110.72 -93.96
C PHE A 903 -25.88 -110.24 -93.09
N LYS A 904 -25.54 -108.96 -93.18
CA LYS A 904 -24.57 -108.37 -92.28
C LYS A 904 -25.16 -108.26 -90.88
N PRO A 905 -24.39 -108.58 -89.84
CA PRO A 905 -24.92 -108.43 -88.47
C PRO A 905 -25.13 -106.97 -88.11
N LEU A 906 -26.36 -106.66 -87.70
CA LEU A 906 -26.71 -105.28 -87.31
C LEU A 906 -26.12 -104.98 -85.94
N SER A 907 -24.97 -104.31 -85.93
CA SER A 907 -24.36 -103.88 -84.69
C SER A 907 -23.74 -102.50 -84.74
N ILE A 908 -23.85 -101.79 -85.87
CA ILE A 908 -23.22 -100.49 -86.03
C ILE A 908 -24.04 -99.68 -87.03
N GLY A 909 -24.25 -98.42 -86.71
CA GLY A 909 -25.15 -97.59 -87.49
C GLY A 909 -24.58 -97.26 -88.86
N GLY A 910 -25.43 -97.39 -89.88
CA GLY A 910 -25.02 -97.25 -91.25
C GLY A 910 -26.11 -97.72 -92.21
N ILE A 911 -25.77 -98.56 -93.18
CA ILE A 911 -26.78 -99.08 -94.09
C ILE A 911 -26.53 -100.57 -94.28
N ILE A 912 -27.60 -101.35 -94.23
CA ILE A 912 -27.52 -102.79 -94.42
C ILE A 912 -28.61 -103.19 -95.40
N ILE A 913 -28.66 -104.49 -95.68
CA ILE A 913 -29.66 -105.02 -96.59
C ILE A 913 -30.51 -106.01 -95.82
N LEU A 914 -31.57 -106.50 -96.46
CA LEU A 914 -32.42 -107.52 -95.87
C LEU A 914 -32.39 -108.73 -96.77
N LYS A 915 -31.78 -109.81 -96.28
CA LYS A 915 -31.73 -111.05 -97.02
C LYS A 915 -33.16 -111.60 -97.07
N ASP A 916 -33.85 -111.28 -98.16
CA ASP A 916 -35.24 -111.69 -98.32
C ASP A 916 -35.31 -113.19 -98.54
N THR A 917 -36.17 -113.84 -97.76
CA THR A 917 -36.29 -115.29 -97.73
C THR A 917 -37.67 -115.78 -98.11
N SER A 918 -38.72 -114.99 -97.87
CA SER A 918 -40.09 -115.43 -98.09
C SER A 918 -40.58 -115.09 -99.50
N GLU A 919 -41.89 -115.23 -99.70
CA GLU A 919 -42.55 -114.84 -100.94
C GLU A 919 -43.56 -113.76 -100.58
N ASP A 920 -44.10 -113.08 -101.62
CA ASP A 920 -45.15 -112.06 -101.53
C ASP A 920 -44.70 -110.85 -100.72
N ILE A 921 -43.74 -110.10 -101.25
CA ILE A 921 -43.20 -108.92 -100.57
C ILE A 921 -44.01 -107.69 -100.95
N GLU A 922 -44.17 -106.79 -99.98
CA GLU A 922 -45.00 -105.58 -100.10
C GLU A 922 -44.40 -104.46 -99.26
N GLU A 923 -45.23 -103.47 -98.94
CA GLU A 923 -44.92 -102.30 -98.10
C GLU A 923 -43.84 -101.40 -98.70
N LEU A 924 -44.14 -100.79 -99.83
CA LEU A 924 -43.29 -99.76 -100.43
C LEU A 924 -43.96 -98.41 -100.28
N VAL A 925 -43.23 -97.42 -99.76
CA VAL A 925 -43.77 -96.07 -99.62
C VAL A 925 -42.70 -95.01 -99.80
N GLU A 926 -42.99 -93.99 -100.62
CA GLU A 926 -42.11 -92.87 -100.91
C GLU A 926 -42.94 -91.60 -101.01
N PRO A 927 -42.68 -90.59 -100.16
CA PRO A 927 -43.43 -89.33 -100.26
C PRO A 927 -42.87 -88.37 -101.31
N PRO B 17 -8.22 -115.39 -5.91
CA PRO B 17 -9.59 -114.96 -6.23
C PRO B 17 -10.18 -113.73 -5.48
N PRO B 18 -9.91 -113.48 -4.18
CA PRO B 18 -10.35 -112.19 -3.62
C PRO B 18 -9.56 -111.01 -4.14
N GLY B 19 -8.24 -111.12 -4.24
CA GLY B 19 -7.44 -110.03 -4.74
C GLY B 19 -7.13 -110.14 -6.22
N GLY B 20 -6.65 -111.31 -6.64
CA GLY B 20 -6.21 -111.48 -8.02
C GLY B 20 -7.30 -111.89 -8.99
N GLY B 21 -8.38 -112.50 -8.49
CA GLY B 21 -9.46 -112.89 -9.37
C GLY B 21 -10.41 -111.78 -9.74
N GLU B 22 -10.49 -110.73 -8.92
CA GLU B 22 -11.35 -109.59 -9.24
C GLU B 22 -10.77 -108.74 -10.36
N GLN B 23 -9.44 -108.73 -10.50
CA GLN B 23 -8.79 -108.02 -11.59
C GLN B 23 -8.53 -108.90 -12.79
N GLU B 24 -9.23 -110.02 -12.86
CA GLU B 24 -9.35 -110.85 -14.07
C GLU B 24 -10.44 -110.41 -15.06
N PRO B 25 -11.65 -109.98 -14.66
CA PRO B 25 -12.62 -109.47 -15.67
C PRO B 25 -12.22 -108.18 -16.40
N PRO B 26 -11.56 -107.17 -15.77
CA PRO B 26 -11.21 -105.95 -16.57
C PRO B 26 -10.21 -106.12 -17.71
N PRO B 27 -9.16 -106.96 -17.65
CA PRO B 27 -8.17 -106.97 -18.77
C PRO B 27 -8.65 -107.47 -20.12
N PRO B 28 -9.53 -108.49 -20.26
CA PRO B 28 -9.90 -108.93 -21.63
C PRO B 28 -10.66 -107.91 -22.45
N PRO B 29 -11.91 -107.45 -22.01
CA PRO B 29 -12.93 -107.09 -23.01
C PRO B 29 -12.60 -105.92 -23.92
N ALA B 30 -12.14 -104.80 -23.34
CA ALA B 30 -11.82 -103.64 -24.16
C ALA B 30 -10.50 -103.77 -24.94
N PRO B 31 -9.39 -104.31 -24.39
CA PRO B 31 -8.24 -104.59 -25.28
C PRO B 31 -8.50 -105.68 -26.30
N GLN B 32 -9.44 -106.59 -26.03
CA GLN B 32 -9.94 -107.47 -27.08
C GLN B 32 -10.62 -106.70 -28.19
N ASP B 33 -11.33 -105.62 -27.87
CA ASP B 33 -12.09 -104.89 -28.86
C ASP B 33 -11.25 -103.88 -29.63
N VAL B 34 -10.42 -103.11 -28.92
CA VAL B 34 -9.78 -101.96 -29.54
C VAL B 34 -8.56 -102.39 -30.35
N GLU B 35 -7.97 -103.54 -30.00
CA GLU B 35 -6.88 -104.07 -30.81
C GLU B 35 -7.42 -104.74 -32.05
N MET B 36 -8.63 -105.28 -31.96
CA MET B 36 -9.24 -105.95 -33.08
C MET B 36 -9.69 -104.94 -34.14
N LYS B 37 -10.17 -103.77 -33.70
CA LYS B 37 -10.68 -102.78 -34.65
C LYS B 37 -9.57 -102.14 -35.46
N GLU B 38 -8.41 -101.90 -34.84
CA GLU B 38 -7.31 -101.21 -35.50
C GLU B 38 -6.72 -102.06 -36.62
N GLU B 39 -6.57 -103.35 -36.37
CA GLU B 39 -6.04 -104.24 -37.39
C GLU B 39 -7.09 -104.57 -38.45
N ALA B 40 -8.37 -104.37 -38.14
CA ALA B 40 -9.43 -104.59 -39.12
C ALA B 40 -9.48 -103.46 -40.14
N ALA B 41 -9.42 -102.20 -39.66
CA ALA B 41 -9.51 -101.06 -40.57
C ALA B 41 -8.22 -100.88 -41.35
N THR B 42 -7.11 -101.38 -40.83
CA THR B 42 -5.88 -101.40 -41.61
C THR B 42 -5.93 -102.48 -42.68
N GLY B 43 -6.39 -103.67 -42.32
CA GLY B 43 -6.51 -104.74 -43.29
C GLY B 43 -7.59 -104.47 -44.31
N GLY B 44 -8.66 -103.79 -43.90
CA GLY B 44 -9.61 -103.27 -44.87
C GLY B 44 -9.01 -102.09 -45.63
N GLY B 45 -8.18 -101.30 -44.98
CA GLY B 45 -7.50 -100.21 -45.66
C GLY B 45 -6.41 -100.70 -46.59
N SER B 46 -5.77 -101.81 -46.24
CA SER B 46 -4.75 -102.37 -47.13
C SER B 46 -5.40 -103.00 -48.35
N THR B 47 -6.60 -103.56 -48.18
CA THR B 47 -7.26 -104.28 -49.28
C THR B 47 -7.74 -103.31 -50.36
N GLY B 48 -8.37 -102.20 -49.95
CA GLY B 48 -8.75 -101.17 -50.90
C GLY B 48 -7.55 -100.51 -51.54
N GLU B 49 -6.46 -100.33 -50.78
CA GLU B 49 -5.21 -99.86 -51.36
C GLU B 49 -4.58 -100.89 -52.27
N ALA B 50 -4.78 -102.18 -51.98
CA ALA B 50 -4.32 -103.21 -52.90
C ALA B 50 -5.18 -103.27 -54.15
N ASP B 51 -6.48 -102.98 -54.02
CA ASP B 51 -7.37 -103.06 -55.17
C ASP B 51 -7.21 -101.84 -56.07
N GLY B 52 -7.28 -100.65 -55.49
CA GLY B 52 -7.10 -99.43 -56.25
C GLY B 52 -6.04 -98.56 -55.61
N LYS B 53 -5.26 -97.88 -56.46
CA LYS B 53 -4.14 -97.01 -56.08
C LYS B 53 -3.14 -97.79 -55.26
N THR B 54 -2.42 -98.71 -55.91
CA THR B 54 -1.35 -99.48 -55.29
C THR B 54 -0.16 -98.63 -54.86
N ALA B 55 -0.13 -97.34 -55.24
CA ALA B 55 0.88 -96.39 -54.76
C ALA B 55 0.57 -96.11 -53.30
N ALA B 56 1.08 -96.98 -52.45
CA ALA B 56 0.83 -96.98 -51.02
C ALA B 56 2.13 -96.78 -50.26
N ALA B 57 3.01 -95.92 -50.80
CA ALA B 57 4.32 -95.68 -50.20
C ALA B 57 4.22 -94.85 -48.93
N ALA B 58 3.32 -93.89 -48.86
CA ALA B 58 3.09 -93.08 -47.68
C ALA B 58 1.78 -93.47 -47.02
N ALA B 59 1.40 -94.73 -47.19
CA ALA B 59 0.15 -95.25 -46.63
C ALA B 59 0.38 -95.85 -45.25
N GLU B 60 -0.65 -96.50 -44.70
CA GLU B 60 -0.64 -96.98 -43.32
C GLU B 60 0.07 -98.32 -43.14
N HIS B 61 0.77 -98.80 -44.16
CA HIS B 61 1.39 -100.12 -44.09
C HIS B 61 2.58 -100.13 -43.12
N SER B 62 3.42 -99.10 -43.20
CA SER B 62 4.62 -99.08 -42.38
C SER B 62 4.32 -98.75 -40.92
N GLN B 63 3.32 -97.90 -40.68
CA GLN B 63 3.02 -97.50 -39.31
C GLN B 63 2.28 -98.61 -38.58
N ARG B 64 1.46 -99.38 -39.30
CA ARG B 64 0.93 -100.60 -38.73
C ARG B 64 2.05 -101.60 -38.47
N GLU B 65 3.06 -101.63 -39.36
CA GLU B 65 4.23 -102.47 -39.15
C GLU B 65 5.03 -101.99 -37.95
N LEU B 66 5.07 -100.68 -37.72
CA LEU B 66 5.78 -100.16 -36.55
C LEU B 66 4.97 -100.36 -35.28
N ASP B 67 3.68 -100.66 -35.40
CA ASP B 67 2.89 -101.03 -34.22
C ASP B 67 3.20 -102.45 -33.78
N THR B 68 3.26 -103.38 -34.74
CA THR B 68 3.37 -104.80 -34.43
C THR B 68 4.72 -105.15 -33.82
N VAL B 69 5.76 -104.40 -34.18
CA VAL B 69 7.07 -104.62 -33.55
C VAL B 69 7.05 -104.11 -32.12
N THR B 70 6.45 -102.95 -31.90
CA THR B 70 6.50 -102.30 -30.59
C THR B 70 5.39 -102.78 -29.65
N LEU B 71 4.13 -102.51 -30.02
CA LEU B 71 3.03 -102.64 -29.06
C LEU B 71 2.70 -104.10 -28.80
N GLU B 72 2.44 -104.88 -29.85
CA GLU B 72 2.07 -106.28 -29.70
C GLU B 72 3.19 -107.15 -29.14
N ASP B 73 4.42 -106.66 -29.08
CA ASP B 73 5.45 -107.34 -28.32
C ASP B 73 5.55 -106.88 -26.88
N ILE B 74 4.99 -105.71 -26.53
CA ILE B 74 5.00 -105.28 -25.14
C ILE B 74 3.60 -105.30 -24.52
N LYS B 75 2.54 -105.35 -25.32
CA LYS B 75 1.20 -105.48 -24.76
C LYS B 75 0.97 -106.89 -24.22
N GLU B 76 1.21 -107.89 -25.05
CA GLU B 76 0.99 -109.27 -24.67
C GLU B 76 2.19 -110.14 -25.05
N HIS B 77 2.48 -111.13 -24.19
CA HIS B 77 3.48 -112.15 -24.44
C HIS B 77 2.92 -113.57 -24.33
N VAL B 78 1.79 -113.75 -23.65
CA VAL B 78 1.16 -115.04 -23.53
C VAL B 78 0.02 -115.09 -24.54
N LYS B 79 -0.55 -116.28 -24.75
CA LYS B 79 -1.62 -116.45 -25.72
C LYS B 79 -2.98 -115.93 -25.25
N GLN B 80 -3.04 -115.27 -24.09
CA GLN B 80 -4.14 -114.41 -23.69
C GLN B 80 -5.48 -115.13 -23.58
N LEU B 81 -5.64 -115.95 -22.54
CA LEU B 81 -6.87 -116.66 -22.24
C LEU B 81 -8.04 -115.70 -21.97
N GLU B 82 -9.25 -116.26 -21.79
CA GLU B 82 -10.54 -115.59 -22.07
C GLU B 82 -10.57 -115.13 -23.54
N LYS B 83 -9.93 -115.95 -24.39
CA LYS B 83 -10.13 -115.99 -25.84
C LYS B 83 -9.72 -114.67 -26.50
N ALA B 84 -8.61 -114.09 -25.99
CA ALA B 84 -8.23 -112.74 -26.35
C ALA B 84 -7.30 -112.82 -27.55
N VAL B 85 -6.15 -113.49 -27.45
CA VAL B 85 -5.38 -113.79 -28.64
C VAL B 85 -5.59 -115.26 -29.01
N SER B 86 -5.91 -116.09 -28.01
CA SER B 86 -6.25 -117.49 -28.25
C SER B 86 -7.56 -117.65 -29.02
N GLY B 87 -8.45 -116.66 -28.95
CA GLY B 87 -9.69 -116.67 -29.71
C GLY B 87 -9.57 -116.20 -31.15
N LYS B 88 -8.37 -115.85 -31.60
CA LYS B 88 -8.22 -115.41 -32.99
C LYS B 88 -8.28 -116.59 -33.95
N GLU B 89 -7.80 -117.75 -33.52
CA GLU B 89 -7.83 -118.92 -34.41
C GLU B 89 -9.22 -119.55 -34.54
N PRO B 90 -10.02 -119.74 -33.48
CA PRO B 90 -11.41 -120.16 -33.72
C PRO B 90 -12.29 -119.06 -34.29
N ARG B 91 -11.86 -117.81 -34.28
CA ARG B 91 -12.60 -116.79 -35.03
C ARG B 91 -12.35 -116.94 -36.53
N PHE B 92 -11.08 -116.99 -36.92
CA PHE B 92 -10.67 -116.96 -38.32
C PHE B 92 -10.63 -118.34 -38.95
N VAL B 93 -11.24 -119.34 -38.32
CA VAL B 93 -11.22 -120.67 -38.92
C VAL B 93 -12.21 -120.76 -40.07
N LEU B 94 -13.36 -120.09 -39.97
CA LEU B 94 -14.38 -120.12 -41.00
C LEU B 94 -14.34 -118.81 -41.79
N ARG B 95 -13.37 -118.72 -42.72
CA ARG B 95 -13.17 -117.53 -43.53
C ARG B 95 -12.92 -117.92 -44.99
N ALA B 96 -13.81 -117.47 -45.87
CA ALA B 96 -13.70 -117.81 -47.28
C ALA B 96 -13.44 -116.59 -48.17
N LEU B 97 -14.35 -115.62 -48.11
CA LEU B 97 -14.16 -114.26 -48.65
C LEU B 97 -13.88 -114.20 -50.16
N ARG B 98 -14.83 -114.64 -50.98
CA ARG B 98 -14.63 -114.59 -52.44
C ARG B 98 -15.55 -113.60 -53.15
N MET B 99 -16.87 -113.73 -52.96
CA MET B 99 -17.80 -112.90 -53.72
C MET B 99 -18.43 -111.88 -52.79
N LEU B 100 -19.11 -110.87 -53.39
CA LEU B 100 -19.78 -109.83 -52.61
C LEU B 100 -20.87 -110.34 -51.67
N PRO B 101 -21.73 -111.32 -52.04
CA PRO B 101 -22.50 -111.97 -50.97
C PRO B 101 -21.65 -112.79 -50.02
N SER B 102 -20.59 -113.42 -50.52
CA SER B 102 -19.74 -114.25 -49.67
C SER B 102 -18.94 -113.40 -48.69
N THR B 103 -18.56 -112.18 -49.09
CA THR B 103 -17.90 -111.27 -48.15
C THR B 103 -18.88 -110.72 -47.13
N SER B 104 -20.12 -110.45 -47.55
CA SER B 104 -21.12 -109.95 -46.62
C SER B 104 -21.56 -111.02 -45.64
N ARG B 105 -21.52 -112.29 -46.06
CA ARG B 105 -21.78 -113.38 -45.14
C ARG B 105 -20.63 -113.55 -44.14
N ARG B 106 -19.39 -113.31 -44.59
CA ARG B 106 -18.27 -113.40 -43.66
C ARG B 106 -18.21 -112.18 -42.76
N LEU B 107 -18.63 -111.02 -43.26
CA LEU B 107 -18.75 -109.84 -42.40
C LEU B 107 -19.88 -110.03 -41.39
N ASN B 108 -20.89 -110.82 -41.72
CA ASN B 108 -21.85 -111.23 -40.71
C ASN B 108 -21.20 -112.15 -39.69
N HIS B 109 -20.25 -112.99 -40.12
CA HIS B 109 -19.58 -113.89 -39.17
C HIS B 109 -18.60 -113.15 -38.27
N TYR B 110 -17.89 -112.15 -38.82
CA TYR B 110 -16.95 -111.34 -38.04
C TYR B 110 -17.64 -110.71 -36.83
N VAL B 111 -18.86 -110.22 -37.03
CA VAL B 111 -19.62 -109.65 -35.91
C VAL B 111 -20.04 -110.75 -34.94
N LEU B 112 -20.40 -111.93 -35.45
CA LEU B 112 -20.98 -112.96 -34.58
C LEU B 112 -19.93 -113.63 -33.71
N TYR B 113 -18.72 -113.87 -34.24
CA TYR B 113 -17.73 -114.56 -33.43
C TYR B 113 -17.09 -113.62 -32.41
N LYS B 114 -17.13 -112.32 -32.66
CA LYS B 114 -16.71 -111.37 -31.63
C LYS B 114 -17.77 -111.26 -30.54
N ALA B 115 -19.04 -111.26 -30.95
CA ALA B 115 -20.14 -111.10 -30.00
C ALA B 115 -20.27 -112.31 -29.08
N VAL B 116 -19.96 -113.49 -29.59
CA VAL B 116 -20.02 -114.69 -28.75
C VAL B 116 -18.83 -114.74 -27.80
N GLN B 117 -17.63 -114.51 -28.32
CA GLN B 117 -16.43 -114.52 -27.48
C GLN B 117 -16.40 -113.34 -26.53
N GLY B 118 -17.05 -112.24 -26.87
CA GLY B 118 -17.18 -111.14 -25.93
C GLY B 118 -18.16 -111.43 -24.81
N PHE B 119 -19.30 -112.04 -25.14
CA PHE B 119 -20.32 -112.37 -24.13
C PHE B 119 -19.87 -113.60 -23.35
N PHE B 120 -19.66 -114.70 -24.06
CA PHE B 120 -19.36 -116.00 -23.47
C PHE B 120 -17.98 -116.47 -23.89
N THR B 121 -17.65 -117.71 -23.60
CA THR B 121 -16.42 -118.33 -24.06
C THR B 121 -16.74 -119.24 -25.25
N SER B 122 -15.80 -119.35 -26.20
CA SER B 122 -16.05 -120.20 -27.36
C SER B 122 -15.13 -121.41 -27.43
N ASN B 123 -13.81 -121.17 -27.53
CA ASN B 123 -12.82 -122.22 -27.78
C ASN B 123 -11.49 -121.78 -27.18
N ASN B 124 -10.94 -122.62 -26.31
CA ASN B 124 -9.82 -122.22 -25.47
C ASN B 124 -8.56 -122.94 -25.89
N ALA B 125 -7.42 -122.26 -25.77
CA ALA B 125 -6.11 -122.82 -26.10
C ALA B 125 -5.44 -123.29 -24.81
N THR B 126 -4.97 -124.53 -24.80
CA THR B 126 -4.30 -125.12 -23.64
C THR B 126 -2.85 -125.46 -23.94
N ARG B 127 -2.21 -124.63 -24.79
CA ARG B 127 -0.78 -124.65 -25.12
C ARG B 127 -0.34 -125.92 -25.85
N ASP B 128 -1.29 -126.71 -26.32
CA ASP B 128 -1.02 -127.97 -27.00
C ASP B 128 -1.78 -128.10 -28.31
N PHE B 129 -2.88 -127.36 -28.48
CA PHE B 129 -3.75 -127.46 -29.66
C PHE B 129 -3.30 -126.47 -30.74
N LEU B 130 -2.04 -126.57 -31.12
CA LEU B 130 -1.49 -125.65 -32.10
C LEU B 130 -1.66 -126.13 -33.53
N LEU B 131 -1.64 -127.43 -33.77
CA LEU B 131 -1.98 -127.98 -35.08
C LEU B 131 -3.45 -127.82 -35.50
N PRO B 132 -4.47 -128.02 -34.63
CA PRO B 132 -5.83 -127.65 -35.08
C PRO B 132 -6.03 -126.17 -35.29
N PHE B 133 -5.26 -125.32 -34.62
CA PHE B 133 -5.43 -123.88 -34.75
C PHE B 133 -4.67 -123.28 -35.93
N LEU B 134 -3.98 -124.09 -36.72
CA LEU B 134 -3.18 -123.58 -37.81
C LEU B 134 -3.49 -124.22 -39.15
N GLU B 135 -4.08 -125.41 -39.18
CA GLU B 135 -4.41 -126.10 -40.40
C GLU B 135 -5.84 -125.82 -40.84
N GLU B 136 -6.78 -125.86 -39.90
CA GLU B 136 -8.18 -125.57 -40.22
C GLU B 136 -8.45 -124.07 -40.45
N PRO B 137 -7.83 -123.12 -39.74
CA PRO B 137 -7.94 -121.72 -40.22
C PRO B 137 -7.24 -121.48 -41.54
N MET B 138 -6.17 -122.20 -41.85
CA MET B 138 -5.58 -122.13 -43.18
C MET B 138 -6.53 -122.68 -44.23
N ASP B 139 -7.31 -123.70 -43.88
CA ASP B 139 -8.28 -124.34 -44.76
C ASP B 139 -9.62 -123.63 -44.61
N THR B 140 -10.71 -124.35 -44.96
CA THR B 140 -12.10 -123.90 -44.93
C THR B 140 -12.34 -122.77 -45.94
N GLU B 141 -12.17 -123.17 -47.21
CA GLU B 141 -12.51 -122.37 -48.40
C GLU B 141 -11.71 -121.07 -48.49
N ALA B 142 -10.50 -121.07 -47.94
CA ALA B 142 -9.67 -119.88 -47.96
C ALA B 142 -9.09 -119.66 -49.35
N ASP B 143 -9.06 -118.39 -49.77
CA ASP B 143 -8.58 -118.01 -51.10
C ASP B 143 -7.25 -117.29 -50.98
N LEU B 144 -6.59 -117.16 -52.13
CA LEU B 144 -5.28 -116.50 -52.22
C LEU B 144 -5.41 -115.03 -52.59
N GLN B 145 -6.59 -114.46 -52.37
CA GLN B 145 -6.78 -113.05 -52.64
C GLN B 145 -6.28 -112.18 -51.48
N PHE B 146 -6.78 -112.43 -50.28
CA PHE B 146 -6.48 -111.57 -49.14
C PHE B 146 -5.17 -112.01 -48.52
N ARG B 147 -4.08 -111.62 -49.21
CA ARG B 147 -2.76 -112.13 -48.86
C ARG B 147 -2.17 -111.55 -47.57
N PRO B 148 -2.24 -110.23 -47.27
CA PRO B 148 -1.72 -109.80 -45.96
C PRO B 148 -2.58 -110.26 -44.81
N ARG B 149 -3.88 -110.49 -45.03
CA ARG B 149 -4.74 -111.08 -44.00
C ARG B 149 -4.25 -112.47 -43.61
N THR B 150 -3.83 -113.25 -44.60
CA THR B 150 -3.31 -114.58 -44.32
C THR B 150 -1.92 -114.53 -43.72
N GLY B 151 -1.07 -113.60 -44.19
CA GLY B 151 0.28 -113.53 -43.68
C GLY B 151 0.37 -112.96 -42.27
N LYS B 152 -0.56 -112.08 -41.92
CA LYS B 152 -0.59 -111.54 -40.57
C LYS B 152 -1.09 -112.59 -39.59
N ALA B 153 -2.13 -113.34 -39.97
CA ALA B 153 -2.72 -114.32 -39.07
C ALA B 153 -1.84 -115.54 -38.86
N ALA B 154 -0.78 -115.70 -39.65
CA ALA B 154 0.23 -116.71 -39.39
C ALA B 154 1.44 -116.16 -38.65
N SER B 155 1.70 -114.86 -38.76
CA SER B 155 2.84 -114.25 -38.09
C SER B 155 2.55 -113.89 -36.63
N THR B 156 1.34 -113.49 -36.32
CA THR B 156 0.92 -113.21 -34.95
C THR B 156 0.90 -114.39 -33.97
N PRO B 157 0.72 -115.67 -34.36
CA PRO B 157 0.97 -116.73 -33.38
C PRO B 157 2.43 -116.96 -33.06
N LEU B 158 3.35 -116.52 -33.92
CA LEU B 158 4.76 -116.80 -33.74
C LEU B 158 5.37 -116.06 -32.57
N LEU B 159 4.79 -114.95 -32.17
CA LEU B 159 5.31 -114.17 -31.06
C LEU B 159 5.00 -114.83 -29.70
N PRO B 160 3.74 -115.17 -29.34
CA PRO B 160 3.55 -115.73 -27.99
C PRO B 160 4.03 -117.15 -27.88
N GLU B 161 4.18 -117.85 -29.01
CA GLU B 161 4.70 -119.20 -28.99
C GLU B 161 6.17 -119.22 -28.59
N VAL B 162 6.94 -118.22 -29.02
CA VAL B 162 8.31 -118.09 -28.58
C VAL B 162 8.39 -117.45 -27.20
N GLU B 163 7.58 -116.41 -26.95
CA GLU B 163 7.63 -115.71 -25.68
C GLU B 163 7.11 -116.55 -24.51
N ALA B 164 6.39 -117.64 -24.79
CA ALA B 164 6.02 -118.55 -23.71
C ALA B 164 7.25 -119.25 -23.14
N TYR B 165 8.18 -119.65 -24.01
CA TYR B 165 9.42 -120.35 -23.70
C TYR B 165 9.20 -121.59 -22.86
N LEU B 166 8.34 -122.49 -23.31
CA LEU B 166 8.11 -123.71 -22.54
C LEU B 166 8.88 -124.90 -23.08
N GLN B 167 9.10 -124.97 -24.39
CA GLN B 167 9.92 -125.98 -25.06
C GLN B 167 9.46 -127.41 -24.77
N LEU B 168 8.17 -127.64 -25.07
CA LEU B 168 7.52 -128.93 -24.84
C LEU B 168 6.66 -129.20 -26.09
N LEU B 169 7.28 -129.87 -27.07
CA LEU B 169 6.72 -130.10 -28.42
C LEU B 169 6.30 -128.77 -29.06
N VAL B 170 7.20 -127.79 -29.00
CA VAL B 170 6.91 -126.44 -29.46
C VAL B 170 7.75 -126.05 -30.69
N VAL B 171 8.98 -126.56 -30.80
CA VAL B 171 9.88 -126.24 -31.91
C VAL B 171 9.29 -126.70 -33.23
N ILE B 172 8.68 -127.88 -33.25
CA ILE B 172 8.08 -128.43 -34.45
C ILE B 172 6.86 -127.62 -34.87
N PHE B 173 6.20 -126.97 -33.91
CA PHE B 173 5.02 -126.17 -34.24
C PHE B 173 5.46 -124.78 -34.68
N MET B 174 6.58 -124.31 -34.14
CA MET B 174 7.29 -123.19 -34.73
C MET B 174 7.72 -123.52 -36.16
N MET B 175 8.30 -124.71 -36.36
CA MET B 175 8.93 -125.05 -37.62
C MET B 175 7.91 -125.19 -38.74
N ASN B 176 6.78 -125.87 -38.45
CA ASN B 176 5.76 -126.09 -39.45
C ASN B 176 5.04 -124.79 -39.80
N SER B 177 4.88 -123.90 -38.81
CA SER B 177 4.30 -122.60 -39.07
C SER B 177 5.20 -121.75 -39.94
N LYS B 178 6.52 -121.87 -39.77
CA LYS B 178 7.45 -121.19 -40.67
C LYS B 178 7.38 -121.75 -42.08
N ARG B 179 7.40 -123.08 -42.22
CA ARG B 179 7.42 -123.70 -43.54
C ARG B 179 6.12 -123.44 -44.29
N TYR B 180 4.99 -123.42 -43.57
CA TYR B 180 3.72 -123.06 -44.19
C TYR B 180 3.72 -121.61 -44.63
N LYS B 181 4.31 -120.74 -43.80
CA LYS B 181 4.43 -119.34 -44.13
C LYS B 181 5.32 -119.14 -45.35
N GLU B 182 6.42 -119.90 -45.42
CA GLU B 182 7.29 -119.87 -46.59
C GLU B 182 6.59 -120.45 -47.81
N ALA B 183 5.74 -121.46 -47.60
CA ALA B 183 4.96 -122.01 -48.71
C ALA B 183 3.90 -121.03 -49.17
N GLN B 184 3.30 -120.28 -48.24
CA GLN B 184 2.41 -119.19 -48.64
C GLN B 184 3.19 -118.03 -49.25
N LYS B 185 4.46 -117.88 -48.85
CA LYS B 185 5.27 -116.80 -49.39
C LYS B 185 5.68 -117.06 -50.82
N ILE B 186 6.02 -118.30 -51.15
CA ILE B 186 6.41 -118.64 -52.52
C ILE B 186 5.18 -118.67 -53.42
N SER B 187 4.02 -119.06 -52.87
CA SER B 187 2.79 -119.08 -53.65
C SER B 187 2.34 -117.67 -54.02
N ASP B 188 2.65 -116.68 -53.19
CA ASP B 188 2.43 -115.29 -53.57
C ASP B 188 3.36 -114.88 -54.70
N ASP B 189 4.67 -115.09 -54.50
CA ASP B 189 5.68 -114.43 -55.32
C ASP B 189 5.78 -115.00 -56.73
N LEU B 190 5.20 -116.16 -56.98
CA LEU B 190 5.27 -116.83 -58.27
C LEU B 190 3.95 -116.83 -59.03
N MET B 191 2.83 -117.02 -58.34
CA MET B 191 1.51 -117.14 -58.95
C MET B 191 0.67 -115.93 -58.57
N GLN B 192 0.09 -115.27 -59.59
CA GLN B 192 -0.82 -114.12 -59.46
C GLN B 192 -0.23 -112.98 -58.64
N LYS B 193 0.89 -112.41 -59.12
CA LYS B 193 1.57 -111.32 -58.45
C LYS B 193 1.09 -109.96 -58.96
N ILE B 194 -0.07 -109.92 -59.60
CA ILE B 194 -0.56 -108.72 -60.30
C ILE B 194 -0.99 -107.69 -59.26
N SER B 195 -0.09 -106.74 -58.99
CA SER B 195 -0.29 -105.58 -58.12
C SER B 195 -0.67 -105.95 -56.69
N THR B 196 0.10 -106.82 -56.04
CA THR B 196 -0.10 -107.02 -54.61
C THR B 196 1.14 -106.60 -53.81
N GLN B 197 2.29 -107.21 -54.13
CA GLN B 197 3.63 -106.83 -53.65
C GLN B 197 3.75 -106.64 -52.15
N ASN B 198 3.55 -107.70 -51.36
CA ASN B 198 3.55 -107.58 -49.91
C ASN B 198 4.94 -107.61 -49.29
N ARG B 199 5.99 -107.39 -50.10
CA ARG B 199 7.37 -107.55 -49.66
C ARG B 199 7.74 -106.59 -48.54
N ARG B 200 7.07 -105.43 -48.48
CA ARG B 200 7.35 -104.42 -47.45
C ARG B 200 7.12 -104.95 -46.03
N ALA B 201 6.18 -105.86 -45.85
CA ALA B 201 6.00 -106.52 -44.57
C ALA B 201 6.63 -107.89 -44.50
N LEU B 202 6.72 -108.59 -45.64
CA LEU B 202 7.18 -109.97 -45.63
C LEU B 202 8.67 -110.08 -45.32
N ASP B 203 9.44 -109.02 -45.55
CA ASP B 203 10.87 -109.06 -45.23
C ASP B 203 11.09 -109.14 -43.72
N LEU B 204 10.41 -108.27 -42.98
CA LEU B 204 10.50 -108.30 -41.53
C LEU B 204 9.86 -109.55 -40.96
N VAL B 205 8.75 -110.01 -41.56
CA VAL B 205 8.11 -111.24 -41.12
C VAL B 205 9.03 -112.44 -41.35
N ALA B 206 9.74 -112.43 -42.49
CA ALA B 206 10.82 -113.39 -42.66
C ALA B 206 11.93 -113.15 -41.65
N ALA B 207 12.26 -111.89 -41.35
CA ALA B 207 13.34 -111.60 -40.41
C ALA B 207 12.99 -112.03 -39.00
N LYS B 208 11.71 -111.91 -38.62
CA LYS B 208 11.30 -112.24 -37.26
C LYS B 208 11.34 -113.74 -37.00
N CYS B 209 10.87 -114.54 -37.96
CA CYS B 209 10.93 -115.99 -37.78
C CYS B 209 12.36 -116.49 -37.86
N TYR B 210 13.20 -115.83 -38.69
CA TYR B 210 14.60 -116.23 -38.81
C TYR B 210 15.38 -115.90 -37.55
N TYR B 211 14.98 -114.82 -36.85
CA TYR B 211 15.52 -114.57 -35.52
C TYR B 211 15.14 -115.72 -34.58
N TYR B 212 13.90 -116.19 -34.70
CA TYR B 212 13.47 -117.35 -33.93
C TYR B 212 14.06 -118.63 -34.49
N HIS B 213 14.31 -118.67 -35.80
CA HIS B 213 14.90 -119.87 -36.39
C HIS B 213 16.38 -119.95 -36.04
N ALA B 214 17.01 -118.81 -35.78
CA ALA B 214 18.38 -118.81 -35.28
C ALA B 214 18.42 -119.18 -33.80
N ARG B 215 17.55 -118.56 -33.01
CA ARG B 215 17.60 -118.67 -31.55
C ARG B 215 17.29 -120.08 -31.09
N VAL B 216 16.30 -120.71 -31.72
CA VAL B 216 15.93 -122.09 -31.37
C VAL B 216 17.06 -123.04 -31.68
N TYR B 217 17.71 -122.86 -32.84
CA TYR B 217 18.93 -123.62 -33.10
C TYR B 217 20.03 -123.23 -32.13
N GLU B 218 20.15 -121.94 -31.83
CA GLU B 218 21.15 -121.47 -30.86
C GLU B 218 20.92 -122.00 -29.46
N PHE B 219 19.70 -122.43 -29.11
CA PHE B 219 19.56 -123.18 -27.88
C PHE B 219 20.26 -124.53 -27.95
N LEU B 220 20.36 -125.11 -29.14
CA LEU B 220 20.92 -126.46 -29.27
C LEU B 220 22.18 -126.56 -30.12
N ASP B 221 22.18 -126.09 -31.35
CA ASP B 221 23.21 -126.41 -32.33
C ASP B 221 23.58 -125.15 -33.13
N LYS B 222 24.25 -125.27 -34.27
CA LYS B 222 24.53 -124.19 -35.20
C LYS B 222 23.34 -124.01 -36.14
N LEU B 223 23.49 -123.11 -37.12
CA LEU B 223 22.47 -122.96 -38.15
C LEU B 223 23.15 -122.75 -39.50
N ASP B 224 22.89 -123.68 -40.41
CA ASP B 224 23.41 -123.63 -41.77
C ASP B 224 22.36 -123.90 -42.84
N VAL B 225 21.34 -124.71 -42.56
CA VAL B 225 20.26 -124.91 -43.53
C VAL B 225 19.44 -123.64 -43.66
N VAL B 226 19.40 -122.82 -42.60
CA VAL B 226 18.71 -121.54 -42.67
C VAL B 226 19.41 -120.61 -43.66
N ARG B 227 20.72 -120.75 -43.76
CA ARG B 227 21.47 -119.85 -44.63
C ARG B 227 21.47 -120.34 -46.06
N SER B 228 21.39 -121.66 -46.26
CA SER B 228 21.31 -122.19 -47.62
C SER B 228 19.96 -121.84 -48.25
N PHE B 229 18.90 -121.87 -47.44
CA PHE B 229 17.62 -121.37 -47.90
C PHE B 229 17.66 -119.87 -48.12
N LEU B 230 18.50 -119.18 -47.35
CA LEU B 230 18.56 -117.73 -47.44
C LEU B 230 19.32 -117.28 -48.67
N HIS B 231 20.30 -118.08 -49.11
CA HIS B 231 20.86 -117.91 -50.44
C HIS B 231 19.78 -118.11 -51.51
N ALA B 232 18.93 -119.11 -51.31
CA ALA B 232 17.94 -119.48 -52.31
C ALA B 232 16.87 -118.42 -52.46
N ARG B 233 16.45 -117.81 -51.35
CA ARG B 233 15.56 -116.65 -51.45
C ARG B 233 16.28 -115.47 -52.07
N LEU B 234 17.57 -115.32 -51.77
CA LEU B 234 18.36 -114.28 -52.41
C LEU B 234 18.57 -114.58 -53.89
N ARG B 235 18.61 -115.86 -54.25
CA ARG B 235 18.71 -116.24 -55.65
C ARG B 235 17.39 -115.96 -56.37
N THR B 236 16.26 -116.20 -55.70
CA THR B 236 14.96 -115.97 -56.36
C THR B 236 14.47 -114.54 -56.20
N ALA B 237 15.08 -113.73 -55.32
CA ALA B 237 14.90 -112.30 -55.33
C ALA B 237 16.06 -111.69 -56.14
N THR B 238 16.19 -110.37 -56.08
CA THR B 238 17.33 -109.55 -56.53
C THR B 238 17.37 -109.41 -58.06
N LEU B 239 16.54 -110.19 -58.76
CA LEU B 239 16.45 -110.00 -60.20
C LEU B 239 15.28 -109.10 -60.57
N ARG B 240 14.21 -109.12 -59.77
CA ARG B 240 13.08 -108.26 -60.04
C ARG B 240 13.46 -106.79 -59.87
N HIS B 241 13.62 -106.37 -58.62
CA HIS B 241 13.83 -104.99 -58.22
C HIS B 241 14.30 -105.03 -56.79
N ASP B 242 15.18 -104.11 -56.43
CA ASP B 242 15.60 -104.03 -55.03
C ASP B 242 14.64 -103.12 -54.27
N ALA B 243 13.80 -103.74 -53.43
CA ALA B 243 12.72 -103.05 -52.74
C ALA B 243 12.80 -103.40 -51.25
N ASP B 244 14.03 -103.28 -50.71
CA ASP B 244 14.43 -103.45 -49.31
C ASP B 244 14.33 -104.91 -48.86
N GLY B 245 14.01 -105.81 -49.79
CA GLY B 245 14.14 -107.22 -49.50
C GLY B 245 15.58 -107.64 -49.47
N GLN B 246 16.31 -107.35 -50.56
CA GLN B 246 17.71 -107.72 -50.71
C GLN B 246 18.57 -107.12 -49.60
N ALA B 247 18.21 -105.93 -49.12
CA ALA B 247 18.96 -105.29 -48.04
C ALA B 247 18.92 -106.12 -46.76
N THR B 248 17.72 -106.50 -46.31
CA THR B 248 17.61 -107.26 -45.08
C THR B 248 18.09 -108.69 -45.27
N LEU B 249 17.86 -109.26 -46.46
CA LEU B 249 18.33 -110.61 -46.75
C LEU B 249 19.86 -110.66 -46.82
N LEU B 250 20.49 -109.54 -47.19
CA LEU B 250 21.94 -109.49 -47.16
C LEU B 250 22.45 -109.47 -45.73
N ASN B 251 21.72 -108.83 -44.82
CA ASN B 251 22.17 -108.75 -43.43
C ASN B 251 21.96 -110.06 -42.70
N LEU B 252 20.87 -110.76 -43.01
CA LEU B 252 20.60 -112.03 -42.37
C LEU B 252 21.60 -113.09 -42.82
N LEU B 253 22.13 -112.94 -44.04
CA LEU B 253 23.23 -113.80 -44.47
C LEU B 253 24.53 -113.37 -43.81
N LEU B 254 24.62 -112.10 -43.41
CA LEU B 254 25.87 -111.55 -42.96
C LEU B 254 26.05 -111.70 -41.45
N ARG B 255 24.93 -111.71 -40.71
CA ARG B 255 24.99 -111.63 -39.26
C ARG B 255 25.48 -112.93 -38.65
N ASN B 256 25.00 -114.05 -39.19
CA ASN B 256 25.44 -115.36 -38.70
C ASN B 256 26.89 -115.62 -39.03
N TYR B 257 27.35 -115.15 -40.20
CA TYR B 257 28.70 -115.51 -40.61
C TYR B 257 29.74 -114.72 -39.84
N LEU B 258 29.39 -113.53 -39.40
CA LEU B 258 30.22 -112.78 -38.48
C LEU B 258 30.11 -113.35 -37.07
N HIS B 259 28.94 -113.89 -36.72
CA HIS B 259 28.75 -114.53 -35.42
C HIS B 259 29.54 -115.82 -35.32
N TYR B 260 29.75 -116.50 -36.44
CA TYR B 260 30.64 -117.65 -36.44
C TYR B 260 32.07 -117.19 -36.25
N SER B 261 32.71 -117.69 -35.21
CA SER B 261 34.10 -117.37 -34.93
C SER B 261 35.04 -118.26 -35.73
N LEU B 262 34.81 -118.37 -37.04
CA LEU B 262 35.75 -119.05 -37.90
C LEU B 262 36.25 -118.16 -39.04
N TYR B 263 35.32 -117.77 -39.91
CA TYR B 263 35.69 -117.24 -41.22
C TYR B 263 34.46 -116.53 -41.81
N ASP B 264 34.46 -116.40 -43.14
CA ASP B 264 33.45 -115.79 -44.04
C ASP B 264 33.64 -114.30 -44.14
N GLN B 265 34.80 -113.80 -43.75
CA GLN B 265 35.11 -112.41 -43.99
C GLN B 265 35.34 -112.15 -45.47
N ALA B 266 36.05 -113.06 -46.14
CA ALA B 266 36.38 -112.88 -47.54
C ALA B 266 35.15 -113.04 -48.42
N GLU B 267 34.14 -113.76 -47.93
CA GLU B 267 32.88 -113.88 -48.65
C GLU B 267 32.14 -112.54 -48.66
N LYS B 268 32.26 -111.77 -47.58
CA LYS B 268 31.67 -110.45 -47.54
C LYS B 268 32.48 -109.46 -48.36
N LEU B 269 33.80 -109.68 -48.46
CA LEU B 269 34.66 -108.79 -49.23
C LEU B 269 34.32 -108.86 -50.71
N VAL B 270 34.16 -110.06 -51.25
CA VAL B 270 33.77 -110.23 -52.64
C VAL B 270 32.29 -110.01 -52.86
N SER B 271 31.52 -109.78 -51.79
CA SER B 271 30.08 -109.58 -51.93
C SER B 271 29.84 -108.22 -52.57
N LYS B 272 29.74 -108.22 -53.89
CA LYS B 272 29.51 -107.01 -54.67
C LYS B 272 28.00 -106.80 -54.73
N SER B 273 27.42 -106.34 -53.63
CA SER B 273 25.98 -106.11 -53.60
C SER B 273 25.60 -104.87 -52.79
N VAL B 274 26.51 -103.89 -52.69
CA VAL B 274 26.21 -102.76 -51.83
C VAL B 274 25.44 -101.73 -52.65
N PHE B 275 24.12 -101.93 -52.74
CA PHE B 275 23.21 -100.96 -53.36
C PHE B 275 21.77 -101.17 -52.89
N PRO B 276 21.50 -101.01 -51.59
CA PRO B 276 20.10 -101.15 -51.17
C PRO B 276 19.25 -99.92 -51.45
N GLU B 277 19.87 -98.74 -51.53
CA GLU B 277 19.37 -97.48 -52.09
C GLU B 277 18.29 -96.80 -51.26
N GLN B 278 17.75 -97.49 -50.25
CA GLN B 278 16.79 -97.00 -49.28
C GLN B 278 16.65 -98.04 -48.18
N ALA B 279 16.32 -97.59 -46.99
CA ALA B 279 16.26 -98.53 -45.88
C ALA B 279 15.17 -98.24 -44.86
N ASN B 280 14.29 -97.26 -45.12
CA ASN B 280 13.34 -96.70 -44.17
C ASN B 280 14.03 -96.16 -42.90
N ASN B 281 15.30 -95.76 -43.05
CA ASN B 281 16.16 -95.28 -41.96
C ASN B 281 16.28 -96.33 -40.84
N ASN B 282 16.25 -97.60 -41.24
CA ASN B 282 16.26 -98.67 -40.25
C ASN B 282 17.36 -99.68 -40.53
N GLU B 283 17.55 -99.99 -41.81
CA GLU B 283 18.48 -101.05 -42.18
C GLU B 283 19.88 -100.49 -42.39
N TRP B 284 19.96 -99.33 -43.03
CA TRP B 284 21.22 -98.71 -43.38
C TRP B 284 22.00 -98.30 -42.14
N ALA B 285 21.29 -98.07 -41.04
CA ALA B 285 21.95 -97.82 -39.75
C ALA B 285 22.73 -99.05 -39.29
N ARG B 286 22.09 -100.22 -39.32
CA ARG B 286 22.80 -101.42 -38.87
C ARG B 286 23.57 -102.08 -40.00
N TYR B 287 23.25 -101.75 -41.26
CA TYR B 287 24.07 -102.21 -42.38
C TYR B 287 25.45 -101.58 -42.35
N LEU B 288 25.51 -100.30 -41.97
CA LEU B 288 26.78 -99.61 -41.88
C LEU B 288 27.56 -100.03 -40.62
N TYR B 289 26.88 -100.68 -39.67
CA TYR B 289 27.60 -101.23 -38.52
C TYR B 289 28.41 -102.45 -38.92
N TYR B 290 27.79 -103.39 -39.64
CA TYR B 290 28.48 -104.64 -39.95
C TYR B 290 29.65 -104.42 -40.90
N THR B 291 29.48 -103.59 -41.93
CA THR B 291 30.59 -103.34 -42.85
C THR B 291 31.67 -102.49 -42.19
N GLY B 292 31.37 -101.84 -41.08
CA GLY B 292 32.42 -101.18 -40.31
C GLY B 292 33.26 -102.19 -39.54
N ARG B 293 32.63 -103.25 -39.02
CA ARG B 293 33.35 -104.34 -38.37
C ARG B 293 34.32 -105.00 -39.33
N ILE B 294 33.93 -105.13 -40.60
CA ILE B 294 34.74 -105.89 -41.53
C ILE B 294 35.88 -105.05 -42.08
N LYS B 295 35.64 -103.76 -42.29
CA LYS B 295 36.74 -102.89 -42.68
C LYS B 295 37.71 -102.65 -41.53
N ALA B 296 37.24 -102.79 -40.29
CA ALA B 296 38.14 -102.69 -39.15
C ALA B 296 39.02 -103.94 -39.03
N ILE B 297 38.44 -105.12 -39.25
CA ILE B 297 39.23 -106.33 -39.14
C ILE B 297 40.15 -106.52 -40.33
N GLN B 298 39.86 -105.88 -41.47
CA GLN B 298 40.72 -105.91 -42.64
C GLN B 298 41.73 -104.77 -42.63
N LEU B 299 41.94 -104.14 -41.47
CA LEU B 299 42.99 -103.15 -41.22
C LEU B 299 42.81 -101.90 -42.11
N GLU B 300 41.56 -101.57 -42.42
CA GLU B 300 41.23 -100.36 -43.16
C GLU B 300 40.46 -99.47 -42.18
N TYR B 301 41.19 -98.67 -41.42
CA TYR B 301 40.64 -98.03 -40.22
C TYR B 301 39.96 -96.71 -40.51
N SER B 302 40.46 -95.97 -41.50
CA SER B 302 39.95 -94.62 -41.75
C SER B 302 38.54 -94.67 -42.31
N GLU B 303 38.28 -95.58 -43.24
CA GLU B 303 36.93 -95.72 -43.78
C GLU B 303 36.02 -96.43 -42.77
N ALA B 304 36.62 -97.18 -41.84
CA ALA B 304 35.83 -97.89 -40.83
C ALA B 304 35.15 -96.92 -39.87
N ARG B 305 35.94 -96.08 -39.20
CA ARG B 305 35.42 -95.24 -38.12
C ARG B 305 34.48 -94.17 -38.64
N ARG B 306 34.67 -93.73 -39.88
CA ARG B 306 33.84 -92.65 -40.41
C ARG B 306 32.46 -93.16 -40.78
N THR B 307 32.33 -94.47 -41.02
CA THR B 307 31.01 -95.03 -41.22
C THR B 307 30.52 -95.71 -39.96
N MET B 308 31.41 -96.02 -39.01
CA MET B 308 30.99 -96.36 -37.66
C MET B 308 30.34 -95.17 -36.98
N THR B 309 30.89 -93.98 -37.22
CA THR B 309 30.29 -92.75 -36.76
C THR B 309 28.94 -92.53 -37.43
N ASN B 310 28.90 -92.75 -38.75
CA ASN B 310 27.70 -92.51 -39.54
C ASN B 310 26.56 -93.43 -39.13
N ALA B 311 26.90 -94.62 -38.64
CA ALA B 311 25.88 -95.51 -38.09
C ALA B 311 25.39 -95.03 -36.73
N LEU B 312 26.30 -94.61 -35.85
CA LEU B 312 25.91 -94.18 -34.51
C LEU B 312 25.13 -92.88 -34.54
N ARG B 313 25.58 -91.90 -35.32
CA ARG B 313 24.96 -90.58 -35.33
C ARG B 313 23.63 -90.54 -36.07
N LYS B 314 23.28 -91.62 -36.78
CA LYS B 314 22.08 -91.64 -37.59
C LYS B 314 20.80 -91.64 -36.76
N ALA B 315 20.61 -92.69 -35.95
CA ALA B 315 19.38 -92.89 -35.19
C ALA B 315 19.71 -92.99 -33.70
N PRO B 316 19.69 -91.87 -32.96
CA PRO B 316 19.86 -91.94 -31.51
C PRO B 316 18.53 -92.00 -30.79
N GLN B 317 17.44 -92.20 -31.53
CA GLN B 317 16.09 -92.21 -30.95
C GLN B 317 15.79 -93.59 -30.39
N HIS B 318 16.51 -93.92 -29.33
CA HIS B 318 16.55 -95.26 -28.75
C HIS B 318 16.94 -95.14 -27.29
N THR B 319 16.10 -95.69 -26.42
CA THR B 319 16.30 -95.59 -24.98
C THR B 319 17.02 -96.84 -24.46
N ALA B 320 18.35 -96.83 -24.60
CA ALA B 320 19.27 -97.84 -24.11
C ALA B 320 18.94 -99.24 -24.62
N VAL B 321 19.00 -99.42 -25.94
CA VAL B 321 18.54 -100.65 -26.56
C VAL B 321 19.69 -101.64 -26.76
N GLY B 322 20.90 -101.14 -27.01
CA GLY B 322 22.02 -102.05 -27.00
C GLY B 322 22.89 -102.03 -28.24
N PHE B 323 22.31 -101.87 -29.43
CA PHE B 323 23.17 -101.70 -30.60
C PHE B 323 23.84 -100.33 -30.54
N LYS B 324 23.12 -99.34 -30.03
CA LYS B 324 23.71 -98.05 -29.69
C LYS B 324 24.78 -98.21 -28.62
N GLN B 325 24.59 -99.17 -27.71
CA GLN B 325 25.64 -99.48 -26.75
C GLN B 325 26.83 -100.14 -27.43
N THR B 326 26.59 -100.86 -28.52
CA THR B 326 27.62 -101.71 -29.09
C THR B 326 28.44 -100.97 -30.15
N VAL B 327 27.80 -100.07 -30.91
CA VAL B 327 28.56 -99.26 -31.85
C VAL B 327 29.45 -98.27 -31.09
N HIS B 328 28.95 -97.77 -29.95
CA HIS B 328 29.69 -96.83 -29.13
C HIS B 328 30.83 -97.54 -28.40
N LYS B 329 30.68 -98.82 -28.14
CA LYS B 329 31.72 -99.59 -27.47
C LYS B 329 32.86 -99.92 -28.43
N LEU B 330 32.52 -100.13 -29.70
CA LEU B 330 33.54 -100.42 -30.69
C LEU B 330 34.21 -99.18 -31.25
N LEU B 331 33.46 -98.07 -31.37
CA LEU B 331 33.99 -96.87 -31.99
C LEU B 331 35.13 -96.28 -31.18
N ILE B 332 35.07 -96.44 -29.85
CA ILE B 332 36.15 -95.93 -29.02
C ILE B 332 37.36 -96.86 -29.10
N VAL B 333 37.14 -98.11 -29.50
CA VAL B 333 38.27 -99.03 -29.66
C VAL B 333 39.03 -98.72 -30.95
N VAL B 334 38.30 -98.49 -32.05
CA VAL B 334 38.96 -98.15 -33.30
C VAL B 334 39.53 -96.74 -33.25
N GLU B 335 39.02 -95.88 -32.38
CA GLU B 335 39.67 -94.59 -32.16
C GLU B 335 40.99 -94.73 -31.44
N LEU B 336 41.07 -95.67 -30.48
CA LEU B 336 42.32 -95.86 -29.75
C LEU B 336 43.40 -96.43 -30.65
N LEU B 337 43.02 -97.23 -31.64
CA LEU B 337 44.02 -97.77 -32.55
C LEU B 337 44.52 -96.71 -33.51
N LEU B 338 43.71 -95.69 -33.79
CA LEU B 338 44.15 -94.52 -34.53
C LEU B 338 45.00 -93.62 -33.64
N GLY B 339 44.50 -93.29 -32.44
CA GLY B 339 45.27 -92.53 -31.47
C GLY B 339 44.51 -91.44 -30.74
N GLU B 340 43.49 -90.86 -31.37
CA GLU B 340 42.71 -89.83 -30.68
C GLU B 340 41.51 -90.44 -29.97
N ILE B 341 41.10 -89.78 -28.89
CA ILE B 341 39.99 -90.29 -28.08
C ILE B 341 39.26 -89.17 -27.35
N PRO B 342 38.03 -88.84 -27.75
CA PRO B 342 37.24 -87.88 -26.99
C PRO B 342 36.52 -88.52 -25.81
N ASP B 343 35.70 -87.73 -25.11
CA ASP B 343 34.86 -88.20 -24.02
C ASP B 343 33.86 -89.22 -24.53
N ARG B 344 33.54 -90.20 -23.68
CA ARG B 344 32.55 -91.21 -24.01
C ARG B 344 31.49 -91.43 -22.94
N LEU B 345 31.79 -91.15 -21.67
CA LEU B 345 30.85 -91.37 -20.58
C LEU B 345 29.95 -90.17 -20.33
N GLN B 346 29.90 -89.23 -21.29
CA GLN B 346 29.13 -88.01 -21.09
C GLN B 346 27.63 -88.25 -21.18
N PHE B 347 27.19 -89.31 -21.85
CA PHE B 347 25.79 -89.71 -21.82
C PHE B 347 25.72 -91.01 -21.03
N ARG B 348 25.68 -90.89 -19.71
CA ARG B 348 25.68 -92.08 -18.87
C ARG B 348 24.31 -92.73 -18.88
N GLN B 349 24.30 -94.06 -18.80
CA GLN B 349 23.11 -94.87 -18.85
C GLN B 349 23.13 -95.89 -17.73
N PRO B 350 21.97 -96.33 -17.24
CA PRO B 350 21.95 -97.43 -16.25
C PRO B 350 22.45 -98.75 -16.81
N SER B 351 22.47 -98.90 -18.13
CA SER B 351 23.11 -100.03 -18.78
C SER B 351 24.58 -99.78 -19.08
N LEU B 352 24.98 -98.52 -19.21
CA LEU B 352 26.37 -98.17 -19.48
C LEU B 352 27.26 -98.35 -18.27
N LYS B 353 26.66 -98.43 -17.07
CA LYS B 353 27.38 -98.49 -15.81
C LYS B 353 28.29 -99.70 -15.73
N ARG B 354 27.89 -100.81 -16.35
CA ARG B 354 28.71 -102.01 -16.43
C ARG B 354 29.57 -102.05 -17.69
N SER B 355 29.65 -100.94 -18.43
CA SER B 355 30.46 -100.95 -19.64
C SER B 355 31.35 -99.71 -19.71
N LEU B 356 31.00 -98.69 -18.93
CA LEU B 356 31.77 -97.45 -19.00
C LEU B 356 33.08 -97.57 -18.25
N MET B 357 33.11 -98.36 -17.18
CA MET B 357 34.31 -98.46 -16.36
C MET B 357 35.49 -99.20 -17.00
N PRO B 358 35.34 -100.34 -17.70
CA PRO B 358 36.56 -101.01 -18.20
C PRO B 358 37.24 -100.29 -19.34
N TYR B 359 36.48 -99.68 -20.24
CA TYR B 359 37.08 -98.99 -21.37
C TYR B 359 37.71 -97.67 -20.96
N PHE B 360 37.15 -97.02 -19.95
CA PHE B 360 37.74 -95.79 -19.44
C PHE B 360 39.02 -96.10 -18.66
N LEU B 361 39.04 -97.24 -17.96
CA LEU B 361 40.29 -97.73 -17.39
C LEU B 361 41.25 -98.20 -18.47
N LEU B 362 40.73 -98.62 -19.62
CA LEU B 362 41.60 -99.00 -20.73
C LEU B 362 42.26 -97.79 -21.36
N THR B 363 41.46 -96.77 -21.73
CA THR B 363 42.02 -95.61 -22.40
C THR B 363 42.83 -94.73 -21.46
N GLN B 364 42.73 -94.97 -20.15
CA GLN B 364 43.60 -94.30 -19.21
C GLN B 364 45.03 -94.80 -19.33
N ALA B 365 45.22 -96.12 -19.30
CA ALA B 365 46.56 -96.68 -19.31
C ALA B 365 47.20 -96.58 -20.70
N VAL B 366 46.39 -96.55 -21.76
CA VAL B 366 46.91 -96.43 -23.11
C VAL B 366 47.55 -95.07 -23.35
N ARG B 367 46.80 -94.01 -23.05
CA ARG B 367 47.25 -92.65 -23.33
C ARG B 367 48.41 -92.25 -22.44
N THR B 368 48.50 -92.85 -21.25
CA THR B 368 49.66 -92.70 -20.41
C THR B 368 50.75 -93.67 -20.86
N GLY B 369 51.99 -93.39 -20.48
CA GLY B 369 53.08 -94.29 -20.78
C GLY B 369 53.36 -95.28 -19.67
N ASN B 370 52.37 -96.08 -19.31
CA ASN B 370 52.54 -97.08 -18.27
C ASN B 370 52.22 -98.45 -18.87
N LEU B 371 52.80 -99.49 -18.28
CA LEU B 371 52.66 -100.86 -18.76
C LEU B 371 52.10 -101.82 -17.73
N ALA B 372 52.51 -101.68 -16.46
CA ALA B 372 52.16 -102.69 -15.46
C ALA B 372 50.72 -102.53 -15.00
N LYS B 373 50.25 -101.29 -14.87
CA LYS B 373 48.83 -101.05 -14.66
C LYS B 373 48.03 -101.50 -15.88
N PHE B 374 48.60 -101.29 -17.07
CA PHE B 374 47.94 -101.69 -18.31
C PHE B 374 47.75 -103.19 -18.39
N ASN B 375 48.78 -103.95 -18.00
CA ASN B 375 48.67 -105.40 -18.02
C ASN B 375 47.76 -105.90 -16.90
N GLN B 376 47.77 -105.23 -15.76
CA GLN B 376 46.87 -105.57 -14.65
C GLN B 376 45.41 -105.38 -15.04
N VAL B 377 45.11 -104.24 -15.69
CA VAL B 377 43.76 -104.00 -16.21
C VAL B 377 43.43 -104.99 -17.32
N LEU B 378 44.43 -105.32 -18.15
CA LEU B 378 44.23 -106.32 -19.20
C LEU B 378 43.99 -107.70 -18.60
N ASP B 379 44.70 -108.02 -17.53
CA ASP B 379 44.47 -109.29 -16.85
C ASP B 379 43.13 -109.30 -16.12
N GLN B 380 42.69 -108.14 -15.63
CA GLN B 380 41.44 -108.10 -14.88
C GLN B 380 40.23 -108.13 -15.80
N PHE B 381 40.30 -107.41 -16.91
CA PHE B 381 39.12 -107.14 -17.74
C PHE B 381 39.10 -107.95 -19.01
N GLY B 382 39.94 -108.98 -19.13
CA GLY B 382 39.93 -109.79 -20.33
C GLY B 382 38.68 -110.64 -20.47
N GLU B 383 38.05 -110.98 -19.34
CA GLU B 383 36.82 -111.76 -19.37
C GLU B 383 35.68 -110.97 -20.01
N LYS B 384 35.67 -109.66 -19.78
CA LYS B 384 34.71 -108.80 -20.46
C LYS B 384 35.08 -108.61 -21.92
N PHE B 385 36.39 -108.55 -22.21
CA PHE B 385 36.86 -108.32 -23.58
C PHE B 385 36.53 -109.50 -24.47
N GLN B 386 36.46 -110.69 -23.89
CA GLN B 386 35.98 -111.84 -24.63
C GLN B 386 34.47 -111.86 -24.69
N ALA B 387 33.80 -111.38 -23.65
CA ALA B 387 32.34 -111.36 -23.63
C ALA B 387 31.78 -110.27 -24.53
N ASP B 388 32.59 -109.26 -24.86
CA ASP B 388 32.15 -108.24 -25.79
C ASP B 388 32.21 -108.74 -27.23
N GLY B 389 33.30 -109.40 -27.59
CA GLY B 389 33.39 -109.98 -28.91
C GLY B 389 34.49 -109.41 -29.77
N THR B 390 35.58 -108.97 -29.15
CA THR B 390 36.78 -108.63 -29.90
C THR B 390 37.99 -109.26 -29.22
N TYR B 391 38.81 -109.93 -30.01
CA TYR B 391 40.00 -110.59 -29.50
C TYR B 391 41.28 -109.95 -29.98
N THR B 392 41.22 -109.14 -31.05
CA THR B 392 42.41 -108.57 -31.67
C THR B 392 43.02 -107.43 -30.87
N LEU B 393 42.40 -107.03 -29.76
CA LEU B 393 42.97 -106.00 -28.90
C LEU B 393 44.27 -106.46 -28.26
N ILE B 394 44.47 -107.78 -28.12
CA ILE B 394 45.68 -108.30 -27.51
C ILE B 394 46.91 -108.04 -28.39
N ILE B 395 46.74 -107.97 -29.71
CA ILE B 395 47.88 -107.74 -30.61
C ILE B 395 47.93 -106.29 -31.09
N ARG B 396 46.80 -105.60 -31.17
CA ARG B 396 46.76 -104.28 -31.78
C ARG B 396 47.01 -103.15 -30.78
N LEU B 397 46.96 -103.43 -29.49
CA LEU B 397 47.21 -102.43 -28.46
C LEU B 397 48.68 -102.28 -28.13
N ARG B 398 49.48 -103.33 -28.26
CA ARG B 398 50.89 -103.21 -27.94
C ARG B 398 51.64 -102.44 -29.01
N HIS B 399 51.06 -102.33 -30.21
CA HIS B 399 51.57 -101.35 -31.16
C HIS B 399 51.17 -99.94 -30.76
N ASN B 400 49.99 -99.78 -30.16
CA ASN B 400 49.50 -98.46 -29.81
C ASN B 400 50.29 -97.85 -28.65
N VAL B 401 50.59 -98.66 -27.64
CA VAL B 401 51.26 -98.18 -26.43
C VAL B 401 52.68 -97.73 -26.74
N ILE B 402 53.36 -98.46 -27.63
CA ILE B 402 54.72 -98.06 -28.00
C ILE B 402 54.72 -96.88 -28.98
N LYS B 403 53.62 -96.66 -29.73
CA LYS B 403 53.58 -95.52 -30.64
C LYS B 403 52.89 -94.31 -30.06
N THR B 404 52.18 -94.46 -28.93
CA THR B 404 51.61 -93.30 -28.25
C THR B 404 52.71 -92.40 -27.72
N GLY B 405 53.82 -92.98 -27.28
CA GLY B 405 54.93 -92.19 -26.78
C GLY B 405 55.64 -91.42 -27.87
N VAL B 406 55.85 -92.06 -29.02
CA VAL B 406 56.62 -91.39 -30.08
C VAL B 406 55.76 -90.37 -30.81
N ARG B 407 54.44 -90.54 -30.78
CA ARG B 407 53.58 -89.57 -31.44
C ARG B 407 53.45 -88.31 -30.60
N MET B 408 53.39 -88.47 -29.29
CA MET B 408 53.32 -87.33 -28.38
C MET B 408 54.60 -86.53 -28.38
N ILE B 409 55.75 -87.21 -28.46
CA ILE B 409 57.04 -86.52 -28.51
C ILE B 409 57.19 -85.77 -29.83
N SER B 410 56.85 -86.43 -30.93
CA SER B 410 56.97 -85.80 -32.24
C SER B 410 55.98 -84.66 -32.41
N LEU B 411 54.84 -84.73 -31.72
CA LEU B 411 53.93 -83.61 -31.70
C LEU B 411 54.49 -82.47 -30.85
N SER B 412 55.21 -82.80 -29.77
CA SER B 412 55.72 -81.77 -28.87
C SER B 412 57.03 -81.18 -29.39
N TYR B 413 58.07 -81.99 -29.44
CA TYR B 413 59.39 -81.49 -29.75
C TYR B 413 59.56 -81.29 -31.24
N SER B 414 60.03 -80.10 -31.62
CA SER B 414 60.34 -79.84 -33.01
C SER B 414 61.59 -80.56 -33.46
N ARG B 415 62.58 -80.73 -32.58
CA ARG B 415 63.80 -81.40 -32.99
C ARG B 415 64.45 -82.09 -31.81
N ILE B 416 64.14 -83.36 -31.60
CA ILE B 416 64.68 -84.14 -30.49
C ILE B 416 65.72 -85.11 -31.03
N SER B 417 66.74 -85.38 -30.23
CA SER B 417 67.78 -86.31 -30.65
C SER B 417 67.33 -87.74 -30.38
N LEU B 418 68.09 -88.70 -30.90
CA LEU B 418 67.77 -90.10 -30.64
C LEU B 418 68.20 -90.54 -29.25
N ALA B 419 69.32 -90.03 -28.75
CA ALA B 419 69.81 -90.41 -27.44
C ALA B 419 68.93 -89.86 -26.32
N ASP B 420 68.19 -88.79 -26.59
CA ASP B 420 67.27 -88.27 -25.59
C ASP B 420 65.95 -89.02 -25.62
N ILE B 421 65.46 -89.34 -26.82
CA ILE B 421 64.18 -90.02 -26.93
C ILE B 421 64.30 -91.47 -26.52
N ALA B 422 65.52 -92.03 -26.57
CA ALA B 422 65.74 -93.38 -26.08
C ALA B 422 65.64 -93.43 -24.56
N GLN B 423 66.17 -92.43 -23.88
CA GLN B 423 66.07 -92.39 -22.43
C GLN B 423 64.71 -91.89 -21.96
N LYS B 424 64.01 -91.13 -22.80
CA LYS B 424 62.69 -90.65 -22.42
C LYS B 424 61.65 -91.76 -22.53
N LEU B 425 61.84 -92.66 -23.49
CA LEU B 425 60.90 -93.75 -23.72
C LEU B 425 61.27 -95.04 -23.02
N GLN B 426 61.99 -94.94 -21.89
CA GLN B 426 62.47 -96.03 -21.02
C GLN B 426 63.00 -97.25 -21.77
N LEU B 427 63.74 -96.99 -22.85
CA LEU B 427 64.02 -97.98 -23.89
C LEU B 427 65.34 -98.72 -23.67
N ASP B 428 66.33 -98.04 -23.09
CA ASP B 428 67.63 -98.59 -22.70
C ASP B 428 68.39 -99.16 -23.90
N SER B 429 68.16 -98.56 -25.07
CA SER B 429 68.86 -98.96 -26.27
C SER B 429 68.92 -97.77 -27.23
N PRO B 430 70.09 -97.16 -27.40
CA PRO B 430 70.18 -96.00 -28.29
C PRO B 430 70.40 -96.38 -29.74
N GLU B 431 70.18 -97.64 -30.10
CA GLU B 431 70.40 -98.12 -31.45
C GLU B 431 69.12 -98.30 -32.26
N ASP B 432 68.02 -98.71 -31.63
CA ASP B 432 66.78 -98.92 -32.35
C ASP B 432 65.91 -97.68 -32.41
N ALA B 433 66.35 -96.58 -31.81
CA ALA B 433 65.56 -95.35 -31.84
C ALA B 433 65.47 -94.80 -33.26
N GLU B 434 66.51 -95.03 -34.07
CA GLU B 434 66.40 -94.76 -35.49
C GLU B 434 65.39 -95.69 -36.15
N PHE B 435 65.29 -96.93 -35.65
CA PHE B 435 64.41 -97.90 -36.26
C PHE B 435 62.95 -97.65 -35.89
N ILE B 436 62.70 -97.15 -34.68
CA ILE B 436 61.32 -96.86 -34.27
C ILE B 436 60.76 -95.71 -35.09
N VAL B 437 61.56 -94.64 -35.25
CA VAL B 437 61.13 -93.48 -36.00
C VAL B 437 60.99 -93.83 -37.48
N ALA B 438 61.88 -94.67 -37.99
CA ALA B 438 61.75 -95.16 -39.36
C ALA B 438 60.49 -96.00 -39.55
N LYS B 439 60.08 -96.72 -38.50
CA LYS B 439 58.75 -97.32 -38.53
C LYS B 439 57.67 -96.27 -38.37
N ALA B 440 57.93 -95.24 -37.58
CA ALA B 440 56.93 -94.19 -37.38
C ALA B 440 56.72 -93.36 -38.64
N ILE B 441 57.78 -93.07 -39.38
CA ILE B 441 57.65 -92.29 -40.60
C ILE B 441 57.01 -93.13 -41.70
N ARG B 442 57.37 -94.42 -41.76
CA ARG B 442 56.79 -95.31 -42.76
C ARG B 442 55.31 -95.56 -42.49
N ASP B 443 54.94 -95.78 -41.23
CA ASP B 443 53.55 -96.13 -40.92
C ASP B 443 52.64 -94.91 -40.98
N GLY B 444 53.20 -93.71 -41.01
CA GLY B 444 52.39 -92.52 -41.14
C GLY B 444 51.98 -91.96 -39.80
N VAL B 445 52.78 -92.24 -38.77
CA VAL B 445 52.51 -91.67 -37.46
C VAL B 445 52.81 -90.18 -37.46
N ILE B 446 53.96 -89.79 -38.00
CA ILE B 446 54.36 -88.39 -38.05
C ILE B 446 55.31 -88.22 -39.23
N GLU B 447 55.27 -87.05 -39.86
CA GLU B 447 56.16 -86.77 -40.98
C GLU B 447 57.40 -86.05 -40.45
N ALA B 448 58.51 -86.78 -40.37
CA ALA B 448 59.75 -86.23 -39.88
C ALA B 448 60.88 -86.75 -40.78
N SER B 449 62.12 -86.52 -40.35
CA SER B 449 63.26 -87.08 -41.06
C SER B 449 64.41 -87.25 -40.07
N ILE B 450 65.21 -88.28 -40.29
CA ILE B 450 66.38 -88.56 -39.47
C ILE B 450 67.62 -88.13 -40.25
N ASN B 451 68.35 -87.19 -39.70
CA ASN B 451 69.66 -86.86 -40.24
C ASN B 451 70.61 -87.85 -39.58
N HIS B 452 70.98 -88.89 -40.32
CA HIS B 452 71.90 -89.90 -39.80
C HIS B 452 73.34 -89.41 -39.82
N GLU B 453 73.64 -88.34 -39.07
CA GLU B 453 75.00 -87.90 -38.94
C GLU B 453 75.41 -87.88 -37.48
N LYS B 454 74.54 -87.33 -36.63
CA LYS B 454 74.77 -87.38 -35.19
C LYS B 454 73.49 -87.66 -34.44
N GLY B 455 72.35 -87.60 -35.13
CA GLY B 455 71.08 -87.95 -34.53
C GLY B 455 70.07 -86.84 -34.54
N TYR B 456 70.19 -85.95 -35.50
CA TYR B 456 69.22 -84.87 -35.72
C TYR B 456 67.94 -85.47 -36.28
N VAL B 457 66.84 -85.23 -35.60
CA VAL B 457 65.52 -85.63 -36.09
C VAL B 457 64.72 -84.34 -36.21
N GLN B 458 64.51 -83.88 -37.44
CA GLN B 458 63.76 -82.67 -37.64
C GLN B 458 62.26 -82.96 -37.73
N SER B 459 61.50 -81.94 -38.15
CA SER B 459 60.05 -82.03 -38.21
C SER B 459 59.58 -81.16 -39.37
N LYS B 460 58.30 -80.77 -39.40
CA LYS B 460 57.71 -79.92 -40.43
C LYS B 460 58.43 -78.57 -40.54
N GLU B 461 58.27 -77.92 -41.68
CA GLU B 461 58.92 -76.64 -41.91
C GLU B 461 57.92 -75.50 -42.08
N MET B 462 56.98 -75.65 -43.01
CA MET B 462 56.06 -74.58 -43.36
C MET B 462 54.69 -74.80 -42.73
N ILE B 463 54.00 -73.69 -42.46
CA ILE B 463 52.64 -73.73 -41.91
C ILE B 463 51.64 -73.03 -42.82
N ASP B 464 52.07 -72.48 -43.94
CA ASP B 464 51.14 -71.84 -44.86
C ASP B 464 50.39 -72.91 -45.64
N ILE B 465 49.06 -72.88 -45.55
CA ILE B 465 48.25 -73.86 -46.26
C ILE B 465 47.17 -73.08 -47.01
N TYR B 466 47.10 -71.78 -46.75
CA TYR B 466 45.91 -71.02 -47.10
C TYR B 466 45.87 -70.68 -48.57
N SER B 467 46.93 -70.08 -49.09
CA SER B 467 46.98 -69.69 -50.49
C SER B 467 47.69 -70.75 -51.31
N THR B 468 47.55 -72.01 -50.92
CA THR B 468 48.32 -73.09 -51.50
C THR B 468 47.37 -74.21 -51.93
N ARG B 469 46.20 -73.82 -52.45
CA ARG B 469 45.17 -74.68 -53.05
C ARG B 469 44.62 -75.70 -52.05
N GLU B 470 44.76 -75.43 -50.76
CA GLU B 470 43.97 -76.25 -49.85
C GLU B 470 42.47 -75.95 -49.87
N PRO B 471 42.01 -74.69 -49.65
CA PRO B 471 40.61 -74.52 -49.21
C PRO B 471 39.60 -74.82 -50.29
N GLN B 472 39.95 -74.60 -51.57
CA GLN B 472 39.00 -74.74 -52.66
C GLN B 472 38.56 -76.18 -52.83
N LEU B 473 39.46 -77.13 -52.58
CA LEU B 473 39.14 -78.53 -52.82
C LEU B 473 38.16 -79.05 -51.78
N ALA B 474 38.30 -78.60 -50.53
CA ALA B 474 37.29 -78.91 -49.53
C ALA B 474 35.99 -78.19 -49.84
N PHE B 475 36.08 -76.99 -50.42
CA PHE B 475 34.88 -76.22 -50.74
C PHE B 475 34.09 -76.86 -51.88
N HIS B 476 34.81 -77.48 -52.81
CA HIS B 476 34.13 -78.20 -53.88
C HIS B 476 33.44 -79.45 -53.35
N GLN B 477 33.92 -79.97 -52.22
CA GLN B 477 33.18 -81.03 -51.54
C GLN B 477 31.92 -80.49 -50.90
N ARG B 478 31.96 -79.24 -50.42
CA ARG B 478 30.82 -78.72 -49.68
C ARG B 478 29.69 -78.32 -50.62
N ILE B 479 30.02 -77.77 -51.79
CA ILE B 479 28.99 -77.34 -52.73
C ILE B 479 28.28 -78.53 -53.34
N SER B 480 29.05 -79.49 -53.89
CA SER B 480 28.47 -80.60 -54.63
C SER B 480 27.66 -81.51 -53.73
N PHE B 481 27.99 -81.55 -52.45
CA PHE B 481 27.25 -82.40 -51.54
C PHE B 481 25.93 -81.77 -51.13
N CYS B 482 25.92 -80.46 -50.88
CA CYS B 482 24.72 -79.85 -50.32
C CYS B 482 23.71 -79.51 -51.41
N LEU B 483 24.15 -79.31 -52.64
CA LEU B 483 23.19 -79.19 -53.73
C LEU B 483 22.54 -80.54 -54.01
N ASP B 484 23.26 -81.62 -53.73
CA ASP B 484 22.66 -82.94 -53.81
C ASP B 484 21.74 -83.18 -52.64
N ILE B 485 22.02 -82.58 -51.48
CA ILE B 485 21.04 -82.55 -50.40
C ILE B 485 19.83 -81.77 -50.83
N HIS B 486 20.06 -80.69 -51.57
CA HIS B 486 18.98 -79.80 -52.00
C HIS B 486 18.03 -80.49 -52.97
N ASN B 487 18.57 -81.06 -54.04
CA ASN B 487 17.73 -81.56 -55.14
C ASN B 487 17.00 -82.83 -54.75
N MET B 488 17.63 -83.66 -53.93
CA MET B 488 16.93 -84.82 -53.37
C MET B 488 15.81 -84.38 -52.45
N SER B 489 16.04 -83.33 -51.66
CA SER B 489 14.98 -82.82 -50.81
C SER B 489 13.94 -82.05 -51.60
N VAL B 490 14.29 -81.59 -52.81
CA VAL B 490 13.28 -81.01 -53.69
C VAL B 490 12.33 -82.08 -54.20
N LYS B 491 12.88 -83.18 -54.71
CA LYS B 491 12.05 -84.19 -55.37
C LYS B 491 11.26 -85.01 -54.37
N ALA B 492 11.73 -85.08 -53.13
CA ALA B 492 11.09 -85.93 -52.14
C ALA B 492 9.80 -85.33 -51.61
N MET B 493 9.48 -84.08 -51.95
CA MET B 493 8.38 -83.42 -51.28
C MET B 493 7.21 -83.01 -52.20
N ARG B 494 7.46 -82.61 -53.45
CA ARG B 494 6.36 -82.25 -54.34
C ARG B 494 5.67 -83.51 -54.86
N PHE B 495 5.08 -84.28 -53.98
CA PHE B 495 4.33 -85.44 -54.46
C PHE B 495 2.95 -85.01 -54.93
N PRO B 496 2.22 -84.10 -54.23
CA PRO B 496 1.01 -83.69 -54.92
C PRO B 496 1.23 -82.45 -55.80
N MET C 1 58.88 47.94 -26.31
CA MET C 1 59.62 47.56 -25.12
C MET C 1 60.71 46.55 -25.48
N ALA C 2 60.40 45.68 -26.45
CA ALA C 2 61.40 44.75 -26.96
C ALA C 2 62.41 45.41 -27.88
N ASP C 3 62.21 46.69 -28.23
CA ASP C 3 63.29 47.49 -28.78
C ASP C 3 64.44 47.62 -27.79
N GLY C 4 64.12 47.69 -26.49
CA GLY C 4 65.17 47.62 -25.48
C GLY C 4 65.85 46.26 -25.45
N GLY C 5 65.07 45.20 -25.59
CA GLY C 5 65.66 43.87 -25.71
C GLY C 5 66.38 43.66 -27.01
N SER C 6 65.99 44.40 -28.05
CA SER C 6 66.70 44.31 -29.32
C SER C 6 68.03 45.05 -29.26
N GLU C 7 68.07 46.19 -28.57
CA GLU C 7 69.29 46.98 -28.51
C GLU C 7 70.26 46.42 -27.47
N ARG C 8 69.77 45.68 -26.50
CA ARG C 8 70.67 44.98 -25.58
C ARG C 8 71.25 43.74 -26.21
N ALA C 9 70.47 43.04 -27.03
CA ALA C 9 71.03 41.96 -27.84
C ALA C 9 71.97 42.49 -28.91
N ASP C 10 71.68 43.70 -29.42
CA ASP C 10 72.60 44.34 -30.37
C ASP C 10 73.83 44.86 -29.64
N GLY C 11 73.72 45.12 -28.35
CA GLY C 11 74.84 45.51 -27.52
C GLY C 11 75.71 44.34 -27.12
N ARG C 12 75.15 43.13 -27.09
CA ARG C 12 75.94 41.98 -26.66
C ARG C 12 76.79 41.41 -27.79
N ILE C 13 76.18 41.18 -28.96
CA ILE C 13 76.85 40.47 -30.05
C ILE C 13 78.03 41.24 -30.63
N VAL C 14 78.03 42.56 -30.51
CA VAL C 14 79.22 43.34 -30.87
C VAL C 14 80.27 43.27 -29.76
N LYS C 15 79.82 43.25 -28.50
CA LYS C 15 80.69 43.39 -27.34
C LYS C 15 80.85 42.10 -26.54
N MET C 16 80.93 40.93 -27.21
CA MET C 16 81.27 39.72 -26.48
C MET C 16 82.76 39.67 -26.16
N GLU C 17 83.59 40.20 -27.06
CA GLU C 17 85.04 40.19 -26.84
C GLU C 17 85.53 41.42 -26.09
N VAL C 18 84.94 42.59 -26.35
CA VAL C 18 85.37 43.82 -25.68
C VAL C 18 84.88 43.82 -24.24
N ASP C 19 83.56 43.80 -24.04
CA ASP C 19 83.00 43.76 -22.69
C ASP C 19 83.21 42.38 -22.09
N TYR C 20 83.22 42.34 -20.76
CA TYR C 20 83.42 41.08 -20.06
C TYR C 20 82.10 40.32 -19.93
N SER C 21 82.21 39.00 -19.78
CA SER C 21 81.06 38.09 -19.83
C SER C 21 80.17 38.18 -18.60
N ALA C 22 80.65 38.77 -17.50
CA ALA C 22 79.79 38.91 -16.32
C ALA C 22 78.69 39.93 -16.54
N THR C 23 78.89 40.87 -17.47
CA THR C 23 77.83 41.82 -17.81
C THR C 23 76.68 41.13 -18.53
N VAL C 24 76.95 40.00 -19.21
CA VAL C 24 75.86 39.17 -19.73
C VAL C 24 75.06 38.59 -18.57
N ASP C 25 75.75 38.15 -17.51
CA ASP C 25 75.06 37.76 -16.27
C ASP C 25 74.46 38.97 -15.56
N GLN C 26 75.00 40.16 -15.79
CA GLN C 26 74.36 41.37 -15.28
C GLN C 26 73.23 41.83 -16.18
N ARG C 27 73.13 41.25 -17.38
CA ARG C 27 71.99 41.49 -18.26
C ARG C 27 71.05 40.28 -18.28
N LEU C 28 71.48 39.17 -17.66
CA LEU C 28 70.62 38.00 -17.49
C LEU C 28 69.31 38.22 -16.70
N PRO C 29 69.26 38.90 -15.54
CA PRO C 29 67.95 38.99 -14.86
C PRO C 29 67.01 39.98 -15.49
N GLU C 30 67.51 40.85 -16.37
CA GLU C 30 66.66 41.78 -17.09
C GLU C 30 65.86 41.07 -18.17
N CYS C 31 66.53 40.21 -18.96
CA CYS C 31 65.82 39.42 -19.95
C CYS C 31 64.97 38.33 -19.30
N ALA C 32 65.32 37.94 -18.08
CA ALA C 32 64.49 37.03 -17.30
C ALA C 32 63.15 37.68 -16.94
N LYS C 33 63.16 38.98 -16.66
CA LYS C 33 61.91 39.68 -16.37
C LYS C 33 61.13 39.97 -17.64
N LEU C 34 61.83 40.20 -18.75
CA LEU C 34 61.17 40.41 -20.04
C LEU C 34 60.53 39.11 -20.53
N ALA C 35 61.09 37.97 -20.16
CA ALA C 35 60.47 36.69 -20.50
C ALA C 35 59.32 36.35 -19.56
N LYS C 36 59.30 36.96 -18.37
CA LYS C 36 58.32 36.57 -17.37
C LYS C 36 56.94 37.14 -17.66
N GLU C 37 56.85 38.44 -17.92
CA GLU C 37 55.59 39.18 -17.95
C GLU C 37 54.63 38.68 -19.03
N GLY C 38 54.96 38.94 -20.29
CA GLY C 38 54.13 38.48 -21.37
C GLY C 38 53.07 39.52 -21.66
N ARG C 39 53.23 40.30 -22.73
CA ARG C 39 52.16 41.24 -23.09
C ARG C 39 51.53 40.92 -24.43
N LEU C 40 50.64 41.80 -24.88
CA LEU C 40 49.85 41.57 -26.07
C LEU C 40 50.66 41.70 -27.34
N GLN C 41 51.28 42.86 -27.58
CA GLN C 41 51.95 43.13 -28.84
C GLN C 41 53.38 43.64 -28.72
N GLU C 42 53.75 44.28 -27.61
CA GLU C 42 55.07 44.87 -27.48
C GLU C 42 56.17 43.82 -27.35
N VAL C 43 56.05 42.98 -26.33
CA VAL C 43 56.86 41.77 -26.27
C VAL C 43 55.94 40.57 -26.51
N ILE C 44 56.46 39.55 -27.17
CA ILE C 44 55.66 38.42 -27.62
C ILE C 44 56.54 37.18 -27.55
N GLU C 45 55.89 36.01 -27.61
CA GLU C 45 56.59 34.73 -27.45
C GLU C 45 57.62 34.49 -28.55
N THR C 46 57.39 35.04 -29.74
CA THR C 46 58.37 34.90 -30.81
C THR C 46 59.55 35.85 -30.61
N LEU C 47 59.29 37.07 -30.12
CA LEU C 47 60.41 37.97 -29.81
C LEU C 47 61.17 37.50 -28.59
N LEU C 48 60.50 36.81 -27.66
CA LEU C 48 61.22 36.20 -26.55
C LEU C 48 62.07 35.02 -27.02
N SER C 49 61.59 34.31 -28.05
CA SER C 49 62.36 33.18 -28.58
C SER C 49 63.58 33.65 -29.35
N LEU C 50 63.48 34.80 -30.04
CA LEU C 50 64.61 35.30 -30.82
C LEU C 50 65.69 35.90 -29.92
N GLU C 51 65.30 36.55 -28.83
CA GLU C 51 66.29 37.14 -27.93
C GLU C 51 67.07 36.07 -27.17
N LYS C 52 66.46 34.92 -26.94
CA LYS C 52 67.20 33.81 -26.34
C LYS C 52 68.05 33.10 -27.38
N GLN C 53 67.62 33.11 -28.64
CA GLN C 53 68.43 32.53 -29.71
C GLN C 53 69.70 33.35 -29.93
N THR C 54 69.62 34.67 -29.74
CA THR C 54 70.80 35.50 -29.95
C THR C 54 71.79 35.37 -28.79
N ARG C 55 71.30 35.26 -27.56
CA ARG C 55 72.24 35.11 -26.44
C ARG C 55 72.88 33.74 -26.42
N THR C 56 72.11 32.69 -26.77
CA THR C 56 72.68 31.36 -26.87
C THR C 56 73.62 31.24 -28.06
N ALA C 57 73.41 32.05 -29.09
CA ALA C 57 74.43 32.19 -30.12
C ALA C 57 75.65 32.90 -29.58
N SER C 58 75.45 33.93 -28.75
CA SER C 58 76.58 34.64 -28.18
C SER C 58 77.25 33.81 -27.10
N ASP C 59 76.51 32.91 -26.46
CA ASP C 59 77.10 32.09 -25.43
C ASP C 59 77.80 30.86 -26.02
N MET C 60 77.41 30.45 -27.23
CA MET C 60 78.15 29.36 -27.90
C MET C 60 79.36 29.87 -28.66
N VAL C 61 79.28 31.08 -29.22
CA VAL C 61 80.47 31.68 -29.85
C VAL C 61 81.52 32.00 -28.81
N SER C 62 81.09 32.44 -27.61
CA SER C 62 82.01 32.66 -26.50
C SER C 62 82.61 31.35 -26.02
N THR C 63 81.82 30.29 -25.95
CA THR C 63 82.29 28.97 -25.55
C THR C 63 82.63 28.09 -26.74
N SER C 64 83.05 28.69 -27.86
CA SER C 64 83.48 27.94 -29.03
C SER C 64 84.93 27.48 -28.94
N ARG C 65 85.67 27.96 -27.94
CA ARG C 65 87.01 27.47 -27.67
C ARG C 65 86.94 26.24 -26.75
N ILE C 66 88.08 25.81 -26.23
CA ILE C 66 88.13 24.63 -25.35
C ILE C 66 87.42 24.87 -24.02
N LEU C 67 87.14 26.12 -23.67
CA LEU C 67 86.44 26.48 -22.44
C LEU C 67 84.94 26.57 -22.76
N VAL C 68 84.24 25.46 -22.56
CA VAL C 68 82.83 25.36 -22.94
C VAL C 68 81.91 25.48 -21.73
N ALA C 69 82.30 24.98 -20.56
CA ALA C 69 81.44 24.93 -19.38
C ALA C 69 81.24 26.29 -18.72
N VAL C 70 80.75 27.27 -19.46
CA VAL C 70 80.25 28.51 -18.91
C VAL C 70 78.81 28.62 -19.37
N VAL C 71 78.59 28.37 -20.67
CA VAL C 71 77.23 28.30 -21.22
C VAL C 71 76.44 27.17 -20.56
N LYS C 72 77.11 26.08 -20.19
CA LYS C 72 76.42 24.97 -19.56
C LYS C 72 76.12 25.30 -18.10
N MET C 73 76.99 26.08 -17.47
CA MET C 73 76.74 26.48 -16.09
C MET C 73 75.73 27.63 -16.01
N CYS C 74 75.92 28.66 -16.85
CA CYS C 74 75.10 29.86 -16.72
C CYS C 74 73.67 29.62 -17.17
N TYR C 75 73.46 28.73 -18.15
CA TYR C 75 72.10 28.39 -18.54
C TYR C 75 71.41 27.55 -17.47
N GLU C 76 72.15 26.60 -16.89
CA GLU C 76 71.58 25.82 -15.79
C GLU C 76 71.36 26.70 -14.58
N ALA C 77 72.24 27.69 -14.35
CA ALA C 77 71.99 28.67 -13.30
C ALA C 77 70.89 29.65 -13.71
N LYS C 78 70.63 29.76 -15.02
CA LYS C 78 69.49 30.55 -15.45
C LYS C 78 68.20 29.77 -15.31
N GLU C 79 68.21 28.49 -15.69
CA GLU C 79 66.99 27.70 -15.68
C GLU C 79 66.58 27.37 -14.25
N TRP C 80 67.56 27.29 -13.34
CA TRP C 80 67.24 27.08 -11.94
C TRP C 80 66.71 28.36 -11.29
N ASP C 81 67.23 29.52 -11.70
CA ASP C 81 66.77 30.79 -11.14
C ASP C 81 65.38 31.13 -11.68
N LEU C 82 65.11 30.74 -12.93
CA LEU C 82 63.79 31.00 -13.51
C LEU C 82 62.73 30.06 -12.94
N LEU C 83 63.13 28.89 -12.45
CA LEU C 83 62.17 28.05 -11.76
C LEU C 83 61.82 28.63 -10.39
N ASN C 84 62.80 29.14 -9.66
CA ASN C 84 62.54 29.61 -8.30
C ASN C 84 61.80 30.94 -8.26
N GLU C 85 61.84 31.72 -9.35
CA GLU C 85 61.06 32.96 -9.40
C GLU C 85 59.61 32.67 -9.79
N ASN C 86 59.41 31.90 -10.84
CA ASN C 86 58.08 31.57 -11.34
C ASN C 86 57.46 30.47 -10.48
N ILE C 87 56.19 30.17 -10.76
CA ILE C 87 55.45 29.31 -9.86
C ILE C 87 55.67 27.85 -10.24
N MET C 88 55.00 27.37 -11.29
CA MET C 88 55.18 25.99 -11.75
C MET C 88 55.60 25.94 -13.20
N LEU C 89 54.84 26.55 -14.11
CA LEU C 89 55.30 26.69 -15.49
C LEU C 89 56.39 27.73 -15.54
N LEU C 90 57.32 27.55 -16.48
CA LEU C 90 58.48 28.42 -16.48
C LEU C 90 58.07 29.79 -17.03
N SER C 91 57.74 29.87 -18.32
CA SER C 91 56.81 30.90 -18.77
C SER C 91 55.85 30.34 -19.82
N LYS C 92 56.37 29.46 -20.68
CA LYS C 92 55.62 28.95 -21.83
C LYS C 92 55.94 27.47 -22.02
N ARG C 93 55.64 26.92 -23.20
CA ARG C 93 55.77 25.49 -23.45
C ARG C 93 56.89 25.16 -24.44
N ARG C 94 57.09 26.00 -25.45
CA ARG C 94 57.98 25.64 -26.55
C ARG C 94 59.17 26.55 -26.71
N SER C 95 58.94 27.87 -26.75
CA SER C 95 59.85 28.79 -27.44
C SER C 95 61.16 28.97 -26.68
N GLN C 96 61.09 29.15 -25.37
CA GLN C 96 62.28 29.36 -24.56
C GLN C 96 63.13 28.10 -24.43
N LEU C 97 62.57 26.93 -24.75
CA LEU C 97 63.27 25.69 -24.49
C LEU C 97 63.58 24.97 -25.79
N LYS C 98 62.54 24.70 -26.58
CA LYS C 98 62.65 23.69 -27.62
C LYS C 98 63.43 24.20 -28.81
N GLN C 99 63.33 25.50 -29.09
CA GLN C 99 64.21 26.11 -30.08
C GLN C 99 65.64 26.12 -29.59
N ALA C 100 65.86 26.45 -28.32
CA ALA C 100 67.21 26.54 -27.78
C ALA C 100 67.83 25.15 -27.61
N VAL C 101 67.01 24.13 -27.34
CA VAL C 101 67.52 22.76 -27.35
C VAL C 101 67.88 22.34 -28.77
N ALA C 102 66.99 22.65 -29.73
CA ALA C 102 67.30 22.41 -31.13
C ALA C 102 68.41 23.31 -31.63
N LYS C 103 68.65 24.44 -30.94
CA LYS C 103 69.82 25.24 -31.26
C LYS C 103 71.10 24.54 -30.81
N MET C 104 71.12 24.03 -29.58
CA MET C 104 72.35 23.47 -29.02
C MET C 104 72.76 22.20 -29.73
N VAL C 105 71.80 21.32 -30.04
CA VAL C 105 72.13 20.10 -30.76
C VAL C 105 72.45 20.41 -32.22
N GLN C 106 71.99 21.55 -32.74
CA GLN C 106 72.51 22.01 -34.02
C GLN C 106 73.93 22.51 -33.85
N GLN C 107 74.22 23.22 -32.75
CA GLN C 107 75.59 23.65 -32.47
C GLN C 107 76.49 22.44 -32.22
N CYS C 108 75.97 21.41 -31.55
CA CYS C 108 76.77 20.22 -31.26
C CYS C 108 77.10 19.45 -32.53
N CYS C 109 76.12 19.31 -33.42
CA CYS C 109 76.34 18.54 -34.64
C CYS C 109 77.25 19.28 -35.61
N THR C 110 77.26 20.62 -35.57
CA THR C 110 78.22 21.37 -36.36
C THR C 110 79.62 21.32 -35.78
N TYR C 111 79.74 21.25 -34.46
CA TYR C 111 81.05 21.33 -33.82
C TYR C 111 81.75 19.98 -33.74
N VAL C 112 81.00 18.87 -33.80
CA VAL C 112 81.56 17.54 -33.57
C VAL C 112 82.52 17.11 -34.67
N GLU C 113 82.41 17.69 -35.87
CA GLU C 113 83.32 17.39 -36.96
C GLU C 113 84.64 18.14 -36.84
N GLU C 114 84.78 19.00 -35.82
CA GLU C 114 86.04 19.66 -35.53
C GLU C 114 86.44 19.41 -34.07
N ILE C 115 85.48 19.39 -33.16
CA ILE C 115 85.81 19.40 -31.73
C ILE C 115 86.10 17.97 -31.28
N THR C 116 86.81 17.85 -30.15
CA THR C 116 87.10 16.55 -29.55
C THR C 116 85.87 16.03 -28.80
N ASP C 117 85.92 14.78 -28.34
CA ASP C 117 84.76 14.16 -27.71
C ASP C 117 84.42 14.73 -26.34
N LEU C 118 85.37 15.41 -25.68
CA LEU C 118 85.19 15.77 -24.27
C LEU C 118 84.10 16.81 -24.01
N PRO C 119 84.16 18.04 -24.54
CA PRO C 119 83.18 19.02 -24.07
C PRO C 119 81.80 18.82 -24.66
N ILE C 120 81.70 18.05 -25.74
CA ILE C 120 80.40 17.77 -26.32
C ILE C 120 79.72 16.63 -25.58
N LYS C 121 80.48 15.63 -25.10
CA LYS C 121 79.83 14.66 -24.23
C LYS C 121 79.61 15.25 -22.84
N LEU C 122 80.42 16.22 -22.43
CA LEU C 122 80.03 17.09 -21.33
C LEU C 122 78.74 17.85 -21.66
N ARG C 123 78.60 18.28 -22.91
CA ARG C 123 77.36 18.94 -23.31
C ARG C 123 76.22 17.95 -23.35
N LEU C 124 76.45 16.76 -23.93
CA LEU C 124 75.41 15.74 -24.00
C LEU C 124 75.03 15.23 -22.62
N ILE C 125 76.01 15.09 -21.71
CA ILE C 125 75.65 14.56 -20.39
C ILE C 125 75.00 15.65 -19.56
N ASP C 126 75.18 16.91 -19.92
CA ASP C 126 74.48 17.95 -19.18
C ASP C 126 73.03 18.06 -19.65
N THR C 127 72.80 17.96 -20.95
CA THR C 127 71.42 18.02 -21.45
C THR C 127 70.67 16.71 -21.23
N LEU C 128 71.36 15.57 -21.10
CA LEU C 128 70.65 14.36 -20.73
C LEU C 128 70.20 14.41 -19.28
N ARG C 129 70.97 15.08 -18.43
CA ARG C 129 70.48 15.35 -17.09
C ARG C 129 69.45 16.47 -17.07
N MET C 130 69.30 17.20 -18.17
CA MET C 130 68.19 18.15 -18.26
C MET C 130 66.90 17.44 -18.62
N VAL C 131 66.93 16.61 -19.67
CA VAL C 131 65.74 16.14 -20.38
C VAL C 131 65.39 14.74 -19.85
N THR C 132 66.02 14.35 -18.74
CA THR C 132 65.51 13.20 -17.99
C THR C 132 64.50 13.62 -16.92
N GLU C 133 64.68 14.78 -16.28
CA GLU C 133 63.72 15.22 -15.26
C GLU C 133 63.23 16.65 -15.45
N GLY C 134 63.66 17.36 -16.49
CA GLY C 134 63.12 18.66 -16.75
C GLY C 134 61.99 18.56 -17.74
N LYS C 135 62.28 18.84 -19.01
CA LYS C 135 61.26 18.89 -20.06
C LYS C 135 61.16 17.50 -20.71
N ILE C 136 60.30 16.66 -20.12
CA ILE C 136 60.08 15.32 -20.63
C ILE C 136 58.71 15.15 -21.30
N TYR C 137 58.02 16.25 -21.60
CA TYR C 137 56.70 16.19 -22.20
C TYR C 137 56.80 16.26 -23.72
N VAL C 138 55.68 16.05 -24.40
CA VAL C 138 55.54 16.14 -25.84
C VAL C 138 55.51 17.64 -26.17
N GLU C 139 55.60 17.97 -27.47
CA GLU C 139 55.83 19.34 -27.97
C GLU C 139 57.14 19.92 -27.40
N ILE C 140 58.29 19.46 -27.88
CA ILE C 140 58.46 18.50 -28.97
C ILE C 140 59.34 17.38 -28.47
N GLU C 141 59.54 16.38 -29.32
CA GLU C 141 60.28 15.18 -28.96
C GLU C 141 61.27 14.78 -30.04
N ARG C 142 61.20 15.41 -31.21
CA ARG C 142 62.21 15.21 -32.24
C ARG C 142 63.51 15.90 -31.88
N ALA C 143 63.46 16.93 -31.03
CA ALA C 143 64.69 17.57 -30.57
C ALA C 143 65.39 16.68 -29.55
N ARG C 144 64.65 15.80 -28.89
CA ARG C 144 65.25 14.75 -28.07
C ARG C 144 65.61 13.54 -28.91
N LEU C 145 64.88 13.30 -30.00
CA LEU C 145 65.09 12.11 -30.82
C LEU C 145 66.39 12.23 -31.60
N THR C 146 66.68 13.40 -32.18
CA THR C 146 67.96 13.59 -32.83
C THR C 146 69.07 13.82 -31.81
N LYS C 147 68.71 14.13 -30.57
CA LYS C 147 69.71 14.26 -29.52
C LYS C 147 70.34 12.91 -29.20
N THR C 148 69.50 11.92 -28.89
CA THR C 148 69.99 10.57 -28.62
C THR C 148 70.46 9.86 -29.88
N LEU C 149 70.08 10.35 -31.06
CA LEU C 149 70.65 9.82 -32.29
C LEU C 149 72.04 10.38 -32.53
N ALA C 150 72.29 11.60 -32.06
CA ALA C 150 73.64 12.14 -32.08
C ALA C 150 74.48 11.67 -30.90
N THR C 151 73.82 11.37 -29.77
CA THR C 151 74.53 10.91 -28.59
C THR C 151 75.13 9.52 -28.80
N ILE C 152 74.44 8.67 -29.55
CA ILE C 152 74.79 7.25 -29.64
C ILE C 152 76.09 7.01 -30.42
N LYS C 153 76.50 7.97 -31.25
CA LYS C 153 77.69 7.80 -32.08
C LYS C 153 78.88 8.47 -31.39
N GLU C 154 79.30 7.87 -30.28
CA GLU C 154 80.54 8.36 -29.68
C GLU C 154 81.63 7.30 -29.74
N GLN C 155 81.37 6.13 -29.20
CA GLN C 155 82.34 5.04 -29.20
C GLN C 155 82.03 3.98 -30.24
N ASN C 156 81.28 4.37 -31.29
CA ASN C 156 80.73 3.49 -32.33
C ASN C 156 79.87 2.38 -31.73
N GLY C 157 79.17 2.67 -30.65
CA GLY C 157 78.24 1.72 -30.08
C GLY C 157 78.88 0.66 -29.22
N ASP C 158 78.23 0.33 -28.11
CA ASP C 158 78.67 -0.76 -27.24
C ASP C 158 77.48 -1.40 -26.54
N VAL C 159 77.78 -2.13 -25.47
CA VAL C 159 76.77 -2.64 -24.55
C VAL C 159 75.93 -1.51 -23.96
N LYS C 160 76.55 -0.36 -23.70
CA LYS C 160 75.87 0.71 -23.00
C LYS C 160 74.94 1.49 -23.92
N GLU C 161 75.38 1.77 -25.16
CA GLU C 161 74.53 2.53 -26.07
C GLU C 161 73.36 1.69 -26.57
N ALA C 162 73.54 0.38 -26.72
CA ALA C 162 72.42 -0.50 -27.04
C ALA C 162 71.41 -0.51 -25.91
N ALA C 163 71.88 -0.50 -24.67
CA ALA C 163 70.97 -0.35 -23.53
C ALA C 163 70.39 1.06 -23.49
N SER C 164 71.15 2.05 -23.97
CA SER C 164 70.69 3.43 -23.90
C SER C 164 69.62 3.72 -24.95
N ILE C 165 69.57 2.94 -26.03
CA ILE C 165 68.55 3.16 -27.04
C ILE C 165 67.33 2.25 -26.84
N LEU C 166 67.53 1.01 -26.37
CA LEU C 166 66.40 0.10 -26.17
C LEU C 166 65.50 0.54 -25.02
N GLN C 167 66.04 1.30 -24.08
CA GLN C 167 65.21 1.93 -23.06
C GLN C 167 64.45 3.12 -23.61
N GLU C 168 64.84 3.64 -24.77
CA GLU C 168 64.24 4.82 -25.35
C GLU C 168 63.46 4.57 -26.62
N LEU C 169 63.47 3.33 -27.14
CA LEU C 169 62.64 3.02 -28.30
C LEU C 169 61.16 3.00 -27.95
N GLN C 170 60.84 2.75 -26.69
CA GLN C 170 59.47 2.77 -26.19
C GLN C 170 59.03 4.16 -25.75
N VAL C 171 59.75 5.22 -26.15
CA VAL C 171 59.43 6.59 -25.79
C VAL C 171 58.95 7.38 -27.00
N GLU C 172 59.78 7.46 -28.04
CA GLU C 172 59.44 8.23 -29.23
C GLU C 172 58.56 7.39 -30.17
N THR C 173 57.36 7.07 -29.70
CA THR C 173 56.35 6.38 -30.48
C THR C 173 55.06 7.18 -30.60
N TYR C 174 55.03 8.41 -30.10
CA TYR C 174 53.84 9.24 -30.09
C TYR C 174 53.95 10.44 -31.02
N GLY C 175 55.15 10.75 -31.47
CA GLY C 175 55.36 11.95 -32.26
C GLY C 175 55.35 11.72 -33.75
N SER C 176 54.21 11.28 -34.31
CA SER C 176 53.99 11.15 -35.75
C SER C 176 54.98 10.22 -36.44
N MET C 177 54.81 8.90 -36.29
CA MET C 177 55.77 7.88 -36.72
C MET C 177 55.97 8.01 -38.22
N GLU C 178 57.11 8.57 -38.59
CA GLU C 178 57.32 9.16 -39.91
C GLU C 178 57.99 8.15 -40.84
N LYS C 179 57.92 8.43 -42.14
CA LYS C 179 58.35 7.47 -43.15
C LYS C 179 59.86 7.40 -43.32
N LYS C 180 60.61 8.42 -42.90
CA LYS C 180 62.05 8.33 -43.05
C LYS C 180 62.76 8.42 -41.72
N GLU C 181 62.49 9.48 -40.96
CA GLU C 181 63.27 9.77 -39.76
C GLU C 181 63.00 8.75 -38.67
N ARG C 182 61.75 8.36 -38.50
CA ARG C 182 61.41 7.28 -37.58
C ARG C 182 61.95 5.94 -38.08
N VAL C 183 61.86 5.69 -39.39
CA VAL C 183 62.24 4.38 -39.93
C VAL C 183 63.74 4.16 -39.85
N GLU C 184 64.52 5.21 -40.15
CA GLU C 184 65.98 5.09 -40.04
C GLU C 184 66.43 5.03 -38.59
N PHE C 185 65.71 5.71 -37.69
CA PHE C 185 66.03 5.66 -36.26
C PHE C 185 65.69 4.30 -35.66
N ILE C 186 64.80 3.55 -36.30
CA ILE C 186 64.40 2.27 -35.73
C ILE C 186 65.10 1.11 -36.44
N LEU C 187 65.79 1.35 -37.55
CA LEU C 187 66.72 0.36 -38.09
C LEU C 187 68.15 0.63 -37.68
N GLU C 188 68.38 1.65 -36.87
CA GLU C 188 69.73 2.01 -36.47
C GLU C 188 70.29 1.07 -35.41
N GLN C 189 69.46 0.71 -34.44
CA GLN C 189 69.87 -0.07 -33.28
C GLN C 189 69.94 -1.56 -33.56
N MET C 190 69.40 -2.02 -34.69
CA MET C 190 69.35 -3.46 -34.93
C MET C 190 70.72 -4.01 -35.28
N ARG C 191 71.54 -3.22 -36.00
CA ARG C 191 72.93 -3.63 -36.21
C ARG C 191 73.72 -3.58 -34.92
N LEU C 192 73.37 -2.63 -34.04
CA LEU C 192 73.96 -2.61 -32.72
C LEU C 192 73.54 -3.84 -31.94
N CYS C 193 72.31 -4.32 -32.15
CA CYS C 193 71.92 -5.59 -31.58
C CYS C 193 72.66 -6.74 -32.25
N LEU C 194 72.94 -6.63 -33.56
CA LEU C 194 73.73 -7.65 -34.23
C LEU C 194 75.19 -7.60 -33.81
N ALA C 195 75.67 -6.42 -33.44
CA ALA C 195 77.06 -6.30 -33.01
C ALA C 195 77.28 -6.98 -31.67
N VAL C 196 76.40 -6.77 -30.70
CA VAL C 196 76.59 -7.35 -29.39
C VAL C 196 75.76 -8.62 -29.22
N LYS C 197 75.50 -9.34 -30.31
CA LYS C 197 74.85 -10.66 -30.36
C LYS C 197 73.46 -10.67 -29.76
N ASP C 198 72.62 -9.75 -30.21
CA ASP C 198 71.26 -9.71 -29.70
C ASP C 198 70.38 -9.92 -30.93
N TYR C 199 70.19 -11.19 -31.28
CA TYR C 199 69.40 -11.56 -32.43
C TYR C 199 67.94 -11.63 -32.09
N ILE C 200 67.64 -11.92 -30.82
CA ILE C 200 66.26 -12.08 -30.39
C ILE C 200 65.57 -10.72 -30.31
N ARG C 201 66.31 -9.68 -29.91
CA ARG C 201 65.75 -8.34 -29.94
C ARG C 201 65.67 -7.83 -31.37
N THR C 202 66.57 -8.31 -32.23
CA THR C 202 66.64 -7.85 -33.60
C THR C 202 65.38 -8.23 -34.37
N GLN C 203 64.98 -9.50 -34.29
CA GLN C 203 63.83 -9.94 -35.06
C GLN C 203 62.51 -9.46 -34.46
N ILE C 204 62.53 -9.01 -33.21
CA ILE C 204 61.36 -8.30 -32.68
C ILE C 204 61.21 -6.96 -33.37
N ILE C 205 62.26 -6.13 -33.31
CA ILE C 205 62.16 -4.80 -33.88
C ILE C 205 62.22 -4.84 -35.39
N SER C 206 62.76 -5.91 -35.99
CA SER C 206 62.68 -6.05 -37.44
C SER C 206 61.30 -6.45 -37.91
N LYS C 207 60.53 -7.12 -37.06
CA LYS C 207 59.17 -7.49 -37.41
C LYS C 207 58.25 -6.27 -37.45
N LYS C 208 58.64 -5.18 -36.79
CA LYS C 208 57.88 -3.94 -36.83
C LYS C 208 58.11 -3.18 -38.15
N ILE C 209 59.15 -3.52 -38.90
CA ILE C 209 59.55 -2.71 -40.03
C ILE C 209 58.62 -2.88 -41.24
N ASN C 210 58.03 -4.06 -41.41
CA ASN C 210 57.26 -4.41 -42.60
C ASN C 210 55.99 -3.57 -42.81
N THR C 211 55.52 -2.84 -41.79
CA THR C 211 54.33 -2.01 -41.94
C THR C 211 54.55 -0.83 -42.88
N LYS C 212 55.80 -0.47 -43.14
CA LYS C 212 56.13 0.58 -44.10
C LYS C 212 56.65 -0.13 -45.33
N PHE C 213 55.75 -0.41 -46.25
CA PHE C 213 56.07 -1.10 -47.49
C PHE C 213 56.09 -0.12 -48.65
N PHE C 214 56.79 -0.52 -49.72
CA PHE C 214 56.97 0.25 -50.96
C PHE C 214 57.58 1.62 -50.69
N GLN C 215 58.48 1.67 -49.71
CA GLN C 215 59.21 2.87 -49.37
C GLN C 215 60.48 2.99 -50.17
N GLU C 216 60.75 2.02 -51.05
CA GLU C 216 61.88 2.04 -51.96
C GLU C 216 61.59 2.84 -53.22
N GLU C 217 60.40 3.42 -53.32
CA GLU C 217 60.08 4.26 -54.47
C GLU C 217 60.81 5.59 -54.43
N ASN C 218 60.72 6.30 -53.31
CA ASN C 218 61.39 7.59 -53.16
C ASN C 218 62.88 7.38 -52.92
N THR C 219 63.22 6.74 -51.81
CA THR C 219 64.61 6.52 -51.46
C THR C 219 65.07 5.15 -51.93
N GLU C 220 66.38 4.92 -51.86
CA GLU C 220 66.93 3.63 -52.21
C GLU C 220 67.88 3.07 -51.17
N LYS C 221 68.45 3.89 -50.28
CA LYS C 221 69.38 3.43 -49.27
C LYS C 221 68.69 2.95 -48.00
N LEU C 222 67.39 2.74 -48.05
CA LEU C 222 66.63 2.22 -46.93
C LEU C 222 66.47 0.71 -47.05
N LYS C 223 66.15 0.23 -48.25
CA LYS C 223 65.84 -1.17 -48.43
C LYS C 223 67.12 -2.02 -48.48
N LEU C 224 68.25 -1.40 -48.82
CA LEU C 224 69.52 -2.11 -48.89
C LEU C 224 70.01 -2.49 -47.50
N LYS C 225 70.15 -1.50 -46.61
CA LYS C 225 70.70 -1.74 -45.28
C LYS C 225 69.75 -2.55 -44.41
N TYR C 226 68.46 -2.57 -44.75
CA TYR C 226 67.54 -3.45 -44.03
C TYR C 226 67.80 -4.91 -44.39
N TYR C 227 67.88 -5.21 -45.69
CA TYR C 227 68.04 -6.59 -46.10
C TYR C 227 69.43 -7.11 -45.81
N ASN C 228 70.44 -6.24 -45.88
CA ASN C 228 71.81 -6.68 -45.61
C ASN C 228 71.99 -7.11 -44.17
N LEU C 229 71.18 -6.56 -43.25
CA LEU C 229 71.15 -7.09 -41.90
C LEU C 229 70.24 -8.29 -41.80
N MET C 230 69.14 -8.30 -42.56
CA MET C 230 68.19 -9.41 -42.48
C MET C 230 68.75 -10.68 -43.12
N ILE C 231 69.61 -10.56 -44.12
CA ILE C 231 70.29 -11.74 -44.62
C ILE C 231 71.32 -12.22 -43.60
N GLN C 232 71.87 -11.30 -42.81
CA GLN C 232 72.78 -11.68 -41.74
C GLN C 232 72.02 -12.33 -40.59
N LEU C 233 70.78 -11.90 -40.38
CA LEU C 233 69.96 -12.44 -39.31
C LEU C 233 69.64 -13.91 -39.61
N ASP C 234 69.52 -14.22 -40.89
CA ASP C 234 69.23 -15.58 -41.34
C ASP C 234 70.48 -16.43 -41.27
N GLN C 235 71.59 -15.89 -41.75
CA GLN C 235 72.86 -16.60 -41.76
C GLN C 235 73.23 -17.08 -40.35
N HIS C 236 73.19 -16.16 -39.39
CA HIS C 236 73.52 -16.49 -38.01
C HIS C 236 72.72 -17.69 -37.50
N GLU C 237 71.40 -17.58 -37.58
CA GLU C 237 70.51 -18.65 -37.13
C GLU C 237 70.66 -19.89 -38.02
N GLY C 238 70.57 -19.67 -39.33
CA GLY C 238 70.69 -20.76 -40.28
C GLY C 238 69.69 -20.64 -41.42
N SER C 239 68.73 -19.74 -41.26
CA SER C 239 67.71 -19.52 -42.27
C SER C 239 68.33 -19.41 -43.67
N TYR C 240 67.70 -20.07 -44.64
CA TYR C 240 68.21 -20.07 -46.00
C TYR C 240 67.23 -19.46 -46.99
N LEU C 241 65.99 -19.95 -46.96
CA LEU C 241 64.97 -19.45 -47.87
C LEU C 241 64.82 -17.94 -47.72
N SER C 242 64.72 -17.47 -46.49
CA SER C 242 64.58 -16.05 -46.22
C SER C 242 65.72 -15.27 -46.86
N ILE C 243 66.95 -15.71 -46.60
CA ILE C 243 68.13 -15.06 -47.16
C ILE C 243 68.06 -14.99 -48.68
N CYS C 244 67.74 -16.12 -49.30
CA CYS C 244 67.63 -16.18 -50.76
C CYS C 244 66.63 -15.16 -51.26
N LYS C 245 65.44 -15.15 -50.66
CA LYS C 245 64.39 -14.22 -51.04
C LYS C 245 64.92 -12.79 -50.97
N HIS C 246 65.54 -12.45 -49.83
CA HIS C 246 66.10 -11.13 -49.63
C HIS C 246 67.08 -10.82 -50.75
N TYR C 247 67.43 -11.86 -51.51
CA TYR C 247 68.38 -11.70 -52.61
C TYR C 247 67.69 -11.34 -53.92
N ARG C 248 66.44 -11.76 -54.10
CA ARG C 248 65.70 -11.36 -55.30
C ARG C 248 65.39 -9.87 -55.28
N ALA C 249 65.17 -9.32 -54.08
CA ALA C 249 64.90 -7.89 -53.97
C ALA C 249 66.19 -7.09 -54.05
N ILE C 250 67.29 -7.64 -53.53
CA ILE C 250 68.60 -7.03 -53.65
C ILE C 250 69.13 -7.16 -55.08
N TYR C 251 68.59 -8.07 -55.87
CA TYR C 251 69.04 -8.12 -57.26
C TYR C 251 68.30 -7.15 -58.18
N ASP C 252 66.98 -7.04 -58.07
CA ASP C 252 66.22 -6.31 -59.09
C ASP C 252 66.07 -4.83 -58.80
N THR C 253 66.23 -4.40 -57.56
CA THR C 253 66.04 -2.99 -57.25
C THR C 253 67.25 -2.13 -57.63
N PRO C 254 68.52 -2.51 -57.37
CA PRO C 254 69.62 -1.68 -57.89
C PRO C 254 70.03 -1.97 -59.31
N CYS C 255 69.38 -2.91 -60.02
CA CYS C 255 69.76 -3.08 -61.42
C CYS C 255 69.27 -1.95 -62.30
N ILE C 256 68.33 -1.13 -61.80
CA ILE C 256 67.88 0.05 -62.52
C ILE C 256 68.81 1.24 -62.29
N GLN C 257 69.64 1.23 -61.25
CA GLN C 257 70.65 2.27 -61.03
C GLN C 257 71.90 2.08 -61.87
N ALA C 258 71.85 1.23 -62.91
CA ALA C 258 72.91 0.97 -63.87
C ALA C 258 74.18 0.54 -63.17
N GLU C 259 74.09 -0.52 -62.38
CA GLU C 259 75.24 -1.05 -61.67
C GLU C 259 76.00 -1.98 -62.60
N SER C 260 77.31 -1.77 -62.71
CA SER C 260 78.12 -2.64 -63.54
C SER C 260 78.66 -3.83 -62.75
N GLU C 261 79.05 -3.60 -61.49
CA GLU C 261 79.54 -4.66 -60.64
C GLU C 261 78.55 -5.08 -59.56
N LYS C 262 77.73 -4.15 -59.04
CA LYS C 262 76.76 -4.50 -58.01
C LYS C 262 75.64 -5.35 -58.60
N TRP C 263 75.40 -5.21 -59.91
CA TRP C 263 74.48 -6.10 -60.60
C TRP C 263 75.07 -7.51 -60.72
N GLN C 264 76.39 -7.63 -60.66
CA GLN C 264 77.03 -8.93 -60.84
C GLN C 264 77.16 -9.69 -59.53
N GLN C 265 77.37 -8.99 -58.40
CA GLN C 265 77.39 -9.68 -57.12
C GLN C 265 75.99 -10.16 -56.74
N ALA C 266 74.99 -9.30 -56.93
CA ALA C 266 73.61 -9.66 -56.61
C ALA C 266 73.10 -10.74 -57.55
N LEU C 267 73.66 -10.80 -58.76
CA LEU C 267 73.43 -11.95 -59.62
C LEU C 267 73.98 -13.22 -59.02
N LYS C 268 75.18 -13.13 -58.45
CA LYS C 268 75.86 -14.31 -57.97
C LYS C 268 75.27 -14.80 -56.66
N SER C 269 74.81 -13.87 -55.82
CA SER C 269 74.28 -14.23 -54.51
C SER C 269 72.97 -15.02 -54.61
N VAL C 270 72.11 -14.65 -55.56
CA VAL C 270 70.88 -15.40 -55.80
C VAL C 270 71.21 -16.81 -56.26
N VAL C 271 72.08 -16.93 -57.27
CA VAL C 271 72.30 -18.20 -57.95
C VAL C 271 73.20 -19.14 -57.15
N LEU C 272 73.84 -18.64 -56.09
CA LEU C 272 74.85 -19.43 -55.39
C LEU C 272 74.21 -20.55 -54.59
N TYR C 273 73.36 -20.21 -53.62
CA TYR C 273 72.80 -21.27 -52.79
C TYR C 273 71.28 -21.23 -52.81
N VAL C 274 70.72 -21.96 -53.77
CA VAL C 274 69.32 -22.31 -53.79
C VAL C 274 69.14 -23.77 -53.42
N ILE C 275 70.11 -24.61 -53.80
CA ILE C 275 70.17 -26.00 -53.38
C ILE C 275 70.35 -26.12 -51.87
N LEU C 276 70.95 -25.10 -51.24
CA LEU C 276 71.26 -25.18 -49.81
C LEU C 276 70.02 -25.03 -48.94
N ALA C 277 68.92 -24.53 -49.49
CA ALA C 277 67.65 -24.67 -48.82
C ALA C 277 67.10 -26.07 -49.10
N PRO C 278 66.54 -26.72 -48.08
CA PRO C 278 66.08 -28.11 -48.25
C PRO C 278 64.91 -28.20 -49.22
N PHE C 279 64.74 -29.40 -49.80
CA PHE C 279 63.87 -29.55 -50.94
C PHE C 279 62.41 -29.49 -50.55
N ASP C 280 61.63 -28.78 -51.36
CA ASP C 280 60.24 -28.53 -51.07
C ASP C 280 59.57 -28.21 -52.40
N ASN C 281 58.31 -27.79 -52.39
CA ASN C 281 57.68 -27.31 -53.62
C ASN C 281 58.13 -25.91 -53.97
N GLU C 282 58.77 -25.20 -53.04
CA GLU C 282 59.28 -23.86 -53.27
C GLU C 282 60.67 -23.82 -53.85
N GLN C 283 61.47 -24.88 -53.68
CA GLN C 283 62.71 -24.92 -54.43
C GLN C 283 62.45 -25.21 -55.90
N SER C 284 61.36 -25.93 -56.18
CA SER C 284 61.05 -26.38 -57.54
C SER C 284 60.74 -25.21 -58.46
N ASP C 285 59.84 -24.32 -58.05
CA ASP C 285 59.52 -23.19 -58.92
C ASP C 285 60.58 -22.11 -58.85
N LEU C 286 61.38 -22.06 -57.78
CA LEU C 286 62.39 -21.02 -57.66
C LEU C 286 63.50 -21.24 -58.68
N VAL C 287 63.96 -22.49 -58.83
CA VAL C 287 64.95 -22.80 -59.84
C VAL C 287 64.36 -22.75 -61.24
N HIS C 288 63.04 -22.72 -61.37
CA HIS C 288 62.46 -22.46 -62.68
C HIS C 288 62.39 -20.97 -62.96
N ARG C 289 62.20 -20.14 -61.92
CA ARG C 289 62.07 -18.70 -62.14
C ARG C 289 63.42 -18.03 -62.31
N ILE C 290 64.42 -18.40 -61.52
CA ILE C 290 65.71 -17.72 -61.66
C ILE C 290 66.47 -18.23 -62.87
N SER C 291 66.22 -19.46 -63.32
CA SER C 291 66.94 -20.01 -64.46
C SER C 291 66.16 -19.77 -65.74
N GLY C 292 66.88 -19.86 -66.86
CA GLY C 292 66.29 -19.58 -68.15
C GLY C 292 66.31 -18.12 -68.54
N ASP C 293 67.29 -17.35 -68.07
CA ASP C 293 67.38 -15.93 -68.37
C ASP C 293 68.61 -15.66 -69.23
N LYS C 294 68.61 -14.48 -69.85
CA LYS C 294 69.68 -14.03 -70.72
C LYS C 294 70.75 -13.28 -69.93
N LYS C 295 70.56 -13.12 -68.62
CA LYS C 295 71.42 -12.28 -67.80
C LYS C 295 72.08 -13.11 -66.71
N LEU C 296 72.20 -14.41 -66.94
CA LEU C 296 72.73 -15.28 -65.89
C LEU C 296 73.80 -16.25 -66.40
N GLU C 297 73.83 -16.50 -67.71
CA GLU C 297 74.78 -17.46 -68.27
C GLU C 297 76.21 -16.90 -68.37
N GLU C 298 76.45 -15.67 -67.90
CA GLU C 298 77.77 -15.06 -67.87
C GLU C 298 78.77 -15.82 -67.01
N ILE C 299 78.29 -16.61 -66.05
CA ILE C 299 79.15 -17.34 -65.13
C ILE C 299 78.86 -18.82 -65.34
N PRO C 300 79.87 -19.70 -65.31
CA PRO C 300 79.58 -21.15 -65.35
C PRO C 300 78.84 -21.70 -64.14
N LYS C 301 78.59 -20.89 -63.11
CA LYS C 301 77.74 -21.31 -62.00
C LYS C 301 76.30 -21.52 -62.47
N TYR C 302 75.90 -20.84 -63.53
CA TYR C 302 74.60 -21.15 -64.14
C TYR C 302 74.60 -22.51 -64.79
N LYS C 303 75.74 -22.92 -65.36
CA LYS C 303 75.84 -24.28 -65.86
C LYS C 303 75.97 -25.25 -64.70
N ASP C 304 76.55 -24.79 -63.59
CA ASP C 304 76.57 -25.58 -62.36
C ASP C 304 75.16 -25.76 -61.81
N LEU C 305 74.35 -24.71 -61.85
CA LEU C 305 72.95 -24.81 -61.41
C LEU C 305 72.15 -25.71 -62.32
N LEU C 306 72.39 -25.62 -63.63
CA LEU C 306 71.67 -26.46 -64.59
C LEU C 306 72.09 -27.92 -64.46
N LYS C 307 73.30 -28.17 -63.96
CA LYS C 307 73.72 -29.54 -63.69
C LYS C 307 73.04 -30.08 -62.44
N LEU C 308 72.70 -29.22 -61.49
CA LEU C 308 72.13 -29.69 -60.24
C LEU C 308 70.62 -29.70 -60.25
N PHE C 309 69.98 -29.68 -61.42
CA PHE C 309 68.54 -29.80 -61.47
C PHE C 309 68.05 -31.18 -61.03
N THR C 310 68.31 -32.20 -61.85
CA THR C 310 67.73 -33.53 -61.67
C THR C 310 68.41 -34.50 -62.63
N THR C 311 67.98 -35.77 -62.57
CA THR C 311 68.45 -36.89 -63.41
C THR C 311 69.95 -37.11 -63.30
N MET C 312 70.51 -36.63 -62.18
CA MET C 312 71.90 -36.66 -61.72
C MET C 312 72.84 -35.76 -62.52
N GLU C 313 72.49 -35.49 -63.79
CA GLU C 313 73.34 -34.84 -64.80
C GLU C 313 74.82 -35.20 -64.68
N LEU C 314 75.12 -36.49 -64.45
CA LEU C 314 76.44 -37.06 -64.20
C LEU C 314 77.24 -36.35 -63.09
N MET C 315 76.73 -36.37 -61.85
CA MET C 315 77.34 -35.63 -60.76
C MET C 315 78.12 -36.56 -59.84
N ARG C 316 79.11 -35.98 -59.16
CA ARG C 316 79.88 -36.63 -58.11
C ARG C 316 80.61 -35.55 -57.33
N TRP C 317 80.56 -35.67 -56.00
CA TRP C 317 81.05 -34.61 -55.12
C TRP C 317 82.56 -34.46 -55.19
N SER C 318 83.28 -35.57 -55.39
CA SER C 318 84.72 -35.50 -55.58
C SER C 318 85.07 -34.79 -56.86
N THR C 319 84.31 -35.06 -57.93
CA THR C 319 84.50 -34.36 -59.19
C THR C 319 84.09 -32.90 -59.06
N LEU C 320 83.07 -32.63 -58.25
CA LEU C 320 82.49 -31.29 -58.17
C LEU C 320 83.45 -30.33 -57.48
N VAL C 321 84.21 -30.83 -56.50
CA VAL C 321 85.11 -29.95 -55.76
C VAL C 321 86.43 -29.77 -56.52
N GLU C 322 86.80 -30.71 -57.38
CA GLU C 322 88.10 -30.62 -58.03
C GLU C 322 88.05 -29.82 -59.33
N ASP C 323 86.89 -29.71 -59.97
CA ASP C 323 86.80 -28.86 -61.14
C ASP C 323 86.34 -27.45 -60.82
N TYR C 324 85.71 -27.26 -59.66
CA TYR C 324 85.27 -25.95 -59.20
C TYR C 324 86.08 -25.49 -58.00
N GLY C 325 87.30 -26.00 -57.88
CA GLY C 325 88.22 -25.45 -56.89
C GLY C 325 88.63 -24.03 -57.21
N MET C 326 89.00 -23.78 -58.48
CA MET C 326 89.32 -22.44 -58.94
C MET C 326 88.12 -21.50 -58.86
N GLU C 327 86.90 -22.05 -58.92
CA GLU C 327 85.71 -21.23 -58.75
C GLU C 327 85.62 -20.66 -57.34
N LEU C 328 86.11 -21.40 -56.34
CA LEU C 328 86.08 -20.89 -54.98
C LEU C 328 87.42 -20.29 -54.58
N ARG C 329 88.48 -20.54 -55.35
CA ARG C 329 89.75 -19.87 -55.13
C ARG C 329 89.80 -18.59 -55.95
N LYS C 330 90.97 -17.97 -56.04
CA LYS C 330 91.11 -16.66 -56.66
C LYS C 330 90.86 -16.71 -58.16
N GLY C 331 89.95 -15.84 -58.62
CA GLY C 331 89.60 -15.77 -60.03
C GLY C 331 89.63 -14.34 -60.48
N SER C 332 88.95 -14.05 -61.60
CA SER C 332 88.87 -12.70 -62.14
C SER C 332 88.15 -11.76 -61.19
N LEU C 333 86.86 -12.01 -60.96
CA LEU C 333 86.15 -11.21 -59.96
C LEU C 333 86.11 -11.91 -58.61
N GLU C 334 85.36 -13.03 -58.55
CA GLU C 334 85.14 -13.93 -57.42
C GLU C 334 84.96 -13.19 -56.09
N SER C 335 84.14 -12.14 -56.11
CA SER C 335 83.83 -11.43 -54.87
C SER C 335 82.74 -12.06 -54.00
N PRO C 336 81.61 -12.59 -54.51
CA PRO C 336 80.62 -13.17 -53.57
C PRO C 336 81.00 -14.56 -53.13
N ALA C 337 81.71 -15.31 -53.98
CA ALA C 337 82.20 -16.63 -53.59
C ALA C 337 83.24 -16.53 -52.48
N THR C 338 83.96 -15.40 -52.43
CA THR C 338 84.86 -15.15 -51.30
C THR C 338 84.06 -14.87 -50.02
N ASP C 339 82.90 -14.25 -50.16
CA ASP C 339 82.13 -13.87 -48.97
C ASP C 339 81.34 -15.03 -48.40
N VAL C 340 80.80 -15.90 -49.25
CA VAL C 340 79.91 -16.95 -48.75
C VAL C 340 80.72 -18.15 -48.30
N PHE C 341 81.60 -18.62 -49.18
CA PHE C 341 82.38 -19.80 -48.86
C PHE C 341 83.80 -19.40 -48.50
N GLY C 342 84.57 -20.37 -48.01
CA GLY C 342 85.96 -20.18 -47.66
C GLY C 342 86.15 -19.26 -46.47
N SER C 343 85.52 -19.58 -45.35
CA SER C 343 85.55 -18.70 -44.19
C SER C 343 86.10 -19.46 -43.00
N THR C 344 86.04 -18.87 -41.81
CA THR C 344 86.64 -19.50 -40.64
C THR C 344 85.80 -20.71 -40.19
N GLU C 345 84.54 -20.48 -39.84
CA GLU C 345 83.68 -21.61 -39.55
C GLU C 345 82.39 -21.57 -40.36
N GLU C 346 81.93 -20.38 -40.75
CA GLU C 346 80.68 -20.28 -41.49
C GLU C 346 80.82 -20.89 -42.88
N GLY C 347 81.98 -20.74 -43.49
CA GLY C 347 82.25 -21.44 -44.74
C GLY C 347 82.35 -22.93 -44.55
N GLU C 348 83.06 -23.35 -43.50
CA GLU C 348 83.29 -24.77 -43.25
C GLU C 348 82.00 -25.50 -42.92
N LYS C 349 81.06 -24.81 -42.28
CA LYS C 349 79.73 -25.37 -42.12
C LYS C 349 79.01 -25.44 -43.47
N ARG C 350 79.19 -24.41 -44.30
CA ARG C 350 78.56 -24.40 -45.61
C ARG C 350 79.19 -25.42 -46.56
N TRP C 351 80.46 -25.75 -46.34
CA TRP C 351 81.02 -26.89 -47.08
C TRP C 351 80.34 -28.18 -46.66
N LYS C 352 80.11 -28.36 -45.35
CA LYS C 352 79.39 -29.53 -44.88
C LYS C 352 77.92 -29.44 -45.25
N ASP C 353 77.40 -28.22 -45.36
CA ASP C 353 76.02 -28.01 -45.75
C ASP C 353 75.85 -28.45 -47.19
N LEU C 354 76.72 -27.93 -48.05
CA LEU C 354 76.69 -28.29 -49.47
C LEU C 354 76.93 -29.78 -49.67
N LYS C 355 77.84 -30.36 -48.87
CA LYS C 355 78.03 -31.80 -48.88
C LYS C 355 76.76 -32.52 -48.46
N ASN C 356 76.00 -31.92 -47.54
CA ASN C 356 74.73 -32.50 -47.14
C ASN C 356 73.70 -32.39 -48.25
N ARG C 357 73.65 -31.25 -48.95
CA ARG C 357 72.60 -31.06 -49.94
C ARG C 357 72.82 -31.92 -51.17
N VAL C 358 74.08 -32.21 -51.50
CA VAL C 358 74.30 -33.00 -52.71
C VAL C 358 74.13 -34.48 -52.42
N VAL C 359 74.44 -34.92 -51.20
CA VAL C 359 74.24 -36.33 -50.87
C VAL C 359 72.77 -36.61 -50.67
N GLU C 360 71.99 -35.57 -50.33
CA GLU C 360 70.54 -35.69 -50.36
C GLU C 360 70.03 -35.76 -51.79
N HIS C 361 70.69 -35.02 -52.69
CA HIS C 361 70.36 -35.09 -54.10
C HIS C 361 70.78 -36.41 -54.70
N ASN C 362 71.76 -37.08 -54.09
CA ASN C 362 72.19 -38.37 -54.61
C ASN C 362 71.32 -39.51 -54.08
N ILE C 363 70.70 -39.36 -52.91
CA ILE C 363 69.86 -40.44 -52.41
C ILE C 363 68.53 -40.48 -53.16
N ARG C 364 67.99 -39.31 -53.49
CA ARG C 364 66.68 -39.24 -54.13
C ARG C 364 66.72 -39.81 -55.54
N ILE C 365 67.83 -39.63 -56.24
CA ILE C 365 67.96 -40.26 -57.55
C ILE C 365 68.22 -41.75 -57.40
N MET C 366 68.81 -42.18 -56.28
CA MET C 366 68.96 -43.61 -56.04
C MET C 366 67.62 -44.26 -55.75
N ALA C 367 66.79 -43.61 -54.93
CA ALA C 367 65.51 -44.22 -54.56
C ALA C 367 64.54 -44.26 -55.74
N LYS C 368 64.66 -43.33 -56.67
CA LYS C 368 63.81 -43.35 -57.84
C LYS C 368 64.30 -44.34 -58.90
N TYR C 369 65.59 -44.37 -59.18
CA TYR C 369 66.11 -45.15 -60.29
C TYR C 369 66.64 -46.50 -59.87
N TYR C 370 66.23 -47.00 -58.70
CA TYR C 370 66.61 -48.34 -58.27
C TYR C 370 65.44 -48.96 -57.52
N THR C 371 65.55 -50.27 -57.29
CA THR C 371 64.64 -51.00 -56.42
C THR C 371 65.38 -51.62 -55.25
N ARG C 372 66.49 -52.31 -55.50
CA ARG C 372 67.37 -52.76 -54.44
C ARG C 372 68.80 -52.48 -54.86
N ILE C 373 69.59 -51.90 -53.96
CA ILE C 373 70.97 -51.56 -54.22
C ILE C 373 71.84 -52.24 -53.17
N THR C 374 73.02 -52.68 -53.58
CA THR C 374 74.02 -53.12 -52.61
C THR C 374 74.47 -51.93 -51.78
N MET C 375 74.72 -52.18 -50.50
CA MET C 375 75.08 -51.09 -49.60
C MET C 375 76.51 -50.62 -49.83
N LYS C 376 77.39 -51.53 -50.26
CA LYS C 376 78.79 -51.18 -50.52
C LYS C 376 78.90 -50.20 -51.68
N ARG C 377 78.05 -50.37 -52.70
CA ARG C 377 78.06 -49.44 -53.83
C ARG C 377 77.58 -48.06 -53.39
N MET C 378 76.65 -48.03 -52.44
CA MET C 378 76.18 -46.74 -51.95
C MET C 378 77.28 -46.01 -51.19
N ALA C 379 78.07 -46.74 -50.41
CA ALA C 379 79.17 -46.14 -49.66
C ALA C 379 80.25 -45.60 -50.58
N GLN C 380 80.67 -46.38 -51.57
CA GLN C 380 81.77 -45.96 -52.43
C GLN C 380 81.37 -44.89 -53.44
N LEU C 381 80.08 -44.75 -53.72
CA LEU C 381 79.61 -43.69 -54.61
C LEU C 381 79.30 -42.40 -53.88
N LEU C 382 78.93 -42.46 -52.60
CA LEU C 382 78.72 -41.23 -51.85
C LEU C 382 79.99 -40.67 -51.25
N ASP C 383 81.14 -41.30 -51.54
CA ASP C 383 82.48 -40.82 -51.16
C ASP C 383 82.63 -40.72 -49.64
N LEU C 384 82.00 -41.67 -48.95
CA LEU C 384 81.97 -41.64 -47.49
C LEU C 384 81.81 -43.07 -46.98
N SER C 385 81.59 -43.19 -45.68
CA SER C 385 81.75 -44.45 -44.96
C SER C 385 80.49 -45.31 -45.06
N VAL C 386 80.49 -46.44 -44.37
CA VAL C 386 79.34 -47.32 -44.28
C VAL C 386 78.51 -47.02 -43.04
N ASP C 387 79.11 -46.38 -42.04
CA ASP C 387 78.34 -46.03 -40.85
C ASP C 387 77.68 -44.68 -41.02
N GLU C 388 78.36 -43.76 -41.72
CA GLU C 388 77.75 -42.49 -42.07
C GLU C 388 76.58 -42.68 -43.02
N SER C 389 76.73 -43.63 -43.95
CA SER C 389 75.70 -43.85 -44.95
C SER C 389 74.44 -44.45 -44.36
N GLU C 390 74.58 -45.34 -43.37
CA GLU C 390 73.40 -45.88 -42.71
C GLU C 390 72.72 -44.81 -41.87
N ALA C 391 73.50 -44.04 -41.12
CA ALA C 391 72.93 -43.08 -40.19
C ALA C 391 72.35 -41.88 -40.93
N PHE C 392 72.86 -41.60 -42.12
CA PHE C 392 72.28 -40.51 -42.91
C PHE C 392 70.95 -40.93 -43.51
N LEU C 393 70.87 -42.15 -44.03
CA LEU C 393 69.63 -42.66 -44.61
C LEU C 393 68.59 -42.87 -43.52
N SER C 394 69.03 -43.24 -42.32
CA SER C 394 68.13 -43.39 -41.19
C SER C 394 67.54 -42.04 -40.79
N ASN C 395 68.31 -40.97 -40.99
CA ASN C 395 67.82 -39.65 -40.70
C ASN C 395 66.79 -39.21 -41.72
N LEU C 396 66.96 -39.63 -42.97
CA LEU C 396 66.02 -39.23 -44.02
C LEU C 396 64.70 -39.97 -43.88
N VAL C 397 64.73 -41.21 -43.39
CA VAL C 397 63.55 -42.04 -43.44
C VAL C 397 62.61 -41.72 -42.29
N VAL C 398 63.14 -41.18 -41.18
CA VAL C 398 62.29 -40.67 -40.12
C VAL C 398 61.96 -39.21 -40.35
N ASN C 399 62.54 -38.59 -41.37
CA ASN C 399 62.19 -37.23 -41.72
C ASN C 399 61.06 -37.16 -42.73
N LYS C 400 60.33 -38.28 -42.92
CA LYS C 400 59.18 -38.49 -43.82
C LYS C 400 59.38 -37.91 -45.22
N THR C 401 60.62 -37.97 -45.69
CA THR C 401 60.96 -37.40 -46.98
C THR C 401 61.63 -38.37 -47.94
N ILE C 402 62.26 -39.44 -47.45
CA ILE C 402 62.76 -40.52 -48.29
C ILE C 402 62.20 -41.82 -47.72
N PHE C 403 61.57 -42.61 -48.56
CA PHE C 403 60.73 -43.72 -48.14
C PHE C 403 61.38 -45.04 -48.52
N ALA C 404 62.23 -45.55 -47.63
CA ALA C 404 63.08 -46.69 -47.92
C ALA C 404 63.29 -47.49 -46.64
N LYS C 405 64.21 -48.46 -46.70
CA LYS C 405 64.41 -49.42 -45.62
C LYS C 405 65.72 -50.16 -45.87
N VAL C 406 66.42 -50.50 -44.79
CA VAL C 406 67.71 -51.15 -44.90
C VAL C 406 67.63 -52.55 -44.30
N ASP C 407 68.66 -53.34 -44.59
CA ASP C 407 68.89 -54.62 -43.91
C ASP C 407 70.40 -54.71 -43.69
N ARG C 408 70.81 -54.56 -42.44
CA ARG C 408 72.23 -54.45 -42.09
C ARG C 408 72.85 -55.80 -41.71
N LEU C 409 72.59 -56.82 -42.52
CA LEU C 409 73.25 -58.10 -42.33
C LEU C 409 73.73 -58.74 -43.62
N ALA C 410 73.33 -58.23 -44.78
CA ALA C 410 73.86 -58.71 -46.04
C ALA C 410 74.41 -57.61 -46.94
N GLY C 411 74.16 -56.34 -46.64
CA GLY C 411 74.68 -55.26 -47.45
C GLY C 411 73.86 -54.94 -48.68
N ILE C 412 72.59 -55.34 -48.72
CA ILE C 412 71.67 -54.97 -49.80
C ILE C 412 70.40 -54.49 -49.14
N ILE C 413 69.93 -53.31 -49.55
CA ILE C 413 68.75 -52.67 -48.98
C ILE C 413 67.68 -52.62 -50.06
N ASN C 414 66.51 -52.10 -49.74
CA ASN C 414 65.42 -52.06 -50.70
C ASN C 414 64.73 -50.71 -50.69
N PHE C 415 64.14 -50.37 -51.83
CA PHE C 415 63.47 -49.10 -52.08
C PHE C 415 61.98 -49.24 -52.29
N GLN C 416 61.53 -50.27 -52.99
CA GLN C 416 60.10 -50.47 -53.19
C GLN C 416 59.47 -51.06 -51.94
N ARG C 417 58.16 -51.24 -52.01
CA ARG C 417 57.44 -51.82 -50.89
C ARG C 417 56.64 -53.04 -51.33
N PRO C 418 56.20 -53.87 -50.38
CA PRO C 418 55.12 -54.82 -50.73
C PRO C 418 53.84 -54.11 -51.10
N LYS C 419 53.48 -54.21 -52.37
CA LYS C 419 52.19 -53.76 -52.86
C LYS C 419 51.09 -54.68 -52.36
N ASP C 420 49.87 -54.15 -52.34
CA ASP C 420 48.76 -54.89 -51.75
C ASP C 420 48.20 -55.90 -52.77
N PRO C 421 47.75 -57.07 -52.31
CA PRO C 421 47.20 -58.06 -53.24
C PRO C 421 45.94 -57.62 -53.96
N ASN C 422 45.06 -56.87 -53.29
CA ASN C 422 43.93 -56.27 -54.01
C ASN C 422 44.43 -55.22 -55.00
N ASN C 423 45.45 -54.46 -54.60
CA ASN C 423 46.04 -53.44 -55.46
C ASN C 423 46.77 -54.07 -56.64
N LEU C 424 47.41 -55.22 -56.42
CA LEU C 424 48.09 -55.92 -57.51
C LEU C 424 47.09 -56.40 -58.55
N LEU C 425 46.01 -57.03 -58.11
CA LEU C 425 45.01 -57.52 -59.06
C LEU C 425 44.24 -56.36 -59.68
N ASN C 426 44.13 -55.25 -58.97
CA ASN C 426 43.58 -54.03 -59.56
C ASN C 426 44.48 -53.52 -60.69
N ASP C 427 45.78 -53.41 -60.42
CA ASP C 427 46.71 -52.86 -61.41
C ASP C 427 46.94 -53.83 -62.56
N TRP C 428 46.80 -55.13 -62.29
CA TRP C 428 46.98 -56.13 -63.34
C TRP C 428 45.87 -56.08 -64.35
N SER C 429 44.62 -56.09 -63.89
CA SER C 429 43.48 -56.10 -64.78
C SER C 429 43.33 -54.77 -65.51
N GLN C 430 43.74 -53.69 -64.88
CA GLN C 430 43.58 -52.37 -65.47
C GLN C 430 44.52 -52.17 -66.65
N LYS C 431 45.79 -52.56 -66.48
CA LYS C 431 46.73 -52.47 -67.60
C LYS C 431 46.42 -53.51 -68.65
N LEU C 432 45.84 -54.64 -68.26
CA LEU C 432 45.38 -55.62 -69.24
C LEU C 432 44.17 -55.08 -69.99
N ASN C 433 43.42 -54.19 -69.36
CA ASN C 433 42.23 -53.65 -70.01
C ASN C 433 42.60 -52.65 -71.09
N SER C 434 43.36 -51.62 -70.71
CA SER C 434 43.59 -50.50 -71.61
C SER C 434 44.61 -50.82 -72.70
N LEU C 435 45.37 -51.90 -72.54
CA LEU C 435 46.38 -52.28 -73.52
C LEU C 435 45.93 -53.41 -74.44
N MET C 436 44.74 -53.96 -74.22
CA MET C 436 44.28 -55.07 -75.05
C MET C 436 42.86 -54.89 -75.54
N SER C 437 42.18 -53.81 -75.17
CA SER C 437 40.82 -53.56 -75.63
C SER C 437 40.70 -52.28 -76.44
N LEU C 438 41.17 -51.15 -75.89
CA LEU C 438 41.03 -49.87 -76.57
C LEU C 438 41.98 -49.80 -77.77
N VAL C 439 43.24 -50.19 -77.57
CA VAL C 439 44.21 -50.11 -78.65
C VAL C 439 43.95 -51.23 -79.65
N ASN C 440 43.38 -52.35 -79.20
CA ASN C 440 43.10 -53.46 -80.11
C ASN C 440 41.98 -53.13 -81.07
N LYS C 441 40.96 -52.41 -80.58
CA LYS C 441 39.93 -51.85 -81.43
C LYS C 441 40.52 -50.85 -82.43
N THR C 442 41.55 -50.12 -82.02
CA THR C 442 42.06 -49.05 -82.84
C THR C 442 42.93 -49.59 -83.98
N THR C 443 43.66 -50.68 -83.72
CA THR C 443 44.43 -51.37 -84.75
C THR C 443 43.57 -51.78 -85.94
N HIS C 444 42.43 -52.41 -85.64
CA HIS C 444 41.49 -52.77 -86.70
C HIS C 444 40.87 -51.54 -87.34
N LEU C 445 40.64 -50.50 -86.56
CA LEU C 445 40.00 -49.30 -87.09
C LEU C 445 40.95 -48.44 -87.90
N ILE C 446 42.25 -48.53 -87.63
CA ILE C 446 43.22 -47.85 -88.50
C ILE C 446 43.50 -48.70 -89.74
N ALA C 447 43.62 -50.02 -89.56
CA ALA C 447 43.90 -50.91 -90.70
C ALA C 447 42.73 -50.94 -91.68
N LYS C 448 41.51 -50.78 -91.18
CA LYS C 448 40.36 -50.67 -92.08
C LYS C 448 40.39 -49.34 -92.82
N GLU C 449 40.90 -48.30 -92.17
CA GLU C 449 41.00 -46.99 -92.83
C GLU C 449 42.06 -47.00 -93.92
N GLU C 450 43.16 -47.74 -93.73
CA GLU C 450 44.25 -47.70 -94.69
C GLU C 450 43.90 -48.45 -95.96
N MET C 451 42.96 -49.40 -95.89
CA MET C 451 42.51 -50.09 -97.10
C MET C 451 41.81 -49.13 -98.05
N ILE C 452 41.07 -48.17 -97.51
CA ILE C 452 40.53 -47.08 -98.29
C ILE C 452 41.65 -46.25 -98.92
N HIS C 453 42.66 -45.95 -98.12
CA HIS C 453 43.80 -45.17 -98.59
C HIS C 453 44.38 -45.75 -99.87
N ASN C 454 44.63 -47.05 -99.86
CA ASN C 454 45.18 -47.74 -101.03
C ASN C 454 44.08 -48.24 -101.94
N LEU C 455 43.59 -49.45 -101.67
CA LEU C 455 42.53 -50.05 -102.46
C LEU C 455 41.19 -49.99 -101.73
N GLN C 456 40.29 -49.14 -102.21
CA GLN C 456 40.57 -48.29 -103.36
C GLN C 456 39.87 -46.94 -103.25
N VAL D 43 47.31 -13.33 40.95
CA VAL D 43 46.56 -14.09 39.95
C VAL D 43 47.18 -13.97 38.57
N GLN D 44 47.25 -12.75 38.04
CA GLN D 44 47.78 -12.57 36.69
C GLN D 44 49.30 -12.72 36.65
N VAL D 45 49.98 -12.41 37.77
CA VAL D 45 51.43 -12.54 37.83
C VAL D 45 51.84 -14.02 37.90
N LYS D 46 50.91 -14.89 38.33
CA LYS D 46 51.17 -16.33 38.24
C LYS D 46 50.78 -16.85 36.85
N GLU D 47 49.86 -16.16 36.16
CA GLU D 47 49.49 -16.54 34.80
C GLU D 47 50.64 -16.32 33.84
N GLN D 48 51.26 -15.14 33.91
CA GLN D 48 52.37 -14.84 33.02
C GLN D 48 53.67 -15.49 33.47
N SER D 49 53.74 -15.98 34.72
CA SER D 49 54.94 -16.71 35.14
C SER D 49 54.91 -18.14 34.61
N ILE D 50 53.74 -18.78 34.62
CA ILE D 50 53.63 -20.15 34.12
C ILE D 50 53.59 -20.16 32.59
N LEU D 51 52.99 -19.13 31.98
CA LEU D 51 53.08 -18.97 30.52
C LEU D 51 54.52 -18.68 30.09
N GLU D 52 55.29 -17.99 30.93
CA GLU D 52 56.72 -17.86 30.69
C GLU D 52 57.41 -19.20 30.78
N LEU D 53 57.12 -19.96 31.85
CA LEU D 53 57.69 -21.30 31.97
C LEU D 53 57.12 -22.24 30.92
N GLY D 54 55.86 -22.02 30.52
CA GLY D 54 55.26 -22.84 29.48
C GLY D 54 55.88 -22.59 28.11
N SER D 55 56.24 -21.33 27.84
CA SER D 55 56.96 -21.06 26.60
C SER D 55 58.42 -21.49 26.70
N LEU D 56 58.97 -21.58 27.94
CA LEU D 56 60.32 -22.09 28.09
C LEU D 56 60.42 -23.59 27.81
N LEU D 57 59.42 -24.36 28.27
CA LEU D 57 59.48 -25.81 28.10
C LEU D 57 59.31 -26.21 26.65
N ALA D 58 58.67 -25.35 25.84
CA ALA D 58 58.49 -25.66 24.43
C ALA D 58 59.76 -25.42 23.63
N LYS D 59 60.42 -24.28 23.86
CA LYS D 59 61.57 -23.89 23.07
C LYS D 59 62.77 -24.80 23.28
N THR D 60 62.94 -25.34 24.49
CA THR D 60 64.10 -26.17 24.81
C THR D 60 63.99 -27.55 24.16
N GLY D 61 62.86 -28.22 24.32
CA GLY D 61 62.68 -29.48 23.62
C GLY D 61 62.41 -30.71 24.47
N GLN D 62 61.81 -30.55 25.65
CA GLN D 62 61.50 -31.72 26.45
C GLN D 62 60.01 -31.84 26.66
N ALA D 63 59.52 -33.07 26.61
CA ALA D 63 58.10 -33.34 26.67
C ALA D 63 57.64 -33.82 28.03
N ALA D 64 58.53 -34.38 28.84
CA ALA D 64 58.15 -34.82 30.18
C ALA D 64 57.88 -33.63 31.09
N GLU D 65 58.74 -32.62 31.03
CA GLU D 65 58.49 -31.38 31.76
C GLU D 65 57.31 -30.61 31.15
N LEU D 66 57.13 -30.69 29.83
CA LEU D 66 56.03 -29.96 29.23
C LEU D 66 54.71 -30.70 29.41
N GLY D 67 54.68 -32.00 29.15
CA GLY D 67 53.45 -32.75 29.31
C GLY D 67 53.02 -32.86 30.77
N GLY D 68 53.99 -32.78 31.68
CA GLY D 68 53.64 -32.67 33.09
C GLY D 68 52.97 -31.35 33.41
N LEU D 69 53.36 -30.28 32.70
CA LEU D 69 52.73 -28.98 32.90
C LEU D 69 51.32 -28.96 32.35
N LEU D 70 51.12 -29.56 31.17
CA LEU D 70 49.78 -29.67 30.60
C LEU D 70 48.85 -30.49 31.47
N LYS D 71 49.38 -31.51 32.13
CA LYS D 71 48.56 -32.22 33.09
C LYS D 71 48.29 -31.39 34.33
N TYR D 72 49.14 -30.41 34.63
CA TYR D 72 48.99 -29.64 35.85
C TYR D 72 47.94 -28.55 35.73
N VAL D 73 47.82 -27.94 34.55
CA VAL D 73 47.05 -26.71 34.41
C VAL D 73 45.61 -27.03 34.02
N ARG D 74 45.25 -28.31 34.07
CA ARG D 74 43.89 -28.74 33.76
C ARG D 74 42.82 -28.15 34.69
N PRO D 75 43.02 -27.98 36.01
CA PRO D 75 41.99 -27.25 36.78
C PRO D 75 42.01 -25.76 36.57
N PHE D 76 43.14 -25.21 36.12
CA PHE D 76 43.24 -23.77 35.94
C PHE D 76 42.41 -23.26 34.77
N LEU D 77 41.96 -24.16 33.89
CA LEU D 77 41.05 -23.81 32.80
C LEU D 77 39.73 -23.26 33.31
N ASN D 78 39.33 -23.62 34.53
CA ASN D 78 38.12 -23.05 35.14
C ASN D 78 38.51 -21.84 35.96
N SER D 79 39.19 -20.90 35.30
CA SER D 79 39.47 -19.58 35.86
C SER D 79 39.09 -18.52 34.84
N ILE D 80 39.03 -18.91 33.58
CA ILE D 80 38.83 -17.97 32.48
C ILE D 80 37.60 -18.37 31.68
N SER D 81 37.31 -17.61 30.62
CA SER D 81 36.18 -17.84 29.74
C SER D 81 36.30 -19.18 29.05
N LYS D 82 35.15 -19.87 28.95
CA LYS D 82 35.11 -21.19 28.33
C LYS D 82 35.40 -21.15 26.85
N ALA D 83 35.25 -19.99 26.23
CA ALA D 83 35.62 -19.80 24.83
C ALA D 83 37.00 -19.20 24.65
N LYS D 84 37.53 -18.52 25.67
CA LYS D 84 38.91 -18.06 25.57
C LYS D 84 39.89 -19.15 25.97
N ALA D 85 39.44 -20.13 26.74
CA ALA D 85 40.33 -21.21 27.16
C ALA D 85 40.70 -22.10 25.99
N ALA D 86 39.82 -22.24 25.00
CA ALA D 86 40.00 -23.24 23.96
C ALA D 86 41.10 -22.83 22.99
N ARG D 87 41.28 -21.52 22.77
CA ARG D 87 42.39 -21.07 21.94
C ARG D 87 43.71 -21.33 22.63
N LEU D 88 43.72 -21.19 23.95
CA LEU D 88 44.92 -21.46 24.73
C LEU D 88 45.27 -22.94 24.73
N VAL D 89 44.27 -23.81 24.80
CA VAL D 89 44.51 -25.24 24.77
C VAL D 89 44.99 -25.68 23.41
N ARG D 90 44.39 -25.09 22.35
CA ARG D 90 44.87 -25.28 20.99
C ARG D 90 46.33 -24.88 20.84
N SER D 91 46.70 -23.73 21.40
CA SER D 91 48.04 -23.22 21.21
C SER D 91 49.06 -24.01 22.00
N LEU D 92 48.66 -24.51 23.17
CA LEU D 92 49.58 -25.32 23.95
C LEU D 92 49.73 -26.71 23.35
N LEU D 93 48.69 -27.20 22.68
CA LEU D 93 48.79 -28.52 22.07
C LEU D 93 49.71 -28.49 20.86
N ASP D 94 49.70 -27.38 20.12
CA ASP D 94 50.53 -27.27 18.92
C ASP D 94 52.00 -27.18 19.29
N LEU D 95 52.32 -26.41 20.34
CA LEU D 95 53.69 -26.31 20.80
C LEU D 95 54.16 -27.61 21.44
N PHE D 96 53.24 -28.45 21.88
CA PHE D 96 53.64 -29.78 22.31
C PHE D 96 53.97 -30.66 21.12
N LEU D 97 53.24 -30.50 20.02
CA LEU D 97 53.43 -31.41 18.90
C LEU D 97 54.64 -31.04 18.05
N ASP D 98 55.00 -29.76 17.98
CA ASP D 98 56.02 -29.31 17.02
C ASP D 98 57.40 -29.31 17.67
N MET D 99 57.72 -30.42 18.32
CA MET D 99 59.00 -30.54 18.99
C MET D 99 59.84 -31.65 18.36
N GLU D 100 59.25 -32.83 18.28
CA GLU D 100 59.93 -34.05 17.88
C GLU D 100 58.89 -35.12 17.67
N ALA D 101 59.08 -35.94 16.63
CA ALA D 101 58.13 -37.00 16.36
C ALA D 101 58.28 -38.14 17.35
N ALA D 102 57.71 -37.96 18.54
CA ALA D 102 57.71 -38.99 19.58
C ALA D 102 56.27 -39.36 19.85
N THR D 103 55.75 -40.34 19.12
CA THR D 103 54.33 -40.67 19.14
C THR D 103 53.97 -41.64 20.26
N GLY D 104 54.84 -41.80 21.25
CA GLY D 104 54.52 -42.67 22.36
C GLY D 104 53.53 -42.03 23.30
N GLN D 105 53.55 -40.70 23.37
CA GLN D 105 52.70 -39.99 24.31
C GLN D 105 51.77 -38.99 23.65
N GLU D 106 51.94 -38.71 22.35
CA GLU D 106 51.15 -37.67 21.72
C GLU D 106 49.71 -38.10 21.55
N VAL D 107 49.49 -39.34 21.12
CA VAL D 107 48.14 -39.85 21.05
C VAL D 107 47.60 -40.11 22.46
N GLU D 108 48.48 -40.26 23.44
CA GLU D 108 48.05 -40.53 24.80
C GLU D 108 47.55 -39.26 25.48
N LEU D 109 48.21 -38.11 25.23
CA LEU D 109 47.71 -36.86 25.77
C LEU D 109 46.41 -36.44 25.10
N CYS D 110 46.23 -36.81 23.83
CA CYS D 110 45.00 -36.45 23.13
C CYS D 110 43.79 -37.15 23.73
N LEU D 111 43.93 -38.44 24.02
CA LEU D 111 42.83 -39.19 24.60
C LEU D 111 42.53 -38.73 26.02
N GLU D 112 43.54 -38.22 26.72
CA GLU D 112 43.32 -37.60 28.02
C GLU D 112 42.44 -36.38 27.91
N CYS D 113 42.71 -35.53 26.92
CA CYS D 113 41.99 -34.27 26.81
C CYS D 113 40.58 -34.49 26.29
N ILE D 114 40.40 -35.46 25.41
CA ILE D 114 39.07 -35.76 24.89
C ILE D 114 38.18 -36.35 25.97
N GLU D 115 38.71 -37.31 26.73
CA GLU D 115 37.92 -37.90 27.82
C GLU D 115 37.74 -36.91 28.95
N TRP D 116 38.62 -35.93 29.05
CA TRP D 116 38.38 -34.82 29.95
C TRP D 116 37.23 -33.97 29.45
N ALA D 117 37.16 -33.75 28.14
CA ALA D 117 36.05 -32.99 27.58
C ALA D 117 34.77 -33.82 27.55
N LYS D 118 34.90 -35.15 27.51
CA LYS D 118 33.69 -35.97 27.66
C LYS D 118 33.13 -35.84 29.06
N SER D 119 33.99 -35.60 30.05
CA SER D 119 33.52 -35.35 31.41
C SER D 119 33.09 -33.91 31.60
N GLU D 120 33.78 -32.96 30.96
CA GLU D 120 33.50 -31.55 31.17
C GLU D 120 32.40 -31.04 30.25
N LYS D 121 32.13 -31.76 29.15
CA LYS D 121 31.04 -31.50 28.21
C LYS D 121 31.08 -30.09 27.62
N ARG D 122 32.14 -29.80 26.88
CA ARG D 122 32.14 -28.62 26.03
C ARG D 122 32.06 -29.08 24.59
N THR D 123 31.21 -28.41 23.81
CA THR D 123 31.07 -28.77 22.42
C THR D 123 32.29 -28.34 21.63
N PHE D 124 32.74 -27.10 21.80
CA PHE D 124 33.82 -26.62 20.96
C PHE D 124 35.15 -27.23 21.34
N LEU D 125 35.31 -27.62 22.60
CA LEU D 125 36.58 -28.20 23.03
C LEU D 125 36.83 -29.54 22.37
N ARG D 126 35.86 -30.46 22.49
CA ARG D 126 36.02 -31.78 21.91
C ARG D 126 36.13 -31.71 20.40
N GLN D 127 35.47 -30.75 19.76
CA GLN D 127 35.62 -30.57 18.32
C GLN D 127 37.00 -30.06 17.97
N ALA D 128 37.59 -29.25 18.84
CA ALA D 128 38.94 -28.77 18.57
C ALA D 128 39.96 -29.89 18.73
N LEU D 129 39.66 -30.85 19.61
CA LEU D 129 40.61 -31.93 19.85
C LEU D 129 40.50 -32.98 18.77
N GLU D 130 39.28 -33.27 18.32
CA GLU D 130 39.08 -34.25 17.28
C GLU D 130 39.72 -33.79 15.97
N ALA D 131 39.60 -32.50 15.67
CA ALA D 131 40.15 -31.98 14.43
C ALA D 131 41.67 -32.05 14.42
N ARG D 132 42.31 -31.90 15.57
CA ARG D 132 43.74 -32.10 15.63
C ARG D 132 44.10 -33.56 15.54
N LEU D 133 43.31 -34.41 16.19
CA LEU D 133 43.65 -35.82 16.30
C LEU D 133 43.58 -36.52 14.96
N VAL D 134 42.58 -36.18 14.15
CA VAL D 134 42.49 -36.81 12.84
C VAL D 134 43.56 -36.23 11.92
N SER D 135 44.02 -35.02 12.19
CA SER D 135 45.18 -34.50 11.47
C SER D 135 46.43 -35.25 11.86
N LEU D 136 46.50 -35.68 13.12
CA LEU D 136 47.64 -36.46 13.58
C LEU D 136 47.66 -37.84 12.95
N TYR D 137 46.49 -38.45 12.78
CA TYR D 137 46.44 -39.80 12.23
C TYR D 137 46.84 -39.83 10.77
N PHE D 138 46.47 -38.78 10.03
CA PHE D 138 46.88 -38.69 8.64
C PHE D 138 48.37 -38.44 8.50
N ASP D 139 48.99 -37.82 9.51
CA ASP D 139 50.44 -37.71 9.53
C ASP D 139 51.09 -39.08 9.68
N THR D 140 50.41 -40.00 10.36
CA THR D 140 50.93 -41.33 10.58
C THR D 140 50.45 -42.33 9.55
N LYS D 141 49.63 -41.88 8.60
CA LYS D 141 49.05 -42.65 7.51
C LYS D 141 48.26 -43.83 8.05
N ARG D 142 47.15 -43.55 8.69
CA ARG D 142 46.26 -44.59 9.15
C ARG D 142 45.13 -44.77 8.16
N TYR D 143 44.42 -45.88 8.29
CA TYR D 143 43.69 -46.40 7.14
C TYR D 143 42.20 -46.32 7.37
N GLN D 144 41.71 -46.98 8.43
CA GLN D 144 40.29 -46.98 8.71
C GLN D 144 39.97 -46.05 9.86
N GLU D 145 40.82 -46.03 10.89
CA GLU D 145 40.50 -45.30 12.11
C GLU D 145 40.57 -43.80 11.90
N ALA D 146 41.26 -43.35 10.86
CA ALA D 146 41.12 -41.97 10.44
C ALA D 146 39.76 -41.75 9.81
N LEU D 147 39.34 -42.64 8.93
CA LEU D 147 38.09 -42.48 8.22
C LEU D 147 36.89 -42.78 9.10
N HIS D 148 37.05 -43.71 10.04
CA HIS D 148 36.00 -43.97 11.01
C HIS D 148 35.74 -42.75 11.87
N LEU D 149 36.80 -42.09 12.31
CA LEU D 149 36.65 -40.93 13.17
C LEU D 149 36.07 -39.75 12.41
N GLY D 150 36.52 -39.53 11.18
CA GLY D 150 36.03 -38.41 10.41
C GLY D 150 34.58 -38.57 10.01
N SER D 151 34.12 -39.80 9.87
CA SER D 151 32.69 -40.01 9.68
C SER D 151 31.92 -39.70 10.95
N GLN D 152 32.52 -39.97 12.12
CA GLN D 152 31.81 -39.73 13.37
C GLN D 152 31.65 -38.25 13.67
N LEU D 153 32.60 -37.42 13.24
CA LEU D 153 32.47 -35.99 13.48
C LEU D 153 31.43 -35.37 12.57
N LEU D 154 31.38 -35.82 11.32
CA LEU D 154 30.42 -35.26 10.37
C LEU D 154 28.99 -35.66 10.73
N ARG D 155 28.81 -36.74 11.50
CA ARG D 155 27.50 -37.00 12.06
C ARG D 155 27.11 -35.99 13.13
N GLU D 156 28.05 -35.17 13.61
CA GLU D 156 27.77 -34.16 14.61
C GLU D 156 28.03 -32.76 14.13
N LEU D 157 29.06 -32.54 13.32
CA LEU D 157 29.49 -31.20 12.98
C LEU D 157 28.48 -30.51 12.07
N LYS D 158 28.04 -31.19 11.01
CA LYS D 158 27.05 -30.59 10.11
C LYS D 158 25.66 -30.62 10.69
N LYS D 159 25.50 -31.22 11.85
CA LYS D 159 24.24 -31.22 12.56
C LYS D 159 24.09 -30.06 13.51
N MET D 160 25.03 -29.90 14.45
CA MET D 160 24.85 -28.97 15.55
C MET D 160 24.81 -27.51 15.14
N ASP D 161 25.97 -26.92 14.85
CA ASP D 161 25.99 -25.47 14.66
C ASP D 161 26.98 -25.02 13.61
N ASP D 162 28.06 -25.77 13.43
CA ASP D 162 29.31 -25.18 12.99
C ASP D 162 29.33 -25.03 11.47
N LYS D 163 30.17 -24.11 11.00
CA LYS D 163 30.43 -23.99 9.57
C LYS D 163 31.90 -23.98 9.20
N ALA D 164 32.77 -23.34 9.98
CA ALA D 164 34.15 -23.14 9.54
C ALA D 164 34.97 -24.41 9.67
N LEU D 165 34.82 -25.12 10.78
CA LEU D 165 35.59 -26.34 10.99
C LEU D 165 35.13 -27.46 10.07
N LEU D 166 33.91 -27.38 9.57
CA LEU D 166 33.44 -28.33 8.57
C LEU D 166 34.26 -28.23 7.30
N VAL D 167 34.69 -27.03 6.96
CA VAL D 167 35.52 -26.83 5.78
C VAL D 167 36.87 -27.51 5.97
N GLU D 168 37.32 -27.57 7.23
CA GLU D 168 38.61 -28.18 7.50
C GLU D 168 38.55 -29.70 7.36
N VAL D 169 37.50 -30.33 7.88
CA VAL D 169 37.49 -31.79 7.91
C VAL D 169 37.15 -32.37 6.54
N GLN D 170 36.50 -31.59 5.67
CA GLN D 170 36.26 -32.08 4.33
C GLN D 170 37.54 -32.12 3.52
N LEU D 171 38.37 -31.10 3.66
CA LEU D 171 39.68 -31.11 3.03
C LEU D 171 40.55 -32.23 3.56
N LEU D 172 40.41 -32.54 4.84
CA LEU D 172 41.29 -33.54 5.40
C LEU D 172 40.87 -34.94 4.96
N GLU D 173 39.59 -35.12 4.66
CA GLU D 173 39.17 -36.39 4.10
C GLU D 173 39.52 -36.49 2.63
N SER D 174 39.42 -35.39 1.88
CA SER D 174 39.71 -35.45 0.46
C SER D 174 41.20 -35.62 0.22
N LYS D 175 42.02 -35.35 1.23
CA LYS D 175 43.40 -35.81 1.19
C LYS D 175 43.48 -37.31 1.40
N THR D 176 42.75 -37.82 2.39
CA THR D 176 43.01 -39.18 2.81
C THR D 176 42.31 -40.20 1.94
N TYR D 177 41.37 -39.76 1.10
CA TYR D 177 40.94 -40.65 0.04
C TYR D 177 41.94 -40.64 -1.10
N HIS D 178 42.50 -39.47 -1.39
CA HIS D 178 43.58 -39.39 -2.38
C HIS D 178 44.84 -40.05 -1.87
N ALA D 179 45.03 -40.09 -0.55
CA ALA D 179 46.11 -40.88 0.00
C ALA D 179 45.85 -42.36 -0.21
N LEU D 180 44.59 -42.79 -0.08
CA LEU D 180 44.25 -44.17 -0.29
C LEU D 180 43.72 -44.43 -1.69
N SER D 181 44.13 -43.60 -2.65
CA SER D 181 43.91 -43.78 -4.08
C SER D 181 42.43 -43.89 -4.44
N ASN D 182 41.69 -42.81 -4.19
CA ASN D 182 40.27 -42.79 -4.47
C ASN D 182 40.01 -41.59 -5.36
N LEU D 183 39.72 -41.87 -6.60
CA LEU D 183 39.43 -40.75 -7.48
C LEU D 183 38.03 -40.17 -7.25
N PRO D 184 36.89 -40.94 -7.32
CA PRO D 184 35.59 -40.27 -7.35
C PRO D 184 35.19 -39.65 -6.02
N LYS D 185 35.41 -40.40 -4.94
CA LYS D 185 34.92 -39.97 -3.65
C LYS D 185 35.69 -38.77 -3.12
N ALA D 186 36.99 -38.72 -3.38
CA ALA D 186 37.76 -37.53 -3.02
C ALA D 186 37.35 -36.34 -3.87
N ARG D 187 36.98 -36.60 -5.13
CA ARG D 187 36.44 -35.55 -5.98
C ARG D 187 35.11 -35.03 -5.42
N ALA D 188 34.28 -35.93 -4.91
CA ALA D 188 33.01 -35.50 -4.34
C ALA D 188 33.22 -34.79 -3.02
N ALA D 189 34.14 -35.28 -2.20
CA ALA D 189 34.41 -34.64 -0.93
C ALA D 189 35.05 -33.28 -1.12
N LEU D 190 35.80 -33.12 -2.20
CA LEU D 190 36.31 -31.79 -2.53
C LEU D 190 35.19 -30.87 -2.96
N THR D 191 34.24 -31.41 -3.74
CA THR D 191 33.16 -30.58 -4.26
C THR D 191 32.22 -30.12 -3.16
N SER D 192 31.97 -30.99 -2.18
CA SER D 192 31.21 -30.58 -1.01
C SER D 192 32.02 -29.61 -0.15
N ALA D 193 33.34 -29.70 -0.22
CA ALA D 193 34.17 -28.73 0.49
C ALA D 193 34.12 -27.37 -0.17
N ARG D 194 33.99 -27.33 -1.49
CA ARG D 194 33.95 -26.06 -2.20
C ARG D 194 32.65 -25.33 -1.90
N THR D 195 31.53 -26.01 -2.07
CA THR D 195 30.23 -25.37 -1.92
C THR D 195 29.92 -24.98 -0.49
N THR D 196 30.62 -25.57 0.48
CA THR D 196 30.54 -25.05 1.83
C THR D 196 31.42 -23.81 1.97
N ALA D 197 32.58 -23.84 1.34
CA ALA D 197 33.51 -22.73 1.44
C ALA D 197 33.04 -21.50 0.68
N ASN D 198 32.07 -21.64 -0.19
CA ASN D 198 31.58 -20.50 -0.97
C ASN D 198 30.83 -19.51 -0.08
N ALA D 199 30.10 -20.00 0.91
CA ALA D 199 29.39 -19.12 1.84
C ALA D 199 30.26 -18.66 2.99
N ILE D 200 31.55 -19.03 2.99
CA ILE D 200 32.45 -18.63 4.06
C ILE D 200 32.86 -17.19 3.86
N TYR D 201 32.69 -16.39 4.91
CA TYR D 201 33.07 -14.99 4.90
C TYR D 201 34.58 -14.81 4.87
N CYS D 202 35.33 -15.73 5.46
CA CYS D 202 36.78 -15.61 5.57
C CYS D 202 37.47 -16.92 5.30
N PRO D 203 37.97 -17.13 4.10
CA PRO D 203 39.10 -18.02 3.90
C PRO D 203 40.42 -17.26 3.85
N PRO D 204 40.98 -16.81 5.00
CA PRO D 204 42.20 -16.00 4.90
C PRO D 204 43.43 -16.82 4.56
N LYS D 205 43.49 -18.03 5.07
CA LYS D 205 44.58 -18.97 4.89
C LYS D 205 44.11 -20.28 4.29
N LEU D 206 42.93 -20.76 4.70
CA LEU D 206 42.37 -22.02 4.23
C LEU D 206 42.09 -22.02 2.74
N GLN D 207 41.98 -20.85 2.13
CA GLN D 207 41.77 -20.73 0.70
C GLN D 207 42.90 -21.38 -0.09
N ALA D 208 44.14 -20.98 0.19
CA ALA D 208 45.27 -21.56 -0.53
C ALA D 208 45.46 -23.02 -0.17
N THR D 209 45.05 -23.41 1.03
CA THR D 209 44.97 -24.82 1.38
C THR D 209 43.93 -25.53 0.52
N LEU D 210 42.75 -24.92 0.39
CA LEU D 210 41.70 -25.50 -0.45
C LEU D 210 42.08 -25.44 -1.92
N ASP D 211 42.87 -24.45 -2.31
CA ASP D 211 43.24 -24.37 -3.71
C ASP D 211 44.35 -25.36 -4.03
N MET D 212 45.17 -25.70 -3.03
CA MET D 212 46.27 -26.63 -3.26
C MET D 212 45.75 -28.02 -3.61
N GLN D 213 44.81 -28.53 -2.82
CA GLN D 213 44.29 -29.87 -3.06
C GLN D 213 43.49 -29.92 -4.35
N SER D 214 42.87 -28.81 -4.73
CA SER D 214 42.12 -28.74 -5.97
C SER D 214 43.04 -28.90 -7.16
N GLY D 215 44.26 -28.36 -7.07
CA GLY D 215 45.26 -28.67 -8.07
C GLY D 215 45.70 -30.12 -8.02
N ILE D 216 45.76 -30.69 -6.82
CA ILE D 216 46.17 -32.09 -6.67
C ILE D 216 45.13 -33.02 -7.29
N ILE D 217 43.86 -32.79 -6.99
CA ILE D 217 42.82 -33.68 -7.51
C ILE D 217 42.66 -33.49 -9.01
N HIS D 218 42.88 -32.27 -9.50
CA HIS D 218 42.91 -32.10 -10.94
C HIS D 218 44.20 -32.65 -11.54
N ALA D 219 45.25 -32.83 -10.75
CA ALA D 219 46.47 -33.43 -11.29
C ALA D 219 46.34 -34.94 -11.38
N ALA D 220 45.61 -35.57 -10.46
CA ALA D 220 45.47 -37.02 -10.48
C ALA D 220 44.63 -37.53 -11.63
N GLU D 221 43.93 -36.67 -12.36
CA GLU D 221 43.18 -37.11 -13.52
C GLU D 221 44.07 -37.49 -14.68
N GLU D 222 45.22 -36.83 -14.83
CA GLU D 222 46.04 -36.83 -16.05
C GLU D 222 45.22 -36.45 -17.27
N LYS D 223 44.28 -35.52 -17.11
CA LYS D 223 43.43 -35.08 -18.20
C LYS D 223 43.69 -33.61 -18.50
N ASP D 224 43.68 -32.80 -17.46
CA ASP D 224 44.01 -31.39 -17.58
C ASP D 224 45.30 -31.11 -16.85
N TRP D 225 46.09 -30.19 -17.39
CA TRP D 225 47.27 -29.68 -16.70
C TRP D 225 47.35 -28.17 -16.81
N LYS D 226 46.24 -27.53 -17.14
CA LYS D 226 46.18 -26.08 -17.21
C LYS D 226 45.51 -25.48 -15.99
N THR D 227 44.32 -25.98 -15.65
CA THR D 227 43.64 -25.53 -14.44
C THR D 227 44.40 -25.93 -13.19
N ALA D 228 44.93 -27.15 -13.17
CA ALA D 228 45.68 -27.64 -12.02
C ALA D 228 46.93 -26.81 -11.79
N TYR D 229 47.48 -26.26 -12.87
CA TYR D 229 48.49 -25.23 -12.71
C TYR D 229 47.92 -23.98 -12.06
N SER D 230 46.72 -23.58 -12.45
CA SER D 230 46.18 -22.32 -11.96
C SER D 230 45.80 -22.41 -10.50
N TYR D 231 45.34 -23.58 -10.06
CA TYR D 231 45.10 -23.75 -8.63
C TYR D 231 46.41 -23.73 -7.85
N PHE D 232 47.48 -24.27 -8.43
CA PHE D 232 48.78 -24.22 -7.77
C PHE D 232 49.30 -22.80 -7.73
N TYR D 233 49.11 -22.04 -8.80
CA TYR D 233 49.59 -20.68 -8.84
C TYR D 233 48.78 -19.78 -7.92
N GLU D 234 47.48 -20.03 -7.84
CA GLU D 234 46.64 -19.31 -6.90
C GLU D 234 47.02 -19.64 -5.47
N ALA D 235 47.35 -20.91 -5.21
CA ALA D 235 47.75 -21.30 -3.86
C ALA D 235 49.08 -20.70 -3.47
N PHE D 236 49.92 -20.40 -4.46
CA PHE D 236 51.19 -19.78 -4.17
C PHE D 236 51.00 -18.32 -3.78
N GLU D 237 50.10 -17.62 -4.48
CA GLU D 237 49.84 -16.23 -4.16
C GLU D 237 49.16 -16.10 -2.82
N GLY D 238 48.38 -17.11 -2.43
CA GLY D 238 47.90 -17.16 -1.07
C GLY D 238 49.04 -17.36 -0.09
N TYR D 239 49.85 -18.39 -0.31
CA TYR D 239 51.00 -18.67 0.56
C TYR D 239 52.14 -17.74 0.17
N ASP D 240 51.95 -16.47 0.47
CA ASP D 240 52.86 -15.43 0.03
C ASP D 240 53.59 -14.93 1.27
N SER D 241 54.77 -15.51 1.52
CA SER D 241 55.69 -15.10 2.60
C SER D 241 55.03 -15.16 3.97
N ILE D 242 54.11 -16.09 4.14
CA ILE D 242 53.39 -16.23 5.39
C ILE D 242 53.55 -17.65 5.88
N ASP D 243 53.86 -18.58 4.98
CA ASP D 243 54.11 -19.95 5.43
C ASP D 243 55.11 -20.58 4.46
N SER D 244 56.38 -20.47 4.78
CA SER D 244 57.44 -21.03 3.94
C SER D 244 57.50 -22.56 3.91
N PRO D 245 57.17 -23.31 4.98
CA PRO D 245 57.01 -24.76 4.78
C PRO D 245 55.88 -25.14 3.85
N LYS D 246 54.85 -24.30 3.72
CA LYS D 246 53.73 -24.64 2.87
C LYS D 246 53.73 -23.88 1.55
N ALA D 247 54.60 -22.90 1.38
CA ALA D 247 54.72 -22.23 0.10
C ALA D 247 55.79 -22.83 -0.79
N ILE D 248 56.74 -23.56 -0.21
CA ILE D 248 57.79 -24.17 -1.01
C ILE D 248 57.25 -25.33 -1.83
N THR D 249 56.23 -26.02 -1.34
CA THR D 249 55.71 -27.16 -2.07
C THR D 249 54.73 -26.73 -3.15
N SER D 250 54.23 -25.51 -3.11
CA SER D 250 53.38 -25.03 -4.19
C SER D 250 54.21 -24.79 -5.43
N LEU D 251 55.40 -24.24 -5.26
CA LEU D 251 56.27 -23.96 -6.40
C LEU D 251 56.76 -25.25 -7.03
N LYS D 252 56.97 -26.28 -6.22
CA LYS D 252 57.32 -27.59 -6.76
C LYS D 252 56.20 -28.15 -7.60
N TYR D 253 54.96 -27.97 -7.14
CA TYR D 253 53.83 -28.58 -7.81
C TYR D 253 53.49 -27.86 -9.10
N MET D 254 53.72 -26.55 -9.16
CA MET D 254 53.30 -25.80 -10.35
C MET D 254 54.27 -26.03 -11.50
N LEU D 255 55.52 -26.36 -11.20
CA LEU D 255 56.45 -26.61 -12.28
C LEU D 255 56.31 -28.03 -12.79
N LEU D 256 56.05 -28.96 -11.88
CA LEU D 256 55.77 -30.35 -12.25
C LEU D 256 54.52 -30.43 -13.10
N CYS D 257 53.53 -29.57 -12.82
CA CYS D 257 52.35 -29.49 -13.65
C CYS D 257 52.67 -28.89 -15.01
N LYS D 258 53.68 -28.03 -15.08
CA LYS D 258 54.01 -27.39 -16.34
C LYS D 258 54.96 -28.23 -17.17
N ILE D 259 55.86 -28.98 -16.52
CA ILE D 259 56.71 -29.93 -17.23
C ILE D 259 55.87 -30.99 -17.92
N MET D 260 54.83 -31.48 -17.25
CA MET D 260 53.93 -32.48 -17.83
C MET D 260 53.15 -31.92 -19.00
N LEU D 261 53.02 -30.59 -19.08
CA LEU D 261 52.42 -29.90 -20.20
C LEU D 261 53.42 -29.72 -21.35
N ASN D 262 54.61 -30.33 -21.24
CA ASN D 262 55.64 -30.39 -22.29
C ASN D 262 56.13 -28.99 -22.66
N THR D 263 56.15 -28.12 -21.68
CA THR D 263 56.60 -26.73 -21.85
C THR D 263 57.67 -26.45 -20.81
N PRO D 264 58.91 -26.89 -21.06
CA PRO D 264 59.96 -26.70 -20.06
C PRO D 264 60.55 -25.30 -20.11
N GLU D 265 60.28 -24.58 -21.21
CA GLU D 265 60.82 -23.25 -21.39
C GLU D 265 60.21 -22.26 -20.40
N ASP D 266 58.91 -22.36 -20.19
CA ASP D 266 58.21 -21.45 -19.28
C ASP D 266 58.62 -21.68 -17.84
N VAL D 267 59.07 -22.89 -17.52
CA VAL D 267 59.62 -23.17 -16.20
C VAL D 267 60.85 -22.31 -15.94
N GLN D 268 61.71 -22.21 -16.95
CA GLN D 268 62.87 -21.33 -16.85
C GLN D 268 62.45 -19.86 -16.81
N ALA D 269 61.33 -19.53 -17.45
CA ALA D 269 60.85 -18.16 -17.46
C ALA D 269 60.36 -17.72 -16.09
N LEU D 270 59.91 -18.65 -15.26
CA LEU D 270 59.30 -18.27 -13.99
C LEU D 270 60.31 -18.27 -12.85
N VAL D 271 61.25 -19.22 -12.85
CA VAL D 271 62.29 -19.22 -11.84
C VAL D 271 63.27 -18.09 -12.03
N SER D 272 63.36 -17.55 -13.25
CA SER D 272 64.13 -16.34 -13.51
C SER D 272 63.39 -15.09 -13.03
N GLY D 273 62.09 -15.17 -12.82
CA GLY D 273 61.37 -14.06 -12.24
C GLY D 273 61.74 -13.88 -10.79
N LYS D 274 61.52 -12.66 -10.30
CA LYS D 274 61.96 -12.28 -8.96
C LYS D 274 61.17 -12.98 -7.86
N LEU D 275 59.97 -13.45 -8.18
CA LEU D 275 59.08 -14.00 -7.17
C LEU D 275 59.58 -15.37 -6.71
N ALA D 276 60.18 -16.12 -7.61
CA ALA D 276 60.82 -17.37 -7.25
C ALA D 276 62.17 -17.17 -6.59
N LEU D 277 62.79 -16.00 -6.74
CA LEU D 277 64.10 -15.76 -6.15
C LEU D 277 64.02 -15.62 -4.65
N ARG D 278 62.82 -15.41 -4.11
CA ARG D 278 62.60 -15.54 -2.68
C ARG D 278 62.96 -16.92 -2.19
N TYR D 279 62.53 -17.95 -2.90
CA TYR D 279 62.76 -19.34 -2.50
C TYR D 279 63.66 -19.99 -3.53
N ALA D 280 64.96 -19.98 -3.27
CA ALA D 280 65.90 -20.70 -4.11
C ALA D 280 66.64 -21.72 -3.28
N GLY D 281 67.24 -22.69 -3.95
CA GLY D 281 67.99 -23.74 -3.27
C GLY D 281 68.16 -24.98 -4.13
N ARG D 282 68.20 -26.14 -3.48
CA ARG D 282 68.41 -27.41 -4.18
C ARG D 282 67.18 -27.86 -4.96
N GLN D 283 65.99 -27.45 -4.54
CA GLN D 283 64.78 -27.94 -5.17
C GLN D 283 64.52 -27.22 -6.49
N THR D 284 64.74 -25.91 -6.55
CA THR D 284 64.55 -25.19 -7.79
C THR D 284 65.61 -25.57 -8.83
N GLU D 285 66.79 -25.97 -8.37
CA GLU D 285 67.79 -26.46 -9.29
C GLU D 285 67.48 -27.89 -9.72
N ALA D 286 66.77 -28.62 -8.87
CA ALA D 286 66.39 -29.97 -9.22
C ALA D 286 65.35 -29.99 -10.33
N LEU D 287 64.48 -29.00 -10.37
CA LEU D 287 63.47 -28.97 -11.41
C LEU D 287 64.05 -28.46 -12.73
N LYS D 288 65.05 -27.58 -12.65
CA LYS D 288 65.60 -26.99 -13.86
C LYS D 288 66.44 -27.99 -14.65
N CYS D 289 67.22 -28.82 -13.96
CA CYS D 289 68.01 -29.82 -14.67
C CYS D 289 67.12 -30.93 -15.23
N VAL D 290 65.99 -31.19 -14.55
CA VAL D 290 64.95 -32.03 -15.13
C VAL D 290 64.32 -31.35 -16.33
N ALA D 291 64.04 -30.04 -16.20
CA ALA D 291 63.48 -29.27 -17.31
C ALA D 291 64.47 -29.18 -18.45
N GLN D 292 65.77 -29.18 -18.14
CA GLN D 292 66.79 -29.15 -19.18
C GLN D 292 66.81 -30.47 -19.94
N ALA D 293 66.69 -31.58 -19.22
CA ALA D 293 66.79 -32.89 -19.86
C ALA D 293 65.56 -33.24 -20.67
N SER D 294 64.38 -32.89 -20.15
CA SER D 294 63.14 -33.10 -20.91
C SER D 294 63.10 -32.23 -22.14
N LYS D 295 63.68 -31.04 -22.08
CA LYS D 295 63.82 -30.23 -23.28
C LYS D 295 64.78 -30.88 -24.26
N ASN D 296 65.92 -31.35 -23.77
CA ASN D 296 66.93 -31.97 -24.61
C ASN D 296 66.53 -33.36 -25.07
N ARG D 297 65.44 -33.92 -24.52
CA ARG D 297 64.92 -35.26 -24.81
C ARG D 297 65.93 -36.36 -24.49
N SER D 298 66.88 -36.05 -23.62
CA SER D 298 67.98 -36.96 -23.33
C SER D 298 67.57 -37.84 -22.17
N LEU D 299 67.73 -39.14 -22.35
CA LEU D 299 67.21 -40.12 -21.41
C LEU D 299 68.20 -40.44 -20.31
N ALA D 300 69.47 -40.56 -20.65
CA ALA D 300 70.48 -40.81 -19.63
C ALA D 300 70.77 -39.56 -18.81
N ASP D 301 70.64 -38.39 -19.43
CA ASP D 301 70.82 -37.14 -18.70
C ASP D 301 69.70 -36.94 -17.70
N PHE D 302 68.48 -37.27 -18.12
CA PHE D 302 67.33 -37.26 -17.21
C PHE D 302 67.49 -38.29 -16.11
N GLU D 303 68.07 -39.44 -16.44
CA GLU D 303 68.32 -40.45 -15.42
C GLU D 303 69.43 -40.02 -14.48
N LYS D 304 70.47 -39.38 -15.02
CA LYS D 304 71.59 -38.97 -14.19
C LYS D 304 71.21 -37.83 -13.27
N ALA D 305 70.43 -36.87 -13.77
CA ALA D 305 69.97 -35.76 -12.95
C ALA D 305 69.02 -36.25 -11.86
N LEU D 306 68.24 -37.29 -12.17
CA LEU D 306 67.50 -37.96 -11.12
C LEU D 306 68.42 -38.69 -10.15
N THR D 307 69.47 -39.32 -10.67
CA THR D 307 70.38 -40.08 -9.81
C THR D 307 71.25 -39.13 -8.99
N ASP D 308 71.67 -38.01 -9.58
CA ASP D 308 72.47 -37.04 -8.84
C ASP D 308 71.63 -36.36 -7.76
N TYR D 309 70.36 -36.17 -8.02
CA TYR D 309 69.49 -35.49 -7.07
C TYR D 309 68.52 -36.50 -6.49
N ARG D 310 68.94 -37.19 -5.43
CA ARG D 310 68.08 -38.23 -4.89
C ARG D 310 67.01 -37.64 -3.99
N ALA D 311 67.39 -37.15 -2.82
CA ALA D 311 66.42 -36.83 -1.78
C ALA D 311 65.61 -35.58 -2.08
N GLU D 312 66.04 -34.77 -3.03
CA GLU D 312 65.27 -33.64 -3.51
C GLU D 312 63.92 -34.07 -4.08
N LEU D 313 63.91 -35.13 -4.88
CA LEU D 313 62.65 -35.51 -5.54
C LEU D 313 62.44 -37.02 -5.66
N ARG D 314 63.22 -37.88 -4.97
CA ARG D 314 62.93 -39.30 -5.09
C ARG D 314 61.69 -39.69 -4.30
N ASP D 315 61.29 -38.88 -3.32
CA ASP D 315 60.10 -39.20 -2.57
C ASP D 315 58.88 -38.87 -3.39
N ASP D 316 57.73 -39.34 -2.94
CA ASP D 316 56.49 -39.11 -3.66
C ASP D 316 55.46 -38.43 -2.78
N PRO D 317 55.61 -37.12 -2.49
CA PRO D 317 54.55 -36.42 -1.77
C PRO D 317 53.59 -35.46 -2.51
N ILE D 318 52.93 -35.73 -3.65
CA ILE D 318 52.99 -36.91 -4.48
C ILE D 318 53.41 -36.48 -5.88
N ILE D 319 54.68 -36.66 -6.19
CA ILE D 319 55.24 -36.20 -7.46
C ILE D 319 55.99 -37.31 -8.18
N SER D 320 56.54 -38.27 -7.43
CA SER D 320 57.34 -39.31 -8.06
C SER D 320 56.46 -40.33 -8.79
N THR D 321 55.16 -40.34 -8.50
CA THR D 321 54.23 -41.09 -9.31
C THR D 321 54.20 -40.54 -10.72
N HIS D 322 54.10 -39.21 -10.86
CA HIS D 322 54.01 -38.61 -12.18
C HIS D 322 55.35 -38.64 -12.88
N LEU D 323 56.44 -38.63 -12.13
CA LEU D 323 57.76 -38.68 -12.73
C LEU D 323 58.01 -40.01 -13.41
N ALA D 324 57.52 -41.09 -12.80
CA ALA D 324 57.57 -42.40 -13.45
C ALA D 324 56.70 -42.43 -14.68
N LYS D 325 55.58 -41.72 -14.66
CA LYS D 325 54.72 -41.67 -15.84
C LYS D 325 55.35 -40.83 -16.92
N LEU D 326 56.11 -39.81 -16.53
CA LEU D 326 56.82 -39.02 -17.51
C LEU D 326 58.02 -39.77 -18.04
N TYR D 327 58.60 -40.63 -17.21
CA TYR D 327 59.80 -41.35 -17.61
C TYR D 327 59.47 -42.46 -18.59
N ASP D 328 58.40 -43.22 -18.32
CA ASP D 328 58.03 -44.30 -19.21
C ASP D 328 57.32 -43.78 -20.43
N ASN D 329 56.85 -42.54 -20.39
CA ASN D 329 56.44 -41.87 -21.60
C ASN D 329 57.67 -41.53 -22.44
N LEU D 330 58.76 -41.14 -21.80
CA LEU D 330 59.92 -40.68 -22.54
C LEU D 330 60.67 -41.82 -23.20
N LEU D 331 60.60 -43.03 -22.63
CA LEU D 331 61.19 -44.19 -23.29
C LEU D 331 60.46 -44.52 -24.58
N GLU D 332 59.15 -44.68 -24.49
CA GLU D 332 58.40 -45.15 -25.65
C GLU D 332 58.30 -44.10 -26.73
N GLN D 333 58.53 -42.83 -26.40
CA GLN D 333 58.68 -41.83 -27.45
C GLN D 333 60.01 -41.95 -28.15
N ASN D 334 61.07 -42.26 -27.42
CA ASN D 334 62.34 -42.46 -28.07
C ASN D 334 62.39 -43.78 -28.84
N LEU D 335 61.70 -44.80 -28.32
CA LEU D 335 61.80 -46.13 -28.92
C LEU D 335 60.92 -46.28 -30.16
N ILE D 336 59.95 -45.40 -30.39
CA ILE D 336 59.22 -45.47 -31.65
C ILE D 336 59.95 -44.78 -32.78
N ARG D 337 60.98 -43.99 -32.47
CA ARG D 337 61.76 -43.31 -33.49
C ARG D 337 62.85 -44.20 -34.08
N VAL D 338 63.11 -45.35 -33.47
CA VAL D 338 64.21 -46.20 -33.90
C VAL D 338 63.64 -47.50 -34.45
N ILE D 339 62.50 -47.39 -35.11
CA ILE D 339 61.84 -48.53 -35.74
C ILE D 339 61.78 -48.37 -37.26
N GLU D 340 61.56 -47.14 -37.71
CA GLU D 340 61.37 -46.87 -39.13
C GLU D 340 62.51 -47.22 -40.09
N PRO D 341 63.82 -47.17 -39.72
CA PRO D 341 64.83 -47.49 -40.76
C PRO D 341 64.86 -48.93 -41.23
N PHE D 342 64.16 -49.85 -40.57
CA PHE D 342 64.29 -51.28 -40.87
C PHE D 342 63.02 -52.02 -40.54
N SER D 343 63.04 -53.32 -40.79
CA SER D 343 62.06 -54.21 -40.20
C SER D 343 62.68 -55.20 -39.25
N ARG D 344 64.01 -55.32 -39.24
CA ARG D 344 64.72 -56.39 -38.52
C ARG D 344 66.07 -55.87 -38.07
N VAL D 345 66.39 -56.04 -36.79
CA VAL D 345 67.63 -55.51 -36.26
C VAL D 345 68.01 -56.30 -35.02
N GLN D 346 69.28 -56.17 -34.66
CA GLN D 346 69.89 -56.68 -33.44
C GLN D 346 69.73 -55.65 -32.32
N ILE D 347 69.83 -56.07 -31.07
CA ILE D 347 69.44 -55.21 -29.96
C ILE D 347 70.60 -54.34 -29.49
N GLU D 348 71.83 -54.75 -29.75
CA GLU D 348 72.97 -54.04 -29.17
C GLU D 348 73.18 -52.70 -29.87
N HIS D 349 72.85 -52.61 -31.16
CA HIS D 349 72.81 -51.31 -31.83
C HIS D 349 71.70 -50.45 -31.29
N ILE D 350 70.59 -51.07 -30.92
CA ILE D 350 69.48 -50.33 -30.35
C ILE D 350 69.86 -49.79 -28.99
N SER D 351 70.55 -50.60 -28.19
CA SER D 351 71.13 -50.11 -26.95
C SER D 351 72.16 -49.02 -27.22
N SER D 352 72.88 -49.12 -28.34
CA SER D 352 73.89 -48.13 -28.65
C SER D 352 73.26 -46.84 -29.15
N LEU D 353 72.20 -46.93 -29.94
CA LEU D 353 71.47 -45.74 -30.34
C LEU D 353 70.72 -45.12 -29.18
N ILE D 354 70.16 -45.94 -28.30
CA ILE D 354 69.39 -45.35 -27.21
C ILE D 354 70.29 -44.92 -26.08
N LYS D 355 71.53 -45.46 -26.01
CA LYS D 355 72.57 -45.13 -25.05
C LYS D 355 72.08 -45.40 -23.62
N LEU D 356 71.24 -46.42 -23.44
CA LEU D 356 70.77 -46.67 -22.08
C LEU D 356 71.16 -48.04 -21.53
N SER D 357 70.62 -49.11 -22.11
CA SER D 357 70.82 -50.49 -21.68
C SER D 357 70.16 -51.39 -22.70
N LYS D 358 70.10 -52.70 -22.41
CA LYS D 358 69.38 -53.59 -23.32
C LYS D 358 68.31 -54.41 -22.61
N ALA D 359 68.52 -54.73 -21.32
CA ALA D 359 67.62 -55.64 -20.63
C ALA D 359 66.28 -54.98 -20.34
N ASP D 360 66.31 -53.72 -19.94
CA ASP D 360 65.09 -52.94 -19.80
C ASP D 360 64.40 -52.74 -21.15
N VAL D 361 65.20 -52.61 -22.22
CA VAL D 361 64.65 -52.33 -23.54
C VAL D 361 63.83 -53.51 -24.02
N GLU D 362 64.31 -54.72 -23.72
CA GLU D 362 63.53 -55.92 -24.01
C GLU D 362 62.25 -55.95 -23.21
N ARG D 363 62.33 -55.61 -21.92
CA ARG D 363 61.14 -55.62 -21.08
C ARG D 363 60.18 -54.51 -21.49
N LYS D 364 60.71 -53.41 -22.00
CA LYS D 364 59.85 -52.33 -22.46
C LYS D 364 59.20 -52.69 -23.79
N LEU D 365 59.97 -53.22 -24.74
CA LEU D 365 59.41 -53.62 -26.02
C LEU D 365 58.46 -54.79 -25.89
N SER D 366 58.72 -55.68 -24.93
CA SER D 366 57.75 -56.75 -24.66
C SER D 366 56.44 -56.17 -24.19
N GLN D 367 56.51 -55.11 -23.37
CA GLN D 367 55.31 -54.48 -22.85
C GLN D 367 54.54 -53.78 -23.95
N MET D 368 55.24 -53.22 -24.93
CA MET D 368 54.57 -52.47 -25.97
C MET D 368 53.86 -53.40 -26.96
N ILE D 369 54.32 -54.65 -27.03
CA ILE D 369 53.61 -55.62 -27.85
C ILE D 369 52.52 -56.30 -27.05
N LEU D 370 52.77 -56.53 -25.76
CA LEU D 370 51.72 -56.99 -24.85
C LEU D 370 50.56 -56.02 -24.78
N ASP D 371 50.85 -54.74 -24.76
CA ASP D 371 49.79 -53.75 -24.69
C ASP D 371 49.44 -53.18 -26.05
N LYS D 372 49.89 -53.85 -27.13
CA LYS D 372 49.43 -53.64 -28.51
C LYS D 372 49.75 -52.24 -29.02
N LYS D 373 50.78 -51.61 -28.46
CA LYS D 373 51.20 -50.30 -28.90
C LYS D 373 52.23 -50.39 -30.01
N PHE D 374 52.54 -51.59 -30.47
CA PHE D 374 53.67 -51.81 -31.35
C PHE D 374 53.48 -53.16 -32.03
N HIS D 375 53.92 -53.26 -33.27
CA HIS D 375 53.72 -54.46 -34.08
C HIS D 375 55.07 -55.08 -34.39
N GLY D 376 55.43 -56.14 -33.66
CA GLY D 376 56.71 -56.77 -33.86
C GLY D 376 56.82 -58.06 -33.07
N ILE D 377 58.04 -58.60 -33.03
CA ILE D 377 58.32 -59.88 -32.39
C ILE D 377 59.80 -59.88 -32.02
N LEU D 378 60.15 -60.72 -31.06
CA LEU D 378 61.52 -60.76 -30.57
C LEU D 378 62.08 -62.18 -30.60
N ASP D 379 63.41 -62.26 -30.60
CA ASP D 379 64.14 -63.51 -30.55
C ASP D 379 65.05 -63.51 -29.34
N GLN D 380 64.98 -64.57 -28.55
CA GLN D 380 65.94 -64.74 -27.46
C GLN D 380 67.16 -65.53 -27.90
N GLY D 381 67.00 -66.42 -28.88
CA GLY D 381 68.12 -67.16 -29.41
C GLY D 381 69.07 -66.31 -30.23
N GLU D 382 68.61 -65.19 -30.77
CA GLU D 382 69.45 -64.37 -31.62
C GLU D 382 69.50 -62.91 -31.24
N GLY D 383 68.68 -62.46 -30.28
CA GLY D 383 68.62 -61.07 -29.88
C GLY D 383 68.19 -60.17 -31.01
N VAL D 384 67.23 -60.64 -31.79
CA VAL D 384 66.85 -59.96 -33.03
C VAL D 384 65.43 -59.47 -32.89
N LEU D 385 65.27 -58.14 -32.88
CA LEU D 385 63.98 -57.50 -33.03
C LEU D 385 63.56 -57.60 -34.48
N ILE D 386 62.33 -58.04 -34.71
CA ILE D 386 61.75 -58.15 -36.05
C ILE D 386 60.41 -57.42 -36.03
N ILE D 387 60.22 -56.49 -36.95
CA ILE D 387 58.96 -55.75 -37.10
C ILE D 387 58.21 -56.30 -38.31
N PHE D 388 56.99 -56.77 -38.07
CA PHE D 388 56.12 -57.24 -39.13
C PHE D 388 54.83 -56.45 -39.09
N ASP D 389 53.92 -56.81 -39.99
CA ASP D 389 52.61 -56.18 -40.10
C ASP D 389 51.51 -57.24 -40.01
N GLU D 390 50.26 -56.78 -40.03
CA GLU D 390 49.09 -57.63 -39.87
C GLU D 390 48.17 -57.47 -41.06
N PRO D 391 47.32 -58.45 -41.32
CA PRO D 391 46.23 -58.24 -42.27
C PRO D 391 45.18 -57.33 -41.66
N PRO D 392 44.87 -56.21 -42.30
CA PRO D 392 43.78 -55.36 -41.79
C PRO D 392 42.40 -55.95 -42.02
N VAL D 393 42.22 -56.73 -43.08
CA VAL D 393 40.90 -57.28 -43.44
C VAL D 393 40.62 -58.49 -42.55
N ASP D 394 39.51 -58.44 -41.83
CA ASP D 394 39.01 -59.64 -41.17
C ASP D 394 37.50 -59.72 -41.20
N LYS D 395 36.85 -58.71 -41.78
CA LYS D 395 35.42 -58.52 -41.58
C LYS D 395 34.59 -59.46 -42.44
N THR D 396 35.19 -60.06 -43.47
CA THR D 396 34.43 -60.96 -44.31
C THR D 396 34.15 -62.27 -43.60
N TYR D 397 35.18 -62.86 -42.98
CA TYR D 397 35.01 -64.18 -42.39
C TYR D 397 34.31 -64.09 -41.04
N GLU D 398 34.54 -62.98 -40.33
CA GLU D 398 33.91 -62.77 -39.03
C GLU D 398 32.40 -62.64 -39.16
N ALA D 399 31.94 -61.88 -40.15
CA ALA D 399 30.51 -61.81 -40.43
C ALA D 399 29.99 -63.11 -41.00
N ALA D 400 30.86 -63.91 -41.62
CA ALA D 400 30.45 -65.18 -42.16
C ALA D 400 30.18 -66.21 -41.07
N LEU D 401 31.07 -66.29 -40.07
CA LEU D 401 30.97 -67.35 -39.07
C LEU D 401 29.81 -67.13 -38.11
N GLU D 402 29.35 -65.89 -37.97
CA GLU D 402 28.19 -65.63 -37.13
C GLU D 402 26.91 -66.15 -37.75
N THR D 403 26.83 -66.13 -39.08
CA THR D 403 25.68 -66.69 -39.77
C THR D 403 25.60 -68.20 -39.63
N ILE D 404 26.74 -68.85 -39.36
CA ILE D 404 26.73 -70.29 -39.12
C ILE D 404 26.03 -70.60 -37.82
N GLN D 405 26.16 -69.70 -36.84
CA GLN D 405 25.46 -69.88 -35.58
C GLN D 405 23.96 -69.71 -35.75
N ASN D 406 23.55 -68.77 -36.60
CA ASN D 406 22.13 -68.60 -36.88
C ASN D 406 21.58 -69.79 -37.66
N MET D 407 22.34 -70.30 -38.62
CA MET D 407 21.91 -71.48 -39.37
C MET D 407 21.88 -72.72 -38.50
N SER D 408 22.74 -72.78 -37.47
CA SER D 408 22.79 -73.98 -36.65
C SER D 408 21.55 -74.10 -35.78
N LYS D 409 21.03 -72.98 -35.30
CA LYS D 409 19.91 -73.04 -34.38
C LYS D 409 18.61 -73.32 -35.11
N VAL D 410 18.49 -72.87 -36.36
CA VAL D 410 17.25 -73.14 -37.11
C VAL D 410 17.21 -74.59 -37.54
N VAL D 411 18.37 -75.21 -37.78
CA VAL D 411 18.42 -76.63 -38.08
C VAL D 411 18.10 -77.43 -36.83
N ASP D 412 18.55 -76.94 -35.67
CA ASP D 412 18.11 -77.47 -34.40
C ASP D 412 16.61 -77.24 -34.21
N SER D 413 16.11 -76.10 -34.68
CA SER D 413 14.70 -75.78 -34.51
C SER D 413 13.82 -76.55 -35.49
N LEU D 414 14.38 -76.96 -36.61
CA LEU D 414 13.66 -77.89 -37.47
C LEU D 414 13.80 -79.31 -36.97
N TYR D 415 14.86 -79.59 -36.20
CA TYR D 415 15.13 -80.95 -35.75
C TYR D 415 14.11 -81.41 -34.72
N ASN D 416 13.94 -80.63 -33.66
CA ASN D 416 12.98 -80.99 -32.63
C ASN D 416 11.54 -80.85 -33.11
N LYS D 417 11.31 -79.99 -34.11
CA LYS D 417 9.99 -79.92 -34.74
C LYS D 417 9.69 -81.19 -35.50
N ALA D 418 10.64 -81.67 -36.30
CA ALA D 418 10.46 -82.92 -37.01
C ALA D 418 10.49 -84.11 -36.07
N LYS D 419 11.19 -83.98 -34.94
CA LYS D 419 11.16 -85.00 -33.90
C LYS D 419 9.78 -85.09 -33.25
N LYS D 420 9.20 -83.94 -32.90
CA LYS D 420 7.93 -83.92 -32.19
C LYS D 420 6.79 -84.40 -33.07
N LEU D 421 6.77 -83.98 -34.33
CA LEU D 421 5.77 -84.42 -35.28
C LEU D 421 6.45 -84.67 -36.62
N THR D 422 6.11 -85.81 -37.22
CA THR D 422 6.79 -86.29 -38.42
C THR D 422 6.51 -85.41 -39.63
N PRO E 12 18.58 -65.38 12.37
CA PRO E 12 18.47 -66.84 12.53
C PRO E 12 19.29 -67.55 11.49
N LYS E 13 19.35 -66.95 10.31
CA LYS E 13 20.18 -67.42 9.22
C LYS E 13 21.26 -66.38 8.91
N ASN E 14 21.58 -65.55 9.90
CA ASN E 14 22.61 -64.53 9.72
C ASN E 14 24.02 -65.12 9.93
N PRO E 15 24.36 -65.85 11.04
CA PRO E 15 25.72 -66.39 11.11
C PRO E 15 25.83 -67.79 10.56
N ASP E 16 25.21 -68.07 9.42
CA ASP E 16 25.00 -69.45 9.05
C ASP E 16 25.91 -69.91 7.91
N LEU E 17 26.55 -68.97 7.21
CA LEU E 17 27.53 -69.34 6.20
C LEU E 17 28.83 -69.78 6.84
N ARG E 18 29.17 -69.17 7.99
CA ARG E 18 30.36 -69.56 8.73
C ARG E 18 30.25 -70.98 9.24
N ILE E 19 29.06 -71.34 9.71
CA ILE E 19 28.79 -72.70 10.18
C ILE E 19 29.00 -73.69 9.04
N ALA E 20 28.57 -73.33 7.84
CA ALA E 20 28.71 -74.18 6.66
C ALA E 20 30.17 -74.40 6.31
N GLN E 21 31.04 -73.43 6.61
CA GLN E 21 32.46 -73.65 6.41
C GLN E 21 33.03 -74.57 7.47
N LEU E 22 32.65 -74.34 8.74
CA LEU E 22 33.19 -75.13 9.84
C LEU E 22 32.70 -76.57 9.80
N ARG E 23 31.51 -76.78 9.24
CA ARG E 23 31.12 -78.15 8.92
C ARG E 23 31.99 -78.71 7.81
N PHE E 24 32.25 -77.89 6.78
CA PHE E 24 33.03 -78.37 5.65
C PHE E 24 34.51 -78.52 6.01
N LEU E 25 35.03 -77.60 6.82
CA LEU E 25 36.45 -77.63 7.15
C LEU E 25 36.79 -78.81 8.03
N LEU E 26 35.86 -79.21 8.90
CA LEU E 26 36.12 -80.32 9.79
C LEU E 26 35.86 -81.67 9.14
N SER E 27 34.88 -81.76 8.23
CA SER E 27 34.43 -83.05 7.73
C SER E 27 35.42 -83.63 6.71
N LEU E 28 35.72 -82.87 5.65
CA LEU E 28 36.38 -83.48 4.50
C LEU E 28 37.90 -83.62 4.68
N PRO E 29 38.64 -82.65 5.22
CA PRO E 29 40.02 -82.98 5.63
C PRO E 29 40.07 -83.46 7.07
N GLU E 30 40.71 -84.60 7.26
CA GLU E 30 40.81 -85.19 8.59
C GLU E 30 41.98 -84.66 9.39
N HIS E 31 43.07 -84.28 8.71
CA HIS E 31 44.20 -83.63 9.36
C HIS E 31 43.82 -82.28 9.95
N ARG E 32 42.84 -81.61 9.37
CA ARG E 32 42.35 -80.34 9.87
C ARG E 32 41.21 -80.65 10.83
N GLY E 33 41.56 -80.90 12.10
CA GLY E 33 40.57 -81.21 13.11
C GLY E 33 40.88 -80.66 14.49
N ASP E 34 41.68 -79.59 14.55
CA ASP E 34 42.11 -79.06 15.85
C ASP E 34 41.20 -77.95 16.37
N ALA E 35 41.06 -76.86 15.61
CA ALA E 35 40.30 -75.70 16.06
C ALA E 35 38.86 -75.67 15.55
N ALA E 36 38.57 -76.40 14.47
CA ALA E 36 37.21 -76.45 13.95
C ALA E 36 36.29 -77.18 14.92
N VAL E 37 36.84 -78.12 15.70
CA VAL E 37 36.07 -78.76 16.74
C VAL E 37 35.99 -77.86 17.97
N ARG E 38 36.88 -76.88 18.06
CA ARG E 38 36.88 -76.02 19.24
C ARG E 38 35.82 -74.93 19.15
N ASP E 39 35.64 -74.34 17.97
CA ASP E 39 34.73 -73.22 17.86
C ASP E 39 33.31 -73.64 17.47
N GLU E 40 33.15 -74.70 16.70
CA GLU E 40 31.83 -75.16 16.31
C GLU E 40 31.10 -75.87 17.45
N LEU E 41 31.85 -76.49 18.37
CA LEU E 41 31.23 -77.07 19.56
C LEU E 41 30.61 -75.99 20.43
N MET E 42 31.22 -74.81 20.48
CA MET E 42 30.57 -73.67 21.12
C MET E 42 29.38 -73.20 20.30
N ALA E 43 29.49 -73.27 18.97
CA ALA E 43 28.36 -72.95 18.11
C ALA E 43 27.29 -74.02 18.19
N ALA E 44 27.69 -75.26 18.47
CA ALA E 44 26.73 -76.35 18.60
C ALA E 44 25.86 -76.18 19.84
N VAL E 45 26.50 -75.93 21.00
CA VAL E 45 25.75 -75.82 22.24
C VAL E 45 24.94 -74.54 22.32
N ARG E 46 25.32 -73.52 21.56
CA ARG E 46 24.50 -72.33 21.41
C ARG E 46 23.64 -72.48 20.16
N ASP E 47 22.85 -71.44 19.89
CA ASP E 47 22.00 -71.26 18.72
C ASP E 47 20.83 -72.25 18.65
N ASN E 48 20.76 -73.19 19.61
CA ASN E 48 19.75 -74.24 19.74
C ASN E 48 19.76 -75.14 18.50
N ASN E 49 20.94 -75.31 17.91
CA ASN E 49 21.09 -76.11 16.69
C ASN E 49 20.97 -77.57 17.07
N MET E 50 19.77 -78.13 17.00
CA MET E 50 19.56 -79.46 17.58
C MET E 50 19.10 -80.47 16.55
N ALA E 51 18.59 -80.00 15.44
CA ALA E 51 18.49 -80.98 14.37
C ALA E 51 19.82 -81.15 13.61
N PRO E 52 20.43 -80.07 13.02
CA PRO E 52 21.42 -80.37 11.96
C PRO E 52 22.80 -80.48 12.54
N TYR E 53 23.03 -81.40 13.48
CA TYR E 53 24.36 -81.58 14.00
C TYR E 53 24.73 -83.04 14.19
N TYR E 54 23.84 -83.96 13.84
CA TYR E 54 24.05 -85.38 14.11
C TYR E 54 25.18 -85.94 13.27
N GLU E 55 25.26 -85.52 12.00
CA GLU E 55 26.36 -85.94 11.13
C GLU E 55 27.68 -85.38 11.63
N ALA E 56 27.68 -84.09 11.98
CA ALA E 56 28.86 -83.45 12.55
C ALA E 56 29.22 -84.02 13.91
N LEU E 57 28.27 -84.70 14.57
CA LEU E 57 28.62 -85.46 15.75
C LEU E 57 28.96 -86.91 15.41
N CYS E 58 28.34 -87.48 14.37
CA CYS E 58 28.68 -88.85 13.99
C CYS E 58 29.96 -88.93 13.17
N LYS E 59 30.36 -87.85 12.49
CA LYS E 59 31.57 -87.88 11.69
C LYS E 59 32.79 -87.35 12.43
N SER E 60 32.62 -86.78 13.62
CA SER E 60 33.78 -86.23 14.32
C SER E 60 34.11 -86.93 15.62
N LEU E 61 33.19 -86.88 16.57
CA LEU E 61 33.39 -87.38 17.91
C LEU E 61 32.45 -88.57 18.15
N ASP E 62 32.35 -89.03 19.40
CA ASP E 62 31.43 -90.12 19.64
C ASP E 62 30.07 -89.57 20.03
N TRP E 63 29.97 -88.98 21.23
CA TRP E 63 28.73 -88.46 21.78
C TRP E 63 29.05 -87.58 22.98
N GLN E 64 28.05 -86.82 23.41
CA GLN E 64 28.15 -86.00 24.60
C GLN E 64 26.75 -85.68 25.08
N ILE E 65 26.54 -85.69 26.40
CA ILE E 65 25.23 -85.40 26.96
C ILE E 65 25.05 -83.91 27.20
N ASP E 66 24.43 -83.23 26.24
CA ASP E 66 23.79 -81.93 26.40
C ASP E 66 22.51 -81.99 25.58
N VAL E 67 22.19 -83.20 25.12
CA VAL E 67 21.25 -83.40 24.03
C VAL E 67 19.82 -83.30 24.50
N ASP E 68 19.49 -84.04 25.57
CA ASP E 68 18.13 -84.02 26.11
C ASP E 68 17.82 -82.69 26.78
N LEU E 69 18.87 -81.98 27.21
CA LEU E 69 18.69 -80.66 27.80
C LEU E 69 18.15 -79.68 26.78
N LEU E 70 18.71 -79.70 25.59
CA LEU E 70 18.29 -78.77 24.55
C LEU E 70 17.02 -79.24 23.85
N ASN E 71 16.75 -80.55 23.87
CA ASN E 71 15.57 -81.08 23.20
C ASN E 71 14.29 -80.63 23.89
N LYS E 72 14.29 -80.64 25.23
CA LYS E 72 13.09 -80.24 25.95
C LYS E 72 12.88 -78.73 25.89
N MET E 73 13.95 -77.97 25.67
CA MET E 73 13.80 -76.53 25.58
C MET E 73 13.27 -76.12 24.23
N LYS E 74 13.78 -76.74 23.15
CA LYS E 74 13.26 -76.44 21.82
C LYS E 74 11.84 -76.96 21.66
N LYS E 75 11.48 -78.03 22.36
CA LYS E 75 10.13 -78.57 22.25
C LYS E 75 9.13 -77.69 22.99
N ALA E 76 9.45 -77.31 24.22
CA ALA E 76 8.56 -76.45 24.99
C ALA E 76 8.46 -75.07 24.39
N ASN E 77 9.52 -74.62 23.70
CA ASN E 77 9.44 -73.36 22.99
C ASN E 77 8.54 -73.49 21.76
N GLU E 78 8.75 -74.57 20.98
CA GLU E 78 7.93 -74.85 19.81
C GLU E 78 6.47 -75.03 20.20
N ASP E 79 6.22 -75.74 21.30
CA ASP E 79 4.86 -75.89 21.81
C ASP E 79 4.29 -74.56 22.28
N GLU E 80 5.12 -73.74 22.91
CA GLU E 80 4.71 -72.37 23.23
C GLU E 80 4.49 -71.56 21.97
N LEU E 81 5.24 -71.86 20.92
CA LEU E 81 4.98 -71.24 19.63
C LEU E 81 3.81 -71.92 18.92
N LYS E 82 3.60 -73.21 19.19
CA LYS E 82 2.46 -73.91 18.60
C LYS E 82 1.16 -73.45 19.24
N ARG E 83 1.15 -73.24 20.56
CA ARG E 83 -0.08 -72.83 21.23
C ARG E 83 -0.43 -71.38 20.94
N LEU E 84 0.56 -70.61 20.48
CA LEU E 84 0.30 -69.20 20.20
C LEU E 84 -0.48 -69.02 18.90
N ASP E 85 0.03 -69.57 17.80
CA ASP E 85 -0.59 -69.28 16.51
C ASP E 85 -1.88 -70.05 16.29
N GLU E 86 -2.11 -71.13 17.05
CA GLU E 86 -3.42 -71.76 16.97
C GLU E 86 -4.47 -70.94 17.71
N GLU E 87 -4.10 -70.32 18.84
CA GLU E 87 -5.02 -69.46 19.56
C GLU E 87 -5.28 -68.19 18.76
N LEU E 88 -4.26 -67.75 18.02
CA LEU E 88 -4.40 -66.60 17.15
C LEU E 88 -5.38 -66.87 16.03
N GLU E 89 -5.28 -68.04 15.39
CA GLU E 89 -6.18 -68.35 14.30
C GLU E 89 -7.52 -68.86 14.79
N ASP E 90 -7.67 -69.11 16.09
CA ASP E 90 -8.98 -69.45 16.64
C ASP E 90 -9.70 -68.28 17.25
N ALA E 91 -8.97 -67.24 17.64
CA ALA E 91 -9.61 -66.04 18.19
C ALA E 91 -9.64 -64.92 17.16
N GLU E 92 -8.52 -64.68 16.50
CA GLU E 92 -8.37 -63.50 15.65
C GLU E 92 -8.46 -63.91 14.18
N LYS E 93 -9.43 -63.35 13.48
CA LYS E 93 -9.72 -63.77 12.11
C LYS E 93 -9.22 -62.71 11.15
N ASN E 94 -7.94 -62.80 10.77
CA ASN E 94 -7.39 -62.01 9.69
C ASN E 94 -6.41 -62.87 8.90
N LEU E 95 -6.56 -62.83 7.57
CA LEU E 95 -5.79 -63.66 6.66
C LEU E 95 -4.97 -62.79 5.72
N GLY E 96 -4.39 -63.45 4.71
CA GLY E 96 -3.45 -62.78 3.81
C GLY E 96 -2.10 -62.63 4.48
N GLU E 97 -1.69 -61.38 4.70
CA GLU E 97 -0.52 -61.07 5.49
C GLU E 97 -1.03 -60.37 6.74
N SER E 98 -1.00 -61.07 7.86
CA SER E 98 -1.56 -60.55 9.10
C SER E 98 -0.74 -61.07 10.27
N GLU E 99 -1.33 -61.02 11.47
CA GLU E 99 -0.63 -61.51 12.66
C GLU E 99 -0.41 -63.01 12.59
N ILE E 100 -1.31 -63.71 11.89
CA ILE E 100 -1.09 -65.11 11.54
C ILE E 100 0.16 -65.28 10.68
N ARG E 101 0.36 -64.37 9.72
CA ARG E 101 1.43 -64.53 8.73
C ARG E 101 2.81 -64.40 9.35
N ASP E 102 3.05 -63.32 10.11
CA ASP E 102 4.36 -63.17 10.72
C ASP E 102 4.53 -64.09 11.93
N ALA E 103 3.47 -64.76 12.35
CA ALA E 103 3.66 -65.95 13.18
C ALA E 103 4.19 -67.11 12.36
N MET E 104 3.66 -67.29 11.14
CA MET E 104 4.00 -68.46 10.32
C MET E 104 5.44 -68.41 9.83
N MET E 105 5.94 -67.22 9.50
CA MET E 105 7.33 -67.12 9.10
C MET E 105 8.25 -67.21 10.31
N ALA E 106 7.79 -66.79 11.49
CA ALA E 106 8.62 -66.88 12.69
C ALA E 106 8.72 -68.31 13.15
N LYS E 107 7.69 -69.12 12.89
CA LYS E 107 7.85 -70.56 13.01
C LYS E 107 8.85 -71.08 12.00
N ALA E 108 8.74 -70.60 10.76
CA ALA E 108 9.58 -71.14 9.68
C ALA E 108 11.04 -70.74 9.84
N GLU E 109 11.30 -69.52 10.30
CA GLU E 109 12.67 -69.12 10.58
C GLU E 109 13.20 -69.85 11.82
N TYR E 110 12.31 -70.18 12.76
CA TYR E 110 12.69 -71.06 13.85
C TYR E 110 12.99 -72.45 13.34
N LEU E 111 12.32 -72.84 12.25
CA LEU E 111 12.60 -74.12 11.63
C LEU E 111 13.92 -74.11 10.88
N CYS E 112 14.26 -72.99 10.25
CA CYS E 112 15.54 -72.95 9.53
C CYS E 112 16.71 -72.86 10.47
N ARG E 113 16.58 -72.08 11.55
CA ARG E 113 17.69 -71.90 12.49
C ARG E 113 17.94 -73.16 13.31
N ILE E 114 16.88 -73.78 13.81
CA ILE E 114 16.97 -74.87 14.76
C ILE E 114 16.73 -76.21 14.09
N GLY E 115 15.64 -76.34 13.35
CA GLY E 115 15.28 -77.62 12.80
C GLY E 115 15.97 -77.88 11.47
N ASP E 116 15.58 -78.99 10.87
CA ASP E 116 16.05 -79.39 9.55
C ASP E 116 15.34 -78.64 8.44
N LYS E 117 15.73 -78.95 7.20
CA LYS E 117 15.16 -78.28 6.04
C LYS E 117 13.75 -78.72 5.70
N GLU E 118 13.33 -79.93 6.07
CA GLU E 118 12.11 -80.49 5.52
C GLU E 118 10.88 -79.82 6.13
N GLY E 119 10.87 -79.65 7.45
CA GLY E 119 9.80 -78.90 8.08
C GLY E 119 9.77 -77.45 7.65
N ALA E 120 10.92 -76.90 7.28
CA ALA E 120 10.98 -75.52 6.83
C ALA E 120 10.35 -75.38 5.44
N LEU E 121 10.69 -76.30 4.54
CA LEU E 121 10.23 -76.16 3.16
C LEU E 121 8.75 -76.46 3.02
N THR E 122 8.20 -77.31 3.90
CA THR E 122 6.75 -77.49 3.89
C THR E 122 6.04 -76.34 4.60
N ALA E 123 6.70 -75.70 5.57
CA ALA E 123 6.13 -74.49 6.13
C ALA E 123 6.28 -73.34 5.17
N PHE E 124 7.31 -73.38 4.33
CA PHE E 124 7.48 -72.38 3.28
C PHE E 124 6.37 -72.46 2.25
N ARG E 125 6.15 -73.66 1.68
CA ARG E 125 5.13 -73.82 0.64
C ARG E 125 3.73 -73.65 1.21
N LYS E 126 3.56 -73.91 2.51
CA LYS E 126 2.32 -73.57 3.17
C LYS E 126 2.13 -72.07 3.28
N THR E 127 3.16 -71.36 3.75
CA THR E 127 3.00 -69.93 3.93
C THR E 127 3.18 -69.16 2.63
N TYR E 128 3.70 -69.80 1.57
CA TYR E 128 3.81 -69.12 0.29
C TYR E 128 2.44 -68.91 -0.34
N ASP E 129 1.52 -69.85 -0.16
CA ASP E 129 0.19 -69.72 -0.71
C ASP E 129 -0.69 -68.78 0.11
N LYS E 130 -0.16 -68.26 1.21
CA LYS E 130 -0.85 -67.32 2.06
C LYS E 130 -0.16 -65.96 1.92
N THR E 131 0.23 -65.65 0.70
CA THR E 131 0.91 -64.40 0.34
C THR E 131 0.26 -63.81 -0.89
N VAL E 132 -0.12 -62.54 -0.80
CA VAL E 132 -0.64 -61.81 -1.96
C VAL E 132 0.19 -60.59 -2.31
N ALA E 133 1.16 -60.23 -1.48
CA ALA E 133 2.06 -59.14 -1.80
C ALA E 133 3.19 -59.68 -2.67
N LEU E 134 4.19 -58.84 -2.92
CA LEU E 134 5.38 -59.29 -3.63
C LEU E 134 6.61 -59.32 -2.75
N GLY E 135 6.69 -58.45 -1.75
CA GLY E 135 7.84 -58.44 -0.86
C GLY E 135 7.87 -59.65 0.04
N HIS E 136 6.70 -60.11 0.47
CA HIS E 136 6.61 -61.37 1.21
C HIS E 136 7.00 -62.55 0.32
N ARG E 137 6.56 -62.56 -0.93
CA ARG E 137 6.96 -63.60 -1.86
C ARG E 137 8.43 -63.49 -2.21
N LEU E 138 8.96 -62.27 -2.25
CA LEU E 138 10.40 -62.10 -2.39
C LEU E 138 11.12 -62.61 -1.16
N ASP E 139 10.52 -62.45 0.02
CA ASP E 139 11.18 -62.87 1.24
C ASP E 139 11.27 -64.38 1.35
N ILE E 140 10.23 -65.08 0.91
CA ILE E 140 10.23 -66.54 0.98
C ILE E 140 11.26 -67.11 0.02
N VAL E 141 11.37 -66.52 -1.17
CA VAL E 141 12.34 -67.00 -2.15
C VAL E 141 13.75 -66.60 -1.76
N PHE E 142 13.87 -65.49 -1.00
CA PHE E 142 15.14 -65.21 -0.31
C PHE E 142 15.47 -66.32 0.68
N TYR E 143 14.43 -66.94 1.26
CA TYR E 143 14.67 -67.95 2.28
C TYR E 143 14.98 -69.31 1.65
N LEU E 144 14.28 -69.64 0.57
CA LEU E 144 14.57 -70.86 -0.19
C LEU E 144 16.01 -70.85 -0.69
N LEU E 145 16.44 -69.74 -1.26
CA LEU E 145 17.77 -69.67 -1.84
C LEU E 145 18.84 -69.64 -0.77
N ARG E 146 18.54 -69.07 0.39
CA ARG E 146 19.54 -69.02 1.45
C ARG E 146 19.77 -70.41 2.03
N ILE E 147 18.69 -71.16 2.26
CA ILE E 147 18.87 -72.50 2.81
C ILE E 147 19.31 -73.47 1.72
N GLY E 148 18.97 -73.19 0.47
CA GLY E 148 19.38 -74.06 -0.62
C GLY E 148 20.87 -73.99 -0.91
N LEU E 149 21.49 -72.86 -0.58
CA LEU E 149 22.94 -72.78 -0.62
C LEU E 149 23.57 -73.43 0.60
N PHE E 150 22.87 -73.40 1.74
CA PHE E 150 23.40 -73.99 2.97
C PHE E 150 23.54 -75.49 2.85
N TYR E 151 22.59 -76.14 2.18
CA TYR E 151 22.69 -77.56 1.93
C TYR E 151 23.04 -77.86 0.48
N MET E 152 23.63 -76.88 -0.23
CA MET E 152 24.12 -76.92 -1.62
C MET E 152 23.21 -77.65 -2.60
N ASP E 153 21.90 -77.51 -2.40
CA ASP E 153 20.93 -78.25 -3.20
C ASP E 153 20.81 -77.64 -4.58
N ASN E 154 21.18 -78.39 -5.59
CA ASN E 154 21.19 -77.93 -6.97
C ASN E 154 19.94 -78.37 -7.70
N ASP E 155 18.87 -78.57 -6.93
CA ASP E 155 17.58 -78.97 -7.48
C ASP E 155 16.55 -77.85 -7.34
N LEU E 156 16.34 -77.36 -6.13
CA LEU E 156 15.32 -76.35 -5.92
C LEU E 156 15.79 -74.97 -6.32
N ILE E 157 17.10 -74.76 -6.46
CA ILE E 157 17.59 -73.49 -6.98
C ILE E 157 17.24 -73.34 -8.45
N THR E 158 17.11 -74.46 -9.17
CA THR E 158 16.74 -74.43 -10.57
C THR E 158 15.32 -73.93 -10.78
N ARG E 159 14.48 -74.03 -9.75
CA ARG E 159 13.09 -73.62 -9.84
C ARG E 159 12.89 -72.19 -9.36
N ASN E 160 13.24 -71.92 -8.11
CA ASN E 160 12.80 -70.70 -7.42
C ASN E 160 13.45 -69.45 -7.98
N THR E 161 14.66 -69.58 -8.53
CA THR E 161 15.29 -68.47 -9.22
C THR E 161 14.52 -68.07 -10.46
N GLU E 162 14.17 -69.04 -11.28
CA GLU E 162 13.27 -68.82 -12.40
C GLU E 162 11.91 -68.33 -11.93
N LYS E 163 11.47 -68.79 -10.76
CA LYS E 163 10.25 -68.26 -10.16
C LYS E 163 10.44 -66.81 -9.72
N ALA E 164 11.64 -66.45 -9.27
CA ALA E 164 11.84 -65.11 -8.74
C ALA E 164 11.98 -64.08 -9.85
N LYS E 165 12.83 -64.37 -10.84
CA LYS E 165 13.11 -63.44 -11.93
C LYS E 165 11.92 -63.17 -12.82
N SER E 166 11.09 -64.18 -13.06
CA SER E 166 9.99 -64.05 -13.99
C SER E 166 8.71 -63.57 -13.34
N LEU E 167 8.48 -63.91 -12.07
CA LEU E 167 7.18 -63.69 -11.46
C LEU E 167 7.22 -62.74 -10.28
N ILE E 168 8.40 -62.38 -9.79
CA ILE E 168 8.48 -61.52 -8.61
C ILE E 168 9.24 -60.26 -9.01
N GLU E 169 10.34 -60.44 -9.74
CA GLU E 169 11.21 -59.33 -10.10
C GLU E 169 10.77 -58.75 -11.44
N GLU E 170 9.61 -58.09 -11.37
CA GLU E 170 9.14 -57.21 -12.42
C GLU E 170 8.57 -55.97 -11.73
N GLY E 171 8.55 -56.01 -10.40
CA GLY E 171 8.05 -54.90 -9.61
C GLY E 171 9.06 -54.40 -8.60
N GLY E 172 10.07 -55.22 -8.29
CA GLY E 172 11.10 -54.79 -7.39
C GLY E 172 12.12 -53.88 -8.05
N ASP E 173 12.80 -53.08 -7.23
CA ASP E 173 13.77 -52.11 -7.75
C ASP E 173 14.95 -52.05 -6.80
N TRP E 174 16.11 -52.52 -7.29
CA TRP E 174 17.37 -52.64 -6.56
C TRP E 174 17.16 -53.41 -5.27
N ASP E 175 16.47 -54.52 -5.39
CA ASP E 175 16.35 -55.46 -4.30
C ASP E 175 17.00 -56.74 -4.76
N ARG E 176 17.61 -56.67 -5.93
CA ARG E 176 18.04 -57.83 -6.69
C ARG E 176 19.54 -57.90 -6.85
N ARG E 177 20.29 -56.89 -6.38
CA ARG E 177 21.73 -57.01 -6.36
C ARG E 177 22.18 -58.14 -5.44
N ASN E 178 21.39 -58.44 -4.41
CA ASN E 178 21.67 -59.58 -3.56
C ASN E 178 21.52 -60.88 -4.32
N ARG E 179 20.49 -60.97 -5.17
CA ARG E 179 20.29 -62.18 -5.95
C ARG E 179 21.15 -62.17 -7.21
N LEU E 180 21.74 -61.02 -7.55
CA LEU E 180 22.89 -61.05 -8.45
C LEU E 180 24.07 -61.74 -7.79
N LYS E 181 24.28 -61.48 -6.50
CA LYS E 181 25.47 -62.04 -5.85
C LYS E 181 25.29 -63.51 -5.52
N VAL E 182 24.05 -63.97 -5.34
CA VAL E 182 23.83 -65.37 -4.99
C VAL E 182 23.94 -66.25 -6.24
N TYR E 183 23.66 -65.68 -7.41
CA TYR E 183 23.76 -66.44 -8.65
C TYR E 183 25.21 -66.80 -8.96
N GLN E 184 26.10 -65.81 -8.83
CA GLN E 184 27.51 -65.99 -9.08
C GLN E 184 28.10 -66.92 -8.03
N GLY E 185 27.58 -66.85 -6.81
CA GLY E 185 28.01 -67.76 -5.76
C GLY E 185 27.68 -69.20 -6.07
N LEU E 186 26.55 -69.45 -6.73
CA LEU E 186 26.30 -70.80 -7.23
C LEU E 186 27.18 -71.10 -8.43
N TYR E 187 27.54 -70.07 -9.20
CA TYR E 187 28.35 -70.31 -10.39
C TYR E 187 29.79 -70.66 -10.02
N CYS E 188 30.24 -70.21 -8.85
CA CYS E 188 31.58 -70.57 -8.41
C CYS E 188 31.64 -72.01 -7.94
N VAL E 189 30.60 -72.47 -7.24
CA VAL E 189 30.56 -73.86 -6.83
C VAL E 189 30.13 -74.74 -8.00
N ALA E 190 29.54 -74.14 -9.03
CA ALA E 190 29.41 -74.81 -10.32
C ALA E 190 30.66 -74.53 -11.14
N ILE E 191 30.61 -74.83 -12.43
CA ILE E 191 31.79 -74.75 -13.28
C ILE E 191 31.80 -73.38 -13.95
N ARG E 192 30.70 -72.64 -13.82
CA ARG E 192 30.53 -71.36 -14.49
C ARG E 192 31.38 -70.26 -13.85
N ASP E 193 32.70 -70.46 -13.89
CA ASP E 193 33.66 -69.61 -13.22
C ASP E 193 34.40 -68.83 -14.29
N PHE E 194 33.73 -68.62 -15.42
CA PHE E 194 34.50 -68.15 -16.56
C PHE E 194 34.17 -66.73 -16.95
N LYS E 195 32.94 -66.47 -17.38
CA LYS E 195 32.63 -65.13 -17.87
C LYS E 195 31.35 -64.59 -17.28
N GLN E 196 30.41 -65.43 -16.88
CA GLN E 196 29.27 -64.94 -16.11
C GLN E 196 29.71 -64.60 -14.70
N ALA E 197 30.64 -65.37 -14.16
CA ALA E 197 31.09 -65.19 -12.78
C ALA E 197 31.77 -63.85 -12.59
N ALA E 198 32.57 -63.42 -13.56
CA ALA E 198 33.30 -62.17 -13.38
C ALA E 198 32.46 -60.98 -13.80
N GLU E 199 31.49 -61.19 -14.69
CA GLU E 199 30.74 -60.08 -15.24
C GLU E 199 29.80 -59.48 -14.21
N LEU E 200 29.06 -60.31 -13.49
CA LEU E 200 28.17 -59.73 -12.50
C LEU E 200 28.81 -59.64 -11.14
N PHE E 201 30.08 -60.01 -11.02
CA PHE E 201 30.89 -59.58 -9.90
C PHE E 201 31.55 -58.23 -10.11
N LEU E 202 31.28 -57.57 -11.24
CA LEU E 202 32.04 -56.36 -11.56
C LEU E 202 31.53 -55.16 -10.78
N ASP E 203 30.25 -55.17 -10.43
CA ASP E 203 29.67 -54.11 -9.61
C ASP E 203 29.79 -54.46 -8.12
N THR E 204 30.71 -53.78 -7.45
CA THR E 204 30.90 -53.89 -6.02
C THR E 204 30.41 -52.57 -5.43
N VAL E 205 29.10 -52.48 -5.24
CA VAL E 205 28.48 -51.30 -4.68
C VAL E 205 27.66 -51.73 -3.47
N SER E 206 28.15 -52.74 -2.75
CA SER E 206 27.61 -53.06 -1.43
C SER E 206 28.70 -53.61 -0.51
N THR E 207 28.79 -53.02 0.68
CA THR E 207 29.82 -53.36 1.67
C THR E 207 29.25 -53.79 3.02
N PHE E 208 28.02 -53.39 3.34
CA PHE E 208 27.43 -53.79 4.61
C PHE E 208 27.09 -55.28 4.57
N THR E 209 27.33 -55.95 5.68
CA THR E 209 27.23 -57.39 5.74
C THR E 209 25.99 -57.77 6.53
N SER E 210 25.12 -58.59 5.93
CA SER E 210 23.80 -58.78 6.52
C SER E 210 23.27 -60.18 6.22
N TYR E 211 21.96 -60.40 6.40
CA TYR E 211 21.33 -61.62 5.88
C TYR E 211 21.48 -61.71 4.37
N GLU E 212 21.42 -60.59 3.67
CA GLU E 212 21.49 -60.54 2.23
C GLU E 212 22.91 -60.44 1.70
N LEU E 213 23.87 -60.11 2.56
CA LEU E 213 25.23 -59.86 2.12
C LEU E 213 26.23 -60.48 3.10
N MET E 214 27.09 -61.34 2.56
CA MET E 214 28.10 -62.07 3.31
C MET E 214 29.29 -61.18 3.64
N ASP E 215 30.39 -61.80 4.10
CA ASP E 215 31.60 -61.08 4.45
C ASP E 215 32.16 -60.36 3.23
N TYR E 216 32.55 -59.11 3.43
CA TYR E 216 32.81 -58.23 2.31
C TYR E 216 34.22 -58.38 1.76
N LYS E 217 35.21 -58.58 2.63
CA LYS E 217 36.55 -58.83 2.19
C LYS E 217 36.63 -60.10 1.36
N THR E 218 35.91 -61.14 1.79
CA THR E 218 35.85 -62.39 1.05
C THR E 218 35.15 -62.21 -0.27
N PHE E 219 34.18 -61.28 -0.33
CA PHE E 219 33.57 -60.96 -1.60
C PHE E 219 34.56 -60.28 -2.53
N VAL E 220 35.48 -59.50 -1.97
CA VAL E 220 36.48 -58.83 -2.78
C VAL E 220 37.50 -59.85 -3.31
N THR E 221 37.88 -60.80 -2.47
CA THR E 221 38.86 -61.79 -2.89
C THR E 221 38.29 -62.71 -3.96
N TYR E 222 36.98 -62.97 -3.91
CA TYR E 222 36.38 -63.80 -4.94
C TYR E 222 36.29 -63.06 -6.26
N THR E 223 35.87 -61.80 -6.21
CA THR E 223 35.74 -61.05 -7.45
C THR E 223 37.08 -60.63 -8.02
N VAL E 224 38.16 -60.75 -7.27
CA VAL E 224 39.45 -60.50 -7.91
C VAL E 224 40.03 -61.76 -8.50
N TYR E 225 39.84 -62.93 -7.86
CA TYR E 225 40.37 -64.18 -8.36
C TYR E 225 39.69 -64.65 -9.63
N VAL E 226 38.47 -64.22 -9.88
CA VAL E 226 37.74 -64.73 -11.02
C VAL E 226 37.80 -63.77 -12.20
N SER E 227 38.34 -62.58 -11.99
CA SER E 227 38.32 -61.54 -13.01
C SER E 227 39.63 -61.52 -13.80
N MET E 228 40.35 -62.63 -13.70
CA MET E 228 41.61 -62.80 -14.41
C MET E 228 41.52 -63.97 -15.36
N ILE E 229 40.34 -64.59 -15.41
CA ILE E 229 40.11 -65.67 -16.35
C ILE E 229 39.16 -65.23 -17.47
N ALA E 230 38.27 -64.28 -17.20
CA ALA E 230 37.23 -63.90 -18.16
C ALA E 230 37.82 -63.23 -19.39
N LEU E 231 38.90 -62.50 -19.22
CA LEU E 231 39.31 -61.52 -20.21
C LEU E 231 40.82 -61.33 -20.13
N GLU E 232 41.49 -61.40 -21.29
CA GLU E 232 42.94 -61.41 -21.32
C GLU E 232 43.54 -60.07 -20.89
N ARG E 233 43.52 -59.09 -21.79
CA ARG E 233 43.78 -57.69 -21.46
C ARG E 233 42.95 -56.76 -22.36
N PRO E 234 41.58 -56.93 -22.41
CA PRO E 234 40.84 -56.03 -23.30
C PRO E 234 40.48 -54.76 -22.54
N ASP E 235 41.52 -54.03 -22.15
CA ASP E 235 41.50 -53.01 -21.11
C ASP E 235 40.88 -53.59 -19.83
N LEU E 236 41.32 -54.80 -19.48
CA LEU E 236 41.15 -55.38 -18.15
C LEU E 236 41.59 -54.44 -17.05
N ARG E 237 42.69 -53.73 -17.28
CA ARG E 237 43.27 -52.85 -16.28
C ARG E 237 42.38 -51.67 -15.96
N GLU E 238 41.42 -51.34 -16.83
CA GLU E 238 40.46 -50.29 -16.51
C GLU E 238 39.51 -50.73 -15.42
N LYS E 239 39.18 -52.02 -15.36
CA LYS E 239 38.16 -52.46 -14.42
C LYS E 239 38.73 -52.97 -13.12
N VAL E 240 40.00 -53.35 -13.06
CA VAL E 240 40.56 -53.87 -11.82
C VAL E 240 41.66 -53.00 -11.25
N ILE E 241 42.19 -52.06 -12.03
CA ILE E 241 43.28 -51.22 -11.53
C ILE E 241 42.79 -49.78 -11.53
N LYS E 242 42.12 -49.37 -12.60
CA LYS E 242 41.60 -48.03 -12.67
C LYS E 242 40.33 -47.86 -11.88
N GLY E 243 39.72 -48.93 -11.40
CA GLY E 243 38.66 -48.84 -10.43
C GLY E 243 39.22 -48.38 -9.09
N ALA E 244 38.32 -47.94 -8.22
CA ALA E 244 38.76 -47.34 -6.98
C ALA E 244 38.30 -48.15 -5.77
N GLU E 245 37.01 -48.46 -5.75
CA GLU E 245 36.42 -49.13 -4.59
C GLU E 245 36.90 -50.56 -4.48
N ILE E 246 37.29 -51.15 -5.60
CA ILE E 246 37.99 -52.42 -5.55
C ILE E 246 39.45 -52.20 -5.18
N LEU E 247 39.99 -51.04 -5.51
CA LEU E 247 41.42 -50.84 -5.39
C LEU E 247 41.84 -50.62 -3.95
N GLU E 248 40.97 -49.98 -3.17
CA GLU E 248 41.31 -49.66 -1.78
C GLU E 248 41.32 -50.91 -0.92
N VAL E 249 40.34 -51.78 -1.12
CA VAL E 249 40.28 -52.98 -0.30
C VAL E 249 41.35 -53.98 -0.72
N LEU E 250 41.82 -53.93 -1.96
CA LEU E 250 43.02 -54.69 -2.27
C LEU E 250 44.26 -53.92 -1.86
N HIS E 251 44.14 -52.60 -1.67
CA HIS E 251 45.22 -51.88 -1.02
C HIS E 251 45.29 -52.22 0.46
N SER E 252 44.18 -52.67 1.03
CA SER E 252 44.23 -53.19 2.39
C SER E 252 44.94 -54.53 2.46
N LEU E 253 44.91 -55.31 1.36
CA LEU E 253 45.43 -56.67 1.43
C LEU E 253 46.72 -56.78 0.65
N PRO E 254 47.86 -56.93 1.33
CA PRO E 254 49.15 -56.90 0.63
C PRO E 254 49.39 -58.11 -0.24
N ALA E 255 48.89 -59.29 0.13
CA ALA E 255 49.12 -60.51 -0.65
C ALA E 255 48.41 -60.47 -1.99
N VAL E 256 47.16 -60.01 -1.99
CA VAL E 256 46.36 -60.00 -3.20
C VAL E 256 46.87 -58.94 -4.16
N ARG E 257 47.24 -57.77 -3.61
CA ARG E 257 47.71 -56.67 -4.44
C ARG E 257 49.05 -57.03 -5.08
N GLN E 258 49.88 -57.79 -4.35
CA GLN E 258 51.13 -58.27 -4.92
C GLN E 258 50.88 -59.25 -6.04
N TYR E 259 49.82 -60.05 -5.91
CA TYR E 259 49.47 -61.04 -6.92
C TYR E 259 49.01 -60.36 -8.20
N LEU E 260 48.32 -59.24 -8.08
CA LEU E 260 47.80 -58.57 -9.28
C LEU E 260 48.89 -57.88 -10.06
N PHE E 261 49.80 -57.22 -9.36
CA PHE E 261 50.81 -56.46 -10.06
C PHE E 261 51.86 -57.39 -10.65
N SER E 262 52.05 -58.56 -10.03
CA SER E 262 52.95 -59.55 -10.58
C SER E 262 52.45 -60.08 -11.91
N LEU E 263 51.14 -60.32 -12.00
CA LEU E 263 50.56 -60.76 -13.25
C LEU E 263 50.53 -59.66 -14.29
N TYR E 264 50.26 -58.43 -13.88
CA TYR E 264 50.06 -57.36 -14.84
C TYR E 264 51.39 -56.83 -15.37
N GLU E 265 52.30 -56.50 -14.47
CA GLU E 265 53.59 -55.92 -14.85
C GLU E 265 54.59 -56.97 -15.30
N CYS E 266 54.16 -58.23 -15.34
CA CYS E 266 54.94 -59.40 -15.72
C CYS E 266 56.14 -59.59 -14.80
N ARG E 267 55.88 -59.77 -13.50
CA ARG E 267 56.87 -60.22 -12.53
C ARG E 267 56.62 -61.70 -12.32
N TYR E 268 57.22 -62.52 -13.15
CA TYR E 268 56.88 -63.93 -13.12
C TYR E 268 57.58 -64.70 -12.01
N SER E 269 58.70 -64.18 -11.51
CA SER E 269 59.48 -64.91 -10.53
C SER E 269 58.71 -65.04 -9.22
N VAL E 270 58.17 -63.92 -8.73
CA VAL E 270 57.36 -63.94 -7.54
C VAL E 270 55.95 -64.46 -7.81
N PHE E 271 55.58 -64.61 -9.08
CA PHE E 271 54.22 -64.96 -9.46
C PHE E 271 53.87 -66.38 -9.00
N PHE E 272 54.83 -67.29 -9.13
CA PHE E 272 54.62 -68.64 -8.59
C PHE E 272 54.43 -68.62 -7.09
N GLN E 273 55.21 -67.78 -6.39
CA GLN E 273 55.12 -67.70 -4.94
C GLN E 273 53.78 -67.15 -4.50
N SER E 274 53.26 -66.20 -5.26
CA SER E 274 51.92 -65.71 -5.01
C SER E 274 50.87 -66.75 -5.36
N LEU E 275 51.12 -67.51 -6.43
CA LEU E 275 50.15 -68.52 -6.83
C LEU E 275 50.14 -69.69 -5.87
N ALA E 276 51.29 -70.00 -5.28
CA ALA E 276 51.36 -71.10 -4.32
C ALA E 276 50.63 -70.75 -3.03
N VAL E 277 50.71 -69.49 -2.62
CA VAL E 277 50.02 -69.04 -1.42
C VAL E 277 48.51 -69.12 -1.62
N VAL E 278 48.03 -68.79 -2.83
CA VAL E 278 46.60 -68.78 -3.10
C VAL E 278 46.02 -70.18 -3.05
N GLU E 279 46.61 -71.11 -3.81
CA GLU E 279 46.11 -72.49 -3.86
C GLU E 279 46.19 -73.18 -2.50
N GLN E 280 47.21 -72.86 -1.72
CA GLN E 280 47.25 -73.41 -0.37
C GLN E 280 46.17 -72.79 0.49
N GLU E 281 45.92 -71.49 0.32
CA GLU E 281 44.80 -70.83 0.98
C GLU E 281 43.46 -71.28 0.42
N MET E 282 43.44 -71.71 -0.85
CA MET E 282 42.21 -72.16 -1.50
C MET E 282 41.59 -73.36 -0.79
N LYS E 283 42.41 -74.20 -0.15
CA LYS E 283 41.91 -75.34 0.61
C LYS E 283 41.04 -74.92 1.78
N LYS E 284 41.26 -73.73 2.33
CA LYS E 284 40.43 -73.24 3.41
C LYS E 284 39.25 -72.48 2.84
N ASP E 285 38.29 -73.24 2.34
CA ASP E 285 37.13 -72.72 1.64
C ASP E 285 36.08 -73.82 1.64
N TRP E 286 34.82 -73.45 1.41
CA TRP E 286 33.77 -74.46 1.31
C TRP E 286 33.29 -74.67 -0.12
N LEU E 287 33.68 -73.79 -1.05
CA LEU E 287 33.23 -73.94 -2.43
C LEU E 287 34.41 -74.06 -3.39
N PHE E 288 35.59 -74.45 -2.90
CA PHE E 288 36.79 -74.50 -3.73
C PHE E 288 36.95 -75.82 -4.49
N ALA E 289 35.93 -76.67 -4.51
CA ALA E 289 36.10 -78.00 -5.08
C ALA E 289 36.36 -78.00 -6.59
N PRO E 290 35.58 -77.29 -7.46
CA PRO E 290 36.00 -77.28 -8.87
C PRO E 290 36.99 -76.16 -9.15
N HIS E 291 37.92 -75.93 -8.23
CA HIS E 291 38.88 -74.85 -8.38
C HIS E 291 40.29 -75.38 -8.23
N TYR E 292 40.51 -76.23 -7.23
CA TYR E 292 41.88 -76.52 -6.81
C TYR E 292 42.58 -77.47 -7.74
N ARG E 293 41.89 -77.98 -8.75
CA ARG E 293 42.51 -78.72 -9.84
C ARG E 293 42.35 -77.98 -11.15
N TYR E 294 41.67 -76.84 -11.13
CA TYR E 294 41.39 -76.17 -12.38
C TYR E 294 41.99 -74.78 -12.42
N TYR E 295 41.90 -74.08 -11.28
CA TYR E 295 42.33 -72.68 -11.24
C TYR E 295 43.84 -72.56 -11.35
N VAL E 296 44.57 -73.56 -10.88
CA VAL E 296 46.03 -73.52 -10.90
C VAL E 296 46.54 -73.59 -12.33
N ARG E 297 46.18 -74.66 -13.02
CA ARG E 297 46.67 -74.92 -14.36
C ARG E 297 46.15 -73.92 -15.37
N GLU E 298 44.99 -73.32 -15.10
CA GLU E 298 44.45 -72.34 -16.04
C GLU E 298 45.25 -71.04 -15.99
N MET E 299 45.74 -70.69 -14.80
CA MET E 299 46.56 -69.50 -14.70
C MET E 299 47.95 -69.75 -15.25
N ARG E 300 48.49 -70.94 -15.03
CA ARG E 300 49.80 -71.29 -15.56
C ARG E 300 49.79 -71.30 -17.08
N ILE E 301 48.70 -71.81 -17.66
CA ILE E 301 48.64 -71.79 -19.11
C ILE E 301 48.26 -70.39 -19.60
N HIS E 302 47.70 -69.56 -18.73
CA HIS E 302 47.50 -68.17 -19.10
C HIS E 302 48.80 -67.39 -18.96
N ALA E 303 49.62 -67.75 -17.96
CA ALA E 303 50.90 -67.08 -17.79
C ALA E 303 51.85 -67.40 -18.93
N TYR E 304 51.77 -68.62 -19.45
CA TYR E 304 52.65 -68.99 -20.54
C TYR E 304 52.16 -68.39 -21.85
N SER E 305 50.86 -68.16 -21.95
CA SER E 305 50.27 -67.62 -23.17
C SER E 305 50.74 -66.19 -23.42
N GLN E 306 50.75 -65.36 -22.38
CA GLN E 306 51.19 -63.99 -22.56
C GLN E 306 52.70 -63.85 -22.57
N LEU E 307 53.41 -64.81 -21.99
CA LEU E 307 54.86 -64.74 -22.05
C LEU E 307 55.39 -65.22 -23.39
N LEU E 308 54.83 -66.30 -23.92
CA LEU E 308 55.27 -66.79 -25.22
C LEU E 308 54.81 -65.88 -26.34
N GLU E 309 53.79 -65.07 -26.09
CA GLU E 309 53.48 -63.97 -26.98
C GLU E 309 54.66 -62.99 -26.98
N SER E 310 54.84 -62.32 -28.12
CA SER E 310 55.89 -61.34 -28.40
C SER E 310 57.29 -61.95 -28.45
N TYR E 311 57.41 -63.27 -28.57
CA TYR E 311 58.71 -63.91 -28.72
C TYR E 311 58.53 -65.09 -29.66
N ARG E 312 59.03 -64.98 -30.88
CA ARG E 312 58.96 -66.15 -31.74
C ARG E 312 60.12 -67.10 -31.49
N SER E 313 61.30 -66.61 -31.17
CA SER E 313 62.47 -67.46 -30.99
C SER E 313 62.98 -67.37 -29.57
N LEU E 314 62.07 -67.50 -28.61
CA LEU E 314 62.44 -67.53 -27.21
C LEU E 314 63.24 -68.79 -26.90
N THR E 315 64.22 -68.64 -26.00
CA THR E 315 64.97 -69.78 -25.52
C THR E 315 64.67 -70.01 -24.05
N LEU E 316 64.86 -71.25 -23.61
CA LEU E 316 64.71 -71.57 -22.21
C LEU E 316 65.89 -71.12 -21.37
N GLY E 317 66.99 -70.72 -22.02
CA GLY E 317 68.10 -70.13 -21.29
C GLY E 317 67.78 -68.75 -20.76
N TYR E 318 66.73 -68.12 -21.28
CA TYR E 318 66.23 -66.92 -20.64
C TYR E 318 65.17 -67.27 -19.61
N MET E 319 64.48 -68.39 -19.80
CA MET E 319 63.51 -68.86 -18.82
C MET E 319 64.17 -69.39 -17.56
N ALA E 320 65.43 -69.78 -17.66
CA ALA E 320 66.11 -70.43 -16.55
C ALA E 320 66.44 -69.47 -15.41
N GLU E 321 66.43 -68.15 -15.65
CA GLU E 321 66.63 -67.20 -14.57
C GLU E 321 65.63 -66.07 -14.53
N ALA E 322 65.05 -65.67 -15.66
CA ALA E 322 64.12 -64.55 -15.62
C ALA E 322 62.74 -65.03 -15.20
N PHE E 323 62.41 -66.27 -15.53
CA PHE E 323 61.09 -66.77 -15.25
C PHE E 323 61.03 -67.48 -13.91
N GLY E 324 62.03 -68.29 -13.61
CA GLY E 324 62.09 -69.02 -12.38
C GLY E 324 63.42 -69.74 -12.38
N VAL E 325 63.45 -70.98 -11.90
CA VAL E 325 64.66 -71.79 -12.01
C VAL E 325 64.29 -73.13 -12.63
N GLY E 326 65.30 -73.94 -12.88
CA GLY E 326 65.08 -75.21 -13.54
C GLY E 326 65.10 -75.08 -15.04
N VAL E 327 65.34 -76.20 -15.71
CA VAL E 327 65.31 -76.30 -17.16
C VAL E 327 64.43 -77.46 -17.61
N GLU E 328 64.69 -78.65 -17.08
CA GLU E 328 63.92 -79.83 -17.46
C GLU E 328 62.49 -79.79 -16.94
N PHE E 329 62.22 -78.98 -15.92
CA PHE E 329 60.86 -78.86 -15.43
C PHE E 329 60.02 -78.00 -16.37
N ILE E 330 60.58 -76.89 -16.83
CA ILE E 330 59.87 -76.05 -17.78
C ILE E 330 59.66 -76.78 -19.09
N ASP E 331 60.67 -77.56 -19.51
CA ASP E 331 60.57 -78.35 -20.74
C ASP E 331 59.46 -79.38 -20.67
N GLN E 332 59.36 -80.11 -19.56
CA GLN E 332 58.32 -81.13 -19.47
C GLN E 332 56.95 -80.53 -19.28
N GLU E 333 56.87 -79.32 -18.72
CA GLU E 333 55.58 -78.70 -18.51
C GLU E 333 55.06 -78.10 -19.81
N LEU E 334 55.97 -77.56 -20.63
CA LEU E 334 55.58 -77.14 -21.97
C LEU E 334 55.23 -78.34 -22.84
N SER E 335 55.92 -79.47 -22.61
CA SER E 335 55.65 -80.65 -23.41
C SER E 335 54.31 -81.27 -23.04
N ARG E 336 53.88 -81.09 -21.78
CA ARG E 336 52.52 -81.48 -21.44
C ARG E 336 51.50 -80.52 -22.02
N PHE E 337 51.81 -79.23 -22.04
CA PHE E 337 50.82 -78.25 -22.45
C PHE E 337 50.61 -78.21 -23.95
N ILE E 338 51.67 -78.41 -24.74
CA ILE E 338 51.49 -78.54 -26.16
C ILE E 338 50.71 -79.82 -26.46
N ALA E 339 51.10 -80.92 -25.84
CA ALA E 339 50.41 -82.18 -26.03
C ALA E 339 49.05 -82.19 -25.33
N ALA E 340 48.78 -81.23 -24.44
CA ALA E 340 47.41 -81.04 -24.00
C ALA E 340 46.52 -80.58 -25.16
N GLY E 341 47.07 -79.78 -26.07
CA GLY E 341 46.31 -79.34 -27.22
C GLY E 341 46.29 -77.82 -27.32
N ARG E 342 46.82 -77.16 -26.31
CA ARG E 342 46.82 -75.71 -26.23
C ARG E 342 48.23 -75.20 -26.48
N LEU E 343 48.39 -73.88 -26.34
CA LEU E 343 49.67 -73.18 -26.49
C LEU E 343 50.31 -73.38 -27.85
N HIS E 344 49.76 -72.75 -28.90
CA HIS E 344 50.17 -73.08 -30.25
C HIS E 344 51.60 -72.63 -30.52
N CYS E 345 52.54 -73.50 -30.12
CA CYS E 345 53.96 -73.26 -30.24
C CYS E 345 54.64 -74.61 -30.42
N LYS E 346 55.90 -74.56 -30.82
CA LYS E 346 56.75 -75.74 -30.92
C LYS E 346 58.00 -75.53 -30.07
N ILE E 347 58.49 -76.61 -29.48
CA ILE E 347 59.67 -76.56 -28.65
C ILE E 347 60.78 -77.36 -29.32
N ASP E 348 62.01 -76.88 -29.19
CA ASP E 348 63.19 -77.59 -29.65
C ASP E 348 64.12 -77.82 -28.46
N LYS E 349 64.89 -78.89 -28.57
CA LYS E 349 65.81 -79.32 -27.53
C LYS E 349 67.26 -78.99 -27.86
N VAL E 350 67.69 -79.30 -29.07
CA VAL E 350 69.12 -79.27 -29.37
C VAL E 350 69.54 -78.00 -30.09
N ASN E 351 68.60 -77.24 -30.67
CA ASN E 351 68.90 -75.85 -30.98
C ASN E 351 68.59 -74.91 -29.83
N GLU E 352 67.83 -75.41 -28.84
CA GLU E 352 67.39 -74.66 -27.66
C GLU E 352 66.62 -73.40 -28.08
N ILE E 353 65.61 -73.60 -28.94
CA ILE E 353 64.78 -72.51 -29.44
C ILE E 353 63.32 -72.92 -29.32
N VAL E 354 62.59 -72.25 -28.43
CA VAL E 354 61.14 -72.45 -28.35
C VAL E 354 60.56 -71.60 -29.46
N GLU E 355 60.40 -72.22 -30.63
CA GLU E 355 59.96 -71.53 -31.82
C GLU E 355 58.46 -71.70 -31.98
N THR E 356 57.72 -70.62 -31.79
CA THR E 356 56.27 -70.71 -31.83
C THR E 356 55.73 -70.58 -33.25
N ASN E 357 54.48 -71.01 -33.42
CA ASN E 357 53.76 -70.89 -34.69
C ASN E 357 52.37 -70.31 -34.42
N ARG E 358 52.28 -68.98 -34.43
CA ARG E 358 50.98 -68.36 -34.23
C ARG E 358 50.32 -68.16 -35.59
N PRO E 359 49.04 -68.53 -35.75
CA PRO E 359 48.35 -68.27 -37.02
C PRO E 359 48.10 -66.78 -37.18
N ASP E 360 48.26 -66.31 -38.41
CA ASP E 360 48.32 -64.86 -38.69
C ASP E 360 46.93 -64.32 -39.04
N SER E 361 45.94 -64.72 -38.24
CA SER E 361 44.56 -64.24 -38.29
C SER E 361 43.82 -64.59 -39.58
N LYS E 362 44.47 -65.32 -40.49
CA LYS E 362 43.78 -65.80 -41.68
C LYS E 362 43.66 -67.31 -41.65
N ASN E 363 44.68 -67.98 -41.14
CA ASN E 363 44.55 -69.39 -40.83
C ASN E 363 43.51 -69.60 -39.74
N TRP E 364 43.53 -68.75 -38.71
CA TRP E 364 42.67 -68.94 -37.56
C TRP E 364 41.22 -68.69 -37.90
N GLN E 365 40.96 -67.73 -38.79
CA GLN E 365 39.62 -67.60 -39.35
C GLN E 365 39.27 -68.83 -40.18
N TYR E 366 40.24 -69.36 -40.93
CA TYR E 366 39.96 -70.51 -41.76
C TYR E 366 39.79 -71.78 -40.92
N GLN E 367 40.53 -71.90 -39.81
CA GLN E 367 40.39 -73.08 -38.96
C GLN E 367 39.04 -73.11 -38.28
N GLU E 368 38.51 -71.94 -37.94
CA GLU E 368 37.18 -71.89 -37.31
C GLU E 368 36.09 -72.20 -38.31
N THR E 369 36.17 -71.62 -39.51
CA THR E 369 35.10 -71.79 -40.49
C THR E 369 35.06 -73.22 -41.01
N ILE E 370 36.18 -73.93 -40.96
CA ILE E 370 36.14 -75.30 -41.46
C ILE E 370 35.60 -76.24 -40.39
N LYS E 371 35.71 -75.89 -39.11
CA LYS E 371 35.10 -76.73 -38.09
C LYS E 371 33.59 -76.55 -38.07
N LYS E 372 33.14 -75.30 -38.06
CA LYS E 372 31.71 -75.02 -37.91
C LYS E 372 30.92 -75.45 -39.14
N GLY E 373 31.53 -75.36 -40.32
CA GLY E 373 30.87 -75.86 -41.51
C GLY E 373 30.74 -77.37 -41.51
N ASP E 374 31.76 -78.06 -41.01
CA ASP E 374 31.67 -79.51 -40.90
C ASP E 374 30.68 -79.91 -39.83
N LEU E 375 30.58 -79.12 -38.77
CA LEU E 375 29.65 -79.43 -37.69
C LEU E 375 28.22 -79.18 -38.13
N LEU E 376 28.01 -78.25 -39.05
CA LEU E 376 26.66 -77.98 -39.53
C LEU E 376 26.30 -78.96 -40.64
N LEU E 377 27.27 -79.32 -41.47
CA LEU E 377 27.00 -80.30 -42.53
C LEU E 377 26.69 -81.66 -41.94
N ASN E 378 27.35 -82.02 -40.84
CA ASN E 378 26.94 -83.17 -40.04
C ASN E 378 25.52 -82.97 -39.53
N ARG E 379 25.20 -81.77 -39.07
CA ARG E 379 23.91 -81.52 -38.45
C ARG E 379 22.79 -81.54 -39.49
N VAL E 380 23.10 -81.17 -40.74
CA VAL E 380 22.06 -81.22 -41.75
C VAL E 380 22.02 -82.57 -42.44
N GLN E 381 23.13 -83.33 -42.42
CA GLN E 381 23.04 -84.74 -42.79
C GLN E 381 22.17 -85.51 -41.82
N LYS E 382 22.45 -85.37 -40.52
CA LYS E 382 21.75 -86.14 -39.50
C LYS E 382 20.28 -85.77 -39.45
N LEU E 383 19.97 -84.51 -39.72
CA LEU E 383 18.58 -84.13 -39.88
C LEU E 383 17.98 -84.72 -41.15
N SER E 384 18.76 -84.79 -42.23
CA SER E 384 18.26 -85.30 -43.51
C SER E 384 17.90 -86.77 -43.43
N ARG E 385 18.58 -87.51 -42.56
CA ARG E 385 18.32 -88.94 -42.54
C ARG E 385 17.16 -89.28 -41.62
N VAL E 386 16.89 -88.46 -40.61
CA VAL E 386 15.68 -88.63 -39.80
C VAL E 386 14.43 -88.43 -40.67
N ILE E 387 14.43 -87.36 -41.45
CA ILE E 387 13.34 -87.09 -42.37
C ILE E 387 13.53 -87.93 -43.62
N ASN E 388 12.52 -87.90 -44.50
CA ASN E 388 12.43 -88.69 -45.71
C ASN E 388 12.50 -90.17 -45.35
N MET E 389 11.57 -90.55 -44.46
CA MET E 389 11.41 -91.88 -43.87
C MET E 389 12.67 -92.36 -43.17
N ALA F 5 38.58 -31.45 -83.00
CA ALA F 5 38.67 -31.86 -81.61
C ALA F 5 37.36 -32.49 -81.16
N VAL F 6 37.10 -33.71 -81.63
CA VAL F 6 35.88 -34.44 -81.30
C VAL F 6 36.28 -35.70 -80.54
N GLN F 7 35.73 -35.86 -79.34
CA GLN F 7 35.95 -37.09 -78.60
C GLN F 7 35.18 -38.24 -79.22
N LYS F 8 33.86 -38.10 -79.29
CA LYS F 8 33.02 -39.15 -79.86
C LYS F 8 31.61 -38.64 -80.15
N VAL F 9 30.95 -39.30 -81.10
CA VAL F 9 29.59 -38.94 -81.48
C VAL F 9 28.59 -39.89 -80.83
N VAL F 10 27.32 -39.49 -80.82
CA VAL F 10 26.28 -40.31 -80.21
C VAL F 10 24.91 -40.01 -80.82
N VAL F 11 24.72 -40.43 -82.07
CA VAL F 11 23.47 -40.19 -82.77
C VAL F 11 22.36 -41.14 -82.31
N HIS F 12 21.15 -40.63 -82.20
CA HIS F 12 20.05 -41.48 -81.77
C HIS F 12 19.86 -42.58 -82.79
N PRO F 13 18.78 -43.37 -82.64
CA PRO F 13 18.46 -44.45 -83.58
C PRO F 13 17.49 -43.96 -84.66
N LEU F 14 17.19 -42.66 -84.63
CA LEU F 14 16.28 -42.04 -85.58
C LEU F 14 16.84 -41.97 -87.00
N VAL F 15 18.13 -41.69 -87.16
CA VAL F 15 18.64 -41.62 -88.51
C VAL F 15 19.12 -43.00 -88.97
N LEU F 16 19.45 -43.85 -88.00
CA LEU F 16 19.93 -45.19 -88.27
C LEU F 16 18.97 -45.93 -89.19
N LEU F 17 17.71 -46.04 -88.76
CA LEU F 17 16.69 -46.73 -89.54
C LEU F 17 16.27 -45.90 -90.75
N SER F 18 16.38 -44.58 -90.61
CA SER F 18 16.00 -43.66 -91.68
C SER F 18 16.72 -44.02 -92.98
N VAL F 19 18.06 -43.93 -92.95
CA VAL F 19 18.86 -44.24 -94.12
C VAL F 19 18.34 -45.50 -94.78
N VAL F 20 18.08 -46.53 -93.98
CA VAL F 20 17.48 -47.78 -94.43
C VAL F 20 16.08 -47.52 -94.97
N ASP F 21 15.37 -46.55 -94.40
CA ASP F 21 14.15 -46.03 -95.03
C ASP F 21 14.45 -45.50 -96.41
N HIS F 22 15.39 -44.57 -96.52
CA HIS F 22 15.68 -43.96 -97.81
C HIS F 22 16.35 -44.94 -98.77
N PHE F 23 17.11 -45.90 -98.23
CA PHE F 23 17.63 -46.98 -99.06
C PHE F 23 16.50 -47.88 -99.56
N ASN F 24 15.44 -48.02 -98.77
CA ASN F 24 14.27 -48.73 -99.24
C ASN F 24 13.46 -47.87 -100.21
N ARG F 25 13.60 -46.54 -100.12
CA ARG F 25 12.89 -45.65 -101.04
C ARG F 25 13.49 -45.69 -102.44
N ILE F 26 14.81 -45.78 -102.54
CA ILE F 26 15.45 -45.66 -103.86
C ILE F 26 15.59 -47.00 -104.58
N GLY F 27 15.52 -48.12 -103.87
CA GLY F 27 15.89 -49.42 -104.41
C GLY F 27 15.02 -49.96 -105.52
N LYS F 28 13.88 -49.33 -105.79
CA LYS F 28 13.03 -49.75 -106.90
C LYS F 28 13.60 -49.39 -108.27
N VAL F 29 14.30 -48.26 -108.38
CA VAL F 29 14.79 -47.78 -109.67
C VAL F 29 16.28 -47.45 -109.52
N GLY F 30 16.74 -47.34 -108.29
CA GLY F 30 18.10 -46.89 -108.04
C GLY F 30 19.12 -47.97 -108.34
N ASN F 31 20.18 -47.57 -109.01
CA ASN F 31 21.30 -48.44 -109.33
C ASN F 31 22.61 -47.82 -108.84
N GLN F 32 22.52 -47.08 -107.73
CA GLN F 32 23.62 -46.33 -107.17
C GLN F 32 24.35 -47.09 -106.07
N LYS F 33 23.67 -48.03 -105.40
CA LYS F 33 24.08 -48.84 -104.24
C LYS F 33 24.78 -48.03 -103.14
N ARG F 34 24.42 -46.75 -103.02
CA ARG F 34 24.90 -45.90 -101.94
C ARG F 34 23.94 -44.73 -101.80
N VAL F 35 23.78 -44.29 -100.57
CA VAL F 35 22.83 -43.25 -100.21
C VAL F 35 23.60 -42.17 -99.47
N VAL F 36 23.66 -40.98 -100.06
CA VAL F 36 24.39 -39.86 -99.48
C VAL F 36 23.38 -38.78 -99.13
N GLY F 37 23.29 -38.44 -97.86
CA GLY F 37 22.45 -37.37 -97.41
C GLY F 37 23.18 -36.40 -96.50
N VAL F 38 22.43 -35.64 -95.71
CA VAL F 38 22.98 -34.58 -94.88
C VAL F 38 22.66 -34.86 -93.42
N LEU F 39 23.69 -34.91 -92.60
CA LEU F 39 23.55 -35.12 -91.16
C LEU F 39 23.29 -33.79 -90.47
N LEU F 40 22.37 -33.80 -89.51
CA LEU F 40 22.10 -32.64 -88.67
C LEU F 40 22.67 -32.90 -87.29
N GLY F 41 22.91 -31.83 -86.55
CA GLY F 41 23.51 -31.99 -85.24
C GLY F 41 23.09 -30.93 -84.26
N SER F 42 23.52 -31.14 -83.01
CA SER F 42 23.43 -30.16 -81.95
C SER F 42 24.73 -30.23 -81.17
N TRP F 43 25.74 -29.51 -81.63
CA TRP F 43 27.07 -29.56 -81.07
C TRP F 43 27.08 -28.85 -79.73
N GLN F 44 27.28 -29.60 -78.65
CA GLN F 44 27.12 -28.99 -77.33
C GLN F 44 28.43 -28.47 -76.76
N LYS F 45 29.36 -29.35 -76.35
CA LYS F 45 30.63 -28.82 -75.89
C LYS F 45 31.82 -29.40 -76.65
N LYS F 46 32.01 -30.71 -76.51
CA LYS F 46 33.06 -31.47 -77.14
C LYS F 46 32.54 -32.78 -77.67
N VAL F 47 31.62 -33.40 -76.96
CA VAL F 47 30.93 -34.59 -77.44
C VAL F 47 29.88 -34.14 -78.45
N LEU F 48 29.61 -34.99 -79.43
CA LEU F 48 28.64 -34.66 -80.47
C LEU F 48 27.40 -35.50 -80.29
N ASP F 49 26.26 -34.95 -80.72
CA ASP F 49 24.98 -35.62 -80.61
C ASP F 49 24.07 -35.30 -81.81
N VAL F 50 23.52 -36.34 -82.42
CA VAL F 50 22.64 -36.20 -83.58
C VAL F 50 21.25 -36.67 -83.15
N SER F 51 20.23 -35.88 -83.49
CA SER F 51 18.86 -36.28 -83.28
C SER F 51 18.23 -36.52 -84.64
N ASN F 52 18.42 -35.62 -85.61
CA ASN F 52 17.66 -35.69 -86.84
C ASN F 52 18.62 -35.69 -88.04
N SER F 53 18.08 -36.05 -89.21
CA SER F 53 18.83 -36.01 -90.47
C SER F 53 17.86 -35.99 -91.63
N PHE F 54 18.42 -35.90 -92.83
CA PHE F 54 17.65 -36.02 -94.06
C PHE F 54 18.59 -36.44 -95.18
N ALA F 55 18.01 -36.85 -96.30
CA ALA F 55 18.75 -37.26 -97.49
C ALA F 55 18.61 -36.20 -98.59
N VAL F 56 19.29 -36.46 -99.70
CA VAL F 56 19.42 -35.52 -100.81
C VAL F 56 19.73 -36.36 -102.04
N PRO F 57 19.23 -36.03 -103.23
CA PRO F 57 19.55 -36.85 -104.42
C PRO F 57 21.01 -36.73 -104.82
N PHE F 58 21.68 -37.87 -104.92
CA PHE F 58 23.10 -37.93 -105.19
C PHE F 58 23.39 -39.12 -106.09
N ASP F 59 24.07 -38.88 -107.20
CA ASP F 59 24.56 -39.94 -108.06
C ASP F 59 26.04 -39.71 -108.30
N GLU F 60 26.71 -40.78 -108.72
CA GLU F 60 28.15 -40.78 -108.88
C GLU F 60 28.48 -41.70 -110.03
N ASP F 61 29.10 -41.14 -111.07
CA ASP F 61 29.46 -41.94 -112.23
C ASP F 61 30.64 -42.83 -111.88
N ASP F 62 30.51 -44.12 -112.20
CA ASP F 62 31.59 -45.06 -111.93
C ASP F 62 32.77 -44.84 -112.85
N LYS F 63 32.54 -44.28 -114.04
CA LYS F 63 33.63 -43.87 -114.90
C LYS F 63 34.32 -42.65 -114.29
N ASP F 64 35.64 -42.75 -114.17
CA ASP F 64 36.61 -41.72 -113.77
C ASP F 64 36.55 -41.39 -112.26
N ASP F 65 35.52 -41.94 -111.59
CA ASP F 65 35.16 -41.83 -110.15
C ASP F 65 35.51 -40.48 -109.51
N SER F 66 35.20 -39.41 -110.24
CA SER F 66 35.53 -38.08 -109.74
C SER F 66 34.42 -37.08 -110.02
N VAL F 67 33.22 -37.53 -110.41
CA VAL F 67 32.15 -36.67 -110.86
C VAL F 67 30.95 -36.88 -109.95
N TRP F 68 30.53 -35.82 -109.27
CA TRP F 68 29.45 -35.89 -108.30
C TRP F 68 28.59 -34.64 -108.43
N PHE F 69 27.41 -34.68 -107.82
CA PHE F 69 26.56 -33.50 -107.80
C PHE F 69 25.75 -33.49 -106.50
N LEU F 70 25.64 -32.31 -105.91
CA LEU F 70 24.81 -32.09 -104.74
C LEU F 70 23.87 -30.92 -104.96
N ASP F 71 22.63 -31.10 -104.56
CA ASP F 71 21.60 -30.06 -104.64
C ASP F 71 21.68 -29.23 -103.37
N HIS F 72 22.17 -28.01 -103.51
CA HIS F 72 22.30 -27.13 -102.35
C HIS F 72 21.07 -26.27 -102.13
N ASP F 73 20.28 -26.01 -103.20
CA ASP F 73 19.02 -25.29 -103.02
C ASP F 73 18.05 -26.12 -102.20
N TYR F 74 18.00 -27.43 -102.47
CA TYR F 74 17.21 -28.34 -101.65
C TYR F 74 17.78 -28.44 -100.24
N LEU F 75 19.09 -28.25 -100.11
CA LEU F 75 19.68 -28.15 -98.78
C LEU F 75 19.31 -26.83 -98.11
N GLU F 76 19.33 -25.73 -98.87
CA GLU F 76 19.01 -24.42 -98.30
C GLU F 76 17.54 -24.30 -97.95
N ASN F 77 16.67 -24.98 -98.71
CA ASN F 77 15.25 -24.95 -98.38
C ASN F 77 14.95 -25.78 -97.14
N MET F 78 15.31 -27.07 -97.16
CA MET F 78 14.80 -28.02 -96.19
C MET F 78 15.40 -27.79 -94.81
N TYR F 79 16.65 -27.33 -94.76
CA TYR F 79 17.28 -26.97 -93.49
C TYR F 79 16.65 -25.75 -92.88
N GLY F 80 16.30 -24.76 -93.71
CA GLY F 80 15.63 -23.58 -93.21
C GLY F 80 14.22 -23.88 -92.71
N MET F 81 13.59 -24.89 -93.30
CA MET F 81 12.32 -25.36 -92.78
C MET F 81 12.49 -26.03 -91.43
N PHE F 82 13.52 -26.87 -91.30
CA PHE F 82 13.75 -27.59 -90.06
C PHE F 82 14.11 -26.65 -88.92
N LYS F 83 14.89 -25.61 -89.21
CA LYS F 83 15.19 -24.60 -88.21
C LYS F 83 13.95 -23.81 -87.86
N LYS F 84 13.03 -23.63 -88.81
CA LYS F 84 11.80 -22.91 -88.54
C LYS F 84 10.88 -23.71 -87.63
N VAL F 85 10.70 -25.00 -87.93
CA VAL F 85 9.86 -25.83 -87.07
C VAL F 85 10.59 -26.21 -85.78
N ASN F 86 11.92 -26.22 -85.79
CA ASN F 86 12.68 -26.65 -84.61
C ASN F 86 13.99 -25.86 -84.61
N ALA F 87 14.06 -24.82 -83.78
CA ALA F 87 15.22 -23.92 -83.75
C ALA F 87 16.25 -24.43 -82.73
N ARG F 88 16.55 -25.72 -82.83
CA ARG F 88 17.50 -26.35 -81.93
C ARG F 88 18.53 -27.13 -82.75
N GLU F 89 18.10 -27.65 -83.88
CA GLU F 89 18.87 -28.61 -84.65
C GLU F 89 19.54 -27.92 -85.83
N ARG F 90 20.83 -28.15 -86.01
CA ARG F 90 21.59 -27.47 -87.06
C ARG F 90 22.50 -28.46 -87.77
N ILE F 91 23.20 -27.97 -88.80
CA ILE F 91 24.06 -28.82 -89.60
C ILE F 91 25.33 -29.17 -88.84
N VAL F 92 25.77 -30.42 -88.99
CA VAL F 92 27.02 -30.84 -88.37
C VAL F 92 27.84 -31.65 -89.37
N GLY F 93 27.22 -32.10 -90.45
CA GLY F 93 27.97 -32.92 -91.38
C GLY F 93 27.04 -33.65 -92.33
N TRP F 94 27.42 -34.89 -92.62
CA TRP F 94 26.80 -35.67 -93.68
C TRP F 94 26.99 -37.14 -93.36
N TYR F 95 26.54 -38.00 -94.26
CA TYR F 95 26.63 -39.44 -94.05
C TYR F 95 26.59 -40.13 -95.41
N HIS F 96 27.11 -41.35 -95.44
CA HIS F 96 26.84 -42.23 -96.57
C HIS F 96 26.85 -43.66 -96.08
N THR F 97 26.39 -44.56 -96.93
CA THR F 97 26.39 -45.98 -96.63
C THR F 97 27.36 -46.72 -97.55
N GLY F 98 27.50 -48.02 -97.30
CA GLY F 98 28.43 -48.82 -98.04
C GLY F 98 29.81 -48.77 -97.40
N PRO F 99 30.35 -49.93 -97.08
CA PRO F 99 31.67 -49.99 -96.44
C PRO F 99 32.78 -49.51 -97.35
N LYS F 100 32.78 -50.02 -98.58
CA LYS F 100 33.69 -49.51 -99.61
C LYS F 100 33.18 -48.16 -100.05
N LEU F 101 33.88 -47.11 -99.66
CA LEU F 101 33.48 -45.78 -100.07
C LEU F 101 34.19 -45.37 -101.34
N HIS F 102 33.51 -44.55 -102.13
CA HIS F 102 34.10 -43.97 -103.32
C HIS F 102 34.93 -42.74 -102.93
N LYS F 103 35.88 -42.39 -103.80
CA LYS F 103 36.92 -41.45 -103.45
C LYS F 103 36.52 -39.99 -103.63
N ASN F 104 35.24 -39.71 -103.84
CA ASN F 104 34.75 -38.33 -103.86
C ASN F 104 34.32 -37.83 -102.50
N ASP F 105 34.52 -38.63 -101.44
CA ASP F 105 34.08 -38.21 -100.11
C ASP F 105 34.95 -37.09 -99.58
N ILE F 106 36.19 -37.00 -100.05
CA ILE F 106 37.00 -35.81 -99.81
C ILE F 106 36.41 -34.61 -100.54
N ALA F 107 35.91 -34.82 -101.76
CA ALA F 107 35.37 -33.72 -102.54
C ALA F 107 34.02 -33.25 -102.00
N ILE F 108 33.23 -34.17 -101.45
CA ILE F 108 32.00 -33.79 -100.77
C ILE F 108 32.32 -32.95 -99.55
N ASN F 109 33.33 -33.37 -98.80
CA ASN F 109 33.60 -32.78 -97.49
C ASN F 109 34.19 -31.39 -97.61
N GLU F 110 35.11 -31.21 -98.57
CA GLU F 110 35.78 -29.92 -98.73
C GLU F 110 34.84 -28.85 -99.25
N LEU F 111 33.77 -29.24 -99.94
CA LEU F 111 32.80 -28.24 -100.35
C LEU F 111 31.95 -27.79 -99.18
N MET F 112 31.32 -28.72 -98.48
CA MET F 112 30.37 -28.37 -97.44
C MET F 112 31.01 -28.01 -96.11
N LYS F 113 32.35 -27.88 -96.05
CA LYS F 113 32.95 -27.23 -94.89
C LYS F 113 32.69 -25.74 -94.88
N ARG F 114 32.15 -25.17 -95.97
CA ARG F 114 31.60 -23.82 -95.93
C ARG F 114 30.31 -23.74 -95.12
N TYR F 115 29.71 -24.88 -94.78
CA TYR F 115 28.59 -24.93 -93.84
C TYR F 115 29.08 -25.16 -92.42
N CYS F 116 29.80 -26.26 -92.20
CA CYS F 116 30.19 -26.66 -90.86
C CYS F 116 31.70 -26.66 -90.74
N PRO F 117 32.25 -25.96 -89.75
CA PRO F 117 33.71 -25.99 -89.53
C PRO F 117 34.22 -27.36 -89.13
N ASN F 118 33.65 -27.91 -88.07
CA ASN F 118 33.98 -29.28 -87.65
C ASN F 118 33.03 -30.26 -88.32
N SER F 119 33.16 -30.35 -89.64
CA SER F 119 32.36 -31.28 -90.42
C SER F 119 32.78 -32.71 -90.12
N VAL F 120 31.80 -33.60 -90.17
CA VAL F 120 31.96 -34.96 -89.67
C VAL F 120 31.06 -35.85 -90.50
N LEU F 121 31.45 -37.10 -90.68
CA LEU F 121 30.67 -38.04 -91.45
C LEU F 121 30.47 -39.30 -90.61
N VAL F 122 29.37 -39.99 -90.89
CA VAL F 122 29.03 -41.26 -90.25
C VAL F 122 28.76 -42.27 -91.34
N ILE F 123 29.40 -43.43 -91.25
CA ILE F 123 29.13 -44.54 -92.16
C ILE F 123 28.27 -45.55 -91.44
N ILE F 124 27.15 -45.90 -92.06
CA ILE F 124 26.29 -46.96 -91.54
C ILE F 124 26.49 -48.17 -92.43
N ASP F 125 25.98 -49.32 -92.00
CA ASP F 125 26.11 -50.56 -92.75
C ASP F 125 24.71 -51.13 -92.90
N VAL F 126 24.10 -50.93 -94.07
CA VAL F 126 22.76 -51.47 -94.28
C VAL F 126 22.79 -52.98 -94.51
N LYS F 127 23.62 -53.48 -95.42
CA LYS F 127 23.62 -54.91 -95.68
C LYS F 127 24.40 -55.71 -94.63
N PRO F 128 25.66 -55.33 -94.22
CA PRO F 128 26.29 -56.14 -93.17
C PRO F 128 25.69 -55.85 -91.81
N LYS F 129 24.98 -56.83 -91.25
CA LYS F 129 24.42 -56.70 -89.92
C LYS F 129 24.52 -58.00 -89.13
N ASP F 130 25.42 -58.89 -89.54
CA ASP F 130 25.57 -60.20 -88.94
C ASP F 130 26.60 -60.24 -87.81
N LEU F 131 27.80 -59.69 -88.01
CA LEU F 131 28.78 -59.69 -86.93
C LEU F 131 28.58 -58.49 -86.03
N GLY F 132 29.54 -58.20 -85.17
CA GLY F 132 29.45 -57.01 -84.37
C GLY F 132 30.04 -55.83 -85.11
N LEU F 133 29.20 -55.02 -85.72
CA LEU F 133 29.67 -53.87 -86.50
C LEU F 133 28.64 -52.74 -86.44
N PRO F 134 28.81 -51.83 -85.48
CA PRO F 134 27.98 -50.62 -85.46
C PRO F 134 28.52 -49.58 -86.41
N THR F 135 27.96 -48.37 -86.36
CA THR F 135 28.33 -47.25 -87.20
C THR F 135 29.79 -46.83 -87.00
N GLU F 136 30.28 -46.05 -87.96
CA GLU F 136 31.69 -45.67 -88.00
C GLU F 136 31.78 -44.22 -88.44
N ALA F 137 32.76 -43.50 -87.92
CA ALA F 137 32.84 -42.06 -88.15
C ALA F 137 34.28 -41.63 -88.41
N TYR F 138 34.43 -40.57 -89.18
CA TYR F 138 35.74 -39.98 -89.42
C TYR F 138 35.78 -38.51 -89.02
N ILE F 139 36.90 -37.85 -89.30
CA ILE F 139 37.03 -36.43 -89.00
C ILE F 139 37.81 -35.78 -90.13
N SER F 140 37.50 -34.50 -90.38
CA SER F 140 38.03 -33.77 -91.53
C SER F 140 39.35 -33.11 -91.12
N VAL F 141 40.46 -33.72 -91.51
CA VAL F 141 41.80 -33.27 -91.14
C VAL F 141 42.64 -33.02 -92.37
N GLU F 142 43.45 -31.97 -92.32
CA GLU F 142 44.29 -31.54 -93.44
C GLU F 142 45.71 -31.35 -92.92
N GLU F 143 46.56 -32.35 -93.15
CA GLU F 143 47.95 -32.33 -92.73
C GLU F 143 48.78 -32.75 -93.94
N VAL F 144 50.08 -33.03 -93.75
CA VAL F 144 50.87 -33.32 -94.93
C VAL F 144 50.70 -34.80 -95.26
N HIS F 145 51.50 -35.69 -94.67
CA HIS F 145 50.99 -37.00 -94.31
C HIS F 145 51.47 -37.44 -92.93
N ASP F 146 52.77 -37.73 -92.82
CA ASP F 146 53.37 -37.99 -91.53
C ASP F 146 54.57 -37.08 -91.28
N ASP F 147 55.70 -37.37 -91.93
CA ASP F 147 56.80 -36.43 -92.08
C ASP F 147 57.53 -36.53 -93.42
N GLY F 148 57.75 -37.76 -93.89
CA GLY F 148 58.71 -38.01 -94.95
C GLY F 148 58.07 -38.60 -96.20
N THR F 149 56.75 -38.54 -96.22
CA THR F 149 55.88 -39.03 -97.28
C THR F 149 55.23 -37.84 -97.97
N PRO F 150 54.77 -38.00 -99.22
CA PRO F 150 54.10 -36.88 -99.91
C PRO F 150 52.83 -36.42 -99.19
N THR F 151 52.37 -35.23 -99.57
CA THR F 151 51.24 -34.62 -98.90
C THR F 151 49.93 -35.34 -99.25
N SER F 152 49.04 -35.39 -98.28
CA SER F 152 47.81 -36.18 -98.40
C SER F 152 46.68 -35.63 -97.51
N LYS F 153 45.60 -36.41 -97.40
CA LYS F 153 44.42 -36.04 -96.61
C LYS F 153 44.39 -36.78 -95.30
N THR F 154 44.48 -38.12 -95.39
CA THR F 154 44.61 -39.07 -94.28
C THR F 154 43.42 -38.95 -93.32
N PHE F 155 42.24 -39.43 -93.76
CA PHE F 155 41.01 -39.49 -92.98
C PHE F 155 41.26 -40.11 -91.62
N GLU F 156 41.12 -39.33 -90.57
CA GLU F 156 41.33 -39.86 -89.23
C GLU F 156 40.00 -40.30 -88.63
N HIS F 157 40.05 -41.39 -87.87
CA HIS F 157 38.87 -41.96 -87.28
C HIS F 157 38.58 -41.34 -85.91
N VAL F 158 37.31 -41.12 -85.63
CA VAL F 158 36.82 -40.77 -84.30
C VAL F 158 35.90 -41.90 -83.86
N THR F 159 36.04 -42.32 -82.60
CA THR F 159 35.19 -43.37 -82.06
C THR F 159 33.72 -42.93 -82.01
N SER F 160 32.83 -43.92 -81.97
CA SER F 160 31.40 -43.70 -82.06
C SER F 160 30.69 -44.44 -80.94
N GLU F 161 29.41 -44.11 -80.77
CA GLU F 161 28.52 -44.86 -79.90
C GLU F 161 27.08 -44.59 -80.28
N ILE F 162 26.19 -45.43 -79.78
CA ILE F 162 24.76 -45.29 -79.96
C ILE F 162 24.19 -44.98 -78.59
N GLY F 163 24.05 -43.71 -78.29
CA GLY F 163 23.41 -43.33 -77.05
C GLY F 163 21.91 -43.52 -77.12
N ALA F 164 21.29 -43.42 -75.96
CA ALA F 164 19.84 -43.62 -75.87
C ALA F 164 19.34 -42.87 -74.65
N GLU F 165 18.54 -41.84 -74.89
CA GLU F 165 18.03 -40.98 -73.84
C GLU F 165 16.69 -41.52 -73.36
N GLU F 166 16.00 -40.76 -72.52
CA GLU F 166 14.66 -41.12 -72.09
C GLU F 166 13.65 -40.78 -73.18
N ALA F 167 12.42 -41.25 -72.96
CA ALA F 167 11.25 -40.98 -73.80
C ALA F 167 11.38 -41.49 -75.23
N GLU F 168 12.42 -42.29 -75.53
CA GLU F 168 12.47 -42.99 -76.79
C GLU F 168 12.65 -44.47 -76.51
N GLU F 169 13.18 -44.80 -75.33
CA GLU F 169 13.36 -46.19 -74.98
C GLU F 169 12.03 -46.88 -74.76
N VAL F 170 11.04 -46.15 -74.25
CA VAL F 170 9.70 -46.69 -74.14
C VAL F 170 9.13 -46.95 -75.53
N GLY F 171 9.46 -46.07 -76.48
CA GLY F 171 9.16 -46.35 -77.87
C GLY F 171 10.06 -47.42 -78.46
N VAL F 172 11.25 -47.61 -77.88
CA VAL F 172 12.12 -48.70 -78.35
C VAL F 172 11.68 -50.03 -77.75
N GLU F 173 11.49 -50.08 -76.43
CA GLU F 173 11.17 -51.34 -75.75
C GLU F 173 9.83 -51.91 -76.19
N HIS F 174 8.87 -51.04 -76.51
CA HIS F 174 7.56 -51.54 -76.88
C HIS F 174 7.55 -52.03 -78.33
N LEU F 175 8.59 -51.69 -79.10
CA LEU F 175 8.70 -52.21 -80.45
C LEU F 175 9.50 -53.51 -80.52
N LEU F 176 10.35 -53.78 -79.53
CA LEU F 176 11.09 -55.03 -79.50
C LEU F 176 10.20 -56.26 -79.36
N ARG F 177 9.67 -56.46 -78.15
CA ARG F 177 8.70 -57.49 -77.76
C ARG F 177 8.94 -58.88 -78.37
N ASP F 178 10.22 -59.27 -78.47
CA ASP F 178 10.48 -60.59 -79.04
C ASP F 178 11.34 -61.50 -78.17
N ILE F 179 12.45 -60.96 -77.63
CA ILE F 179 13.21 -61.65 -76.59
C ILE F 179 13.41 -60.72 -75.40
N LYS F 180 13.72 -59.45 -75.70
CA LYS F 180 13.73 -58.25 -74.86
C LYS F 180 14.88 -58.20 -73.86
N ASP F 181 15.50 -59.35 -73.56
CA ASP F 181 16.74 -59.52 -72.80
C ASP F 181 16.86 -58.65 -71.55
N THR F 182 16.07 -58.95 -70.51
CA THR F 182 16.02 -58.18 -69.28
C THR F 182 17.40 -58.08 -68.61
N THR F 183 17.54 -57.05 -67.78
CA THR F 183 18.80 -56.83 -67.07
C THR F 183 18.96 -57.86 -65.96
N VAL F 184 20.00 -57.67 -65.14
CA VAL F 184 21.05 -58.64 -64.88
C VAL F 184 20.58 -60.09 -64.95
N GLY F 185 21.23 -60.86 -65.82
CA GLY F 185 20.72 -62.16 -66.19
C GLY F 185 21.07 -63.20 -65.17
N THR F 186 20.31 -64.29 -65.23
CA THR F 186 20.44 -65.39 -64.28
C THR F 186 21.45 -66.38 -64.85
N LEU F 187 22.70 -65.91 -64.96
CA LEU F 187 23.92 -66.69 -65.19
C LEU F 187 24.03 -67.27 -66.60
N SER F 188 22.97 -67.17 -67.40
CA SER F 188 23.02 -67.74 -68.74
C SER F 188 23.25 -66.65 -69.76
N GLN F 189 22.76 -65.45 -69.49
CA GLN F 189 23.06 -64.32 -70.36
C GLN F 189 24.52 -63.90 -70.21
N ARG F 190 25.09 -64.02 -69.01
CA ARG F 190 26.46 -63.60 -68.76
C ARG F 190 27.47 -64.49 -69.48
N ILE F 191 27.16 -65.77 -69.62
CA ILE F 191 28.07 -66.65 -70.35
C ILE F 191 28.06 -66.33 -71.83
N THR F 192 26.87 -66.05 -72.37
CA THR F 192 26.75 -65.62 -73.76
C THR F 192 27.43 -64.28 -73.99
N ASN F 193 27.42 -63.41 -72.98
CA ASN F 193 28.17 -62.16 -73.07
C ASN F 193 29.67 -62.42 -73.16
N GLN F 194 30.14 -63.49 -72.49
CA GLN F 194 31.55 -63.84 -72.58
C GLN F 194 31.84 -64.66 -73.83
N VAL F 195 30.84 -65.36 -74.36
CA VAL F 195 31.00 -66.06 -75.63
C VAL F 195 31.15 -65.05 -76.76
N HIS F 196 30.14 -64.21 -76.98
CA HIS F 196 30.23 -63.28 -78.10
C HIS F 196 31.02 -62.03 -77.72
N GLY F 197 31.45 -61.94 -76.46
CA GLY F 197 32.53 -61.03 -76.12
C GLY F 197 33.86 -61.56 -76.62
N LEU F 198 33.97 -62.89 -76.72
CA LEU F 198 35.20 -63.48 -77.21
C LEU F 198 35.09 -63.82 -78.70
N LYS F 199 33.86 -63.99 -79.20
CA LYS F 199 33.67 -64.17 -80.64
C LYS F 199 34.01 -62.87 -81.39
N GLY F 200 33.95 -61.75 -80.69
CA GLY F 200 34.48 -60.51 -81.25
C GLY F 200 35.99 -60.39 -81.11
N LEU F 201 36.59 -61.18 -80.22
CA LEU F 201 38.03 -61.07 -80.01
C LEU F 201 38.82 -61.79 -81.10
N ASN F 202 38.51 -63.07 -81.33
CA ASN F 202 39.22 -63.81 -82.36
C ASN F 202 38.85 -63.34 -83.75
N SER F 203 37.71 -62.67 -83.91
CA SER F 203 37.37 -62.05 -85.17
C SER F 203 38.33 -60.90 -85.49
N LYS F 204 38.64 -60.08 -84.49
CA LYS F 204 39.69 -59.08 -84.65
C LYS F 204 41.06 -59.72 -84.80
N LEU F 205 41.28 -60.89 -84.18
CA LEU F 205 42.53 -61.60 -84.37
C LEU F 205 42.63 -62.14 -85.80
N LEU F 206 41.56 -62.74 -86.32
CA LEU F 206 41.56 -63.22 -87.70
C LEU F 206 41.67 -62.08 -88.69
N ASP F 207 41.03 -60.94 -88.39
CA ASP F 207 41.11 -59.79 -89.28
C ASP F 207 42.53 -59.25 -89.34
N ILE F 208 43.18 -59.13 -88.18
CA ILE F 208 44.53 -58.61 -88.20
C ILE F 208 45.49 -59.68 -88.70
N ARG F 209 45.10 -60.96 -88.63
CA ARG F 209 45.89 -62.03 -89.24
C ARG F 209 45.89 -61.91 -90.75
N SER F 210 44.74 -61.60 -91.34
CA SER F 210 44.71 -61.38 -92.79
C SER F 210 45.41 -60.08 -93.15
N TYR F 211 45.53 -59.16 -92.19
CA TYR F 211 46.19 -57.89 -92.46
C TYR F 211 47.70 -58.07 -92.56
N LEU F 212 48.29 -58.80 -91.61
CA LEU F 212 49.74 -58.99 -91.61
C LEU F 212 50.20 -59.91 -92.73
N GLU F 213 49.28 -60.69 -93.29
CA GLU F 213 49.59 -61.60 -94.37
C GLU F 213 49.48 -60.91 -95.73
N LYS F 214 49.20 -59.61 -95.70
CA LYS F 214 49.06 -58.84 -96.92
C LYS F 214 49.72 -57.47 -96.78
N VAL F 215 50.24 -57.20 -95.59
CA VAL F 215 50.90 -55.92 -95.31
C VAL F 215 52.37 -55.97 -95.73
N ALA F 216 52.86 -57.18 -96.02
CA ALA F 216 54.25 -57.35 -96.44
C ALA F 216 54.35 -58.28 -97.64
N THR F 217 53.40 -59.21 -97.74
CA THR F 217 53.39 -60.17 -98.84
C THR F 217 53.42 -59.46 -100.19
N GLY F 218 53.77 -58.17 -100.17
CA GLY F 218 53.83 -57.39 -101.40
C GLY F 218 52.46 -56.93 -101.86
N LYS F 219 51.96 -55.89 -101.22
CA LYS F 219 50.65 -55.34 -101.57
C LYS F 219 50.68 -53.82 -101.64
N LEU F 220 50.89 -53.18 -100.49
CA LEU F 220 50.95 -51.72 -100.42
C LEU F 220 52.04 -51.25 -99.48
N PRO F 221 52.48 -49.99 -99.65
CA PRO F 221 53.52 -49.40 -98.81
C PRO F 221 53.16 -49.42 -97.34
N ILE F 222 53.90 -50.19 -96.54
CA ILE F 222 53.64 -50.29 -95.11
C ILE F 222 53.74 -48.94 -94.43
N ASN F 223 52.84 -48.69 -93.48
CA ASN F 223 52.82 -47.43 -92.75
C ASN F 223 53.82 -47.53 -91.60
N HIS F 224 54.72 -46.56 -91.52
CA HIS F 224 55.67 -46.51 -90.40
C HIS F 224 54.93 -46.30 -89.08
N GLN F 225 53.78 -45.61 -89.13
CA GLN F 225 52.94 -45.42 -87.96
C GLN F 225 52.45 -46.74 -87.38
N ILE F 226 51.90 -47.60 -88.23
CA ILE F 226 51.25 -48.80 -87.75
C ILE F 226 52.26 -49.86 -87.33
N ILE F 227 53.53 -49.71 -87.72
CA ILE F 227 54.62 -50.61 -87.36
C ILE F 227 54.86 -50.62 -85.86
N TYR F 228 55.10 -49.45 -85.27
CA TYR F 228 55.30 -49.42 -83.82
C TYR F 228 53.97 -49.37 -83.09
N GLN F 229 52.87 -49.21 -83.81
CA GLN F 229 51.55 -49.23 -83.20
C GLN F 229 51.12 -50.65 -82.91
N LEU F 230 51.67 -51.62 -83.63
CA LEU F 230 51.45 -53.03 -83.33
C LEU F 230 52.48 -53.59 -82.38
N GLN F 231 53.67 -52.98 -82.31
CA GLN F 231 54.77 -53.56 -81.56
C GLN F 231 54.60 -53.36 -80.07
N ASP F 232 54.01 -52.25 -79.65
CA ASP F 232 53.78 -51.98 -78.24
C ASP F 232 52.55 -52.66 -77.67
N VAL F 233 52.02 -53.69 -78.33
CA VAL F 233 50.96 -54.50 -77.77
C VAL F 233 51.50 -55.84 -77.31
N PHE F 234 52.39 -56.44 -78.08
CA PHE F 234 52.86 -57.78 -77.78
C PHE F 234 53.87 -57.77 -76.64
N ASN F 235 54.88 -56.93 -76.71
CA ASN F 235 55.79 -56.81 -75.57
C ASN F 235 55.36 -55.69 -74.65
N LEU F 236 54.07 -55.65 -74.30
CA LEU F 236 53.57 -54.88 -73.18
C LEU F 236 52.43 -55.60 -72.47
N LEU F 237 52.14 -56.81 -72.89
CA LEU F 237 51.14 -57.55 -72.15
C LEU F 237 51.77 -58.20 -70.93
N PRO F 238 51.03 -58.33 -69.83
CA PRO F 238 51.60 -58.90 -68.61
C PRO F 238 51.76 -60.41 -68.71
N ASP F 239 52.57 -60.94 -67.79
CA ASP F 239 52.85 -62.37 -67.74
C ASP F 239 52.58 -62.92 -66.35
N VAL F 240 52.88 -64.20 -66.14
CA VAL F 240 52.64 -64.88 -64.87
C VAL F 240 53.93 -64.86 -64.06
N SER F 241 53.80 -64.76 -62.75
CA SER F 241 54.94 -64.78 -61.85
C SER F 241 54.53 -65.51 -60.57
N LEU F 242 55.35 -65.39 -59.54
CA LEU F 242 55.01 -65.95 -58.24
C LEU F 242 54.01 -65.06 -57.50
N GLN F 243 54.17 -63.73 -57.62
CA GLN F 243 53.27 -62.78 -56.98
C GLN F 243 51.84 -62.91 -57.48
N GLU F 244 51.65 -63.18 -58.77
CA GLU F 244 50.32 -63.40 -59.30
C GLU F 244 49.72 -64.70 -58.78
N PHE F 245 50.56 -65.73 -58.57
CA PHE F 245 50.09 -67.02 -58.10
C PHE F 245 49.56 -66.96 -56.67
N VAL F 246 50.36 -66.41 -55.76
CA VAL F 246 49.97 -66.42 -54.35
C VAL F 246 48.81 -65.48 -54.11
N LYS F 247 48.69 -64.44 -54.92
CA LYS F 247 47.58 -63.50 -54.79
C LYS F 247 46.28 -64.09 -55.34
N ALA F 248 46.37 -64.84 -56.43
CA ALA F 248 45.17 -65.36 -57.08
C ALA F 248 44.47 -66.39 -56.21
N PHE F 249 45.21 -67.39 -55.72
CA PHE F 249 44.61 -68.37 -54.81
C PHE F 249 44.22 -67.76 -53.47
N TYR F 250 44.80 -66.62 -53.11
CA TYR F 250 44.36 -65.91 -51.91
C TYR F 250 42.96 -65.35 -52.08
N LEU F 251 42.67 -64.68 -53.18
CA LEU F 251 41.38 -64.02 -53.31
C LEU F 251 40.35 -64.93 -53.97
N LYS F 252 40.81 -65.93 -54.74
CA LYS F 252 39.87 -66.92 -55.26
C LYS F 252 39.30 -67.77 -54.14
N THR F 253 40.11 -68.08 -53.12
CA THR F 253 39.58 -68.67 -51.89
C THR F 253 38.57 -67.73 -51.24
N ASN F 254 38.90 -66.44 -51.18
CA ASN F 254 38.02 -65.46 -50.55
C ASN F 254 36.76 -65.25 -51.38
N ASP F 255 36.88 -65.15 -52.70
CA ASP F 255 35.71 -64.97 -53.54
C ASP F 255 34.84 -66.22 -53.62
N GLN F 256 35.36 -67.39 -53.26
CA GLN F 256 34.58 -68.61 -53.39
C GLN F 256 33.82 -68.96 -52.13
N MET F 257 34.47 -68.85 -50.97
CA MET F 257 33.97 -69.46 -49.74
C MET F 257 32.66 -68.83 -49.27
N VAL F 258 32.45 -67.57 -49.63
CA VAL F 258 31.19 -66.91 -49.32
C VAL F 258 30.07 -67.57 -50.11
N VAL F 259 30.29 -67.73 -51.41
CA VAL F 259 29.34 -68.41 -52.29
C VAL F 259 29.22 -69.88 -51.92
N VAL F 260 30.29 -70.45 -51.37
CA VAL F 260 30.21 -71.81 -50.83
C VAL F 260 29.23 -71.86 -49.67
N TYR F 261 29.41 -71.01 -48.68
CA TYR F 261 28.63 -71.15 -47.47
C TYR F 261 27.26 -70.50 -47.61
N LEU F 262 27.10 -69.61 -48.59
CA LEU F 262 25.76 -69.10 -48.87
C LEU F 262 24.93 -70.10 -49.64
N ALA F 263 25.53 -70.78 -50.62
CA ALA F 263 24.73 -71.74 -51.39
C ALA F 263 24.48 -73.00 -50.58
N SER F 264 25.54 -73.60 -50.06
CA SER F 264 25.46 -74.92 -49.43
C SER F 264 24.67 -74.95 -48.15
N LEU F 265 24.47 -73.81 -47.50
CA LEU F 265 23.75 -73.77 -46.23
C LEU F 265 22.35 -73.19 -46.40
N ILE F 266 22.27 -72.00 -46.96
CA ILE F 266 21.02 -71.25 -46.96
C ILE F 266 20.03 -71.84 -47.97
N ARG F 267 20.53 -72.24 -49.14
CA ARG F 267 19.62 -72.85 -50.10
C ARG F 267 19.22 -74.26 -49.66
N SER F 268 20.07 -74.89 -48.84
CA SER F 268 19.80 -76.27 -48.44
C SER F 268 18.70 -76.35 -47.39
N VAL F 269 18.73 -75.47 -46.40
CA VAL F 269 17.81 -75.59 -45.26
C VAL F 269 16.40 -75.18 -45.67
N VAL F 270 16.30 -74.28 -46.65
CA VAL F 270 15.01 -73.89 -47.21
C VAL F 270 14.33 -75.08 -47.88
N ALA F 271 15.10 -75.87 -48.65
CA ALA F 271 14.54 -77.06 -49.27
C ALA F 271 14.16 -78.11 -48.24
N LEU F 272 14.87 -78.13 -47.11
CA LEU F 272 14.48 -79.02 -46.04
C LEU F 272 13.20 -78.53 -45.37
N HIS F 273 13.07 -77.22 -45.20
CA HIS F 273 11.84 -76.67 -44.64
C HIS F 273 10.68 -76.83 -45.61
N ASN F 274 10.99 -76.85 -46.91
CA ASN F 274 9.95 -77.13 -47.90
C ASN F 274 9.61 -78.61 -47.91
N LEU F 275 10.54 -79.47 -47.46
CA LEU F 275 10.24 -80.89 -47.37
C LEU F 275 9.32 -81.17 -46.20
N ILE F 276 9.52 -80.45 -45.08
CA ILE F 276 8.75 -80.71 -43.86
C ILE F 276 7.28 -80.38 -44.08
N ASN F 277 7.02 -79.28 -44.76
CA ASN F 277 5.67 -78.76 -44.83
C ASN F 277 4.80 -79.62 -45.75
N ASN F 278 5.36 -80.06 -46.88
CA ASN F 278 4.53 -80.81 -47.82
C ASN F 278 4.30 -82.23 -47.34
N LYS F 279 5.30 -82.84 -46.70
CA LYS F 279 5.09 -84.20 -46.19
C LYS F 279 4.13 -84.21 -45.02
N ILE F 280 4.11 -83.15 -44.22
CA ILE F 280 3.02 -82.97 -43.26
C ILE F 280 1.71 -82.73 -44.00
N ALA F 281 1.74 -81.88 -45.02
CA ALA F 281 0.52 -81.61 -45.79
C ALA F 281 0.09 -82.82 -46.61
N ASN F 282 1.03 -83.70 -46.97
CA ASN F 282 0.64 -84.93 -47.65
C ASN F 282 -0.03 -85.88 -46.68
N ARG F 283 0.51 -85.99 -45.45
CA ARG F 283 -0.01 -86.99 -44.52
C ARG F 283 -1.25 -86.51 -43.79
N ASP F 284 -1.50 -85.20 -43.75
CA ASP F 284 -2.71 -84.73 -43.07
C ASP F 284 -3.96 -84.97 -43.92
N ALA F 285 -3.88 -84.75 -45.23
CA ALA F 285 -5.00 -85.10 -46.09
C ALA F 285 -5.16 -86.60 -46.23
N GLU F 286 -4.06 -87.35 -46.09
CA GLU F 286 -4.12 -88.79 -46.25
C GLU F 286 -4.78 -89.46 -45.06
N LYS F 287 -4.59 -88.92 -43.86
CA LYS F 287 -5.21 -89.45 -42.66
C LYS F 287 -6.63 -88.96 -42.47
N LYS F 288 -7.05 -87.93 -43.23
CA LYS F 288 -8.37 -87.35 -43.07
C LYS F 288 -9.21 -87.39 -44.33
N GLU F 289 -8.79 -88.12 -45.36
CA GLU F 289 -9.63 -88.24 -46.55
C GLU F 289 -10.84 -89.13 -46.27
N GLY F 290 -10.64 -90.23 -45.54
CA GLY F 290 -11.72 -91.12 -45.19
C GLY F 290 -12.06 -91.07 -43.72
N VAL G 4 59.46 2.17 -126.92
CA VAL G 4 59.40 0.88 -126.23
C VAL G 4 59.68 -0.36 -127.16
N PRO G 5 59.08 -0.47 -128.36
CA PRO G 5 59.49 -1.58 -129.23
C PRO G 5 60.91 -1.43 -129.78
N GLY G 6 61.40 -0.19 -129.91
CA GLY G 6 62.79 0.01 -130.26
C GLY G 6 63.75 -0.40 -129.17
N PHE G 7 63.28 -0.43 -127.91
CA PHE G 7 64.16 -0.83 -126.81
C PHE G 7 64.45 -2.32 -126.84
N LEU G 8 63.48 -3.12 -127.29
CA LEU G 8 63.72 -4.55 -127.39
C LEU G 8 64.46 -4.91 -128.67
N GLN G 9 64.41 -4.03 -129.68
CA GLN G 9 65.19 -4.26 -130.89
C GLN G 9 66.66 -3.95 -130.65
N GLN G 10 66.96 -2.94 -129.85
CA GLN G 10 68.35 -2.67 -129.50
C GLN G 10 68.86 -3.59 -128.41
N SER G 11 67.97 -4.17 -127.60
CA SER G 11 68.35 -5.22 -126.66
C SER G 11 68.02 -6.61 -127.18
N GLN G 12 67.95 -6.77 -128.51
CA GLN G 12 67.61 -8.05 -129.10
C GLN G 12 68.75 -9.06 -128.97
N ASN G 13 69.98 -8.59 -128.78
CA ASN G 13 71.12 -9.48 -128.76
C ASN G 13 71.24 -10.19 -127.40
N SER G 14 72.39 -10.83 -127.19
CA SER G 14 72.77 -11.57 -125.99
C SER G 14 71.80 -12.70 -125.68
N GLY G 15 71.75 -13.68 -126.56
CA GLY G 15 71.03 -14.92 -126.37
C GLY G 15 70.94 -15.64 -127.69
N PRO G 16 71.22 -16.95 -127.67
CA PRO G 16 71.53 -17.68 -128.93
C PRO G 16 70.30 -17.83 -129.80
N GLY G 17 70.46 -17.48 -131.07
CA GLY G 17 69.32 -17.51 -131.96
C GLY G 17 68.37 -16.40 -131.62
N GLN G 18 68.75 -15.14 -131.96
CA GLN G 18 67.96 -13.98 -131.55
C GLN G 18 66.53 -13.98 -132.12
N PRO G 19 66.31 -13.82 -133.44
CA PRO G 19 65.07 -13.17 -133.89
C PRO G 19 63.83 -14.02 -133.74
N ALA G 20 63.98 -15.34 -133.77
CA ALA G 20 62.86 -16.26 -133.66
C ALA G 20 62.22 -16.27 -132.28
N VAL G 21 62.91 -15.80 -131.25
CA VAL G 21 62.29 -15.63 -129.95
C VAL G 21 61.99 -14.18 -129.63
N TRP G 22 62.70 -13.23 -130.25
CA TRP G 22 62.42 -11.82 -130.01
C TRP G 22 61.25 -11.32 -130.87
N HIS G 23 61.04 -11.91 -132.05
CA HIS G 23 59.80 -11.62 -132.79
C HIS G 23 58.60 -12.20 -132.07
N ARG G 24 58.75 -13.39 -131.48
CA ARG G 24 57.66 -13.95 -130.69
C ARG G 24 57.46 -13.15 -129.41
N LEU G 25 58.53 -12.53 -128.91
CA LEU G 25 58.43 -11.74 -127.69
C LEU G 25 57.68 -10.44 -127.93
N GLU G 26 57.94 -9.81 -129.08
CA GLU G 26 57.30 -8.53 -129.35
C GLU G 26 55.85 -8.70 -129.81
N GLU G 27 55.50 -9.87 -130.38
CA GLU G 27 54.12 -10.08 -130.79
C GLU G 27 53.24 -10.41 -129.60
N LEU G 28 53.72 -11.30 -128.72
CA LEU G 28 53.03 -11.59 -127.46
C LEU G 28 53.01 -10.40 -126.52
N TYR G 29 53.95 -9.47 -126.71
CA TYR G 29 53.85 -8.17 -126.05
C TYR G 29 52.63 -7.40 -126.52
N THR G 30 52.30 -7.50 -127.81
CA THR G 30 51.25 -6.70 -128.39
C THR G 30 49.88 -7.35 -128.29
N LYS G 31 49.80 -8.65 -127.98
CA LYS G 31 48.49 -9.27 -127.83
C LYS G 31 47.91 -9.12 -126.42
N LYS G 32 48.60 -8.37 -125.54
CA LYS G 32 48.14 -8.00 -124.19
C LYS G 32 47.89 -9.22 -123.30
N LEU G 33 48.49 -10.35 -123.63
CA LEU G 33 48.44 -11.52 -122.77
C LEU G 33 49.54 -11.43 -121.74
N TRP G 34 49.45 -12.32 -120.74
CA TRP G 34 50.33 -12.21 -119.59
C TRP G 34 50.87 -13.57 -119.18
N HIS G 35 50.60 -14.60 -119.96
CA HIS G 35 51.01 -15.92 -119.49
C HIS G 35 52.05 -16.56 -120.40
N GLN G 36 51.77 -16.59 -121.71
CA GLN G 36 52.76 -17.09 -122.64
C GLN G 36 53.95 -16.15 -122.73
N LEU G 37 53.71 -14.85 -122.48
CA LEU G 37 54.80 -13.91 -122.28
C LEU G 37 55.62 -14.25 -121.04
N THR G 38 54.94 -14.55 -119.93
CA THR G 38 55.63 -14.75 -118.66
C THR G 38 56.40 -16.08 -118.66
N LEU G 39 55.86 -17.10 -119.32
CA LEU G 39 56.60 -18.33 -119.52
C LEU G 39 57.81 -18.11 -120.39
N GLN G 40 57.72 -17.19 -121.34
CA GLN G 40 58.84 -16.94 -122.23
C GLN G 40 59.91 -16.10 -121.54
N VAL G 41 59.51 -15.23 -120.61
CA VAL G 41 60.48 -14.50 -119.82
C VAL G 41 61.11 -15.42 -118.78
N LEU G 42 60.32 -16.33 -118.20
CA LEU G 42 60.87 -17.34 -117.30
C LEU G 42 61.78 -18.30 -118.03
N ASP G 43 61.51 -18.53 -119.32
CA ASP G 43 62.41 -19.35 -120.13
C ASP G 43 63.73 -18.63 -120.38
N PHE G 44 63.70 -17.30 -120.48
CA PHE G 44 64.91 -16.52 -120.74
C PHE G 44 65.84 -16.49 -119.53
N VAL G 45 65.27 -16.36 -118.33
CA VAL G 45 66.09 -16.24 -117.13
C VAL G 45 66.65 -17.61 -116.74
N GLN G 46 65.90 -18.68 -117.00
CA GLN G 46 66.32 -20.03 -116.68
C GLN G 46 67.45 -20.53 -117.59
N ASP G 47 67.67 -19.87 -118.74
CA ASP G 47 68.74 -20.19 -119.68
C ASP G 47 70.10 -20.03 -119.00
N PRO G 48 70.84 -21.13 -118.78
CA PRO G 48 72.07 -21.04 -117.96
C PRO G 48 73.21 -20.32 -118.65
N CYS G 49 73.12 -19.00 -118.67
CA CYS G 49 74.12 -18.16 -119.32
C CYS G 49 74.80 -17.29 -118.27
N PHE G 50 75.63 -16.37 -118.73
CA PHE G 50 76.17 -15.36 -117.82
C PHE G 50 75.10 -14.35 -117.43
N ALA G 51 74.09 -14.16 -118.30
CA ALA G 51 72.88 -13.36 -118.08
C ALA G 51 73.23 -11.93 -117.67
N GLN G 52 74.03 -11.31 -118.53
CA GLN G 52 74.59 -9.99 -118.29
C GLN G 52 73.58 -8.86 -118.51
N GLY G 53 72.42 -9.16 -119.09
CA GLY G 53 71.45 -8.13 -119.38
C GLY G 53 70.47 -7.89 -118.25
N ASP G 54 70.98 -7.83 -117.01
CA ASP G 54 70.14 -7.51 -115.87
C ASP G 54 69.66 -6.06 -115.93
N GLY G 55 70.52 -5.14 -116.39
CA GLY G 55 70.13 -3.76 -116.50
C GLY G 55 69.13 -3.50 -117.61
N LEU G 56 69.12 -4.34 -118.63
CA LEU G 56 68.14 -4.26 -119.70
C LEU G 56 66.85 -5.00 -119.37
N ILE G 57 66.92 -6.03 -118.53
CA ILE G 57 65.70 -6.75 -118.17
C ILE G 57 65.01 -6.09 -116.99
N LYS G 58 65.74 -5.34 -116.15
CA LYS G 58 65.11 -4.66 -115.02
C LYS G 58 64.25 -3.50 -115.49
N LEU G 59 64.56 -2.93 -116.67
CA LEU G 59 63.72 -1.88 -117.21
C LEU G 59 62.49 -2.48 -117.89
N TYR G 60 62.64 -3.69 -118.44
CA TYR G 60 61.50 -4.38 -119.02
C TYR G 60 60.60 -4.97 -117.93
N GLU G 61 61.19 -5.45 -116.84
CA GLU G 61 60.38 -5.88 -115.70
C GLU G 61 59.72 -4.69 -115.03
N ASN G 62 60.36 -3.51 -115.10
CA ASN G 62 59.67 -2.29 -114.73
C ASN G 62 58.55 -1.98 -115.72
N PHE G 63 58.82 -2.16 -117.01
CA PHE G 63 57.84 -1.85 -118.05
C PHE G 63 56.65 -2.80 -118.00
N ILE G 64 56.87 -4.05 -117.59
CA ILE G 64 55.75 -4.93 -117.33
C ILE G 64 54.90 -4.38 -116.19
N SER G 65 55.55 -4.04 -115.07
CA SER G 65 54.85 -3.76 -113.82
C SER G 65 54.06 -2.45 -113.87
N GLU G 66 54.32 -1.60 -114.87
CA GLU G 66 53.56 -0.36 -115.00
C GLU G 66 52.13 -0.62 -115.47
N PHE G 67 51.98 -1.28 -116.61
CA PHE G 67 50.64 -1.65 -117.08
C PHE G 67 50.29 -3.09 -116.77
N GLU G 68 50.81 -3.64 -115.67
CA GLU G 68 50.62 -5.05 -115.39
C GLU G 68 49.22 -5.31 -114.86
N HIS G 69 49.00 -4.95 -113.57
CA HIS G 69 47.73 -4.94 -112.83
C HIS G 69 46.85 -6.19 -113.02
N ARG G 70 47.41 -7.29 -113.50
CA ARG G 70 46.63 -8.49 -113.82
C ARG G 70 47.29 -9.79 -113.40
N VAL G 71 48.59 -9.83 -113.21
CA VAL G 71 49.30 -11.10 -113.15
C VAL G 71 49.36 -11.57 -111.71
N ASN G 72 49.33 -12.89 -111.54
CA ASN G 72 49.63 -13.55 -110.27
C ASN G 72 51.01 -13.12 -109.80
N PRO G 73 51.13 -12.42 -108.66
CA PRO G 73 52.44 -11.91 -108.24
C PRO G 73 53.40 -12.97 -107.74
N LEU G 74 52.97 -14.23 -107.62
CA LEU G 74 53.85 -15.30 -107.17
C LEU G 74 54.97 -15.53 -108.17
N SER G 75 54.61 -15.77 -109.44
CA SER G 75 55.63 -15.96 -110.47
C SER G 75 56.33 -14.65 -110.82
N LEU G 76 55.72 -13.52 -110.45
CA LEU G 76 56.40 -12.23 -110.57
C LEU G 76 57.58 -12.14 -109.61
N VAL G 77 57.38 -12.59 -108.37
CA VAL G 77 58.44 -12.50 -107.38
C VAL G 77 59.35 -13.72 -107.48
N GLU G 78 58.81 -14.85 -107.96
CA GLU G 78 59.64 -16.02 -108.25
C GLU G 78 60.66 -15.75 -109.35
N ILE G 79 60.37 -14.82 -110.25
CA ILE G 79 61.38 -14.47 -111.24
C ILE G 79 62.22 -13.28 -110.79
N ILE G 80 61.70 -12.41 -109.92
CA ILE G 80 62.48 -11.24 -109.53
C ILE G 80 63.49 -11.64 -108.47
N LEU G 81 63.31 -12.81 -107.85
CA LEU G 81 64.36 -13.34 -106.99
C LEU G 81 65.49 -13.93 -107.83
N HIS G 82 65.18 -14.40 -109.04
CA HIS G 82 66.24 -14.78 -109.97
C HIS G 82 66.91 -13.56 -110.58
N VAL G 83 66.15 -12.47 -110.74
CA VAL G 83 66.70 -11.23 -111.29
C VAL G 83 67.67 -10.59 -110.30
N VAL G 84 67.25 -10.44 -109.06
CA VAL G 84 68.07 -9.73 -108.09
C VAL G 84 69.24 -10.58 -107.61
N ARG G 85 69.18 -11.90 -107.82
CA ARG G 85 70.34 -12.75 -107.53
C ARG G 85 71.37 -12.65 -108.65
N GLN G 86 70.91 -12.38 -109.87
CA GLN G 86 71.84 -12.20 -111.00
C GLN G 86 72.50 -10.83 -110.95
N MET G 87 71.85 -9.84 -110.32
CA MET G 87 72.43 -8.51 -110.22
C MET G 87 73.63 -8.49 -109.27
N THR G 88 73.60 -9.35 -108.24
CA THR G 88 74.69 -9.59 -107.28
C THR G 88 75.10 -8.30 -106.57
N ASP G 89 74.12 -7.67 -105.94
CA ASP G 89 74.38 -6.39 -105.30
C ASP G 89 73.62 -6.30 -103.97
N PRO G 90 74.17 -6.86 -102.89
CA PRO G 90 73.42 -6.95 -101.63
C PRO G 90 73.21 -5.62 -100.91
N ASN G 91 73.90 -4.56 -101.35
CA ASN G 91 73.66 -3.24 -100.76
C ASN G 91 72.27 -2.73 -101.11
N VAL G 92 71.83 -2.92 -102.35
CA VAL G 92 70.55 -2.44 -102.81
C VAL G 92 69.54 -3.56 -103.02
N ALA G 93 69.96 -4.83 -102.92
CA ALA G 93 69.03 -5.94 -103.13
C ALA G 93 68.01 -6.03 -102.02
N LEU G 94 68.37 -5.59 -100.81
CA LEU G 94 67.43 -5.60 -99.70
C LEU G 94 66.37 -4.51 -99.89
N THR G 95 66.79 -3.31 -100.31
CA THR G 95 65.84 -2.23 -100.54
C THR G 95 65.03 -2.47 -101.80
N PHE G 96 65.60 -3.20 -102.76
CA PHE G 96 64.83 -3.57 -103.95
C PHE G 96 63.78 -4.62 -103.64
N LEU G 97 64.13 -5.60 -102.79
CA LEU G 97 63.20 -6.68 -102.47
C LEU G 97 62.09 -6.18 -101.55
N GLU G 98 62.41 -5.25 -100.65
CA GLU G 98 61.39 -4.69 -99.76
C GLU G 98 60.46 -3.75 -100.51
N LYS G 99 60.92 -3.21 -101.64
CA LYS G 99 60.03 -2.45 -102.50
C LYS G 99 59.08 -3.38 -103.26
N THR G 100 59.60 -4.52 -103.73
CA THR G 100 58.76 -5.47 -104.46
C THR G 100 57.80 -6.20 -103.53
N ARG G 101 58.13 -6.30 -102.24
CA ARG G 101 57.20 -6.92 -101.30
C ARG G 101 56.04 -5.99 -100.97
N GLU G 102 56.31 -4.71 -100.72
CA GLU G 102 55.27 -3.78 -100.33
C GLU G 102 54.40 -3.34 -101.49
N LYS G 103 54.88 -3.48 -102.72
CA LYS G 103 54.11 -2.99 -103.87
C LYS G 103 52.93 -3.89 -104.19
N VAL G 104 52.97 -5.15 -103.75
CA VAL G 104 51.85 -6.07 -103.89
C VAL G 104 51.56 -6.62 -102.51
N LYS G 105 50.44 -6.22 -101.92
CA LYS G 105 50.02 -6.72 -100.61
C LYS G 105 48.67 -7.41 -100.75
N SER G 106 48.45 -8.07 -101.89
CA SER G 106 47.16 -8.63 -102.25
C SER G 106 46.86 -9.91 -101.49
N SER G 107 45.76 -10.57 -101.85
CA SER G 107 45.34 -11.81 -101.21
C SER G 107 46.26 -12.98 -101.51
N ASP G 108 47.05 -12.90 -102.57
CA ASP G 108 47.98 -13.98 -102.89
C ASP G 108 49.15 -13.95 -101.90
N GLU G 109 49.45 -15.11 -101.34
CA GLU G 109 50.48 -15.25 -100.31
C GLU G 109 51.84 -15.20 -101.00
N ALA G 110 52.27 -13.99 -101.35
CA ALA G 110 53.59 -13.75 -101.91
C ALA G 110 54.55 -13.11 -100.93
N VAL G 111 54.04 -12.56 -99.82
CA VAL G 111 54.90 -12.03 -98.76
C VAL G 111 55.68 -13.16 -98.09
N ILE G 112 55.11 -14.37 -98.06
CA ILE G 112 55.71 -15.48 -97.32
C ILE G 112 56.97 -15.97 -98.02
N LEU G 113 57.05 -15.81 -99.34
CA LEU G 113 58.26 -16.18 -100.04
C LEU G 113 59.19 -14.98 -100.22
N CYS G 114 58.67 -13.77 -100.02
CA CYS G 114 59.54 -12.59 -99.93
C CYS G 114 60.36 -12.62 -98.65
N LYS G 115 59.73 -12.99 -97.53
CA LYS G 115 60.43 -13.02 -96.25
C LYS G 115 61.51 -14.10 -96.24
N THR G 116 61.29 -15.18 -96.96
CA THR G 116 62.34 -16.17 -97.14
C THR G 116 63.43 -15.65 -98.06
N ALA G 117 63.04 -14.83 -99.04
CA ALA G 117 64.03 -14.22 -99.92
C ALA G 117 64.77 -13.10 -99.21
N ILE G 118 64.19 -12.54 -98.15
CA ILE G 118 64.94 -11.60 -97.32
C ILE G 118 66.05 -12.33 -96.59
N GLY G 119 65.71 -13.46 -95.96
CA GLY G 119 66.65 -14.13 -95.08
C GLY G 119 67.79 -14.82 -95.81
N ALA G 120 67.50 -15.44 -96.96
CA ALA G 120 68.53 -16.18 -97.66
C ALA G 120 69.55 -15.25 -98.32
N LEU G 121 69.14 -14.05 -98.69
CA LEU G 121 70.12 -13.06 -99.12
C LEU G 121 70.81 -12.39 -97.94
N LYS G 122 70.14 -12.27 -96.79
CA LYS G 122 70.78 -11.59 -95.66
C LYS G 122 71.66 -12.54 -94.84
N LEU G 123 71.37 -13.84 -94.83
CA LEU G 123 72.22 -14.76 -94.06
C LEU G 123 73.55 -15.04 -94.74
N ASN G 124 74.37 -14.00 -94.87
CA ASN G 124 75.78 -14.09 -95.15
C ASN G 124 76.55 -13.24 -94.14
N ILE G 125 76.00 -12.07 -93.81
CA ILE G 125 76.64 -11.10 -92.93
C ILE G 125 75.67 -10.66 -91.85
N GLY G 126 76.18 -10.44 -90.64
CA GLY G 126 75.42 -9.89 -89.52
C GLY G 126 74.22 -10.71 -89.12
N ASP G 127 74.42 -12.01 -88.92
CA ASP G 127 73.32 -12.97 -88.86
C ASP G 127 72.92 -13.24 -87.41
N LEU G 128 72.47 -12.21 -86.71
CA LEU G 128 71.95 -12.40 -85.37
C LEU G 128 70.72 -11.56 -85.08
N GLN G 129 70.52 -10.50 -85.86
CA GLN G 129 69.61 -9.45 -85.41
C GLN G 129 68.16 -9.63 -85.85
N VAL G 130 67.92 -10.23 -87.00
CA VAL G 130 66.57 -10.33 -87.52
C VAL G 130 66.38 -11.79 -87.89
N THR G 131 67.45 -12.56 -87.74
CA THR G 131 67.52 -13.92 -88.27
C THR G 131 66.63 -14.86 -87.50
N LYS G 132 66.60 -14.74 -86.18
CA LYS G 132 65.63 -15.48 -85.38
C LYS G 132 64.21 -14.98 -85.68
N GLU G 133 64.07 -13.70 -86.00
CA GLU G 133 62.76 -13.14 -86.32
C GLU G 133 62.32 -13.51 -87.74
N THR G 134 63.25 -13.54 -88.70
CA THR G 134 62.84 -13.79 -90.07
C THR G 134 62.66 -15.28 -90.35
N ILE G 135 63.12 -16.14 -89.46
CA ILE G 135 62.79 -17.56 -89.55
C ILE G 135 61.46 -17.83 -88.87
N GLU G 136 61.19 -17.13 -87.78
CA GLU G 136 59.96 -17.34 -87.03
C GLU G 136 58.75 -16.76 -87.76
N ASP G 137 58.94 -15.70 -88.56
CA ASP G 137 57.82 -15.11 -89.27
C ASP G 137 57.33 -16.01 -90.40
N VAL G 138 58.20 -16.88 -90.91
CA VAL G 138 57.79 -17.81 -91.95
C VAL G 138 56.95 -18.94 -91.36
N GLU G 139 57.38 -19.49 -90.22
CA GLU G 139 56.65 -20.58 -89.60
C GLU G 139 55.36 -20.10 -88.93
N GLU G 140 55.27 -18.81 -88.61
CA GLU G 140 53.98 -18.25 -88.20
C GLU G 140 53.04 -18.10 -89.38
N MET G 141 53.58 -17.80 -90.56
CA MET G 141 52.80 -17.58 -91.75
C MET G 141 52.78 -18.81 -92.66
N LEU G 142 52.69 -19.99 -92.07
CA LEU G 142 52.61 -21.23 -92.82
C LEU G 142 51.35 -21.96 -92.36
N ASN G 143 50.25 -21.20 -92.33
CA ASN G 143 48.99 -21.65 -91.77
C ASN G 143 47.89 -21.58 -92.82
N ASN G 144 46.88 -22.43 -92.62
CA ASN G 144 45.64 -22.54 -93.40
C ASN G 144 45.85 -22.98 -94.85
N LEU G 145 47.07 -23.37 -95.23
CA LEU G 145 47.30 -23.72 -96.62
C LEU G 145 48.53 -24.61 -96.75
N PRO G 146 48.39 -25.94 -96.67
CA PRO G 146 49.53 -26.84 -96.91
C PRO G 146 49.68 -27.19 -98.38
N GLY G 147 49.64 -26.18 -99.24
CA GLY G 147 49.59 -26.45 -100.66
C GLY G 147 50.54 -25.65 -101.52
N VAL G 148 51.29 -24.73 -100.94
CA VAL G 148 52.29 -23.99 -101.71
C VAL G 148 53.49 -24.89 -102.00
N THR G 149 54.14 -25.40 -100.94
CA THR G 149 55.27 -26.34 -100.90
C THR G 149 56.56 -25.64 -101.36
N SER G 150 56.44 -24.42 -101.88
CA SER G 150 57.62 -23.60 -102.15
C SER G 150 58.01 -22.80 -100.94
N VAL G 151 57.02 -22.36 -100.15
CA VAL G 151 57.32 -21.57 -98.96
C VAL G 151 58.02 -22.44 -97.92
N HIS G 152 57.63 -23.72 -97.81
CA HIS G 152 58.39 -24.64 -96.97
C HIS G 152 59.72 -24.99 -97.60
N SER G 153 59.78 -25.05 -98.93
CA SER G 153 61.05 -25.26 -99.63
C SER G 153 62.00 -24.10 -99.37
N ARG G 154 61.50 -22.86 -99.49
CA ARG G 154 62.33 -21.71 -99.21
C ARG G 154 62.58 -21.56 -97.71
N PHE G 155 61.67 -22.06 -96.88
CA PHE G 155 61.94 -22.14 -95.44
C PHE G 155 63.02 -23.17 -95.15
N TYR G 156 63.05 -24.27 -95.91
CA TYR G 156 64.10 -25.25 -95.71
C TYR G 156 65.43 -24.75 -96.22
N ASP G 157 65.41 -23.90 -97.26
CA ASP G 157 66.65 -23.39 -97.83
C ASP G 157 67.36 -22.45 -96.87
N LEU G 158 66.60 -21.57 -96.21
CA LEU G 158 67.20 -20.68 -95.23
C LEU G 158 67.63 -21.42 -93.97
N SER G 159 66.96 -22.53 -93.63
CA SER G 159 67.36 -23.29 -92.46
C SER G 159 68.65 -24.04 -92.70
N SER G 160 68.88 -24.46 -93.95
CA SER G 160 70.19 -24.97 -94.32
C SER G 160 71.24 -23.87 -94.32
N LYS G 161 70.85 -22.64 -94.66
CA LYS G 161 71.75 -21.50 -94.50
C LYS G 161 71.93 -21.18 -93.02
N TYR G 162 70.92 -21.47 -92.20
CA TYR G 162 71.03 -21.25 -90.77
C TYR G 162 71.73 -22.41 -90.06
N TYR G 163 71.91 -23.54 -90.75
CA TYR G 163 72.58 -24.69 -90.15
C TYR G 163 74.03 -24.41 -89.80
N GLN G 164 74.68 -23.50 -90.53
CA GLN G 164 76.02 -23.07 -90.19
C GLN G 164 76.01 -22.12 -88.99
N THR G 165 75.66 -22.67 -87.83
CA THR G 165 75.67 -21.99 -86.54
C THR G 165 76.20 -22.94 -85.49
N ILE G 166 76.08 -22.58 -84.22
CA ILE G 166 76.61 -23.44 -83.16
C ILE G 166 75.54 -24.45 -82.80
N GLY G 167 74.42 -23.99 -82.25
CA GLY G 167 73.37 -24.91 -81.91
C GLY G 167 72.23 -24.94 -82.91
N ASN G 168 72.33 -25.84 -83.89
CA ASN G 168 71.20 -26.26 -84.69
C ASN G 168 71.50 -27.67 -85.17
N HIS G 169 70.98 -28.67 -84.48
CA HIS G 169 71.26 -30.05 -84.89
C HIS G 169 70.03 -30.94 -84.80
N ALA G 170 69.16 -30.68 -83.83
CA ALA G 170 67.98 -31.50 -83.66
C ALA G 170 66.84 -31.00 -84.53
N SER G 171 66.58 -29.69 -84.49
CA SER G 171 65.57 -29.08 -85.34
C SER G 171 65.94 -29.14 -86.81
N TYR G 172 67.23 -29.20 -87.13
CA TYR G 172 67.66 -29.28 -88.51
C TYR G 172 67.32 -30.64 -89.13
N TYR G 173 67.53 -31.72 -88.38
CA TYR G 173 67.27 -33.05 -88.92
C TYR G 173 65.78 -33.30 -89.10
N LYS G 174 64.96 -32.74 -88.19
CA LYS G 174 63.53 -32.86 -88.35
C LYS G 174 63.04 -31.98 -89.50
N ASP G 175 63.74 -30.89 -89.78
CA ASP G 175 63.42 -30.08 -90.95
C ASP G 175 63.83 -30.79 -92.23
N ALA G 176 64.92 -31.56 -92.17
CA ALA G 176 65.38 -32.29 -93.34
C ALA G 176 64.46 -33.46 -93.66
N LEU G 177 63.72 -33.94 -92.67
CA LEU G 177 62.71 -34.97 -92.94
C LEU G 177 61.46 -34.35 -93.57
N ARG G 178 61.12 -33.12 -93.17
CA ARG G 178 59.91 -32.48 -93.70
C ARG G 178 60.07 -32.11 -95.16
N PHE G 179 61.21 -31.53 -95.53
CA PHE G 179 61.41 -31.08 -96.89
C PHE G 179 61.52 -32.25 -97.86
N LEU G 180 62.17 -33.33 -97.45
CA LEU G 180 62.24 -34.53 -98.29
C LEU G 180 60.88 -35.18 -98.39
N GLY G 181 59.98 -34.92 -97.45
CA GLY G 181 58.61 -35.37 -97.52
C GLY G 181 57.71 -34.53 -98.41
N CYS G 182 57.84 -33.20 -98.31
CA CYS G 182 56.98 -32.33 -99.11
C CYS G 182 57.36 -32.35 -100.58
N VAL G 183 58.65 -32.51 -100.89
CA VAL G 183 59.08 -32.65 -102.27
C VAL G 183 58.75 -34.06 -102.74
N ASP G 184 58.46 -34.21 -104.03
CA ASP G 184 58.18 -35.52 -104.61
C ASP G 184 59.20 -35.88 -105.68
N ILE G 185 59.42 -35.01 -106.66
CA ILE G 185 60.40 -35.28 -107.70
C ILE G 185 61.79 -34.90 -107.21
N LYS G 186 62.80 -35.38 -107.92
CA LYS G 186 64.18 -35.13 -107.53
C LYS G 186 64.75 -33.94 -108.27
N ASP G 187 64.49 -33.86 -109.58
CA ASP G 187 64.74 -32.80 -110.57
C ASP G 187 66.08 -32.06 -110.44
N LEU G 188 67.11 -32.76 -109.97
CA LEU G 188 68.48 -32.28 -109.88
C LEU G 188 69.36 -33.50 -109.72
N PRO G 189 70.57 -33.52 -110.27
CA PRO G 189 71.36 -34.75 -110.32
C PRO G 189 71.90 -35.17 -108.96
N VAL G 190 72.53 -36.35 -108.97
CA VAL G 190 73.00 -37.00 -107.75
C VAL G 190 74.20 -36.28 -107.16
N SER G 191 74.95 -35.55 -107.98
CA SER G 191 76.17 -34.86 -107.53
C SER G 191 75.92 -33.76 -106.52
N GLU G 192 74.67 -33.33 -106.34
CA GLU G 192 74.31 -32.58 -105.15
C GLU G 192 73.52 -33.41 -104.15
N GLN G 193 72.82 -34.45 -104.63
CA GLN G 193 72.01 -35.29 -103.75
C GLN G 193 72.86 -36.15 -102.82
N GLN G 194 74.12 -36.42 -103.20
CA GLN G 194 74.97 -37.23 -102.33
C GLN G 194 75.41 -36.43 -101.11
N GLU G 195 75.50 -35.10 -101.26
CA GLU G 195 75.79 -34.26 -100.09
C GLU G 195 74.51 -33.86 -99.38
N ARG G 196 73.36 -34.07 -100.02
CA ARG G 196 72.10 -33.93 -99.30
C ARG G 196 71.96 -35.03 -98.26
N ALA G 197 72.18 -36.28 -98.67
CA ALA G 197 72.06 -37.41 -97.75
C ALA G 197 73.22 -37.46 -96.76
N PHE G 198 74.36 -36.87 -97.12
CA PHE G 198 75.53 -36.91 -96.25
C PHE G 198 75.36 -35.99 -95.06
N THR G 199 74.86 -34.77 -95.29
CA THR G 199 74.57 -33.88 -94.17
C THR G 199 73.29 -34.30 -93.47
N LEU G 200 72.47 -35.12 -94.13
CA LEU G 200 71.35 -35.78 -93.46
C LEU G 200 71.87 -36.82 -92.47
N GLY G 201 72.93 -37.53 -92.85
CA GLY G 201 73.47 -38.56 -91.99
C GLY G 201 74.20 -38.01 -90.79
N LEU G 202 74.76 -36.81 -90.92
CA LEU G 202 75.48 -36.20 -89.81
C LEU G 202 74.53 -35.62 -88.77
N ALA G 203 73.50 -34.90 -89.25
CA ALA G 203 72.61 -34.17 -88.34
C ALA G 203 71.74 -35.11 -87.52
N GLY G 204 71.39 -36.26 -88.08
CA GLY G 204 70.71 -37.27 -87.29
C GLY G 204 71.66 -38.07 -86.42
N LEU G 205 72.95 -38.06 -86.74
CA LEU G 205 73.91 -38.70 -85.87
C LEU G 205 74.40 -37.77 -84.79
N LEU G 206 74.60 -36.50 -85.12
CA LEU G 206 74.84 -35.48 -84.11
C LEU G 206 73.54 -34.88 -83.62
N GLY G 207 72.59 -35.71 -83.24
CA GLY G 207 71.38 -35.27 -82.60
C GLY G 207 71.45 -35.64 -81.14
N GLU G 208 70.78 -34.85 -80.30
CA GLU G 208 70.81 -35.10 -78.86
C GLU G 208 69.99 -36.33 -78.53
N GLY G 209 68.71 -36.31 -78.87
CA GLY G 209 67.85 -37.45 -78.64
C GLY G 209 67.56 -38.27 -79.88
N VAL G 210 68.05 -37.85 -81.05
CA VAL G 210 67.79 -38.56 -82.30
C VAL G 210 69.06 -39.32 -82.64
N PHE G 211 68.99 -40.65 -82.59
CA PHE G 211 70.12 -41.54 -82.83
C PHE G 211 70.12 -42.05 -84.26
N ASN G 212 69.03 -42.69 -84.71
CA ASN G 212 68.79 -42.86 -86.13
C ASN G 212 67.32 -42.70 -86.46
N PHE G 213 66.45 -43.10 -85.51
CA PHE G 213 65.01 -42.82 -85.46
C PHE G 213 64.25 -43.68 -86.47
N GLY G 214 64.92 -44.42 -87.34
CA GLY G 214 64.21 -45.16 -88.36
C GLY G 214 63.80 -44.24 -89.49
N GLU G 215 63.02 -44.83 -90.42
CA GLU G 215 62.47 -44.17 -91.61
C GLU G 215 63.57 -43.49 -92.42
N LEU G 216 64.70 -44.17 -92.55
CA LEU G 216 65.72 -43.82 -93.52
C LEU G 216 66.28 -45.01 -94.25
N LEU G 217 66.24 -46.20 -93.66
CA LEU G 217 66.58 -47.41 -94.40
C LEU G 217 65.50 -47.75 -95.42
N MET G 218 64.25 -47.40 -95.13
CA MET G 218 63.18 -47.66 -96.07
C MET G 218 63.24 -46.71 -97.26
N HIS G 219 63.51 -45.43 -97.01
CA HIS G 219 63.56 -44.45 -98.09
C HIS G 219 64.84 -44.62 -98.90
N PRO G 220 64.74 -44.86 -100.22
CA PRO G 220 65.93 -45.03 -101.05
C PRO G 220 66.65 -43.74 -101.42
N VAL G 221 66.36 -42.64 -100.73
CA VAL G 221 66.97 -41.35 -101.03
C VAL G 221 68.40 -41.26 -100.54
N LEU G 222 68.92 -42.30 -99.90
CA LEU G 222 70.30 -42.33 -99.44
C LEU G 222 71.07 -43.58 -99.87
N GLU G 223 70.40 -44.73 -99.93
CA GLU G 223 71.09 -45.97 -100.26
C GLU G 223 71.21 -46.14 -101.76
N SER G 224 70.31 -45.52 -102.53
CA SER G 224 70.39 -45.62 -103.99
C SER G 224 71.23 -44.49 -104.55
N LEU G 225 71.75 -43.63 -103.66
CA LEU G 225 72.57 -42.50 -104.07
C LEU G 225 73.98 -42.55 -103.52
N ARG G 226 74.26 -43.41 -102.53
CA ARG G 226 75.59 -43.53 -101.95
C ARG G 226 76.02 -44.98 -101.80
N ASN G 227 75.46 -45.90 -102.58
CA ASN G 227 75.96 -47.27 -102.53
C ASN G 227 77.28 -47.41 -103.28
N THR G 228 77.69 -46.38 -104.02
CA THR G 228 78.95 -46.34 -104.76
C THR G 228 80.07 -45.71 -103.96
N ASP G 229 79.82 -44.59 -103.30
CA ASP G 229 80.86 -43.88 -102.56
C ASP G 229 80.47 -43.73 -101.10
N ARG G 230 81.50 -43.65 -100.25
CA ARG G 230 81.43 -43.47 -98.81
C ARG G 230 80.63 -44.55 -98.10
N GLN G 231 81.08 -45.80 -98.20
CA GLN G 231 80.40 -46.93 -97.57
C GLN G 231 80.55 -46.96 -96.06
N TRP G 232 81.42 -46.14 -95.49
CA TRP G 232 81.59 -46.08 -94.04
C TRP G 232 80.37 -45.49 -93.35
N LEU G 233 79.63 -44.62 -94.04
CA LEU G 233 78.49 -43.97 -93.41
C LEU G 233 77.26 -44.87 -93.43
N ILE G 234 77.09 -45.68 -94.48
CA ILE G 234 75.96 -46.59 -94.51
C ILE G 234 76.16 -47.71 -93.51
N ASP G 235 77.41 -48.17 -93.35
CA ASP G 235 77.70 -49.29 -92.47
C ASP G 235 77.55 -48.89 -91.00
N THR G 236 77.93 -47.65 -90.66
CA THR G 236 77.81 -47.23 -89.28
C THR G 236 76.38 -46.89 -88.91
N LEU G 237 75.51 -46.67 -89.89
CA LEU G 237 74.08 -46.63 -89.60
C LEU G 237 73.52 -48.02 -89.41
N TYR G 238 74.13 -49.02 -90.06
CA TYR G 238 73.69 -50.40 -89.92
C TYR G 238 74.07 -50.97 -88.56
N ALA G 239 75.26 -50.62 -88.06
CA ALA G 239 75.69 -51.12 -86.76
C ALA G 239 74.91 -50.48 -85.62
N PHE G 240 74.28 -49.33 -85.88
CA PHE G 240 73.51 -48.69 -84.84
C PHE G 240 72.08 -49.21 -84.81
N ASN G 241 71.53 -49.53 -85.99
CA ASN G 241 70.19 -50.10 -86.05
C ASN G 241 70.22 -51.55 -85.60
N SER G 242 71.35 -52.25 -85.84
CA SER G 242 71.62 -53.53 -85.20
C SER G 242 71.95 -53.41 -83.73
N GLY G 243 72.48 -52.26 -83.31
CA GLY G 243 72.73 -51.98 -81.91
C GLY G 243 73.99 -52.57 -81.34
N ASN G 244 74.74 -53.35 -82.11
CA ASN G 244 76.01 -53.86 -81.62
C ASN G 244 77.05 -52.74 -81.52
N VAL G 245 78.05 -52.97 -80.68
CA VAL G 245 79.16 -52.04 -80.55
C VAL G 245 79.97 -52.11 -81.83
N GLU G 246 80.49 -53.31 -82.11
CA GLU G 246 81.29 -53.65 -83.29
C GLU G 246 82.47 -52.69 -83.37
N ARG G 247 83.41 -52.84 -82.42
CA ARG G 247 84.47 -51.86 -82.18
C ARG G 247 85.31 -51.55 -83.41
N PHE G 248 85.40 -52.50 -84.35
CA PHE G 248 86.09 -52.24 -85.61
C PHE G 248 85.37 -51.18 -86.43
N GLN G 249 84.10 -51.41 -86.75
CA GLN G 249 83.37 -50.52 -87.66
C GLN G 249 83.09 -49.15 -87.05
N THR G 250 82.85 -49.08 -85.74
CA THR G 250 82.67 -47.78 -85.11
C THR G 250 84.00 -47.05 -84.94
N LEU G 251 85.14 -47.71 -85.18
CA LEU G 251 86.43 -47.04 -85.24
C LEU G 251 86.82 -46.64 -86.65
N LYS G 252 86.47 -47.45 -87.64
CA LYS G 252 86.85 -47.13 -89.02
C LYS G 252 86.09 -45.92 -89.52
N THR G 253 84.91 -45.66 -88.96
CA THR G 253 84.27 -44.37 -89.23
C THR G 253 84.97 -43.24 -88.50
N ALA G 254 85.60 -43.49 -87.34
CA ALA G 254 86.33 -42.45 -86.65
C ALA G 254 87.65 -42.15 -87.34
N TRP G 255 88.19 -43.13 -88.09
CA TRP G 255 89.32 -42.83 -88.96
C TRP G 255 88.89 -42.09 -90.22
N GLY G 256 87.84 -42.57 -90.88
CA GLY G 256 87.45 -42.04 -92.18
C GLY G 256 86.89 -40.64 -92.12
N GLN G 257 86.03 -40.40 -91.13
CA GLN G 257 85.47 -39.07 -90.92
C GLN G 257 86.24 -38.39 -89.80
N GLN G 258 87.15 -37.51 -90.17
CA GLN G 258 87.91 -36.78 -89.16
C GLN G 258 87.13 -35.63 -88.49
N PRO G 259 86.57 -34.64 -89.21
CA PRO G 259 86.02 -33.49 -88.48
C PRO G 259 84.65 -33.81 -87.90
N ASP G 260 84.33 -33.10 -86.81
CA ASP G 260 83.03 -33.15 -86.12
C ASP G 260 82.70 -34.55 -85.60
N LEU G 261 83.75 -35.34 -85.38
CA LEU G 261 83.56 -36.71 -84.92
C LEU G 261 84.54 -36.95 -83.78
N ALA G 262 85.58 -36.13 -83.73
CA ALA G 262 86.56 -36.22 -82.65
C ALA G 262 85.97 -35.76 -81.33
N ALA G 263 85.23 -34.65 -81.33
CA ALA G 263 84.62 -34.13 -80.11
C ALA G 263 83.31 -34.83 -79.77
N ASN G 264 82.84 -35.74 -80.61
CA ASN G 264 81.59 -36.43 -80.40
C ASN G 264 81.75 -37.94 -80.35
N GLU G 265 82.99 -38.44 -80.29
CA GLU G 265 83.22 -39.89 -80.35
C GLU G 265 82.81 -40.57 -79.05
N ALA G 266 83.13 -39.95 -77.91
CA ALA G 266 82.72 -40.49 -76.62
C ALA G 266 81.21 -40.33 -76.43
N GLN G 267 80.62 -39.33 -77.09
CA GLN G 267 79.17 -39.20 -77.08
C GLN G 267 78.51 -40.34 -77.83
N LEU G 268 79.06 -40.71 -79.00
CA LEU G 268 78.46 -41.77 -79.78
C LEU G 268 78.73 -43.13 -79.16
N LEU G 269 79.79 -43.27 -78.36
CA LEU G 269 79.93 -44.45 -77.53
C LEU G 269 78.85 -44.49 -76.46
N ARG G 270 78.48 -43.32 -75.94
CA ARG G 270 77.43 -43.28 -74.93
C ARG G 270 76.08 -43.58 -75.55
N LYS G 271 75.89 -43.24 -76.82
CA LYS G 271 74.60 -43.47 -77.47
C LYS G 271 74.40 -44.94 -77.80
N ILE G 272 75.48 -45.64 -78.17
CA ILE G 272 75.31 -47.06 -78.49
C ILE G 272 75.28 -47.90 -77.22
N GLN G 273 75.82 -47.38 -76.13
CA GLN G 273 75.70 -48.10 -74.87
C GLN G 273 74.30 -47.99 -74.29
N LEU G 274 73.60 -46.88 -74.57
CA LEU G 274 72.21 -46.80 -74.15
C LEU G 274 71.26 -47.47 -75.14
N LEU G 275 71.70 -47.70 -76.37
CA LEU G 275 70.81 -48.21 -77.41
C LEU G 275 70.78 -49.72 -77.45
N CYS G 276 71.89 -50.38 -77.15
CA CYS G 276 71.99 -51.83 -77.24
C CYS G 276 71.10 -52.54 -76.24
N LEU G 277 70.73 -51.86 -75.14
CA LEU G 277 69.82 -52.43 -74.15
C LEU G 277 68.46 -52.72 -74.76
N MET G 278 67.85 -51.70 -75.39
CA MET G 278 66.46 -51.79 -75.81
C MET G 278 66.27 -52.66 -77.04
N GLU G 279 67.35 -53.22 -77.60
CA GLU G 279 67.28 -54.28 -78.60
C GLU G 279 67.71 -55.63 -78.05
N MET G 280 68.62 -55.66 -77.07
CA MET G 280 68.95 -56.95 -76.47
C MET G 280 67.84 -57.44 -75.55
N THR G 281 67.00 -56.53 -75.03
CA THR G 281 65.77 -56.94 -74.37
C THR G 281 64.67 -57.23 -75.37
N PHE G 282 64.87 -56.87 -76.63
CA PHE G 282 63.94 -57.23 -77.70
C PHE G 282 64.29 -58.57 -78.32
N THR G 283 65.55 -58.98 -78.19
CA THR G 283 65.96 -60.29 -78.65
C THR G 283 65.30 -61.40 -77.83
N ARG G 284 65.09 -61.15 -76.54
CA ARG G 284 64.35 -62.10 -75.73
C ARG G 284 62.91 -61.63 -75.60
N PRO G 285 61.93 -62.47 -75.99
CA PRO G 285 60.55 -61.97 -76.11
C PRO G 285 59.78 -61.97 -74.79
N ALA G 286 60.25 -61.15 -73.84
CA ALA G 286 59.62 -60.92 -72.53
C ALA G 286 59.48 -62.18 -71.69
N ASN G 287 60.26 -63.23 -71.98
CA ASN G 287 60.18 -64.44 -71.18
C ASN G 287 60.99 -64.29 -69.89
N HIS G 288 62.28 -64.06 -70.04
CA HIS G 288 63.22 -63.98 -68.92
C HIS G 288 63.94 -62.64 -69.03
N ARG G 289 63.15 -61.57 -69.16
CA ARG G 289 63.63 -60.19 -69.27
C ARG G 289 64.35 -59.70 -68.03
N GLN G 290 64.37 -60.46 -66.93
CA GLN G 290 65.26 -60.19 -65.82
C GLN G 290 66.68 -60.57 -66.25
N LEU G 291 67.39 -59.59 -66.81
CA LEU G 291 68.75 -59.81 -67.28
C LEU G 291 69.76 -59.37 -66.23
N THR G 292 70.86 -60.10 -66.15
CA THR G 292 71.92 -59.77 -65.21
C THR G 292 72.88 -58.74 -65.82
N PHE G 293 73.70 -58.15 -64.94
CA PHE G 293 74.68 -57.15 -65.34
C PHE G 293 75.78 -57.72 -66.24
N GLU G 294 76.00 -59.04 -66.18
CA GLU G 294 77.11 -59.65 -66.88
C GLU G 294 76.92 -59.61 -68.39
N GLU G 295 75.68 -59.73 -68.86
CA GLU G 295 75.43 -59.81 -70.29
C GLU G 295 75.46 -58.43 -70.94
N ILE G 296 75.02 -57.40 -70.21
CA ILE G 296 75.19 -56.03 -70.70
C ILE G 296 76.67 -55.66 -70.73
N ALA G 297 77.41 -56.05 -69.69
CA ALA G 297 78.85 -55.82 -69.63
C ALA G 297 79.58 -56.55 -70.75
N LYS G 298 79.02 -57.67 -71.21
CA LYS G 298 79.58 -58.37 -72.35
C LYS G 298 79.15 -57.72 -73.66
N SER G 299 77.89 -57.30 -73.75
CA SER G 299 77.39 -56.76 -75.00
C SER G 299 77.84 -55.32 -75.22
N ALA G 300 77.68 -54.47 -74.21
CA ALA G 300 78.09 -53.07 -74.36
C ALA G 300 79.56 -52.85 -74.02
N LYS G 301 80.31 -53.93 -73.80
CA LYS G 301 81.76 -53.97 -73.47
C LYS G 301 82.16 -52.96 -72.40
N ILE G 302 81.26 -52.75 -71.45
CA ILE G 302 81.43 -51.77 -70.39
C ILE G 302 81.65 -52.51 -69.08
N THR G 303 82.31 -51.87 -68.13
CA THR G 303 82.64 -52.52 -66.88
C THR G 303 81.42 -52.66 -65.99
N VAL G 304 81.60 -53.40 -64.88
CA VAL G 304 80.53 -53.61 -63.92
C VAL G 304 80.16 -52.31 -63.21
N ASN G 305 81.14 -51.47 -62.90
CA ASN G 305 80.89 -50.24 -62.16
C ASN G 305 80.29 -49.12 -63.00
N GLU G 306 79.88 -49.38 -64.24
CA GLU G 306 79.28 -48.35 -65.06
C GLU G 306 77.96 -48.75 -65.69
N VAL G 307 77.50 -50.00 -65.51
CA VAL G 307 76.19 -50.38 -66.03
C VAL G 307 75.08 -49.71 -65.25
N GLU G 308 75.32 -49.36 -63.99
CA GLU G 308 74.28 -48.74 -63.18
C GLU G 308 74.14 -47.26 -63.52
N LEU G 309 75.25 -46.58 -63.80
CA LEU G 309 75.16 -45.23 -64.33
C LEU G 309 74.59 -45.24 -65.74
N LEU G 310 74.78 -46.36 -66.45
CA LEU G 310 74.22 -46.51 -67.78
C LEU G 310 72.71 -46.58 -67.72
N VAL G 311 72.17 -47.42 -66.82
CA VAL G 311 70.73 -47.63 -66.82
C VAL G 311 70.00 -46.51 -66.08
N MET G 312 70.68 -45.77 -65.20
CA MET G 312 70.05 -44.56 -64.65
C MET G 312 69.84 -43.52 -65.72
N LYS G 313 70.79 -43.42 -66.65
CA LYS G 313 70.63 -42.50 -67.78
C LYS G 313 69.50 -42.96 -68.69
N ALA G 314 69.39 -44.27 -68.91
CA ALA G 314 68.40 -44.79 -69.84
C ALA G 314 66.98 -44.64 -69.28
N LEU G 315 66.83 -44.76 -67.97
CA LEU G 315 65.52 -44.50 -67.36
C LEU G 315 65.21 -43.02 -67.35
N SER G 316 66.23 -42.18 -67.28
CA SER G 316 66.00 -40.74 -67.31
C SER G 316 65.69 -40.26 -68.71
N VAL G 317 66.18 -40.97 -69.74
CA VAL G 317 65.80 -40.66 -71.11
C VAL G 317 64.33 -40.93 -71.35
N GLY G 318 63.90 -42.16 -71.07
CA GLY G 318 62.50 -42.48 -71.21
C GLY G 318 62.19 -43.53 -72.26
N LEU G 319 63.21 -44.25 -72.70
CA LEU G 319 63.01 -45.37 -73.61
C LEU G 319 62.64 -46.65 -72.89
N VAL G 320 62.78 -46.69 -71.57
CA VAL G 320 62.45 -47.86 -70.78
C VAL G 320 62.11 -47.37 -69.40
N LYS G 321 61.29 -48.13 -68.67
CA LYS G 321 60.91 -47.79 -67.32
C LYS G 321 61.09 -48.98 -66.40
N GLY G 322 62.14 -49.77 -66.62
CA GLY G 322 62.42 -50.93 -65.82
C GLY G 322 62.97 -50.59 -64.44
N SER G 323 63.31 -51.64 -63.71
CA SER G 323 63.85 -51.50 -62.36
C SER G 323 65.22 -52.15 -62.28
N ILE G 324 65.92 -51.85 -61.19
CA ILE G 324 67.25 -52.41 -60.96
C ILE G 324 67.25 -53.10 -59.60
N ASP G 325 67.52 -54.40 -59.62
CA ASP G 325 67.69 -55.19 -58.42
C ASP G 325 69.16 -55.53 -58.27
N GLU G 326 69.66 -55.48 -57.04
CA GLU G 326 71.03 -55.88 -56.77
C GLU G 326 71.13 -56.96 -55.70
N VAL G 327 70.01 -57.47 -55.19
CA VAL G 327 70.10 -58.63 -54.32
C VAL G 327 70.33 -59.88 -55.16
N ASP G 328 70.01 -59.81 -56.46
CA ASP G 328 70.45 -60.80 -57.44
C ASP G 328 71.35 -60.19 -58.50
N LYS G 329 71.58 -58.88 -58.45
CA LYS G 329 72.36 -58.10 -59.42
C LYS G 329 71.81 -58.27 -60.84
N ARG G 330 70.49 -58.36 -60.94
CA ARG G 330 69.81 -58.57 -62.20
C ARG G 330 68.91 -57.40 -62.50
N VAL G 331 69.07 -56.81 -63.68
CA VAL G 331 68.35 -55.62 -64.07
C VAL G 331 67.06 -56.05 -64.75
N HIS G 332 65.94 -55.50 -64.29
CA HIS G 332 64.62 -55.78 -64.85
C HIS G 332 64.31 -54.77 -65.94
N MET G 333 63.66 -55.23 -66.99
CA MET G 333 63.39 -54.42 -68.16
C MET G 333 61.91 -54.46 -68.52
N THR G 334 61.25 -53.31 -68.42
CA THR G 334 59.89 -53.14 -68.93
C THR G 334 60.03 -52.20 -70.13
N TRP G 335 60.26 -52.78 -71.30
CA TRP G 335 60.52 -52.01 -72.51
C TRP G 335 59.22 -51.40 -73.03
N VAL G 336 59.22 -50.08 -73.18
CA VAL G 336 58.01 -49.33 -73.46
C VAL G 336 58.13 -48.44 -74.69
N GLN G 337 59.27 -48.42 -75.37
CA GLN G 337 59.48 -47.50 -76.48
C GLN G 337 59.77 -48.28 -77.76
N PRO G 338 58.78 -48.43 -78.63
CA PRO G 338 58.96 -49.26 -79.84
C PRO G 338 59.62 -48.52 -80.98
N ARG G 339 59.85 -49.21 -82.10
CA ARG G 339 60.58 -48.60 -83.20
C ARG G 339 60.07 -49.21 -84.51
N VAL G 340 60.84 -49.06 -85.59
CA VAL G 340 60.62 -49.76 -86.84
C VAL G 340 61.39 -51.07 -86.80
N LEU G 341 60.87 -52.09 -87.48
CA LEU G 341 61.51 -53.39 -87.56
C LEU G 341 61.44 -53.89 -88.99
N ASP G 342 62.34 -54.81 -89.32
CA ASP G 342 62.33 -55.38 -90.65
C ASP G 342 61.39 -56.58 -90.71
N LEU G 343 61.17 -57.06 -91.94
CA LEU G 343 60.22 -58.13 -92.20
C LEU G 343 60.64 -59.45 -91.55
N GLN G 344 61.95 -59.67 -91.38
CA GLN G 344 62.44 -60.89 -90.75
C GLN G 344 61.99 -61.00 -89.31
N GLN G 345 61.92 -59.88 -88.61
CA GLN G 345 61.36 -59.86 -87.27
C GLN G 345 59.85 -59.65 -87.28
N ILE G 346 59.27 -59.32 -88.43
CA ILE G 346 57.82 -59.34 -88.53
C ILE G 346 57.31 -60.78 -88.59
N LYS G 347 58.11 -61.69 -89.19
CA LYS G 347 57.70 -63.08 -89.41
C LYS G 347 57.34 -63.79 -88.10
N GLY G 348 58.25 -63.74 -87.12
CA GLY G 348 57.96 -64.30 -85.82
C GLY G 348 56.87 -63.55 -85.09
N MET G 349 56.75 -62.25 -85.36
CA MET G 349 55.68 -61.46 -84.76
C MET G 349 54.33 -61.88 -85.33
N LYS G 350 54.28 -62.26 -86.61
CA LYS G 350 53.04 -62.77 -87.19
C LYS G 350 52.75 -64.17 -86.68
N ASP G 351 53.79 -64.94 -86.33
CA ASP G 351 53.57 -66.28 -85.82
C ASP G 351 53.05 -66.25 -84.39
N ARG G 352 53.58 -65.35 -83.58
CA ARG G 352 53.11 -65.21 -82.20
C ARG G 352 51.72 -64.59 -82.15
N LEU G 353 51.31 -63.94 -83.23
CA LEU G 353 49.90 -63.56 -83.35
C LEU G 353 49.05 -64.79 -83.67
N GLU G 354 49.56 -65.69 -84.51
CA GLU G 354 48.78 -66.85 -84.88
C GLU G 354 48.71 -67.85 -83.73
N PHE G 355 49.79 -67.95 -82.96
CA PHE G 355 49.79 -68.79 -81.76
C PHE G 355 48.80 -68.24 -80.74
N TRP G 356 48.76 -66.91 -80.63
CA TRP G 356 47.77 -66.26 -79.78
C TRP G 356 46.37 -66.45 -80.33
N CYS G 357 46.25 -66.45 -81.66
CA CYS G 357 44.96 -66.62 -82.30
C CYS G 357 44.44 -68.04 -82.13
N THR G 358 45.31 -69.03 -82.27
CA THR G 358 44.85 -70.41 -82.26
C THR G 358 44.63 -70.92 -80.83
N ASP G 359 45.12 -70.19 -79.83
CA ASP G 359 44.80 -70.59 -78.47
C ASP G 359 43.48 -69.99 -78.01
N VAL G 360 43.28 -68.70 -78.31
CA VAL G 360 42.05 -67.99 -77.98
C VAL G 360 40.85 -68.62 -78.67
N LYS G 361 41.06 -69.11 -79.89
CA LYS G 361 40.00 -69.84 -80.58
C LYS G 361 39.74 -71.20 -79.94
N SER G 362 40.81 -71.93 -79.58
CA SER G 362 40.66 -73.27 -79.04
C SER G 362 40.02 -73.25 -77.67
N MET G 363 40.30 -72.21 -76.88
CA MET G 363 39.67 -72.08 -75.58
C MET G 363 38.21 -71.70 -75.71
N GLU G 364 37.87 -71.01 -76.80
CA GLU G 364 36.47 -70.69 -77.07
C GLU G 364 35.67 -71.94 -77.41
N MET G 365 36.31 -72.90 -78.08
CA MET G 365 35.66 -74.17 -78.37
C MET G 365 35.40 -74.95 -77.08
N LEU G 366 36.27 -74.78 -76.09
CA LEU G 366 36.12 -75.55 -74.85
C LEU G 366 35.01 -74.97 -73.98
N VAL G 367 34.84 -73.66 -74.00
CA VAL G 367 33.76 -73.03 -73.23
C VAL G 367 32.41 -73.31 -73.88
N GLU G 368 32.35 -73.23 -75.21
CA GLU G 368 31.11 -73.48 -75.93
C GLU G 368 30.72 -74.95 -75.84
N HIS G 369 31.70 -75.85 -75.75
CA HIS G 369 31.39 -77.25 -75.56
C HIS G 369 30.86 -77.52 -74.16
N GLN G 370 31.50 -76.93 -73.15
CA GLN G 370 31.14 -77.19 -71.77
C GLN G 370 29.81 -76.57 -71.39
N ALA G 371 29.55 -75.34 -71.81
CA ALA G 371 28.42 -74.58 -71.31
C ALA G 371 27.33 -74.35 -72.33
N HIS G 372 27.24 -75.21 -73.36
CA HIS G 372 26.15 -75.08 -74.34
C HIS G 372 24.79 -75.32 -73.72
N ASP G 373 24.69 -76.27 -72.79
CA ASP G 373 23.39 -76.71 -72.28
C ASP G 373 22.74 -75.65 -71.40
N ILE G 374 23.50 -74.71 -70.86
CA ILE G 374 22.96 -73.58 -70.12
C ILE G 374 23.29 -72.26 -70.82
N LEU G 375 23.69 -72.34 -72.09
CA LEU G 375 23.90 -71.13 -72.88
C LEU G 375 22.53 -70.62 -73.34
N THR G 376 21.83 -71.45 -74.10
CA THR G 376 20.55 -71.16 -74.76
C THR G 376 20.63 -69.88 -75.61
N MET H 1 8.24 -19.56 -123.36
CA MET H 1 7.31 -20.65 -123.07
C MET H 1 7.98 -22.01 -123.16
N VAL H 2 9.11 -22.07 -123.87
CA VAL H 2 9.86 -23.31 -124.04
C VAL H 2 10.50 -23.69 -122.72
N LEU H 3 10.45 -24.98 -122.38
CA LEU H 3 10.91 -25.49 -121.09
C LEU H 3 12.25 -26.16 -121.29
N GLU H 4 13.32 -25.50 -120.86
CA GLU H 4 14.65 -26.08 -120.92
C GLU H 4 15.34 -25.88 -119.59
N SER H 5 16.54 -26.46 -119.47
CA SER H 5 17.38 -26.32 -118.29
C SER H 5 18.70 -25.70 -118.75
N THR H 6 18.81 -24.39 -118.61
CA THR H 6 19.96 -23.65 -119.09
C THR H 6 21.11 -23.75 -118.09
N MET H 7 22.17 -24.45 -118.48
CA MET H 7 23.33 -24.66 -117.63
C MET H 7 24.50 -23.92 -118.27
N VAL H 8 24.68 -22.66 -117.86
CA VAL H 8 25.82 -21.87 -118.34
C VAL H 8 27.09 -22.40 -117.68
N CYS H 9 28.20 -22.37 -118.44
CA CYS H 9 29.49 -22.84 -117.94
C CYS H 9 30.51 -21.73 -118.13
N VAL H 10 31.23 -21.40 -117.05
CA VAL H 10 32.17 -20.29 -117.10
C VAL H 10 33.59 -20.84 -116.98
N ASP H 11 34.57 -19.95 -117.16
CA ASP H 11 35.97 -20.35 -117.07
C ASP H 11 36.66 -19.39 -116.11
N ASN H 12 37.25 -19.94 -115.06
CA ASN H 12 38.12 -19.21 -114.15
C ASN H 12 39.50 -19.85 -114.08
N SER H 13 40.06 -20.20 -115.24
CA SER H 13 41.43 -20.68 -115.29
C SER H 13 42.40 -19.51 -115.21
N GLU H 14 43.70 -19.82 -115.24
CA GLU H 14 44.70 -18.78 -115.17
C GLU H 14 44.78 -17.96 -116.46
N TYR H 15 44.37 -18.51 -117.60
CA TYR H 15 44.43 -17.75 -118.85
C TYR H 15 43.16 -16.92 -119.07
N MET H 16 42.70 -16.23 -118.03
CA MET H 16 41.55 -15.33 -118.15
C MET H 16 41.89 -13.91 -117.78
N ARG H 17 43.04 -13.70 -117.14
CA ARG H 17 43.47 -12.40 -116.67
C ARG H 17 44.40 -11.72 -117.64
N ASN H 18 44.29 -12.03 -118.93
CA ASN H 18 45.10 -11.37 -119.92
C ASN H 18 44.51 -10.00 -120.24
N GLY H 19 43.26 -9.97 -120.68
CA GLY H 19 42.60 -8.71 -120.93
C GLY H 19 42.99 -8.13 -122.27
N ASP H 20 42.93 -8.98 -123.31
CA ASP H 20 43.13 -8.50 -124.68
C ASP H 20 42.05 -7.52 -125.11
N PHE H 21 40.85 -7.66 -124.56
CA PHE H 21 39.81 -6.68 -124.80
C PHE H 21 40.14 -5.37 -124.10
N LEU H 22 39.44 -4.31 -124.52
CA LEU H 22 39.57 -3.03 -123.84
C LEU H 22 39.05 -3.06 -122.40
N PRO H 23 37.96 -3.79 -122.04
CA PRO H 23 37.77 -4.11 -120.63
C PRO H 23 38.46 -5.42 -120.25
N THR H 24 38.31 -5.80 -118.99
CA THR H 24 38.79 -7.06 -118.46
C THR H 24 37.96 -8.18 -119.07
N ARG H 25 38.63 -9.29 -119.42
CA ARG H 25 37.93 -10.45 -119.94
C ARG H 25 36.97 -11.06 -118.92
N LEU H 26 37.30 -10.94 -117.63
CA LEU H 26 36.37 -11.33 -116.58
C LEU H 26 35.10 -10.50 -116.62
N GLN H 27 35.23 -9.20 -116.87
CA GLN H 27 34.06 -8.36 -117.01
C GLN H 27 33.32 -8.66 -118.31
N ALA H 28 34.07 -9.07 -119.35
CA ALA H 28 33.44 -9.42 -120.62
C ALA H 28 32.68 -10.73 -120.50
N GLN H 29 33.22 -11.69 -119.74
CA GLN H 29 32.49 -12.94 -119.55
C GLN H 29 31.39 -12.78 -118.50
N GLN H 30 31.50 -11.79 -117.62
CA GLN H 30 30.45 -11.55 -116.64
C GLN H 30 29.20 -11.00 -117.31
N ASP H 31 29.37 -9.97 -118.14
CA ASP H 31 28.25 -9.39 -118.87
C ASP H 31 27.71 -10.38 -119.90
N ALA H 32 28.56 -11.30 -120.38
CA ALA H 32 28.09 -12.38 -121.21
C ALA H 32 27.15 -13.30 -120.45
N VAL H 33 27.47 -13.59 -119.19
CA VAL H 33 26.54 -14.34 -118.33
C VAL H 33 25.30 -13.50 -118.05
N ASN H 34 25.45 -12.17 -117.97
CA ASN H 34 24.31 -11.30 -117.68
C ASN H 34 23.29 -11.30 -118.82
N ILE H 35 23.76 -11.19 -120.07
CA ILE H 35 22.81 -10.99 -121.16
C ILE H 35 22.17 -12.30 -121.59
N VAL H 36 22.76 -13.45 -121.20
CA VAL H 36 22.12 -14.71 -121.56
C VAL H 36 21.10 -15.13 -120.51
N CYS H 37 21.33 -14.79 -119.24
CA CYS H 37 20.34 -15.12 -118.21
C CYS H 37 19.16 -14.16 -118.26
N HIS H 38 19.40 -12.93 -118.73
CA HIS H 38 18.28 -12.05 -119.04
C HIS H 38 17.50 -12.56 -120.25
N SER H 39 18.18 -13.29 -121.14
CA SER H 39 17.51 -13.82 -122.33
C SER H 39 16.68 -15.05 -122.02
N LYS H 40 17.22 -15.97 -121.21
CA LYS H 40 16.48 -17.18 -120.88
C LYS H 40 15.29 -16.88 -119.97
N THR H 41 15.39 -15.82 -119.18
CA THR H 41 14.32 -15.50 -118.24
C THR H 41 13.12 -14.90 -118.95
N ARG H 42 13.33 -13.87 -119.79
CA ARG H 42 12.20 -13.18 -120.41
C ARG H 42 11.56 -14.03 -121.49
N SER H 43 12.29 -15.00 -122.03
CA SER H 43 11.71 -15.94 -122.97
C SER H 43 10.74 -16.88 -122.26
N ASN H 44 11.18 -17.49 -121.16
CA ASN H 44 10.34 -18.32 -120.32
C ASN H 44 10.78 -18.18 -118.87
N PRO H 45 9.92 -17.65 -118.00
CA PRO H 45 10.28 -17.53 -116.58
C PRO H 45 10.29 -18.86 -115.83
N GLU H 46 9.95 -19.97 -116.47
CA GLU H 46 9.93 -21.27 -115.82
C GLU H 46 11.20 -22.07 -116.07
N ASN H 47 12.26 -21.45 -116.59
CA ASN H 47 13.52 -22.14 -116.79
C ASN H 47 14.38 -21.97 -115.54
N ASN H 48 15.65 -22.38 -115.65
CA ASN H 48 16.59 -22.19 -114.55
C ASN H 48 17.99 -22.00 -115.10
N VAL H 49 18.74 -21.09 -114.47
CA VAL H 49 20.07 -20.68 -114.92
C VAL H 49 21.04 -20.91 -113.76
N GLY H 50 22.07 -21.73 -114.01
CA GLY H 50 23.03 -22.07 -112.98
C GLY H 50 24.46 -22.13 -113.50
N LEU H 51 25.39 -21.49 -112.79
CA LEU H 51 26.76 -21.42 -113.27
C LEU H 51 27.56 -22.62 -112.78
N ILE H 52 28.55 -23.00 -113.58
CA ILE H 52 29.46 -24.08 -113.22
C ILE H 52 30.86 -23.71 -113.71
N THR H 53 31.86 -23.99 -112.87
CA THR H 53 33.25 -23.88 -113.26
C THR H 53 33.81 -25.24 -113.60
N LEU H 54 35.02 -25.22 -114.17
CA LEU H 54 35.73 -26.44 -114.51
C LEU H 54 37.23 -26.40 -114.21
N ALA H 55 37.80 -25.25 -113.90
CA ALA H 55 39.24 -25.14 -113.72
C ALA H 55 39.64 -25.57 -112.31
N ASN H 56 40.47 -26.63 -112.28
CA ASN H 56 41.16 -27.25 -111.14
C ASN H 56 40.22 -28.02 -110.22
N ASP H 57 38.90 -27.84 -110.40
CA ASP H 57 37.83 -28.57 -109.72
C ASP H 57 36.53 -28.10 -110.33
N CYS H 58 35.58 -29.02 -110.52
CA CYS H 58 34.25 -28.66 -111.00
C CYS H 58 33.33 -28.47 -109.81
N GLU H 59 33.57 -27.38 -109.07
CA GLU H 59 32.80 -27.07 -107.89
C GLU H 59 31.47 -26.46 -108.29
N VAL H 60 30.37 -27.10 -107.87
CA VAL H 60 29.04 -26.55 -108.13
C VAL H 60 28.86 -25.39 -107.18
N LEU H 61 29.08 -24.16 -107.67
CA LEU H 61 28.95 -23.00 -106.83
C LEU H 61 27.49 -22.63 -106.60
N THR H 62 26.71 -22.56 -107.67
CA THR H 62 25.28 -22.33 -107.58
C THR H 62 24.56 -23.54 -108.14
N THR H 63 23.51 -23.96 -107.45
CA THR H 63 22.69 -25.05 -107.94
C THR H 63 21.87 -24.56 -109.13
N LEU H 64 21.43 -25.49 -109.98
CA LEU H 64 20.64 -25.14 -111.15
C LEU H 64 19.25 -24.70 -110.70
N THR H 65 19.10 -23.39 -110.46
CA THR H 65 17.94 -22.86 -109.78
C THR H 65 17.28 -21.76 -110.61
N PRO H 66 15.94 -21.64 -110.56
CA PRO H 66 15.27 -20.58 -111.33
C PRO H 66 15.51 -19.18 -110.79
N ASP H 67 16.01 -19.04 -109.57
CA ASP H 67 16.38 -17.73 -109.07
C ASP H 67 17.66 -17.27 -109.74
N THR H 68 17.83 -15.96 -109.84
CA THR H 68 19.06 -15.39 -110.38
C THR H 68 19.78 -14.45 -109.42
N GLY H 69 19.16 -14.06 -108.31
CA GLY H 69 19.80 -13.13 -107.40
C GLY H 69 21.01 -13.73 -106.70
N ARG H 70 21.01 -15.05 -106.52
CA ARG H 70 22.18 -15.71 -105.97
C ARG H 70 23.33 -15.72 -106.96
N ILE H 71 23.03 -15.99 -108.23
CA ILE H 71 24.06 -16.10 -109.27
C ILE H 71 24.75 -14.75 -109.46
N LEU H 72 23.97 -13.67 -109.48
CA LEU H 72 24.49 -12.32 -109.66
C LEU H 72 25.42 -11.91 -108.52
N SER H 73 25.18 -12.44 -107.31
CA SER H 73 26.13 -12.23 -106.24
C SER H 73 27.35 -13.14 -106.37
N LYS H 74 27.21 -14.29 -107.05
CA LYS H 74 28.32 -15.22 -107.19
C LYS H 74 29.16 -14.98 -108.43
N LEU H 75 28.83 -13.97 -109.23
CA LEU H 75 29.67 -13.64 -110.37
C LEU H 75 30.93 -12.93 -109.95
N HIS H 76 30.92 -12.31 -108.77
CA HIS H 76 32.00 -11.48 -108.33
C HIS H 76 33.05 -12.31 -107.59
N THR H 77 34.26 -11.73 -107.51
CA THR H 77 35.52 -12.25 -106.94
C THR H 77 35.71 -13.76 -107.12
N VAL H 78 35.66 -14.19 -108.39
CA VAL H 78 35.76 -15.61 -108.72
C VAL H 78 37.19 -16.14 -108.52
N GLN H 79 38.19 -15.24 -108.50
CA GLN H 79 39.63 -15.51 -108.36
C GLN H 79 40.10 -16.50 -109.42
N PRO H 80 40.26 -16.08 -110.67
CA PRO H 80 40.74 -17.01 -111.71
C PRO H 80 42.23 -17.29 -111.55
N LYS H 81 42.54 -18.42 -110.91
CA LYS H 81 43.95 -18.76 -110.72
C LYS H 81 44.23 -20.25 -110.96
N GLY H 82 43.30 -21.01 -111.52
CA GLY H 82 43.46 -22.42 -111.71
C GLY H 82 43.91 -22.75 -113.12
N LYS H 83 44.02 -24.05 -113.37
CA LYS H 83 44.36 -24.56 -114.70
C LYS H 83 43.10 -25.14 -115.33
N ILE H 84 42.89 -24.84 -116.61
CA ILE H 84 41.66 -25.25 -117.28
C ILE H 84 41.60 -26.76 -117.45
N THR H 85 40.50 -27.35 -116.98
CA THR H 85 40.23 -28.78 -117.08
C THR H 85 38.87 -28.93 -117.77
N PHE H 86 38.88 -29.30 -119.04
CA PHE H 86 37.67 -29.31 -119.84
C PHE H 86 37.06 -30.70 -120.01
N CYS H 87 37.84 -31.77 -119.80
CA CYS H 87 37.41 -33.12 -120.14
C CYS H 87 36.27 -33.60 -119.24
N THR H 88 36.40 -33.41 -117.94
CA THR H 88 35.33 -33.76 -117.01
C THR H 88 34.24 -32.70 -116.94
N GLY H 89 34.42 -31.56 -117.60
CA GLY H 89 33.45 -30.48 -117.49
C GLY H 89 32.13 -30.79 -118.19
N ILE H 90 32.19 -31.60 -119.24
CA ILE H 90 30.97 -32.05 -119.89
C ILE H 90 30.22 -33.04 -119.00
N ARG H 91 30.95 -34.02 -118.46
CA ARG H 91 30.34 -35.07 -117.63
C ARG H 91 29.79 -34.52 -116.33
N VAL H 92 30.40 -33.45 -115.81
CA VAL H 92 29.89 -32.87 -114.57
C VAL H 92 28.69 -31.96 -114.88
N ALA H 93 28.58 -31.51 -116.13
CA ALA H 93 27.43 -30.69 -116.49
C ALA H 93 26.24 -31.56 -116.83
N HIS H 94 26.50 -32.76 -117.32
CA HIS H 94 25.41 -33.68 -117.62
C HIS H 94 24.83 -34.29 -116.35
N LEU H 95 25.69 -34.53 -115.35
CA LEU H 95 25.23 -35.09 -114.10
C LEU H 95 24.38 -34.07 -113.34
N ALA H 96 24.67 -32.78 -113.55
CA ALA H 96 23.77 -31.74 -113.07
C ALA H 96 22.46 -31.75 -113.86
N LEU H 97 22.53 -32.09 -115.15
CA LEU H 97 21.31 -32.18 -115.94
C LEU H 97 20.49 -33.43 -115.59
N LYS H 98 21.13 -34.46 -115.04
CA LYS H 98 20.33 -35.60 -114.63
C LYS H 98 19.64 -35.37 -113.30
N HIS H 99 20.30 -34.67 -112.37
CA HIS H 99 19.64 -34.26 -111.13
C HIS H 99 18.84 -33.00 -111.39
N ARG H 100 17.56 -33.16 -111.68
CA ARG H 100 16.67 -32.02 -111.82
C ARG H 100 15.42 -32.28 -111.00
N GLN H 101 14.86 -31.21 -110.45
CA GLN H 101 13.61 -31.33 -109.69
C GLN H 101 12.41 -31.54 -110.58
N GLY H 102 12.54 -31.31 -111.88
CA GLY H 102 11.48 -31.61 -112.82
C GLY H 102 12.05 -32.28 -114.05
N LYS H 103 11.54 -33.47 -114.37
CA LYS H 103 11.92 -34.16 -115.60
C LYS H 103 10.98 -33.82 -116.75
N ASN H 104 10.79 -32.53 -117.02
CA ASN H 104 10.00 -32.07 -118.16
C ASN H 104 10.75 -31.12 -119.06
N HIS H 105 11.85 -30.54 -118.61
CA HIS H 105 12.54 -29.52 -119.37
C HIS H 105 13.40 -30.14 -120.47
N LYS H 106 13.77 -29.31 -121.44
CA LYS H 106 14.75 -29.69 -122.44
C LYS H 106 16.14 -29.50 -121.84
N MET H 107 17.17 -29.94 -122.56
CA MET H 107 18.52 -29.97 -122.03
C MET H 107 19.45 -29.23 -122.99
N ARG H 108 19.95 -28.08 -122.56
CA ARG H 108 20.84 -27.28 -123.40
C ARG H 108 21.92 -26.67 -122.53
N ILE H 109 23.17 -26.88 -122.92
CA ILE H 109 24.35 -26.40 -122.20
C ILE H 109 25.06 -25.37 -123.06
N ILE H 110 25.37 -24.22 -122.50
CA ILE H 110 26.25 -23.26 -123.14
C ILE H 110 27.53 -23.17 -122.32
N ALA H 111 28.65 -22.92 -122.98
CA ALA H 111 29.95 -23.01 -122.36
C ALA H 111 30.81 -21.82 -122.77
N PHE H 112 31.59 -21.32 -121.82
CA PHE H 112 32.52 -20.23 -122.05
C PHE H 112 33.94 -20.75 -121.91
N VAL H 113 34.70 -20.67 -122.99
CA VAL H 113 36.06 -21.20 -123.05
C VAL H 113 36.98 -20.03 -123.37
N GLY H 114 37.77 -19.60 -122.40
CA GLY H 114 38.66 -18.49 -122.64
C GLY H 114 40.11 -18.88 -122.53
N SER H 115 40.39 -20.17 -122.64
CA SER H 115 41.72 -20.73 -122.50
C SER H 115 41.84 -21.90 -123.47
N PRO H 116 43.04 -22.17 -123.98
CA PRO H 116 43.20 -23.31 -124.89
C PRO H 116 43.05 -24.64 -124.16
N VAL H 117 42.46 -25.61 -124.86
CA VAL H 117 42.20 -26.93 -124.31
C VAL H 117 43.37 -27.84 -124.69
N GLU H 118 43.72 -28.76 -123.79
CA GLU H 118 44.77 -29.74 -124.01
C GLU H 118 44.17 -31.10 -123.65
N ASP H 119 43.55 -31.74 -124.63
CA ASP H 119 42.82 -32.99 -124.44
C ASP H 119 42.96 -33.84 -125.70
N ASN H 120 42.82 -35.15 -125.54
CA ASN H 120 42.94 -36.05 -126.67
C ASN H 120 41.70 -35.97 -127.57
N GLU H 121 41.90 -36.31 -128.84
CA GLU H 121 40.76 -36.35 -129.76
C GLU H 121 39.89 -37.58 -129.52
N LYS H 122 40.46 -38.62 -128.89
CA LYS H 122 39.68 -39.79 -128.52
C LYS H 122 38.72 -39.46 -127.39
N ASP H 123 39.15 -38.61 -126.46
CA ASP H 123 38.33 -38.32 -125.29
C ASP H 123 37.09 -37.52 -125.67
N LEU H 124 37.26 -36.54 -126.57
CA LEU H 124 36.13 -35.73 -126.97
C LEU H 124 35.15 -36.50 -127.83
N VAL H 125 35.63 -37.49 -128.59
CA VAL H 125 34.70 -38.22 -129.45
C VAL H 125 33.99 -39.30 -128.65
N LYS H 126 34.60 -39.81 -127.59
CA LYS H 126 33.87 -40.66 -126.65
C LYS H 126 32.79 -39.85 -125.92
N LEU H 127 33.11 -38.60 -125.56
CA LEU H 127 32.11 -37.76 -124.93
C LEU H 127 31.05 -37.29 -125.92
N ALA H 128 31.44 -37.07 -127.19
CA ALA H 128 30.48 -36.64 -128.20
C ALA H 128 29.53 -37.76 -128.58
N LYS H 129 30.03 -39.00 -128.62
CA LYS H 129 29.14 -40.13 -128.88
C LYS H 129 28.32 -40.47 -127.65
N ARG H 130 28.77 -40.02 -126.47
CA ARG H 130 27.95 -40.17 -125.27
C ARG H 130 26.79 -39.20 -125.29
N LEU H 131 27.01 -37.98 -125.76
CA LEU H 131 25.94 -36.99 -125.84
C LEU H 131 24.95 -37.32 -126.95
N LYS H 132 25.36 -38.12 -127.93
CA LYS H 132 24.42 -38.59 -128.96
C LYS H 132 23.52 -39.67 -128.41
N LYS H 133 24.08 -40.58 -127.60
CA LYS H 133 23.28 -41.62 -126.96
C LYS H 133 22.43 -41.08 -125.82
N GLU H 134 22.68 -39.85 -125.38
CA GLU H 134 21.90 -39.22 -124.33
C GLU H 134 21.03 -38.08 -124.82
N LYS H 135 21.17 -37.69 -126.10
CA LYS H 135 20.42 -36.65 -126.79
C LYS H 135 20.53 -35.32 -126.05
N VAL H 136 21.74 -34.80 -125.96
CA VAL H 136 22.05 -33.59 -125.22
C VAL H 136 22.78 -32.64 -126.15
N ASN H 137 22.34 -31.39 -126.18
CA ASN H 137 22.93 -30.37 -127.04
C ASN H 137 23.76 -29.43 -126.18
N VAL H 138 25.05 -29.30 -126.53
CA VAL H 138 25.97 -28.42 -125.82
C VAL H 138 26.52 -27.41 -126.82
N ASP H 139 26.55 -26.14 -126.43
CA ASP H 139 27.12 -25.08 -127.24
C ASP H 139 28.51 -24.76 -126.72
N ILE H 140 29.43 -24.45 -127.64
CA ILE H 140 30.80 -24.08 -127.28
C ILE H 140 31.08 -22.68 -127.82
N ILE H 141 31.43 -21.76 -126.92
CA ILE H 141 31.73 -20.38 -127.27
C ILE H 141 33.10 -20.03 -126.74
N ASN H 142 33.96 -19.49 -127.61
CA ASN H 142 35.34 -19.15 -127.27
C ASN H 142 35.47 -17.68 -126.92
N PHE H 143 36.32 -17.40 -125.92
CA PHE H 143 36.61 -16.04 -125.45
C PHE H 143 38.10 -15.78 -125.53
N GLY H 144 38.44 -14.48 -125.61
CA GLY H 144 39.80 -14.04 -125.36
C GLY H 144 40.77 -14.49 -126.44
N GLU H 145 41.72 -15.33 -126.04
CA GLU H 145 42.60 -15.95 -127.01
C GLU H 145 41.89 -17.15 -127.65
N GLU H 146 42.15 -17.36 -128.94
CA GLU H 146 41.56 -18.47 -129.66
C GLU H 146 42.42 -18.78 -130.87
N GLU H 147 42.89 -20.01 -130.97
CA GLU H 147 43.43 -20.50 -132.21
C GLU H 147 42.24 -20.76 -133.15
N VAL H 148 42.34 -20.21 -134.35
CA VAL H 148 41.20 -20.19 -135.26
C VAL H 148 41.03 -21.58 -135.87
N ASN H 149 39.78 -22.08 -135.83
CA ASN H 149 39.35 -23.37 -136.38
C ASN H 149 40.18 -24.55 -135.88
N THR H 150 40.21 -24.76 -134.57
CA THR H 150 40.94 -25.88 -134.02
C THR H 150 40.24 -27.19 -134.38
N GLU H 151 41.05 -28.23 -134.57
CA GLU H 151 40.53 -29.54 -134.94
C GLU H 151 39.67 -30.14 -133.85
N LYS H 152 40.09 -29.97 -132.59
CA LYS H 152 39.42 -30.64 -131.48
C LYS H 152 38.05 -30.04 -131.20
N LEU H 153 37.91 -28.72 -131.39
CA LEU H 153 36.61 -28.10 -131.20
C LEU H 153 35.69 -28.34 -132.39
N THR H 154 36.24 -28.31 -133.61
CA THR H 154 35.40 -28.40 -134.80
C THR H 154 34.86 -29.81 -134.97
N ALA H 155 35.68 -30.82 -134.66
CA ALA H 155 35.23 -32.21 -134.78
C ALA H 155 34.25 -32.56 -133.65
N PHE H 156 34.32 -31.83 -132.53
CA PHE H 156 33.40 -32.09 -131.44
C PHE H 156 32.03 -31.48 -131.73
N VAL H 157 32.00 -30.22 -132.20
CA VAL H 157 30.75 -29.55 -132.54
C VAL H 157 30.04 -30.27 -133.67
N ASN H 158 30.81 -30.84 -134.61
CA ASN H 158 30.21 -31.64 -135.68
C ASN H 158 29.59 -32.92 -135.13
N THR H 159 30.37 -33.71 -134.38
CA THR H 159 29.91 -34.99 -133.85
C THR H 159 28.96 -34.85 -132.66
N LEU H 160 28.72 -33.64 -132.17
CA LEU H 160 27.72 -33.47 -131.12
C LEU H 160 26.31 -33.57 -131.69
N ASN H 161 26.06 -32.88 -132.81
CA ASN H 161 24.77 -32.89 -133.48
C ASN H 161 25.00 -33.24 -134.96
N GLY H 162 25.06 -34.53 -135.25
CA GLY H 162 25.20 -34.97 -136.61
C GLY H 162 23.87 -35.34 -137.23
N LYS H 163 23.86 -35.31 -138.57
CA LYS H 163 22.71 -35.69 -139.41
C LYS H 163 21.47 -34.84 -139.07
N ASP H 164 21.57 -33.54 -139.42
CA ASP H 164 20.57 -32.51 -139.17
C ASP H 164 20.28 -32.36 -137.67
N GLY H 165 21.28 -31.95 -136.90
CA GLY H 165 21.09 -31.71 -135.49
C GLY H 165 20.52 -30.35 -135.17
N THR H 166 20.93 -29.79 -134.04
CA THR H 166 20.32 -28.56 -133.54
C THR H 166 20.87 -27.33 -134.26
N GLY H 167 22.19 -27.28 -134.44
CA GLY H 167 22.79 -26.05 -134.93
C GLY H 167 23.59 -25.35 -133.86
N SER H 168 24.36 -26.12 -133.10
CA SER H 168 25.21 -25.60 -132.04
C SER H 168 26.28 -24.72 -132.67
N HIS H 169 26.14 -23.41 -132.52
CA HIS H 169 27.01 -22.47 -133.21
C HIS H 169 28.33 -22.31 -132.46
N LEU H 170 29.43 -22.58 -133.17
CA LEU H 170 30.77 -22.41 -132.60
C LEU H 170 31.16 -20.96 -132.77
N VAL H 171 30.96 -20.17 -131.72
CA VAL H 171 31.27 -18.75 -131.77
C VAL H 171 32.78 -18.56 -131.70
N THR H 172 33.34 -17.88 -132.68
CA THR H 172 34.75 -17.53 -132.72
C THR H 172 34.85 -16.02 -132.54
N VAL H 173 35.30 -15.59 -131.38
CA VAL H 173 35.42 -14.17 -131.07
C VAL H 173 36.69 -13.64 -131.73
N PRO H 174 36.69 -12.42 -132.23
CA PRO H 174 37.95 -11.79 -132.61
C PRO H 174 38.71 -11.35 -131.37
N PRO H 175 40.03 -11.29 -131.43
CA PRO H 175 40.80 -10.70 -130.32
C PRO H 175 40.77 -9.17 -130.30
N GLY H 176 40.01 -8.52 -131.17
CA GLY H 176 39.86 -7.08 -131.15
C GLY H 176 38.85 -6.62 -130.12
N PRO H 177 38.23 -5.44 -130.35
CA PRO H 177 37.24 -4.89 -129.42
C PRO H 177 36.03 -5.80 -129.22
N SER H 178 35.32 -6.11 -130.32
CA SER H 178 34.43 -7.26 -130.47
C SER H 178 33.42 -7.49 -129.37
N LEU H 179 32.47 -6.57 -129.21
CA LEU H 179 31.55 -6.62 -128.08
C LEU H 179 30.48 -7.70 -128.24
N ALA H 180 29.44 -7.64 -127.41
CA ALA H 180 28.44 -8.69 -127.29
C ALA H 180 27.55 -8.85 -128.52
N ASP H 181 27.75 -8.02 -129.56
CA ASP H 181 26.94 -8.14 -130.77
C ASP H 181 27.29 -9.41 -131.55
N ALA H 182 28.51 -9.92 -131.40
CA ALA H 182 28.84 -11.22 -131.97
C ALA H 182 28.12 -12.35 -131.23
N LEU H 183 27.78 -12.15 -129.96
CA LEU H 183 27.11 -13.18 -129.19
C LEU H 183 25.59 -13.05 -129.19
N ILE H 184 25.04 -11.91 -129.62
CA ILE H 184 23.58 -11.77 -129.68
C ILE H 184 23.06 -11.79 -131.09
N SER H 185 23.91 -12.12 -132.08
CA SER H 185 23.39 -12.24 -133.43
C SER H 185 22.75 -13.60 -133.69
N SER H 186 23.55 -14.63 -133.94
CA SER H 186 23.00 -15.97 -134.10
C SER H 186 22.51 -16.61 -132.80
N PRO H 187 23.32 -16.78 -131.74
CA PRO H 187 23.04 -17.85 -130.78
C PRO H 187 21.94 -17.53 -129.78
N ILE H 188 21.63 -16.24 -129.56
CA ILE H 188 20.69 -15.89 -128.50
C ILE H 188 19.26 -16.24 -128.89
N LEU H 189 18.97 -16.31 -130.19
CA LEU H 189 17.64 -16.68 -130.65
C LEU H 189 17.73 -17.96 -131.46
N ALA H 190 18.71 -18.02 -132.35
CA ALA H 190 18.97 -19.22 -133.17
C ALA H 190 20.15 -19.96 -132.57
N GLY H 191 19.84 -20.81 -131.59
CA GLY H 191 20.85 -21.63 -130.96
C GLY H 191 21.36 -22.74 -131.86
N ALA I 23 -20.50 -51.22 -99.10
CA ALA I 23 -19.86 -49.91 -99.17
C ALA I 23 -19.83 -49.26 -97.80
N VAL I 24 -19.23 -49.94 -96.83
CA VAL I 24 -19.14 -49.45 -95.47
C VAL I 24 -17.88 -50.04 -94.84
N ASP I 25 -17.47 -49.47 -93.72
CA ASP I 25 -16.31 -49.96 -92.99
C ASP I 25 -16.61 -51.31 -92.37
N THR I 26 -15.57 -52.13 -92.18
CA THR I 26 -15.73 -53.27 -91.29
C THR I 26 -14.80 -53.25 -90.09
N ALA I 27 -13.49 -53.36 -90.36
CA ALA I 27 -12.46 -53.33 -89.32
C ALA I 27 -11.14 -52.99 -90.01
N GLU I 28 -10.74 -51.74 -89.92
CA GLU I 28 -9.50 -51.31 -90.57
C GLU I 28 -8.31 -51.68 -89.71
N GLN I 29 -7.13 -51.66 -90.32
CA GLN I 29 -5.90 -51.96 -89.62
C GLN I 29 -4.85 -50.96 -90.06
N VAL I 30 -4.31 -50.22 -89.10
CA VAL I 30 -3.32 -49.19 -89.38
C VAL I 30 -1.94 -49.81 -89.30
N TYR I 31 -1.18 -49.67 -90.38
CA TYR I 31 0.19 -50.16 -90.44
C TYR I 31 1.10 -48.97 -90.19
N ILE I 32 1.68 -48.90 -89.00
CA ILE I 32 2.65 -47.88 -88.70
C ILE I 32 4.04 -48.48 -88.87
N SER I 33 5.02 -47.62 -89.11
CA SER I 33 6.39 -48.04 -89.28
C SER I 33 7.17 -47.76 -88.00
N SER I 34 8.39 -48.26 -87.97
CA SER I 34 9.23 -48.09 -86.78
C SER I 34 9.68 -46.66 -86.63
N LEU I 35 10.03 -46.01 -87.74
CA LEU I 35 10.46 -44.62 -87.64
C LEU I 35 9.28 -43.67 -87.51
N ALA I 36 8.04 -44.15 -87.70
CA ALA I 36 6.90 -43.25 -87.58
C ALA I 36 6.68 -42.87 -86.13
N LEU I 37 6.56 -43.88 -85.26
CA LEU I 37 6.34 -43.67 -83.84
C LEU I 37 7.53 -42.98 -83.17
N LEU I 38 8.74 -43.17 -83.71
CA LEU I 38 9.91 -42.52 -83.13
C LEU I 38 9.91 -41.02 -83.41
N LYS I 39 9.23 -40.63 -84.48
CA LYS I 39 9.10 -39.23 -84.83
C LYS I 39 7.94 -38.65 -84.03
N MET I 40 7.06 -39.52 -83.53
CA MET I 40 5.92 -39.12 -82.74
C MET I 40 6.33 -38.80 -81.32
N LEU I 41 7.17 -39.65 -80.74
CA LEU I 41 7.57 -39.45 -79.35
C LEU I 41 8.53 -38.28 -79.20
N LYS I 42 9.45 -38.09 -80.14
CA LYS I 42 10.43 -37.02 -79.99
C LYS I 42 9.77 -35.67 -80.22
N HIS I 43 8.82 -35.60 -81.14
CA HIS I 43 8.12 -34.35 -81.35
C HIS I 43 7.12 -34.09 -80.22
N GLY I 44 6.57 -35.14 -79.63
CA GLY I 44 5.67 -34.95 -78.51
C GLY I 44 6.42 -34.56 -77.24
N ARG I 45 7.60 -35.14 -77.03
CA ARG I 45 8.41 -34.79 -75.88
C ARG I 45 9.01 -33.39 -76.03
N ALA I 46 9.13 -32.92 -77.27
CA ALA I 46 9.81 -31.65 -77.57
C ALA I 46 9.09 -30.47 -76.94
N GLY I 47 7.88 -30.15 -77.38
CA GLY I 47 7.09 -29.22 -76.62
C GLY I 47 5.97 -29.95 -75.91
N VAL I 48 6.18 -30.25 -74.63
CA VAL I 48 5.16 -30.93 -73.84
C VAL I 48 4.07 -29.93 -73.44
N PRO I 49 4.34 -28.75 -72.79
CA PRO I 49 3.21 -27.88 -72.48
C PRO I 49 2.89 -26.89 -73.59
N MET I 50 2.87 -27.32 -74.86
CA MET I 50 2.43 -26.42 -75.91
C MET I 50 1.66 -27.11 -77.03
N GLU I 51 1.13 -28.34 -76.80
CA GLU I 51 0.28 -29.12 -77.70
C GLU I 51 0.81 -29.22 -79.14
N VAL I 52 1.90 -29.98 -79.31
CA VAL I 52 2.53 -30.18 -80.62
C VAL I 52 1.55 -30.78 -81.62
N MET I 53 1.79 -30.44 -82.89
CA MET I 53 0.81 -30.58 -83.96
C MET I 53 1.50 -30.81 -85.29
N GLY I 54 1.20 -31.95 -85.92
CA GLY I 54 1.77 -32.26 -87.21
C GLY I 54 0.81 -33.12 -88.01
N LEU I 55 1.24 -33.50 -89.21
CA LEU I 55 0.39 -34.20 -90.17
C LEU I 55 0.97 -35.56 -90.51
N MET I 56 0.09 -36.51 -90.77
CA MET I 56 0.47 -37.89 -90.95
C MET I 56 0.36 -38.29 -92.42
N LEU I 57 1.41 -38.92 -92.93
CA LEU I 57 1.60 -39.16 -94.36
C LEU I 57 1.77 -40.65 -94.61
N GLY I 58 0.93 -41.22 -95.45
CA GLY I 58 0.97 -42.64 -95.69
C GLY I 58 0.45 -43.00 -97.06
N GLU I 59 -0.29 -44.10 -97.12
CA GLU I 59 -0.74 -44.62 -98.41
C GLU I 59 -1.93 -45.54 -98.19
N PHE I 60 -3.06 -45.20 -98.79
CA PHE I 60 -4.23 -46.09 -98.82
C PHE I 60 -3.93 -47.20 -99.80
N VAL I 61 -3.71 -48.41 -99.30
CA VAL I 61 -3.36 -49.49 -100.20
C VAL I 61 -4.60 -50.25 -100.66
N ASP I 62 -5.63 -50.34 -99.81
CA ASP I 62 -6.90 -50.91 -100.23
C ASP I 62 -8.04 -50.30 -99.43
N ASP I 63 -9.17 -50.99 -99.40
CA ASP I 63 -10.37 -50.53 -98.71
C ASP I 63 -10.16 -50.42 -97.20
N TYR I 64 -9.73 -51.51 -96.56
CA TYR I 64 -9.72 -51.53 -95.11
C TYR I 64 -8.39 -51.98 -94.52
N THR I 65 -7.28 -51.76 -95.22
CA THR I 65 -5.99 -51.67 -94.56
C THR I 65 -5.36 -50.36 -94.99
N VAL I 66 -4.65 -49.71 -94.09
CA VAL I 66 -4.04 -48.41 -94.36
C VAL I 66 -2.67 -48.40 -93.71
N ARG I 67 -1.69 -47.83 -94.41
CA ARG I 67 -0.33 -47.82 -93.92
C ARG I 67 0.18 -46.40 -93.79
N VAL I 68 1.19 -46.25 -92.94
CA VAL I 68 1.89 -44.99 -92.75
C VAL I 68 3.34 -45.29 -92.39
N ILE I 69 4.27 -44.73 -93.16
CA ILE I 69 5.68 -44.99 -92.90
C ILE I 69 6.37 -43.68 -92.51
N ASP I 70 5.96 -42.58 -93.12
CA ASP I 70 6.71 -41.33 -92.99
C ASP I 70 5.86 -40.29 -92.27
N VAL I 71 6.40 -39.75 -91.18
CA VAL I 71 5.69 -38.81 -90.32
C VAL I 71 6.54 -37.57 -90.20
N PHE I 72 5.98 -36.43 -90.58
CA PHE I 72 6.65 -35.15 -90.48
C PHE I 72 5.88 -34.27 -89.50
N ALA I 73 6.53 -33.18 -89.07
CA ALA I 73 5.92 -32.25 -88.13
C ALA I 73 5.52 -30.97 -88.86
N MET I 74 4.74 -30.16 -88.17
CA MET I 74 4.27 -28.90 -88.71
C MET I 74 4.72 -27.76 -87.81
N PRO I 75 5.05 -26.60 -88.38
CA PRO I 75 5.39 -25.45 -87.54
C PRO I 75 4.15 -24.93 -86.82
N GLN I 76 4.27 -24.81 -85.50
CA GLN I 76 3.13 -24.49 -84.66
C GLN I 76 2.94 -22.99 -84.60
N SER I 77 1.89 -22.58 -83.91
CA SER I 77 1.48 -21.19 -83.87
C SER I 77 1.00 -20.86 -82.46
N GLY I 78 0.49 -19.64 -82.29
CA GLY I 78 -0.11 -19.24 -81.03
C GLY I 78 -1.48 -19.83 -80.78
N THR I 79 -2.15 -20.28 -81.84
CA THR I 79 -3.47 -20.91 -81.67
C THR I 79 -3.34 -22.27 -81.00
N GLY I 80 -2.45 -23.12 -81.51
CA GLY I 80 -2.31 -24.46 -80.98
C GLY I 80 -2.92 -25.48 -81.91
N VAL I 81 -3.37 -26.61 -81.37
CA VAL I 81 -3.95 -27.69 -82.17
C VAL I 81 -5.29 -27.24 -82.73
N SER I 82 -5.34 -27.00 -84.04
CA SER I 82 -6.51 -26.50 -84.73
C SER I 82 -6.32 -26.70 -86.22
N VAL I 83 -7.28 -26.20 -87.00
CA VAL I 83 -7.13 -26.19 -88.44
C VAL I 83 -6.30 -24.99 -88.89
N GLU I 84 -6.18 -23.96 -88.05
CA GLU I 84 -5.44 -22.76 -88.44
C GLU I 84 -3.93 -22.94 -88.34
N ALA I 85 -3.45 -23.85 -87.48
CA ALA I 85 -2.02 -24.10 -87.42
C ALA I 85 -1.50 -24.91 -88.59
N VAL I 86 -2.40 -25.49 -89.39
CA VAL I 86 -2.04 -26.27 -90.56
C VAL I 86 -1.78 -25.28 -91.69
N ASP I 87 -0.51 -25.07 -92.03
CA ASP I 87 -0.14 -24.12 -93.08
C ASP I 87 -0.25 -24.80 -94.43
N PRO I 88 -1.11 -24.30 -95.33
CA PRO I 88 -1.23 -24.98 -96.64
C PRO I 88 -0.04 -24.72 -97.56
N VAL I 89 0.55 -23.53 -97.50
CA VAL I 89 1.61 -23.20 -98.45
C VAL I 89 2.92 -23.82 -98.00
N PHE I 90 3.07 -24.09 -96.71
CA PHE I 90 4.26 -24.77 -96.24
C PHE I 90 4.21 -26.25 -96.58
N GLN I 91 3.02 -26.86 -96.45
CA GLN I 91 2.88 -28.28 -96.70
C GLN I 91 3.11 -28.63 -98.16
N ALA I 92 2.50 -27.86 -99.07
CA ALA I 92 2.68 -28.14 -100.49
C ALA I 92 4.09 -27.82 -100.95
N LYS I 93 4.75 -26.87 -100.28
CA LYS I 93 6.17 -26.66 -100.53
C LYS I 93 6.99 -27.81 -99.99
N MET I 94 6.56 -28.39 -98.87
CA MET I 94 7.26 -29.53 -98.29
C MET I 94 7.02 -30.80 -99.09
N LEU I 95 5.77 -31.03 -99.50
CA LEU I 95 5.43 -32.24 -100.24
C LEU I 95 6.10 -32.29 -101.59
N ASP I 96 6.24 -31.13 -102.24
CA ASP I 96 6.90 -31.06 -103.55
C ASP I 96 8.37 -31.44 -103.43
N MET I 97 9.01 -31.05 -102.34
CA MET I 97 10.42 -31.36 -102.15
C MET I 97 10.61 -32.81 -101.70
N LEU I 98 9.55 -33.44 -101.20
CA LEU I 98 9.61 -34.87 -100.90
C LEU I 98 9.32 -35.73 -102.11
N LYS I 99 8.87 -35.15 -103.22
CA LYS I 99 8.60 -35.93 -104.41
C LYS I 99 9.89 -36.38 -105.08
N GLN I 100 10.96 -35.59 -104.98
CA GLN I 100 12.21 -35.94 -105.61
C GLN I 100 13.12 -36.78 -104.72
N THR I 101 12.95 -36.71 -103.41
CA THR I 101 13.83 -37.40 -102.46
C THR I 101 12.96 -38.39 -101.69
N GLY I 102 13.29 -39.66 -101.80
CA GLY I 102 12.51 -40.64 -101.09
C GLY I 102 11.36 -41.12 -101.94
N ARG I 103 10.15 -40.67 -101.63
CA ARG I 103 8.98 -41.14 -102.34
C ARG I 103 7.84 -40.14 -102.22
N PRO I 104 7.07 -39.95 -103.27
CA PRO I 104 5.86 -39.11 -103.15
C PRO I 104 4.63 -39.94 -102.81
N GLU I 105 3.82 -39.41 -101.91
CA GLU I 105 2.55 -40.03 -101.55
C GLU I 105 1.63 -38.95 -101.00
N MET I 106 0.45 -39.37 -100.54
CA MET I 106 -0.60 -38.46 -100.11
C MET I 106 -0.83 -38.64 -98.61
N VAL I 107 -1.21 -37.57 -97.93
CA VAL I 107 -1.49 -37.64 -96.50
C VAL I 107 -2.69 -38.53 -96.24
N VAL I 108 -2.69 -39.17 -95.06
CA VAL I 108 -3.73 -40.12 -94.72
C VAL I 108 -4.27 -39.80 -93.33
N GLY I 109 -3.90 -38.64 -92.79
CA GLY I 109 -4.37 -38.29 -91.47
C GLY I 109 -3.46 -37.25 -90.82
N TRP I 110 -3.63 -37.11 -89.52
CA TRP I 110 -2.96 -36.07 -88.77
C TRP I 110 -2.71 -36.57 -87.35
N TYR I 111 -2.06 -35.75 -86.54
CA TYR I 111 -1.85 -36.09 -85.15
C TYR I 111 -1.71 -34.82 -84.33
N HIS I 112 -1.80 -35.01 -83.02
CA HIS I 112 -1.63 -33.96 -82.03
C HIS I 112 -1.34 -34.66 -80.71
N SER I 113 -1.08 -33.87 -79.67
CA SER I 113 -0.72 -34.45 -78.40
C SER I 113 -1.60 -33.87 -77.31
N HIS I 114 -2.14 -34.75 -76.47
CA HIS I 114 -2.92 -34.37 -75.30
C HIS I 114 -2.15 -34.81 -74.07
N PRO I 115 -1.25 -33.98 -73.55
CA PRO I 115 -0.57 -34.33 -72.29
C PRO I 115 -1.45 -34.17 -71.07
N GLY I 116 -2.54 -33.42 -71.19
CA GLY I 116 -3.35 -33.14 -70.00
C GLY I 116 -4.23 -34.30 -69.58
N PHE I 117 -4.48 -35.23 -70.49
CA PHE I 117 -5.37 -36.36 -70.20
C PHE I 117 -4.97 -37.54 -71.07
N GLY I 118 -5.89 -38.50 -71.19
CA GLY I 118 -5.69 -39.62 -72.09
C GLY I 118 -6.00 -39.22 -73.52
N CYS I 119 -6.84 -39.99 -74.18
CA CYS I 119 -7.11 -39.79 -75.59
C CYS I 119 -8.62 -39.68 -75.83
N TRP I 120 -9.03 -38.52 -76.34
CA TRP I 120 -10.36 -38.33 -76.91
C TRP I 120 -10.32 -37.08 -77.78
N LEU I 121 -11.27 -37.00 -78.70
CA LEU I 121 -11.24 -35.95 -79.71
C LEU I 121 -11.85 -34.68 -79.15
N SER I 122 -11.05 -33.61 -79.10
CA SER I 122 -11.45 -32.39 -78.43
C SER I 122 -12.52 -31.62 -79.20
N GLY I 123 -12.85 -30.42 -78.72
CA GLY I 123 -13.84 -29.56 -79.34
C GLY I 123 -13.48 -29.16 -80.75
N VAL I 124 -12.22 -28.78 -80.97
CA VAL I 124 -11.80 -28.42 -82.32
C VAL I 124 -11.12 -29.56 -83.04
N ASP I 125 -10.75 -30.63 -82.34
CA ASP I 125 -10.19 -31.79 -83.01
C ASP I 125 -11.25 -32.49 -83.86
N ILE I 126 -12.52 -32.40 -83.47
CA ILE I 126 -13.54 -33.07 -84.25
C ILE I 126 -13.87 -32.26 -85.50
N ASN I 127 -13.65 -30.94 -85.48
CA ASN I 127 -13.94 -30.12 -86.65
C ASN I 127 -12.87 -30.27 -87.70
N THR I 128 -11.60 -30.24 -87.29
CA THR I 128 -10.51 -30.45 -88.22
C THR I 128 -10.46 -31.89 -88.71
N GLN I 129 -11.07 -32.82 -87.97
CA GLN I 129 -11.30 -34.16 -88.50
C GLN I 129 -12.30 -34.12 -89.65
N GLN I 130 -13.39 -33.35 -89.50
CA GLN I 130 -14.39 -33.24 -90.55
C GLN I 130 -13.83 -32.56 -91.78
N SER I 131 -12.95 -31.58 -91.59
CA SER I 131 -12.36 -30.88 -92.72
C SER I 131 -11.36 -31.77 -93.46
N PHE I 132 -10.76 -32.73 -92.75
CA PHE I 132 -9.79 -33.59 -93.41
C PHE I 132 -10.47 -34.74 -94.13
N GLU I 133 -11.52 -35.30 -93.53
CA GLU I 133 -12.23 -36.38 -94.21
C GLU I 133 -13.19 -35.88 -95.27
N ALA I 134 -13.41 -34.57 -95.34
CA ALA I 134 -14.11 -34.02 -96.50
C ALA I 134 -13.12 -33.70 -97.61
N LEU I 135 -11.90 -33.33 -97.27
CA LEU I 135 -10.89 -33.06 -98.29
C LEU I 135 -10.19 -34.34 -98.71
N SER I 136 -9.61 -35.07 -97.77
CA SER I 136 -9.09 -36.40 -98.06
C SER I 136 -10.17 -37.44 -97.76
N GLU I 137 -9.78 -38.72 -97.76
CA GLU I 137 -10.77 -39.80 -97.74
C GLU I 137 -11.31 -40.10 -96.35
N ARG I 138 -10.44 -40.51 -95.43
CA ARG I 138 -10.92 -40.88 -94.10
C ARG I 138 -10.09 -40.30 -92.96
N ALA I 139 -8.78 -40.10 -93.17
CA ALA I 139 -7.94 -39.21 -92.35
C ALA I 139 -7.90 -39.54 -90.86
N VAL I 140 -7.32 -40.68 -90.50
CA VAL I 140 -7.35 -41.18 -89.13
C VAL I 140 -6.49 -40.28 -88.25
N ALA I 141 -7.02 -39.91 -87.09
CA ALA I 141 -6.36 -39.00 -86.17
C ALA I 141 -5.70 -39.78 -85.04
N VAL I 142 -4.44 -39.50 -84.78
CA VAL I 142 -3.64 -40.24 -83.80
C VAL I 142 -3.42 -39.35 -82.59
N VAL I 143 -3.65 -39.90 -81.40
CA VAL I 143 -3.43 -39.19 -80.14
C VAL I 143 -2.35 -39.93 -79.36
N VAL I 144 -1.29 -39.21 -78.99
CA VAL I 144 -0.16 -39.76 -78.24
C VAL I 144 0.01 -38.94 -76.97
N ASP I 145 0.06 -39.63 -75.83
CA ASP I 145 0.24 -38.97 -74.55
C ASP I 145 1.71 -39.06 -74.15
N PRO I 146 2.51 -38.00 -74.29
CA PRO I 146 3.95 -38.13 -74.06
C PRO I 146 4.32 -38.26 -72.59
N ILE I 147 3.50 -37.72 -71.69
CA ILE I 147 3.77 -37.81 -70.27
C ILE I 147 3.38 -39.16 -69.69
N GLN I 148 2.72 -40.01 -70.47
CA GLN I 148 2.33 -41.33 -69.99
C GLN I 148 3.29 -42.42 -70.46
N SER I 149 3.93 -42.23 -71.62
CA SER I 149 4.84 -43.22 -72.21
C SER I 149 6.17 -43.26 -71.45
N VAL I 150 6.12 -43.85 -70.25
CA VAL I 150 7.21 -43.70 -69.29
C VAL I 150 7.80 -45.04 -68.83
N LYS I 151 6.99 -46.00 -68.39
CA LYS I 151 7.56 -47.13 -67.67
C LYS I 151 8.11 -48.18 -68.61
N GLY I 152 7.23 -48.79 -69.40
CA GLY I 152 7.67 -49.67 -70.47
C GLY I 152 6.66 -49.66 -71.59
N LYS I 153 5.65 -48.81 -71.49
CA LYS I 153 4.51 -48.88 -72.38
C LYS I 153 4.07 -47.49 -72.79
N VAL I 154 3.40 -47.45 -73.94
CA VAL I 154 2.88 -46.23 -74.54
C VAL I 154 1.38 -46.42 -74.75
N VAL I 155 0.62 -45.34 -74.60
CA VAL I 155 -0.83 -45.39 -74.66
C VAL I 155 -1.33 -44.76 -75.96
N ILE I 156 -0.51 -44.86 -77.02
CA ILE I 156 -0.87 -44.34 -78.33
C ILE I 156 -2.15 -44.98 -78.84
N ASP I 157 -3.08 -44.16 -79.30
CA ASP I 157 -4.32 -44.66 -79.87
C ASP I 157 -4.73 -43.73 -81.00
N ALA I 158 -5.38 -44.30 -82.01
CA ALA I 158 -5.90 -43.56 -83.13
C ALA I 158 -7.41 -43.74 -83.21
N PHE I 159 -8.09 -42.77 -83.81
CA PHE I 159 -9.54 -42.82 -83.84
C PHE I 159 -10.04 -42.36 -85.20
N ARG I 160 -11.33 -42.59 -85.42
CA ARG I 160 -11.94 -42.37 -86.72
C ARG I 160 -13.41 -42.02 -86.51
N LEU I 161 -13.83 -40.94 -87.15
CA LEU I 161 -15.16 -40.38 -86.94
C LEU I 161 -16.19 -41.18 -87.71
N ILE I 162 -17.33 -41.43 -87.07
CA ILE I 162 -18.46 -42.03 -87.76
C ILE I 162 -19.48 -40.92 -88.01
N ASN I 163 -20.28 -41.09 -89.06
CA ASN I 163 -21.25 -40.07 -89.43
C ASN I 163 -22.43 -40.07 -88.47
N ALA I 164 -23.12 -38.93 -88.42
CA ALA I 164 -24.30 -38.77 -87.59
C ALA I 164 -25.58 -39.22 -88.28
N ASN I 165 -25.49 -39.70 -89.51
CA ASN I 165 -26.66 -40.19 -90.22
C ASN I 165 -27.06 -41.60 -89.82
N MET I 166 -26.15 -42.38 -89.26
CA MET I 166 -26.45 -43.75 -88.84
C MET I 166 -27.01 -43.79 -87.42
N MET I 167 -28.08 -43.04 -87.17
CA MET I 167 -28.67 -43.00 -85.84
C MET I 167 -29.64 -44.15 -85.60
N VAL I 168 -30.21 -44.73 -86.65
CA VAL I 168 -31.14 -45.86 -86.48
C VAL I 168 -30.43 -47.20 -86.59
N LEU I 169 -29.21 -47.23 -87.11
CA LEU I 169 -28.43 -48.44 -87.20
C LEU I 169 -27.31 -48.38 -86.16
N GLY I 170 -26.96 -49.54 -85.64
CA GLY I 170 -25.87 -49.61 -84.67
C GLY I 170 -24.54 -49.25 -85.31
N HIS I 171 -23.77 -48.43 -84.60
CA HIS I 171 -22.48 -47.98 -85.07
C HIS I 171 -21.47 -49.13 -85.02
N GLU I 172 -20.27 -48.86 -85.58
CA GLU I 172 -19.22 -49.84 -85.86
C GLU I 172 -19.81 -50.99 -86.67
N PRO I 173 -20.00 -50.80 -87.97
CA PRO I 173 -20.60 -51.88 -88.77
C PRO I 173 -19.63 -53.02 -88.98
N ARG I 174 -19.47 -53.87 -87.98
CA ARG I 174 -18.57 -55.00 -88.09
C ARG I 174 -19.32 -56.13 -88.79
N GLN I 175 -18.63 -56.83 -89.69
CA GLN I 175 -19.29 -57.92 -90.39
C GLN I 175 -18.62 -59.28 -90.23
N THR I 176 -17.33 -59.40 -90.54
CA THR I 176 -16.70 -60.71 -90.67
C THR I 176 -15.45 -60.77 -89.81
N THR I 177 -15.53 -60.19 -88.62
CA THR I 177 -14.31 -60.10 -87.83
C THR I 177 -14.59 -60.49 -86.38
N SER I 178 -13.58 -61.08 -85.77
CA SER I 178 -13.64 -61.38 -84.35
C SER I 178 -12.39 -60.94 -83.59
N ASN I 179 -11.54 -60.11 -84.18
CA ASN I 179 -10.41 -59.52 -83.50
C ASN I 179 -10.77 -58.26 -82.72
N LEU I 180 -12.02 -57.78 -82.86
CA LEU I 180 -12.44 -56.53 -82.25
C LEU I 180 -12.52 -56.58 -80.73
N GLY I 181 -12.71 -57.76 -80.15
CA GLY I 181 -12.62 -57.91 -78.71
C GLY I 181 -11.23 -57.81 -78.16
N HIS I 182 -10.22 -57.84 -79.04
CA HIS I 182 -8.83 -57.75 -78.67
C HIS I 182 -8.30 -56.34 -78.81
N LEU I 183 -7.01 -56.17 -78.48
CA LEU I 183 -6.11 -55.04 -78.70
C LEU I 183 -6.40 -53.80 -77.85
N ASN I 184 -7.64 -53.66 -77.36
CA ASN I 184 -8.04 -52.69 -76.35
C ASN I 184 -9.51 -52.97 -76.07
N LYS I 185 -9.92 -52.89 -74.82
CA LYS I 185 -11.35 -52.68 -74.68
C LYS I 185 -11.61 -51.24 -74.22
N PRO I 186 -12.76 -50.66 -74.61
CA PRO I 186 -13.04 -49.26 -74.25
C PRO I 186 -13.21 -49.03 -72.75
N SER I 187 -12.27 -48.31 -72.16
CA SER I 187 -12.25 -48.09 -70.73
C SER I 187 -13.22 -46.97 -70.34
N ILE I 188 -13.39 -46.77 -69.03
CA ILE I 188 -14.34 -45.79 -68.51
C ILE I 188 -13.89 -44.36 -68.84
N GLN I 189 -12.59 -44.13 -68.99
CA GLN I 189 -12.09 -42.81 -69.31
C GLN I 189 -12.17 -42.51 -70.81
N ALA I 190 -12.59 -43.47 -71.59
CA ALA I 190 -12.69 -43.30 -73.03
C ALA I 190 -14.13 -43.16 -73.50
N LEU I 191 -15.05 -43.96 -72.95
CA LEU I 191 -16.43 -43.98 -73.39
C LEU I 191 -17.27 -42.84 -72.84
N ILE I 192 -16.65 -41.89 -72.11
CA ILE I 192 -17.41 -40.80 -71.54
C ILE I 192 -17.48 -39.59 -72.48
N HIS I 193 -16.44 -39.33 -73.26
CA HIS I 193 -16.43 -38.11 -74.06
C HIS I 193 -17.15 -38.29 -75.39
N GLY I 194 -16.68 -39.20 -76.23
CA GLY I 194 -17.28 -39.34 -77.54
C GLY I 194 -17.57 -40.76 -77.99
N LEU I 195 -16.91 -41.74 -77.38
CA LEU I 195 -17.19 -43.12 -77.68
C LEU I 195 -18.55 -43.51 -77.12
N ASN I 196 -19.36 -44.23 -77.90
CA ASN I 196 -19.05 -44.66 -79.25
C ASN I 196 -19.92 -43.87 -80.21
N ARG I 197 -20.65 -42.92 -79.64
CA ARG I 197 -21.70 -42.21 -80.36
C ARG I 197 -21.15 -41.17 -81.34
N HIS I 198 -19.89 -40.75 -81.19
CA HIS I 198 -19.35 -39.75 -82.09
C HIS I 198 -18.32 -40.37 -83.03
N TYR I 199 -17.35 -41.06 -82.47
CA TYR I 199 -16.28 -41.72 -83.21
C TYR I 199 -16.12 -43.14 -82.69
N TYR I 200 -15.15 -43.85 -83.25
CA TYR I 200 -14.84 -45.20 -82.83
C TYR I 200 -13.34 -45.39 -82.77
N SER I 201 -12.94 -46.45 -82.06
CA SER I 201 -11.54 -46.80 -81.91
C SER I 201 -11.10 -47.68 -83.09
N ILE I 202 -9.79 -47.79 -83.25
CA ILE I 202 -9.23 -48.55 -84.35
C ILE I 202 -8.01 -49.31 -83.83
N THR I 203 -7.71 -50.45 -84.45
CA THR I 203 -6.59 -51.27 -84.04
C THR I 203 -5.36 -50.90 -84.83
N ILE I 204 -4.21 -50.93 -84.16
CA ILE I 204 -2.93 -50.58 -84.76
C ILE I 204 -1.94 -51.69 -84.43
N ASN I 205 -1.35 -52.28 -85.45
CA ASN I 205 -0.25 -53.20 -85.26
C ASN I 205 1.04 -52.58 -85.75
N TYR I 206 2.14 -53.29 -85.51
CA TYR I 206 3.49 -52.79 -85.70
C TYR I 206 4.14 -53.55 -86.84
N ARG I 207 4.60 -52.81 -87.85
CA ARG I 207 5.19 -53.43 -89.04
C ARG I 207 6.64 -53.77 -88.73
N LYS I 208 6.83 -54.94 -88.13
CA LYS I 208 8.17 -55.44 -87.83
C LYS I 208 8.67 -56.28 -88.99
N ASN I 209 9.97 -56.16 -89.27
CA ASN I 209 10.59 -56.97 -90.31
C ASN I 209 12.07 -57.16 -89.98
N GLU I 210 12.77 -57.86 -90.88
CA GLU I 210 14.21 -57.95 -90.84
C GLU I 210 14.75 -56.68 -91.50
N LEU I 211 16.08 -56.48 -91.41
CA LEU I 211 16.83 -55.29 -91.86
C LEU I 211 16.53 -54.07 -90.98
N GLU I 212 15.73 -54.25 -89.93
CA GLU I 212 15.49 -53.21 -88.96
C GLU I 212 15.68 -53.70 -87.53
N GLN I 213 15.23 -54.93 -87.25
CA GLN I 213 15.01 -55.29 -85.86
C GLN I 213 16.29 -55.77 -85.19
N LYS I 214 17.07 -56.60 -85.88
CA LYS I 214 18.27 -57.14 -85.27
C LYS I 214 19.37 -56.07 -85.19
N MET I 215 19.36 -55.12 -86.12
CA MET I 215 20.36 -54.07 -86.11
C MET I 215 20.02 -52.99 -85.09
N LEU I 216 18.75 -52.91 -84.68
CA LEU I 216 18.42 -52.01 -83.58
C LEU I 216 18.86 -52.61 -82.24
N LEU I 217 18.76 -53.94 -82.11
CA LEU I 217 19.16 -54.59 -80.87
C LEU I 217 20.68 -54.64 -80.75
N ASN I 218 21.37 -54.90 -81.87
CA ASN I 218 22.82 -55.03 -81.84
C ASN I 218 23.54 -53.68 -81.68
N LEU I 219 22.82 -52.57 -81.78
CA LEU I 219 23.46 -51.28 -81.52
C LEU I 219 22.98 -50.63 -80.24
N HIS I 220 21.89 -51.13 -79.64
CA HIS I 220 21.40 -50.55 -78.39
C HIS I 220 21.80 -51.38 -77.19
N LYS I 221 21.30 -52.61 -77.10
CA LYS I 221 21.65 -53.54 -76.04
C LYS I 221 22.74 -54.48 -76.53
N LYS I 222 23.96 -53.97 -76.61
CA LYS I 222 25.11 -54.79 -76.99
C LYS I 222 26.38 -54.09 -76.54
N SER I 223 27.29 -54.85 -75.95
CA SER I 223 28.58 -54.36 -75.52
C SER I 223 29.66 -55.40 -75.79
N TRP I 224 30.75 -54.98 -76.43
CA TRP I 224 31.82 -55.87 -76.81
C TRP I 224 32.92 -55.98 -75.76
N MET I 225 33.50 -54.85 -75.39
CA MET I 225 34.58 -54.81 -74.42
C MET I 225 34.09 -54.96 -72.99
N GLU I 226 32.80 -54.71 -72.73
CA GLU I 226 32.28 -54.70 -71.38
C GLU I 226 32.01 -56.09 -70.85
N GLY I 227 31.75 -57.06 -71.75
CA GLY I 227 31.40 -58.41 -71.34
C GLY I 227 32.54 -59.23 -70.76
N LEU I 228 33.75 -58.66 -70.67
CA LEU I 228 34.92 -59.37 -70.17
C LEU I 228 35.72 -58.54 -69.16
N THR I 229 35.14 -57.49 -68.60
CA THR I 229 35.83 -56.69 -67.60
C THR I 229 35.79 -57.39 -66.24
N LEU I 230 36.40 -56.75 -65.24
CA LEU I 230 36.59 -57.40 -63.95
C LEU I 230 36.05 -56.64 -62.74
N GLN I 231 35.55 -55.40 -62.91
CA GLN I 231 34.98 -54.51 -61.87
C GLN I 231 35.74 -54.49 -60.54
N ASP I 232 36.99 -54.03 -60.59
CA ASP I 232 38.15 -54.28 -59.71
C ASP I 232 37.79 -54.26 -58.21
N TYR I 233 38.45 -55.11 -57.44
CA TYR I 233 37.92 -55.66 -56.20
C TYR I 233 37.96 -54.72 -55.00
N SER I 234 38.11 -53.42 -55.21
CA SER I 234 37.95 -52.49 -54.10
C SER I 234 36.51 -52.45 -53.63
N GLU I 235 35.57 -52.24 -54.55
CA GLU I 235 34.15 -52.19 -54.23
C GLU I 235 33.45 -53.53 -54.43
N HIS I 236 34.15 -54.51 -54.97
CA HIS I 236 33.49 -55.78 -55.27
C HIS I 236 33.38 -56.66 -54.02
N CYS I 237 34.50 -56.87 -53.34
CA CYS I 237 34.44 -57.60 -52.07
C CYS I 237 33.86 -56.74 -50.97
N LYS I 238 33.86 -55.42 -51.16
CA LYS I 238 33.16 -54.53 -50.25
C LYS I 238 31.66 -54.72 -50.35
N HIS I 239 31.15 -54.99 -51.56
CA HIS I 239 29.72 -55.26 -51.72
C HIS I 239 29.35 -56.60 -51.09
N ASN I 240 30.30 -57.51 -50.91
CA ASN I 240 30.02 -58.78 -50.28
C ASN I 240 30.07 -58.71 -48.75
N GLU I 241 29.95 -57.53 -48.19
CA GLU I 241 30.04 -57.37 -46.75
C GLU I 241 28.83 -56.66 -46.15
N SER I 242 28.30 -55.65 -46.84
CA SER I 242 27.10 -54.98 -46.36
C SER I 242 25.87 -55.86 -46.47
N VAL I 243 25.92 -56.91 -47.28
CA VAL I 243 24.75 -57.75 -47.49
C VAL I 243 24.69 -58.89 -46.49
N VAL I 244 25.85 -59.30 -45.95
CA VAL I 244 25.90 -60.40 -44.99
C VAL I 244 25.24 -60.00 -43.69
N LYS I 245 25.38 -58.74 -43.29
CA LYS I 245 24.87 -58.28 -42.00
C LYS I 245 23.35 -58.25 -41.99
N GLU I 246 22.74 -57.67 -43.01
CA GLU I 246 21.28 -57.63 -43.09
C GLU I 246 20.70 -59.02 -43.34
N MET I 247 21.47 -59.91 -43.96
CA MET I 247 21.00 -61.27 -44.13
C MET I 247 21.08 -62.02 -42.81
N LEU I 248 22.09 -61.70 -42.00
CA LEU I 248 22.23 -62.31 -40.67
C LEU I 248 21.07 -61.91 -39.76
N GLU I 249 20.69 -60.64 -39.78
CA GLU I 249 19.57 -60.17 -38.96
C GLU I 249 18.27 -60.79 -39.43
N LEU I 250 18.12 -60.97 -40.74
CA LEU I 250 16.94 -61.66 -41.23
C LEU I 250 16.98 -63.12 -40.84
N ALA I 251 18.18 -63.70 -40.81
CA ALA I 251 18.33 -65.09 -40.36
C ALA I 251 18.01 -65.22 -38.88
N LYS I 252 18.44 -64.25 -38.07
CA LYS I 252 18.06 -64.24 -36.67
C LYS I 252 16.57 -64.00 -36.51
N ASN I 253 16.00 -63.16 -37.37
CA ASN I 253 14.55 -62.99 -37.37
C ASN I 253 13.86 -64.24 -37.90
N TYR I 254 14.47 -64.89 -38.89
CA TYR I 254 13.98 -66.18 -39.34
C TYR I 254 14.17 -67.24 -38.26
N ASN I 255 15.24 -67.10 -37.48
CA ASN I 255 15.39 -67.97 -36.31
C ASN I 255 14.28 -67.74 -35.30
N LYS I 256 13.88 -66.48 -35.13
CA LYS I 256 12.94 -66.11 -34.09
C LYS I 256 11.54 -66.67 -34.37
N ALA I 257 11.16 -66.72 -35.65
CA ALA I 257 9.84 -67.23 -35.99
C ALA I 257 9.80 -68.74 -36.00
N VAL I 258 10.91 -69.39 -36.40
CA VAL I 258 10.91 -70.84 -36.54
C VAL I 258 10.94 -71.51 -35.16
N GLU I 259 11.68 -70.92 -34.21
CA GLU I 259 11.65 -71.46 -32.86
C GLU I 259 10.33 -71.14 -32.15
N GLU I 260 9.57 -70.17 -32.65
CA GLU I 260 8.39 -69.69 -31.96
C GLU I 260 7.28 -70.73 -32.07
N GLU I 261 6.84 -70.97 -33.31
CA GLU I 261 5.97 -72.09 -33.68
C GLU I 261 4.67 -72.08 -32.89
N ASP I 262 3.81 -71.10 -33.14
CA ASP I 262 2.46 -71.13 -32.60
C ASP I 262 1.72 -72.37 -33.07
N LYS I 263 1.26 -73.15 -32.10
CA LYS I 263 0.59 -74.41 -32.40
C LYS I 263 -0.78 -74.44 -31.74
N MET I 264 -1.43 -73.29 -31.70
CA MET I 264 -2.87 -73.24 -31.44
C MET I 264 -3.52 -72.59 -32.65
N THR I 265 -4.35 -73.39 -33.35
CA THR I 265 -4.99 -73.13 -34.65
C THR I 265 -3.94 -72.66 -35.64
N PRO I 266 -3.05 -73.54 -36.13
CA PRO I 266 -1.92 -73.05 -36.93
C PRO I 266 -2.27 -72.55 -38.32
N GLU I 267 -3.24 -73.19 -38.98
CA GLU I 267 -3.49 -72.90 -40.40
C GLU I 267 -4.26 -71.59 -40.57
N GLN I 268 -5.00 -71.17 -39.54
CA GLN I 268 -5.68 -69.88 -39.60
C GLN I 268 -4.77 -68.77 -39.13
N LEU I 269 -3.93 -69.05 -38.14
CA LEU I 269 -2.95 -68.09 -37.66
C LEU I 269 -1.91 -67.80 -38.74
N ALA I 270 -1.57 -68.82 -39.54
CA ALA I 270 -0.61 -68.60 -40.62
C ALA I 270 -1.20 -67.77 -41.76
N ILE I 271 -2.50 -67.90 -42.03
CA ILE I 271 -3.08 -67.24 -43.19
C ILE I 271 -3.55 -65.82 -42.87
N LYS I 272 -3.93 -65.53 -41.62
CA LYS I 272 -4.29 -64.17 -41.24
C LYS I 272 -3.10 -63.35 -40.80
N ASN I 273 -1.97 -63.99 -40.52
CA ASN I 273 -0.75 -63.30 -40.15
C ASN I 273 0.33 -63.73 -41.15
N VAL I 274 0.38 -63.03 -42.27
CA VAL I 274 1.46 -63.15 -43.23
C VAL I 274 2.25 -61.85 -43.17
N GLY I 275 3.52 -61.92 -43.56
CA GLY I 275 4.34 -60.73 -43.58
C GLY I 275 4.94 -60.42 -44.93
N LYS I 276 5.09 -61.48 -45.75
CA LYS I 276 5.67 -61.43 -47.11
C LYS I 276 7.10 -60.88 -47.08
N GLN I 277 7.77 -60.99 -45.93
CA GLN I 277 9.18 -60.64 -45.89
C GLN I 277 10.00 -61.60 -45.04
N ASP I 278 9.37 -62.36 -44.15
CA ASP I 278 10.17 -63.23 -43.30
C ASP I 278 10.59 -64.57 -43.92
N PRO I 279 9.65 -65.48 -44.36
CA PRO I 279 10.02 -66.90 -44.45
C PRO I 279 11.02 -67.22 -45.54
N LYS I 280 10.64 -67.02 -46.80
CA LYS I 280 11.58 -67.02 -47.91
C LYS I 280 11.18 -65.87 -48.81
N ARG I 281 11.47 -64.65 -48.38
CA ARG I 281 11.38 -63.53 -49.31
C ARG I 281 12.67 -62.76 -49.26
N HIS I 282 13.06 -62.42 -48.04
CA HIS I 282 14.30 -61.72 -47.76
C HIS I 282 15.40 -62.68 -47.34
N LEU I 283 15.12 -63.98 -47.43
CA LEU I 283 16.07 -64.98 -46.96
C LEU I 283 17.00 -65.44 -48.07
N GLU I 284 16.47 -65.68 -49.27
CA GLU I 284 17.27 -66.19 -50.36
C GLU I 284 17.38 -65.22 -51.53
N GLU I 285 16.76 -64.05 -51.42
CA GLU I 285 16.83 -63.07 -52.50
C GLU I 285 18.25 -62.53 -52.64
N HIS I 286 18.78 -61.93 -51.57
CA HIS I 286 20.14 -61.42 -51.61
C HIS I 286 21.16 -62.53 -51.67
N VAL I 287 20.83 -63.69 -51.10
CA VAL I 287 21.74 -64.84 -51.14
C VAL I 287 21.93 -65.33 -52.57
N ASP I 288 20.85 -65.32 -53.36
CA ASP I 288 20.97 -65.63 -54.78
C ASP I 288 21.80 -64.57 -55.49
N VAL I 289 21.65 -63.30 -55.11
CA VAL I 289 22.34 -62.22 -55.83
C VAL I 289 23.83 -62.25 -55.53
N LEU I 290 24.20 -62.55 -54.27
CA LEU I 290 25.63 -62.62 -53.95
C LEU I 290 26.26 -63.89 -54.54
N MET I 291 25.46 -64.93 -54.75
CA MET I 291 25.99 -66.16 -55.32
C MET I 291 26.31 -66.00 -56.79
N THR I 292 25.39 -65.39 -57.54
CA THR I 292 25.57 -65.27 -58.98
C THR I 292 26.68 -64.28 -59.33
N SER I 293 26.87 -63.27 -58.49
CA SER I 293 27.81 -62.21 -58.82
C SER I 293 29.25 -62.70 -58.71
N ASN I 294 29.57 -63.43 -57.66
CA ASN I 294 30.94 -63.89 -57.50
C ASN I 294 31.26 -65.03 -58.45
N ILE I 295 30.23 -65.79 -58.86
CA ILE I 295 30.44 -66.83 -59.87
C ILE I 295 30.77 -66.20 -61.21
N VAL I 296 30.03 -65.16 -61.61
CA VAL I 296 30.34 -64.43 -62.85
C VAL I 296 31.71 -63.78 -62.74
N GLN I 297 32.04 -63.24 -61.57
CA GLN I 297 33.29 -62.54 -61.39
C GLN I 297 34.48 -63.49 -61.36
N CYS I 298 34.34 -64.63 -60.67
CA CYS I 298 35.46 -65.55 -60.61
C CYS I 298 35.65 -66.27 -61.94
N LEU I 299 34.54 -66.59 -62.63
CA LEU I 299 34.66 -67.29 -63.92
C LEU I 299 35.28 -66.37 -64.96
N ALA I 300 34.92 -65.10 -64.95
CA ALA I 300 35.60 -64.15 -65.81
C ALA I 300 37.05 -63.94 -65.37
N ALA I 301 37.32 -64.11 -64.09
CA ALA I 301 38.71 -64.03 -63.62
C ALA I 301 39.49 -65.26 -64.04
N MET I 302 38.85 -66.43 -64.03
CA MET I 302 39.58 -67.65 -64.41
C MET I 302 39.84 -67.69 -65.91
N LEU I 303 38.90 -67.18 -66.71
CA LEU I 303 39.05 -67.27 -68.17
C LEU I 303 40.20 -66.40 -68.67
N ASP I 304 40.34 -65.21 -68.12
CA ASP I 304 41.43 -64.33 -68.55
C ASP I 304 42.78 -64.87 -68.11
N THR I 305 42.82 -65.65 -67.04
CA THR I 305 44.06 -66.32 -66.68
C THR I 305 44.35 -67.49 -67.63
N VAL I 306 43.32 -68.12 -68.17
CA VAL I 306 43.55 -69.15 -69.18
C VAL I 306 44.02 -68.51 -70.48
N VAL I 307 43.39 -67.40 -70.86
CA VAL I 307 43.73 -66.74 -72.12
C VAL I 307 45.08 -66.03 -72.01
N PHE I 308 45.16 -65.04 -71.12
CA PHE I 308 46.33 -64.17 -71.10
C PHE I 308 47.50 -64.87 -70.42
N LYS I 309 48.26 -65.61 -71.22
CA LYS I 309 49.45 -66.38 -70.83
C LYS I 309 49.18 -67.43 -69.75
N MET J 93 43.68 -149.00 -53.74
CA MET J 93 43.10 -149.05 -52.41
C MET J 93 44.16 -149.51 -51.40
N TYR J 94 44.41 -148.66 -50.40
CA TYR J 94 45.49 -148.79 -49.42
C TYR J 94 46.85 -148.88 -50.13
N GLU J 95 47.18 -147.79 -50.82
CA GLU J 95 48.33 -147.73 -51.71
C GLU J 95 49.40 -146.83 -51.10
N GLN J 96 50.52 -147.45 -50.71
CA GLN J 96 51.71 -146.78 -50.20
C GLN J 96 51.42 -145.88 -48.99
N LEU J 97 51.01 -146.48 -47.87
CA LEU J 97 50.63 -145.71 -46.69
C LEU J 97 51.81 -144.94 -46.11
N LYS J 98 52.84 -145.64 -45.64
CA LYS J 98 54.04 -145.01 -45.11
C LYS J 98 55.24 -145.59 -45.86
N GLY J 99 55.55 -144.98 -47.01
CA GLY J 99 56.70 -145.42 -47.77
C GLY J 99 57.93 -144.65 -47.36
N GLU J 100 58.56 -143.97 -48.31
CA GLU J 100 59.78 -143.22 -48.07
C GLU J 100 59.42 -141.86 -47.51
N TRP J 101 59.04 -141.85 -46.25
CA TRP J 101 58.83 -140.58 -45.56
C TRP J 101 59.50 -140.53 -44.19
N ASN J 102 59.51 -141.64 -43.45
CA ASN J 102 60.10 -141.68 -42.13
C ASN J 102 61.62 -141.55 -42.14
N ARG J 103 62.27 -141.79 -43.27
CA ARG J 103 63.72 -141.63 -43.29
C ARG J 103 64.15 -140.53 -44.25
N LYS J 104 63.82 -140.67 -45.54
CA LYS J 104 64.20 -139.74 -46.60
C LYS J 104 63.18 -139.83 -47.72
N SER J 105 63.27 -138.90 -48.68
CA SER J 105 62.45 -138.92 -49.88
C SER J 105 63.21 -138.28 -51.04
N PRO J 106 64.17 -139.00 -51.64
CA PRO J 106 64.90 -138.41 -52.77
C PRO J 106 64.20 -138.63 -54.10
N ASN J 107 63.24 -139.55 -54.13
CA ASN J 107 62.66 -139.98 -55.40
C ASN J 107 61.48 -139.11 -55.79
N LEU J 108 60.97 -139.35 -57.00
CA LEU J 108 59.91 -138.56 -57.58
C LEU J 108 58.79 -139.40 -58.18
N SER J 109 58.92 -140.72 -58.21
CA SER J 109 57.81 -141.55 -58.67
C SER J 109 56.75 -141.72 -57.60
N LYS J 110 57.10 -141.45 -56.34
CA LYS J 110 56.11 -141.41 -55.27
C LYS J 110 55.16 -140.23 -55.45
N CYS J 111 55.60 -139.20 -56.19
CA CYS J 111 54.74 -138.06 -56.50
C CYS J 111 53.56 -138.48 -57.37
N GLY J 112 53.84 -139.15 -58.50
CA GLY J 112 52.77 -139.64 -59.35
C GLY J 112 52.01 -140.80 -58.73
N GLU J 113 52.64 -141.51 -57.79
CA GLU J 113 51.90 -142.52 -57.05
C GLU J 113 50.90 -141.88 -56.10
N GLU J 114 51.33 -140.83 -55.39
CA GLU J 114 50.42 -140.06 -54.54
C GLU J 114 49.38 -139.32 -55.38
N LEU J 115 49.77 -138.91 -56.60
CA LEU J 115 48.82 -138.33 -57.53
C LEU J 115 47.74 -139.32 -57.94
N GLY J 116 48.14 -140.54 -58.31
CA GLY J 116 47.16 -141.57 -58.57
C GLY J 116 46.42 -142.00 -57.32
N ARG J 117 47.07 -141.89 -56.16
CA ARG J 117 46.39 -142.10 -54.90
C ARG J 117 45.36 -141.02 -54.65
N LEU J 118 45.60 -139.80 -55.14
CA LEU J 118 44.58 -138.78 -55.09
C LEU J 118 43.50 -139.00 -56.15
N LYS J 119 43.83 -139.72 -57.22
CA LYS J 119 42.80 -140.06 -58.20
C LYS J 119 41.83 -141.09 -57.64
N LEU J 120 42.33 -142.00 -56.80
CA LEU J 120 41.50 -143.04 -56.23
C LEU J 120 40.51 -142.49 -55.22
N VAL J 121 40.94 -141.53 -54.40
CA VAL J 121 40.10 -141.01 -53.32
C VAL J 121 38.95 -140.19 -53.89
N LEU J 122 39.22 -139.38 -54.92
CA LEU J 122 38.15 -138.58 -55.53
C LEU J 122 37.19 -139.44 -56.32
N LEU J 123 37.66 -140.57 -56.84
CA LEU J 123 36.80 -141.50 -57.55
C LEU J 123 36.11 -142.50 -56.63
N GLU J 124 36.51 -142.58 -55.36
CA GLU J 124 35.69 -143.27 -54.37
C GLU J 124 34.36 -142.59 -54.19
N LEU J 125 34.37 -141.39 -53.63
CA LEU J 125 33.15 -140.69 -53.28
C LEU J 125 33.46 -139.20 -53.14
N ASN J 126 32.43 -138.36 -53.12
CA ASN J 126 32.63 -136.94 -52.94
C ASN J 126 32.60 -136.66 -51.44
N PHE J 127 33.29 -135.58 -51.05
CA PHE J 127 33.31 -135.15 -49.66
C PHE J 127 32.29 -134.05 -49.40
N LEU J 128 31.42 -133.77 -50.37
CA LEU J 128 30.57 -132.60 -50.31
C LEU J 128 29.37 -132.72 -49.35
N PRO J 129 28.49 -133.79 -49.39
CA PRO J 129 27.41 -133.82 -48.38
C PRO J 129 27.86 -134.02 -46.94
N THR J 130 28.54 -135.13 -46.65
CA THR J 130 29.23 -135.45 -45.40
C THR J 130 28.33 -135.31 -44.17
N THR J 131 27.31 -136.17 -44.04
CA THR J 131 26.36 -136.02 -42.94
C THR J 131 26.77 -136.78 -41.69
N GLY J 132 26.91 -138.08 -41.77
CA GLY J 132 27.29 -138.89 -40.62
C GLY J 132 28.09 -140.06 -41.12
N THR J 133 27.71 -141.26 -40.64
CA THR J 133 28.11 -142.54 -41.20
C THR J 133 29.63 -142.72 -41.17
N LYS J 134 30.17 -143.03 -39.97
CA LYS J 134 31.61 -143.19 -39.69
C LYS J 134 32.38 -143.99 -40.75
N LEU J 135 31.71 -144.86 -41.50
CA LEU J 135 32.28 -145.50 -42.70
C LEU J 135 32.85 -144.47 -43.67
N THR J 136 32.10 -143.41 -43.98
CA THR J 136 32.66 -142.38 -44.84
C THR J 136 33.51 -141.38 -44.05
N LYS J 137 33.49 -141.45 -42.71
CA LYS J 137 34.47 -140.71 -41.94
C LYS J 137 35.82 -141.38 -41.98
N GLN J 138 35.85 -142.72 -42.12
CA GLN J 138 37.12 -143.45 -42.18
C GLN J 138 37.91 -143.07 -43.41
N GLN J 139 37.23 -142.90 -44.55
CA GLN J 139 37.93 -142.47 -45.75
C GLN J 139 38.30 -140.99 -45.69
N LEU J 140 37.67 -140.22 -44.78
CA LEU J 140 38.11 -138.84 -44.56
C LEU J 140 39.22 -138.77 -43.52
N ILE J 141 39.39 -139.81 -42.71
CA ILE J 141 40.58 -139.88 -41.86
C ILE J 141 41.82 -140.04 -42.73
N LEU J 142 41.74 -140.91 -43.74
CA LEU J 142 42.90 -141.16 -44.58
C LEU J 142 43.13 -140.02 -45.57
N ALA J 143 42.04 -139.42 -46.09
CA ALA J 143 42.18 -138.40 -47.13
C ALA J 143 42.84 -137.13 -46.59
N ARG J 144 42.58 -136.80 -45.33
CA ARG J 144 43.27 -135.68 -44.72
C ARG J 144 44.73 -136.01 -44.49
N ASP J 145 45.03 -137.25 -44.10
CA ASP J 145 46.40 -137.62 -43.76
C ASP J 145 47.28 -137.68 -44.99
N ILE J 146 46.74 -138.11 -46.13
CA ILE J 146 47.55 -138.20 -47.33
C ILE J 146 47.81 -136.82 -47.91
N LEU J 147 46.97 -135.84 -47.59
CA LEU J 147 47.32 -134.48 -47.98
C LEU J 147 48.33 -133.89 -47.01
N GLU J 148 48.25 -134.27 -45.73
CA GLU J 148 49.23 -133.83 -44.75
C GLU J 148 50.62 -134.31 -45.11
N ILE J 149 50.77 -135.59 -45.44
CA ILE J 149 52.06 -136.08 -45.89
C ILE J 149 52.36 -135.57 -47.29
N GLY J 150 51.32 -135.19 -48.06
CA GLY J 150 51.55 -134.53 -49.32
C GLY J 150 52.01 -133.10 -49.13
N ALA J 151 51.57 -132.47 -48.04
CA ALA J 151 52.03 -131.12 -47.71
C ALA J 151 53.45 -131.15 -47.14
N GLN J 152 53.76 -132.18 -46.35
CA GLN J 152 55.12 -132.38 -45.86
C GLN J 152 56.10 -132.62 -47.00
N TRP J 153 55.62 -133.23 -48.09
CA TRP J 153 56.47 -133.45 -49.25
C TRP J 153 56.69 -132.15 -50.02
N SER J 154 55.64 -131.33 -50.15
CA SER J 154 55.74 -130.11 -50.94
C SER J 154 56.62 -129.07 -50.25
N ILE J 155 56.60 -129.06 -48.91
CA ILE J 155 57.49 -128.17 -48.17
C ILE J 155 58.89 -128.75 -48.10
N LEU J 156 59.04 -130.05 -48.38
CA LEU J 156 60.38 -130.62 -48.44
C LEU J 156 60.99 -130.44 -49.83
N ARG J 157 60.17 -130.32 -50.86
CA ARG J 157 60.69 -130.25 -52.23
C ARG J 157 60.80 -128.83 -52.79
N LYS J 158 60.60 -127.80 -51.96
CA LYS J 158 60.71 -126.38 -52.34
C LYS J 158 59.72 -126.06 -53.47
N ASP J 159 58.43 -126.14 -53.17
CA ASP J 159 57.43 -125.91 -54.20
C ASP J 159 56.35 -125.00 -53.66
N ILE J 160 56.24 -123.82 -54.26
CA ILE J 160 55.34 -122.76 -53.81
C ILE J 160 53.88 -122.97 -54.24
N PRO J 161 53.54 -123.29 -55.51
CA PRO J 161 52.10 -123.46 -55.80
C PRO J 161 51.55 -124.76 -55.25
N SER J 162 52.41 -125.72 -54.92
CA SER J 162 51.92 -126.97 -54.36
C SER J 162 51.48 -126.79 -52.92
N PHE J 163 52.25 -126.04 -52.14
CA PHE J 163 51.99 -125.93 -50.70
C PHE J 163 50.67 -125.22 -50.43
N GLU J 164 50.33 -124.23 -51.26
CA GLU J 164 49.04 -123.57 -51.12
C GLU J 164 47.91 -124.43 -51.65
N ARG J 165 48.19 -125.35 -52.58
CA ARG J 165 47.16 -126.30 -53.02
C ARG J 165 46.77 -127.24 -51.90
N TYR J 166 47.75 -127.96 -51.34
CA TYR J 166 47.47 -128.98 -50.33
C TYR J 166 46.90 -128.38 -49.06
N MET J 167 47.34 -127.17 -48.71
CA MET J 167 46.84 -126.52 -47.51
C MET J 167 45.39 -126.09 -47.66
N ALA J 168 45.04 -125.53 -48.81
CA ALA J 168 43.65 -125.12 -49.05
C ALA J 168 42.74 -126.33 -49.19
N GLN J 169 43.27 -127.43 -49.71
CA GLN J 169 42.48 -128.66 -49.77
C GLN J 169 42.29 -129.24 -48.38
N LEU J 170 43.32 -129.15 -47.53
CA LEU J 170 43.18 -129.52 -46.12
C LEU J 170 42.25 -128.57 -45.39
N LYS J 171 42.33 -127.27 -45.71
CA LYS J 171 41.48 -126.28 -45.07
C LYS J 171 40.03 -126.48 -45.46
N CYS J 172 39.79 -126.98 -46.68
CA CYS J 172 38.44 -127.38 -47.05
C CYS J 172 38.02 -128.64 -46.29
N TYR J 173 38.97 -129.48 -45.89
CA TYR J 173 38.60 -130.71 -45.19
C TYR J 173 38.43 -130.47 -43.69
N TYR J 174 39.08 -129.43 -43.15
CA TYR J 174 38.65 -128.95 -41.84
C TYR J 174 37.36 -128.15 -41.95
N PHE J 175 37.03 -127.65 -43.15
CA PHE J 175 35.76 -126.97 -43.35
C PHE J 175 34.68 -128.00 -43.58
N ASP J 176 34.17 -128.57 -42.51
CA ASP J 176 33.09 -129.54 -42.59
C ASP J 176 31.95 -129.08 -41.70
N TYR J 177 30.73 -129.27 -42.18
CA TYR J 177 29.54 -128.93 -41.42
C TYR J 177 29.41 -129.88 -40.24
N LYS J 178 29.33 -131.18 -40.52
CA LYS J 178 29.21 -132.19 -39.47
C LYS J 178 30.59 -132.82 -39.24
N GLU J 179 31.46 -132.02 -38.62
CA GLU J 179 32.85 -132.39 -38.39
C GLU J 179 32.98 -132.97 -36.99
N GLN J 180 32.89 -134.30 -36.87
CA GLN J 180 33.17 -134.91 -35.58
C GLN J 180 34.66 -135.15 -35.48
N LEU J 181 35.21 -135.95 -36.42
CA LEU J 181 36.58 -135.94 -36.93
C LEU J 181 37.66 -135.88 -35.85
N PRO J 182 37.92 -136.99 -35.15
CA PRO J 182 38.66 -136.94 -33.88
C PRO J 182 40.09 -136.45 -34.03
N GLU J 183 40.68 -136.14 -32.86
CA GLU J 183 41.73 -135.14 -32.73
C GLU J 183 43.02 -135.55 -33.45
N SER J 184 43.35 -134.79 -34.50
CA SER J 184 44.57 -135.01 -35.25
C SER J 184 45.72 -134.22 -34.64
N ALA J 185 46.85 -134.89 -34.42
CA ALA J 185 47.97 -134.32 -33.69
C ALA J 185 48.81 -133.38 -34.54
N TYR J 186 48.59 -133.33 -35.84
CA TYR J 186 49.40 -132.53 -36.74
C TYR J 186 48.74 -131.22 -37.13
N MET J 187 47.49 -131.00 -36.71
CA MET J 187 46.73 -129.80 -37.09
C MET J 187 47.36 -128.54 -36.50
N HIS J 188 47.92 -128.66 -35.29
CA HIS J 188 48.57 -127.51 -34.67
C HIS J 188 49.84 -127.12 -35.45
N GLN J 189 50.58 -128.12 -35.91
CA GLN J 189 51.75 -127.83 -36.73
C GLN J 189 51.36 -127.38 -38.13
N LEU J 190 50.26 -127.93 -38.66
CA LEU J 190 49.82 -127.59 -40.01
C LEU J 190 49.36 -126.16 -40.09
N LEU J 191 48.61 -125.71 -39.08
CA LEU J 191 48.20 -124.31 -39.01
C LEU J 191 49.38 -123.39 -38.75
N GLY J 192 50.39 -123.88 -38.03
CA GLY J 192 51.59 -123.09 -37.82
C GLY J 192 52.41 -122.95 -39.09
N LEU J 193 52.39 -123.99 -39.92
CA LEU J 193 53.04 -123.91 -41.22
C LEU J 193 52.30 -122.97 -42.15
N ASN J 194 50.97 -122.88 -42.02
CA ASN J 194 50.22 -121.96 -42.87
C ASN J 194 50.38 -120.53 -42.39
N LEU J 195 50.39 -120.33 -41.07
CA LEU J 195 50.41 -119.00 -40.50
C LEU J 195 51.74 -118.30 -40.75
N LEU J 196 52.84 -119.05 -40.73
CA LEU J 196 54.14 -118.44 -41.00
C LEU J 196 54.36 -118.27 -42.50
N PHE J 197 53.68 -119.08 -43.30
CA PHE J 197 53.73 -118.94 -44.75
C PHE J 197 53.00 -117.69 -45.20
N LEU J 198 51.86 -117.41 -44.58
CA LEU J 198 51.07 -116.23 -44.91
C LEU J 198 51.75 -114.96 -44.43
N LEU J 199 52.46 -115.04 -43.31
CA LEU J 199 53.26 -113.91 -42.86
C LEU J 199 54.47 -113.70 -43.76
N SER J 200 54.95 -114.76 -44.39
CA SER J 200 56.10 -114.65 -45.26
C SER J 200 55.75 -113.98 -46.58
N GLN J 201 54.52 -114.18 -47.07
CA GLN J 201 54.08 -113.60 -48.33
C GLN J 201 53.56 -112.18 -48.19
N ASN J 202 53.76 -111.55 -47.02
CA ASN J 202 53.32 -110.18 -46.73
C ASN J 202 51.81 -110.04 -46.88
N ARG J 203 51.10 -110.80 -46.06
CA ARG J 203 49.64 -110.72 -45.97
C ARG J 203 49.33 -110.52 -44.49
N VAL J 204 49.36 -109.27 -44.06
CA VAL J 204 49.06 -108.97 -42.66
C VAL J 204 47.55 -108.90 -42.45
N ALA J 205 46.80 -108.55 -43.49
CA ALA J 205 45.34 -108.58 -43.38
C ALA J 205 44.84 -110.01 -43.33
N GLU J 206 45.44 -110.89 -44.12
CA GLU J 206 45.04 -112.28 -44.09
C GLU J 206 45.54 -112.96 -42.82
N PHE J 207 46.62 -112.43 -42.24
CA PHE J 207 47.19 -112.97 -41.00
C PHE J 207 46.18 -112.89 -39.85
N HIS J 208 45.60 -111.71 -39.64
CA HIS J 208 44.72 -111.53 -38.49
C HIS J 208 43.37 -112.20 -38.70
N THR J 209 42.82 -112.13 -39.93
CA THR J 209 41.49 -112.68 -40.18
C THR J 209 41.48 -114.21 -40.16
N GLU J 210 42.66 -114.82 -40.27
CA GLU J 210 42.78 -116.25 -40.02
C GLU J 210 42.70 -116.54 -38.53
N LEU J 211 43.22 -115.64 -37.70
CA LEU J 211 43.28 -115.85 -36.26
C LEU J 211 41.94 -115.63 -35.59
N GLU J 212 40.96 -116.47 -35.93
CA GLU J 212 39.64 -116.40 -35.33
C GLU J 212 39.22 -117.81 -34.94
N ARG J 213 39.86 -118.80 -35.58
CA ARG J 213 39.48 -120.18 -35.37
C ARG J 213 39.97 -120.75 -34.05
N LEU J 214 41.02 -120.19 -33.47
CA LEU J 214 41.60 -120.77 -32.26
C LEU J 214 41.06 -120.05 -31.03
N PRO J 215 40.27 -120.72 -30.18
CA PRO J 215 39.72 -120.06 -28.99
C PRO J 215 40.76 -119.67 -27.95
N ALA J 216 41.54 -120.64 -27.48
CA ALA J 216 42.47 -120.44 -26.37
C ALA J 216 43.76 -121.22 -26.56
N LYS J 217 44.20 -121.40 -27.81
CA LYS J 217 45.44 -122.08 -28.10
C LYS J 217 46.57 -121.11 -28.44
N ASP J 218 46.30 -119.81 -28.33
CA ASP J 218 47.27 -118.79 -28.69
C ASP J 218 48.14 -118.36 -27.53
N ILE J 219 47.57 -118.27 -26.32
CA ILE J 219 48.28 -117.78 -25.16
C ILE J 219 48.65 -118.93 -24.21
N GLN J 220 47.73 -119.85 -23.99
CA GLN J 220 47.83 -120.93 -23.00
C GLN J 220 48.98 -121.89 -23.31
N THR J 221 49.00 -122.40 -24.53
CA THR J 221 49.97 -123.40 -24.96
C THR J 221 50.19 -123.21 -26.46
N ASN J 222 50.68 -124.28 -27.13
CA ASN J 222 50.80 -124.37 -28.57
C ASN J 222 51.75 -123.30 -29.12
N VAL J 223 53.05 -123.50 -28.89
CA VAL J 223 54.11 -122.68 -29.46
C VAL J 223 54.02 -122.56 -30.99
N TYR J 224 53.40 -123.52 -31.68
CA TYR J 224 53.35 -123.53 -33.14
C TYR J 224 52.46 -122.42 -33.69
N ILE J 225 51.53 -121.91 -32.89
CA ILE J 225 50.82 -120.68 -33.23
C ILE J 225 51.34 -119.51 -32.40
N LYS J 226 51.88 -119.77 -31.21
CA LYS J 226 52.42 -118.73 -30.36
C LYS J 226 53.68 -118.09 -30.95
N HIS J 227 54.46 -118.85 -31.71
CA HIS J 227 55.67 -118.32 -32.33
C HIS J 227 55.41 -117.35 -33.49
N PRO J 228 54.44 -117.56 -34.40
CA PRO J 228 54.17 -116.49 -35.38
C PRO J 228 53.50 -115.25 -34.78
N VAL J 229 52.67 -115.41 -33.75
CA VAL J 229 51.96 -114.23 -33.23
C VAL J 229 52.86 -113.42 -32.32
N SER J 230 53.86 -114.05 -31.72
CA SER J 230 54.92 -113.30 -31.05
C SER J 230 55.80 -112.61 -32.09
N LEU J 231 55.95 -113.22 -33.26
CA LEU J 231 56.77 -112.65 -34.32
C LEU J 231 56.12 -111.41 -34.92
N GLU J 232 54.81 -111.46 -35.15
CA GLU J 232 54.08 -110.29 -35.64
C GLU J 232 54.12 -109.15 -34.64
N GLN J 233 54.05 -109.49 -33.35
CA GLN J 233 54.20 -108.52 -32.27
C GLN J 233 55.57 -107.83 -32.33
N TYR J 234 56.60 -108.57 -32.74
CA TYR J 234 57.95 -108.00 -32.75
C TYR J 234 58.15 -107.12 -33.98
N LEU J 235 57.40 -107.37 -35.06
CA LEU J 235 57.40 -106.44 -36.18
C LEU J 235 56.66 -105.16 -35.85
N MET J 236 55.66 -105.23 -34.97
CA MET J 236 54.90 -104.02 -34.66
C MET J 236 55.56 -103.19 -33.58
N GLU J 237 56.40 -103.80 -32.74
CA GLU J 237 57.11 -103.05 -31.71
C GLU J 237 58.28 -102.27 -32.32
N GLY J 238 59.12 -102.94 -33.10
CA GLY J 238 60.21 -102.23 -33.73
C GLY J 238 61.58 -102.82 -33.44
N SER J 239 61.61 -104.08 -33.05
CA SER J 239 62.86 -104.73 -32.62
C SER J 239 63.27 -105.72 -33.71
N TYR J 240 64.07 -105.24 -34.67
CA TYR J 240 64.59 -106.12 -35.72
C TYR J 240 65.59 -107.14 -35.16
N ASN J 241 66.26 -106.78 -34.06
CA ASN J 241 67.18 -107.72 -33.42
C ASN J 241 66.44 -108.92 -32.86
N LYS J 242 65.27 -108.70 -32.26
CA LYS J 242 64.53 -109.78 -31.61
C LYS J 242 63.94 -110.73 -32.66
N VAL J 243 63.82 -110.27 -33.90
CA VAL J 243 63.42 -111.15 -34.99
C VAL J 243 64.52 -112.18 -35.27
N PHE J 244 65.75 -111.73 -35.40
CA PHE J 244 66.79 -112.64 -35.89
C PHE J 244 67.46 -113.39 -34.75
N LEU J 245 67.38 -112.87 -33.52
CA LEU J 245 67.75 -113.66 -32.35
C LEU J 245 66.80 -114.82 -32.13
N ALA J 246 65.52 -114.64 -32.46
CA ALA J 246 64.53 -115.70 -32.39
C ALA J 246 64.51 -116.56 -33.65
N LYS J 247 65.31 -116.22 -34.66
CA LYS J 247 65.38 -117.04 -35.87
C LYS J 247 66.07 -118.36 -35.59
N GLY J 248 67.01 -118.38 -34.64
CA GLY J 248 67.65 -119.60 -34.21
C GLY J 248 66.94 -120.30 -33.07
N ASN J 249 65.60 -120.32 -33.10
CA ASN J 249 64.84 -121.04 -32.09
C ASN J 249 63.55 -121.51 -32.77
N ILE J 250 63.51 -122.78 -33.14
CA ILE J 250 62.40 -123.36 -33.88
C ILE J 250 61.92 -124.57 -33.09
N PRO J 251 60.62 -124.73 -32.86
CA PRO J 251 60.15 -125.95 -32.19
C PRO J 251 60.26 -127.18 -33.06
N ALA J 252 59.83 -127.16 -34.33
CA ALA J 252 59.69 -128.43 -35.04
C ALA J 252 60.87 -128.82 -35.94
N GLU J 253 61.13 -128.13 -37.06
CA GLU J 253 62.30 -128.61 -37.80
C GLU J 253 63.40 -127.56 -38.03
N SER J 254 63.19 -126.58 -38.89
CA SER J 254 63.96 -125.35 -38.94
C SER J 254 63.15 -124.18 -39.48
N TYR J 255 62.07 -124.45 -40.21
CA TYR J 255 61.26 -123.46 -40.94
C TYR J 255 62.11 -122.65 -41.90
N THR J 256 62.96 -123.34 -42.67
CA THR J 256 64.03 -122.69 -43.42
C THR J 256 63.50 -121.88 -44.58
N PHE J 257 62.63 -122.46 -45.40
CA PHE J 257 62.05 -121.72 -46.51
C PHE J 257 61.09 -120.64 -46.05
N PHE J 258 60.65 -120.68 -44.79
CA PHE J 258 59.86 -119.59 -44.25
C PHE J 258 60.72 -118.43 -43.79
N ILE J 259 61.84 -118.72 -43.12
CA ILE J 259 62.69 -117.64 -42.64
C ILE J 259 63.54 -117.06 -43.77
N ASP J 260 63.73 -117.81 -44.86
CA ASP J 260 64.44 -117.27 -46.02
C ASP J 260 63.60 -116.19 -46.71
N ILE J 261 62.31 -116.43 -46.86
CA ILE J 261 61.42 -115.40 -47.37
C ILE J 261 61.25 -114.29 -46.34
N LEU J 262 61.30 -114.65 -45.06
CA LEU J 262 61.21 -113.65 -43.99
C LEU J 262 62.43 -112.76 -43.96
N LEU J 263 63.61 -113.35 -44.22
CA LEU J 263 64.78 -112.53 -44.51
C LEU J 263 64.57 -111.70 -45.76
N ASP J 264 63.93 -112.28 -46.77
CA ASP J 264 63.79 -111.60 -48.05
C ASP J 264 62.83 -110.42 -47.94
N THR J 265 61.72 -110.59 -47.22
CA THR J 265 60.74 -109.52 -47.12
C THR J 265 61.12 -108.44 -46.11
N ILE J 266 62.12 -108.68 -45.27
CA ILE J 266 62.65 -107.64 -44.41
C ILE J 266 63.68 -106.78 -45.14
N ARG J 267 64.67 -107.42 -45.76
CA ARG J 267 65.86 -106.71 -46.20
C ARG J 267 65.58 -105.78 -47.37
N ASP J 268 64.60 -106.12 -48.20
CA ASP J 268 64.21 -105.22 -49.29
C ASP J 268 63.42 -104.04 -48.76
N GLU J 269 62.57 -104.27 -47.74
CA GLU J 269 61.87 -103.18 -47.08
C GLU J 269 62.84 -102.25 -46.36
N ILE J 270 63.89 -102.83 -45.76
CA ILE J 270 64.98 -102.04 -45.19
C ILE J 270 65.73 -101.31 -46.30
N ALA J 271 65.96 -101.99 -47.43
CA ALA J 271 66.60 -101.33 -48.57
C ALA J 271 65.66 -100.32 -49.22
N GLY J 272 64.35 -100.61 -49.21
CA GLY J 272 63.40 -99.64 -49.72
C GLY J 272 63.23 -98.44 -48.82
N CYS J 273 63.47 -98.62 -47.52
CA CYS J 273 63.37 -97.51 -46.58
C CYS J 273 64.58 -96.60 -46.67
N ILE J 274 65.73 -97.12 -47.10
CA ILE J 274 66.96 -96.33 -47.09
C ILE J 274 67.19 -95.61 -48.42
N GLU J 275 66.64 -96.10 -49.52
CA GLU J 275 66.84 -95.44 -50.82
C GLU J 275 65.98 -94.19 -50.87
N LYS J 276 66.51 -93.13 -50.29
CA LYS J 276 65.82 -91.86 -50.05
C LYS J 276 66.77 -90.72 -50.33
N ALA J 277 66.47 -89.53 -49.80
CA ALA J 277 67.26 -88.33 -49.97
C ALA J 277 68.64 -88.37 -49.28
N TYR J 278 69.09 -89.53 -48.81
CA TYR J 278 70.42 -89.77 -48.30
C TYR J 278 71.41 -89.89 -49.45
N GLU J 279 72.67 -89.53 -49.18
CA GLU J 279 73.68 -89.44 -50.24
C GLU J 279 74.80 -90.45 -50.06
N LYS J 280 75.41 -90.48 -48.88
CA LYS J 280 76.52 -91.37 -48.62
C LYS J 280 76.59 -91.72 -47.14
N ILE J 281 76.86 -92.98 -46.85
CA ILE J 281 77.16 -93.43 -45.50
C ILE J 281 78.35 -94.38 -45.57
N LEU J 282 79.05 -94.50 -44.45
CA LEU J 282 80.22 -95.36 -44.39
C LEU J 282 79.73 -96.81 -44.27
N PHE J 283 80.68 -97.76 -44.27
CA PHE J 283 80.32 -99.17 -44.08
C PHE J 283 79.66 -99.42 -42.72
N THR J 284 79.98 -98.59 -41.72
CA THR J 284 79.46 -98.85 -40.38
C THR J 284 77.97 -98.51 -40.24
N GLU J 285 77.45 -97.60 -41.08
CA GLU J 285 76.02 -97.36 -41.05
C GLU J 285 75.26 -98.49 -41.71
N ALA J 286 75.82 -99.04 -42.79
CA ALA J 286 75.28 -100.26 -43.36
C ALA J 286 75.62 -101.48 -42.50
N THR J 287 76.50 -101.30 -41.50
CA THR J 287 76.68 -102.34 -40.50
C THR J 287 75.67 -102.18 -39.37
N ARG J 288 75.02 -101.02 -39.29
CA ARG J 288 73.98 -100.83 -38.28
C ARG J 288 72.59 -100.98 -38.88
N ILE J 289 72.36 -100.40 -40.05
CA ILE J 289 71.10 -100.58 -40.75
C ILE J 289 70.95 -102.03 -41.17
N LEU J 290 71.94 -102.56 -41.87
CA LEU J 290 72.05 -103.99 -42.09
C LEU J 290 72.92 -104.59 -41.01
N PHE J 291 73.50 -105.74 -41.30
CA PHE J 291 74.06 -106.73 -40.40
C PHE J 291 75.34 -107.22 -41.05
N PHE J 292 75.65 -108.53 -40.92
CA PHE J 292 76.95 -109.21 -40.78
C PHE J 292 78.25 -108.56 -41.23
N ASN J 293 79.33 -108.89 -40.50
CA ASN J 293 80.67 -108.39 -40.76
C ASN J 293 81.20 -108.96 -42.08
N THR J 294 81.10 -108.12 -43.12
CA THR J 294 81.52 -108.27 -44.50
C THR J 294 81.03 -109.58 -45.11
N PRO J 295 79.74 -109.72 -45.42
CA PRO J 295 79.26 -110.94 -46.05
C PRO J 295 79.32 -110.80 -47.57
N LYS J 296 78.80 -111.76 -48.29
CA LYS J 296 78.59 -111.58 -49.72
C LYS J 296 77.39 -110.70 -50.03
N LYS J 297 76.62 -110.29 -49.01
CA LYS J 297 75.44 -109.45 -49.21
C LYS J 297 75.82 -108.06 -49.72
N MET J 298 76.90 -107.48 -49.18
CA MET J 298 77.36 -106.19 -49.69
C MET J 298 77.90 -106.33 -51.11
N THR J 299 78.39 -107.53 -51.46
CA THR J 299 78.72 -107.81 -52.85
C THR J 299 77.45 -108.10 -53.65
N ASP J 300 76.45 -108.72 -53.00
CA ASP J 300 75.16 -108.97 -53.65
C ASP J 300 74.47 -107.65 -53.97
N TYR J 301 74.53 -106.68 -53.07
CA TYR J 301 73.93 -105.39 -53.33
C TYR J 301 74.78 -104.55 -54.27
N ALA J 302 76.08 -104.85 -54.36
CA ALA J 302 76.94 -104.09 -55.26
C ALA J 302 76.71 -104.47 -56.71
N LYS J 303 76.47 -105.76 -56.98
CA LYS J 303 76.22 -106.17 -58.36
C LYS J 303 74.81 -105.83 -58.81
N LYS J 304 73.83 -106.02 -57.92
CA LYS J 304 72.44 -105.77 -58.29
C LYS J 304 72.17 -104.28 -58.34
N ARG J 305 72.22 -103.64 -57.18
CA ARG J 305 72.00 -102.21 -57.04
C ARG J 305 73.33 -101.47 -56.95
N GLY J 306 73.30 -100.24 -56.47
CA GLY J 306 74.53 -99.49 -56.31
C GLY J 306 75.17 -99.87 -55.00
N TRP J 307 75.27 -98.91 -54.06
CA TRP J 307 75.97 -99.07 -52.78
C TRP J 307 77.42 -99.51 -53.01
N VAL J 308 78.06 -98.85 -53.98
CA VAL J 308 79.39 -99.27 -54.42
C VAL J 308 80.41 -98.78 -53.41
N LEU J 309 81.20 -99.71 -52.88
CA LEU J 309 82.25 -99.40 -51.92
C LEU J 309 83.40 -98.74 -52.66
N GLY J 310 83.72 -97.50 -52.28
CA GLY J 310 84.88 -96.82 -52.78
C GLY J 310 85.93 -96.69 -51.70
N PRO J 311 86.27 -95.45 -51.34
CA PRO J 311 87.25 -95.22 -50.26
C PRO J 311 86.59 -95.28 -48.88
N ASN J 312 86.10 -96.46 -48.52
CA ASN J 312 85.38 -96.75 -47.27
C ASN J 312 84.15 -95.86 -47.13
N ASN J 313 83.40 -95.71 -48.21
CA ASN J 313 82.27 -94.79 -48.23
C ASN J 313 81.33 -95.22 -49.35
N TYR J 314 80.09 -95.51 -49.00
CA TYR J 314 79.09 -95.89 -49.99
C TYR J 314 78.56 -94.65 -50.69
N TYR J 315 77.75 -94.87 -51.71
CA TYR J 315 77.09 -93.76 -52.40
C TYR J 315 75.68 -94.17 -52.76
N SER J 316 74.70 -93.49 -52.16
CA SER J 316 73.29 -93.69 -52.46
C SER J 316 72.79 -92.51 -53.28
N PHE J 317 72.10 -92.80 -54.38
CA PHE J 317 71.57 -91.71 -55.19
C PHE J 317 70.32 -91.13 -54.54
N ALA J 318 70.06 -89.86 -54.84
CA ALA J 318 68.87 -89.20 -54.31
C ALA J 318 67.64 -89.63 -55.12
N SER J 319 66.62 -90.10 -54.42
CA SER J 319 65.38 -90.54 -55.04
C SER J 319 64.21 -89.63 -54.66
N GLN J 320 64.47 -88.33 -54.58
CA GLN J 320 63.45 -87.33 -54.26
C GLN J 320 62.86 -86.76 -55.55
N GLN J 321 61.90 -85.84 -55.39
CA GLN J 321 61.21 -85.22 -56.52
C GLN J 321 61.68 -83.78 -56.67
N GLN J 322 61.52 -83.23 -57.89
CA GLN J 322 62.03 -81.90 -58.21
C GLN J 322 61.05 -81.11 -59.07
N LYS J 323 59.74 -81.39 -58.91
CA LYS J 323 58.73 -80.93 -59.86
C LYS J 323 58.44 -79.45 -59.68
N PRO J 324 58.72 -78.61 -60.70
CA PRO J 324 58.52 -77.15 -60.56
C PRO J 324 57.08 -76.70 -60.81
N GLU J 325 56.23 -76.77 -59.79
CA GLU J 325 54.80 -76.49 -59.93
C GLU J 325 54.53 -75.00 -60.15
N ASP J 326 53.44 -74.72 -60.87
CA ASP J 326 52.95 -73.37 -61.10
C ASP J 326 51.50 -73.18 -60.69
N THR J 327 50.63 -74.16 -60.95
CA THR J 327 49.35 -74.48 -60.32
C THR J 327 48.23 -73.48 -60.71
N THR J 328 48.59 -72.38 -61.37
CA THR J 328 47.59 -71.63 -62.12
C THR J 328 47.35 -72.23 -63.50
N ILE J 329 48.15 -73.22 -63.87
CA ILE J 329 47.98 -73.99 -65.10
C ILE J 329 46.71 -74.84 -65.05
N PRO J 330 46.33 -75.55 -63.92
CA PRO J 330 45.00 -76.16 -63.91
C PRO J 330 43.88 -75.18 -63.57
N SER J 331 43.75 -74.18 -64.43
CA SER J 331 42.70 -73.19 -64.38
C SER J 331 41.50 -73.57 -65.23
N THR J 332 41.65 -74.58 -66.10
CA THR J 332 40.52 -75.02 -66.91
C THR J 332 39.55 -75.84 -66.09
N GLU J 333 40.07 -76.72 -65.23
CA GLU J 333 39.22 -77.54 -64.37
C GLU J 333 38.50 -76.70 -63.33
N LEU J 334 39.10 -75.55 -62.97
CA LEU J 334 38.44 -74.64 -62.05
C LEU J 334 37.26 -73.95 -62.71
N ALA J 335 37.45 -73.47 -63.95
CA ALA J 335 36.34 -72.92 -64.71
C ALA J 335 35.33 -73.99 -65.06
N LYS J 336 35.78 -75.23 -65.21
CA LYS J 336 34.87 -76.35 -65.35
C LYS J 336 34.02 -76.53 -64.09
N GLN J 337 34.63 -76.35 -62.93
CA GLN J 337 33.88 -76.47 -61.68
C GLN J 337 32.93 -75.30 -61.47
N VAL J 338 33.30 -74.10 -61.93
CA VAL J 338 32.40 -72.95 -61.78
C VAL J 338 31.19 -73.10 -62.68
N ILE J 339 31.38 -73.59 -63.90
CA ILE J 339 30.28 -73.71 -64.86
C ILE J 339 29.31 -74.80 -64.41
N GLU J 340 29.82 -75.95 -63.98
CA GLU J 340 28.96 -77.06 -63.57
C GLU J 340 28.19 -76.73 -62.30
N TYR J 341 28.62 -75.73 -61.53
CA TYR J 341 27.79 -75.23 -60.45
C TYR J 341 26.53 -74.59 -61.01
N ALA J 342 26.70 -73.56 -61.85
CA ALA J 342 25.57 -72.81 -62.38
C ALA J 342 24.75 -73.65 -63.36
N ARG J 343 25.36 -74.69 -63.94
CA ARG J 343 24.57 -75.74 -64.59
C ARG J 343 23.61 -76.38 -63.60
N GLN J 344 24.13 -76.82 -62.46
CA GLN J 344 23.33 -77.50 -61.47
C GLN J 344 22.47 -76.54 -60.68
N LEU J 345 22.83 -75.26 -60.65
CA LEU J 345 21.94 -74.26 -60.07
C LEU J 345 20.69 -74.10 -60.92
N GLU J 346 20.88 -73.95 -62.22
CA GLU J 346 19.78 -73.81 -63.17
C GLU J 346 19.40 -75.16 -63.75
N MET J 347 18.64 -75.11 -64.86
CA MET J 347 18.44 -76.17 -65.84
C MET J 347 17.48 -77.26 -65.35
N ILE J 348 17.12 -77.26 -64.08
CA ILE J 348 16.03 -78.10 -63.60
C ILE J 348 15.11 -77.29 -62.71
N VAL J 349 13.83 -77.26 -63.08
CA VAL J 349 12.88 -76.39 -62.40
C VAL J 349 11.76 -77.21 -61.78
N MET K 1 11.39 -97.92 -29.74
CA MET K 1 11.63 -98.77 -30.91
C MET K 1 12.84 -99.67 -30.72
N SER K 2 12.59 -100.90 -30.30
CA SER K 2 13.64 -101.91 -30.19
C SER K 2 13.94 -102.48 -31.58
N GLU K 3 15.18 -102.90 -31.77
CA GLU K 3 15.62 -103.40 -33.07
C GLU K 3 16.16 -104.82 -33.03
N LYS K 4 15.73 -105.63 -32.06
CA LYS K 4 15.92 -107.09 -32.05
C LYS K 4 17.40 -107.48 -32.00
N LYS K 5 18.23 -106.60 -31.44
CA LYS K 5 19.63 -106.96 -31.22
C LYS K 5 20.05 -106.34 -29.89
N GLN K 6 19.86 -107.10 -28.82
CA GLN K 6 20.36 -106.73 -27.50
C GLN K 6 20.97 -107.96 -26.87
N PRO K 7 22.31 -108.06 -26.89
CA PRO K 7 22.94 -109.14 -26.14
C PRO K 7 22.85 -108.95 -24.64
N VAL K 8 23.25 -107.79 -24.14
CA VAL K 8 23.32 -107.52 -22.70
C VAL K 8 22.43 -106.33 -22.38
N ASP K 9 22.55 -105.29 -23.20
CA ASP K 9 21.92 -104.03 -22.89
C ASP K 9 20.96 -103.60 -24.00
N GLU K 40 27.54 -87.85 -11.46
CA GLU K 40 27.24 -88.41 -10.15
C GLU K 40 28.18 -87.84 -9.10
N ASP K 41 29.47 -88.15 -9.24
CA ASP K 41 30.45 -87.68 -8.27
C ASP K 41 30.95 -86.29 -8.63
N ASN K 42 31.31 -86.09 -9.90
CA ASN K 42 31.61 -84.77 -10.40
C ASN K 42 30.37 -84.25 -11.14
N TRP K 43 30.50 -83.07 -11.74
CA TRP K 43 29.48 -82.59 -12.66
C TRP K 43 29.97 -82.79 -14.10
N ASP K 44 31.07 -82.17 -14.48
CA ASP K 44 31.76 -82.49 -15.72
C ASP K 44 33.24 -82.20 -15.56
N ASP K 45 34.04 -83.24 -15.36
CA ASP K 45 35.46 -83.06 -15.08
C ASP K 45 36.32 -84.05 -15.86
N ASP K 46 35.81 -84.59 -16.98
CA ASP K 46 36.58 -85.55 -17.75
C ASP K 46 37.73 -84.87 -18.49
N ASN K 47 37.51 -83.63 -18.95
CA ASN K 47 38.47 -82.97 -19.82
C ASN K 47 39.76 -82.63 -19.07
N VAL K 48 39.64 -82.16 -17.84
CA VAL K 48 40.82 -81.91 -17.02
C VAL K 48 41.46 -83.23 -16.63
N GLU K 49 40.65 -84.24 -16.35
CA GLU K 49 41.19 -85.52 -15.92
C GLU K 49 41.76 -86.32 -17.09
N ASP K 50 41.17 -86.19 -18.29
CA ASP K 50 41.83 -86.73 -19.47
C ASP K 50 43.11 -85.98 -19.78
N ASP K 51 43.16 -84.70 -19.43
CA ASP K 51 44.41 -83.97 -19.57
C ASP K 51 45.36 -84.30 -18.42
N PHE K 52 44.95 -84.00 -17.19
CA PHE K 52 45.78 -84.23 -16.00
C PHE K 52 45.02 -85.15 -15.05
N SER K 53 45.51 -86.38 -14.87
CA SER K 53 44.87 -87.31 -13.94
C SER K 53 45.62 -87.35 -12.61
N ASN K 54 46.92 -87.60 -12.66
CA ASN K 54 47.73 -87.69 -11.46
C ASN K 54 49.10 -87.05 -11.69
N GLN K 55 49.12 -85.73 -11.54
CA GLN K 55 50.37 -85.01 -11.71
C GLN K 55 50.67 -84.14 -10.50
N LEU K 56 50.58 -84.74 -9.31
CA LEU K 56 50.87 -84.14 -8.00
C LEU K 56 50.11 -82.84 -7.77
N ARG K 57 48.78 -82.96 -7.69
CA ARG K 57 47.83 -81.86 -7.58
C ARG K 57 47.98 -80.99 -6.33
N ALA K 58 48.89 -81.32 -5.41
CA ALA K 58 49.21 -80.39 -4.33
C ALA K 58 49.99 -79.19 -4.86
N GLU K 59 50.82 -79.43 -5.89
CA GLU K 59 51.36 -78.39 -6.78
C GLU K 59 52.26 -77.40 -6.03
N LEU K 60 52.88 -77.90 -4.97
CA LEU K 60 53.65 -77.04 -4.09
C LEU K 60 55.06 -77.58 -3.90
N GLU K 61 55.15 -78.90 -3.88
CA GLU K 61 56.33 -79.55 -3.35
C GLU K 61 57.43 -79.72 -4.38
N LYS K 62 57.11 -79.62 -5.66
CA LYS K 62 58.13 -79.57 -6.69
C LYS K 62 57.90 -78.31 -7.48
N HIS K 63 56.63 -77.95 -7.60
CA HIS K 63 56.25 -76.76 -8.35
C HIS K 63 56.68 -75.50 -7.63
N GLY K 64 56.68 -75.51 -6.31
CA GLY K 64 57.14 -74.36 -5.57
C GLY K 64 58.56 -74.52 -5.09
N TYR K 65 59.10 -75.75 -5.12
CA TYR K 65 60.38 -76.04 -4.49
C TYR K 65 61.47 -76.39 -5.49
N LYS K 66 61.47 -75.76 -6.67
CA LYS K 66 62.60 -75.95 -7.57
C LYS K 66 63.83 -75.18 -7.11
N MET K 67 63.65 -74.14 -6.29
CA MET K 67 64.72 -73.19 -6.03
C MET K 67 65.82 -73.79 -5.16
N GLU K 68 65.46 -74.77 -4.33
CA GLU K 68 66.48 -75.54 -3.63
C GLU K 68 67.29 -76.43 -4.57
N THR K 69 66.72 -76.82 -5.71
CA THR K 69 67.40 -77.72 -6.63
C THR K 69 68.31 -76.98 -7.61
N SER K 70 68.10 -75.68 -7.80
CA SER K 70 68.89 -74.94 -8.75
C SER K 70 69.60 -73.77 -8.07
N GLY L 4 -28.70 -61.29 -3.78
CA GLY L 4 -28.28 -62.21 -2.74
C GLY L 4 -28.56 -61.77 -1.32
N GLY L 5 -28.74 -62.74 -0.42
CA GLY L 5 -28.91 -62.49 0.99
C GLY L 5 -30.35 -62.34 1.42
N ARG L 6 -31.21 -61.79 0.57
CA ARG L 6 -32.63 -61.65 0.87
C ARG L 6 -33.48 -62.36 -0.17
N ASP L 7 -32.89 -63.30 -0.91
CA ASP L 7 -33.62 -64.06 -1.92
C ASP L 7 -34.28 -65.26 -1.24
N LYS L 8 -35.29 -64.96 -0.43
CA LYS L 8 -36.06 -66.02 0.22
C LYS L 8 -37.00 -66.68 -0.79
N ALA L 9 -37.82 -65.88 -1.45
CA ALA L 9 -38.78 -66.32 -2.45
C ALA L 9 -38.16 -66.91 -3.73
N PRO L 10 -36.92 -66.53 -4.17
CA PRO L 10 -36.30 -67.36 -5.22
C PRO L 10 -35.59 -68.62 -4.71
N VAL L 11 -35.86 -69.04 -3.47
CA VAL L 11 -35.25 -70.26 -2.95
C VAL L 11 -36.30 -71.24 -2.45
N GLN L 12 -37.15 -70.79 -1.53
CA GLN L 12 -38.08 -71.73 -0.91
C GLN L 12 -39.29 -72.02 -1.82
N PRO L 13 -39.88 -71.05 -2.54
CA PRO L 13 -40.72 -71.41 -3.69
C PRO L 13 -39.96 -71.86 -4.93
N GLN L 14 -38.64 -71.92 -4.89
CA GLN L 14 -37.89 -72.64 -5.90
C GLN L 14 -37.72 -74.11 -5.53
N GLN L 15 -37.73 -74.42 -4.24
CA GLN L 15 -37.50 -75.76 -3.73
C GLN L 15 -38.79 -76.54 -3.46
N SER L 16 -39.79 -75.91 -2.84
CA SER L 16 -41.00 -76.61 -2.44
C SER L 16 -41.90 -77.01 -3.61
N PRO L 17 -42.05 -76.22 -4.69
CA PRO L 17 -42.63 -76.82 -5.91
C PRO L 17 -41.70 -77.78 -6.63
N ALA L 18 -40.38 -77.67 -6.43
CA ALA L 18 -39.50 -78.70 -6.95
C ALA L 18 -39.58 -79.97 -6.12
N ALA L 19 -39.90 -79.83 -4.83
CA ALA L 19 -40.18 -80.98 -3.97
C ALA L 19 -41.63 -81.41 -4.04
N ALA L 20 -42.44 -80.78 -4.89
CA ALA L 20 -43.83 -81.20 -5.07
C ALA L 20 -43.93 -82.50 -5.87
N PRO L 21 -43.15 -82.76 -6.93
CA PRO L 21 -43.06 -84.16 -7.41
C PRO L 21 -42.35 -85.08 -6.44
N GLY L 22 -41.47 -84.53 -5.59
CA GLY L 22 -40.91 -85.31 -4.51
C GLY L 22 -41.84 -85.49 -3.34
N GLY L 23 -42.99 -84.83 -3.36
CA GLY L 23 -43.96 -84.95 -2.29
C GLY L 23 -45.41 -84.98 -2.73
N THR L 24 -45.67 -85.33 -3.99
CA THR L 24 -47.03 -85.64 -4.42
C THR L 24 -47.39 -87.06 -4.03
N ASP L 25 -46.65 -88.03 -4.58
CA ASP L 25 -46.71 -89.41 -4.09
C ASP L 25 -45.94 -89.49 -2.78
N GLU L 26 -46.32 -90.48 -1.96
CA GLU L 26 -45.82 -90.82 -0.62
C GLU L 26 -45.83 -89.68 0.40
N LYS L 27 -46.49 -88.56 0.08
CA LYS L 27 -46.68 -87.44 1.00
C LYS L 27 -48.04 -86.83 0.71
N PRO L 28 -49.10 -87.34 1.33
CA PRO L 28 -50.44 -86.79 1.07
C PRO L 28 -50.65 -85.42 1.70
N SER L 29 -49.90 -85.09 2.76
CA SER L 29 -50.04 -83.78 3.39
C SER L 29 -49.21 -82.74 2.65
N GLY L 30 -47.96 -83.07 2.34
CA GLY L 30 -47.08 -82.15 1.63
C GLY L 30 -47.50 -81.87 0.21
N LYS L 31 -48.28 -82.77 -0.40
CA LYS L 31 -48.90 -82.48 -1.68
C LYS L 31 -49.96 -81.40 -1.56
N GLU L 32 -50.68 -81.36 -0.44
CA GLU L 32 -51.83 -80.48 -0.27
C GLU L 32 -51.50 -79.19 0.47
N ARG L 33 -50.81 -79.30 1.60
CA ARG L 33 -50.64 -78.14 2.46
C ARG L 33 -49.53 -77.21 1.95
N ARG L 34 -48.49 -77.76 1.34
CA ARG L 34 -47.51 -76.91 0.68
C ARG L 34 -48.07 -76.29 -0.59
N ASP L 35 -49.05 -76.96 -1.22
CA ASP L 35 -49.72 -76.37 -2.36
C ASP L 35 -50.60 -75.20 -1.90
N ALA L 36 -51.31 -75.36 -0.79
CA ALA L 36 -52.15 -74.29 -0.27
C ALA L 36 -51.30 -73.15 0.28
N GLY L 37 -50.15 -73.47 0.88
CA GLY L 37 -49.21 -72.45 1.27
C GLY L 37 -48.54 -71.75 0.10
N ASP L 38 -48.40 -72.46 -1.02
CA ASP L 38 -47.94 -71.82 -2.25
C ASP L 38 -49.06 -70.97 -2.85
N LYS L 39 -50.30 -71.43 -2.76
CA LYS L 39 -51.40 -70.82 -3.49
C LYS L 39 -51.77 -69.46 -2.91
N ASP L 40 -51.94 -69.39 -1.58
CA ASP L 40 -52.38 -68.15 -0.96
C ASP L 40 -51.28 -67.09 -0.96
N LYS L 41 -50.03 -67.52 -0.86
CA LYS L 41 -48.93 -66.58 -0.80
C LYS L 41 -48.64 -66.00 -2.19
N GLU L 42 -48.74 -66.82 -3.23
CA GLU L 42 -48.64 -66.31 -4.59
C GLU L 42 -49.85 -65.44 -4.94
N GLN L 43 -51.00 -65.76 -4.36
CA GLN L 43 -52.18 -64.90 -4.47
C GLN L 43 -51.97 -63.58 -3.74
N GLU L 44 -51.29 -63.61 -2.59
CA GLU L 44 -51.09 -62.39 -1.81
C GLU L 44 -50.05 -61.47 -2.41
N LEU L 45 -49.02 -62.02 -3.05
CA LEU L 45 -47.99 -61.24 -3.73
C LEU L 45 -48.41 -60.74 -5.10
N SER L 46 -49.71 -60.72 -5.40
CA SER L 46 -50.22 -60.14 -6.63
C SER L 46 -51.34 -59.15 -6.42
N GLU L 47 -52.01 -59.14 -5.26
CA GLU L 47 -53.23 -58.35 -5.11
C GLU L 47 -52.96 -56.87 -4.99
N GLU L 48 -51.85 -56.49 -4.37
CA GLU L 48 -51.44 -55.10 -4.46
C GLU L 48 -50.96 -54.85 -5.88
N ASP L 49 -51.55 -53.87 -6.54
CA ASP L 49 -51.04 -53.44 -7.85
C ASP L 49 -50.06 -52.30 -7.69
N LYS L 50 -49.14 -52.53 -6.75
CA LYS L 50 -48.06 -51.63 -6.40
C LYS L 50 -46.76 -52.40 -6.27
N GLN L 51 -46.78 -53.68 -6.64
CA GLN L 51 -45.60 -54.49 -6.90
C GLN L 51 -45.98 -55.31 -8.12
N LEU L 52 -45.72 -54.80 -9.32
CA LEU L 52 -45.97 -55.63 -10.49
C LEU L 52 -44.95 -56.76 -10.55
N GLN L 53 -43.69 -56.46 -10.21
CA GLN L 53 -42.68 -57.50 -10.09
C GLN L 53 -43.01 -58.38 -8.91
N ASP L 54 -43.35 -59.62 -9.17
CA ASP L 54 -43.76 -60.57 -8.16
C ASP L 54 -42.61 -61.52 -7.91
N GLU L 55 -42.29 -61.73 -6.64
CA GLU L 55 -41.11 -62.53 -6.30
C GLU L 55 -41.30 -64.02 -6.54
N LEU L 56 -42.49 -64.45 -6.94
CA LEU L 56 -42.73 -65.82 -7.39
C LEU L 56 -43.07 -65.93 -8.87
N GLU L 57 -43.96 -65.05 -9.36
CA GLU L 57 -44.67 -65.28 -10.62
C GLU L 57 -43.73 -65.30 -11.83
N MET L 58 -42.59 -64.65 -11.73
CA MET L 58 -41.53 -64.82 -12.73
C MET L 58 -40.24 -65.33 -12.10
N LEU L 59 -40.34 -66.09 -11.03
CA LEU L 59 -39.22 -66.79 -10.41
C LEU L 59 -39.42 -68.30 -10.35
N VAL L 60 -40.67 -68.75 -10.25
CA VAL L 60 -40.91 -70.18 -10.05
C VAL L 60 -40.95 -70.94 -11.37
N GLU L 61 -41.43 -70.32 -12.46
CA GLU L 61 -41.72 -71.06 -13.68
C GLU L 61 -40.48 -71.37 -14.50
N ARG L 62 -39.30 -70.87 -14.08
CA ARG L 62 -38.06 -71.22 -14.76
C ARG L 62 -37.79 -72.72 -14.66
N LEU L 63 -38.18 -73.33 -13.54
CA LEU L 63 -38.36 -74.77 -13.48
C LEU L 63 -39.84 -75.16 -13.43
N GLY L 64 -40.71 -74.25 -13.00
CA GLY L 64 -42.11 -74.56 -12.79
C GLY L 64 -42.92 -74.76 -14.06
N GLU L 65 -42.43 -74.27 -15.19
CA GLU L 65 -43.11 -74.56 -16.46
C GLU L 65 -42.94 -76.03 -16.83
N LYS L 66 -41.71 -76.54 -16.73
CA LYS L 66 -41.49 -77.96 -16.92
C LYS L 66 -42.07 -78.78 -15.77
N ASP L 67 -42.22 -78.17 -14.59
CA ASP L 67 -42.87 -78.86 -13.49
C ASP L 67 -44.36 -79.04 -13.75
N THR L 68 -45.06 -77.96 -14.13
CA THR L 68 -46.50 -78.00 -14.35
C THR L 68 -46.85 -78.89 -15.54
N SER L 69 -45.93 -79.00 -16.50
CA SER L 69 -46.10 -79.96 -17.59
C SER L 69 -46.01 -81.40 -17.11
N LEU L 70 -45.38 -81.64 -15.96
CA LEU L 70 -45.29 -82.96 -15.37
C LEU L 70 -46.09 -83.10 -14.07
N TYR L 71 -46.72 -82.03 -13.62
CA TYR L 71 -47.51 -82.06 -12.39
C TYR L 71 -49.02 -82.12 -12.68
N ARG L 72 -49.50 -81.28 -13.59
CA ARG L 72 -50.93 -81.28 -13.91
C ARG L 72 -51.34 -82.45 -14.81
N PRO L 73 -50.73 -82.70 -16.03
CA PRO L 73 -51.19 -83.84 -16.82
C PRO L 73 -50.80 -85.18 -16.21
N ALA L 74 -49.51 -85.31 -15.89
CA ALA L 74 -48.92 -86.60 -15.56
C ALA L 74 -49.32 -87.13 -14.19
N LEU L 75 -50.09 -86.39 -13.41
CA LEU L 75 -50.60 -86.95 -12.16
C LEU L 75 -51.70 -87.97 -12.42
N GLU L 76 -52.63 -87.64 -13.33
CA GLU L 76 -53.64 -88.54 -13.91
C GLU L 76 -54.66 -89.10 -12.92
N GLU L 77 -54.59 -88.72 -11.65
CA GLU L 77 -55.52 -89.19 -10.64
C GLU L 77 -55.96 -88.00 -9.79
N LEU L 78 -56.33 -86.92 -10.49
CA LEU L 78 -56.56 -85.63 -9.87
C LEU L 78 -57.81 -85.67 -9.00
N ARG L 79 -57.63 -85.28 -7.73
CA ARG L 79 -58.69 -85.29 -6.74
C ARG L 79 -59.63 -84.12 -6.95
N ARG L 80 -60.62 -83.99 -6.07
CA ARG L 80 -61.59 -82.91 -6.14
C ARG L 80 -61.09 -81.63 -5.51
N GLN L 81 -60.03 -81.69 -4.70
CA GLN L 81 -59.51 -80.50 -4.03
C GLN L 81 -58.16 -80.11 -4.61
N ILE L 82 -57.38 -81.11 -5.04
CA ILE L 82 -56.04 -80.81 -5.52
C ILE L 82 -56.09 -80.21 -6.92
N ARG L 83 -57.21 -80.33 -7.63
CA ARG L 83 -57.37 -79.58 -8.87
C ARG L 83 -57.75 -78.14 -8.59
N SER L 84 -58.43 -77.88 -7.47
CA SER L 84 -58.77 -76.54 -7.06
C SER L 84 -57.60 -75.82 -6.39
N SER L 85 -56.52 -76.54 -6.10
CA SER L 85 -55.30 -75.91 -5.59
C SER L 85 -54.25 -75.78 -6.69
N THR L 86 -54.22 -76.72 -7.64
CA THR L 86 -53.28 -76.62 -8.75
C THR L 86 -53.70 -75.55 -9.74
N THR L 87 -54.93 -75.65 -10.25
CA THR L 87 -55.39 -74.75 -11.30
C THR L 87 -55.62 -73.34 -10.79
N SER L 88 -55.89 -73.17 -9.49
CA SER L 88 -55.99 -71.82 -8.94
C SER L 88 -54.62 -71.18 -8.80
N MET L 89 -53.58 -71.98 -8.65
CA MET L 89 -52.23 -71.44 -8.46
C MET L 89 -51.46 -71.37 -9.77
N THR L 90 -51.76 -72.23 -10.74
CA THR L 90 -50.97 -72.31 -11.96
C THR L 90 -51.64 -71.71 -13.19
N SER L 91 -52.91 -71.32 -13.11
CA SER L 91 -53.50 -70.56 -14.20
C SER L 91 -53.19 -69.07 -14.11
N VAL L 92 -52.63 -68.64 -12.99
CA VAL L 92 -52.23 -67.24 -12.83
C VAL L 92 -50.99 -66.90 -13.65
N PRO L 93 -49.85 -67.63 -13.60
CA PRO L 93 -48.68 -67.13 -14.33
C PRO L 93 -48.69 -67.46 -15.82
N LYS L 94 -49.67 -68.21 -16.32
CA LYS L 94 -49.67 -68.66 -17.71
C LYS L 94 -49.70 -67.59 -18.81
N PRO L 95 -50.19 -66.35 -18.63
CA PRO L 95 -49.91 -65.34 -19.68
C PRO L 95 -48.44 -64.98 -19.77
N LEU L 96 -47.68 -65.16 -18.68
CA LEU L 96 -46.27 -64.82 -18.68
C LEU L 96 -45.37 -66.05 -18.59
N LYS L 97 -45.94 -67.21 -18.24
CA LYS L 97 -45.25 -68.47 -18.49
C LYS L 97 -45.06 -68.69 -19.99
N PHE L 98 -46.09 -68.39 -20.76
CA PHE L 98 -46.09 -68.69 -22.19
C PHE L 98 -45.90 -67.42 -23.00
N LEU L 99 -45.35 -67.60 -24.19
CA LEU L 99 -45.17 -66.51 -25.14
C LEU L 99 -46.41 -66.43 -26.03
N ARG L 100 -46.32 -65.65 -27.11
CA ARG L 100 -47.45 -65.26 -27.95
C ARG L 100 -48.29 -66.37 -28.57
N PRO L 101 -47.79 -67.62 -28.76
CA PRO L 101 -48.74 -68.74 -28.89
C PRO L 101 -49.23 -69.29 -27.56
N HIS L 102 -49.56 -68.41 -26.62
CA HIS L 102 -50.43 -68.76 -25.51
C HIS L 102 -51.88 -68.87 -25.97
N TYR L 103 -52.20 -68.22 -27.10
CA TYR L 103 -53.58 -68.00 -27.55
C TYR L 103 -54.32 -69.28 -27.87
N GLY L 104 -53.62 -70.37 -28.13
CA GLY L 104 -54.27 -71.65 -28.29
C GLY L 104 -54.32 -72.46 -27.01
N LYS L 105 -53.59 -72.02 -25.99
CA LYS L 105 -53.42 -72.81 -24.77
C LYS L 105 -53.55 -71.94 -23.52
N LEU L 106 -54.61 -71.13 -23.46
CA LEU L 106 -55.04 -70.59 -22.17
C LEU L 106 -55.93 -71.58 -21.42
N LYS L 107 -55.94 -72.85 -21.83
CA LYS L 107 -56.87 -73.86 -21.34
C LYS L 107 -56.19 -75.10 -20.79
N GLU L 108 -54.93 -75.37 -21.15
CA GLU L 108 -54.26 -76.60 -20.75
C GLU L 108 -53.85 -76.59 -19.29
N ILE L 109 -53.98 -75.47 -18.60
CA ILE L 109 -54.00 -75.43 -17.15
C ILE L 109 -55.39 -75.08 -16.62
N TYR L 110 -56.04 -74.10 -17.24
CA TYR L 110 -57.27 -73.56 -16.69
C TYR L 110 -58.45 -74.49 -16.93
N GLU L 111 -58.70 -74.86 -18.18
CA GLU L 111 -59.93 -75.55 -18.56
C GLU L 111 -59.84 -77.07 -18.34
N ASN L 112 -58.83 -77.55 -17.62
CA ASN L 112 -58.92 -78.88 -17.03
C ASN L 112 -60.09 -78.94 -16.07
N MET L 113 -60.14 -77.98 -15.14
CA MET L 113 -61.34 -77.63 -14.40
C MET L 113 -61.14 -76.22 -13.87
N ALA L 114 -62.02 -75.31 -14.24
CA ALA L 114 -62.00 -73.97 -13.67
C ALA L 114 -62.39 -74.03 -12.20
N PRO L 115 -61.49 -73.73 -11.27
CA PRO L 115 -61.80 -73.96 -9.85
C PRO L 115 -62.78 -72.97 -9.27
N GLY L 116 -64.04 -73.38 -9.17
CA GLY L 116 -65.06 -72.63 -8.47
C GLY L 116 -65.41 -71.27 -9.02
N GLU L 117 -64.95 -70.23 -8.33
CA GLU L 117 -65.47 -68.87 -8.45
C GLU L 117 -64.30 -67.89 -8.60
N ASN L 118 -63.45 -68.14 -9.61
CA ASN L 118 -62.09 -67.63 -9.82
C ASN L 118 -61.83 -66.16 -9.49
N LYS L 119 -62.87 -65.33 -9.54
CA LYS L 119 -62.81 -63.98 -9.00
C LYS L 119 -62.75 -63.94 -7.47
N ARG L 120 -62.91 -65.09 -6.78
CA ARG L 120 -62.77 -65.13 -5.33
C ARG L 120 -61.35 -64.77 -4.89
N PHE L 121 -60.36 -65.12 -5.71
CA PHE L 121 -58.98 -64.69 -5.49
C PHE L 121 -58.57 -63.68 -6.56
N ALA L 122 -59.55 -63.10 -7.25
CA ALA L 122 -59.29 -62.09 -8.26
C ALA L 122 -60.30 -60.94 -8.19
N ALA L 123 -60.77 -60.58 -6.99
CA ALA L 123 -61.81 -59.56 -6.88
C ALA L 123 -61.22 -58.14 -6.89
N ASP L 124 -60.36 -57.83 -5.93
CA ASP L 124 -59.88 -56.46 -5.76
C ASP L 124 -58.79 -56.09 -6.76
N ILE L 125 -58.21 -57.05 -7.46
CA ILE L 125 -57.20 -56.78 -8.46
C ILE L 125 -57.88 -56.45 -9.78
N ILE L 126 -57.33 -55.47 -10.50
CA ILE L 126 -58.03 -54.93 -11.66
C ILE L 126 -57.88 -55.86 -12.86
N SER L 127 -56.66 -56.04 -13.35
CA SER L 127 -56.48 -56.86 -14.53
C SER L 127 -55.20 -57.68 -14.53
N VAL L 128 -54.39 -57.65 -13.46
CA VAL L 128 -53.09 -58.31 -13.49
C VAL L 128 -53.28 -59.82 -13.30
N LEU L 129 -54.29 -60.24 -12.56
CA LEU L 129 -54.47 -61.66 -12.27
C LEU L 129 -55.00 -62.39 -13.48
N ALA L 130 -56.25 -62.12 -13.84
CA ALA L 130 -56.88 -62.88 -14.92
C ALA L 130 -57.77 -62.05 -15.84
N MET L 131 -57.96 -60.76 -15.59
CA MET L 131 -58.93 -60.02 -16.38
C MET L 131 -58.36 -59.63 -17.74
N THR L 132 -57.07 -59.33 -17.79
CA THR L 132 -56.39 -59.27 -19.09
C THR L 132 -56.37 -60.66 -19.73
N MET L 133 -56.14 -61.69 -18.91
CA MET L 133 -56.16 -63.07 -19.40
C MET L 133 -57.55 -63.48 -19.86
N SER L 134 -58.60 -62.90 -19.25
CA SER L 134 -59.97 -63.18 -19.69
C SER L 134 -60.24 -62.57 -21.06
N GLY L 135 -59.71 -61.38 -21.31
CA GLY L 135 -59.80 -60.80 -22.64
C GLY L 135 -58.98 -61.55 -23.66
N GLU L 136 -57.91 -62.21 -23.22
CA GLU L 136 -57.11 -63.05 -24.10
C GLU L 136 -57.88 -64.31 -24.50
N ARG L 137 -58.77 -64.79 -23.61
CA ARG L 137 -59.62 -65.91 -23.98
C ARG L 137 -60.69 -65.49 -24.99
N GLU L 138 -61.31 -64.34 -24.77
CA GLU L 138 -62.42 -63.94 -25.63
C GLU L 138 -61.94 -63.40 -26.97
N CYS L 139 -60.67 -62.98 -27.05
CA CYS L 139 -60.11 -62.53 -28.32
C CYS L 139 -60.02 -63.67 -29.33
N LEU L 140 -59.22 -64.69 -29.02
CA LEU L 140 -58.85 -65.71 -29.99
C LEU L 140 -59.58 -67.02 -29.77
N LYS L 141 -59.75 -67.45 -28.51
CA LYS L 141 -60.27 -68.79 -28.24
C LYS L 141 -61.78 -68.86 -28.52
N TYR L 142 -62.52 -67.85 -28.08
CA TYR L 142 -63.96 -67.88 -28.29
C TYR L 142 -64.33 -67.59 -29.74
N ARG L 143 -63.50 -66.82 -30.44
CA ARG L 143 -63.83 -66.45 -31.81
C ARG L 143 -63.68 -67.62 -32.77
N LEU L 144 -62.66 -68.47 -32.55
CA LEU L 144 -62.52 -69.67 -33.37
C LEU L 144 -63.61 -70.68 -33.08
N VAL L 145 -64.09 -70.74 -31.83
CA VAL L 145 -65.27 -71.53 -31.53
C VAL L 145 -66.50 -70.89 -32.14
N GLY L 146 -66.73 -69.62 -31.83
CA GLY L 146 -67.90 -68.91 -32.31
C GLY L 146 -67.80 -68.32 -33.70
N SER L 147 -66.94 -68.90 -34.55
CA SER L 147 -66.94 -68.51 -35.96
C SER L 147 -68.09 -69.15 -36.71
N GLN L 148 -68.30 -70.45 -36.51
CA GLN L 148 -69.43 -71.18 -37.06
C GLN L 148 -70.12 -72.07 -36.05
N GLU L 149 -69.57 -72.18 -34.84
CA GLU L 149 -70.00 -73.15 -33.83
C GLU L 149 -70.19 -72.39 -32.51
N GLU L 150 -71.03 -71.35 -32.57
CA GLU L 150 -71.41 -70.62 -31.36
C GLU L 150 -72.06 -71.54 -30.34
N LEU L 151 -73.11 -72.25 -30.75
CA LEU L 151 -73.78 -73.21 -29.87
C LEU L 151 -72.88 -74.43 -29.69
N ALA L 152 -72.09 -74.46 -28.63
CA ALA L 152 -71.02 -75.43 -28.50
C ALA L 152 -70.82 -75.76 -27.03
N SER L 153 -69.63 -76.29 -26.72
CA SER L 153 -69.28 -76.85 -25.42
C SER L 153 -68.97 -75.78 -24.38
N TRP L 154 -68.30 -76.22 -23.31
CA TRP L 154 -67.82 -75.43 -22.16
C TRP L 154 -67.10 -74.13 -22.54
N GLY L 155 -66.48 -74.10 -23.72
CA GLY L 155 -65.95 -72.87 -24.29
C GLY L 155 -66.99 -71.84 -24.69
N HIS L 156 -68.28 -72.18 -24.62
CA HIS L 156 -69.38 -71.24 -24.76
C HIS L 156 -70.29 -71.22 -23.55
N GLU L 157 -70.53 -72.37 -22.94
CA GLU L 157 -71.60 -72.51 -21.95
C GLU L 157 -71.27 -71.80 -20.66
N TYR L 158 -70.19 -72.21 -19.99
CA TYR L 158 -69.73 -71.49 -18.81
C TYR L 158 -69.13 -70.13 -19.17
N VAL L 159 -68.57 -70.02 -20.38
CA VAL L 159 -67.92 -68.81 -20.87
C VAL L 159 -68.92 -67.65 -20.99
N ARG L 160 -70.20 -67.96 -21.24
CA ARG L 160 -71.26 -66.95 -21.19
C ARG L 160 -71.33 -66.29 -19.83
N HIS L 161 -71.58 -67.08 -18.78
CA HIS L 161 -71.69 -66.52 -17.44
C HIS L 161 -70.34 -66.09 -16.89
N LEU L 162 -69.25 -66.71 -17.38
CA LEU L 162 -67.92 -66.23 -17.05
C LEU L 162 -67.68 -64.83 -17.57
N ALA L 163 -68.07 -64.58 -18.83
CA ALA L 163 -68.02 -63.22 -19.35
C ALA L 163 -69.10 -62.35 -18.73
N GLY L 164 -70.15 -62.95 -18.17
CA GLY L 164 -71.18 -62.16 -17.51
C GLY L 164 -70.68 -61.53 -16.22
N GLU L 165 -70.05 -62.34 -15.36
CA GLU L 165 -69.57 -61.81 -14.09
C GLU L 165 -68.34 -60.93 -14.27
N VAL L 166 -67.52 -61.19 -15.30
CA VAL L 166 -66.39 -60.32 -15.59
C VAL L 166 -66.89 -58.96 -16.07
N ALA L 167 -67.91 -58.94 -16.91
CA ALA L 167 -68.49 -57.67 -17.35
C ALA L 167 -69.20 -56.94 -16.22
N LYS L 168 -69.68 -57.66 -15.21
CA LYS L 168 -70.12 -56.99 -14.00
C LYS L 168 -68.94 -56.45 -13.21
N GLU L 169 -67.80 -57.15 -13.27
CA GLU L 169 -66.64 -56.76 -12.47
C GLU L 169 -65.97 -55.49 -12.98
N TRP L 170 -66.15 -55.15 -14.26
CA TRP L 170 -65.59 -53.90 -14.77
C TRP L 170 -66.29 -52.69 -14.13
N GLN L 171 -67.60 -52.73 -14.01
CA GLN L 171 -68.28 -51.71 -13.20
C GLN L 171 -68.52 -52.19 -11.78
N GLU L 172 -67.53 -52.80 -11.13
CA GLU L 172 -67.71 -53.18 -9.73
C GLU L 172 -66.58 -52.64 -8.86
N LEU L 173 -65.34 -52.87 -9.28
CA LEU L 173 -64.15 -52.62 -8.48
C LEU L 173 -63.98 -51.14 -8.18
N ASP L 174 -63.75 -50.34 -9.23
CA ASP L 174 -63.44 -48.93 -9.09
C ASP L 174 -64.43 -48.04 -9.82
N ASP L 175 -65.21 -48.60 -10.76
CA ASP L 175 -66.13 -47.88 -11.65
C ASP L 175 -65.40 -46.78 -12.41
N ALA L 176 -64.19 -47.07 -12.87
CA ALA L 176 -63.35 -46.14 -13.62
C ALA L 176 -63.78 -46.15 -15.08
N GLU L 177 -62.93 -45.63 -15.97
CA GLU L 177 -63.19 -45.66 -17.43
C GLU L 177 -63.16 -47.10 -18.05
N LYS L 178 -62.98 -48.16 -17.24
CA LYS L 178 -63.22 -49.55 -17.60
C LYS L 178 -64.70 -49.89 -17.76
N VAL L 179 -65.60 -48.91 -17.55
CA VAL L 179 -66.97 -49.05 -18.02
C VAL L 179 -66.98 -49.29 -19.53
N GLN L 180 -66.20 -48.49 -20.26
CA GLN L 180 -66.08 -48.66 -21.70
C GLN L 180 -65.32 -49.92 -22.08
N ARG L 181 -64.62 -50.56 -21.14
CA ARG L 181 -64.03 -51.86 -21.41
C ARG L 181 -65.09 -52.94 -21.57
N GLU L 182 -66.30 -52.72 -21.04
CA GLU L 182 -67.35 -53.70 -21.23
C GLU L 182 -67.83 -53.77 -22.69
N PRO L 183 -68.05 -52.66 -23.43
CA PRO L 183 -68.22 -52.82 -24.88
C PRO L 183 -66.98 -53.29 -25.61
N LEU L 184 -65.79 -53.05 -25.06
CA LEU L 184 -64.59 -53.70 -25.59
C LEU L 184 -64.65 -55.21 -25.38
N LEU L 185 -65.34 -55.67 -24.34
CA LEU L 185 -65.45 -57.10 -24.10
C LEU L 185 -66.65 -57.68 -24.84
N THR L 186 -67.75 -56.93 -24.89
CA THR L 186 -69.01 -57.48 -25.40
C THR L 186 -68.99 -57.59 -26.92
N LEU L 187 -68.16 -56.78 -27.59
CA LEU L 187 -68.14 -56.80 -29.04
C LEU L 187 -67.06 -57.71 -29.61
N VAL L 188 -65.95 -57.87 -28.90
CA VAL L 188 -64.95 -58.85 -29.33
C VAL L 188 -65.48 -60.27 -29.16
N LYS L 189 -66.11 -60.55 -28.02
CA LYS L 189 -66.85 -61.78 -27.84
C LYS L 189 -68.07 -61.78 -28.74
N GLU L 190 -68.18 -62.79 -29.62
CA GLU L 190 -69.30 -63.03 -30.55
C GLU L 190 -69.72 -61.76 -31.29
N ILE L 191 -68.82 -61.37 -32.21
CA ILE L 191 -68.90 -60.12 -32.97
C ILE L 191 -70.25 -59.99 -33.68
N VAL L 192 -70.65 -61.02 -34.42
CA VAL L 192 -71.93 -61.01 -35.11
C VAL L 192 -73.07 -61.32 -34.14
N PRO L 193 -72.98 -62.36 -33.14
CA PRO L 193 -74.00 -62.47 -32.09
C PRO L 193 -73.80 -61.50 -30.93
N TYR L 194 -73.59 -60.22 -31.26
CA TYR L 194 -73.40 -59.19 -30.25
C TYR L 194 -74.65 -59.03 -29.38
N ASN L 195 -75.83 -59.13 -29.99
CA ASN L 195 -77.08 -59.01 -29.26
C ASN L 195 -77.28 -60.16 -28.29
N MET L 196 -76.81 -61.36 -28.64
CA MET L 196 -76.87 -62.49 -27.71
C MET L 196 -75.94 -62.26 -26.52
N ALA L 197 -74.84 -61.55 -26.75
CA ALA L 197 -74.04 -61.06 -25.64
C ALA L 197 -74.70 -59.87 -24.96
N HIS L 198 -75.22 -58.93 -25.76
CA HIS L 198 -75.77 -57.69 -25.23
C HIS L 198 -77.09 -57.88 -24.49
N ASN L 199 -77.86 -58.92 -24.78
CA ASN L 199 -79.16 -59.10 -24.12
C ASN L 199 -78.97 -59.38 -22.64
N ALA L 200 -77.97 -60.19 -22.29
CA ALA L 200 -77.59 -60.32 -20.89
C ALA L 200 -76.95 -59.03 -20.38
N GLU L 201 -76.21 -58.34 -21.25
CA GLU L 201 -75.54 -57.11 -20.82
C GLU L 201 -76.49 -55.92 -20.86
N HIS L 202 -77.64 -56.05 -21.51
CA HIS L 202 -78.68 -55.04 -21.37
C HIS L 202 -79.30 -55.09 -19.98
N GLU L 203 -79.75 -56.27 -19.57
CA GLU L 203 -80.40 -56.44 -18.29
C GLU L 203 -79.43 -56.24 -17.12
N ALA L 204 -78.16 -56.59 -17.33
CA ALA L 204 -77.15 -56.30 -16.32
C ALA L 204 -76.90 -54.80 -16.21
N CYS L 205 -76.97 -54.08 -17.33
CA CYS L 205 -76.80 -52.63 -17.29
C CYS L 205 -78.04 -51.94 -16.71
N ASP L 206 -79.21 -52.56 -16.85
CA ASP L 206 -80.44 -51.99 -16.32
C ASP L 206 -80.41 -51.96 -14.79
N LEU L 207 -79.76 -52.96 -14.19
CA LEU L 207 -79.58 -53.02 -12.75
C LEU L 207 -78.18 -52.60 -12.31
N LEU L 208 -77.40 -52.01 -13.20
CA LEU L 208 -76.03 -51.61 -12.86
C LEU L 208 -76.01 -50.26 -12.15
N MET L 209 -76.44 -49.21 -12.84
CA MET L 209 -76.39 -47.85 -12.32
C MET L 209 -77.38 -47.03 -13.14
N GLU L 210 -77.72 -45.85 -12.64
CA GLU L 210 -78.48 -44.89 -13.41
C GLU L 210 -77.75 -43.56 -13.55
N ILE L 211 -76.54 -43.45 -13.01
CA ILE L 211 -75.67 -42.32 -13.24
C ILE L 211 -74.52 -42.69 -14.17
N GLU L 212 -74.08 -43.94 -14.12
CA GLU L 212 -73.01 -44.45 -14.97
C GLU L 212 -73.59 -45.16 -16.19
N GLN L 213 -74.66 -44.59 -16.73
CA GLN L 213 -75.18 -45.00 -18.02
C GLN L 213 -74.66 -44.14 -19.16
N VAL L 214 -74.53 -42.84 -18.93
CA VAL L 214 -74.51 -41.87 -20.03
C VAL L 214 -73.19 -41.87 -20.79
N ASP L 215 -72.06 -42.14 -20.14
CA ASP L 215 -70.81 -42.14 -20.91
C ASP L 215 -70.64 -43.45 -21.68
N MET L 216 -71.17 -44.55 -21.16
CA MET L 216 -71.25 -45.76 -21.95
C MET L 216 -72.32 -45.62 -23.03
N LEU L 217 -73.37 -44.84 -22.75
CA LEU L 217 -74.42 -44.55 -23.73
C LEU L 217 -73.86 -43.82 -24.94
N GLU L 218 -73.01 -42.82 -24.73
CA GLU L 218 -72.37 -42.16 -25.86
C GLU L 218 -71.18 -42.95 -26.40
N LYS L 219 -70.66 -43.91 -25.62
CA LYS L 219 -69.63 -44.81 -26.14
C LYS L 219 -70.19 -45.72 -27.22
N ASP L 220 -71.46 -46.13 -27.07
CA ASP L 220 -72.10 -46.98 -28.05
C ASP L 220 -72.30 -46.25 -29.38
N ILE L 221 -72.84 -45.04 -29.32
CA ILE L 221 -73.13 -44.29 -30.53
C ILE L 221 -71.84 -43.78 -31.19
N ASP L 222 -70.75 -43.66 -30.43
CA ASP L 222 -69.47 -43.36 -31.07
C ASP L 222 -68.96 -44.58 -31.81
N GLU L 223 -69.15 -45.77 -31.24
CA GLU L 223 -68.88 -47.00 -31.96
C GLU L 223 -69.90 -47.26 -33.05
N ASN L 224 -71.11 -46.70 -32.92
CA ASN L 224 -72.12 -46.80 -33.96
C ASN L 224 -72.00 -45.71 -35.02
N ALA L 225 -70.95 -44.89 -34.96
CA ALA L 225 -70.72 -43.92 -36.03
C ALA L 225 -70.24 -44.61 -37.30
N TYR L 226 -69.60 -45.76 -37.17
CA TYR L 226 -69.13 -46.57 -38.28
C TYR L 226 -68.86 -47.98 -37.77
N ALA L 227 -69.27 -48.95 -38.57
CA ALA L 227 -69.09 -50.37 -38.24
C ALA L 227 -69.22 -51.15 -39.55
N LYS L 228 -69.37 -52.47 -39.43
CA LYS L 228 -69.79 -53.31 -40.54
C LYS L 228 -71.30 -53.10 -40.74
N VAL L 229 -71.85 -53.62 -41.85
CA VAL L 229 -73.29 -53.54 -42.10
C VAL L 229 -74.08 -54.24 -40.99
N CYS L 230 -73.66 -55.44 -40.63
CA CYS L 230 -74.38 -56.21 -39.60
C CYS L 230 -74.11 -55.67 -38.20
N LEU L 231 -72.92 -55.14 -37.93
CA LEU L 231 -72.64 -54.56 -36.62
C LEU L 231 -73.41 -53.26 -36.40
N TYR L 232 -73.49 -52.42 -37.44
CA TYR L 232 -74.34 -51.25 -37.39
C TYR L 232 -75.80 -51.63 -37.36
N LEU L 233 -76.13 -52.81 -37.90
CA LEU L 233 -77.48 -53.36 -37.79
C LEU L 233 -77.78 -53.86 -36.37
N THR L 234 -76.76 -54.29 -35.63
CA THR L 234 -76.98 -54.95 -34.35
C THR L 234 -76.87 -53.99 -33.17
N SER L 235 -75.75 -53.29 -33.05
CA SER L 235 -75.50 -52.47 -31.87
C SER L 235 -76.33 -51.20 -31.85
N CYS L 236 -76.98 -50.84 -32.96
CA CYS L 236 -77.88 -49.70 -32.94
C CYS L 236 -79.23 -50.07 -32.33
N VAL L 237 -79.69 -51.30 -32.54
CA VAL L 237 -80.95 -51.69 -31.90
C VAL L 237 -80.69 -52.14 -30.46
N ASN L 238 -79.45 -52.55 -30.15
CA ASN L 238 -79.06 -52.70 -28.74
C ASN L 238 -79.02 -51.34 -28.05
N TYR L 239 -78.72 -50.28 -28.80
CA TYR L 239 -78.66 -48.93 -28.25
C TYR L 239 -80.03 -48.42 -27.84
N VAL L 240 -81.11 -48.94 -28.45
CA VAL L 240 -82.44 -48.36 -28.26
C VAL L 240 -82.97 -48.47 -26.84
N PRO L 241 -83.08 -49.66 -26.22
CA PRO L 241 -83.87 -49.72 -24.98
C PRO L 241 -83.14 -49.23 -23.73
N GLU L 242 -81.92 -48.72 -23.83
CA GLU L 242 -81.19 -48.34 -22.62
C GLU L 242 -81.71 -47.02 -22.03
N PRO L 243 -82.05 -45.97 -22.81
CA PRO L 243 -82.89 -44.91 -22.25
C PRO L 243 -84.39 -45.22 -22.21
N GLU L 244 -84.79 -46.43 -22.57
CA GLU L 244 -86.18 -46.84 -22.44
C GLU L 244 -86.42 -47.70 -21.20
N ASN L 245 -85.47 -48.55 -20.86
CA ASN L 245 -85.65 -49.51 -19.77
C ASN L 245 -84.88 -49.14 -18.52
N SER L 246 -83.58 -48.87 -18.64
CA SER L 246 -82.78 -48.50 -17.47
C SER L 246 -83.16 -47.12 -16.96
N ALA L 247 -82.92 -46.10 -17.78
CA ALA L 247 -83.34 -44.75 -17.47
C ALA L 247 -84.56 -44.40 -18.31
N LEU L 248 -85.11 -43.23 -18.06
CA LEU L 248 -86.18 -42.66 -18.89
C LEU L 248 -85.81 -41.24 -19.28
N LEU L 249 -84.58 -41.06 -19.77
CA LEU L 249 -84.20 -39.83 -20.44
C LEU L 249 -85.11 -39.60 -21.65
N ARG L 250 -85.18 -40.58 -22.54
CA ARG L 250 -86.30 -40.94 -23.43
C ARG L 250 -86.75 -39.83 -24.38
N CYS L 251 -86.14 -38.66 -24.34
CA CYS L 251 -86.43 -37.64 -25.34
C CYS L 251 -85.45 -37.75 -26.50
N ALA L 252 -84.46 -38.62 -26.36
CA ALA L 252 -83.57 -39.01 -27.43
C ALA L 252 -84.13 -40.18 -28.24
N LEU L 253 -85.44 -40.36 -28.27
CA LEU L 253 -85.99 -41.44 -29.07
C LEU L 253 -86.06 -41.06 -30.54
N GLY L 254 -86.86 -40.04 -30.86
CA GLY L 254 -87.33 -39.75 -32.21
C GLY L 254 -86.30 -39.55 -33.31
N VAL L 255 -85.27 -38.74 -33.02
CA VAL L 255 -84.20 -38.52 -33.98
C VAL L 255 -83.11 -39.57 -33.84
N PHE L 256 -82.84 -40.04 -32.62
CA PHE L 256 -81.74 -40.95 -32.42
C PHE L 256 -82.17 -42.41 -32.56
N ARG L 257 -83.43 -42.64 -32.92
CA ARG L 257 -83.87 -43.92 -33.45
C ARG L 257 -84.33 -43.80 -34.88
N LYS L 258 -84.37 -42.58 -35.42
CA LYS L 258 -84.26 -42.39 -36.86
C LYS L 258 -82.89 -42.82 -37.36
N PHE L 259 -81.89 -42.80 -36.47
CA PHE L 259 -80.70 -43.64 -36.59
C PHE L 259 -81.06 -45.07 -36.97
N SER L 260 -82.01 -45.66 -36.24
CA SER L 260 -82.34 -47.07 -36.36
C SER L 260 -83.61 -47.33 -37.17
N ARG L 261 -84.09 -46.35 -37.92
CA ARG L 261 -85.31 -46.56 -38.70
C ARG L 261 -85.02 -47.37 -39.96
N PHE L 262 -84.21 -46.82 -40.85
CA PHE L 262 -83.83 -47.48 -42.09
C PHE L 262 -82.96 -48.74 -41.98
N PRO L 263 -81.94 -48.86 -41.05
CA PRO L 263 -81.17 -50.13 -40.99
C PRO L 263 -81.95 -51.36 -40.57
N GLU L 264 -82.58 -51.32 -39.40
CA GLU L 264 -83.18 -52.56 -38.85
C GLU L 264 -84.53 -52.86 -39.49
N ALA L 265 -85.51 -52.00 -39.28
CA ALA L 265 -86.84 -52.16 -39.85
C ALA L 265 -87.57 -50.82 -39.79
N LEU L 266 -88.26 -50.49 -40.88
CA LEU L 266 -89.04 -49.26 -40.93
C LEU L 266 -90.19 -49.30 -39.92
N ARG L 267 -90.79 -50.47 -39.73
CA ARG L 267 -91.84 -50.62 -38.74
C ARG L 267 -91.30 -50.60 -37.31
N LEU L 268 -90.00 -50.88 -37.13
CA LEU L 268 -89.44 -50.94 -35.79
C LEU L 268 -89.40 -49.56 -35.14
N ALA L 269 -88.95 -48.55 -35.88
CA ALA L 269 -89.07 -47.18 -35.40
C ALA L 269 -90.52 -46.71 -35.39
N LEU L 270 -91.38 -47.32 -36.21
CA LEU L 270 -92.80 -47.05 -36.09
C LEU L 270 -93.37 -47.69 -34.83
N MET L 271 -92.80 -48.83 -34.42
CA MET L 271 -93.10 -49.34 -33.08
C MET L 271 -92.47 -48.47 -32.01
N LEU L 272 -91.36 -47.80 -32.35
CA LEU L 272 -90.81 -46.79 -31.44
C LEU L 272 -91.59 -45.49 -31.55
N ASN L 273 -92.17 -45.21 -32.72
CA ASN L 273 -93.19 -44.17 -32.81
C ASN L 273 -94.42 -44.55 -31.98
N ASP L 274 -94.71 -45.86 -31.90
CA ASP L 274 -95.72 -46.32 -30.95
C ASP L 274 -95.22 -46.17 -29.52
N MET L 275 -93.91 -46.41 -29.30
CA MET L 275 -93.35 -46.17 -27.98
C MET L 275 -93.29 -44.68 -27.65
N GLU L 276 -93.31 -43.81 -28.66
CA GLU L 276 -93.57 -42.40 -28.39
C GLU L 276 -94.98 -42.19 -27.87
N LEU L 277 -95.96 -42.83 -28.51
CA LEU L 277 -97.35 -42.69 -28.10
C LEU L 277 -97.70 -43.49 -26.86
N VAL L 278 -96.76 -44.26 -26.31
CA VAL L 278 -96.96 -44.85 -24.99
C VAL L 278 -96.61 -43.84 -23.89
N GLU L 279 -95.37 -43.34 -23.91
CA GLU L 279 -94.89 -42.47 -22.84
C GLU L 279 -95.31 -41.02 -23.11
N ASP L 280 -96.58 -40.76 -22.83
CA ASP L 280 -97.20 -39.47 -23.12
C ASP L 280 -97.14 -38.50 -21.94
N ILE L 281 -96.20 -38.67 -21.03
CA ILE L 281 -96.15 -37.85 -19.82
C ILE L 281 -94.95 -36.91 -19.91
N PHE L 282 -95.20 -35.60 -19.75
CA PHE L 282 -96.56 -35.06 -19.66
C PHE L 282 -96.88 -34.23 -20.91
N THR L 283 -96.11 -33.16 -21.18
CA THR L 283 -96.15 -32.47 -22.46
C THR L 283 -94.77 -32.04 -22.96
N SER L 284 -93.83 -31.70 -22.07
CA SER L 284 -92.65 -30.92 -22.44
C SER L 284 -91.63 -31.77 -23.21
N CYS L 285 -91.33 -32.96 -22.71
CA CYS L 285 -90.53 -33.89 -23.48
C CYS L 285 -91.31 -34.42 -24.67
N LYS L 286 -92.62 -34.61 -24.49
CA LYS L 286 -93.50 -35.04 -25.57
C LYS L 286 -93.54 -34.01 -26.69
N ASP L 287 -93.52 -32.71 -26.34
CA ASP L 287 -93.55 -31.64 -27.33
C ASP L 287 -92.33 -31.70 -28.25
N VAL L 288 -91.14 -31.94 -27.68
CA VAL L 288 -89.92 -31.76 -28.45
C VAL L 288 -89.48 -33.09 -29.06
N VAL L 289 -90.00 -34.22 -28.52
CA VAL L 289 -89.98 -35.47 -29.27
C VAL L 289 -90.71 -35.31 -30.59
N VAL L 290 -91.89 -34.68 -30.57
CA VAL L 290 -92.63 -34.55 -31.82
C VAL L 290 -92.36 -33.25 -32.56
N GLN L 291 -91.49 -32.36 -32.06
CA GLN L 291 -91.11 -31.20 -32.87
C GLN L 291 -90.32 -31.62 -34.10
N LYS L 292 -89.49 -32.65 -33.96
CA LYS L 292 -88.63 -33.01 -35.07
C LYS L 292 -89.37 -33.82 -36.13
N GLN L 293 -90.46 -34.47 -35.76
CA GLN L 293 -91.22 -35.40 -36.59
C GLN L 293 -91.88 -34.76 -37.83
N MET L 294 -91.77 -33.46 -38.12
CA MET L 294 -92.44 -32.86 -39.27
C MET L 294 -91.46 -32.34 -40.32
N ALA L 295 -90.55 -31.44 -39.91
CA ALA L 295 -89.60 -30.81 -40.82
C ALA L 295 -88.24 -30.74 -40.18
N PHE L 296 -87.77 -31.86 -39.65
CA PHE L 296 -86.38 -31.92 -39.18
C PHE L 296 -85.69 -33.18 -39.66
N MET L 297 -86.42 -34.30 -39.76
CA MET L 297 -85.88 -35.45 -40.46
C MET L 297 -86.85 -36.14 -41.40
N LEU L 298 -88.16 -36.06 -41.18
CA LEU L 298 -89.15 -36.60 -42.10
C LEU L 298 -90.48 -35.94 -41.78
N GLY L 299 -91.42 -36.05 -42.72
CA GLY L 299 -92.79 -35.66 -42.45
C GLY L 299 -93.67 -36.87 -42.21
N ARG L 300 -94.74 -37.00 -43.01
CA ARG L 300 -95.63 -38.17 -43.17
C ARG L 300 -96.10 -38.80 -41.85
N HIS L 301 -96.20 -38.01 -40.78
CA HIS L 301 -96.63 -38.51 -39.49
C HIS L 301 -98.02 -38.02 -39.11
N GLY L 302 -98.73 -37.38 -40.05
CA GLY L 302 -100.00 -36.74 -39.75
C GLY L 302 -101.20 -37.64 -39.83
N VAL L 303 -100.99 -38.95 -39.72
CA VAL L 303 -102.07 -39.93 -39.80
C VAL L 303 -102.22 -40.74 -38.53
N PHE L 304 -101.31 -40.61 -37.56
CA PHE L 304 -101.29 -41.47 -36.39
C PHE L 304 -101.57 -40.74 -35.10
N LEU L 305 -101.92 -39.46 -35.16
CA LEU L 305 -102.23 -38.68 -33.96
C LEU L 305 -103.63 -38.09 -34.01
N GLU L 306 -104.56 -38.72 -34.72
CA GLU L 306 -105.97 -38.34 -34.73
C GLU L 306 -106.81 -39.48 -34.13
N LEU L 307 -106.33 -40.01 -33.01
CA LEU L 307 -107.02 -41.06 -32.28
C LEU L 307 -107.86 -40.41 -31.18
N SER L 308 -108.33 -41.23 -30.24
CA SER L 308 -109.35 -40.92 -29.23
C SER L 308 -108.99 -39.77 -28.25
N GLU L 309 -107.84 -39.08 -28.27
CA GLU L 309 -107.57 -38.01 -27.32
C GLU L 309 -107.38 -36.65 -28.02
N ASP L 310 -108.27 -36.33 -28.96
CA ASP L 310 -108.18 -35.11 -29.76
C ASP L 310 -108.70 -33.88 -29.00
N VAL L 311 -107.97 -33.50 -27.94
CA VAL L 311 -108.29 -32.26 -27.25
C VAL L 311 -107.08 -31.34 -27.25
N GLU L 312 -106.02 -31.74 -26.55
CA GLU L 312 -104.72 -31.10 -26.64
C GLU L 312 -103.57 -32.09 -26.75
N GLU L 313 -103.76 -33.33 -26.30
CA GLU L 313 -102.69 -34.31 -26.31
C GLU L 313 -102.51 -34.92 -27.70
N TYR L 314 -103.58 -34.98 -28.49
CA TYR L 314 -103.46 -35.38 -29.89
C TYR L 314 -103.73 -34.24 -30.86
N GLU L 315 -104.04 -33.05 -30.36
CA GLU L 315 -104.17 -31.87 -31.20
C GLU L 315 -102.87 -31.10 -31.32
N ASP L 316 -101.76 -31.69 -30.88
CA ASP L 316 -100.44 -31.19 -31.21
C ASP L 316 -100.05 -31.52 -32.64
N LEU L 317 -100.75 -32.47 -33.28
CA LEU L 317 -100.38 -32.99 -34.59
C LEU L 317 -100.41 -31.91 -35.66
N THR L 318 -101.54 -31.21 -35.78
CA THR L 318 -101.63 -30.11 -36.73
C THR L 318 -100.77 -28.93 -36.28
N GLU L 319 -100.62 -28.76 -34.97
CA GLU L 319 -99.69 -27.77 -34.44
C GLU L 319 -98.26 -28.07 -34.87
N ILE L 320 -97.88 -29.35 -34.83
CA ILE L 320 -96.60 -29.78 -35.37
C ILE L 320 -96.54 -29.60 -36.88
N MET L 321 -97.67 -29.87 -37.55
CA MET L 321 -97.67 -29.99 -39.01
C MET L 321 -97.49 -28.64 -39.70
N SER L 322 -98.26 -27.63 -39.27
CA SER L 322 -98.20 -26.32 -39.93
C SER L 322 -98.15 -25.13 -38.99
N ASN L 323 -98.50 -25.26 -37.70
CA ASN L 323 -98.59 -24.09 -36.85
C ASN L 323 -97.22 -23.69 -36.29
N VAL L 324 -96.42 -24.66 -35.84
CA VAL L 324 -95.05 -24.34 -35.45
C VAL L 324 -94.20 -24.10 -36.69
N GLN L 325 -94.63 -24.62 -37.84
CA GLN L 325 -94.09 -24.17 -39.12
C GLN L 325 -94.37 -22.69 -39.34
N LEU L 326 -95.60 -22.26 -39.02
CA LEU L 326 -95.94 -20.85 -39.12
C LEU L 326 -95.35 -20.04 -37.97
N ASN L 327 -95.10 -20.68 -36.82
CA ASN L 327 -94.35 -20.00 -35.76
C ASN L 327 -92.89 -19.86 -36.18
N SER L 328 -92.39 -20.78 -37.00
CA SER L 328 -91.10 -20.61 -37.65
C SER L 328 -91.17 -19.55 -38.74
N ASN L 329 -92.33 -19.36 -39.35
CA ASN L 329 -92.50 -18.20 -40.22
C ASN L 329 -92.53 -16.91 -39.41
N PHE L 330 -93.01 -17.00 -38.17
CA PHE L 330 -93.01 -15.84 -37.28
C PHE L 330 -91.60 -15.52 -36.80
N LEU L 331 -90.67 -16.48 -36.88
CA LEU L 331 -89.26 -16.17 -36.72
C LEU L 331 -88.78 -15.22 -37.81
N ALA L 332 -89.01 -15.62 -39.08
CA ALA L 332 -88.55 -14.82 -40.20
C ALA L 332 -89.40 -13.58 -40.39
N LEU L 333 -90.63 -13.57 -39.89
CA LEU L 333 -91.43 -12.36 -39.89
C LEU L 333 -91.01 -11.41 -38.78
N ALA L 334 -91.16 -11.82 -37.53
CA ALA L 334 -90.91 -10.89 -36.43
C ALA L 334 -89.43 -10.73 -36.17
N ARG L 335 -88.75 -11.84 -35.85
CA ARG L 335 -87.40 -11.75 -35.28
C ARG L 335 -86.35 -11.36 -36.31
N GLU L 336 -86.56 -11.67 -37.58
CA GLU L 336 -85.51 -11.44 -38.57
C GLU L 336 -85.71 -10.16 -39.36
N LEU L 337 -86.85 -9.48 -39.23
CA LEU L 337 -86.89 -8.06 -39.54
C LEU L 337 -86.28 -7.22 -38.43
N ASP L 338 -86.19 -7.79 -37.22
CA ASP L 338 -85.64 -7.04 -36.10
C ASP L 338 -84.11 -7.04 -36.11
N ILE L 339 -83.51 -8.16 -36.51
CA ILE L 339 -82.06 -8.29 -36.39
C ILE L 339 -81.37 -7.52 -37.51
N MET L 340 -81.70 -7.82 -38.76
CA MET L 340 -80.89 -7.19 -39.81
C MET L 340 -81.69 -6.54 -40.92
N GLU L 341 -82.80 -7.13 -41.34
CA GLU L 341 -83.12 -7.18 -42.76
C GLU L 341 -84.36 -6.37 -43.12
N PRO L 342 -84.22 -5.28 -43.90
CA PRO L 342 -85.40 -4.65 -44.53
C PRO L 342 -85.81 -5.42 -45.77
N LYS L 343 -86.88 -5.02 -46.45
CA LYS L 343 -87.55 -5.89 -47.43
C LYS L 343 -86.69 -6.13 -48.67
N VAL L 344 -85.92 -5.14 -49.10
CA VAL L 344 -85.03 -5.32 -50.23
C VAL L 344 -83.64 -4.76 -49.93
N PRO L 345 -82.66 -5.62 -49.67
CA PRO L 345 -81.27 -5.17 -49.75
C PRO L 345 -80.92 -4.78 -51.19
N ASP L 346 -81.05 -5.74 -52.12
CA ASP L 346 -80.98 -5.52 -53.58
C ASP L 346 -79.65 -4.90 -54.03
N ASP L 347 -78.59 -5.03 -53.22
CA ASP L 347 -77.39 -4.25 -53.45
C ASP L 347 -76.10 -5.06 -53.47
N ILE L 348 -76.19 -6.39 -53.59
CA ILE L 348 -74.98 -7.14 -53.93
C ILE L 348 -74.65 -6.88 -55.40
N TYR L 349 -75.68 -6.64 -56.21
CA TYR L 349 -75.48 -6.07 -57.53
C TYR L 349 -74.84 -4.68 -57.45
N LYS L 350 -75.30 -3.86 -56.50
CA LYS L 350 -74.70 -2.55 -56.28
C LYS L 350 -73.31 -2.65 -55.68
N THR L 351 -72.94 -3.78 -55.07
CA THR L 351 -71.58 -3.96 -54.57
C THR L 351 -70.58 -4.05 -55.73
N HIS L 352 -71.05 -4.34 -56.94
CA HIS L 352 -70.27 -4.15 -58.16
C HIS L 352 -70.31 -2.70 -58.63
N LEU L 353 -69.86 -1.80 -57.77
CA LEU L 353 -69.81 -0.36 -58.07
C LEU L 353 -68.41 0.13 -58.37
N GLU L 354 -67.41 -0.35 -57.63
CA GLU L 354 -66.03 0.10 -57.79
C GLU L 354 -65.36 -0.45 -59.03
N ASN L 355 -66.00 -1.38 -59.73
CA ASN L 355 -65.40 -1.97 -60.94
C ASN L 355 -65.36 -0.98 -62.09
N ASN L 356 -66.27 0.00 -62.12
CA ASN L 356 -66.38 0.91 -63.25
C ASN L 356 -65.23 1.91 -63.33
N ARG L 357 -64.48 2.11 -62.25
CA ARG L 357 -63.27 2.92 -62.29
C ARG L 357 -62.00 2.09 -62.34
N PHE L 358 -62.11 0.77 -62.22
CA PHE L 358 -60.94 -0.12 -62.24
C PHE L 358 -60.52 -0.33 -63.69
N GLY L 359 -59.62 0.53 -64.15
CA GLY L 359 -59.13 0.43 -65.51
C GLY L 359 -59.84 1.35 -66.49
N GLY L 360 -59.98 2.63 -66.11
CA GLY L 360 -60.55 3.61 -67.00
C GLY L 360 -62.04 3.82 -66.83
N SER L 361 -62.83 3.28 -67.76
CA SER L 361 -64.27 3.50 -67.80
C SER L 361 -65.00 2.17 -67.64
N GLY L 362 -66.33 2.23 -67.74
CA GLY L 362 -67.16 1.04 -67.67
C GLY L 362 -68.28 1.06 -68.69
N SER L 363 -69.41 0.43 -68.34
CA SER L 363 -70.61 0.32 -69.18
C SER L 363 -70.30 -0.31 -70.54
N GLN L 364 -69.65 -1.47 -70.49
CA GLN L 364 -69.28 -2.21 -71.69
C GLN L 364 -70.05 -3.52 -71.79
N VAL L 365 -70.66 -3.97 -70.70
CA VAL L 365 -71.31 -5.28 -70.62
C VAL L 365 -72.77 -5.10 -71.00
N ASP L 366 -73.17 -5.71 -72.13
CA ASP L 366 -74.55 -5.66 -72.60
C ASP L 366 -75.08 -7.04 -72.97
N SER L 367 -74.56 -8.10 -72.36
CA SER L 367 -74.96 -9.45 -72.71
C SER L 367 -76.36 -9.76 -72.21
N ALA L 368 -77.17 -10.35 -73.09
CA ALA L 368 -78.56 -10.63 -72.77
C ALA L 368 -78.72 -11.77 -71.79
N ARG L 369 -77.74 -12.67 -71.72
CA ARG L 369 -77.81 -13.78 -70.77
C ARG L 369 -77.39 -13.38 -69.36
N MET L 370 -76.81 -12.18 -69.19
CA MET L 370 -76.62 -11.62 -67.86
C MET L 370 -77.96 -11.33 -67.20
N ASN L 371 -78.99 -11.00 -68.01
CA ASN L 371 -80.31 -10.68 -67.51
C ASN L 371 -81.01 -11.88 -66.89
N LEU L 372 -80.53 -13.09 -67.14
CA LEU L 372 -80.92 -14.25 -66.33
C LEU L 372 -80.47 -14.09 -64.89
N ALA L 373 -79.22 -13.67 -64.70
CA ALA L 373 -78.70 -13.46 -63.35
C ALA L 373 -79.25 -12.20 -62.71
N SER L 374 -79.82 -11.30 -63.51
CA SER L 374 -80.44 -10.10 -62.96
C SER L 374 -81.70 -10.41 -62.16
N SER L 375 -82.31 -11.58 -62.39
CA SER L 375 -83.47 -11.98 -61.61
C SER L 375 -83.10 -12.42 -60.20
N PHE L 376 -81.83 -12.72 -59.93
CA PHE L 376 -81.43 -13.22 -58.61
C PHE L 376 -81.00 -12.12 -57.66
N VAL L 377 -80.88 -10.88 -58.14
CA VAL L 377 -80.82 -9.74 -57.23
C VAL L 377 -82.16 -9.60 -56.53
N ASN L 378 -83.25 -9.96 -57.23
CA ASN L 378 -84.57 -10.09 -56.65
C ASN L 378 -84.84 -11.48 -56.12
N GLY L 379 -84.25 -12.51 -56.73
CA GLY L 379 -84.62 -13.89 -56.45
C GLY L 379 -84.12 -14.45 -55.13
N PHE L 380 -82.80 -14.50 -54.96
CA PHE L 380 -82.24 -15.19 -53.81
C PHE L 380 -82.35 -14.39 -52.51
N VAL L 381 -82.39 -13.05 -52.59
CA VAL L 381 -82.36 -12.27 -51.37
C VAL L 381 -83.74 -12.22 -50.72
N ASN L 382 -84.78 -12.61 -51.45
CA ASN L 382 -86.15 -12.45 -50.98
C ASN L 382 -86.75 -13.73 -50.43
N ALA L 383 -85.93 -14.73 -50.15
CA ALA L 383 -86.42 -15.87 -49.39
C ALA L 383 -86.70 -15.46 -47.95
N ALA L 384 -87.62 -16.20 -47.31
CA ALA L 384 -88.13 -15.93 -45.96
C ALA L 384 -88.70 -14.52 -45.85
N PHE L 385 -89.82 -14.34 -46.57
CA PHE L 385 -90.66 -13.14 -46.53
C PHE L 385 -89.92 -11.91 -47.07
N GLY L 386 -89.35 -12.04 -48.26
CA GLY L 386 -88.89 -10.87 -48.98
C GLY L 386 -89.94 -10.39 -49.97
N GLN L 387 -91.16 -10.17 -49.49
CA GLN L 387 -92.29 -9.90 -50.37
C GLN L 387 -92.14 -8.54 -51.04
N ASP L 388 -92.44 -8.49 -52.34
CA ASP L 388 -92.11 -7.36 -53.19
C ASP L 388 -93.30 -7.03 -54.09
N LYS L 389 -93.97 -5.91 -53.79
CA LYS L 389 -94.85 -5.26 -54.75
C LYS L 389 -94.07 -4.13 -55.42
N LEU L 390 -93.97 -4.19 -56.75
CA LEU L 390 -93.29 -3.27 -57.65
C LEU L 390 -91.76 -3.27 -57.50
N LEU L 391 -91.20 -4.05 -56.57
CA LEU L 391 -89.78 -4.34 -56.62
C LEU L 391 -89.50 -5.54 -57.53
N THR L 392 -90.55 -6.21 -58.00
CA THR L 392 -90.46 -7.19 -59.07
C THR L 392 -90.67 -6.57 -60.45
N ASP L 393 -90.50 -5.25 -60.57
CA ASP L 393 -90.66 -4.61 -61.88
C ASP L 393 -89.48 -4.91 -62.79
N ASP L 394 -88.31 -5.19 -62.23
CA ASP L 394 -87.23 -5.74 -63.04
C ASP L 394 -87.59 -7.13 -63.56
N GLY L 395 -88.34 -7.89 -62.77
CA GLY L 395 -88.97 -9.08 -63.28
C GLY L 395 -90.10 -8.79 -64.24
N ASN L 396 -90.95 -7.82 -63.92
CA ASN L 396 -92.18 -7.56 -64.67
C ASN L 396 -91.87 -7.06 -66.09
N LYS L 397 -90.81 -6.26 -66.24
CA LYS L 397 -90.41 -5.84 -67.57
C LYS L 397 -89.79 -7.00 -68.34
N TRP L 398 -88.80 -7.67 -67.75
CA TRP L 398 -88.08 -8.76 -68.40
C TRP L 398 -88.95 -9.99 -68.62
N LEU L 399 -90.02 -10.17 -67.84
CA LEU L 399 -91.01 -11.19 -68.16
C LEU L 399 -91.69 -10.88 -69.48
N TYR L 400 -92.07 -9.63 -69.69
CA TYR L 400 -92.77 -9.20 -70.88
C TYR L 400 -91.85 -8.62 -71.95
N LYS L 401 -90.57 -8.99 -71.95
CA LYS L 401 -89.63 -8.45 -72.92
C LYS L 401 -89.06 -9.52 -73.85
N ASN L 402 -88.42 -10.56 -73.33
CA ASN L 402 -87.88 -11.66 -74.13
C ASN L 402 -87.66 -12.87 -73.23
N LYS L 403 -86.84 -13.82 -73.72
CA LYS L 403 -86.23 -14.89 -72.93
C LYS L 403 -87.29 -15.80 -72.31
N ASP L 404 -87.88 -16.63 -73.18
CA ASP L 404 -88.94 -17.56 -72.80
C ASP L 404 -88.56 -18.47 -71.63
N HIS L 405 -87.32 -18.97 -71.61
CA HIS L 405 -86.87 -19.75 -70.47
C HIS L 405 -86.66 -18.87 -69.25
N GLY L 406 -86.36 -17.58 -69.47
CA GLY L 406 -86.34 -16.64 -68.36
C GLY L 406 -87.70 -16.14 -67.98
N MET L 407 -88.69 -16.26 -68.88
CA MET L 407 -90.08 -16.04 -68.49
C MET L 407 -90.53 -17.13 -67.52
N LEU L 408 -90.04 -18.35 -67.74
CA LEU L 408 -90.30 -19.42 -66.79
C LEU L 408 -89.47 -19.23 -65.52
N SER L 409 -88.26 -18.69 -65.67
CA SER L 409 -87.37 -18.54 -64.52
C SER L 409 -87.81 -17.43 -63.60
N ALA L 410 -88.19 -16.27 -64.16
CA ALA L 410 -88.67 -15.17 -63.32
C ALA L 410 -90.01 -15.50 -62.67
N ALA L 411 -90.83 -16.33 -63.33
CA ALA L 411 -92.06 -16.80 -62.70
C ALA L 411 -91.77 -17.84 -61.63
N ALA L 412 -90.71 -18.61 -61.79
CA ALA L 412 -90.34 -19.59 -60.77
C ALA L 412 -89.67 -18.94 -59.56
N SER L 413 -89.17 -17.71 -59.73
CA SER L 413 -88.53 -17.02 -58.61
C SER L 413 -89.55 -16.51 -57.60
N LEU L 414 -90.82 -16.40 -58.00
CA LEU L 414 -91.86 -15.94 -57.10
C LEU L 414 -92.15 -16.95 -56.00
N GLY L 415 -91.95 -18.23 -56.28
CA GLY L 415 -92.08 -19.23 -55.23
C GLY L 415 -90.97 -19.16 -54.20
N MET L 416 -89.78 -18.74 -54.62
CA MET L 416 -88.71 -18.50 -53.66
C MET L 416 -88.90 -17.21 -52.88
N ILE L 417 -89.63 -16.25 -53.44
CA ILE L 417 -89.91 -15.01 -52.70
C ILE L 417 -90.88 -15.29 -51.56
N LEU L 418 -91.95 -16.03 -51.84
CA LEU L 418 -92.85 -16.48 -50.78
C LEU L 418 -92.61 -17.98 -50.55
N LEU L 419 -91.67 -18.28 -49.67
CA LEU L 419 -91.34 -19.65 -49.31
C LEU L 419 -91.92 -19.96 -47.93
N TRP L 420 -92.27 -21.24 -47.73
CA TRP L 420 -92.88 -21.75 -46.49
C TRP L 420 -94.18 -21.03 -46.15
N ASP L 421 -95.01 -20.77 -47.17
CA ASP L 421 -96.20 -19.95 -46.99
C ASP L 421 -97.45 -20.70 -47.43
N VAL L 422 -98.55 -20.48 -46.71
CA VAL L 422 -99.82 -21.09 -47.09
C VAL L 422 -100.93 -20.04 -47.00
N ASP L 423 -100.63 -18.92 -46.33
CA ASP L 423 -101.69 -17.97 -45.97
C ASP L 423 -102.13 -17.13 -47.17
N GLY L 424 -101.19 -16.57 -47.91
CA GLY L 424 -101.54 -15.75 -49.06
C GLY L 424 -100.58 -15.92 -50.21
N GLY L 425 -99.93 -17.09 -50.28
CA GLY L 425 -98.93 -17.32 -51.30
C GLY L 425 -99.53 -17.49 -52.68
N LEU L 426 -100.71 -18.12 -52.78
CA LEU L 426 -101.36 -18.25 -54.05
C LEU L 426 -101.96 -16.93 -54.54
N THR L 427 -102.31 -16.03 -53.62
CA THR L 427 -102.89 -14.74 -54.02
C THR L 427 -101.85 -13.85 -54.68
N GLN L 428 -100.58 -14.03 -54.31
CA GLN L 428 -99.49 -13.30 -54.97
C GLN L 428 -99.28 -13.79 -56.39
N ILE L 429 -99.47 -15.09 -56.62
CA ILE L 429 -99.25 -15.65 -57.95
C ILE L 429 -100.36 -15.26 -58.93
N ASP L 430 -101.62 -15.18 -58.45
CA ASP L 430 -102.78 -15.07 -59.32
C ASP L 430 -102.79 -13.77 -60.12
N LYS L 431 -102.29 -12.67 -59.53
CA LYS L 431 -102.19 -11.43 -60.28
C LYS L 431 -101.08 -11.49 -61.34
N TYR L 432 -100.03 -12.27 -61.09
CA TYR L 432 -98.97 -12.48 -62.06
C TYR L 432 -99.16 -13.76 -62.86
N LEU L 433 -100.34 -14.38 -62.80
CA LEU L 433 -100.61 -15.65 -63.45
C LEU L 433 -101.30 -15.50 -64.80
N TYR L 434 -102.33 -14.66 -64.88
CA TYR L 434 -103.21 -14.63 -66.06
C TYR L 434 -102.58 -13.76 -67.14
N SER L 435 -101.58 -14.32 -67.80
CA SER L 435 -101.02 -13.76 -69.02
C SER L 435 -101.25 -14.65 -70.22
N SER L 436 -101.81 -15.86 -70.00
CA SER L 436 -102.20 -16.81 -71.06
C SER L 436 -101.01 -17.23 -71.91
N GLU L 437 -99.86 -17.43 -71.28
CA GLU L 437 -98.65 -17.85 -71.96
C GLU L 437 -98.22 -19.22 -71.44
N ASP L 438 -97.47 -19.93 -72.28
CA ASP L 438 -96.94 -21.23 -71.89
C ASP L 438 -95.88 -21.08 -70.81
N TYR L 439 -94.88 -20.22 -71.05
CA TYR L 439 -93.72 -20.14 -70.18
C TYR L 439 -94.03 -19.43 -68.87
N ILE L 440 -94.96 -18.48 -68.89
CA ILE L 440 -95.26 -17.70 -67.69
C ILE L 440 -96.00 -18.54 -66.67
N LYS L 441 -97.04 -19.25 -67.10
CA LYS L 441 -97.82 -20.04 -66.16
C LYS L 441 -97.09 -21.31 -65.73
N SER L 442 -96.26 -21.89 -66.60
CA SER L 442 -95.54 -23.10 -66.23
C SER L 442 -94.44 -22.82 -65.22
N GLY L 443 -93.92 -21.61 -65.17
CA GLY L 443 -92.97 -21.24 -64.14
C GLY L 443 -93.67 -20.81 -62.87
N ALA L 444 -94.83 -20.17 -63.02
CA ALA L 444 -95.55 -19.66 -61.85
C ALA L 444 -96.26 -20.78 -61.10
N LEU L 445 -96.87 -21.71 -61.83
CA LEU L 445 -97.59 -22.81 -61.18
C LEU L 445 -96.64 -23.91 -60.71
N LEU L 446 -95.44 -24.00 -61.27
CA LEU L 446 -94.40 -24.80 -60.65
C LEU L 446 -93.93 -24.13 -59.36
N ALA L 447 -93.92 -22.79 -59.33
CA ALA L 447 -93.56 -22.06 -58.13
C ALA L 447 -94.65 -22.14 -57.07
N CYS L 448 -95.89 -22.48 -57.45
CA CYS L 448 -96.94 -22.70 -56.46
C CYS L 448 -96.68 -23.93 -55.63
N GLY L 449 -96.04 -24.96 -56.21
CA GLY L 449 -95.59 -26.09 -55.42
C GLY L 449 -94.47 -25.73 -54.47
N ILE L 450 -93.68 -24.73 -54.82
CA ILE L 450 -92.60 -24.26 -53.96
C ILE L 450 -93.14 -23.47 -52.77
N VAL L 451 -94.25 -22.76 -52.95
CA VAL L 451 -94.83 -21.96 -51.89
C VAL L 451 -95.37 -22.85 -50.76
N ASN L 452 -96.17 -23.86 -51.12
CA ASN L 452 -96.71 -24.79 -50.13
C ASN L 452 -95.80 -25.99 -49.89
N SER L 453 -94.53 -25.90 -50.24
CA SER L 453 -93.58 -26.97 -49.97
C SER L 453 -93.26 -27.01 -48.49
N GLY L 454 -93.30 -28.22 -47.92
CA GLY L 454 -93.15 -28.39 -46.49
C GLY L 454 -94.41 -28.17 -45.69
N VAL L 455 -95.50 -27.74 -46.32
CA VAL L 455 -96.78 -27.56 -45.64
C VAL L 455 -97.54 -28.87 -45.56
N ARG L 456 -97.66 -29.53 -46.72
CA ARG L 456 -98.40 -30.79 -46.99
C ARG L 456 -99.83 -30.80 -46.42
N ASN L 457 -100.44 -29.64 -46.22
CA ASN L 457 -101.82 -29.56 -45.75
C ASN L 457 -102.72 -29.54 -46.99
N GLU L 458 -103.99 -29.19 -46.82
CA GLU L 458 -104.88 -29.08 -47.97
C GLU L 458 -104.69 -27.71 -48.63
N CYS L 459 -103.84 -27.70 -49.65
CA CYS L 459 -103.72 -26.56 -50.54
C CYS L 459 -104.12 -26.92 -51.97
N ASP L 460 -103.45 -27.93 -52.54
CA ASP L 460 -103.77 -28.51 -53.84
C ASP L 460 -103.13 -29.90 -53.98
N PRO L 461 -103.74 -30.95 -53.41
CA PRO L 461 -103.26 -32.30 -53.72
C PRO L 461 -103.55 -32.70 -55.14
N ALA L 462 -104.72 -32.32 -55.66
CA ALA L 462 -105.01 -32.43 -57.09
C ALA L 462 -105.77 -31.23 -57.60
N LEU L 463 -105.77 -30.11 -56.88
CA LEU L 463 -106.63 -28.99 -57.21
C LEU L 463 -106.03 -28.15 -58.34
N ALA L 464 -104.87 -27.55 -58.09
CA ALA L 464 -104.31 -26.57 -59.01
C ALA L 464 -103.39 -27.21 -60.06
N LEU L 465 -102.36 -27.92 -59.60
CA LEU L 465 -101.33 -28.41 -60.51
C LEU L 465 -101.76 -29.65 -61.27
N LEU L 466 -102.75 -30.40 -60.79
CA LEU L 466 -103.29 -31.48 -61.59
C LEU L 466 -104.15 -30.91 -62.73
N SER L 467 -104.87 -29.83 -62.46
CA SER L 467 -105.58 -29.12 -63.51
C SER L 467 -104.64 -28.41 -64.46
N ASP L 468 -103.47 -27.99 -63.96
CA ASP L 468 -102.43 -27.46 -64.84
C ASP L 468 -101.88 -28.55 -65.73
N TYR L 469 -101.81 -29.78 -65.23
CA TYR L 469 -101.18 -30.85 -66.00
C TYR L 469 -102.09 -31.33 -67.12
N VAL L 470 -103.39 -31.46 -66.85
CA VAL L 470 -104.32 -31.97 -67.87
C VAL L 470 -104.62 -30.95 -68.96
N LEU L 471 -104.03 -29.75 -68.89
CA LEU L 471 -104.04 -28.78 -69.98
C LEU L 471 -103.12 -29.16 -71.12
N HIS L 472 -102.31 -30.21 -70.95
CA HIS L 472 -101.18 -30.48 -71.85
C HIS L 472 -101.64 -31.01 -73.21
N ASN L 473 -101.16 -30.36 -74.26
CA ASN L 473 -101.03 -30.91 -75.60
C ASN L 473 -99.76 -30.39 -76.25
N SER L 474 -98.81 -29.96 -75.43
CA SER L 474 -97.88 -28.91 -75.81
C SER L 474 -96.64 -29.00 -74.94
N ASN L 475 -95.93 -27.88 -74.83
CA ASN L 475 -94.69 -27.70 -74.10
C ASN L 475 -94.97 -27.63 -72.59
N THR L 476 -94.09 -26.96 -71.83
CA THR L 476 -93.88 -27.07 -70.39
C THR L 476 -95.09 -27.05 -69.45
N MET L 477 -96.28 -26.73 -69.96
CA MET L 477 -97.51 -27.20 -69.31
C MET L 477 -97.49 -28.70 -69.10
N ARG L 478 -97.02 -29.43 -70.11
CA ARG L 478 -96.75 -30.87 -69.98
C ARG L 478 -95.66 -31.15 -68.95
N LEU L 479 -94.67 -30.26 -68.82
CA LEU L 479 -93.51 -30.52 -67.97
C LEU L 479 -93.67 -29.92 -66.57
N GLY L 480 -93.86 -28.61 -66.49
CA GLY L 480 -93.72 -27.89 -65.24
C GLY L 480 -94.83 -28.08 -64.23
N SER L 481 -95.82 -28.90 -64.54
CA SER L 481 -96.93 -29.10 -63.61
C SER L 481 -96.71 -30.28 -62.67
N ILE L 482 -96.04 -31.34 -63.14
CA ILE L 482 -95.79 -32.49 -62.27
C ILE L 482 -94.65 -32.24 -61.29
N PHE L 483 -93.79 -31.27 -61.56
CA PHE L 483 -92.58 -31.09 -60.77
C PHE L 483 -92.86 -30.40 -59.44
N GLY L 484 -93.74 -29.40 -59.45
CA GLY L 484 -93.95 -28.62 -58.24
C GLY L 484 -94.73 -29.35 -57.16
N LEU L 485 -95.67 -30.21 -57.56
CA LEU L 485 -96.49 -30.90 -56.57
C LEU L 485 -95.72 -32.05 -55.92
N GLY L 486 -94.87 -32.73 -56.69
CA GLY L 486 -93.96 -33.70 -56.10
C GLY L 486 -92.87 -33.04 -55.27
N LEU L 487 -92.57 -31.78 -55.57
CA LEU L 487 -91.67 -31.01 -54.72
C LEU L 487 -92.36 -30.65 -53.41
N ALA L 488 -93.65 -30.32 -53.47
CA ALA L 488 -94.38 -29.95 -52.25
C ALA L 488 -94.65 -31.16 -51.38
N TYR L 489 -94.97 -32.30 -51.99
CA TYR L 489 -95.27 -33.52 -51.25
C TYR L 489 -94.08 -34.48 -51.25
N ALA L 490 -92.87 -33.94 -51.30
CA ALA L 490 -91.67 -34.77 -51.21
C ALA L 490 -91.51 -35.36 -49.82
N GLY L 491 -91.96 -34.64 -48.79
CA GLY L 491 -91.86 -35.16 -47.43
C GLY L 491 -92.87 -36.27 -47.15
N SER L 492 -93.92 -36.35 -47.96
CA SER L 492 -94.94 -37.36 -47.78
C SER L 492 -94.62 -38.61 -48.61
N ASN L 493 -95.20 -39.73 -48.20
CA ASN L 493 -95.14 -40.95 -48.99
C ASN L 493 -96.57 -41.37 -49.31
N ARG L 494 -97.39 -40.41 -49.73
CA ARG L 494 -98.75 -40.69 -50.11
C ARG L 494 -98.78 -41.47 -51.43
N GLU L 495 -99.68 -42.44 -51.51
CA GLU L 495 -99.77 -43.32 -52.67
C GLU L 495 -100.68 -42.77 -53.76
N ASP L 496 -101.67 -41.96 -53.39
CA ASP L 496 -102.75 -41.59 -54.31
C ASP L 496 -102.28 -40.72 -55.47
N VAL L 497 -101.63 -39.58 -55.17
CA VAL L 497 -101.20 -38.68 -56.24
C VAL L 497 -99.97 -39.23 -56.95
N LEU L 498 -99.27 -40.19 -56.32
CA LEU L 498 -98.28 -40.98 -57.04
C LEU L 498 -98.94 -41.80 -58.14
N THR L 499 -100.12 -42.35 -57.87
CA THR L 499 -100.88 -43.05 -58.89
C THR L 499 -101.64 -42.11 -59.80
N LEU L 500 -101.85 -40.86 -59.39
CA LEU L 500 -102.35 -39.86 -60.33
C LEU L 500 -101.27 -39.47 -61.34
N LEU L 501 -100.02 -39.43 -60.90
CA LEU L 501 -98.93 -38.98 -61.74
C LEU L 501 -98.08 -40.12 -62.29
N LEU L 502 -98.50 -41.36 -62.07
CA LEU L 502 -97.92 -42.51 -62.76
C LEU L 502 -98.36 -42.64 -64.23
N PRO L 503 -99.59 -42.28 -64.64
CA PRO L 503 -99.85 -42.20 -66.10
C PRO L 503 -99.12 -41.09 -66.83
N VAL L 504 -98.41 -40.19 -66.12
CA VAL L 504 -97.42 -39.36 -66.79
C VAL L 504 -96.32 -40.23 -67.38
N MET L 505 -95.86 -41.21 -66.61
CA MET L 505 -94.90 -42.19 -67.10
C MET L 505 -95.54 -43.14 -68.11
N GLY L 506 -96.81 -43.49 -67.89
CA GLY L 506 -97.51 -44.43 -68.75
C GLY L 506 -98.19 -43.83 -69.97
N ASP L 507 -98.05 -42.52 -70.19
CA ASP L 507 -98.67 -41.90 -71.37
C ASP L 507 -97.94 -42.28 -72.65
N SER L 508 -96.61 -42.42 -72.57
CA SER L 508 -95.69 -42.59 -73.70
C SER L 508 -95.78 -41.45 -74.73
N LYS L 509 -96.29 -40.29 -74.31
CA LYS L 509 -96.10 -39.06 -75.07
C LYS L 509 -94.63 -38.69 -74.95
N SER L 510 -93.92 -38.68 -76.07
CA SER L 510 -92.48 -38.88 -76.06
C SER L 510 -91.67 -37.60 -75.87
N SER L 511 -92.26 -36.62 -75.19
CA SER L 511 -91.49 -35.48 -74.69
C SER L 511 -90.47 -35.98 -73.68
N MET L 512 -89.19 -35.91 -74.04
CA MET L 512 -88.17 -36.63 -73.30
C MET L 512 -87.86 -35.96 -71.95
N GLU L 513 -87.81 -34.64 -71.93
CA GLU L 513 -87.51 -33.93 -70.68
C GLU L 513 -88.66 -34.02 -69.69
N VAL L 514 -89.88 -34.27 -70.17
CA VAL L 514 -91.01 -34.41 -69.27
C VAL L 514 -90.93 -35.73 -68.52
N ALA L 515 -90.63 -36.82 -69.23
CA ALA L 515 -90.48 -38.12 -68.60
C ALA L 515 -89.25 -38.19 -67.70
N GLY L 516 -88.23 -37.38 -67.98
CA GLY L 516 -87.04 -37.40 -67.14
C GLY L 516 -87.28 -36.77 -65.78
N VAL L 517 -87.93 -35.61 -65.75
CA VAL L 517 -88.28 -34.98 -64.48
C VAL L 517 -89.48 -35.66 -63.83
N THR L 518 -90.19 -36.51 -64.56
CA THR L 518 -91.22 -37.35 -63.94
C THR L 518 -90.58 -38.36 -63.00
N ALA L 519 -89.43 -38.91 -63.39
CA ALA L 519 -88.68 -39.77 -62.48
C ALA L 519 -88.14 -38.97 -61.31
N LEU L 520 -87.76 -37.71 -61.55
CA LEU L 520 -87.28 -36.86 -60.47
C LEU L 520 -88.42 -36.42 -59.56
N ALA L 521 -89.62 -36.26 -60.11
CA ALA L 521 -90.76 -35.84 -59.28
C ALA L 521 -91.23 -36.97 -58.39
N CYS L 522 -91.31 -38.19 -58.92
CA CYS L 522 -91.71 -39.32 -58.10
C CYS L 522 -90.57 -39.80 -57.20
N GLY L 523 -89.33 -39.49 -57.58
CA GLY L 523 -88.20 -39.86 -56.75
C GLY L 523 -88.14 -39.05 -55.46
N MET L 524 -88.56 -37.78 -55.51
CA MET L 524 -88.58 -36.94 -54.31
C MET L 524 -89.63 -37.40 -53.32
N ILE L 525 -90.66 -38.12 -53.78
CA ILE L 525 -91.75 -38.49 -52.89
C ILE L 525 -91.34 -39.66 -51.99
N ALA L 526 -90.98 -40.79 -52.58
CA ALA L 526 -90.82 -42.03 -51.84
C ALA L 526 -89.36 -42.48 -51.79
N VAL L 527 -89.00 -43.15 -50.71
CA VAL L 527 -87.69 -43.78 -50.56
C VAL L 527 -87.79 -45.27 -50.27
N GLY L 528 -88.97 -45.80 -49.99
CA GLY L 528 -89.11 -47.18 -49.56
C GLY L 528 -89.84 -48.08 -50.53
N SER L 529 -91.13 -48.27 -50.28
CA SER L 529 -91.97 -49.23 -50.97
C SER L 529 -92.40 -48.75 -52.35
N CYS L 530 -93.47 -49.38 -52.88
CA CYS L 530 -94.03 -49.16 -54.22
C CYS L 530 -93.01 -49.50 -55.31
N ASN L 531 -92.74 -50.81 -55.39
CA ASN L 531 -91.91 -51.38 -56.44
C ASN L 531 -92.50 -51.18 -57.84
N GLY L 532 -93.79 -50.88 -57.95
CA GLY L 532 -94.39 -50.55 -59.23
C GLY L 532 -93.90 -49.26 -59.85
N ASP L 533 -93.34 -48.35 -59.04
CA ASP L 533 -92.63 -47.21 -59.58
C ASP L 533 -91.37 -47.65 -60.32
N VAL L 534 -90.66 -48.63 -59.75
CA VAL L 534 -89.49 -49.20 -60.41
C VAL L 534 -89.90 -49.93 -61.67
N THR L 535 -91.07 -50.57 -61.64
CA THR L 535 -91.61 -51.20 -62.84
C THR L 535 -91.99 -50.16 -63.90
N SER L 536 -92.67 -49.08 -63.49
CA SER L 536 -93.14 -48.06 -64.44
C SER L 536 -91.99 -47.31 -65.10
N THR L 537 -90.92 -47.04 -64.37
CA THR L 537 -89.78 -46.32 -64.95
C THR L 537 -89.02 -47.17 -65.95
N ILE L 538 -88.78 -48.46 -65.63
CA ILE L 538 -87.96 -49.27 -66.53
C ILE L 538 -88.71 -49.70 -67.78
N LEU L 539 -90.04 -49.63 -67.79
CA LEU L 539 -90.78 -49.95 -69.00
C LEU L 539 -90.51 -48.95 -70.11
N GLN L 540 -90.68 -47.66 -69.81
CA GLN L 540 -90.35 -46.63 -70.79
C GLN L 540 -88.84 -46.53 -71.02
N THR L 541 -88.03 -46.92 -70.04
CA THR L 541 -86.58 -46.95 -70.22
C THR L 541 -86.18 -47.99 -71.25
N ILE L 542 -86.77 -49.19 -71.19
CA ILE L 542 -86.49 -50.22 -72.18
C ILE L 542 -87.14 -49.86 -73.51
N MET L 543 -88.25 -49.12 -73.50
CA MET L 543 -88.85 -48.70 -74.77
C MET L 543 -88.03 -47.61 -75.46
N GLU L 544 -87.54 -46.63 -74.71
CA GLU L 544 -86.93 -45.46 -75.33
C GLU L 544 -85.40 -45.57 -75.43
N LYS L 545 -84.74 -45.83 -74.29
CA LYS L 545 -83.28 -45.76 -74.24
C LYS L 545 -82.62 -46.91 -74.98
N SER L 546 -83.33 -48.03 -75.19
CA SER L 546 -82.78 -49.11 -75.99
C SER L 546 -82.67 -48.72 -77.46
N GLU L 547 -83.62 -47.92 -77.95
CA GLU L 547 -83.57 -47.46 -79.34
C GLU L 547 -82.86 -46.12 -79.47
N THR L 548 -81.71 -45.98 -78.81
CA THR L 548 -80.86 -44.80 -78.88
C THR L 548 -79.53 -45.15 -78.22
N GLU L 549 -78.51 -44.34 -78.53
CA GLU L 549 -77.21 -44.40 -77.88
C GLU L 549 -76.74 -42.98 -77.60
N LEU L 550 -77.64 -42.16 -77.07
CA LEU L 550 -77.48 -40.71 -77.12
C LEU L 550 -77.59 -40.11 -75.72
N LYS L 551 -77.85 -38.80 -75.69
CA LYS L 551 -77.61 -37.86 -74.59
C LYS L 551 -78.12 -38.26 -73.21
N ASP L 552 -77.55 -37.64 -72.18
CA ASP L 552 -77.77 -37.97 -70.78
C ASP L 552 -79.10 -37.45 -70.24
N THR L 553 -79.98 -36.87 -71.07
CA THR L 553 -81.35 -36.63 -70.67
C THR L 553 -82.05 -37.94 -70.32
N TYR L 554 -81.72 -39.00 -71.07
CA TYR L 554 -82.01 -40.37 -70.64
C TYR L 554 -81.34 -40.68 -69.30
N ALA L 555 -80.04 -40.38 -69.20
CA ALA L 555 -79.19 -41.00 -68.18
C ALA L 555 -79.16 -40.22 -66.87
N ARG L 556 -79.24 -38.88 -66.92
CA ARG L 556 -79.15 -38.09 -65.70
C ARG L 556 -80.45 -38.01 -64.92
N TRP L 557 -81.56 -38.46 -65.48
CA TRP L 557 -82.85 -38.20 -64.87
C TRP L 557 -83.66 -39.46 -64.57
N LEU L 558 -83.62 -40.44 -65.46
CA LEU L 558 -84.45 -41.64 -65.31
C LEU L 558 -83.92 -42.65 -64.28
N PRO L 559 -82.61 -43.00 -64.23
CA PRO L 559 -82.19 -43.89 -63.13
C PRO L 559 -82.08 -43.18 -61.79
N LEU L 560 -82.15 -41.85 -61.77
CA LEU L 560 -81.97 -41.13 -60.51
C LEU L 560 -83.17 -41.25 -59.61
N GLY L 561 -84.38 -41.25 -60.18
CA GLY L 561 -85.57 -41.47 -59.38
C GLY L 561 -85.66 -42.88 -58.86
N LEU L 562 -85.04 -43.84 -59.57
CA LEU L 562 -84.87 -45.19 -59.04
C LEU L 562 -84.02 -45.18 -57.79
N GLY L 563 -82.90 -44.45 -57.81
CA GLY L 563 -82.06 -44.35 -56.63
C GLY L 563 -82.71 -43.58 -55.50
N LEU L 564 -83.57 -42.61 -55.84
CA LEU L 564 -84.27 -41.87 -54.79
C LEU L 564 -85.39 -42.70 -54.20
N ASN L 565 -85.96 -43.62 -54.98
CA ASN L 565 -86.97 -44.53 -54.46
C ASN L 565 -86.35 -45.67 -53.66
N HIS L 566 -85.03 -45.80 -53.65
CA HIS L 566 -84.34 -46.81 -52.86
C HIS L 566 -83.09 -46.23 -52.21
N LEU L 567 -83.26 -45.10 -51.52
CA LEU L 567 -82.15 -44.43 -50.87
C LEU L 567 -82.00 -44.93 -49.43
N GLY L 568 -80.75 -45.11 -49.01
CA GLY L 568 -80.40 -45.27 -47.61
C GLY L 568 -80.67 -46.62 -46.98
N LYS L 569 -80.10 -47.69 -47.53
CA LYS L 569 -80.08 -48.99 -46.86
C LYS L 569 -78.93 -49.82 -47.42
N GLY L 570 -78.08 -50.32 -46.53
CA GLY L 570 -76.91 -51.05 -46.94
C GLY L 570 -77.13 -52.54 -46.98
N GLU L 571 -78.36 -52.95 -47.34
CA GLU L 571 -78.72 -54.35 -47.35
C GLU L 571 -78.12 -55.10 -48.53
N ALA L 572 -77.79 -54.39 -49.62
CA ALA L 572 -77.28 -54.94 -50.88
C ALA L 572 -78.24 -55.96 -51.49
N ILE L 573 -79.54 -55.77 -51.29
CA ILE L 573 -80.57 -56.49 -52.03
C ILE L 573 -81.01 -55.57 -53.16
N GLU L 574 -80.97 -54.26 -52.90
CA GLU L 574 -81.39 -53.28 -53.89
C GLU L 574 -80.44 -53.24 -55.09
N ALA L 575 -79.17 -53.57 -54.88
CA ALA L 575 -78.27 -53.76 -56.01
C ALA L 575 -78.59 -55.05 -56.76
N ILE L 576 -78.96 -56.09 -56.03
CA ILE L 576 -79.40 -57.33 -56.66
C ILE L 576 -80.73 -57.13 -57.37
N LEU L 577 -81.59 -56.25 -56.84
CA LEU L 577 -82.83 -55.91 -57.52
C LEU L 577 -82.56 -55.14 -58.81
N ALA L 578 -81.85 -54.02 -58.72
CA ALA L 578 -81.81 -53.06 -59.82
C ALA L 578 -80.88 -53.51 -60.93
N ALA L 579 -79.69 -54.01 -60.59
CA ALA L 579 -78.68 -54.29 -61.61
C ALA L 579 -79.03 -55.53 -62.42
N LEU L 580 -79.72 -56.50 -61.80
CA LEU L 580 -80.19 -57.67 -62.53
C LEU L 580 -81.50 -57.39 -63.26
N GLU L 581 -82.10 -56.22 -63.04
CA GLU L 581 -83.32 -55.81 -63.73
C GLU L 581 -83.03 -55.12 -65.05
N VAL L 582 -81.89 -54.43 -65.14
CA VAL L 582 -81.55 -53.64 -66.32
C VAL L 582 -80.27 -54.23 -66.89
N VAL L 583 -80.16 -55.56 -66.85
CA VAL L 583 -79.07 -56.28 -67.53
C VAL L 583 -79.18 -55.97 -69.02
N SER L 584 -78.19 -55.24 -69.54
CA SER L 584 -78.36 -54.52 -70.80
C SER L 584 -76.98 -54.10 -71.32
N GLU L 585 -77.00 -53.26 -72.36
CA GLU L 585 -75.79 -52.74 -72.98
C GLU L 585 -75.12 -51.72 -72.04
N PRO L 586 -73.80 -51.48 -72.20
CA PRO L 586 -73.09 -50.65 -71.19
C PRO L 586 -73.52 -49.18 -71.13
N PHE L 587 -74.11 -48.63 -72.17
CA PHE L 587 -74.59 -47.26 -72.04
C PHE L 587 -75.91 -47.17 -71.28
N ARG L 588 -76.67 -48.27 -71.21
CA ARG L 588 -77.73 -48.42 -70.23
C ARG L 588 -77.23 -48.99 -68.91
N SER L 589 -76.08 -49.66 -68.90
CA SER L 589 -75.42 -50.05 -67.66
C SER L 589 -74.57 -48.93 -67.06
N PHE L 590 -74.70 -47.72 -67.61
CA PHE L 590 -74.40 -46.50 -66.86
C PHE L 590 -75.20 -46.44 -65.57
N ALA L 591 -76.44 -46.93 -65.59
CA ALA L 591 -77.33 -46.95 -64.44
C ALA L 591 -76.94 -47.98 -63.39
N ASN L 592 -75.89 -48.78 -63.63
CA ASN L 592 -75.46 -49.77 -62.65
C ASN L 592 -74.94 -49.12 -61.37
N THR L 593 -74.21 -48.02 -61.50
CA THR L 593 -73.63 -47.35 -60.35
C THR L 593 -74.60 -46.42 -59.65
N LEU L 594 -75.78 -46.18 -60.21
CA LEU L 594 -76.72 -45.23 -59.61
C LEU L 594 -77.41 -45.84 -58.41
N VAL L 595 -78.21 -46.89 -58.64
CA VAL L 595 -79.03 -47.45 -57.58
C VAL L 595 -78.19 -48.33 -56.65
N ASP L 596 -76.96 -48.65 -57.07
CA ASP L 596 -75.97 -49.29 -56.19
C ASP L 596 -75.70 -48.42 -54.96
N VAL L 597 -75.29 -47.18 -55.18
CA VAL L 597 -74.73 -46.36 -54.12
C VAL L 597 -75.71 -45.28 -53.65
N CYS L 598 -76.84 -45.09 -54.33
CA CYS L 598 -77.88 -44.23 -53.77
C CYS L 598 -78.51 -44.86 -52.54
N ALA L 599 -78.48 -46.18 -52.42
CA ALA L 599 -78.84 -46.89 -51.20
C ALA L 599 -77.74 -46.80 -50.14
N TYR L 600 -76.62 -46.17 -50.48
CA TYR L 600 -75.39 -46.16 -49.69
C TYR L 600 -75.05 -44.70 -49.36
N ALA L 601 -76.00 -44.04 -48.70
CA ALA L 601 -75.87 -42.61 -48.41
C ALA L 601 -74.69 -42.34 -47.46
N GLY L 602 -74.65 -43.00 -46.32
CA GLY L 602 -73.54 -42.78 -45.40
C GLY L 602 -73.37 -43.80 -44.30
N SER L 603 -72.15 -44.35 -44.21
CA SER L 603 -71.70 -45.38 -43.27
C SER L 603 -70.20 -45.61 -43.49
N GLY L 604 -69.63 -46.59 -42.80
CA GLY L 604 -68.36 -47.13 -43.22
C GLY L 604 -68.50 -48.48 -43.92
N ASN L 605 -68.49 -48.49 -45.25
CA ASN L 605 -68.54 -49.73 -46.01
C ASN L 605 -67.43 -49.74 -47.06
N VAL L 606 -66.20 -49.51 -46.60
CA VAL L 606 -64.98 -49.32 -47.38
C VAL L 606 -64.78 -50.36 -48.49
N LEU L 607 -65.31 -51.56 -48.29
CA LEU L 607 -65.36 -52.58 -49.34
C LEU L 607 -66.19 -52.14 -50.55
N LYS L 608 -67.18 -51.27 -50.34
CA LYS L 608 -67.85 -50.68 -51.49
C LYS L 608 -66.98 -49.58 -52.09
N VAL L 609 -66.18 -48.90 -51.28
CA VAL L 609 -65.45 -47.75 -51.79
C VAL L 609 -64.29 -48.22 -52.67
N GLN L 610 -63.81 -49.44 -52.45
CA GLN L 610 -62.81 -49.98 -53.35
C GLN L 610 -63.41 -50.47 -54.66
N GLN L 611 -64.63 -51.02 -54.65
CA GLN L 611 -65.29 -51.34 -55.92
C GLN L 611 -65.86 -50.08 -56.55
N LEU L 612 -65.92 -49.00 -55.79
CA LEU L 612 -66.15 -47.67 -56.33
C LEU L 612 -64.92 -47.11 -57.03
N LEU L 613 -63.78 -47.80 -56.95
CA LEU L 613 -62.58 -47.39 -57.65
C LEU L 613 -62.07 -48.45 -58.62
N HIS L 614 -61.95 -49.70 -58.17
CA HIS L 614 -61.09 -50.66 -58.85
C HIS L 614 -61.65 -51.19 -60.16
N ILE L 615 -62.97 -51.15 -60.37
CA ILE L 615 -63.52 -51.68 -61.61
C ILE L 615 -63.27 -50.71 -62.77
N CYS L 616 -63.85 -49.52 -62.72
CA CYS L 616 -63.61 -48.49 -63.72
C CYS L 616 -62.69 -47.42 -63.16
N SER L 617 -61.40 -47.75 -63.08
CA SER L 617 -60.46 -46.79 -62.48
C SER L 617 -60.01 -45.74 -63.50
N GLU L 618 -59.18 -46.13 -64.47
CA GLU L 618 -58.82 -45.21 -65.55
C GLU L 618 -59.10 -45.78 -66.93
N HIS L 619 -58.34 -46.81 -67.36
CA HIS L 619 -58.40 -47.52 -68.64
C HIS L 619 -58.10 -46.69 -69.89
N PHE L 620 -58.00 -45.36 -69.71
CA PHE L 620 -57.79 -44.27 -70.67
C PHE L 620 -58.95 -44.06 -71.65
N ASP L 621 -59.78 -45.08 -71.88
CA ASP L 621 -61.17 -45.07 -72.33
C ASP L 621 -61.51 -44.06 -73.43
N SER L 622 -61.16 -44.34 -74.68
CA SER L 622 -61.24 -43.36 -75.76
C SER L 622 -62.70 -43.01 -76.06
N LYS L 623 -63.27 -42.20 -75.16
CA LYS L 623 -64.52 -41.46 -75.32
C LYS L 623 -65.73 -42.39 -75.44
N GLU L 624 -65.78 -43.44 -74.62
CA GLU L 624 -66.91 -44.35 -74.63
C GLU L 624 -67.67 -44.37 -73.30
N LYS L 625 -67.03 -44.72 -72.18
CA LYS L 625 -67.73 -44.77 -70.90
C LYS L 625 -67.27 -43.70 -69.92
N GLU L 626 -66.75 -42.58 -70.42
CA GLU L 626 -66.28 -41.46 -69.60
C GLU L 626 -67.36 -40.86 -68.71
N GLU L 627 -68.63 -41.00 -69.09
CA GLU L 627 -69.72 -40.58 -68.21
C GLU L 627 -69.83 -41.49 -67.00
N ASP L 628 -69.54 -42.78 -67.18
CA ASP L 628 -69.72 -43.74 -66.10
C ASP L 628 -68.65 -43.58 -65.02
N LYS L 629 -67.42 -43.27 -65.41
CA LYS L 629 -66.37 -43.03 -64.43
C LYS L 629 -66.57 -41.69 -63.72
N ASP L 630 -67.26 -40.75 -64.36
CA ASP L 630 -67.68 -39.55 -63.65
C ASP L 630 -68.77 -39.87 -62.65
N LYS L 631 -69.74 -40.69 -63.06
CA LYS L 631 -70.84 -41.04 -62.17
C LYS L 631 -70.40 -42.04 -61.10
N LYS L 632 -69.40 -42.87 -61.38
CA LYS L 632 -68.80 -43.67 -60.32
C LYS L 632 -68.07 -42.77 -59.33
N GLU L 633 -67.50 -41.67 -59.82
CA GLU L 633 -66.90 -40.70 -58.90
C GLU L 633 -67.97 -39.86 -58.21
N LYS L 634 -69.12 -39.68 -58.86
CA LYS L 634 -70.26 -38.99 -58.25
C LYS L 634 -70.74 -39.71 -57.02
N LYS L 635 -70.67 -41.04 -57.02
CA LYS L 635 -71.11 -41.79 -55.87
C LYS L 635 -70.00 -41.96 -54.84
N ASP L 636 -68.79 -41.51 -55.15
CA ASP L 636 -67.75 -41.37 -54.14
C ASP L 636 -67.97 -40.12 -53.30
N LYS L 637 -68.78 -39.19 -53.78
CA LYS L 637 -69.00 -37.92 -53.10
C LYS L 637 -69.82 -38.11 -51.83
N ASP L 638 -70.89 -38.89 -51.92
CA ASP L 638 -71.56 -39.37 -50.73
C ASP L 638 -70.83 -40.62 -50.24
N LYS L 639 -71.26 -41.17 -49.10
CA LYS L 639 -70.53 -42.13 -48.25
C LYS L 639 -69.23 -41.50 -47.74
N LYS L 640 -69.19 -40.18 -47.73
CA LYS L 640 -68.02 -39.41 -47.33
C LYS L 640 -68.46 -38.21 -46.49
N GLU L 641 -69.72 -37.82 -46.63
CA GLU L 641 -70.24 -36.60 -46.00
C GLU L 641 -70.91 -36.87 -44.67
N ALA L 642 -70.96 -38.13 -44.23
CA ALA L 642 -71.35 -38.43 -42.86
C ALA L 642 -70.69 -39.65 -42.21
N PRO L 643 -69.33 -39.81 -42.21
CA PRO L 643 -68.70 -40.51 -41.07
C PRO L 643 -68.24 -39.51 -40.02
N ALA L 644 -68.68 -38.26 -40.17
CA ALA L 644 -68.32 -37.13 -39.32
C ALA L 644 -66.80 -36.89 -39.32
N ASP L 645 -66.33 -36.48 -40.51
CA ASP L 645 -65.03 -35.84 -40.77
C ASP L 645 -63.88 -36.84 -40.69
N MET L 646 -64.18 -38.10 -40.39
CA MET L 646 -63.16 -39.15 -40.30
C MET L 646 -62.63 -39.49 -41.69
N GLY L 647 -63.51 -39.45 -42.69
CA GLY L 647 -63.11 -39.75 -44.06
C GLY L 647 -63.12 -38.51 -44.92
N ALA L 648 -63.57 -37.39 -44.35
CA ALA L 648 -63.59 -36.13 -45.10
C ALA L 648 -62.18 -35.61 -45.33
N HIS L 649 -61.30 -35.74 -44.32
CA HIS L 649 -59.90 -35.42 -44.53
C HIS L 649 -59.26 -36.40 -45.50
N GLN L 650 -59.69 -37.66 -45.46
CA GLN L 650 -59.18 -38.64 -46.40
C GLN L 650 -59.78 -38.43 -47.79
N GLY L 651 -61.00 -37.88 -47.85
CA GLY L 651 -61.59 -37.60 -49.15
C GLY L 651 -60.90 -36.46 -49.86
N VAL L 652 -60.55 -35.41 -49.12
CA VAL L 652 -59.87 -34.28 -49.73
C VAL L 652 -58.40 -34.60 -50.00
N ALA L 653 -57.85 -35.59 -49.29
CA ALA L 653 -56.47 -36.01 -49.55
C ALA L 653 -56.39 -36.83 -50.82
N VAL L 654 -57.34 -37.75 -51.02
CA VAL L 654 -57.32 -38.59 -52.21
C VAL L 654 -57.70 -37.79 -53.44
N LEU L 655 -58.86 -37.13 -53.41
CA LEU L 655 -59.40 -36.50 -54.60
C LEU L 655 -58.68 -35.21 -54.98
N GLY L 656 -57.82 -34.71 -54.11
CA GLY L 656 -56.95 -33.61 -54.49
C GLY L 656 -55.75 -34.13 -55.25
N ILE L 657 -55.24 -35.29 -54.85
CA ILE L 657 -54.03 -35.82 -55.45
C ILE L 657 -54.35 -36.66 -56.67
N ALA L 658 -55.29 -37.60 -56.53
CA ALA L 658 -55.42 -38.68 -57.51
C ALA L 658 -56.04 -38.22 -58.81
N LEU L 659 -57.06 -37.36 -58.77
CA LEU L 659 -57.79 -37.05 -59.99
C LEU L 659 -57.30 -35.76 -60.65
N ILE L 660 -57.40 -34.65 -59.93
CA ILE L 660 -56.97 -33.36 -60.45
C ILE L 660 -55.45 -33.34 -60.66
N ALA L 661 -54.79 -34.39 -60.22
CA ALA L 661 -53.34 -34.49 -60.37
C ALA L 661 -52.97 -35.46 -61.48
N MET L 662 -53.30 -36.73 -61.29
CA MET L 662 -53.01 -37.76 -62.27
C MET L 662 -54.29 -38.33 -62.88
N GLY L 663 -55.11 -37.46 -63.46
CA GLY L 663 -56.35 -37.88 -64.07
C GLY L 663 -56.46 -37.46 -65.52
N GLU L 664 -57.68 -37.25 -65.98
CA GLU L 664 -57.93 -36.85 -67.37
C GLU L 664 -59.31 -36.24 -67.51
N GLU L 665 -60.29 -37.07 -67.87
CA GLU L 665 -61.67 -36.61 -68.04
C GLU L 665 -62.42 -36.74 -66.74
N ILE L 666 -61.94 -37.64 -65.88
CA ILE L 666 -62.55 -37.87 -64.58
C ILE L 666 -62.27 -36.67 -63.66
N GLY L 667 -61.01 -36.25 -63.62
CA GLY L 667 -60.61 -35.15 -62.75
C GLY L 667 -60.93 -33.77 -63.30
N ALA L 668 -60.42 -33.45 -64.49
CA ALA L 668 -60.44 -32.09 -65.02
C ALA L 668 -61.77 -31.72 -65.67
N GLU L 669 -62.81 -32.51 -65.49
CA GLU L 669 -64.13 -32.16 -65.98
C GLU L 669 -65.17 -32.13 -64.86
N MET L 670 -65.08 -33.05 -63.91
CA MET L 670 -66.20 -33.37 -63.05
C MET L 670 -65.84 -33.51 -61.57
N ALA L 671 -64.59 -33.81 -61.22
CA ALA L 671 -64.26 -34.26 -59.86
C ALA L 671 -64.17 -33.12 -58.84
N LEU L 672 -64.68 -31.93 -59.15
CA LEU L 672 -64.75 -30.87 -58.18
C LEU L 672 -66.11 -30.81 -57.50
N ARG L 673 -67.11 -31.50 -58.03
CA ARG L 673 -68.43 -31.54 -57.42
C ARG L 673 -68.45 -32.30 -56.09
N THR L 674 -67.36 -32.98 -55.73
CA THR L 674 -67.18 -33.47 -54.37
C THR L 674 -67.23 -32.32 -53.38
N PHE L 675 -66.45 -31.28 -53.66
CA PHE L 675 -66.37 -30.13 -52.76
C PHE L 675 -67.66 -29.33 -52.79
N GLY L 676 -68.41 -29.42 -53.89
CA GLY L 676 -69.78 -28.95 -53.95
C GLY L 676 -70.81 -29.93 -53.41
N HIS L 677 -70.37 -31.00 -52.76
CA HIS L 677 -71.28 -31.94 -52.12
C HIS L 677 -70.81 -32.35 -50.73
N LEU L 678 -69.53 -32.22 -50.42
CA LEU L 678 -69.00 -32.70 -49.14
C LEU L 678 -69.43 -31.80 -47.98
N LEU L 679 -69.14 -30.51 -48.09
CA LEU L 679 -69.54 -29.58 -47.05
C LEU L 679 -70.07 -28.30 -47.67
N ARG L 680 -70.82 -27.53 -46.88
CA ARG L 680 -71.26 -26.22 -47.35
C ARG L 680 -70.91 -25.21 -46.27
N TYR L 681 -70.01 -25.60 -45.37
CA TYR L 681 -69.60 -24.71 -44.30
C TYR L 681 -68.53 -23.71 -44.72
N GLY L 682 -67.50 -24.18 -45.42
CA GLY L 682 -66.41 -23.33 -45.83
C GLY L 682 -65.27 -23.28 -44.84
N GLU L 683 -64.06 -23.52 -45.35
CA GLU L 683 -62.83 -23.47 -44.59
C GLU L 683 -61.71 -23.33 -45.62
N PRO L 684 -60.63 -22.61 -45.31
CA PRO L 684 -59.69 -22.20 -46.38
C PRO L 684 -58.80 -23.29 -46.93
N THR L 685 -58.95 -24.55 -46.48
CA THR L 685 -58.20 -25.63 -47.11
C THR L 685 -58.73 -25.90 -48.51
N LEU L 686 -60.00 -26.29 -48.62
CA LEU L 686 -60.57 -26.57 -49.93
C LEU L 686 -61.03 -25.30 -50.63
N ARG L 687 -61.36 -24.25 -49.87
CA ARG L 687 -61.78 -22.99 -50.48
C ARG L 687 -60.62 -22.29 -51.20
N ARG L 688 -59.38 -22.63 -50.86
CA ARG L 688 -58.24 -22.11 -51.61
C ARG L 688 -57.67 -23.12 -52.59
N ALA L 689 -57.99 -24.40 -52.43
CA ALA L 689 -57.51 -25.43 -53.34
C ALA L 689 -58.25 -25.44 -54.66
N VAL L 690 -59.48 -24.95 -54.69
CA VAL L 690 -60.25 -24.86 -55.94
C VAL L 690 -59.76 -23.74 -56.84
N PRO L 691 -59.43 -22.51 -56.37
CA PRO L 691 -58.79 -21.55 -57.28
C PRO L 691 -57.38 -21.89 -57.69
N LEU L 692 -56.76 -22.93 -57.11
CA LEU L 692 -55.54 -23.46 -57.69
C LEU L 692 -55.81 -24.07 -59.06
N ALA L 693 -57.02 -24.59 -59.26
CA ALA L 693 -57.47 -25.11 -60.54
C ALA L 693 -58.53 -24.23 -61.19
N LEU L 694 -58.79 -23.04 -60.65
CA LEU L 694 -59.74 -22.11 -61.28
C LEU L 694 -59.10 -20.83 -61.78
N ALA L 695 -58.20 -20.22 -60.99
CA ALA L 695 -57.42 -19.09 -61.52
C ALA L 695 -56.57 -19.54 -62.70
N LEU L 696 -56.04 -20.75 -62.63
CA LEU L 696 -55.64 -21.50 -63.82
C LEU L 696 -56.92 -22.09 -64.40
N ILE L 697 -57.50 -21.40 -65.40
CA ILE L 697 -58.77 -21.84 -65.98
C ILE L 697 -58.56 -23.11 -66.80
N SER L 698 -57.37 -23.28 -67.37
CA SER L 698 -57.02 -24.34 -68.33
C SER L 698 -58.00 -24.33 -69.50
N VAL L 699 -57.93 -23.25 -70.28
CA VAL L 699 -58.95 -22.90 -71.26
C VAL L 699 -58.99 -23.81 -72.48
N SER L 700 -58.06 -24.77 -72.61
CA SER L 700 -58.00 -25.63 -73.78
C SER L 700 -59.19 -26.57 -73.88
N ASN L 701 -59.80 -26.94 -72.76
CA ASN L 701 -60.98 -27.78 -72.77
C ASN L 701 -62.21 -26.91 -73.05
N PRO L 702 -63.42 -27.51 -73.18
CA PRO L 702 -64.62 -26.67 -73.13
C PRO L 702 -64.83 -26.08 -71.75
N ARG L 703 -64.16 -24.95 -71.50
CA ARG L 703 -63.84 -24.37 -70.18
C ARG L 703 -65.01 -24.19 -69.23
N LEU L 704 -66.25 -24.28 -69.73
CA LEU L 704 -67.42 -24.34 -68.85
C LEU L 704 -67.48 -25.63 -68.03
N ASN L 705 -66.65 -26.62 -68.34
CA ASN L 705 -66.39 -27.69 -67.39
C ASN L 705 -65.70 -27.16 -66.14
N ILE L 706 -64.60 -26.43 -66.31
CA ILE L 706 -63.93 -25.77 -65.20
C ILE L 706 -64.76 -24.61 -64.68
N LEU L 707 -65.55 -23.98 -65.55
CA LEU L 707 -66.45 -22.95 -65.05
C LEU L 707 -67.72 -23.53 -64.45
N ASP L 708 -68.03 -24.81 -64.67
CA ASP L 708 -68.99 -25.46 -63.79
C ASP L 708 -68.41 -25.63 -62.40
N THR L 709 -67.10 -25.87 -62.33
CA THR L 709 -66.44 -25.97 -61.03
C THR L 709 -66.26 -24.60 -60.40
N LEU L 710 -66.34 -23.53 -61.19
CA LEU L 710 -66.48 -22.19 -60.62
C LEU L 710 -67.82 -22.04 -59.91
N SER L 711 -68.88 -22.61 -60.51
CA SER L 711 -70.25 -22.30 -60.10
C SER L 711 -70.55 -22.81 -58.70
N LYS L 712 -70.33 -24.10 -58.48
CA LYS L 712 -70.57 -24.68 -57.17
C LYS L 712 -69.30 -24.80 -56.35
N PHE L 713 -68.27 -24.02 -56.68
CA PHE L 713 -67.30 -23.60 -55.68
C PHE L 713 -67.95 -22.72 -54.62
N SER L 714 -68.94 -21.91 -55.03
CA SER L 714 -69.76 -21.12 -54.12
C SER L 714 -70.99 -21.87 -53.67
N HIS L 715 -70.92 -23.19 -53.63
CA HIS L 715 -71.95 -24.03 -53.03
C HIS L 715 -71.70 -24.22 -51.54
N ASP L 716 -71.03 -23.26 -50.92
CA ASP L 716 -70.89 -23.20 -49.48
C ASP L 716 -71.75 -22.05 -48.99
N ALA L 717 -72.72 -22.38 -48.14
CA ALA L 717 -73.63 -21.42 -47.55
C ALA L 717 -72.95 -20.81 -46.30
N ASP L 718 -73.74 -20.14 -45.42
CA ASP L 718 -73.26 -19.37 -44.26
C ASP L 718 -72.31 -18.27 -44.70
N PRO L 719 -72.86 -17.09 -45.16
CA PRO L 719 -72.06 -16.02 -45.81
C PRO L 719 -70.72 -15.65 -45.19
N GLU L 720 -69.73 -15.42 -46.05
CA GLU L 720 -68.34 -15.33 -45.61
C GLU L 720 -67.61 -14.14 -46.23
N VAL L 721 -66.29 -14.14 -46.08
CA VAL L 721 -65.38 -13.18 -46.68
C VAL L 721 -64.92 -13.65 -48.07
N SER L 722 -65.62 -14.64 -48.63
CA SER L 722 -65.23 -15.24 -49.90
C SER L 722 -65.48 -14.32 -51.09
N TYR L 723 -66.11 -13.17 -50.85
CA TYR L 723 -66.30 -12.11 -51.84
C TYR L 723 -64.99 -11.64 -52.48
N ASN L 724 -63.88 -11.75 -51.74
CA ASN L 724 -62.57 -11.43 -52.28
C ASN L 724 -62.21 -12.31 -53.47
N SER L 725 -62.63 -13.58 -53.44
CA SER L 725 -62.31 -14.47 -54.55
C SER L 725 -63.25 -14.23 -55.73
N ILE L 726 -64.54 -14.09 -55.46
CA ILE L 726 -65.53 -14.11 -56.54
C ILE L 726 -65.55 -12.80 -57.29
N PHE L 727 -65.46 -11.67 -56.58
CA PHE L 727 -65.48 -10.37 -57.24
C PHE L 727 -64.20 -10.13 -58.03
N ALA L 728 -63.06 -10.61 -57.53
CA ALA L 728 -61.82 -10.46 -58.27
C ALA L 728 -61.76 -11.39 -59.45
N MET L 729 -62.41 -12.55 -59.36
CA MET L 729 -62.51 -13.42 -60.53
C MET L 729 -63.63 -12.95 -61.45
N GLY L 730 -64.60 -12.21 -60.91
CA GLY L 730 -65.57 -11.56 -61.77
C GLY L 730 -65.00 -10.40 -62.55
N MET L 731 -63.92 -9.79 -62.02
CA MET L 731 -63.27 -8.70 -62.74
C MET L 731 -62.49 -9.22 -63.93
N VAL L 732 -61.78 -10.34 -63.76
CA VAL L 732 -61.16 -11.01 -64.90
C VAL L 732 -62.18 -11.82 -65.67
N GLY L 733 -63.37 -12.04 -65.10
CA GLY L 733 -64.42 -12.80 -65.74
C GLY L 733 -65.37 -12.02 -66.60
N SER L 734 -65.23 -10.70 -66.67
CA SER L 734 -66.08 -9.91 -67.56
C SER L 734 -65.59 -9.98 -69.00
N GLY L 735 -64.38 -9.50 -69.25
CA GLY L 735 -63.78 -9.56 -70.58
C GLY L 735 -63.36 -10.96 -70.96
N THR L 736 -62.34 -11.50 -70.30
CA THR L 736 -61.99 -12.90 -70.44
C THR L 736 -62.99 -13.75 -69.68
N ASN L 737 -62.93 -15.06 -69.89
CA ASN L 737 -63.93 -16.04 -69.42
C ASN L 737 -65.34 -15.58 -69.81
N ASN L 738 -65.55 -15.60 -71.14
CA ASN L 738 -66.41 -14.67 -71.85
C ASN L 738 -67.84 -14.61 -71.31
N ALA L 739 -68.41 -13.39 -71.33
CA ALA L 739 -69.69 -13.11 -70.71
C ALA L 739 -70.88 -13.65 -71.50
N ARG L 740 -70.64 -14.21 -72.69
CA ARG L 740 -71.73 -14.87 -73.41
C ARG L 740 -72.21 -16.13 -72.70
N LEU L 741 -71.32 -16.78 -71.96
CA LEU L 741 -71.62 -18.10 -71.43
C LEU L 741 -71.85 -18.12 -69.93
N ALA L 742 -71.00 -17.43 -69.16
CA ALA L 742 -71.02 -17.58 -67.72
C ALA L 742 -71.19 -16.27 -66.97
N ALA L 743 -71.65 -15.20 -67.63
CA ALA L 743 -71.96 -13.97 -66.91
C ALA L 743 -73.15 -14.17 -65.99
N MET L 744 -74.05 -15.08 -66.36
CA MET L 744 -75.04 -15.59 -65.42
C MET L 744 -74.36 -16.31 -64.26
N LEU L 745 -73.31 -17.07 -64.55
CA LEU L 745 -72.80 -18.08 -63.62
C LEU L 745 -72.01 -17.45 -62.48
N ARG L 746 -71.09 -16.53 -62.80
CA ARG L 746 -70.24 -15.92 -61.79
C ARG L 746 -71.05 -15.12 -60.80
N GLN L 747 -72.09 -14.43 -61.30
CA GLN L 747 -73.00 -13.74 -60.41
C GLN L 747 -74.03 -14.69 -59.79
N LEU L 748 -74.28 -15.84 -60.39
CA LEU L 748 -75.00 -16.88 -59.67
C LEU L 748 -74.17 -17.38 -58.48
N ALA L 749 -72.87 -17.50 -58.68
CA ALA L 749 -71.98 -17.85 -57.57
C ALA L 749 -71.84 -16.71 -56.58
N GLN L 750 -71.86 -15.46 -57.08
CA GLN L 750 -71.70 -14.32 -56.20
C GLN L 750 -72.93 -14.12 -55.32
N TYR L 751 -74.12 -14.31 -55.87
CA TYR L 751 -75.34 -13.95 -55.17
C TYR L 751 -75.89 -15.09 -54.31
N HIS L 752 -75.25 -16.26 -54.35
CA HIS L 752 -75.79 -17.42 -53.63
C HIS L 752 -75.22 -17.54 -52.23
N ALA L 753 -74.01 -17.03 -51.99
CA ALA L 753 -73.42 -17.11 -50.65
C ALA L 753 -74.20 -16.26 -49.67
N LYS L 754 -74.52 -15.03 -50.04
CA LYS L 754 -75.43 -14.18 -49.27
C LYS L 754 -76.87 -14.41 -49.77
N ASP L 755 -77.40 -15.61 -49.48
CA ASP L 755 -78.71 -15.92 -50.01
C ASP L 755 -79.82 -15.16 -49.26
N PRO L 756 -80.30 -15.53 -48.03
CA PRO L 756 -80.49 -14.47 -47.01
C PRO L 756 -79.28 -14.29 -46.12
N ASN L 757 -79.46 -13.45 -45.10
CA ASN L 757 -78.55 -13.42 -43.96
C ASN L 757 -78.47 -14.79 -43.29
N ASN L 758 -79.60 -15.48 -43.22
CA ASN L 758 -79.77 -16.68 -42.42
C ASN L 758 -80.28 -17.78 -43.31
N LEU L 759 -80.75 -18.88 -42.71
CA LEU L 759 -81.35 -20.02 -43.38
C LEU L 759 -80.35 -20.65 -44.35
N PHE L 760 -79.25 -21.12 -43.78
CA PHE L 760 -78.20 -21.78 -44.56
C PHE L 760 -78.07 -23.26 -44.26
N MET L 761 -78.99 -23.83 -43.48
CA MET L 761 -78.85 -25.24 -43.13
C MET L 761 -79.40 -26.12 -44.26
N VAL L 762 -78.53 -26.51 -45.17
CA VAL L 762 -78.82 -27.39 -46.30
C VAL L 762 -77.85 -28.55 -46.35
N ARG L 763 -77.39 -29.01 -45.19
CA ARG L 763 -76.17 -29.78 -45.15
C ARG L 763 -76.38 -31.15 -44.49
N LEU L 764 -77.63 -31.56 -44.28
CA LEU L 764 -78.01 -32.95 -44.02
C LEU L 764 -77.45 -33.47 -42.71
N ALA L 765 -77.42 -32.61 -41.70
CA ALA L 765 -76.91 -33.02 -40.41
C ALA L 765 -77.70 -32.29 -39.32
N GLN L 766 -78.49 -33.06 -38.58
CA GLN L 766 -79.34 -32.48 -37.55
C GLN L 766 -79.01 -33.12 -36.22
N GLY L 767 -79.18 -32.32 -35.17
CA GLY L 767 -78.96 -32.76 -33.80
C GLY L 767 -77.48 -32.92 -33.51
N LEU L 768 -76.90 -34.02 -33.99
CA LEU L 768 -75.46 -34.10 -34.14
C LEU L 768 -75.09 -34.57 -35.54
N THR L 769 -75.74 -35.65 -36.02
CA THR L 769 -75.26 -36.26 -37.25
C THR L 769 -76.34 -36.87 -38.15
N HIS L 770 -77.62 -36.82 -37.79
CA HIS L 770 -78.55 -37.60 -38.61
C HIS L 770 -79.01 -36.81 -39.83
N LEU L 771 -79.46 -37.56 -40.84
CA LEU L 771 -79.47 -37.07 -42.21
C LEU L 771 -80.58 -36.05 -42.44
N GLY L 772 -81.84 -36.48 -42.36
CA GLY L 772 -82.95 -35.59 -42.64
C GLY L 772 -83.05 -35.18 -44.10
N LYS L 773 -83.40 -36.13 -44.96
CA LYS L 773 -83.29 -35.96 -46.41
C LYS L 773 -84.44 -35.10 -46.94
N GLY L 774 -84.12 -34.02 -47.65
CA GLY L 774 -82.78 -33.50 -47.82
C GLY L 774 -81.93 -33.88 -49.03
N THR L 775 -81.44 -35.13 -49.06
CA THR L 775 -80.61 -35.58 -50.18
C THR L 775 -81.42 -35.69 -51.47
N LEU L 776 -82.71 -35.97 -51.34
CA LEU L 776 -83.57 -36.16 -52.50
C LEU L 776 -83.81 -34.89 -53.28
N THR L 777 -83.54 -33.74 -52.67
CA THR L 777 -83.81 -32.44 -53.27
C THR L 777 -82.55 -31.78 -53.81
N LEU L 778 -81.39 -32.10 -53.23
CA LEU L 778 -80.13 -31.51 -53.69
C LEU L 778 -79.54 -32.29 -54.85
N CYS L 779 -79.26 -33.59 -54.63
CA CYS L 779 -78.61 -34.53 -55.54
C CYS L 779 -79.14 -34.55 -57.00
N PRO L 780 -80.41 -34.21 -57.29
CA PRO L 780 -80.74 -33.89 -58.68
C PRO L 780 -79.93 -32.77 -59.33
N TYR L 781 -79.48 -31.75 -58.59
CA TYR L 781 -78.76 -30.67 -59.25
C TYR L 781 -77.33 -31.08 -59.63
N HIS L 782 -76.62 -31.75 -58.73
CA HIS L 782 -75.27 -32.16 -59.07
C HIS L 782 -75.27 -33.34 -60.03
N SER L 783 -76.40 -34.05 -60.14
CA SER L 783 -76.59 -34.97 -61.26
C SER L 783 -76.97 -34.22 -62.53
N ASP L 784 -77.56 -33.03 -62.40
CA ASP L 784 -78.01 -32.27 -63.57
C ASP L 784 -76.83 -31.65 -64.31
N ARG L 785 -75.82 -31.20 -63.57
CA ARG L 785 -74.70 -30.48 -64.18
C ARG L 785 -73.72 -31.40 -64.87
N GLN L 786 -74.19 -32.21 -65.84
CA GLN L 786 -73.32 -33.10 -66.61
C GLN L 786 -73.72 -33.03 -68.09
N LEU L 787 -73.13 -32.10 -68.84
CA LEU L 787 -72.36 -30.97 -68.34
C LEU L 787 -72.89 -29.62 -68.85
N MET L 788 -72.99 -29.53 -70.17
CA MET L 788 -73.27 -28.28 -70.86
C MET L 788 -74.67 -28.38 -71.45
N SER L 789 -75.13 -27.32 -72.14
CA SER L 789 -76.40 -27.19 -72.89
C SER L 789 -77.62 -27.15 -71.98
N GLN L 790 -77.41 -27.25 -70.67
CA GLN L 790 -78.47 -27.01 -69.71
C GLN L 790 -78.19 -25.70 -68.99
N VAL L 791 -77.10 -25.03 -69.39
CA VAL L 791 -76.89 -23.64 -69.00
C VAL L 791 -77.76 -22.68 -69.79
N ALA L 792 -78.43 -23.16 -70.84
CA ALA L 792 -79.24 -22.31 -71.70
C ALA L 792 -80.71 -22.68 -71.70
N VAL L 793 -81.05 -23.97 -71.85
CA VAL L 793 -82.42 -24.39 -72.14
C VAL L 793 -83.02 -25.23 -71.00
N ALA L 794 -82.45 -26.41 -70.75
CA ALA L 794 -83.18 -27.42 -69.98
C ALA L 794 -82.90 -27.36 -68.49
N GLY L 795 -81.67 -27.00 -68.09
CA GLY L 795 -81.34 -26.98 -66.67
C GLY L 795 -81.85 -25.78 -65.93
N LEU L 796 -82.44 -24.81 -66.64
CA LEU L 796 -83.07 -23.66 -66.00
C LEU L 796 -84.31 -24.05 -65.21
N LEU L 797 -84.92 -25.20 -65.50
CA LEU L 797 -85.89 -25.79 -64.59
C LEU L 797 -85.23 -26.18 -63.28
N THR L 798 -84.01 -26.70 -63.36
CA THR L 798 -83.30 -27.23 -62.21
C THR L 798 -82.54 -26.16 -61.43
N VAL L 799 -81.69 -25.38 -62.12
CA VAL L 799 -80.64 -24.58 -61.49
C VAL L 799 -81.20 -23.51 -60.55
N LEU L 800 -82.43 -23.06 -60.78
CA LEU L 800 -83.05 -22.12 -59.86
C LEU L 800 -83.56 -22.83 -58.60
N VAL L 801 -84.40 -23.83 -58.79
CA VAL L 801 -85.23 -24.34 -57.71
C VAL L 801 -85.00 -25.83 -57.46
N SER L 802 -83.77 -26.32 -57.66
CA SER L 802 -83.48 -27.72 -57.39
C SER L 802 -83.60 -28.05 -55.92
N PHE L 803 -82.74 -27.48 -55.08
CA PHE L 803 -82.67 -27.83 -53.67
C PHE L 803 -83.43 -26.79 -52.87
N LEU L 804 -84.48 -27.24 -52.19
CA LEU L 804 -85.41 -26.38 -51.48
C LEU L 804 -85.78 -27.02 -50.14
N ASP L 805 -84.80 -27.61 -49.47
CA ASP L 805 -85.05 -28.21 -48.17
C ASP L 805 -84.28 -27.50 -47.07
N VAL L 806 -84.40 -26.20 -47.03
CA VAL L 806 -83.66 -25.45 -46.03
C VAL L 806 -84.52 -25.42 -44.79
N ARG L 807 -83.96 -25.92 -43.68
CA ARG L 807 -84.69 -26.02 -42.42
C ARG L 807 -83.94 -25.15 -41.42
N ASN L 808 -84.69 -24.51 -40.50
CA ASN L 808 -84.77 -23.04 -40.49
C ASN L 808 -83.38 -22.40 -40.45
N ILE L 809 -82.82 -22.08 -39.27
CA ILE L 809 -81.37 -21.94 -39.08
C ILE L 809 -80.94 -22.20 -37.64
N ILE L 810 -81.55 -21.47 -36.70
CA ILE L 810 -80.93 -21.04 -35.46
C ILE L 810 -81.56 -21.75 -34.27
N LEU L 811 -80.74 -21.99 -33.24
CA LEU L 811 -81.28 -22.57 -32.01
C LEU L 811 -81.52 -21.49 -30.94
N GLY L 812 -82.09 -20.38 -31.40
CA GLY L 812 -82.56 -19.39 -30.47
C GLY L 812 -84.04 -19.14 -30.60
N LYS L 813 -84.77 -19.63 -29.60
CA LYS L 813 -86.15 -19.41 -29.20
C LYS L 813 -86.32 -20.22 -27.93
N SER L 814 -87.38 -19.99 -27.15
CA SER L 814 -87.47 -20.67 -25.86
C SER L 814 -88.78 -21.44 -25.68
N HIS L 815 -89.89 -20.86 -26.16
CA HIS L 815 -91.20 -21.53 -26.27
C HIS L 815 -91.84 -21.97 -24.96
N TYR L 816 -91.27 -21.61 -23.81
CA TYR L 816 -91.94 -21.79 -22.53
C TYR L 816 -93.27 -21.03 -22.55
N VAL L 817 -94.34 -21.75 -22.23
CA VAL L 817 -95.58 -21.85 -23.02
C VAL L 817 -96.03 -20.56 -23.70
N LEU L 818 -95.85 -19.41 -23.05
CA LEU L 818 -96.33 -18.15 -23.59
C LEU L 818 -95.37 -17.58 -24.64
N TYR L 819 -94.19 -18.19 -24.79
CA TYR L 819 -93.09 -17.72 -25.65
C TYR L 819 -92.71 -16.28 -25.27
N GLY L 820 -92.15 -16.16 -24.08
CA GLY L 820 -91.63 -14.88 -23.63
C GLY L 820 -90.19 -14.94 -23.18
N LEU L 821 -89.70 -16.14 -22.87
CA LEU L 821 -88.35 -16.31 -22.37
C LEU L 821 -87.35 -16.13 -23.51
N VAL L 822 -86.12 -15.72 -23.17
CA VAL L 822 -85.14 -15.52 -24.24
C VAL L 822 -84.05 -16.58 -24.23
N ALA L 823 -83.03 -16.43 -23.36
CA ALA L 823 -82.24 -17.41 -22.59
C ALA L 823 -81.03 -16.69 -22.02
N ALA L 824 -80.13 -17.44 -21.39
CA ALA L 824 -78.72 -17.05 -21.39
C ALA L 824 -77.88 -18.17 -22.00
N MET L 825 -77.78 -18.19 -23.33
CA MET L 825 -77.07 -19.27 -24.04
C MET L 825 -75.62 -18.89 -24.28
N GLN L 826 -74.77 -19.90 -24.43
CA GLN L 826 -73.35 -19.59 -24.43
C GLN L 826 -72.64 -20.33 -25.57
N PRO L 827 -72.49 -19.68 -26.74
CA PRO L 827 -72.08 -20.38 -27.98
C PRO L 827 -70.59 -20.61 -28.08
N ARG L 828 -70.20 -21.80 -28.55
CA ARG L 828 -68.82 -22.27 -28.58
C ARG L 828 -68.54 -23.19 -29.78
N MET L 829 -67.26 -23.25 -30.20
CA MET L 829 -66.67 -24.26 -31.09
C MET L 829 -66.94 -25.64 -30.46
N LEU L 830 -67.38 -26.59 -31.29
CA LEU L 830 -68.02 -27.83 -30.83
C LEU L 830 -67.15 -28.76 -30.00
N VAL L 831 -67.80 -29.79 -29.44
CA VAL L 831 -67.26 -30.75 -28.49
C VAL L 831 -66.10 -31.53 -29.09
N THR L 832 -65.22 -32.01 -28.20
CA THR L 832 -64.14 -32.91 -28.56
C THR L 832 -64.16 -34.08 -27.58
N PHE L 833 -64.95 -33.93 -26.51
CA PHE L 833 -64.84 -34.81 -25.35
C PHE L 833 -65.37 -36.21 -25.64
N ASP L 834 -64.50 -37.21 -25.53
CA ASP L 834 -64.90 -38.57 -25.87
C ASP L 834 -64.84 -39.46 -24.63
N GLU L 835 -63.65 -39.59 -24.03
CA GLU L 835 -63.54 -40.16 -22.68
C GLU L 835 -62.32 -39.52 -22.00
N GLU L 836 -62.60 -38.67 -21.04
CA GLU L 836 -61.61 -37.99 -20.20
C GLU L 836 -62.15 -37.98 -18.77
N LEU L 837 -61.60 -37.11 -17.93
CA LEU L 837 -62.02 -37.01 -16.54
C LEU L 837 -63.45 -36.52 -16.41
N ARG L 838 -64.18 -37.07 -15.45
CA ARG L 838 -65.54 -36.68 -15.16
C ARG L 838 -65.54 -35.48 -14.21
N PRO L 839 -66.36 -34.46 -14.48
CA PRO L 839 -67.20 -34.31 -15.68
C PRO L 839 -66.40 -33.70 -16.82
N LEU L 840 -66.91 -33.80 -17.97
CA LEU L 840 -66.08 -33.38 -19.08
C LEU L 840 -66.54 -32.01 -19.56
N PRO L 841 -65.62 -31.05 -19.73
CA PRO L 841 -66.00 -29.75 -20.29
C PRO L 841 -66.37 -29.87 -21.75
N VAL L 842 -67.60 -29.47 -22.05
CA VAL L 842 -68.22 -29.76 -23.33
C VAL L 842 -67.55 -28.97 -24.44
N SER L 843 -67.18 -27.72 -24.19
CA SER L 843 -66.52 -26.97 -25.27
C SER L 843 -65.49 -25.96 -24.77
N VAL L 844 -65.00 -25.14 -25.69
CA VAL L 844 -63.66 -24.54 -25.58
C VAL L 844 -63.61 -23.06 -26.01
N ARG L 845 -64.69 -22.50 -26.51
CA ARG L 845 -64.64 -21.18 -27.15
C ARG L 845 -65.48 -20.14 -26.41
N VAL L 846 -65.24 -19.97 -25.11
CA VAL L 846 -66.15 -19.35 -24.15
C VAL L 846 -66.45 -17.88 -24.44
N GLY L 847 -65.69 -17.26 -25.36
CA GLY L 847 -65.79 -15.85 -25.68
C GLY L 847 -67.13 -15.32 -26.15
N GLN L 848 -67.78 -16.01 -27.08
CA GLN L 848 -69.10 -15.58 -27.53
C GLN L 848 -70.15 -15.86 -26.46
N ALA L 849 -71.04 -14.88 -26.25
CA ALA L 849 -72.08 -14.96 -25.22
C ALA L 849 -73.29 -14.16 -25.68
N VAL L 850 -74.36 -14.85 -26.03
CA VAL L 850 -75.60 -14.22 -26.50
C VAL L 850 -76.73 -14.59 -25.55
N ASP L 851 -77.95 -14.16 -25.87
CA ASP L 851 -79.10 -14.51 -25.03
C ASP L 851 -80.16 -15.27 -25.82
N VAL L 852 -80.44 -14.82 -27.03
CA VAL L 852 -81.62 -15.20 -27.80
C VAL L 852 -81.10 -15.41 -29.23
N VAL L 853 -81.94 -15.26 -30.25
CA VAL L 853 -81.96 -15.88 -31.58
C VAL L 853 -80.66 -15.95 -32.40
N GLY L 854 -79.51 -15.60 -31.81
CA GLY L 854 -78.22 -15.72 -32.47
C GLY L 854 -77.86 -17.07 -33.11
N GLN L 855 -76.76 -17.07 -33.86
CA GLN L 855 -76.55 -17.90 -35.04
C GLN L 855 -76.21 -19.35 -34.68
N ALA L 856 -76.16 -20.17 -35.73
CA ALA L 856 -75.78 -21.56 -35.58
C ALA L 856 -74.29 -21.68 -35.86
N GLY L 857 -73.82 -21.38 -37.06
CA GLY L 857 -72.40 -21.52 -37.36
C GLY L 857 -72.00 -22.97 -37.62
N LYS L 858 -70.71 -23.16 -37.96
CA LYS L 858 -70.28 -24.52 -38.33
C LYS L 858 -70.21 -25.45 -37.11
N PRO L 859 -69.24 -25.33 -36.12
CA PRO L 859 -69.30 -26.39 -35.11
C PRO L 859 -69.86 -25.89 -33.78
N LYS L 860 -71.16 -25.73 -33.64
CA LYS L 860 -71.65 -25.09 -32.41
C LYS L 860 -72.66 -25.95 -31.67
N THR L 861 -72.22 -26.50 -30.54
CA THR L 861 -73.12 -27.02 -29.51
C THR L 861 -73.25 -25.97 -28.41
N ILE L 862 -74.29 -25.13 -28.54
CA ILE L 862 -74.44 -23.98 -27.65
C ILE L 862 -75.11 -24.43 -26.37
N THR L 863 -74.49 -24.12 -25.23
CA THR L 863 -75.00 -24.53 -23.93
C THR L 863 -75.57 -23.32 -23.18
N GLY L 864 -76.16 -23.60 -22.03
CA GLY L 864 -76.79 -22.56 -21.24
C GLY L 864 -76.50 -22.73 -19.76
N PHE L 865 -76.75 -21.67 -19.01
CA PHE L 865 -76.44 -21.63 -17.57
C PHE L 865 -77.56 -20.94 -16.81
N GLN L 866 -77.26 -20.48 -15.58
CA GLN L 866 -78.13 -19.67 -14.70
C GLN L 866 -79.22 -20.54 -14.08
N THR L 867 -78.96 -21.86 -14.05
CA THR L 867 -79.77 -22.91 -13.45
C THR L 867 -81.19 -22.84 -13.99
N HIS L 868 -81.33 -23.05 -15.30
CA HIS L 868 -82.64 -23.18 -15.92
C HIS L 868 -82.88 -24.64 -16.26
N THR L 869 -81.88 -25.49 -16.03
CA THR L 869 -81.78 -26.94 -16.12
C THR L 869 -81.76 -27.50 -17.54
N THR L 870 -82.19 -26.67 -18.51
CA THR L 870 -82.28 -27.01 -19.93
C THR L 870 -82.66 -28.46 -20.25
N PRO L 871 -83.70 -29.01 -19.60
CA PRO L 871 -83.72 -30.45 -19.29
C PRO L 871 -84.16 -31.35 -20.44
N VAL L 872 -84.55 -30.73 -21.54
CA VAL L 872 -85.46 -31.28 -22.53
C VAL L 872 -84.99 -32.58 -23.18
N LEU L 873 -83.91 -32.52 -23.95
CA LEU L 873 -83.41 -33.72 -24.60
C LEU L 873 -81.91 -33.81 -24.41
N LEU L 874 -81.31 -32.69 -23.98
CA LEU L 874 -79.89 -32.55 -23.65
C LEU L 874 -79.01 -32.87 -24.87
N ALA L 875 -79.55 -32.65 -26.06
CA ALA L 875 -78.64 -32.72 -27.20
C ALA L 875 -78.50 -31.36 -27.85
N HIS L 876 -79.52 -30.96 -28.62
CA HIS L 876 -80.12 -29.64 -28.90
C HIS L 876 -81.06 -29.88 -30.07
N GLY L 877 -81.46 -28.85 -30.80
CA GLY L 877 -82.40 -29.03 -31.88
C GLY L 877 -83.37 -27.90 -32.16
N GLU L 878 -83.08 -26.70 -31.65
CA GLU L 878 -83.56 -25.41 -32.14
C GLU L 878 -85.04 -25.17 -31.87
N ARG L 879 -85.68 -26.04 -31.11
CA ARG L 879 -86.96 -25.71 -30.49
C ARG L 879 -86.99 -26.26 -29.07
N ALA L 880 -85.99 -25.88 -28.27
CA ALA L 880 -85.95 -26.29 -26.87
C ALA L 880 -87.15 -25.79 -26.09
N GLU L 881 -87.48 -26.49 -24.99
CA GLU L 881 -88.71 -26.22 -24.23
C GLU L 881 -88.44 -25.49 -22.93
N LEU L 882 -87.31 -25.80 -22.26
CA LEU L 882 -86.71 -24.96 -21.22
C LEU L 882 -87.57 -24.72 -19.99
N ALA L 883 -87.74 -25.73 -19.14
CA ALA L 883 -88.47 -25.56 -17.88
C ALA L 883 -87.63 -24.80 -16.84
N THR L 884 -88.05 -24.81 -15.58
CA THR L 884 -87.42 -23.94 -14.58
C THR L 884 -87.36 -24.65 -13.23
N GLU L 885 -86.17 -24.67 -12.62
CA GLU L 885 -85.95 -25.34 -11.35
C GLU L 885 -84.60 -24.91 -10.76
N GLU L 886 -84.59 -24.62 -9.45
CA GLU L 886 -83.39 -24.13 -8.78
C GLU L 886 -83.24 -24.68 -7.35
N PHE L 887 -83.30 -25.99 -7.14
CA PHE L 887 -83.26 -26.52 -5.77
C PHE L 887 -81.81 -26.82 -5.34
N LEU L 888 -80.90 -25.88 -5.62
CA LEU L 888 -79.56 -26.07 -5.04
C LEU L 888 -79.02 -24.93 -4.17
N PRO L 889 -79.76 -24.41 -3.16
CA PRO L 889 -78.92 -23.69 -2.18
C PRO L 889 -78.66 -24.51 -0.93
N GLU M 67 -39.41 -40.27 -54.28
CA GLU M 67 -39.26 -39.69 -55.60
C GLU M 67 -38.64 -38.31 -55.50
N SER M 68 -38.44 -37.65 -56.63
CA SER M 68 -37.89 -36.31 -56.67
C SER M 68 -38.65 -35.48 -57.70
N ASP M 69 -38.19 -34.24 -57.89
CA ASP M 69 -38.79 -33.33 -58.85
C ASP M 69 -37.81 -33.02 -59.97
N THR M 70 -36.62 -32.47 -59.64
CA THR M 70 -35.56 -32.07 -60.57
C THR M 70 -36.06 -31.12 -61.66
N GLY M 71 -37.06 -30.31 -61.35
CA GLY M 71 -37.62 -29.40 -62.33
C GLY M 71 -38.36 -30.11 -63.45
N LEU M 72 -39.48 -30.75 -63.14
CA LEU M 72 -40.28 -31.39 -64.17
C LEU M 72 -41.58 -30.63 -64.31
N ALA M 73 -42.34 -31.00 -65.34
CA ALA M 73 -43.66 -30.48 -65.62
C ALA M 73 -44.38 -31.52 -66.46
N PRO M 74 -45.71 -31.51 -66.49
CA PRO M 74 -46.41 -32.37 -67.44
C PRO M 74 -46.17 -31.91 -68.87
N PRO M 75 -46.03 -32.83 -69.83
CA PRO M 75 -45.72 -32.41 -71.19
C PRO M 75 -46.92 -31.83 -71.88
N ALA M 76 -47.02 -30.50 -71.92
CA ALA M 76 -47.88 -29.83 -72.88
C ALA M 76 -47.22 -28.55 -73.37
N LEU M 77 -46.09 -28.15 -72.79
CA LEU M 77 -45.49 -26.85 -73.02
C LEU M 77 -44.01 -27.00 -73.30
N TRP M 78 -43.44 -28.11 -72.83
CA TRP M 78 -42.02 -28.41 -73.00
C TRP M 78 -41.79 -29.66 -73.83
N ASP M 79 -42.88 -30.36 -74.21
CA ASP M 79 -42.76 -31.55 -75.03
C ASP M 79 -42.21 -31.22 -76.40
N LEU M 80 -42.68 -30.12 -77.00
CA LEU M 80 -42.13 -29.64 -78.27
C LEU M 80 -40.80 -28.92 -78.09
N ALA M 81 -40.47 -28.52 -76.87
CA ALA M 81 -39.21 -27.85 -76.60
C ALA M 81 -38.05 -28.82 -76.47
N ALA M 82 -38.32 -30.09 -76.17
CA ALA M 82 -37.32 -31.02 -75.66
C ALA M 82 -36.75 -31.94 -76.74
N ASP M 83 -37.04 -31.66 -78.02
CA ASP M 83 -36.65 -32.57 -79.08
C ASP M 83 -35.40 -32.01 -79.75
N LYS M 84 -35.40 -30.78 -80.25
CA LYS M 84 -34.28 -30.26 -81.02
C LYS M 84 -33.80 -28.91 -80.53
N GLN M 85 -34.52 -28.28 -79.61
CA GLN M 85 -34.10 -26.97 -79.11
C GLN M 85 -33.02 -27.13 -78.05
N THR M 86 -33.01 -28.27 -77.36
CA THR M 86 -31.98 -28.55 -76.39
C THR M 86 -30.65 -28.78 -77.07
N LEU M 87 -30.66 -29.45 -78.23
CA LEU M 87 -29.44 -29.69 -78.99
C LEU M 87 -28.88 -28.41 -79.59
N GLN M 88 -29.71 -27.40 -79.82
CA GLN M 88 -29.22 -26.12 -80.33
C GLN M 88 -28.78 -25.18 -79.22
N SER M 89 -29.01 -25.54 -77.97
CA SER M 89 -28.56 -24.75 -76.84
C SER M 89 -27.29 -25.32 -76.21
N GLU M 90 -26.74 -26.39 -76.80
CA GLU M 90 -25.52 -27.00 -76.30
C GLU M 90 -24.30 -26.64 -77.12
N GLN M 91 -24.25 -27.12 -78.35
CA GLN M 91 -23.07 -26.94 -79.19
C GLN M 91 -22.97 -25.52 -79.78
N PRO M 92 -24.08 -24.87 -80.27
CA PRO M 92 -23.92 -23.45 -80.64
C PRO M 92 -23.75 -22.54 -79.43
N LEU M 93 -24.63 -22.68 -78.44
CA LEU M 93 -24.61 -21.79 -77.29
C LEU M 93 -23.44 -22.10 -76.36
N GLN M 94 -22.60 -21.10 -76.13
CA GLN M 94 -21.38 -21.29 -75.38
C GLN M 94 -21.65 -21.09 -73.88
N VAL M 95 -20.60 -21.04 -73.07
CA VAL M 95 -20.72 -20.75 -71.65
C VAL M 95 -19.69 -19.68 -71.29
N ALA M 96 -20.16 -18.60 -70.67
CA ALA M 96 -19.31 -17.50 -70.27
C ALA M 96 -19.31 -17.40 -68.75
N ARG M 97 -18.39 -16.60 -68.22
CA ARG M 97 -18.30 -16.36 -66.79
C ARG M 97 -18.33 -14.87 -66.53
N CYS M 98 -18.53 -14.52 -65.25
CA CYS M 98 -18.53 -13.13 -64.82
C CYS M 98 -17.27 -12.86 -64.00
N THR M 99 -16.76 -11.64 -64.15
CA THR M 99 -15.62 -11.14 -63.38
C THR M 99 -15.84 -9.68 -63.04
N LYS M 100 -14.78 -9.02 -62.59
CA LYS M 100 -14.83 -7.60 -62.33
C LYS M 100 -13.73 -6.93 -63.14
N ILE M 101 -13.89 -5.65 -63.41
CA ILE M 101 -12.95 -4.87 -64.20
C ILE M 101 -12.23 -3.91 -63.27
N ILE M 102 -10.91 -4.00 -63.25
CA ILE M 102 -10.12 -3.16 -62.36
C ILE M 102 -9.93 -1.80 -63.02
N ASN M 103 -9.31 -1.78 -64.19
CA ASN M 103 -9.01 -0.53 -64.86
C ASN M 103 -9.02 -0.77 -66.37
N ALA M 104 -8.42 0.17 -67.10
CA ALA M 104 -8.46 0.20 -68.55
C ALA M 104 -7.25 0.98 -69.04
N ASP M 105 -7.09 1.03 -70.36
CA ASP M 105 -6.04 1.84 -70.98
C ASP M 105 -6.64 2.68 -72.09
N SER M 106 -5.82 3.59 -72.61
CA SER M 106 -6.28 4.56 -73.61
C SER M 106 -5.79 4.15 -75.00
N GLU M 107 -6.75 4.17 -75.95
CA GLU M 107 -6.65 3.90 -77.40
C GLU M 107 -6.43 2.42 -77.70
N ASP M 108 -6.15 1.65 -76.66
CA ASP M 108 -5.97 0.22 -76.74
C ASP M 108 -6.61 -0.36 -75.50
N PRO M 109 -7.29 -1.50 -75.61
CA PRO M 109 -7.97 -2.06 -74.44
C PRO M 109 -7.04 -2.45 -73.30
N LYS M 110 -6.24 -3.51 -73.48
CA LYS M 110 -5.33 -4.08 -72.46
C LYS M 110 -5.96 -4.13 -71.08
N TYR M 111 -7.18 -4.67 -71.00
CA TYR M 111 -7.94 -4.61 -69.77
C TYR M 111 -7.42 -5.60 -68.74
N ILE M 112 -7.36 -5.16 -67.50
CA ILE M 112 -6.94 -6.01 -66.39
C ILE M 112 -8.19 -6.50 -65.69
N ILE M 113 -8.31 -7.81 -65.57
CA ILE M 113 -9.49 -8.46 -65.04
C ILE M 113 -9.05 -9.40 -63.93
N ASN M 114 -9.70 -9.29 -62.78
CA ASN M 114 -9.52 -10.24 -61.70
C ASN M 114 -10.71 -11.19 -61.61
N VAL M 115 -10.43 -12.42 -61.18
CA VAL M 115 -11.45 -13.40 -60.86
C VAL M 115 -11.87 -13.30 -59.40
N LYS M 116 -10.93 -12.89 -58.52
CA LYS M 116 -10.92 -12.83 -57.05
C LYS M 116 -10.75 -14.24 -56.46
N GLN M 117 -10.80 -15.26 -57.31
CA GLN M 117 -10.58 -16.62 -56.86
C GLN M 117 -9.42 -17.28 -57.59
N PHE M 118 -9.22 -16.93 -58.87
CA PHE M 118 -8.12 -17.52 -59.63
C PHE M 118 -6.88 -16.62 -59.63
N ALA M 119 -7.00 -15.47 -60.27
CA ALA M 119 -5.86 -14.60 -60.54
C ALA M 119 -6.35 -13.29 -61.12
N LYS M 120 -5.39 -12.46 -61.53
CA LYS M 120 -5.68 -11.27 -62.30
C LYS M 120 -5.15 -11.45 -63.71
N PHE M 121 -6.02 -11.28 -64.69
CA PHE M 121 -5.72 -11.56 -66.08
C PHE M 121 -5.75 -10.28 -66.91
N VAL M 122 -4.90 -10.26 -67.92
CA VAL M 122 -4.80 -9.12 -68.83
C VAL M 122 -5.29 -9.60 -70.17
N VAL M 123 -6.57 -9.38 -70.46
CA VAL M 123 -7.15 -9.90 -71.70
C VAL M 123 -7.81 -8.78 -72.48
N ASP M 124 -8.41 -9.17 -73.60
CA ASP M 124 -8.97 -8.26 -74.58
C ASP M 124 -10.44 -8.58 -74.78
N LEU M 125 -11.19 -7.58 -75.23
CA LEU M 125 -12.58 -7.78 -75.58
C LEU M 125 -12.74 -8.49 -76.91
N SER M 126 -13.96 -8.95 -77.16
CA SER M 126 -14.28 -9.64 -78.41
C SER M 126 -14.71 -8.61 -79.45
N ASP M 127 -15.03 -9.05 -80.67
CA ASP M 127 -15.56 -8.15 -81.69
C ASP M 127 -17.08 -8.16 -81.71
N GLN M 128 -17.70 -8.68 -80.67
CA GLN M 128 -19.15 -8.62 -80.53
C GLN M 128 -19.60 -7.32 -79.89
N VAL M 129 -18.76 -6.72 -79.05
CA VAL M 129 -19.09 -5.49 -78.37
C VAL M 129 -18.09 -4.42 -78.80
N ALA M 130 -18.49 -3.17 -78.61
CA ALA M 130 -17.71 -1.99 -78.87
C ALA M 130 -17.07 -1.50 -77.59
N PRO M 131 -15.84 -0.98 -77.63
CA PRO M 131 -15.19 -0.54 -76.40
C PRO M 131 -15.69 0.81 -75.91
N THR M 132 -16.99 0.91 -75.64
CA THR M 132 -17.63 2.15 -75.30
C THR M 132 -18.19 2.15 -73.89
N ASP M 133 -19.00 1.16 -73.55
CA ASP M 133 -19.65 1.11 -72.25
C ASP M 133 -18.88 0.32 -71.22
N ILE M 134 -17.83 -0.40 -71.63
CA ILE M 134 -17.02 -1.18 -70.71
C ILE M 134 -16.21 -0.23 -69.83
N GLU M 135 -16.61 -0.11 -68.58
CA GLU M 135 -15.95 0.76 -67.62
C GLU M 135 -15.33 -0.10 -66.52
N GLU M 136 -14.74 0.57 -65.53
CA GLU M 136 -14.16 -0.12 -64.39
C GLU M 136 -15.29 -0.63 -63.51
N GLY M 137 -15.28 -1.93 -63.23
CA GLY M 137 -16.29 -2.48 -62.35
C GLY M 137 -17.58 -2.86 -63.05
N MET M 138 -17.50 -3.76 -64.02
CA MET M 138 -18.72 -4.21 -64.68
C MET M 138 -18.63 -5.71 -64.90
N ARG M 139 -19.72 -6.40 -64.57
CA ARG M 139 -19.80 -7.83 -64.80
C ARG M 139 -19.88 -8.11 -66.30
N VAL M 140 -18.81 -8.67 -66.85
CA VAL M 140 -18.69 -8.94 -68.27
C VAL M 140 -18.59 -10.44 -68.49
N GLY M 141 -18.82 -10.85 -69.74
CA GLY M 141 -18.76 -12.24 -70.11
C GLY M 141 -17.36 -12.68 -70.48
N VAL M 142 -16.87 -13.76 -69.85
CA VAL M 142 -15.50 -14.19 -70.02
C VAL M 142 -15.49 -15.56 -70.68
N ASP M 143 -14.73 -15.68 -71.76
CA ASP M 143 -14.50 -16.93 -72.46
C ASP M 143 -13.79 -17.94 -71.55
N ARG M 144 -13.95 -19.22 -71.85
CA ARG M 144 -13.21 -20.24 -71.10
C ARG M 144 -11.80 -20.42 -71.61
N ASN M 145 -11.57 -20.29 -72.90
CA ASN M 145 -10.25 -20.56 -73.47
C ASN M 145 -9.43 -19.27 -73.48
N LYS M 146 -9.88 -18.28 -74.22
CA LYS M 146 -9.10 -17.07 -74.43
C LYS M 146 -9.46 -15.96 -73.47
N TYR M 147 -10.45 -16.19 -72.60
CA TYR M 147 -10.86 -15.28 -71.54
C TYR M 147 -11.35 -13.93 -72.09
N GLN M 148 -11.81 -13.93 -73.33
CA GLN M 148 -12.14 -12.69 -74.01
C GLN M 148 -13.45 -12.14 -73.46
N ILE M 149 -13.58 -10.83 -73.53
CA ILE M 149 -14.72 -10.16 -72.94
C ILE M 149 -15.91 -10.26 -73.88
N HIS M 150 -16.94 -10.95 -73.43
CA HIS M 150 -18.19 -11.07 -74.16
C HIS M 150 -19.09 -9.92 -73.75
N ILE M 151 -20.37 -10.02 -74.09
CA ILE M 151 -21.35 -8.96 -73.87
C ILE M 151 -21.53 -8.78 -72.37
N PRO M 152 -21.34 -7.57 -71.83
CA PRO M 152 -21.48 -7.37 -70.39
C PRO M 152 -22.93 -7.50 -69.94
N LEU M 153 -23.08 -7.70 -68.64
CA LEU M 153 -24.42 -7.86 -68.12
C LEU M 153 -24.74 -6.79 -67.09
N PRO M 154 -25.92 -6.17 -67.18
CA PRO M 154 -26.33 -5.18 -66.19
C PRO M 154 -26.80 -5.87 -64.92
N PRO M 155 -26.73 -5.20 -63.76
CA PRO M 155 -27.25 -5.80 -62.53
C PRO M 155 -28.77 -5.99 -62.49
N LYS M 156 -29.54 -4.90 -62.61
CA LYS M 156 -30.98 -4.93 -62.38
C LYS M 156 -31.69 -4.01 -63.37
N ILE M 157 -32.87 -4.47 -63.82
CA ILE M 157 -33.70 -3.75 -64.79
C ILE M 157 -35.16 -3.97 -64.41
N ASP M 158 -36.05 -3.12 -64.94
CA ASP M 158 -35.83 -1.68 -65.16
C ASP M 158 -36.26 -0.67 -64.03
N PRO M 159 -37.56 -0.71 -63.52
CA PRO M 159 -38.10 0.48 -62.83
C PRO M 159 -37.70 0.64 -61.37
N THR M 160 -36.51 1.18 -61.13
CA THR M 160 -36.04 1.43 -59.77
C THR M 160 -36.13 2.89 -59.36
N VAL M 161 -36.67 3.76 -60.21
CA VAL M 161 -36.74 5.18 -59.93
C VAL M 161 -38.17 5.51 -59.49
N THR M 162 -39.15 4.85 -60.13
CA THR M 162 -40.54 5.04 -59.79
C THR M 162 -40.88 4.49 -58.41
N MET M 163 -40.10 3.51 -57.94
CA MET M 163 -40.33 2.92 -56.62
C MET M 163 -40.00 3.89 -55.50
N MET M 164 -39.13 4.87 -55.75
CA MET M 164 -38.87 5.93 -54.80
C MET M 164 -39.47 7.28 -55.22
N GLN M 165 -39.98 7.38 -56.43
CA GLN M 165 -40.65 8.59 -56.92
C GLN M 165 -42.12 8.25 -57.08
N VAL M 166 -42.87 8.46 -56.01
CA VAL M 166 -44.30 8.12 -56.05
C VAL M 166 -45.10 9.26 -56.68
N GLU M 167 -44.60 10.50 -56.58
CA GLU M 167 -45.24 11.72 -57.10
C GLU M 167 -46.67 11.89 -56.58
N GLU M 168 -46.90 11.46 -55.34
CA GLU M 168 -48.23 11.37 -54.77
C GLU M 168 -48.42 12.47 -53.74
N LYS M 169 -49.64 12.99 -53.66
CA LYS M 169 -49.99 14.04 -52.70
C LYS M 169 -49.92 13.48 -51.29
N PRO M 170 -49.05 14.01 -50.43
CA PRO M 170 -48.94 13.49 -49.06
C PRO M 170 -49.98 14.10 -48.14
N ASP M 171 -50.33 13.34 -47.10
CA ASP M 171 -51.34 13.78 -46.15
C ASP M 171 -50.68 14.55 -45.00
N VAL M 172 -50.13 15.71 -45.35
CA VAL M 172 -49.52 16.62 -44.39
C VAL M 172 -50.10 18.02 -44.61
N THR M 173 -50.73 18.56 -43.58
CA THR M 173 -51.19 19.95 -43.58
C THR M 173 -49.97 20.85 -43.49
N TYR M 174 -50.06 22.03 -44.14
CA TYR M 174 -48.99 23.01 -44.02
C TYR M 174 -48.85 23.55 -42.60
N SER M 175 -49.94 23.52 -41.82
CA SER M 175 -49.92 23.92 -40.42
C SER M 175 -49.37 22.84 -39.48
N ASP M 176 -48.89 21.71 -40.00
CA ASP M 176 -48.40 20.65 -39.13
C ASP M 176 -47.04 20.96 -38.51
N VAL M 177 -46.38 22.03 -38.95
CA VAL M 177 -45.16 22.48 -38.31
C VAL M 177 -45.42 23.92 -37.87
N GLY M 178 -45.57 24.13 -36.58
CA GLY M 178 -45.85 25.45 -36.04
C GLY M 178 -44.81 25.88 -35.03
N GLY M 179 -44.38 27.13 -35.14
CA GLY M 179 -43.51 27.74 -34.15
C GLY M 179 -42.13 28.07 -34.66
N CYS M 180 -41.51 27.17 -35.43
CA CYS M 180 -40.23 27.45 -36.07
C CYS M 180 -40.46 27.79 -37.55
N LYS M 181 -41.14 28.91 -37.77
CA LYS M 181 -41.49 29.32 -39.12
C LYS M 181 -40.35 30.01 -39.85
N GLU M 182 -39.25 30.32 -39.15
CA GLU M 182 -38.17 31.05 -39.77
C GLU M 182 -37.43 30.19 -40.79
N GLN M 183 -37.18 28.93 -40.43
CA GLN M 183 -36.51 28.02 -41.35
C GLN M 183 -37.44 27.56 -42.45
N ILE M 184 -38.75 27.59 -42.19
CA ILE M 184 -39.71 27.22 -43.21
C ILE M 184 -39.75 28.30 -44.30
N GLU M 185 -39.55 29.56 -43.91
CA GLU M 185 -39.47 30.61 -44.91
C GLU M 185 -38.13 30.55 -45.65
N LYS M 186 -37.08 30.10 -44.97
CA LYS M 186 -35.82 29.81 -45.64
C LYS M 186 -35.99 28.70 -46.66
N LEU M 187 -36.70 27.64 -46.28
CA LEU M 187 -36.99 26.56 -47.21
C LEU M 187 -37.99 27.00 -48.27
N ARG M 188 -38.77 28.05 -47.99
CA ARG M 188 -39.62 28.62 -49.03
C ARG M 188 -38.76 29.33 -50.08
N GLU M 189 -37.77 30.09 -49.64
CA GLU M 189 -36.95 30.85 -50.56
C GLU M 189 -36.03 29.96 -51.39
N VAL M 190 -35.43 28.95 -50.76
CA VAL M 190 -34.49 28.10 -51.46
C VAL M 190 -35.20 27.19 -52.44
N VAL M 191 -36.37 26.71 -52.09
CA VAL M 191 -37.04 25.75 -52.97
C VAL M 191 -37.92 26.46 -53.97
N GLU M 192 -38.91 27.22 -53.48
CA GLU M 192 -39.98 27.69 -54.34
C GLU M 192 -39.54 28.82 -55.27
N THR M 193 -38.68 29.73 -54.80
CA THR M 193 -38.38 30.90 -55.62
C THR M 193 -37.50 30.67 -56.86
N PRO M 194 -36.46 29.83 -56.89
CA PRO M 194 -35.82 29.58 -58.19
C PRO M 194 -36.62 28.70 -59.13
N LEU M 195 -37.70 28.09 -58.65
CA LEU M 195 -38.61 27.33 -59.51
C LEU M 195 -39.66 28.20 -60.17
N LEU M 196 -40.17 29.22 -59.47
CA LEU M 196 -41.29 30.01 -59.98
C LEU M 196 -41.06 31.51 -59.99
N HIS M 197 -40.06 32.03 -59.30
CA HIS M 197 -39.76 33.46 -59.32
C HIS M 197 -38.29 33.68 -59.62
N PRO M 198 -37.83 33.34 -60.85
CA PRO M 198 -36.39 33.46 -61.13
C PRO M 198 -36.02 34.82 -61.70
N GLU M 199 -36.50 35.91 -61.11
CA GLU M 199 -36.27 37.19 -61.75
C GLU M 199 -35.21 38.02 -61.04
N ARG M 200 -35.32 38.14 -59.71
CA ARG M 200 -34.39 38.93 -58.93
C ARG M 200 -33.00 38.30 -58.89
N PHE M 201 -32.90 37.00 -59.13
CA PHE M 201 -31.64 36.29 -59.25
C PHE M 201 -30.86 36.71 -60.48
N VAL M 202 -31.56 36.99 -61.58
CA VAL M 202 -30.93 37.44 -62.80
C VAL M 202 -30.53 38.90 -62.71
N ASN M 203 -31.45 39.75 -62.26
CA ASN M 203 -31.28 41.19 -62.38
C ASN M 203 -30.20 41.72 -61.45
N LEU M 204 -29.96 41.06 -60.32
CA LEU M 204 -28.98 41.60 -59.37
C LEU M 204 -27.60 41.01 -59.66
N GLY M 205 -27.53 39.69 -59.77
CA GLY M 205 -26.26 39.04 -60.08
C GLY M 205 -25.69 38.07 -59.07
N ILE M 206 -26.56 37.37 -58.36
CA ILE M 206 -26.16 36.27 -57.48
C ILE M 206 -26.68 34.98 -58.10
N GLU M 207 -25.82 33.98 -58.22
CA GLU M 207 -26.28 32.66 -58.60
C GLU M 207 -27.18 32.09 -57.50
N PRO M 208 -28.34 31.53 -57.85
CA PRO M 208 -29.20 30.94 -56.83
C PRO M 208 -28.59 29.64 -56.33
N PRO M 209 -28.72 29.35 -55.03
CA PRO M 209 -28.21 28.09 -54.50
C PRO M 209 -29.05 26.93 -54.97
N LYS M 210 -28.45 25.74 -54.95
CA LYS M 210 -29.12 24.57 -55.51
C LYS M 210 -28.90 23.35 -54.63
N GLY M 211 -28.45 23.56 -53.40
CA GLY M 211 -28.32 22.46 -52.47
C GLY M 211 -28.06 22.93 -51.05
N VAL M 212 -28.83 22.42 -50.10
CA VAL M 212 -28.75 22.82 -48.70
C VAL M 212 -28.68 21.56 -47.85
N LEU M 213 -27.73 21.51 -46.93
CA LEU M 213 -27.64 20.45 -45.95
C LEU M 213 -28.42 20.83 -44.71
N LEU M 214 -29.12 19.85 -44.14
CA LEU M 214 -29.82 20.02 -42.88
C LEU M 214 -29.15 19.17 -41.82
N PHE M 215 -29.12 19.68 -40.59
CA PHE M 215 -28.34 19.02 -39.54
C PHE M 215 -28.87 19.47 -38.20
N GLY M 216 -28.73 18.59 -37.22
CA GLY M 216 -29.15 18.91 -35.87
C GLY M 216 -29.68 17.71 -35.12
N PRO M 217 -30.52 17.96 -34.11
CA PRO M 217 -31.04 16.87 -33.30
C PRO M 217 -32.02 16.03 -34.11
N PRO M 218 -32.10 14.72 -33.83
CA PRO M 218 -32.90 13.84 -34.69
C PRO M 218 -34.39 13.98 -34.44
N GLY M 219 -35.17 13.86 -35.52
CA GLY M 219 -36.61 13.97 -35.42
C GLY M 219 -37.10 15.32 -35.00
N THR M 220 -36.34 16.38 -35.30
CA THR M 220 -36.72 17.72 -34.87
C THR M 220 -37.84 18.24 -35.77
N GLY M 221 -38.01 17.63 -36.93
CA GLY M 221 -38.93 18.12 -37.92
C GLY M 221 -38.27 18.09 -39.28
N LYS M 222 -37.14 17.38 -39.35
CA LYS M 222 -36.43 17.18 -40.61
C LYS M 222 -37.33 16.57 -41.67
N THR M 223 -37.99 15.46 -41.32
CA THR M 223 -38.90 14.83 -42.25
C THR M 223 -40.16 15.67 -42.44
N LEU M 224 -40.54 16.42 -41.40
CA LEU M 224 -41.73 17.25 -41.47
C LEU M 224 -41.55 18.42 -42.42
N CYS M 225 -40.43 19.14 -42.31
CA CYS M 225 -40.20 20.27 -43.20
C CYS M 225 -39.90 19.83 -44.61
N ALA M 226 -39.23 18.68 -44.77
CA ALA M 226 -38.97 18.14 -46.10
C ALA M 226 -40.26 17.70 -46.78
N ARG M 227 -41.27 17.34 -46.01
CA ARG M 227 -42.56 17.04 -46.60
C ARG M 227 -43.39 18.31 -46.79
N ALA M 228 -43.07 19.37 -46.05
CA ALA M 228 -43.84 20.60 -46.14
C ALA M 228 -43.61 21.30 -47.48
N VAL M 229 -42.42 21.11 -48.06
CA VAL M 229 -42.18 21.59 -49.40
C VAL M 229 -42.62 20.57 -50.44
N ALA M 230 -42.87 19.32 -50.03
CA ALA M 230 -43.24 18.28 -50.99
C ALA M 230 -44.64 18.48 -51.52
N ASN M 231 -45.61 18.70 -50.63
CA ASN M 231 -46.97 19.02 -51.05
C ASN M 231 -47.14 20.48 -51.46
N ARG M 232 -46.11 21.29 -51.31
CA ARG M 232 -46.24 22.71 -51.59
C ARG M 232 -46.28 22.97 -53.10
N THR M 233 -45.52 22.21 -53.88
CA THR M 233 -45.55 22.35 -55.33
C THR M 233 -46.10 21.14 -56.05
N ASP M 234 -46.06 19.95 -55.43
CA ASP M 234 -46.66 18.71 -55.92
C ASP M 234 -46.14 18.30 -57.30
N ALA M 235 -44.82 18.12 -57.41
CA ALA M 235 -44.22 17.78 -58.70
C ALA M 235 -42.88 17.08 -58.45
N CYS M 236 -42.84 15.77 -58.75
CA CYS M 236 -41.63 14.95 -58.80
C CYS M 236 -40.87 14.98 -57.48
N PHE M 237 -41.45 14.39 -56.44
CA PHE M 237 -40.74 14.28 -55.17
C PHE M 237 -40.03 12.94 -55.12
N ILE M 238 -38.73 12.98 -54.85
CA ILE M 238 -37.92 11.76 -54.76
C ILE M 238 -37.25 11.74 -53.40
N ARG M 239 -37.55 10.70 -52.63
CA ARG M 239 -36.94 10.48 -51.33
C ARG M 239 -35.95 9.34 -51.51
N VAL M 240 -34.73 9.54 -51.03
CA VAL M 240 -33.72 8.50 -51.08
C VAL M 240 -33.39 8.07 -49.66
N ILE M 241 -33.58 6.79 -49.39
CA ILE M 241 -33.18 6.21 -48.12
C ILE M 241 -31.66 6.12 -48.11
N GLY M 242 -31.03 6.52 -47.00
CA GLY M 242 -29.58 6.53 -46.93
C GLY M 242 -28.98 5.14 -46.91
N SER M 243 -29.69 4.17 -46.37
CA SER M 243 -29.19 2.80 -46.32
C SER M 243 -29.54 1.99 -47.56
N GLU M 244 -30.47 2.47 -48.38
CA GLU M 244 -30.82 1.78 -49.61
C GLU M 244 -29.66 1.80 -50.59
N LEU M 245 -28.86 2.86 -50.58
CA LEU M 245 -27.69 2.91 -51.44
C LEU M 245 -26.54 2.07 -50.89
N VAL M 246 -26.62 1.61 -49.65
CA VAL M 246 -25.63 0.67 -49.13
C VAL M 246 -25.97 -0.70 -49.65
N GLN M 247 -25.30 -1.12 -50.71
CA GLN M 247 -25.61 -2.36 -51.40
C GLN M 247 -24.53 -3.41 -51.12
N LYS M 248 -24.70 -4.57 -51.74
CA LYS M 248 -23.76 -5.69 -51.56
C LYS M 248 -22.74 -5.77 -52.69
N TYR M 249 -23.16 -5.51 -53.93
CA TYR M 249 -22.26 -5.67 -55.07
C TYR M 249 -21.30 -4.49 -55.15
N VAL M 250 -20.17 -4.73 -55.80
CA VAL M 250 -19.15 -3.72 -56.04
C VAL M 250 -19.65 -2.80 -57.16
N GLY M 251 -19.85 -1.54 -56.85
CA GLY M 251 -20.30 -0.59 -57.85
C GLY M 251 -21.74 -0.80 -58.24
N GLU M 252 -22.65 -0.67 -57.27
CA GLU M 252 -24.07 -0.86 -57.53
C GLU M 252 -24.87 0.43 -57.42
N GLY M 253 -24.64 1.23 -56.39
CA GLY M 253 -25.36 2.47 -56.25
C GLY M 253 -24.91 3.56 -57.20
N ALA M 254 -23.63 3.54 -57.59
CA ALA M 254 -23.11 4.60 -58.44
C ALA M 254 -23.71 4.55 -59.84
N ARG M 255 -24.08 3.35 -60.30
CA ARG M 255 -24.90 3.26 -61.50
C ARG M 255 -26.31 3.81 -61.26
N MET M 256 -26.90 3.51 -60.09
CA MET M 256 -28.23 4.00 -59.76
C MET M 256 -28.24 5.52 -59.60
N VAL M 257 -27.14 6.09 -59.11
CA VAL M 257 -27.02 7.54 -58.99
C VAL M 257 -26.92 8.17 -60.38
N ARG M 258 -26.27 7.48 -61.31
CA ARG M 258 -26.31 7.90 -62.71
C ARG M 258 -27.71 7.78 -63.27
N GLU M 259 -28.42 6.71 -62.91
CA GLU M 259 -29.75 6.50 -63.45
C GLU M 259 -30.76 7.48 -62.86
N LEU M 260 -30.63 7.78 -61.57
CA LEU M 260 -31.50 8.78 -60.94
C LEU M 260 -31.27 10.17 -61.53
N PHE M 261 -30.01 10.52 -61.78
CA PHE M 261 -29.73 11.90 -62.16
C PHE M 261 -30.15 12.19 -63.60
N GLU M 262 -30.04 11.22 -64.49
CA GLU M 262 -30.43 11.43 -65.87
C GLU M 262 -31.95 11.48 -66.03
N MET M 263 -32.65 10.54 -65.41
CA MET M 263 -34.10 10.44 -65.56
C MET M 263 -34.87 11.42 -64.68
N ALA M 264 -34.17 12.21 -63.86
CA ALA M 264 -34.81 13.33 -63.20
C ALA M 264 -34.61 14.63 -63.95
N ARG M 265 -33.51 14.76 -64.69
CA ARG M 265 -33.26 15.94 -65.51
C ARG M 265 -34.11 15.98 -66.77
N THR M 266 -34.80 14.89 -67.10
CA THR M 266 -35.72 14.92 -68.23
C THR M 266 -36.95 15.76 -67.93
N LYS M 267 -37.52 15.61 -66.73
CA LYS M 267 -38.70 16.36 -66.34
C LYS M 267 -38.31 17.56 -65.49
N LYS M 268 -39.08 18.63 -65.62
CA LYS M 268 -38.81 19.85 -64.89
C LYS M 268 -39.61 19.88 -63.60
N ALA M 269 -39.29 20.86 -62.75
CA ALA M 269 -39.88 21.10 -61.44
C ALA M 269 -39.83 19.85 -60.57
N CYS M 270 -38.62 19.39 -60.26
CA CYS M 270 -38.47 18.13 -59.57
C CYS M 270 -37.63 18.32 -58.30
N LEU M 271 -37.97 17.55 -57.28
CA LEU M 271 -37.33 17.66 -55.97
C LEU M 271 -36.81 16.30 -55.57
N ILE M 272 -35.56 16.26 -55.14
CA ILE M 272 -34.90 15.03 -54.71
C ILE M 272 -34.36 15.26 -53.31
N PHE M 273 -34.70 14.36 -52.39
CA PHE M 273 -34.29 14.48 -51.00
C PHE M 273 -33.42 13.31 -50.61
N PHE M 274 -32.31 13.59 -49.97
CA PHE M 274 -31.41 12.56 -49.46
C PHE M 274 -31.57 12.47 -47.94
N ASP M 275 -32.23 11.40 -47.49
CA ASP M 275 -32.51 11.23 -46.08
C ASP M 275 -31.44 10.32 -45.49
N GLU M 276 -30.95 10.68 -44.31
CA GLU M 276 -29.90 9.97 -43.57
C GLU M 276 -28.62 9.75 -44.37
N ILE M 277 -27.89 10.83 -44.66
CA ILE M 277 -26.64 10.78 -45.41
C ILE M 277 -25.48 10.41 -44.52
N ASP M 278 -25.77 10.00 -43.28
CA ASP M 278 -24.78 9.40 -42.40
C ASP M 278 -24.25 8.09 -42.95
N ALA M 279 -25.01 7.39 -43.79
CA ALA M 279 -24.61 6.12 -44.37
C ALA M 279 -23.69 6.28 -45.57
N ILE M 280 -24.07 7.12 -46.54
CA ILE M 280 -23.30 7.22 -47.78
C ILE M 280 -22.82 8.63 -48.08
N GLY M 281 -23.41 9.68 -47.53
CA GLY M 281 -23.05 11.03 -47.91
C GLY M 281 -21.86 11.61 -47.17
N GLY M 282 -20.68 11.04 -47.40
CA GLY M 282 -19.45 11.58 -46.85
C GLY M 282 -19.31 11.42 -45.35
N ALA M 283 -19.22 10.18 -44.86
CA ALA M 283 -19.25 9.91 -43.43
C ALA M 283 -17.86 9.88 -42.80
N ARG M 284 -17.03 8.95 -43.24
CA ARG M 284 -15.72 8.68 -42.66
C ARG M 284 -14.64 8.51 -43.73
N PHE M 285 -14.59 9.39 -44.73
CA PHE M 285 -14.70 9.10 -46.18
C PHE M 285 -14.28 7.65 -46.45
N ASP M 286 -13.03 7.27 -46.19
CA ASP M 286 -12.63 5.87 -46.27
C ASP M 286 -11.61 5.58 -45.17
N ASP M 287 -12.12 5.19 -44.00
CA ASP M 287 -11.27 4.98 -42.83
C ASP M 287 -11.59 3.66 -42.15
N GLY M 288 -12.73 3.04 -42.46
CA GLY M 288 -13.12 1.79 -41.84
C GLY M 288 -13.31 0.66 -42.82
N ALA M 289 -13.63 1.00 -44.06
CA ALA M 289 -13.83 -0.01 -45.11
C ALA M 289 -12.57 -0.08 -45.95
N GLY M 290 -11.69 -1.02 -45.61
CA GLY M 290 -10.45 -1.16 -46.34
C GLY M 290 -10.36 -2.43 -47.15
N GLY M 291 -11.49 -3.05 -47.45
CA GLY M 291 -11.47 -4.20 -48.32
C GLY M 291 -12.59 -4.23 -49.34
N ASP M 292 -13.52 -3.29 -49.25
CA ASP M 292 -14.71 -3.29 -50.10
C ASP M 292 -14.81 -2.06 -50.99
N ASN M 293 -14.69 -0.86 -50.39
CA ASN M 293 -14.61 0.44 -51.06
C ASN M 293 -15.81 0.67 -51.98
N GLU M 294 -17.00 0.81 -51.40
CA GLU M 294 -18.23 0.99 -52.18
C GLU M 294 -18.89 2.32 -51.87
N VAL M 295 -18.93 2.66 -50.57
CA VAL M 295 -19.53 3.91 -50.14
C VAL M 295 -18.71 5.08 -50.67
N GLN M 296 -17.39 4.92 -50.69
CA GLN M 296 -16.52 5.98 -51.16
C GLN M 296 -16.61 6.18 -52.66
N ARG M 297 -16.65 5.07 -53.42
CA ARG M 297 -16.74 5.17 -54.88
C ARG M 297 -18.07 5.77 -55.29
N THR M 298 -19.13 5.44 -54.56
CA THR M 298 -20.42 6.08 -54.80
C THR M 298 -20.37 7.56 -54.39
N MET M 299 -19.66 7.86 -53.29
CA MET M 299 -19.54 9.24 -52.85
C MET M 299 -18.68 10.05 -53.80
N LEU M 300 -17.60 9.45 -54.31
CA LEU M 300 -16.78 10.13 -55.32
C LEU M 300 -17.56 10.30 -56.62
N GLU M 301 -18.48 9.38 -56.91
CA GLU M 301 -19.25 9.47 -58.14
C GLU M 301 -20.31 10.55 -58.04
N LEU M 302 -20.95 10.68 -56.87
CA LEU M 302 -22.05 11.63 -56.76
C LEU M 302 -21.52 13.06 -56.70
N ILE M 303 -20.36 13.28 -56.10
CA ILE M 303 -19.76 14.60 -56.16
C ILE M 303 -19.20 14.87 -57.54
N ASN M 304 -18.93 13.81 -58.31
CA ASN M 304 -18.51 13.98 -59.69
C ASN M 304 -19.67 14.30 -60.60
N GLN M 305 -20.81 13.65 -60.40
CA GLN M 305 -21.95 13.85 -61.29
C GLN M 305 -22.77 15.07 -60.90
N LEU M 306 -22.65 15.55 -59.66
CA LEU M 306 -23.37 16.75 -59.26
C LEU M 306 -22.83 17.98 -59.96
N ASP M 307 -21.54 18.23 -59.87
CA ASP M 307 -20.95 19.30 -60.66
C ASP M 307 -20.57 18.76 -62.03
N GLY M 308 -20.14 19.65 -62.89
CA GLY M 308 -19.82 19.22 -64.26
C GLY M 308 -21.03 18.90 -65.10
N PHE M 309 -21.79 17.88 -64.70
CA PHE M 309 -23.02 17.49 -65.36
C PHE M 309 -24.24 18.24 -64.84
N ASP M 310 -24.05 19.43 -64.27
CA ASP M 310 -25.15 20.36 -64.00
C ASP M 310 -24.82 21.74 -64.58
N PRO M 311 -24.99 21.93 -65.91
CA PRO M 311 -24.94 23.31 -66.45
C PRO M 311 -26.29 24.03 -66.40
N ARG M 312 -26.51 24.74 -65.28
CA ARG M 312 -27.70 25.56 -65.04
C ARG M 312 -28.97 24.70 -65.06
N GLY M 313 -29.10 23.83 -64.07
CA GLY M 313 -30.26 22.96 -63.94
C GLY M 313 -31.42 23.63 -63.25
N ASN M 314 -32.41 22.81 -62.86
CA ASN M 314 -33.64 23.28 -62.23
C ASN M 314 -33.98 22.43 -61.01
N ILE M 315 -33.46 21.19 -60.99
CA ILE M 315 -33.86 20.21 -60.00
C ILE M 315 -33.01 20.38 -58.74
N LYS M 316 -33.68 20.45 -57.58
CA LYS M 316 -33.00 20.70 -56.33
C LYS M 316 -32.74 19.40 -55.57
N VAL M 317 -31.61 19.37 -54.87
CA VAL M 317 -31.16 18.19 -54.12
C VAL M 317 -30.89 18.61 -52.69
N LEU M 318 -31.56 17.96 -51.75
CA LEU M 318 -31.41 18.29 -50.34
C LEU M 318 -30.96 17.08 -49.56
N MET M 319 -30.09 17.33 -48.59
CA MET M 319 -29.58 16.29 -47.71
C MET M 319 -29.90 16.67 -46.28
N ALA M 320 -29.97 15.65 -45.44
CA ALA M 320 -30.22 15.87 -44.02
C ALA M 320 -29.36 14.90 -43.25
N THR M 321 -28.88 15.35 -42.10
CA THR M 321 -28.11 14.47 -41.25
C THR M 321 -28.47 14.75 -39.80
N ASN M 322 -28.22 13.79 -38.96
CA ASN M 322 -28.25 13.96 -37.52
C ASN M 322 -26.90 14.41 -37.02
N ARG M 323 -25.84 13.71 -37.40
CA ARG M 323 -24.50 14.02 -36.93
C ARG M 323 -23.97 15.26 -37.63
N PRO M 324 -23.60 16.31 -36.91
CA PRO M 324 -22.94 17.47 -37.50
C PRO M 324 -21.42 17.30 -37.57
N ASP M 325 -20.99 16.13 -38.04
CA ASP M 325 -19.56 15.86 -38.15
C ASP M 325 -19.24 15.39 -39.57
N THR M 326 -20.14 14.64 -40.19
CA THR M 326 -19.93 14.08 -41.53
C THR M 326 -20.07 15.20 -42.56
N LEU M 327 -19.04 16.02 -42.61
CA LEU M 327 -19.05 17.27 -43.35
C LEU M 327 -17.87 17.27 -44.31
N ASP M 328 -18.17 17.33 -45.61
CA ASP M 328 -17.14 17.43 -46.63
C ASP M 328 -16.88 18.90 -46.94
N PRO M 329 -15.65 19.38 -46.83
CA PRO M 329 -15.33 20.71 -47.35
C PRO M 329 -15.42 20.81 -48.86
N ALA M 330 -15.29 19.69 -49.58
CA ALA M 330 -15.47 19.72 -51.02
C ALA M 330 -16.94 19.90 -51.39
N LEU M 331 -17.86 19.49 -50.52
CA LEU M 331 -19.26 19.81 -50.74
C LEU M 331 -19.55 21.28 -50.45
N MET M 332 -18.90 21.84 -49.43
CA MET M 332 -19.08 23.25 -49.14
C MET M 332 -18.26 24.16 -50.03
N ARG M 333 -17.51 23.59 -50.98
CA ARG M 333 -17.04 24.36 -52.10
C ARG M 333 -18.24 24.96 -52.83
N PRO M 334 -18.19 26.24 -53.20
CA PRO M 334 -19.35 26.87 -53.84
C PRO M 334 -19.63 26.32 -55.22
N GLY M 335 -20.77 25.64 -55.32
CA GLY M 335 -21.20 24.97 -56.52
C GLY M 335 -21.91 23.68 -56.17
N ARG M 336 -21.72 23.21 -54.93
CA ARG M 336 -22.48 22.05 -54.49
C ARG M 336 -23.42 22.40 -53.34
N LEU M 337 -22.89 22.87 -52.22
CA LEU M 337 -23.67 23.15 -51.03
C LEU M 337 -23.22 24.47 -50.44
N ASP M 338 -24.16 25.39 -50.26
CA ASP M 338 -23.81 26.75 -49.89
C ASP M 338 -24.47 27.19 -48.59
N ARG M 339 -25.72 26.79 -48.38
CA ARG M 339 -26.47 27.34 -47.28
C ARG M 339 -26.60 26.35 -46.13
N LYS M 340 -26.38 26.85 -44.91
CA LYS M 340 -26.52 26.11 -43.67
C LYS M 340 -27.90 26.39 -43.09
N ILE M 341 -28.74 25.37 -43.00
CA ILE M 341 -30.01 25.48 -42.30
C ILE M 341 -30.11 24.34 -41.31
N GLU M 342 -30.11 24.67 -40.02
CA GLU M 342 -30.28 23.69 -38.97
C GLU M 342 -31.63 23.89 -38.31
N PHE M 343 -32.05 22.90 -37.55
CA PHE M 343 -33.30 22.98 -36.79
C PHE M 343 -32.99 22.92 -35.31
N SER M 344 -33.71 23.69 -34.52
CA SER M 344 -33.51 23.71 -33.07
C SER M 344 -34.80 23.32 -32.35
N LEU M 345 -34.68 23.24 -31.04
CA LEU M 345 -35.78 22.77 -30.21
C LEU M 345 -36.81 23.88 -30.05
N PRO M 346 -38.09 23.54 -29.87
CA PRO M 346 -39.11 24.57 -29.68
C PRO M 346 -38.97 25.26 -28.34
N ASP M 347 -39.33 26.54 -28.31
CA ASP M 347 -39.17 27.31 -27.08
C ASP M 347 -40.25 26.98 -26.05
N LEU M 348 -41.51 27.31 -26.34
CA LEU M 348 -42.63 26.80 -25.58
C LEU M 348 -43.73 26.35 -26.51
N GLU M 349 -43.96 27.16 -27.54
CA GLU M 349 -45.21 27.10 -28.28
C GLU M 349 -45.15 26.06 -29.37
N GLY M 350 -43.96 25.87 -29.95
CA GLY M 350 -43.77 24.80 -30.92
C GLY M 350 -43.95 23.44 -30.30
N ARG M 351 -43.63 23.31 -29.01
CA ARG M 351 -43.96 22.08 -28.30
C ARG M 351 -45.46 21.93 -28.16
N THR M 352 -46.13 22.97 -27.65
CA THR M 352 -47.57 22.89 -27.35
C THR M 352 -48.38 22.69 -28.61
N HIS M 353 -47.87 23.17 -29.73
CA HIS M 353 -48.53 22.92 -31.01
C HIS M 353 -48.52 21.44 -31.35
N ILE M 354 -47.43 20.75 -31.04
CA ILE M 354 -47.34 19.32 -31.33
C ILE M 354 -48.25 18.52 -30.42
N PHE M 355 -48.40 18.98 -29.17
CA PHE M 355 -49.42 18.44 -28.28
C PHE M 355 -50.80 18.66 -28.86
N LYS M 356 -51.04 19.84 -29.42
CA LYS M 356 -52.31 20.10 -30.09
C LYS M 356 -52.45 19.27 -31.35
N ILE M 357 -51.34 18.88 -31.96
CA ILE M 357 -51.42 17.96 -33.08
C ILE M 357 -51.76 16.56 -32.61
N HIS M 358 -50.99 16.01 -31.68
CA HIS M 358 -51.20 14.62 -31.29
C HIS M 358 -52.21 14.49 -30.16
N ALA M 359 -53.32 15.22 -30.21
CA ALA M 359 -54.40 14.98 -29.25
C ALA M 359 -55.73 15.08 -29.96
N ARG M 360 -55.77 15.84 -31.07
CA ARG M 360 -57.02 16.07 -31.78
C ARG M 360 -57.52 14.83 -32.48
N SER M 361 -56.61 13.92 -32.83
CA SER M 361 -56.97 12.67 -33.49
C SER M 361 -57.46 11.62 -32.52
N MET M 362 -57.30 11.82 -31.23
CA MET M 362 -57.73 10.85 -30.24
C MET M 362 -58.75 11.47 -29.31
N SER M 363 -59.38 10.62 -28.50
CA SER M 363 -60.44 11.08 -27.60
C SER M 363 -59.82 11.58 -26.31
N VAL M 364 -59.80 12.90 -26.15
CA VAL M 364 -59.31 13.53 -24.94
C VAL M 364 -60.41 14.38 -24.34
N GLU M 365 -60.17 14.89 -23.14
CA GLU M 365 -61.09 15.81 -22.50
C GLU M 365 -60.92 17.19 -23.11
N ARG M 366 -62.03 17.87 -23.36
CA ARG M 366 -62.01 19.21 -23.94
C ARG M 366 -61.69 20.29 -22.92
N ASP M 367 -61.42 19.92 -21.67
CA ASP M 367 -61.25 20.89 -20.59
C ASP M 367 -59.82 20.81 -20.04
N ILE M 368 -58.89 20.30 -20.81
CA ILE M 368 -57.52 20.17 -20.35
C ILE M 368 -56.63 21.05 -21.23
N ARG M 369 -55.48 21.42 -20.68
CA ARG M 369 -54.56 22.35 -21.29
C ARG M 369 -53.30 21.62 -21.71
N PHE M 370 -52.52 22.28 -22.56
CA PHE M 370 -51.31 21.68 -23.09
C PHE M 370 -50.06 22.46 -22.74
N GLU M 371 -50.20 23.67 -22.19
CA GLU M 371 -49.03 24.43 -21.77
C GLU M 371 -48.31 23.78 -20.61
N LEU M 372 -49.08 23.25 -19.66
CA LEU M 372 -48.53 22.67 -18.44
C LEU M 372 -47.70 21.44 -18.74
N LEU M 373 -48.14 20.64 -19.74
CA LEU M 373 -47.37 19.46 -20.12
C LEU M 373 -46.04 19.83 -20.73
N ALA M 374 -46.01 20.87 -21.57
CA ALA M 374 -44.77 21.27 -22.21
C ALA M 374 -43.83 21.95 -21.25
N ARG M 375 -44.37 22.51 -20.16
CA ARG M 375 -43.51 23.05 -19.13
C ARG M 375 -42.79 21.95 -18.36
N LEU M 376 -43.39 20.77 -18.31
CA LEU M 376 -42.73 19.65 -17.64
C LEU M 376 -41.66 19.02 -18.52
N CYS M 377 -41.62 19.38 -19.80
CA CYS M 377 -40.69 18.81 -20.76
C CYS M 377 -39.77 19.92 -21.27
N PRO M 378 -38.63 20.15 -20.63
CA PRO M 378 -37.69 21.17 -21.14
C PRO M 378 -37.08 20.79 -22.46
N ASN M 379 -36.50 19.60 -22.53
CA ASN M 379 -35.77 19.13 -23.70
C ASN M 379 -36.51 17.92 -24.24
N SER M 380 -37.13 18.09 -25.40
CA SER M 380 -37.97 17.03 -25.94
C SER M 380 -38.14 17.23 -27.44
N THR M 381 -38.31 16.13 -28.13
CA THR M 381 -38.52 16.10 -29.56
C THR M 381 -39.88 15.53 -29.87
N GLY M 382 -40.28 15.63 -31.15
CA GLY M 382 -41.63 15.27 -31.54
C GLY M 382 -41.91 13.79 -31.44
N ALA M 383 -40.88 12.96 -31.58
CA ALA M 383 -41.06 11.53 -31.35
C ALA M 383 -41.28 11.23 -29.88
N GLU M 384 -40.67 12.03 -29.00
CA GLU M 384 -40.93 11.88 -27.58
C GLU M 384 -42.32 12.35 -27.22
N ILE M 385 -42.74 13.48 -27.80
CA ILE M 385 -44.06 14.02 -27.52
C ILE M 385 -45.14 13.08 -28.05
N ARG M 386 -44.90 12.47 -29.21
CA ARG M 386 -45.80 11.45 -29.73
C ARG M 386 -45.84 10.24 -28.80
N SER M 387 -44.71 9.93 -28.16
CA SER M 387 -44.65 8.76 -27.29
C SER M 387 -45.47 8.97 -26.03
N VAL M 388 -45.51 10.21 -25.53
CA VAL M 388 -46.28 10.51 -24.32
C VAL M 388 -47.76 10.33 -24.59
N CYS M 389 -48.21 10.80 -25.75
CA CYS M 389 -49.63 10.71 -26.10
C CYS M 389 -50.05 9.26 -26.26
N THR M 390 -49.18 8.44 -26.82
CA THR M 390 -49.48 7.02 -26.92
C THR M 390 -49.47 6.37 -25.55
N GLU M 391 -48.54 6.78 -24.68
CA GLU M 391 -48.48 6.19 -23.34
C GLU M 391 -49.66 6.65 -22.49
N ALA M 392 -49.97 7.95 -22.52
CA ALA M 392 -51.17 8.44 -21.85
C ALA M 392 -52.42 7.90 -22.51
N GLY M 393 -52.34 7.57 -23.80
CA GLY M 393 -53.35 6.76 -24.41
C GLY M 393 -53.55 5.42 -23.70
N MET M 394 -52.44 4.76 -23.34
CA MET M 394 -52.56 3.43 -22.77
C MET M 394 -53.06 3.48 -21.34
N PHE M 395 -52.83 4.59 -20.64
CA PHE M 395 -53.37 4.74 -19.29
C PHE M 395 -54.89 4.76 -19.30
N ALA M 396 -55.48 5.43 -20.29
CA ALA M 396 -56.93 5.44 -20.42
C ALA M 396 -57.48 4.07 -20.80
N ILE M 397 -56.65 3.24 -21.43
CA ILE M 397 -57.09 1.90 -21.81
C ILE M 397 -56.94 0.95 -20.63
N ARG M 398 -56.06 1.26 -19.68
CA ARG M 398 -55.85 0.41 -18.50
C ARG M 398 -57.11 0.30 -17.66
N ALA M 399 -57.84 1.40 -17.50
CA ALA M 399 -59.18 1.32 -16.94
C ALA M 399 -60.18 1.36 -18.09
N ARG M 400 -61.46 1.35 -17.72
CA ARG M 400 -62.54 1.51 -18.70
C ARG M 400 -62.88 2.98 -18.89
N ARG M 401 -61.94 3.73 -19.46
CA ARG M 401 -62.17 5.12 -19.82
C ARG M 401 -62.18 5.24 -21.34
N LYS M 402 -63.24 5.84 -21.86
CA LYS M 402 -63.40 6.06 -23.28
C LYS M 402 -62.97 7.47 -23.69
N ILE M 403 -62.39 8.23 -22.77
CA ILE M 403 -61.80 9.53 -23.06
C ILE M 403 -60.53 9.64 -22.24
N ALA M 404 -59.75 10.69 -22.49
CA ALA M 404 -58.48 10.88 -21.82
C ALA M 404 -58.58 12.01 -20.82
N THR M 405 -58.16 11.75 -19.59
CA THR M 405 -58.13 12.74 -18.53
C THR M 405 -56.71 13.22 -18.32
N GLU M 406 -56.62 14.37 -17.64
CA GLU M 406 -55.36 15.10 -17.48
C GLU M 406 -54.31 14.30 -16.73
N LYS M 407 -54.72 13.54 -15.72
CA LYS M 407 -53.76 12.88 -14.85
C LYS M 407 -53.08 11.71 -15.56
N ASP M 408 -53.75 11.14 -16.57
CA ASP M 408 -53.10 10.11 -17.39
C ASP M 408 -51.96 10.72 -18.20
N PHE M 409 -52.10 11.99 -18.60
CA PHE M 409 -51.00 12.68 -19.25
C PHE M 409 -49.89 12.99 -18.27
N LEU M 410 -50.24 13.21 -17.00
CA LEU M 410 -49.24 13.59 -16.02
C LEU M 410 -48.37 12.41 -15.64
N GLU M 411 -48.96 11.22 -15.57
CA GLU M 411 -48.18 10.02 -15.31
C GLU M 411 -47.29 9.68 -16.49
N ALA M 412 -47.79 9.91 -17.71
CA ALA M 412 -47.03 9.58 -18.91
C ALA M 412 -45.83 10.50 -19.07
N VAL M 413 -45.93 11.74 -18.58
CA VAL M 413 -44.76 12.59 -18.52
C VAL M 413 -43.74 12.03 -17.54
N ASN M 414 -44.21 11.59 -16.37
CA ASN M 414 -43.30 11.10 -15.35
C ASN M 414 -42.79 9.72 -15.69
N LYS M 415 -43.56 8.96 -16.47
CA LYS M 415 -43.09 7.67 -16.92
C LYS M 415 -42.01 7.80 -17.98
N VAL M 416 -42.19 8.70 -18.95
CA VAL M 416 -41.23 8.81 -20.03
C VAL M 416 -39.96 9.52 -19.57
N ILE M 417 -40.10 10.67 -18.93
CA ILE M 417 -38.95 11.48 -18.56
C ILE M 417 -38.19 10.83 -17.41
N LYS M 418 -38.89 10.57 -16.30
CA LYS M 418 -38.24 10.19 -15.05
C LYS M 418 -38.05 8.67 -14.97
N SER M 419 -37.59 8.10 -16.08
CA SER M 419 -37.21 6.70 -16.08
C SER M 419 -35.76 6.58 -16.54
N TYR M 420 -35.37 7.42 -17.49
CA TYR M 420 -34.02 7.35 -18.06
C TYR M 420 -33.42 8.69 -18.41
N ALA M 421 -34.21 9.73 -18.68
CA ALA M 421 -33.70 10.97 -19.24
C ALA M 421 -32.94 11.78 -18.21
N LYS M 422 -33.61 12.14 -17.12
CA LYS M 422 -33.03 13.02 -16.12
C LYS M 422 -33.22 12.46 -14.72
N LYS N 91 -44.34 -48.40 -71.00
CA LYS N 91 -44.16 -48.30 -72.44
C LYS N 91 -44.85 -47.07 -73.01
N GLN N 92 -45.77 -46.50 -72.24
CA GLN N 92 -46.45 -45.27 -72.64
C GLN N 92 -45.63 -44.03 -72.31
N GLU N 93 -44.95 -44.03 -71.18
CA GLU N 93 -44.15 -42.88 -70.74
C GLU N 93 -42.88 -42.82 -71.57
N GLU N 94 -42.83 -41.93 -72.54
CA GLU N 94 -41.71 -41.84 -73.45
C GLU N 94 -41.00 -40.49 -73.42
N GLU N 95 -41.76 -39.39 -73.49
CA GLU N 95 -41.15 -38.07 -73.59
C GLU N 95 -40.49 -37.66 -72.28
N ARG N 96 -41.05 -38.09 -71.15
CA ARG N 96 -40.39 -37.85 -69.88
C ARG N 96 -39.15 -38.73 -69.73
N SER N 97 -39.18 -39.92 -70.33
CA SER N 97 -38.03 -40.82 -70.22
C SER N 97 -36.85 -40.32 -71.04
N LYS N 98 -37.13 -39.66 -72.17
CA LYS N 98 -36.06 -39.13 -73.01
C LYS N 98 -35.34 -37.98 -72.32
N VAL N 99 -36.08 -37.13 -71.61
CA VAL N 99 -35.48 -35.99 -70.94
C VAL N 99 -34.80 -36.42 -69.65
N ASP N 100 -35.24 -37.54 -69.07
CA ASP N 100 -34.46 -38.24 -68.05
C ASP N 100 -33.14 -38.77 -68.58
N ASP N 101 -33.04 -38.93 -69.90
CA ASP N 101 -31.85 -39.41 -70.57
C ASP N 101 -31.17 -38.34 -71.41
N LEU N 102 -31.80 -37.18 -71.58
CA LEU N 102 -31.22 -36.13 -72.43
C LEU N 102 -30.08 -35.41 -71.71
N ARG N 103 -30.28 -35.09 -70.44
CA ARG N 103 -29.31 -34.35 -69.65
C ARG N 103 -28.06 -35.17 -69.38
N GLY N 104 -27.03 -34.49 -68.87
CA GLY N 104 -25.84 -35.19 -68.44
C GLY N 104 -26.06 -35.95 -67.13
N THR N 105 -25.33 -37.06 -66.99
CA THR N 105 -25.52 -37.89 -65.81
C THR N 105 -24.85 -37.32 -64.56
N PRO N 106 -23.55 -36.90 -64.56
CA PRO N 106 -23.07 -36.37 -63.26
C PRO N 106 -23.56 -34.95 -63.01
N MET N 107 -24.76 -34.87 -62.46
CA MET N 107 -25.34 -33.57 -62.15
C MET N 107 -24.72 -33.00 -60.89
N SER N 108 -24.29 -31.75 -60.99
CA SER N 108 -23.79 -30.97 -59.87
C SER N 108 -24.92 -30.10 -59.34
N VAL N 109 -24.65 -29.46 -58.21
CA VAL N 109 -25.66 -28.69 -57.50
C VAL N 109 -25.22 -27.22 -57.47
N GLY N 110 -26.08 -26.34 -57.98
CA GLY N 110 -25.74 -24.95 -58.14
C GLY N 110 -26.48 -24.03 -57.20
N THR N 111 -26.37 -22.73 -57.47
CA THR N 111 -26.93 -21.70 -56.60
C THR N 111 -27.48 -20.57 -57.46
N LEU N 112 -28.76 -20.27 -57.28
CA LEU N 112 -29.35 -19.16 -58.00
C LEU N 112 -28.86 -17.83 -57.43
N GLU N 113 -28.47 -16.93 -58.33
CA GLU N 113 -28.07 -15.61 -57.88
C GLU N 113 -29.02 -14.54 -58.40
N GLU N 114 -29.15 -14.43 -59.72
CA GLU N 114 -30.01 -13.44 -60.35
C GLU N 114 -30.68 -14.06 -61.55
N ILE N 115 -31.92 -13.64 -61.83
CA ILE N 115 -32.75 -14.25 -62.84
C ILE N 115 -33.10 -13.19 -63.87
N ILE N 116 -32.69 -13.43 -65.11
CA ILE N 116 -33.07 -12.59 -66.24
C ILE N 116 -33.95 -13.43 -67.15
N ASP N 117 -35.07 -12.86 -67.58
CA ASP N 117 -36.15 -13.61 -68.22
C ASP N 117 -35.93 -13.70 -69.73
N ASP N 118 -34.75 -14.20 -70.11
CA ASP N 118 -34.41 -14.33 -71.52
C ASP N 118 -33.76 -15.68 -71.77
N ASN N 119 -34.25 -16.69 -71.05
CA ASN N 119 -33.82 -18.10 -71.12
C ASN N 119 -32.35 -18.29 -70.75
N HIS N 120 -31.77 -17.33 -70.03
CA HIS N 120 -30.44 -17.49 -69.48
C HIS N 120 -30.31 -16.56 -68.29
N ALA N 121 -29.48 -16.97 -67.34
CA ALA N 121 -29.29 -16.18 -66.14
C ALA N 121 -27.88 -16.44 -65.63
N ILE N 122 -27.63 -16.02 -64.39
CA ILE N 122 -26.33 -16.16 -63.73
C ILE N 122 -26.50 -17.00 -62.48
N VAL N 123 -25.67 -18.03 -62.36
CA VAL N 123 -25.73 -18.96 -61.24
C VAL N 123 -24.39 -18.93 -60.52
N SER N 124 -24.27 -19.76 -59.49
CA SER N 124 -23.04 -19.84 -58.71
C SER N 124 -22.73 -21.29 -58.43
N THR N 125 -21.48 -21.68 -58.61
CA THR N 125 -21.05 -23.02 -58.25
C THR N 125 -20.75 -23.10 -56.76
N SER N 126 -20.21 -24.23 -56.31
CA SER N 126 -19.94 -24.39 -54.89
C SER N 126 -18.65 -23.67 -54.49
N VAL N 127 -17.79 -23.38 -55.43
CA VAL N 127 -16.51 -22.74 -55.13
C VAL N 127 -16.60 -21.24 -55.33
N GLY N 128 -17.82 -20.71 -55.43
CA GLY N 128 -18.01 -19.30 -55.69
C GLY N 128 -17.71 -18.88 -57.11
N SER N 129 -17.46 -19.82 -58.01
CA SER N 129 -17.28 -19.49 -59.41
C SER N 129 -18.65 -19.37 -60.05
N GLU N 130 -18.85 -18.30 -60.83
CA GLU N 130 -20.15 -17.98 -61.37
C GLU N 130 -20.09 -17.98 -62.89
N HIS N 131 -21.21 -18.33 -63.51
CA HIS N 131 -21.22 -18.72 -64.91
C HIS N 131 -22.42 -18.10 -65.61
N TYR N 132 -22.18 -17.54 -66.79
CA TYR N 132 -23.25 -17.04 -67.67
C TYR N 132 -23.79 -18.20 -68.47
N VAL N 133 -24.71 -18.94 -67.88
CA VAL N 133 -25.26 -20.14 -68.47
C VAL N 133 -26.72 -19.89 -68.80
N SER N 134 -27.35 -20.89 -69.39
CA SER N 134 -28.72 -20.76 -69.80
C SER N 134 -29.61 -21.70 -68.97
N ILE N 135 -30.89 -21.71 -69.30
CA ILE N 135 -31.88 -22.48 -68.58
C ILE N 135 -32.78 -23.16 -69.60
N LEU N 136 -33.22 -24.38 -69.27
CA LEU N 136 -34.03 -25.12 -70.21
C LEU N 136 -35.50 -24.70 -70.08
N SER N 137 -36.35 -25.38 -70.83
CA SER N 137 -37.77 -25.04 -70.89
C SER N 137 -38.62 -25.89 -69.98
N PHE N 138 -38.22 -27.14 -69.73
CA PHE N 138 -38.97 -28.06 -68.90
C PHE N 138 -38.72 -27.86 -67.41
N VAL N 139 -37.93 -26.85 -67.05
CA VAL N 139 -37.45 -26.70 -65.68
C VAL N 139 -38.51 -26.15 -64.73
N ASP N 140 -39.73 -25.90 -65.22
CA ASP N 140 -40.87 -25.39 -64.46
C ASP N 140 -40.52 -24.05 -63.81
N LYS N 141 -40.35 -23.02 -64.62
CA LYS N 141 -40.02 -21.67 -64.14
C LYS N 141 -41.23 -21.11 -63.40
N ASP N 142 -41.41 -21.56 -62.16
CA ASP N 142 -42.37 -20.91 -61.27
C ASP N 142 -41.77 -20.77 -59.87
N LEU N 143 -40.82 -21.64 -59.55
CA LEU N 143 -40.22 -21.71 -58.22
C LEU N 143 -38.80 -21.21 -58.20
N LEU N 144 -38.39 -20.49 -59.24
CA LEU N 144 -37.03 -19.97 -59.33
C LEU N 144 -36.94 -18.72 -58.48
N GLU N 145 -36.32 -18.83 -57.32
CA GLU N 145 -36.11 -17.69 -56.46
C GLU N 145 -34.62 -17.54 -56.24
N PRO N 146 -34.12 -16.31 -56.21
CA PRO N 146 -32.70 -16.10 -55.89
C PRO N 146 -32.42 -16.49 -54.45
N GLY N 147 -31.74 -17.62 -54.30
CA GLY N 147 -31.59 -18.25 -53.00
C GLY N 147 -31.98 -19.71 -53.05
N CYS N 148 -32.43 -20.17 -54.21
CA CYS N 148 -32.78 -21.57 -54.39
C CYS N 148 -31.63 -22.33 -55.06
N SER N 149 -31.73 -23.65 -55.00
CA SER N 149 -30.70 -24.56 -55.49
C SER N 149 -31.15 -25.21 -56.79
N VAL N 150 -30.21 -25.39 -57.71
CA VAL N 150 -30.51 -25.90 -59.04
C VAL N 150 -29.53 -27.00 -59.41
N LEU N 151 -29.65 -27.51 -60.63
CA LEU N 151 -28.83 -28.60 -61.13
C LEU N 151 -28.07 -28.14 -62.36
N LEU N 152 -26.77 -28.38 -62.37
CA LEU N 152 -25.90 -27.86 -63.42
C LEU N 152 -25.17 -29.00 -64.13
N ASN N 153 -24.50 -28.63 -65.22
CA ASN N 153 -23.87 -29.60 -66.11
C ASN N 153 -22.36 -29.39 -66.05
N HIS N 154 -21.61 -30.19 -66.80
CA HIS N 154 -20.17 -30.02 -66.89
C HIS N 154 -19.71 -29.46 -68.20
N LYS N 155 -20.47 -29.64 -69.26
CA LYS N 155 -20.08 -29.12 -70.56
C LYS N 155 -20.35 -27.63 -70.63
N VAL N 156 -21.63 -27.26 -70.51
CA VAL N 156 -22.04 -25.88 -70.59
C VAL N 156 -22.54 -25.34 -69.26
N HIS N 157 -22.75 -26.22 -68.28
CA HIS N 157 -23.17 -25.88 -66.91
C HIS N 157 -24.52 -25.16 -66.86
N ALA N 158 -25.36 -25.40 -67.86
CA ALA N 158 -26.67 -24.76 -67.88
C ALA N 158 -27.57 -25.37 -66.80
N VAL N 159 -28.68 -24.67 -66.54
CA VAL N 159 -29.60 -25.09 -65.49
C VAL N 159 -30.39 -26.29 -65.97
N ILE N 160 -30.05 -27.46 -65.43
CA ILE N 160 -30.73 -28.69 -65.82
C ILE N 160 -32.14 -28.72 -65.26
N GLY N 161 -32.28 -28.53 -63.96
CA GLY N 161 -33.60 -28.50 -63.36
C GLY N 161 -33.51 -27.92 -61.97
N VAL N 162 -34.63 -27.37 -61.52
CA VAL N 162 -34.68 -26.75 -60.20
C VAL N 162 -34.68 -27.86 -59.14
N LEU N 163 -34.01 -27.61 -58.04
CA LEU N 163 -33.95 -28.56 -56.94
C LEU N 163 -34.69 -27.99 -55.74
N MET N 164 -35.28 -28.90 -54.94
CA MET N 164 -36.06 -28.50 -53.78
C MET N 164 -35.11 -28.08 -52.64
N ASP N 165 -35.68 -27.78 -51.47
CA ASP N 165 -34.91 -27.29 -50.34
C ASP N 165 -34.02 -28.36 -49.72
N ASP N 166 -34.20 -29.63 -50.12
CA ASP N 166 -33.36 -30.77 -49.70
C ASP N 166 -33.37 -30.94 -48.19
N THR N 167 -34.58 -30.92 -47.61
CA THR N 167 -34.89 -31.17 -46.20
C THR N 167 -34.15 -30.17 -45.30
N ASP N 168 -34.55 -28.90 -45.37
CA ASP N 168 -33.96 -27.83 -44.56
C ASP N 168 -35.05 -27.22 -43.68
N PRO N 169 -35.34 -27.84 -42.52
CA PRO N 169 -36.52 -27.46 -41.73
C PRO N 169 -36.26 -26.27 -40.81
N LEU N 170 -35.86 -25.14 -41.39
CA LEU N 170 -35.47 -23.97 -40.61
C LEU N 170 -36.60 -22.96 -40.46
N VAL N 171 -37.84 -23.33 -40.80
CA VAL N 171 -38.95 -22.39 -40.62
C VAL N 171 -40.10 -23.11 -39.93
N THR N 172 -40.02 -24.45 -39.85
CA THR N 172 -41.12 -25.25 -39.32
C THR N 172 -40.85 -25.84 -37.94
N VAL N 173 -39.58 -26.03 -37.56
CA VAL N 173 -39.27 -26.67 -36.29
C VAL N 173 -39.47 -25.70 -35.13
N MET N 174 -39.17 -24.41 -35.34
CA MET N 174 -39.24 -23.43 -34.27
C MET N 174 -40.66 -23.10 -33.85
N LYS N 175 -41.65 -23.51 -34.63
CA LYS N 175 -43.05 -23.32 -34.26
C LYS N 175 -43.43 -24.30 -33.17
N VAL N 176 -43.83 -23.77 -32.01
CA VAL N 176 -44.34 -24.59 -30.92
C VAL N 176 -45.70 -25.15 -31.33
N GLU N 177 -45.78 -26.46 -31.43
CA GLU N 177 -47.05 -27.13 -31.74
C GLU N 177 -47.85 -27.46 -30.48
N LYS N 178 -47.20 -28.01 -29.47
CA LYS N 178 -47.88 -28.48 -28.28
C LYS N 178 -48.05 -27.33 -27.29
N ALA N 179 -48.42 -27.68 -26.11
CA ALA N 179 -48.59 -26.65 -25.11
C ALA N 179 -47.34 -26.51 -24.26
N PRO N 180 -47.04 -25.29 -23.81
CA PRO N 180 -45.99 -25.08 -22.81
C PRO N 180 -46.40 -25.51 -21.40
N GLN N 181 -45.65 -25.04 -20.40
CA GLN N 181 -45.86 -25.39 -19.00
C GLN N 181 -47.12 -24.76 -18.42
N GLU N 182 -47.26 -24.81 -17.09
CA GLU N 182 -48.48 -24.37 -16.40
C GLU N 182 -48.74 -22.89 -16.68
N THR N 183 -50.01 -22.50 -16.60
CA THR N 183 -50.45 -21.29 -17.26
C THR N 183 -50.05 -20.04 -16.47
N TYR N 184 -50.61 -19.85 -15.28
CA TYR N 184 -50.34 -18.68 -14.46
C TYR N 184 -50.02 -19.05 -13.01
N ALA N 185 -50.40 -20.23 -12.56
CA ALA N 185 -50.14 -20.62 -11.18
C ALA N 185 -48.74 -21.19 -10.98
N ASP N 186 -47.98 -21.38 -12.06
CA ASP N 186 -46.60 -21.82 -11.91
C ASP N 186 -45.76 -20.69 -11.32
N ILE N 187 -45.85 -19.50 -11.90
CA ILE N 187 -45.09 -18.36 -11.42
C ILE N 187 -45.70 -17.84 -10.13
N GLY N 188 -44.95 -17.02 -9.41
CA GLY N 188 -45.43 -16.44 -8.18
C GLY N 188 -44.77 -15.11 -7.92
N GLY N 189 -45.57 -14.14 -7.49
CA GLY N 189 -45.03 -12.86 -7.07
C GLY N 189 -44.52 -11.99 -8.19
N LEU N 190 -45.04 -12.15 -9.41
CA LEU N 190 -44.71 -11.26 -10.53
C LEU N 190 -45.97 -10.62 -11.12
N ASP N 191 -47.04 -10.50 -10.33
CA ASP N 191 -48.33 -10.02 -10.82
C ASP N 191 -48.33 -8.53 -11.12
N ASN N 192 -47.27 -7.81 -10.74
CA ASN N 192 -47.06 -6.45 -11.20
C ASN N 192 -46.90 -6.40 -12.71
N GLN N 193 -46.26 -7.43 -13.28
CA GLN N 193 -45.84 -7.44 -14.67
C GLN N 193 -46.82 -8.18 -15.56
N ILE N 194 -47.88 -8.75 -14.99
CA ILE N 194 -48.78 -9.59 -15.77
C ILE N 194 -49.75 -8.74 -16.59
N GLN N 195 -50.25 -7.65 -16.01
CA GLN N 195 -51.24 -6.83 -16.71
C GLN N 195 -50.62 -6.09 -17.88
N GLU N 196 -49.30 -5.85 -17.80
CA GLU N 196 -48.55 -5.22 -18.88
C GLU N 196 -48.61 -6.07 -20.14
N ILE N 197 -48.24 -7.34 -20.00
CA ILE N 197 -48.18 -8.23 -21.16
C ILE N 197 -49.59 -8.70 -21.54
N LYS N 198 -50.52 -8.72 -20.59
CA LYS N 198 -51.89 -9.14 -20.90
C LYS N 198 -52.62 -8.09 -21.70
N GLU N 199 -52.43 -6.82 -21.35
CA GLU N 199 -52.99 -5.74 -22.14
C GLU N 199 -52.28 -5.57 -23.48
N SER N 200 -51.03 -6.04 -23.60
CA SER N 200 -50.29 -5.81 -24.83
C SER N 200 -50.49 -6.91 -25.85
N VAL N 201 -50.88 -8.10 -25.40
CA VAL N 201 -50.97 -9.25 -26.31
C VAL N 201 -52.40 -9.76 -26.38
N GLU N 202 -52.97 -10.10 -25.23
CA GLU N 202 -54.30 -10.68 -25.20
C GLU N 202 -55.37 -9.65 -25.50
N LEU N 203 -55.24 -8.46 -24.94
CA LEU N 203 -56.22 -7.40 -25.18
C LEU N 203 -56.30 -6.91 -26.63
N PRO N 204 -55.21 -6.75 -27.39
CA PRO N 204 -55.39 -6.43 -28.83
C PRO N 204 -56.03 -7.53 -29.63
N LEU N 205 -55.91 -8.79 -29.20
CA LEU N 205 -56.52 -9.90 -29.92
C LEU N 205 -57.93 -10.23 -29.43
N THR N 206 -58.12 -10.38 -28.12
CA THR N 206 -59.40 -10.87 -27.62
C THR N 206 -60.44 -9.75 -27.57
N HIS N 207 -60.03 -8.55 -27.20
CA HIS N 207 -60.94 -7.43 -27.09
C HIS N 207 -60.38 -6.21 -27.80
N PRO N 208 -60.38 -6.17 -29.15
CA PRO N 208 -59.82 -5.01 -29.87
C PRO N 208 -60.83 -3.87 -30.01
N GLU N 209 -61.56 -3.60 -28.93
CA GLU N 209 -62.56 -2.54 -28.91
C GLU N 209 -62.15 -1.35 -28.08
N TYR N 210 -61.36 -1.56 -27.02
CA TYR N 210 -60.80 -0.49 -26.23
C TYR N 210 -59.90 0.42 -27.06
N TYR N 211 -59.24 -0.14 -28.07
CA TYR N 211 -58.40 0.66 -28.95
C TYR N 211 -59.24 1.47 -29.92
N GLU N 212 -60.38 0.93 -30.32
CA GLU N 212 -61.22 1.56 -31.30
C GLU N 212 -62.19 2.55 -30.69
N GLU N 213 -62.32 2.57 -29.37
CA GLU N 213 -63.12 3.60 -28.72
C GLU N 213 -62.43 4.95 -28.71
N MET N 214 -61.10 4.97 -28.83
CA MET N 214 -60.34 6.20 -28.81
C MET N 214 -59.34 6.33 -29.95
N GLY N 215 -59.20 5.32 -30.80
CA GLY N 215 -58.34 5.40 -31.96
C GLY N 215 -56.87 5.42 -31.58
N ILE N 216 -56.46 4.46 -30.75
CA ILE N 216 -55.10 4.39 -30.23
C ILE N 216 -54.53 3.04 -30.62
N LYS N 217 -53.33 3.06 -31.21
CA LYS N 217 -52.75 1.83 -31.74
C LYS N 217 -52.16 0.99 -30.60
N PRO N 218 -52.20 -0.33 -30.73
CA PRO N 218 -51.52 -1.18 -29.75
C PRO N 218 -50.02 -1.09 -29.90
N PRO N 219 -49.25 -1.43 -28.87
CA PRO N 219 -47.80 -1.46 -29.02
C PRO N 219 -47.35 -2.69 -29.78
N LYS N 220 -46.19 -2.57 -30.42
CA LYS N 220 -45.68 -3.64 -31.27
C LYS N 220 -44.72 -4.50 -30.45
N GLY N 221 -43.64 -3.93 -29.91
CA GLY N 221 -42.63 -4.75 -29.27
C GLY N 221 -42.58 -4.58 -27.78
N VAL N 222 -42.08 -5.60 -27.09
CA VAL N 222 -41.95 -5.63 -25.64
C VAL N 222 -40.57 -6.18 -25.31
N ILE N 223 -39.81 -5.45 -24.49
CA ILE N 223 -38.49 -5.88 -24.04
C ILE N 223 -38.59 -6.39 -22.62
N LEU N 224 -38.01 -7.57 -22.38
CA LEU N 224 -37.94 -8.21 -21.06
C LEU N 224 -36.47 -8.32 -20.68
N TYR N 225 -35.99 -7.43 -19.83
CA TYR N 225 -34.63 -7.57 -19.34
C TYR N 225 -34.61 -7.56 -17.82
N GLY N 226 -33.45 -7.92 -17.28
CA GLY N 226 -33.27 -8.07 -15.86
C GLY N 226 -32.10 -8.96 -15.54
N PRO N 227 -31.92 -9.33 -14.26
CA PRO N 227 -30.86 -10.26 -13.89
C PRO N 227 -31.05 -11.60 -14.56
N PRO N 228 -29.96 -12.33 -14.85
CA PRO N 228 -30.07 -13.55 -15.67
C PRO N 228 -30.75 -14.69 -14.94
N GLY N 229 -31.64 -15.37 -15.67
CA GLY N 229 -32.38 -16.50 -15.15
C GLY N 229 -33.35 -16.15 -14.05
N THR N 230 -33.98 -14.97 -14.12
CA THR N 230 -34.83 -14.50 -13.04
C THR N 230 -36.26 -15.02 -13.22
N GLY N 231 -36.98 -14.56 -14.23
CA GLY N 231 -38.26 -15.15 -14.53
C GLY N 231 -38.59 -15.10 -16.01
N LYS N 232 -37.60 -14.71 -16.82
CA LYS N 232 -37.80 -14.31 -18.21
C LYS N 232 -38.32 -15.42 -19.10
N THR N 233 -37.67 -16.58 -19.07
CA THR N 233 -38.14 -17.70 -19.87
C THR N 233 -39.42 -18.28 -19.27
N LEU N 234 -39.52 -18.25 -17.94
CA LEU N 234 -40.69 -18.79 -17.26
C LEU N 234 -41.91 -17.92 -17.47
N LEU N 235 -41.71 -16.62 -17.69
CA LEU N 235 -42.85 -15.73 -17.87
C LEU N 235 -43.35 -15.78 -19.31
N ALA N 236 -42.45 -15.97 -20.27
CA ALA N 236 -42.83 -16.04 -21.67
C ALA N 236 -43.67 -17.28 -21.94
N LYS N 237 -43.33 -18.39 -21.28
CA LYS N 237 -44.11 -19.60 -21.43
C LYS N 237 -45.44 -19.47 -20.71
N ALA N 238 -45.49 -18.61 -19.69
CA ALA N 238 -46.73 -18.41 -18.93
C ALA N 238 -47.76 -17.66 -19.76
N VAL N 239 -47.31 -16.69 -20.56
CA VAL N 239 -48.25 -15.91 -21.35
C VAL N 239 -48.59 -16.66 -22.63
N ALA N 240 -47.62 -17.35 -23.22
CA ALA N 240 -47.86 -18.13 -24.43
C ALA N 240 -48.77 -19.32 -24.18
N ASN N 241 -48.92 -19.75 -22.92
CA ASN N 241 -49.86 -20.82 -22.64
C ASN N 241 -51.29 -20.30 -22.69
N GLN N 242 -51.51 -19.07 -22.23
CA GLN N 242 -52.84 -18.47 -22.26
C GLN N 242 -52.89 -17.55 -23.47
N THR N 243 -53.15 -18.16 -24.63
CA THR N 243 -53.34 -17.42 -25.86
C THR N 243 -54.27 -18.22 -26.75
N SER N 244 -54.74 -17.59 -27.82
CA SER N 244 -55.62 -18.23 -28.78
C SER N 244 -55.09 -17.99 -30.20
N ALA N 245 -53.78 -18.05 -30.34
CA ALA N 245 -53.12 -17.94 -31.63
C ALA N 245 -51.84 -18.75 -31.56
N THR N 246 -51.20 -18.91 -32.71
CA THR N 246 -49.96 -19.68 -32.80
C THR N 246 -48.81 -18.96 -32.10
N PHE N 247 -47.74 -19.70 -31.81
CA PHE N 247 -46.60 -19.17 -31.07
C PHE N 247 -45.29 -19.67 -31.65
N LEU N 248 -44.29 -18.79 -31.69
CA LEU N 248 -42.97 -19.09 -32.20
C LEU N 248 -41.94 -19.11 -31.07
N ARG N 249 -41.02 -20.07 -31.14
CA ARG N 249 -39.92 -20.17 -30.18
C ARG N 249 -38.61 -20.06 -30.94
N VAL N 250 -37.93 -18.93 -30.79
CA VAL N 250 -36.68 -18.66 -31.51
C VAL N 250 -35.59 -18.45 -30.47
N VAL N 251 -34.50 -19.20 -30.60
CA VAL N 251 -33.39 -19.10 -29.65
C VAL N 251 -32.37 -18.07 -30.13
N GLY N 252 -32.33 -17.76 -31.41
CA GLY N 252 -31.49 -16.69 -31.90
C GLY N 252 -30.25 -17.17 -32.60
N SER N 253 -29.66 -18.26 -32.10
CA SER N 253 -28.52 -18.86 -32.77
C SER N 253 -28.95 -19.67 -33.99
N GLU N 254 -30.22 -20.05 -34.10
CA GLU N 254 -30.75 -20.69 -35.30
C GLU N 254 -31.29 -19.68 -36.29
N LEU N 255 -30.51 -18.64 -36.56
CA LEU N 255 -30.79 -17.74 -37.67
C LEU N 255 -29.46 -17.42 -38.36
N ILE N 256 -28.36 -17.71 -37.65
CA ILE N 256 -27.03 -17.30 -38.08
C ILE N 256 -26.39 -18.44 -38.85
N GLN N 257 -26.25 -18.28 -40.17
CA GLN N 257 -25.49 -19.23 -40.98
C GLN N 257 -24.45 -18.48 -41.81
N LYS N 258 -23.71 -19.20 -42.64
CA LYS N 258 -22.58 -18.56 -43.31
C LYS N 258 -22.72 -18.53 -44.84
N TYR N 259 -23.90 -18.77 -45.39
CA TYR N 259 -24.08 -18.87 -46.84
C TYR N 259 -24.41 -17.53 -47.49
N LEU N 260 -24.25 -16.42 -46.74
CA LEU N 260 -24.25 -15.02 -47.19
C LEU N 260 -25.64 -14.53 -47.60
N GLY N 261 -26.62 -15.42 -47.69
CA GLY N 261 -28.00 -15.05 -47.90
C GLY N 261 -28.97 -15.61 -46.89
N ASP N 262 -28.60 -16.73 -46.25
CA ASP N 262 -29.44 -17.52 -45.37
C ASP N 262 -29.91 -16.75 -44.15
N GLY N 263 -29.16 -15.74 -43.71
CA GLY N 263 -29.50 -14.94 -42.57
C GLY N 263 -30.75 -14.10 -42.75
N PRO N 264 -30.69 -13.09 -43.62
CA PRO N 264 -31.88 -12.25 -43.84
C PRO N 264 -32.97 -12.91 -44.66
N LYS N 265 -32.71 -14.06 -45.29
CA LYS N 265 -33.76 -14.77 -46.00
C LYS N 265 -34.75 -15.41 -45.03
N LEU N 266 -34.23 -16.09 -44.00
CA LEU N 266 -35.10 -16.79 -43.06
C LEU N 266 -35.91 -15.81 -42.22
N VAL N 267 -35.42 -14.57 -42.08
CA VAL N 267 -36.21 -13.50 -41.50
C VAL N 267 -37.44 -13.22 -42.37
N ARG N 268 -37.23 -13.13 -43.69
CA ARG N 268 -38.34 -12.92 -44.61
C ARG N 268 -39.23 -14.15 -44.71
N GLU N 269 -38.62 -15.34 -44.57
CA GLU N 269 -39.40 -16.57 -44.68
C GLU N 269 -40.24 -16.80 -43.43
N LEU N 270 -39.73 -16.40 -42.27
CA LEU N 270 -40.52 -16.49 -41.06
C LEU N 270 -41.65 -15.48 -41.03
N PHE N 271 -41.35 -14.22 -41.39
CA PHE N 271 -42.34 -13.17 -41.35
C PHE N 271 -43.38 -13.33 -42.46
N ARG N 272 -43.05 -14.10 -43.50
CA ARG N 272 -44.08 -14.50 -44.45
C ARG N 272 -44.97 -15.59 -43.87
N VAL N 273 -44.38 -16.52 -43.12
CA VAL N 273 -45.17 -17.55 -42.44
C VAL N 273 -46.05 -16.93 -41.37
N ALA N 274 -45.50 -15.98 -40.61
CA ALA N 274 -46.29 -15.28 -39.60
C ALA N 274 -47.39 -14.41 -40.21
N GLU N 275 -47.15 -13.86 -41.40
CA GLU N 275 -48.17 -13.04 -42.04
C GLU N 275 -49.27 -13.89 -42.65
N GLU N 276 -48.90 -14.95 -43.37
CA GLU N 276 -49.89 -15.78 -44.06
C GLU N 276 -50.73 -16.58 -43.06
N HIS N 277 -50.12 -17.04 -41.98
CA HIS N 277 -50.83 -17.80 -40.97
C HIS N 277 -51.46 -16.85 -39.95
N ALA N 278 -51.92 -17.40 -38.83
CA ALA N 278 -52.54 -16.64 -37.76
C ALA N 278 -51.56 -15.64 -37.15
N PRO N 279 -52.07 -14.55 -36.51
CA PRO N 279 -51.17 -13.56 -35.94
C PRO N 279 -50.38 -14.09 -34.77
N SER N 280 -49.30 -14.80 -35.10
CA SER N 280 -48.47 -15.52 -34.16
C SER N 280 -47.74 -14.56 -33.22
N ILE N 281 -47.08 -15.13 -32.23
CA ILE N 281 -46.30 -14.37 -31.27
C ILE N 281 -44.83 -14.69 -31.56
N VAL N 282 -44.13 -13.73 -32.15
CA VAL N 282 -42.70 -13.86 -32.36
C VAL N 282 -42.01 -13.72 -31.01
N PHE N 283 -41.22 -14.72 -30.64
CA PHE N 283 -40.41 -14.66 -29.43
C PHE N 283 -38.98 -15.00 -29.81
N ILE N 284 -38.17 -13.98 -30.04
CA ILE N 284 -36.77 -14.21 -30.36
C ILE N 284 -35.95 -13.93 -29.13
N ASP N 285 -35.56 -15.00 -28.44
CA ASP N 285 -34.73 -14.86 -27.27
C ASP N 285 -33.27 -14.65 -27.68
N GLU N 286 -32.50 -14.03 -26.78
CA GLU N 286 -31.08 -13.72 -26.93
C GLU N 286 -30.75 -12.89 -28.18
N ILE N 287 -31.28 -11.67 -28.24
CA ILE N 287 -31.04 -10.80 -29.38
C ILE N 287 -29.79 -9.95 -29.21
N ASP N 288 -29.10 -10.09 -28.09
CA ASP N 288 -27.84 -9.36 -27.92
C ASP N 288 -26.71 -9.96 -28.72
N ALA N 289 -26.84 -11.22 -29.16
CA ALA N 289 -25.82 -11.81 -30.01
C ALA N 289 -25.83 -11.24 -31.42
N ILE N 290 -26.97 -10.75 -31.88
CA ILE N 290 -27.04 -10.14 -33.20
C ILE N 290 -26.99 -8.62 -33.17
N GLY N 291 -27.50 -7.98 -32.12
CA GLY N 291 -27.51 -6.54 -32.13
C GLY N 291 -26.78 -5.90 -30.97
N THR N 292 -25.66 -5.25 -31.28
CA THR N 292 -24.94 -4.41 -30.31
C THR N 292 -24.05 -3.44 -31.08
N LYS N 293 -24.20 -2.15 -30.76
CA LYS N 293 -23.27 -1.02 -30.99
C LYS N 293 -22.92 -0.75 -32.46
N ARG N 294 -23.42 -1.55 -33.39
CA ARG N 294 -23.38 -1.32 -34.84
C ARG N 294 -22.00 -1.02 -35.41
N TYR N 295 -21.08 -1.98 -35.30
CA TYR N 295 -19.72 -1.81 -35.81
C TYR N 295 -19.62 -2.38 -37.22
N ASP N 296 -18.92 -1.66 -38.09
CA ASP N 296 -18.69 -2.09 -39.47
C ASP N 296 -17.19 -2.28 -39.69
N SER N 297 -16.78 -3.51 -39.99
CA SER N 297 -15.39 -3.82 -40.33
C SER N 297 -15.28 -4.11 -41.82
N ASN N 298 -14.03 -4.26 -42.26
CA ASN N 298 -13.75 -4.59 -43.65
C ASN N 298 -13.74 -6.10 -43.91
N SER N 299 -13.61 -6.92 -42.89
CA SER N 299 -13.55 -8.36 -43.07
C SER N 299 -14.94 -8.94 -43.33
N GLY N 300 -14.95 -10.22 -43.70
CA GLY N 300 -16.19 -10.89 -44.05
C GLY N 300 -16.66 -11.89 -43.01
N GLY N 301 -16.45 -11.57 -41.74
CA GLY N 301 -16.97 -12.37 -40.65
C GLY N 301 -18.05 -11.65 -39.88
N GLU N 302 -18.05 -10.32 -39.93
CA GLU N 302 -18.98 -9.51 -39.16
C GLU N 302 -20.15 -8.98 -39.98
N ARG N 303 -19.96 -8.77 -41.29
CA ARG N 303 -20.99 -8.18 -42.13
C ARG N 303 -22.21 -9.09 -42.29
N GLU N 304 -22.05 -10.41 -42.11
CA GLU N 304 -23.17 -11.34 -42.18
C GLU N 304 -24.10 -11.22 -40.99
N ILE N 305 -23.66 -10.58 -39.91
CA ILE N 305 -24.51 -10.27 -38.77
C ILE N 305 -25.25 -8.95 -38.97
N GLN N 306 -24.54 -7.94 -39.45
CA GLN N 306 -25.09 -6.59 -39.50
C GLN N 306 -26.19 -6.47 -40.54
N ARG N 307 -26.02 -7.11 -41.69
CA ARG N 307 -27.04 -7.08 -42.73
C ARG N 307 -28.29 -7.85 -42.29
N THR N 308 -28.09 -8.94 -41.55
CA THR N 308 -29.23 -9.70 -41.04
C THR N 308 -29.95 -8.90 -39.96
N MET N 309 -29.19 -8.17 -39.15
CA MET N 309 -29.78 -7.26 -38.17
C MET N 309 -30.50 -6.11 -38.84
N LEU N 310 -29.90 -5.54 -39.88
CA LEU N 310 -30.47 -4.37 -40.54
C LEU N 310 -31.75 -4.74 -41.28
N GLU N 311 -31.77 -5.92 -41.91
CA GLU N 311 -32.96 -6.36 -42.62
C GLU N 311 -34.07 -6.74 -41.65
N LEU N 312 -33.70 -7.15 -40.44
CA LEU N 312 -34.69 -7.43 -39.41
C LEU N 312 -35.42 -6.16 -39.00
N LEU N 313 -34.67 -5.07 -38.79
CA LEU N 313 -35.31 -3.80 -38.46
C LEU N 313 -36.07 -3.23 -39.64
N ASN N 314 -35.69 -3.63 -40.86
CA ASN N 314 -36.43 -3.21 -42.04
C ASN N 314 -37.78 -3.92 -42.14
N GLN N 315 -37.80 -5.23 -41.90
CA GLN N 315 -39.04 -5.97 -42.10
C GLN N 315 -39.93 -5.91 -40.87
N LEU N 316 -39.36 -5.57 -39.71
CA LEU N 316 -40.18 -5.21 -38.57
C LEU N 316 -40.95 -3.93 -38.84
N ASP N 317 -40.31 -2.98 -39.50
CA ASP N 317 -40.95 -1.70 -39.78
C ASP N 317 -41.16 -1.55 -41.29
N GLY N 318 -41.58 -2.65 -41.93
CA GLY N 318 -41.85 -2.61 -43.36
C GLY N 318 -43.04 -1.75 -43.70
N PHE N 319 -44.04 -1.70 -42.82
CA PHE N 319 -45.17 -0.77 -42.87
C PHE N 319 -46.01 -0.95 -44.14
N ASP N 320 -46.14 -2.21 -44.56
CA ASP N 320 -46.96 -2.49 -45.73
C ASP N 320 -48.21 -3.28 -45.34
N SER N 321 -48.00 -4.46 -44.77
CA SER N 321 -49.08 -5.23 -44.17
C SER N 321 -48.49 -6.19 -43.14
N ARG N 322 -48.58 -5.86 -41.86
CA ARG N 322 -48.03 -6.75 -40.85
C ARG N 322 -49.11 -7.59 -40.17
N GLY N 323 -50.32 -7.08 -40.09
CA GLY N 323 -51.43 -7.87 -39.58
C GLY N 323 -51.38 -8.15 -38.10
N ASP N 324 -50.85 -7.21 -37.30
CA ASP N 324 -50.76 -7.27 -35.84
C ASP N 324 -49.99 -8.50 -35.36
N VAL N 325 -48.69 -8.53 -35.67
CA VAL N 325 -47.80 -9.59 -35.21
C VAL N 325 -47.08 -9.08 -33.97
N LYS N 326 -47.29 -9.75 -32.84
CA LYS N 326 -46.72 -9.34 -31.56
C LYS N 326 -45.36 -9.99 -31.37
N VAL N 327 -44.36 -9.17 -31.07
CA VAL N 327 -42.97 -9.62 -30.97
C VAL N 327 -42.49 -9.40 -29.55
N ILE N 328 -41.92 -10.43 -28.94
CA ILE N 328 -41.39 -10.36 -27.59
C ILE N 328 -39.90 -10.65 -27.65
N MET N 329 -39.11 -9.69 -27.19
CA MET N 329 -37.65 -9.75 -27.24
C MET N 329 -37.15 -9.70 -25.81
N ALA N 330 -36.09 -10.46 -25.52
CA ALA N 330 -35.62 -10.55 -24.15
C ALA N 330 -34.13 -10.88 -24.12
N THR N 331 -33.37 -10.10 -23.37
CA THR N 331 -31.99 -10.44 -23.02
C THR N 331 -31.80 -10.18 -21.54
N ASN N 332 -30.60 -10.47 -21.05
CA ASN N 332 -30.32 -10.24 -19.64
C ASN N 332 -29.96 -8.78 -19.46
N ARG N 333 -28.86 -8.38 -20.07
CA ARG N 333 -28.43 -7.00 -19.99
C ARG N 333 -29.13 -6.19 -21.08
N ILE N 334 -29.09 -4.87 -20.91
CA ILE N 334 -29.76 -3.96 -21.83
C ILE N 334 -28.87 -2.82 -22.31
N GLU N 335 -27.77 -2.51 -21.62
CA GLU N 335 -27.00 -1.31 -21.93
C GLU N 335 -26.07 -1.49 -23.12
N THR N 336 -25.73 -2.73 -23.44
CA THR N 336 -24.85 -3.04 -24.56
C THR N 336 -25.67 -3.53 -25.74
N LEU N 337 -26.81 -2.89 -25.99
CA LEU N 337 -27.70 -3.30 -27.05
C LEU N 337 -27.77 -2.23 -28.13
N ASP N 338 -28.63 -2.50 -29.10
CA ASP N 338 -28.78 -1.62 -30.26
C ASP N 338 -29.72 -0.47 -29.89
N PRO N 339 -29.29 0.79 -29.98
CA PRO N 339 -30.14 1.90 -29.50
C PRO N 339 -31.36 2.19 -30.37
N ALA N 340 -31.30 1.96 -31.68
CA ALA N 340 -32.42 2.34 -32.54
C ALA N 340 -33.59 1.37 -32.41
N LEU N 341 -33.34 0.18 -31.87
CA LEU N 341 -34.44 -0.68 -31.45
C LEU N 341 -35.08 -0.25 -30.15
N ILE N 342 -34.45 0.65 -29.40
CA ILE N 342 -34.98 1.08 -28.11
C ILE N 342 -35.88 2.28 -28.35
N ARG N 343 -35.52 3.11 -29.32
CA ARG N 343 -36.18 4.39 -29.53
C ARG N 343 -37.60 4.16 -30.07
N PRO N 344 -38.56 5.02 -29.71
CA PRO N 344 -39.97 4.77 -30.03
C PRO N 344 -40.25 4.79 -31.53
N GLY N 345 -41.40 4.20 -31.87
CA GLY N 345 -41.69 3.77 -33.21
C GLY N 345 -41.38 2.31 -33.44
N ARG N 346 -40.53 1.74 -32.57
CA ARG N 346 -40.10 0.36 -32.68
C ARG N 346 -40.56 -0.49 -31.50
N ILE N 347 -40.16 -0.12 -30.29
CA ILE N 347 -40.52 -0.82 -29.06
C ILE N 347 -40.84 0.23 -28.02
N ASP N 348 -42.02 0.13 -27.40
CA ASP N 348 -42.44 1.07 -26.36
C ASP N 348 -42.72 0.37 -25.04
N ARG N 349 -42.28 -0.87 -24.88
CA ARG N 349 -42.48 -1.61 -23.65
C ARG N 349 -41.16 -2.21 -23.23
N LYS N 350 -40.62 -1.73 -22.10
CA LYS N 350 -39.33 -2.16 -21.58
C LYS N 350 -39.57 -2.69 -20.18
N ILE N 351 -39.97 -3.95 -20.06
CA ILE N 351 -40.33 -4.52 -18.77
C ILE N 351 -39.09 -5.03 -18.07
N GLU N 352 -38.90 -4.62 -16.82
CA GLU N 352 -37.81 -5.09 -15.98
C GLU N 352 -38.29 -6.20 -15.07
N PHE N 353 -37.40 -7.14 -14.79
CA PHE N 353 -37.68 -8.24 -13.87
C PHE N 353 -36.69 -8.18 -12.71
N PRO N 354 -37.00 -7.35 -11.69
CA PRO N 354 -36.27 -7.06 -10.45
C PRO N 354 -35.76 -8.25 -9.64
N LEU N 355 -35.82 -8.15 -8.31
CA LEU N 355 -35.32 -9.19 -7.40
C LEU N 355 -36.39 -10.14 -6.83
N PRO N 356 -35.99 -10.91 -5.79
CA PRO N 356 -36.82 -11.92 -5.11
C PRO N 356 -37.42 -11.56 -3.75
N ASP N 357 -37.33 -12.53 -2.83
CA ASP N 357 -37.88 -12.47 -1.49
C ASP N 357 -38.14 -13.87 -1.00
N GLU N 358 -38.47 -13.99 0.28
CA GLU N 358 -38.74 -15.29 0.87
C GLU N 358 -40.22 -15.66 0.79
N LYS N 359 -40.97 -14.96 -0.06
CA LYS N 359 -42.37 -15.24 -0.33
C LYS N 359 -42.54 -16.15 -1.55
N THR N 360 -41.93 -15.75 -2.65
CA THR N 360 -42.03 -16.47 -3.91
C THR N 360 -41.28 -17.79 -3.91
N LYS N 361 -40.36 -17.98 -2.96
CA LYS N 361 -39.55 -19.19 -2.93
C LYS N 361 -40.37 -20.42 -2.58
N LYS N 362 -41.25 -20.29 -1.58
CA LYS N 362 -41.92 -21.45 -0.99
C LYS N 362 -42.81 -22.18 -1.98
N ARG N 363 -43.33 -21.46 -2.97
CA ARG N 363 -44.05 -22.10 -4.04
C ARG N 363 -43.12 -22.95 -4.89
N ILE N 364 -41.95 -22.40 -5.22
CA ILE N 364 -41.01 -23.08 -6.11
C ILE N 364 -40.42 -24.29 -5.42
N PHE N 365 -40.29 -24.23 -4.08
CA PHE N 365 -39.94 -25.42 -3.32
C PHE N 365 -41.03 -26.48 -3.43
N GLN N 366 -42.30 -26.05 -3.36
CA GLN N 366 -43.40 -26.99 -3.45
C GLN N 366 -43.55 -27.51 -4.88
N ILE N 367 -43.27 -26.65 -5.87
CA ILE N 367 -43.40 -27.05 -7.27
C ILE N 367 -42.32 -28.06 -7.63
N HIS N 368 -41.09 -27.82 -7.18
CA HIS N 368 -40.02 -28.76 -7.47
C HIS N 368 -40.11 -30.04 -6.64
N THR N 369 -40.65 -29.97 -5.42
CA THR N 369 -40.89 -31.16 -4.61
C THR N 369 -42.36 -31.57 -4.74
N SER N 370 -42.74 -31.93 -5.97
CA SER N 370 -44.08 -32.44 -6.19
C SER N 370 -44.01 -33.80 -6.90
N ARG N 371 -43.12 -33.90 -7.88
CA ARG N 371 -42.98 -35.12 -8.69
C ARG N 371 -41.84 -36.00 -8.21
N MET N 372 -41.95 -36.48 -6.97
CA MET N 372 -40.93 -37.34 -6.38
C MET N 372 -41.60 -38.14 -5.27
N THR N 373 -40.88 -39.15 -4.77
CA THR N 373 -41.36 -39.96 -3.66
C THR N 373 -41.01 -39.25 -2.36
N LEU N 374 -41.71 -38.14 -2.13
CA LEU N 374 -41.46 -37.30 -0.96
C LEU N 374 -42.00 -38.01 0.27
N ALA N 375 -41.10 -38.49 1.12
CA ALA N 375 -41.48 -39.23 2.31
C ALA N 375 -42.10 -38.29 3.35
N ASP N 376 -42.71 -38.90 4.36
CA ASP N 376 -43.37 -38.16 5.44
C ASP N 376 -42.43 -37.85 6.59
N ASP N 377 -41.13 -37.74 6.32
CA ASP N 377 -40.16 -37.41 7.35
C ASP N 377 -39.30 -36.22 6.95
N VAL N 378 -39.76 -35.40 6.01
CA VAL N 378 -38.95 -34.32 5.49
C VAL N 378 -39.53 -32.99 5.96
N THR N 379 -38.65 -32.04 6.25
CA THR N 379 -39.02 -30.72 6.78
C THR N 379 -38.39 -29.65 5.90
N LEU N 380 -39.17 -29.12 4.97
CA LEU N 380 -38.68 -28.12 4.04
C LEU N 380 -38.68 -26.71 4.63
N ASP N 381 -39.44 -26.47 5.71
CA ASP N 381 -39.58 -25.12 6.25
C ASP N 381 -38.29 -24.66 6.91
N ASP N 382 -37.52 -25.59 7.47
CA ASP N 382 -36.21 -25.26 8.01
C ASP N 382 -35.23 -24.89 6.90
N LEU N 383 -35.39 -25.49 5.73
CA LEU N 383 -34.53 -25.17 4.60
C LEU N 383 -34.88 -23.81 4.00
N ILE N 384 -36.16 -23.43 4.11
CA ILE N 384 -36.62 -22.16 3.54
C ILE N 384 -36.12 -20.98 4.36
N MET N 385 -36.31 -21.04 5.67
CA MET N 385 -36.00 -19.91 6.55
C MET N 385 -34.50 -19.67 6.64
N ALA N 386 -33.70 -20.73 6.60
CA ALA N 386 -32.26 -20.62 6.83
C ALA N 386 -31.55 -19.91 5.68
N LYS N 387 -31.61 -20.49 4.48
CA LYS N 387 -30.97 -19.87 3.34
C LYS N 387 -31.80 -18.70 2.85
N ASP N 388 -31.11 -17.61 2.49
CA ASP N 388 -31.78 -16.35 2.22
C ASP N 388 -31.40 -15.73 0.88
N ASP N 389 -30.68 -16.46 0.02
CA ASP N 389 -30.46 -16.00 -1.35
C ASP N 389 -30.28 -17.22 -2.25
N LEU N 390 -31.34 -17.55 -2.99
CA LEU N 390 -31.32 -18.65 -3.95
C LEU N 390 -32.45 -18.46 -4.95
N SER N 391 -32.27 -19.03 -6.15
CA SER N 391 -33.29 -19.00 -7.19
C SER N 391 -33.91 -20.39 -7.32
N GLY N 392 -34.84 -20.51 -8.28
CA GLY N 392 -35.45 -21.80 -8.53
C GLY N 392 -34.47 -22.78 -9.13
N ALA N 393 -33.50 -22.29 -9.89
CA ALA N 393 -32.44 -23.16 -10.40
C ALA N 393 -31.55 -23.67 -9.28
N ASP N 394 -31.48 -22.93 -8.18
CA ASP N 394 -30.86 -23.47 -6.98
C ASP N 394 -31.76 -24.51 -6.33
N ILE N 395 -33.06 -24.26 -6.31
CA ILE N 395 -34.03 -25.19 -5.71
C ILE N 395 -34.05 -26.50 -6.47
N LYS N 396 -34.01 -26.40 -7.80
CA LYS N 396 -33.92 -27.58 -8.66
C LYS N 396 -32.65 -28.37 -8.38
N ALA N 397 -31.53 -27.68 -8.16
CA ALA N 397 -30.28 -28.37 -7.89
C ALA N 397 -30.28 -29.00 -6.50
N ILE N 398 -31.11 -28.48 -5.59
CA ILE N 398 -31.27 -29.11 -4.29
C ILE N 398 -32.05 -30.41 -4.42
N CYS N 399 -33.16 -30.37 -5.15
CA CYS N 399 -34.06 -31.53 -5.25
C CYS N 399 -33.40 -32.66 -6.00
N THR N 400 -32.56 -32.34 -6.98
CA THR N 400 -31.84 -33.38 -7.71
C THR N 400 -30.76 -34.01 -6.86
N GLU N 401 -30.02 -33.20 -6.11
CA GLU N 401 -28.99 -33.73 -5.21
C GLU N 401 -29.63 -34.51 -4.06
N ALA N 402 -30.82 -34.09 -3.64
CA ALA N 402 -31.57 -34.87 -2.66
C ALA N 402 -31.99 -36.22 -3.23
N GLY N 403 -32.35 -36.25 -4.52
CA GLY N 403 -32.69 -37.51 -5.14
C GLY N 403 -31.48 -38.40 -5.36
N LEU N 404 -30.32 -37.79 -5.59
CA LEU N 404 -29.10 -38.58 -5.79
C LEU N 404 -28.61 -39.19 -4.50
N MET N 405 -28.67 -38.43 -3.38
CA MET N 405 -28.22 -38.96 -2.10
C MET N 405 -29.10 -40.10 -1.61
N ALA N 406 -30.39 -40.06 -1.97
CA ALA N 406 -31.28 -41.16 -1.60
C ALA N 406 -30.99 -42.42 -2.41
N LEU N 407 -30.51 -42.26 -3.64
CA LEU N 407 -30.15 -43.41 -4.47
C LEU N 407 -28.74 -43.93 -4.20
N ARG N 408 -27.89 -43.15 -3.55
CA ARG N 408 -26.58 -43.66 -3.17
C ARG N 408 -26.69 -44.64 -2.00
N GLU N 409 -27.64 -44.38 -1.09
CA GLU N 409 -27.90 -45.27 0.03
C GLU N 409 -29.02 -46.26 -0.27
N ARG N 410 -29.31 -46.50 -1.55
CA ARG N 410 -30.07 -47.64 -2.08
C ARG N 410 -31.50 -47.68 -1.52
N ARG N 411 -32.11 -46.50 -1.51
CA ARG N 411 -33.48 -46.36 -1.04
C ARG N 411 -34.33 -45.80 -2.17
N MET N 412 -35.64 -45.90 -1.97
CA MET N 412 -36.63 -45.27 -2.83
C MET N 412 -36.99 -43.88 -2.36
N LYS N 413 -37.53 -43.75 -1.16
CA LYS N 413 -37.92 -42.46 -0.60
C LYS N 413 -36.70 -41.66 -0.20
N VAL N 414 -36.93 -40.39 0.07
CA VAL N 414 -35.89 -39.45 0.48
C VAL N 414 -36.22 -39.00 1.88
N THR N 415 -35.21 -39.01 2.75
CA THR N 415 -35.38 -38.52 4.11
C THR N 415 -35.00 -37.04 4.16
N ASN N 416 -35.22 -36.41 5.31
CA ASN N 416 -34.88 -35.00 5.49
C ASN N 416 -33.39 -34.78 5.42
N GLU N 417 -32.60 -35.77 5.87
CA GLU N 417 -31.15 -35.65 5.95
C GLU N 417 -30.52 -35.49 4.58
N ASP N 418 -31.10 -36.13 3.56
CA ASP N 418 -30.62 -35.95 2.20
C ASP N 418 -30.89 -34.53 1.72
N PHE N 419 -31.99 -33.93 2.18
CA PHE N 419 -32.25 -32.53 1.86
C PHE N 419 -31.32 -31.60 2.61
N LYS N 420 -30.98 -31.94 3.86
CA LYS N 420 -30.11 -31.09 4.67
C LYS N 420 -28.71 -31.03 4.09
N LYS N 421 -28.16 -32.18 3.72
CA LYS N 421 -26.83 -32.22 3.12
C LYS N 421 -26.84 -31.57 1.75
N SER N 422 -27.90 -31.79 0.96
CA SER N 422 -28.03 -31.13 -0.34
C SER N 422 -28.17 -29.62 -0.20
N LYS N 423 -28.80 -29.17 0.89
CA LYS N 423 -28.86 -27.74 1.16
C LYS N 423 -27.49 -27.20 1.55
N GLU N 424 -26.69 -28.00 2.24
CA GLU N 424 -25.37 -27.55 2.67
C GLU N 424 -24.30 -27.77 1.60
N ASN N 425 -24.44 -28.78 0.75
CA ASN N 425 -23.49 -29.05 -0.34
C ASN N 425 -23.64 -28.08 -1.50
N VAL N 426 -24.80 -28.08 -2.14
CA VAL N 426 -24.96 -27.43 -3.44
C VAL N 426 -24.93 -25.92 -3.29
N LEU N 427 -25.55 -25.40 -2.23
CA LEU N 427 -25.70 -23.95 -2.06
C LEU N 427 -24.41 -23.24 -1.69
N TYR N 428 -23.32 -23.97 -1.48
CA TYR N 428 -22.02 -23.34 -1.23
C TYR N 428 -21.23 -23.28 -2.54
N LYS N 429 -21.63 -22.35 -3.41
CA LYS N 429 -20.84 -22.07 -4.60
C LYS N 429 -20.74 -20.57 -4.89
N LYS N 430 -21.61 -19.77 -4.28
CA LYS N 430 -21.68 -18.34 -4.61
C LYS N 430 -21.86 -17.41 -3.43
N GLN N 431 -21.90 -17.90 -2.19
CA GLN N 431 -22.23 -17.07 -1.04
C GLN N 431 -21.04 -16.18 -0.72
N GLU N 432 -21.07 -14.94 -1.22
CA GLU N 432 -19.95 -14.02 -1.02
C GLU N 432 -20.43 -12.58 -1.11
N GLY N 433 -20.30 -11.85 -0.01
CA GLY N 433 -20.51 -10.41 0.01
C GLY N 433 -21.77 -9.91 0.66
N THR N 434 -21.67 -9.45 1.91
CA THR N 434 -22.80 -8.93 2.67
C THR N 434 -22.33 -7.98 3.78
N PRO N 435 -23.03 -6.86 3.98
CA PRO N 435 -22.78 -5.96 5.13
C PRO N 435 -23.67 -6.22 6.35
N GLU N 436 -23.40 -7.30 7.07
CA GLU N 436 -24.30 -7.73 8.14
C GLU N 436 -24.08 -6.93 9.41
N GLY N 437 -25.15 -6.81 10.20
CA GLY N 437 -25.13 -6.15 11.49
C GLY N 437 -24.77 -4.68 11.46
N LEU N 438 -24.95 -4.04 10.32
CA LEU N 438 -24.51 -2.67 10.14
C LEU N 438 -25.75 -1.82 9.98
N TYR N 439 -26.69 -2.33 9.22
CA TYR N 439 -27.98 -1.69 9.00
C TYR N 439 -29.03 -2.49 9.75
N LEU N 440 -29.71 -1.82 10.66
CA LEU N 440 -30.90 -2.42 11.21
C LEU N 440 -31.99 -2.25 10.16
N LEU O 3 2.83 -131.56 -69.24
CA LEU O 3 2.11 -130.35 -68.89
C LEU O 3 1.87 -129.49 -70.13
N GLU O 4 0.61 -129.25 -70.47
CA GLU O 4 0.28 -128.35 -71.57
C GLU O 4 0.40 -126.89 -71.18
N GLU O 5 0.53 -126.61 -69.88
CA GLU O 5 0.64 -125.25 -69.36
C GLU O 5 1.87 -125.04 -68.48
N GLY O 6 2.26 -126.04 -67.68
CA GLY O 6 3.37 -125.86 -66.76
C GLY O 6 4.71 -125.75 -67.45
N LYS O 7 4.86 -126.41 -68.60
CA LYS O 7 6.03 -126.20 -69.45
C LYS O 7 5.87 -125.01 -70.38
N ALA O 8 4.80 -124.22 -70.21
CA ALA O 8 4.54 -123.07 -71.05
C ALA O 8 4.53 -121.76 -70.30
N GLY O 9 4.42 -121.79 -68.97
CA GLY O 9 4.40 -120.56 -68.20
C GLY O 9 5.77 -119.99 -67.90
N SER O 10 6.84 -120.72 -68.24
CA SER O 10 8.20 -120.31 -67.90
C SER O 10 9.05 -120.01 -69.14
N GLY O 11 8.50 -120.22 -70.33
CA GLY O 11 9.24 -119.96 -71.54
C GLY O 11 8.66 -118.89 -72.45
N LEU O 12 7.33 -118.79 -72.48
CA LEU O 12 6.62 -117.91 -73.40
C LEU O 12 5.67 -116.96 -72.69
N ARG O 13 5.11 -117.36 -71.55
CA ARG O 13 4.35 -116.41 -70.73
C ARG O 13 5.25 -115.61 -69.81
N GLN O 14 6.31 -116.26 -69.29
CA GLN O 14 7.27 -115.59 -68.43
C GLN O 14 8.08 -114.52 -69.17
N TYR O 15 8.21 -114.65 -70.50
CA TYR O 15 8.77 -113.56 -71.29
C TYR O 15 7.87 -112.33 -71.24
N TYR O 16 6.57 -112.53 -71.07
CA TYR O 16 5.65 -111.40 -71.05
C TYR O 16 5.49 -110.82 -69.65
N LEU O 17 5.31 -111.68 -68.65
CA LEU O 17 5.06 -111.20 -67.28
C LEU O 17 6.30 -110.52 -66.69
N SER O 18 7.48 -111.04 -66.97
CA SER O 18 8.70 -110.41 -66.48
C SER O 18 9.06 -109.14 -67.24
N LYS O 19 8.43 -108.88 -68.38
CA LYS O 19 8.71 -107.69 -69.18
C LYS O 19 7.75 -106.55 -68.92
N ILE O 20 6.48 -106.87 -68.63
CA ILE O 20 5.48 -105.83 -68.35
C ILE O 20 5.72 -105.11 -67.04
N GLU O 21 6.42 -105.75 -66.11
CA GLU O 21 6.60 -105.21 -64.76
C GLU O 21 7.46 -103.94 -64.78
N GLU O 22 8.49 -103.90 -65.62
CA GLU O 22 9.28 -102.67 -65.77
C GLU O 22 8.47 -101.59 -66.48
N LEU O 23 7.67 -101.99 -67.46
CA LEU O 23 6.78 -101.05 -68.14
C LEU O 23 5.67 -100.56 -67.23
N GLN O 24 5.37 -101.29 -66.14
CA GLN O 24 4.43 -100.82 -65.15
C GLN O 24 5.08 -99.90 -64.12
N LEU O 25 6.25 -100.27 -63.60
CA LEU O 25 6.80 -99.55 -62.46
C LEU O 25 7.45 -98.23 -62.84
N ILE O 26 7.89 -98.07 -64.08
CA ILE O 26 8.41 -96.78 -64.51
C ILE O 26 7.29 -95.76 -64.60
N VAL O 27 6.16 -96.17 -65.18
CA VAL O 27 4.97 -95.33 -65.24
C VAL O 27 4.47 -95.02 -63.85
N ASN O 28 4.58 -95.99 -62.93
CA ASN O 28 4.22 -95.74 -61.54
C ASN O 28 5.20 -94.78 -60.87
N ASP O 29 6.48 -94.83 -61.26
CA ASP O 29 7.47 -93.89 -60.73
C ASP O 29 7.35 -92.53 -61.41
N LYS O 30 7.28 -92.52 -62.74
CA LYS O 30 7.21 -91.26 -63.47
C LYS O 30 5.85 -90.59 -63.36
N SER O 31 4.88 -91.20 -62.68
CA SER O 31 3.67 -90.48 -62.31
C SER O 31 3.95 -89.50 -61.19
N GLN O 32 4.79 -89.88 -60.23
CA GLN O 32 5.24 -88.95 -59.21
C GLN O 32 6.06 -87.81 -59.82
N ASN O 33 6.93 -88.16 -60.75
CA ASN O 33 7.79 -87.15 -61.38
C ASN O 33 6.99 -86.24 -62.30
N LEU O 34 5.91 -86.77 -62.88
CA LEU O 34 5.02 -85.92 -63.67
C LEU O 34 4.24 -84.99 -62.76
N ARG O 35 3.59 -85.54 -61.73
CA ARG O 35 2.79 -84.72 -60.82
C ARG O 35 3.65 -83.77 -60.00
N ARG O 36 4.94 -84.07 -59.85
CA ARG O 36 5.85 -83.07 -59.32
C ARG O 36 5.94 -81.87 -60.25
N LEU O 37 6.12 -82.13 -61.55
CA LEU O 37 6.22 -81.04 -62.51
C LEU O 37 4.89 -80.35 -62.72
N GLN O 38 3.79 -81.07 -62.49
CA GLN O 38 2.45 -80.49 -62.59
C GLN O 38 2.25 -79.41 -61.54
N ALA O 39 2.45 -79.76 -60.26
CA ALA O 39 2.15 -78.83 -59.17
C ALA O 39 3.11 -77.66 -59.17
N GLN O 40 4.39 -77.92 -59.48
CA GLN O 40 5.35 -76.84 -59.62
C GLN O 40 4.99 -75.88 -60.74
N ARG O 41 4.39 -76.38 -61.82
CA ARG O 41 3.87 -75.49 -62.84
C ARG O 41 2.63 -74.75 -62.33
N ASN O 42 1.85 -75.39 -61.46
CA ASN O 42 0.66 -74.72 -60.95
C ASN O 42 1.00 -73.63 -59.95
N GLU O 43 2.15 -73.74 -59.30
CA GLU O 43 2.56 -72.70 -58.37
C GLU O 43 2.98 -71.43 -59.10
N LEU O 44 3.88 -71.59 -60.07
CA LEU O 44 4.41 -70.44 -60.81
C LEU O 44 3.33 -69.76 -61.63
N ASN O 45 2.37 -70.54 -62.14
CA ASN O 45 1.28 -69.95 -62.91
C ASN O 45 0.35 -69.18 -61.98
N ALA O 46 0.24 -69.62 -60.73
CA ALA O 46 -0.55 -68.89 -59.75
C ALA O 46 0.14 -67.61 -59.32
N LYS O 47 1.47 -67.55 -59.48
CA LYS O 47 2.19 -66.32 -59.19
C LYS O 47 2.00 -65.31 -60.29
N VAL O 48 2.14 -65.74 -61.54
CA VAL O 48 2.18 -64.80 -62.64
C VAL O 48 0.80 -64.21 -62.90
N ARG O 49 -0.23 -65.05 -62.82
CA ARG O 49 -1.61 -64.58 -62.99
C ARG O 49 -1.99 -63.56 -61.93
N LEU O 50 -1.51 -63.76 -60.70
CA LEU O 50 -1.78 -62.78 -59.65
C LEU O 50 -0.92 -61.54 -59.80
N LEU O 51 0.29 -61.70 -60.34
CA LEU O 51 1.14 -60.53 -60.60
C LEU O 51 0.58 -59.70 -61.73
N ARG O 52 0.00 -60.33 -62.75
CA ARG O 52 -0.61 -59.57 -63.83
C ARG O 52 -1.93 -58.96 -63.40
N GLU O 53 -2.62 -59.61 -62.47
CA GLU O 53 -3.88 -59.08 -61.99
C GLU O 53 -3.68 -57.78 -61.21
N GLU O 54 -2.64 -57.74 -60.36
CA GLU O 54 -2.39 -56.53 -59.60
C GLU O 54 -1.83 -55.43 -60.48
N LEU O 55 -1.22 -55.79 -61.61
CA LEU O 55 -0.62 -54.78 -62.45
C LEU O 55 -1.65 -54.09 -63.34
N GLN O 56 -2.69 -54.80 -63.74
CA GLN O 56 -3.71 -54.18 -64.57
C GLN O 56 -4.54 -53.22 -63.75
N LEU O 57 -4.96 -53.64 -62.56
CA LEU O 57 -5.69 -52.76 -61.65
C LEU O 57 -4.84 -51.61 -61.13
N LEU O 58 -3.52 -51.77 -61.11
CA LEU O 58 -2.68 -50.64 -60.78
C LEU O 58 -2.69 -49.59 -61.87
N GLN O 59 -2.75 -50.00 -63.13
CA GLN O 59 -2.78 -49.06 -64.25
C GLN O 59 -4.19 -48.54 -64.44
N GLU O 60 -4.62 -47.72 -63.48
CA GLU O 60 -6.01 -47.28 -63.42
C GLU O 60 -6.12 -46.01 -62.60
N GLN O 61 -6.82 -45.03 -63.16
CA GLN O 61 -7.16 -43.81 -62.44
C GLN O 61 -8.05 -44.16 -61.26
N GLY O 62 -7.81 -43.50 -60.12
CA GLY O 62 -8.34 -43.93 -58.84
C GLY O 62 -9.81 -43.63 -58.60
N SER O 63 -10.16 -43.23 -57.38
CA SER O 63 -11.55 -42.98 -57.05
C SER O 63 -11.64 -41.77 -56.14
N TYR O 64 -12.86 -41.47 -55.72
CA TYR O 64 -13.19 -40.39 -54.81
C TYR O 64 -13.85 -40.95 -53.56
N VAL O 65 -14.32 -40.04 -52.71
CA VAL O 65 -15.09 -40.41 -51.53
C VAL O 65 -16.10 -39.31 -51.26
N GLY O 66 -17.33 -39.71 -50.96
CA GLY O 66 -18.36 -38.76 -50.61
C GLY O 66 -19.17 -39.26 -49.44
N GLU O 67 -19.38 -38.42 -48.45
CA GLU O 67 -20.18 -38.80 -47.30
C GLU O 67 -21.64 -38.49 -47.59
N VAL O 68 -22.50 -39.50 -47.51
CA VAL O 68 -23.93 -39.35 -47.72
C VAL O 68 -24.64 -39.78 -46.45
N VAL O 69 -25.46 -38.89 -45.90
CA VAL O 69 -26.37 -39.22 -44.82
C VAL O 69 -27.72 -39.67 -45.36
N ARG O 70 -28.20 -38.98 -46.39
CA ARG O 70 -29.46 -39.31 -47.02
C ARG O 70 -29.43 -38.86 -48.48
N ALA O 71 -30.38 -39.39 -49.25
CA ALA O 71 -30.45 -39.14 -50.68
C ALA O 71 -31.86 -39.46 -51.15
N MET O 72 -32.13 -39.13 -52.41
CA MET O 72 -33.45 -39.40 -52.99
C MET O 72 -33.46 -40.75 -53.70
N ASP O 73 -34.64 -41.09 -54.20
CA ASP O 73 -34.89 -42.36 -54.89
C ASP O 73 -34.71 -42.14 -56.40
N LYS O 74 -35.23 -43.02 -57.27
CA LYS O 74 -35.19 -42.94 -58.74
C LYS O 74 -33.76 -43.10 -59.24
N LYS O 75 -33.01 -43.98 -58.56
CA LYS O 75 -31.66 -44.41 -58.94
C LYS O 75 -30.64 -43.27 -58.96
N LYS O 76 -30.94 -42.17 -58.28
CA LYS O 76 -30.02 -41.04 -58.22
C LYS O 76 -29.85 -40.63 -56.77
N VAL O 77 -28.61 -40.44 -56.36
CA VAL O 77 -28.29 -40.12 -54.98
C VAL O 77 -27.58 -38.78 -54.92
N LEU O 78 -27.57 -38.20 -53.72
CA LEU O 78 -26.96 -36.91 -53.46
C LEU O 78 -25.65 -37.19 -52.73
N VAL O 79 -24.55 -37.05 -53.43
CA VAL O 79 -23.22 -37.28 -52.89
C VAL O 79 -22.53 -35.93 -52.80
N LYS O 80 -21.96 -35.64 -51.66
CA LYS O 80 -21.18 -34.43 -51.47
C LYS O 80 -19.74 -34.83 -51.17
N VAL O 81 -18.82 -34.33 -51.99
CA VAL O 81 -17.40 -34.60 -51.82
C VAL O 81 -16.86 -33.64 -50.77
N HIS O 82 -15.63 -33.86 -50.32
CA HIS O 82 -15.06 -32.95 -49.34
C HIS O 82 -14.62 -31.60 -49.90
N PRO O 83 -13.78 -31.47 -50.94
CA PRO O 83 -13.33 -30.13 -51.30
C PRO O 83 -14.36 -29.32 -52.07
N GLU O 84 -15.32 -29.98 -52.71
CA GLU O 84 -16.35 -29.28 -53.46
C GLU O 84 -17.71 -29.61 -52.87
N GLY O 85 -18.76 -29.13 -53.52
CA GLY O 85 -20.11 -29.20 -52.98
C GLY O 85 -20.83 -30.49 -53.29
N LYS O 86 -22.14 -30.36 -53.46
CA LYS O 86 -23.02 -31.50 -53.63
C LYS O 86 -23.12 -31.91 -55.09
N PHE O 87 -23.47 -33.17 -55.31
CA PHE O 87 -23.54 -33.75 -56.63
C PHE O 87 -24.67 -34.76 -56.67
N VAL O 88 -25.53 -34.63 -57.66
CA VAL O 88 -26.62 -35.59 -57.89
C VAL O 88 -26.10 -36.57 -58.93
N VAL O 89 -25.73 -37.76 -58.47
CA VAL O 89 -25.05 -38.71 -59.35
C VAL O 89 -25.89 -39.97 -59.50
N ASP O 90 -25.39 -40.93 -60.29
CA ASP O 90 -26.08 -42.17 -60.59
C ASP O 90 -25.62 -43.27 -59.64
N VAL O 91 -26.54 -44.17 -59.30
CA VAL O 91 -26.16 -45.39 -58.61
C VAL O 91 -25.53 -46.36 -59.60
N ASP O 92 -24.82 -47.34 -59.07
CA ASP O 92 -24.23 -48.40 -59.87
C ASP O 92 -25.10 -49.65 -59.76
N LYS O 93 -25.11 -50.42 -60.84
CA LYS O 93 -26.00 -51.58 -60.92
C LYS O 93 -25.45 -52.79 -60.18
N ASN O 94 -24.19 -52.76 -59.75
CA ASN O 94 -23.64 -53.88 -59.01
C ASN O 94 -23.99 -53.82 -57.53
N ILE O 95 -24.63 -52.75 -57.08
CA ILE O 95 -25.05 -52.59 -55.70
C ILE O 95 -26.54 -52.35 -55.68
N ASP O 96 -27.10 -52.14 -54.49
CA ASP O 96 -28.50 -51.81 -54.33
C ASP O 96 -28.71 -50.31 -54.41
N ILE O 97 -29.98 -49.92 -54.61
CA ILE O 97 -30.34 -48.52 -54.50
C ILE O 97 -30.42 -48.11 -53.04
N ASN O 98 -30.88 -49.01 -52.18
CA ASN O 98 -31.16 -48.68 -50.79
C ASN O 98 -29.89 -48.52 -49.98
N ASP O 99 -29.26 -47.34 -50.08
CA ASP O 99 -28.02 -47.06 -49.38
C ASP O 99 -28.13 -45.81 -48.52
N VAL O 100 -29.35 -45.30 -48.32
CA VAL O 100 -29.56 -44.14 -47.48
C VAL O 100 -29.25 -44.54 -46.05
N THR O 101 -28.11 -44.10 -45.55
CA THR O 101 -27.61 -44.50 -44.28
C THR O 101 -26.93 -43.26 -43.75
N PRO O 102 -27.16 -42.89 -42.49
CA PRO O 102 -26.57 -41.66 -41.96
C PRO O 102 -25.06 -41.79 -41.82
N ASN O 103 -24.36 -40.76 -42.30
CA ASN O 103 -22.90 -40.62 -42.28
C ASN O 103 -22.23 -41.81 -42.98
N CYS O 104 -22.80 -42.15 -44.13
CA CYS O 104 -22.31 -43.28 -44.91
C CYS O 104 -21.45 -42.74 -46.03
N ARG O 105 -20.17 -43.10 -45.99
CA ARG O 105 -19.23 -42.71 -47.02
C ARG O 105 -19.31 -43.72 -48.15
N VAL O 106 -19.11 -43.25 -49.38
CA VAL O 106 -19.18 -44.12 -50.54
C VAL O 106 -17.97 -43.88 -51.43
N ALA O 107 -17.64 -44.88 -52.22
CA ALA O 107 -16.59 -44.75 -53.22
C ALA O 107 -17.21 -44.21 -54.51
N LEU O 108 -16.74 -43.05 -54.95
CA LEU O 108 -17.22 -42.42 -56.16
C LEU O 108 -16.16 -42.55 -57.24
N ARG O 109 -16.58 -42.91 -58.45
CA ARG O 109 -15.66 -42.88 -59.58
C ARG O 109 -15.29 -41.44 -59.90
N ASN O 110 -14.02 -41.20 -60.23
CA ASN O 110 -13.53 -39.84 -60.42
C ASN O 110 -13.60 -39.40 -61.87
N ASP O 111 -14.25 -40.17 -62.73
CA ASP O 111 -14.34 -39.79 -64.12
C ASP O 111 -15.76 -39.47 -64.52
N SER O 112 -16.69 -40.39 -64.27
CA SER O 112 -18.08 -40.20 -64.63
C SER O 112 -18.93 -39.81 -63.43
N TYR O 113 -18.33 -39.76 -62.25
CA TYR O 113 -19.00 -39.56 -60.95
C TYR O 113 -20.11 -40.57 -60.79
N THR O 114 -19.76 -41.85 -60.82
CA THR O 114 -20.72 -42.90 -60.60
C THR O 114 -20.33 -43.63 -59.35
N LEU O 115 -21.29 -44.30 -58.74
CA LEU O 115 -21.01 -45.05 -57.53
C LEU O 115 -20.14 -46.25 -57.84
N HIS O 116 -19.27 -46.59 -56.89
CA HIS O 116 -18.36 -47.70 -57.05
C HIS O 116 -18.63 -48.74 -55.97
N LYS O 117 -18.67 -48.32 -54.70
CA LYS O 117 -18.84 -49.24 -53.59
C LYS O 117 -19.25 -48.47 -52.35
N ILE O 118 -20.16 -49.05 -51.57
CA ILE O 118 -20.44 -48.59 -50.22
C ILE O 118 -19.17 -48.75 -49.39
N LEU O 119 -18.82 -47.72 -48.65
CA LEU O 119 -17.57 -47.87 -47.92
C LEU O 119 -17.82 -48.41 -46.52
N PRO O 120 -16.80 -49.04 -45.92
CA PRO O 120 -16.81 -49.38 -44.49
C PRO O 120 -16.71 -48.17 -43.57
N ASN O 121 -16.21 -48.41 -42.37
CA ASN O 121 -16.47 -47.82 -41.06
C ASN O 121 -16.53 -46.29 -41.08
N LYS O 122 -17.24 -45.72 -40.09
CA LYS O 122 -17.71 -44.34 -40.11
C LYS O 122 -16.57 -43.34 -39.97
N VAL O 123 -16.90 -42.06 -39.97
CA VAL O 123 -15.93 -40.99 -40.06
C VAL O 123 -15.24 -40.87 -38.71
N ASP O 124 -14.02 -41.37 -38.62
CA ASP O 124 -13.17 -41.15 -37.46
C ASP O 124 -11.71 -40.94 -37.88
N PRO O 125 -11.40 -39.80 -38.48
CA PRO O 125 -9.99 -39.48 -38.67
C PRO O 125 -9.43 -38.92 -37.38
N LEU O 126 -8.12 -39.12 -37.20
CA LEU O 126 -7.37 -38.71 -36.03
C LEU O 126 -8.00 -39.30 -34.76
N VAL O 127 -7.92 -40.61 -34.69
CA VAL O 127 -8.20 -41.33 -33.46
C VAL O 127 -6.91 -41.70 -32.75
N SER O 128 -5.79 -41.14 -33.21
CA SER O 128 -4.52 -41.36 -32.53
C SER O 128 -4.50 -40.64 -31.20
N LEU O 129 -5.20 -39.51 -31.13
CA LEU O 129 -5.42 -38.85 -29.86
C LEU O 129 -6.37 -39.65 -28.99
N MET O 130 -7.37 -40.26 -29.62
CA MET O 130 -8.32 -41.12 -28.93
C MET O 130 -7.67 -42.45 -28.58
N MET O 131 -8.44 -43.30 -27.87
CA MET O 131 -8.15 -44.70 -27.56
C MET O 131 -6.72 -44.92 -27.06
N VAL O 132 -6.48 -44.49 -25.82
CA VAL O 132 -5.13 -44.47 -25.25
C VAL O 132 -4.46 -45.85 -25.25
N GLU O 133 -5.23 -46.94 -25.08
CA GLU O 133 -4.85 -48.34 -25.30
C GLU O 133 -3.85 -48.89 -24.29
N LYS O 134 -3.30 -48.05 -23.43
CA LYS O 134 -2.40 -48.54 -22.40
C LYS O 134 -3.01 -48.34 -21.03
N VAL O 135 -3.39 -49.44 -20.41
CA VAL O 135 -4.12 -49.46 -19.14
C VAL O 135 -3.23 -49.24 -17.92
N PRO O 136 -2.09 -49.92 -17.70
CA PRO O 136 -1.36 -49.65 -16.46
C PRO O 136 -0.48 -48.42 -16.57
N ASP O 137 -0.71 -47.46 -15.67
CA ASP O 137 0.27 -46.42 -15.45
C ASP O 137 0.42 -46.15 -13.96
N SER O 138 -0.62 -46.44 -13.19
CA SER O 138 -0.62 -46.09 -11.78
C SER O 138 -1.72 -46.87 -11.09
N THR O 139 -1.52 -47.16 -9.81
CA THR O 139 -2.55 -47.86 -9.05
C THR O 139 -3.47 -46.88 -8.35
N TYR O 140 -4.30 -47.38 -7.43
CA TYR O 140 -5.23 -46.59 -6.65
C TYR O 140 -4.68 -46.07 -5.33
N GLU O 141 -3.87 -46.86 -4.62
CA GLU O 141 -3.46 -46.50 -3.26
C GLU O 141 -2.38 -45.44 -3.23
N MET O 142 -1.80 -45.09 -4.37
CA MET O 142 -0.75 -44.09 -4.40
C MET O 142 -1.28 -42.66 -4.46
N ILE O 143 -2.51 -42.41 -4.03
CA ILE O 143 -2.98 -41.03 -3.97
C ILE O 143 -3.07 -40.58 -2.52
N GLY O 144 -3.95 -41.22 -1.76
CA GLY O 144 -4.10 -40.92 -0.34
C GLY O 144 -4.73 -39.59 -0.02
N GLY O 145 -5.40 -39.51 1.12
CA GLY O 145 -5.86 -38.24 1.66
C GLY O 145 -7.07 -37.59 1.01
N LEU O 146 -7.39 -37.96 -0.23
CA LEU O 146 -8.43 -37.29 -0.98
C LEU O 146 -9.60 -38.25 -1.22
N ASP O 147 -9.92 -39.04 -0.21
CA ASP O 147 -10.80 -40.20 -0.39
C ASP O 147 -12.22 -39.78 -0.67
N LYS O 148 -12.62 -38.61 -0.19
CA LYS O 148 -13.96 -38.11 -0.47
C LYS O 148 -14.11 -37.77 -1.94
N GLN O 149 -13.10 -37.12 -2.53
CA GLN O 149 -13.12 -36.84 -3.96
C GLN O 149 -13.04 -38.14 -4.76
N ILE O 150 -12.44 -39.17 -4.18
CA ILE O 150 -12.39 -40.47 -4.86
C ILE O 150 -13.77 -41.12 -4.86
N LYS O 151 -14.43 -41.11 -3.70
CA LYS O 151 -15.71 -41.80 -3.57
C LYS O 151 -16.81 -41.10 -4.35
N GLU O 152 -16.73 -39.77 -4.47
CA GLU O 152 -17.70 -39.05 -5.26
C GLU O 152 -17.58 -39.41 -6.73
N ILE O 153 -16.34 -39.49 -7.23
CA ILE O 153 -16.13 -39.73 -8.65
C ILE O 153 -16.46 -41.18 -9.00
N LYS O 154 -16.11 -42.12 -8.11
CA LYS O 154 -16.40 -43.53 -8.37
C LYS O 154 -17.88 -43.80 -8.43
N GLU O 155 -18.65 -43.17 -7.54
CA GLU O 155 -20.08 -43.39 -7.57
C GLU O 155 -20.83 -42.28 -8.31
N VAL O 156 -20.14 -41.51 -9.16
CA VAL O 156 -20.82 -40.71 -10.15
C VAL O 156 -20.50 -41.21 -11.55
N ILE O 157 -19.58 -42.16 -11.68
CA ILE O 157 -19.19 -42.69 -12.99
C ILE O 157 -19.46 -44.19 -13.06
N GLU O 158 -18.89 -44.96 -12.14
CA GLU O 158 -19.05 -46.40 -12.22
C GLU O 158 -20.43 -46.83 -11.76
N LEU O 159 -21.04 -46.09 -10.84
CA LEU O 159 -22.40 -46.44 -10.42
C LEU O 159 -23.47 -46.20 -11.48
N PRO O 160 -23.46 -45.11 -12.30
CA PRO O 160 -24.42 -45.07 -13.42
C PRO O 160 -24.19 -46.13 -14.48
N VAL O 161 -22.97 -46.65 -14.61
CA VAL O 161 -22.69 -47.68 -15.59
C VAL O 161 -23.09 -49.06 -15.09
N LYS O 162 -22.62 -49.44 -13.89
CA LYS O 162 -22.75 -50.83 -13.46
C LYS O 162 -24.16 -51.13 -12.97
N HIS O 163 -24.89 -50.11 -12.50
CA HIS O 163 -26.25 -50.30 -12.01
C HIS O 163 -27.15 -49.16 -12.49
N PRO O 164 -27.54 -49.17 -13.77
CA PRO O 164 -28.41 -48.10 -14.27
C PRO O 164 -29.86 -48.28 -13.87
N GLU O 165 -30.25 -49.50 -13.51
CA GLU O 165 -31.64 -49.78 -13.14
C GLU O 165 -32.02 -49.10 -11.83
N LEU O 166 -31.04 -48.82 -10.98
CA LEU O 166 -31.30 -48.06 -9.75
C LEU O 166 -31.70 -46.63 -10.08
N PHE O 167 -31.00 -46.00 -11.02
CA PHE O 167 -31.32 -44.63 -11.38
C PHE O 167 -32.57 -44.55 -12.23
N GLU O 168 -32.89 -45.61 -12.94
CA GLU O 168 -34.12 -45.71 -13.72
C GLU O 168 -35.32 -46.13 -12.87
N ALA O 169 -35.15 -46.24 -11.56
CA ALA O 169 -36.24 -46.65 -10.69
C ALA O 169 -36.79 -45.53 -9.83
N LEU O 170 -35.97 -44.54 -9.47
CA LEU O 170 -36.47 -43.40 -8.70
C LEU O 170 -37.34 -42.52 -9.57
N GLY O 171 -36.79 -42.03 -10.67
CA GLY O 171 -37.53 -41.16 -11.55
C GLY O 171 -36.72 -40.01 -12.09
N ILE O 172 -35.48 -39.88 -11.64
CA ILE O 172 -34.64 -38.78 -12.11
C ILE O 172 -33.56 -39.33 -13.02
N ALA O 173 -32.92 -38.44 -13.79
CA ALA O 173 -31.98 -38.84 -14.83
C ALA O 173 -30.56 -38.89 -14.29
N GLN O 174 -29.69 -39.52 -15.07
CA GLN O 174 -28.35 -39.77 -14.56
C GLN O 174 -27.41 -38.62 -14.94
N PRO O 175 -26.45 -38.29 -14.07
CA PRO O 175 -25.53 -37.19 -14.36
C PRO O 175 -24.49 -37.59 -15.39
N LYS O 176 -24.01 -36.59 -16.12
CA LYS O 176 -22.99 -36.84 -17.13
C LYS O 176 -21.87 -35.80 -17.08
N GLY O 177 -22.12 -34.68 -16.40
CA GLY O 177 -21.17 -33.58 -16.40
C GLY O 177 -20.40 -33.42 -15.11
N VAL O 178 -19.07 -33.51 -15.20
CA VAL O 178 -18.20 -33.42 -14.04
C VAL O 178 -17.21 -32.29 -14.28
N LEU O 179 -17.09 -31.39 -13.33
CA LEU O 179 -16.06 -30.36 -13.36
C LEU O 179 -15.11 -30.53 -12.18
N LEU O 180 -13.81 -30.60 -12.48
CA LEU O 180 -12.78 -30.66 -11.48
C LEU O 180 -11.99 -29.36 -11.50
N TYR O 181 -11.69 -28.83 -10.33
CA TYR O 181 -10.91 -27.61 -10.26
C TYR O 181 -10.12 -27.57 -8.96
N GLY O 182 -8.86 -27.20 -9.10
CA GLY O 182 -8.00 -26.96 -7.98
C GLY O 182 -6.86 -26.13 -8.48
N PRO O 183 -6.60 -25.01 -7.83
CA PRO O 183 -5.69 -24.01 -8.39
C PRO O 183 -4.23 -24.46 -8.46
N PRO O 184 -3.61 -25.05 -7.43
CA PRO O 184 -2.20 -25.42 -7.62
C PRO O 184 -2.00 -26.74 -8.35
N GLY O 185 -3.04 -27.39 -8.82
CA GLY O 185 -2.85 -28.68 -9.45
C GLY O 185 -2.61 -29.78 -8.44
N THR O 186 -3.63 -30.07 -7.63
CA THR O 186 -3.58 -31.12 -6.62
C THR O 186 -4.61 -32.19 -6.98
N GLY O 187 -4.12 -33.35 -7.41
CA GLY O 187 -5.00 -34.45 -7.75
C GLY O 187 -5.81 -34.14 -8.98
N LYS O 188 -5.16 -33.62 -10.00
CA LYS O 188 -5.86 -33.21 -11.21
C LYS O 188 -5.58 -34.12 -12.39
N THR O 189 -4.63 -35.02 -12.28
CA THR O 189 -4.26 -35.97 -13.31
C THR O 189 -4.14 -37.38 -12.78
N LEU O 190 -3.59 -37.50 -11.57
CA LEU O 190 -3.46 -38.78 -10.89
C LEU O 190 -4.82 -39.42 -10.68
N LEU O 191 -5.77 -38.63 -10.21
CA LEU O 191 -7.12 -39.12 -10.02
C LEU O 191 -7.79 -39.38 -11.36
N ALA O 192 -7.36 -38.68 -12.40
CA ALA O 192 -7.87 -38.98 -13.73
C ALA O 192 -7.28 -40.27 -14.26
N ARG O 193 -5.96 -40.45 -14.11
CA ARG O 193 -5.31 -41.62 -14.69
C ARG O 193 -5.63 -42.89 -13.92
N ALA O 194 -5.96 -42.76 -12.64
CA ALA O 194 -6.33 -43.94 -11.86
C ALA O 194 -7.68 -44.47 -12.29
N VAL O 195 -8.66 -43.58 -12.44
CA VAL O 195 -9.99 -43.98 -12.89
C VAL O 195 -9.94 -44.40 -14.35
N ALA O 196 -8.97 -43.88 -15.08
CA ALA O 196 -8.70 -44.43 -16.41
C ALA O 196 -8.06 -45.83 -16.35
N HIS O 197 -7.50 -46.22 -15.21
CA HIS O 197 -6.83 -47.52 -15.13
C HIS O 197 -7.76 -48.67 -14.73
N HIS O 198 -8.32 -48.70 -13.52
CA HIS O 198 -9.22 -49.78 -13.14
C HIS O 198 -10.67 -49.37 -13.44
N THR O 199 -11.06 -49.44 -14.70
CA THR O 199 -12.45 -49.23 -15.02
C THR O 199 -13.00 -50.25 -16.01
N ASP O 200 -12.11 -50.86 -16.80
CA ASP O 200 -12.45 -51.70 -17.95
C ASP O 200 -13.49 -51.00 -18.84
N CYS O 201 -13.16 -49.77 -19.23
CA CYS O 201 -14.08 -48.92 -19.97
C CYS O 201 -13.25 -48.04 -20.86
N THR O 202 -13.84 -47.60 -21.97
CA THR O 202 -13.07 -46.86 -22.97
C THR O 202 -12.77 -45.45 -22.49
N PHE O 203 -11.53 -45.02 -22.69
CA PHE O 203 -11.06 -43.73 -22.21
C PHE O 203 -10.62 -42.87 -23.38
N ILE O 204 -11.19 -41.68 -23.48
CA ILE O 204 -10.86 -40.74 -24.54
C ILE O 204 -10.40 -39.44 -23.91
N ARG O 205 -9.15 -39.05 -24.15
CA ARG O 205 -8.64 -37.79 -23.61
C ARG O 205 -8.38 -36.84 -24.76
N VAL O 206 -8.92 -35.63 -24.66
CA VAL O 206 -8.74 -34.56 -25.62
C VAL O 206 -8.43 -33.28 -24.85
N SER O 207 -7.24 -32.73 -25.08
CA SER O 207 -6.90 -31.45 -24.48
C SER O 207 -7.67 -30.33 -25.17
N GLY O 208 -8.09 -29.34 -24.39
CA GLY O 208 -8.83 -28.23 -24.96
C GLY O 208 -8.00 -27.20 -25.71
N SER O 209 -7.08 -27.67 -26.55
CA SER O 209 -6.17 -26.80 -27.29
C SER O 209 -5.94 -27.34 -28.70
N GLU O 210 -6.61 -28.43 -29.06
CA GLU O 210 -6.29 -29.13 -30.32
C GLU O 210 -7.29 -28.81 -31.42
N LEU O 211 -8.50 -28.42 -31.04
CA LEU O 211 -9.62 -28.23 -31.95
C LEU O 211 -9.57 -26.94 -32.76
N VAL O 212 -8.41 -26.29 -32.80
CA VAL O 212 -8.27 -24.89 -33.19
C VAL O 212 -8.21 -24.73 -34.72
N GLN O 213 -8.23 -25.83 -35.45
CA GLN O 213 -7.47 -26.17 -36.69
C GLN O 213 -7.40 -25.00 -37.68
N LYS O 214 -6.30 -24.91 -38.44
CA LYS O 214 -5.76 -23.77 -39.19
C LYS O 214 -6.78 -22.84 -39.83
N PHE O 215 -7.53 -23.35 -40.81
CA PHE O 215 -8.55 -22.55 -41.45
C PHE O 215 -9.93 -22.94 -40.91
N ILE O 216 -10.95 -22.27 -41.42
CA ILE O 216 -12.27 -22.32 -40.81
C ILE O 216 -12.94 -23.68 -41.06
N GLY O 217 -13.93 -23.98 -40.26
CA GLY O 217 -14.77 -25.16 -40.46
C GLY O 217 -14.17 -26.49 -40.06
N GLU O 218 -12.90 -26.71 -40.41
CA GLU O 218 -12.23 -27.97 -40.10
C GLU O 218 -12.10 -28.19 -38.60
N GLY O 219 -11.76 -27.14 -37.86
CA GLY O 219 -11.77 -27.24 -36.42
C GLY O 219 -13.14 -27.41 -35.81
N ALA O 220 -14.19 -27.08 -36.54
CA ALA O 220 -15.56 -27.26 -36.07
C ALA O 220 -16.14 -28.63 -36.42
N ARG O 221 -15.79 -29.19 -37.57
CA ARG O 221 -16.44 -30.42 -38.04
C ARG O 221 -16.07 -31.65 -37.23
N MET O 222 -14.85 -31.69 -36.68
CA MET O 222 -14.41 -32.87 -35.93
C MET O 222 -15.01 -32.94 -34.53
N VAL O 223 -15.76 -31.93 -34.12
CA VAL O 223 -16.47 -31.96 -32.85
C VAL O 223 -17.52 -33.05 -32.84
N ARG O 224 -18.47 -32.96 -33.77
CA ARG O 224 -19.51 -33.97 -33.92
C ARG O 224 -18.94 -35.31 -34.33
N GLU O 225 -17.83 -35.33 -35.07
CA GLU O 225 -17.18 -36.56 -35.49
C GLU O 225 -16.58 -37.31 -34.32
N LEU O 226 -16.27 -36.62 -33.23
CA LEU O 226 -15.82 -37.25 -32.01
C LEU O 226 -16.96 -37.95 -31.28
N PHE O 227 -18.10 -37.29 -31.15
CA PHE O 227 -19.17 -37.82 -30.31
C PHE O 227 -19.85 -39.00 -30.99
N VAL O 228 -19.90 -39.01 -32.32
CA VAL O 228 -20.45 -40.15 -33.03
C VAL O 228 -19.51 -41.34 -32.90
N MET O 229 -18.21 -41.08 -32.73
CA MET O 229 -17.30 -42.14 -32.32
C MET O 229 -17.48 -42.47 -30.85
N ALA O 230 -17.83 -41.47 -30.04
CA ALA O 230 -18.04 -41.71 -28.63
C ALA O 230 -19.34 -42.47 -28.39
N ARG O 231 -20.34 -42.24 -29.22
CA ARG O 231 -21.57 -43.01 -29.13
C ARG O 231 -21.42 -44.38 -29.78
N GLU O 232 -20.44 -44.52 -30.67
CA GLU O 232 -20.16 -45.81 -31.31
C GLU O 232 -19.74 -46.85 -30.29
N HIS O 233 -18.96 -46.46 -29.30
CA HIS O 233 -18.65 -47.30 -28.16
C HIS O 233 -19.37 -46.72 -26.96
N ALA O 234 -20.56 -47.28 -26.66
CA ALA O 234 -21.35 -46.76 -25.55
C ALA O 234 -20.66 -46.87 -24.19
N PRO O 235 -19.93 -47.95 -23.83
CA PRO O 235 -19.13 -47.86 -22.60
C PRO O 235 -17.87 -47.03 -22.77
N SER O 236 -17.99 -45.71 -22.67
CA SER O 236 -16.83 -44.84 -22.86
C SER O 236 -16.95 -43.58 -22.03
N ILE O 237 -15.81 -42.96 -21.74
CA ILE O 237 -15.74 -41.68 -21.04
C ILE O 237 -14.77 -40.78 -21.80
N ILE O 238 -15.24 -39.58 -22.13
CA ILE O 238 -14.39 -38.55 -22.71
C ILE O 238 -13.79 -37.72 -21.59
N PHE O 239 -12.47 -37.50 -21.67
CA PHE O 239 -11.79 -36.61 -20.73
C PHE O 239 -11.39 -35.34 -21.46
N MET O 240 -11.67 -34.20 -20.84
CA MET O 240 -11.22 -32.92 -21.35
C MET O 240 -10.09 -32.42 -20.47
N ASP O 241 -9.08 -31.85 -21.10
CA ASP O 241 -7.91 -31.36 -20.38
C ASP O 241 -7.79 -29.87 -20.64
N GLU O 242 -7.89 -29.09 -19.56
CA GLU O 242 -7.65 -27.66 -19.53
C GLU O 242 -8.59 -26.89 -20.45
N ILE O 243 -9.88 -26.97 -20.19
CA ILE O 243 -10.86 -26.19 -20.93
C ILE O 243 -10.78 -24.80 -20.33
N ASP O 244 -9.85 -23.99 -20.82
CA ASP O 244 -9.76 -22.64 -20.32
C ASP O 244 -9.68 -21.64 -21.47
N SER O 245 -8.97 -21.98 -22.54
CA SER O 245 -8.86 -21.05 -23.66
C SER O 245 -10.12 -21.11 -24.50
N ILE O 246 -10.41 -22.28 -25.05
CA ILE O 246 -11.66 -22.43 -25.77
C ILE O 246 -12.75 -22.65 -24.73
N GLY O 247 -13.55 -21.61 -24.52
CA GLY O 247 -14.54 -21.59 -23.48
C GLY O 247 -14.43 -20.44 -22.51
N SER O 248 -13.79 -19.34 -22.91
CA SER O 248 -13.60 -18.25 -21.96
C SER O 248 -14.82 -17.35 -21.85
N SER O 249 -15.15 -16.63 -22.93
CA SER O 249 -16.22 -15.66 -22.88
C SER O 249 -16.58 -15.22 -24.29
N ARG O 250 -17.87 -14.99 -24.51
CA ARG O 250 -18.36 -14.52 -25.79
C ARG O 250 -18.18 -13.00 -25.80
N LEU O 251 -17.13 -12.53 -26.46
CA LEU O 251 -16.89 -11.10 -26.57
C LEU O 251 -17.53 -10.54 -27.82
N GLU O 252 -17.18 -9.29 -28.17
CA GLU O 252 -17.66 -8.67 -29.39
C GLU O 252 -17.00 -9.30 -30.62
N GLY O 253 -17.45 -8.93 -31.81
CA GLY O 253 -16.87 -9.52 -33.00
C GLY O 253 -16.01 -8.55 -33.78
N GLY O 254 -16.38 -7.27 -33.78
CA GLY O 254 -15.61 -6.28 -34.53
C GLY O 254 -14.34 -5.89 -33.82
N SER O 255 -14.40 -5.78 -32.49
CA SER O 255 -13.20 -5.67 -31.68
C SER O 255 -12.66 -7.07 -31.41
N GLY O 256 -11.75 -7.21 -30.46
CA GLY O 256 -11.16 -8.48 -30.14
C GLY O 256 -12.13 -9.47 -29.52
N GLY O 257 -11.65 -10.69 -29.34
CA GLY O 257 -12.55 -11.78 -29.02
C GLY O 257 -13.09 -12.37 -30.31
N ASP O 258 -12.18 -12.88 -31.14
CA ASP O 258 -12.51 -13.39 -32.46
C ASP O 258 -13.46 -14.58 -32.38
N SER O 259 -14.52 -14.51 -33.16
CA SER O 259 -15.55 -15.55 -33.18
C SER O 259 -15.21 -16.68 -34.11
N GLU O 260 -14.15 -17.42 -33.82
CA GLU O 260 -13.83 -18.58 -34.62
C GLU O 260 -13.83 -19.85 -33.79
N VAL O 261 -13.12 -19.83 -32.66
CA VAL O 261 -13.24 -20.91 -31.67
C VAL O 261 -14.56 -20.86 -30.94
N GLN O 262 -15.30 -19.75 -31.03
CA GLN O 262 -16.60 -19.63 -30.40
C GLN O 262 -17.60 -20.61 -30.98
N ARG O 263 -17.46 -20.95 -32.28
CA ARG O 263 -18.40 -21.86 -32.92
C ARG O 263 -18.29 -23.25 -32.34
N THR O 264 -17.07 -23.65 -31.99
CA THR O 264 -16.87 -24.94 -31.35
C THR O 264 -17.52 -24.99 -29.98
N MET O 265 -17.38 -23.91 -29.20
CA MET O 265 -18.04 -23.83 -27.90
C MET O 265 -19.56 -23.84 -28.05
N LEU O 266 -20.05 -23.20 -29.09
CA LEU O 266 -21.46 -23.33 -29.47
C LEU O 266 -21.79 -24.77 -29.84
N GLU O 267 -20.91 -25.42 -30.59
CA GLU O 267 -21.15 -26.80 -30.98
C GLU O 267 -21.07 -27.74 -29.80
N LEU O 268 -20.10 -27.54 -28.91
CA LEU O 268 -19.95 -28.43 -27.76
C LEU O 268 -21.13 -28.33 -26.81
N LEU O 269 -21.61 -27.12 -26.58
CA LEU O 269 -22.76 -26.96 -25.69
C LEU O 269 -24.04 -27.44 -26.34
N ASN O 270 -24.18 -27.26 -27.65
CA ASN O 270 -25.41 -27.68 -28.31
C ASN O 270 -25.34 -29.09 -28.86
N GLN O 271 -24.28 -29.85 -28.58
CA GLN O 271 -24.34 -31.21 -29.08
C GLN O 271 -24.78 -32.19 -28.00
N LEU O 272 -24.17 -32.09 -26.82
CA LEU O 272 -24.50 -33.00 -25.73
C LEU O 272 -25.91 -32.76 -25.22
N ASP O 273 -26.34 -31.51 -25.12
CA ASP O 273 -27.75 -31.28 -24.90
C ASP O 273 -28.12 -30.10 -25.79
N GLY O 274 -28.33 -30.40 -27.06
CA GLY O 274 -29.07 -29.50 -27.93
C GLY O 274 -30.14 -30.25 -28.69
N PHE O 275 -29.88 -31.54 -28.95
CA PHE O 275 -30.71 -32.33 -29.87
C PHE O 275 -31.37 -33.51 -29.15
N GLU O 276 -30.56 -34.36 -28.52
CA GLU O 276 -31.04 -35.51 -27.77
C GLU O 276 -30.17 -35.71 -26.55
N ALA O 277 -30.81 -36.01 -25.41
CA ALA O 277 -30.08 -36.36 -24.20
C ALA O 277 -29.55 -37.77 -24.34
N THR O 278 -28.27 -37.90 -24.65
CA THR O 278 -27.66 -39.20 -24.88
C THR O 278 -27.45 -39.94 -23.56
N LYS O 279 -26.83 -41.11 -23.65
CA LYS O 279 -26.65 -41.96 -22.48
C LYS O 279 -25.32 -42.71 -22.57
N ASN O 280 -24.88 -43.20 -21.42
CA ASN O 280 -23.59 -43.89 -21.20
C ASN O 280 -22.38 -43.06 -21.61
N ILE O 281 -22.51 -41.74 -21.59
CA ILE O 281 -21.42 -40.83 -21.94
C ILE O 281 -21.17 -39.94 -20.73
N LYS O 282 -19.98 -40.05 -20.16
CA LYS O 282 -19.57 -39.25 -19.01
C LYS O 282 -18.41 -38.37 -19.44
N VAL O 283 -18.51 -37.08 -19.16
CA VAL O 283 -17.45 -36.15 -19.50
C VAL O 283 -16.81 -35.63 -18.24
N ILE O 284 -15.51 -35.35 -18.31
CA ILE O 284 -14.74 -34.83 -17.20
C ILE O 284 -13.96 -33.64 -17.70
N MET O 285 -14.12 -32.49 -17.04
CA MET O 285 -13.42 -31.27 -17.39
C MET O 285 -12.54 -30.89 -16.23
N ALA O 286 -11.27 -30.61 -16.50
CA ALA O 286 -10.30 -30.33 -15.47
C ALA O 286 -9.53 -29.07 -15.84
N THR O 287 -9.79 -28.00 -15.10
CA THR O 287 -9.00 -26.79 -15.18
C THR O 287 -9.17 -26.03 -13.87
N ASN O 288 -8.20 -25.16 -13.59
CA ASN O 288 -8.33 -24.17 -12.53
C ASN O 288 -9.04 -22.94 -13.11
N ARG O 289 -8.99 -21.83 -12.36
CA ARG O 289 -9.45 -20.52 -12.81
C ARG O 289 -10.93 -20.51 -13.18
N ILE O 290 -11.80 -20.68 -12.19
CA ILE O 290 -13.22 -20.91 -12.45
C ILE O 290 -13.96 -19.60 -12.42
N ASP O 291 -13.24 -18.51 -12.62
CA ASP O 291 -13.82 -17.19 -12.67
C ASP O 291 -13.74 -16.57 -14.05
N ILE O 292 -13.08 -17.23 -15.00
CA ILE O 292 -12.81 -16.63 -16.31
C ILE O 292 -13.44 -17.39 -17.45
N LEU O 293 -13.85 -18.63 -17.26
CA LEU O 293 -14.53 -19.34 -18.33
C LEU O 293 -16.01 -19.02 -18.29
N ASP O 294 -16.71 -19.43 -19.35
CA ASP O 294 -18.09 -19.03 -19.57
C ASP O 294 -19.04 -19.74 -18.61
N SER O 295 -20.14 -19.06 -18.27
CA SER O 295 -21.08 -19.54 -17.26
C SER O 295 -22.31 -20.21 -17.83
N ALA O 296 -22.51 -20.20 -19.15
CA ALA O 296 -23.71 -20.84 -19.70
C ALA O 296 -23.60 -22.36 -19.64
N LEU O 297 -22.42 -22.91 -19.88
CA LEU O 297 -22.16 -24.32 -19.66
C LEU O 297 -21.96 -24.66 -18.19
N LEU O 298 -22.03 -23.67 -17.31
CA LEU O 298 -21.91 -23.90 -15.89
C LEU O 298 -23.25 -23.93 -15.18
N ARG O 299 -24.35 -23.90 -15.91
CA ARG O 299 -25.65 -24.05 -15.28
C ARG O 299 -25.86 -25.51 -14.91
N PRO O 300 -26.74 -25.79 -13.94
CA PRO O 300 -26.98 -27.19 -13.56
C PRO O 300 -27.72 -28.01 -14.61
N GLY O 301 -28.18 -27.39 -15.69
CA GLY O 301 -28.66 -28.16 -16.82
C GLY O 301 -27.61 -29.01 -17.50
N ARG O 302 -26.32 -28.68 -17.34
CA ARG O 302 -25.28 -29.44 -18.00
C ARG O 302 -24.34 -30.15 -17.03
N ILE O 303 -23.72 -29.40 -16.13
CA ILE O 303 -22.71 -29.99 -15.25
C ILE O 303 -23.26 -30.05 -13.84
N ASP O 304 -23.22 -31.24 -13.24
CA ASP O 304 -23.83 -31.50 -11.96
C ASP O 304 -22.82 -31.51 -10.81
N ARG O 305 -21.55 -31.75 -11.10
CA ARG O 305 -20.55 -32.04 -10.07
C ARG O 305 -19.39 -31.08 -10.22
N LYS O 306 -19.34 -30.08 -9.35
CA LYS O 306 -18.24 -29.14 -9.27
C LYS O 306 -17.32 -29.55 -8.13
N ILE O 307 -16.62 -30.66 -8.31
CA ILE O 307 -15.74 -31.15 -7.24
C ILE O 307 -14.45 -30.35 -7.23
N GLU O 308 -14.19 -29.70 -6.10
CA GLU O 308 -13.00 -28.88 -5.93
C GLU O 308 -11.84 -29.74 -5.46
N PHE O 309 -10.71 -29.09 -5.19
CA PHE O 309 -9.54 -29.76 -4.64
C PHE O 309 -8.86 -28.87 -3.62
N PRO O 310 -9.11 -29.10 -2.33
CA PRO O 310 -8.49 -28.28 -1.30
C PRO O 310 -7.03 -28.67 -1.12
N PRO O 311 -6.24 -27.79 -0.51
CA PRO O 311 -4.87 -28.18 -0.18
C PRO O 311 -4.87 -29.24 0.90
N PRO O 312 -3.86 -30.11 0.91
CA PRO O 312 -3.90 -31.27 1.81
C PRO O 312 -3.63 -30.91 3.26
N ASN O 313 -4.16 -31.73 4.15
CA ASN O 313 -4.01 -31.54 5.59
C ASN O 313 -2.77 -32.29 6.08
N GLU O 314 -2.49 -32.17 7.38
CA GLU O 314 -1.28 -32.74 7.95
C GLU O 314 -1.33 -34.26 7.92
N GLU O 315 -2.51 -34.83 8.17
CA GLU O 315 -2.69 -36.27 7.96
C GLU O 315 -2.53 -36.61 6.48
N ALA O 316 -3.05 -35.76 5.61
CA ALA O 316 -2.92 -35.99 4.17
C ALA O 316 -1.48 -35.79 3.73
N ARG O 317 -0.81 -34.76 4.25
CA ARG O 317 0.59 -34.52 3.89
C ARG O 317 1.49 -35.64 4.39
N LEU O 318 1.13 -36.25 5.53
CA LEU O 318 1.85 -37.41 6.01
C LEU O 318 1.66 -38.59 5.06
N ASP O 319 0.45 -38.76 4.52
CA ASP O 319 0.16 -39.90 3.68
C ASP O 319 0.83 -39.78 2.32
N ILE O 320 0.92 -38.55 1.80
CA ILE O 320 1.62 -38.34 0.55
C ILE O 320 3.11 -38.56 0.74
N LEU O 321 3.62 -38.22 1.92
CA LEU O 321 5.03 -38.43 2.21
C LEU O 321 5.36 -39.92 2.30
N LYS O 322 4.44 -40.71 2.83
CA LYS O 322 4.66 -42.16 2.91
C LYS O 322 4.59 -42.81 1.54
N ILE O 323 3.92 -42.15 0.59
CA ILE O 323 3.89 -42.67 -0.77
C ILE O 323 5.27 -42.56 -1.40
N HIS O 324 5.87 -41.38 -1.34
CA HIS O 324 7.10 -41.19 -2.11
C HIS O 324 8.32 -41.71 -1.37
N SER O 325 8.29 -41.72 -0.04
CA SER O 325 9.37 -42.31 0.73
C SER O 325 9.33 -43.83 0.75
N ARG O 326 8.33 -44.44 0.13
CA ARG O 326 8.22 -45.89 0.15
C ARG O 326 9.32 -46.54 -0.70
N LYS O 327 9.70 -45.89 -1.79
CA LYS O 327 10.69 -46.48 -2.67
C LYS O 327 12.11 -46.05 -2.33
N MET O 328 12.29 -45.05 -1.48
CA MET O 328 13.61 -44.58 -1.15
C MET O 328 14.25 -45.46 -0.08
N ASN O 329 15.41 -45.03 0.39
CA ASN O 329 16.15 -45.73 1.44
C ASN O 329 16.09 -44.88 2.69
N LEU O 330 15.41 -45.38 3.71
CA LEU O 330 15.23 -44.62 4.94
C LEU O 330 16.11 -45.17 6.06
N THR O 331 16.67 -44.25 6.82
CA THR O 331 17.48 -44.58 7.99
C THR O 331 16.56 -44.57 9.22
N ARG O 332 16.87 -45.28 10.30
CA ARG O 332 16.00 -45.35 11.46
C ARG O 332 16.11 -44.05 12.23
N GLY O 333 15.19 -43.88 13.18
CA GLY O 333 15.20 -42.69 14.01
C GLY O 333 14.83 -41.43 13.29
N ILE O 334 13.70 -41.42 12.59
CA ILE O 334 13.25 -40.26 11.83
C ILE O 334 11.75 -40.12 12.01
N ASN O 335 11.28 -38.88 12.10
CA ASN O 335 9.86 -38.59 12.23
C ASN O 335 9.38 -37.93 10.94
N LEU O 336 8.37 -38.54 10.34
CA LEU O 336 7.79 -38.00 9.12
C LEU O 336 6.69 -36.99 9.38
N ARG O 337 6.04 -37.04 10.55
CA ARG O 337 4.98 -36.11 10.87
C ARG O 337 5.50 -34.68 10.97
N LYS O 338 6.67 -34.52 11.61
CA LYS O 338 7.23 -33.20 11.83
C LYS O 338 7.63 -32.53 10.53
N ILE O 339 7.94 -33.32 9.51
CA ILE O 339 8.17 -32.77 8.19
C ILE O 339 6.89 -32.16 7.64
N ALA O 340 5.78 -32.91 7.75
CA ALA O 340 4.48 -32.39 7.34
C ALA O 340 4.01 -31.26 8.25
N GLU O 341 4.44 -31.28 9.51
CA GLU O 341 4.16 -30.17 10.41
C GLU O 341 4.92 -28.92 10.01
N LEU O 342 6.03 -29.07 9.29
CA LEU O 342 6.75 -27.94 8.75
C LEU O 342 6.29 -27.55 7.35
N MET O 343 5.12 -28.01 6.93
CA MET O 343 4.55 -27.57 5.65
C MET O 343 3.24 -26.84 5.92
N PRO O 344 3.28 -25.54 6.13
CA PRO O 344 2.05 -24.79 6.38
C PRO O 344 1.28 -24.50 5.10
N GLY O 345 0.39 -25.40 4.72
CA GLY O 345 -0.34 -25.18 3.49
C GLY O 345 0.54 -25.50 2.29
N ALA O 346 0.93 -26.76 2.18
CA ALA O 346 1.72 -27.23 1.06
C ALA O 346 0.80 -27.51 -0.12
N SER O 347 1.31 -28.16 -1.17
CA SER O 347 0.50 -28.34 -2.36
C SER O 347 0.61 -29.73 -2.94
N GLY O 348 0.93 -30.72 -2.13
CA GLY O 348 1.00 -32.08 -2.67
C GLY O 348 2.17 -32.41 -3.56
N ALA O 349 2.34 -31.65 -4.65
CA ALA O 349 3.52 -31.78 -5.50
C ALA O 349 4.79 -31.41 -4.77
N GLU O 350 4.71 -30.53 -3.78
CA GLU O 350 5.88 -30.12 -3.02
C GLU O 350 6.47 -31.26 -2.20
N VAL O 351 5.66 -32.29 -1.92
CA VAL O 351 6.18 -33.48 -1.27
C VAL O 351 7.23 -34.16 -2.15
N LYS O 352 6.99 -34.16 -3.47
CA LYS O 352 7.97 -34.70 -4.39
C LYS O 352 9.25 -33.89 -4.39
N GLY O 353 9.13 -32.57 -4.32
CA GLY O 353 10.31 -31.73 -4.34
C GLY O 353 11.18 -31.92 -3.13
N VAL O 354 10.57 -32.17 -1.98
CA VAL O 354 11.32 -32.45 -0.78
C VAL O 354 11.99 -33.82 -0.87
N CYS O 355 11.31 -34.77 -1.50
CA CYS O 355 11.92 -36.08 -1.68
C CYS O 355 13.07 -36.03 -2.66
N THR O 356 12.97 -35.19 -3.69
CA THR O 356 14.08 -35.08 -4.64
C THR O 356 15.26 -34.32 -4.04
N GLU O 357 14.99 -33.29 -3.26
CA GLU O 357 16.10 -32.51 -2.71
C GLU O 357 16.82 -33.28 -1.63
N ALA O 358 16.09 -34.05 -0.83
CA ALA O 358 16.74 -34.90 0.15
C ALA O 358 17.51 -36.02 -0.53
N GLY O 359 17.02 -36.48 -1.67
CA GLY O 359 17.78 -37.44 -2.45
C GLY O 359 19.02 -36.84 -3.06
N MET O 360 18.92 -35.59 -3.52
CA MET O 360 20.05 -34.94 -4.15
C MET O 360 21.13 -34.57 -3.14
N TYR O 361 20.73 -34.25 -1.92
CA TYR O 361 21.73 -34.00 -0.88
C TYR O 361 22.49 -35.26 -0.51
N ALA O 362 21.82 -36.40 -0.50
CA ALA O 362 22.51 -37.64 -0.18
C ALA O 362 23.30 -38.16 -1.37
N LEU O 363 23.02 -37.67 -2.58
CA LEU O 363 23.77 -38.09 -3.75
C LEU O 363 25.21 -37.59 -3.72
N ARG O 364 25.37 -36.29 -3.50
CA ARG O 364 26.69 -35.66 -3.53
C ARG O 364 27.60 -36.14 -2.40
N GLU O 365 27.04 -36.75 -1.36
CA GLU O 365 27.83 -37.37 -0.32
C GLU O 365 28.12 -38.82 -0.61
N ARG O 366 27.60 -39.35 -1.72
CA ARG O 366 27.73 -40.75 -2.11
C ARG O 366 27.25 -41.67 -1.00
N ARG O 367 26.02 -41.45 -0.57
CA ARG O 367 25.49 -42.11 0.61
C ARG O 367 24.05 -42.52 0.36
N VAL O 368 23.74 -43.77 0.70
CA VAL O 368 22.40 -44.31 0.51
C VAL O 368 21.53 -44.08 1.74
N HIS O 369 21.96 -43.22 2.65
CA HIS O 369 21.22 -42.96 3.85
C HIS O 369 20.73 -41.51 3.85
N VAL O 370 19.76 -41.24 4.71
CA VAL O 370 19.14 -39.92 4.76
C VAL O 370 18.79 -39.62 6.22
N THR O 371 18.93 -38.36 6.61
CA THR O 371 18.67 -37.96 7.97
C THR O 371 17.36 -37.21 8.04
N GLN O 372 16.96 -36.87 9.26
CA GLN O 372 15.85 -35.95 9.44
C GLN O 372 16.23 -34.55 9.01
N GLU O 373 17.51 -34.21 9.15
CA GLU O 373 17.98 -32.87 8.81
C GLU O 373 17.98 -32.65 7.31
N ASP O 374 18.11 -33.73 6.53
CA ASP O 374 18.10 -33.61 5.09
C ASP O 374 16.75 -33.10 4.59
N PHE O 375 15.68 -33.58 5.19
CA PHE O 375 14.36 -33.09 4.82
C PHE O 375 14.13 -31.68 5.33
N GLU O 376 14.74 -31.35 6.47
CA GLU O 376 14.56 -30.01 7.05
C GLU O 376 15.18 -28.94 6.18
N MET O 377 16.30 -29.25 5.53
CA MET O 377 16.86 -28.31 4.58
C MET O 377 16.18 -28.43 3.23
N ALA O 378 15.46 -29.51 3.00
CA ALA O 378 14.77 -29.69 1.72
C ALA O 378 13.48 -28.86 1.69
N VAL O 379 12.69 -28.93 2.76
CA VAL O 379 11.46 -28.14 2.84
C VAL O 379 11.79 -26.66 2.84
N ALA O 380 12.86 -26.27 3.54
CA ALA O 380 13.27 -24.88 3.60
C ALA O 380 13.77 -24.39 2.25
N LYS O 381 14.20 -25.30 1.37
CA LYS O 381 14.50 -24.89 0.00
C LYS O 381 13.21 -24.61 -0.77
N VAL O 382 12.23 -25.50 -0.66
CA VAL O 382 11.01 -25.35 -1.44
C VAL O 382 10.14 -24.23 -0.89
N MET O 383 10.14 -24.05 0.43
CA MET O 383 9.38 -22.96 1.06
C MET O 383 10.11 -21.64 0.82
N GLN O 384 10.02 -21.16 -0.42
CA GLN O 384 10.64 -19.91 -0.80
C GLN O 384 9.55 -19.07 -1.44
N LYS O 385 8.90 -18.23 -0.63
CA LYS O 385 7.75 -17.47 -1.07
C LYS O 385 8.00 -15.97 -0.89
N ASP O 386 7.15 -15.18 -1.53
CA ASP O 386 7.24 -13.73 -1.45
C ASP O 386 6.53 -13.18 -0.21
N SER O 387 5.58 -13.93 0.34
CA SER O 387 5.04 -13.60 1.65
C SER O 387 5.98 -14.08 2.74
N GLU O 388 7.15 -13.44 2.85
CA GLU O 388 8.29 -13.74 3.72
C GLU O 388 7.83 -13.85 5.18
N LYS O 389 8.61 -14.51 6.02
CA LYS O 389 8.10 -14.86 7.35
C LYS O 389 8.12 -13.65 8.27
N ASN O 390 9.31 -13.16 8.60
CA ASN O 390 9.62 -11.88 9.24
C ASN O 390 9.10 -11.73 10.68
N MET O 391 8.15 -12.60 11.07
CA MET O 391 7.38 -12.61 12.33
C MET O 391 6.51 -11.37 12.53
N SER O 392 6.60 -10.39 11.63
CA SER O 392 5.93 -9.12 11.78
C SER O 392 4.85 -8.92 10.74
N ILE O 393 4.86 -9.73 9.68
CA ILE O 393 3.75 -9.68 8.74
C ILE O 393 2.50 -10.28 9.37
N LYS O 394 2.67 -11.36 10.11
CA LYS O 394 1.54 -12.14 10.61
C LYS O 394 1.25 -11.92 12.08
N LYS O 395 2.10 -11.21 12.82
CA LYS O 395 1.74 -10.97 14.22
C LYS O 395 1.08 -9.62 14.46
N LEU O 396 1.38 -8.58 13.65
CA LEU O 396 0.68 -7.30 13.78
C LEU O 396 -0.82 -7.42 13.52
N TRP O 397 -1.21 -8.45 12.79
CA TRP O 397 -2.60 -8.77 12.48
C TRP O 397 -3.02 -9.97 13.33
N LYS O 398 -3.18 -9.82 14.64
CA LYS O 398 -3.57 -11.00 15.43
C LYS O 398 -5.03 -10.94 15.88
N ASP P 39 -4.25 -111.70 -73.45
CA ASP P 39 -4.25 -110.38 -72.83
C ASP P 39 -2.83 -109.94 -72.49
N LEU P 40 -1.94 -110.92 -72.39
CA LEU P 40 -0.57 -110.68 -71.98
C LEU P 40 0.25 -109.95 -73.03
N TYR P 41 -0.15 -110.00 -74.30
CA TYR P 41 0.48 -109.17 -75.31
C TYR P 41 -0.23 -107.84 -75.49
N SER P 42 -1.55 -107.82 -75.28
CA SER P 42 -2.32 -106.60 -75.48
C SER P 42 -1.99 -105.52 -74.48
N ARG P 43 -1.67 -105.88 -73.24
CA ARG P 43 -1.32 -104.91 -72.22
C ARG P 43 0.04 -104.30 -72.44
N TYR P 44 0.95 -105.06 -73.05
CA TYR P 44 2.36 -104.68 -73.05
C TYR P 44 2.62 -103.50 -73.99
N LYS P 45 1.91 -103.45 -75.12
CA LYS P 45 1.99 -102.25 -75.95
C LYS P 45 1.28 -101.08 -75.28
N LYS P 46 0.22 -101.35 -74.52
CA LYS P 46 -0.51 -100.30 -73.83
C LYS P 46 0.32 -99.67 -72.73
N LEU P 47 1.19 -100.46 -72.09
CA LEU P 47 2.07 -99.88 -71.10
C LEU P 47 3.19 -99.09 -71.77
N GLN P 48 3.52 -99.43 -73.02
CA GLN P 48 4.45 -98.62 -73.78
C GLN P 48 3.83 -97.29 -74.19
N GLN P 49 2.58 -97.33 -74.65
CA GLN P 49 1.92 -96.11 -75.11
C GLN P 49 1.67 -95.15 -73.96
N GLU P 50 1.37 -95.68 -72.78
CA GLU P 50 1.22 -94.82 -71.61
C GLU P 50 2.56 -94.29 -71.13
N LEU P 51 3.62 -95.06 -71.34
CA LEU P 51 4.96 -94.58 -71.00
C LEU P 51 5.41 -93.51 -71.98
N GLU P 52 5.13 -93.69 -73.26
CA GLU P 52 5.58 -92.72 -74.26
C GLU P 52 4.77 -91.43 -74.20
N PHE P 53 3.47 -91.55 -73.93
CA PHE P 53 2.65 -90.34 -73.78
C PHE P 53 3.02 -89.56 -72.55
N LEU P 54 3.52 -90.25 -71.52
CA LEU P 54 3.92 -89.57 -70.30
C LEU P 54 5.20 -88.76 -70.52
N GLU P 55 6.12 -89.32 -71.31
CA GLU P 55 7.45 -88.73 -71.41
C GLU P 55 7.45 -87.45 -72.23
N VAL P 56 6.54 -87.35 -73.19
CA VAL P 56 6.43 -86.11 -73.95
C VAL P 56 5.79 -85.03 -73.08
N GLN P 57 4.92 -85.45 -72.16
CA GLN P 57 4.32 -84.49 -71.24
C GLN P 57 5.34 -83.97 -70.24
N GLU P 58 6.04 -84.87 -69.55
CA GLU P 58 6.91 -84.45 -68.45
C GLU P 58 8.12 -83.67 -68.96
N GLU P 59 8.50 -83.87 -70.22
CA GLU P 59 9.45 -82.95 -70.84
C GLU P 59 8.84 -81.57 -70.99
N TYR P 60 7.63 -81.53 -71.53
CA TYR P 60 6.99 -80.28 -71.91
C TYR P 60 6.66 -79.41 -70.71
N ILE P 61 6.34 -80.04 -69.59
CA ILE P 61 6.01 -79.24 -68.41
C ILE P 61 7.29 -78.74 -67.77
N LYS P 62 8.38 -79.49 -67.91
CA LYS P 62 9.69 -78.93 -67.60
C LYS P 62 10.08 -77.86 -68.60
N ASP P 63 9.68 -78.04 -69.86
CA ASP P 63 9.98 -77.08 -70.91
C ASP P 63 9.19 -75.79 -70.72
N GLU P 64 7.92 -75.90 -70.37
CA GLU P 64 7.09 -74.72 -70.17
C GLU P 64 7.51 -73.96 -68.94
N GLN P 65 7.76 -74.67 -67.84
CA GLN P 65 8.07 -74.01 -66.57
C GLN P 65 9.44 -73.35 -66.61
N LYS P 66 10.34 -73.85 -67.45
CA LYS P 66 11.56 -73.10 -67.74
C LYS P 66 11.21 -71.80 -68.44
N ASN P 67 10.28 -71.86 -69.39
CA ASN P 67 10.00 -70.67 -70.18
C ASN P 67 8.97 -69.79 -69.51
N LEU P 68 8.29 -70.29 -68.47
CA LEU P 68 7.29 -69.49 -67.79
C LEU P 68 7.94 -68.47 -66.87
N LYS P 69 9.20 -68.69 -66.49
CA LYS P 69 9.91 -67.80 -65.57
C LYS P 69 10.21 -66.43 -66.19
N LYS P 70 10.24 -66.33 -67.52
CA LYS P 70 10.60 -65.07 -68.16
C LYS P 70 9.53 -64.01 -67.94
N GLU P 71 8.25 -64.41 -68.05
CA GLU P 71 7.17 -63.48 -67.77
C GLU P 71 7.11 -63.16 -66.30
N PHE P 72 7.57 -64.09 -65.47
CA PHE P 72 7.66 -63.82 -64.05
C PHE P 72 8.80 -62.86 -63.75
N LEU P 73 9.86 -62.90 -64.56
CA LEU P 73 10.92 -61.91 -64.42
C LEU P 73 10.51 -60.57 -65.00
N HIS P 74 9.67 -60.57 -66.04
CA HIS P 74 9.10 -59.31 -66.51
C HIS P 74 8.19 -58.70 -65.45
N ALA P 75 7.49 -59.53 -64.69
CA ALA P 75 6.56 -59.02 -63.71
C ALA P 75 7.29 -58.40 -62.53
N GLN P 76 8.41 -58.98 -62.13
CA GLN P 76 9.22 -58.39 -61.07
C GLN P 76 9.83 -57.08 -61.50
N GLU P 77 10.29 -57.00 -62.75
CA GLU P 77 10.86 -55.76 -63.25
C GLU P 77 9.79 -54.68 -63.39
N GLU P 78 8.56 -55.11 -63.71
CA GLU P 78 7.47 -54.17 -63.90
C GLU P 78 7.09 -53.50 -62.59
N VAL P 79 6.92 -54.30 -61.54
CA VAL P 79 6.60 -53.77 -60.21
C VAL P 79 7.76 -52.94 -59.67
N LYS P 80 8.99 -53.26 -60.07
CA LYS P 80 10.14 -52.47 -59.65
C LYS P 80 10.12 -51.08 -60.27
N ARG P 81 9.98 -50.99 -61.58
CA ARG P 81 10.02 -49.67 -62.20
C ARG P 81 8.70 -48.94 -62.14
N ILE P 82 7.66 -49.53 -61.55
CA ILE P 82 6.40 -48.81 -61.40
C ILE P 82 6.45 -47.89 -60.20
N GLN P 83 7.46 -48.02 -59.34
CA GLN P 83 7.44 -47.41 -58.03
C GLN P 83 8.65 -46.53 -57.71
N SER P 84 9.53 -46.30 -58.67
CA SER P 84 10.76 -45.55 -58.43
C SER P 84 10.81 -44.28 -59.24
N ILE P 85 9.71 -43.55 -59.28
CA ILE P 85 9.59 -42.42 -60.19
C ILE P 85 9.16 -41.20 -59.38
N PRO P 86 9.38 -39.98 -59.86
CA PRO P 86 8.93 -38.80 -59.10
C PRO P 86 7.41 -38.75 -58.99
N LEU P 87 6.95 -38.58 -57.76
CA LEU P 87 5.54 -38.65 -57.45
C LEU P 87 5.29 -37.86 -56.16
N VAL P 88 4.02 -37.74 -55.77
CA VAL P 88 3.64 -36.90 -54.66
C VAL P 88 3.66 -37.71 -53.38
N ILE P 89 3.70 -37.02 -52.24
CA ILE P 89 3.69 -37.64 -50.93
C ILE P 89 2.38 -37.33 -50.26
N GLY P 90 1.61 -38.38 -49.94
CA GLY P 90 0.38 -38.24 -49.22
C GLY P 90 0.46 -38.86 -47.85
N GLN P 91 -0.72 -39.04 -47.25
CA GLN P 91 -0.81 -39.54 -45.89
C GLN P 91 -1.84 -40.63 -45.83
N PHE P 92 -1.53 -41.66 -45.03
CA PHE P 92 -2.45 -42.75 -44.76
C PHE P 92 -3.62 -42.20 -43.95
N LEU P 93 -4.83 -42.61 -44.29
CA LEU P 93 -5.92 -42.14 -43.45
C LEU P 93 -6.61 -43.30 -42.75
N GLU P 94 -7.16 -44.22 -43.54
CA GLU P 94 -7.86 -45.38 -43.02
C GLU P 94 -7.57 -46.57 -43.92
N ALA P 95 -8.00 -47.74 -43.48
CA ALA P 95 -7.83 -48.95 -44.26
C ALA P 95 -9.17 -49.66 -44.34
N VAL P 96 -9.56 -50.05 -45.55
CA VAL P 96 -10.77 -50.81 -45.74
C VAL P 96 -10.51 -52.25 -45.35
N ASP P 97 -9.61 -52.90 -46.08
CA ASP P 97 -9.36 -54.33 -45.96
C ASP P 97 -8.03 -54.67 -46.57
N GLN P 98 -7.85 -55.96 -46.89
CA GLN P 98 -6.78 -56.39 -47.78
C GLN P 98 -6.84 -55.65 -49.12
N ASN P 99 -5.65 -55.27 -49.61
CA ASN P 99 -5.29 -54.65 -50.89
C ASN P 99 -6.17 -53.50 -51.34
N THR P 100 -6.76 -52.76 -50.40
CA THR P 100 -7.47 -51.53 -50.71
C THR P 100 -7.44 -50.68 -49.46
N ALA P 101 -7.18 -49.38 -49.60
CA ALA P 101 -7.14 -48.51 -48.43
C ALA P 101 -7.74 -47.16 -48.78
N ILE P 102 -7.81 -46.30 -47.76
CA ILE P 102 -8.34 -44.95 -47.88
C ILE P 102 -7.21 -44.00 -47.54
N VAL P 103 -6.65 -43.36 -48.55
CA VAL P 103 -5.60 -42.37 -48.34
C VAL P 103 -6.01 -41.08 -49.01
N GLY P 104 -5.48 -39.97 -48.48
CA GLY P 104 -5.72 -38.68 -49.07
C GLY P 104 -4.40 -37.97 -49.32
N SER P 105 -4.44 -37.06 -50.27
CA SER P 105 -3.27 -36.30 -50.68
C SER P 105 -3.03 -35.15 -49.73
N THR P 106 -1.87 -34.52 -49.89
CA THR P 106 -1.64 -33.25 -49.20
C THR P 106 -2.20 -32.07 -49.98
N THR P 107 -2.81 -32.31 -51.14
CA THR P 107 -3.60 -31.30 -51.82
C THR P 107 -5.09 -31.45 -51.53
N GLY P 108 -5.43 -31.96 -50.34
CA GLY P 108 -6.81 -32.20 -49.97
C GLY P 108 -7.41 -33.31 -50.81
N SER P 109 -8.75 -33.25 -50.90
CA SER P 109 -9.56 -34.02 -51.85
C SER P 109 -9.34 -35.52 -51.70
N ASN P 110 -9.79 -36.08 -50.58
CA ASN P 110 -9.48 -37.44 -50.16
C ASN P 110 -9.82 -38.47 -51.24
N TYR P 111 -8.92 -39.44 -51.42
CA TYR P 111 -9.02 -40.41 -52.50
C TYR P 111 -9.37 -41.78 -51.96
N TYR P 112 -9.41 -42.75 -52.87
CA TYR P 112 -9.75 -44.12 -52.52
C TYR P 112 -9.11 -45.03 -53.57
N VAL P 113 -7.98 -45.64 -53.20
CA VAL P 113 -7.21 -46.45 -54.14
C VAL P 113 -6.82 -47.79 -53.52
N ARG P 114 -6.06 -48.57 -54.28
CA ARG P 114 -5.56 -49.86 -53.90
C ARG P 114 -4.11 -49.72 -53.44
N ILE P 115 -3.61 -50.76 -52.78
CA ILE P 115 -2.24 -50.74 -52.28
C ILE P 115 -1.44 -51.75 -53.08
N LEU P 116 -0.12 -51.79 -52.86
CA LEU P 116 0.71 -52.86 -53.40
C LEU P 116 0.97 -53.91 -52.33
N SER P 117 1.18 -55.14 -52.80
CA SER P 117 1.41 -56.25 -51.89
C SER P 117 2.86 -56.31 -51.40
N THR P 118 3.72 -55.45 -51.92
CA THR P 118 5.09 -55.40 -51.41
C THR P 118 5.16 -54.72 -50.05
N ILE P 119 4.34 -53.69 -49.86
CA ILE P 119 4.37 -52.88 -48.65
C ILE P 119 3.88 -53.69 -47.46
N ASP P 120 4.68 -53.73 -46.40
CA ASP P 120 4.32 -54.46 -45.19
C ASP P 120 3.10 -53.84 -44.51
N ARG P 121 2.10 -54.66 -44.25
CA ARG P 121 0.81 -54.19 -43.74
C ARG P 121 0.89 -53.73 -42.30
N GLU P 122 1.92 -54.14 -41.56
CA GLU P 122 2.11 -53.72 -40.19
C GLU P 122 2.90 -52.42 -40.08
N LEU P 123 2.73 -51.51 -41.05
CA LEU P 123 3.38 -50.22 -41.00
C LEU P 123 2.44 -49.04 -41.05
N LEU P 124 1.14 -49.24 -41.22
CA LEU P 124 0.24 -48.09 -41.27
C LEU P 124 -0.91 -48.33 -40.30
N LYS P 125 -0.62 -48.17 -39.02
CA LYS P 125 -1.67 -47.86 -38.05
C LYS P 125 -1.94 -46.36 -37.98
N PRO P 126 -0.92 -45.44 -37.81
CA PRO P 126 -1.30 -44.04 -37.68
C PRO P 126 -1.50 -43.40 -39.05
N ASN P 127 -1.69 -42.10 -39.04
CA ASN P 127 -1.86 -41.33 -40.25
C ASN P 127 -0.48 -40.92 -40.72
N ALA P 128 0.26 -41.89 -41.24
CA ALA P 128 1.65 -41.70 -41.58
C ALA P 128 1.80 -41.31 -43.05
N SER P 129 2.95 -40.75 -43.37
CA SER P 129 3.24 -40.29 -44.73
C SER P 129 3.43 -41.48 -45.66
N VAL P 130 2.73 -41.46 -46.79
CA VAL P 130 2.82 -42.51 -47.78
C VAL P 130 3.15 -41.86 -49.11
N ALA P 131 3.32 -42.70 -50.12
CA ALA P 131 3.66 -42.24 -51.46
C ALA P 131 2.54 -42.54 -52.43
N LEU P 132 2.26 -41.59 -53.31
CA LEU P 132 1.13 -41.66 -54.21
C LEU P 132 1.58 -41.34 -55.62
N HIS P 133 1.11 -42.15 -56.58
CA HIS P 133 1.39 -41.92 -57.99
C HIS P 133 0.69 -40.64 -58.47
N LYS P 134 1.15 -40.12 -59.61
CA LYS P 134 0.49 -38.96 -60.19
C LYS P 134 -0.83 -39.35 -60.85
N HIS P 135 -0.85 -40.50 -61.54
CA HIS P 135 -2.03 -40.82 -62.32
C HIS P 135 -2.86 -41.91 -61.67
N SER P 136 -2.24 -43.03 -61.33
CA SER P 136 -2.96 -44.08 -60.64
C SER P 136 -3.34 -43.65 -59.24
N ASN P 137 -2.50 -42.79 -58.64
CA ASN P 137 -2.70 -42.18 -57.33
C ASN P 137 -2.78 -43.26 -56.25
N ALA P 138 -2.12 -44.38 -56.48
CA ALA P 138 -2.17 -45.54 -55.60
C ALA P 138 -0.97 -45.53 -54.67
N LEU P 139 -0.99 -46.43 -53.70
CA LEU P 139 0.12 -46.51 -52.76
C LEU P 139 1.34 -47.10 -53.42
N VAL P 140 2.46 -46.43 -53.25
CA VAL P 140 3.69 -46.74 -53.93
C VAL P 140 4.73 -47.13 -52.90
N ASP P 141 4.90 -46.28 -51.89
CA ASP P 141 5.96 -46.44 -50.91
C ASP P 141 5.46 -45.83 -49.61
N VAL P 142 6.11 -46.14 -48.50
CA VAL P 142 5.80 -45.55 -47.21
C VAL P 142 7.04 -44.80 -46.72
N LEU P 143 6.88 -43.52 -46.42
CA LEU P 143 7.99 -42.72 -45.93
C LEU P 143 8.33 -43.12 -44.49
N PRO P 144 9.58 -42.91 -44.07
CA PRO P 144 9.93 -43.20 -42.68
C PRO P 144 9.25 -42.25 -41.73
N PRO P 145 9.01 -42.67 -40.49
CA PRO P 145 8.27 -41.82 -39.54
C PRO P 145 9.11 -40.63 -39.08
N GLU P 146 8.42 -39.50 -38.93
CA GLU P 146 8.99 -38.19 -38.55
C GLU P 146 10.18 -37.81 -39.43
N ALA P 147 9.88 -37.71 -40.72
CA ALA P 147 10.78 -37.11 -41.68
C ALA P 147 10.47 -35.63 -41.89
N ASP P 148 9.76 -35.02 -40.95
CA ASP P 148 9.21 -33.69 -41.21
C ASP P 148 9.06 -32.89 -39.91
N SER P 149 8.27 -31.82 -39.98
CA SER P 149 7.66 -31.03 -38.91
C SER P 149 8.58 -30.08 -38.15
N SER P 150 9.90 -30.22 -38.31
CA SER P 150 10.95 -29.23 -38.04
C SER P 150 12.30 -29.90 -38.30
N ILE P 151 13.31 -29.08 -38.52
CA ILE P 151 14.70 -29.56 -38.61
C ILE P 151 15.50 -28.62 -37.71
N MET P 152 15.70 -29.02 -36.47
CA MET P 152 16.23 -28.15 -35.43
C MET P 152 17.28 -28.84 -34.58
N MET P 153 18.16 -29.60 -35.20
CA MET P 153 19.18 -30.30 -34.47
C MET P 153 20.51 -29.59 -34.63
N LEU P 154 21.34 -29.67 -33.63
CA LEU P 154 22.68 -29.14 -33.72
C LEU P 154 23.65 -30.30 -33.82
N THR P 155 24.02 -30.62 -35.05
CA THR P 155 25.14 -31.50 -35.34
C THR P 155 26.02 -30.81 -36.38
N SER P 156 27.31 -30.66 -36.05
CA SER P 156 28.38 -30.44 -37.01
C SER P 156 28.18 -29.18 -37.84
N ASP P 157 28.47 -28.01 -37.25
CA ASP P 157 28.23 -26.71 -37.88
C ASP P 157 26.73 -26.50 -38.07
N GLN P 158 26.05 -26.12 -36.99
CA GLN P 158 26.72 -25.26 -36.02
C GLN P 158 26.81 -25.75 -34.59
N LYS P 159 27.82 -25.24 -33.93
CA LYS P 159 28.32 -25.62 -32.62
C LYS P 159 28.30 -24.43 -31.68
N PRO P 160 28.20 -24.68 -30.37
CA PRO P 160 28.33 -23.57 -29.43
C PRO P 160 29.73 -23.00 -29.32
N ASP P 161 30.75 -23.85 -29.41
CA ASP P 161 32.18 -23.48 -29.45
C ASP P 161 32.60 -22.72 -28.19
N VAL P 162 32.49 -23.41 -27.06
CA VAL P 162 33.01 -22.93 -25.79
C VAL P 162 33.27 -24.14 -24.89
N MET P 163 34.39 -24.13 -24.17
CA MET P 163 34.57 -25.23 -23.26
C MET P 163 33.83 -24.96 -21.95
N TYR P 164 33.64 -26.03 -21.19
CA TYR P 164 32.87 -25.97 -19.95
C TYR P 164 33.58 -25.16 -18.89
N ALA P 165 34.91 -25.16 -18.88
CA ALA P 165 35.70 -24.46 -17.90
C ALA P 165 35.96 -23.01 -18.26
N ASP P 166 35.25 -22.46 -19.24
CA ASP P 166 35.50 -21.09 -19.64
C ASP P 166 34.87 -20.11 -18.65
N ILE P 167 33.71 -20.47 -18.10
CA ILE P 167 33.03 -19.61 -17.16
C ILE P 167 33.74 -19.68 -15.82
N GLY P 168 34.35 -18.57 -15.41
CA GLY P 168 34.96 -18.56 -14.12
C GLY P 168 34.03 -17.91 -13.13
N GLY P 169 33.63 -18.65 -12.10
CA GLY P 169 32.95 -18.03 -10.98
C GLY P 169 31.67 -18.68 -10.54
N MET P 170 31.10 -19.62 -11.28
CA MET P 170 29.85 -20.21 -10.87
C MET P 170 30.16 -21.61 -10.36
N ASP P 171 30.56 -21.68 -9.10
CA ASP P 171 30.88 -22.94 -8.48
C ASP P 171 29.65 -23.74 -8.10
N ILE P 172 28.52 -23.07 -7.88
CA ILE P 172 27.28 -23.73 -7.55
C ILE P 172 26.40 -23.90 -8.79
N GLN P 173 26.26 -22.84 -9.56
CA GLN P 173 25.26 -22.80 -10.62
C GLN P 173 25.66 -23.68 -11.79
N LYS P 174 26.96 -23.70 -12.12
CA LYS P 174 27.43 -24.69 -13.07
C LYS P 174 27.27 -26.09 -12.51
N GLN P 175 27.51 -26.24 -11.22
CA GLN P 175 27.38 -27.54 -10.58
C GLN P 175 25.92 -27.92 -10.42
N GLU P 176 25.02 -26.93 -10.39
CA GLU P 176 23.62 -27.24 -10.19
C GLU P 176 22.98 -27.78 -11.46
N VAL P 177 23.24 -27.14 -12.60
CA VAL P 177 22.64 -27.57 -13.86
C VAL P 177 23.19 -28.93 -14.26
N ARG P 178 24.49 -29.12 -14.05
CA ARG P 178 25.16 -30.35 -14.46
C ARG P 178 24.62 -31.54 -13.69
N GLU P 179 24.25 -31.33 -12.41
CA GLU P 179 23.54 -32.35 -11.65
C GLU P 179 22.17 -32.65 -12.22
N ALA P 180 21.57 -31.69 -12.91
CA ALA P 180 20.19 -31.86 -13.31
C ALA P 180 20.05 -32.37 -14.73
N VAL P 181 21.06 -32.20 -15.56
CA VAL P 181 20.95 -32.46 -16.99
C VAL P 181 21.98 -33.49 -17.44
N GLU P 182 23.26 -33.18 -17.26
CA GLU P 182 24.31 -34.07 -17.75
C GLU P 182 24.45 -35.31 -16.87
N LEU P 183 24.36 -35.13 -15.56
CA LEU P 183 24.48 -36.25 -14.63
C LEU P 183 23.37 -37.29 -14.75
N PRO P 184 22.09 -36.94 -15.01
CA PRO P 184 21.12 -38.02 -15.32
C PRO P 184 21.44 -38.79 -16.58
N LEU P 185 22.15 -38.17 -17.51
CA LEU P 185 22.35 -38.78 -18.82
C LEU P 185 23.30 -39.95 -18.75
N THR P 186 24.38 -39.82 -17.97
CA THR P 186 25.37 -40.91 -17.87
C THR P 186 25.12 -41.77 -16.63
N HIS P 187 25.19 -41.16 -15.46
CA HIS P 187 25.14 -41.91 -14.21
C HIS P 187 23.69 -42.02 -13.78
N PHE P 188 22.96 -42.85 -14.49
CA PHE P 188 21.55 -43.07 -14.23
C PHE P 188 21.32 -44.09 -13.12
N GLU P 189 22.33 -44.91 -12.85
CA GLU P 189 22.21 -45.96 -11.84
C GLU P 189 22.18 -45.40 -10.43
N LEU P 190 22.79 -44.24 -10.23
CA LEU P 190 22.83 -43.64 -8.89
C LEU P 190 21.46 -43.13 -8.48
N TYR P 191 20.72 -42.54 -9.41
CA TYR P 191 19.39 -42.04 -9.11
C TYR P 191 18.44 -43.19 -8.81
N LYS P 192 18.48 -44.22 -9.64
CA LYS P 192 17.60 -45.36 -9.51
C LYS P 192 17.82 -46.11 -8.21
N GLN P 193 19.06 -46.08 -7.71
CA GLN P 193 19.38 -46.73 -6.44
C GLN P 193 18.71 -46.04 -5.27
N ILE P 194 18.79 -44.71 -5.22
CA ILE P 194 18.14 -44.01 -4.13
C ILE P 194 16.65 -43.85 -4.41
N GLY P 195 16.31 -43.63 -5.68
CA GLY P 195 14.93 -43.34 -6.02
C GLY P 195 14.70 -41.85 -6.04
N ILE P 196 15.57 -41.13 -6.72
CA ILE P 196 15.51 -39.67 -6.70
C ILE P 196 14.55 -39.16 -7.77
N ASP P 197 14.47 -39.84 -8.93
CA ASP P 197 13.70 -39.45 -10.11
C ASP P 197 14.09 -38.05 -10.56
N PRO P 198 15.16 -37.95 -11.35
CA PRO P 198 15.80 -36.64 -11.60
C PRO P 198 14.84 -35.64 -12.23
N PRO P 199 15.02 -34.35 -11.96
CA PRO P 199 13.99 -33.37 -12.29
C PRO P 199 13.81 -33.17 -13.79
N ARG P 200 12.58 -32.82 -14.13
CA ARG P 200 12.19 -32.64 -15.52
C ARG P 200 12.72 -31.36 -16.12
N GLY P 201 12.81 -30.28 -15.33
CA GLY P 201 13.15 -29.00 -15.91
C GLY P 201 13.71 -27.97 -14.95
N VAL P 202 14.14 -26.85 -15.50
CA VAL P 202 14.96 -25.90 -14.77
C VAL P 202 14.70 -24.46 -15.23
N LEU P 203 14.40 -23.58 -14.28
CA LEU P 203 14.17 -22.17 -14.57
C LEU P 203 15.38 -21.38 -14.13
N MET P 204 15.93 -20.60 -15.04
CA MET P 204 17.04 -19.70 -14.75
C MET P 204 16.56 -18.28 -14.90
N TYR P 205 17.07 -17.37 -14.07
CA TYR P 205 16.59 -16.00 -14.09
C TYR P 205 17.62 -15.08 -13.47
N GLY P 206 17.25 -13.81 -13.37
CA GLY P 206 18.11 -12.80 -12.79
C GLY P 206 18.33 -11.62 -13.71
N PRO P 207 19.22 -10.72 -13.31
CA PRO P 207 19.50 -9.55 -14.13
C PRO P 207 20.25 -9.94 -15.39
N PRO P 208 20.25 -9.08 -16.41
CA PRO P 208 21.01 -9.39 -17.62
C PRO P 208 22.50 -9.34 -17.38
N GLY P 209 23.24 -10.13 -18.15
CA GLY P 209 24.68 -10.10 -18.10
C GLY P 209 25.24 -10.74 -16.85
N CYS P 210 24.66 -11.87 -16.46
CA CYS P 210 25.19 -12.62 -15.34
C CYS P 210 25.76 -13.96 -15.80
N GLY P 211 25.59 -14.28 -17.07
CA GLY P 211 26.00 -15.53 -17.66
C GLY P 211 24.77 -16.40 -17.70
N LYS P 212 24.01 -16.31 -18.79
CA LYS P 212 22.79 -17.09 -18.93
C LYS P 212 22.88 -17.92 -20.19
N THR P 213 23.12 -17.28 -21.33
CA THR P 213 23.24 -18.01 -22.58
C THR P 213 24.61 -18.64 -22.68
N MET P 214 25.61 -18.04 -22.04
CA MET P 214 26.96 -18.58 -22.05
C MET P 214 27.01 -19.92 -21.35
N LEU P 215 26.19 -20.11 -20.31
CA LEU P 215 26.14 -21.40 -19.66
C LEU P 215 25.49 -22.44 -20.55
N ALA P 216 24.43 -22.05 -21.24
CA ALA P 216 23.69 -23.00 -22.07
C ALA P 216 24.51 -23.44 -23.27
N LYS P 217 25.47 -22.62 -23.69
CA LYS P 217 26.36 -23.03 -24.77
C LYS P 217 27.33 -24.12 -24.29
N ALA P 218 27.95 -23.91 -23.12
CA ALA P 218 28.91 -24.90 -22.62
C ALA P 218 28.20 -26.17 -22.15
N VAL P 219 26.92 -26.08 -21.85
CA VAL P 219 26.11 -27.28 -21.72
C VAL P 219 26.02 -27.99 -23.06
N ALA P 220 25.73 -27.24 -24.11
CA ALA P 220 25.55 -27.82 -25.43
C ALA P 220 26.84 -28.32 -26.03
N HIS P 221 27.99 -27.87 -25.52
CA HIS P 221 29.25 -28.40 -26.01
C HIS P 221 29.49 -29.80 -25.49
N HIS P 222 29.41 -30.00 -24.19
CA HIS P 222 29.69 -31.27 -23.56
C HIS P 222 28.38 -32.00 -23.31
N THR P 223 27.78 -32.48 -24.39
CA THR P 223 26.58 -33.30 -24.27
C THR P 223 26.54 -34.29 -25.42
N THR P 224 25.81 -35.38 -25.19
CA THR P 224 25.61 -36.38 -26.23
C THR P 224 24.13 -36.54 -26.52
N ALA P 225 23.41 -35.43 -26.57
CA ALA P 225 22.00 -35.43 -26.93
C ALA P 225 21.83 -34.57 -28.17
N ALA P 226 20.62 -34.57 -28.70
CA ALA P 226 20.29 -33.74 -29.86
C ALA P 226 19.76 -32.43 -29.30
N PHE P 227 20.63 -31.43 -29.24
CA PHE P 227 20.27 -30.18 -28.58
C PHE P 227 19.33 -29.38 -29.45
N ILE P 228 18.13 -29.13 -28.93
CA ILE P 228 17.06 -28.50 -29.68
C ILE P 228 16.69 -27.22 -28.95
N ARG P 229 17.04 -26.08 -29.55
CA ARG P 229 16.77 -24.78 -28.94
C ARG P 229 15.83 -23.96 -29.81
N VAL P 230 15.21 -22.97 -29.20
CA VAL P 230 14.14 -22.23 -29.86
C VAL P 230 14.01 -20.85 -29.21
N VAL P 231 13.88 -19.83 -30.06
CA VAL P 231 13.56 -18.47 -29.67
C VAL P 231 12.15 -18.49 -29.07
N GLY P 232 11.92 -17.67 -28.04
CA GLY P 232 10.62 -17.62 -27.39
C GLY P 232 9.51 -17.04 -28.24
N SER P 233 9.76 -15.92 -28.92
CA SER P 233 8.72 -15.22 -29.70
C SER P 233 8.66 -15.73 -31.13
N GLU P 234 9.06 -16.97 -31.34
CA GLU P 234 9.18 -17.50 -32.68
C GLU P 234 7.87 -18.10 -33.18
N PHE P 235 7.22 -18.91 -32.36
CA PHE P 235 6.07 -19.70 -32.80
C PHE P 235 4.75 -18.99 -32.51
N VAL P 236 4.70 -17.72 -32.93
CA VAL P 236 3.44 -16.99 -32.95
C VAL P 236 3.20 -16.41 -34.35
N GLN P 237 2.15 -16.88 -35.00
CA GLN P 237 1.94 -16.60 -36.41
C GLN P 237 0.65 -15.83 -36.60
N LYS P 238 0.37 -15.43 -37.83
CA LYS P 238 -0.85 -14.68 -38.15
C LYS P 238 -2.06 -15.60 -38.12
N TYR P 239 -1.91 -16.79 -38.69
CA TYR P 239 -3.00 -17.76 -38.72
C TYR P 239 -3.11 -18.51 -37.39
N LEU P 240 -4.34 -18.64 -36.89
CA LEU P 240 -4.56 -19.33 -35.63
C LEU P 240 -4.36 -20.82 -35.79
N GLY P 241 -3.89 -21.45 -34.72
CA GLY P 241 -3.58 -22.86 -34.71
C GLY P 241 -2.16 -23.20 -35.06
N GLU P 242 -1.43 -22.24 -35.65
CA GLU P 242 -0.07 -22.50 -36.09
C GLU P 242 0.87 -22.66 -34.91
N GLY P 243 0.73 -21.79 -33.92
CA GLY P 243 1.52 -21.81 -32.72
C GLY P 243 1.46 -23.10 -31.94
N PRO P 244 0.28 -23.51 -31.49
CA PRO P 244 0.13 -24.80 -30.82
C PRO P 244 0.50 -26.01 -31.66
N ARG P 245 0.38 -25.92 -32.97
CA ARG P 245 0.78 -27.06 -33.79
C ARG P 245 2.29 -27.17 -33.86
N MET P 246 2.98 -26.03 -33.85
CA MET P 246 4.45 -26.05 -33.82
C MET P 246 4.96 -26.51 -32.46
N VAL P 247 4.18 -26.30 -31.40
CA VAL P 247 4.52 -26.86 -30.10
C VAL P 247 4.47 -28.38 -30.16
N ARG P 248 3.46 -28.92 -30.84
CA ARG P 248 3.35 -30.37 -30.97
C ARG P 248 4.46 -30.93 -31.85
N ASP P 249 4.87 -30.17 -32.86
CA ASP P 249 5.88 -30.65 -33.79
C ASP P 249 7.23 -30.77 -33.10
N VAL P 250 7.52 -29.86 -32.16
CA VAL P 250 8.78 -29.90 -31.45
C VAL P 250 8.81 -31.08 -30.48
N PHE P 251 7.74 -31.26 -29.74
CA PHE P 251 7.75 -32.28 -28.69
C PHE P 251 7.71 -33.68 -29.27
N ARG P 252 6.96 -33.89 -30.35
CA ARG P 252 6.99 -35.19 -31.00
C ARG P 252 8.33 -35.46 -31.65
N LEU P 253 9.04 -34.40 -32.05
CA LEU P 253 10.38 -34.57 -32.57
C LEU P 253 11.32 -35.09 -31.50
N ALA P 254 11.38 -34.40 -30.36
CA ALA P 254 12.34 -34.73 -29.33
C ALA P 254 11.98 -36.01 -28.60
N LYS P 255 10.69 -36.30 -28.45
CA LYS P 255 10.30 -37.52 -27.76
C LYS P 255 10.61 -38.75 -28.59
N GLU P 256 10.30 -38.69 -29.89
CA GLU P 256 10.58 -39.82 -30.75
C GLU P 256 12.07 -39.99 -30.97
N ASN P 257 12.83 -38.90 -30.94
CA ASN P 257 14.27 -38.98 -31.10
C ASN P 257 14.95 -39.37 -29.81
N ALA P 258 16.26 -39.13 -29.76
CA ALA P 258 17.13 -39.46 -28.65
C ALA P 258 16.69 -38.79 -27.35
N PRO P 259 17.28 -39.17 -26.20
CA PRO P 259 17.04 -38.38 -24.99
C PRO P 259 17.62 -36.99 -25.06
N ALA P 260 16.86 -36.10 -25.69
CA ALA P 260 17.30 -34.79 -26.12
C ALA P 260 17.04 -33.75 -25.03
N ILE P 261 17.50 -32.53 -25.30
CA ILE P 261 17.43 -31.42 -24.37
C ILE P 261 16.72 -30.29 -25.08
N ILE P 262 15.61 -29.84 -24.51
CA ILE P 262 14.89 -28.71 -25.10
C ILE P 262 15.26 -27.44 -24.35
N PHE P 263 15.61 -26.40 -25.09
CA PHE P 263 16.03 -25.13 -24.53
C PHE P 263 15.17 -24.02 -25.10
N ILE P 264 14.46 -23.31 -24.23
CA ILE P 264 13.72 -22.12 -24.62
C ILE P 264 14.41 -20.95 -23.95
N ASP P 265 14.71 -19.91 -24.71
CA ASP P 265 15.45 -18.83 -24.09
C ASP P 265 14.51 -18.01 -23.22
N GLU P 266 13.62 -17.24 -23.83
CA GLU P 266 12.71 -16.43 -23.05
C GLU P 266 11.30 -16.98 -23.17
N ILE P 267 10.51 -16.82 -22.11
CA ILE P 267 9.10 -17.18 -22.15
C ILE P 267 8.21 -16.08 -21.62
N ASP P 268 8.77 -15.00 -21.08
CA ASP P 268 8.00 -13.85 -20.61
C ASP P 268 7.24 -13.15 -21.72
N ALA P 269 7.61 -13.40 -22.98
CA ALA P 269 6.74 -13.11 -24.10
C ALA P 269 5.44 -13.90 -24.04
N ILE P 270 5.50 -15.17 -23.69
CA ILE P 270 4.35 -16.05 -23.89
C ILE P 270 3.94 -16.78 -22.62
N ALA P 271 4.41 -16.32 -21.47
CA ALA P 271 4.05 -17.08 -20.26
C ALA P 271 3.67 -16.23 -19.06
N THR P 272 3.13 -15.04 -19.22
CA THR P 272 2.63 -14.31 -18.07
C THR P 272 1.34 -14.95 -17.57
N LYS P 273 0.81 -14.42 -16.48
CA LYS P 273 -0.46 -14.93 -15.98
C LYS P 273 -1.58 -14.48 -16.90
N ARG P 274 -2.67 -15.23 -16.89
CA ARG P 274 -3.73 -15.03 -17.85
C ARG P 274 -4.92 -14.35 -17.20
N PHE P 275 -5.68 -13.63 -18.02
CA PHE P 275 -6.82 -12.85 -17.58
C PHE P 275 -7.86 -12.93 -18.69
N ASP P 276 -8.92 -12.12 -18.63
CA ASP P 276 -9.99 -12.21 -19.62
C ASP P 276 -9.49 -11.72 -20.98
N ALA P 277 -9.53 -12.60 -21.96
CA ALA P 277 -9.05 -12.32 -23.31
C ALA P 277 -10.05 -11.39 -24.00
N GLN P 278 -9.94 -10.11 -23.69
CA GLN P 278 -10.79 -9.12 -24.32
C GLN P 278 -10.46 -8.93 -25.78
N THR P 279 -9.22 -9.15 -26.15
CA THR P 279 -8.75 -8.94 -27.50
C THR P 279 -8.65 -10.28 -28.23
N GLY P 280 -8.28 -10.22 -29.50
CA GLY P 280 -8.05 -11.42 -30.27
C GLY P 280 -6.57 -11.76 -30.30
N ALA P 281 -5.85 -11.30 -29.32
CA ALA P 281 -4.43 -11.57 -29.23
C ALA P 281 -4.04 -12.19 -27.89
N ASP P 282 -4.70 -11.77 -26.81
CA ASP P 282 -4.40 -12.36 -25.52
C ASP P 282 -4.94 -13.77 -25.41
N ARG P 283 -5.91 -14.12 -26.25
CA ARG P 283 -6.40 -15.49 -26.29
C ARG P 283 -5.40 -16.39 -26.99
N GLU P 284 -4.62 -15.84 -27.92
CA GLU P 284 -3.64 -16.64 -28.64
C GLU P 284 -2.44 -16.96 -27.77
N VAL P 285 -2.04 -16.01 -26.93
CA VAL P 285 -0.99 -16.27 -25.95
C VAL P 285 -1.47 -17.29 -24.93
N GLN P 286 -2.73 -17.16 -24.53
CA GLN P 286 -3.28 -18.02 -23.49
C GLN P 286 -3.41 -19.46 -23.96
N ARG P 287 -3.80 -19.67 -25.22
CA ARG P 287 -3.90 -21.03 -25.74
C ARG P 287 -2.53 -21.64 -25.98
N ILE P 288 -1.49 -20.82 -26.13
CA ILE P 288 -0.13 -21.35 -26.21
C ILE P 288 0.31 -21.92 -24.87
N LEU P 289 0.01 -21.19 -23.78
CA LEU P 289 0.30 -21.67 -22.43
C LEU P 289 -0.37 -23.00 -22.13
N LEU P 290 -1.63 -23.14 -22.52
CA LEU P 290 -2.35 -24.36 -22.21
C LEU P 290 -1.84 -25.51 -23.07
N GLU P 291 -1.47 -25.20 -24.30
CA GLU P 291 -0.86 -26.21 -25.16
C GLU P 291 0.52 -26.59 -24.63
N LEU P 292 1.23 -25.64 -24.04
CA LEU P 292 2.55 -25.94 -23.50
C LEU P 292 2.46 -26.88 -22.32
N LEU P 293 1.57 -26.59 -21.37
CA LEU P 293 1.48 -27.36 -20.14
C LEU P 293 0.92 -28.77 -20.35
N ASN P 294 0.12 -28.98 -21.40
CA ASN P 294 -0.45 -30.29 -21.63
C ASN P 294 0.61 -31.28 -22.03
N GLN P 295 1.37 -30.96 -23.07
CA GLN P 295 2.47 -31.83 -23.46
C GLN P 295 3.71 -31.60 -22.62
N MET P 296 3.69 -30.63 -21.70
CA MET P 296 4.67 -30.64 -20.62
C MET P 296 4.36 -31.73 -19.62
N ASP P 297 3.13 -31.77 -19.12
CA ASP P 297 2.73 -32.74 -18.12
C ASP P 297 1.25 -33.09 -18.32
N GLY P 298 1.00 -34.14 -19.07
CA GLY P 298 -0.35 -34.62 -19.33
C GLY P 298 -0.56 -36.05 -18.89
N PHE P 299 -0.66 -36.95 -19.85
CA PHE P 299 -0.88 -38.36 -19.57
C PHE P 299 0.29 -39.24 -19.99
N ASP P 300 1.33 -38.65 -20.55
CA ASP P 300 2.47 -39.46 -20.99
C ASP P 300 3.77 -39.15 -20.25
N GLN P 301 3.87 -38.00 -19.57
CA GLN P 301 5.02 -37.54 -18.77
C GLN P 301 6.37 -37.86 -19.43
N ASN P 302 6.49 -37.37 -20.68
CA ASN P 302 7.47 -37.78 -21.69
C ASN P 302 8.88 -37.84 -21.16
N VAL P 303 9.43 -39.03 -21.13
CA VAL P 303 10.61 -39.30 -20.35
C VAL P 303 11.84 -38.89 -21.14
N ASN P 304 12.91 -38.63 -20.40
CA ASN P 304 14.25 -38.36 -20.93
C ASN P 304 14.28 -37.15 -21.84
N VAL P 305 13.50 -36.13 -21.51
CA VAL P 305 13.67 -34.81 -22.11
C VAL P 305 13.81 -33.82 -20.97
N LYS P 306 14.55 -32.75 -21.21
CA LYS P 306 14.69 -31.70 -20.22
C LYS P 306 14.40 -30.35 -20.86
N VAL P 307 13.73 -29.49 -20.10
CA VAL P 307 13.32 -28.19 -20.57
C VAL P 307 14.06 -27.14 -19.74
N ILE P 308 14.73 -26.23 -20.42
CA ILE P 308 15.51 -25.17 -19.78
C ILE P 308 14.94 -23.84 -20.21
N MET P 309 14.76 -22.91 -19.27
CA MET P 309 14.24 -21.59 -19.56
C MET P 309 15.07 -20.52 -18.87
N ALA P 310 15.15 -19.35 -19.49
CA ALA P 310 16.00 -18.30 -18.95
C ALA P 310 15.44 -16.92 -19.27
N THR P 311 14.67 -16.36 -18.35
CA THR P 311 14.11 -15.03 -18.55
C THR P 311 14.81 -14.05 -17.63
N ASN P 312 14.33 -12.82 -17.63
CA ASN P 312 14.86 -11.79 -16.77
C ASN P 312 14.06 -11.66 -15.49
N ARG P 313 12.75 -11.80 -15.56
CA ARG P 313 11.90 -11.66 -14.38
C ARG P 313 10.95 -12.84 -14.24
N ALA P 314 10.96 -13.43 -13.05
CA ALA P 314 10.20 -14.63 -12.78
C ALA P 314 8.98 -14.37 -11.92
N ASP P 315 8.89 -13.18 -11.32
CA ASP P 315 7.71 -12.75 -10.59
C ASP P 315 6.64 -12.20 -11.52
N THR P 316 6.90 -12.30 -12.82
CA THR P 316 5.99 -11.82 -13.85
C THR P 316 5.22 -12.96 -14.49
N LEU P 317 5.78 -14.15 -14.58
CA LEU P 317 5.19 -15.21 -15.37
C LEU P 317 4.11 -15.93 -14.57
N ASP P 318 3.54 -16.94 -15.20
CA ASP P 318 2.35 -17.62 -14.68
C ASP P 318 2.71 -18.48 -13.48
N PRO P 319 2.00 -18.35 -12.35
CA PRO P 319 2.30 -19.20 -11.19
C PRO P 319 1.96 -20.67 -11.37
N ALA P 320 1.25 -21.04 -12.43
CA ALA P 320 1.07 -22.46 -12.71
C ALA P 320 2.31 -23.06 -13.35
N LEU P 321 3.22 -22.22 -13.84
CA LEU P 321 4.48 -22.73 -14.38
C LEU P 321 5.50 -23.07 -13.32
N LEU P 322 5.52 -22.34 -12.21
CA LEU P 322 6.57 -22.48 -11.21
C LEU P 322 6.35 -23.64 -10.26
N ARG P 323 5.45 -24.56 -10.59
CA ARG P 323 5.15 -25.51 -9.53
C ARG P 323 6.16 -26.67 -9.59
N PRO P 324 6.52 -27.24 -8.43
CA PRO P 324 7.48 -28.35 -8.44
C PRO P 324 6.86 -29.60 -9.04
N GLY P 325 7.70 -30.35 -9.74
CA GLY P 325 7.23 -31.44 -10.55
C GLY P 325 7.04 -31.06 -11.99
N ARG P 326 7.08 -29.78 -12.31
CA ARG P 326 7.04 -29.33 -13.68
C ARG P 326 8.29 -28.52 -13.97
N LEU P 327 8.68 -27.69 -13.00
CA LEU P 327 9.96 -26.99 -12.99
C LEU P 327 10.51 -27.03 -11.57
N ASP P 328 11.62 -27.74 -11.39
CA ASP P 328 12.10 -27.95 -10.03
C ASP P 328 13.27 -27.04 -9.67
N ARG P 329 14.11 -26.68 -10.64
CA ARG P 329 15.32 -25.92 -10.32
C ARG P 329 15.07 -24.45 -10.55
N LYS P 330 14.94 -23.71 -9.45
CA LYS P 330 14.65 -22.27 -9.48
C LYS P 330 15.93 -21.46 -9.36
N ILE P 331 16.83 -21.67 -10.31
CA ILE P 331 18.20 -21.17 -10.19
C ILE P 331 18.24 -19.69 -10.47
N GLU P 332 18.77 -18.92 -9.53
CA GLU P 332 18.97 -17.50 -9.70
C GLU P 332 20.39 -17.23 -10.15
N PHE P 333 20.57 -16.26 -11.03
CA PHE P 333 21.88 -15.77 -11.42
C PHE P 333 22.00 -14.35 -10.88
N PRO P 334 22.55 -14.17 -9.69
CA PRO P 334 22.71 -12.83 -9.13
C PRO P 334 23.90 -12.14 -9.78
N LEU P 335 24.14 -10.91 -9.35
CA LEU P 335 25.29 -10.19 -9.82
C LEU P 335 26.56 -10.78 -9.21
N PRO P 336 27.69 -10.74 -9.91
CA PRO P 336 28.92 -11.28 -9.35
C PRO P 336 29.48 -10.37 -8.27
N ASP P 337 29.59 -10.90 -7.06
CA ASP P 337 30.11 -10.14 -5.94
C ASP P 337 31.64 -10.17 -5.91
N ARG P 338 32.20 -9.73 -4.79
CA ARG P 338 33.61 -9.93 -4.51
C ARG P 338 33.86 -11.42 -4.30
N ARG P 339 35.13 -11.83 -4.49
CA ARG P 339 35.66 -13.20 -4.59
C ARG P 339 35.19 -13.91 -5.85
N GLN P 340 34.34 -13.27 -6.65
CA GLN P 340 34.05 -13.80 -7.97
C GLN P 340 34.63 -12.92 -9.05
N LYS P 341 34.89 -11.66 -8.74
CA LYS P 341 35.62 -10.80 -9.67
C LYS P 341 37.02 -11.32 -9.89
N ARG P 342 37.67 -11.80 -8.83
CA ARG P 342 38.98 -12.42 -8.97
C ARG P 342 38.90 -13.68 -9.81
N LEU P 343 37.77 -14.37 -9.77
CA LEU P 343 37.59 -15.51 -10.63
C LEU P 343 37.44 -15.09 -12.09
N ILE P 344 36.66 -14.05 -12.33
CA ILE P 344 36.40 -13.64 -13.71
C ILE P 344 37.63 -12.95 -14.31
N PHE P 345 38.29 -12.09 -13.52
CA PHE P 345 39.50 -11.42 -13.99
C PHE P 345 40.60 -12.41 -14.34
N SER P 346 40.71 -13.49 -13.57
CA SER P 346 41.69 -14.53 -13.84
C SER P 346 41.41 -15.20 -15.17
N THR P 347 40.14 -15.46 -15.48
CA THR P 347 39.81 -16.23 -16.67
C THR P 347 39.93 -15.41 -17.94
N ILE P 348 39.58 -14.13 -17.90
CA ILE P 348 39.69 -13.29 -19.08
C ILE P 348 41.15 -13.05 -19.40
N THR P 349 41.91 -12.64 -18.40
CA THR P 349 43.30 -12.31 -18.57
C THR P 349 44.19 -13.54 -18.64
N SER P 350 43.63 -14.75 -18.45
CA SER P 350 44.36 -15.96 -18.81
C SER P 350 44.60 -16.02 -20.31
N LYS P 351 43.70 -15.44 -21.08
CA LYS P 351 43.87 -15.37 -22.52
C LYS P 351 44.45 -14.04 -22.95
N MET P 352 44.35 -13.02 -22.11
CA MET P 352 44.89 -11.73 -22.48
C MET P 352 46.39 -11.67 -22.23
N ASN P 353 47.12 -11.11 -23.20
CA ASN P 353 48.52 -10.79 -23.01
C ASN P 353 48.64 -9.39 -22.42
N LEU P 354 48.24 -9.21 -21.16
CA LEU P 354 48.39 -7.90 -20.54
C LEU P 354 49.76 -7.69 -19.92
N SER P 355 49.86 -6.66 -19.09
CA SER P 355 51.11 -6.21 -18.51
C SER P 355 51.72 -7.25 -17.57
N GLU P 356 52.96 -6.98 -17.23
CA GLU P 356 53.77 -7.80 -16.36
C GLU P 356 53.54 -7.53 -14.89
N GLU P 357 53.19 -6.28 -14.53
CA GLU P 357 53.15 -5.88 -13.13
C GLU P 357 51.96 -4.99 -12.83
N VAL P 358 50.86 -5.18 -13.55
CA VAL P 358 49.61 -4.51 -13.22
C VAL P 358 48.89 -5.40 -12.21
N ASP P 359 48.23 -4.80 -11.23
CA ASP P 359 47.34 -5.52 -10.33
C ASP P 359 45.95 -4.93 -10.44
N LEU P 360 44.96 -5.81 -10.39
CA LEU P 360 43.56 -5.47 -10.60
C LEU P 360 42.81 -5.34 -9.28
N GLU P 361 43.53 -5.54 -8.18
CA GLU P 361 42.93 -5.72 -6.87
C GLU P 361 42.34 -4.44 -6.31
N ASP P 362 42.84 -3.28 -6.75
CA ASP P 362 42.21 -2.01 -6.39
C ASP P 362 40.83 -1.87 -6.99
N TYR P 363 40.58 -2.59 -8.08
CA TYR P 363 39.34 -2.50 -8.81
C TYR P 363 38.51 -3.75 -8.57
N VAL P 364 38.71 -4.36 -7.40
CA VAL P 364 37.93 -5.51 -6.96
C VAL P 364 37.05 -5.15 -5.77
N ALA P 365 37.61 -4.45 -4.79
CA ALA P 365 36.89 -4.05 -3.59
C ALA P 365 36.01 -2.83 -3.81
N ARG P 366 35.78 -2.44 -5.07
CA ARG P 366 35.03 -1.25 -5.35
C ARG P 366 33.54 -1.46 -5.13
N PRO P 367 32.82 -0.42 -4.75
CA PRO P 367 31.35 -0.48 -4.72
C PRO P 367 30.72 -0.43 -6.09
N ASP P 368 29.40 -0.19 -6.11
CA ASP P 368 28.60 0.02 -7.32
C ASP P 368 28.62 -1.21 -8.20
N LYS P 369 27.90 -2.24 -7.75
CA LYS P 369 27.91 -3.61 -8.27
C LYS P 369 27.93 -3.70 -9.79
N ILE P 370 28.71 -4.65 -10.28
CA ILE P 370 29.12 -4.71 -11.67
C ILE P 370 28.69 -6.06 -12.23
N SER P 371 28.00 -6.04 -13.37
CA SER P 371 27.56 -7.28 -13.98
C SER P 371 28.74 -7.92 -14.69
N GLY P 372 28.61 -9.20 -15.03
CA GLY P 372 29.71 -9.96 -15.58
C GLY P 372 30.13 -9.52 -16.96
N ALA P 373 29.16 -9.11 -17.78
CA ALA P 373 29.49 -8.65 -19.11
C ALA P 373 30.22 -7.32 -19.10
N ASP P 374 30.14 -6.58 -17.98
CA ASP P 374 30.87 -5.33 -17.89
C ASP P 374 32.36 -5.56 -17.81
N ILE P 375 32.77 -6.63 -17.13
CA ILE P 375 34.18 -6.97 -17.00
C ILE P 375 34.78 -7.22 -18.37
N ASN P 376 34.04 -7.93 -19.21
CA ASN P 376 34.49 -8.20 -20.56
C ASN P 376 34.60 -6.93 -21.36
N SER P 377 33.68 -5.99 -21.13
CA SER P 377 33.72 -4.71 -21.81
C SER P 377 34.92 -3.89 -21.36
N ILE P 378 35.26 -3.94 -20.08
CA ILE P 378 36.42 -3.24 -19.56
C ILE P 378 37.69 -3.79 -20.18
N CYS P 379 37.75 -5.11 -20.32
CA CYS P 379 38.92 -5.74 -20.91
C CYS P 379 39.03 -5.42 -22.39
N GLN P 380 37.90 -5.33 -23.09
CA GLN P 380 37.94 -4.95 -24.49
C GLN P 380 38.29 -3.48 -24.64
N GLU P 381 37.70 -2.62 -23.81
CA GLU P 381 37.92 -1.18 -23.93
C GLU P 381 39.36 -0.81 -23.58
N SER P 382 39.97 -1.57 -22.67
CA SER P 382 41.40 -1.43 -22.41
C SER P 382 42.21 -1.77 -23.64
N GLY P 383 41.93 -2.91 -24.25
CA GLY P 383 42.70 -3.35 -25.40
C GLY P 383 42.53 -2.46 -26.61
N MET P 384 41.31 -1.93 -26.80
CA MET P 384 41.08 -1.05 -27.94
C MET P 384 41.80 0.28 -27.74
N LEU P 385 41.96 0.68 -26.48
CA LEU P 385 42.81 1.81 -26.18
C LEU P 385 44.28 1.43 -26.30
N ALA P 386 44.60 0.16 -26.05
CA ALA P 386 45.98 -0.28 -26.10
C ALA P 386 46.47 -0.37 -27.54
N VAL P 387 45.58 -0.71 -28.47
CA VAL P 387 45.95 -0.75 -29.88
C VAL P 387 46.26 0.64 -30.39
N ARG P 388 45.53 1.64 -29.87
CA ARG P 388 45.31 2.89 -30.60
C ARG P 388 46.58 3.71 -30.76
N GLU P 389 47.45 3.65 -29.78
CA GLU P 389 48.74 4.32 -29.88
C GLU P 389 49.83 3.41 -30.41
N ASN P 390 49.46 2.39 -31.18
CA ASN P 390 50.36 1.40 -31.78
C ASN P 390 51.20 0.71 -30.71
N ARG P 391 50.49 0.04 -29.80
CA ARG P 391 51.14 -0.72 -28.75
C ARG P 391 50.47 -2.08 -28.63
N TYR P 392 51.14 -2.97 -27.91
CA TYR P 392 50.75 -4.37 -27.84
C TYR P 392 50.61 -4.88 -26.42
N ILE P 393 50.74 -4.03 -25.41
CA ILE P 393 50.86 -4.46 -24.02
C ILE P 393 50.30 -3.33 -23.16
N VAL P 394 50.14 -3.59 -21.86
CA VAL P 394 49.39 -2.70 -20.99
C VAL P 394 50.35 -1.88 -20.14
N LEU P 395 50.09 -0.57 -20.03
CA LEU P 395 50.84 0.30 -19.14
C LEU P 395 50.08 0.72 -17.90
N ALA P 396 49.02 -0.02 -17.54
CA ALA P 396 48.23 0.20 -16.31
C ALA P 396 47.66 1.61 -16.24
N LYS P 397 47.27 2.14 -17.39
CA LYS P 397 46.59 3.42 -17.41
C LYS P 397 45.35 3.30 -18.28
N ASP P 398 45.38 2.35 -19.23
CA ASP P 398 44.24 2.13 -20.09
C ASP P 398 43.13 1.42 -19.35
N PHE P 399 43.51 0.62 -18.36
CA PHE P 399 42.53 -0.05 -17.52
C PHE P 399 41.75 0.96 -16.69
N GLU P 400 42.42 2.02 -16.27
CA GLU P 400 41.80 3.07 -15.48
C GLU P 400 40.87 3.90 -16.32
N LYS P 401 41.24 4.13 -17.58
CA LYS P 401 40.36 4.83 -18.51
C LYS P 401 39.11 4.01 -18.77
N ALA P 402 39.28 2.71 -19.02
CA ALA P 402 38.15 1.85 -19.33
C ALA P 402 37.23 1.70 -18.13
N TYR P 403 37.80 1.70 -16.93
CA TYR P 403 36.98 1.61 -15.73
C TYR P 403 36.19 2.91 -15.51
N LYS P 404 36.85 4.05 -15.72
CA LYS P 404 36.14 5.32 -15.63
C LYS P 404 35.13 5.48 -16.75
N THR P 405 35.39 4.87 -17.90
CA THR P 405 34.48 4.96 -19.03
C THR P 405 33.17 4.22 -18.75
N VAL P 406 33.26 3.01 -18.22
CA VAL P 406 32.09 2.16 -18.11
C VAL P 406 31.22 2.53 -16.93
N ILE P 407 31.71 3.35 -16.01
CA ILE P 407 31.02 3.55 -14.74
C ILE P 407 30.11 4.76 -14.75
N LYS P 408 30.16 5.58 -15.80
CA LYS P 408 29.36 6.80 -15.82
C LYS P 408 27.90 6.44 -16.03
N LYS P 409 27.18 6.31 -14.92
CA LYS P 409 25.80 5.85 -14.87
C LYS P 409 25.17 6.54 -13.66
N ASP P 410 24.12 5.94 -13.11
CA ASP P 410 23.64 6.34 -11.79
C ASP P 410 24.29 5.44 -10.73
N GLU P 411 24.41 5.97 -9.51
CA GLU P 411 25.31 5.43 -8.49
C GLU P 411 24.73 5.56 -7.10
N GLN P 412 25.59 5.80 -6.11
CA GLN P 412 25.66 5.40 -4.72
C GLN P 412 24.39 5.26 -3.88
N GLU P 413 24.53 4.44 -2.85
CA GLU P 413 23.55 4.07 -1.84
C GLU P 413 23.26 5.23 -0.88
N HIS P 414 24.00 6.32 -1.03
CA HIS P 414 23.82 7.62 -0.37
C HIS P 414 24.06 7.59 1.13
N GLU P 415 24.53 6.47 1.70
CA GLU P 415 24.91 6.31 3.12
C GLU P 415 23.76 6.67 4.06
N PHE P 416 22.56 6.53 3.55
CA PHE P 416 21.33 6.86 4.21
C PHE P 416 20.50 5.59 4.14
N TYR P 417 19.67 5.38 5.17
CA TYR P 417 19.07 4.10 5.53
C TYR P 417 20.01 2.91 5.47
N LYS P 418 21.26 3.12 5.86
CA LYS P 418 22.30 2.10 5.97
C LYS P 418 22.50 1.27 4.69
N MET Q 15 47.13 10.81 -124.87
CA MET Q 15 48.13 10.17 -125.71
C MET Q 15 49.57 10.32 -125.17
N ALA Q 16 50.20 11.46 -125.44
CA ALA Q 16 51.58 11.77 -125.03
C ALA Q 16 51.64 12.07 -123.53
N ASP Q 17 52.81 12.52 -123.09
CA ASP Q 17 53.11 12.77 -121.67
C ASP Q 17 53.27 14.27 -121.39
N PRO Q 18 52.19 14.99 -121.14
CA PRO Q 18 52.30 16.41 -120.79
C PRO Q 18 52.39 16.59 -119.29
N ARG Q 19 52.42 17.86 -118.88
CA ARG Q 19 52.29 18.21 -117.47
C ARG Q 19 50.96 18.83 -117.13
N ASP Q 20 50.11 19.09 -118.11
CA ASP Q 20 48.80 19.70 -117.90
C ASP Q 20 47.65 18.72 -117.95
N LYS Q 21 47.60 17.88 -118.99
CA LYS Q 21 46.48 16.95 -119.13
C LYS Q 21 46.59 15.82 -118.11
N ALA Q 22 47.80 15.33 -117.87
CA ALA Q 22 48.02 14.30 -116.86
C ALA Q 22 47.93 14.87 -115.45
N LEU Q 23 47.96 16.20 -115.32
CA LEU Q 23 47.63 16.85 -114.06
C LEU Q 23 46.12 16.96 -113.87
N GLN Q 24 45.37 17.03 -114.97
CA GLN Q 24 43.91 17.03 -114.93
C GLN Q 24 43.33 15.67 -115.24
N ASP Q 25 44.16 14.65 -115.45
CA ASP Q 25 43.68 13.32 -115.77
C ASP Q 25 43.09 12.62 -114.56
N TYR Q 26 43.70 12.77 -113.40
CA TYR Q 26 43.26 12.07 -112.20
C TYR Q 26 42.26 12.88 -111.37
N ARG Q 27 42.16 14.19 -111.61
CA ARG Q 27 41.26 15.01 -110.82
C ARG Q 27 39.80 14.76 -111.17
N LYS Q 28 39.53 14.41 -112.43
CA LYS Q 28 38.19 13.94 -112.79
C LYS Q 28 37.94 12.52 -112.30
N LYS Q 29 39.00 11.80 -111.91
CA LYS Q 29 38.89 10.44 -111.41
C LYS Q 29 38.82 10.37 -109.89
N LEU Q 30 39.62 11.20 -109.20
CA LEU Q 30 39.60 11.22 -107.73
C LEU Q 30 38.27 11.72 -107.18
N LEU Q 31 37.50 12.47 -107.97
CA LEU Q 31 36.16 12.84 -107.56
C LEU Q 31 35.17 11.68 -107.67
N GLU Q 32 35.53 10.59 -108.32
CA GLU Q 32 34.70 9.39 -108.36
C GLU Q 32 35.13 8.33 -107.36
N HIS Q 33 36.44 8.10 -107.21
CA HIS Q 33 36.90 6.96 -106.42
C HIS Q 33 36.67 7.16 -104.93
N LYS Q 34 36.62 8.41 -104.46
CA LYS Q 34 36.18 8.66 -103.09
C LYS Q 34 34.67 8.77 -103.00
N GLU Q 35 33.98 9.03 -104.11
CA GLU Q 35 32.53 9.07 -104.11
C GLU Q 35 31.94 7.66 -103.96
N ILE Q 36 32.55 6.68 -104.62
CA ILE Q 36 32.12 5.31 -104.49
C ILE Q 36 32.59 4.71 -103.17
N ASP Q 37 33.65 5.26 -102.57
CA ASP Q 37 34.20 4.75 -101.34
C ASP Q 37 33.55 5.35 -100.10
N GLY Q 38 32.97 6.55 -100.23
CA GLY Q 38 32.47 7.26 -99.07
C GLY Q 38 31.23 6.61 -98.47
N ARG Q 39 30.28 6.21 -99.31
CA ARG Q 39 29.06 5.61 -98.81
C ARG Q 39 29.25 4.15 -98.40
N LEU Q 40 30.41 3.55 -98.71
CA LEU Q 40 30.69 2.19 -98.27
C LEU Q 40 30.78 2.12 -96.75
N LYS Q 41 31.30 3.17 -96.11
CA LYS Q 41 31.37 3.22 -94.66
C LYS Q 41 29.97 3.32 -94.06
N GLU Q 42 29.07 4.02 -94.74
CA GLU Q 42 27.67 4.07 -94.32
C GLU Q 42 27.00 2.71 -94.50
N LEU Q 43 27.36 1.99 -95.57
CA LEU Q 43 26.77 0.68 -95.82
C LEU Q 43 27.29 -0.37 -94.84
N ARG Q 44 28.55 -0.25 -94.42
CA ARG Q 44 29.09 -1.20 -93.46
C ARG Q 44 28.55 -0.95 -92.06
N GLU Q 45 28.35 0.32 -91.71
CA GLU Q 45 27.86 0.66 -90.37
C GLU Q 45 26.40 0.27 -90.21
N GLN Q 46 25.59 0.50 -91.25
CA GLN Q 46 24.19 0.08 -91.24
C GLN Q 46 24.08 -1.44 -91.15
N LEU Q 47 24.99 -2.14 -91.82
CA LEU Q 47 25.03 -3.59 -91.74
C LEU Q 47 25.47 -4.05 -90.35
N LYS Q 48 26.35 -3.28 -89.70
CA LYS Q 48 26.84 -3.64 -88.37
C LYS Q 48 25.75 -3.45 -87.31
N GLU Q 49 24.97 -2.38 -87.42
CA GLU Q 49 23.84 -2.19 -86.53
C GLU Q 49 22.76 -3.23 -86.76
N LEU Q 50 22.59 -3.63 -88.03
CA LEU Q 50 21.60 -4.64 -88.38
C LEU Q 50 21.96 -6.00 -87.82
N THR Q 51 23.27 -6.32 -87.81
CA THR Q 51 23.74 -7.52 -87.13
C THR Q 51 23.54 -7.42 -85.63
N LYS Q 52 23.71 -6.22 -85.07
CA LYS Q 52 23.45 -6.01 -83.66
C LYS Q 52 21.96 -6.14 -83.37
N GLN Q 53 21.12 -5.72 -84.30
CA GLN Q 53 19.69 -5.95 -84.16
C GLN Q 53 19.34 -7.41 -84.40
N TYR Q 54 20.07 -8.06 -85.29
CA TYR Q 54 19.82 -9.48 -85.56
C TYR Q 54 20.24 -10.35 -84.39
N GLU Q 55 21.36 -10.00 -83.75
CA GLU Q 55 21.81 -10.71 -82.56
C GLU Q 55 20.77 -10.64 -81.44
N LYS Q 56 20.15 -9.47 -81.27
CA LYS Q 56 19.14 -9.32 -80.23
C LYS Q 56 17.86 -10.07 -80.60
N SER Q 57 17.55 -10.15 -81.89
CA SER Q 57 16.40 -10.93 -82.32
C SER Q 57 16.65 -12.42 -82.12
N GLU Q 58 17.87 -12.87 -82.42
CA GLU Q 58 18.23 -14.26 -82.17
C GLU Q 58 18.32 -14.54 -80.68
N ASN Q 59 18.71 -13.54 -79.89
CA ASN Q 59 18.66 -13.68 -78.45
C ASN Q 59 17.22 -13.74 -77.96
N ASP Q 60 16.29 -13.14 -78.70
CA ASP Q 60 14.88 -13.25 -78.34
C ASP Q 60 14.30 -14.59 -78.76
N LEU Q 61 14.82 -15.17 -79.85
CA LEU Q 61 14.34 -16.47 -80.30
C LEU Q 61 14.75 -17.57 -79.35
N LYS Q 62 16.00 -17.54 -78.89
CA LYS Q 62 16.47 -18.55 -77.95
C LYS Q 62 15.78 -18.40 -76.60
N ALA Q 63 15.47 -17.16 -76.22
CA ALA Q 63 14.77 -16.90 -74.98
C ALA Q 63 13.28 -17.20 -75.08
N LEU Q 64 12.77 -17.49 -76.27
CA LEU Q 64 11.35 -17.80 -76.40
C LEU Q 64 11.04 -19.17 -75.80
N GLN Q 65 11.93 -20.13 -76.00
CA GLN Q 65 11.74 -21.44 -75.40
C GLN Q 65 12.31 -21.48 -74.00
N SER Q 66 11.49 -21.18 -73.01
CA SER Q 66 11.85 -21.32 -71.61
C SER Q 66 10.69 -22.00 -70.90
N VAL Q 67 10.96 -23.15 -70.29
CA VAL Q 67 9.90 -23.89 -69.62
C VAL Q 67 9.53 -23.22 -68.31
N GLY Q 68 10.52 -22.85 -67.53
CA GLY Q 68 10.25 -22.37 -66.19
C GLY Q 68 10.37 -23.49 -65.18
N GLN Q 69 10.99 -23.17 -64.05
CA GLN Q 69 11.34 -24.17 -63.06
C GLN Q 69 10.60 -23.90 -61.76
N ILE Q 70 10.05 -24.96 -61.16
CA ILE Q 70 9.29 -24.85 -59.93
C ILE Q 70 10.25 -24.65 -58.78
N VAL Q 71 10.00 -23.61 -57.97
CA VAL Q 71 10.85 -23.32 -56.83
C VAL Q 71 10.38 -24.12 -55.62
N GLY Q 72 11.30 -24.86 -55.01
CA GLY Q 72 10.98 -25.65 -53.84
C GLY Q 72 12.19 -25.81 -52.95
N GLU Q 73 11.95 -26.40 -51.77
CA GLU Q 73 12.97 -26.53 -50.76
C GLU Q 73 13.18 -27.97 -50.36
N VAL Q 74 14.42 -28.30 -50.01
CA VAL Q 74 14.81 -29.65 -49.66
C VAL Q 74 14.53 -29.87 -48.18
N LEU Q 75 13.62 -30.79 -47.88
CA LEU Q 75 13.37 -31.13 -46.49
C LEU Q 75 14.52 -31.94 -45.92
N LYS Q 76 14.78 -33.10 -46.52
CA LYS Q 76 15.89 -33.94 -46.10
C LYS Q 76 16.30 -34.81 -47.28
N GLN Q 77 17.18 -35.77 -47.01
CA GLN Q 77 17.66 -36.71 -47.99
C GLN Q 77 17.31 -38.11 -47.53
N LEU Q 78 16.56 -38.85 -48.35
CA LEU Q 78 16.18 -40.19 -47.94
C LEU Q 78 17.31 -41.16 -48.21
N THR Q 79 17.64 -41.40 -49.49
CA THR Q 79 18.77 -42.22 -49.88
C THR Q 79 19.64 -41.41 -50.83
N GLU Q 80 20.60 -42.08 -51.45
CA GLU Q 80 21.56 -41.46 -52.35
C GLU Q 80 20.94 -40.91 -53.63
N GLU Q 81 19.67 -41.19 -53.90
CA GLU Q 81 18.98 -40.59 -55.03
C GLU Q 81 17.61 -40.05 -54.64
N LYS Q 82 17.18 -40.29 -53.41
CA LYS Q 82 15.83 -39.94 -52.98
C LYS Q 82 15.91 -38.74 -52.07
N PHE Q 83 15.32 -37.64 -52.51
CA PHE Q 83 15.37 -36.36 -51.82
C PHE Q 83 13.94 -35.90 -51.56
N ILE Q 84 13.57 -35.84 -50.29
CA ILE Q 84 12.26 -35.36 -49.90
C ILE Q 84 12.29 -33.84 -50.03
N VAL Q 85 11.60 -33.33 -51.04
CA VAL Q 85 11.52 -31.89 -51.25
C VAL Q 85 10.06 -31.47 -51.17
N LYS Q 86 9.85 -30.16 -51.14
CA LYS Q 86 8.50 -29.62 -51.04
C LYS Q 86 8.50 -28.26 -51.71
N ALA Q 87 7.43 -27.96 -52.45
CA ALA Q 87 7.24 -26.66 -53.07
C ALA Q 87 6.80 -25.64 -52.04
N THR Q 88 6.61 -24.40 -52.48
CA THR Q 88 6.28 -23.30 -51.60
C THR Q 88 4.84 -23.33 -51.12
N ASN Q 89 3.93 -23.92 -51.89
CA ASN Q 89 2.55 -24.07 -51.47
C ASN Q 89 2.04 -25.48 -51.73
N GLY Q 90 2.71 -26.21 -52.60
CA GLY Q 90 2.19 -27.45 -53.11
C GLY Q 90 2.60 -28.65 -52.28
N PRO Q 91 2.32 -29.83 -52.83
CA PRO Q 91 2.62 -31.08 -52.13
C PRO Q 91 4.10 -31.41 -52.07
N ARG Q 92 4.41 -32.54 -51.45
CA ARG Q 92 5.78 -32.99 -51.27
C ARG Q 92 6.11 -34.07 -52.28
N TYR Q 93 7.34 -34.03 -52.78
CA TYR Q 93 7.77 -34.91 -53.86
C TYR Q 93 8.99 -35.71 -53.43
N VAL Q 94 9.25 -36.77 -54.17
CA VAL Q 94 10.46 -37.57 -54.05
C VAL Q 94 11.13 -37.53 -55.42
N VAL Q 95 12.16 -36.71 -55.56
CA VAL Q 95 12.87 -36.57 -56.83
C VAL Q 95 14.35 -36.78 -56.60
N GLY Q 96 15.10 -36.73 -57.70
CA GLY Q 96 16.54 -36.93 -57.67
C GLY Q 96 17.30 -35.80 -58.33
N CYS Q 97 18.47 -36.10 -58.89
CA CYS Q 97 19.35 -35.07 -59.42
C CYS Q 97 19.62 -35.34 -60.89
N ARG Q 98 20.27 -34.41 -61.60
CA ARG Q 98 20.38 -34.63 -63.03
C ARG Q 98 21.52 -35.56 -63.40
N ARG Q 99 22.76 -35.07 -63.44
CA ARG Q 99 23.92 -35.96 -63.46
C ARG Q 99 24.95 -35.58 -62.41
N GLN Q 100 25.65 -34.47 -62.62
CA GLN Q 100 26.71 -34.00 -61.73
C GLN Q 100 26.20 -32.81 -60.92
N LEU Q 101 25.26 -33.06 -60.05
CA LEU Q 101 24.65 -31.95 -59.34
C LEU Q 101 25.23 -31.78 -57.94
N ASP Q 102 26.22 -32.62 -57.59
CA ASP Q 102 27.00 -32.56 -56.37
C ASP Q 102 26.12 -32.65 -55.12
N LYS Q 103 25.53 -33.83 -54.93
CA LYS Q 103 24.51 -34.08 -53.92
C LYS Q 103 24.99 -33.83 -52.49
N SER Q 104 26.30 -33.84 -52.26
CA SER Q 104 26.84 -33.51 -50.95
C SER Q 104 26.60 -32.05 -50.57
N LYS Q 105 26.39 -31.17 -51.54
CA LYS Q 105 26.03 -29.79 -51.25
C LYS Q 105 24.56 -29.61 -50.92
N LEU Q 106 23.73 -30.60 -51.27
CA LEU Q 106 22.29 -30.48 -51.09
C LEU Q 106 21.96 -30.70 -49.62
N LYS Q 107 22.07 -29.62 -48.89
CA LYS Q 107 21.91 -29.69 -47.46
C LYS Q 107 20.42 -29.62 -47.09
N PRO Q 108 20.01 -30.37 -46.08
CA PRO Q 108 18.58 -30.49 -45.79
C PRO Q 108 17.98 -29.22 -45.22
N GLY Q 109 17.52 -28.38 -46.13
CA GLY Q 109 17.03 -27.05 -45.80
C GLY Q 109 17.46 -26.01 -46.82
N THR Q 110 18.12 -26.46 -47.89
CA THR Q 110 18.46 -25.58 -48.99
C THR Q 110 17.25 -25.41 -49.90
N ARG Q 111 17.39 -24.56 -50.91
CA ARG Q 111 16.29 -24.27 -51.81
C ARG Q 111 16.71 -24.56 -53.24
N VAL Q 112 15.87 -25.29 -53.98
CA VAL Q 112 16.22 -25.72 -55.32
C VAL Q 112 15.18 -25.25 -56.32
N ALA Q 113 15.42 -25.56 -57.59
CA ALA Q 113 14.46 -25.30 -58.64
C ALA Q 113 14.12 -26.63 -59.30
N LEU Q 114 12.87 -27.04 -59.22
CA LEU Q 114 12.47 -28.33 -59.75
C LEU Q 114 12.05 -28.17 -61.20
N ASP Q 115 12.16 -29.26 -61.95
CA ASP Q 115 11.63 -29.29 -63.30
C ASP Q 115 10.11 -29.19 -63.26
N MET Q 116 9.53 -28.66 -64.33
CA MET Q 116 8.08 -28.57 -64.38
C MET Q 116 7.45 -29.94 -64.60
N THR Q 117 8.06 -30.78 -65.42
CA THR Q 117 7.47 -32.05 -65.80
C THR Q 117 8.18 -33.25 -65.21
N THR Q 118 9.50 -33.29 -65.32
CA THR Q 118 10.29 -34.35 -64.72
C THR Q 118 10.32 -34.23 -63.20
N LEU Q 119 10.16 -33.01 -62.69
CA LEU Q 119 10.12 -32.61 -61.29
C LEU Q 119 11.46 -32.72 -60.57
N THR Q 120 12.48 -33.28 -61.23
CA THR Q 120 13.76 -33.45 -60.58
C THR Q 120 14.50 -32.13 -60.48
N ILE Q 121 15.60 -32.17 -59.74
CA ILE Q 121 16.27 -30.96 -59.32
C ILE Q 121 17.11 -30.42 -60.47
N MET Q 122 16.86 -29.19 -60.88
CA MET Q 122 17.66 -28.57 -61.92
C MET Q 122 18.82 -27.78 -61.32
N ARG Q 123 18.51 -26.80 -60.48
CA ARG Q 123 19.51 -25.88 -59.97
C ARG Q 123 19.13 -25.43 -58.57
N TYR Q 124 20.08 -25.50 -57.65
CA TYR Q 124 19.81 -25.05 -56.29
C TYR Q 124 20.02 -23.54 -56.17
N LEU Q 125 19.20 -22.93 -55.33
CA LEU Q 125 19.20 -21.49 -55.14
C LEU Q 125 19.63 -21.17 -53.72
N PRO Q 126 20.51 -20.18 -53.55
CA PRO Q 126 21.12 -19.94 -52.23
C PRO Q 126 20.13 -19.52 -51.14
N ARG Q 127 19.52 -18.35 -51.28
CA ARG Q 127 18.57 -17.84 -50.30
C ARG Q 127 17.52 -16.99 -50.99
N GLU Q 128 16.64 -16.39 -50.23
CA GLU Q 128 15.69 -15.42 -50.73
C GLU Q 128 16.13 -14.02 -50.33
N VAL Q 129 15.43 -13.03 -50.87
CA VAL Q 129 15.77 -11.64 -50.69
C VAL Q 129 14.69 -10.89 -49.93
N ASP Q 130 13.41 -11.29 -50.12
CA ASP Q 130 12.22 -10.61 -49.61
C ASP Q 130 12.23 -9.15 -50.04
N PRO Q 131 11.74 -8.85 -51.25
CA PRO Q 131 11.84 -7.48 -51.82
C PRO Q 131 11.27 -6.34 -50.98
N LEU Q 132 10.60 -6.63 -49.86
CA LEU Q 132 10.37 -5.63 -48.84
C LEU Q 132 11.69 -5.01 -48.37
N VAL Q 133 12.63 -5.84 -47.92
CA VAL Q 133 13.89 -5.34 -47.38
C VAL Q 133 14.92 -5.12 -48.47
N TYR Q 134 14.55 -5.34 -49.73
CA TYR Q 134 15.38 -4.91 -50.84
C TYR Q 134 15.54 -3.40 -50.84
N ASN Q 135 14.49 -2.69 -50.46
CA ASN Q 135 14.49 -1.24 -50.47
C ASN Q 135 15.38 -0.65 -49.38
N MET Q 136 15.69 -1.40 -48.34
CA MET Q 136 16.59 -0.94 -47.30
C MET Q 136 18.04 -1.20 -47.64
N SER Q 137 18.34 -1.50 -48.90
CA SER Q 137 19.71 -1.77 -49.33
C SER Q 137 20.18 -0.71 -50.30
N HIS Q 138 19.39 -0.47 -51.34
CA HIS Q 138 19.85 0.29 -52.48
C HIS Q 138 19.46 1.76 -52.40
N GLU Q 139 20.41 2.60 -52.01
CA GLU Q 139 20.25 4.05 -51.94
C GLU Q 139 21.62 4.69 -51.78
N ASP Q 140 21.77 5.91 -52.28
CA ASP Q 140 23.09 6.49 -52.08
C ASP Q 140 23.15 7.31 -50.80
N PRO Q 141 24.22 7.21 -50.03
CA PRO Q 141 24.34 8.06 -48.86
C PRO Q 141 24.53 9.55 -49.19
N GLY Q 142 25.75 9.95 -49.55
CA GLY Q 142 25.96 11.32 -50.03
C GLY Q 142 27.21 11.58 -50.84
N ASN Q 143 28.00 10.53 -51.11
CA ASN Q 143 29.40 10.63 -51.56
C ASN Q 143 30.22 11.57 -50.66
N VAL Q 144 30.01 11.47 -49.34
CA VAL Q 144 30.64 12.39 -48.40
C VAL Q 144 31.93 11.78 -47.86
N SER Q 145 32.86 12.64 -47.47
CA SER Q 145 34.25 12.23 -47.37
C SER Q 145 34.96 12.80 -46.14
N TYR Q 146 34.29 12.75 -44.99
CA TYR Q 146 34.82 13.17 -43.68
C TYR Q 146 35.17 14.66 -43.66
N SER Q 147 34.61 15.40 -44.61
CA SER Q 147 34.96 16.80 -44.80
C SER Q 147 33.71 17.65 -44.74
N GLU Q 148 32.55 17.04 -44.65
CA GLU Q 148 31.29 17.73 -44.52
C GLU Q 148 30.85 17.70 -43.07
N ILE Q 149 31.81 17.57 -42.17
CA ILE Q 149 31.57 17.41 -40.75
C ILE Q 149 32.67 18.16 -39.99
N GLY Q 150 32.29 18.81 -38.91
CA GLY Q 150 33.24 19.65 -38.19
C GLY Q 150 33.08 19.52 -36.70
N GLY Q 151 34.17 19.83 -36.00
CA GLY Q 151 34.18 19.88 -34.54
C GLY Q 151 33.87 18.58 -33.85
N LEU Q 152 34.20 17.45 -34.47
CA LEU Q 152 33.72 16.17 -33.94
C LEU Q 152 34.80 15.10 -34.05
N SER Q 153 36.04 15.51 -34.35
CA SER Q 153 37.11 14.59 -34.69
C SER Q 153 37.53 13.70 -33.52
N GLU Q 154 37.27 14.14 -32.29
CA GLU Q 154 37.45 13.24 -31.16
C GLU Q 154 36.45 12.11 -31.21
N GLN Q 155 35.17 12.43 -31.42
CA GLN Q 155 34.12 11.43 -31.47
C GLN Q 155 34.21 10.59 -32.73
N ILE Q 156 34.65 11.19 -33.84
CA ILE Q 156 34.68 10.50 -35.12
C ILE Q 156 35.75 9.42 -35.12
N ARG Q 157 36.99 9.81 -34.79
CA ARG Q 157 38.13 8.90 -34.80
C ARG Q 157 37.94 7.76 -33.81
N GLU Q 158 37.30 8.07 -32.68
CA GLU Q 158 36.96 7.04 -31.72
C GLU Q 158 35.91 6.08 -32.29
N LEU Q 159 34.97 6.60 -33.06
CA LEU Q 159 33.96 5.73 -33.66
C LEU Q 159 34.53 4.91 -34.80
N ARG Q 160 35.41 5.51 -35.60
CA ARG Q 160 36.01 4.79 -36.73
C ARG Q 160 36.94 3.70 -36.23
N GLU Q 161 37.50 3.87 -35.05
CA GLU Q 161 38.46 2.93 -34.47
C GLU Q 161 37.82 1.57 -34.24
N VAL Q 162 36.56 1.57 -33.79
CA VAL Q 162 35.92 0.30 -33.42
C VAL Q 162 35.24 -0.34 -34.61
N ILE Q 163 35.04 0.40 -35.69
CA ILE Q 163 34.35 -0.19 -36.82
C ILE Q 163 35.32 -0.62 -37.89
N GLU Q 164 36.18 0.28 -38.36
CA GLU Q 164 37.10 0.03 -39.45
C GLU Q 164 38.08 -1.09 -39.16
N LEU Q 165 38.67 -1.09 -37.96
CA LEU Q 165 39.73 -2.06 -37.64
C LEU Q 165 39.33 -3.54 -37.66
N PRO Q 166 38.15 -3.98 -37.17
CA PRO Q 166 37.83 -5.40 -37.38
C PRO Q 166 37.56 -5.75 -38.83
N LEU Q 167 36.96 -4.86 -39.60
CA LEU Q 167 36.65 -5.15 -40.99
C LEU Q 167 37.83 -4.91 -41.91
N THR Q 168 38.93 -4.38 -41.39
CA THR Q 168 40.10 -4.25 -42.23
C THR Q 168 41.23 -5.12 -41.74
N ASN Q 169 41.68 -4.88 -40.52
CA ASN Q 169 42.93 -5.45 -40.04
C ASN Q 169 42.69 -6.14 -38.71
N PRO Q 170 42.29 -7.41 -38.72
CA PRO Q 170 42.09 -8.14 -37.47
C PRO Q 170 43.37 -8.67 -36.86
N GLU Q 171 44.52 -8.43 -37.51
CA GLU Q 171 45.78 -8.96 -37.00
C GLU Q 171 46.23 -8.21 -35.75
N LEU Q 172 45.83 -6.94 -35.64
CA LEU Q 172 46.08 -6.19 -34.40
C LEU Q 172 45.32 -6.81 -33.26
N PHE Q 173 44.16 -7.37 -33.53
CA PHE Q 173 43.35 -7.95 -32.49
C PHE Q 173 43.83 -9.36 -32.18
N GLN Q 174 44.61 -9.95 -33.08
CA GLN Q 174 45.31 -11.18 -32.78
C GLN Q 174 46.47 -10.92 -31.85
N ARG Q 175 47.20 -9.83 -32.09
CA ARG Q 175 48.42 -9.51 -31.37
C ARG Q 175 48.09 -9.13 -29.94
N VAL Q 176 46.89 -8.59 -29.75
CA VAL Q 176 46.32 -8.43 -28.42
C VAL Q 176 45.64 -9.71 -27.95
N GLY Q 177 44.94 -10.38 -28.84
CA GLY Q 177 44.17 -11.56 -28.50
C GLY Q 177 42.69 -11.28 -28.33
N ILE Q 178 42.35 -10.06 -27.92
CA ILE Q 178 41.00 -9.77 -27.45
C ILE Q 178 40.05 -9.61 -28.64
N ILE Q 179 38.88 -10.23 -28.51
CA ILE Q 179 37.83 -10.17 -29.54
C ILE Q 179 37.30 -8.74 -29.66
N PRO Q 180 37.00 -8.25 -30.86
CA PRO Q 180 36.45 -6.91 -30.97
C PRO Q 180 34.98 -6.90 -30.63
N PRO Q 181 34.45 -5.78 -30.17
CA PRO Q 181 33.04 -5.69 -29.81
C PRO Q 181 32.18 -5.32 -31.01
N LYS Q 182 30.87 -5.50 -30.84
CA LYS Q 182 29.90 -5.28 -31.91
C LYS Q 182 29.76 -3.84 -32.36
N GLY Q 183 29.22 -2.96 -31.51
CA GLY Q 183 28.82 -1.67 -32.02
C GLY Q 183 28.69 -0.54 -31.04
N CYS Q 184 28.18 0.59 -31.53
CA CYS Q 184 28.10 1.82 -30.76
C CYS Q 184 26.69 2.34 -30.81
N LEU Q 185 26.44 3.32 -29.94
CA LEU Q 185 25.16 4.01 -29.88
C LEU Q 185 25.40 5.50 -30.09
N LEU Q 186 24.69 6.07 -31.04
CA LEU Q 186 24.77 7.50 -31.31
C LEU Q 186 23.57 8.19 -30.68
N TYR Q 187 23.65 8.45 -29.39
CA TYR Q 187 22.62 9.22 -28.72
C TYR Q 187 23.06 10.68 -28.68
N GLY Q 188 22.08 11.56 -28.76
CA GLY Q 188 22.35 12.97 -28.73
C GLY Q 188 21.09 13.79 -28.95
N PRO Q 189 21.05 14.99 -28.36
CA PRO Q 189 19.98 15.94 -28.66
C PRO Q 189 20.03 16.35 -30.12
N PRO Q 190 18.86 16.61 -30.73
CA PRO Q 190 18.72 16.47 -32.18
C PRO Q 190 19.45 17.56 -32.97
N GLY Q 191 19.57 17.31 -34.26
CA GLY Q 191 20.21 18.24 -35.17
C GLY Q 191 21.73 18.32 -35.02
N THR Q 192 22.33 17.46 -34.21
CA THR Q 192 23.74 17.59 -33.95
C THR Q 192 24.54 17.05 -35.12
N GLY Q 193 23.90 16.20 -35.92
CA GLY Q 193 24.52 15.64 -37.09
C GLY Q 193 24.71 14.15 -36.98
N LYS Q 194 23.78 13.48 -36.31
CA LYS Q 194 23.95 12.07 -36.06
C LYS Q 194 23.59 11.20 -37.25
N THR Q 195 22.65 11.63 -38.10
CA THR Q 195 22.43 10.91 -39.33
C THR Q 195 23.46 11.21 -40.39
N LEU Q 196 24.22 12.29 -40.24
CA LEU Q 196 25.27 12.63 -41.19
C LEU Q 196 26.45 11.66 -41.12
N LEU Q 197 26.70 11.07 -39.96
CA LEU Q 197 27.76 10.07 -39.85
C LEU Q 197 27.43 8.81 -40.63
N ALA Q 198 26.16 8.42 -40.68
CA ALA Q 198 25.78 7.21 -41.38
C ALA Q 198 25.96 7.35 -42.87
N ARG Q 199 25.91 8.59 -43.36
CA ARG Q 199 26.33 8.89 -44.71
C ARG Q 199 27.81 8.58 -44.89
N ALA Q 200 28.63 8.98 -43.92
CA ALA Q 200 30.07 8.97 -44.07
C ALA Q 200 30.64 7.57 -44.07
N VAL Q 201 30.13 6.72 -43.17
CA VAL Q 201 30.63 5.36 -43.10
C VAL Q 201 30.10 4.50 -44.23
N ALA Q 202 28.98 4.91 -44.84
CA ALA Q 202 28.44 4.17 -45.95
C ALA Q 202 28.90 4.72 -47.29
N SER Q 203 29.73 5.76 -47.28
CA SER Q 203 30.38 6.21 -48.50
C SER Q 203 31.75 5.58 -48.69
N GLN Q 204 32.59 5.63 -47.66
CA GLN Q 204 33.92 5.03 -47.71
C GLN Q 204 33.90 3.70 -46.97
N LEU Q 205 34.59 2.71 -47.54
CA LEU Q 205 34.74 1.36 -47.02
C LEU Q 205 33.39 0.69 -46.80
N ASP Q 206 32.50 0.89 -47.75
CA ASP Q 206 31.17 0.31 -47.72
C ASP Q 206 31.16 -1.01 -48.48
N CYS Q 207 30.52 -1.99 -47.87
CA CYS Q 207 30.26 -3.26 -48.53
C CYS Q 207 28.76 -3.52 -48.63
N ASN Q 208 28.08 -3.46 -47.49
CA ASN Q 208 26.68 -3.83 -47.38
C ASN Q 208 26.10 -3.02 -46.22
N PHE Q 209 25.35 -1.98 -46.54
CA PHE Q 209 24.86 -1.04 -45.54
C PHE Q 209 23.34 -1.05 -45.58
N LEU Q 210 22.73 -1.56 -44.52
CA LEU Q 210 21.28 -1.57 -44.41
C LEU Q 210 20.83 -0.37 -43.59
N LYS Q 211 19.73 0.24 -44.01
CA LYS Q 211 19.17 1.37 -43.29
C LYS Q 211 17.76 1.01 -42.85
N VAL Q 212 17.57 0.89 -41.55
CA VAL Q 212 16.29 0.52 -40.97
C VAL Q 212 15.69 1.75 -40.33
N VAL Q 213 14.42 2.02 -40.64
CA VAL Q 213 13.81 3.21 -40.07
C VAL Q 213 13.25 2.92 -38.67
N SER Q 214 13.06 1.64 -38.32
CA SER Q 214 12.60 1.18 -37.01
C SER Q 214 11.23 1.71 -36.63
N SER Q 215 10.44 2.11 -37.63
CA SER Q 215 9.06 2.51 -37.37
C SER Q 215 8.14 1.81 -38.33
N SER Q 216 8.65 1.48 -39.52
CA SER Q 216 7.86 0.81 -40.53
C SER Q 216 7.88 -0.70 -40.39
N ILE Q 217 8.52 -1.22 -39.35
CA ILE Q 217 8.70 -2.65 -39.23
C ILE Q 217 7.59 -3.24 -38.40
N VAL Q 218 6.61 -2.43 -38.03
CA VAL Q 218 5.42 -2.94 -37.35
C VAL Q 218 4.33 -3.14 -38.38
N ASP Q 219 3.44 -4.08 -38.09
CA ASP Q 219 2.37 -4.49 -39.00
C ASP Q 219 1.12 -4.76 -38.20
N LYS Q 220 0.02 -5.02 -38.90
CA LYS Q 220 -1.23 -5.30 -38.20
C LYS Q 220 -1.30 -6.76 -37.79
N TYR Q 221 -0.56 -7.63 -38.46
CA TYR Q 221 -0.58 -9.04 -38.12
C TYR Q 221 0.42 -9.32 -37.01
N ILE Q 222 0.07 -10.28 -36.15
CA ILE Q 222 0.75 -10.40 -34.86
C ILE Q 222 2.17 -10.94 -34.97
N GLY Q 223 2.41 -12.04 -35.66
CA GLY Q 223 3.79 -12.35 -35.95
C GLY Q 223 4.12 -12.01 -37.38
N GLU Q 224 4.61 -10.80 -37.61
CA GLU Q 224 5.16 -10.46 -38.90
C GLU Q 224 6.39 -9.60 -38.69
N SER Q 225 6.41 -8.87 -37.58
CA SER Q 225 7.51 -7.97 -37.30
C SER Q 225 8.76 -8.75 -36.92
N ALA Q 226 8.56 -9.83 -36.17
CA ALA Q 226 9.66 -10.72 -35.85
C ALA Q 226 10.17 -11.44 -37.09
N ARG Q 227 9.29 -11.72 -38.03
CA ARG Q 227 9.70 -12.35 -39.28
C ARG Q 227 10.54 -11.39 -40.10
N LEU Q 228 10.27 -10.10 -40.00
CA LEU Q 228 11.08 -9.12 -40.71
C LEU Q 228 12.49 -9.06 -40.15
N ILE Q 229 12.63 -9.22 -38.84
CA ILE Q 229 13.93 -9.03 -38.20
C ILE Q 229 14.88 -10.14 -38.58
N ARG Q 230 14.40 -11.39 -38.48
CA ARG Q 230 15.22 -12.53 -38.87
C ARG Q 230 15.52 -12.49 -40.36
N GLU Q 231 14.58 -12.00 -41.16
CA GLU Q 231 14.84 -11.81 -42.59
C GLU Q 231 15.91 -10.75 -42.81
N MET Q 232 15.97 -9.74 -41.94
CA MET Q 232 17.04 -8.76 -42.05
C MET Q 232 18.37 -9.37 -41.67
N PHE Q 233 18.41 -10.29 -40.71
CA PHE Q 233 19.70 -10.77 -40.26
C PHE Q 233 20.23 -11.90 -41.14
N ASN Q 234 19.37 -12.54 -41.91
CA ASN Q 234 19.87 -13.59 -42.77
C ASN Q 234 20.51 -13.02 -44.03
N TYR Q 235 20.03 -11.85 -44.46
CA TYR Q 235 20.75 -11.09 -45.47
C TYR Q 235 22.10 -10.64 -44.95
N ALA Q 236 22.17 -10.38 -43.64
CA ALA Q 236 23.42 -10.02 -42.99
C ALA Q 236 24.38 -11.20 -42.87
N ARG Q 237 23.88 -12.43 -42.96
CA ARG Q 237 24.78 -13.57 -42.96
C ARG Q 237 25.03 -14.07 -44.36
N ASP Q 238 24.08 -13.84 -45.26
CA ASP Q 238 24.28 -14.03 -46.70
C ASP Q 238 25.50 -13.25 -47.17
N HIS Q 239 25.52 -11.96 -46.88
CA HIS Q 239 26.59 -11.08 -47.32
C HIS Q 239 27.59 -10.88 -46.20
N GLN Q 240 28.85 -11.01 -46.51
CA GLN Q 240 29.90 -10.75 -45.54
C GLN Q 240 30.24 -9.25 -45.58
N PRO Q 241 31.25 -8.75 -44.80
CA PRO Q 241 30.98 -7.71 -43.80
C PRO Q 241 29.88 -6.71 -44.09
N CYS Q 242 28.98 -6.56 -43.14
CA CYS Q 242 27.78 -5.77 -43.36
C CYS Q 242 27.48 -4.96 -42.12
N ILE Q 243 26.84 -3.82 -42.35
CA ILE Q 243 26.51 -2.87 -41.30
C ILE Q 243 25.01 -2.75 -41.26
N ILE Q 244 24.45 -2.80 -40.06
CA ILE Q 244 23.02 -2.59 -39.90
C ILE Q 244 22.81 -1.32 -39.14
N PHE Q 245 22.30 -0.31 -39.82
CA PHE Q 245 21.96 0.95 -39.19
C PHE Q 245 20.48 0.97 -38.86
N MET Q 246 20.17 0.93 -37.58
CA MET Q 246 18.81 1.15 -37.11
C MET Q 246 18.76 2.51 -36.46
N ASP Q 247 17.97 3.40 -37.02
CA ASP Q 247 17.70 4.67 -36.40
C ASP Q 247 16.71 4.47 -35.26
N GLU Q 248 16.66 5.44 -34.34
CA GLU Q 248 15.61 5.71 -33.35
C GLU Q 248 15.10 4.50 -32.57
N ILE Q 249 15.97 3.94 -31.73
CA ILE Q 249 15.60 2.77 -30.93
C ILE Q 249 14.47 3.09 -29.95
N ASP Q 250 14.25 4.38 -29.64
CA ASP Q 250 13.19 4.85 -28.75
C ASP Q 250 11.78 4.40 -29.17
N ALA Q 251 11.55 4.11 -30.44
CA ALA Q 251 10.23 3.62 -30.82
C ALA Q 251 10.02 2.18 -30.40
N ILE Q 252 10.92 1.30 -30.81
CA ILE Q 252 10.77 -0.13 -30.56
C ILE Q 252 11.46 -0.59 -29.30
N GLY Q 253 12.22 0.27 -28.65
CA GLY Q 253 12.91 -0.14 -27.44
C GLY Q 253 12.00 0.04 -26.24
N GLY Q 254 12.42 0.85 -25.28
CA GLY Q 254 11.57 1.12 -24.13
C GLY Q 254 11.71 0.05 -23.08
N ARG Q 255 11.06 0.30 -21.95
CA ARG Q 255 11.20 -0.50 -20.76
C ARG Q 255 10.06 -1.50 -20.69
N ARG Q 256 10.39 -2.73 -20.28
CA ARG Q 256 9.37 -3.72 -19.96
C ARG Q 256 8.55 -3.23 -18.78
N PHE Q 257 7.27 -3.62 -18.73
CA PHE Q 257 6.44 -3.30 -17.57
C PHE Q 257 5.26 -4.27 -17.51
N SER Q 258 4.30 -3.94 -16.64
CA SER Q 258 3.20 -4.81 -16.27
C SER Q 258 2.09 -4.77 -17.31
N GLU Q 259 0.88 -5.17 -16.90
CA GLU Q 259 -0.29 -5.27 -17.76
C GLU Q 259 -0.53 -4.01 -18.56
N GLY Q 260 -0.37 -4.11 -19.87
CA GLY Q 260 0.01 -2.94 -20.63
C GLY Q 260 -0.67 -2.62 -21.94
N THR Q 261 -1.97 -2.91 -22.11
CA THR Q 261 -2.77 -2.69 -23.32
C THR Q 261 -2.18 -3.39 -24.55
N SER Q 262 -2.67 -4.61 -24.75
CA SER Q 262 -2.16 -5.71 -25.58
C SER Q 262 -1.50 -5.32 -26.90
N ALA Q 263 -1.82 -4.16 -27.47
CA ALA Q 263 -0.97 -3.60 -28.51
C ALA Q 263 0.49 -3.50 -28.08
N ASP Q 264 0.74 -3.05 -26.85
CA ASP Q 264 2.13 -2.91 -26.40
C ASP Q 264 2.82 -4.25 -26.16
N ARG Q 265 2.05 -5.32 -25.92
CA ARG Q 265 2.64 -6.64 -25.75
C ARG Q 265 3.34 -7.12 -27.00
N GLU Q 266 2.84 -6.70 -28.16
CA GLU Q 266 3.48 -7.09 -29.42
C GLU Q 266 4.84 -6.45 -29.57
N ILE Q 267 4.95 -5.18 -29.21
CA ILE Q 267 6.19 -4.45 -29.44
C ILE Q 267 7.26 -4.94 -28.48
N GLN Q 268 6.85 -5.37 -27.29
CA GLN Q 268 7.80 -6.02 -26.40
C GLN Q 268 8.23 -7.37 -26.97
N ARG Q 269 7.32 -8.08 -27.65
CA ARG Q 269 7.71 -9.32 -28.29
C ARG Q 269 8.58 -9.08 -29.50
N THR Q 270 8.33 -7.99 -30.21
CA THR Q 270 9.22 -7.59 -31.29
C THR Q 270 10.59 -7.22 -30.74
N LEU Q 271 10.62 -6.55 -29.59
CA LEU Q 271 11.88 -6.14 -28.98
C LEU Q 271 12.64 -7.34 -28.44
N MET Q 272 11.92 -8.31 -27.86
CA MET Q 272 12.57 -9.50 -27.35
C MET Q 272 13.14 -10.35 -28.46
N GLU Q 273 12.52 -10.29 -29.63
CA GLU Q 273 13.08 -10.95 -30.79
C GLU Q 273 14.39 -10.30 -31.20
N LEU Q 274 14.44 -8.96 -31.12
CA LEU Q 274 15.64 -8.25 -31.55
C LEU Q 274 16.79 -8.48 -30.59
N LEU Q 275 16.50 -8.53 -29.29
CA LEU Q 275 17.52 -8.82 -28.28
C LEU Q 275 18.11 -10.20 -28.45
N ASN Q 276 17.30 -11.16 -28.88
CA ASN Q 276 17.83 -12.50 -29.01
C ASN Q 276 18.65 -12.66 -30.28
N GLN Q 277 18.14 -12.16 -31.40
CA GLN Q 277 18.73 -12.47 -32.70
C GLN Q 277 20.08 -11.81 -32.90
N MET Q 278 20.27 -10.58 -32.46
CA MET Q 278 21.56 -9.93 -32.66
C MET Q 278 22.58 -10.36 -31.64
N ASP Q 279 22.15 -10.84 -30.48
CA ASP Q 279 23.12 -11.34 -29.50
C ASP Q 279 22.44 -12.37 -28.64
N GLY Q 280 22.60 -13.64 -29.00
CA GLY Q 280 21.93 -14.71 -28.30
C GLY Q 280 22.73 -15.98 -28.39
N PHE Q 281 22.05 -17.06 -28.74
CA PHE Q 281 22.71 -18.35 -28.83
C PHE Q 281 23.69 -18.46 -30.00
N ASP Q 282 23.48 -17.71 -31.06
CA ASP Q 282 24.31 -17.87 -32.24
C ASP Q 282 25.40 -16.79 -32.25
N THR Q 283 26.38 -16.93 -33.14
CA THR Q 283 27.56 -16.08 -33.11
C THR Q 283 27.49 -15.13 -34.29
N LEU Q 284 27.30 -13.85 -33.99
CA LEU Q 284 27.14 -12.85 -35.02
C LEU Q 284 28.53 -12.42 -35.46
N HIS Q 285 28.91 -12.78 -36.67
CA HIS Q 285 30.29 -12.62 -37.12
C HIS Q 285 30.39 -11.73 -38.35
N ARG Q 286 31.41 -10.87 -38.34
CA ARG Q 286 31.66 -9.82 -39.34
C ARG Q 286 30.47 -8.87 -39.47
N VAL Q 287 29.68 -8.70 -38.42
CA VAL Q 287 28.50 -7.86 -38.46
C VAL Q 287 28.64 -6.81 -37.37
N LYS Q 288 28.44 -5.55 -37.74
CA LYS Q 288 28.50 -4.44 -36.79
C LYS Q 288 27.18 -3.69 -36.85
N MET Q 289 26.78 -3.10 -35.73
CA MET Q 289 25.48 -2.47 -35.63
C MET Q 289 25.62 -1.04 -35.14
N ILE Q 290 25.00 -0.11 -35.85
CA ILE Q 290 25.03 1.29 -35.49
C ILE Q 290 23.60 1.68 -35.12
N MET Q 291 23.39 1.94 -33.85
CA MET Q 291 22.10 2.40 -33.39
C MET Q 291 22.22 3.90 -33.12
N ALA Q 292 21.14 4.64 -33.36
CA ALA Q 292 21.18 6.08 -33.19
C ALA Q 292 19.79 6.56 -32.80
N THR Q 293 19.72 7.39 -31.76
CA THR Q 293 18.47 7.91 -31.26
C THR Q 293 18.70 9.26 -30.60
N ASN Q 294 17.70 9.69 -29.85
CA ASN Q 294 17.77 10.91 -29.06
C ASN Q 294 17.28 10.73 -27.63
N ARG Q 295 16.61 9.63 -27.31
CA ARG Q 295 16.04 9.42 -25.98
C ARG Q 295 16.63 8.12 -25.41
N PRO Q 296 17.82 8.16 -24.87
CA PRO Q 296 18.40 6.94 -24.30
C PRO Q 296 18.04 6.83 -22.83
N ASP Q 297 17.10 7.64 -22.37
CA ASP Q 297 16.74 7.72 -20.96
C ASP Q 297 16.08 6.42 -20.52
N THR Q 298 14.94 6.11 -21.14
CA THR Q 298 14.19 4.91 -20.81
C THR Q 298 14.20 3.98 -22.02
N LEU Q 299 14.92 2.87 -21.86
CA LEU Q 299 14.95 1.78 -22.81
C LEU Q 299 14.85 0.49 -22.01
N ASP Q 300 15.16 -0.62 -22.66
CA ASP Q 300 15.42 -1.83 -21.91
C ASP Q 300 16.88 -1.78 -21.47
N PRO Q 301 17.18 -1.93 -20.18
CA PRO Q 301 18.59 -2.03 -19.77
C PRO Q 301 19.28 -3.26 -20.29
N ALA Q 302 18.52 -4.32 -20.61
CA ALA Q 302 19.07 -5.47 -21.31
C ALA Q 302 19.48 -5.13 -22.73
N LEU Q 303 18.98 -4.03 -23.28
CA LEU Q 303 19.42 -3.57 -24.58
C LEU Q 303 20.65 -2.69 -24.48
N LEU Q 304 20.77 -1.91 -23.42
CA LEU Q 304 21.92 -1.04 -23.25
C LEU Q 304 23.05 -1.71 -22.51
N ARG Q 305 22.91 -2.98 -22.17
CA ARG Q 305 23.99 -3.60 -21.40
C ARG Q 305 25.14 -3.95 -22.34
N PRO Q 306 26.39 -3.84 -21.87
CA PRO Q 306 27.53 -4.01 -22.77
C PRO Q 306 27.66 -5.45 -23.23
N GLY Q 307 28.35 -5.63 -24.36
CA GLY Q 307 28.48 -6.94 -24.94
C GLY Q 307 27.76 -6.95 -26.26
N ARG Q 308 26.63 -6.24 -26.30
CA ARG Q 308 25.90 -6.04 -27.55
C ARG Q 308 26.03 -4.61 -28.03
N LEU Q 309 26.02 -3.65 -27.11
CA LEU Q 309 26.28 -2.24 -27.38
C LEU Q 309 27.39 -1.85 -26.41
N ASP Q 310 28.63 -1.97 -26.87
CA ASP Q 310 29.76 -1.82 -25.99
C ASP Q 310 29.98 -0.36 -25.60
N ARG Q 311 30.25 0.49 -26.57
CA ARG Q 311 30.61 1.87 -26.27
C ARG Q 311 29.57 2.82 -26.82
N LYS Q 312 28.74 3.34 -25.94
CA LYS Q 312 27.82 4.42 -26.27
C LYS Q 312 28.62 5.71 -26.32
N ILE Q 313 28.14 6.68 -27.10
CA ILE Q 313 28.89 7.92 -27.24
C ILE Q 313 27.92 9.10 -27.34
N HIS Q 314 28.21 10.14 -26.55
CA HIS Q 314 27.40 11.36 -26.54
C HIS Q 314 27.97 12.32 -27.56
N ILE Q 315 27.10 13.13 -28.15
CA ILE Q 315 27.49 14.05 -29.21
C ILE Q 315 26.90 15.42 -28.88
N ASP Q 316 27.77 16.36 -28.52
CA ASP Q 316 27.34 17.63 -27.96
C ASP Q 316 27.19 18.67 -29.06
N LEU Q 317 26.31 19.64 -28.83
CA LEU Q 317 26.09 20.79 -29.70
C LEU Q 317 27.15 21.90 -29.62
N PRO Q 318 27.45 22.51 -28.46
CA PRO Q 318 28.20 23.77 -28.51
C PRO Q 318 29.71 23.57 -28.39
N ASN Q 319 30.46 24.28 -29.22
CA ASN Q 319 31.89 24.26 -28.99
C ASN Q 319 32.46 25.65 -29.20
N GLU Q 320 31.72 26.46 -29.95
CA GLU Q 320 31.98 27.83 -30.41
C GLU Q 320 33.10 27.88 -31.46
N GLN Q 321 33.84 26.79 -31.61
CA GLN Q 321 34.77 26.68 -32.71
C GLN Q 321 34.26 25.69 -33.73
N ALA Q 322 33.48 24.70 -33.28
CA ALA Q 322 32.78 23.83 -34.22
C ALA Q 322 31.83 24.63 -35.07
N ARG Q 323 31.09 25.55 -34.45
CA ARG Q 323 30.17 26.40 -35.22
C ARG Q 323 30.95 27.33 -36.15
N LEU Q 324 32.21 27.63 -35.80
CA LEU Q 324 33.08 28.29 -36.75
C LEU Q 324 33.48 27.33 -37.88
N ASP Q 325 33.74 26.08 -37.54
CA ASP Q 325 34.21 25.12 -38.53
C ASP Q 325 33.07 24.64 -39.41
N ILE Q 326 31.89 24.45 -38.83
CA ILE Q 326 30.69 24.11 -39.60
C ILE Q 326 30.36 25.21 -40.60
N LEU Q 327 30.56 26.46 -40.18
CA LEU Q 327 30.30 27.59 -41.06
C LEU Q 327 31.27 27.62 -42.23
N LYS Q 328 32.52 27.29 -41.98
CA LYS Q 328 33.50 27.28 -43.06
C LYS Q 328 33.25 26.14 -44.04
N ILE Q 329 32.68 25.03 -43.55
CA ILE Q 329 32.39 23.92 -44.44
C ILE Q 329 31.23 24.24 -45.36
N HIS Q 330 30.11 24.68 -44.79
CA HIS Q 330 28.92 24.93 -45.61
C HIS Q 330 29.10 26.16 -46.49
N ALA Q 331 29.86 27.14 -46.02
CA ALA Q 331 30.17 28.28 -46.87
C ALA Q 331 31.52 28.11 -47.54
N GLY Q 332 31.80 26.91 -48.01
CA GLY Q 332 33.01 26.66 -48.76
C GLY Q 332 32.92 27.11 -50.20
N PRO Q 333 32.07 26.46 -51.01
CA PRO Q 333 32.00 26.81 -52.43
C PRO Q 333 30.93 27.84 -52.74
N ILE Q 334 31.05 29.05 -52.22
CA ILE Q 334 30.10 30.12 -52.48
C ILE Q 334 30.87 31.33 -52.97
N THR Q 335 30.37 31.94 -54.05
CA THR Q 335 31.01 33.12 -54.62
C THR Q 335 30.85 34.31 -53.69
N LYS Q 336 31.98 34.95 -53.37
CA LYS Q 336 32.01 36.07 -52.44
C LYS Q 336 33.25 36.91 -52.75
N HIS Q 337 33.58 37.80 -51.82
CA HIS Q 337 34.79 38.61 -51.95
C HIS Q 337 35.75 38.48 -50.78
N GLY Q 338 35.47 37.59 -49.83
CA GLY Q 338 36.33 37.41 -48.68
C GLY Q 338 36.10 38.38 -47.56
N GLU Q 339 35.21 39.35 -47.73
CA GLU Q 339 34.87 40.29 -46.66
C GLU Q 339 33.77 39.64 -45.80
N ILE Q 340 34.21 38.65 -45.02
CA ILE Q 340 33.33 37.85 -44.19
C ILE Q 340 33.85 37.89 -42.76
N ASP Q 341 33.16 38.61 -41.89
CA ASP Q 341 33.49 38.60 -40.47
C ASP Q 341 32.85 37.34 -39.90
N TYR Q 342 33.59 36.23 -39.95
CA TYR Q 342 33.10 34.97 -39.42
C TYR Q 342 32.90 35.03 -37.91
N GLU Q 343 33.73 35.81 -37.23
CA GLU Q 343 33.70 35.84 -35.77
C GLU Q 343 32.43 36.49 -35.25
N ALA Q 344 32.01 37.59 -35.89
CA ALA Q 344 30.74 38.22 -35.52
C ALA Q 344 29.56 37.34 -35.90
N ILE Q 345 29.68 36.56 -36.97
CA ILE Q 345 28.65 35.59 -37.29
C ILE Q 345 28.61 34.50 -36.22
N VAL Q 346 29.78 34.02 -35.80
CA VAL Q 346 29.86 33.02 -34.74
C VAL Q 346 29.33 33.57 -33.43
N LYS Q 347 29.69 34.81 -33.10
CA LYS Q 347 29.30 35.41 -31.82
C LYS Q 347 27.80 35.65 -31.75
N LEU Q 348 27.20 36.16 -32.82
CA LEU Q 348 25.80 36.52 -32.80
C LEU Q 348 24.85 35.36 -33.06
N SER Q 349 25.34 34.12 -33.12
CA SER Q 349 24.52 33.01 -33.57
C SER Q 349 24.24 32.02 -32.44
N ASP Q 350 23.02 31.53 -32.46
CA ASP Q 350 22.53 30.54 -31.53
C ASP Q 350 22.08 29.36 -32.39
N GLY Q 351 22.87 29.08 -33.43
CA GLY Q 351 22.53 28.12 -34.46
C GLY Q 351 22.40 26.72 -33.92
N PHE Q 352 23.43 26.26 -33.19
CA PHE Q 352 23.42 25.04 -32.38
C PHE Q 352 23.20 23.78 -33.20
N ASN Q 353 23.44 23.87 -34.50
CA ASN Q 353 22.94 22.87 -35.42
C ASN Q 353 23.65 23.12 -36.73
N GLY Q 354 24.31 22.07 -37.24
CA GLY Q 354 24.96 22.19 -38.53
C GLY Q 354 23.97 22.32 -39.66
N ALA Q 355 22.76 21.78 -39.48
CA ALA Q 355 21.69 22.05 -40.41
C ALA Q 355 21.26 23.51 -40.34
N ASP Q 356 21.39 24.13 -39.17
CA ASP Q 356 21.01 25.53 -39.05
C ASP Q 356 22.05 26.42 -39.71
N LEU Q 357 23.33 26.08 -39.56
CA LEU Q 357 24.35 26.83 -40.26
C LEU Q 357 24.37 26.47 -41.73
N ARG Q 358 23.78 25.34 -42.10
CA ARG Q 358 23.44 25.13 -43.50
C ARG Q 358 22.32 26.06 -43.93
N ASN Q 359 21.34 26.25 -43.04
CA ASN Q 359 20.22 27.14 -43.36
C ASN Q 359 20.67 28.59 -43.43
N VAL Q 360 21.63 28.99 -42.59
CA VAL Q 360 22.16 30.35 -42.64
C VAL Q 360 22.91 30.59 -43.96
N CYS Q 361 23.64 29.58 -44.42
CA CYS Q 361 24.30 29.68 -45.71
C CYS Q 361 23.28 29.70 -46.86
N THR Q 362 22.10 29.14 -46.63
CA THR Q 362 21.07 29.19 -47.65
C THR Q 362 20.42 30.57 -47.70
N GLU Q 363 20.14 31.15 -46.53
CA GLU Q 363 19.40 32.41 -46.46
C GLU Q 363 20.20 33.59 -47.03
N ALA Q 364 21.49 33.65 -46.68
CA ALA Q 364 22.33 34.73 -47.20
C ALA Q 364 22.55 34.58 -48.70
N GLY Q 365 22.45 33.35 -49.21
CA GLY Q 365 22.41 33.16 -50.65
C GLY Q 365 21.13 33.68 -51.26
N MET Q 366 20.03 33.63 -50.50
CA MET Q 366 18.75 34.09 -51.04
C MET Q 366 18.70 35.61 -51.11
N PHE Q 367 19.26 36.29 -50.11
CA PHE Q 367 19.30 37.75 -50.15
C PHE Q 367 20.28 38.25 -51.21
N ALA Q 368 21.33 37.47 -51.49
CA ALA Q 368 22.34 37.91 -52.44
C ALA Q 368 21.84 37.86 -53.87
N ILE Q 369 20.97 36.88 -54.17
CA ILE Q 369 20.38 36.78 -55.50
C ILE Q 369 19.36 37.89 -55.72
N ARG Q 370 18.73 38.34 -54.64
CA ARG Q 370 18.03 39.61 -54.65
C ARG Q 370 19.01 40.75 -54.94
N ALA Q 371 18.52 41.76 -55.67
CA ALA Q 371 19.27 42.93 -56.16
C ALA Q 371 20.41 42.55 -57.10
N ASP Q 372 20.33 41.36 -57.72
CA ASP Q 372 21.22 40.92 -58.80
C ASP Q 372 22.71 40.94 -58.45
N HIS Q 373 23.13 40.11 -57.50
CA HIS Q 373 24.54 40.03 -57.14
C HIS Q 373 24.98 38.58 -57.24
N ASP Q 374 26.03 38.34 -58.02
CA ASP Q 374 26.65 37.01 -58.06
C ASP Q 374 27.40 36.69 -56.77
N PHE Q 375 27.90 37.69 -56.08
CA PHE Q 375 28.64 37.53 -54.84
C PHE Q 375 27.70 37.62 -53.66
N VAL Q 376 28.20 37.22 -52.50
CA VAL Q 376 27.44 37.27 -51.26
C VAL Q 376 28.14 38.22 -50.31
N VAL Q 377 27.38 39.12 -49.70
CA VAL Q 377 27.93 40.15 -48.85
C VAL Q 377 27.74 39.72 -47.41
N GLN Q 378 28.45 40.38 -46.50
CA GLN Q 378 28.39 40.02 -45.09
C GLN Q 378 27.06 40.42 -44.46
N GLU Q 379 26.39 41.43 -45.03
CA GLU Q 379 25.09 41.85 -44.50
C GLU Q 379 23.99 40.82 -44.78
N ASP Q 380 24.13 40.06 -45.87
CA ASP Q 380 23.21 38.96 -46.14
C ASP Q 380 23.25 37.93 -45.03
N PHE Q 381 24.45 37.66 -44.50
CA PHE Q 381 24.59 36.77 -43.37
C PHE Q 381 23.95 37.36 -42.11
N MET Q 382 24.08 38.67 -41.94
CA MET Q 382 23.46 39.30 -40.78
C MET Q 382 21.94 39.29 -40.86
N LYS Q 383 21.40 39.33 -42.08
CA LYS Q 383 19.98 39.08 -42.24
C LYS Q 383 19.66 37.60 -42.12
N ALA Q 384 20.63 36.74 -42.45
CA ALA Q 384 20.41 35.30 -42.36
C ALA Q 384 20.28 34.84 -40.92
N VAL Q 385 21.06 35.45 -40.02
CA VAL Q 385 21.00 35.04 -38.62
C VAL Q 385 19.73 35.54 -37.97
N ARG Q 386 19.33 36.77 -38.26
CA ARG Q 386 18.18 37.36 -37.58
C ARG Q 386 16.88 36.69 -38.01
N LYS Q 387 16.82 36.19 -39.24
CA LYS Q 387 15.68 35.36 -39.61
C LYS Q 387 15.72 34.03 -38.87
N VAL Q 388 16.92 33.48 -38.69
CA VAL Q 388 17.06 32.25 -37.90
C VAL Q 388 16.77 32.51 -36.43
N ALA Q 389 17.27 33.63 -35.91
CA ALA Q 389 17.08 33.95 -34.49
C ALA Q 389 15.61 34.22 -34.17
N ASP Q 390 14.88 34.82 -35.12
CA ASP Q 390 13.47 35.05 -34.89
C ASP Q 390 12.67 33.76 -35.00
N SER Q 391 13.04 32.89 -35.95
CA SER Q 391 12.26 31.69 -36.23
C SER Q 391 12.30 30.69 -35.09
N LYS Q 392 13.40 30.68 -34.35
CA LYS Q 392 13.55 29.81 -33.20
C LYS Q 392 12.88 30.36 -31.95
N LYS Q 393 12.99 31.66 -31.71
CA LYS Q 393 12.50 32.26 -30.47
C LYS Q 393 10.99 32.46 -30.45
N LEU Q 394 10.27 32.08 -31.50
CA LEU Q 394 8.81 32.15 -31.49
C LEU Q 394 8.21 30.82 -31.05
N GLU Q 395 8.92 30.11 -30.21
CA GLU Q 395 8.61 28.76 -29.77
C GLU Q 395 8.69 28.73 -28.24
N SER Q 396 8.04 27.75 -27.63
CA SER Q 396 8.17 27.53 -26.19
C SER Q 396 8.29 26.03 -25.92
N LYS Q 397 8.65 25.72 -24.66
CA LYS Q 397 8.96 24.40 -24.10
C LYS Q 397 9.78 23.51 -25.07
N LEU Q 398 10.85 24.10 -25.59
CA LEU Q 398 11.74 23.38 -26.50
C LEU Q 398 12.83 22.66 -25.70
N ASP Q 399 12.40 21.56 -25.07
CA ASP Q 399 13.25 20.82 -24.15
C ASP Q 399 14.28 19.97 -24.87
N TYR Q 400 15.44 19.80 -24.24
CA TYR Q 400 16.54 19.06 -24.82
C TYR Q 400 17.17 18.15 -23.77
N LYS Q 401 16.33 17.38 -23.07
CA LYS Q 401 16.77 16.57 -21.92
C LYS Q 401 16.98 15.10 -22.30
N PRO Q 402 18.24 14.65 -22.46
CA PRO Q 402 18.49 13.21 -22.61
C PRO Q 402 18.69 12.57 -21.24
N VAL Q 403 19.21 11.35 -21.25
CA VAL Q 403 19.83 10.71 -20.07
C VAL Q 403 20.77 11.64 -19.33
N GLU R 25 47.82 19.44 -101.76
CA GLU R 25 47.62 19.61 -103.19
C GLU R 25 48.96 19.74 -103.91
N GLN R 26 50.03 20.02 -103.15
CA GLN R 26 51.34 20.21 -103.75
C GLN R 26 51.96 18.89 -104.19
N ASP R 27 51.66 17.80 -103.49
CA ASP R 27 52.27 16.50 -103.83
C ASP R 27 51.69 15.94 -105.12
N GLY R 28 50.44 16.28 -105.44
CA GLY R 28 49.85 15.84 -106.70
C GLY R 28 50.33 16.60 -107.91
N ILE R 29 50.83 17.82 -107.71
CA ILE R 29 51.35 18.62 -108.81
C ILE R 29 52.82 18.30 -109.01
N GLY R 30 53.55 18.12 -107.91
CA GLY R 30 54.98 17.86 -107.98
C GLY R 30 55.34 16.53 -108.62
N GLU R 31 54.40 15.57 -108.59
CA GLU R 31 54.53 14.32 -109.32
C GLU R 31 54.11 14.44 -110.78
N GLU R 32 53.70 15.63 -111.22
CA GLU R 32 53.43 15.92 -112.62
C GLU R 32 54.52 16.76 -113.25
N VAL R 33 55.44 17.29 -112.45
CA VAL R 33 56.46 18.22 -112.91
C VAL R 33 57.79 17.52 -113.14
N LEU R 34 58.26 16.75 -112.15
CA LEU R 34 59.59 16.14 -112.22
C LEU R 34 59.63 15.04 -113.28
N LYS R 35 58.82 13.99 -113.08
CA LYS R 35 58.71 12.92 -114.04
C LYS R 35 57.55 13.19 -114.99
N MET R 36 57.63 12.63 -116.19
CA MET R 36 56.56 12.76 -117.17
C MET R 36 56.05 11.42 -117.70
N SER R 37 56.89 10.39 -117.70
CA SER R 37 56.55 9.12 -118.35
C SER R 37 57.02 7.97 -117.47
N THR R 38 56.96 8.17 -116.16
CA THR R 38 57.30 7.10 -115.23
C THR R 38 56.09 6.73 -114.40
N GLU R 39 55.46 7.73 -113.75
CA GLU R 39 54.32 7.47 -112.88
C GLU R 39 53.24 8.55 -113.04
N GLU R 40 53.06 9.09 -114.25
CA GLU R 40 51.91 9.95 -114.50
C GLU R 40 50.70 9.13 -114.91
N ILE R 41 50.84 8.36 -115.99
CA ILE R 41 49.73 7.55 -116.49
C ILE R 41 49.90 6.12 -116.01
N ILE R 42 50.69 5.93 -114.95
CA ILE R 42 50.91 4.62 -114.37
C ILE R 42 50.39 4.62 -112.94
N GLN R 43 50.92 5.53 -112.10
CA GLN R 43 50.49 5.62 -110.71
C GLN R 43 49.05 6.08 -110.60
N ARG R 44 48.60 6.96 -111.49
CA ARG R 44 47.23 7.43 -111.51
C ARG R 44 46.31 6.52 -112.32
N THR R 45 46.75 5.29 -112.60
CA THR R 45 45.90 4.28 -113.21
C THR R 45 45.84 2.99 -112.40
N ARG R 46 46.97 2.55 -111.83
CA ARG R 46 47.02 1.18 -111.29
C ARG R 46 46.32 1.08 -109.93
N LEU R 47 46.40 2.14 -109.12
CA LEU R 47 45.72 2.10 -107.84
C LEU R 47 44.27 2.57 -107.93
N LEU R 48 43.91 3.25 -109.03
CA LEU R 48 42.53 3.64 -109.24
C LEU R 48 41.76 2.54 -109.97
N ASP R 49 42.45 1.72 -110.75
CA ASP R 49 41.84 0.51 -111.31
C ASP R 49 41.56 -0.50 -110.21
N SER R 50 42.50 -0.66 -109.28
CA SER R 50 42.34 -1.62 -108.20
C SER R 50 41.27 -1.19 -107.21
N GLU R 51 41.05 0.12 -107.08
CA GLU R 51 40.08 0.61 -106.13
C GLU R 51 38.65 0.34 -106.59
N ILE R 52 38.35 0.69 -107.84
CA ILE R 52 36.97 0.62 -108.33
C ILE R 52 36.52 -0.83 -108.53
N LYS R 53 37.46 -1.74 -108.83
CA LYS R 53 37.08 -3.14 -108.99
C LYS R 53 36.78 -3.79 -107.65
N ILE R 54 37.39 -3.29 -106.58
CA ILE R 54 36.96 -3.68 -105.24
C ILE R 54 35.61 -3.06 -104.90
N MET R 55 35.43 -1.78 -105.28
CA MET R 55 34.19 -1.08 -104.96
C MET R 55 33.02 -1.63 -105.77
N LYS R 56 33.27 -2.07 -107.00
CA LYS R 56 32.23 -2.76 -107.77
C LYS R 56 31.91 -4.12 -107.17
N SER R 57 32.92 -4.82 -106.64
CA SER R 57 32.71 -6.14 -106.09
C SER R 57 32.00 -6.11 -104.75
N GLU R 58 32.07 -4.99 -104.02
CA GLU R 58 31.48 -4.89 -102.70
C GLU R 58 30.16 -4.13 -102.67
N VAL R 59 29.81 -3.42 -103.75
CA VAL R 59 28.58 -2.62 -103.71
C VAL R 59 27.35 -3.49 -103.92
N LEU R 60 27.51 -4.64 -104.57
CA LEU R 60 26.43 -5.62 -104.66
C LEU R 60 26.53 -6.65 -103.55
N ARG R 61 27.74 -6.86 -103.03
CA ARG R 61 27.97 -7.87 -101.99
C ARG R 61 27.39 -7.43 -100.66
N VAL R 62 27.69 -6.19 -100.24
CA VAL R 62 27.15 -5.68 -98.99
C VAL R 62 25.65 -5.45 -99.12
N THR R 63 25.19 -5.10 -100.32
CA THR R 63 23.77 -4.87 -100.56
C THR R 63 22.98 -6.18 -100.49
N HIS R 64 23.49 -7.24 -101.14
CA HIS R 64 22.79 -8.52 -101.10
C HIS R 64 22.82 -9.13 -99.71
N GLU R 65 23.91 -8.89 -98.98
CA GLU R 65 23.94 -9.30 -97.58
C GLU R 65 23.02 -8.43 -96.74
N LEU R 66 22.84 -7.17 -97.11
CA LEU R 66 21.91 -6.30 -96.38
C LEU R 66 20.48 -6.77 -96.54
N GLN R 67 20.08 -7.07 -97.78
CA GLN R 67 18.68 -7.38 -98.06
C GLN R 67 18.27 -8.73 -97.48
N ALA R 68 19.19 -9.69 -97.48
CA ALA R 68 18.88 -11.01 -96.93
C ALA R 68 18.74 -10.96 -95.42
N MET R 69 19.53 -10.12 -94.75
CA MET R 69 19.40 -9.99 -93.31
C MET R 69 18.17 -9.17 -92.92
N LYS R 70 17.69 -8.31 -93.81
CA LYS R 70 16.42 -7.63 -93.56
C LYS R 70 15.27 -8.61 -93.61
N ASP R 71 15.41 -9.65 -94.44
CA ASP R 71 14.37 -10.68 -94.52
C ASP R 71 14.38 -11.54 -93.27
N LYS R 72 15.56 -11.91 -92.78
CA LYS R 72 15.66 -12.79 -91.61
C LYS R 72 15.20 -12.08 -90.35
N ILE R 73 15.44 -10.77 -90.26
CA ILE R 73 14.96 -10.05 -89.09
C ILE R 73 13.47 -9.76 -89.24
N LYS R 74 12.94 -9.85 -90.46
CA LYS R 74 11.50 -9.71 -90.65
C LYS R 74 10.78 -11.00 -90.31
N GLU R 75 11.36 -12.13 -90.71
CA GLU R 75 10.74 -13.42 -90.43
C GLU R 75 10.74 -13.72 -88.94
N ASN R 76 11.78 -13.27 -88.23
CA ASN R 76 11.83 -13.46 -86.79
C ASN R 76 10.85 -12.52 -86.09
N SER R 77 10.77 -11.27 -86.54
CA SER R 77 9.82 -10.32 -85.94
C SER R 77 8.39 -10.70 -86.29
N GLU R 78 8.21 -11.42 -87.40
CA GLU R 78 6.94 -12.08 -87.65
C GLU R 78 6.71 -13.22 -86.67
N LYS R 79 7.75 -14.02 -86.41
CA LYS R 79 7.58 -15.23 -85.60
C LYS R 79 7.45 -14.92 -84.13
N ILE R 80 8.07 -13.82 -83.67
CA ILE R 80 7.86 -13.34 -82.31
C ILE R 80 6.43 -12.84 -82.16
N LYS R 81 5.89 -12.23 -83.21
CA LYS R 81 4.55 -11.67 -83.14
C LYS R 81 3.48 -12.75 -83.10
N VAL R 82 3.68 -13.86 -83.81
CA VAL R 82 2.66 -14.91 -83.88
C VAL R 82 2.58 -15.65 -82.54
N ASN R 83 3.75 -15.97 -81.97
CA ASN R 83 3.79 -16.56 -80.64
C ASN R 83 3.38 -15.59 -79.55
N LYS R 84 3.38 -14.29 -79.84
CA LYS R 84 2.91 -13.31 -78.86
C LYS R 84 1.38 -13.38 -78.76
N THR R 85 0.91 -14.09 -77.75
CA THR R 85 -0.51 -14.15 -77.46
C THR R 85 -0.89 -12.89 -76.66
N LEU R 86 -2.17 -12.55 -76.58
CA LEU R 86 -2.56 -11.44 -75.71
C LEU R 86 -2.78 -11.77 -74.23
N PRO R 87 -3.48 -12.89 -73.82
CA PRO R 87 -3.78 -13.04 -72.39
C PRO R 87 -2.57 -13.28 -71.48
N TYR R 88 -2.35 -12.35 -70.56
CA TYR R 88 -1.15 -12.28 -69.73
C TYR R 88 -1.50 -12.53 -68.28
N LEU R 89 -0.48 -12.59 -67.44
CA LEU R 89 -0.67 -12.87 -66.03
C LEU R 89 0.28 -12.00 -65.24
N VAL R 90 -0.22 -11.43 -64.15
CA VAL R 90 0.60 -10.57 -63.32
C VAL R 90 1.29 -11.40 -62.24
N SER R 91 2.40 -10.88 -61.75
CA SER R 91 3.25 -11.62 -60.83
C SER R 91 4.06 -10.61 -60.03
N ASN R 92 5.11 -11.09 -59.37
CA ASN R 92 6.00 -10.25 -58.59
C ASN R 92 7.41 -10.76 -58.71
N VAL R 93 8.31 -9.89 -59.13
CA VAL R 93 9.73 -10.24 -59.23
C VAL R 93 10.32 -10.29 -57.83
N ILE R 94 10.93 -11.41 -57.50
CA ILE R 94 11.54 -11.52 -56.17
C ILE R 94 13.00 -11.11 -56.21
N GLU R 95 13.80 -11.73 -57.07
CA GLU R 95 15.22 -11.46 -57.08
C GLU R 95 15.76 -11.51 -58.50
N LEU R 96 17.08 -11.49 -58.61
CA LEU R 96 17.75 -11.56 -59.90
C LEU R 96 19.16 -12.10 -59.69
N LEU R 97 19.54 -13.08 -60.50
CA LEU R 97 20.87 -13.68 -60.46
C LEU R 97 21.45 -13.74 -61.87
N ASP R 98 22.65 -14.32 -61.96
CA ASP R 98 23.36 -14.42 -63.24
C ASP R 98 23.79 -15.85 -63.58
N VAL R 99 24.22 -16.63 -62.60
CA VAL R 99 24.64 -18.00 -62.88
C VAL R 99 23.67 -18.99 -62.26
N LYS R 120 20.18 -12.22 -65.39
CA LYS R 120 19.90 -13.37 -66.25
C LYS R 120 18.84 -14.28 -65.65
N CYS R 121 19.12 -14.76 -64.44
CA CYS R 121 18.22 -15.66 -63.73
C CYS R 121 17.34 -14.84 -62.80
N ALA R 122 16.04 -15.10 -62.82
CA ALA R 122 15.11 -14.31 -62.04
C ALA R 122 14.03 -15.21 -61.47
N VAL R 123 13.58 -14.86 -60.27
CA VAL R 123 12.57 -15.62 -59.56
C VAL R 123 11.23 -14.90 -59.66
N ILE R 124 10.21 -15.63 -60.06
CA ILE R 124 8.88 -15.08 -60.31
C ILE R 124 7.92 -15.68 -59.31
N LYS R 125 7.16 -14.83 -58.63
CA LYS R 125 6.04 -15.26 -57.82
C LYS R 125 4.75 -14.75 -58.44
N THR R 126 3.92 -15.66 -58.91
CA THR R 126 2.70 -15.28 -59.60
C THR R 126 1.61 -14.86 -58.63
N SER R 127 0.48 -14.46 -59.21
CA SER R 127 -0.67 -14.01 -58.44
C SER R 127 -1.54 -15.17 -57.97
N THR R 128 -1.21 -16.40 -58.34
CA THR R 128 -1.87 -17.58 -57.81
C THR R 128 -1.11 -18.20 -56.66
N ARG R 129 -0.28 -17.39 -55.98
CA ARG R 129 0.62 -17.82 -54.90
C ARG R 129 1.57 -18.92 -55.35
N GLN R 130 2.06 -18.81 -56.58
CA GLN R 130 2.93 -19.83 -57.13
C GLN R 130 4.25 -19.22 -57.55
N THR R 131 5.33 -19.87 -57.12
CA THR R 131 6.68 -19.40 -57.33
C THR R 131 7.29 -20.14 -58.50
N TYR R 132 8.05 -19.41 -59.30
CA TYR R 132 8.66 -19.96 -60.48
C TYR R 132 10.08 -19.45 -60.61
N PHE R 133 10.81 -20.07 -61.52
CA PHE R 133 12.18 -19.67 -61.78
C PHE R 133 12.52 -19.98 -63.23
N LEU R 134 13.30 -19.10 -63.85
CA LEU R 134 13.75 -19.23 -65.22
C LEU R 134 15.26 -19.18 -65.28
N PRO R 135 15.85 -19.85 -66.27
CA PRO R 135 17.24 -19.54 -66.60
C PRO R 135 17.40 -18.16 -67.22
N VAL R 136 16.54 -17.82 -68.18
CA VAL R 136 16.60 -16.56 -68.94
C VAL R 136 15.26 -15.86 -68.77
N ILE R 137 15.31 -14.53 -68.62
CA ILE R 137 14.11 -13.72 -68.39
C ILE R 137 13.17 -13.65 -69.58
N GLY R 138 13.62 -13.08 -70.69
CA GLY R 138 12.73 -12.98 -71.84
C GLY R 138 13.02 -11.80 -72.75
N LEU R 139 11.97 -11.04 -73.10
CA LEU R 139 12.11 -9.96 -74.05
C LEU R 139 12.72 -8.71 -73.41
N VAL R 140 12.46 -8.47 -72.15
CA VAL R 140 13.09 -7.39 -71.43
C VAL R 140 14.44 -7.87 -70.88
N ASP R 141 15.31 -6.92 -70.57
CA ASP R 141 16.65 -7.26 -70.14
C ASP R 141 16.69 -7.61 -68.66
N ALA R 142 17.89 -7.94 -68.19
CA ALA R 142 18.12 -8.14 -66.76
C ALA R 142 18.44 -6.85 -66.03
N GLU R 143 18.93 -5.84 -66.73
CA GLU R 143 19.39 -4.61 -66.09
C GLU R 143 18.38 -3.48 -66.18
N LYS R 144 17.14 -3.77 -66.57
CA LYS R 144 16.09 -2.76 -66.62
C LYS R 144 14.95 -3.06 -65.67
N LEU R 145 15.07 -4.10 -64.84
CA LEU R 145 14.03 -4.52 -63.94
C LEU R 145 14.47 -4.33 -62.49
N LYS R 146 13.57 -4.62 -61.57
CA LYS R 146 13.86 -4.58 -60.14
C LYS R 146 12.85 -5.46 -59.43
N PRO R 147 13.17 -5.94 -58.22
CA PRO R 147 12.17 -6.69 -57.44
C PRO R 147 10.99 -5.82 -57.04
N GLY R 148 9.79 -6.37 -57.26
CA GLY R 148 8.57 -5.71 -56.87
C GLY R 148 7.76 -5.25 -58.07
N ASP R 149 8.03 -5.82 -59.24
CA ASP R 149 7.41 -5.38 -60.48
C ASP R 149 6.36 -6.38 -60.93
N LEU R 150 5.31 -5.86 -61.55
CA LEU R 150 4.10 -6.64 -61.87
C LEU R 150 4.10 -7.07 -63.33
N VAL R 151 5.10 -7.86 -63.71
CA VAL R 151 5.33 -8.14 -65.12
C VAL R 151 4.26 -9.05 -65.70
N GLY R 152 4.01 -8.89 -67.00
CA GLY R 152 3.09 -9.77 -67.71
C GLY R 152 3.75 -11.11 -67.99
N VAL R 153 3.03 -12.18 -67.65
CA VAL R 153 3.58 -13.53 -67.66
C VAL R 153 2.71 -14.39 -68.58
N ASN R 154 3.36 -15.18 -69.42
CA ASN R 154 2.64 -16.16 -70.22
C ASN R 154 2.01 -17.22 -69.32
N LYS R 155 0.81 -17.65 -69.69
CA LYS R 155 0.09 -18.63 -68.89
C LYS R 155 0.66 -20.02 -69.02
N ASP R 156 1.48 -20.27 -70.03
CA ASP R 156 2.04 -21.61 -70.20
C ASP R 156 3.55 -21.61 -70.09
N SER R 157 4.25 -20.78 -70.86
CA SER R 157 5.70 -20.77 -70.80
C SER R 157 6.26 -20.07 -69.58
N TYR R 158 5.44 -19.21 -68.94
CA TYR R 158 5.83 -18.33 -67.85
C TYR R 158 7.02 -17.45 -68.27
N LEU R 159 6.76 -16.62 -69.26
CA LEU R 159 7.79 -15.77 -69.81
C LEU R 159 7.44 -14.32 -69.52
N ILE R 160 8.47 -13.56 -69.16
CA ILE R 160 8.32 -12.15 -68.84
C ILE R 160 8.39 -11.36 -70.14
N LEU R 161 7.31 -10.68 -70.47
CA LEU R 161 7.25 -9.93 -71.70
C LEU R 161 6.62 -8.55 -71.55
N GLU R 162 5.91 -8.26 -70.47
CA GLU R 162 5.20 -7.01 -70.31
C GLU R 162 5.61 -6.31 -69.03
N THR R 163 5.29 -5.01 -68.95
CA THR R 163 5.74 -4.19 -67.82
C THR R 163 4.64 -3.80 -66.85
N LEU R 164 3.40 -3.50 -67.33
CA LEU R 164 2.21 -3.29 -66.49
C LEU R 164 2.38 -2.23 -65.41
N PRO R 165 2.07 -0.95 -65.70
CA PRO R 165 2.69 0.20 -64.98
C PRO R 165 2.54 0.28 -63.45
N THR R 166 2.06 -0.76 -62.76
CA THR R 166 2.19 -0.96 -61.29
C THR R 166 1.50 0.08 -60.42
N GLU R 167 0.17 0.03 -60.37
CA GLU R 167 -0.60 0.82 -59.43
C GLU R 167 -0.46 0.33 -58.00
N TYR R 168 -1.20 0.95 -57.07
CA TYR R 168 -1.08 0.65 -55.65
C TYR R 168 -2.43 0.86 -54.96
N ASP R 169 -2.43 1.02 -53.64
CA ASP R 169 -3.61 1.29 -52.82
C ASP R 169 -4.41 2.49 -53.33
N SER R 170 -5.72 2.42 -53.09
CA SER R 170 -6.64 3.45 -53.55
C SER R 170 -6.66 4.70 -52.67
N ARG R 171 -6.02 4.66 -51.50
CA ARG R 171 -6.18 5.78 -50.57
C ARG R 171 -5.39 7.01 -51.01
N VAL R 172 -4.17 6.83 -51.49
CA VAL R 172 -3.40 7.97 -51.97
C VAL R 172 -3.88 8.35 -53.37
N LYS R 173 -4.44 7.37 -54.11
CA LYS R 173 -5.19 7.66 -55.32
C LYS R 173 -6.33 8.62 -55.04
N ALA R 174 -7.03 8.44 -53.93
CA ALA R 174 -8.03 9.40 -53.51
C ALA R 174 -7.43 10.72 -53.07
N MET R 175 -6.15 10.75 -52.71
CA MET R 175 -5.52 11.99 -52.29
C MET R 175 -5.00 12.81 -53.45
N GLU R 176 -4.95 12.24 -54.66
CA GLU R 176 -4.44 12.98 -55.80
C GLU R 176 -5.50 13.97 -56.24
N VAL R 177 -5.21 15.25 -56.08
CA VAL R 177 -6.11 16.32 -56.46
C VAL R 177 -5.42 17.12 -57.56
N ASP R 178 -5.92 17.01 -58.77
CA ASP R 178 -5.41 17.77 -59.88
C ASP R 178 -6.36 18.95 -60.18
N GLU R 179 -6.06 19.68 -61.26
CA GLU R 179 -6.88 20.77 -61.79
C GLU R 179 -7.10 21.87 -60.77
N ARG R 180 -6.01 22.49 -60.38
CA ARG R 180 -6.07 23.57 -59.41
C ARG R 180 -6.52 24.85 -60.10
N PRO R 181 -7.68 25.43 -59.69
CA PRO R 181 -8.13 26.68 -60.30
C PRO R 181 -7.21 27.86 -60.03
N THR R 182 -6.95 28.67 -61.05
CA THR R 182 -6.07 29.83 -60.89
C THR R 182 -6.69 30.92 -60.02
N GLU R 183 -6.18 31.05 -58.81
CA GLU R 183 -6.62 32.10 -57.92
C GLU R 183 -5.67 33.27 -57.96
N GLN R 184 -6.21 34.44 -58.29
CA GLN R 184 -5.40 35.64 -58.42
C GLN R 184 -4.99 36.12 -57.05
N TYR R 185 -3.69 36.38 -56.90
CA TYR R 185 -3.04 36.72 -55.64
C TYR R 185 -3.61 37.97 -55.00
N SER R 186 -4.19 38.85 -55.80
CA SER R 186 -4.82 40.06 -55.28
C SER R 186 -6.10 39.79 -54.51
N ASP R 187 -6.64 38.56 -54.56
CA ASP R 187 -7.71 38.16 -53.66
C ASP R 187 -7.27 38.24 -52.20
N ILE R 188 -5.99 37.97 -51.95
CA ILE R 188 -5.40 38.09 -50.63
C ILE R 188 -5.18 39.58 -50.37
N GLY R 189 -5.65 40.06 -49.22
CA GLY R 189 -5.39 41.42 -48.78
C GLY R 189 -4.46 41.40 -47.59
N GLY R 190 -3.51 42.35 -47.58
CA GLY R 190 -2.71 42.61 -46.40
C GLY R 190 -1.61 41.62 -46.10
N LEU R 191 -1.50 40.53 -46.86
CA LEU R 191 -0.53 39.49 -46.56
C LEU R 191 0.44 39.32 -47.71
N ASP R 192 0.74 40.42 -48.40
CA ASP R 192 1.49 40.35 -49.65
C ASP R 192 2.97 40.09 -49.43
N LYS R 193 3.50 40.41 -48.26
CA LYS R 193 4.89 40.07 -47.94
C LYS R 193 5.07 38.57 -47.86
N GLN R 194 4.13 37.88 -47.21
CA GLN R 194 4.23 36.43 -47.06
C GLN R 194 4.04 35.74 -48.40
N ILE R 195 3.28 36.36 -49.30
CA ILE R 195 3.10 35.82 -50.65
C ILE R 195 4.42 35.82 -51.39
N GLN R 196 5.15 36.94 -51.34
CA GLN R 196 6.43 37.05 -52.02
C GLN R 196 7.45 36.10 -51.43
N GLU R 197 7.55 36.05 -50.10
CA GLU R 197 8.48 35.16 -49.41
C GLU R 197 8.18 33.70 -49.70
N LEU R 198 6.94 33.38 -50.04
CA LEU R 198 6.64 32.06 -50.53
C LEU R 198 7.08 31.90 -51.98
N VAL R 199 6.82 32.91 -52.81
CA VAL R 199 7.19 32.85 -54.22
C VAL R 199 8.70 32.88 -54.37
N GLU R 200 9.38 33.62 -53.49
CA GLU R 200 10.84 33.55 -53.45
C GLU R 200 11.33 32.18 -52.99
N ALA R 201 10.51 31.45 -52.24
CA ALA R 201 10.97 30.19 -51.66
C ALA R 201 10.83 29.01 -52.61
N ILE R 202 9.82 29.00 -53.47
CA ILE R 202 9.44 27.80 -54.20
C ILE R 202 9.51 28.00 -55.71
N VAL R 203 8.99 29.13 -56.19
CA VAL R 203 8.81 29.30 -57.62
C VAL R 203 10.15 29.52 -58.33
N LEU R 204 11.02 30.31 -57.71
CA LEU R 204 12.37 30.48 -58.27
C LEU R 204 13.23 29.22 -58.21
N PRO R 205 13.15 28.35 -57.19
CA PRO R 205 13.69 26.99 -57.36
C PRO R 205 13.05 26.21 -58.48
N MET R 206 11.79 26.45 -58.82
CA MET R 206 11.21 25.75 -59.95
C MET R 206 11.71 26.31 -61.27
N ASN R 207 11.85 27.63 -61.37
CA ASN R 207 12.27 28.22 -62.63
C ASN R 207 13.79 28.20 -62.78
N HIS R 208 14.50 28.87 -61.88
CA HIS R 208 15.94 29.05 -62.01
C HIS R 208 16.64 27.88 -61.35
N LYS R 209 16.57 26.72 -62.02
CA LYS R 209 17.21 25.52 -61.50
C LYS R 209 18.72 25.61 -61.53
N GLU R 210 19.28 26.38 -62.46
CA GLU R 210 20.72 26.45 -62.62
C GLU R 210 21.33 27.70 -62.00
N LYS R 211 20.51 28.63 -61.54
CA LYS R 211 21.01 29.77 -60.77
C LYS R 211 21.40 29.34 -59.37
N PHE R 212 20.74 28.33 -58.85
CA PHE R 212 20.98 27.91 -57.48
C PHE R 212 22.07 26.86 -57.39
N GLU R 213 22.49 26.32 -58.53
CA GLU R 213 23.52 25.29 -58.59
C GLU R 213 24.91 25.87 -58.77
N ASN R 214 25.06 26.87 -59.64
CA ASN R 214 26.36 27.52 -59.80
C ASN R 214 26.71 28.46 -58.65
N LEU R 215 25.73 28.89 -57.86
CA LEU R 215 26.04 29.79 -56.75
C LEU R 215 26.69 29.04 -55.60
N GLY R 216 26.25 27.82 -55.34
CA GLY R 216 26.88 26.98 -54.33
C GLY R 216 25.97 26.64 -53.17
N ILE R 217 24.66 26.81 -53.37
CA ILE R 217 23.71 26.62 -52.29
C ILE R 217 22.70 25.55 -52.69
N GLN R 218 21.78 25.25 -51.78
CA GLN R 218 20.74 24.28 -52.01
C GLN R 218 19.43 24.97 -51.64
N PRO R 219 18.41 24.88 -52.48
CA PRO R 219 17.11 25.44 -52.12
C PRO R 219 16.48 24.62 -51.01
N PRO R 220 15.78 25.27 -50.08
CA PRO R 220 15.11 24.53 -49.00
C PRO R 220 13.92 23.76 -49.52
N LYS R 221 13.38 22.89 -48.67
CA LYS R 221 12.21 22.13 -49.05
C LYS R 221 11.17 22.06 -47.93
N GLY R 222 11.35 22.86 -46.89
CA GLY R 222 10.40 22.85 -45.82
C GLY R 222 9.91 24.23 -45.44
N VAL R 223 8.62 24.46 -45.62
CA VAL R 223 8.00 25.75 -45.33
C VAL R 223 6.83 25.48 -44.38
N LEU R 224 6.74 26.27 -43.30
CA LEU R 224 5.67 26.16 -42.33
C LEU R 224 4.83 27.43 -42.31
N MET R 225 3.52 27.25 -42.43
CA MET R 225 2.55 28.29 -42.11
C MET R 225 1.91 27.99 -40.77
N TYR R 226 1.74 29.03 -39.97
CA TYR R 226 1.04 28.94 -38.71
C TYR R 226 0.30 30.24 -38.47
N GLY R 227 -0.45 30.30 -37.37
CA GLY R 227 -1.22 31.47 -37.02
C GLY R 227 -2.57 31.11 -36.45
N PRO R 228 -3.45 32.09 -36.34
CA PRO R 228 -4.83 31.82 -35.93
C PRO R 228 -5.58 31.08 -37.03
N PRO R 229 -6.40 30.10 -36.70
CA PRO R 229 -7.10 29.33 -37.73
C PRO R 229 -8.15 30.14 -38.48
N GLY R 230 -7.94 30.30 -39.79
CA GLY R 230 -8.86 31.06 -40.61
C GLY R 230 -8.25 32.30 -41.20
N THR R 231 -6.93 32.38 -41.18
CA THR R 231 -6.24 33.57 -41.67
C THR R 231 -5.57 33.34 -43.02
N GLY R 232 -5.85 32.20 -43.66
CA GLY R 232 -5.32 31.99 -44.98
C GLY R 232 -4.44 30.76 -45.05
N LYS R 233 -4.59 29.88 -44.06
CA LYS R 233 -3.82 28.64 -44.08
C LYS R 233 -4.30 27.72 -45.18
N THR R 234 -5.57 27.81 -45.55
CA THR R 234 -6.03 27.15 -46.75
C THR R 234 -6.51 28.16 -47.77
N LEU R 235 -5.76 29.24 -48.00
CA LEU R 235 -6.11 30.13 -49.10
C LEU R 235 -4.86 30.53 -49.88
N LEU R 236 -3.70 30.07 -49.43
CA LEU R 236 -2.44 30.67 -49.89
C LEU R 236 -1.73 29.80 -50.92
N ALA R 237 -1.32 28.59 -50.53
CA ALA R 237 -0.44 27.80 -51.38
C ALA R 237 -1.21 27.12 -52.48
N ARG R 238 -2.50 26.86 -52.24
CA ARG R 238 -3.36 26.35 -53.30
C ARG R 238 -3.81 27.47 -54.22
N ALA R 239 -3.41 28.70 -53.92
CA ALA R 239 -3.46 29.75 -54.93
C ALA R 239 -2.15 29.84 -55.69
N CYS R 240 -1.07 29.30 -55.12
CA CYS R 240 0.22 29.28 -55.79
C CYS R 240 0.51 27.95 -56.45
N ALA R 241 -0.27 26.91 -56.14
CA ALA R 241 -0.18 25.62 -56.81
C ALA R 241 -0.83 25.66 -58.20
N ALA R 242 -1.42 26.79 -58.56
CA ALA R 242 -2.21 26.94 -59.77
C ALA R 242 -1.42 27.45 -60.94
N GLN R 243 -0.18 27.86 -60.72
CA GLN R 243 0.65 28.33 -61.83
C GLN R 243 1.91 27.53 -62.03
N THR R 244 2.31 26.68 -61.09
CA THR R 244 3.54 25.93 -61.20
C THR R 244 3.33 24.52 -61.72
N LYS R 245 2.10 24.20 -62.15
CA LYS R 245 1.62 23.00 -62.86
C LYS R 245 2.25 21.68 -62.38
N ALA R 246 2.47 21.56 -61.08
CA ALA R 246 3.32 20.52 -60.54
C ALA R 246 2.54 19.58 -59.63
N THR R 247 1.28 19.30 -59.97
CA THR R 247 0.52 18.14 -59.45
C THR R 247 0.40 18.17 -57.92
N PHE R 248 -0.46 19.08 -57.47
CA PHE R 248 -0.82 19.21 -56.06
C PHE R 248 -1.21 17.86 -55.46
N LEU R 249 -0.81 17.65 -54.21
CA LEU R 249 -1.10 16.40 -53.50
C LEU R 249 -1.30 16.73 -52.04
N LYS R 250 -2.55 16.80 -51.61
CA LYS R 250 -2.92 17.12 -50.25
C LYS R 250 -2.56 15.99 -49.30
N LEU R 251 -2.60 16.30 -48.01
CA LEU R 251 -2.46 15.28 -46.98
C LEU R 251 -3.10 15.82 -45.71
N ALA R 252 -4.26 15.28 -45.36
CA ALA R 252 -4.93 15.69 -44.13
C ALA R 252 -4.19 15.09 -42.94
N GLY R 253 -4.43 15.64 -41.77
CA GLY R 253 -3.83 15.12 -40.56
C GLY R 253 -4.51 13.87 -40.04
N PRO R 254 -5.77 13.98 -39.61
CA PRO R 254 -6.42 12.82 -38.96
C PRO R 254 -6.76 11.67 -39.89
N GLN R 255 -6.57 11.82 -41.20
CA GLN R 255 -6.66 10.65 -42.07
C GLN R 255 -5.52 9.67 -41.84
N LEU R 256 -4.40 10.13 -41.28
CA LEU R 256 -3.27 9.26 -41.03
C LEU R 256 -3.54 8.31 -39.87
N VAL R 257 -4.31 8.76 -38.88
CA VAL R 257 -4.61 7.95 -37.71
C VAL R 257 -5.63 6.90 -38.12
N GLN R 258 -5.23 5.64 -38.17
CA GLN R 258 -6.14 4.56 -38.48
C GLN R 258 -6.37 3.69 -37.26
N MET R 259 -7.16 2.63 -37.45
CA MET R 259 -7.56 1.80 -36.33
C MET R 259 -6.48 0.79 -35.95
N PHE R 260 -5.97 0.05 -36.92
CA PHE R 260 -4.91 -0.90 -36.64
C PHE R 260 -3.58 -0.18 -36.51
N ILE R 261 -2.55 -0.94 -36.16
CA ILE R 261 -1.22 -0.39 -35.93
C ILE R 261 -0.41 -0.58 -37.21
N GLY R 262 0.46 0.38 -37.49
CA GLY R 262 1.35 0.31 -38.62
C GLY R 262 0.65 0.65 -39.92
N ASP R 263 -0.42 1.43 -39.82
CA ASP R 263 -1.17 1.85 -41.00
C ASP R 263 -0.68 3.18 -41.52
N GLY R 264 -0.38 4.13 -40.63
CA GLY R 264 0.17 5.39 -41.07
C GLY R 264 1.56 5.23 -41.62
N ALA R 265 2.32 4.26 -41.11
CA ALA R 265 3.67 4.04 -41.61
C ALA R 265 3.65 3.48 -43.02
N LYS R 266 2.63 2.73 -43.37
CA LYS R 266 2.45 2.40 -44.78
C LYS R 266 1.95 3.62 -45.55
N LEU R 267 0.97 4.32 -45.00
CA LEU R 267 0.25 5.33 -45.77
C LEU R 267 1.08 6.59 -46.00
N VAL R 268 1.96 6.94 -45.05
CA VAL R 268 2.83 8.09 -45.28
C VAL R 268 3.86 7.78 -46.35
N ARG R 269 4.54 6.64 -46.23
CA ARG R 269 5.65 6.30 -47.10
C ARG R 269 5.19 6.11 -48.54
N ASP R 270 4.00 5.55 -48.73
CA ASP R 270 3.47 5.36 -50.06
C ASP R 270 3.09 6.68 -50.71
N ALA R 271 2.66 7.65 -49.89
CA ALA R 271 2.38 8.98 -50.43
C ALA R 271 3.66 9.67 -50.87
N PHE R 272 4.70 9.56 -50.05
CA PHE R 272 5.99 10.10 -50.45
C PHE R 272 6.65 9.25 -51.52
N ALA R 273 6.21 8.00 -51.67
CA ALA R 273 6.71 7.21 -52.78
C ALA R 273 6.19 7.74 -54.09
N LEU R 274 4.87 7.98 -54.17
CA LEU R 274 4.23 8.29 -55.45
C LEU R 274 4.64 9.65 -55.98
N ALA R 275 4.95 10.58 -55.09
CA ALA R 275 5.34 11.91 -55.52
C ALA R 275 6.71 11.91 -56.20
N LYS R 276 7.70 11.27 -55.56
CA LYS R 276 9.01 11.18 -56.17
C LYS R 276 9.06 10.19 -57.31
N GLU R 277 8.03 9.34 -57.46
CA GLU R 277 7.85 8.62 -58.72
C GLU R 277 7.44 9.57 -59.83
N LYS R 278 6.80 10.67 -59.48
CA LYS R 278 6.27 11.60 -60.46
C LYS R 278 7.29 12.71 -60.67
N ALA R 279 6.93 13.76 -61.41
CA ALA R 279 7.64 15.00 -61.72
C ALA R 279 7.89 15.81 -60.43
N PRO R 280 8.64 16.97 -60.46
CA PRO R 280 8.84 17.71 -59.20
C PRO R 280 7.57 18.28 -58.60
N SER R 281 6.87 17.39 -57.93
CA SER R 281 5.55 17.64 -57.38
C SER R 281 5.64 18.38 -56.05
N ILE R 282 4.47 18.66 -55.50
CA ILE R 282 4.32 19.45 -54.29
C ILE R 282 3.43 18.71 -53.30
N ILE R 283 3.99 18.37 -52.14
CA ILE R 283 3.24 17.71 -51.09
C ILE R 283 2.81 18.73 -50.05
N PHE R 284 1.51 18.94 -49.90
CA PHE R 284 0.99 19.78 -48.84
C PHE R 284 0.42 18.90 -47.75
N ILE R 285 0.78 19.19 -46.52
CA ILE R 285 0.22 18.53 -45.35
C ILE R 285 -0.56 19.57 -44.57
N ASP R 286 -1.80 19.22 -44.21
CA ASP R 286 -2.69 20.12 -43.52
C ASP R 286 -3.02 19.52 -42.17
N GLU R 287 -3.02 20.36 -41.13
CA GLU R 287 -3.08 20.02 -39.71
C GLU R 287 -2.18 18.85 -39.28
N LEU R 288 -0.86 19.02 -39.34
CA LEU R 288 0.00 18.02 -38.70
C LEU R 288 0.13 18.24 -37.19
N ASP R 289 -0.67 19.15 -36.61
CA ASP R 289 -0.79 19.25 -35.17
C ASP R 289 -1.38 17.99 -34.56
N ALA R 290 -2.19 17.26 -35.32
CA ALA R 290 -2.81 16.04 -34.81
C ALA R 290 -1.77 14.95 -34.58
N ILE R 291 -0.80 14.84 -35.49
CA ILE R 291 0.18 13.78 -35.37
C ILE R 291 1.47 14.35 -34.82
N GLY R 292 1.47 15.64 -34.48
CA GLY R 292 2.70 16.18 -33.92
C GLY R 292 2.57 16.31 -32.43
N THR R 293 3.02 15.29 -31.72
CA THR R 293 2.93 15.32 -30.26
C THR R 293 4.18 15.92 -29.68
N LYS R 294 4.35 15.75 -28.39
CA LYS R 294 5.33 16.50 -27.65
C LYS R 294 6.18 15.56 -26.79
N ARG R 295 7.03 14.76 -27.43
CA ARG R 295 7.42 13.32 -27.33
C ARG R 295 8.04 12.97 -25.97
N PHE R 296 8.42 11.69 -25.76
CA PHE R 296 9.06 11.05 -24.61
C PHE R 296 7.96 10.74 -23.59
N ASP R 297 6.72 11.07 -23.95
CA ASP R 297 5.60 10.88 -23.04
C ASP R 297 4.86 9.61 -23.41
N SER R 298 4.95 8.62 -22.54
CA SER R 298 4.27 7.34 -22.72
C SER R 298 3.04 7.37 -21.84
N GLU R 299 1.97 7.95 -22.37
CA GLU R 299 0.71 8.03 -21.65
C GLU R 299 -0.45 7.70 -22.58
N LYS R 300 -1.37 6.88 -22.06
CA LYS R 300 -2.42 6.27 -22.86
C LYS R 300 -3.47 7.31 -23.27
N ALA R 301 -4.01 7.19 -24.49
CA ALA R 301 -3.71 6.12 -25.43
C ALA R 301 -2.80 6.60 -26.55
N GLY R 302 -2.62 7.92 -26.66
CA GLY R 302 -1.80 8.47 -27.71
C GLY R 302 -0.33 8.42 -27.38
N ASP R 303 0.21 7.21 -27.25
CA ASP R 303 1.60 7.07 -26.89
C ASP R 303 2.30 6.15 -27.86
N ARG R 304 1.55 5.49 -28.74
CA ARG R 304 2.22 4.49 -29.56
C ARG R 304 1.92 4.67 -31.03
N GLU R 305 0.68 5.00 -31.35
CA GLU R 305 0.23 5.03 -32.72
C GLU R 305 0.66 6.28 -33.46
N VAL R 306 1.05 7.32 -32.73
CA VAL R 306 1.35 8.61 -33.31
C VAL R 306 2.83 8.73 -33.65
N GLN R 307 3.68 8.27 -32.74
CA GLN R 307 5.11 8.56 -32.75
C GLN R 307 5.83 7.90 -33.91
N ARG R 308 5.37 6.74 -34.34
CA ARG R 308 5.94 6.11 -35.52
C ARG R 308 5.56 6.88 -36.77
N THR R 309 4.26 7.18 -36.91
CA THR R 309 3.78 7.95 -38.05
C THR R 309 4.36 9.34 -38.05
N MET R 310 4.60 9.88 -36.86
CA MET R 310 5.43 11.06 -36.74
C MET R 310 6.84 10.80 -37.26
N LEU R 311 7.43 9.68 -36.86
CA LEU R 311 8.82 9.42 -37.24
C LEU R 311 8.91 9.07 -38.71
N GLU R 312 8.02 8.20 -39.20
CA GLU R 312 8.08 7.77 -40.59
C GLU R 312 7.86 8.96 -41.53
N LEU R 313 7.13 9.96 -41.07
CA LEU R 313 7.19 11.27 -41.68
C LEU R 313 8.60 11.86 -41.61
N LEU R 314 9.19 11.92 -40.42
CA LEU R 314 10.43 12.65 -40.20
C LEU R 314 11.60 12.02 -40.93
N ASN R 315 11.66 10.69 -40.91
CA ASN R 315 12.74 10.00 -41.59
C ASN R 315 12.53 9.97 -43.10
N GLN R 316 11.36 10.43 -43.55
CA GLN R 316 11.13 10.54 -44.98
C GLN R 316 11.55 11.91 -45.49
N LEU R 317 11.39 12.93 -44.66
CA LEU R 317 11.70 14.30 -45.06
C LEU R 317 13.16 14.55 -45.41
N ASP R 318 14.06 14.52 -44.42
CA ASP R 318 15.47 14.56 -44.77
C ASP R 318 15.97 13.14 -44.93
N GLY R 319 15.95 12.39 -43.84
CA GLY R 319 16.31 10.99 -43.88
C GLY R 319 17.72 10.71 -44.32
N PHE R 320 17.91 9.53 -44.89
CA PHE R 320 19.21 9.04 -45.28
C PHE R 320 19.55 9.48 -46.68
N GLN R 321 18.68 9.21 -47.65
CA GLN R 321 18.97 9.61 -49.01
C GLN R 321 18.47 11.05 -49.23
N PRO R 322 19.11 11.81 -50.12
CA PRO R 322 18.61 13.16 -50.42
C PRO R 322 17.30 13.12 -51.18
N ASN R 323 16.36 13.96 -50.75
CA ASN R 323 15.01 13.97 -51.29
C ASN R 323 14.74 15.27 -52.05
N THR R 324 15.66 15.64 -52.94
CA THR R 324 15.56 16.89 -53.69
C THR R 324 14.77 16.67 -54.97
N GLN R 325 13.56 16.15 -54.81
CA GLN R 325 12.75 15.84 -55.96
C GLN R 325 11.36 16.42 -55.75
N VAL R 326 11.00 16.65 -54.50
CA VAL R 326 9.62 16.99 -54.15
C VAL R 326 9.64 17.93 -52.95
N LYS R 327 8.80 18.96 -52.99
CA LYS R 327 8.84 20.04 -52.01
C LYS R 327 7.66 19.92 -51.04
N VAL R 328 7.90 20.31 -49.79
CA VAL R 328 6.91 20.16 -48.74
C VAL R 328 6.59 21.53 -48.17
N ILE R 329 5.30 21.89 -48.18
CA ILE R 329 4.89 23.25 -47.83
C ILE R 329 3.93 23.13 -46.65
N ALA R 330 4.22 22.18 -45.75
CA ALA R 330 3.27 21.73 -44.73
C ALA R 330 2.92 22.83 -43.73
N ALA R 331 1.66 22.82 -43.28
CA ALA R 331 1.15 23.94 -42.49
C ALA R 331 0.36 23.44 -41.28
N THR R 332 0.42 24.22 -40.20
CA THR R 332 -0.34 23.97 -38.98
C THR R 332 -1.14 25.21 -38.61
N ASN R 333 -1.80 25.16 -37.45
CA ASN R 333 -2.25 26.37 -36.79
C ASN R 333 -1.74 26.48 -35.37
N ARG R 334 -0.74 25.70 -34.99
CA ARG R 334 -0.24 25.69 -33.62
C ARG R 334 1.22 25.30 -33.63
N VAL R 335 2.01 25.94 -32.75
CA VAL R 335 3.46 25.89 -32.81
C VAL R 335 4.04 25.14 -31.61
N ASP R 336 3.64 25.52 -30.40
CA ASP R 336 4.39 25.13 -29.22
C ASP R 336 4.10 23.70 -28.80
N ILE R 337 2.98 23.16 -29.28
CA ILE R 337 2.62 21.77 -29.01
C ILE R 337 3.57 20.82 -29.73
N LEU R 338 4.22 21.30 -30.79
CA LEU R 338 5.20 20.49 -31.50
C LEU R 338 6.43 20.27 -30.65
N ASP R 339 6.98 19.08 -30.73
CA ASP R 339 8.28 18.81 -30.14
C ASP R 339 9.41 19.18 -31.10
N PRO R 340 10.55 19.64 -30.60
CA PRO R 340 11.62 20.06 -31.52
C PRO R 340 12.35 18.90 -32.16
N ALA R 341 11.64 18.10 -32.96
CA ALA R 341 12.27 16.95 -33.61
C ALA R 341 12.41 17.21 -35.10
N LEU R 342 11.32 17.50 -35.80
CA LEU R 342 11.36 17.94 -37.19
C LEU R 342 11.24 19.45 -37.25
N LEU R 343 10.89 20.02 -36.11
CA LEU R 343 10.68 21.45 -35.94
C LEU R 343 11.91 22.30 -36.23
N ARG R 344 13.11 21.71 -36.28
CA ARG R 344 14.33 22.48 -36.50
C ARG R 344 14.53 22.73 -38.00
N SER R 345 15.68 23.26 -38.41
CA SER R 345 16.01 23.45 -39.82
C SER R 345 16.28 22.11 -40.50
N GLY R 346 16.67 22.12 -41.77
CA GLY R 346 16.75 20.87 -42.49
C GLY R 346 15.38 20.52 -43.06
N ARG R 347 14.44 20.26 -42.15
CA ARG R 347 13.01 20.30 -42.41
C ARG R 347 12.49 21.72 -42.42
N LEU R 348 11.19 21.83 -42.16
CA LEU R 348 10.45 23.09 -42.19
C LEU R 348 11.12 24.16 -41.34
N ASP R 349 11.64 25.19 -42.03
CA ASP R 349 12.42 26.23 -41.40
C ASP R 349 11.89 27.62 -41.76
N ARG R 350 11.23 27.72 -42.91
CA ARG R 350 10.62 28.99 -43.28
C ARG R 350 9.34 29.21 -42.49
N LYS R 351 9.47 29.79 -41.30
CA LYS R 351 8.32 30.07 -40.45
C LYS R 351 7.50 31.21 -41.01
N ILE R 352 6.30 30.91 -41.51
CA ILE R 352 5.42 31.93 -42.04
C ILE R 352 4.32 32.14 -41.01
N GLU R 353 4.49 33.16 -40.19
CA GLU R 353 3.43 33.58 -39.30
C GLU R 353 2.30 34.20 -40.10
N PHE R 354 1.08 33.99 -39.64
CA PHE R 354 -0.07 34.71 -40.18
C PHE R 354 -0.55 35.69 -39.14
N PRO R 355 -0.40 36.99 -39.35
CA PRO R 355 -0.91 37.95 -38.38
C PRO R 355 -2.41 38.05 -38.42
N MET R 356 -2.99 38.71 -37.43
CA MET R 356 -4.41 39.03 -37.48
C MET R 356 -4.64 40.05 -38.58
N PRO R 357 -5.68 39.88 -39.40
CA PRO R 357 -5.96 40.89 -40.45
C PRO R 357 -6.34 42.22 -39.83
N ASN R 358 -5.76 43.29 -40.36
CA ASN R 358 -5.94 44.63 -39.83
C ASN R 358 -7.33 45.15 -40.19
N GLU R 359 -7.64 46.36 -39.74
CA GLU R 359 -8.80 47.06 -40.26
C GLU R 359 -8.65 47.31 -41.75
N GLU R 360 -7.43 47.69 -42.18
CA GLU R 360 -7.20 47.93 -43.59
C GLU R 360 -7.14 46.65 -44.39
N ALA R 361 -6.72 45.55 -43.78
CA ALA R 361 -6.72 44.28 -44.49
C ALA R 361 -8.12 43.74 -44.64
N ARG R 362 -8.92 43.81 -43.56
CA ARG R 362 -10.28 43.29 -43.60
C ARG R 362 -11.16 44.12 -44.54
N ALA R 363 -10.98 45.43 -44.56
CA ALA R 363 -11.76 46.28 -45.46
C ALA R 363 -11.38 46.02 -46.91
N ARG R 364 -10.11 45.65 -47.14
CA ARG R 364 -9.69 45.25 -48.48
C ARG R 364 -10.35 43.96 -48.90
N ILE R 365 -10.43 43.00 -47.96
CA ILE R 365 -10.97 41.68 -48.26
C ILE R 365 -12.46 41.76 -48.56
N MET R 366 -13.20 42.54 -47.77
CA MET R 366 -14.64 42.72 -48.00
C MET R 366 -14.91 43.38 -49.33
N GLN R 367 -14.01 44.24 -49.77
CA GLN R 367 -14.17 44.87 -51.07
C GLN R 367 -13.95 43.86 -52.20
N ILE R 368 -13.10 42.86 -51.95
CA ILE R 368 -12.84 41.85 -52.96
C ILE R 368 -14.04 40.93 -53.13
N HIS R 369 -14.61 40.47 -52.02
CA HIS R 369 -15.75 39.56 -52.10
C HIS R 369 -17.02 40.27 -52.57
N SER R 370 -17.10 41.58 -52.38
CA SER R 370 -18.23 42.34 -52.87
C SER R 370 -18.11 42.73 -54.34
N ARG R 371 -16.96 42.44 -54.95
CA ARG R 371 -16.74 42.85 -56.34
C ARG R 371 -17.62 42.11 -57.31
N LYS R 372 -17.89 40.83 -57.06
CA LYS R 372 -18.65 40.03 -58.01
C LYS R 372 -20.13 40.33 -58.02
N MET R 373 -20.63 41.15 -57.09
CA MET R 373 -22.05 41.44 -57.00
C MET R 373 -22.30 42.90 -57.33
N ASN R 374 -23.58 43.21 -57.54
CA ASN R 374 -24.03 44.57 -57.79
C ASN R 374 -24.06 45.32 -56.46
N VAL R 375 -23.19 46.32 -56.32
CA VAL R 375 -23.09 47.10 -55.10
C VAL R 375 -23.27 48.56 -55.46
N SER R 376 -24.10 49.28 -54.69
CA SER R 376 -24.13 50.72 -54.80
C SER R 376 -22.80 51.31 -54.33
N PRO R 377 -22.27 52.29 -55.07
CA PRO R 377 -20.92 52.79 -54.76
C PRO R 377 -20.83 53.67 -53.51
N ASP R 378 -21.92 53.94 -52.82
CA ASP R 378 -21.88 54.78 -51.61
C ASP R 378 -21.75 53.91 -50.36
N VAL R 379 -20.58 53.30 -50.23
CA VAL R 379 -20.25 52.40 -49.13
C VAL R 379 -18.91 52.86 -48.57
N ASN R 380 -18.91 53.34 -47.32
CA ASN R 380 -17.68 53.80 -46.69
C ASN R 380 -16.94 52.62 -46.08
N TYR R 381 -15.68 52.47 -46.46
CA TYR R 381 -14.85 51.40 -45.90
C TYR R 381 -14.22 51.80 -44.59
N GLU R 382 -14.26 53.09 -44.23
CA GLU R 382 -13.88 53.49 -42.89
C GLU R 382 -14.85 52.93 -41.86
N GLU R 383 -16.16 53.07 -42.11
CA GLU R 383 -17.16 52.52 -41.21
C GLU R 383 -17.08 51.00 -41.16
N LEU R 384 -16.76 50.38 -42.29
CA LEU R 384 -16.66 48.92 -42.32
C LEU R 384 -15.43 48.43 -41.56
N ALA R 385 -14.28 49.09 -41.77
CA ALA R 385 -13.08 48.70 -41.05
C ALA R 385 -13.18 49.01 -39.57
N ARG R 386 -13.93 50.06 -39.22
CA ARG R 386 -14.13 50.40 -37.81
C ARG R 386 -15.04 49.38 -37.13
N CYS R 387 -16.12 48.98 -37.79
CA CYS R 387 -17.08 48.10 -37.13
C CYS R 387 -16.59 46.65 -37.12
N THR R 388 -15.80 46.26 -38.12
CA THR R 388 -15.25 44.91 -38.13
C THR R 388 -14.08 44.81 -37.17
N ASP R 389 -14.28 44.03 -36.11
CA ASP R 389 -13.25 43.81 -35.11
C ASP R 389 -13.21 42.32 -34.85
N ASP R 390 -11.98 41.78 -34.74
CA ASP R 390 -11.73 40.37 -34.44
C ASP R 390 -12.38 39.42 -35.44
N PHE R 391 -12.35 39.80 -36.71
CA PHE R 391 -12.81 38.92 -37.77
C PHE R 391 -11.62 38.38 -38.53
N ASN R 392 -11.88 37.45 -39.43
CA ASN R 392 -10.86 36.95 -40.34
C ASN R 392 -11.44 36.99 -41.76
N GLY R 393 -10.71 36.39 -42.69
CA GLY R 393 -11.18 36.38 -44.07
C GLY R 393 -12.42 35.52 -44.26
N ALA R 394 -12.57 34.49 -43.44
CA ALA R 394 -13.79 33.69 -43.49
C ALA R 394 -14.98 34.49 -42.96
N GLN R 395 -14.78 35.24 -41.88
CA GLN R 395 -15.89 35.96 -41.28
C GLN R 395 -16.21 37.24 -42.02
N CYS R 396 -15.21 37.87 -42.65
CA CYS R 396 -15.50 39.04 -43.46
C CYS R 396 -16.22 38.64 -44.74
N LYS R 397 -15.93 37.44 -45.24
CA LYS R 397 -16.70 36.91 -46.35
C LYS R 397 -18.12 36.57 -45.92
N ALA R 398 -18.27 36.07 -44.70
CA ALA R 398 -19.57 35.57 -44.25
C ALA R 398 -20.57 36.70 -44.06
N VAL R 399 -20.09 37.85 -43.61
CA VAL R 399 -20.97 39.02 -43.51
C VAL R 399 -21.37 39.50 -44.90
N CYS R 400 -20.42 39.45 -45.85
CA CYS R 400 -20.67 39.97 -47.18
C CYS R 400 -21.66 39.10 -47.94
N VAL R 401 -21.71 37.80 -47.61
CA VAL R 401 -22.73 36.94 -48.19
C VAL R 401 -24.09 37.23 -47.54
N GLU R 402 -24.10 37.43 -46.22
CA GLU R 402 -25.36 37.62 -45.51
C GLU R 402 -25.99 38.97 -45.83
N ALA R 403 -25.17 40.01 -45.93
CA ALA R 403 -25.67 41.36 -46.22
C ALA R 403 -26.27 41.42 -47.62
N GLY R 404 -25.75 40.62 -48.54
CA GLY R 404 -26.36 40.53 -49.85
C GLY R 404 -27.67 39.75 -49.83
N MET R 405 -27.75 38.71 -49.02
CA MET R 405 -28.97 37.93 -48.96
C MET R 405 -30.05 38.66 -48.17
N ILE R 406 -29.65 39.46 -47.18
CA ILE R 406 -30.60 40.37 -46.53
C ILE R 406 -31.15 41.36 -47.55
N ALA R 407 -30.28 41.85 -48.44
CA ALA R 407 -30.73 42.69 -49.54
C ALA R 407 -31.58 41.91 -50.54
N LEU R 408 -31.37 40.59 -50.62
CA LEU R 408 -32.22 39.78 -51.47
C LEU R 408 -33.62 39.62 -50.88
N ARG R 409 -33.74 39.68 -49.55
CA ARG R 409 -35.04 39.53 -48.92
C ARG R 409 -35.93 40.74 -49.17
N ARG R 410 -35.39 41.95 -48.96
CA ARG R 410 -36.20 43.14 -49.18
C ARG R 410 -36.25 43.55 -50.64
N GLY R 411 -35.46 42.92 -51.50
CA GLY R 411 -35.59 43.11 -52.92
C GLY R 411 -34.89 44.31 -53.51
N ALA R 412 -33.97 44.93 -52.79
CA ALA R 412 -33.17 46.01 -53.34
C ALA R 412 -32.00 45.43 -54.13
N THR R 413 -31.48 46.23 -55.08
CA THR R 413 -30.38 45.81 -55.93
C THR R 413 -29.07 46.50 -55.57
N GLU R 414 -28.88 46.82 -54.30
CA GLU R 414 -27.77 47.66 -53.86
C GLU R 414 -27.48 47.36 -52.40
N LEU R 415 -26.43 47.99 -51.87
CA LEU R 415 -25.98 47.73 -50.51
C LEU R 415 -25.63 49.03 -49.80
N THR R 416 -25.68 48.99 -48.47
CA THR R 416 -25.33 50.12 -47.63
C THR R 416 -24.64 49.60 -46.38
N HIS R 417 -24.23 50.53 -45.50
CA HIS R 417 -23.60 50.14 -44.25
C HIS R 417 -24.58 49.44 -43.32
N GLU R 418 -25.88 49.70 -43.50
CA GLU R 418 -26.90 49.05 -42.69
C GLU R 418 -26.94 47.55 -42.92
N ASP R 419 -26.68 47.13 -44.17
CA ASP R 419 -26.71 45.71 -44.49
C ASP R 419 -25.60 44.95 -43.79
N TYR R 420 -24.41 45.56 -43.74
CA TYR R 420 -23.26 44.85 -43.18
C TYR R 420 -23.32 44.79 -41.67
N MET R 421 -23.82 45.85 -41.03
CA MET R 421 -24.06 45.82 -39.59
C MET R 421 -25.06 44.73 -39.23
N GLU R 422 -26.11 44.58 -40.04
CA GLU R 422 -27.03 43.46 -39.88
C GLU R 422 -26.36 42.14 -40.23
N GLY R 423 -25.41 42.16 -41.16
CA GLY R 423 -24.68 40.96 -41.48
C GLY R 423 -23.74 40.56 -40.37
N ILE R 424 -23.14 41.54 -39.70
CA ILE R 424 -22.26 41.26 -38.57
C ILE R 424 -23.05 40.68 -37.41
N LEU R 425 -24.22 41.25 -37.12
CA LEU R 425 -25.01 40.81 -35.99
C LEU R 425 -25.61 39.43 -36.22
N GLU R 426 -25.70 39.00 -37.47
CA GLU R 426 -26.26 37.69 -37.78
C GLU R 426 -25.22 36.57 -37.62
N VAL R 427 -23.94 36.91 -37.54
CA VAL R 427 -22.88 35.91 -37.42
C VAL R 427 -22.94 35.23 -36.06
N GLN R 428 -22.81 36.00 -34.99
CA GLN R 428 -22.86 35.49 -33.63
C GLN R 428 -24.30 35.39 -33.12
N ALA R 429 -25.25 35.94 -33.88
CA ALA R 429 -26.68 35.99 -33.53
C ALA R 429 -26.92 36.66 -32.17
N LYS R 430 -26.23 37.78 -31.95
CA LYS R 430 -26.37 38.65 -30.79
C LYS R 430 -26.10 37.89 -29.49
N LYS R 431 -24.85 37.48 -29.30
CA LYS R 431 -24.44 36.83 -28.06
C LYS R 431 -24.53 37.84 -26.92
N LYS R 432 -25.55 37.69 -26.08
CA LYS R 432 -25.70 38.52 -24.89
C LYS R 432 -26.53 37.72 -23.88
N ALA R 433 -25.87 37.26 -22.84
CA ALA R 433 -26.55 36.70 -21.67
C ALA R 433 -26.21 37.60 -20.48
N ASN R 434 -27.22 38.26 -19.93
CA ASN R 434 -27.04 39.05 -18.72
C ASN R 434 -26.81 38.09 -17.57
N LEU R 435 -25.55 37.99 -17.13
CA LEU R 435 -25.20 37.09 -16.03
C LEU R 435 -25.79 37.53 -14.70
N GLN R 436 -26.25 38.78 -14.59
CA GLN R 436 -27.15 39.33 -13.57
C GLN R 436 -26.51 39.40 -12.19
N TYR R 437 -25.30 38.90 -12.03
CA TYR R 437 -24.56 39.09 -10.80
C TYR R 437 -23.92 40.46 -10.79
N TYR R 438 -23.72 41.02 -11.96
CA TYR R 438 -22.75 42.10 -12.14
C TYR R 438 -23.44 43.44 -12.25
N ALA R 439 -24.09 43.81 -11.14
CA ALA R 439 -24.78 45.09 -10.93
C ALA R 439 -25.83 45.42 -11.99
N UNK S 1 -6.38 3.79 -30.28
CA UNK S 1 -6.65 2.46 -29.76
C UNK S 1 -6.12 1.38 -30.69
N UNK S 2 -4.92 1.58 -31.20
CA UNK S 2 -4.29 0.63 -32.10
C UNK S 2 -4.25 -0.77 -31.49
N UNK S 3 -4.60 -1.76 -32.29
CA UNK S 3 -4.62 -3.15 -31.83
C UNK S 3 -3.97 -4.08 -32.85
N UNK S 4 -3.92 -5.37 -32.53
CA UNK S 4 -3.33 -6.36 -33.42
C UNK S 4 -4.39 -7.32 -33.94
N UNK S 5 -4.45 -7.46 -35.26
CA UNK S 5 -5.42 -8.35 -35.89
C UNK S 5 -4.90 -9.77 -35.99
N UNK S 6 -5.81 -10.74 -35.92
CA UNK S 6 -5.45 -12.16 -36.01
C UNK S 6 -6.07 -12.79 -37.24
N UNK S 7 -5.43 -12.58 -38.39
CA UNK S 7 -5.92 -13.12 -39.66
C UNK S 7 -6.09 -14.64 -39.59
N UNK S 8 -7.15 -15.13 -40.22
CA UNK S 8 -7.41 -16.56 -40.29
C UNK S 8 -6.94 -17.04 -41.66
N UNK S 9 -7.85 -17.61 -42.43
CA UNK S 9 -7.56 -18.11 -43.78
C UNK S 9 -8.89 -18.33 -44.48
N UNK S 10 -9.02 -17.87 -45.73
CA UNK S 10 -10.29 -18.06 -46.42
C UNK S 10 -10.16 -17.87 -47.93
N UNK S 11 -9.48 -18.80 -48.58
CA UNK S 11 -9.28 -18.74 -50.02
C UNK S 11 -8.92 -20.11 -50.59
N UNK S 12 -8.84 -20.21 -51.90
CA UNK S 12 -8.51 -21.49 -52.56
C UNK S 12 -8.79 -21.50 -54.07
N UNK S 13 -8.40 -22.58 -54.76
CA UNK S 13 -8.60 -22.69 -56.20
C UNK S 13 -8.63 -24.11 -56.81
N UNK S 14 -8.53 -24.16 -58.14
CA UNK S 14 -8.53 -25.36 -58.95
C UNK S 14 -8.76 -25.02 -60.42
N UNK S 15 -8.42 -25.95 -61.31
CA UNK S 15 -8.58 -25.73 -62.74
C UNK S 15 -9.02 -27.00 -63.46
N UNK S 16 -9.72 -26.82 -64.58
CA UNK S 16 -10.18 -27.95 -65.37
C UNK S 16 -9.81 -27.78 -66.84
N UNK S 17 -9.62 -26.53 -67.25
CA UNK S 17 -9.25 -26.20 -68.62
C UNK S 17 -10.15 -26.87 -69.64
N UNK S 18 -11.46 -26.66 -69.51
CA UNK S 18 -12.43 -27.26 -70.42
C UNK S 18 -13.61 -26.32 -70.66
N UNK S 19 -14.15 -26.36 -71.87
CA UNK S 19 -15.29 -25.52 -72.22
C UNK S 19 -16.02 -26.08 -73.45
N UNK S 20 -17.13 -25.45 -73.80
CA UNK S 20 -17.92 -25.88 -74.94
C UNK S 20 -17.12 -25.75 -76.24
N UNK S 21 -16.90 -24.50 -76.65
CA UNK S 21 -16.15 -24.23 -77.87
C UNK S 21 -16.88 -24.74 -79.10
N UNK S 22 -16.87 -23.97 -80.17
CA UNK S 22 -17.53 -24.35 -81.41
C UNK S 22 -16.98 -23.58 -82.60
N SER T 4 9.18 1.45 -9.39
CA SER T 4 7.90 1.95 -9.83
C SER T 4 7.38 3.03 -8.88
N SER T 5 6.13 3.45 -9.10
CA SER T 5 5.55 4.54 -8.34
C SER T 5 4.16 4.12 -7.88
N ALA T 6 3.94 4.16 -6.57
CA ALA T 6 2.64 3.86 -5.97
C ALA T 6 2.14 5.09 -5.21
N GLY T 7 0.87 5.43 -5.40
CA GLY T 7 0.28 6.56 -4.70
C GLY T 7 0.81 7.90 -5.19
N PHE T 8 1.58 8.56 -4.35
CA PHE T 8 2.24 9.82 -4.68
C PHE T 8 3.67 9.81 -4.17
N ASP T 9 4.35 8.68 -4.36
CA ASP T 9 5.70 8.50 -3.84
C ASP T 9 6.76 9.24 -4.63
N ARG T 10 6.43 9.74 -5.81
CA ARG T 10 7.33 10.62 -6.53
C ARG T 10 7.19 12.06 -6.10
N HIS T 11 6.16 12.38 -5.33
CA HIS T 11 5.82 13.77 -5.07
C HIS T 11 6.06 14.17 -3.62
N ILE T 12 5.47 13.43 -2.69
CA ILE T 12 5.67 13.76 -1.30
C ILE T 12 6.56 12.72 -0.63
N THR T 13 6.98 13.02 0.59
CA THR T 13 7.92 12.16 1.32
C THR T 13 7.12 11.04 1.98
N ILE T 14 6.82 10.01 1.21
CA ILE T 14 6.25 8.77 1.72
C ILE T 14 7.10 7.63 1.19
N PHE T 15 6.73 6.40 1.49
CA PHE T 15 7.58 5.29 1.06
C PHE T 15 7.17 4.78 -0.31
N SER T 16 8.09 4.04 -0.91
CA SER T 16 7.92 3.35 -2.17
C SER T 16 7.65 1.89 -1.89
N PRO T 17 7.14 1.13 -2.85
CA PRO T 17 7.05 -0.33 -2.64
C PRO T 17 8.40 -1.01 -2.53
N GLU T 18 9.45 -0.41 -3.06
CA GLU T 18 10.78 -0.97 -2.91
C GLU T 18 11.43 -0.61 -1.59
N GLY T 19 10.70 0.00 -0.67
CA GLY T 19 11.26 0.39 0.59
C GLY T 19 12.15 1.61 0.53
N ARG T 20 12.00 2.44 -0.51
CA ARG T 20 12.80 3.65 -0.61
C ARG T 20 11.89 4.86 -0.56
N LEU T 21 12.48 6.03 -0.75
CA LEU T 21 11.74 7.24 -1.03
C LEU T 21 12.54 8.04 -2.04
N TYR T 22 11.93 9.08 -2.61
CA TYR T 22 12.55 9.64 -3.79
C TYR T 22 12.85 11.12 -3.66
N GLN T 23 12.05 11.83 -2.88
CA GLN T 23 12.25 13.27 -2.73
C GLN T 23 13.58 13.58 -2.08
N VAL T 24 13.97 12.79 -1.10
CA VAL T 24 15.22 13.07 -0.39
C VAL T 24 16.41 12.78 -1.28
N GLU T 25 16.35 11.72 -2.07
CA GLU T 25 17.47 11.46 -2.96
C GLU T 25 17.43 12.31 -4.22
N TYR T 26 16.31 13.00 -4.48
CA TYR T 26 16.37 14.10 -5.42
C TYR T 26 17.14 15.27 -4.85
N ALA T 27 17.03 15.49 -3.54
CA ALA T 27 17.67 16.62 -2.90
C ALA T 27 19.19 16.46 -2.83
N PHE T 28 19.68 15.23 -2.84
CA PHE T 28 21.12 15.03 -2.86
C PHE T 28 21.74 15.52 -4.15
N LYS T 29 21.01 15.38 -5.26
CA LYS T 29 21.51 16.00 -6.48
C LYS T 29 20.80 17.29 -6.78
N ALA T 30 20.26 17.93 -5.76
CA ALA T 30 19.92 19.33 -5.88
C ALA T 30 21.10 20.22 -5.52
N ILE T 31 22.12 19.66 -4.88
CA ILE T 31 23.38 20.37 -4.68
C ILE T 31 24.07 20.63 -6.00
N ASN T 32 24.05 19.68 -6.93
CA ASN T 32 24.89 19.73 -8.11
C ASN T 32 24.42 20.77 -9.13
N GLN T 33 23.23 21.35 -8.97
CA GLN T 33 22.90 22.54 -9.74
C GLN T 33 23.65 23.77 -9.27
N GLY T 34 24.27 23.73 -8.10
CA GLY T 34 25.08 24.84 -7.66
C GLY T 34 26.34 25.01 -8.49
N GLY T 35 26.95 23.89 -8.88
CA GLY T 35 28.15 23.92 -9.71
C GLY T 35 29.36 24.42 -8.95
N LEU T 36 29.75 23.69 -7.91
CA LEU T 36 30.80 24.16 -7.01
C LEU T 36 31.28 22.94 -6.23
N THR T 37 32.53 22.95 -5.79
CA THR T 37 33.10 21.83 -5.05
C THR T 37 33.97 22.34 -3.93
N SER T 38 33.75 21.83 -2.72
CA SER T 38 34.45 22.30 -1.52
C SER T 38 35.11 21.12 -0.83
N VAL T 39 36.31 21.34 -0.27
CA VAL T 39 37.13 20.28 0.30
C VAL T 39 37.45 20.63 1.75
N ALA T 40 37.32 19.66 2.64
CA ALA T 40 37.67 19.80 4.05
C ALA T 40 38.75 18.78 4.39
N VAL T 41 39.84 19.24 5.00
CA VAL T 41 40.94 18.38 5.42
C VAL T 41 41.30 18.71 6.86
N ARG T 42 41.35 17.70 7.71
CA ARG T 42 41.79 17.85 9.09
C ARG T 42 43.20 17.29 9.25
N GLY T 43 44.09 18.10 9.78
CA GLY T 43 45.44 17.68 10.10
C GLY T 43 45.60 17.35 11.57
N LYS T 44 46.86 17.29 12.01
CA LYS T 44 47.13 16.96 13.39
C LYS T 44 46.88 18.12 14.33
N ASP T 45 47.04 19.36 13.86
CA ASP T 45 46.76 20.50 14.72
C ASP T 45 46.05 21.63 13.98
N CYS T 46 45.27 21.28 12.96
CA CYS T 46 44.58 22.29 12.17
C CYS T 46 43.40 21.64 11.47
N ALA T 47 42.69 22.45 10.69
CA ALA T 47 41.52 22.01 9.92
C ALA T 47 41.31 23.01 8.81
N VAL T 48 41.47 22.58 7.57
CA VAL T 48 41.45 23.48 6.43
C VAL T 48 40.14 23.34 5.67
N ILE T 49 39.56 24.46 5.26
CA ILE T 49 38.42 24.49 4.36
C ILE T 49 38.86 25.26 3.13
N VAL T 50 38.68 24.68 1.95
CA VAL T 50 39.04 25.35 0.70
C VAL T 50 37.86 25.22 -0.27
N THR T 51 37.56 26.33 -0.97
CA THR T 51 36.42 26.43 -1.87
C THR T 51 36.70 27.51 -2.90
N GLN T 52 36.53 27.19 -4.18
CA GLN T 52 36.72 28.21 -5.20
C GLN T 52 35.47 29.08 -5.27
N LYS T 53 35.53 30.16 -6.04
CA LYS T 53 34.32 30.88 -6.40
C LYS T 53 34.39 31.24 -7.87
N LYS T 54 33.22 31.34 -8.48
CA LYS T 54 33.09 31.69 -9.88
C LYS T 54 32.53 33.10 -9.96
N VAL T 55 33.25 33.98 -10.64
CA VAL T 55 32.82 35.36 -10.78
C VAL T 55 32.48 35.60 -12.25
N PRO T 56 31.21 35.49 -12.63
CA PRO T 56 30.86 35.61 -14.05
C PRO T 56 30.86 37.06 -14.53
N ASP T 57 30.53 37.99 -13.63
CA ASP T 57 30.39 39.38 -14.02
C ASP T 57 31.52 40.20 -13.43
N LYS T 58 32.02 41.14 -14.24
CA LYS T 58 32.92 42.15 -13.71
C LYS T 58 32.15 43.17 -12.88
N LEU T 59 30.85 43.30 -13.10
CA LEU T 59 30.01 44.24 -12.35
C LEU T 59 29.43 43.57 -11.12
N LEU T 60 30.30 42.95 -10.33
CA LEU T 60 29.88 42.16 -9.19
C LEU T 60 31.01 42.17 -8.19
N ASP T 61 30.68 42.23 -6.90
CA ASP T 61 31.69 42.46 -5.89
C ASP T 61 32.49 41.19 -5.62
N SER T 62 33.66 41.37 -5.03
CA SER T 62 34.51 40.26 -4.65
C SER T 62 34.49 40.09 -3.14
N SER T 63 33.44 40.57 -2.52
CA SER T 63 33.31 40.55 -1.07
C SER T 63 32.04 39.86 -0.62
N THR T 64 30.94 40.02 -1.35
CA THR T 64 29.65 39.50 -0.94
C THR T 64 29.37 38.12 -1.50
N VAL T 65 30.40 37.36 -1.87
CA VAL T 65 30.23 36.14 -2.63
C VAL T 65 30.60 34.90 -1.84
N THR T 66 31.66 34.96 -1.03
CA THR T 66 32.31 33.76 -0.51
C THR T 66 31.42 33.04 0.50
N HIS T 67 31.30 31.73 0.31
CA HIS T 67 30.46 30.87 1.13
C HIS T 67 31.04 30.60 2.51
N LEU T 68 32.27 31.00 2.79
CA LEU T 68 32.88 30.76 4.09
C LEU T 68 32.21 31.65 5.13
N PHE T 69 31.43 31.02 5.98
CA PHE T 69 30.69 31.74 7.00
C PHE T 69 31.27 31.44 8.38
N LYS T 70 30.90 32.27 9.33
CA LYS T 70 31.41 32.19 10.69
C LYS T 70 30.23 31.98 11.61
N ILE T 71 30.10 30.78 12.17
CA ILE T 71 28.99 30.51 13.06
C ILE T 71 29.24 31.16 14.42
N THR T 72 30.32 30.78 15.07
CA THR T 72 30.72 31.35 16.33
C THR T 72 32.19 31.76 16.17
N GLU T 73 32.78 32.27 17.24
CA GLU T 73 34.17 32.71 17.17
C GLU T 73 35.15 31.55 17.04
N ASN T 74 34.71 30.33 17.33
CA ASN T 74 35.58 29.17 17.25
C ASN T 74 35.10 28.14 16.26
N ILE T 75 34.01 28.43 15.55
CA ILE T 75 33.40 27.49 14.61
C ILE T 75 33.09 28.22 13.32
N GLY T 76 33.65 27.73 12.22
CA GLY T 76 33.31 28.20 10.89
C GLY T 76 32.72 27.09 10.05
N CYS T 77 32.23 27.47 8.87
CA CYS T 77 31.57 26.48 8.03
C CYS T 77 31.75 26.86 6.57
N VAL T 78 31.25 25.98 5.71
CA VAL T 78 31.15 26.24 4.27
C VAL T 78 29.85 25.63 3.79
N MET T 79 29.23 26.26 2.80
CA MET T 79 27.94 25.84 2.29
C MET T 79 28.06 25.48 0.82
N THR T 80 27.45 24.38 0.43
CA THR T 80 27.26 24.07 -0.98
C THR T 80 25.79 23.85 -1.24
N GLY T 81 25.47 23.65 -2.52
CA GLY T 81 24.09 23.53 -2.90
C GLY T 81 23.60 24.84 -3.45
N MET T 82 22.32 25.15 -3.24
CA MET T 82 21.87 26.46 -3.68
C MET T 82 22.11 27.47 -2.58
N THR T 83 21.91 28.74 -2.86
CA THR T 83 22.44 29.77 -1.99
C THR T 83 21.34 30.26 -1.07
N ALA T 84 20.11 30.28 -1.57
CA ALA T 84 18.99 30.76 -0.78
C ALA T 84 18.70 29.81 0.37
N ASP T 85 18.87 28.52 0.14
CA ASP T 85 18.68 27.55 1.20
C ASP T 85 19.87 27.52 2.14
N SER T 86 21.03 27.97 1.67
CA SER T 86 22.23 27.89 2.48
C SER T 86 22.20 28.91 3.61
N ARG T 87 21.86 30.15 3.28
CA ARG T 87 21.88 31.21 4.28
C ARG T 87 20.76 31.04 5.29
N SER T 88 19.67 30.38 4.90
CA SER T 88 18.64 30.05 5.87
C SER T 88 19.15 29.01 6.85
N GLN T 89 20.01 28.11 6.36
CA GLN T 89 20.60 27.09 7.22
C GLN T 89 21.58 27.70 8.20
N VAL T 90 22.26 28.77 7.79
CA VAL T 90 23.32 29.34 8.61
C VAL T 90 22.72 30.14 9.76
N GLN T 91 21.63 30.86 9.52
CA GLN T 91 20.98 31.62 10.59
C GLN T 91 20.42 30.71 11.66
N ARG T 92 19.99 29.51 11.29
CA ARG T 92 19.62 28.52 12.29
C ARG T 92 20.81 28.11 13.12
N ALA T 93 21.96 27.94 12.47
CA ALA T 93 23.14 27.50 13.21
C ALA T 93 23.70 28.61 14.08
N ARG T 94 23.60 29.86 13.63
CA ARG T 94 24.00 30.99 14.46
C ARG T 94 23.07 31.12 15.66
N TYR T 95 21.78 30.82 15.45
CA TYR T 95 20.80 31.04 16.51
C TYR T 95 20.91 30.01 17.61
N GLU T 96 21.17 28.76 17.25
CA GLU T 96 21.18 27.72 18.27
C GLU T 96 22.54 27.61 18.94
N ALA T 97 23.57 28.20 18.34
CA ALA T 97 24.85 28.29 19.04
C ALA T 97 24.76 29.24 20.21
N ALA T 98 24.03 30.34 20.03
CA ALA T 98 23.92 31.33 21.09
C ALA T 98 23.03 30.84 22.22
N ASN T 99 22.03 30.01 21.90
CA ASN T 99 21.15 29.48 22.93
C ASN T 99 21.85 28.47 23.80
N TRP T 100 22.90 27.83 23.27
CA TRP T 100 23.71 26.97 24.10
C TRP T 100 24.43 27.77 25.18
N LYS T 101 24.88 28.98 24.84
CA LYS T 101 25.51 29.83 25.82
C LYS T 101 24.55 30.26 26.90
N TYR T 102 23.36 30.69 26.50
CA TYR T 102 22.43 31.27 27.44
C TYR T 102 21.84 30.21 28.36
N LYS T 103 21.67 29.00 27.85
CA LYS T 103 21.10 27.94 28.67
C LYS T 103 22.15 27.27 29.52
N TYR T 104 23.31 27.00 28.94
CA TYR T 104 24.23 26.06 29.56
C TYR T 104 25.46 26.76 30.14
N GLY T 105 25.94 27.80 29.48
CA GLY T 105 26.98 28.59 30.11
C GLY T 105 28.31 28.52 29.40
N TYR T 106 28.62 27.37 28.83
CA TYR T 106 29.90 27.21 28.16
C TYR T 106 29.70 27.17 26.65
N GLU T 107 30.83 27.16 25.95
CA GLU T 107 30.81 27.20 24.49
C GLU T 107 30.36 25.86 23.94
N ILE T 108 29.56 25.90 22.88
CA ILE T 108 29.00 24.67 22.30
C ILE T 108 30.10 23.87 21.61
N PRO T 109 30.13 22.56 21.74
CA PRO T 109 31.05 21.75 20.94
C PRO T 109 30.59 21.72 19.50
N VAL T 110 31.55 21.46 18.61
CA VAL T 110 31.24 21.44 17.19
C VAL T 110 30.46 20.16 16.84
N ASP T 111 30.59 19.13 17.68
CA ASP T 111 29.84 17.91 17.45
C ASP T 111 28.37 18.07 17.81
N MET T 112 28.07 18.74 18.92
CA MET T 112 26.70 18.85 19.37
C MET T 112 25.86 19.73 18.46
N LEU T 113 26.51 20.64 17.74
CA LEU T 113 25.77 21.53 16.84
C LEU T 113 25.24 20.77 15.65
N CYS T 114 25.95 19.74 15.20
CA CYS T 114 25.51 19.00 14.03
C CYS T 114 24.32 18.10 14.36
N LYS T 115 24.15 17.73 15.62
CA LYS T 115 22.93 17.06 16.02
C LYS T 115 21.73 17.97 15.91
N ARG T 116 21.87 19.21 16.38
CA ARG T 116 20.75 20.14 16.36
C ARG T 116 20.35 20.48 14.94
N ILE T 117 21.31 20.54 14.02
CA ILE T 117 20.97 20.83 12.63
C ILE T 117 20.30 19.63 11.98
N ALA T 118 20.84 18.43 12.21
CA ALA T 118 20.34 17.25 11.52
C ALA T 118 18.97 16.84 12.05
N ASP T 119 18.65 17.24 13.28
CA ASP T 119 17.31 17.01 13.79
C ASP T 119 16.29 17.85 13.04
N ILE T 120 16.64 19.09 12.71
CA ILE T 120 15.72 19.97 12.03
C ILE T 120 15.51 19.52 10.60
N SER T 121 16.57 19.03 9.96
CA SER T 121 16.45 18.53 8.60
C SER T 121 15.65 17.23 8.56
N GLN T 122 15.72 16.45 9.64
CA GLN T 122 14.88 15.28 9.79
C GLN T 122 13.41 15.61 9.71
N VAL T 123 12.98 16.66 10.41
CA VAL T 123 11.56 16.96 10.52
C VAL T 123 11.01 17.42 9.17
N TYR T 124 11.84 18.09 8.39
CA TYR T 124 11.41 18.57 7.08
C TYR T 124 11.24 17.41 6.13
N THR T 125 12.08 16.39 6.27
CA THR T 125 11.85 15.10 5.62
C THR T 125 10.58 14.47 6.14
N GLN T 126 10.28 14.70 7.40
CA GLN T 126 9.32 13.87 8.10
C GLN T 126 7.89 14.29 7.80
N ASN T 127 7.53 15.53 8.11
CA ASN T 127 6.20 16.04 7.76
C ASN T 127 6.14 16.26 6.25
N ALA T 128 5.05 15.83 5.63
CA ALA T 128 5.02 15.73 4.19
C ALA T 128 4.68 17.04 3.48
N GLU T 129 4.19 18.04 4.18
CA GLU T 129 3.75 19.27 3.52
C GLU T 129 4.81 20.36 3.50
N MET T 130 6.09 20.02 3.43
CA MET T 130 7.11 21.05 3.31
C MET T 130 8.36 20.50 2.65
N ARG T 131 9.17 21.43 2.16
CA ARG T 131 10.31 21.17 1.29
C ARG T 131 11.53 20.79 2.13
N PRO T 132 12.36 19.86 1.68
CA PRO T 132 13.46 19.36 2.51
C PRO T 132 14.78 20.11 2.43
N LEU T 133 14.84 21.33 1.87
CA LEU T 133 16.02 22.19 1.92
C LEU T 133 17.32 21.62 1.37
N GLY T 134 17.46 21.45 0.07
CA GLY T 134 18.66 20.80 -0.41
C GLY T 134 19.89 21.68 -0.45
N CYS T 135 20.76 21.49 0.56
CA CYS T 135 22.06 22.13 0.66
C CYS T 135 22.87 21.34 1.67
N CYS T 136 24.18 21.35 1.50
CA CYS T 136 25.02 20.60 2.42
C CYS T 136 25.59 21.52 3.50
N MET T 137 26.52 20.97 4.27
CA MET T 137 26.99 21.60 5.50
C MET T 137 28.29 20.93 5.90
N ILE T 138 29.34 21.71 6.15
CA ILE T 138 30.60 21.19 6.66
C ILE T 138 31.06 22.13 7.77
N LEU T 139 31.42 21.58 8.93
CA LEU T 139 31.88 22.39 10.05
C LEU T 139 33.32 22.05 10.40
N ILE T 140 34.02 23.00 11.02
CA ILE T 140 35.32 22.76 11.63
C ILE T 140 35.35 23.44 13.00
N GLY T 141 36.38 23.16 13.77
CA GLY T 141 36.49 23.69 15.11
C GLY T 141 37.41 22.85 15.96
N ILE T 142 37.90 23.46 17.03
CA ILE T 142 38.87 22.84 17.93
C ILE T 142 38.17 22.53 19.24
N ASP T 143 38.22 21.28 19.65
CA ASP T 143 37.62 20.87 20.91
C ASP T 143 38.71 20.73 21.96
N GLU T 144 38.35 21.06 23.20
CA GLU T 144 39.25 20.89 24.33
C GLU T 144 39.44 19.40 24.60
N GLU T 145 40.71 18.98 24.65
CA GLU T 145 41.12 17.59 24.91
C GLU T 145 40.62 16.62 23.85
N GLN T 146 40.25 17.13 22.67
CA GLN T 146 39.88 16.29 21.54
C GLN T 146 40.48 16.75 20.23
N GLY T 147 41.13 17.91 20.18
CA GLY T 147 41.76 18.37 18.96
C GLY T 147 40.75 18.90 17.97
N PRO T 148 41.12 18.92 16.69
CA PRO T 148 40.21 19.38 15.66
C PRO T 148 39.16 18.36 15.29
N GLN T 149 38.04 18.85 14.76
CA GLN T 149 36.98 18.00 14.23
C GLN T 149 36.49 18.53 12.90
N VAL T 150 35.97 17.64 12.07
CA VAL T 150 35.33 17.97 10.80
C VAL T 150 34.06 17.14 10.72
N TYR T 151 32.93 17.79 10.49
CA TYR T 151 31.66 17.09 10.37
C TYR T 151 30.94 17.49 9.09
N LYS T 152 29.87 16.76 8.80
CA LYS T 152 29.07 17.03 7.59
C LYS T 152 27.61 16.70 7.88
N CYS T 153 26.78 17.72 7.95
CA CYS T 153 25.35 17.46 7.95
C CYS T 153 24.85 17.28 6.52
N ASP T 154 23.77 16.51 6.39
CA ASP T 154 23.19 16.18 5.11
C ASP T 154 21.71 16.52 5.13
N PRO T 155 21.10 16.76 3.96
CA PRO T 155 19.66 17.05 3.95
C PRO T 155 18.77 15.86 4.30
N ALA T 156 19.30 14.64 4.32
CA ALA T 156 18.53 13.53 4.88
C ALA T 156 18.45 13.66 6.40
N GLY T 157 19.55 14.07 7.01
CA GLY T 157 19.53 14.27 8.44
C GLY T 157 20.55 13.47 9.20
N TYR T 158 21.64 13.06 8.55
CA TYR T 158 22.67 12.35 9.28
C TYR T 158 24.01 13.03 9.12
N TYR T 159 24.89 12.74 10.07
CA TYR T 159 26.18 13.36 10.21
C TYR T 159 27.14 12.29 10.70
N CYS T 160 28.43 12.51 10.44
CA CYS T 160 29.47 11.74 11.11
C CYS T 160 30.77 12.53 11.03
N GLY T 161 31.72 12.15 11.88
CA GLY T 161 33.03 12.74 11.82
C GLY T 161 33.82 12.26 10.63
N PHE T 162 34.89 12.98 10.32
CA PHE T 162 35.73 12.63 9.19
C PHE T 162 37.16 12.96 9.50
N LYS T 163 38.03 12.56 8.60
CA LYS T 163 39.41 13.01 8.62
C LYS T 163 39.72 13.97 7.49
N ALA T 164 39.25 13.68 6.28
CA ALA T 164 39.42 14.57 5.15
C ALA T 164 38.34 14.25 4.13
N THR T 165 37.32 15.10 3.98
CA THR T 165 36.19 14.76 3.13
C THR T 165 35.63 15.97 2.43
N ALA T 166 35.54 15.88 1.11
CA ALA T 166 35.05 16.94 0.26
C ALA T 166 33.57 16.76 -0.03
N ALA T 167 32.96 17.81 -0.56
CA ALA T 167 31.57 17.77 -0.97
C ALA T 167 31.42 18.68 -2.17
N GLY T 168 30.20 18.75 -2.70
CA GLY T 168 29.93 19.60 -3.85
C GLY T 168 29.57 18.82 -5.08
N VAL T 169 30.23 19.10 -6.18
CA VAL T 169 30.01 18.40 -7.44
C VAL T 169 30.90 17.18 -7.55
N LYS T 170 32.18 17.34 -7.31
CA LYS T 170 33.16 16.30 -7.51
C LYS T 170 33.51 15.68 -6.17
N GLN T 171 32.96 14.53 -5.89
CA GLN T 171 33.42 13.83 -4.70
C GLN T 171 34.14 12.55 -5.07
N THR T 172 33.60 11.78 -6.00
CA THR T 172 34.07 10.43 -6.26
C THR T 172 35.46 10.43 -6.87
N GLU T 173 35.89 11.55 -7.43
CA GLU T 173 37.27 11.74 -7.79
C GLU T 173 38.04 12.40 -6.66
N SER T 174 37.37 13.24 -5.87
CA SER T 174 38.05 13.95 -4.80
C SER T 174 38.24 13.05 -3.59
N THR T 175 37.25 12.22 -3.27
CA THR T 175 37.41 11.31 -2.14
C THR T 175 38.34 10.17 -2.51
N SER T 176 38.36 9.78 -3.78
CA SER T 176 39.28 8.73 -4.21
C SER T 176 40.71 9.19 -4.11
N PHE T 177 40.96 10.48 -4.33
CA PHE T 177 42.31 10.99 -4.18
C PHE T 177 42.69 11.12 -2.71
N LEU T 178 41.73 11.51 -1.86
CA LEU T 178 42.05 11.69 -0.45
C LEU T 178 42.31 10.36 0.24
N GLU T 179 41.65 9.29 -0.20
CA GLU T 179 41.96 7.97 0.32
C GLU T 179 43.37 7.56 -0.03
N LYS T 180 43.79 7.82 -1.26
CA LYS T 180 45.17 7.52 -1.64
C LYS T 180 46.15 8.41 -0.91
N LYS T 181 45.71 9.56 -0.43
CA LYS T 181 46.60 10.42 0.32
C LYS T 181 46.70 10.01 1.77
N VAL T 182 45.60 9.54 2.37
CA VAL T 182 45.59 9.27 3.79
C VAL T 182 46.19 7.91 4.11
N LYS T 183 45.80 6.86 3.37
CA LYS T 183 46.17 5.49 3.72
C LYS T 183 47.65 5.20 3.55
N LYS T 184 48.40 6.09 2.91
CA LYS T 184 49.84 5.90 2.84
C LYS T 184 50.56 6.42 4.06
N LYS T 185 49.81 6.92 5.06
CA LYS T 185 50.28 7.23 6.40
C LYS T 185 51.41 8.25 6.42
N PHE T 186 51.15 9.45 5.92
CA PHE T 186 52.16 10.49 5.88
C PHE T 186 52.04 11.37 7.13
N ASP T 187 52.90 12.38 7.19
CA ASP T 187 52.82 13.38 8.24
C ASP T 187 51.81 14.45 7.85
N TRP T 188 51.35 15.20 8.84
CA TRP T 188 50.33 16.25 8.64
C TRP T 188 50.61 17.34 9.64
N THR T 189 51.21 18.46 9.22
CA THR T 189 51.55 19.40 10.26
C THR T 189 50.75 20.68 10.23
N PHE T 190 51.07 21.60 9.32
CA PHE T 190 50.13 22.65 8.97
C PHE T 190 50.11 22.85 7.47
N GLU T 191 51.30 23.10 6.92
CA GLU T 191 51.43 23.41 5.51
C GLU T 191 51.38 22.15 4.69
N GLN T 192 51.68 21.03 5.33
CA GLN T 192 51.41 19.74 4.72
C GLN T 192 49.91 19.54 4.53
N THR T 193 49.11 20.04 5.47
CA THR T 193 47.67 19.87 5.37
C THR T 193 47.07 20.85 4.38
N VAL T 194 47.63 22.06 4.30
CA VAL T 194 47.10 23.06 3.39
C VAL T 194 47.42 22.69 1.95
N GLU T 195 48.63 22.17 1.71
CA GLU T 195 49.06 21.88 0.35
C GLU T 195 48.27 20.73 -0.26
N THR T 196 47.86 19.76 0.56
CA THR T 196 47.05 18.67 0.06
C THR T 196 45.62 19.12 -0.22
N ALA T 197 45.14 20.10 0.55
CA ALA T 197 43.81 20.63 0.30
C ALA T 197 43.77 21.44 -0.98
N ILE T 198 44.90 21.98 -1.40
CA ILE T 198 44.92 22.67 -2.69
C ILE T 198 45.06 21.67 -3.82
N THR T 199 46.04 20.76 -3.70
CA THR T 199 46.41 19.92 -4.82
C THR T 199 45.34 18.87 -5.13
N CYS T 200 44.53 18.51 -4.14
CA CYS T 200 43.39 17.65 -4.43
C CYS T 200 42.38 18.39 -5.27
N LEU T 201 42.05 19.61 -4.86
CA LEU T 201 41.15 20.44 -5.64
C LEU T 201 41.82 20.90 -6.94
N SER T 202 43.15 20.98 -6.95
CA SER T 202 43.84 21.30 -8.19
C SER T 202 43.77 20.16 -9.19
N THR T 203 44.04 18.94 -8.75
CA THR T 203 44.09 17.82 -9.70
C THR T 203 42.73 17.36 -10.15
N VAL T 204 41.71 17.44 -9.28
CA VAL T 204 40.38 17.01 -9.68
C VAL T 204 39.78 17.99 -10.67
N LEU T 205 39.85 19.27 -10.36
CA LEU T 205 39.29 20.27 -11.26
C LEU T 205 40.16 20.49 -12.48
N SER T 206 41.47 20.20 -12.36
CA SER T 206 42.46 20.34 -13.43
C SER T 206 42.51 21.77 -13.97
N ILE T 207 42.82 22.71 -13.08
CA ILE T 207 42.75 24.13 -13.38
C ILE T 207 44.13 24.79 -13.33
N ASP T 208 44.87 24.60 -12.23
CA ASP T 208 46.14 25.24 -11.92
C ASP T 208 45.97 26.75 -11.95
N PHE T 209 45.17 27.26 -11.05
CA PHE T 209 44.59 28.59 -11.12
C PHE T 209 45.54 29.67 -10.61
N LYS T 210 45.10 30.91 -10.68
CA LYS T 210 45.58 32.15 -10.12
C LYS T 210 45.00 32.32 -8.72
N PRO T 211 45.74 32.84 -7.76
CA PRO T 211 45.20 32.93 -6.40
C PRO T 211 44.13 33.99 -6.25
N SER T 212 42.96 33.78 -6.85
CA SER T 212 41.90 34.77 -6.75
C SER T 212 40.54 34.11 -6.58
N GLU T 213 40.45 32.81 -6.85
CA GLU T 213 39.17 32.13 -6.79
C GLU T 213 38.93 31.40 -5.48
N ILE T 214 39.95 30.83 -4.89
CA ILE T 214 39.74 29.96 -3.74
C ILE T 214 39.87 30.77 -2.46
N GLU T 215 39.24 30.27 -1.40
CA GLU T 215 39.35 30.88 -0.08
C GLU T 215 39.66 29.80 0.94
N VAL T 216 40.49 30.13 1.91
CA VAL T 216 40.96 29.18 2.91
C VAL T 216 40.52 29.67 4.29
N GLY T 217 39.95 28.76 5.07
CA GLY T 217 39.34 29.10 6.34
C GLY T 217 39.89 28.35 7.54
N VAL T 218 41.21 28.27 7.67
CA VAL T 218 41.83 27.35 8.61
C VAL T 218 41.57 27.78 10.04
N VAL T 219 41.52 26.79 10.94
CA VAL T 219 41.52 27.00 12.38
C VAL T 219 42.70 26.21 12.94
N THR T 220 43.26 26.68 14.05
CA THR T 220 44.49 26.10 14.58
C THR T 220 44.32 25.84 16.07
N VAL T 221 45.08 24.89 16.60
CA VAL T 221 45.12 24.66 18.03
C VAL T 221 45.69 25.85 18.76
N GLU T 222 46.77 26.43 18.23
CA GLU T 222 47.40 27.58 18.89
C GLU T 222 46.53 28.82 18.78
N ASN T 223 45.71 28.92 17.74
CA ASN T 223 44.80 30.06 17.57
C ASN T 223 43.43 29.52 17.21
N PRO T 224 42.57 29.31 18.20
CA PRO T 224 41.27 28.65 17.92
C PRO T 224 40.26 29.55 17.25
N LYS T 225 40.58 30.81 17.00
CA LYS T 225 39.65 31.68 16.30
C LYS T 225 39.51 31.25 14.84
N PHE T 226 38.28 31.24 14.35
CA PHE T 226 38.05 30.96 12.94
C PHE T 226 38.58 32.12 12.13
N ARG T 227 39.41 31.82 11.14
CA ARG T 227 40.19 32.81 10.43
C ARG T 227 40.09 32.56 8.92
N ILE T 228 39.72 33.59 8.18
CA ILE T 228 39.68 33.50 6.73
C ILE T 228 40.93 34.15 6.17
N LEU T 229 41.68 33.38 5.37
CA LEU T 229 43.01 33.81 4.95
C LEU T 229 42.95 34.94 3.94
N THR T 230 43.98 35.78 3.99
CA THR T 230 44.14 36.88 3.05
C THR T 230 44.57 36.35 1.70
N GLU T 231 44.22 37.08 0.64
CA GLU T 231 44.57 36.67 -0.72
C GLU T 231 46.08 36.68 -0.94
N ALA T 232 46.80 37.55 -0.23
CA ALA T 232 48.25 37.58 -0.33
C ALA T 232 48.87 36.32 0.23
N GLU T 233 48.46 35.93 1.44
CA GLU T 233 49.05 34.75 2.07
C GLU T 233 48.53 33.46 1.46
N ILE T 234 47.36 33.52 0.81
CA ILE T 234 46.95 32.41 -0.04
C ILE T 234 47.92 32.24 -1.21
N ASP T 235 48.35 33.36 -1.79
CA ASP T 235 49.37 33.30 -2.84
C ASP T 235 50.71 32.86 -2.27
N ALA T 236 50.95 33.13 -0.98
CA ALA T 236 52.22 32.74 -0.37
C ALA T 236 52.35 31.23 -0.25
N HIS T 237 51.27 30.55 0.15
CA HIS T 237 51.30 29.10 0.23
C HIS T 237 51.38 28.46 -1.14
N LEU T 238 50.78 29.07 -2.15
CA LEU T 238 50.69 28.44 -3.45
C LEU T 238 52.04 28.43 -4.16
N VAL T 239 52.80 29.52 -4.05
CA VAL T 239 54.13 29.53 -4.64
C VAL T 239 55.11 28.75 -3.80
N ALA T 240 54.81 28.50 -2.52
CA ALA T 240 55.74 27.77 -1.67
C ALA T 240 55.75 26.28 -1.99
N LEU T 241 54.57 25.70 -2.17
CA LEU T 241 54.48 24.32 -2.62
C LEU T 241 54.92 24.16 -4.06
N ALA T 242 54.86 25.23 -4.84
CA ALA T 242 55.40 25.21 -6.19
C ALA T 242 56.91 25.11 -6.13
N GLU T 243 57.48 24.17 -6.86
CA GLU T 243 58.92 24.00 -6.92
C GLU T 243 59.47 24.75 -8.12
N GLU U 2 1.58 25.06 9.32
CA GLU U 2 0.66 24.32 8.47
C GLU U 2 -0.71 24.99 8.44
N ARG U 3 -1.71 24.31 7.89
CA ARG U 3 -3.01 24.91 7.60
C ARG U 3 -4.15 24.33 8.42
N GLY U 4 -4.10 23.04 8.74
CA GLY U 4 -5.27 22.40 9.29
C GLY U 4 -5.78 21.28 8.41
N TYR U 5 -4.86 20.58 7.75
CA TYR U 5 -5.22 19.48 6.86
C TYR U 5 -5.44 18.21 7.69
N SER U 6 -4.37 17.73 8.36
CA SER U 6 -4.39 16.65 9.35
C SER U 6 -5.07 15.36 8.86
N PHE U 7 -4.99 15.11 7.57
CA PHE U 7 -5.61 13.91 7.02
C PHE U 7 -4.61 12.76 6.99
N SER U 8 -5.04 11.62 7.51
CA SER U 8 -4.18 10.45 7.57
C SER U 8 -3.95 9.91 6.18
N LEU U 9 -2.68 9.80 5.80
CA LEU U 9 -2.32 9.28 4.50
C LEU U 9 -2.07 7.77 4.52
N THR U 10 -2.56 7.07 5.54
CA THR U 10 -2.54 5.62 5.60
C THR U 10 -3.97 5.14 5.84
N THR U 11 -4.57 4.53 4.83
CA THR U 11 -5.90 3.94 4.94
C THR U 11 -5.85 2.47 4.57
N PHE U 12 -6.98 1.80 4.74
CA PHE U 12 -7.03 0.37 4.50
C PHE U 12 -7.09 0.07 3.02
N SER U 13 -6.46 -1.03 2.62
CA SER U 13 -6.57 -1.52 1.27
C SER U 13 -7.96 -2.13 1.05
N PRO U 14 -8.39 -2.29 -0.20
CA PRO U 14 -9.60 -3.08 -0.45
C PRO U 14 -9.45 -4.53 -0.06
N SER U 15 -8.23 -5.07 -0.04
CA SER U 15 -8.02 -6.37 0.56
C SER U 15 -8.25 -6.31 2.05
N GLY U 16 -7.80 -5.25 2.70
CA GLY U 16 -7.97 -5.12 4.14
C GLY U 16 -6.66 -5.08 4.88
N LYS U 17 -5.62 -4.56 4.24
CA LYS U 17 -4.31 -4.45 4.88
C LYS U 17 -3.89 -2.99 4.81
N LEU U 18 -2.86 -2.62 5.56
CA LEU U 18 -2.34 -1.27 5.54
C LEU U 18 -1.09 -1.27 4.67
N VAL U 19 -1.01 -0.30 3.77
CA VAL U 19 -0.02 -0.40 2.71
C VAL U 19 1.31 0.17 3.16
N GLN U 20 1.31 1.33 3.79
CA GLN U 20 2.55 2.05 4.08
C GLN U 20 3.37 1.35 5.16
N ILE U 21 2.71 0.69 6.10
CA ILE U 21 3.43 -0.02 7.15
C ILE U 21 4.18 -1.21 6.56
N GLU U 22 3.57 -1.89 5.60
CA GLU U 22 4.24 -2.97 4.90
C GLU U 22 5.42 -2.46 4.09
N TYR U 23 5.32 -1.24 3.57
CA TYR U 23 6.46 -0.68 2.86
C TYR U 23 7.52 -0.22 3.83
N ALA U 24 7.12 0.20 5.02
CA ALA U 24 8.10 0.61 6.03
C ALA U 24 8.85 -0.59 6.57
N LEU U 25 8.20 -1.76 6.58
CA LEU U 25 8.91 -2.97 6.97
C LEU U 25 9.92 -3.38 5.92
N ALA U 26 9.70 -2.98 4.67
CA ALA U 26 10.67 -3.29 3.63
C ALA U 26 11.95 -2.50 3.80
N ALA U 27 11.87 -1.31 4.35
CA ALA U 27 13.08 -0.52 4.60
C ALA U 27 13.88 -1.10 5.76
N VAL U 28 13.19 -1.72 6.72
CA VAL U 28 13.87 -2.30 7.86
C VAL U 28 14.62 -3.56 7.45
N ALA U 29 14.03 -4.35 6.56
CA ALA U 29 14.66 -5.60 6.15
C ALA U 29 15.91 -5.38 5.32
N GLY U 30 16.04 -4.22 4.70
CA GLY U 30 17.23 -3.92 3.94
C GLY U 30 18.17 -3.01 4.69
N GLY U 31 18.27 -3.20 5.99
CA GLY U 31 19.16 -2.37 6.78
C GLY U 31 20.35 -3.15 7.28
N ALA U 32 21.08 -2.58 8.23
CA ALA U 32 22.27 -3.23 8.75
C ALA U 32 21.87 -4.36 9.67
N PRO U 33 22.53 -5.50 9.60
CA PRO U 33 22.15 -6.64 10.44
C PRO U 33 22.48 -6.41 11.89
N SER U 34 21.72 -7.09 12.74
CA SER U 34 21.86 -6.94 14.19
C SER U 34 21.34 -8.20 14.86
N VAL U 35 21.81 -8.44 16.08
CA VAL U 35 21.46 -9.65 16.80
C VAL U 35 21.41 -9.32 18.28
N GLY U 36 20.55 -10.03 19.00
CA GLY U 36 20.41 -9.86 20.43
C GLY U 36 20.05 -11.17 21.11
N ILE U 37 20.76 -11.52 22.19
CA ILE U 37 20.63 -12.82 22.83
C ILE U 37 20.45 -12.61 24.33
N LYS U 38 19.47 -13.30 24.91
CA LYS U 38 19.14 -13.22 26.33
C LYS U 38 19.55 -14.52 27.00
N ALA U 39 20.47 -14.45 27.96
CA ALA U 39 21.12 -15.66 28.43
C ALA U 39 21.24 -15.80 29.94
N ALA U 40 20.13 -15.57 30.66
CA ALA U 40 19.89 -15.99 32.04
C ALA U 40 20.78 -15.31 33.09
N ASN U 41 21.70 -14.46 32.68
CA ASN U 41 22.40 -13.61 33.64
C ASN U 41 22.57 -12.20 33.10
N GLY U 42 22.50 -12.06 31.77
CA GLY U 42 22.54 -10.76 31.12
C GLY U 42 22.02 -10.91 29.71
N VAL U 43 21.90 -9.76 29.03
CA VAL U 43 21.47 -9.71 27.64
C VAL U 43 22.55 -8.99 26.86
N VAL U 44 22.85 -9.49 25.66
CA VAL U 44 23.92 -8.97 24.81
C VAL U 44 23.31 -8.45 23.53
N LEU U 45 23.63 -7.20 23.19
CA LEU U 45 23.24 -6.60 21.92
C LEU U 45 24.48 -6.54 21.04
N ALA U 46 24.34 -6.93 19.78
CA ALA U 46 25.42 -6.87 18.81
C ALA U 46 24.88 -6.34 17.50
N THR U 47 25.40 -5.19 17.07
CA THR U 47 25.08 -4.65 15.76
C THR U 47 26.25 -4.87 14.82
N GLU U 48 26.17 -4.31 13.61
CA GLU U 48 27.19 -4.53 12.60
C GLU U 48 27.41 -3.21 11.88
N LYS U 49 28.53 -2.56 12.16
CA LYS U 49 28.78 -1.20 11.71
C LYS U 49 29.87 -1.20 10.66
N LYS U 50 29.54 -0.71 9.47
CA LYS U 50 30.51 -0.60 8.39
C LYS U 50 30.81 0.86 8.10
N GLN U 51 31.82 1.07 7.28
CA GLN U 51 32.19 2.40 6.84
C GLN U 51 32.55 2.32 5.38
N LYS U 52 31.96 3.18 4.55
CA LYS U 52 32.16 3.12 3.11
C LYS U 52 33.57 3.51 2.70
N SER U 53 34.30 4.21 3.55
CA SER U 53 35.64 4.66 3.24
C SER U 53 36.56 4.34 4.40
N ILE U 54 37.83 4.68 4.23
CA ILE U 54 38.75 4.75 5.35
C ILE U 54 38.77 6.15 5.95
N LEU U 55 37.87 7.03 5.50
CA LEU U 55 37.85 8.43 5.89
C LEU U 55 36.85 8.71 6.99
N TYR U 56 36.00 7.76 7.34
CA TYR U 56 35.01 8.03 8.36
C TYR U 56 35.65 7.91 9.74
N ASP U 57 34.90 8.28 10.76
CA ASP U 57 35.38 8.16 12.12
C ASP U 57 34.40 7.28 12.90
N GLU U 58 34.95 6.44 13.77
CA GLU U 58 34.15 5.48 14.51
C GLU U 58 33.89 5.91 15.94
N ARG U 59 34.61 6.90 16.44
CA ARG U 59 34.36 7.44 17.76
C ARG U 59 33.28 8.50 17.76
N SER U 60 32.49 8.59 16.70
CA SER U 60 31.52 9.66 16.56
C SER U 60 30.08 9.15 16.56
N VAL U 61 29.71 8.32 15.60
CA VAL U 61 28.36 7.78 15.52
C VAL U 61 28.31 6.47 16.29
N HIS U 62 27.38 6.36 17.21
CA HIS U 62 27.25 5.20 18.05
C HIS U 62 25.93 4.51 17.80
N LYS U 63 25.95 3.19 17.69
CA LYS U 63 24.74 2.41 17.48
C LYS U 63 24.13 1.92 18.79
N VAL U 64 24.93 1.25 19.62
CA VAL U 64 24.47 0.86 20.94
C VAL U 64 24.37 2.13 21.77
N GLU U 65 23.18 2.44 22.25
CA GLU U 65 22.93 3.70 22.93
C GLU U 65 22.27 3.43 24.26
N PRO U 66 22.75 3.97 25.36
CA PRO U 66 22.13 3.70 26.65
C PRO U 66 20.92 4.59 26.88
N ILE U 67 20.03 4.18 27.77
CA ILE U 67 18.81 4.93 28.07
C ILE U 67 18.79 5.40 29.51
N THR U 68 18.88 4.48 30.47
CA THR U 68 18.79 4.99 31.83
C THR U 68 20.07 4.82 32.62
N LYS U 69 20.35 3.61 33.07
CA LYS U 69 21.67 3.23 33.54
C LYS U 69 21.79 1.74 33.31
N HIS U 70 20.66 1.14 32.93
CA HIS U 70 20.60 -0.31 32.83
C HIS U 70 19.78 -0.74 31.62
N ILE U 71 19.46 0.15 30.70
CA ILE U 71 18.58 -0.14 29.58
C ILE U 71 19.30 0.30 28.31
N GLY U 72 19.65 -0.66 27.46
CA GLY U 72 20.26 -0.34 26.19
C GLY U 72 19.31 -0.48 25.04
N LEU U 73 19.77 -0.08 23.85
CA LEU U 73 18.86 0.04 22.71
C LEU U 73 19.68 0.07 21.44
N VAL U 74 19.39 -0.84 20.50
CA VAL U 74 19.96 -0.78 19.16
C VAL U 74 18.82 -0.77 18.15
N TYR U 75 19.17 -0.74 16.87
CA TYR U 75 18.15 -0.70 15.83
C TYR U 75 18.66 -1.47 14.62
N SER U 76 17.81 -1.57 13.61
CA SER U 76 18.22 -2.18 12.36
C SER U 76 17.70 -1.46 11.13
N GLY U 77 16.95 -0.37 11.27
CA GLY U 77 16.31 0.20 10.11
C GLY U 77 17.11 1.31 9.47
N MET U 78 16.70 2.55 9.63
CA MET U 78 17.41 3.66 9.04
C MET U 78 17.96 4.58 10.15
N GLY U 79 18.78 5.54 9.76
CA GLY U 79 19.63 6.25 10.67
C GLY U 79 19.06 7.49 11.34
N PRO U 80 18.63 8.48 10.55
CA PRO U 80 18.10 9.71 11.17
C PRO U 80 16.81 9.50 11.94
N ASP U 81 15.98 8.53 11.55
CA ASP U 81 14.76 8.29 12.30
C ASP U 81 15.06 7.62 13.62
N TYR U 82 16.19 6.93 13.72
CA TYR U 82 16.58 6.27 14.95
C TYR U 82 16.84 7.28 16.06
N ARG U 83 17.53 8.37 15.73
CA ARG U 83 17.94 9.32 16.74
C ARG U 83 16.76 10.12 17.28
N VAL U 84 15.69 10.19 16.50
CA VAL U 84 14.49 10.89 16.96
C VAL U 84 13.89 10.19 18.16
N LEU U 85 13.62 8.89 18.02
CA LEU U 85 12.94 8.20 19.09
C LEU U 85 13.89 7.79 20.20
N VAL U 86 15.20 7.97 20.01
CA VAL U 86 16.09 7.88 21.15
C VAL U 86 15.88 9.05 22.08
N HIS U 87 15.96 10.28 21.56
CA HIS U 87 15.73 11.47 22.36
C HIS U 87 14.32 11.51 22.91
N ARG U 88 13.37 10.91 22.19
CA ARG U 88 12.02 10.81 22.70
C ARG U 88 11.97 9.87 23.91
N ALA U 89 12.69 8.76 23.83
CA ALA U 89 12.65 7.78 24.92
C ALA U 89 13.46 8.25 26.12
N ARG U 90 14.48 9.06 25.89
CA ARG U 90 15.25 9.65 26.98
C ARG U 90 14.37 10.50 27.87
N LYS U 91 13.60 11.41 27.28
CA LYS U 91 12.70 12.24 28.06
C LYS U 91 11.56 11.42 28.64
N LEU U 92 11.19 10.34 27.96
CA LEU U 92 10.06 9.54 28.39
C LEU U 92 10.39 8.72 29.62
N ALA U 93 11.67 8.41 29.83
CA ALA U 93 12.08 7.74 31.05
C ALA U 93 12.25 8.71 32.21
N GLN U 94 12.25 10.01 31.94
CA GLN U 94 12.45 10.97 33.01
C GLN U 94 11.16 11.27 33.75
N GLN U 95 10.03 11.35 33.02
CA GLN U 95 8.76 11.56 33.68
C GLN U 95 8.37 10.38 34.55
N TYR U 96 8.90 9.19 34.24
CA TYR U 96 8.74 8.10 35.18
C TYR U 96 9.54 8.36 36.43
N TYR U 97 10.76 8.86 36.30
CA TYR U 97 11.63 8.94 37.44
C TYR U 97 11.37 10.18 38.28
N LEU U 98 10.84 11.24 37.69
CA LEU U 98 10.39 12.37 38.50
C LEU U 98 9.18 12.03 39.34
N VAL U 99 8.29 11.21 38.81
CA VAL U 99 7.06 10.92 39.53
C VAL U 99 7.27 9.81 40.54
N TYR U 100 7.82 8.69 40.09
CA TYR U 100 7.85 7.50 40.93
C TYR U 100 9.14 7.36 41.72
N GLN U 101 10.16 8.19 41.40
CA GLN U 101 11.46 8.20 42.07
C GLN U 101 12.12 6.83 42.08
N GLU U 102 12.11 6.19 40.92
CA GLU U 102 12.47 4.81 40.84
C GLU U 102 12.79 4.55 39.38
N PRO U 103 13.81 3.75 39.09
CA PRO U 103 14.15 3.48 37.68
C PRO U 103 13.07 2.72 36.94
N ILE U 104 12.79 3.15 35.71
CA ILE U 104 11.64 2.64 34.98
C ILE U 104 11.89 1.18 34.60
N PRO U 105 10.90 0.31 34.77
CA PRO U 105 11.05 -1.07 34.30
C PRO U 105 11.06 -1.12 32.78
N THR U 106 11.75 -2.12 32.26
CA THR U 106 11.95 -2.22 30.83
C THR U 106 10.66 -2.48 30.08
N ALA U 107 9.73 -3.23 30.67
CA ALA U 107 8.44 -3.44 30.06
C ALA U 107 7.64 -2.15 30.01
N GLN U 108 7.92 -1.23 30.93
CA GLN U 108 7.14 -0.02 31.01
C GLN U 108 7.56 0.98 29.94
N LEU U 109 8.84 0.99 29.55
CA LEU U 109 9.27 1.80 28.43
C LEU U 109 8.61 1.37 27.13
N VAL U 110 8.58 0.06 26.88
CA VAL U 110 8.20 -0.44 25.57
C VAL U 110 6.71 -0.25 25.34
N GLN U 111 5.93 -0.28 26.42
CA GLN U 111 4.53 0.13 26.32
C GLN U 111 4.41 1.59 25.94
N ARG U 112 5.36 2.42 26.39
CA ARG U 112 5.26 3.84 26.14
C ARG U 112 5.87 4.22 24.78
N VAL U 113 6.95 3.55 24.39
CA VAL U 113 7.59 3.87 23.13
C VAL U 113 6.72 3.43 21.96
N ALA U 114 6.15 2.22 22.05
CA ALA U 114 5.28 1.75 20.99
C ALA U 114 3.99 2.55 20.92
N SER U 115 3.55 3.11 22.05
CA SER U 115 2.39 3.99 22.03
C SER U 115 2.71 5.29 21.32
N VAL U 116 3.94 5.77 21.47
CA VAL U 116 4.38 6.92 20.68
C VAL U 116 4.36 6.58 19.20
N MET U 117 4.81 5.38 18.87
CA MET U 117 5.06 5.04 17.49
C MET U 117 3.78 4.72 16.75
N GLN U 118 2.84 4.04 17.41
CA GLN U 118 1.56 3.76 16.77
C GLN U 118 0.78 5.02 16.53
N GLU U 119 0.60 5.84 17.58
CA GLU U 119 -0.17 7.07 17.51
C GLU U 119 0.40 8.02 16.48
N TYR U 120 1.69 7.88 16.21
CA TYR U 120 2.36 8.60 15.15
C TYR U 120 1.89 8.19 13.76
N THR U 121 1.47 6.94 13.58
CA THR U 121 1.07 6.52 12.24
C THR U 121 -0.38 6.86 11.93
N GLN U 122 -1.24 6.94 12.93
CA GLN U 122 -2.65 7.21 12.64
C GLN U 122 -2.87 8.68 12.34
N SER U 123 -2.08 9.56 12.94
CA SER U 123 -2.23 10.98 12.74
C SER U 123 -1.82 11.39 11.32
N GLY U 124 -2.26 12.58 10.92
CA GLY U 124 -2.18 12.95 9.52
C GLY U 124 -0.90 13.65 9.12
N GLY U 125 -0.63 13.58 7.82
CA GLY U 125 0.46 14.32 7.23
C GLY U 125 1.84 13.71 7.37
N VAL U 126 1.97 12.60 8.07
CA VAL U 126 3.29 12.04 8.34
C VAL U 126 3.42 10.62 7.82
N ARG U 127 4.64 10.16 7.63
CA ARG U 127 4.90 8.78 7.27
C ARG U 127 5.27 8.03 8.54
N PRO U 128 5.16 6.71 8.55
CA PRO U 128 5.67 5.95 9.71
C PRO U 128 7.17 5.98 9.76
N PHE U 129 7.71 5.53 10.89
CA PHE U 129 9.16 5.41 11.02
C PHE U 129 9.66 4.26 10.16
N GLY U 130 10.97 4.15 10.02
CA GLY U 130 11.55 3.07 9.25
C GLY U 130 12.57 2.34 10.08
N VAL U 131 12.27 2.19 11.36
CA VAL U 131 13.22 1.67 12.34
C VAL U 131 12.51 0.59 13.14
N SER U 132 13.18 -0.55 13.33
CA SER U 132 12.79 -1.52 14.35
C SER U 132 13.82 -1.47 15.46
N LEU U 133 13.41 -1.81 16.68
CA LEU U 133 14.28 -1.65 17.83
C LEU U 133 14.52 -2.97 18.54
N LEU U 134 15.59 -3.01 19.33
CA LEU U 134 15.85 -4.08 20.28
C LEU U 134 16.20 -3.43 21.62
N ILE U 135 15.30 -3.61 22.58
CA ILE U 135 15.50 -3.01 23.88
C ILE U 135 15.77 -4.11 24.89
N CYS U 136 16.67 -3.84 25.83
CA CYS U 136 17.00 -4.84 26.84
C CYS U 136 17.24 -4.14 28.17
N GLY U 137 17.43 -4.92 29.20
CA GLY U 137 17.63 -4.40 30.55
C GLY U 137 17.47 -5.51 31.57
N TRP U 138 18.17 -5.33 32.70
CA TRP U 138 18.17 -6.32 33.76
C TRP U 138 17.50 -5.71 34.99
N ASN U 139 16.18 -5.76 35.02
CA ASN U 139 15.39 -5.13 36.07
C ASN U 139 14.75 -6.20 36.94
N GLU U 140 14.91 -6.04 38.26
CA GLU U 140 14.36 -6.92 39.29
C GLU U 140 14.84 -8.36 39.12
N GLY U 141 16.14 -8.55 38.92
CA GLY U 141 16.67 -9.88 38.85
C GLY U 141 16.63 -10.46 37.46
N ARG U 142 15.44 -10.61 36.90
CA ARG U 142 15.29 -11.20 35.58
C ARG U 142 15.70 -10.20 34.51
N PRO U 143 16.49 -10.60 33.53
CA PRO U 143 16.76 -9.70 32.41
C PRO U 143 15.63 -9.73 31.39
N TYR U 144 15.62 -8.80 30.44
CA TYR U 144 14.54 -8.71 29.47
C TYR U 144 15.10 -8.37 28.11
N LEU U 145 14.34 -8.70 27.07
CA LEU U 145 14.69 -8.40 25.69
C LEU U 145 13.43 -8.30 24.86
N PHE U 146 13.14 -7.10 24.35
CA PHE U 146 11.94 -6.81 23.59
C PHE U 146 12.29 -6.29 22.20
N GLN U 147 11.31 -6.33 21.31
CA GLN U 147 11.48 -5.85 19.96
C GLN U 147 10.24 -5.08 19.53
N SER U 148 10.45 -3.88 18.99
CA SER U 148 9.36 -3.11 18.42
C SER U 148 9.48 -3.09 16.91
N ASP U 149 8.59 -2.34 16.26
CA ASP U 149 8.48 -2.34 14.81
C ASP U 149 7.81 -1.03 14.38
N PRO U 150 7.86 -0.68 13.08
CA PRO U 150 7.13 0.51 12.63
C PRO U 150 5.62 0.46 12.80
N SER U 151 5.02 -0.71 12.91
CA SER U 151 3.61 -0.73 13.24
C SER U 151 3.34 -0.32 14.67
N GLY U 152 4.27 -0.59 15.57
CA GLY U 152 4.10 -0.27 16.97
C GLY U 152 3.67 -1.47 17.79
N ALA U 153 4.25 -2.62 17.52
CA ALA U 153 3.91 -3.84 18.23
C ALA U 153 5.16 -4.38 18.91
N TYR U 154 4.99 -4.80 20.15
CA TYR U 154 6.10 -5.24 20.97
C TYR U 154 6.09 -6.77 21.04
N PHE U 155 7.27 -7.35 21.21
CA PHE U 155 7.39 -8.79 21.36
C PHE U 155 8.39 -9.05 22.48
N ALA U 156 8.64 -10.32 22.76
CA ALA U 156 9.53 -10.69 23.85
C ALA U 156 10.33 -11.91 23.39
N TRP U 157 11.51 -11.67 22.86
CA TRP U 157 12.30 -12.73 22.26
C TRP U 157 13.26 -13.31 23.29
N LYS U 158 13.63 -14.56 23.05
CA LYS U 158 14.84 -15.11 23.67
C LYS U 158 16.08 -14.71 22.92
N ALA U 159 16.03 -14.80 21.59
CA ALA U 159 17.13 -14.44 20.72
C ALA U 159 16.56 -14.19 19.33
N THR U 160 16.73 -12.99 18.82
CA THR U 160 16.26 -12.68 17.48
C THR U 160 17.35 -11.98 16.68
N ALA U 161 17.02 -11.67 15.43
CA ALA U 161 17.91 -10.92 14.56
C ALA U 161 17.08 -10.07 13.63
N MET U 162 17.68 -9.01 13.11
CA MET U 162 17.00 -8.11 12.20
C MET U 162 18.00 -7.63 11.17
N GLY U 163 17.53 -6.82 10.22
CA GLY U 163 18.39 -6.36 9.16
C GLY U 163 18.46 -7.34 8.00
N LYS U 164 19.59 -7.33 7.30
CA LYS U 164 19.78 -8.23 6.17
C LYS U 164 19.96 -9.66 6.65
N ASN U 165 19.39 -10.59 5.88
CA ASN U 165 19.60 -12.03 6.02
C ASN U 165 19.18 -12.53 7.39
N TYR U 166 18.12 -11.91 7.92
CA TYR U 166 17.72 -12.18 9.29
C TYR U 166 17.13 -13.57 9.43
N VAL U 167 16.51 -14.10 8.37
CA VAL U 167 16.00 -15.46 8.41
C VAL U 167 17.15 -16.47 8.49
N ASN U 168 18.30 -16.14 7.90
CA ASN U 168 19.45 -17.03 8.01
C ASN U 168 19.99 -16.99 9.43
N GLY U 169 20.02 -15.80 10.04
CA GLY U 169 20.40 -15.71 11.43
C GLY U 169 19.34 -16.27 12.36
N LYS U 170 18.10 -16.33 11.89
CA LYS U 170 17.02 -16.87 12.71
C LYS U 170 17.15 -18.37 12.85
N THR U 171 17.45 -19.06 11.76
CA THR U 171 17.65 -20.50 11.83
C THR U 171 18.94 -20.85 12.53
N PHE U 172 19.94 -19.97 12.47
CA PHE U 172 21.20 -20.25 13.14
C PHE U 172 21.05 -20.21 14.63
N LEU U 173 20.37 -19.18 15.15
CA LEU U 173 20.10 -19.12 16.58
C LEU U 173 19.16 -20.22 17.04
N GLU U 174 18.31 -20.71 16.15
CA GLU U 174 17.40 -21.78 16.50
C GLU U 174 18.13 -23.08 16.78
N LYS U 175 19.30 -23.26 16.20
CA LYS U 175 20.16 -24.37 16.54
C LYS U 175 21.23 -24.01 17.55
N ARG U 176 21.66 -22.76 17.61
CA ARG U 176 22.74 -22.40 18.51
C ARG U 176 22.26 -22.15 19.93
N TYR U 177 21.15 -21.44 20.08
CA TYR U 177 20.68 -21.09 21.41
C TYR U 177 20.10 -22.31 22.11
N ASN U 178 20.28 -22.35 23.42
CA ASN U 178 19.72 -23.42 24.22
C ASN U 178 18.86 -22.80 25.31
N GLU U 179 18.50 -23.61 26.30
CA GLU U 179 17.80 -23.14 27.50
C GLU U 179 18.58 -22.06 28.23
N ASP U 180 19.88 -22.26 28.40
CA ASP U 180 20.67 -21.31 29.17
C ASP U 180 22.14 -21.39 28.81
N LEU U 181 22.81 -20.26 28.98
CA LEU U 181 24.25 -20.15 28.81
C LEU U 181 24.77 -19.24 29.91
N GLU U 182 25.98 -18.74 29.73
CA GLU U 182 26.48 -17.63 30.53
C GLU U 182 26.51 -16.39 29.65
N LEU U 183 27.01 -15.29 30.22
CA LEU U 183 27.08 -14.06 29.44
C LEU U 183 28.17 -14.13 28.39
N GLU U 184 29.32 -14.72 28.73
CA GLU U 184 30.43 -14.75 27.80
C GLU U 184 30.14 -15.69 26.63
N ASP U 185 29.44 -16.80 26.90
CA ASP U 185 29.05 -17.69 25.83
C ASP U 185 28.07 -17.01 24.89
N ALA U 186 27.23 -16.14 25.45
CA ALA U 186 26.27 -15.40 24.64
C ALA U 186 26.98 -14.41 23.72
N ILE U 187 28.07 -13.81 24.21
CA ILE U 187 28.85 -12.90 23.38
C ILE U 187 29.54 -13.68 22.27
N HIS U 188 29.94 -14.91 22.57
CA HIS U 188 30.66 -15.70 21.58
C HIS U 188 29.73 -16.18 20.48
N THR U 189 28.48 -16.46 20.81
CA THR U 189 27.55 -16.87 19.75
C THR U 189 26.94 -15.67 19.05
N ALA U 190 26.96 -14.50 19.69
CA ALA U 190 26.45 -13.31 19.03
C ALA U 190 27.40 -12.83 17.95
N ILE U 191 28.70 -12.95 18.18
CA ILE U 191 29.66 -12.62 17.13
C ILE U 191 29.62 -13.70 16.06
N LEU U 192 29.30 -14.93 16.45
CA LEU U 192 29.21 -16.03 15.48
C LEU U 192 28.07 -15.80 14.49
N THR U 193 26.91 -15.39 14.98
CA THR U 193 25.80 -15.12 14.08
C THR U 193 25.94 -13.81 13.33
N LEU U 194 26.68 -12.85 13.86
CA LEU U 194 26.95 -11.65 13.10
C LEU U 194 28.03 -11.88 12.05
N LYS U 195 28.89 -12.87 12.27
CA LYS U 195 29.90 -13.25 11.28
C LYS U 195 29.31 -14.06 10.16
N GLU U 196 28.04 -14.43 10.25
CA GLU U 196 27.37 -15.14 9.18
C GLU U 196 27.28 -14.30 7.92
N SER U 197 26.76 -13.09 8.03
CA SER U 197 26.45 -12.26 6.88
C SER U 197 27.40 -11.08 6.79
N PHE U 198 28.54 -11.16 7.46
CA PHE U 198 29.46 -10.04 7.47
C PHE U 198 30.34 -10.03 6.23
N GLU U 199 31.38 -9.21 6.25
CA GLU U 199 32.39 -9.25 5.21
C GLU U 199 33.72 -9.66 5.84
N GLY U 200 34.79 -9.63 5.07
CA GLY U 200 36.03 -10.28 5.47
C GLY U 200 36.75 -9.64 6.64
N GLN U 201 36.84 -8.32 6.63
CA GLN U 201 37.45 -7.62 7.75
C GLN U 201 36.46 -7.59 8.91
N MET U 202 36.74 -8.34 9.96
CA MET U 202 36.02 -8.18 11.22
C MET U 202 37.05 -7.74 12.24
N THR U 203 37.17 -6.43 12.40
CA THR U 203 38.09 -5.83 13.32
C THR U 203 37.32 -5.43 14.57
N GLU U 204 37.96 -4.69 15.46
CA GLU U 204 37.27 -4.07 16.59
C GLU U 204 36.36 -2.94 16.16
N ASP U 205 36.45 -2.49 14.92
CA ASP U 205 35.65 -1.37 14.43
C ASP U 205 34.46 -1.79 13.60
N ASN U 206 34.44 -3.04 13.10
CA ASN U 206 33.36 -3.48 12.24
C ASN U 206 32.14 -3.94 13.02
N ILE U 207 32.29 -4.21 14.31
CA ILE U 207 31.18 -4.61 15.16
C ILE U 207 31.14 -3.66 16.33
N GLU U 208 30.03 -3.69 17.06
CA GLU U 208 29.87 -2.75 18.16
C GLU U 208 28.87 -3.36 19.13
N VAL U 209 29.31 -3.67 20.34
CA VAL U 209 28.62 -4.61 21.23
C VAL U 209 28.35 -3.93 22.57
N GLY U 210 27.11 -4.04 23.05
CA GLY U 210 26.73 -3.55 24.35
C GLY U 210 26.04 -4.62 25.19
N ILE U 211 26.39 -4.73 26.46
CA ILE U 211 25.79 -5.74 27.32
C ILE U 211 24.93 -5.10 28.40
N CYS U 212 24.12 -5.92 29.06
CA CYS U 212 23.41 -5.54 30.27
C CYS U 212 23.69 -6.53 31.39
N ASN U 213 24.55 -6.16 32.31
CA ASN U 213 24.73 -6.92 33.54
C ASN U 213 23.53 -6.70 34.44
N GLU U 214 23.44 -7.51 35.49
CA GLU U 214 22.55 -7.14 36.57
C GLU U 214 23.20 -6.02 37.38
N ALA U 215 24.52 -5.89 37.27
CA ALA U 215 25.21 -4.71 37.77
C ALA U 215 24.86 -3.46 37.00
N GLY U 216 24.43 -3.60 35.75
CA GLY U 216 23.97 -2.44 35.01
C GLY U 216 24.25 -2.60 33.53
N PHE U 217 23.87 -1.58 32.79
CA PHE U 217 24.25 -1.49 31.39
C PHE U 217 25.74 -1.22 31.30
N ARG U 218 26.35 -1.76 30.25
CA ARG U 218 27.77 -1.55 30.04
C ARG U 218 28.00 -1.65 28.55
N ARG U 219 28.68 -0.66 28.00
CA ARG U 219 29.04 -0.73 26.60
C ARG U 219 30.50 -1.13 26.47
N LEU U 220 30.79 -2.04 25.53
CA LEU U 220 32.13 -2.58 25.42
C LEU U 220 33.03 -1.66 24.61
N THR U 221 34.21 -1.38 25.16
CA THR U 221 35.20 -0.61 24.42
C THR U 221 35.81 -1.49 23.34
N PRO U 222 36.41 -0.90 22.29
CA PRO U 222 37.00 -1.72 21.23
C PRO U 222 38.19 -2.56 21.66
N THR U 223 38.80 -2.27 22.81
CA THR U 223 39.94 -3.05 23.27
C THR U 223 39.53 -4.48 23.59
N GLU U 224 38.46 -4.66 24.35
CA GLU U 224 38.01 -6.01 24.68
C GLU U 224 37.45 -6.71 23.47
N VAL U 225 36.76 -5.98 22.59
CA VAL U 225 36.19 -6.58 21.40
C VAL U 225 37.28 -7.03 20.45
N LYS U 226 38.41 -6.32 20.45
CA LYS U 226 39.58 -6.86 19.77
C LYS U 226 40.11 -8.08 20.49
N ASP U 227 40.05 -8.09 21.82
CA ASP U 227 40.59 -9.23 22.56
C ASP U 227 39.63 -10.39 22.58
N TYR U 228 38.33 -10.12 22.52
CA TYR U 228 37.39 -11.21 22.56
C TYR U 228 37.20 -11.84 21.20
N LEU U 229 37.51 -11.12 20.12
CA LEU U 229 37.39 -11.67 18.78
C LEU U 229 38.50 -12.65 18.44
N ALA U 230 39.49 -12.80 19.32
CA ALA U 230 40.49 -13.85 19.13
C ALA U 230 39.84 -15.21 19.29
N ALA U 231 39.95 -16.04 18.25
CA ALA U 231 39.24 -17.31 18.08
C ALA U 231 37.74 -17.12 18.28
N ILE U 232 37.20 -16.22 17.46
CA ILE U 232 35.78 -15.93 17.49
C ILE U 232 35.03 -17.02 16.75
N ALA U 233 33.74 -17.17 17.08
CA ALA U 233 32.81 -18.14 16.48
C ALA U 233 33.27 -19.60 16.55
N SER V 1 -1.87 19.47 -2.00
CA SER V 1 -2.66 20.42 -1.25
C SER V 1 -3.97 19.79 -0.80
N ARG V 2 -4.82 19.46 -1.76
CA ARG V 2 -6.09 18.81 -1.48
C ARG V 2 -6.17 17.51 -2.26
N ARG V 3 -5.25 17.31 -3.20
CA ARG V 3 -5.29 16.14 -4.05
C ARG V 3 -4.58 14.94 -3.44
N TYR V 4 -4.17 15.03 -2.18
CA TYR V 4 -3.60 13.90 -1.47
C TYR V 4 -4.56 13.30 -0.47
N ASP V 5 -5.77 13.84 -0.37
CA ASP V 5 -6.75 13.39 0.61
C ASP V 5 -7.48 12.16 0.09
N SER V 6 -7.60 11.15 0.95
CA SER V 6 -8.16 9.87 0.51
C SER V 6 -9.68 9.81 0.60
N ARG V 7 -10.30 10.76 1.31
CA ARG V 7 -11.76 10.93 1.40
C ARG V 7 -12.42 9.68 1.99
N THR V 8 -12.10 9.41 3.25
CA THR V 8 -12.69 8.31 4.00
C THR V 8 -14.06 8.64 4.57
N THR V 9 -14.57 9.82 4.30
CA THR V 9 -15.78 10.31 4.93
C THR V 9 -16.98 10.13 4.02
N ILE V 10 -16.79 10.28 2.71
CA ILE V 10 -17.88 10.26 1.75
C ILE V 10 -18.49 8.87 1.66
N PHE V 11 -19.82 8.82 1.55
CA PHE V 11 -20.54 7.60 1.26
C PHE V 11 -20.12 7.01 -0.09
N SER V 12 -20.42 5.73 -0.27
CA SER V 12 -20.30 5.15 -1.58
C SER V 12 -21.40 5.70 -2.48
N PRO V 13 -21.14 5.80 -3.79
CA PRO V 13 -22.23 6.13 -4.73
C PRO V 13 -23.30 5.05 -4.77
N GLU V 14 -22.95 3.82 -4.38
CA GLU V 14 -23.93 2.79 -4.04
C GLU V 14 -24.88 3.24 -2.96
N GLY V 15 -24.41 4.09 -2.05
CA GLY V 15 -25.25 4.57 -0.99
C GLY V 15 -25.03 3.78 0.28
N ARG V 16 -23.77 3.46 0.55
CA ARG V 16 -23.40 2.75 1.76
C ARG V 16 -21.99 3.20 2.12
N LEU V 17 -21.38 2.54 3.09
CA LEU V 17 -20.03 2.93 3.44
C LEU V 17 -19.02 2.22 2.54
N TYR V 18 -17.79 2.73 2.56
CA TYR V 18 -16.79 2.25 1.64
C TYR V 18 -15.50 1.87 2.36
N GLN V 19 -15.12 2.65 3.37
CA GLN V 19 -13.87 2.44 4.08
C GLN V 19 -14.06 1.56 5.31
N VAL V 20 -15.18 1.74 6.02
CA VAL V 20 -15.49 0.91 7.18
C VAL V 20 -15.81 -0.51 6.73
N GLU V 21 -16.28 -0.66 5.50
CA GLU V 21 -16.50 -1.99 4.93
C GLU V 21 -15.19 -2.74 4.77
N TYR V 22 -14.10 -2.03 4.50
CA TYR V 22 -12.82 -2.69 4.32
C TYR V 22 -12.30 -3.27 5.63
N ALA V 23 -12.47 -2.54 6.74
CA ALA V 23 -11.98 -3.02 8.01
C ALA V 23 -12.81 -4.19 8.53
N MET V 24 -14.13 -4.13 8.34
CA MET V 24 -14.98 -5.23 8.80
C MET V 24 -14.79 -6.47 7.94
N GLU V 25 -14.41 -6.30 6.68
CA GLU V 25 -14.12 -7.48 5.88
C GLU V 25 -12.67 -7.91 6.03
N ALA V 26 -11.83 -7.07 6.62
CA ALA V 26 -10.50 -7.48 7.02
C ALA V 26 -10.50 -8.30 8.28
N ILE V 27 -11.34 -7.92 9.25
CA ILE V 27 -11.22 -8.32 10.65
C ILE V 27 -11.37 -9.82 10.85
N GLY V 28 -11.95 -10.53 9.89
CA GLY V 28 -12.12 -11.95 10.04
C GLY V 28 -10.87 -12.77 9.86
N HIS V 29 -9.79 -12.17 9.38
CA HIS V 29 -8.55 -12.89 9.16
C HIS V 29 -7.67 -12.81 10.41
N ALA V 30 -7.05 -13.95 10.74
CA ALA V 30 -5.97 -14.08 11.70
C ALA V 30 -6.36 -13.68 13.12
N GLY V 31 -7.14 -14.54 13.79
CA GLY V 31 -7.59 -14.34 15.15
C GLY V 31 -8.88 -15.10 15.32
N THR V 32 -9.04 -15.79 16.44
CA THR V 32 -10.24 -16.59 16.72
C THR V 32 -10.54 -16.50 18.20
N CYS V 33 -11.61 -15.81 18.56
CA CYS V 33 -12.01 -15.68 19.96
C CYS V 33 -13.44 -16.14 20.08
N LEU V 34 -13.81 -16.66 21.24
CA LEU V 34 -15.22 -16.94 21.53
C LEU V 34 -15.46 -16.88 23.03
N GLY V 35 -16.70 -17.08 23.42
CA GLY V 35 -17.09 -17.01 24.80
C GLY V 35 -18.50 -17.53 25.00
N ILE V 36 -18.75 -18.19 26.13
CA ILE V 36 -20.02 -18.86 26.35
C ILE V 36 -20.47 -18.62 27.77
N LEU V 37 -21.78 -18.60 27.97
CA LEU V 37 -22.39 -18.63 29.30
C LEU V 37 -23.79 -19.20 29.18
N ALA V 38 -24.19 -19.98 30.19
CA ALA V 38 -25.61 -20.25 30.39
C ALA V 38 -25.95 -20.20 31.87
N ASN V 39 -24.92 -20.30 32.71
CA ASN V 39 -25.06 -20.24 34.15
C ASN V 39 -23.91 -19.48 34.76
N ASP V 40 -23.70 -19.64 36.06
CA ASP V 40 -22.80 -18.82 36.85
C ASP V 40 -21.37 -19.08 36.40
N GLY V 41 -20.84 -18.14 35.64
CA GLY V 41 -19.55 -18.29 35.01
C GLY V 41 -19.61 -17.89 33.56
N VAL V 42 -18.49 -17.45 33.01
CA VAL V 42 -18.37 -17.10 31.60
C VAL V 42 -16.90 -17.23 31.23
N LEU V 43 -16.62 -17.73 30.03
CA LEU V 43 -15.26 -18.04 29.63
C LEU V 43 -14.89 -17.26 28.38
N LEU V 44 -13.62 -17.36 28.01
CA LEU V 44 -13.07 -16.71 26.82
C LEU V 44 -11.97 -17.61 26.28
N ALA V 45 -12.25 -18.32 25.19
CA ALA V 45 -11.24 -19.13 24.55
C ALA V 45 -10.54 -18.31 23.48
N ALA V 46 -9.21 -18.26 23.54
CA ALA V 46 -8.42 -17.53 22.57
C ALA V 46 -7.65 -18.51 21.69
N GLU V 47 -6.76 -17.97 20.88
CA GLU V 47 -5.97 -18.79 19.96
C GLU V 47 -4.66 -18.08 19.68
N ARG V 48 -3.55 -18.69 20.08
CA ARG V 48 -2.23 -18.16 19.79
C ARG V 48 -1.98 -18.24 18.29
N ARG V 49 -1.89 -17.10 17.63
CA ARG V 49 -1.81 -17.06 16.17
C ARG V 49 -0.48 -17.61 15.66
N ASN V 50 0.62 -17.21 16.27
CA ASN V 50 1.94 -17.75 15.94
C ASN V 50 2.65 -18.14 17.23
N ILE V 51 2.98 -19.41 17.36
CA ILE V 51 3.75 -19.88 18.51
C ILE V 51 5.11 -20.33 18.01
N HIS V 52 6.09 -19.44 18.03
CA HIS V 52 7.44 -19.79 17.63
C HIS V 52 8.25 -20.21 18.87
N LYS V 53 9.28 -21.02 18.63
CA LYS V 53 10.07 -21.58 19.71
C LYS V 53 11.05 -20.60 20.35
N LEU V 54 11.01 -19.32 19.99
CA LEU V 54 11.95 -18.37 20.57
C LEU V 54 11.25 -17.20 21.24
N LEU V 55 10.09 -17.44 21.83
CA LEU V 55 9.36 -16.40 22.53
C LEU V 55 9.42 -16.64 24.03
N ASP V 56 8.91 -15.68 24.79
CA ASP V 56 9.08 -15.68 26.23
C ASP V 56 7.78 -15.93 27.00
N GLU V 57 6.72 -15.20 26.65
CA GLU V 57 5.45 -15.17 27.37
C GLU V 57 5.64 -14.85 28.85
N VAL V 58 6.33 -13.75 29.13
CA VAL V 58 6.59 -13.34 30.51
C VAL V 58 5.40 -12.65 31.15
N PHE V 59 4.35 -12.35 30.37
CA PHE V 59 3.24 -11.55 30.86
C PHE V 59 2.11 -12.39 31.42
N PHE V 60 1.95 -13.62 30.92
CA PHE V 60 0.91 -14.59 31.29
C PHE V 60 -0.50 -14.10 31.01
N SER V 61 -0.64 -13.04 30.22
CA SER V 61 -1.93 -12.61 29.69
C SER V 61 -1.66 -11.94 28.36
N GLU V 62 -1.78 -12.70 27.27
CA GLU V 62 -1.35 -12.19 25.98
C GLU V 62 -2.50 -11.47 25.29
N LYS V 63 -3.61 -12.18 25.08
CA LYS V 63 -4.73 -11.61 24.36
C LYS V 63 -5.81 -11.10 25.31
N ILE V 64 -5.96 -11.74 26.47
CA ILE V 64 -6.97 -11.34 27.46
C ILE V 64 -6.43 -10.12 28.19
N TYR V 65 -7.23 -9.07 28.30
CA TYR V 65 -6.84 -7.91 29.08
C TYR V 65 -7.82 -7.71 30.22
N LYS V 66 -7.35 -7.85 31.45
CA LYS V 66 -8.17 -7.56 32.63
C LYS V 66 -8.25 -6.05 32.76
N LEU V 67 -9.35 -5.51 32.24
CA LEU V 67 -9.53 -4.06 32.18
C LEU V 67 -10.16 -3.48 33.43
N ASN V 68 -10.60 -4.32 34.36
CA ASN V 68 -11.29 -3.86 35.56
C ASN V 68 -11.23 -5.00 36.56
N GLU V 69 -11.73 -4.74 37.76
CA GLU V 69 -11.84 -5.82 38.73
C GLU V 69 -12.98 -6.78 38.41
N ASP V 70 -13.90 -6.39 37.53
CA ASP V 70 -15.03 -7.24 37.22
C ASP V 70 -15.18 -7.57 35.75
N MET V 71 -14.35 -7.02 34.88
CA MET V 71 -14.52 -7.21 33.45
C MET V 71 -13.18 -7.45 32.77
N ALA V 72 -13.25 -8.09 31.61
CA ALA V 72 -12.08 -8.33 30.78
C ALA V 72 -12.52 -8.39 29.34
N CYS V 73 -11.55 -8.50 28.43
CA CYS V 73 -11.87 -8.40 27.02
C CYS V 73 -10.93 -9.27 26.22
N SER V 74 -11.32 -9.51 24.97
CA SER V 74 -10.54 -10.35 24.07
C SER V 74 -10.53 -9.64 22.74
N VAL V 75 -9.37 -9.16 22.33
CA VAL V 75 -9.25 -8.29 21.17
C VAL V 75 -8.71 -9.10 20.00
N ALA V 76 -9.20 -8.79 18.80
CA ALA V 76 -8.75 -9.44 17.57
C ALA V 76 -8.73 -8.37 16.48
N GLY V 77 -7.54 -8.03 15.99
CA GLY V 77 -7.38 -7.04 14.96
C GLY V 77 -5.95 -6.55 14.82
N ILE V 78 -5.75 -5.24 14.69
CA ILE V 78 -4.39 -4.71 14.75
C ILE V 78 -3.95 -4.64 16.20
N THR V 79 -2.77 -5.19 16.48
CA THR V 79 -2.23 -5.22 17.84
C THR V 79 -1.96 -3.83 18.35
N SER V 80 -1.43 -2.96 17.48
CA SER V 80 -1.09 -1.61 17.89
C SER V 80 -2.36 -0.83 18.17
N ASP V 81 -3.42 -1.15 17.44
CA ASP V 81 -4.70 -0.50 17.63
C ASP V 81 -5.38 -0.97 18.90
N ALA V 82 -5.02 -2.17 19.34
CA ALA V 82 -5.59 -2.72 20.57
C ALA V 82 -5.10 -1.96 21.79
N ASN V 83 -3.82 -1.60 21.79
CA ASN V 83 -3.25 -0.92 22.95
C ASN V 83 -3.80 0.48 23.09
N VAL V 84 -4.29 1.07 22.00
CA VAL V 84 -4.89 2.38 22.07
C VAL V 84 -6.23 2.31 22.78
N LEU V 85 -7.06 1.35 22.40
CA LEU V 85 -8.41 1.28 22.95
C LEU V 85 -8.40 0.77 24.38
N THR V 86 -7.59 -0.24 24.66
CA THR V 86 -7.61 -0.86 25.99
C THR V 86 -7.00 0.05 27.03
N ASN V 87 -6.09 0.94 26.64
CA ASN V 87 -5.65 1.96 27.57
C ASN V 87 -6.73 2.99 27.80
N GLU V 88 -7.56 3.23 26.78
CA GLU V 88 -8.62 4.21 26.92
C GLU V 88 -9.82 3.64 27.66
N LEU V 89 -10.18 2.40 27.36
CA LEU V 89 -11.34 1.78 27.97
C LEU V 89 -11.09 1.49 29.44
N ARG V 90 -9.84 1.24 29.80
CA ARG V 90 -9.49 1.05 31.19
C ARG V 90 -9.62 2.35 31.97
N LEU V 91 -9.40 3.47 31.30
CA LEU V 91 -9.46 4.75 32.00
C LEU V 91 -10.89 5.26 32.07
N ILE V 92 -11.76 4.80 31.17
CA ILE V 92 -13.17 5.12 31.21
C ILE V 92 -13.81 4.52 32.46
N ALA V 93 -13.46 3.28 32.77
CA ALA V 93 -14.05 2.58 33.90
C ALA V 93 -13.58 3.16 35.22
N GLN V 94 -12.45 3.86 35.19
CA GLN V 94 -11.85 4.30 36.45
C GLN V 94 -12.37 5.67 36.85
N ARG V 95 -12.68 6.53 35.87
CA ARG V 95 -13.25 7.84 36.21
C ARG V 95 -14.71 7.71 36.61
N TYR V 96 -15.36 6.62 36.23
CA TYR V 96 -16.70 6.35 36.72
C TYR V 96 -16.68 6.07 38.21
N LEU V 97 -15.71 5.26 38.65
CA LEU V 97 -15.58 4.92 40.05
C LEU V 97 -15.20 6.13 40.88
N LEU V 98 -14.42 7.04 40.31
CA LEU V 98 -14.09 8.28 40.99
C LEU V 98 -15.34 9.11 41.22
N GLN V 99 -16.26 9.08 40.27
CA GLN V 99 -17.41 9.96 40.36
C GLN V 99 -18.49 9.39 41.25
N TYR V 100 -18.68 8.07 41.26
CA TYR V 100 -19.82 7.48 41.94
C TYR V 100 -19.46 6.57 43.11
N GLN V 101 -18.19 6.21 43.29
CA GLN V 101 -17.73 5.18 44.24
C GLN V 101 -18.53 3.89 44.09
N GLU V 102 -18.72 3.47 42.85
CA GLU V 102 -19.51 2.31 42.55
C GLU V 102 -18.97 1.69 41.28
N PRO V 103 -18.88 0.36 41.21
CA PRO V 103 -18.33 -0.30 40.01
C PRO V 103 -19.18 -0.12 38.78
N ILE V 104 -18.54 0.18 37.66
CA ILE V 104 -19.17 0.47 36.38
C ILE V 104 -19.97 -0.70 35.84
N PRO V 105 -21.24 -0.51 35.49
CA PRO V 105 -21.99 -1.57 34.84
C PRO V 105 -21.51 -1.81 33.42
N CYS V 106 -21.81 -2.98 32.88
CA CYS V 106 -21.09 -3.41 31.68
C CYS V 106 -21.61 -2.78 30.39
N GLU V 107 -22.89 -2.41 30.32
CA GLU V 107 -23.44 -1.84 29.10
C GLU V 107 -22.88 -0.45 28.85
N GLN V 108 -22.87 0.39 29.88
CA GLN V 108 -22.46 1.76 29.68
C GLN V 108 -20.94 1.90 29.71
N LEU V 109 -20.23 0.79 29.86
CA LEU V 109 -18.83 0.77 29.47
C LEU V 109 -18.70 0.56 27.97
N VAL V 110 -19.54 -0.31 27.41
CA VAL V 110 -19.45 -0.63 25.99
C VAL V 110 -19.94 0.54 25.15
N THR V 111 -21.02 1.19 25.57
CA THR V 111 -21.52 2.35 24.84
C THR V 111 -20.57 3.52 24.95
N ALA V 112 -19.74 3.54 26.00
CA ALA V 112 -18.73 4.58 26.11
C ALA V 112 -17.66 4.42 25.04
N LEU V 113 -17.28 3.17 24.75
CA LEU V 113 -16.24 2.95 23.76
C LEU V 113 -16.77 3.11 22.34
N CYS V 114 -17.96 2.57 22.08
CA CYS V 114 -18.49 2.52 20.72
C CYS V 114 -18.81 3.91 20.20
N ASP V 115 -19.05 4.86 21.10
CA ASP V 115 -19.24 6.23 20.67
C ASP V 115 -17.91 6.89 20.32
N ILE V 116 -16.82 6.39 20.90
CA ILE V 116 -15.51 6.88 20.51
C ILE V 116 -15.12 6.32 19.16
N LYS V 117 -15.44 5.05 18.92
CA LYS V 117 -15.08 4.43 17.65
C LYS V 117 -15.87 4.99 16.49
N GLN V 118 -17.12 5.37 16.74
CA GLN V 118 -17.92 5.98 15.69
C GLN V 118 -17.39 7.34 15.27
N ALA V 119 -17.08 8.19 16.26
CA ALA V 119 -16.79 9.59 15.96
C ALA V 119 -15.50 9.76 15.17
N TYR V 120 -14.62 8.77 15.20
CA TYR V 120 -13.42 8.83 14.38
C TYR V 120 -13.68 8.28 12.99
N THR V 121 -14.92 7.93 12.67
CA THR V 121 -15.25 7.60 11.29
C THR V 121 -15.88 8.77 10.56
N GLN V 122 -16.68 9.58 11.24
CA GLN V 122 -17.37 10.66 10.56
C GLN V 122 -16.48 11.85 10.24
N PHE V 123 -16.01 12.55 11.26
CA PHE V 123 -15.35 13.81 10.98
C PHE V 123 -13.86 13.71 11.24
N GLY V 124 -13.09 14.31 10.33
CA GLY V 124 -11.64 14.30 10.39
C GLY V 124 -10.98 13.60 9.24
N GLY V 125 -11.64 12.63 8.61
CA GLY V 125 -10.96 11.81 7.64
C GLY V 125 -9.88 10.95 8.27
N LYS V 126 -10.04 10.62 9.53
CA LYS V 126 -9.07 9.81 10.24
C LYS V 126 -9.29 8.35 9.86
N ARG V 127 -8.22 7.57 9.94
CA ARG V 127 -8.33 6.14 9.70
C ARG V 127 -9.17 5.50 10.78
N PRO V 128 -10.21 4.74 10.43
CA PRO V 128 -11.00 4.07 11.45
C PRO V 128 -10.24 2.91 12.04
N PHE V 129 -10.79 2.36 13.11
CA PHE V 129 -10.10 1.32 13.85
C PHE V 129 -10.35 -0.04 13.22
N GLY V 130 -9.39 -0.93 13.40
CA GLY V 130 -9.47 -2.25 12.84
C GLY V 130 -9.57 -3.28 13.95
N VAL V 131 -10.47 -3.04 14.88
CA VAL V 131 -10.58 -3.82 16.11
C VAL V 131 -12.01 -4.25 16.31
N SER V 132 -12.23 -5.56 16.48
CA SER V 132 -13.49 -6.11 16.99
C SER V 132 -13.11 -6.88 18.25
N LEU V 133 -13.72 -6.52 19.36
CA LEU V 133 -13.35 -7.21 20.58
C LEU V 133 -14.61 -7.67 21.32
N LEU V 134 -14.41 -8.49 22.35
CA LEU V 134 -15.48 -9.10 23.11
C LEU V 134 -15.45 -8.60 24.55
N TYR V 135 -16.50 -8.89 25.31
CA TYR V 135 -16.66 -8.38 26.66
C TYR V 135 -17.26 -9.44 27.54
N ILE V 136 -16.68 -9.64 28.72
CA ILE V 136 -17.31 -10.45 29.76
C ILE V 136 -17.37 -9.62 31.02
N GLY V 137 -18.18 -10.02 31.97
CA GLY V 137 -18.24 -9.30 33.21
C GLY V 137 -19.53 -9.56 33.95
N TRP V 138 -19.62 -8.94 35.12
CA TRP V 138 -20.69 -9.19 36.07
C TRP V 138 -21.07 -7.86 36.66
N ASP V 139 -22.37 -7.63 36.82
CA ASP V 139 -22.87 -6.43 37.45
C ASP V 139 -23.94 -6.78 38.48
N LYS V 140 -24.62 -5.74 38.97
CA LYS V 140 -25.64 -5.89 39.99
C LYS V 140 -27.03 -5.82 39.43
N HIS V 141 -27.18 -5.92 38.11
CA HIS V 141 -28.50 -5.74 37.53
C HIS V 141 -28.89 -6.96 36.74
N TYR V 142 -27.95 -7.51 35.99
CA TYR V 142 -28.24 -8.69 35.20
C TYR V 142 -27.31 -9.81 35.58
N GLY V 143 -26.02 -9.53 35.68
CA GLY V 143 -25.08 -10.57 36.05
C GLY V 143 -24.08 -10.86 34.96
N PHE V 144 -23.96 -12.12 34.59
CA PHE V 144 -22.94 -12.52 33.64
C PHE V 144 -23.38 -12.19 32.23
N GLN V 145 -22.57 -11.42 31.51
CA GLN V 145 -22.97 -10.84 30.24
C GLN V 145 -21.87 -11.05 29.20
N LEU V 146 -22.27 -11.05 27.93
CA LEU V 146 -21.36 -11.08 26.79
C LEU V 146 -21.70 -9.95 25.83
N TYR V 147 -20.68 -9.33 25.24
CA TYR V 147 -20.92 -8.30 24.26
C TYR V 147 -19.94 -8.40 23.11
N GLN V 148 -20.43 -8.01 21.94
CA GLN V 148 -19.67 -7.97 20.70
C GLN V 148 -19.46 -6.52 20.34
N SER V 149 -18.26 -6.18 19.88
CA SER V 149 -17.97 -4.83 19.43
C SER V 149 -17.55 -4.85 17.96
N ASP V 150 -17.86 -3.79 17.24
CA ASP V 150 -17.58 -3.68 15.83
C ASP V 150 -16.71 -2.45 15.55
N PRO V 151 -16.01 -2.41 14.43
CA PRO V 151 -15.25 -1.18 14.12
C PRO V 151 -16.14 -0.03 13.73
N SER V 152 -17.39 -0.29 13.37
CA SER V 152 -18.33 0.78 13.07
C SER V 152 -18.72 1.53 14.33
N GLY V 153 -18.82 0.83 15.45
CA GLY V 153 -19.30 1.45 16.68
C GLY V 153 -20.63 0.84 17.05
N ASN V 154 -20.88 -0.35 16.51
CA ASN V 154 -22.12 -1.06 16.71
C ASN V 154 -21.87 -2.22 17.66
N TYR V 155 -22.80 -2.46 18.57
CA TYR V 155 -22.55 -3.52 19.55
C TYR V 155 -23.77 -4.42 19.70
N GLY V 156 -23.71 -5.37 20.63
CA GLY V 156 -24.85 -6.23 20.89
C GLY V 156 -24.63 -7.23 22.02
N GLY V 157 -25.72 -7.62 22.67
CA GLY V 157 -25.66 -8.67 23.68
C GLY V 157 -25.78 -10.05 23.05
N TRP V 158 -24.96 -10.99 23.49
CA TRP V 158 -24.90 -12.30 22.87
C TRP V 158 -24.85 -13.37 23.95
N LYS V 159 -24.84 -14.63 23.53
CA LYS V 159 -24.51 -15.71 24.44
C LYS V 159 -23.47 -16.69 23.90
N ALA V 160 -23.22 -16.74 22.59
CA ALA V 160 -22.22 -17.66 22.09
C ALA V 160 -21.47 -17.07 20.90
N THR V 161 -21.28 -15.76 20.88
CA THR V 161 -20.73 -15.12 19.70
C THR V 161 -19.22 -15.38 19.58
N CYS V 162 -18.63 -14.91 18.49
CA CYS V 162 -17.22 -15.09 18.19
C CYS V 162 -16.69 -13.88 17.43
N ILE V 163 -15.48 -14.00 16.88
CA ILE V 163 -14.94 -12.89 16.12
C ILE V 163 -14.47 -13.35 14.74
N GLY V 164 -13.54 -14.31 14.70
CA GLY V 164 -12.82 -14.64 13.49
C GLY V 164 -13.70 -15.29 12.44
N ASN V 165 -13.32 -15.08 11.17
CA ASN V 165 -14.14 -15.57 10.07
C ASN V 165 -14.02 -17.08 9.89
N ASN V 166 -12.96 -17.67 10.43
CA ASN V 166 -12.88 -19.11 10.46
C ASN V 166 -13.91 -19.72 11.40
N SER V 167 -14.47 -18.92 12.30
CA SER V 167 -15.48 -19.35 13.24
C SER V 167 -16.90 -19.22 12.71
N ALA V 168 -17.08 -19.01 11.40
CA ALA V 168 -18.43 -19.09 10.84
C ALA V 168 -18.98 -20.50 10.94
N ALA V 169 -18.10 -21.50 10.80
CA ALA V 169 -18.52 -22.88 11.02
C ALA V 169 -18.79 -23.15 12.49
N ALA V 170 -18.20 -22.36 13.38
CA ALA V 170 -18.41 -22.57 14.80
C ALA V 170 -19.77 -22.07 15.24
N VAL V 171 -20.22 -20.94 14.68
CA VAL V 171 -21.53 -20.41 15.02
C VAL V 171 -22.62 -21.35 14.51
N SER V 172 -22.36 -21.99 13.37
CA SER V 172 -23.26 -23.03 12.89
C SER V 172 -23.26 -24.22 13.84
N MET V 173 -22.10 -24.54 14.42
CA MET V 173 -22.04 -25.58 15.44
C MET V 173 -22.77 -25.14 16.70
N LEU V 174 -22.68 -23.85 17.04
CA LEU V 174 -23.31 -23.38 18.26
C LEU V 174 -24.82 -23.28 18.09
N LYS V 175 -25.29 -22.94 16.90
CA LYS V 175 -26.72 -23.08 16.65
C LYS V 175 -27.14 -24.54 16.65
N GLN V 176 -26.24 -25.44 16.23
CA GLN V 176 -26.52 -26.86 16.32
C GLN V 176 -26.47 -27.35 17.75
N ASP V 177 -25.52 -26.84 18.53
CA ASP V 177 -25.27 -27.32 19.89
C ASP V 177 -25.17 -26.15 20.84
N TYR V 178 -26.25 -25.89 21.58
CA TYR V 178 -26.22 -24.97 22.69
C TYR V 178 -27.39 -25.28 23.61
N LYS V 179 -27.21 -24.98 24.87
CA LYS V 179 -28.12 -25.34 25.95
C LYS V 179 -28.68 -24.05 26.55
N GLU V 180 -29.77 -24.16 27.31
CA GLU V 180 -30.44 -22.98 27.83
C GLU V 180 -30.49 -23.09 29.36
N GLY V 181 -29.49 -22.55 30.02
CA GLY V 181 -29.37 -22.68 31.45
C GLY V 181 -28.78 -23.99 31.89
N GLU V 182 -27.83 -24.55 31.16
CA GLU V 182 -27.17 -25.77 31.61
C GLU V 182 -25.66 -25.66 31.53
N MET V 183 -25.10 -24.47 31.66
CA MET V 183 -23.65 -24.34 31.71
C MET V 183 -23.18 -24.84 33.07
N THR V 184 -22.29 -25.81 33.05
CA THR V 184 -21.40 -25.96 34.18
C THR V 184 -20.09 -25.35 33.74
N LEU V 185 -19.11 -25.43 34.63
CA LEU V 185 -17.74 -25.19 34.20
C LEU V 185 -17.07 -26.48 33.79
N LYS V 186 -17.84 -27.49 33.41
CA LYS V 186 -17.30 -28.62 32.68
C LYS V 186 -17.98 -28.66 31.33
N SER V 187 -19.27 -28.33 31.32
CA SER V 187 -20.07 -28.41 30.11
C SER V 187 -19.63 -27.38 29.09
N ALA V 188 -19.48 -26.13 29.53
CA ALA V 188 -19.09 -25.08 28.60
C ALA V 188 -17.62 -25.20 28.21
N LEU V 189 -16.78 -25.68 29.13
CA LEU V 189 -15.36 -25.80 28.81
C LEU V 189 -15.11 -26.95 27.84
N ALA V 190 -15.79 -28.07 28.02
CA ALA V 190 -15.63 -29.17 27.08
C ALA V 190 -16.24 -28.83 25.73
N LEU V 191 -17.26 -27.96 25.73
CA LEU V 191 -17.84 -27.53 24.47
C LEU V 191 -16.90 -26.59 23.73
N ALA V 192 -16.19 -25.73 24.46
CA ALA V 192 -15.25 -24.82 23.82
C ALA V 192 -14.03 -25.54 23.30
N ILE V 193 -13.58 -26.58 24.02
CA ILE V 193 -12.47 -27.39 23.53
C ILE V 193 -12.91 -28.19 22.32
N LYS V 194 -14.20 -28.52 22.24
CA LYS V 194 -14.71 -29.22 21.07
C LYS V 194 -14.75 -28.30 19.86
N VAL V 195 -15.00 -27.02 20.07
CA VAL V 195 -15.14 -26.09 18.95
C VAL V 195 -13.80 -25.82 18.29
N LEU V 196 -12.81 -25.45 19.09
CA LEU V 196 -11.50 -25.08 18.54
C LEU V 196 -10.77 -26.29 17.98
N ASN V 197 -11.19 -27.50 18.34
CA ASN V 197 -10.62 -28.69 17.73
C ASN V 197 -10.99 -28.78 16.26
N LYS V 198 -12.24 -28.50 15.93
CA LYS V 198 -12.66 -28.62 14.54
C LYS V 198 -12.38 -27.36 13.74
N THR V 199 -12.64 -26.19 14.32
CA THR V 199 -12.57 -24.96 13.55
C THR V 199 -11.14 -24.55 13.25
N MET V 200 -10.28 -24.59 14.25
CA MET V 200 -8.87 -24.35 13.99
C MET V 200 -8.26 -25.54 13.28
N ASP V 201 -7.26 -25.28 12.46
CA ASP V 201 -6.59 -26.32 11.69
C ASP V 201 -5.43 -26.96 12.44
N VAL V 202 -5.29 -26.67 13.74
CA VAL V 202 -4.26 -27.31 14.53
C VAL V 202 -4.62 -28.77 14.74
N SER V 203 -3.73 -29.66 14.31
CA SER V 203 -3.93 -31.08 14.51
C SER V 203 -3.74 -31.40 15.99
N LYS V 204 -4.72 -32.11 16.56
CA LYS V 204 -4.73 -32.62 17.93
C LYS V 204 -4.72 -31.55 19.01
N LEU V 205 -4.85 -30.26 18.61
CA LEU V 205 -5.04 -29.11 19.48
C LEU V 205 -3.93 -29.00 20.50
N SER V 206 -2.74 -28.59 20.05
CA SER V 206 -1.63 -28.32 20.96
C SER V 206 -2.02 -27.28 22.00
N ALA V 207 -1.74 -27.59 23.27
CA ALA V 207 -2.25 -26.80 24.39
C ALA V 207 -1.57 -25.45 24.51
N GLU V 208 -0.48 -25.23 23.79
CA GLU V 208 0.22 -23.95 23.77
C GLU V 208 -0.28 -23.04 22.67
N LYS V 209 -1.30 -23.47 21.93
CA LYS V 209 -1.82 -22.65 20.85
C LYS V 209 -3.14 -22.05 21.28
N VAL V 210 -3.66 -22.50 22.42
CA VAL V 210 -4.92 -21.99 22.94
C VAL V 210 -4.67 -21.32 24.27
N GLU V 211 -5.71 -20.64 24.75
CA GLU V 211 -5.65 -19.89 25.98
C GLU V 211 -7.09 -19.65 26.44
N ILE V 212 -7.36 -19.88 27.72
CA ILE V 212 -8.71 -19.82 28.25
C ILE V 212 -8.71 -18.98 29.51
N ALA V 213 -9.61 -18.00 29.57
CA ALA V 213 -9.81 -17.17 30.75
C ALA V 213 -11.26 -17.30 31.19
N THR V 214 -11.48 -17.61 32.46
CA THR V 214 -12.83 -17.73 32.99
C THR V 214 -13.09 -16.66 34.04
N LEU V 215 -14.35 -16.55 34.43
CA LEU V 215 -14.77 -15.56 35.43
C LEU V 215 -15.88 -16.16 36.26
N THR V 216 -15.67 -16.30 37.56
CA THR V 216 -16.70 -16.74 38.48
C THR V 216 -16.92 -15.70 39.56
N ARG V 217 -18.07 -15.78 40.19
CA ARG V 217 -18.47 -14.86 41.24
C ARG V 217 -18.32 -15.57 42.58
N GLU V 218 -17.21 -15.30 43.27
CA GLU V 218 -16.82 -16.22 44.34
C GLU V 218 -17.56 -16.00 45.65
N ASN V 219 -17.31 -14.88 46.32
CA ASN V 219 -18.19 -14.48 47.41
C ASN V 219 -18.72 -13.07 47.16
N GLY V 220 -17.80 -12.14 47.03
CA GLY V 220 -18.11 -10.80 46.59
C GLY V 220 -16.93 -10.31 45.79
N LYS V 221 -16.12 -11.24 45.30
CA LYS V 221 -14.82 -10.85 44.79
C LYS V 221 -14.76 -10.84 43.28
N THR V 222 -15.61 -11.65 42.63
CA THR V 222 -15.67 -11.83 41.18
C THR V 222 -14.28 -12.22 40.66
N VAL V 223 -13.82 -13.41 41.02
CA VAL V 223 -12.47 -13.86 40.72
C VAL V 223 -12.34 -14.08 39.23
N ILE V 224 -11.40 -13.36 38.62
CA ILE V 224 -11.04 -13.60 37.23
C ILE V 224 -9.93 -14.63 37.19
N ARG V 225 -10.27 -15.84 36.76
CA ARG V 225 -9.33 -16.94 36.71
C ARG V 225 -8.67 -16.99 35.34
N VAL V 226 -7.35 -17.11 35.33
CA VAL V 226 -6.61 -17.45 34.12
C VAL V 226 -5.85 -18.73 34.42
N LEU V 227 -6.28 -19.81 33.78
CA LEU V 227 -5.70 -21.13 34.02
C LEU V 227 -4.42 -21.30 33.19
N LYS V 228 -3.46 -22.05 33.74
CA LYS V 228 -2.09 -21.92 33.29
C LYS V 228 -1.70 -23.05 32.32
N GLN V 229 -1.56 -24.29 32.78
CA GLN V 229 -1.06 -25.26 31.80
C GLN V 229 -1.69 -26.65 31.79
N LYS V 230 -1.81 -27.29 32.95
CA LYS V 230 -1.96 -28.74 32.97
C LYS V 230 -3.43 -29.13 32.93
N GLU V 231 -4.27 -28.27 33.49
CA GLU V 231 -5.71 -28.38 33.41
C GLU V 231 -6.20 -28.29 31.97
N VAL V 232 -5.47 -27.60 31.10
CA VAL V 232 -5.81 -27.59 29.69
C VAL V 232 -5.46 -28.94 29.07
N GLU V 233 -4.32 -29.49 29.47
CA GLU V 233 -3.81 -30.72 28.88
C GLU V 233 -4.69 -31.91 29.23
N GLN V 234 -5.06 -32.01 30.50
CA GLN V 234 -5.96 -33.08 30.93
C GLN V 234 -7.37 -32.88 30.39
N LEU V 235 -7.71 -31.64 30.05
CA LEU V 235 -8.99 -31.39 29.38
C LEU V 235 -8.98 -31.96 27.98
N ILE V 236 -7.88 -31.78 27.26
CA ILE V 236 -7.74 -32.33 25.91
C ILE V 236 -7.71 -33.85 25.96
N LYS V 237 -7.00 -34.41 26.95
CA LYS V 237 -7.03 -35.85 27.15
C LYS V 237 -8.41 -36.33 27.53
N LYS V 238 -9.16 -35.50 28.25
CA LYS V 238 -10.56 -35.81 28.50
C LYS V 238 -11.38 -35.74 27.22
N HIS V 239 -11.11 -34.72 26.39
CA HIS V 239 -11.89 -34.56 25.16
C HIS V 239 -11.58 -35.64 24.14
N GLU V 240 -10.31 -36.01 24.02
CA GLU V 240 -9.94 -37.08 23.10
C GLU V 240 -10.46 -38.43 23.58
N GLU V 241 -10.57 -38.59 24.89
CA GLU V 241 -11.16 -39.81 25.44
C GLU V 241 -12.65 -39.87 25.13
N GLU V 242 -13.35 -38.73 25.25
CA GLU V 242 -14.77 -38.70 24.96
C GLU V 242 -15.03 -38.83 23.47
N GLU V 243 -14.04 -38.44 22.65
CA GLU V 243 -14.12 -38.73 21.24
C GLU V 243 -13.89 -40.21 20.98
N ALA V 244 -12.89 -40.80 21.66
CA ALA V 244 -12.57 -42.21 21.45
C ALA V 244 -13.66 -43.11 22.01
N LYS V 245 -14.33 -42.68 23.07
CA LYS V 245 -15.42 -43.50 23.60
C LYS V 245 -16.64 -43.47 22.70
N ALA V 246 -16.98 -42.30 22.17
CA ALA V 246 -18.21 -42.17 21.40
C ALA V 246 -18.11 -42.81 20.03
N GLU V 247 -16.90 -42.96 19.49
CA GLU V 247 -16.72 -43.54 18.17
C GLU V 247 -16.77 -45.07 18.19
N ARG V 248 -16.97 -45.69 19.35
CA ARG V 248 -17.10 -47.14 19.43
C ARG V 248 -18.40 -47.63 18.81
N GLU V 249 -19.41 -46.78 18.71
CA GLU V 249 -20.65 -47.19 18.07
C GLU V 249 -20.55 -47.18 16.56
N LYS V 250 -19.54 -46.52 16.00
CA LYS V 250 -19.38 -46.44 14.55
C LYS V 250 -18.91 -47.76 13.97
N SER W 1 -9.17 20.72 14.08
CA SER W 1 -8.85 21.58 12.95
C SER W 1 -8.96 20.81 11.64
N TYR W 2 -10.12 20.89 11.00
CA TYR W 2 -10.34 20.24 9.71
C TYR W 2 -11.15 21.17 8.82
N ASP W 3 -10.52 21.69 7.78
CA ASP W 3 -11.16 22.66 6.90
C ASP W 3 -11.24 22.01 5.51
N ARG W 4 -12.29 21.25 5.29
CA ARG W 4 -12.50 20.63 3.98
C ARG W 4 -13.99 20.50 3.76
N ALA W 5 -14.51 21.21 2.77
CA ALA W 5 -15.91 21.06 2.40
C ALA W 5 -16.14 19.68 1.81
N ILE W 6 -17.19 19.02 2.26
CA ILE W 6 -17.54 17.68 1.81
C ILE W 6 -18.77 17.71 0.91
N THR W 7 -19.78 18.43 1.32
CA THR W 7 -21.02 18.51 0.57
C THR W 7 -21.01 19.75 -0.31
N VAL W 8 -20.96 19.53 -1.63
CA VAL W 8 -20.94 20.62 -2.60
C VAL W 8 -22.10 20.43 -3.55
N PHE W 9 -22.25 21.34 -4.50
CA PHE W 9 -23.34 21.26 -5.47
C PHE W 9 -22.91 20.44 -6.68
N SER W 10 -23.87 20.20 -7.56
CA SER W 10 -23.72 19.45 -8.78
C SER W 10 -24.08 20.33 -9.96
N PRO W 11 -23.57 20.04 -11.16
CA PRO W 11 -23.88 20.89 -12.32
C PRO W 11 -25.35 20.91 -12.72
N ASP W 12 -26.09 19.84 -12.44
CA ASP W 12 -27.51 19.86 -12.78
C ASP W 12 -28.32 20.60 -11.72
N GLY W 13 -27.76 20.75 -10.53
CA GLY W 13 -28.43 21.53 -9.50
C GLY W 13 -28.89 20.71 -8.31
N HIS W 14 -28.17 19.65 -7.99
CA HIS W 14 -28.55 18.81 -6.86
C HIS W 14 -27.40 18.72 -5.89
N LEU W 15 -27.53 17.83 -4.89
CA LEU W 15 -26.42 17.48 -4.02
C LEU W 15 -25.97 16.07 -4.37
N PHE W 16 -24.97 15.61 -3.65
CA PHE W 16 -24.52 14.23 -3.76
C PHE W 16 -24.66 13.47 -2.47
N GLN W 17 -24.29 14.08 -1.33
CA GLN W 17 -24.18 13.33 -0.10
C GLN W 17 -25.54 12.99 0.48
N VAL W 18 -26.51 13.88 0.29
CA VAL W 18 -27.84 13.65 0.85
C VAL W 18 -28.53 12.51 0.12
N GLU W 19 -28.37 12.45 -1.20
CA GLU W 19 -28.94 11.35 -1.96
C GLU W 19 -28.21 10.05 -1.67
N TYR W 20 -26.94 10.14 -1.33
CA TYR W 20 -26.22 8.94 -0.92
C TYR W 20 -26.61 8.54 0.48
N ALA W 21 -27.00 9.51 1.32
CA ALA W 21 -27.39 9.19 2.67
C ALA W 21 -28.76 8.56 2.74
N GLN W 22 -29.67 8.96 1.85
CA GLN W 22 -31.01 8.40 1.89
C GLN W 22 -31.06 6.98 1.35
N GLU W 23 -30.01 6.54 0.66
CA GLU W 23 -29.90 5.14 0.29
C GLU W 23 -29.71 4.26 1.52
N ALA W 24 -28.98 4.76 2.51
CA ALA W 24 -28.77 3.99 3.73
C ALA W 24 -30.07 3.82 4.50
N VAL W 25 -30.95 4.80 4.43
CA VAL W 25 -32.29 4.65 4.98
C VAL W 25 -33.07 3.63 4.16
N LYS W 26 -32.87 3.61 2.84
CA LYS W 26 -33.52 2.62 2.00
C LYS W 26 -33.00 1.21 2.25
N LYS W 27 -31.76 1.07 2.69
CA LYS W 27 -31.26 -0.24 3.07
C LYS W 27 -31.38 -0.42 4.58
N GLY W 28 -32.59 -0.41 5.10
CA GLY W 28 -32.78 -0.62 6.52
C GLY W 28 -34.09 -1.31 6.83
N SER W 29 -34.29 -1.72 8.08
CA SER W 29 -35.53 -2.40 8.44
C SER W 29 -36.68 -1.41 8.48
N THR W 30 -37.87 -1.90 8.17
CA THR W 30 -39.03 -1.06 8.04
C THR W 30 -39.67 -0.82 9.40
N ALA W 31 -40.20 0.38 9.60
CA ALA W 31 -40.89 0.73 10.84
C ALA W 31 -42.04 1.66 10.47
N VAL W 32 -43.25 1.27 10.80
CA VAL W 32 -44.41 2.10 10.49
C VAL W 32 -44.95 2.70 11.77
N GLY W 33 -45.89 3.62 11.64
CA GLY W 33 -46.53 4.18 12.80
C GLY W 33 -47.76 4.99 12.43
N VAL W 34 -48.87 4.72 13.10
CA VAL W 34 -50.10 5.45 12.86
C VAL W 34 -50.46 6.18 14.14
N ARG W 35 -51.49 7.00 14.10
CA ARG W 35 -51.94 7.67 15.29
C ARG W 35 -53.45 7.55 15.36
N GLY W 36 -54.02 8.18 16.38
CA GLY W 36 -55.46 8.17 16.56
C GLY W 36 -55.87 9.44 17.25
N ARG W 37 -56.85 9.36 18.15
CA ARG W 37 -57.31 10.55 18.84
C ARG W 37 -57.06 10.42 20.33
N ASP W 38 -56.80 9.20 20.78
CA ASP W 38 -56.55 8.92 22.18
C ASP W 38 -55.27 8.14 22.44
N ILE W 39 -54.95 7.17 21.59
CA ILE W 39 -53.76 6.35 21.75
C ILE W 39 -53.04 6.30 20.41
N VAL W 40 -51.73 6.09 20.49
CA VAL W 40 -50.89 6.00 19.30
C VAL W 40 -50.34 4.60 19.21
N VAL W 41 -49.66 4.29 18.11
CA VAL W 41 -49.07 2.98 17.92
C VAL W 41 -47.92 3.11 16.93
N LEU W 42 -46.88 2.32 17.14
CA LEU W 42 -45.82 2.21 16.16
C LEU W 42 -45.18 0.84 16.31
N GLY W 43 -44.74 0.29 15.19
CA GLY W 43 -44.11 -1.00 15.21
C GLY W 43 -42.90 -1.01 14.33
N VAL W 44 -42.20 -2.15 14.34
CA VAL W 44 -40.99 -2.31 13.54
C VAL W 44 -40.97 -3.74 13.04
N GLU W 45 -40.34 -3.94 11.90
CA GLU W 45 -40.23 -5.25 11.29
C GLU W 45 -38.77 -5.61 11.13
N LYS W 46 -38.56 -6.78 10.51
CA LYS W 46 -37.25 -7.35 10.18
C LYS W 46 -36.38 -7.46 11.44
N LYS W 47 -36.89 -8.26 12.38
CA LYS W 47 -36.09 -8.58 13.55
C LYS W 47 -34.88 -9.42 13.18
N SER W 48 -35.13 -10.57 12.52
CA SER W 48 -34.11 -11.51 12.04
C SER W 48 -33.20 -11.97 13.18
N VAL W 49 -33.85 -12.42 14.25
CA VAL W 49 -33.19 -12.75 15.50
C VAL W 49 -32.50 -14.09 15.34
N ALA W 50 -31.32 -14.22 15.94
CA ALA W 50 -30.57 -15.47 15.87
C ALA W 50 -31.12 -16.54 16.79
N LYS W 51 -32.08 -16.18 17.65
CA LYS W 51 -32.91 -17.12 18.45
C LYS W 51 -32.10 -17.92 19.45
N LEU W 52 -30.87 -17.49 19.73
CA LEU W 52 -30.05 -18.10 20.77
C LEU W 52 -29.30 -17.00 21.49
N GLN W 53 -29.67 -15.75 21.23
CA GLN W 53 -28.86 -14.62 21.64
C GLN W 53 -29.70 -13.64 22.43
N ASP W 54 -29.04 -12.61 22.96
CA ASP W 54 -29.75 -11.65 23.78
C ASP W 54 -30.46 -10.65 22.88
N GLU W 55 -31.55 -10.08 23.41
CA GLU W 55 -32.40 -9.19 22.62
C GLU W 55 -32.87 -7.97 23.39
N ARG W 56 -32.49 -7.82 24.65
CA ARG W 56 -32.82 -6.58 25.35
C ARG W 56 -31.91 -5.44 24.91
N THR W 57 -30.79 -5.76 24.26
CA THR W 57 -29.92 -4.75 23.71
C THR W 57 -30.23 -4.46 22.25
N VAL W 58 -31.09 -5.23 21.61
CA VAL W 58 -31.37 -4.99 20.19
C VAL W 58 -32.60 -4.11 20.01
N ARG W 59 -33.08 -3.48 21.08
CA ARG W 59 -34.27 -2.65 21.04
C ARG W 59 -34.04 -1.39 20.21
N LYS W 60 -34.93 -1.13 19.25
CA LYS W 60 -34.84 -0.01 18.32
C LYS W 60 -36.02 0.93 18.45
N ILE W 61 -36.74 0.86 19.56
CA ILE W 61 -37.75 1.84 19.93
C ILE W 61 -37.36 2.32 21.32
N CYS W 62 -37.13 3.62 21.45
CA CYS W 62 -36.81 4.16 22.77
C CYS W 62 -37.62 5.40 23.04
N ALA W 63 -37.33 6.06 24.16
CA ALA W 63 -38.11 7.21 24.58
C ALA W 63 -37.17 8.33 25.00
N LEU W 64 -37.48 9.53 24.56
CA LEU W 64 -36.68 10.67 24.98
C LEU W 64 -37.11 11.18 26.35
N ASP W 65 -38.40 11.19 26.60
CA ASP W 65 -38.90 11.65 27.89
C ASP W 65 -40.18 10.88 28.13
N ASP W 66 -41.02 11.30 29.08
CA ASP W 66 -42.22 10.58 29.43
C ASP W 66 -43.36 10.81 28.44
N ASN W 67 -43.09 11.48 27.33
CA ASN W 67 -44.11 11.69 26.31
C ASN W 67 -43.60 11.20 24.96
N VAL W 68 -42.32 11.41 24.71
CA VAL W 68 -41.81 11.35 23.35
C VAL W 68 -41.24 9.96 23.08
N CYS W 69 -41.57 9.40 21.93
CA CYS W 69 -41.14 8.06 21.56
C CYS W 69 -40.38 8.08 20.24
N MET W 70 -39.51 7.07 20.05
CA MET W 70 -38.61 7.02 18.90
C MET W 70 -38.81 5.76 18.08
N ALA W 71 -38.53 5.89 16.78
CA ALA W 71 -38.45 4.77 15.85
C ALA W 71 -37.64 5.18 14.63
N PHE W 72 -36.48 4.59 14.43
CA PHE W 72 -35.60 5.05 13.37
C PHE W 72 -35.39 3.96 12.31
N ALA W 73 -34.68 4.33 11.26
CA ALA W 73 -34.15 3.40 10.28
C ALA W 73 -32.74 3.82 9.94
N GLY W 74 -32.17 3.16 8.96
CA GLY W 74 -30.84 3.50 8.51
C GLY W 74 -29.82 2.68 9.23
N LEU W 75 -28.67 3.28 9.52
CA LEU W 75 -27.67 2.60 10.32
C LEU W 75 -27.93 2.87 11.79
N THR W 76 -27.19 2.19 12.65
CA THR W 76 -27.48 2.14 14.06
C THR W 76 -26.57 3.00 14.90
N ALA W 77 -25.30 3.13 14.51
CA ALA W 77 -24.35 3.93 15.28
C ALA W 77 -24.72 5.40 15.21
N ASP W 78 -25.16 5.87 14.06
CA ASP W 78 -25.52 7.28 13.94
C ASP W 78 -26.82 7.59 14.65
N ALA W 79 -27.67 6.58 14.86
CA ALA W 79 -28.91 6.80 15.59
C ALA W 79 -28.64 7.03 17.06
N ARG W 80 -27.61 6.37 17.59
CA ARG W 80 -27.34 6.44 19.03
C ARG W 80 -26.85 7.82 19.43
N ILE W 81 -26.16 8.50 18.53
CA ILE W 81 -25.68 9.86 18.83
C ILE W 81 -26.86 10.82 18.87
N VAL W 82 -27.79 10.65 17.93
CA VAL W 82 -28.94 11.53 17.83
C VAL W 82 -29.85 11.37 19.03
N ILE W 83 -29.99 10.14 19.53
CA ILE W 83 -30.87 9.91 20.66
C ILE W 83 -30.28 10.51 21.93
N ASN W 84 -29.01 10.27 22.20
CA ASN W 84 -28.39 10.83 23.40
C ASN W 84 -28.19 12.32 23.27
N ARG W 85 -28.19 12.85 22.05
CA ARG W 85 -28.26 14.31 21.91
C ARG W 85 -29.64 14.82 22.29
N ALA W 86 -30.68 14.08 21.93
CA ALA W 86 -32.03 14.59 22.10
C ALA W 86 -32.52 14.42 23.53
N ARG W 87 -32.00 13.42 24.25
CA ARG W 87 -32.38 13.24 25.65
C ARG W 87 -31.88 14.39 26.50
N VAL W 88 -30.73 14.95 26.15
CA VAL W 88 -30.17 16.07 26.88
C VAL W 88 -31.03 17.32 26.69
N GLU W 89 -31.48 17.54 25.46
CA GLU W 89 -32.20 18.78 25.15
C GLU W 89 -33.58 18.80 25.77
N CYS W 90 -34.30 17.68 25.69
CA CYS W 90 -35.61 17.61 26.33
C CYS W 90 -35.50 17.61 27.84
N GLN W 91 -34.32 17.28 28.38
CA GLN W 91 -34.15 17.41 29.81
C GLN W 91 -33.81 18.84 30.19
N SER W 92 -33.04 19.52 29.34
CA SER W 92 -32.66 20.90 29.62
C SER W 92 -33.79 21.87 29.31
N HIS W 93 -34.73 21.49 28.42
CA HIS W 93 -35.93 22.29 28.25
C HIS W 93 -36.77 22.28 29.51
N ARG W 94 -36.87 21.11 30.16
CA ARG W 94 -37.57 21.00 31.42
C ARG W 94 -36.91 21.79 32.52
N LEU W 95 -35.60 22.04 32.41
CA LEU W 95 -34.89 22.84 33.41
C LEU W 95 -35.36 24.28 33.39
N THR W 96 -35.41 24.91 32.21
CA THR W 96 -35.80 26.31 32.17
C THR W 96 -37.30 26.43 32.25
N VAL W 97 -38.00 25.94 31.23
CA VAL W 97 -39.45 26.00 31.26
C VAL W 97 -39.98 24.75 31.95
N GLU W 98 -40.88 24.94 32.91
CA GLU W 98 -41.30 23.84 33.76
C GLU W 98 -42.35 22.95 33.13
N ASP W 99 -42.50 22.99 31.84
CA ASP W 99 -43.42 22.14 31.12
C ASP W 99 -42.80 20.79 30.79
N PRO W 100 -43.61 19.81 30.41
CA PRO W 100 -43.07 18.76 29.55
C PRO W 100 -42.81 19.33 28.18
N VAL W 101 -41.83 18.74 27.50
CA VAL W 101 -41.43 19.21 26.18
C VAL W 101 -42.52 18.86 25.18
N THR W 102 -42.90 19.81 24.35
CA THR W 102 -43.84 19.52 23.28
C THR W 102 -43.11 18.70 22.23
N VAL W 103 -43.84 17.85 21.52
CA VAL W 103 -43.27 16.98 20.52
C VAL W 103 -42.84 17.76 19.29
N GLU W 104 -43.39 18.95 19.09
CA GLU W 104 -42.96 19.77 17.96
C GLU W 104 -41.62 20.41 18.26
N TYR W 105 -41.35 20.71 19.52
CA TYR W 105 -40.10 21.37 19.88
C TYR W 105 -38.91 20.44 19.67
N ILE W 106 -39.07 19.16 19.96
CA ILE W 106 -37.90 18.29 19.91
C ILE W 106 -37.60 17.88 18.47
N THR W 107 -38.60 17.88 17.60
CA THR W 107 -38.34 17.57 16.20
C THR W 107 -37.65 18.73 15.50
N ARG W 108 -37.91 19.95 15.95
CA ARG W 108 -37.11 21.06 15.43
C ARG W 108 -35.69 21.00 15.96
N TYR W 109 -35.49 20.38 17.11
CA TYR W 109 -34.13 20.26 17.62
C TYR W 109 -33.35 19.24 16.81
N ILE W 110 -33.98 18.14 16.43
CA ILE W 110 -33.28 17.10 15.68
C ILE W 110 -33.03 17.56 14.26
N ALA W 111 -34.02 18.20 13.63
CA ALA W 111 -33.88 18.64 12.25
C ALA W 111 -32.86 19.76 12.11
N SER W 112 -32.81 20.66 13.09
CA SER W 112 -31.82 21.71 13.05
C SER W 112 -30.44 21.17 13.41
N LEU W 113 -30.40 20.08 14.19
CA LEU W 113 -29.14 19.40 14.42
C LEU W 113 -28.60 18.84 13.11
N LYS W 114 -29.47 18.27 12.31
CA LYS W 114 -29.00 17.51 11.16
C LYS W 114 -28.71 18.42 9.99
N GLN W 115 -29.36 19.58 9.93
CA GLN W 115 -29.13 20.50 8.83
C GLN W 115 -27.79 21.20 8.95
N ARG W 116 -27.45 21.71 10.13
CA ARG W 116 -26.14 22.31 10.34
C ARG W 116 -25.03 21.29 10.26
N TYR W 117 -25.38 20.02 10.28
CA TYR W 117 -24.43 18.93 10.25
C TYR W 117 -24.13 18.50 8.81
N THR W 118 -25.01 18.83 7.88
CA THR W 118 -24.68 18.72 6.45
C THR W 118 -24.09 20.01 5.92
N GLN W 119 -24.28 21.12 6.62
CA GLN W 119 -23.79 22.42 6.18
C GLN W 119 -22.30 22.58 6.42
N SER W 120 -21.81 22.08 7.55
CA SER W 120 -20.45 22.36 7.97
C SER W 120 -19.44 21.52 7.19
N ASN W 121 -18.18 21.68 7.58
CA ASN W 121 -17.03 21.17 6.84
C ASN W 121 -16.46 19.93 7.51
N GLY W 122 -16.10 18.94 6.70
CA GLY W 122 -15.43 17.78 7.21
C GLY W 122 -16.32 16.73 7.83
N ARG W 123 -17.64 16.85 7.67
CA ARG W 123 -18.58 16.08 8.47
C ARG W 123 -19.47 15.25 7.57
N ARG W 124 -19.38 13.93 7.73
CA ARG W 124 -20.28 13.03 7.02
C ARG W 124 -21.69 13.22 7.54
N PRO W 125 -22.69 13.44 6.68
CA PRO W 125 -24.05 13.61 7.16
C PRO W 125 -24.61 12.32 7.75
N PHE W 126 -25.65 12.49 8.55
CA PHE W 126 -26.30 11.37 9.22
C PHE W 126 -27.03 10.47 8.23
N GLY W 127 -27.39 9.30 8.69
CA GLY W 127 -27.99 8.30 7.84
C GLY W 127 -29.19 7.66 8.48
N ILE W 128 -29.95 8.41 9.26
CA ILE W 128 -31.12 7.89 9.94
C ILE W 128 -32.35 8.60 9.41
N SER W 129 -33.52 8.10 9.83
CA SER W 129 -34.79 8.74 9.56
C SER W 129 -35.73 8.31 10.69
N ALA W 130 -36.08 9.27 11.54
CA ALA W 130 -36.78 8.94 12.76
C ALA W 130 -38.29 9.12 12.61
N LEU W 131 -39.03 8.43 13.46
CA LEU W 131 -40.47 8.66 13.63
C LEU W 131 -40.67 9.09 15.07
N ILE W 132 -41.12 10.33 15.23
CA ILE W 132 -41.23 10.92 16.57
C ILE W 132 -42.70 10.95 16.94
N VAL W 133 -43.08 10.20 17.97
CA VAL W 133 -44.48 10.04 18.35
C VAL W 133 -44.63 10.45 19.80
N GLY W 134 -45.61 11.32 20.07
CA GLY W 134 -45.94 11.71 21.43
C GLY W 134 -47.19 12.56 21.48
N PHE W 135 -47.98 12.42 22.53
CA PHE W 135 -49.19 13.21 22.69
C PHE W 135 -48.94 14.34 23.67
N ASP W 136 -49.09 15.58 23.19
CA ASP W 136 -48.75 16.76 23.99
C ASP W 136 -49.80 17.00 25.08
N PHE W 137 -49.69 18.15 25.73
CA PHE W 137 -50.75 18.60 26.62
C PHE W 137 -52.01 18.90 25.81
N ASP W 138 -53.14 18.94 26.53
CA ASP W 138 -54.51 19.00 26.02
C ASP W 138 -54.86 17.77 25.17
N GLY W 139 -54.10 16.68 25.30
CA GLY W 139 -54.37 15.43 24.62
C GLY W 139 -54.38 15.52 23.11
N THR W 140 -53.25 15.85 22.51
CA THR W 140 -53.15 16.04 21.06
C THR W 140 -52.16 15.01 20.53
N PRO W 141 -52.62 13.82 20.14
CA PRO W 141 -51.72 12.82 19.61
C PRO W 141 -51.30 13.14 18.18
N ARG W 142 -50.01 13.08 17.92
CA ARG W 142 -49.49 13.39 16.60
C ARG W 142 -48.16 12.68 16.41
N LEU W 143 -47.75 12.59 15.15
CA LEU W 143 -46.46 11.99 14.84
C LEU W 143 -45.81 12.78 13.73
N TYR W 144 -44.50 12.96 13.86
CA TYR W 144 -43.73 13.65 12.84
C TYR W 144 -42.73 12.69 12.24
N GLN W 145 -41.94 13.16 11.27
CA GLN W 145 -40.84 12.36 10.76
C GLN W 145 -39.66 13.27 10.51
N THR W 146 -38.52 12.66 10.23
CA THR W 146 -37.31 13.37 9.86
C THR W 146 -36.87 12.94 8.49
N ASP W 147 -35.71 13.44 8.10
CA ASP W 147 -35.08 13.13 6.83
C ASP W 147 -33.60 13.40 7.00
N PRO W 148 -32.73 12.66 6.30
CA PRO W 148 -31.30 12.95 6.38
C PRO W 148 -30.89 14.32 5.87
N SER W 149 -31.72 14.97 5.06
CA SER W 149 -31.43 16.34 4.68
C SER W 149 -31.73 17.32 5.79
N GLY W 150 -32.63 16.95 6.71
CA GLY W 150 -33.00 17.83 7.79
C GLY W 150 -34.39 18.43 7.69
N THR W 151 -35.24 17.91 6.81
CA THR W 151 -36.60 18.40 6.73
C THR W 151 -37.51 17.54 7.59
N TYR W 152 -38.71 18.04 7.86
CA TYR W 152 -39.63 17.34 8.75
C TYR W 152 -41.05 17.73 8.42
N HIS W 153 -42.00 16.84 8.72
CA HIS W 153 -43.40 17.04 8.40
C HIS W 153 -44.27 16.51 9.52
N ALA W 154 -45.55 16.33 9.21
CA ALA W 154 -46.52 15.71 10.11
C ALA W 154 -47.33 14.74 9.27
N TRP W 155 -47.17 13.44 9.50
CA TRP W 155 -47.98 12.49 8.75
C TRP W 155 -49.00 11.85 9.66
N LYS W 156 -49.96 11.18 9.02
CA LYS W 156 -50.90 10.34 9.73
C LYS W 156 -50.51 8.87 9.70
N ALA W 157 -49.64 8.46 8.77
CA ALA W 157 -49.15 7.09 8.68
C ALA W 157 -47.86 7.12 7.87
N ASN W 158 -46.75 6.82 8.54
CA ASN W 158 -45.46 6.81 7.88
C ASN W 158 -44.98 5.39 7.64
N ALA W 159 -44.04 5.25 6.71
CA ALA W 159 -43.30 4.02 6.52
C ALA W 159 -41.94 4.40 5.98
N ILE W 160 -40.90 3.75 6.49
CA ILE W 160 -39.52 3.89 6.02
C ILE W 160 -38.87 2.51 5.90
N GLY W 161 -37.59 2.48 5.56
CA GLY W 161 -36.87 1.22 5.50
C GLY W 161 -36.90 0.55 4.14
N ARG W 162 -36.54 -0.73 4.14
CA ARG W 162 -36.43 -1.50 2.90
C ARG W 162 -37.82 -1.83 2.40
N GLY W 163 -38.35 -1.00 1.51
CA GLY W 163 -39.64 -1.27 0.93
C GLY W 163 -40.78 -0.57 1.64
N ALA W 164 -40.66 0.74 1.76
CA ALA W 164 -41.73 1.53 2.34
C ALA W 164 -42.81 1.89 1.34
N LYS W 165 -42.47 1.97 0.05
CA LYS W 165 -43.44 2.45 -0.94
C LYS W 165 -44.55 1.44 -1.13
N SER W 166 -44.24 0.15 -1.00
CA SER W 166 -45.28 -0.87 -0.94
C SER W 166 -46.14 -0.68 0.29
N VAL W 167 -45.51 -0.37 1.42
CA VAL W 167 -46.27 -0.10 2.64
C VAL W 167 -47.03 1.20 2.50
N ARG W 168 -46.40 2.21 1.89
CA ARG W 168 -47.09 3.47 1.65
C ARG W 168 -48.24 3.29 0.68
N GLU W 169 -48.11 2.34 -0.26
CA GLU W 169 -49.24 2.01 -1.12
C GLU W 169 -50.31 1.26 -0.34
N PHE W 170 -49.91 0.39 0.59
CA PHE W 170 -50.88 -0.37 1.37
C PHE W 170 -51.63 0.54 2.33
N LEU W 171 -50.95 1.54 2.86
CA LEU W 171 -51.63 2.52 3.69
C LEU W 171 -52.41 3.51 2.86
N GLU W 172 -52.12 3.59 1.56
CA GLU W 172 -52.81 4.55 0.71
C GLU W 172 -54.24 4.11 0.44
N LYS W 173 -54.47 2.82 0.19
CA LYS W 173 -55.83 2.32 0.14
C LYS W 173 -56.31 1.88 1.51
N ASN W 174 -56.10 2.71 2.54
CA ASN W 174 -56.54 2.35 3.87
C ASN W 174 -57.01 3.60 4.60
N TYR W 175 -57.69 4.49 3.90
CA TYR W 175 -58.00 5.82 4.41
C TYR W 175 -59.32 5.82 5.17
N THR W 176 -59.38 5.05 6.25
CA THR W 176 -60.61 4.86 7.00
C THR W 176 -60.46 5.46 8.39
N ASP W 177 -61.44 6.25 8.80
CA ASP W 177 -61.47 6.72 10.18
C ASP W 177 -61.97 5.64 11.13
N GLU W 178 -62.67 4.63 10.61
CA GLU W 178 -63.21 3.58 11.46
C GLU W 178 -62.10 2.68 12.00
N ALA W 179 -61.00 2.54 11.27
CA ALA W 179 -59.86 1.79 11.79
C ALA W 179 -59.13 2.55 12.89
N ILE W 180 -59.36 3.85 13.02
CA ILE W 180 -58.74 4.65 14.06
C ILE W 180 -59.79 4.95 15.12
N GLU W 181 -60.79 4.08 15.23
CA GLU W 181 -61.83 4.22 16.25
C GLU W 181 -61.62 3.25 17.40
N THR W 182 -61.53 1.96 17.11
CA THR W 182 -61.22 0.98 18.15
C THR W 182 -59.71 0.83 18.28
N ASP W 183 -59.25 0.71 19.53
CA ASP W 183 -57.83 0.68 19.81
C ASP W 183 -57.17 -0.59 19.29
N ASP W 184 -57.77 -1.75 19.59
CA ASP W 184 -57.21 -3.01 19.11
C ASP W 184 -57.34 -3.16 17.61
N LEU W 185 -58.32 -2.46 17.02
CA LEU W 185 -58.45 -2.46 15.57
C LEU W 185 -57.30 -1.71 14.92
N THR W 186 -56.83 -0.64 15.57
CA THR W 186 -55.68 0.10 15.05
C THR W 186 -54.41 -0.72 15.14
N ILE W 187 -54.27 -1.53 16.20
CA ILE W 187 -53.05 -2.28 16.42
C ILE W 187 -52.94 -3.44 15.45
N LYS W 188 -54.06 -4.14 15.22
CA LYS W 188 -54.08 -5.21 14.23
C LYS W 188 -53.91 -4.66 12.82
N LEU W 189 -54.29 -3.39 12.61
CA LEU W 189 -54.09 -2.74 11.33
C LEU W 189 -52.61 -2.55 11.03
N VAL W 190 -51.85 -2.13 12.05
CA VAL W 190 -50.40 -2.03 11.93
C VAL W 190 -49.80 -3.41 11.69
N ILE W 191 -50.32 -4.42 12.38
CA ILE W 191 -49.87 -5.80 12.16
C ILE W 191 -50.27 -6.27 10.77
N LYS W 192 -51.43 -5.81 10.29
CA LYS W 192 -51.83 -6.12 8.93
C LYS W 192 -50.91 -5.46 7.93
N ALA W 193 -50.45 -4.25 8.23
CA ALA W 193 -49.54 -3.57 7.33
C ALA W 193 -48.14 -4.16 7.38
N LEU W 194 -47.66 -4.51 8.58
CA LEU W 194 -46.30 -5.02 8.72
C LEU W 194 -46.18 -6.43 8.15
N LEU W 195 -47.24 -7.23 8.26
CA LEU W 195 -47.23 -8.55 7.64
C LEU W 195 -47.31 -8.47 6.13
N GLU W 196 -47.83 -7.37 5.59
CA GLU W 196 -47.84 -7.15 4.16
C GLU W 196 -46.46 -6.88 3.59
N VAL W 197 -45.48 -6.53 4.43
CA VAL W 197 -44.13 -6.30 3.95
C VAL W 197 -43.22 -7.45 4.32
N VAL W 198 -43.05 -7.67 5.63
CA VAL W 198 -42.14 -8.71 6.11
C VAL W 198 -42.85 -10.06 6.02
N GLN W 199 -42.09 -11.15 6.13
CA GLN W 199 -42.69 -12.47 6.15
C GLN W 199 -43.48 -12.72 7.42
N SER W 200 -43.06 -12.09 8.52
CA SER W 200 -43.83 -11.94 9.75
C SER W 200 -44.31 -13.25 10.36
N GLY W 201 -43.36 -14.12 10.75
CA GLY W 201 -43.71 -15.39 11.35
C GLY W 201 -43.93 -15.30 12.85
N GLY W 202 -44.59 -14.24 13.31
CA GLY W 202 -44.97 -14.10 14.71
C GLY W 202 -43.82 -13.83 15.67
N LYS W 203 -42.61 -13.67 15.17
CA LYS W 203 -41.45 -13.46 16.03
C LYS W 203 -40.57 -12.37 15.44
N ASN W 204 -41.06 -11.71 14.39
CA ASN W 204 -40.31 -10.68 13.70
C ASN W 204 -40.99 -9.32 13.79
N ILE W 205 -42.00 -9.18 14.66
CA ILE W 205 -42.78 -7.97 14.78
C ILE W 205 -42.64 -7.47 16.20
N GLU W 206 -42.26 -6.21 16.35
CA GLU W 206 -42.19 -5.56 17.67
C GLU W 206 -43.02 -4.29 17.62
N LEU W 207 -44.21 -4.33 18.18
CA LEU W 207 -45.07 -3.16 18.23
C LEU W 207 -45.13 -2.64 19.66
N ALA W 208 -45.52 -1.39 19.79
CA ALA W 208 -45.53 -0.71 21.08
C ALA W 208 -46.49 0.47 20.99
N VAL W 209 -47.31 0.65 22.02
CA VAL W 209 -48.34 1.68 22.01
C VAL W 209 -48.06 2.67 23.12
N MET W 210 -48.91 3.70 23.17
CA MET W 210 -48.87 4.70 24.23
C MET W 210 -50.24 5.35 24.31
N ARG W 211 -50.89 5.23 25.46
CA ARG W 211 -52.27 5.66 25.63
C ARG W 211 -52.39 7.11 26.09
N ARG W 212 -51.37 7.93 25.81
CA ARG W 212 -51.34 9.37 26.07
C ARG W 212 -51.44 9.72 27.56
N ASP W 213 -51.28 8.73 28.43
CA ASP W 213 -51.36 8.91 29.87
C ASP W 213 -50.24 8.20 30.59
N GLN W 214 -49.54 7.28 29.93
CA GLN W 214 -48.60 6.39 30.57
C GLN W 214 -47.45 6.18 29.61
N SER W 215 -46.29 5.78 30.15
CA SER W 215 -45.15 5.47 29.32
C SER W 215 -45.42 4.23 28.49
N LEU W 216 -44.61 4.06 27.45
CA LEU W 216 -44.88 3.07 26.41
C LEU W 216 -44.72 1.65 26.96
N LYS W 217 -45.51 0.74 26.41
CA LYS W 217 -45.47 -0.65 26.84
C LYS W 217 -45.31 -1.51 25.62
N ILE W 218 -44.21 -2.26 25.57
CA ILE W 218 -44.05 -3.31 24.57
C ILE W 218 -45.08 -4.39 24.85
N LEU W 219 -45.86 -4.73 23.84
CA LEU W 219 -46.87 -5.77 24.01
C LEU W 219 -46.21 -7.14 24.15
N ASN W 220 -46.94 -8.06 24.75
CA ASN W 220 -46.42 -9.39 24.98
C ASN W 220 -46.45 -10.20 23.69
N PRO W 221 -45.50 -11.13 23.51
CA PRO W 221 -45.51 -11.95 22.29
C PRO W 221 -46.72 -12.86 22.19
N GLU W 222 -47.42 -13.14 23.29
CA GLU W 222 -48.72 -13.78 23.19
C GLU W 222 -49.73 -12.86 22.52
N GLU W 223 -49.64 -11.56 22.77
CA GLU W 223 -50.58 -10.61 22.19
C GLU W 223 -50.30 -10.37 20.72
N ILE W 224 -49.04 -10.51 20.31
CA ILE W 224 -48.72 -10.49 18.89
C ILE W 224 -49.34 -11.69 18.20
N GLU W 225 -49.28 -12.86 18.85
CA GLU W 225 -49.95 -14.04 18.31
C GLU W 225 -51.47 -13.92 18.44
N LYS W 226 -51.94 -13.24 19.49
CA LYS W 226 -53.38 -13.06 19.66
C LYS W 226 -53.94 -12.11 18.59
N TYR W 227 -53.18 -11.08 18.24
CA TYR W 227 -53.65 -10.13 17.23
C TYR W 227 -53.49 -10.69 15.84
N VAL W 228 -52.48 -11.53 15.61
CA VAL W 228 -52.29 -12.11 14.28
C VAL W 228 -53.35 -13.17 14.01
N ALA W 229 -53.83 -13.83 15.06
CA ALA W 229 -54.85 -14.86 14.90
C ALA W 229 -56.19 -14.24 14.52
N GLU W 230 -56.57 -13.15 15.20
CA GLU W 230 -57.81 -12.47 14.84
C GLU W 230 -57.67 -11.73 13.52
N ILE W 231 -56.44 -11.40 13.12
CA ILE W 231 -56.23 -10.87 11.78
C ILE W 231 -56.41 -11.96 10.75
N GLU W 232 -55.96 -13.17 11.06
CA GLU W 232 -56.18 -14.30 10.17
C GLU W 232 -57.65 -14.71 10.16
N LYS W 233 -58.33 -14.57 11.30
CA LYS W 233 -59.73 -14.97 11.37
C LYS W 233 -60.62 -13.99 10.61
N GLU W 234 -60.36 -12.69 10.74
CA GLU W 234 -61.16 -11.70 10.03
C GLU W 234 -60.87 -11.72 8.54
N LYS W 235 -59.66 -12.09 8.14
CA LYS W 235 -59.33 -12.19 6.72
C LYS W 235 -59.85 -13.47 6.09
N GLU W 236 -60.11 -14.51 6.88
CA GLU W 236 -60.61 -15.77 6.34
C GLU W 236 -62.09 -15.70 5.94
N GLU W 237 -62.77 -14.60 6.23
CA GLU W 237 -64.18 -14.43 5.90
C GLU W 237 -64.39 -13.79 4.54
N ASN W 238 -63.45 -13.98 3.61
CA ASN W 238 -63.54 -13.38 2.28
C ASN W 238 -64.60 -14.04 1.41
N GLU W 239 -65.04 -15.25 1.74
CA GLU W 239 -66.07 -15.93 0.96
C GLU W 239 -67.45 -15.34 1.23
N TYR X 7 -13.73 14.97 -11.87
CA TYR X 7 -14.94 15.78 -11.80
C TYR X 7 -15.00 16.57 -10.49
N ASP X 8 -13.83 16.96 -9.99
CA ASP X 8 -13.68 17.68 -8.72
C ASP X 8 -12.66 18.80 -8.89
N ARG X 9 -13.13 19.98 -9.26
CA ARG X 9 -12.31 21.18 -9.30
C ARG X 9 -12.39 21.89 -7.95
N GLY X 10 -11.87 23.11 -7.88
CA GLY X 10 -12.01 23.90 -6.67
C GLY X 10 -13.43 24.43 -6.53
N VAL X 11 -13.88 24.60 -5.29
CA VAL X 11 -15.23 25.13 -5.06
C VAL X 11 -15.28 26.64 -5.16
N ASN X 12 -14.13 27.31 -5.12
CA ASN X 12 -14.07 28.76 -5.13
C ASN X 12 -13.12 29.15 -6.27
N THR X 13 -13.67 29.18 -7.47
CA THR X 13 -12.86 29.30 -8.68
C THR X 13 -13.68 30.02 -9.74
N PHE X 14 -13.11 31.05 -10.33
CA PHE X 14 -13.77 31.72 -11.43
C PHE X 14 -13.72 30.86 -12.68
N SER X 15 -14.81 30.91 -13.45
CA SER X 15 -14.82 30.33 -14.79
C SER X 15 -13.80 31.05 -15.67
N PRO X 16 -13.27 30.36 -16.67
CA PRO X 16 -12.48 31.07 -17.70
C PRO X 16 -13.28 32.08 -18.48
N GLU X 17 -14.60 31.90 -18.56
CA GLU X 17 -15.45 32.94 -19.10
C GLU X 17 -15.58 34.10 -18.13
N GLY X 18 -15.62 33.82 -16.84
CA GLY X 18 -15.59 34.88 -15.86
C GLY X 18 -16.57 34.72 -14.74
N ARG X 19 -17.54 33.82 -14.90
CA ARG X 19 -18.55 33.64 -13.87
C ARG X 19 -18.06 32.72 -12.77
N LEU X 20 -18.91 32.36 -11.83
CA LEU X 20 -18.53 31.38 -10.84
C LEU X 20 -19.13 30.02 -11.15
N PHE X 21 -18.61 28.98 -10.50
CA PHE X 21 -19.08 27.62 -10.73
C PHE X 21 -20.23 27.27 -9.80
N GLN X 22 -20.02 27.34 -8.49
CA GLN X 22 -20.98 26.77 -7.58
C GLN X 22 -22.15 27.72 -7.33
N VAL X 23 -21.90 29.03 -7.42
CA VAL X 23 -22.98 30.00 -7.31
C VAL X 23 -23.91 29.88 -8.51
N GLU X 24 -23.35 29.56 -9.67
CA GLU X 24 -24.16 29.31 -10.86
C GLU X 24 -25.05 28.09 -10.66
N TYR X 25 -24.55 27.09 -9.96
CA TYR X 25 -25.32 25.88 -9.75
C TYR X 25 -26.41 26.12 -8.71
N ALA X 26 -26.18 27.06 -7.79
CA ALA X 26 -27.14 27.35 -6.73
C ALA X 26 -28.40 27.98 -7.30
N ILE X 27 -28.25 28.80 -8.34
CA ILE X 27 -29.40 29.42 -8.98
C ILE X 27 -30.25 28.35 -9.68
N GLU X 28 -29.59 27.31 -10.17
CA GLU X 28 -30.31 26.26 -10.87
C GLU X 28 -31.12 25.39 -9.92
N ALA X 29 -30.66 25.26 -8.67
CA ALA X 29 -31.37 24.44 -7.70
C ALA X 29 -32.68 25.05 -7.26
N ILE X 30 -32.87 26.36 -7.45
CA ILE X 30 -34.14 27.00 -7.14
C ILE X 30 -35.27 26.52 -8.05
N LYS X 31 -34.93 26.19 -9.31
CA LYS X 31 -35.93 26.00 -10.35
C LYS X 31 -36.80 24.77 -10.08
N LEU X 32 -36.29 23.81 -9.35
CA LEU X 32 -37.09 22.65 -8.98
C LEU X 32 -37.91 22.87 -7.71
N GLY X 33 -38.09 24.10 -7.25
CA GLY X 33 -38.83 24.39 -6.04
C GLY X 33 -40.26 24.82 -6.31
N SER X 34 -40.99 25.00 -5.21
CA SER X 34 -42.39 25.42 -5.29
C SER X 34 -42.47 26.89 -5.68
N THR X 35 -43.48 27.22 -6.48
CA THR X 35 -43.61 28.56 -7.00
C THR X 35 -44.23 29.51 -5.98
N ALA X 36 -43.99 30.80 -6.17
CA ALA X 36 -44.45 31.83 -5.25
C ALA X 36 -44.58 33.16 -5.99
N ILE X 37 -45.62 33.91 -5.65
CA ILE X 37 -45.95 35.16 -6.33
C ILE X 37 -46.22 36.23 -5.27
N GLY X 38 -45.61 37.40 -5.45
CA GLY X 38 -45.90 38.55 -4.61
C GLY X 38 -46.12 39.81 -5.42
N ILE X 39 -47.06 40.67 -5.02
CA ILE X 39 -47.36 41.91 -5.71
C ILE X 39 -47.36 43.05 -4.71
N GLN X 40 -46.63 44.13 -5.03
CA GLN X 40 -46.68 45.35 -4.23
C GLN X 40 -47.78 46.27 -4.76
N THR X 41 -48.59 46.79 -3.85
CA THR X 41 -49.66 47.71 -4.17
C THR X 41 -49.69 48.73 -3.06
N SER X 42 -50.03 49.99 -3.40
CA SER X 42 -50.03 51.08 -2.43
C SER X 42 -51.04 50.86 -1.31
N GLU X 43 -52.08 50.07 -1.56
CA GLU X 43 -52.99 49.70 -0.49
C GLU X 43 -52.39 48.66 0.43
N GLY X 44 -51.43 47.88 -0.06
CA GLY X 44 -50.82 46.85 0.74
C GLY X 44 -50.10 45.82 -0.09
N VAL X 45 -49.18 45.06 0.53
CA VAL X 45 -48.46 44.03 -0.18
C VAL X 45 -49.16 42.69 0.01
N CYS X 46 -49.58 42.06 -1.08
CA CYS X 46 -50.10 40.71 -1.02
C CYS X 46 -49.00 39.73 -1.38
N LEU X 47 -49.29 38.45 -1.16
CA LEU X 47 -48.26 37.44 -1.29
C LEU X 47 -48.92 36.07 -1.40
N ALA X 48 -48.45 35.25 -2.33
CA ALA X 48 -49.09 33.97 -2.66
C ALA X 48 -48.04 32.89 -2.84
N VAL X 49 -48.43 31.65 -2.58
CA VAL X 49 -47.53 30.50 -2.73
C VAL X 49 -48.38 29.27 -2.96
N GLU X 50 -47.75 28.20 -3.44
CA GLU X 50 -48.36 26.89 -3.63
C GLU X 50 -47.67 25.89 -2.71
N LYS X 51 -48.45 25.02 -2.07
CA LYS X 51 -47.87 24.14 -1.06
C LYS X 51 -47.25 22.88 -1.65
N ARG X 52 -47.82 22.35 -2.73
CA ARG X 52 -47.40 21.10 -3.38
C ARG X 52 -47.45 19.93 -2.39
N ILE X 53 -48.67 19.58 -1.96
CA ILE X 53 -48.86 18.43 -1.09
C ILE X 53 -48.60 17.14 -1.86
N THR X 54 -47.81 16.24 -1.26
CA THR X 54 -47.51 14.98 -1.91
C THR X 54 -48.39 13.82 -1.46
N SER X 55 -48.98 13.88 -0.26
CA SER X 55 -49.78 12.77 0.22
C SER X 55 -50.95 13.24 1.05
N PRO X 56 -52.11 12.59 0.94
CA PRO X 56 -53.23 12.93 1.82
C PRO X 56 -52.99 12.58 3.27
N LEU X 57 -52.15 11.59 3.54
CA LEU X 57 -51.74 11.29 4.92
C LEU X 57 -50.95 12.43 5.54
N MET X 58 -50.25 13.21 4.73
CA MET X 58 -49.47 14.32 5.25
C MET X 58 -50.39 15.45 5.66
N GLU X 59 -50.24 15.91 6.89
CA GLU X 59 -51.04 17.02 7.36
C GLU X 59 -50.56 18.29 6.68
N PRO X 60 -51.45 19.10 6.12
CA PRO X 60 -51.01 20.22 5.28
C PRO X 60 -50.43 21.38 6.06
N SER X 61 -50.99 21.71 7.22
CA SER X 61 -50.60 22.94 7.89
C SER X 61 -49.25 22.86 8.59
N SER X 62 -48.63 21.68 8.62
CA SER X 62 -47.25 21.60 9.09
C SER X 62 -46.29 22.15 8.05
N ILE X 63 -46.74 22.30 6.82
CA ILE X 63 -45.94 22.86 5.74
C ILE X 63 -46.30 24.33 5.61
N GLU X 64 -45.29 25.20 5.61
CA GLU X 64 -45.52 26.62 5.37
C GLU X 64 -44.41 27.20 4.52
N LYS X 65 -44.75 28.29 3.86
CA LYS X 65 -43.80 29.08 3.08
C LYS X 65 -43.81 30.53 3.50
N ILE X 66 -44.99 31.08 3.80
CA ILE X 66 -45.09 32.40 4.40
C ILE X 66 -44.70 32.28 5.86
N VAL X 67 -43.72 33.07 6.27
CA VAL X 67 -43.24 33.13 7.64
C VAL X 67 -43.16 34.60 8.01
N GLU X 68 -43.75 34.97 9.14
CA GLU X 68 -43.63 36.35 9.59
C GLU X 68 -42.24 36.62 10.13
N ILE X 69 -41.87 37.90 10.16
CA ILE X 69 -40.53 38.25 10.60
C ILE X 69 -40.60 39.04 11.89
N ASP X 70 -41.16 40.24 11.86
CA ASP X 70 -41.28 40.93 13.14
C ASP X 70 -42.72 41.17 13.55
N ALA X 71 -43.41 42.08 12.87
CA ALA X 71 -44.83 42.23 13.12
C ALA X 71 -45.50 42.61 11.81
N HIS X 72 -44.68 43.04 10.88
CA HIS X 72 -45.18 43.71 9.68
C HIS X 72 -44.36 43.33 8.46
N ILE X 73 -43.58 42.26 8.56
CA ILE X 73 -42.73 41.81 7.47
C ILE X 73 -42.96 40.33 7.28
N GLY X 74 -43.37 39.94 6.08
CA GLY X 74 -43.56 38.55 5.75
C GLY X 74 -42.40 38.02 4.92
N CYS X 75 -42.52 36.76 4.53
CA CYS X 75 -41.47 36.12 3.74
C CYS X 75 -42.09 35.10 2.82
N ALA X 76 -41.26 34.56 1.92
CA ALA X 76 -41.70 33.51 1.01
C ALA X 76 -40.44 32.77 0.56
N MET X 77 -40.31 31.52 0.98
CA MET X 77 -39.15 30.74 0.58
C MET X 77 -39.47 29.86 -0.61
N SER X 78 -38.43 29.52 -1.37
CA SER X 78 -38.54 28.61 -2.51
C SER X 78 -37.17 27.99 -2.72
N GLY X 79 -37.12 26.67 -2.79
CA GLY X 79 -35.87 25.97 -2.94
C GLY X 79 -35.74 24.86 -1.93
N LEU X 80 -34.73 24.95 -1.07
CA LEU X 80 -34.59 23.99 0.00
C LEU X 80 -35.25 24.53 1.25
N ILE X 81 -35.86 23.62 2.01
CA ILE X 81 -36.61 24.03 3.18
C ILE X 81 -35.67 24.39 4.32
N ALA X 82 -34.78 23.47 4.70
CA ALA X 82 -34.07 23.65 5.96
C ALA X 82 -32.93 24.66 5.84
N ASP X 83 -32.47 24.92 4.62
CA ASP X 83 -31.50 26.00 4.45
C ASP X 83 -32.12 27.37 4.64
N ALA X 84 -33.43 27.50 4.42
CA ALA X 84 -34.09 28.76 4.65
C ALA X 84 -34.34 29.02 6.12
N LYS X 85 -34.46 27.97 6.94
CA LYS X 85 -34.76 28.15 8.35
C LYS X 85 -33.58 28.74 9.10
N THR X 86 -32.38 28.63 8.53
CA THR X 86 -31.24 29.33 9.11
C THR X 86 -31.36 30.83 8.86
N LEU X 87 -31.76 31.22 7.65
CA LEU X 87 -31.85 32.62 7.30
C LEU X 87 -33.03 33.31 7.99
N ILE X 88 -34.13 32.57 8.16
CA ILE X 88 -35.32 33.14 8.80
C ILE X 88 -35.03 33.47 10.26
N ASP X 89 -34.37 32.56 10.97
CA ASP X 89 -34.15 32.77 12.39
C ASP X 89 -33.18 33.91 12.63
N LYS X 90 -32.24 34.11 11.70
CA LYS X 90 -31.33 35.24 11.83
C LYS X 90 -32.03 36.55 11.51
N ALA X 91 -32.93 36.53 10.52
CA ALA X 91 -33.63 37.74 10.14
C ALA X 91 -34.59 38.20 11.23
N ARG X 92 -35.10 37.26 12.02
CA ARG X 92 -35.94 37.62 13.16
C ARG X 92 -35.13 38.30 14.24
N VAL X 93 -33.92 37.80 14.52
CA VAL X 93 -33.11 38.27 15.62
C VAL X 93 -32.63 39.69 15.37
N GLU X 94 -32.23 39.98 14.13
CA GLU X 94 -31.57 41.23 13.83
C GLU X 94 -32.56 42.40 13.80
N THR X 95 -33.85 42.10 13.63
CA THR X 95 -34.85 43.12 13.87
C THR X 95 -34.96 43.42 15.36
N GLN X 96 -34.83 42.39 16.20
CA GLN X 96 -34.95 42.59 17.63
C GLN X 96 -33.72 43.31 18.19
N ASN X 97 -32.56 43.07 17.60
CA ASN X 97 -31.40 43.86 17.97
C ASN X 97 -31.58 45.32 17.57
N HIS X 98 -32.32 45.55 16.49
CA HIS X 98 -32.56 46.92 16.09
C HIS X 98 -33.56 47.58 17.01
N TRP X 99 -34.59 46.85 17.45
CA TRP X 99 -35.61 47.51 18.25
C TRP X 99 -35.15 47.69 19.69
N PHE X 100 -34.36 46.78 20.21
CA PHE X 100 -33.86 46.91 21.55
C PHE X 100 -32.50 47.57 21.61
N THR X 101 -32.16 48.34 20.58
CA THR X 101 -31.08 49.31 20.63
C THR X 101 -31.48 50.66 20.06
N TYR X 102 -32.63 50.78 19.41
CA TYR X 102 -33.04 52.05 18.82
C TYR X 102 -34.50 52.42 19.07
N ASN X 103 -35.31 51.54 19.64
CA ASN X 103 -36.76 51.72 19.84
C ASN X 103 -37.50 52.05 18.55
N GLU X 104 -37.09 51.47 17.44
CA GLU X 104 -37.84 51.67 16.20
C GLU X 104 -37.77 50.39 15.39
N THR X 105 -38.72 50.25 14.46
CA THR X 105 -38.77 49.06 13.64
C THR X 105 -37.76 49.16 12.50
N MET X 106 -36.99 48.10 12.32
CA MET X 106 -36.07 48.02 11.19
C MET X 106 -36.84 47.96 9.88
N THR X 107 -36.46 48.82 8.94
CA THR X 107 -37.17 48.93 7.67
C THR X 107 -36.90 47.71 6.80
N VAL X 108 -37.78 47.51 5.82
CA VAL X 108 -37.82 46.27 5.06
C VAL X 108 -36.58 46.12 4.20
N GLU X 109 -36.09 47.22 3.64
CA GLU X 109 -34.86 47.21 2.88
C GLU X 109 -33.67 46.88 3.75
N SER X 110 -33.63 47.47 4.95
CA SER X 110 -32.47 47.30 5.80
C SER X 110 -32.46 45.92 6.47
N VAL X 111 -33.58 45.19 6.45
CA VAL X 111 -33.56 43.79 6.88
C VAL X 111 -32.79 42.95 5.87
N THR X 112 -33.09 43.17 4.60
CA THR X 112 -32.57 42.33 3.52
C THR X 112 -31.07 42.54 3.34
N GLN X 113 -30.58 43.73 3.70
CA GLN X 113 -29.16 43.98 3.73
C GLN X 113 -28.47 43.11 4.78
N ALA X 114 -29.10 42.94 5.93
CA ALA X 114 -28.51 42.13 6.98
C ALA X 114 -28.53 40.65 6.61
N VAL X 115 -29.55 40.22 5.89
CA VAL X 115 -29.62 38.82 5.48
C VAL X 115 -28.59 38.54 4.40
N SER X 116 -28.47 39.41 3.41
CA SER X 116 -27.66 39.17 2.24
C SER X 116 -26.17 39.29 2.50
N ASN X 117 -25.75 39.66 3.71
CA ASN X 117 -24.33 39.75 3.99
C ASN X 117 -23.69 38.37 4.03
N LEU X 118 -24.36 37.41 4.66
CA LEU X 118 -23.84 36.05 4.72
C LEU X 118 -24.42 35.15 3.65
N ALA X 119 -24.87 35.71 2.54
CA ALA X 119 -25.22 34.88 1.40
C ALA X 119 -23.99 34.30 0.73
N LEU X 120 -22.87 35.03 0.69
CA LEU X 120 -21.64 34.52 0.12
C LEU X 120 -20.48 34.62 1.10
N GLN X 121 -20.67 34.19 2.35
CA GLN X 121 -19.59 34.14 3.32
C GLN X 121 -19.13 32.71 3.62
N PHE X 122 -19.13 31.84 2.62
CA PHE X 122 -18.62 30.49 2.83
C PHE X 122 -17.14 30.40 2.50
N GLY X 123 -16.48 29.41 3.08
CA GLY X 123 -15.06 29.23 2.87
C GLY X 123 -14.52 28.12 3.74
N GLU X 124 -13.20 28.10 3.87
CA GLU X 124 -12.54 27.13 4.74
C GLU X 124 -12.29 27.68 6.14
N GLU X 125 -11.90 28.94 6.25
CA GLU X 125 -11.70 29.59 7.53
C GLU X 125 -12.83 30.57 7.80
N ASP X 126 -12.67 31.34 8.89
CA ASP X 126 -13.61 32.35 9.38
C ASP X 126 -15.00 31.78 9.65
N SER X 133 -17.99 26.41 4.00
CA SER X 133 -19.21 25.71 3.69
C SER X 133 -19.60 25.90 2.23
N ARG X 134 -20.88 26.06 1.96
CA ARG X 134 -21.40 26.13 0.60
C ARG X 134 -22.44 27.23 0.52
N PRO X 135 -22.74 27.74 -0.67
CA PRO X 135 -23.80 28.75 -0.78
C PRO X 135 -25.18 28.15 -0.55
N PHE X 136 -26.07 28.99 -0.04
CA PHE X 136 -27.43 28.58 0.30
C PHE X 136 -28.23 28.30 -0.96
N GLY X 137 -29.36 27.62 -0.77
CA GLY X 137 -30.14 27.16 -1.91
C GLY X 137 -31.56 27.63 -1.89
N VAL X 138 -31.80 28.90 -1.53
CA VAL X 138 -33.16 29.39 -1.39
C VAL X 138 -33.22 30.82 -1.92
N ALA X 139 -34.32 31.15 -2.60
CA ALA X 139 -34.65 32.52 -2.95
C ALA X 139 -35.75 33.01 -2.01
N LEU X 140 -35.78 34.31 -1.76
CA LEU X 140 -36.72 34.87 -0.79
C LEU X 140 -37.47 36.06 -1.38
N LEU X 141 -38.61 36.37 -0.77
CA LEU X 141 -39.43 37.52 -1.12
C LEU X 141 -39.87 38.18 0.17
N PHE X 142 -39.20 39.26 0.54
CA PHE X 142 -39.58 40.04 1.70
C PHE X 142 -40.56 41.12 1.30
N GLY X 143 -41.65 41.22 2.03
CA GLY X 143 -42.63 42.24 1.76
C GLY X 143 -43.19 42.78 3.05
N GLY X 144 -43.42 44.08 3.09
CA GLY X 144 -43.95 44.66 4.31
C GLY X 144 -44.17 46.14 4.16
N VAL X 145 -44.58 46.75 5.26
CA VAL X 145 -44.88 48.17 5.33
C VAL X 145 -43.92 48.81 6.32
N ASP X 146 -43.20 49.83 5.87
CA ASP X 146 -42.33 50.65 6.69
C ASP X 146 -42.81 52.10 6.58
N GLU X 147 -41.99 53.03 7.07
CA GLU X 147 -42.31 54.46 6.96
C GLU X 147 -42.36 54.95 5.52
N LYS X 148 -41.75 54.23 4.58
CA LYS X 148 -41.82 54.55 3.16
C LYS X 148 -42.94 53.79 2.46
N GLY X 149 -44.00 53.44 3.19
CA GLY X 149 -45.14 52.79 2.61
C GLY X 149 -44.98 51.29 2.50
N PRO X 150 -45.74 50.66 1.61
CA PRO X 150 -45.56 49.23 1.35
C PRO X 150 -44.37 49.00 0.44
N GLN X 151 -43.61 47.94 0.72
CA GLN X 151 -42.40 47.63 -0.02
C GLN X 151 -42.34 46.14 -0.31
N LEU X 152 -41.54 45.79 -1.32
CA LEU X 152 -41.38 44.39 -1.70
C LEU X 152 -39.99 44.22 -2.30
N PHE X 153 -39.23 43.28 -1.76
CA PHE X 153 -37.86 43.06 -2.19
C PHE X 153 -37.65 41.60 -2.52
N HIS X 154 -36.57 41.35 -3.23
CA HIS X 154 -36.21 40.02 -3.70
C HIS X 154 -34.71 39.84 -3.54
N MET X 155 -34.31 38.66 -3.10
CA MET X 155 -32.90 38.30 -3.06
C MET X 155 -32.71 36.92 -3.65
N ASP X 156 -31.46 36.50 -3.73
CA ASP X 156 -31.06 35.28 -4.40
C ASP X 156 -29.83 34.74 -3.70
N PRO X 157 -29.43 33.49 -3.97
CA PRO X 157 -28.21 32.96 -3.34
C PRO X 157 -26.92 33.65 -3.75
N SER X 158 -26.93 34.51 -4.75
CA SER X 158 -25.74 35.30 -5.04
C SER X 158 -25.63 36.52 -4.14
N GLY X 159 -26.59 36.75 -3.26
CA GLY X 159 -26.59 37.94 -2.44
C GLY X 159 -26.86 39.20 -3.22
N THR X 160 -27.58 39.10 -4.33
CA THR X 160 -27.86 40.25 -5.18
C THR X 160 -29.23 40.75 -4.77
N PHE X 161 -29.22 41.70 -3.84
CA PHE X 161 -30.44 42.30 -3.35
C PHE X 161 -31.03 43.28 -4.37
N VAL X 162 -32.36 43.25 -4.53
CA VAL X 162 -33.04 44.07 -5.52
C VAL X 162 -34.48 44.31 -5.06
N GLN X 163 -35.09 45.39 -5.56
CA GLN X 163 -36.51 45.66 -5.34
C GLN X 163 -37.30 45.35 -6.60
N CYS X 164 -38.41 44.63 -6.45
CA CYS X 164 -39.32 44.39 -7.56
C CYS X 164 -40.68 44.94 -7.19
N ASP X 165 -41.48 45.27 -8.21
CA ASP X 165 -42.86 45.65 -7.97
C ASP X 165 -43.77 44.44 -7.84
N ALA X 166 -43.62 43.45 -8.71
CA ALA X 166 -44.37 42.21 -8.56
C ALA X 166 -43.54 41.08 -9.16
N ARG X 167 -42.83 40.39 -8.29
CA ARG X 167 -41.91 39.33 -8.68
C ARG X 167 -42.60 37.99 -8.50
N ALA X 168 -42.31 37.04 -9.38
CA ALA X 168 -42.77 35.67 -9.24
C ALA X 168 -41.59 34.73 -9.44
N ILE X 169 -41.34 33.87 -8.44
CA ILE X 169 -40.23 32.94 -8.48
C ILE X 169 -40.68 31.51 -8.21
N GLY X 170 -39.76 30.58 -8.25
CA GLY X 170 -40.12 29.17 -8.12
C GLY X 170 -39.96 28.44 -9.44
N SER X 171 -40.70 27.35 -9.61
CA SER X 171 -40.63 26.58 -10.85
C SER X 171 -41.27 27.35 -11.99
N ALA X 172 -42.53 27.75 -11.83
CA ALA X 172 -43.15 28.67 -12.77
C ALA X 172 -42.54 30.04 -12.54
N SER X 173 -41.45 30.33 -13.24
CA SER X 173 -40.76 31.59 -13.05
C SER X 173 -40.88 32.44 -14.30
N GLU X 174 -40.55 31.85 -15.45
CA GLU X 174 -40.57 32.61 -16.68
C GLU X 174 -41.98 32.82 -17.17
N GLY X 175 -42.81 31.77 -17.13
CA GLY X 175 -44.18 31.91 -17.59
C GLY X 175 -45.01 32.76 -16.66
N ALA X 176 -44.65 32.78 -15.38
CA ALA X 176 -45.40 33.58 -14.43
C ALA X 176 -45.13 35.06 -14.62
N GLN X 177 -43.85 35.44 -14.83
CA GLN X 177 -43.50 36.83 -15.05
C GLN X 177 -44.10 37.38 -16.33
N SER X 178 -44.20 36.52 -17.36
CA SER X 178 -44.74 36.98 -18.63
C SER X 178 -46.24 37.22 -18.52
N SER X 179 -46.95 36.34 -17.82
CA SER X 179 -48.38 36.54 -17.61
C SER X 179 -48.65 37.68 -16.66
N LEU X 180 -47.69 38.01 -15.80
CA LEU X 180 -47.91 39.05 -14.82
C LEU X 180 -47.69 40.43 -15.41
N GLN X 181 -46.69 40.57 -16.30
CA GLN X 181 -46.49 41.82 -17.01
C GLN X 181 -47.61 42.10 -17.99
N GLU X 182 -48.33 41.05 -18.39
CA GLU X 182 -49.51 41.20 -19.23
C GLU X 182 -50.57 42.05 -18.55
N VAL X 183 -50.89 41.75 -17.29
CA VAL X 183 -51.92 42.50 -16.57
C VAL X 183 -51.40 43.00 -15.23
N TYR X 184 -50.87 44.22 -15.23
CA TYR X 184 -50.42 44.92 -14.05
C TYR X 184 -50.29 46.38 -14.38
N HIS X 185 -50.66 47.23 -13.44
CA HIS X 185 -50.48 48.67 -13.58
C HIS X 185 -50.11 49.24 -12.22
N LYS X 186 -49.90 50.54 -12.17
CA LYS X 186 -49.47 51.18 -10.95
C LYS X 186 -50.62 51.39 -9.97
N SER X 187 -51.82 51.67 -10.47
CA SER X 187 -52.95 51.99 -9.60
C SER X 187 -53.81 50.76 -9.31
N MET X 188 -53.18 49.68 -8.87
CA MET X 188 -53.90 48.49 -8.49
C MET X 188 -54.67 48.73 -7.21
N THR X 189 -55.68 47.90 -6.97
CA THR X 189 -56.26 47.87 -5.63
C THR X 189 -55.89 46.53 -5.01
N LEU X 190 -56.20 46.34 -3.73
CA LEU X 190 -55.71 45.17 -3.02
C LEU X 190 -56.49 43.91 -3.40
N LYS X 191 -57.82 44.02 -3.46
CA LYS X 191 -58.64 42.88 -3.86
C LYS X 191 -58.39 42.51 -5.31
N GLU X 192 -58.08 43.50 -6.14
CA GLU X 192 -57.74 43.23 -7.54
C GLU X 192 -56.43 42.47 -7.63
N ALA X 193 -55.44 42.87 -6.84
CA ALA X 193 -54.13 42.22 -6.88
C ALA X 193 -54.19 40.82 -6.31
N ILE X 194 -55.10 40.58 -5.36
CA ILE X 194 -55.26 39.24 -4.81
C ILE X 194 -55.85 38.30 -5.85
N LYS X 195 -56.95 38.69 -6.47
CA LYS X 195 -57.64 37.77 -7.38
C LYS X 195 -56.88 37.61 -8.69
N SER X 196 -56.01 38.56 -9.02
CA SER X 196 -55.19 38.42 -10.22
C SER X 196 -54.12 37.37 -10.01
N SER X 197 -53.61 37.25 -8.78
CA SER X 197 -52.48 36.37 -8.51
C SER X 197 -52.88 34.90 -8.60
N LEU X 198 -54.05 34.56 -8.05
CA LEU X 198 -54.44 33.16 -8.02
C LEU X 198 -54.89 32.67 -9.39
N ILE X 199 -55.35 33.58 -10.24
CA ILE X 199 -55.60 33.23 -11.63
C ILE X 199 -54.30 32.81 -12.30
N ILE X 200 -53.20 33.48 -11.98
CA ILE X 200 -51.90 33.06 -12.47
C ILE X 200 -51.51 31.72 -11.87
N LEU X 201 -51.89 31.49 -10.61
CA LEU X 201 -51.51 30.27 -9.91
C LEU X 201 -52.20 29.04 -10.49
N LYS X 202 -53.52 29.10 -10.68
CA LYS X 202 -54.21 27.91 -11.16
C LYS X 202 -53.96 27.65 -12.64
N GLN X 203 -53.34 28.59 -13.34
CA GLN X 203 -52.85 28.30 -14.68
C GLN X 203 -51.53 27.56 -14.67
N VAL X 204 -50.71 27.74 -13.63
CA VAL X 204 -49.36 27.20 -13.64
C VAL X 204 -49.20 26.01 -12.72
N MET X 205 -50.21 25.68 -11.92
CA MET X 205 -50.12 24.51 -11.07
C MET X 205 -50.71 23.30 -11.78
N GLU X 206 -50.66 22.16 -11.09
CA GLU X 206 -51.05 20.88 -11.67
C GLU X 206 -52.18 20.19 -10.92
N GLU X 207 -52.46 20.57 -9.68
CA GLU X 207 -53.63 20.11 -8.99
C GLU X 207 -54.73 21.15 -9.15
N LYS X 208 -55.87 20.91 -8.53
CA LYS X 208 -56.93 21.92 -8.53
C LYS X 208 -56.74 22.88 -7.36
N LEU X 209 -57.27 24.08 -7.54
CA LEU X 209 -57.10 25.16 -6.57
C LEU X 209 -58.15 24.97 -5.49
N ASN X 210 -57.71 24.76 -4.25
CA ASN X 210 -58.62 24.50 -3.15
C ASN X 210 -58.08 25.20 -1.92
N ALA X 211 -58.64 24.86 -0.76
CA ALA X 211 -58.26 25.48 0.50
C ALA X 211 -57.02 24.84 1.10
N THR X 212 -56.40 23.88 0.42
CA THR X 212 -55.26 23.17 0.97
C THR X 212 -53.99 23.30 0.16
N ASN X 213 -54.04 23.82 -1.05
CA ASN X 213 -52.85 23.87 -1.89
C ASN X 213 -52.15 25.21 -1.87
N ILE X 214 -52.85 26.29 -1.55
CA ILE X 214 -52.28 27.62 -1.58
C ILE X 214 -52.55 28.32 -0.26
N GLU X 215 -51.83 29.41 -0.03
CA GLU X 215 -52.09 30.27 1.11
C GLU X 215 -51.65 31.69 0.78
N LEU X 216 -52.34 32.64 1.39
CA LEU X 216 -52.10 34.06 1.20
C LEU X 216 -51.70 34.68 2.52
N ALA X 217 -51.11 35.88 2.42
CA ALA X 217 -50.79 36.71 3.58
C ALA X 217 -50.61 38.13 3.05
N THR X 218 -51.47 39.03 3.50
CA THR X 218 -51.42 40.41 3.07
C THR X 218 -51.16 41.32 4.25
N VAL X 219 -50.19 42.23 4.10
CA VAL X 219 -49.90 43.25 5.09
C VAL X 219 -50.37 44.59 4.57
N GLN X 220 -51.11 45.32 5.39
CA GLN X 220 -51.64 46.63 5.09
C GLN X 220 -50.97 47.67 5.98
N PRO X 221 -51.05 48.96 5.66
CA PRO X 221 -50.57 49.97 6.62
C PRO X 221 -51.31 49.98 7.93
N GLY X 222 -52.61 49.71 7.93
CA GLY X 222 -53.34 49.67 9.18
C GLY X 222 -53.32 48.31 9.84
N GLN X 223 -53.75 47.29 9.11
CA GLN X 223 -53.70 45.91 9.58
C GLN X 223 -52.30 45.43 9.24
N ASN X 224 -51.36 45.74 10.13
CA ASN X 224 -49.98 45.34 9.91
C ASN X 224 -49.80 43.86 10.22
N PHE X 225 -50.64 43.34 11.12
CA PHE X 225 -50.60 41.93 11.46
C PHE X 225 -51.25 41.17 10.32
N HIS X 226 -50.43 40.65 9.41
CA HIS X 226 -50.92 39.93 8.26
C HIS X 226 -51.57 38.62 8.68
N MET X 227 -52.79 38.40 8.23
CA MET X 227 -53.64 37.38 8.83
C MET X 227 -54.55 36.85 7.75
N PHE X 228 -54.34 35.60 7.33
CA PHE X 228 -55.19 35.01 6.31
C PHE X 228 -55.25 33.51 6.56
N THR X 229 -56.47 32.99 6.74
CA THR X 229 -56.67 31.57 7.02
C THR X 229 -57.63 31.03 5.99
N LYS X 230 -58.08 29.79 6.14
CA LYS X 230 -59.16 29.25 5.31
C LYS X 230 -60.48 29.81 5.80
N GLU X 231 -61.55 29.52 5.05
CA GLU X 231 -62.93 29.96 5.21
C GLU X 231 -63.10 31.45 4.92
N GLU X 232 -62.00 32.17 4.74
CA GLU X 232 -61.96 33.36 3.91
C GLU X 232 -61.32 33.03 2.58
N LEU X 233 -60.39 32.09 2.60
CA LEU X 233 -59.74 31.63 1.40
C LEU X 233 -60.74 30.94 0.48
N GLU X 234 -61.66 30.17 1.08
CA GLU X 234 -62.71 29.55 0.29
C GLU X 234 -63.69 30.57 -0.25
N GLU X 235 -63.86 31.69 0.45
CA GLU X 235 -64.69 32.77 -0.04
C GLU X 235 -64.05 33.44 -1.26
N VAL X 236 -62.72 33.50 -1.28
CA VAL X 236 -62.01 34.14 -2.39
C VAL X 236 -62.12 33.29 -3.65
N ILE X 237 -62.00 31.97 -3.52
CA ILE X 237 -62.03 31.09 -4.68
C ILE X 237 -63.42 31.03 -5.28
N LYS X 238 -64.46 30.96 -4.44
CA LYS X 238 -65.80 30.79 -4.95
C LYS X 238 -66.37 32.06 -5.57
N ASP X 239 -65.73 33.21 -5.33
CA ASP X 239 -66.13 34.45 -5.95
C ASP X 239 -65.37 34.74 -7.24
N ILE X 240 -64.66 33.75 -7.77
CA ILE X 240 -63.83 33.96 -8.95
C ILE X 240 -63.79 32.65 -9.74
N ASN Y 9 -4.17 22.76 -19.15
CA ASN Y 9 -5.39 23.21 -18.50
C ASN Y 9 -5.38 22.94 -17.00
N GLN Y 10 -4.50 22.05 -16.59
CA GLN Y 10 -4.44 21.60 -15.20
C GLN Y 10 -3.87 22.63 -14.25
N TYR Y 11 -3.23 23.68 -14.77
CA TYR Y 11 -2.68 24.75 -13.96
C TYR Y 11 -3.51 26.02 -14.03
N ASP Y 12 -4.79 25.90 -14.35
CA ASP Y 12 -5.66 27.06 -14.46
C ASP Y 12 -6.75 26.95 -13.42
N ASN Y 13 -6.45 26.35 -12.29
CA ASN Y 13 -7.48 26.05 -11.31
C ASN Y 13 -7.21 26.82 -10.01
N ASP Y 14 -5.95 26.87 -9.58
CA ASP Y 14 -5.62 27.48 -8.31
C ASP Y 14 -4.93 28.82 -8.49
N VAL Y 15 -4.97 29.63 -7.44
CA VAL Y 15 -4.30 30.93 -7.47
C VAL Y 15 -2.81 30.75 -7.25
N THR Y 16 -2.44 29.75 -6.46
CA THR Y 16 -1.05 29.54 -6.08
C THR Y 16 -0.21 29.06 -7.27
N VAL Y 17 -0.84 28.37 -8.21
CA VAL Y 17 -0.07 27.74 -9.28
C VAL Y 17 0.33 28.78 -10.32
N TRP Y 18 1.62 28.83 -10.63
CA TRP Y 18 2.10 29.67 -11.72
C TRP Y 18 1.87 28.99 -13.06
N SER Y 19 2.42 29.58 -14.10
CA SER Y 19 2.24 28.98 -15.40
C SER Y 19 3.59 28.69 -16.03
N PRO Y 20 3.64 27.72 -16.95
CA PRO Y 20 4.84 27.57 -17.78
C PRO Y 20 5.03 28.72 -18.75
N GLN Y 21 4.01 29.55 -18.96
CA GLN Y 21 4.17 30.80 -19.67
C GLN Y 21 4.43 31.98 -18.73
N GLY Y 22 4.19 31.81 -17.44
CA GLY Y 22 4.52 32.83 -16.47
C GLY Y 22 3.38 33.69 -15.98
N ARG Y 23 2.13 33.37 -16.34
CA ARG Y 23 1.00 34.23 -16.01
C ARG Y 23 -0.04 33.44 -15.25
N ILE Y 24 -0.43 33.95 -14.08
CA ILE Y 24 -1.46 33.30 -13.28
C ILE Y 24 -2.82 33.51 -13.93
N HIS Y 25 -3.51 32.40 -14.23
CA HIS Y 25 -4.74 32.51 -14.99
C HIS Y 25 -5.95 32.89 -14.13
N GLN Y 26 -5.87 32.71 -12.82
CA GLN Y 26 -7.03 33.03 -11.98
C GLN Y 26 -7.25 34.52 -11.87
N ILE Y 27 -6.18 35.32 -11.97
CA ILE Y 27 -6.35 36.77 -12.04
C ILE Y 27 -6.97 37.17 -13.37
N GLU Y 28 -6.51 36.53 -14.46
CA GLU Y 28 -7.00 36.86 -15.79
C GLU Y 28 -8.46 36.50 -15.95
N TYR Y 29 -8.94 35.52 -15.19
CA TYR Y 29 -10.36 35.19 -15.25
C TYR Y 29 -11.17 36.23 -14.49
N ALA Y 30 -10.56 36.84 -13.48
CA ALA Y 30 -11.26 37.83 -12.68
C ALA Y 30 -11.40 39.15 -13.43
N MET Y 31 -10.46 39.43 -14.32
CA MET Y 31 -10.60 40.58 -15.22
C MET Y 31 -11.83 40.46 -16.10
N GLU Y 32 -12.18 39.23 -16.48
CA GLU Y 32 -13.32 39.04 -17.38
C GLU Y 32 -14.63 39.20 -16.63
N ALA Y 33 -14.60 39.01 -15.32
CA ALA Y 33 -15.81 39.23 -14.53
C ALA Y 33 -16.14 40.71 -14.42
N VAL Y 34 -15.12 41.56 -14.50
CA VAL Y 34 -15.37 43.01 -14.47
C VAL Y 34 -16.02 43.45 -15.77
N LYS Y 35 -15.66 42.80 -16.87
CA LYS Y 35 -16.23 43.13 -18.18
C LYS Y 35 -17.68 42.70 -18.32
N GLN Y 36 -18.18 41.88 -17.41
CA GLN Y 36 -19.58 41.47 -17.45
C GLN Y 36 -20.51 42.50 -16.84
N GLY Y 37 -19.99 43.47 -16.12
CA GLY Y 37 -20.80 44.50 -15.50
C GLY Y 37 -21.15 45.59 -16.48
N SER Y 38 -21.97 46.53 -16.02
CA SER Y 38 -22.35 47.64 -16.88
C SER Y 38 -21.23 48.67 -16.88
N ALA Y 39 -21.40 49.69 -17.70
CA ALA Y 39 -20.36 50.66 -17.95
C ALA Y 39 -20.52 51.85 -17.03
N THR Y 40 -19.42 52.53 -16.75
CA THR Y 40 -19.43 53.76 -15.97
C THR Y 40 -18.19 54.57 -16.31
N VAL Y 41 -18.30 55.89 -16.16
CA VAL Y 41 -17.28 56.82 -16.61
C VAL Y 41 -16.96 57.79 -15.48
N GLY Y 42 -15.69 57.90 -15.13
CA GLY Y 42 -15.23 58.90 -14.20
C GLY Y 42 -14.24 59.87 -14.81
N LEU Y 43 -14.41 61.16 -14.54
CA LEU Y 43 -13.51 62.20 -15.02
C LEU Y 43 -13.38 63.31 -13.99
N LYS Y 44 -12.48 64.24 -14.25
CA LYS Y 44 -12.25 65.29 -13.28
C LYS Y 44 -11.96 66.60 -13.98
N SER Y 45 -11.76 67.65 -13.17
CA SER Y 45 -11.46 69.00 -13.64
C SER Y 45 -10.52 69.62 -12.63
N LYS Y 46 -10.43 70.93 -12.62
CA LYS Y 46 -9.63 71.59 -11.59
C LYS Y 46 -10.28 71.55 -10.23
N THR Y 47 -11.61 71.51 -10.18
CA THR Y 47 -12.32 71.63 -8.92
C THR Y 47 -13.34 70.54 -8.67
N HIS Y 48 -13.57 69.63 -9.61
CA HIS Y 48 -14.65 68.66 -9.45
C HIS Y 48 -14.23 67.31 -9.98
N ALA Y 49 -14.95 66.29 -9.51
CA ALA Y 49 -14.60 64.89 -9.72
C ALA Y 49 -15.83 64.09 -10.11
N VAL Y 50 -16.54 64.57 -11.13
CA VAL Y 50 -17.80 63.96 -11.55
C VAL Y 50 -17.57 62.56 -12.10
N LEU Y 51 -18.30 61.58 -11.59
CA LEU Y 51 -18.39 60.26 -12.21
C LEU Y 51 -19.85 59.95 -12.52
N VAL Y 52 -20.08 59.36 -13.69
CA VAL Y 52 -21.41 59.05 -14.19
C VAL Y 52 -21.48 57.56 -14.48
N ALA Y 53 -22.52 56.91 -13.98
CA ALA Y 53 -22.68 55.47 -14.14
C ALA Y 53 -23.93 55.15 -14.92
N LEU Y 54 -24.06 53.88 -15.29
CA LEU Y 54 -25.18 53.39 -16.10
C LEU Y 54 -25.84 52.23 -15.39
N LYS Y 55 -27.09 52.40 -15.00
CA LYS Y 55 -27.82 51.37 -14.28
C LYS Y 55 -28.36 50.34 -15.26
N ARG Y 56 -28.67 49.16 -14.73
CA ARG Y 56 -29.41 48.15 -15.44
C ARG Y 56 -30.52 47.64 -14.55
N ALA Y 57 -31.61 47.22 -15.19
CA ALA Y 57 -32.71 46.59 -14.49
C ALA Y 57 -32.82 45.14 -14.94
N GLN Y 58 -33.41 44.32 -14.08
CA GLN Y 58 -33.53 42.91 -14.40
C GLN Y 58 -34.76 42.63 -15.25
N SER Y 59 -35.88 43.30 -14.94
CA SER Y 59 -37.11 43.14 -15.69
C SER Y 59 -37.71 44.52 -15.91
N GLU Y 60 -38.90 44.55 -16.49
CA GLU Y 60 -39.58 45.81 -16.74
C GLU Y 60 -40.16 46.44 -15.50
N LEU Y 61 -40.46 45.63 -14.49
CA LEU Y 61 -41.08 46.12 -13.28
C LEU Y 61 -40.12 46.19 -12.09
N ALA Y 62 -38.99 45.52 -12.17
CA ALA Y 62 -38.01 45.58 -11.10
C ALA Y 62 -37.29 46.91 -11.13
N ALA Y 63 -36.69 47.28 -10.01
CA ALA Y 63 -35.92 48.51 -9.96
C ALA Y 63 -34.54 48.30 -10.57
N HIS Y 64 -33.94 49.40 -10.99
CA HIS Y 64 -32.59 49.36 -11.53
C HIS Y 64 -31.58 49.17 -10.40
N GLN Y 65 -30.52 48.43 -10.70
CA GLN Y 65 -29.53 48.13 -9.69
C GLN Y 65 -28.58 49.31 -9.52
N LYS Y 66 -28.34 49.71 -8.28
CA LYS Y 66 -27.60 50.94 -8.03
C LYS Y 66 -26.10 50.72 -8.21
N LYS Y 67 -25.42 51.80 -8.60
CA LYS Y 67 -24.00 51.76 -8.92
C LYS Y 67 -23.19 52.65 -7.99
N ILE Y 68 -23.52 53.93 -7.91
CA ILE Y 68 -22.75 54.88 -7.11
C ILE Y 68 -23.20 54.75 -5.67
N LEU Y 69 -22.25 54.67 -4.76
CA LEU Y 69 -22.60 54.56 -3.35
C LEU Y 69 -21.66 55.37 -2.48
N HIS Y 70 -22.27 56.05 -1.50
CA HIS Y 70 -21.58 57.01 -0.66
C HIS Y 70 -20.64 56.33 0.31
N VAL Y 71 -19.46 56.92 0.48
CA VAL Y 71 -18.45 56.41 1.41
C VAL Y 71 -18.17 57.41 2.51
N ASP Y 72 -17.77 58.62 2.15
CA ASP Y 72 -17.51 59.65 3.13
C ASP Y 72 -17.99 60.96 2.52
N ASN Y 73 -17.74 62.07 3.21
CA ASN Y 73 -18.23 63.35 2.72
C ASN Y 73 -17.40 63.88 1.56
N HIS Y 74 -16.29 63.23 1.24
CA HIS Y 74 -15.43 63.72 0.17
C HIS Y 74 -14.92 62.59 -0.70
N ILE Y 75 -15.44 61.38 -0.52
CA ILE Y 75 -15.03 60.20 -1.27
C ILE Y 75 -16.28 59.42 -1.63
N GLY Y 76 -16.45 59.12 -2.91
CA GLY Y 76 -17.50 58.22 -3.34
C GLY Y 76 -17.03 57.34 -4.48
N ILE Y 77 -17.54 56.12 -4.57
CA ILE Y 77 -17.03 55.15 -5.53
C ILE Y 77 -18.14 54.71 -6.48
N SER Y 78 -17.72 54.02 -7.56
CA SER Y 78 -18.63 53.32 -8.47
C SER Y 78 -18.35 51.84 -8.36
N ILE Y 79 -18.99 51.02 -9.20
CA ILE Y 79 -18.87 49.59 -8.99
C ILE Y 79 -18.89 48.84 -10.33
N ALA Y 80 -18.11 47.76 -10.42
CA ALA Y 80 -18.06 47.05 -11.70
C ALA Y 80 -17.92 45.53 -11.60
N GLY Y 81 -18.33 44.89 -10.51
CA GLY Y 81 -18.13 43.46 -10.43
C GLY Y 81 -19.23 42.68 -9.73
N LEU Y 82 -18.84 41.79 -8.83
CA LEU Y 82 -19.81 41.06 -8.03
C LEU Y 82 -20.38 42.01 -6.98
N THR Y 83 -21.49 41.64 -6.38
CA THR Y 83 -22.13 42.49 -5.41
C THR Y 83 -21.78 42.14 -3.98
N ALA Y 84 -21.38 40.88 -3.74
CA ALA Y 84 -20.88 40.53 -2.42
C ALA Y 84 -19.52 41.18 -2.18
N ASP Y 85 -18.63 41.11 -3.16
CA ASP Y 85 -17.33 41.74 -3.02
C ASP Y 85 -17.45 43.26 -3.08
N ALA Y 86 -18.56 43.76 -3.64
CA ALA Y 86 -18.85 45.19 -3.58
C ALA Y 86 -19.04 45.65 -2.15
N ARG Y 87 -19.99 45.05 -1.43
CA ARG Y 87 -20.31 45.48 -0.09
C ARG Y 87 -19.22 45.07 0.90
N LEU Y 88 -18.44 44.05 0.55
CA LEU Y 88 -17.36 43.63 1.44
C LEU Y 88 -16.24 44.66 1.45
N LEU Y 89 -15.94 45.25 0.29
CA LEU Y 89 -14.93 46.30 0.25
C LEU Y 89 -15.50 47.63 0.70
N CYS Y 90 -16.80 47.84 0.49
CA CYS Y 90 -17.44 49.06 0.96
C CYS Y 90 -17.43 49.15 2.47
N ASN Y 91 -17.72 48.05 3.15
CA ASN Y 91 -17.75 48.08 4.61
C ASN Y 91 -16.35 48.19 5.18
N PHE Y 92 -15.35 47.69 4.46
CA PHE Y 92 -13.98 47.99 4.81
C PHE Y 92 -13.66 49.45 4.56
N MET Y 93 -14.25 50.02 3.51
CA MET Y 93 -13.91 51.38 3.11
C MET Y 93 -14.49 52.40 4.07
N ARG Y 94 -15.75 52.21 4.48
CA ARG Y 94 -16.37 53.06 5.50
C ARG Y 94 -15.61 52.99 6.81
N GLN Y 95 -15.10 51.80 7.14
CA GLN Y 95 -14.45 51.61 8.42
C GLN Y 95 -13.16 52.39 8.51
N GLU Y 96 -12.41 52.45 7.41
CA GLU Y 96 -11.10 53.09 7.45
C GLU Y 96 -11.20 54.59 7.50
N CYS Y 97 -12.25 55.18 6.94
CA CYS Y 97 -12.36 56.63 6.94
C CYS Y 97 -12.71 57.14 8.33
N LEU Y 98 -13.59 56.44 9.04
CA LEU Y 98 -14.00 56.95 10.34
C LEU Y 98 -12.96 56.69 11.40
N ASP Y 99 -12.07 55.72 11.20
CA ASP Y 99 -10.99 55.50 12.15
C ASP Y 99 -10.00 56.65 12.14
N SER Y 100 -9.60 57.09 10.95
CA SER Y 100 -8.79 58.30 10.84
C SER Y 100 -9.55 59.52 11.29
N ARG Y 101 -10.87 59.51 11.13
CA ARG Y 101 -11.68 60.59 11.66
C ARG Y 101 -11.72 60.56 13.17
N PHE Y 102 -11.73 59.36 13.76
CA PHE Y 102 -11.76 59.25 15.20
C PHE Y 102 -10.40 59.48 15.83
N VAL Y 103 -9.32 59.12 15.14
CA VAL Y 103 -8.01 59.20 15.76
C VAL Y 103 -7.36 60.55 15.47
N PHE Y 104 -7.13 60.84 14.19
CA PHE Y 104 -6.38 62.04 13.87
C PHE Y 104 -7.27 63.27 13.79
N ASP Y 105 -8.58 63.06 13.69
CA ASP Y 105 -9.59 64.09 13.46
C ASP Y 105 -9.27 64.89 12.19
N ARG Y 106 -9.17 64.16 11.09
CA ARG Y 106 -8.96 64.74 9.78
C ARG Y 106 -9.48 63.77 8.75
N PRO Y 107 -9.91 64.23 7.60
CA PRO Y 107 -10.30 63.29 6.54
C PRO Y 107 -9.05 62.67 5.92
N LEU Y 108 -9.18 61.42 5.48
CA LEU Y 108 -8.07 60.75 4.81
C LEU Y 108 -7.79 61.42 3.47
N PRO Y 109 -6.52 61.55 3.09
CA PRO Y 109 -6.21 61.77 1.68
C PRO Y 109 -6.61 60.53 0.90
N VAL Y 110 -6.99 60.76 -0.35
CA VAL Y 110 -7.49 59.66 -1.16
C VAL Y 110 -6.36 58.73 -1.57
N SER Y 111 -5.15 59.28 -1.72
CA SER Y 111 -4.03 58.51 -2.24
C SER Y 111 -3.59 57.43 -1.26
N ARG Y 112 -3.61 57.74 0.03
CA ARG Y 112 -3.19 56.73 1.00
C ARG Y 112 -4.32 55.81 1.41
N LEU Y 113 -5.57 56.15 1.05
CA LEU Y 113 -6.67 55.22 1.26
C LEU Y 113 -6.55 54.04 0.31
N VAL Y 114 -6.20 54.30 -0.94
CA VAL Y 114 -6.25 53.28 -1.96
C VAL Y 114 -5.10 52.30 -1.82
N SER Y 115 -3.99 52.74 -1.23
CA SER Y 115 -2.89 51.83 -0.96
C SER Y 115 -3.26 50.83 0.13
N LEU Y 116 -4.20 51.20 1.00
CA LEU Y 116 -4.76 50.23 1.92
C LEU Y 116 -5.60 49.20 1.18
N ILE Y 117 -6.25 49.63 0.09
CA ILE Y 117 -7.10 48.71 -0.66
C ILE Y 117 -6.25 47.74 -1.45
N GLY Y 118 -5.19 48.25 -2.08
CA GLY Y 118 -4.31 47.38 -2.84
C GLY Y 118 -3.54 46.43 -1.95
N SER Y 119 -3.29 46.83 -0.71
CA SER Y 119 -2.75 45.88 0.26
C SER Y 119 -3.79 44.88 0.69
N LYS Y 120 -5.05 45.30 0.81
CA LYS Y 120 -6.12 44.42 1.26
C LYS Y 120 -6.40 43.31 0.27
N THR Y 121 -6.44 43.64 -1.02
CA THR Y 121 -6.77 42.64 -2.02
C THR Y 121 -5.59 41.75 -2.37
N GLN Y 122 -4.39 42.05 -1.89
CA GLN Y 122 -3.22 41.25 -2.21
C GLN Y 122 -3.26 39.87 -1.58
N ILE Y 123 -3.60 39.81 -0.28
CA ILE Y 123 -3.53 38.55 0.45
C ILE Y 123 -4.39 37.41 -0.12
N PRO Y 124 -5.68 37.64 -0.52
CA PRO Y 124 -6.41 36.49 -1.08
C PRO Y 124 -5.97 36.08 -2.48
N THR Y 125 -4.98 36.75 -3.04
CA THR Y 125 -4.42 36.41 -4.35
C THR Y 125 -3.08 35.70 -4.21
N GLN Y 126 -2.74 35.29 -3.00
CA GLN Y 126 -1.52 34.52 -2.86
C GLN Y 126 -1.72 33.25 -2.07
N ARG Y 127 -2.57 33.29 -1.05
CA ARG Y 127 -2.78 32.12 -0.22
C ARG Y 127 -3.75 31.15 -0.88
N TYR Y 128 -3.62 29.88 -0.52
CA TYR Y 128 -4.46 28.86 -1.11
C TYR Y 128 -5.86 28.90 -0.52
N GLY Y 129 -6.85 28.62 -1.35
CA GLY Y 129 -8.21 28.49 -0.88
C GLY Y 129 -9.02 29.77 -0.95
N ARG Y 130 -8.42 30.86 -1.40
CA ARG Y 130 -9.08 32.14 -1.45
C ARG Y 130 -9.34 32.53 -2.89
N ARG Y 131 -10.40 33.30 -3.11
CA ARG Y 131 -10.57 33.84 -4.44
C ARG Y 131 -10.16 35.31 -4.45
N PRO Y 132 -9.73 35.83 -5.59
CA PRO Y 132 -9.54 37.27 -5.70
C PRO Y 132 -10.88 37.99 -5.66
N TYR Y 133 -10.83 39.26 -5.29
CA TYR Y 133 -12.03 40.08 -5.32
C TYR Y 133 -12.38 40.45 -6.74
N GLY Y 134 -13.39 39.79 -7.29
CA GLY Y 134 -13.77 40.04 -8.67
C GLY Y 134 -14.59 41.29 -8.84
N VAL Y 135 -13.94 42.45 -8.76
CA VAL Y 135 -14.64 43.74 -8.80
C VAL Y 135 -13.62 44.81 -9.15
N GLY Y 136 -14.07 45.82 -9.89
CA GLY Y 136 -13.26 46.98 -10.19
C GLY Y 136 -13.88 48.26 -9.69
N LEU Y 137 -13.08 49.21 -9.25
CA LEU Y 137 -13.62 50.44 -8.69
C LEU Y 137 -13.26 51.66 -9.52
N LEU Y 138 -14.01 52.74 -9.30
CA LEU Y 138 -13.68 54.08 -9.75
C LEU Y 138 -13.88 54.99 -8.55
N ILE Y 139 -12.77 55.39 -7.93
CA ILE Y 139 -12.84 56.22 -6.74
C ILE Y 139 -12.66 57.68 -7.14
N ALA Y 140 -13.56 58.55 -6.69
CA ALA Y 140 -13.47 59.98 -6.97
C ALA Y 140 -13.44 60.69 -5.62
N GLY Y 141 -12.31 61.28 -5.29
CA GLY Y 141 -12.21 61.98 -4.04
C GLY Y 141 -11.87 63.45 -4.19
N TYR Y 142 -11.60 64.08 -3.06
CA TYR Y 142 -11.17 65.47 -3.05
C TYR Y 142 -10.47 65.73 -1.74
N ASP Y 143 -9.29 66.33 -1.83
CA ASP Y 143 -8.50 66.57 -0.64
C ASP Y 143 -7.67 67.83 -0.82
N ASP Y 144 -6.62 67.97 -0.03
CA ASP Y 144 -5.87 69.23 0.04
C ASP Y 144 -4.96 69.46 -1.16
N MET Y 145 -5.03 68.58 -2.16
CA MET Y 145 -4.24 68.79 -3.36
C MET Y 145 -5.10 68.57 -4.60
N GLY Y 146 -6.42 68.50 -4.41
CA GLY Y 146 -7.32 68.57 -5.53
C GLY Y 146 -8.18 67.33 -5.69
N PRO Y 147 -8.99 67.29 -6.74
CA PRO Y 147 -9.74 66.06 -7.03
C PRO Y 147 -8.83 64.98 -7.56
N HIS Y 148 -9.29 63.74 -7.45
CA HIS Y 148 -8.54 62.59 -7.90
C HIS Y 148 -9.49 61.54 -8.46
N ILE Y 149 -9.03 60.81 -9.47
CA ILE Y 149 -9.77 59.68 -10.04
C ILE Y 149 -8.85 58.47 -9.98
N PHE Y 150 -9.28 57.43 -9.27
CA PHE Y 150 -8.49 56.22 -9.10
C PHE Y 150 -9.31 55.04 -9.60
N GLN Y 151 -8.75 54.26 -10.52
CA GLN Y 151 -9.35 53.00 -10.90
C GLN Y 151 -8.55 51.85 -10.32
N THR Y 152 -9.23 50.76 -10.05
CA THR Y 152 -8.59 49.56 -9.54
C THR Y 152 -8.85 48.39 -10.48
N CYS Y 153 -8.47 47.20 -10.00
CA CYS Y 153 -8.59 45.97 -10.75
C CYS Y 153 -8.45 44.82 -9.77
N PRO Y 154 -8.89 43.61 -10.13
CA PRO Y 154 -8.63 42.46 -9.25
C PRO Y 154 -7.17 42.07 -9.18
N SER Y 155 -6.32 42.55 -10.06
CA SER Y 155 -4.89 42.28 -9.97
C SER Y 155 -4.17 43.20 -8.99
N ALA Y 156 -4.92 43.96 -8.19
CA ALA Y 156 -4.41 44.87 -7.15
C ALA Y 156 -3.44 45.91 -7.71
N ASN Y 157 -3.81 46.49 -8.86
CA ASN Y 157 -3.07 47.58 -9.46
C ASN Y 157 -3.99 48.77 -9.50
N TYR Y 158 -3.65 49.82 -8.75
CA TYR Y 158 -4.44 51.02 -8.77
C TYR Y 158 -3.75 52.10 -9.58
N PHE Y 159 -4.53 52.89 -10.30
CA PHE Y 159 -4.03 53.80 -11.31
C PHE Y 159 -4.51 55.22 -11.03
N ASP Y 160 -3.57 56.15 -11.01
CA ASP Y 160 -3.90 57.57 -10.91
C ASP Y 160 -4.15 58.07 -12.33
N CYS Y 161 -5.40 57.99 -12.74
CA CYS Y 161 -5.81 58.43 -14.06
C CYS Y 161 -6.46 59.80 -13.99
N ARG Y 162 -6.74 60.38 -15.15
CA ARG Y 162 -7.53 61.59 -15.22
C ARG Y 162 -8.92 61.37 -15.78
N ALA Y 163 -9.11 60.31 -16.56
CA ALA Y 163 -10.44 59.92 -17.04
C ALA Y 163 -10.35 58.48 -17.48
N MET Y 164 -11.21 57.63 -16.93
CA MET Y 164 -11.27 56.23 -17.34
C MET Y 164 -12.71 55.75 -17.37
N SER Y 165 -12.87 54.56 -17.93
CA SER Y 165 -14.14 53.88 -18.00
C SER Y 165 -13.90 52.38 -17.96
N ILE Y 166 -14.74 51.69 -17.19
CA ILE Y 166 -14.64 50.24 -17.02
C ILE Y 166 -16.04 49.64 -16.97
N GLY Y 167 -16.12 48.37 -17.37
CA GLY Y 167 -17.37 47.68 -17.51
C GLY Y 167 -17.46 47.01 -18.89
N ALA Y 168 -18.66 47.02 -19.47
CA ALA Y 168 -18.89 46.46 -20.78
C ALA Y 168 -18.79 47.55 -21.83
N ARG Y 169 -18.17 47.19 -22.95
CA ARG Y 169 -17.85 48.04 -24.14
C ARG Y 169 -17.33 49.42 -23.75
N SER Y 170 -16.46 49.44 -22.74
CA SER Y 170 -15.87 50.67 -22.26
C SER Y 170 -14.80 51.22 -23.19
N GLN Y 171 -14.46 50.47 -24.24
CA GLN Y 171 -13.44 50.93 -25.19
C GLN Y 171 -13.90 52.14 -25.97
N SER Y 172 -15.17 52.14 -26.41
CA SER Y 172 -15.68 53.27 -27.16
C SER Y 172 -15.81 54.50 -26.28
N ALA Y 173 -15.96 54.32 -24.97
CA ALA Y 173 -15.93 55.44 -24.06
C ALA Y 173 -14.52 55.98 -23.89
N ARG Y 174 -13.51 55.11 -23.93
CA ARG Y 174 -12.13 55.56 -23.81
C ARG Y 174 -11.72 56.36 -25.04
N THR Y 175 -12.18 55.96 -26.21
CA THR Y 175 -11.84 56.67 -27.44
C THR Y 175 -12.47 58.05 -27.48
N TYR Y 176 -13.61 58.22 -26.81
CA TYR Y 176 -14.18 59.56 -26.69
C TYR Y 176 -13.33 60.43 -25.80
N LEU Y 177 -12.83 59.89 -24.70
CA LEU Y 177 -12.10 60.71 -23.75
C LEU Y 177 -10.68 61.01 -24.22
N GLU Y 178 -10.17 60.26 -25.19
CA GLU Y 178 -8.85 60.57 -25.72
C GLU Y 178 -8.87 61.83 -26.56
N ARG Y 179 -9.85 61.96 -27.44
CA ARG Y 179 -9.93 63.13 -28.29
C ARG Y 179 -10.65 64.30 -27.63
N HIS Y 180 -10.95 64.21 -26.34
CA HIS Y 180 -11.51 65.33 -25.61
C HIS Y 180 -10.83 65.53 -24.26
N MET Y 181 -9.63 64.97 -24.08
CA MET Y 181 -8.97 65.07 -22.78
C MET Y 181 -8.46 66.46 -22.48
N SER Y 182 -8.23 67.29 -23.50
CA SER Y 182 -7.74 68.64 -23.27
C SER Y 182 -8.81 69.55 -22.71
N GLU Y 183 -10.07 69.33 -23.05
CA GLU Y 183 -11.17 70.20 -22.67
C GLU Y 183 -11.55 70.08 -21.20
N PHE Y 184 -11.05 69.07 -20.51
CA PHE Y 184 -11.57 68.68 -19.21
C PHE Y 184 -11.01 69.52 -18.07
N MET Y 185 -10.13 70.47 -18.35
CA MET Y 185 -9.59 71.30 -17.28
C MET Y 185 -10.47 72.55 -17.16
N GLU Y 186 -10.74 73.20 -18.29
CA GLU Y 186 -11.47 74.46 -18.30
C GLU Y 186 -12.95 74.22 -18.61
N CYS Y 187 -13.60 73.56 -17.66
CA CYS Y 187 -15.02 73.32 -17.71
C CYS Y 187 -15.53 73.24 -16.28
N ASN Y 188 -16.73 73.79 -16.05
CA ASN Y 188 -17.10 74.06 -14.67
C ASN Y 188 -17.94 72.97 -14.00
N LEU Y 189 -19.23 72.86 -14.29
CA LEU Y 189 -19.98 71.68 -13.93
C LEU Y 189 -20.90 71.21 -15.04
N ASN Y 190 -21.53 72.13 -15.75
CA ASN Y 190 -22.55 71.74 -16.70
C ASN Y 190 -21.92 71.10 -17.91
N GLU Y 191 -20.95 71.77 -18.52
CA GLU Y 191 -20.19 71.14 -19.60
C GLU Y 191 -19.19 70.13 -19.09
N LEU Y 192 -18.94 70.10 -17.77
CA LEU Y 192 -18.18 69.00 -17.22
C LEU Y 192 -18.99 67.73 -17.17
N VAL Y 193 -20.25 67.83 -16.76
CA VAL Y 193 -21.11 66.65 -16.72
C VAL Y 193 -21.50 66.22 -18.12
N LYS Y 194 -21.91 67.16 -18.96
CA LYS Y 194 -22.45 66.76 -20.25
C LYS Y 194 -21.34 66.39 -21.23
N HIS Y 195 -20.08 66.58 -20.84
CA HIS Y 195 -19.02 65.80 -21.47
C HIS Y 195 -19.12 64.34 -21.08
N GLY Y 196 -19.38 64.05 -19.80
CA GLY Y 196 -19.27 62.69 -19.31
C GLY Y 196 -20.37 61.77 -19.79
N LEU Y 197 -21.59 62.29 -19.87
CA LEU Y 197 -22.68 61.45 -20.35
C LEU Y 197 -22.64 61.29 -21.87
N ARG Y 198 -21.87 62.12 -22.57
CA ARG Y 198 -21.59 61.82 -23.97
C ARG Y 198 -20.66 60.62 -24.09
N ALA Y 199 -19.91 60.30 -23.05
CA ALA Y 199 -19.05 59.13 -23.12
C ALA Y 199 -19.84 57.84 -22.92
N LEU Y 200 -20.88 57.87 -22.08
CA LEU Y 200 -21.67 56.65 -21.87
C LEU Y 200 -22.54 56.32 -23.05
N ARG Y 201 -23.01 57.32 -23.78
CA ARG Y 201 -23.92 57.05 -24.87
C ARG Y 201 -23.21 56.45 -26.07
N GLU Y 202 -21.88 56.53 -26.11
CA GLU Y 202 -21.14 55.76 -27.10
C GLU Y 202 -20.95 54.31 -26.68
N THR Y 203 -21.33 53.97 -25.46
CA THR Y 203 -21.41 52.58 -25.04
C THR Y 203 -22.82 52.04 -25.13
N LEU Y 204 -23.62 52.60 -25.92
CA LEU Y 204 -24.97 52.08 -26.03
C LEU Y 204 -25.26 51.65 -27.45
N PRO Y 205 -26.19 50.71 -27.63
CA PRO Y 205 -26.75 50.48 -28.96
C PRO Y 205 -27.55 51.67 -29.48
N ALA Y 206 -27.90 51.65 -30.76
CA ALA Y 206 -28.48 52.83 -31.41
C ALA Y 206 -30.00 52.82 -31.36
N GLU Y 207 -30.59 52.27 -30.30
CA GLU Y 207 -32.05 52.30 -30.19
C GLU Y 207 -32.52 52.63 -28.78
N GLN Y 208 -31.63 52.93 -27.84
CA GLN Y 208 -32.05 53.36 -26.52
C GLN Y 208 -30.95 54.23 -25.98
N ASP Y 209 -31.29 55.01 -24.96
CA ASP Y 209 -30.33 55.92 -24.37
C ASP Y 209 -30.69 56.11 -22.89
N LEU Y 210 -30.14 57.17 -22.32
CA LEU Y 210 -30.35 57.56 -20.93
C LEU Y 210 -31.74 58.18 -20.77
N THR Y 211 -32.53 57.56 -19.89
CA THR Y 211 -33.97 57.82 -19.77
C THR Y 211 -34.37 58.42 -18.42
N THR Y 212 -33.42 58.95 -17.64
CA THR Y 212 -33.58 59.33 -16.22
C THR Y 212 -34.13 58.18 -15.38
N LYS Y 213 -33.81 56.95 -15.79
CA LYS Y 213 -34.24 55.77 -15.06
C LYS Y 213 -33.06 54.82 -14.99
N ASN Y 214 -32.02 55.12 -15.76
CA ASN Y 214 -30.88 54.24 -15.88
C ASN Y 214 -29.60 55.04 -15.88
N VAL Y 215 -29.53 56.07 -15.04
CA VAL Y 215 -28.38 56.96 -15.01
C VAL Y 215 -28.26 57.60 -13.64
N SER Y 216 -27.04 57.62 -13.10
CA SER Y 216 -26.75 58.31 -11.84
C SER Y 216 -25.48 59.12 -12.00
N ILE Y 217 -25.39 60.22 -11.27
CA ILE Y 217 -24.26 61.12 -11.33
C ILE Y 217 -23.81 61.38 -9.90
N GLY Y 218 -22.51 61.25 -9.66
CA GLY Y 218 -21.93 61.59 -8.37
C GLY Y 218 -20.88 62.69 -8.56
N ILE Y 219 -21.10 63.80 -7.88
CA ILE Y 219 -20.21 64.95 -7.95
C ILE Y 219 -19.65 65.18 -6.56
N VAL Y 220 -18.35 65.39 -6.46
CA VAL Y 220 -17.71 65.91 -5.27
C VAL Y 220 -16.77 67.03 -5.70
N GLY Y 221 -16.76 68.13 -4.94
CA GLY Y 221 -16.04 69.30 -5.37
C GLY Y 221 -15.42 70.02 -4.19
N LYS Y 222 -15.02 71.27 -4.43
CA LYS Y 222 -14.30 72.03 -3.41
C LYS Y 222 -15.20 72.40 -2.24
N ASP Y 223 -16.23 73.20 -2.48
CA ASP Y 223 -17.21 73.52 -1.47
C ASP Y 223 -18.42 72.60 -1.52
N LEU Y 224 -18.26 71.41 -2.08
CA LEU Y 224 -19.39 70.56 -2.41
C LEU Y 224 -19.16 69.16 -1.88
N GLU Y 225 -20.02 68.75 -0.95
CA GLU Y 225 -19.98 67.40 -0.41
C GLU Y 225 -20.45 66.42 -1.47
N PHE Y 226 -19.96 65.18 -1.40
CA PHE Y 226 -20.23 64.16 -2.40
C PHE Y 226 -21.72 63.83 -2.40
N THR Y 227 -22.36 64.03 -3.55
CA THR Y 227 -23.80 63.95 -3.65
C THR Y 227 -24.20 63.03 -4.80
N ILE Y 228 -25.18 62.17 -4.55
CA ILE Y 228 -25.68 61.26 -5.57
C ILE Y 228 -27.01 61.79 -6.09
N TYR Y 229 -27.11 61.97 -7.40
CA TYR Y 229 -28.36 62.36 -8.04
C TYR Y 229 -28.88 61.20 -8.88
N ASP Y 230 -30.19 60.96 -8.79
CA ASP Y 230 -30.82 59.89 -9.54
C ASP Y 230 -32.32 60.13 -9.67
N ASP Y 231 -32.78 60.00 -10.92
CA ASP Y 231 -34.17 59.80 -11.36
C ASP Y 231 -35.07 61.02 -11.22
N ASP Y 232 -34.64 62.06 -10.52
CA ASP Y 232 -35.44 63.27 -10.45
C ASP Y 232 -34.60 64.48 -10.80
N ASP Y 233 -33.35 64.49 -10.32
CA ASP Y 233 -32.45 65.60 -10.50
C ASP Y 233 -31.46 65.36 -11.61
N VAL Y 234 -31.79 64.46 -12.53
CA VAL Y 234 -30.94 64.17 -13.66
C VAL Y 234 -31.58 64.90 -14.83
N SER Y 235 -32.89 65.07 -14.75
CA SER Y 235 -33.60 65.88 -15.72
C SER Y 235 -33.14 67.34 -15.81
N PRO Y 236 -32.68 68.01 -14.75
CA PRO Y 236 -31.97 69.28 -14.98
C PRO Y 236 -30.65 69.11 -15.69
N PHE Y 237 -30.00 67.96 -15.57
CA PHE Y 237 -28.76 67.73 -16.30
C PHE Y 237 -29.00 67.24 -17.72
N LEU Y 238 -30.04 66.44 -17.94
CA LEU Y 238 -30.31 65.90 -19.27
C LEU Y 238 -31.10 66.93 -20.08
N GLU Y 239 -30.37 67.97 -20.46
CA GLU Y 239 -30.86 69.01 -21.34
C GLU Y 239 -29.67 69.61 -22.05
N GLY Y 240 -29.91 70.18 -23.22
CA GLY Y 240 -28.80 70.62 -24.04
C GLY Y 240 -27.98 69.48 -24.60
N LEU Y 241 -28.63 68.37 -24.91
CA LEU Y 241 -27.96 67.24 -25.54
C LEU Y 241 -28.26 67.25 -27.04
N GLU Y 242 -27.92 66.15 -27.71
CA GLU Y 242 -28.22 65.95 -29.11
C GLU Y 242 -28.39 64.46 -29.36
N GLU Y 243 -29.04 64.12 -30.45
CA GLU Y 243 -29.06 62.73 -30.89
C GLU Y 243 -27.71 62.35 -31.49
N ARG Y 244 -27.46 61.06 -31.55
CA ARG Y 244 -26.24 60.59 -32.21
C ARG Y 244 -26.45 60.54 -33.72
N PRO Y 245 -25.45 60.94 -34.51
CA PRO Y 245 -25.65 60.97 -35.97
C PRO Y 245 -25.62 59.59 -36.60
N GLN Y 246 -26.03 59.53 -37.87
CA GLN Y 246 -26.06 58.28 -38.60
C GLN Y 246 -25.17 58.36 -39.86
N THR Z 5 6.52 17.95 -16.38
CA THR Z 5 5.15 18.05 -15.92
C THR Z 5 4.91 17.04 -14.81
N GLY Z 6 3.82 17.21 -14.08
CA GLY Z 6 3.52 16.39 -12.92
C GLY Z 6 4.24 16.80 -11.65
N TYR Z 7 5.37 17.50 -11.78
CA TYR Z 7 6.21 17.88 -10.65
C TYR Z 7 6.25 19.38 -10.45
N ASP Z 8 5.57 20.14 -11.29
CA ASP Z 8 5.72 21.57 -11.37
C ASP Z 8 4.47 22.31 -10.90
N LEU Z 9 3.78 21.77 -9.90
CA LEU Z 9 2.54 22.36 -9.42
C LEU Z 9 2.76 23.03 -8.07
N SER Z 10 3.53 22.41 -7.18
CA SER Z 10 3.75 22.95 -5.86
C SER Z 10 5.16 23.50 -5.71
N ALA Z 11 5.36 24.28 -4.66
CA ALA Z 11 6.69 24.70 -4.27
C ALA Z 11 7.32 23.73 -3.29
N SER Z 12 6.61 22.67 -2.90
CA SER Z 12 7.17 21.70 -1.98
C SER Z 12 7.85 20.54 -2.69
N THR Z 13 7.44 20.24 -3.92
CA THR Z 13 8.00 19.09 -4.63
C THR Z 13 9.23 19.49 -5.42
N PHE Z 14 10.12 18.52 -5.63
CA PHE Z 14 11.29 18.70 -6.46
C PHE Z 14 11.06 18.08 -7.82
N SER Z 15 11.92 18.36 -8.67
CA SER Z 15 11.90 17.71 -9.96
C SER Z 15 12.62 16.39 -9.86
N PRO Z 16 12.46 15.47 -10.82
CA PRO Z 16 13.26 14.25 -10.80
C PRO Z 16 14.75 14.47 -10.96
N ASP Z 17 15.17 15.61 -11.50
CA ASP Z 17 16.61 15.90 -11.51
C ASP Z 17 17.00 16.90 -10.44
N GLY Z 18 16.04 17.49 -9.74
CA GLY Z 18 16.38 18.21 -8.54
C GLY Z 18 16.31 19.72 -8.60
N ARG Z 19 15.33 20.28 -9.29
CA ARG Z 19 15.10 21.71 -9.21
C ARG Z 19 13.62 21.96 -8.94
N VAL Z 20 13.26 23.23 -8.78
CA VAL Z 20 11.90 23.61 -8.44
C VAL Z 20 11.38 24.51 -9.55
N PHE Z 21 10.34 24.05 -10.25
CA PHE Z 21 9.91 24.80 -11.42
C PHE Z 21 9.09 26.02 -11.07
N GLN Z 22 8.45 26.04 -9.90
CA GLN Z 22 7.65 27.20 -9.52
C GLN Z 22 8.51 28.42 -9.30
N VAL Z 23 9.73 28.23 -8.80
CA VAL Z 23 10.68 29.33 -8.75
C VAL Z 23 11.15 29.67 -10.15
N GLU Z 24 11.35 28.64 -10.98
CA GLU Z 24 11.78 28.85 -12.37
C GLU Z 24 10.72 29.59 -13.17
N TYR Z 25 9.45 29.33 -12.86
CA TYR Z 25 8.38 30.01 -13.58
C TYR Z 25 8.28 31.48 -13.17
N ALA Z 26 8.48 31.76 -11.89
CA ALA Z 26 8.34 33.13 -11.42
C ALA Z 26 9.53 33.99 -11.85
N MET Z 27 10.66 33.36 -12.15
CA MET Z 27 11.82 34.12 -12.61
C MET Z 27 11.59 34.71 -13.99
N LYS Z 28 10.95 33.95 -14.87
CA LYS Z 28 10.70 34.49 -16.20
C LYS Z 28 9.44 35.33 -16.25
N ALA Z 29 8.69 35.40 -15.15
CA ALA Z 29 7.63 36.40 -15.06
C ALA Z 29 8.21 37.78 -14.90
N VAL Z 30 9.29 37.90 -14.14
CA VAL Z 30 9.94 39.20 -13.95
C VAL Z 30 10.65 39.60 -15.22
N GLU Z 31 11.12 38.61 -15.99
CA GLU Z 31 11.85 38.89 -17.22
C GLU Z 31 10.96 39.54 -18.27
N ASN Z 32 9.66 39.27 -18.22
CA ASN Z 32 8.71 39.90 -19.13
C ASN Z 32 8.15 41.15 -18.45
N SER Z 33 9.05 42.07 -18.13
CA SER Z 33 8.66 43.37 -17.58
C SER Z 33 9.68 44.38 -18.08
N SER Z 34 9.40 45.66 -17.87
CA SER Z 34 10.20 46.71 -18.47
C SER Z 34 11.53 46.86 -17.74
N THR Z 35 12.41 47.65 -18.35
CA THR Z 35 13.81 47.65 -17.95
C THR Z 35 14.03 48.64 -16.81
N ALA Z 36 14.80 48.23 -15.81
CA ALA Z 36 15.19 49.12 -14.72
C ALA Z 36 16.63 48.82 -14.36
N ILE Z 37 17.47 49.84 -14.31
CA ILE Z 37 18.88 49.67 -14.02
C ILE Z 37 19.22 50.40 -12.73
N GLY Z 38 20.38 50.05 -12.18
CA GLY Z 38 20.92 50.73 -11.03
C GLY Z 38 22.43 50.69 -11.05
N ILE Z 39 23.06 51.82 -10.78
CA ILE Z 39 24.51 51.93 -10.86
C ILE Z 39 24.97 52.85 -9.74
N ARG Z 40 26.11 52.55 -9.12
CA ARG Z 40 26.67 53.43 -8.12
C ARG Z 40 27.96 54.05 -8.63
N CYS Z 41 28.09 55.35 -8.40
CA CYS Z 41 29.37 56.03 -8.61
C CYS Z 41 30.11 56.03 -7.30
N LYS Z 42 31.17 56.81 -7.18
CA LYS Z 42 32.01 56.76 -6.00
C LYS Z 42 31.40 57.39 -4.77
N ASP Z 43 30.37 58.24 -4.91
CA ASP Z 43 29.74 58.82 -3.73
C ASP Z 43 28.23 58.81 -3.85
N GLY Z 44 27.67 57.72 -4.35
CA GLY Z 44 26.23 57.59 -4.35
C GLY Z 44 25.71 56.56 -5.31
N VAL Z 45 24.41 56.36 -5.33
CA VAL Z 45 23.72 55.38 -6.16
C VAL Z 45 22.69 56.11 -6.98
N VAL Z 46 22.59 55.78 -8.26
CA VAL Z 46 21.62 56.36 -9.17
C VAL Z 46 20.67 55.26 -9.63
N PHE Z 47 19.37 55.51 -9.53
CA PHE Z 47 18.35 54.61 -10.02
C PHE Z 47 17.76 55.11 -11.33
N GLY Z 48 17.42 54.18 -12.21
CA GLY Z 48 16.79 54.52 -13.46
C GLY Z 48 15.76 53.49 -13.90
N VAL Z 49 14.54 53.91 -14.19
CA VAL Z 49 13.47 53.01 -14.57
C VAL Z 49 12.85 53.49 -15.87
N GLU Z 50 12.86 52.64 -16.89
CA GLU Z 50 12.04 52.88 -18.07
C GLU Z 50 10.59 52.56 -17.74
N LYS Z 51 9.72 53.52 -17.95
CA LYS Z 51 8.32 53.40 -17.55
C LYS Z 51 7.43 53.68 -18.74
N LEU Z 52 6.54 52.75 -19.04
CA LEU Z 52 5.81 52.75 -20.30
C LEU Z 52 4.49 53.48 -20.15
N VAL Z 53 4.13 54.25 -21.16
CA VAL Z 53 2.83 54.90 -21.29
C VAL Z 53 2.20 54.34 -22.55
N LEU Z 54 0.96 53.85 -22.44
CA LEU Z 54 0.43 53.18 -23.60
C LEU Z 54 -0.15 54.16 -24.62
N SER Z 55 -1.25 54.84 -24.29
CA SER Z 55 -1.58 56.04 -25.05
C SER Z 55 -1.68 57.24 -24.12
N LYS Z 56 -2.64 57.21 -23.20
CA LYS Z 56 -2.67 58.14 -22.08
C LYS Z 56 -2.56 57.33 -20.79
N LEU Z 57 -3.62 56.56 -20.51
CA LEU Z 57 -3.69 55.41 -19.62
C LEU Z 57 -3.54 55.72 -18.12
N TYR Z 58 -3.12 56.94 -17.79
CA TYR Z 58 -3.03 57.54 -16.47
C TYR Z 58 -2.59 58.99 -16.60
N GLU Z 59 -2.19 59.57 -15.47
CA GLU Z 59 -1.62 60.89 -15.36
C GLU Z 59 -0.21 60.95 -15.96
N GLU Z 60 0.57 61.92 -15.48
CA GLU Z 60 2.03 61.87 -15.60
C GLU Z 60 2.58 61.77 -14.18
N GLY Z 61 2.82 60.54 -13.73
CA GLY Z 61 3.31 60.37 -12.38
C GLY Z 61 2.51 59.40 -11.54
N SER Z 62 1.74 58.54 -12.18
CA SER Z 62 1.12 57.43 -11.48
C SER Z 62 2.14 56.32 -11.30
N ASN Z 63 1.81 55.41 -10.37
CA ASN Z 63 2.41 54.07 -10.16
C ASN Z 63 3.92 53.98 -10.42
N LYS Z 64 4.66 54.86 -9.76
CA LYS Z 64 6.11 54.92 -9.88
C LYS Z 64 6.72 53.69 -9.24
N ARG Z 65 7.73 53.12 -9.88
CA ARG Z 65 8.43 52.00 -9.28
C ARG Z 65 9.70 52.40 -8.55
N LEU Z 66 9.86 53.68 -8.20
CA LEU Z 66 10.96 54.10 -7.35
C LEU Z 66 10.41 54.36 -5.96
N PHE Z 67 10.30 53.28 -5.19
CA PHE Z 67 9.78 53.40 -3.84
C PHE Z 67 10.84 53.98 -2.91
N ASN Z 68 10.41 54.36 -1.72
CA ASN Z 68 11.30 55.03 -0.78
C ASN Z 68 11.08 54.37 0.58
N VAL Z 69 11.90 53.35 0.87
CA VAL Z 69 11.68 52.55 2.07
C VAL Z 69 12.16 53.29 3.29
N ASP Z 70 13.45 53.55 3.40
CA ASP Z 70 13.90 54.25 4.60
C ASP Z 70 14.34 55.63 4.19
N ARG Z 71 14.76 56.42 5.17
CA ARG Z 71 15.24 57.77 4.92
C ARG Z 71 16.51 57.77 4.05
N HIS Z 72 17.23 56.65 4.04
CA HIS Z 72 18.47 56.53 3.27
C HIS Z 72 18.48 55.29 2.39
N VAL Z 73 17.32 54.74 2.04
CA VAL Z 73 17.24 53.47 1.31
C VAL Z 73 16.25 53.61 0.16
N GLY Z 74 16.63 53.15 -1.04
CA GLY Z 74 15.76 53.19 -2.20
C GLY Z 74 15.38 51.81 -2.75
N MET Z 75 14.44 51.86 -3.71
CA MET Z 75 13.91 50.68 -4.36
C MET Z 75 13.88 50.87 -5.86
N ALA Z 76 14.03 49.77 -6.59
CA ALA Z 76 13.88 49.82 -8.04
C ALA Z 76 13.13 48.62 -8.56
N VAL Z 77 11.92 48.37 -8.03
CA VAL Z 77 11.15 47.16 -8.33
C VAL Z 77 10.83 47.04 -9.81
N ALA Z 78 10.72 45.79 -10.25
CA ALA Z 78 10.27 45.45 -11.59
C ALA Z 78 9.72 44.04 -11.54
N GLY Z 79 8.63 43.82 -12.28
CA GLY Z 79 7.95 42.55 -12.25
C GLY Z 79 6.47 42.75 -12.02
N LEU Z 80 5.86 41.89 -11.22
CA LEU Z 80 4.44 42.06 -10.93
C LEU Z 80 4.27 43.15 -9.89
N LEU Z 81 3.60 44.23 -10.27
CA LEU Z 81 3.63 45.46 -9.50
C LEU Z 81 2.90 45.37 -8.17
N ALA Z 82 1.87 44.53 -8.07
CA ALA Z 82 1.10 44.43 -6.83
C ALA Z 82 1.91 43.79 -5.72
N ASP Z 83 2.72 42.78 -6.07
CA ASP Z 83 3.56 42.14 -5.06
C ASP Z 83 4.73 43.04 -4.67
N ALA Z 84 5.11 43.97 -5.54
CA ALA Z 84 6.21 44.88 -5.23
C ALA Z 84 5.81 45.87 -4.14
N ARG Z 85 4.54 46.27 -4.14
CA ARG Z 85 4.07 47.16 -3.09
C ARG Z 85 3.91 46.43 -1.77
N SER Z 86 3.86 45.10 -1.80
CA SER Z 86 3.83 44.35 -0.55
C SER Z 86 5.19 44.34 0.10
N LEU Z 87 6.23 44.08 -0.69
CA LEU Z 87 7.60 44.06 -0.18
C LEU Z 87 8.03 45.42 0.34
N ALA Z 88 7.53 46.49 -0.29
CA ALA Z 88 7.83 47.83 0.20
C ALA Z 88 7.22 48.07 1.56
N ASP Z 89 6.08 47.45 1.85
CA ASP Z 89 5.53 47.55 3.20
C ASP Z 89 6.30 46.69 4.18
N ILE Z 90 6.81 45.54 3.72
CA ILE Z 90 7.58 44.65 4.59
C ILE Z 90 8.93 45.25 4.89
N ALA Z 91 9.59 45.80 3.87
CA ALA Z 91 10.91 46.39 4.07
C ALA Z 91 10.83 47.67 4.88
N ARG Z 92 9.73 48.42 4.74
CA ARG Z 92 9.51 49.57 5.61
C ARG Z 92 9.32 49.14 7.05
N GLU Z 93 8.53 48.10 7.25
CA GLU Z 93 8.21 47.65 8.59
C GLU Z 93 9.42 47.04 9.28
N GLU Z 94 10.33 46.46 8.50
CA GLU Z 94 11.52 45.85 9.08
C GLU Z 94 12.48 46.91 9.60
N ALA Z 95 12.65 47.99 8.85
CA ALA Z 95 13.59 49.04 9.26
C ALA Z 95 13.09 49.79 10.47
N SER Z 96 11.78 49.83 10.68
CA SER Z 96 11.22 50.52 11.84
C SER Z 96 11.51 49.78 13.12
N ASN Z 97 11.42 48.45 13.10
CA ASN Z 97 11.66 47.69 14.32
C ASN Z 97 13.13 47.66 14.66
N PHE Z 98 13.99 47.84 13.64
CA PHE Z 98 15.41 48.04 13.92
C PHE Z 98 15.62 49.36 14.63
N ARG Z 99 14.87 50.38 14.23
CA ARG Z 99 14.95 51.68 14.88
C ARG Z 99 14.42 51.63 16.30
N SER Z 100 13.43 50.78 16.54
CA SER Z 100 12.80 50.76 17.86
C SER Z 100 13.65 50.02 18.88
N ASN Z 101 14.15 48.85 18.52
CA ASN Z 101 14.92 48.04 19.47
C ASN Z 101 16.28 48.66 19.71
N PHE Z 102 17.01 48.87 18.63
CA PHE Z 102 18.25 49.59 18.46
C PHE Z 102 17.85 51.04 18.28
N GLY Z 103 18.49 51.80 17.40
CA GLY Z 103 18.27 53.23 17.46
C GLY Z 103 19.38 53.98 16.77
N TYR Z 104 20.16 53.24 16.01
CA TYR Z 104 20.86 53.82 14.88
C TYR Z 104 20.14 53.32 13.64
N ASN Z 105 20.50 53.88 12.48
CA ASN Z 105 19.80 53.55 11.24
C ASN Z 105 20.15 52.15 10.78
N ILE Z 106 19.24 51.53 10.04
CA ILE Z 106 19.42 50.16 9.54
C ILE Z 106 20.57 50.11 8.54
N PRO Z 107 21.52 49.20 8.71
CA PRO Z 107 22.52 48.98 7.68
C PRO Z 107 21.92 48.25 6.49
N LEU Z 108 22.49 48.48 5.31
CA LEU Z 108 21.89 47.94 4.11
C LEU Z 108 22.16 46.45 3.98
N LYS Z 109 23.23 45.96 4.60
CA LYS Z 109 23.54 44.53 4.55
C LYS Z 109 22.49 43.71 5.29
N HIS Z 110 21.99 44.22 6.42
CA HIS Z 110 20.89 43.55 7.11
C HIS Z 110 19.61 43.60 6.30
N LEU Z 111 19.29 44.76 5.74
CA LEU Z 111 17.99 44.94 5.10
C LEU Z 111 17.88 44.10 3.84
N ALA Z 112 19.02 43.79 3.21
CA ALA Z 112 19.00 42.78 2.16
C ALA Z 112 18.71 41.40 2.74
N ASP Z 113 19.29 41.10 3.90
CA ASP Z 113 19.14 39.77 4.47
C ASP Z 113 17.74 39.56 5.02
N ARG Z 114 17.23 40.54 5.75
CA ARG Z 114 15.96 40.40 6.44
C ARG Z 114 14.80 40.29 5.47
N VAL Z 115 14.91 40.96 4.32
CA VAL Z 115 13.86 40.87 3.32
C VAL Z 115 13.94 39.54 2.58
N ALA Z 116 15.16 39.14 2.20
CA ALA Z 116 15.32 37.97 1.34
C ALA Z 116 14.98 36.68 2.07
N MET Z 117 15.03 36.69 3.40
CA MET Z 117 14.49 35.57 4.15
C MET Z 117 12.99 35.46 3.98
N TYR Z 118 12.29 36.60 3.95
CA TYR Z 118 10.84 36.57 3.78
C TYR Z 118 10.46 36.19 2.37
N VAL Z 119 11.33 36.48 1.41
CA VAL Z 119 11.12 35.97 0.06
C VAL Z 119 11.34 34.48 0.01
N HIS Z 120 12.40 34.02 0.67
CA HIS Z 120 12.74 32.60 0.67
C HIS Z 120 11.70 31.76 1.38
N ALA Z 121 11.02 32.34 2.38
CA ALA Z 121 10.01 31.60 3.12
C ALA Z 121 8.79 31.26 2.28
N TYR Z 122 8.55 32.01 1.21
CA TYR Z 122 7.44 31.71 0.32
C TYR Z 122 7.81 30.74 -0.79
N THR Z 123 8.96 30.10 -0.71
CA THR Z 123 9.39 29.13 -1.70
C THR Z 123 9.48 27.73 -1.13
N LEU Z 124 8.79 27.47 -0.03
CA LEU Z 124 8.84 26.18 0.63
C LEU Z 124 7.53 25.45 0.63
N TYR Z 125 6.43 26.16 0.83
CA TYR Z 125 5.17 25.55 1.17
C TYR Z 125 4.26 25.46 -0.04
N SER Z 126 3.33 24.52 0.03
CA SER Z 126 2.31 24.40 -0.98
C SER Z 126 1.15 25.35 -0.76
N ALA Z 127 1.13 26.06 0.37
CA ALA Z 127 0.07 27.03 0.61
C ALA Z 127 0.27 28.29 -0.22
N VAL Z 128 1.44 28.90 -0.10
CA VAL Z 128 1.72 30.17 -0.73
C VAL Z 128 2.51 29.95 -2.01
N ARG Z 129 2.58 30.99 -2.84
CA ARG Z 129 3.39 30.92 -4.05
C ARG Z 129 4.63 31.81 -3.91
N PRO Z 130 5.63 31.67 -4.76
CA PRO Z 130 6.73 32.64 -4.77
C PRO Z 130 6.27 33.99 -5.28
N PHE Z 131 6.88 35.04 -4.75
CA PHE Z 131 6.73 36.38 -5.29
C PHE Z 131 7.24 36.46 -6.71
N GLY Z 132 6.64 37.35 -7.47
CA GLY Z 132 7.08 37.59 -8.83
C GLY Z 132 7.77 38.92 -8.98
N CYS Z 133 8.63 39.26 -8.04
CA CYS Z 133 9.29 40.56 -8.04
C CYS Z 133 10.80 40.42 -7.99
N SER Z 134 11.46 41.49 -8.39
CA SER Z 134 12.92 41.61 -8.25
C SER Z 134 13.20 43.10 -8.15
N PHE Z 135 14.22 43.47 -7.39
CA PHE Z 135 14.42 44.87 -7.05
C PHE Z 135 15.84 45.15 -6.59
N MET Z 136 16.12 46.43 -6.44
CA MET Z 136 17.44 46.96 -6.13
C MET Z 136 17.32 47.69 -4.81
N LEU Z 137 18.36 47.61 -3.99
CA LEU Z 137 18.43 48.36 -2.75
C LEU Z 137 19.64 49.29 -2.82
N GLY Z 138 19.39 50.59 -2.71
CA GLY Z 138 20.47 51.54 -2.77
C GLY Z 138 20.54 52.43 -1.55
N SER Z 139 21.74 52.58 -0.98
CA SER Z 139 21.92 53.45 0.17
C SER Z 139 23.19 54.27 0.04
N TYR Z 140 23.39 55.12 1.05
CA TYR Z 140 24.63 55.86 1.20
C TYR Z 140 24.80 56.17 2.68
N SER Z 141 26.04 56.07 3.16
CA SER Z 141 26.34 56.47 4.52
C SER Z 141 27.79 56.91 4.58
N VAL Z 142 28.05 57.92 5.41
CA VAL Z 142 29.41 58.45 5.54
C VAL Z 142 30.32 57.51 6.31
N ASN Z 143 29.77 56.55 7.03
CA ASN Z 143 30.57 55.52 7.66
C ASN Z 143 30.77 54.31 6.78
N ASP Z 144 29.93 54.09 5.77
CA ASP Z 144 29.95 52.86 5.02
C ASP Z 144 30.02 53.05 3.51
N GLY Z 145 30.00 54.28 3.01
CA GLY Z 145 29.95 54.49 1.58
C GLY Z 145 28.55 54.24 1.05
N ALA Z 146 28.49 53.93 -0.22
CA ALA Z 146 27.26 53.51 -0.88
C ALA Z 146 27.31 52.01 -1.09
N GLN Z 147 26.15 51.36 -1.03
CA GLN Z 147 26.05 49.94 -1.37
C GLN Z 147 24.86 49.72 -2.29
N LEU Z 148 24.96 48.69 -3.12
CA LEU Z 148 23.91 48.36 -4.07
C LEU Z 148 23.65 46.87 -4.04
N TYR Z 149 22.40 46.49 -3.83
CA TYR Z 149 21.99 45.10 -3.66
C TYR Z 149 20.89 44.75 -4.65
N MET Z 150 20.56 43.46 -4.71
CA MET Z 150 19.77 42.91 -5.79
C MET Z 150 19.15 41.57 -5.37
N ILE Z 151 17.82 41.53 -5.35
CA ILE Z 151 17.09 40.35 -4.89
C ILE Z 151 16.34 39.76 -6.07
N ASP Z 152 16.42 38.44 -6.23
CA ASP Z 152 15.67 37.65 -7.19
C ASP Z 152 14.46 37.02 -6.52
N PRO Z 153 13.52 36.42 -7.26
CA PRO Z 153 12.41 35.72 -6.60
C PRO Z 153 12.81 34.49 -5.80
N SER Z 154 14.00 33.93 -6.01
CA SER Z 154 14.40 32.79 -5.20
C SER Z 154 14.83 33.28 -3.83
N GLY Z 155 15.63 34.34 -3.79
CA GLY Z 155 16.07 34.89 -2.53
C GLY Z 155 17.56 35.11 -2.49
N VAL Z 156 18.23 34.84 -3.61
CA VAL Z 156 19.67 34.98 -3.72
C VAL Z 156 19.98 36.46 -3.83
N SER Z 157 20.63 37.00 -2.82
CA SER Z 157 20.81 38.44 -2.72
C SER Z 157 22.25 38.77 -2.39
N TYR Z 158 22.92 39.50 -3.28
CA TYR Z 158 24.23 40.05 -2.98
C TYR Z 158 24.61 41.27 -3.82
N GLY Z 159 25.87 41.67 -3.73
CA GLY Z 159 26.28 42.99 -4.12
C GLY Z 159 26.66 43.13 -5.58
N TYR Z 160 26.45 44.33 -6.09
CA TYR Z 160 26.74 44.66 -7.48
C TYR Z 160 27.33 46.05 -7.54
N TRP Z 161 27.93 46.37 -8.68
CA TRP Z 161 28.11 47.77 -9.03
C TRP Z 161 27.04 48.26 -9.99
N GLY Z 162 26.77 47.50 -11.03
CA GLY Z 162 25.70 47.83 -11.95
C GLY Z 162 24.88 46.62 -12.29
N CYS Z 163 23.57 46.69 -12.08
CA CYS Z 163 22.68 45.62 -12.47
C CYS Z 163 21.51 46.16 -13.28
N ALA Z 164 20.68 45.27 -13.81
CA ALA Z 164 19.60 45.64 -14.70
C ALA Z 164 18.54 44.58 -14.65
N ILE Z 165 17.29 45.01 -14.48
CA ILE Z 165 16.16 44.13 -14.28
C ILE Z 165 15.16 44.38 -15.39
N GLY Z 166 14.66 43.31 -16.02
CA GLY Z 166 13.60 43.45 -16.99
C GLY Z 166 13.90 42.67 -18.24
N LYS Z 167 13.25 43.08 -19.33
CA LYS Z 167 13.51 42.46 -20.63
C LYS Z 167 14.93 42.70 -21.07
N ALA Z 168 15.39 43.95 -20.98
CA ALA Z 168 16.76 44.28 -21.39
C ALA Z 168 17.69 44.04 -20.21
N ARG Z 169 18.04 42.77 -20.03
CA ARG Z 169 18.93 42.42 -18.93
C ARG Z 169 20.36 42.24 -19.38
N GLN Z 170 20.61 41.30 -20.28
CA GLN Z 170 21.95 41.12 -20.83
C GLN Z 170 22.29 42.20 -21.84
N ALA Z 171 21.29 42.81 -22.46
CA ALA Z 171 21.53 43.83 -23.45
C ALA Z 171 21.86 45.17 -22.83
N ALA Z 172 21.49 45.39 -21.58
CA ALA Z 172 21.78 46.65 -20.91
C ALA Z 172 23.09 46.64 -20.15
N LYS Z 173 23.43 45.53 -19.51
CA LYS Z 173 24.69 45.44 -18.77
C LYS Z 173 25.86 45.15 -19.66
N THR Z 174 25.64 45.03 -20.97
CA THR Z 174 26.72 44.99 -21.93
C THR Z 174 27.51 46.29 -21.92
N GLU Z 175 26.80 47.41 -21.87
CA GLU Z 175 27.43 48.72 -21.94
C GLU Z 175 27.50 49.44 -20.62
N ILE Z 176 26.97 48.85 -19.53
CA ILE Z 176 27.24 49.42 -18.22
C ILE Z 176 28.70 49.23 -17.85
N GLU Z 177 29.22 48.04 -18.11
CA GLU Z 177 30.60 47.71 -17.79
C GLU Z 177 31.61 48.41 -18.69
N LYS Z 178 31.15 49.03 -19.78
CA LYS Z 178 32.05 49.85 -20.59
C LYS Z 178 32.47 51.11 -19.87
N LEU Z 179 31.68 51.57 -18.90
CA LEU Z 179 31.99 52.81 -18.21
C LEU Z 179 33.02 52.58 -17.12
N GLN Z 180 33.31 53.63 -16.38
CA GLN Z 180 34.08 53.54 -15.16
C GLN Z 180 33.12 53.69 -13.99
N MET Z 181 33.59 53.38 -12.80
CA MET Z 181 32.71 53.35 -11.64
C MET Z 181 33.31 54.18 -10.51
N LYS Z 182 34.63 54.17 -10.41
CA LYS Z 182 35.30 54.88 -9.32
C LYS Z 182 35.62 56.32 -9.70
N GLU Z 183 35.83 56.58 -10.98
CA GLU Z 183 36.27 57.88 -11.46
C GLU Z 183 35.09 58.71 -11.91
N MET Z 184 33.94 58.52 -11.30
CA MET Z 184 32.71 59.15 -11.73
C MET Z 184 32.05 59.86 -10.56
N THR Z 185 31.72 61.12 -10.76
CA THR Z 185 30.72 61.75 -9.92
C THR Z 185 29.35 61.25 -10.35
N CYS Z 186 28.44 61.16 -9.37
CA CYS Z 186 27.12 60.66 -9.70
C CYS Z 186 26.31 61.62 -10.55
N ARG Z 187 26.63 62.91 -10.50
CA ARG Z 187 25.97 63.88 -11.38
C ARG Z 187 26.33 63.61 -12.84
N ASP Z 188 27.55 63.16 -13.09
CA ASP Z 188 27.91 62.67 -14.42
C ASP Z 188 27.20 61.36 -14.74
N ILE Z 189 26.99 60.52 -13.73
CA ILE Z 189 26.35 59.22 -13.92
C ILE Z 189 24.88 59.38 -14.28
N VAL Z 190 24.24 60.47 -13.82
CA VAL Z 190 22.82 60.71 -14.07
C VAL Z 190 22.53 60.79 -15.56
N LYS Z 191 23.34 61.56 -16.29
CA LYS Z 191 23.13 61.61 -17.73
C LYS Z 191 23.68 60.36 -18.42
N GLU Z 192 24.54 59.61 -17.74
CA GLU Z 192 25.02 58.36 -18.30
C GLU Z 192 23.96 57.27 -18.19
N VAL Z 193 23.13 57.34 -17.16
CA VAL Z 193 21.99 56.43 -17.04
C VAL Z 193 21.01 56.67 -18.16
N ALA Z 194 20.74 57.94 -18.47
CA ALA Z 194 19.61 58.29 -19.33
C ALA Z 194 19.86 57.90 -20.77
N LYS Z 195 21.13 57.81 -21.18
CA LYS Z 195 21.37 57.36 -22.54
C LYS Z 195 21.10 55.87 -22.68
N ILE Z 196 21.33 55.09 -21.62
CA ILE Z 196 21.19 53.64 -21.71
C ILE Z 196 19.73 53.25 -21.80
N ILE Z 197 18.88 53.94 -21.05
CA ILE Z 197 17.44 53.81 -21.22
C ILE Z 197 17.04 54.27 -22.61
N TYR Z 198 17.67 55.33 -23.10
CA TYR Z 198 17.35 55.81 -24.43
C TYR Z 198 17.94 54.92 -25.51
N ILE Z 199 19.09 54.30 -25.25
CA ILE Z 199 19.68 53.37 -26.22
C ILE Z 199 18.81 52.14 -26.35
N VAL Z 200 18.46 51.51 -25.25
CA VAL Z 200 17.74 50.26 -25.34
C VAL Z 200 16.24 50.54 -25.46
N HIS Z 201 15.48 49.51 -25.85
CA HIS Z 201 14.05 49.60 -26.15
C HIS Z 201 13.74 50.63 -27.22
N ASP Z 202 14.07 50.29 -28.47
CA ASP Z 202 13.53 51.04 -29.59
C ASP Z 202 12.01 51.05 -29.56
N GLU Z 203 11.44 52.18 -29.96
CA GLU Z 203 9.98 52.38 -29.94
C GLU Z 203 9.37 51.70 -31.17
N VAL Z 204 9.36 50.38 -31.14
CA VAL Z 204 8.73 49.60 -32.19
C VAL Z 204 7.47 49.00 -31.59
N LYS Z 205 7.60 48.49 -30.37
CA LYS Z 205 6.45 48.02 -29.61
C LYS Z 205 5.75 49.13 -28.85
N ASP Z 206 6.48 50.03 -28.20
CA ASP Z 206 5.90 51.03 -27.34
C ASP Z 206 6.45 52.40 -27.71
N LYS Z 207 5.57 53.28 -28.17
CA LYS Z 207 5.97 54.62 -28.58
C LYS Z 207 6.34 55.47 -27.38
N ALA Z 208 5.40 55.61 -26.44
CA ALA Z 208 5.63 56.49 -25.32
C ALA Z 208 6.29 55.73 -24.18
N PHE Z 209 7.30 56.37 -23.58
CA PHE Z 209 7.89 55.85 -22.37
C PHE Z 209 8.41 57.00 -21.55
N GLU Z 210 8.33 56.88 -20.23
CA GLU Z 210 8.84 57.89 -19.33
C GLU Z 210 10.25 57.53 -18.89
N LEU Z 211 10.84 58.40 -18.08
CA LEU Z 211 12.16 58.15 -17.52
C LEU Z 211 12.18 58.78 -16.13
N GLU Z 212 12.06 57.93 -15.11
CA GLU Z 212 12.12 58.37 -13.73
C GLU Z 212 13.49 58.05 -13.14
N LEU Z 213 14.14 59.05 -12.59
CA LEU Z 213 15.46 58.88 -12.03
C LEU Z 213 15.44 59.26 -10.56
N SER Z 214 16.11 58.45 -9.75
CA SER Z 214 16.20 58.71 -8.32
C SER Z 214 17.66 58.58 -7.94
N TRP Z 215 18.03 59.18 -6.82
CA TRP Z 215 19.40 59.58 -6.63
C TRP Z 215 19.66 59.82 -5.15
N VAL Z 216 20.46 58.94 -4.55
CA VAL Z 216 20.87 59.09 -3.16
C VAL Z 216 22.39 59.07 -3.15
N GLY Z 217 22.97 59.91 -2.31
CA GLY Z 217 24.40 59.89 -2.18
C GLY Z 217 24.94 60.99 -1.31
N GLU Z 218 26.14 61.46 -1.64
CA GLU Z 218 26.81 62.45 -0.83
C GLU Z 218 26.15 63.81 -0.97
N LEU Z 219 25.70 64.15 -2.17
CA LEU Z 219 25.15 65.47 -2.40
C LEU Z 219 23.77 65.61 -1.78
N THR Z 220 23.05 64.51 -1.64
CA THR Z 220 21.75 64.55 -1.00
C THR Z 220 21.82 64.24 0.49
N ASN Z 221 23.02 64.26 1.06
CA ASN Z 221 23.28 64.09 2.49
C ASN Z 221 22.79 62.77 3.04
N GLY Z 222 22.75 61.74 2.19
CA GLY Z 222 22.22 60.46 2.59
C GLY Z 222 20.73 60.32 2.46
N ARG Z 223 19.98 61.42 2.45
CA ARG Z 223 18.55 61.34 2.22
C ARG Z 223 18.28 60.92 0.79
N HIS Z 224 17.37 59.97 0.62
CA HIS Z 224 16.99 59.50 -0.71
C HIS Z 224 15.85 60.34 -1.22
N GLU Z 225 15.96 60.84 -2.44
CA GLU Z 225 14.83 61.48 -3.08
C GLU Z 225 14.99 61.35 -4.59
N ILE Z 226 13.92 61.73 -5.29
CA ILE Z 226 13.90 61.73 -6.74
C ILE Z 226 14.83 62.83 -7.23
N VAL Z 227 15.31 62.73 -8.46
CA VAL Z 227 16.13 63.81 -9.04
C VAL Z 227 15.23 65.01 -9.24
N PRO Z 228 15.77 66.22 -9.26
CA PRO Z 228 14.99 67.35 -9.76
C PRO Z 228 14.75 67.12 -11.25
N LYS Z 229 13.53 66.72 -11.58
CA LYS Z 229 13.25 66.16 -12.89
C LYS Z 229 12.89 67.23 -13.91
N ASP Z 230 11.81 67.96 -13.66
CA ASP Z 230 11.48 69.13 -14.48
C ASP Z 230 12.52 70.21 -14.32
N ILE Z 231 13.19 70.25 -13.17
CA ILE Z 231 14.29 71.18 -12.99
C ILE Z 231 15.48 70.68 -13.79
N ARG Z 232 16.01 71.58 -14.63
CA ARG Z 232 17.30 71.52 -15.31
C ARG Z 232 17.37 70.50 -16.44
N GLU Z 233 16.56 69.43 -16.38
CA GLU Z 233 16.20 68.43 -17.38
C GLU Z 233 17.33 68.07 -18.35
N GLU Z 234 18.54 67.87 -17.82
CA GLU Z 234 19.71 67.72 -18.68
C GLU Z 234 19.90 66.31 -19.16
N ALA Z 235 19.13 65.36 -18.65
CA ALA Z 235 19.30 63.97 -19.02
C ALA Z 235 18.81 63.73 -20.45
N GLU Z 236 17.55 64.05 -20.72
CA GLU Z 236 16.93 63.71 -21.99
C GLU Z 236 17.47 64.57 -23.11
N LYS Z 237 17.84 65.81 -22.81
CA LYS Z 237 18.51 66.67 -23.77
C LYS Z 237 19.85 66.08 -24.20
N TYR Z 238 20.58 65.51 -23.26
CA TYR Z 238 21.81 64.81 -23.58
C TYR Z 238 21.57 63.43 -24.13
N ALA Z 239 20.46 62.79 -23.76
CA ALA Z 239 20.20 61.42 -24.19
C ALA Z 239 19.87 61.35 -25.67
N LYS Z 240 19.13 62.31 -26.20
CA LYS Z 240 18.73 62.28 -27.61
C LYS Z 240 19.80 62.86 -28.53
N GLU Z 241 21.03 62.97 -28.05
CA GLU Z 241 22.16 63.36 -28.86
C GLU Z 241 22.80 62.16 -29.55
N SER Z 242 22.13 61.01 -29.54
CA SER Z 242 22.72 59.77 -30.00
C SER Z 242 21.92 59.22 -31.16
N LEU Z 243 21.57 60.08 -32.11
CA LEU Z 243 20.74 59.71 -33.24
C LEU Z 243 21.48 58.92 -34.31
N LYS Z 244 22.81 58.90 -34.26
CA LYS Z 244 23.61 58.15 -35.22
C LYS Z 244 24.71 57.41 -34.47
N THR AA 34 26.68 50.01 48.22
CA THR AA 34 26.88 49.90 46.79
C THR AA 34 27.13 51.26 46.18
N THR AA 35 28.27 51.41 45.53
CA THR AA 35 28.62 52.66 44.86
C THR AA 35 29.33 52.34 43.57
N ILE AA 36 28.81 52.85 42.45
CA ILE AA 36 29.43 52.63 41.16
C ILE AA 36 29.84 53.96 40.57
N MET AA 37 30.77 53.90 39.63
CA MET AA 37 31.55 55.05 39.19
C MET AA 37 31.98 54.83 37.75
N ALA AA 38 31.93 55.88 36.94
CA ALA AA 38 32.40 55.77 35.56
C ALA AA 38 32.80 57.16 35.09
N VAL AA 39 34.02 57.28 34.57
CA VAL AA 39 34.57 58.56 34.07
C VAL AA 39 35.17 58.30 32.71
N GLN AA 40 34.81 59.12 31.73
CA GLN AA 40 35.46 58.99 30.42
C GLN AA 40 36.62 59.96 30.32
N PHE AA 41 37.48 59.71 29.35
CA PHE AA 41 38.61 60.58 29.07
C PHE AA 41 38.89 60.56 27.58
N ASP AA 42 40.06 61.04 27.17
CA ASP AA 42 40.32 61.28 25.75
C ASP AA 42 40.48 59.96 24.99
N GLY AA 43 40.89 58.91 25.67
CA GLY AA 43 40.95 57.62 25.03
C GLY AA 43 39.66 56.87 25.27
N GLY AA 44 39.69 55.92 26.18
CA GLY AA 44 38.52 55.17 26.56
C GLY AA 44 37.89 55.71 27.82
N VAL AA 45 37.46 54.80 28.69
CA VAL AA 45 36.77 55.13 29.92
C VAL AA 45 37.46 54.42 31.07
N VAL AA 46 37.02 54.75 32.28
CA VAL AA 46 37.50 54.13 33.52
C VAL AA 46 36.28 53.82 34.39
N LEU AA 47 36.17 52.57 34.81
CA LEU AA 47 35.05 52.14 35.66
C LEU AA 47 35.55 51.81 37.05
N GLY AA 48 34.62 51.74 37.98
CA GLY AA 48 34.97 51.41 39.35
C GLY AA 48 33.78 51.16 40.24
N ALA AA 49 33.91 50.24 41.19
CA ALA AA 49 32.84 49.94 42.12
C ALA AA 49 33.42 49.34 43.39
N ASP AA 50 32.59 49.26 44.42
CA ASP AA 50 32.94 48.57 45.65
C ASP AA 50 32.62 47.10 45.50
N SER AA 51 32.61 46.36 46.60
CA SER AA 51 32.51 44.91 46.52
C SER AA 51 31.59 44.33 47.57
N ARG AA 52 30.86 45.16 48.30
CA ARG AA 52 30.17 44.74 49.51
C ARG AA 52 28.70 44.49 49.20
N THR AA 53 28.28 43.24 49.38
CA THR AA 53 26.89 42.87 49.20
C THR AA 53 26.23 42.61 50.55
N THR AA 54 25.18 43.36 50.86
CA THR AA 54 24.49 43.25 52.14
C THR AA 54 23.13 42.62 51.95
N THR AA 55 22.63 41.98 53.00
CA THR AA 55 21.25 41.49 53.03
C THR AA 55 20.41 42.28 54.04
N GLY AA 56 20.90 43.44 54.46
CA GLY AA 56 20.12 44.40 55.20
C GLY AA 56 20.85 44.89 56.44
N SER AA 57 21.45 44.00 57.17
CA SER AA 57 22.47 44.39 58.12
C SER AA 57 23.61 43.39 58.18
N TYR AA 58 23.58 42.36 57.36
CA TYR AA 58 24.59 41.32 57.35
C TYR AA 58 25.27 41.29 56.00
N ILE AA 59 26.58 41.11 56.01
CA ILE AA 59 27.36 41.06 54.78
C ILE AA 59 27.25 39.66 54.24
N ALA AA 60 26.51 39.50 53.15
CA ALA AA 60 26.46 38.17 52.55
C ALA AA 60 27.71 37.88 51.73
N ASN AA 61 28.43 38.91 51.32
CA ASN AA 61 29.60 38.72 50.48
C ASN AA 61 30.51 39.92 50.63
N ARG AA 62 31.75 39.64 51.02
CA ARG AA 62 32.76 40.68 51.22
C ARG AA 62 33.19 41.27 49.90
N VAL AA 63 33.37 40.41 48.91
CA VAL AA 63 33.97 40.76 47.64
C VAL AA 63 33.04 40.34 46.51
N THR AA 64 32.68 41.29 45.66
CA THR AA 64 31.70 41.04 44.63
C THR AA 64 32.14 41.73 43.34
N ASP AA 65 32.07 41.00 42.23
CA ASP AA 65 32.22 41.61 40.91
C ASP AA 65 30.94 42.33 40.57
N LYS AA 66 30.84 43.60 40.94
CA LYS AA 66 29.71 44.42 40.55
C LYS AA 66 29.70 44.66 39.05
N LEU AA 67 30.85 44.67 38.41
CA LEU AA 67 30.95 44.99 37.00
C LEU AA 67 31.02 43.73 36.16
N THR AA 68 30.52 43.83 34.94
CA THR AA 68 30.24 42.65 34.14
C THR AA 68 30.67 42.83 32.70
N PRO AA 69 31.51 41.96 32.17
CA PRO AA 69 31.83 42.02 30.74
C PRO AA 69 30.67 41.57 29.87
N ILE AA 70 30.06 42.49 29.14
CA ILE AA 70 29.08 42.11 28.12
C ILE AA 70 29.85 41.70 26.88
N HIS AA 71 30.61 42.63 26.33
CA HIS AA 71 31.40 42.42 25.15
C HIS AA 71 32.85 42.79 25.49
N ASP AA 72 33.74 42.62 24.52
CA ASP AA 72 35.18 42.79 24.78
C ASP AA 72 35.57 44.24 25.03
N ARG AA 73 34.72 45.19 24.66
CA ARG AA 73 35.04 46.59 24.87
C ARG AA 73 33.96 47.29 25.67
N ILE AA 74 32.91 46.59 26.08
CA ILE AA 74 31.74 47.19 26.70
C ILE AA 74 31.50 46.48 28.02
N PHE AA 75 31.58 47.22 29.11
CA PHE AA 75 31.18 46.71 30.41
C PHE AA 75 29.91 47.39 30.86
N CYS AA 76 29.39 46.90 31.98
CA CYS AA 76 28.39 47.62 32.75
C CYS AA 76 28.80 47.52 34.20
N CYS AA 77 28.08 48.22 35.07
CA CYS AA 77 28.27 48.06 36.49
C CYS AA 77 26.93 48.25 37.16
N ARG AA 78 26.48 47.21 37.83
CA ARG AA 78 25.08 47.04 38.17
C ARG AA 78 24.83 47.43 39.61
N SER AA 79 23.61 47.87 39.88
CA SER AA 79 23.23 48.34 41.21
C SER AA 79 21.75 48.14 41.41
N GLY AA 80 21.32 48.22 42.66
CA GLY AA 80 19.94 48.00 43.01
C GLY AA 80 19.73 46.59 43.52
N SER AA 81 18.95 45.80 42.80
CA SER AA 81 18.71 44.43 43.21
C SER AA 81 19.88 43.56 42.75
N ALA AA 82 19.88 42.29 43.13
CA ALA AA 82 20.98 41.42 42.75
C ALA AA 82 20.49 40.37 41.77
N ALA AA 83 19.33 39.77 42.07
CA ALA AA 83 18.77 38.78 41.16
C ALA AA 83 18.28 39.45 39.88
N ASP AA 84 17.83 40.70 39.97
CA ASP AA 84 17.30 41.36 38.79
C ASP AA 84 18.41 41.77 37.84
N THR AA 85 19.47 42.37 38.37
CA THR AA 85 20.52 42.91 37.52
C THR AA 85 21.36 41.80 36.90
N GLN AA 86 21.48 40.67 37.59
CA GLN AA 86 22.14 39.53 36.97
C GLN AA 86 21.28 38.93 35.86
N ALA AA 87 19.96 39.05 35.99
CA ALA AA 87 19.07 38.51 34.97
C ALA AA 87 19.11 39.34 33.71
N VAL AA 88 19.15 40.67 33.86
CA VAL AA 88 19.13 41.56 32.71
C VAL AA 88 20.46 41.51 31.98
N ALA AA 89 21.56 41.44 32.72
CA ALA AA 89 22.88 41.51 32.11
C ALA AA 89 23.21 40.26 31.32
N ASP AA 90 22.54 39.15 31.63
CA ASP AA 90 22.73 37.95 30.81
C ASP AA 90 21.98 38.06 29.50
N ALA AA 91 20.76 38.61 29.54
CA ALA AA 91 19.93 38.67 28.35
C ALA AA 91 20.47 39.70 27.36
N VAL AA 92 21.02 40.78 27.87
CA VAL AA 92 21.63 41.78 26.99
C VAL AA 92 22.90 41.22 26.38
N THR AA 93 23.65 40.43 27.14
CA THR AA 93 24.84 39.79 26.61
C THR AA 93 24.47 38.76 25.56
N TYR AA 94 23.32 38.10 25.73
CA TYR AA 94 22.81 37.19 24.72
C TYR AA 94 22.40 37.91 23.45
N GLN AA 95 21.68 39.03 23.57
CA GLN AA 95 21.15 39.67 22.38
C GLN AA 95 22.22 40.44 21.64
N LEU AA 96 23.13 41.08 22.37
CA LEU AA 96 24.21 41.81 21.71
C LEU AA 96 25.21 40.85 21.10
N GLY AA 97 25.37 39.68 21.68
CA GLY AA 97 26.29 38.70 21.12
C GLY AA 97 25.79 38.14 19.80
N PHE AA 98 24.49 37.86 19.72
CA PHE AA 98 23.91 37.38 18.48
C PHE AA 98 23.91 38.46 17.41
N HIS AA 99 23.68 39.71 17.83
CA HIS AA 99 23.55 40.79 16.87
C HIS AA 99 24.90 41.14 16.23
N SER AA 100 25.98 41.01 16.99
CA SER AA 100 27.28 41.42 16.49
C SER AA 100 27.89 40.38 15.57
N ILE AA 101 27.63 39.10 15.84
CA ILE AA 101 28.11 38.03 14.95
C ILE AA 101 27.43 38.15 13.60
N GLU AA 102 26.13 38.40 13.61
CA GLU AA 102 25.36 38.56 12.38
C GLU AA 102 25.81 39.76 11.59
N LEU AA 103 26.17 40.85 12.27
CA LEU AA 103 26.59 42.05 11.57
C LEU AA 103 28.09 42.03 11.29
N ASN AA 104 28.82 41.13 11.96
CA ASN AA 104 30.22 40.78 11.67
C ASN AA 104 31.15 41.98 11.90
N GLU AA 105 30.80 42.80 12.88
CA GLU AA 105 31.59 43.96 13.28
C GLU AA 105 31.52 44.08 14.80
N PRO AA 106 32.49 44.75 15.41
CA PRO AA 106 32.34 45.13 16.82
C PRO AA 106 31.22 46.14 17.00
N PRO AA 107 30.37 45.95 18.01
CA PRO AA 107 29.14 46.75 18.09
C PRO AA 107 29.38 48.13 18.66
N LEU AA 108 28.30 48.89 18.82
CA LEU AA 108 28.38 50.24 19.33
C LEU AA 108 27.99 50.23 20.80
N VAL AA 109 28.59 51.13 21.56
CA VAL AA 109 28.25 51.26 22.97
C VAL AA 109 26.85 51.83 23.12
N HIS AA 110 26.46 52.71 22.20
CA HIS AA 110 25.10 53.24 22.22
C HIS AA 110 24.08 52.18 21.88
N THR AA 111 24.47 51.17 21.09
CA THR AA 111 23.55 50.08 20.79
C THR AA 111 23.29 49.24 22.03
N ALA AA 112 24.33 48.99 22.81
CA ALA AA 112 24.18 48.22 24.04
C ALA AA 112 23.42 49.00 25.10
N ALA AA 113 23.54 50.33 25.08
CA ALA AA 113 22.79 51.13 26.03
C ALA AA 113 21.31 51.15 25.69
N SER AA 114 20.98 50.96 24.42
CA SER AA 114 19.57 50.92 24.03
C SER AA 114 18.90 49.66 24.55
N LEU AA 115 19.65 48.57 24.63
CA LEU AA 115 19.04 47.29 24.98
C LEU AA 115 18.70 47.23 26.47
N PHE AA 116 19.52 47.86 27.30
CA PHE AA 116 19.15 47.98 28.71
C PHE AA 116 17.94 48.89 28.88
N LYS AA 117 17.79 49.88 28.00
CA LYS AA 117 16.67 50.80 28.12
C LYS AA 117 15.36 50.10 27.78
N GLU AA 118 15.37 49.22 26.77
CA GLU AA 118 14.15 48.60 26.33
C GLU AA 118 13.62 47.60 27.34
N MET AA 119 14.50 46.94 28.06
CA MET AA 119 14.03 45.99 29.06
C MET AA 119 13.60 46.70 30.34
N CYS AA 120 14.38 47.67 30.79
CA CYS AA 120 14.08 48.32 32.06
C CYS AA 120 12.90 49.26 31.95
N TYR AA 121 12.57 49.73 30.76
CA TYR AA 121 11.35 50.52 30.63
C TYR AA 121 10.12 49.64 30.53
N ARG AA 122 10.25 48.50 29.85
CA ARG AA 122 9.12 47.61 29.69
C ARG AA 122 8.75 46.95 31.00
N TYR AA 123 9.73 46.65 31.83
CA TYR AA 123 9.45 45.96 33.08
C TYR AA 123 9.83 46.86 34.25
N ARG AA 124 9.52 48.14 34.13
CA ARG AA 124 9.83 49.09 35.19
C ARG AA 124 8.99 48.88 36.43
N GLU AA 125 7.88 48.15 36.32
CA GLU AA 125 7.08 47.77 37.46
C GLU AA 125 7.62 46.57 38.19
N ASP AA 126 8.63 45.89 37.63
CA ASP AA 126 9.09 44.62 38.16
C ASP AA 126 10.59 44.57 38.37
N LEU AA 127 11.31 45.64 38.03
CA LEU AA 127 12.76 45.66 38.13
C LEU AA 127 13.19 46.88 38.91
N MET AA 128 14.09 46.67 39.88
CA MET AA 128 14.75 47.76 40.59
C MET AA 128 16.23 47.66 40.23
N ALA AA 129 16.60 48.31 39.13
CA ALA AA 129 17.93 48.20 38.58
C ALA AA 129 18.47 49.56 38.20
N GLY AA 130 19.71 49.81 38.58
CA GLY AA 130 20.41 51.00 38.16
C GLY AA 130 21.69 50.61 37.47
N ILE AA 131 21.79 50.90 36.18
CA ILE AA 131 22.91 50.42 35.38
C ILE AA 131 23.67 51.61 34.82
N ILE AA 132 24.99 51.55 34.90
CA ILE AA 132 25.85 52.46 34.16
C ILE AA 132 26.59 51.64 33.13
N ILE AA 133 26.36 51.94 31.86
CA ILE AA 133 27.07 51.29 30.76
C ILE AA 133 28.18 52.23 30.33
N ALA AA 134 29.39 51.69 30.21
CA ALA AA 134 30.52 52.49 29.76
C ALA AA 134 31.45 51.57 28.99
N GLY AA 135 31.87 52.01 27.81
CA GLY AA 135 32.78 51.21 27.01
C GLY AA 135 33.39 52.02 25.89
N TRP AA 136 34.48 51.48 25.35
CA TRP AA 136 35.15 52.10 24.21
C TRP AA 136 34.50 51.62 22.93
N ASP AA 137 34.44 52.51 21.95
CA ASP AA 137 33.87 52.19 20.66
C ASP AA 137 34.78 52.72 19.56
N PRO AA 138 34.92 51.98 18.45
CA PRO AA 138 35.81 52.44 17.37
C PRO AA 138 35.27 53.63 16.63
N GLN AA 139 33.96 53.82 16.62
CA GLN AA 139 33.36 54.91 15.85
C GLN AA 139 33.48 56.21 16.64
N GLU AA 140 33.20 56.16 17.94
CA GLU AA 140 33.02 57.36 18.74
C GLU AA 140 33.85 57.36 20.02
N GLY AA 141 34.93 56.60 20.08
CA GLY AA 141 35.81 56.64 21.24
C GLY AA 141 35.23 56.05 22.50
N GLY AA 142 35.26 56.82 23.58
CA GLY AA 142 34.79 56.34 24.87
C GLY AA 142 33.50 57.03 25.26
N GLN AA 143 32.57 56.25 25.80
CA GLN AA 143 31.21 56.72 26.09
C GLN AA 143 30.77 56.22 27.44
N VAL AA 144 29.95 56.99 28.14
CA VAL AA 144 29.38 56.60 29.43
C VAL AA 144 27.90 56.92 29.39
N TYR AA 145 27.07 55.92 29.67
CA TYR AA 145 25.63 56.11 29.72
C TYR AA 145 25.09 55.78 31.10
N SER AA 146 23.87 56.23 31.37
CA SER AA 146 23.25 56.05 32.68
C SER AA 146 21.82 55.60 32.47
N VAL AA 147 21.49 54.42 32.97
CA VAL AA 147 20.11 53.94 32.90
C VAL AA 147 19.64 53.79 34.34
N PRO AA 148 19.00 54.79 34.91
CA PRO AA 148 18.50 54.67 36.28
C PRO AA 148 17.21 53.89 36.33
N MET AA 149 16.61 53.82 37.52
CA MET AA 149 15.53 52.88 37.79
C MET AA 149 14.23 53.20 37.05
N GLY AA 150 14.08 54.39 36.49
CA GLY AA 150 12.91 54.66 35.69
C GLY AA 150 12.98 53.99 34.34
N GLY AA 151 14.16 53.99 33.74
CA GLY AA 151 14.32 53.39 32.44
C GLY AA 151 14.62 54.41 31.36
N MET AA 152 15.21 55.54 31.75
CA MET AA 152 15.67 56.52 30.80
C MET AA 152 17.14 56.28 30.49
N MET AA 153 17.69 57.10 29.59
CA MET AA 153 19.05 56.90 29.11
C MET AA 153 19.64 58.24 28.77
N VAL AA 154 20.87 58.50 29.22
CA VAL AA 154 21.50 59.80 29.01
C VAL AA 154 23.02 59.61 29.00
N ARG AA 155 23.69 60.22 28.03
CA ARG AA 155 25.14 60.18 27.95
C ARG AA 155 25.70 61.24 28.88
N GLN AA 156 26.75 60.89 29.62
CA GLN AA 156 27.41 61.83 30.51
C GLN AA 156 28.92 61.72 30.38
N SER AA 157 29.61 62.73 30.88
CA SER AA 157 31.06 62.67 30.94
C SER AA 157 31.51 61.79 32.09
N PHE AA 158 30.96 62.03 33.27
CA PHE AA 158 31.12 61.12 34.39
C PHE AA 158 29.74 60.79 34.94
N ALA AA 159 29.62 59.63 35.55
CA ALA AA 159 28.33 59.13 36.02
C ALA AA 159 28.54 58.26 37.25
N ILE AA 160 27.77 58.52 38.30
CA ILE AA 160 27.84 57.75 39.53
C ILE AA 160 26.45 57.21 39.83
N GLY AA 161 26.42 56.21 40.70
CA GLY AA 161 25.15 55.59 41.06
C GLY AA 161 25.33 54.69 42.26
N GLY AA 162 24.20 54.23 42.77
CA GLY AA 162 24.20 53.35 43.91
C GLY AA 162 23.74 54.05 45.17
N SER AA 163 23.68 53.27 46.24
CA SER AA 163 23.19 53.74 47.52
C SER AA 163 24.17 54.63 48.23
N GLY AA 164 25.45 54.56 47.89
CA GLY AA 164 26.43 55.37 48.58
C GLY AA 164 26.82 56.56 47.74
N SER AA 165 26.21 56.70 46.58
CA SER AA 165 26.59 57.76 45.66
C SER AA 165 26.06 59.12 46.07
N SER AA 166 25.18 59.18 47.05
CA SER AA 166 24.65 60.46 47.48
C SER AA 166 25.62 61.25 48.34
N TYR AA 167 26.73 60.64 48.73
CA TYR AA 167 27.63 61.24 49.70
C TYR AA 167 28.83 61.89 49.04
N ILE AA 168 28.94 61.80 47.72
CA ILE AA 168 30.12 62.26 47.01
C ILE AA 168 29.73 63.18 45.88
N TYR AA 169 28.50 63.69 45.92
CA TYR AA 169 28.05 64.67 44.94
C TYR AA 169 28.87 65.95 45.00
N GLY AA 170 29.13 66.45 46.20
CA GLY AA 170 29.89 67.67 46.33
C GLY AA 170 31.35 67.49 45.98
N TYR AA 171 31.90 66.32 46.29
CA TYR AA 171 33.30 66.08 45.97
C TYR AA 171 33.52 65.93 44.48
N VAL AA 172 32.61 65.22 43.80
CA VAL AA 172 32.81 64.95 42.38
C VAL AA 172 32.58 66.20 41.53
N ASP AA 173 31.88 67.20 42.06
CA ASP AA 173 31.62 68.42 41.32
C ASP AA 173 32.73 69.43 41.44
N ALA AA 174 33.46 69.43 42.54
CA ALA AA 174 34.56 70.35 42.73
C ALA AA 174 35.89 69.78 42.30
N THR AA 175 35.97 68.49 42.03
CA THR AA 175 37.23 67.86 41.69
C THR AA 175 37.33 67.51 40.22
N TYR AA 176 36.20 67.28 39.55
CA TYR AA 176 36.23 66.95 38.13
C TYR AA 176 36.67 68.16 37.31
N ARG AA 177 37.60 67.92 36.42
CA ARG AA 177 38.13 68.93 35.52
C ARG AA 177 38.24 68.33 34.14
N GLU AA 178 37.86 69.08 33.12
CA GLU AA 178 37.74 68.53 31.79
C GLU AA 178 39.10 68.43 31.13
N GLY AA 179 39.44 67.24 30.64
CA GLY AA 179 40.66 67.04 29.89
C GLY AA 179 41.69 66.23 30.62
N MET AA 180 41.25 65.31 31.47
CA MET AA 180 42.14 64.51 32.30
C MET AA 180 42.82 63.43 31.45
N THR AA 181 43.94 62.95 31.95
CA THR AA 181 44.59 61.79 31.34
C THR AA 181 43.98 60.52 31.90
N LYS AA 182 44.56 59.38 31.60
CA LYS AA 182 44.07 58.13 32.15
C LYS AA 182 44.42 57.99 33.62
N GLU AA 183 45.67 58.28 33.99
CA GLU AA 183 46.12 58.07 35.36
C GLU AA 183 45.48 59.05 36.32
N GLU AA 184 45.10 60.22 35.81
CA GLU AA 184 44.35 61.15 36.65
C GLU AA 184 42.96 60.61 36.95
N CYS AA 185 42.34 59.95 35.97
CA CYS AA 185 41.02 59.37 36.19
C CYS AA 185 41.08 58.18 37.12
N LEU AA 186 42.15 57.38 37.05
CA LEU AA 186 42.33 56.29 38.00
C LEU AA 186 42.51 56.82 39.42
N GLN AA 187 43.23 57.92 39.56
CA GLN AA 187 43.37 58.52 40.87
C GLN AA 187 42.07 59.19 41.29
N PHE AA 188 41.31 59.69 40.31
CA PHE AA 188 40.07 60.40 40.62
C PHE AA 188 39.01 59.44 41.14
N THR AA 189 38.81 58.31 40.48
CA THR AA 189 37.80 57.37 40.92
C THR AA 189 38.22 56.63 42.18
N ALA AA 190 39.52 56.55 42.43
CA ALA AA 190 39.99 55.87 43.63
C ALA AA 190 39.66 56.69 44.87
N ASN AA 191 39.83 58.00 44.80
CA ASN AA 191 39.48 58.83 45.94
C ASN AA 191 37.98 58.94 46.11
N ALA AA 192 37.24 58.89 45.01
CA ALA AA 192 35.80 59.06 45.08
C ALA AA 192 35.12 57.85 45.71
N LEU AA 193 35.59 56.66 45.37
CA LEU AA 193 35.00 55.47 45.97
C LEU AA 193 35.44 55.30 47.42
N ALA AA 194 36.64 55.78 47.76
CA ALA AA 194 37.16 55.59 49.10
C ALA AA 194 36.40 56.42 50.11
N LEU AA 195 35.87 57.56 49.69
CA LEU AA 195 35.11 58.41 50.60
C LEU AA 195 33.75 57.80 50.91
N ALA AA 196 33.06 57.26 49.91
CA ALA AA 196 31.72 56.73 50.13
C ALA AA 196 31.76 55.44 50.91
N MET AA 197 32.80 54.62 50.71
CA MET AA 197 32.98 53.40 51.49
C MET AA 197 33.19 53.71 52.96
N GLU AA 198 33.92 54.79 53.26
CA GLU AA 198 34.16 55.20 54.63
C GLU AA 198 32.88 55.67 55.31
N ARG AA 199 32.06 56.43 54.58
CA ARG AA 199 30.96 57.13 55.21
C ARG AA 199 29.67 56.30 55.19
N ASP AA 200 29.41 55.62 54.08
CA ASP AA 200 28.22 54.78 54.01
C ASP AA 200 28.49 53.43 54.67
N GLY AA 201 27.46 52.88 55.31
CA GLY AA 201 27.59 51.55 55.87
C GLY AA 201 27.37 50.43 54.88
N SER AA 202 26.51 50.66 53.89
CA SER AA 202 26.21 49.62 52.93
C SER AA 202 27.32 49.44 51.90
N SER AA 203 28.23 50.40 51.81
CA SER AA 203 29.32 50.32 50.86
C SER AA 203 30.64 50.07 51.59
N GLY AA 204 31.48 49.24 50.99
CA GLY AA 204 32.78 48.95 51.55
C GLY AA 204 33.43 47.75 50.90
N GLY AA 205 34.28 47.05 51.63
CA GLY AA 205 34.93 45.89 51.04
C GLY AA 205 36.22 46.28 50.37
N VAL AA 206 36.29 46.08 49.06
CA VAL AA 206 37.51 46.32 48.30
C VAL AA 206 37.12 47.07 47.04
N ILE AA 207 38.08 47.72 46.40
CA ILE AA 207 37.81 48.54 45.23
C ILE AA 207 38.24 47.79 43.98
N ARG AA 208 37.32 47.68 43.02
CA ARG AA 208 37.62 47.08 41.74
C ARG AA 208 37.60 48.15 40.67
N LEU AA 209 38.65 48.18 39.86
CA LEU AA 209 38.79 49.18 38.81
C LEU AA 209 38.99 48.47 37.48
N ALA AA 210 38.69 49.19 36.40
CA ALA AA 210 38.78 48.64 35.05
C ALA AA 210 38.92 49.81 34.09
N ALA AA 211 39.98 49.79 33.28
CA ALA AA 211 40.20 50.82 32.28
C ALA AA 211 40.06 50.21 30.90
N ILE AA 212 39.01 50.60 30.18
CA ILE AA 212 38.74 50.10 28.85
C ILE AA 212 39.28 51.10 27.85
N ALA AA 213 40.06 50.62 26.88
CA ALA AA 213 40.60 51.49 25.86
C ALA AA 213 40.57 50.75 24.52
N GLU AA 214 41.19 51.36 23.51
CA GLU AA 214 41.32 50.71 22.22
C GLU AA 214 42.20 49.49 22.30
N SER AA 215 43.24 49.54 23.12
CA SER AA 215 44.18 48.42 23.23
C SER AA 215 43.55 47.25 23.95
N GLY AA 216 43.19 47.43 25.22
CA GLY AA 216 42.75 46.30 26.01
C GLY AA 216 41.89 46.75 27.17
N VAL AA 217 41.70 45.83 28.09
CA VAL AA 217 41.01 46.09 29.35
C VAL AA 217 42.00 45.82 30.48
N GLU AA 218 42.23 46.82 31.32
CA GLU AA 218 43.18 46.72 32.42
C GLU AA 218 42.39 46.70 33.72
N ARG AA 219 42.37 45.56 34.39
CA ARG AA 219 41.58 45.39 35.60
C ARG AA 219 42.51 45.27 36.80
N GLN AA 220 42.17 45.95 37.88
CA GLN AA 220 43.01 45.95 39.06
C GLN AA 220 42.17 46.15 40.32
N VAL AA 221 42.72 45.71 41.45
CA VAL AA 221 42.03 45.71 42.73
C VAL AA 221 42.90 46.42 43.74
N LEU AA 222 42.37 47.46 44.36
CA LEU AA 222 43.15 48.33 45.22
C LEU AA 222 42.62 48.31 46.66
N LEU AA 223 43.31 49.06 47.51
CA LEU AA 223 42.83 49.45 48.83
C LEU AA 223 43.57 50.72 49.25
N GLY AA 224 42.78 51.71 49.67
CA GLY AA 224 43.32 53.00 50.05
C GLY AA 224 42.80 54.16 49.21
N THR BA 43 18.41 24.70 60.55
CA THR BA 43 19.08 24.22 59.36
C THR BA 43 20.39 24.94 59.18
N THR BA 44 21.47 24.19 59.04
CA THR BA 44 22.81 24.77 58.94
C THR BA 44 23.60 23.97 57.91
N ILE BA 45 23.95 24.62 56.82
CA ILE BA 45 24.76 24.00 55.78
C ILE BA 45 25.96 24.89 55.50
N ALA BA 46 27.05 24.26 55.07
CA ALA BA 46 28.26 24.99 54.75
C ALA BA 46 29.01 24.22 53.67
N GLY BA 47 30.16 24.71 53.29
CA GLY BA 47 30.95 24.13 52.22
C GLY BA 47 32.20 24.96 52.01
N VAL BA 48 33.25 24.30 51.55
CA VAL BA 48 34.56 24.95 51.44
C VAL BA 48 35.32 24.28 50.31
N VAL BA 49 36.31 24.98 49.77
CA VAL BA 49 37.16 24.46 48.71
C VAL BA 49 38.58 24.34 49.26
N TYR BA 50 39.12 23.12 49.30
CA TYR BA 50 40.51 22.95 49.65
C TYR BA 50 41.30 22.72 48.37
N LYS BA 51 42.59 22.37 48.50
CA LYS BA 51 43.52 22.35 47.39
C LYS BA 51 43.15 21.35 46.30
N ASP BA 52 42.42 20.29 46.64
CA ASP BA 52 42.08 19.31 45.62
C ASP BA 52 40.59 19.29 45.35
N GLY BA 53 39.79 19.14 46.39
CA GLY BA 53 38.38 18.93 46.21
C GLY BA 53 37.51 19.95 46.91
N ILE BA 54 36.33 19.48 47.32
CA ILE BA 54 35.30 20.28 47.95
C ILE BA 54 34.70 19.46 49.08
N VAL BA 55 34.58 20.05 50.26
CA VAL BA 55 33.95 19.40 51.40
C VAL BA 55 32.63 20.10 51.67
N LEU BA 56 31.56 19.33 51.73
CA LEU BA 56 30.23 19.82 52.09
C LEU BA 56 29.85 19.29 53.47
N GLY BA 57 28.83 19.90 54.06
CA GLY BA 57 28.40 19.49 55.38
C GLY BA 57 27.05 20.04 55.83
N ALA BA 58 26.34 19.28 56.66
CA ALA BA 58 25.01 19.68 57.12
C ALA BA 58 24.69 18.91 58.40
N ASP BA 59 23.68 19.41 59.11
CA ASP BA 59 23.08 18.70 60.23
C ASP BA 59 21.94 17.81 59.75
N THR BA 60 21.32 17.09 60.67
CA THR BA 60 20.16 16.26 60.37
C THR BA 60 19.02 16.60 61.32
N ARG BA 61 18.30 17.68 61.03
CA ARG BA 61 17.15 18.02 61.86
C ARG BA 61 16.16 18.85 61.06
N ALA BA 62 14.92 18.39 61.02
CA ALA BA 62 13.82 19.12 60.37
C ALA BA 62 12.79 19.43 61.45
N THR BA 63 12.68 20.70 61.81
CA THR BA 63 11.68 21.11 62.78
C THR BA 63 10.42 21.58 62.08
N GLU BA 64 9.29 21.32 62.70
CA GLU BA 64 7.99 21.78 62.21
C GLU BA 64 7.43 22.75 63.25
N GLY BA 65 7.61 24.04 62.99
CA GLY BA 65 7.26 25.03 63.98
C GLY BA 65 8.35 25.08 65.03
N MET BA 66 8.03 24.70 66.27
CA MET BA 66 9.05 24.60 67.30
C MET BA 66 9.17 23.19 67.85
N VAL BA 67 8.73 22.19 67.10
CA VAL BA 67 8.78 20.79 67.52
C VAL BA 67 9.67 20.04 66.55
N VAL BA 68 10.60 19.24 67.08
CA VAL BA 68 11.51 18.47 66.23
C VAL BA 68 10.73 17.37 65.55
N ALA BA 69 10.57 17.48 64.24
CA ALA BA 69 9.84 16.47 63.50
C ALA BA 69 10.71 15.34 62.99
N ASP BA 70 12.03 15.53 62.92
CA ASP BA 70 12.91 14.49 62.42
C ASP BA 70 14.24 14.60 63.11
N LYS BA 71 14.66 13.51 63.75
CA LYS BA 71 15.97 13.44 64.38
C LYS BA 71 17.07 13.11 63.38
N ASN BA 72 16.71 12.65 62.19
CA ASN BA 72 17.70 12.27 61.18
C ASN BA 72 17.08 12.54 59.81
N CYS BA 73 17.37 13.71 59.27
CA CYS BA 73 16.98 14.04 57.91
C CYS BA 73 18.14 13.74 56.96
N SER BA 74 18.04 14.28 55.75
CA SER BA 74 19.08 14.07 54.74
C SER BA 74 19.07 15.30 53.83
N LYS BA 75 20.06 16.17 54.01
CA LYS BA 75 20.03 17.44 53.29
C LYS BA 75 21.16 17.60 52.27
N ILE BA 76 21.98 16.58 52.05
CA ILE BA 76 22.97 16.62 50.97
C ILE BA 76 22.39 15.81 49.81
N HIS BA 77 22.17 16.46 48.67
CA HIS BA 77 21.47 15.82 47.59
C HIS BA 77 22.42 15.43 46.46
N PHE BA 78 21.98 14.46 45.66
CA PHE BA 78 22.71 14.02 44.48
C PHE BA 78 22.31 14.90 43.30
N ILE BA 79 23.30 15.27 42.49
CA ILE BA 79 23.01 15.91 41.20
C ILE BA 79 23.64 15.08 40.10
N SER BA 80 24.94 14.88 40.20
CA SER BA 80 25.70 14.12 39.20
C SER BA 80 26.78 13.37 39.96
N PRO BA 81 27.48 12.43 39.30
CA PRO BA 81 28.62 11.78 39.98
C PRO BA 81 29.78 12.71 40.33
N ASN BA 82 29.77 13.97 39.93
CA ASN BA 82 30.76 14.92 40.38
C ASN BA 82 30.20 16.16 41.06
N ILE BA 83 28.88 16.34 41.09
CA ILE BA 83 28.26 17.52 41.66
C ILE BA 83 27.22 17.07 42.68
N TYR BA 84 27.33 17.57 43.91
CA TYR BA 84 26.25 17.46 44.89
C TYR BA 84 25.73 18.84 45.24
N CYS BA 85 24.70 18.86 46.08
CA CYS BA 85 24.07 20.11 46.48
C CYS BA 85 23.48 19.95 47.88
N CYS BA 86 23.40 21.06 48.58
CA CYS BA 86 22.80 21.14 49.91
C CYS BA 86 21.68 22.17 49.87
N GLY BA 87 20.62 21.91 50.63
CA GLY BA 87 19.46 22.78 50.58
C GLY BA 87 19.03 23.32 51.92
N ALA BA 88 18.27 24.41 51.92
CA ALA BA 88 17.80 25.01 53.15
C ALA BA 88 16.47 25.69 52.87
N GLY BA 89 15.83 26.15 53.94
CA GLY BA 89 14.54 26.81 53.81
C GLY BA 89 13.38 25.85 53.72
N THR BA 90 12.56 26.00 52.69
CA THR BA 90 11.40 25.13 52.53
C THR BA 90 11.84 23.73 52.14
N ALA BA 91 11.24 22.74 52.78
CA ALA BA 91 11.66 21.35 52.62
C ALA BA 91 11.30 20.80 51.24
N ALA BA 92 10.03 20.89 50.87
CA ALA BA 92 9.58 20.28 49.63
C ALA BA 92 10.07 21.05 48.40
N ASP BA 93 10.26 22.35 48.54
CA ASP BA 93 10.68 23.15 47.39
C ASP BA 93 12.14 22.90 47.06
N THR BA 94 12.93 22.48 48.04
CA THR BA 94 14.30 22.10 47.73
C THR BA 94 14.38 20.68 47.20
N ASP BA 95 13.43 19.84 47.59
CA ASP BA 95 13.39 18.47 47.08
C ASP BA 95 13.05 18.44 45.59
N MET BA 96 11.94 19.08 45.22
CA MET BA 96 11.44 18.92 43.86
C MET BA 96 12.26 19.72 42.86
N THR BA 97 12.97 20.74 43.35
CA THR BA 97 13.86 21.48 42.47
C THR BA 97 15.10 20.66 42.16
N THR BA 98 15.72 20.09 43.20
CA THR BA 98 17.00 19.43 43.01
C THR BA 98 16.84 18.08 42.31
N GLN BA 99 15.61 17.55 42.26
CA GLN BA 99 15.39 16.34 41.48
C GLN BA 99 15.18 16.67 40.02
N LEU BA 100 14.64 17.85 39.74
CA LEU BA 100 14.41 18.27 38.38
C LEU BA 100 15.71 18.56 37.66
N ILE BA 101 16.63 19.23 38.35
CA ILE BA 101 17.90 19.60 37.73
C ILE BA 101 18.80 18.39 37.58
N SER BA 102 18.71 17.45 38.53
CA SER BA 102 19.46 16.21 38.41
C SER BA 102 18.89 15.35 37.29
N SER BA 103 17.61 15.54 36.97
CA SER BA 103 17.05 14.88 35.80
C SER BA 103 17.62 15.46 34.51
N ASN BA 104 17.67 16.79 34.41
CA ASN BA 104 18.05 17.41 33.15
C ASN BA 104 19.54 17.27 32.88
N LEU BA 105 20.37 17.33 33.91
CA LEU BA 105 21.81 17.16 33.68
C LEU BA 105 22.14 15.72 33.34
N GLU BA 106 21.40 14.77 33.90
CA GLU BA 106 21.56 13.40 33.46
C GLU BA 106 21.10 13.25 32.02
N LEU BA 107 20.05 13.98 31.65
CA LEU BA 107 19.59 14.00 30.27
C LEU BA 107 20.61 14.70 29.36
N HIS BA 108 21.20 15.80 29.83
CA HIS BA 108 22.16 16.54 29.02
C HIS BA 108 23.45 15.77 28.84
N SER BA 109 24.02 15.26 29.93
CA SER BA 109 25.31 14.60 29.87
C SER BA 109 25.23 13.24 29.19
N LEU BA 110 24.05 12.65 29.13
CA LEU BA 110 23.94 11.41 28.39
C LEU BA 110 23.83 11.68 26.90
N SER BA 111 23.42 12.90 26.54
CA SER BA 111 23.37 13.28 25.14
C SER BA 111 24.74 13.70 24.62
N THR BA 112 25.44 14.55 25.37
CA THR BA 112 26.80 14.93 25.00
C THR BA 112 27.74 13.77 25.17
N GLY BA 113 27.51 12.96 26.18
CA GLY BA 113 28.35 11.83 26.44
C GLY BA 113 29.64 12.16 27.15
N ARG BA 114 29.77 13.32 27.77
CA ARG BA 114 31.07 13.64 28.33
C ARG BA 114 31.10 13.72 29.85
N LEU BA 115 30.46 14.75 30.42
CA LEU BA 115 30.57 15.05 31.84
C LEU BA 115 29.68 16.27 32.07
N PRO BA 116 29.02 16.37 33.21
CA PRO BA 116 28.35 17.63 33.54
C PRO BA 116 29.35 18.68 33.96
N ARG BA 117 28.92 19.93 33.93
CA ARG BA 117 29.72 21.04 34.42
C ARG BA 117 28.94 21.83 35.45
N VAL BA 118 29.67 22.37 36.42
CA VAL BA 118 29.06 23.05 37.55
C VAL BA 118 28.41 24.37 37.11
N VAL BA 119 28.99 25.04 36.13
CA VAL BA 119 28.39 26.26 35.60
C VAL BA 119 27.08 25.97 34.88
N THR BA 120 26.90 24.76 34.37
CA THR BA 120 25.63 24.41 33.77
C THR BA 120 24.56 24.22 34.83
N ALA BA 121 24.93 23.60 35.95
CA ALA BA 121 23.99 23.44 37.05
C ALA BA 121 23.67 24.78 37.69
N ASN BA 122 24.62 25.70 37.66
CA ASN BA 122 24.37 27.03 38.17
C ASN BA 122 23.41 27.79 37.26
N ARG BA 123 23.57 27.61 35.95
CA ARG BA 123 22.78 28.42 35.02
C ARG BA 123 21.34 27.92 34.95
N MET BA 124 21.13 26.61 35.09
CA MET BA 124 19.77 26.08 35.09
C MET BA 124 19.01 26.51 36.33
N LEU BA 125 19.70 26.59 37.47
CA LEU BA 125 19.02 26.91 38.71
C LEU BA 125 18.63 28.36 38.79
N LYS BA 126 19.54 29.28 38.44
CA LYS BA 126 19.21 30.69 38.60
C LYS BA 126 18.20 31.13 37.56
N GLN BA 127 18.10 30.43 36.44
CA GLN BA 127 17.15 30.81 35.43
C GLN BA 127 15.76 30.30 35.77
N MET BA 128 15.71 29.17 36.49
CA MET BA 128 14.42 28.66 36.94
C MET BA 128 13.87 29.47 38.10
N LEU BA 129 14.71 29.77 39.09
CA LEU BA 129 14.22 30.41 40.31
C LEU BA 129 13.82 31.85 40.06
N PHE BA 130 14.49 32.52 39.13
CA PHE BA 130 14.10 33.87 38.78
C PHE BA 130 12.76 33.90 38.05
N ARG BA 131 12.43 32.81 37.34
CA ARG BA 131 11.18 32.77 36.59
C ARG BA 131 9.98 32.72 37.52
N TYR BA 132 10.13 32.12 38.68
CA TYR BA 132 9.04 32.02 39.64
C TYR BA 132 9.01 33.16 40.64
N GLN BA 133 9.75 34.23 40.39
CA GLN BA 133 9.70 35.50 41.12
C GLN BA 133 10.02 35.33 42.61
N GLY BA 134 10.75 34.28 42.96
CA GLY BA 134 11.07 34.07 44.35
C GLY BA 134 9.96 33.48 45.18
N TYR BA 135 8.91 32.96 44.56
CA TYR BA 135 7.87 32.28 45.33
C TYR BA 135 8.22 30.84 45.66
N ILE BA 136 9.42 30.40 45.34
CA ILE BA 136 9.87 29.06 45.65
C ILE BA 136 11.06 29.19 46.58
N GLY BA 137 10.84 28.87 47.86
CA GLY BA 137 11.90 29.00 48.83
C GLY BA 137 12.92 27.89 48.70
N ALA BA 138 14.10 28.23 48.18
CA ALA BA 138 15.17 27.25 47.96
C ALA BA 138 16.51 27.99 48.11
N ALA BA 139 17.15 27.79 49.25
CA ALA BA 139 18.46 28.38 49.50
C ALA BA 139 19.55 27.31 49.38
N LEU BA 140 20.17 27.26 48.23
CA LEU BA 140 21.03 26.13 47.90
C LEU BA 140 22.51 26.45 48.10
N VAL BA 141 23.30 25.40 48.19
CA VAL BA 141 24.75 25.47 48.14
C VAL BA 141 25.21 24.46 47.11
N LEU BA 142 25.79 24.92 46.02
CA LEU BA 142 26.15 24.07 44.91
C LEU BA 142 27.66 23.90 44.86
N GLY BA 143 28.11 22.65 44.78
CA GLY BA 143 29.54 22.40 44.73
C GLY BA 143 29.90 21.16 43.93
N GLY BA 144 30.93 21.26 43.09
CA GLY BA 144 31.36 20.13 42.32
C GLY BA 144 32.68 20.38 41.65
N VAL BA 145 33.25 19.30 41.10
CA VAL BA 145 34.55 19.34 40.45
C VAL BA 145 34.38 19.02 38.98
N ASP BA 146 34.79 19.94 38.11
CA ASP BA 146 34.69 19.82 36.67
C ASP BA 146 36.03 19.42 36.07
N VAL BA 147 36.11 19.45 34.75
CA VAL BA 147 37.38 19.41 34.03
C VAL BA 147 38.24 20.62 34.38
N THR BA 148 37.61 21.77 34.59
CA THR BA 148 38.34 22.97 34.96
C THR BA 148 38.86 22.90 36.38
N GLY BA 149 38.07 22.37 37.31
CA GLY BA 149 38.49 22.29 38.69
C GLY BA 149 37.32 22.39 39.64
N PRO BA 150 37.59 22.58 40.93
CA PRO BA 150 36.51 22.69 41.90
C PRO BA 150 35.82 24.04 41.82
N HIS BA 151 34.53 24.03 42.10
CA HIS BA 151 33.72 25.24 42.05
C HIS BA 151 32.65 25.18 43.12
N LEU BA 152 32.38 26.32 43.75
CA LEU BA 152 31.44 26.36 44.85
C LEU BA 152 30.52 27.56 44.66
N TYR BA 153 29.23 27.36 44.89
CA TYR BA 153 28.20 28.33 44.55
C TYR BA 153 27.18 28.44 45.66
N SER BA 154 26.69 29.65 45.88
CA SER BA 154 25.60 29.91 46.80
C SER BA 154 24.48 30.51 45.97
N ILE BA 155 23.27 29.99 46.15
CA ILE BA 155 22.13 30.39 45.33
C ILE BA 155 21.02 30.86 46.26
N TYR BA 156 20.55 32.07 46.02
CA TYR BA 156 19.47 32.62 46.82
C TYR BA 156 18.14 32.43 46.08
N PRO BA 157 17.02 32.32 46.81
CA PRO BA 157 15.76 31.93 46.16
C PRO BA 157 15.15 32.99 45.25
N HIS BA 158 15.73 34.17 45.14
CA HIS BA 158 15.27 35.10 44.11
C HIS BA 158 16.04 34.93 42.82
N GLY BA 159 17.21 34.30 42.88
CA GLY BA 159 17.96 34.05 41.67
C GLY BA 159 19.38 34.56 41.67
N SER BA 160 19.75 35.29 42.72
CA SER BA 160 21.09 35.84 42.80
C SER BA 160 22.08 34.76 43.23
N THR BA 161 23.18 34.63 42.52
CA THR BA 161 24.17 33.60 42.77
C THR BA 161 25.54 34.21 42.97
N ASP BA 162 26.43 33.45 43.63
CA ASP BA 162 27.78 33.91 43.94
C ASP BA 162 28.76 32.75 43.77
N LYS BA 163 29.99 33.10 43.38
CA LYS BA 163 31.10 32.14 43.32
C LYS BA 163 32.08 32.49 44.43
N LEU BA 164 32.17 31.64 45.44
CA LEU BA 164 32.97 31.95 46.59
C LEU BA 164 33.83 30.77 46.99
N PRO BA 165 34.92 30.99 47.74
CA PRO BA 165 35.68 29.84 48.24
C PRO BA 165 35.03 29.13 49.42
N TYR BA 166 34.15 29.80 50.15
CA TYR BA 166 33.46 29.17 51.27
C TYR BA 166 32.16 29.90 51.55
N VAL BA 167 31.08 29.13 51.75
CA VAL BA 167 29.75 29.69 51.94
C VAL BA 167 29.07 28.96 53.08
N THR BA 168 28.11 29.65 53.72
CA THR BA 168 27.21 29.06 54.70
C THR BA 168 25.80 29.55 54.41
N MET BA 169 24.83 28.64 54.47
CA MET BA 169 23.43 29.02 54.36
C MET BA 169 22.65 28.40 55.52
N GLY BA 170 21.43 28.88 55.71
CA GLY BA 170 20.54 28.33 56.69
C GLY BA 170 20.30 29.26 57.86
N SER BA 171 19.61 28.72 58.86
CA SER BA 171 19.28 29.47 60.07
C SER BA 171 20.52 29.72 60.92
N GLY BA 172 21.30 28.68 61.17
CA GLY BA 172 22.52 28.83 61.93
C GLY BA 172 23.71 29.11 61.05
N SER BA 173 23.50 29.86 59.98
CA SER BA 173 24.59 30.22 59.08
C SER BA 173 25.48 31.31 59.63
N LEU BA 174 24.97 32.16 60.52
CA LEU BA 174 25.81 33.22 61.05
C LEU BA 174 26.83 32.66 62.03
N ALA BA 175 26.44 31.61 62.76
CA ALA BA 175 27.38 30.93 63.64
C ALA BA 175 28.44 30.20 62.84
N ALA BA 176 28.06 29.62 61.70
CA ALA BA 176 29.00 28.84 60.93
C ALA BA 176 30.01 29.72 60.21
N MET BA 177 29.60 30.93 59.85
CA MET BA 177 30.51 31.84 59.16
C MET BA 177 31.57 32.38 60.12
N ALA BA 178 31.26 32.38 61.41
CA ALA BA 178 32.22 32.84 62.41
C ALA BA 178 33.41 31.90 62.50
N VAL BA 179 33.17 30.60 62.36
CA VAL BA 179 34.26 29.63 62.43
C VAL BA 179 35.08 29.67 61.14
N PHE BA 180 34.41 29.79 59.99
CA PHE BA 180 35.11 29.87 58.73
C PHE BA 180 36.02 31.08 58.66
N GLU BA 181 35.56 32.24 59.13
CA GLU BA 181 36.38 33.41 58.95
C GLU BA 181 37.54 33.45 59.94
N ASP BA 182 37.30 33.05 61.18
CA ASP BA 182 38.38 33.00 62.16
C ASP BA 182 39.41 31.92 61.82
N LYS BA 183 38.98 30.85 61.16
CA LYS BA 183 39.85 29.73 60.83
C LYS BA 183 39.68 29.40 59.36
N PHE BA 184 40.52 29.99 58.52
CA PHE BA 184 40.58 29.61 57.12
C PHE BA 184 41.94 30.03 56.59
N ARG BA 185 42.49 29.18 55.73
CA ARG BA 185 43.63 29.56 54.95
C ARG BA 185 43.42 28.95 53.57
N PRO BA 186 43.90 29.59 52.53
CA PRO BA 186 43.83 28.98 51.21
C PRO BA 186 44.76 27.78 51.12
N ASP BA 187 44.40 26.85 50.23
CA ASP BA 187 45.13 25.63 49.93
C ASP BA 187 45.33 24.76 51.16
N MET BA 188 44.24 24.31 51.77
CA MET BA 188 44.32 23.41 52.90
C MET BA 188 44.53 21.98 52.41
N GLU BA 189 44.65 21.08 53.36
CA GLU BA 189 44.66 19.67 53.06
C GLU BA 189 43.26 19.11 53.23
N GLU BA 190 43.09 17.81 52.97
CA GLU BA 190 41.77 17.23 53.08
C GLU BA 190 41.35 17.04 54.54
N GLU BA 191 42.27 16.57 55.38
CA GLU BA 191 41.94 16.38 56.78
C GLU BA 191 41.83 17.70 57.51
N GLU BA 192 42.55 18.72 57.04
CA GLU BA 192 42.40 20.04 57.60
C GLU BA 192 41.03 20.61 57.27
N ALA BA 193 40.55 20.34 56.06
CA ALA BA 193 39.24 20.84 55.65
C ALA BA 193 38.11 20.09 56.33
N LYS BA 194 38.25 18.76 56.46
CA LYS BA 194 37.21 17.97 57.11
C LYS BA 194 37.13 18.30 58.59
N ASN BA 195 38.25 18.67 59.19
CA ASN BA 195 38.20 19.14 60.56
C ASN BA 195 37.54 20.51 60.64
N LEU BA 196 37.68 21.31 59.59
CA LEU BA 196 37.18 22.67 59.64
C LEU BA 196 35.67 22.71 59.49
N VAL BA 197 35.12 21.95 58.55
CA VAL BA 197 33.68 21.99 58.28
C VAL BA 197 32.90 21.39 59.44
N SER BA 198 33.39 20.28 59.99
CA SER BA 198 32.76 19.67 61.14
C SER BA 198 32.82 20.58 62.36
N GLU BA 199 33.86 21.41 62.44
CA GLU BA 199 33.90 22.44 63.47
C GLU BA 199 32.86 23.51 63.22
N ALA BA 200 32.61 23.86 61.95
CA ALA BA 200 31.67 24.93 61.65
C ALA BA 200 30.23 24.47 61.83
N ILE BA 201 29.94 23.21 61.50
CA ILE BA 201 28.61 22.67 61.68
C ILE BA 201 28.29 22.48 63.15
N ALA BA 202 29.29 22.07 63.94
CA ALA BA 202 29.07 21.88 65.37
C ALA BA 202 28.79 23.20 66.06
N ALA BA 203 29.36 24.29 65.54
CA ALA BA 203 29.05 25.61 66.07
C ALA BA 203 27.62 26.01 65.73
N GLY BA 204 27.12 25.56 64.59
CA GLY BA 204 25.73 25.82 64.25
C GLY BA 204 24.76 25.04 65.10
N ILE BA 205 25.15 23.89 65.61
CA ILE BA 205 24.25 23.07 66.41
C ILE BA 205 24.14 23.60 67.83
N PHE BA 206 25.29 23.83 68.45
CA PHE BA 206 25.36 24.20 69.86
C PHE BA 206 24.99 25.65 70.13
N ASN BA 207 24.71 26.45 69.11
CA ASN BA 207 24.42 27.87 69.32
C ASN BA 207 23.18 28.30 68.55
N ASP BA 208 22.27 27.38 68.25
CA ASP BA 208 21.11 27.69 67.46
C ASP BA 208 20.04 26.65 67.75
N LEU BA 209 18.78 27.04 67.63
CA LEU BA 209 17.68 26.15 67.91
C LEU BA 209 17.17 25.40 66.69
N GLY BA 210 17.64 25.76 65.49
CA GLY BA 210 17.26 25.02 64.31
C GLY BA 210 18.17 23.87 63.95
N SER BA 211 19.24 23.66 64.70
CA SER BA 211 20.20 22.62 64.39
C SER BA 211 20.49 21.82 65.65
N GLY BA 212 20.20 20.51 65.59
CA GLY BA 212 20.32 19.73 66.80
C GLY BA 212 20.77 18.29 66.72
N SER BA 213 21.49 17.86 65.68
CA SER BA 213 21.74 16.42 65.54
C SER BA 213 23.07 16.08 64.89
N ASN BA 214 23.14 14.89 64.30
CA ASN BA 214 24.32 14.32 63.68
C ASN BA 214 24.84 15.20 62.56
N ILE BA 215 26.12 14.99 62.24
CA ILE BA 215 26.82 15.78 61.23
C ILE BA 215 27.05 14.90 60.02
N ASP BA 216 26.70 15.41 58.85
CA ASP BA 216 26.98 14.75 57.59
C ASP BA 216 28.18 15.44 56.96
N LEU BA 217 28.94 14.71 56.14
CA LEU BA 217 29.94 15.33 55.29
C LEU BA 217 29.88 14.71 53.90
N CYS BA 218 30.60 15.34 52.98
CA CYS BA 218 30.83 14.80 51.66
C CYS BA 218 32.08 15.44 51.07
N VAL BA 219 33.03 14.62 50.64
CA VAL BA 219 34.25 15.10 50.02
C VAL BA 219 34.21 14.72 48.55
N ILE BA 220 34.32 15.72 47.67
CA ILE BA 220 34.33 15.48 46.24
C ILE BA 220 35.66 15.91 45.69
N SER BA 221 36.59 14.97 45.52
CA SER BA 221 37.87 15.32 44.91
C SER BA 221 37.76 15.10 43.41
N LYS BA 222 38.90 15.14 42.71
CA LYS BA 222 38.91 14.94 41.28
C LYS BA 222 38.59 13.51 40.88
N ASN BA 223 38.79 12.54 41.77
CA ASN BA 223 38.52 11.16 41.45
C ASN BA 223 37.73 10.45 42.55
N LYS BA 224 37.86 10.92 43.78
CA LYS BA 224 37.26 10.24 44.92
C LYS BA 224 35.98 10.96 45.36
N LEU BA 225 34.93 10.19 45.61
CA LEU BA 225 33.67 10.69 46.13
C LEU BA 225 33.36 9.98 47.43
N ASP BA 226 33.54 10.67 48.55
CA ASP BA 226 33.23 10.13 49.87
C ASP BA 226 31.96 10.79 50.37
N PHE BA 227 31.08 9.99 50.97
CA PHE BA 227 29.78 10.46 51.41
C PHE BA 227 29.49 9.80 52.76
N LEU BA 228 29.63 10.56 53.83
CA LEU BA 228 29.71 10.03 55.17
C LEU BA 228 28.52 10.47 55.99
N ARG BA 229 27.48 9.65 56.03
CA ARG BA 229 26.23 10.09 56.65
C ARG BA 229 26.33 10.09 58.18
N PRO BA 230 26.76 9.02 58.89
CA PRO BA 230 27.22 9.29 60.25
C PRO BA 230 28.69 9.71 60.24
N TYR BA 231 28.98 10.98 60.52
CA TYR BA 231 30.36 11.42 60.65
C TYR BA 231 30.70 11.69 62.11
N THR BA 232 29.85 12.41 62.81
CA THR BA 232 30.06 12.71 64.22
C THR BA 232 28.71 12.76 64.90
N VAL BA 233 28.56 12.04 66.00
CA VAL BA 233 27.35 12.10 66.82
C VAL BA 233 27.71 12.89 68.09
N PRO BA 234 27.41 14.19 68.15
CA PRO BA 234 27.79 14.94 69.35
C PRO BA 234 26.79 14.78 70.49
N ASN BA 235 25.54 14.46 70.19
CA ASN BA 235 24.50 14.38 71.21
C ASN BA 235 23.91 12.99 71.22
N LYS BA 236 23.95 12.33 72.37
CA LYS BA 236 23.28 11.06 72.54
C LYS BA 236 21.89 11.25 73.11
N LYS BA 237 21.25 10.15 73.47
CA LYS BA 237 19.98 10.18 74.20
C LYS BA 237 20.21 9.48 75.53
N GLY BA 238 19.70 10.08 76.60
CA GLY BA 238 19.79 9.45 77.90
C GLY BA 238 18.95 8.20 77.98
N THR BA 239 19.35 7.29 78.86
CA THR BA 239 18.69 6.00 78.92
C THR BA 239 17.46 6.06 79.82
N ARG BA 240 16.60 5.06 79.66
CA ARG BA 240 15.36 4.94 80.41
C ARG BA 240 15.65 4.17 81.69
N LEU BA 241 15.13 4.67 82.81
CA LEU BA 241 15.38 4.03 84.10
C LEU BA 241 14.15 3.36 84.67
N GLY BA 242 13.04 3.36 83.94
CA GLY BA 242 11.81 2.79 84.49
C GLY BA 242 11.06 1.88 83.54
N ARG BA 243 10.74 0.68 84.01
CA ARG BA 243 9.89 -0.21 83.23
C ARG BA 243 8.47 0.33 83.23
N TYR BA 244 7.96 0.62 82.04
CA TYR BA 244 6.61 1.14 81.90
C TYR BA 244 5.66 0.13 81.29
N ARG BA 245 6.19 -0.95 80.72
CA ARG BA 245 5.35 -1.94 80.08
C ARG BA 245 4.55 -2.72 81.10
N CYS BA 246 3.24 -2.69 80.95
CA CYS BA 246 2.34 -3.51 81.74
C CYS BA 246 2.17 -4.85 81.05
N GLU BA 247 1.45 -5.75 81.72
CA GLU BA 247 1.20 -7.07 81.17
C GLU BA 247 0.26 -6.97 79.99
N LYS BA 248 0.32 -7.98 79.12
CA LYS BA 248 -0.48 -7.98 77.90
C LYS BA 248 -1.95 -8.22 78.24
N GLY BA 249 -2.80 -7.30 77.83
CA GLY BA 249 -4.21 -7.38 78.16
C GLY BA 249 -4.63 -6.29 79.12
N THR BA 250 -3.81 -5.25 79.24
CA THR BA 250 -4.13 -4.10 80.06
C THR BA 250 -4.94 -3.05 79.30
N THR BA 251 -5.54 -3.41 78.17
CA THR BA 251 -6.31 -2.48 77.36
C THR BA 251 -7.67 -3.09 77.06
N ALA BA 252 -8.73 -2.32 77.29
CA ALA BA 252 -10.08 -2.80 77.04
C ALA BA 252 -10.39 -2.75 75.54
N VAL BA 253 -10.91 -3.85 75.01
CA VAL BA 253 -11.18 -3.98 73.58
C VAL BA 253 -12.67 -4.21 73.41
N LEU BA 254 -13.30 -3.40 72.56
CA LEU BA 254 -14.71 -3.60 72.27
C LEU BA 254 -14.90 -4.72 71.27
N THR BA 255 -14.35 -4.57 70.08
CA THR BA 255 -14.61 -5.50 68.98
C THR BA 255 -13.32 -5.80 68.24
N GLU BA 256 -12.96 -7.08 68.16
CA GLU BA 256 -11.82 -7.53 67.40
C GLU BA 256 -12.30 -8.10 66.06
N LYS BA 257 -11.34 -8.32 65.16
CA LYS BA 257 -11.65 -8.81 63.82
C LYS BA 257 -10.38 -9.41 63.23
N ILE BA 258 -10.50 -10.59 62.62
CA ILE BA 258 -9.36 -11.29 62.05
C ILE BA 258 -9.63 -11.48 60.56
N THR BA 259 -8.65 -11.15 59.73
CA THR BA 259 -8.72 -11.40 58.30
C THR BA 259 -7.44 -12.09 57.86
N PRO BA 260 -7.49 -13.38 57.54
CA PRO BA 260 -6.30 -14.09 57.10
C PRO BA 260 -5.86 -13.65 55.72
N LEU BA 261 -4.57 -13.82 55.46
CA LEU BA 261 -4.03 -13.47 54.15
C LEU BA 261 -3.40 -14.67 53.49
N GLU BA 262 -2.75 -14.46 52.36
CA GLU BA 262 -2.12 -15.54 51.63
C GLU BA 262 -0.61 -15.57 51.89
N SER CA 1 -7.77 26.83 63.69
CA SER CA 1 -7.20 26.98 62.35
C SER CA 1 -7.94 26.15 61.34
N ILE CA 2 -7.41 26.15 60.11
CA ILE CA 2 -8.01 25.37 59.05
C ILE CA 2 -7.77 23.89 59.28
N MET CA 3 -6.61 23.53 59.82
CA MET CA 3 -6.39 22.17 60.26
C MET CA 3 -7.22 21.82 61.48
N SER CA 4 -7.54 22.81 62.31
CA SER CA 4 -8.34 22.58 63.49
C SER CA 4 -9.83 22.73 63.23
N TYR CA 5 -10.24 22.67 61.98
CA TYR CA 5 -11.66 22.85 61.66
C TYR CA 5 -12.46 21.60 61.94
N ASN CA 6 -11.86 20.44 61.81
CA ASN CA 6 -12.58 19.20 62.09
C ASN CA 6 -11.85 18.30 63.07
N GLY CA 7 -10.56 18.46 63.22
CA GLY CA 7 -9.79 17.65 64.15
C GLY CA 7 -9.39 16.34 63.51
N GLY CA 8 -8.54 15.61 64.22
CA GLY CA 8 -8.06 14.35 63.70
C GLY CA 8 -6.73 13.94 64.30
N ALA CA 9 -6.43 12.65 64.26
CA ALA CA 9 -5.20 12.12 64.83
C ALA CA 9 -4.91 10.80 64.13
N VAL CA 10 -3.74 10.69 63.51
CA VAL CA 10 -3.30 9.46 62.86
C VAL CA 10 -1.91 9.12 63.37
N MET CA 11 -1.75 7.91 63.88
CA MET CA 11 -0.46 7.44 64.38
C MET CA 11 -0.13 6.11 63.72
N ALA CA 12 1.13 5.93 63.35
CA ALA CA 12 1.61 4.65 62.83
C ALA CA 12 2.91 4.32 63.54
N MET CA 13 3.05 3.07 63.96
CA MET CA 13 4.19 2.64 64.75
C MET CA 13 4.77 1.36 64.17
N LYS CA 14 6.09 1.33 64.04
CA LYS CA 14 6.79 0.18 63.47
C LYS CA 14 7.13 -0.83 64.57
N GLY CA 15 6.79 -2.08 64.32
CA GLY CA 15 7.10 -3.13 65.27
C GLY CA 15 8.31 -3.95 64.88
N LYS CA 16 8.24 -5.26 65.05
CA LYS CA 16 9.37 -6.14 64.71
C LYS CA 16 9.23 -6.68 63.28
N ASN CA 17 8.20 -7.46 63.03
CA ASN CA 17 7.91 -7.95 61.69
C ASN CA 17 6.50 -7.56 61.29
N CYS CA 18 6.05 -6.40 61.77
CA CYS CA 18 4.66 -6.01 61.72
C CYS CA 18 4.60 -4.51 61.95
N VAL CA 19 3.49 -3.90 61.56
CA VAL CA 19 3.30 -2.46 61.72
C VAL CA 19 1.86 -2.23 62.10
N ALA CA 20 1.62 -1.24 62.95
CA ALA CA 20 0.28 -0.91 63.42
C ALA CA 20 -0.04 0.53 63.10
N ILE CA 21 -1.31 0.80 62.87
CA ILE CA 21 -1.80 2.12 62.52
C ILE CA 21 -3.09 2.37 63.31
N ALA CA 22 -3.35 3.62 63.64
CA ALA CA 22 -4.52 3.95 64.45
C ALA CA 22 -5.03 5.33 64.09
N ALA CA 23 -6.31 5.54 64.38
CA ALA CA 23 -6.94 6.84 64.18
C ALA CA 23 -8.11 6.95 65.14
N ASP CA 24 -8.66 8.16 65.23
CA ASP CA 24 -9.85 8.41 66.03
C ASP CA 24 -11.10 8.34 65.17
N ARG CA 25 -12.24 8.56 65.80
CA ARG CA 25 -13.52 8.29 65.15
C ARG CA 25 -14.47 9.48 65.22
N ARG CA 26 -13.98 10.70 65.10
CA ARG CA 26 -14.85 11.86 65.32
C ARG CA 26 -14.94 12.71 64.08
N PHE CA 27 -16.17 13.06 63.68
CA PHE CA 27 -16.42 14.05 62.64
C PHE CA 27 -17.29 15.15 63.20
N GLY CA 28 -16.71 16.33 63.35
CA GLY CA 28 -17.46 17.46 63.86
C GLY CA 28 -17.09 18.78 63.23
N ILE CA 29 -17.82 19.85 63.54
CA ILE CA 29 -17.52 21.18 63.04
C ILE CA 29 -17.23 22.05 64.26
N GLN CA 30 -15.96 22.06 64.66
CA GLN CA 30 -15.29 22.99 65.58
C GLN CA 30 -15.71 22.93 67.04
N ALA CA 31 -16.93 22.49 67.33
CA ALA CA 31 -17.34 22.20 68.69
C ALA CA 31 -18.38 21.11 68.72
N GLN CA 32 -19.02 20.90 67.58
CA GLN CA 32 -20.25 20.15 67.50
C GLN CA 32 -19.98 18.91 66.68
N MET CA 33 -19.97 17.75 67.33
CA MET CA 33 -19.82 16.49 66.64
C MET CA 33 -21.02 16.20 65.76
N VAL CA 34 -20.83 15.30 64.80
CA VAL CA 34 -21.91 14.92 63.91
C VAL CA 34 -22.09 13.41 63.97
N THR CA 35 -21.01 12.67 63.77
CA THR CA 35 -21.08 11.23 63.75
C THR CA 35 -19.85 10.65 64.44
N THR CA 36 -19.91 9.35 64.68
CA THR CA 36 -18.90 8.66 65.48
C THR CA 36 -18.17 7.60 64.67
N ASP CA 37 -18.38 7.57 63.36
CA ASP CA 37 -17.88 6.47 62.55
C ASP CA 37 -17.24 6.98 61.28
N PHE CA 38 -16.54 8.10 61.35
CA PHE CA 38 -15.91 8.68 60.19
C PHE CA 38 -14.63 7.91 59.89
N GLN CA 39 -14.47 7.48 58.64
CA GLN CA 39 -13.31 6.68 58.27
C GLN CA 39 -12.14 7.57 57.89
N LYS CA 40 -10.96 7.28 58.46
CA LYS CA 40 -9.75 8.02 58.16
C LYS CA 40 -8.60 7.14 57.71
N ILE CA 41 -8.74 5.82 57.73
CA ILE CA 41 -7.70 4.90 57.31
C ILE CA 41 -8.19 4.16 56.07
N PHE CA 42 -7.40 4.22 55.01
CA PHE CA 42 -7.93 3.62 53.80
C PHE CA 42 -7.02 2.51 53.30
N PRO CA 43 -7.59 1.38 52.88
CA PRO CA 43 -6.77 0.31 52.35
C PRO CA 43 -6.26 0.62 50.96
N MET CA 44 -4.98 0.34 50.74
CA MET CA 44 -4.36 0.50 49.43
C MET CA 44 -3.71 -0.80 49.02
N GLY CA 45 -4.43 -1.90 49.16
CA GLY CA 45 -3.88 -3.20 48.83
C GLY CA 45 -3.86 -4.07 50.06
N ASP CA 46 -3.00 -5.08 50.07
CA ASP CA 46 -2.86 -5.95 51.22
C ASP CA 46 -1.55 -5.63 51.92
N ARG CA 47 -1.61 -5.55 53.25
CA ARG CA 47 -0.48 -5.22 54.11
C ARG CA 47 0.12 -3.86 53.76
N LEU CA 48 -0.76 -2.92 53.38
CA LEU CA 48 -0.33 -1.55 53.05
C LEU CA 48 -1.54 -0.63 53.16
N TYR CA 49 -1.54 0.22 54.18
CA TYR CA 49 -2.64 1.13 54.47
C TYR CA 49 -2.17 2.58 54.41
N ILE CA 50 -3.11 3.50 54.54
CA ILE CA 50 -2.80 4.92 54.58
C ILE CA 50 -3.82 5.61 55.48
N GLY CA 51 -3.35 6.55 56.29
CA GLY CA 51 -4.20 7.35 57.15
C GLY CA 51 -4.15 8.81 56.75
N LEU CA 52 -5.28 9.49 56.90
CA LEU CA 52 -5.40 10.88 56.51
C LEU CA 52 -6.02 11.70 57.64
N ALA CA 53 -5.52 12.91 57.80
CA ALA CA 53 -6.04 13.80 58.82
C ALA CA 53 -6.16 15.20 58.23
N GLY CA 54 -6.66 16.12 59.04
CA GLY CA 54 -6.79 17.48 58.58
C GLY CA 54 -8.21 17.80 58.16
N LEU CA 55 -8.34 18.51 57.05
CA LEU CA 55 -9.66 18.94 56.60
C LEU CA 55 -10.42 17.79 55.97
N ALA CA 56 -11.67 17.61 56.39
CA ALA CA 56 -12.42 16.40 56.07
C ALA CA 56 -12.79 16.33 54.61
N THR CA 57 -12.80 17.47 53.93
CA THR CA 57 -12.96 17.46 52.47
C THR CA 57 -11.75 16.83 51.80
N ASP CA 58 -10.56 17.27 52.18
CA ASP CA 58 -9.36 16.80 51.52
C ASP CA 58 -9.00 15.41 51.99
N VAL CA 59 -9.55 14.98 53.13
CA VAL CA 59 -9.46 13.58 53.50
C VAL CA 59 -10.18 12.71 52.48
N GLN CA 60 -11.41 13.08 52.13
CA GLN CA 60 -12.17 12.24 51.22
C GLN CA 60 -11.73 12.40 49.77
N THR CA 61 -11.28 13.60 49.41
CA THR CA 61 -10.93 13.83 48.01
C THR CA 61 -9.63 13.16 47.62
N VAL CA 62 -8.61 13.32 48.46
CA VAL CA 62 -7.28 12.78 48.14
C VAL CA 62 -7.30 11.27 48.18
N ALA CA 63 -8.09 10.68 49.08
CA ALA CA 63 -8.22 9.23 49.14
C ALA CA 63 -8.89 8.68 47.88
N GLN CA 64 -9.69 9.48 47.21
CA GLN CA 64 -10.29 9.04 45.95
C GLN CA 64 -9.34 9.25 44.78
N ARG CA 65 -8.65 10.39 44.75
CA ARG CA 65 -7.70 10.66 43.67
C ARG CA 65 -6.52 9.71 43.71
N LEU CA 66 -6.09 9.33 44.91
CA LEU CA 66 -5.01 8.37 45.03
C LEU CA 66 -5.45 7.00 44.57
N LYS CA 67 -6.71 6.65 44.84
CA LYS CA 67 -7.22 5.36 44.38
C LYS CA 67 -7.38 5.36 42.87
N PHE CA 68 -7.63 6.53 42.29
CA PHE CA 68 -7.74 6.66 40.84
C PHE CA 68 -6.41 6.33 40.17
N ARG CA 69 -5.32 6.86 40.70
CA ARG CA 69 -4.01 6.61 40.10
C ARG CA 69 -3.50 5.22 40.44
N LEU CA 70 -3.97 4.66 41.55
CA LEU CA 70 -3.44 3.38 41.99
C LEU CA 70 -4.01 2.24 41.17
N ASN CA 71 -5.29 2.31 40.82
CA ASN CA 71 -5.89 1.23 40.04
C ASN CA 71 -5.39 1.25 38.61
N LEU CA 72 -4.99 2.40 38.11
CA LEU CA 72 -4.38 2.44 36.79
C LEU CA 72 -2.99 1.85 36.82
N TYR CA 73 -2.27 2.08 37.92
CA TYR CA 73 -0.90 1.60 38.03
C TYR CA 73 -0.83 0.09 38.10
N GLU CA 74 -1.73 -0.54 38.84
CA GLU CA 74 -1.68 -1.99 38.97
C GLU CA 74 -2.26 -2.71 37.76
N LEU CA 75 -2.91 -1.99 36.86
CA LEU CA 75 -3.35 -2.62 35.64
C LEU CA 75 -2.37 -2.46 34.50
N LYS CA 76 -1.71 -1.31 34.40
CA LYS CA 76 -0.67 -1.13 33.41
C LYS CA 76 0.55 -1.98 33.69
N GLU CA 77 0.73 -2.38 34.94
CA GLU CA 77 1.79 -3.30 35.29
C GLU CA 77 1.10 -4.57 35.78
N GLY CA 78 1.87 -5.55 36.22
CA GLY CA 78 1.26 -6.79 36.64
C GLY CA 78 1.36 -6.96 38.14
N ARG CA 79 2.16 -6.10 38.76
CA ARG CA 79 2.49 -6.27 40.16
C ARG CA 79 1.68 -5.33 41.03
N GLN CA 80 1.85 -5.47 42.34
CA GLN CA 80 1.32 -4.51 43.30
C GLN CA 80 2.35 -3.41 43.49
N ILE CA 81 2.06 -2.46 44.37
CA ILE CA 81 2.90 -1.28 44.47
C ILE CA 81 3.81 -1.44 45.68
N LYS CA 82 4.97 -1.03 45.53
CA LYS CA 82 5.95 -0.94 46.60
C LYS CA 82 5.71 0.33 47.41
N PRO CA 83 5.99 0.30 48.70
CA PRO CA 83 5.62 1.44 49.56
C PRO CA 83 6.40 2.71 49.29
N TYR CA 84 7.62 2.59 48.74
CA TYR CA 84 8.33 3.80 48.30
C TYR CA 84 7.63 4.44 47.13
N THR CA 85 7.10 3.62 46.21
CA THR CA 85 6.47 4.15 45.02
C THR CA 85 5.18 4.87 45.38
N LEU CA 86 4.48 4.38 46.39
CA LEU CA 86 3.26 5.04 46.85
C LEU CA 86 3.58 6.38 47.47
N MET CA 87 4.68 6.45 48.24
CA MET CA 87 5.09 7.71 48.85
C MET CA 87 5.48 8.73 47.80
N SER CA 88 6.13 8.29 46.71
CA SER CA 88 6.46 9.21 45.64
C SER CA 88 5.22 9.60 44.87
N MET CA 89 4.23 8.71 44.81
CA MET CA 89 3.01 9.03 44.09
C MET CA 89 2.18 10.06 44.83
N VAL CA 90 2.14 9.97 46.15
CA VAL CA 90 1.38 10.93 46.95
C VAL CA 90 2.06 12.28 46.94
N ALA CA 91 3.40 12.28 47.04
CA ALA CA 91 4.14 13.53 47.06
C ALA CA 91 4.06 14.25 45.73
N ASN CA 92 3.83 13.51 44.65
CA ASN CA 92 3.52 14.15 43.39
C ASN CA 92 2.15 14.81 43.43
N LEU CA 93 1.16 14.11 43.99
CA LEU CA 93 -0.21 14.60 43.93
C LEU CA 93 -0.41 15.82 44.81
N LEU CA 94 0.39 15.95 45.87
CA LEU CA 94 0.27 17.12 46.71
C LEU CA 94 0.99 18.31 46.10
N TYR CA 95 2.12 18.08 45.45
CA TYR CA 95 2.93 19.20 44.99
C TYR CA 95 2.36 19.84 43.73
N GLU CA 96 1.49 19.13 43.02
CA GLU CA 96 0.80 19.72 41.88
C GLU CA 96 -0.10 20.87 42.31
N LYS CA 97 -0.75 20.72 43.45
CA LYS CA 97 -1.52 21.80 44.06
C LYS CA 97 -0.57 22.54 44.98
N ARG CA 98 0.39 23.23 44.38
CA ARG CA 98 1.42 23.88 45.18
C ARG CA 98 0.91 25.16 45.82
N PHE CA 99 0.20 25.98 45.07
CA PHE CA 99 -0.19 27.27 45.61
C PHE CA 99 -1.43 27.17 46.47
N GLY CA 100 -2.45 26.44 46.01
CA GLY CA 100 -3.55 26.13 46.89
C GLY CA 100 -3.56 24.64 47.16
N PRO CA 101 -3.14 24.27 48.35
CA PRO CA 101 -2.89 22.85 48.64
C PRO CA 101 -4.12 22.16 49.20
N TYR CA 102 -4.02 20.84 49.26
CA TYR CA 102 -4.98 20.06 50.01
C TYR CA 102 -4.57 20.08 51.48
N TYR CA 103 -5.50 20.48 52.33
CA TYR CA 103 -5.19 20.59 53.75
C TYR CA 103 -5.32 19.20 54.36
N THR CA 104 -4.24 18.43 54.22
CA THR CA 104 -4.19 17.09 54.78
C THR CA 104 -2.73 16.73 55.02
N GLU CA 105 -2.53 15.69 55.84
CA GLU CA 105 -1.20 15.21 56.19
C GLU CA 105 -1.24 13.68 56.18
N PRO CA 106 -0.84 13.05 55.09
CA PRO CA 106 -0.99 11.60 54.99
C PRO CA 106 0.09 10.87 55.76
N VAL CA 107 -0.26 9.67 56.20
CA VAL CA 107 0.64 8.77 56.92
C VAL CA 107 0.52 7.41 56.27
N ILE CA 108 1.64 6.88 55.77
CA ILE CA 108 1.66 5.61 55.08
C ILE CA 108 2.37 4.59 55.96
N ALA CA 109 1.74 3.43 56.14
CA ALA CA 109 2.33 2.33 56.90
C ALA CA 109 1.93 1.03 56.20
N GLY CA 110 2.93 0.29 55.71
CA GLY CA 110 2.71 -1.00 55.13
C GLY CA 110 3.89 -1.93 55.27
N LEU CA 111 3.80 -3.08 54.60
CA LEU CA 111 4.90 -4.03 54.57
C LEU CA 111 5.45 -4.13 53.16
N ASP CA 112 6.45 -4.98 52.99
CA ASP CA 112 7.02 -5.29 51.69
C ASP CA 112 6.06 -6.22 50.99
N PRO CA 113 5.82 -6.07 49.67
CA PRO CA 113 5.21 -7.19 48.95
C PRO CA 113 6.17 -8.31 48.63
N LYS CA 114 7.48 -8.11 48.79
CA LYS CA 114 8.44 -9.17 48.49
C LYS CA 114 8.86 -9.92 49.75
N THR CA 115 8.90 -9.22 50.88
CA THR CA 115 9.28 -9.77 52.16
C THR CA 115 8.32 -9.25 53.20
N PHE CA 116 8.69 -9.32 54.47
CA PHE CA 116 7.81 -8.78 55.51
C PHE CA 116 8.33 -7.48 56.08
N LYS CA 117 9.18 -6.74 55.36
CA LYS CA 117 9.87 -5.62 55.96
C LYS CA 117 8.94 -4.43 56.14
N PRO CA 118 8.81 -3.88 57.35
CA PRO CA 118 7.87 -2.79 57.57
C PRO CA 118 8.40 -1.46 57.06
N PHE CA 119 7.46 -0.55 56.81
CA PHE CA 119 7.74 0.76 56.25
C PHE CA 119 6.76 1.75 56.85
N ILE CA 120 7.26 2.93 57.25
CA ILE CA 120 6.43 4.03 57.70
C ILE CA 120 6.97 5.35 57.16
N CYS CA 121 6.07 6.26 56.84
CA CYS CA 121 6.45 7.62 56.47
C CYS CA 121 5.27 8.53 56.68
N SER CA 122 5.55 9.83 56.66
CA SER CA 122 4.50 10.84 56.71
C SER CA 122 4.93 12.01 55.84
N LEU CA 123 3.96 12.82 55.44
CA LEU CA 123 4.21 13.90 54.51
C LEU CA 123 3.66 15.20 55.06
N ASP CA 124 4.11 16.30 54.47
CA ASP CA 124 3.54 17.60 54.75
C ASP CA 124 2.31 17.83 53.90
N LEU CA 125 1.76 19.03 53.95
CA LEU CA 125 0.65 19.40 53.09
C LEU CA 125 1.12 19.80 51.70
N ILE CA 126 2.44 19.85 51.48
CA ILE CA 126 2.98 20.07 50.15
C ILE CA 126 3.89 18.94 49.69
N GLY CA 127 4.16 17.93 50.51
CA GLY CA 127 4.80 16.75 50.01
C GLY CA 127 6.28 16.58 50.31
N CYS CA 128 6.69 16.81 51.55
CA CYS CA 128 8.05 16.46 51.96
C CYS CA 128 8.06 15.04 52.51
N PRO CA 129 8.64 14.08 51.82
CA PRO CA 129 8.56 12.68 52.26
C PRO CA 129 9.53 12.37 53.39
N MET CA 130 9.07 12.56 54.63
CA MET CA 130 9.88 12.23 55.80
C MET CA 130 9.60 10.79 56.21
N VAL CA 131 10.64 9.96 56.20
CA VAL CA 131 10.53 8.59 56.69
C VAL CA 131 11.20 8.51 58.05
N THR CA 132 10.76 7.54 58.87
CA THR CA 132 11.40 7.25 60.14
C THR CA 132 11.55 5.75 60.29
N ASP CA 133 11.95 5.34 61.49
CA ASP CA 133 12.19 3.94 61.80
C ASP CA 133 11.48 3.52 63.08
N ASP CA 134 10.82 4.46 63.74
CA ASP CA 134 10.15 4.14 64.99
C ASP CA 134 8.65 4.40 64.95
N PHE CA 135 8.25 5.61 64.57
CA PHE CA 135 6.85 6.02 64.58
C PHE CA 135 6.71 7.32 63.81
N VAL CA 136 5.50 7.55 63.32
CA VAL CA 136 5.12 8.83 62.73
C VAL CA 136 3.74 9.19 63.25
N VAL CA 137 3.49 10.48 63.45
CA VAL CA 137 2.21 10.97 63.92
C VAL CA 137 1.79 12.14 63.06
N SER CA 138 0.48 12.38 63.03
CA SER CA 138 -0.08 13.52 62.33
C SER CA 138 -1.45 13.81 62.89
N GLY CA 139 -1.83 15.07 62.85
CA GLY CA 139 -3.12 15.48 63.34
C GLY CA 139 -2.98 16.74 64.17
N THR CA 140 -4.08 17.14 64.78
CA THR CA 140 -4.10 18.37 65.55
C THR CA 140 -3.41 18.21 66.88
N CYS CA 141 -3.61 17.06 67.54
CA CYS CA 141 -3.01 16.79 68.84
C CYS CA 141 -1.66 16.09 68.67
N ALA CA 142 -0.73 16.79 68.03
CA ALA CA 142 0.51 16.17 67.62
C ALA CA 142 1.50 16.05 68.78
N GLU CA 143 1.56 17.07 69.64
CA GLU CA 143 2.59 17.09 70.68
C GLU CA 143 2.32 16.07 71.77
N GLN CA 144 1.06 15.80 72.06
CA GLN CA 144 0.72 14.76 73.02
C GLN CA 144 1.16 13.39 72.51
N MET CA 145 1.09 13.19 71.21
CA MET CA 145 1.48 11.90 70.64
C MET CA 145 2.99 11.72 70.66
N TYR CA 146 3.75 12.81 70.63
CA TYR CA 146 5.19 12.68 70.83
C TYR CA 146 5.51 12.40 72.28
N GLY CA 147 4.62 12.80 73.20
CA GLY CA 147 4.84 12.53 74.60
C GLY CA 147 4.73 11.05 74.92
N MET CA 148 4.00 10.30 74.10
CA MET CA 148 3.83 8.88 74.36
C MET CA 148 4.94 8.07 73.73
N CYS CA 149 5.18 8.28 72.44
CA CYS CA 149 5.99 7.34 71.68
C CYS CA 149 7.47 7.53 71.98
N GLU CA 150 7.89 8.74 72.33
CA GLU CA 150 9.24 8.93 72.84
C GLU CA 150 9.41 8.23 74.18
N SER CA 151 8.34 8.11 74.94
CA SER CA 151 8.45 7.48 76.25
C SER CA 151 8.09 6.00 76.20
N LEU CA 152 7.29 5.59 75.22
CA LEU CA 152 6.82 4.21 75.14
C LEU CA 152 7.14 3.69 73.76
N TRP CA 153 8.36 3.19 73.57
CA TRP CA 153 8.72 2.51 72.34
C TRP CA 153 9.93 1.66 72.61
N GLU CA 154 9.92 0.44 72.10
CA GLU CA 154 11.05 -0.45 72.20
C GLU CA 154 11.34 -0.98 70.81
N PRO CA 155 12.58 -1.36 70.52
CA PRO CA 155 12.91 -1.80 69.17
C PRO CA 155 12.24 -3.08 68.70
N ASN CA 156 12.41 -4.18 69.41
CA ASN CA 156 11.94 -5.47 68.90
C ASN CA 156 10.68 -5.86 69.64
N MET CA 157 9.53 -5.63 69.00
CA MET CA 157 8.26 -5.77 69.67
C MET CA 157 7.39 -6.78 68.95
N ASP CA 158 7.00 -7.82 69.67
CA ASP CA 158 5.95 -8.72 69.22
C ASP CA 158 4.63 -7.96 69.03
N PRO CA 159 3.74 -8.48 68.18
CA PRO CA 159 2.46 -7.79 67.94
C PRO CA 159 1.55 -7.67 69.15
N ASP CA 160 1.77 -8.47 70.19
CA ASP CA 160 1.02 -8.27 71.43
C ASP CA 160 1.41 -6.97 72.09
N HIS CA 161 2.70 -6.79 72.36
CA HIS CA 161 3.13 -5.58 73.03
C HIS CA 161 3.12 -4.39 72.11
N LEU CA 162 3.16 -4.64 70.80
CA LEU CA 162 2.95 -3.55 69.86
C LEU CA 162 1.53 -3.02 69.95
N PHE CA 163 0.57 -3.92 70.12
CA PHE CA 163 -0.81 -3.48 70.31
C PHE CA 163 -1.00 -2.75 71.62
N GLU CA 164 -0.36 -3.23 72.68
CA GLU CA 164 -0.56 -2.62 73.99
C GLU CA 164 0.11 -1.26 74.07
N THR CA 165 1.15 -1.05 73.27
CA THR CA 165 1.84 0.23 73.31
C THR CA 165 1.08 1.29 72.54
N ILE CA 166 0.64 0.97 71.32
CA ILE CA 166 -0.03 1.96 70.49
C ILE CA 166 -1.43 2.23 71.03
N SER CA 167 -2.00 1.31 71.81
CA SER CA 167 -3.31 1.56 72.39
C SER CA 167 -3.20 2.55 73.55
N GLN CA 168 -2.18 2.39 74.38
CA GLN CA 168 -2.02 3.32 75.49
C GLN CA 168 -1.45 4.65 75.01
N ALA CA 169 -0.83 4.65 73.84
CA ALA CA 169 -0.35 5.90 73.27
C ALA CA 169 -1.50 6.77 72.78
N MET CA 170 -2.46 6.15 72.09
CA MET CA 170 -3.56 6.93 71.52
C MET CA 170 -4.55 7.35 72.59
N LEU CA 171 -4.89 6.46 73.52
CA LEU CA 171 -5.92 6.76 74.50
C LEU CA 171 -5.51 7.88 75.45
N ASN CA 172 -4.23 8.06 75.70
CA ASN CA 172 -3.82 9.11 76.61
C ASN CA 172 -3.61 10.43 75.88
N ALA CA 173 -3.19 10.38 74.62
CA ALA CA 173 -2.97 11.60 73.87
C ALA CA 173 -4.26 12.23 73.40
N VAL CA 174 -5.21 11.40 72.95
CA VAL CA 174 -6.45 11.90 72.38
C VAL CA 174 -7.36 12.45 73.47
N ASP CA 175 -7.38 11.79 74.63
CA ASP CA 175 -8.26 12.23 75.70
C ASP CA 175 -7.74 13.48 76.40
N ARG CA 176 -6.54 13.93 76.05
CA ARG CA 176 -6.10 15.27 76.43
C ARG CA 176 -6.56 16.30 75.40
N ASP CA 177 -6.83 15.87 74.17
CA ASP CA 177 -7.28 16.79 73.14
C ASP CA 177 -8.78 17.07 73.29
N ALA CA 178 -9.18 18.26 72.88
CA ALA CA 178 -10.57 18.68 72.97
C ALA CA 178 -11.39 18.30 71.76
N VAL CA 179 -10.80 18.28 70.56
CA VAL CA 179 -11.57 18.08 69.34
C VAL CA 179 -11.29 16.72 68.72
N SER CA 180 -10.73 15.81 69.49
CA SER CA 180 -10.50 14.45 69.02
C SER CA 180 -10.96 13.50 70.09
N GLY CA 181 -11.58 12.41 69.68
CA GLY CA 181 -12.08 11.45 70.62
C GLY CA 181 -13.14 10.58 69.97
N MET CA 182 -14.13 10.22 70.77
CA MET CA 182 -15.31 9.46 70.36
C MET CA 182 -14.93 8.10 69.78
N GLY CA 183 -13.88 7.49 70.31
CA GLY CA 183 -13.50 6.16 69.85
C GLY CA 183 -12.20 6.12 69.08
N VAL CA 184 -11.47 5.01 69.19
CA VAL CA 184 -10.21 4.80 68.49
C VAL CA 184 -10.25 3.44 67.81
N ILE CA 185 -9.85 3.37 66.56
CA ILE CA 185 -9.72 2.11 65.84
C ILE CA 185 -8.25 1.85 65.59
N VAL CA 186 -7.85 0.58 65.64
CA VAL CA 186 -6.45 0.16 65.51
C VAL CA 186 -6.38 -1.00 64.53
N HIS CA 187 -5.62 -0.81 63.46
CA HIS CA 187 -5.29 -1.90 62.54
C HIS CA 187 -3.85 -2.34 62.84
N ILE CA 188 -3.67 -3.59 63.19
CA ILE CA 188 -2.36 -4.18 63.34
C ILE CA 188 -2.20 -5.27 62.30
N ILE CA 189 -1.26 -5.09 61.39
CA ILE CA 189 -1.09 -5.94 60.23
C ILE CA 189 0.27 -6.58 60.30
N GLU CA 190 0.38 -7.74 59.66
CA GLU CA 190 1.61 -8.51 59.67
C GLU CA 190 1.60 -9.43 58.45
N LYS CA 191 2.54 -10.38 58.43
CA LYS CA 191 2.70 -11.22 57.24
C LYS CA 191 1.56 -12.21 57.10
N ASP CA 192 1.04 -12.70 58.21
CA ASP CA 192 0.04 -13.75 58.19
C ASP CA 192 -1.36 -13.19 57.95
N LYS CA 193 -1.76 -12.22 58.74
CA LYS CA 193 -3.13 -11.74 58.74
C LYS CA 193 -3.21 -10.28 59.17
N ILE CA 194 -4.43 -9.78 59.24
CA ILE CA 194 -4.72 -8.40 59.59
C ILE CA 194 -5.73 -8.40 60.72
N THR CA 195 -5.42 -7.69 61.80
CA THR CA 195 -6.29 -7.61 62.95
C THR CA 195 -6.79 -6.18 63.10
N THR CA 196 -8.11 -6.04 63.25
CA THR CA 196 -8.77 -4.75 63.43
C THR CA 196 -9.47 -4.74 64.77
N ARG CA 197 -9.04 -3.88 65.67
CA ARG CA 197 -9.69 -3.77 66.96
C ARG CA 197 -10.15 -2.34 67.21
N THR CA 198 -11.25 -2.22 67.94
CA THR CA 198 -11.80 -0.93 68.33
C THR CA 198 -11.74 -0.81 69.84
N LEU CA 199 -11.09 0.23 70.32
CA LEU CA 199 -10.81 0.34 71.75
C LEU CA 199 -12.04 0.89 72.49
N LYS CA 200 -11.90 1.02 73.80
CA LYS CA 200 -12.97 1.52 74.66
C LYS CA 200 -12.52 2.88 75.19
N ALA CA 201 -13.01 3.94 74.57
CA ALA CA 201 -12.53 5.28 74.85
C ALA CA 201 -13.60 6.10 75.57
N ARG CA 202 -13.23 7.32 75.94
CA ARG CA 202 -14.16 8.25 76.55
C ARG CA 202 -15.07 8.84 75.49
N MET CA 203 -16.37 8.72 75.69
CA MET CA 203 -17.33 9.22 74.72
C MET CA 203 -17.83 10.60 75.14
N ASP CA 204 -16.91 11.56 75.11
CA ASP CA 204 -17.27 12.95 75.37
C ASP CA 204 -16.47 13.93 74.52
N MET DA 1 -29.93 29.45 59.67
CA MET DA 1 -31.08 30.34 59.64
C MET DA 1 -32.37 29.54 59.67
N GLU DA 2 -32.68 28.89 58.55
CA GLU DA 2 -33.81 27.96 58.50
C GLU DA 2 -33.38 26.59 58.98
N TYR DA 3 -34.33 25.67 59.05
CA TYR DA 3 -34.16 24.45 59.83
C TYR DA 3 -34.68 23.24 59.09
N LEU DA 4 -33.82 22.23 58.94
CA LEU DA 4 -34.21 20.95 58.38
C LEU DA 4 -33.82 19.83 59.32
N ILE DA 5 -34.41 18.65 59.12
CA ILE DA 5 -34.29 17.55 60.06
C ILE DA 5 -34.65 16.24 59.36
N GLY DA 6 -33.86 15.19 59.62
CA GLY DA 6 -34.14 13.85 59.10
C GLY DA 6 -33.92 12.73 60.09
N ILE DA 7 -34.81 11.74 60.11
CA ILE DA 7 -34.70 10.61 61.03
C ILE DA 7 -34.66 9.31 60.23
N GLN DA 8 -33.66 8.46 60.53
CA GLN DA 8 -33.52 7.16 59.91
C GLN DA 8 -34.23 6.08 60.73
N GLY DA 9 -35.04 5.28 60.06
CA GLY DA 9 -35.73 4.20 60.73
C GLY DA 9 -35.18 2.84 60.37
N PRO DA 10 -35.85 1.77 60.82
CA PRO DA 10 -35.43 0.43 60.39
C PRO DA 10 -35.74 0.15 58.94
N ASP DA 11 -36.83 0.70 58.41
CA ASP DA 11 -37.17 0.53 57.01
C ASP DA 11 -37.76 1.79 56.38
N TYR DA 12 -37.50 2.96 56.95
CA TYR DA 12 -38.06 4.20 56.44
C TYR DA 12 -37.11 5.34 56.73
N VAL DA 13 -37.30 6.46 56.04
CA VAL DA 13 -36.59 7.69 56.34
C VAL DA 13 -37.63 8.78 56.50
N LEU DA 14 -37.65 9.41 57.66
CA LEU DA 14 -38.58 10.49 57.96
C LEU DA 14 -37.81 11.80 57.90
N VAL DA 15 -38.27 12.72 57.05
CA VAL DA 15 -37.65 14.04 56.94
C VAL DA 15 -38.71 15.10 57.17
N ALA DA 16 -38.26 16.29 57.50
CA ALA DA 16 -39.16 17.41 57.73
C ALA DA 16 -38.41 18.71 57.46
N SER DA 17 -39.13 19.68 56.92
CA SER DA 17 -38.56 20.96 56.52
C SER DA 17 -39.48 22.07 57.00
N ASP DA 18 -38.95 23.28 57.02
CA ASP DA 18 -39.79 24.44 57.31
C ASP DA 18 -40.28 25.09 56.03
N ARG DA 19 -41.17 26.07 56.19
CA ARG DA 19 -41.88 26.61 55.06
C ARG DA 19 -41.76 28.12 54.99
N VAL DA 20 -40.60 28.67 55.32
CA VAL DA 20 -40.43 30.12 55.47
C VAL DA 20 -39.43 30.61 54.44
N ALA DA 21 -39.76 31.70 53.76
CA ALA DA 21 -38.86 32.39 52.84
C ALA DA 21 -38.83 33.86 53.25
N ALA DA 22 -37.90 34.20 54.13
CA ALA DA 22 -37.80 35.55 54.64
C ALA DA 22 -36.80 36.36 53.83
N SER DA 23 -36.94 37.69 53.88
CA SER DA 23 -36.01 38.52 53.14
C SER DA 23 -35.13 39.38 54.02
N ASN DA 24 -35.70 40.32 54.74
CA ASN DA 24 -34.86 41.19 55.56
C ASN DA 24 -35.19 41.07 57.03
N ILE DA 25 -36.40 41.48 57.38
CA ILE DA 25 -36.94 41.39 58.73
C ILE DA 25 -38.33 40.82 58.59
N VAL DA 26 -38.79 40.73 57.34
CA VAL DA 26 -40.15 40.33 57.04
C VAL DA 26 -40.12 38.92 56.49
N GLN DA 27 -41.28 38.30 56.53
CA GLN DA 27 -41.47 36.93 56.06
C GLN DA 27 -42.28 37.01 54.78
N MET DA 28 -41.60 36.89 53.64
CA MET DA 28 -42.27 37.08 52.36
C MET DA 28 -43.21 35.93 52.05
N LYS DA 29 -42.66 34.72 52.01
CA LYS DA 29 -43.47 33.57 51.64
C LYS DA 29 -43.51 32.59 52.80
N ASP DA 30 -44.72 32.24 53.23
CA ASP DA 30 -44.93 31.33 54.36
C ASP DA 30 -45.44 29.98 53.94
N ASP DA 31 -45.25 29.59 52.69
CA ASP DA 31 -45.52 28.21 52.27
C ASP DA 31 -44.44 27.78 51.29
N HIS DA 32 -43.21 28.19 51.54
CA HIS DA 32 -42.11 27.88 50.63
C HIS DA 32 -41.70 26.43 50.77
N ASP DA 33 -41.49 25.76 49.65
CA ASP DA 33 -41.06 24.38 49.69
C ASP DA 33 -39.55 24.32 49.57
N LYS DA 34 -38.97 23.29 50.18
CA LYS DA 34 -37.53 23.08 50.14
C LYS DA 34 -37.16 21.77 49.46
N MET DA 35 -38.13 21.03 48.95
CA MET DA 35 -37.92 19.64 48.56
C MET DA 35 -37.60 19.53 47.08
N PHE DA 36 -36.90 18.46 46.71
CA PHE DA 36 -36.55 18.21 45.31
C PHE DA 36 -36.63 16.70 45.09
N LYS DA 37 -37.66 16.27 44.38
CA LYS DA 37 -37.80 14.85 44.06
C LYS DA 37 -36.78 14.49 43.00
N MET DA 38 -35.65 13.93 43.42
CA MET DA 38 -34.66 13.46 42.46
C MET DA 38 -35.16 12.23 41.73
N SER DA 39 -35.74 11.27 42.45
CA SER DA 39 -36.25 10.08 41.81
C SER DA 39 -37.45 9.57 42.57
N GLU DA 40 -37.86 8.33 42.30
CA GLU DA 40 -39.01 7.75 42.98
C GLU DA 40 -38.69 7.30 44.38
N LYS DA 41 -37.42 7.24 44.76
CA LYS DA 41 -37.06 6.75 46.07
C LYS DA 41 -35.98 7.62 46.68
N ILE DA 42 -35.72 8.79 46.08
CA ILE DA 42 -34.67 9.70 46.54
C ILE DA 42 -35.23 11.11 46.64
N LEU DA 43 -35.21 11.69 47.83
CA LEU DA 43 -35.52 13.09 48.02
C LEU DA 43 -34.26 13.91 48.19
N LEU DA 44 -34.42 15.23 48.15
CA LEU DA 44 -33.31 16.16 48.28
C LEU DA 44 -33.89 17.49 48.76
N LEU DA 45 -33.29 18.05 49.80
CA LEU DA 45 -33.68 19.36 50.29
C LEU DA 45 -32.45 20.24 50.14
N CYS DA 46 -32.57 21.53 50.44
CA CYS DA 46 -31.38 22.38 50.33
C CYS DA 46 -31.49 23.59 51.24
N VAL DA 47 -30.36 23.98 51.84
CA VAL DA 47 -30.26 25.12 52.74
C VAL DA 47 -28.95 25.84 52.47
N GLY DA 48 -29.02 27.15 52.27
CA GLY DA 48 -27.81 27.92 52.16
C GLY DA 48 -27.98 29.30 51.57
N GLU DA 49 -27.08 29.66 50.66
CA GLU DA 49 -27.07 30.99 50.09
C GLU DA 49 -28.23 31.15 49.11
N ALA DA 50 -28.97 32.26 49.24
CA ALA DA 50 -30.14 32.52 48.42
C ALA DA 50 -29.73 32.77 46.97
N GLY DA 51 -29.99 31.79 46.12
CA GLY DA 51 -29.54 31.86 44.75
C GLY DA 51 -28.70 30.65 44.42
N ASP DA 52 -27.90 30.21 45.39
CA ASP DA 52 -27.11 29.02 45.22
C ASP DA 52 -27.87 27.75 45.56
N THR DA 53 -28.95 27.85 46.35
CA THR DA 53 -29.69 26.67 46.72
C THR DA 53 -30.44 26.09 45.54
N VAL DA 54 -31.10 26.96 44.76
CA VAL DA 54 -31.99 26.46 43.72
C VAL DA 54 -31.20 25.98 42.52
N GLN DA 55 -30.21 26.77 42.09
CA GLN DA 55 -29.56 26.44 40.83
C GLN DA 55 -28.60 25.27 40.97
N PHE DA 56 -28.07 25.04 42.17
CA PHE DA 56 -27.28 23.83 42.35
C PHE DA 56 -28.17 22.60 42.41
N ALA DA 57 -29.34 22.73 43.04
CA ALA DA 57 -30.24 21.59 43.17
C ALA DA 57 -30.79 21.16 41.82
N GLU DA 58 -30.93 22.10 40.89
CA GLU DA 58 -31.43 21.74 39.57
C GLU DA 58 -30.36 21.06 38.73
N TYR DA 59 -29.08 21.33 39.01
CA TYR DA 59 -28.02 20.63 38.30
C TYR DA 59 -28.03 19.15 38.64
N ILE DA 60 -28.27 18.85 39.91
CA ILE DA 60 -28.31 17.47 40.34
C ILE DA 60 -29.58 16.82 39.86
N GLN DA 61 -30.68 17.57 39.86
CA GLN DA 61 -32.00 17.03 39.53
C GLN DA 61 -32.07 16.55 38.10
N LYS DA 62 -31.51 17.32 37.18
CA LYS DA 62 -31.61 16.95 35.78
C LYS DA 62 -30.59 15.89 35.41
N ASN DA 63 -29.44 15.89 36.07
CA ASN DA 63 -28.42 14.90 35.74
C ASN DA 63 -28.81 13.52 36.22
N VAL DA 64 -29.54 13.44 37.33
CA VAL DA 64 -29.97 12.15 37.84
C VAL DA 64 -31.10 11.59 36.97
N GLN DA 65 -32.01 12.45 36.53
CA GLN DA 65 -33.04 12.01 35.59
C GLN DA 65 -32.45 11.59 34.26
N LEU DA 66 -31.33 12.21 33.88
CA LEU DA 66 -30.70 11.87 32.62
C LEU DA 66 -30.05 10.50 32.69
N TYR DA 67 -29.49 10.15 33.85
CA TYR DA 67 -28.91 8.82 34.03
C TYR DA 67 -29.98 7.75 33.94
N LYS DA 68 -31.13 8.01 34.54
CA LYS DA 68 -32.22 7.04 34.54
C LYS DA 68 -32.83 6.91 33.16
N MET DA 69 -32.80 7.98 32.38
CA MET DA 69 -33.37 7.93 31.05
C MET DA 69 -32.47 7.14 30.11
N ARG DA 70 -31.16 7.29 30.28
CA ARG DA 70 -30.19 6.65 29.40
C ARG DA 70 -29.97 5.18 29.71
N ASN DA 71 -30.29 4.73 30.92
CA ASN DA 71 -30.00 3.35 31.26
C ASN DA 71 -31.21 2.58 31.76
N GLY DA 72 -32.33 3.25 32.01
CA GLY DA 72 -33.51 2.54 32.43
C GLY DA 72 -33.61 2.43 33.94
N TYR DA 73 -32.55 1.95 34.58
CA TYR DA 73 -32.58 1.78 36.02
C TYR DA 73 -32.15 3.06 36.74
N GLU DA 74 -32.58 3.14 37.99
CA GLU DA 74 -32.40 4.31 38.84
C GLU DA 74 -31.05 4.24 39.54
N LEU DA 75 -30.49 5.40 39.89
CA LEU DA 75 -29.31 5.42 40.74
C LEU DA 75 -29.61 4.89 42.14
N SER DA 76 -28.60 4.43 42.78
CA SER DA 76 -28.73 4.13 44.19
C SER DA 76 -28.58 5.43 44.99
N PRO DA 77 -29.07 5.47 46.23
CA PRO DA 77 -28.81 6.65 47.06
C PRO DA 77 -27.34 6.85 47.39
N THR DA 78 -26.56 5.76 47.42
CA THR DA 78 -25.13 5.90 47.65
C THR DA 78 -24.44 6.56 46.47
N ALA DA 79 -24.85 6.19 45.26
CA ALA DA 79 -24.24 6.78 44.07
C ALA DA 79 -24.65 8.23 43.90
N ALA DA 80 -25.89 8.56 44.28
CA ALA DA 80 -26.32 9.95 44.24
C ALA DA 80 -25.60 10.77 45.29
N ALA DA 81 -25.18 10.14 46.38
CA ALA DA 81 -24.51 10.88 47.44
C ALA DA 81 -23.12 11.30 47.00
N ASN DA 82 -22.39 10.41 46.33
CA ASN DA 82 -21.06 10.79 45.89
C ASN DA 82 -21.12 11.78 44.74
N PHE DA 83 -22.14 11.66 43.88
CA PHE DA 83 -22.23 12.51 42.70
C PHE DA 83 -22.43 13.97 43.06
N THR DA 84 -23.16 14.24 44.13
CA THR DA 84 -23.26 15.60 44.62
C THR DA 84 -21.94 16.06 45.23
N ARG DA 85 -21.27 15.16 45.95
CA ARG DA 85 -20.07 15.54 46.68
C ARG DA 85 -18.92 15.84 45.72
N ARG DA 86 -18.94 15.23 44.54
CA ARG DA 86 -17.95 15.57 43.54
C ARG DA 86 -18.18 16.98 43.00
N ASN DA 87 -19.44 17.40 42.92
CA ASN DA 87 -19.74 18.66 42.25
C ASN DA 87 -19.45 19.86 43.13
N LEU DA 88 -19.58 19.71 44.45
CA LEU DA 88 -19.16 20.80 45.32
C LEU DA 88 -17.65 20.93 45.33
N ALA DA 89 -16.94 19.79 45.40
CA ALA DA 89 -15.50 19.81 45.54
C ALA DA 89 -14.83 20.38 44.29
N ASP DA 90 -15.40 20.12 43.13
CA ASP DA 90 -14.87 20.72 41.92
C ASP DA 90 -15.19 22.19 41.85
N CYS DA 91 -16.35 22.60 42.34
CA CYS DA 91 -16.72 24.00 42.28
C CYS DA 91 -16.13 24.77 43.45
N LEU DA 92 -15.56 24.07 44.42
CA LEU DA 92 -14.99 24.73 45.60
C LEU DA 92 -13.73 25.51 45.27
N ARG DA 93 -12.81 24.90 44.53
CA ARG DA 93 -11.58 25.58 44.12
C ARG DA 93 -11.80 26.29 42.79
N SER DA 94 -12.76 27.20 42.78
CA SER DA 94 -13.12 27.87 41.54
C SER DA 94 -13.35 29.36 41.80
N ARG DA 95 -13.73 30.08 40.76
CA ARG DA 95 -13.97 31.50 40.89
C ARG DA 95 -15.25 31.82 41.63
N THR DA 96 -16.21 30.89 41.68
CA THR DA 96 -17.48 31.11 42.37
C THR DA 96 -17.94 29.77 42.92
N PRO DA 97 -17.63 29.48 44.17
CA PRO DA 97 -18.15 28.26 44.81
C PRO DA 97 -19.60 28.43 45.19
N TYR DA 98 -20.21 27.32 45.56
CA TYR DA 98 -21.57 27.28 46.08
C TYR DA 98 -21.53 27.24 47.60
N HIS DA 99 -22.61 27.71 48.22
CA HIS DA 99 -22.67 27.72 49.68
C HIS DA 99 -24.00 27.10 50.07
N VAL DA 100 -24.05 25.79 50.15
CA VAL DA 100 -25.28 25.05 50.40
C VAL DA 100 -24.99 24.01 51.46
N ASN DA 101 -26.01 23.65 52.25
CA ASN DA 101 -25.77 22.72 53.34
C ASN DA 101 -26.92 21.73 53.40
N LEU DA 102 -26.82 20.63 52.65
CA LEU DA 102 -27.86 19.64 52.86
C LEU DA 102 -27.45 18.24 52.45
N LEU DA 103 -27.90 17.32 53.29
CA LEU DA 103 -27.94 15.87 53.21
C LEU DA 103 -28.75 15.25 52.07
N LEU DA 104 -28.81 13.92 52.07
CA LEU DA 104 -29.71 13.18 51.19
C LEU DA 104 -30.49 12.18 52.01
N ALA DA 105 -31.51 11.62 51.37
CA ALA DA 105 -32.42 10.72 52.05
C ALA DA 105 -33.00 9.81 50.99
N GLY DA 106 -32.63 8.54 51.00
CA GLY DA 106 -33.15 7.66 49.99
C GLY DA 106 -33.52 6.30 50.51
N TYR DA 107 -33.96 5.42 49.61
CA TYR DA 107 -34.27 4.06 49.98
C TYR DA 107 -33.77 3.16 48.86
N ASP DA 108 -32.83 2.29 49.18
CA ASP DA 108 -32.40 1.31 48.20
C ASP DA 108 -33.29 0.09 48.29
N GLU DA 109 -33.51 -0.54 47.13
CA GLU DA 109 -34.24 -1.80 47.09
C GLU DA 109 -33.43 -2.96 47.66
N HIS DA 110 -32.11 -2.82 47.71
CA HIS DA 110 -31.23 -3.83 48.27
C HIS DA 110 -30.67 -3.43 49.63
N GLU DA 111 -30.15 -2.21 49.74
CA GLU DA 111 -29.50 -1.80 50.97
C GLU DA 111 -30.46 -1.24 52.00
N GLY DA 112 -31.70 -0.97 51.61
CA GLY DA 112 -32.64 -0.39 52.52
C GLY DA 112 -32.46 1.11 52.60
N PRO DA 113 -32.96 1.71 53.67
CA PRO DA 113 -32.98 3.17 53.75
C PRO DA 113 -31.62 3.72 54.12
N ALA DA 114 -31.39 4.97 53.71
CA ALA DA 114 -30.11 5.61 53.93
C ALA DA 114 -30.35 7.10 54.16
N LEU DA 115 -29.48 7.69 54.97
CA LEU DA 115 -29.57 9.10 55.32
C LEU DA 115 -28.16 9.65 55.38
N TYR DA 116 -27.85 10.59 54.49
CA TYR DA 116 -26.51 11.11 54.38
C TYR DA 116 -26.43 12.47 55.07
N TYR DA 117 -25.32 13.18 54.85
CA TYR DA 117 -25.10 14.50 55.42
C TYR DA 117 -24.08 15.21 54.55
N MET DA 118 -24.21 16.53 54.47
CA MET DA 118 -23.30 17.28 53.62
C MET DA 118 -23.08 18.66 54.22
N ASP DA 119 -21.83 19.08 54.25
CA ASP DA 119 -21.46 20.42 54.70
C ASP DA 119 -21.36 21.30 53.46
N TYR DA 120 -21.00 22.57 53.65
CA TYR DA 120 -20.73 23.41 52.49
C TYR DA 120 -19.29 23.35 52.09
N LEU DA 121 -18.54 22.47 52.73
CA LEU DA 121 -17.19 22.15 52.29
C LEU DA 121 -17.12 20.73 51.77
N ALA DA 122 -18.26 20.14 51.41
CA ALA DA 122 -18.38 18.82 50.77
C ALA DA 122 -17.78 17.69 51.57
N ALA DA 123 -18.33 17.41 52.75
CA ALA DA 123 -17.91 16.29 53.56
C ALA DA 123 -19.11 15.39 53.79
N LEU DA 124 -19.12 14.21 53.18
CA LEU DA 124 -20.20 13.25 53.39
C LEU DA 124 -20.15 12.67 54.79
N ALA DA 125 -21.29 12.22 55.27
CA ALA DA 125 -21.40 11.50 56.52
C ALA DA 125 -22.65 10.64 56.46
N LYS DA 126 -22.48 9.34 56.66
CA LYS DA 126 -23.61 8.43 56.80
C LYS DA 126 -24.10 8.54 58.23
N ALA DA 127 -25.28 9.10 58.42
CA ALA DA 127 -25.74 9.41 59.77
C ALA DA 127 -27.09 8.77 60.06
N PRO DA 128 -27.37 8.40 61.30
CA PRO DA 128 -28.69 7.86 61.63
C PRO DA 128 -29.71 8.93 61.97
N PHE DA 129 -29.28 10.17 62.17
CA PHE DA 129 -30.14 11.36 62.20
C PHE DA 129 -29.25 12.58 62.09
N ALA DA 130 -29.79 13.66 61.54
CA ALA DA 130 -29.02 14.88 61.37
C ALA DA 130 -29.97 16.05 61.23
N ALA DA 131 -29.41 17.25 61.34
CA ALA DA 131 -30.18 18.47 61.20
C ALA DA 131 -29.23 19.60 60.83
N HIS DA 132 -29.76 20.61 60.15
CA HIS DA 132 -29.01 21.81 59.84
C HIS DA 132 -29.68 23.02 60.46
N GLY DA 133 -28.99 24.15 60.38
CA GLY DA 133 -29.52 25.42 60.84
C GLY DA 133 -29.18 25.69 62.28
N TYR DA 134 -29.58 26.88 62.72
CA TYR DA 134 -29.39 27.24 64.12
C TYR DA 134 -30.30 26.43 65.03
N GLY DA 135 -31.43 25.96 64.51
CA GLY DA 135 -32.30 25.14 65.31
C GLY DA 135 -31.79 23.75 65.59
N ALA DA 136 -30.71 23.33 64.92
CA ALA DA 136 -30.10 22.05 65.23
C ALA DA 136 -29.38 22.07 66.57
N PHE DA 137 -29.08 23.24 67.11
CA PHE DA 137 -28.39 23.28 68.39
C PHE DA 137 -29.33 22.95 69.53
N LEU DA 138 -30.63 23.16 69.36
CA LEU DA 138 -31.53 22.79 70.43
C LEU DA 138 -32.09 21.39 70.28
N THR DA 139 -32.17 20.85 69.07
CA THR DA 139 -33.00 19.69 68.83
C THR DA 139 -32.24 18.38 68.77
N LEU DA 140 -30.91 18.40 68.71
CA LEU DA 140 -30.17 17.16 68.69
C LEU DA 140 -30.24 16.44 70.03
N SER DA 141 -30.26 17.19 71.12
CA SER DA 141 -30.20 16.54 72.43
C SER DA 141 -31.51 15.88 72.79
N ILE DA 142 -32.64 16.40 72.30
CA ILE DA 142 -33.88 15.63 72.39
C ILE DA 142 -33.76 14.37 71.57
N LEU DA 143 -33.24 14.50 70.35
CA LEU DA 143 -33.24 13.40 69.42
C LEU DA 143 -32.18 12.38 69.78
N ASP DA 144 -31.11 12.80 70.44
CA ASP DA 144 -30.12 11.83 70.89
C ASP DA 144 -30.61 11.10 72.12
N ARG DA 145 -31.48 11.75 72.89
CA ARG DA 145 -32.08 11.11 74.05
C ARG DA 145 -33.06 10.02 73.66
N TYR DA 146 -34.11 10.38 72.92
CA TYR DA 146 -35.27 9.52 72.71
C TYR DA 146 -35.16 8.72 71.42
N TYR DA 147 -34.01 8.11 71.20
CA TYR DA 147 -33.80 7.39 69.96
C TYR DA 147 -33.49 5.93 70.23
N THR DA 148 -34.08 5.07 69.43
CA THR DA 148 -33.87 3.66 69.45
C THR DA 148 -33.65 3.31 67.99
N PRO DA 149 -32.64 2.50 67.68
CA PRO DA 149 -32.45 2.09 66.28
C PRO DA 149 -33.56 1.23 65.74
N THR DA 150 -34.33 0.59 66.61
CA THR DA 150 -35.55 -0.13 66.22
C THR DA 150 -36.71 0.69 66.75
N ILE DA 151 -37.17 1.63 65.94
CA ILE DA 151 -38.23 2.53 66.34
C ILE DA 151 -39.35 2.42 65.31
N SER DA 152 -40.59 2.57 65.78
CA SER DA 152 -41.71 2.49 64.86
C SER DA 152 -41.93 3.89 64.26
N ARG DA 153 -42.65 3.99 63.16
CA ARG DA 153 -42.83 5.28 62.52
C ARG DA 153 -43.84 6.15 63.23
N GLU DA 154 -44.71 5.55 64.05
CA GLU DA 154 -45.63 6.35 64.84
C GLU DA 154 -44.89 7.01 66.00
N ARG DA 155 -43.90 6.32 66.56
CA ARG DA 155 -43.01 6.94 67.51
C ARG DA 155 -42.18 8.03 66.87
N ALA DA 156 -41.81 7.85 65.60
CA ALA DA 156 -40.96 8.82 64.91
C ALA DA 156 -41.68 10.13 64.69
N VAL DA 157 -42.97 10.05 64.34
CA VAL DA 157 -43.77 11.27 64.21
C VAL DA 157 -43.99 11.88 65.58
N GLU DA 158 -44.20 11.05 66.59
CA GLU DA 158 -44.35 11.54 67.95
C GLU DA 158 -43.06 12.18 68.46
N LEU DA 159 -41.92 11.57 68.15
CA LEU DA 159 -40.64 12.17 68.48
C LEU DA 159 -40.42 13.46 67.70
N LEU DA 160 -40.97 13.55 66.50
CA LEU DA 160 -40.84 14.77 65.72
C LEU DA 160 -41.71 15.89 66.31
N ARG DA 161 -42.78 15.53 67.00
CA ARG DA 161 -43.56 16.54 67.73
C ARG DA 161 -42.74 17.13 68.86
N LYS DA 162 -41.95 16.29 69.55
CA LYS DA 162 -41.15 16.77 70.67
C LYS DA 162 -40.04 17.68 70.18
N CYS DA 163 -39.45 17.33 69.04
CA CYS DA 163 -38.41 18.15 68.44
C CYS DA 163 -38.93 19.50 68.00
N LEU DA 164 -40.17 19.54 67.53
CA LEU DA 164 -40.71 20.74 66.91
C LEU DA 164 -41.28 21.70 67.94
N GLU DA 165 -41.65 21.21 69.12
CA GLU DA 165 -42.23 22.09 70.11
C GLU DA 165 -41.15 22.90 70.82
N GLU DA 166 -39.91 22.44 70.79
CA GLU DA 166 -38.83 23.20 71.40
C GLU DA 166 -38.46 24.42 70.58
N LEU DA 167 -38.69 24.37 69.28
CA LEU DA 167 -38.42 25.53 68.46
C LEU DA 167 -39.47 26.61 68.66
N GLN DA 168 -40.58 26.28 69.29
CA GLN DA 168 -41.55 27.32 69.60
C GLN DA 168 -41.67 27.48 71.09
N LYS DA 169 -40.62 27.10 71.81
CA LYS DA 169 -40.55 27.39 73.23
C LYS DA 169 -39.37 28.29 73.51
N ARG DA 170 -38.18 27.88 73.08
CA ARG DA 170 -36.97 28.68 73.25
C ARG DA 170 -36.29 28.82 71.90
N PHE DA 171 -36.77 29.74 71.09
CA PHE DA 171 -36.08 30.03 69.84
C PHE DA 171 -36.57 31.39 69.38
N ILE DA 172 -35.64 32.24 68.96
CA ILE DA 172 -35.97 33.65 68.78
C ILE DA 172 -36.68 33.88 67.46
N LEU DA 173 -36.59 32.94 66.54
CA LEU DA 173 -37.22 33.10 65.25
C LEU DA 173 -38.66 32.62 65.32
N ASN DA 174 -39.40 32.85 64.26
CA ASN DA 174 -40.85 32.64 64.29
C ASN DA 174 -41.15 31.17 64.09
N LEU DA 175 -40.81 30.64 62.91
CA LEU DA 175 -41.02 29.26 62.49
C LEU DA 175 -42.44 28.74 62.69
N PRO DA 176 -43.40 29.14 61.85
CA PRO DA 176 -44.71 28.48 61.81
C PRO DA 176 -44.65 27.07 61.22
N THR DA 177 -45.79 26.63 60.68
CA THR DA 177 -46.04 25.28 60.16
C THR DA 177 -44.89 24.68 59.35
N PHE DA 178 -44.70 23.37 59.50
CA PHE DA 178 -43.64 22.63 58.81
C PHE DA 178 -44.17 21.55 57.89
N SER DA 179 -43.32 21.00 57.04
CA SER DA 179 -43.78 20.06 56.01
C SER DA 179 -42.99 18.76 56.12
N VAL DA 180 -43.68 17.62 56.08
CA VAL DA 180 -43.13 16.33 56.43
C VAL DA 180 -43.34 15.37 55.25
N ARG DA 181 -42.31 14.59 54.93
CA ARG DA 181 -42.39 13.49 53.99
C ARG DA 181 -41.93 12.21 54.68
N ILE DA 182 -42.19 11.09 54.02
CA ILE DA 182 -41.74 9.77 54.49
C ILE DA 182 -41.40 8.93 53.27
N ILE DA 183 -40.30 8.20 53.36
CA ILE DA 183 -39.78 7.40 52.24
C ILE DA 183 -39.74 5.95 52.70
N ASP DA 184 -40.29 5.05 51.90
CA ASP DA 184 -40.42 3.66 52.28
C ASP DA 184 -40.13 2.77 51.07
N LYS DA 185 -40.54 1.52 51.15
CA LYS DA 185 -40.45 0.60 50.02
C LYS DA 185 -41.39 0.98 48.88
N ASN DA 186 -42.43 1.76 49.15
CA ASN DA 186 -43.38 2.09 48.11
C ASN DA 186 -42.98 3.36 47.36
N GLY DA 187 -42.43 4.34 48.07
CA GLY DA 187 -42.01 5.55 47.38
C GLY DA 187 -41.92 6.72 48.32
N ILE DA 188 -42.46 7.85 47.88
CA ILE DA 188 -42.40 9.09 48.63
C ILE DA 188 -43.83 9.42 49.02
N HIS DA 189 -44.14 9.31 50.30
CA HIS DA 189 -45.49 9.62 50.74
C HIS DA 189 -45.48 10.93 51.50
N ASP DA 190 -46.47 11.76 51.19
CA ASP DA 190 -46.67 13.03 51.87
C ASP DA 190 -47.46 12.80 53.14
N LEU DA 191 -46.87 13.13 54.28
CA LEU DA 191 -47.60 13.16 55.52
C LEU DA 191 -48.26 14.53 55.65
N ASP DA 192 -49.02 14.72 56.72
CA ASP DA 192 -49.79 15.94 56.86
C ASP DA 192 -48.91 17.14 57.17
N ASN DA 193 -49.44 18.30 56.84
CA ASN DA 193 -48.74 19.56 57.05
C ASN DA 193 -48.77 19.85 58.53
N ILE DA 194 -47.65 19.61 59.22
CA ILE DA 194 -47.60 19.85 60.66
C ILE DA 194 -47.63 21.34 60.91
N SER DA 195 -48.56 21.78 61.76
CA SER DA 195 -48.86 23.18 61.91
C SER DA 195 -48.82 23.57 63.38
N PHE DA 196 -48.84 24.87 63.61
CA PHE DA 196 -48.96 25.43 64.95
C PHE DA 196 -49.83 26.67 64.85
N PRO DA 197 -51.04 26.65 65.40
CA PRO DA 197 -51.91 27.84 65.33
C PRO DA 197 -51.38 29.00 66.14
N LYS DA 198 -51.95 30.18 65.88
CA LYS DA 198 -51.50 31.41 66.54
C LYS DA 198 -52.50 31.95 67.55
N GLN DA 199 -53.79 31.85 67.30
CA GLN DA 199 -54.78 32.38 68.23
C GLN DA 199 -55.46 31.25 69.00
N THR EA 59 -39.05 54.94 47.19
CA THR EA 59 -39.48 53.95 46.22
C THR EA 59 -40.32 52.87 46.89
N THR EA 60 -41.54 52.69 46.42
CA THR EA 60 -42.42 51.68 47.00
C THR EA 60 -43.32 51.12 45.91
N THR EA 61 -43.17 49.83 45.66
CA THR EA 61 -44.02 49.12 44.72
C THR EA 61 -44.76 48.02 45.47
N LEU EA 62 -45.92 47.65 44.96
CA LEU EA 62 -46.61 46.50 45.52
C LEU EA 62 -47.41 45.84 44.42
N ALA EA 63 -47.73 44.57 44.64
CA ALA EA 63 -48.52 43.81 43.69
C ALA EA 63 -49.23 42.70 44.45
N PHE EA 64 -50.49 42.49 44.15
CA PHE EA 64 -51.21 41.36 44.72
C PHE EA 64 -52.20 40.83 43.70
N LYS EA 65 -52.48 39.53 43.78
CA LYS EA 65 -53.43 38.92 42.89
C LYS EA 65 -54.65 38.47 43.68
N PHE EA 66 -55.78 38.45 42.99
CA PHE EA 66 -57.05 38.11 43.62
C PHE EA 66 -57.91 37.43 42.57
N ARG EA 67 -59.23 37.40 42.78
CA ARG EA 67 -60.14 36.75 41.85
C ARG EA 67 -60.08 37.37 40.47
N HIS EA 68 -60.12 38.70 40.37
CA HIS EA 68 -60.16 39.37 39.07
C HIS EA 68 -58.77 39.90 38.74
N GLY EA 69 -57.87 39.01 38.36
CA GLY EA 69 -56.56 39.43 37.91
C GLY EA 69 -55.65 39.97 39.01
N VAL EA 70 -54.63 40.71 38.55
CA VAL EA 70 -53.53 41.17 39.38
C VAL EA 70 -53.53 42.69 39.38
N ILE EA 71 -53.32 43.30 40.55
CA ILE EA 71 -53.22 44.74 40.69
C ILE EA 71 -51.77 45.10 40.98
N VAL EA 72 -51.23 46.03 40.20
CA VAL EA 72 -49.85 46.50 40.37
C VAL EA 72 -49.90 48.00 40.61
N ALA EA 73 -49.21 48.46 41.66
CA ALA EA 73 -49.21 49.88 41.99
C ALA EA 73 -47.83 50.28 42.49
N ALA EA 74 -47.47 51.54 42.24
CA ALA EA 74 -46.16 52.06 42.61
C ALA EA 74 -46.25 53.57 42.76
N ASP EA 75 -45.16 54.17 43.22
CA ASP EA 75 -45.01 55.60 43.40
C ASP EA 75 -44.06 56.14 42.33
N SER EA 76 -43.65 57.40 42.47
CA SER EA 76 -42.74 57.96 41.49
C SER EA 76 -41.88 59.02 42.18
N ARG EA 77 -40.69 58.61 42.59
CA ARG EA 77 -39.68 59.54 43.10
C ARG EA 77 -38.32 58.89 42.96
N ALA EA 78 -37.37 59.60 42.37
CA ALA EA 78 -36.01 59.13 42.22
C ALA EA 78 -35.10 60.12 42.93
N THR EA 79 -34.56 59.72 44.07
CA THR EA 79 -33.68 60.60 44.81
C THR EA 79 -32.23 60.43 44.35
N ALA EA 80 -31.35 61.22 44.94
CA ALA EA 80 -29.92 61.14 44.68
C ALA EA 80 -29.18 61.17 46.01
N GLY EA 81 -29.64 60.38 46.97
CA GLY EA 81 -29.10 60.40 48.31
C GLY EA 81 -29.89 61.31 49.23
N ALA EA 82 -29.84 62.62 48.97
CA ALA EA 82 -30.67 63.55 49.71
C ALA EA 82 -31.26 64.61 48.79
N TYR EA 83 -31.31 64.32 47.50
CA TYR EA 83 -31.74 65.29 46.52
C TYR EA 83 -32.66 64.60 45.53
N ILE EA 84 -33.85 65.14 45.36
CA ILE EA 84 -34.82 64.54 44.47
C ILE EA 84 -34.49 64.93 43.03
N ALA EA 85 -34.24 63.93 42.19
CA ALA EA 85 -34.03 64.20 40.78
C ALA EA 85 -35.34 64.53 40.10
N SER EA 86 -36.31 63.62 40.16
CA SER EA 86 -37.56 63.84 39.47
C SER EA 86 -38.71 63.33 40.32
N GLN EA 87 -39.90 63.86 40.04
CA GLN EA 87 -41.14 63.35 40.60
C GLN EA 87 -41.91 62.48 39.63
N THR EA 88 -41.64 62.58 38.34
CA THR EA 88 -42.34 61.81 37.32
C THR EA 88 -41.46 60.68 36.81
N VAL EA 89 -41.43 59.59 37.55
CA VAL EA 89 -40.64 58.42 37.16
C VAL EA 89 -41.59 57.25 36.96
N LYS EA 90 -41.69 56.77 35.73
CA LYS EA 90 -42.57 55.65 35.46
C LYS EA 90 -41.94 54.35 35.95
N LYS EA 91 -42.29 53.92 37.16
CA LYS EA 91 -41.58 52.81 37.77
C LYS EA 91 -42.18 51.45 37.40
N VAL EA 92 -43.30 51.42 36.69
CA VAL EA 92 -43.82 50.14 36.24
C VAL EA 92 -43.56 50.00 34.75
N ILE EA 93 -42.76 49.01 34.39
CA ILE EA 93 -42.23 48.91 33.03
C ILE EA 93 -43.12 47.98 32.21
N GLU EA 94 -43.64 48.50 31.11
CA GLU EA 94 -44.54 47.75 30.24
C GLU EA 94 -43.75 46.85 29.31
N ILE EA 95 -43.58 45.59 29.68
CA ILE EA 95 -42.75 44.67 28.92
C ILE EA 95 -43.45 44.27 27.64
N ASN EA 96 -44.69 43.85 27.76
CA ASN EA 96 -45.50 43.34 26.67
C ASN EA 96 -46.90 43.92 26.81
N PRO EA 97 -47.81 43.62 25.89
CA PRO EA 97 -49.24 43.81 26.19
C PRO EA 97 -49.80 42.84 27.22
N TYR EA 98 -49.01 41.92 27.76
CA TYR EA 98 -49.50 40.91 28.67
C TYR EA 98 -48.55 40.62 29.83
N LEU EA 99 -47.47 41.38 29.97
CA LEU EA 99 -46.55 41.26 31.10
C LEU EA 99 -46.16 42.63 31.59
N LEU EA 100 -45.98 42.77 32.90
CA LEU EA 100 -45.51 44.01 33.47
C LEU EA 100 -44.32 43.73 34.36
N GLY EA 101 -43.54 44.78 34.63
CA GLY EA 101 -42.37 44.65 35.47
C GLY EA 101 -42.13 45.92 36.24
N THR EA 102 -41.71 45.78 37.49
CA THR EA 102 -41.48 46.92 38.34
C THR EA 102 -40.03 47.38 38.32
N MET EA 103 -39.69 48.29 39.23
CA MET EA 103 -38.36 48.87 39.28
C MET EA 103 -38.02 49.13 40.73
N ALA EA 104 -36.92 48.54 41.19
CA ALA EA 104 -36.49 48.69 42.58
C ALA EA 104 -35.00 48.40 42.65
N GLY EA 105 -34.26 49.29 43.29
CA GLY EA 105 -32.82 49.21 43.28
C GLY EA 105 -32.24 50.12 42.22
N GLY EA 106 -31.34 49.58 41.41
CA GLY EA 106 -30.77 50.35 40.32
C GLY EA 106 -31.80 50.60 39.25
N ALA EA 107 -32.06 51.87 38.95
CA ALA EA 107 -33.05 52.21 37.94
C ALA EA 107 -32.57 51.83 36.55
N ALA EA 108 -31.28 51.99 36.29
CA ALA EA 108 -30.74 51.57 35.01
C ALA EA 108 -30.64 50.06 34.91
N ASP EA 109 -30.39 49.39 36.03
CA ASP EA 109 -30.28 47.94 36.02
C ASP EA 109 -31.63 47.29 35.80
N CYS EA 110 -32.68 47.83 36.40
CA CYS EA 110 -34.01 47.30 36.17
C CYS EA 110 -34.49 47.61 34.76
N SER EA 111 -34.14 48.78 34.24
CA SER EA 111 -34.62 49.18 32.93
C SER EA 111 -33.87 48.44 31.83
N PHE EA 112 -32.63 48.04 32.09
CA PHE EA 112 -31.88 47.34 31.06
C PHE EA 112 -32.33 45.90 30.93
N TRP EA 113 -32.28 45.14 32.03
CA TRP EA 113 -32.41 43.70 31.94
C TRP EA 113 -33.84 43.29 31.64
N GLU EA 114 -34.81 44.09 32.07
CA GLU EA 114 -36.19 43.81 31.67
C GLU EA 114 -36.40 44.11 30.19
N ARG EA 115 -35.71 45.13 29.68
CA ARG EA 115 -35.77 45.39 28.25
C ARG EA 115 -35.11 44.27 27.48
N LEU EA 116 -34.04 43.70 28.03
CA LEU EA 116 -33.41 42.55 27.40
C LEU EA 116 -34.29 41.31 27.55
N LEU EA 117 -35.11 41.27 28.60
CA LEU EA 117 -36.07 40.18 28.75
C LEU EA 117 -37.17 40.24 27.70
N ALA EA 118 -37.57 41.45 27.31
CA ALA EA 118 -38.62 41.59 26.33
C ALA EA 118 -38.14 41.15 24.95
N ARG EA 119 -36.83 41.26 24.71
CA ARG EA 119 -36.25 40.73 23.49
C ARG EA 119 -36.40 39.23 23.41
N GLN EA 120 -36.16 38.55 24.53
CA GLN EA 120 -36.18 37.09 24.52
C GLN EA 120 -37.61 36.57 24.44
N CYS EA 121 -38.56 37.27 25.03
CA CYS EA 121 -39.95 36.84 24.98
C CYS EA 121 -40.52 37.00 23.58
N ARG EA 122 -40.07 38.00 22.85
CA ARG EA 122 -40.57 38.20 21.49
C ARG EA 122 -40.03 37.12 20.56
N ILE EA 123 -38.77 36.74 20.72
CA ILE EA 123 -38.18 35.71 19.88
C ILE EA 123 -38.80 34.35 20.19
N TYR EA 124 -39.12 34.12 21.47
CA TYR EA 124 -39.80 32.89 21.86
C TYR EA 124 -41.18 32.80 21.24
N GLU EA 125 -41.85 33.94 21.08
CA GLU EA 125 -43.19 33.94 20.53
C GLU EA 125 -43.17 33.64 19.04
N LEU EA 126 -42.14 34.11 18.34
CA LEU EA 126 -42.08 33.89 16.90
C LEU EA 126 -41.71 32.46 16.58
N ARG EA 127 -40.85 31.84 17.38
CA ARG EA 127 -40.42 30.49 17.06
C ARG EA 127 -41.45 29.45 17.44
N ASN EA 128 -42.25 29.72 18.47
CA ASN EA 128 -43.18 28.74 19.00
C ASN EA 128 -44.63 29.03 18.67
N LYS EA 129 -44.92 30.23 18.15
CA LYS EA 129 -46.27 30.66 17.80
C LYS EA 129 -47.21 30.60 19.00
N GLU EA 130 -46.72 31.07 20.14
CA GLU EA 130 -47.41 31.01 21.41
C GLU EA 130 -46.72 31.96 22.37
N ARG EA 131 -47.50 32.69 23.15
CA ARG EA 131 -46.91 33.59 24.14
C ARG EA 131 -46.27 32.80 25.26
N ILE EA 132 -45.28 33.38 25.89
CA ILE EA 132 -44.53 32.70 26.92
C ILE EA 132 -45.32 32.71 28.23
N SER EA 133 -45.12 31.68 29.05
CA SER EA 133 -45.77 31.60 30.35
C SER EA 133 -45.06 32.55 31.31
N VAL EA 134 -45.72 32.85 32.43
CA VAL EA 134 -45.15 33.77 33.40
C VAL EA 134 -44.01 33.12 34.16
N ALA EA 135 -44.14 31.82 34.44
CA ALA EA 135 -43.11 31.10 35.17
C ALA EA 135 -41.84 30.97 34.36
N ALA EA 136 -41.96 30.88 33.04
CA ALA EA 136 -40.79 30.77 32.19
C ALA EA 136 -40.06 32.10 32.09
N ALA EA 137 -40.81 33.20 32.00
CA ALA EA 137 -40.19 34.49 31.78
C ALA EA 137 -39.48 34.98 33.04
N SER EA 138 -39.99 34.59 34.20
CA SER EA 138 -39.30 34.93 35.45
C SER EA 138 -38.00 34.15 35.57
N LYS EA 139 -38.01 32.89 35.12
CA LYS EA 139 -36.82 32.06 35.26
C LYS EA 139 -35.73 32.50 34.28
N LEU EA 140 -36.13 32.94 33.08
CA LEU EA 140 -35.15 33.48 32.13
C LEU EA 140 -34.48 34.73 32.67
N LEU EA 141 -35.21 35.52 33.44
CA LEU EA 141 -34.62 36.71 34.02
C LEU EA 141 -33.62 36.36 35.11
N ALA EA 142 -33.96 35.35 35.93
CA ALA EA 142 -33.10 35.01 37.06
C ALA EA 142 -31.79 34.38 36.60
N ASN EA 143 -31.81 33.71 35.45
CA ASN EA 143 -30.58 33.07 34.98
C ASN EA 143 -29.66 34.10 34.35
N MET EA 144 -30.21 35.15 33.76
CA MET EA 144 -29.37 36.20 33.20
C MET EA 144 -28.66 36.99 34.29
N VAL EA 145 -29.37 37.25 35.39
CA VAL EA 145 -28.80 38.07 36.45
C VAL EA 145 -27.76 37.27 37.24
N TYR EA 146 -27.91 35.95 37.29
CA TYR EA 146 -27.05 35.11 38.12
C TYR EA 146 -25.59 35.10 37.67
N GLN EA 147 -25.35 35.37 36.38
CA GLN EA 147 -23.99 35.41 35.87
C GLN EA 147 -23.18 36.57 36.43
N TYR EA 148 -23.85 37.60 36.94
CA TYR EA 148 -23.15 38.77 37.44
C TYR EA 148 -23.29 38.84 38.94
N LYS EA 149 -23.37 37.68 39.58
CA LYS EA 149 -23.63 37.61 41.01
C LYS EA 149 -22.40 38.10 41.76
N GLY EA 150 -22.62 39.04 42.67
CA GLY EA 150 -21.52 39.62 43.40
C GLY EA 150 -20.67 40.56 42.58
N MET EA 151 -21.25 41.14 41.52
CA MET EA 151 -20.56 42.17 40.77
C MET EA 151 -21.19 43.53 40.96
N GLY EA 152 -22.09 43.68 41.93
CA GLY EA 152 -22.68 44.95 42.22
C GLY EA 152 -23.88 45.29 41.36
N LEU EA 153 -24.89 44.43 41.37
CA LEU EA 153 -26.16 44.73 40.74
C LEU EA 153 -27.22 44.85 41.81
N SER EA 154 -28.11 45.82 41.64
CA SER EA 154 -29.19 46.06 42.58
C SER EA 154 -30.49 46.01 41.80
N MET EA 155 -31.10 44.84 41.77
CA MET EA 155 -32.32 44.62 41.02
C MET EA 155 -33.28 43.81 41.89
N GLY EA 156 -34.48 44.32 42.07
CA GLY EA 156 -35.43 43.68 42.96
C GLY EA 156 -36.84 43.61 42.41
N THR EA 157 -36.98 43.46 41.10
CA THR EA 157 -38.27 43.66 40.48
C THR EA 157 -39.21 42.49 40.70
N MET EA 158 -40.45 42.69 40.22
CA MET EA 158 -41.52 41.71 40.28
C MET EA 158 -42.08 41.52 38.88
N ILE EA 159 -42.29 40.28 38.48
CA ILE EA 159 -42.82 39.96 37.17
C ILE EA 159 -44.26 39.52 37.32
N CYS EA 160 -45.15 40.24 36.67
CA CYS EA 160 -46.58 40.02 36.79
C CYS EA 160 -47.14 39.65 35.43
N GLY EA 161 -48.30 39.03 35.43
CA GLY EA 161 -48.98 38.79 34.16
C GLY EA 161 -49.94 37.63 34.25
N TRP EA 162 -50.65 37.44 33.15
CA TRP EA 162 -51.65 36.39 33.03
C TRP EA 162 -51.05 35.23 32.28
N ASP EA 163 -51.52 34.03 32.59
CA ASP EA 163 -50.98 32.83 32.00
C ASP EA 163 -52.12 31.87 31.70
N LYS EA 164 -51.82 30.80 30.97
CA LYS EA 164 -52.81 29.76 30.69
C LYS EA 164 -53.19 29.01 31.95
N ARG EA 165 -52.33 29.01 32.97
CA ARG EA 165 -52.65 28.44 34.26
C ARG EA 165 -53.30 29.44 35.20
N GLY EA 166 -53.55 30.66 34.75
CA GLY EA 166 -54.22 31.63 35.58
C GLY EA 166 -53.38 32.86 35.83
N PRO EA 167 -53.67 33.59 36.89
CA PRO EA 167 -52.86 34.76 37.24
C PRO EA 167 -51.48 34.34 37.70
N GLY EA 168 -50.49 35.13 37.30
CA GLY EA 168 -49.12 34.81 37.68
C GLY EA 168 -48.44 35.96 38.39
N LEU EA 169 -47.63 35.64 39.40
CA LEU EA 169 -46.89 36.67 40.12
C LEU EA 169 -45.62 36.06 40.67
N TYR EA 170 -44.49 36.65 40.35
CA TYR EA 170 -43.20 36.17 40.83
C TYR EA 170 -42.41 37.35 41.35
N TYR EA 171 -41.21 37.08 41.85
CA TYR EA 171 -40.41 38.11 42.50
C TYR EA 171 -38.94 37.75 42.34
N VAL EA 172 -38.22 38.53 41.57
CA VAL EA 172 -36.86 38.21 41.15
C VAL EA 172 -35.91 39.23 41.74
N ASP EA 173 -34.85 38.75 42.40
CA ASP EA 173 -33.82 39.62 42.93
C ASP EA 173 -32.50 39.52 42.19
N SER EA 174 -31.60 40.44 42.50
CA SER EA 174 -30.23 40.37 42.04
C SER EA 174 -29.40 39.37 42.82
N GLU EA 175 -29.94 38.84 43.91
CA GLU EA 175 -29.26 37.78 44.63
C GLU EA 175 -29.56 36.41 44.05
N GLY EA 176 -30.75 36.23 43.50
CA GLY EA 176 -31.11 34.94 42.95
C GLY EA 176 -32.36 34.40 43.60
N ASN EA 177 -33.07 35.26 44.31
CA ASN EA 177 -34.37 34.91 44.84
C ASN EA 177 -35.38 34.86 43.70
N ARG EA 178 -36.15 33.78 43.66
CA ARG EA 178 -37.23 33.66 42.69
C ARG EA 178 -38.33 32.87 43.39
N ILE EA 179 -39.31 33.59 43.93
CA ILE EA 179 -40.42 32.96 44.60
C ILE EA 179 -41.71 33.47 43.99
N SER EA 180 -42.75 32.67 44.13
CA SER EA 180 -44.09 33.03 43.77
C SER EA 180 -44.80 33.53 45.01
N GLY EA 181 -46.08 33.81 44.89
CA GLY EA 181 -46.84 34.23 46.05
C GLY EA 181 -48.04 35.03 45.62
N ALA EA 182 -48.74 35.57 46.61
CA ALA EA 182 -50.00 36.26 46.39
C ALA EA 182 -49.97 37.73 46.75
N THR EA 183 -49.09 38.17 47.64
CA THR EA 183 -48.88 39.59 47.91
C THR EA 183 -47.37 39.83 47.95
N PHE EA 184 -46.94 40.98 47.43
CA PHE EA 184 -45.55 41.39 47.57
C PHE EA 184 -45.50 42.89 47.76
N SER EA 185 -44.40 43.37 48.34
CA SER EA 185 -44.13 44.80 48.38
C SER EA 185 -42.63 45.01 48.41
N VAL EA 186 -42.10 45.72 47.43
CA VAL EA 186 -40.66 45.89 47.28
C VAL EA 186 -40.34 47.36 47.33
N GLY EA 187 -39.25 47.71 48.01
CA GLY EA 187 -38.81 49.10 48.03
C GLY EA 187 -38.33 49.49 49.42
N SER EA 188 -37.94 50.76 49.53
CA SER EA 188 -37.49 51.30 50.81
C SER EA 188 -38.66 51.45 51.77
N GLY EA 189 -39.83 51.83 51.25
CA GLY EA 189 -41.01 51.96 52.07
C GLY EA 189 -41.92 50.77 51.91
N SER EA 190 -41.33 49.61 51.65
CA SER EA 190 -42.12 48.41 51.46
C SER EA 190 -42.71 47.90 52.76
N VAL EA 191 -42.05 48.14 53.89
CA VAL EA 191 -42.58 47.69 55.17
C VAL EA 191 -43.81 48.51 55.58
N TYR EA 192 -43.91 49.74 55.08
CA TYR EA 192 -45.10 50.53 55.37
C TYR EA 192 -46.28 50.05 54.54
N ALA EA 193 -46.00 49.48 53.38
CA ALA EA 193 -47.07 48.98 52.54
C ALA EA 193 -47.57 47.62 53.00
N TYR EA 194 -46.72 46.86 53.71
CA TYR EA 194 -47.12 45.54 54.18
C TYR EA 194 -48.22 45.62 55.22
N GLY EA 195 -48.27 46.70 55.98
CA GLY EA 195 -49.22 46.78 57.07
C GLY EA 195 -50.65 46.90 56.60
N VAL EA 196 -50.96 47.97 55.88
CA VAL EA 196 -52.34 48.24 55.50
C VAL EA 196 -52.80 47.29 54.39
N MET EA 197 -51.87 46.73 53.62
CA MET EA 197 -52.27 45.73 52.64
C MET EA 197 -52.68 44.42 53.29
N ASP EA 198 -51.92 43.96 54.29
CA ASP EA 198 -52.29 42.71 54.95
C ASP EA 198 -53.55 42.84 55.76
N ARG EA 199 -53.91 44.05 56.16
CA ARG EA 199 -55.11 44.22 56.95
C ARG EA 199 -56.36 44.16 56.08
N GLY EA 200 -56.42 44.97 55.04
CA GLY EA 200 -57.55 44.91 54.15
C GLY EA 200 -57.35 44.06 52.91
N TYR EA 201 -57.00 42.79 53.06
CA TYR EA 201 -56.81 41.92 51.91
C TYR EA 201 -57.82 40.80 51.95
N SER EA 202 -58.35 40.47 50.79
CA SER EA 202 -59.20 39.30 50.63
C SER EA 202 -59.02 38.79 49.21
N TYR EA 203 -59.10 37.48 49.04
CA TYR EA 203 -59.13 36.93 47.70
C TYR EA 203 -60.45 37.25 47.00
N ASP EA 204 -61.51 37.46 47.77
CA ASP EA 204 -62.81 37.82 47.20
C ASP EA 204 -63.05 39.29 47.46
N LEU EA 205 -62.56 40.13 46.55
CA LEU EA 205 -62.83 41.55 46.62
C LEU EA 205 -63.53 41.97 45.34
N GLU EA 206 -63.71 43.26 45.15
CA GLU EA 206 -64.27 43.76 43.91
C GLU EA 206 -63.18 44.53 43.17
N VAL EA 207 -63.53 45.04 42.00
CA VAL EA 207 -62.56 45.80 41.22
C VAL EA 207 -62.38 47.19 41.81
N GLU EA 208 -63.48 47.82 42.20
CA GLU EA 208 -63.39 49.13 42.83
C GLU EA 208 -62.82 49.03 44.24
N GLN EA 209 -63.06 47.90 44.91
CA GLN EA 209 -62.50 47.68 46.23
C GLN EA 209 -60.98 47.52 46.16
N ALA EA 210 -60.50 46.75 45.18
CA ALA EA 210 -59.07 46.53 45.07
C ALA EA 210 -58.36 47.78 44.59
N TYR EA 211 -59.04 48.65 43.86
CA TYR EA 211 -58.42 49.90 43.43
C TYR EA 211 -58.21 50.82 44.62
N ASP EA 212 -59.17 50.87 45.53
CA ASP EA 212 -59.06 51.80 46.65
C ASP EA 212 -58.08 51.29 47.69
N LEU EA 213 -57.85 49.97 47.70
CA LEU EA 213 -56.88 49.40 48.62
C LEU EA 213 -55.47 49.78 48.22
N ALA EA 214 -55.06 49.46 47.00
CA ALA EA 214 -53.69 49.69 46.57
C ALA EA 214 -53.40 51.17 46.43
N ARG EA 215 -54.43 51.98 46.20
CA ARG EA 215 -54.23 53.42 46.15
C ARG EA 215 -53.88 53.98 47.52
N ARG EA 216 -54.43 53.39 48.58
CA ARG EA 216 -54.20 53.92 49.91
C ARG EA 216 -52.87 53.43 50.48
N ALA EA 217 -52.49 52.20 50.14
CA ALA EA 217 -51.27 51.61 50.68
C ALA EA 217 -50.04 52.37 50.20
N ILE EA 218 -50.07 52.84 48.95
CA ILE EA 218 -48.99 53.69 48.47
C ILE EA 218 -49.03 55.04 49.17
N TYR EA 219 -50.24 55.55 49.45
CA TYR EA 219 -50.35 56.83 50.14
C TYR EA 219 -49.82 56.76 51.56
N GLN EA 220 -50.05 55.66 52.25
CA GLN EA 220 -49.52 55.54 53.60
C GLN EA 220 -48.01 55.33 53.57
N ALA EA 221 -47.49 54.77 52.49
CA ALA EA 221 -46.06 54.55 52.40
C ALA EA 221 -45.31 55.86 52.16
N THR EA 222 -45.85 56.72 51.30
CA THR EA 222 -45.20 58.00 51.02
C THR EA 222 -45.31 58.96 52.18
N TYR EA 223 -46.22 58.71 53.12
CA TYR EA 223 -46.36 59.56 54.28
C TYR EA 223 -45.23 59.33 55.26
N ARG EA 224 -45.08 58.09 55.73
CA ARG EA 224 -44.03 57.76 56.69
C ARG EA 224 -42.64 57.91 56.07
N ASP EA 225 -42.43 57.28 54.92
CA ASP EA 225 -41.10 57.25 54.31
C ASP EA 225 -40.76 58.59 53.68
N ALA EA 226 -39.48 58.91 53.67
CA ALA EA 226 -39.00 60.14 53.07
C ALA EA 226 -38.58 59.95 51.63
N TYR EA 227 -38.25 58.72 51.23
CA TYR EA 227 -37.82 58.44 49.87
C TYR EA 227 -38.97 58.00 48.98
N SER EA 228 -40.18 58.46 49.25
CA SER EA 228 -41.35 58.01 48.51
C SER EA 228 -42.32 59.17 48.35
N GLY EA 229 -42.76 59.40 47.13
CA GLY EA 229 -43.69 60.48 46.86
C GLY EA 229 -44.05 60.54 45.39
N GLY EA 230 -44.52 61.69 44.98
CA GLY EA 230 -44.83 61.93 43.57
C GLY EA 230 -46.29 61.59 43.26
N ALA EA 231 -46.49 60.72 42.28
CA ALA EA 231 -47.82 60.27 41.91
C ALA EA 231 -47.99 58.80 42.27
N VAL EA 232 -49.21 58.32 42.12
CA VAL EA 232 -49.54 56.93 42.42
C VAL EA 232 -50.07 56.32 41.13
N ASN EA 233 -49.24 55.52 40.47
CA ASN EA 233 -49.64 54.85 39.24
C ASN EA 233 -50.27 53.51 39.58
N LEU EA 234 -51.32 53.15 38.86
CA LEU EA 234 -52.13 51.98 39.20
C LEU EA 234 -52.49 51.22 37.94
N TYR EA 235 -52.08 49.96 37.87
CA TYR EA 235 -52.37 49.11 36.72
C TYR EA 235 -53.21 47.91 37.14
N HIS EA 236 -53.83 47.27 36.16
CA HIS EA 236 -54.64 46.07 36.39
C HIS EA 236 -54.35 45.08 35.28
N VAL EA 237 -53.74 43.96 35.63
CA VAL EA 237 -53.55 42.87 34.68
C VAL EA 237 -54.81 42.05 34.65
N ARG EA 238 -55.49 42.05 33.51
CA ARG EA 238 -56.66 41.22 33.31
C ARG EA 238 -56.27 40.01 32.48
N GLU EA 239 -57.26 39.23 32.08
CA GLU EA 239 -57.00 38.01 31.33
C GLU EA 239 -56.52 38.32 29.91
N ASP EA 240 -57.16 39.27 29.26
CA ASP EA 240 -56.76 39.63 27.91
C ASP EA 240 -55.55 40.55 27.83
N GLY EA 241 -55.06 41.03 28.95
CA GLY EA 241 -53.92 41.92 28.94
C GLY EA 241 -54.02 42.89 30.09
N TRP EA 242 -53.05 43.80 30.14
CA TRP EA 242 -53.08 44.79 31.20
C TRP EA 242 -53.81 46.04 30.74
N ILE EA 243 -54.28 46.82 31.69
CA ILE EA 243 -54.96 48.08 31.42
C ILE EA 243 -54.52 49.09 32.46
N ARG EA 244 -54.13 50.27 32.00
CA ARG EA 244 -53.80 51.36 32.91
C ARG EA 244 -55.06 51.89 33.56
N VAL EA 245 -55.09 51.89 34.88
CA VAL EA 245 -56.30 52.29 35.57
C VAL EA 245 -56.32 53.79 35.74
N SER EA 246 -55.35 54.33 36.47
CA SER EA 246 -55.38 55.73 36.85
C SER EA 246 -53.97 56.14 37.25
N SER EA 247 -53.82 57.44 37.57
CA SER EA 247 -52.57 57.98 38.07
C SER EA 247 -52.91 59.26 38.81
N ASP EA 248 -52.78 59.25 40.13
CA ASP EA 248 -53.20 60.38 40.94
C ASP EA 248 -52.03 60.90 41.74
N ASN EA 249 -52.10 62.19 42.07
CA ASN EA 249 -51.10 62.87 42.84
C ASN EA 249 -51.40 62.68 44.32
N VAL EA 250 -50.34 62.75 45.14
CA VAL EA 250 -50.50 62.50 46.56
C VAL EA 250 -51.23 63.65 47.24
N ALA EA 251 -50.98 64.88 46.77
CA ALA EA 251 -51.59 66.06 47.37
C ALA EA 251 -53.10 66.07 47.16
N ASP EA 252 -53.57 65.46 46.07
CA ASP EA 252 -55.00 65.28 45.89
C ASP EA 252 -55.53 64.21 46.81
N LEU EA 253 -54.76 63.13 46.99
CA LEU EA 253 -55.17 62.05 47.89
C LEU EA 253 -55.10 62.50 49.34
N HIS EA 254 -54.21 63.44 49.65
CA HIS EA 254 -54.17 64.01 50.99
C HIS EA 254 -55.45 64.79 51.28
N GLU EA 255 -56.02 65.42 50.26
CA GLU EA 255 -57.30 66.10 50.44
C GLU EA 255 -58.46 65.12 50.40
N LYS EA 256 -58.23 63.92 49.85
CA LYS EA 256 -59.29 62.91 49.85
C LYS EA 256 -59.33 62.16 51.17
N TYR EA 257 -58.16 61.76 51.67
CA TYR EA 257 -58.09 61.10 52.97
C TYR EA 257 -57.83 62.13 54.07
N SER EA 258 -58.67 63.15 54.09
CA SER EA 258 -58.61 64.18 55.12
C SER EA 258 -59.89 64.30 55.92
N GLY EA 259 -61.05 64.20 55.28
CA GLY EA 259 -62.31 64.24 55.97
C GLY EA 259 -62.88 62.86 56.22
N ARG FA 28 -2.28 56.52 45.29
CA ARG FA 28 -2.22 55.81 44.03
C ARG FA 28 -2.70 56.67 42.88
N PHE FA 29 -2.84 56.05 41.72
CA PHE FA 29 -3.39 56.70 40.55
C PHE FA 29 -4.91 56.73 40.62
N SER FA 30 -5.49 57.91 40.46
CA SER FA 30 -6.94 58.09 40.46
C SER FA 30 -7.41 58.38 39.04
N PRO FA 31 -8.37 57.62 38.51
CA PRO FA 31 -8.71 57.72 37.09
C PRO FA 31 -9.72 58.81 36.78
N TYR FA 32 -10.31 59.44 37.78
CA TYR FA 32 -11.38 60.41 37.61
C TYR FA 32 -10.98 61.76 38.18
N VAL FA 33 -11.60 62.82 37.68
CA VAL FA 33 -11.50 64.16 38.27
C VAL FA 33 -12.77 64.92 37.91
N PHE FA 34 -13.12 65.92 38.69
CA PHE FA 34 -14.33 66.69 38.46
C PHE FA 34 -13.98 68.07 37.91
N ASN FA 35 -14.62 68.46 36.82
CA ASN FA 35 -14.29 69.70 36.12
C ASN FA 35 -15.34 70.78 36.26
N GLY FA 36 -16.58 70.44 36.56
CA GLY FA 36 -17.60 71.43 36.78
C GLY FA 36 -18.25 71.84 35.48
N GLY FA 37 -19.33 72.59 35.62
CA GLY FA 37 -20.16 72.99 34.50
C GLY FA 37 -21.63 72.81 34.82
N THR FA 38 -22.46 73.45 34.00
CA THR FA 38 -23.89 73.47 34.25
C THR FA 38 -24.61 73.44 32.92
N ILE FA 39 -25.55 72.50 32.78
CA ILE FA 39 -26.33 72.33 31.55
C ILE FA 39 -27.77 72.63 31.89
N LEU FA 40 -28.47 73.29 30.98
CA LEU FA 40 -29.89 73.60 31.14
C LEU FA 40 -30.61 73.33 29.84
N ALA FA 41 -31.76 72.66 29.92
CA ALA FA 41 -32.55 72.38 28.73
C ALA FA 41 -34.02 72.65 29.02
N ILE FA 42 -34.71 73.25 28.06
CA ILE FA 42 -36.14 73.51 28.14
C ILE FA 42 -36.79 73.01 26.88
N ALA FA 43 -37.78 72.15 27.02
CA ALA FA 43 -38.60 71.74 25.89
C ALA FA 43 -39.78 72.67 25.77
N GLY FA 44 -39.87 73.38 24.66
CA GLY FA 44 -40.99 74.26 24.47
C GLY FA 44 -42.08 73.57 23.70
N GLU FA 45 -43.01 74.35 23.15
CA GLU FA 45 -44.06 73.77 22.34
C GLU FA 45 -43.54 73.37 20.97
N ASP FA 46 -42.76 74.26 20.34
CA ASP FA 46 -42.27 74.02 19.00
C ASP FA 46 -40.82 74.45 18.90
N PHE FA 47 -40.08 74.34 20.00
CA PHE FA 47 -38.67 74.68 20.01
C PHE FA 47 -37.98 73.86 21.08
N ALA FA 48 -36.68 74.08 21.20
CA ALA FA 48 -35.87 73.48 22.24
C ALA FA 48 -34.68 74.39 22.49
N ILE FA 49 -34.37 74.60 23.77
CA ILE FA 49 -33.27 75.47 24.17
C ILE FA 49 -32.29 74.62 24.96
N VAL FA 50 -31.01 74.69 24.61
CA VAL FA 50 -29.94 74.07 25.38
C VAL FA 50 -28.91 75.15 25.68
N ALA FA 51 -28.60 75.35 26.96
CA ALA FA 51 -27.67 76.37 27.37
C ALA FA 51 -26.63 75.79 28.31
N SER FA 52 -25.42 76.34 28.25
CA SER FA 52 -24.36 75.92 29.15
C SER FA 52 -23.37 77.06 29.29
N ASP FA 53 -22.63 77.04 30.39
CA ASP FA 53 -21.58 78.01 30.62
C ASP FA 53 -20.31 77.61 29.88
N THR FA 54 -19.31 78.47 29.95
CA THR FA 54 -18.01 78.21 29.35
C THR FA 54 -16.92 78.38 30.42
N ARG FA 55 -16.64 77.31 31.15
CA ARG FA 55 -15.50 77.31 32.07
C ARG FA 55 -15.03 75.88 32.24
N LEU FA 56 -13.72 75.69 32.06
CA LEU FA 56 -13.09 74.41 32.33
C LEU FA 56 -12.21 74.64 33.54
N SER FA 57 -12.70 74.25 34.71
CA SER FA 57 -11.95 74.40 35.94
C SER FA 57 -11.45 73.04 36.40
N GLU FA 58 -10.47 73.06 37.30
CA GLU FA 58 -9.97 71.82 37.87
C GLU FA 58 -9.41 72.15 39.25
N GLY FA 59 -10.06 71.65 40.28
CA GLY FA 59 -9.65 71.91 41.64
C GLY FA 59 -9.92 73.35 42.02
N PHE FA 60 -8.87 74.12 42.22
CA PHE FA 60 -8.99 75.54 42.55
C PHE FA 60 -8.36 76.40 41.46
N SER FA 61 -8.42 75.93 40.23
CA SER FA 61 -7.76 76.61 39.13
C SER FA 61 -8.72 76.74 37.96
N ILE FA 62 -8.37 77.64 37.05
CA ILE FA 62 -9.10 77.81 35.81
C ILE FA 62 -8.19 77.38 34.69
N HIS FA 63 -8.63 76.41 33.89
CA HIS FA 63 -7.88 76.10 32.69
C HIS FA 63 -8.20 77.07 31.56
N THR FA 64 -9.47 77.24 31.22
CA THR FA 64 -9.83 78.20 30.21
C THR FA 64 -11.15 78.84 30.58
N ARG FA 65 -11.50 79.90 29.87
CA ARG FA 65 -12.75 80.59 30.05
C ARG FA 65 -13.66 80.45 28.85
N ASP FA 66 -13.26 79.68 27.84
CA ASP FA 66 -14.05 79.49 26.64
C ASP FA 66 -13.99 78.01 26.27
N SER FA 67 -14.93 77.24 26.81
CA SER FA 67 -15.05 75.82 26.50
C SER FA 67 -16.51 75.46 26.64
N PRO FA 68 -17.29 75.61 25.58
CA PRO FA 68 -18.73 75.36 25.69
C PRO FA 68 -19.03 73.89 25.78
N LYS FA 69 -20.22 73.57 26.28
CA LYS FA 69 -20.63 72.20 26.49
C LYS FA 69 -21.73 71.77 25.54
N CYS FA 70 -22.10 72.61 24.59
CA CYS FA 70 -23.20 72.33 23.67
C CYS FA 70 -22.62 71.75 22.38
N TYR FA 71 -23.20 70.65 21.92
CA TYR FA 71 -22.73 69.97 20.72
C TYR FA 71 -23.90 69.73 19.79
N LYS FA 72 -23.85 70.31 18.59
CA LYS FA 72 -24.90 70.10 17.59
C LYS FA 72 -24.73 68.71 17.00
N LEU FA 73 -25.70 67.83 17.25
CA LEU FA 73 -25.52 66.47 16.76
C LEU FA 73 -25.90 66.35 15.30
N THR FA 74 -27.18 66.46 14.95
CA THR FA 74 -27.48 66.38 13.54
C THR FA 74 -27.90 67.71 12.93
N ASP FA 75 -29.16 68.07 13.15
CA ASP FA 75 -29.77 69.31 12.71
C ASP FA 75 -30.77 69.83 13.72
N LYS FA 76 -31.38 68.92 14.46
CA LYS FA 76 -32.50 69.18 15.35
C LYS FA 76 -32.22 68.57 16.69
N THR FA 77 -30.96 68.41 17.03
CA THR FA 77 -30.59 67.70 18.25
C THR FA 77 -29.28 68.26 18.76
N VAL FA 78 -29.29 68.74 19.99
CA VAL FA 78 -28.11 69.27 20.65
C VAL FA 78 -27.94 68.50 21.95
N ILE FA 79 -26.72 68.04 22.23
CA ILE FA 79 -26.43 67.29 23.43
C ILE FA 79 -25.53 68.14 24.32
N GLY FA 80 -25.71 68.01 25.63
CA GLY FA 80 -24.83 68.63 26.61
C GLY FA 80 -24.07 67.57 27.37
N CYS FA 81 -22.86 67.91 27.81
CA CYS FA 81 -21.99 66.98 28.51
C CYS FA 81 -21.32 67.72 29.66
N SER FA 82 -21.54 67.25 30.89
CA SER FA 82 -20.86 67.81 32.04
C SER FA 82 -20.29 66.70 32.90
N GLY FA 83 -19.25 67.03 33.65
CA GLY FA 83 -18.57 66.05 34.48
C GLY FA 83 -17.10 65.95 34.16
N PHE FA 84 -16.58 64.73 34.08
CA PHE FA 84 -15.18 64.52 33.74
C PHE FA 84 -14.96 64.82 32.27
N HIS FA 85 -14.06 65.76 31.99
CA HIS FA 85 -13.94 66.30 30.64
C HIS FA 85 -13.26 65.31 29.70
N GLY FA 86 -12.46 64.40 30.25
CA GLY FA 86 -11.83 63.40 29.40
C GLY FA 86 -12.82 62.40 28.84
N ASP FA 87 -13.88 62.13 29.60
CA ASP FA 87 -14.94 61.27 29.07
C ASP FA 87 -15.86 62.04 28.14
N CYS FA 88 -16.00 63.34 28.36
CA CYS FA 88 -16.85 64.15 27.49
C CYS FA 88 -16.26 64.27 26.10
N LEU FA 89 -14.94 64.21 25.98
CA LEU FA 89 -14.31 64.23 24.68
C LEU FA 89 -14.45 62.89 23.98
N THR FA 90 -14.39 61.80 24.75
CA THR FA 90 -14.48 60.48 24.15
C THR FA 90 -15.91 60.15 23.75
N LEU FA 91 -16.85 60.43 24.64
CA LEU FA 91 -18.23 60.02 24.42
C LEU FA 91 -18.88 60.82 23.30
N THR FA 92 -18.40 62.05 23.08
CA THR FA 92 -18.88 62.84 21.95
C THR FA 92 -18.43 62.23 20.63
N LYS FA 93 -17.19 61.76 20.58
CA LYS FA 93 -16.65 61.26 19.33
C LYS FA 93 -17.18 59.87 19.00
N ILE FA 94 -17.70 59.16 19.99
CA ILE FA 94 -18.33 57.87 19.71
C ILE FA 94 -19.68 58.06 19.06
N ILE FA 95 -20.46 59.02 19.56
CA ILE FA 95 -21.82 59.25 19.06
C ILE FA 95 -21.79 59.73 17.62
N GLU FA 96 -20.84 60.63 17.31
CA GLU FA 96 -20.73 61.13 15.94
C GLU FA 96 -20.27 60.05 14.99
N ALA FA 97 -19.56 59.04 15.51
CA ALA FA 97 -19.21 57.89 14.68
C ALA FA 97 -20.44 57.05 14.37
N ARG FA 98 -21.31 56.86 15.36
CA ARG FA 98 -22.44 55.96 15.17
C ARG FA 98 -23.58 56.63 14.43
N LEU FA 99 -23.58 57.96 14.37
CA LEU FA 99 -24.56 58.63 13.53
C LEU FA 99 -24.29 58.37 12.06
N LYS FA 100 -23.01 58.27 11.69
CA LYS FA 100 -22.66 58.01 10.30
C LYS FA 100 -22.93 56.56 9.93
N MET FA 101 -22.75 55.65 10.89
CA MET FA 101 -22.95 54.23 10.62
C MET FA 101 -24.43 53.91 10.45
N TYR FA 102 -25.28 54.69 11.10
CA TYR FA 102 -26.72 54.58 10.86
C TYR FA 102 -27.06 55.01 9.44
N LYS FA 103 -26.51 56.15 9.03
CA LYS FA 103 -26.92 56.77 7.78
C LYS FA 103 -26.33 56.05 6.58
N HIS FA 104 -25.13 55.50 6.72
CA HIS FA 104 -24.60 54.66 5.65
C HIS FA 104 -25.35 53.35 5.54
N SER FA 105 -26.02 52.92 6.60
CA SER FA 105 -26.83 51.71 6.54
C SER FA 105 -28.27 52.00 6.17
N ASN FA 106 -28.93 52.84 6.96
CA ASN FA 106 -30.37 52.97 6.88
C ASN FA 106 -30.84 54.10 6.00
N ASN FA 107 -29.91 54.88 5.44
CA ASN FA 107 -30.17 55.90 4.41
C ASN FA 107 -31.12 56.99 4.90
N LYS FA 108 -30.94 57.41 6.14
CA LYS FA 108 -31.70 58.48 6.75
C LYS FA 108 -30.98 58.93 8.00
N ALA FA 109 -31.47 60.00 8.61
CA ALA FA 109 -30.89 60.53 9.82
C ALA FA 109 -31.64 60.00 11.03
N MET FA 110 -30.94 59.90 12.16
CA MET FA 110 -31.57 59.42 13.38
C MET FA 110 -32.52 60.48 13.93
N THR FA 111 -33.58 60.00 14.57
CA THR FA 111 -34.49 60.89 15.26
C THR FA 111 -33.93 61.17 16.65
N THR FA 112 -34.65 61.94 17.44
CA THR FA 112 -34.19 62.27 18.78
C THR FA 112 -34.35 61.10 19.74
N GLY FA 113 -35.49 60.41 19.69
CA GLY FA 113 -35.70 59.28 20.58
C GLY FA 113 -34.82 58.09 20.23
N ALA FA 114 -34.40 58.00 18.96
CA ALA FA 114 -33.51 56.94 18.57
C ALA FA 114 -32.12 57.14 19.16
N ILE FA 115 -31.70 58.39 19.29
CA ILE FA 115 -30.40 58.69 19.87
C ILE FA 115 -30.41 58.38 21.37
N ALA FA 116 -31.50 58.73 22.05
CA ALA FA 116 -31.59 58.50 23.48
C ALA FA 116 -31.65 57.01 23.80
N ALA FA 117 -32.26 56.23 22.92
CA ALA FA 117 -32.24 54.78 23.10
C ALA FA 117 -30.86 54.22 22.79
N MET FA 118 -30.17 54.81 21.82
CA MET FA 118 -28.83 54.35 21.47
C MET FA 118 -27.85 54.65 22.58
N LEU FA 119 -27.94 55.84 23.17
CA LEU FA 119 -26.93 56.25 24.13
C LEU FA 119 -27.13 55.55 25.47
N SER FA 120 -28.34 55.06 25.72
CA SER FA 120 -28.58 54.30 26.94
C SER FA 120 -27.83 52.99 26.94
N THR FA 121 -27.62 52.41 25.77
CA THR FA 121 -26.86 51.17 25.69
C THR FA 121 -25.37 51.44 25.74
N ILE FA 122 -24.95 52.61 25.25
CA ILE FA 122 -23.52 52.94 25.25
C ILE FA 122 -23.05 53.20 26.67
N LEU FA 123 -23.86 53.90 27.46
CA LEU FA 123 -23.49 54.17 28.84
C LEU FA 123 -23.51 52.91 29.68
N TYR FA 124 -24.45 52.01 29.45
CA TYR FA 124 -24.53 50.82 30.28
C TYR FA 124 -23.49 49.80 29.89
N SER FA 125 -22.91 49.93 28.69
CA SER FA 125 -21.90 48.98 28.24
C SER FA 125 -20.66 49.03 29.11
N ARG FA 126 -20.29 50.21 29.59
CA ARG FA 126 -19.25 50.35 30.59
C ARG FA 126 -19.92 50.42 31.95
N ARG FA 127 -20.56 49.32 32.35
CA ARG FA 127 -21.24 49.30 33.63
C ARG FA 127 -20.25 49.30 34.78
N PHE FA 128 -19.07 48.73 34.56
CA PHE FA 128 -18.19 48.44 35.68
C PHE FA 128 -17.02 49.40 35.76
N PHE FA 129 -16.66 50.05 34.66
CA PHE FA 129 -15.73 51.18 34.66
C PHE FA 129 -16.45 52.33 33.99
N PRO FA 130 -17.32 53.02 34.70
CA PRO FA 130 -18.33 53.86 34.06
C PRO FA 130 -17.76 55.20 33.59
N TYR FA 131 -18.59 55.93 32.86
CA TYR FA 131 -18.32 57.31 32.52
C TYR FA 131 -18.59 58.18 33.73
N TYR FA 132 -18.34 59.47 33.59
CA TYR FA 132 -18.64 60.39 34.66
C TYR FA 132 -19.27 61.61 34.00
N VAL FA 133 -20.26 61.35 33.14
CA VAL FA 133 -20.85 62.37 32.28
C VAL FA 133 -22.33 62.46 32.58
N TYR FA 134 -22.82 63.66 32.81
CA TYR FA 134 -24.26 63.92 32.92
C TYR FA 134 -24.71 64.50 31.59
N ASN FA 135 -25.54 63.73 30.89
CA ASN FA 135 -25.97 64.12 29.55
C ASN FA 135 -27.42 64.56 29.55
N ILE FA 136 -27.70 65.59 28.77
CA ILE FA 136 -29.07 66.01 28.49
C ILE FA 136 -29.18 66.20 26.98
N ILE FA 137 -30.05 65.45 26.33
CA ILE FA 137 -30.33 65.61 24.92
C ILE FA 137 -31.58 66.46 24.79
N GLY FA 138 -31.45 67.55 24.06
CA GLY FA 138 -32.58 68.41 23.79
C GLY FA 138 -32.73 68.66 22.31
N GLY FA 139 -33.92 68.46 21.77
CA GLY FA 139 -34.17 68.77 20.39
C GLY FA 139 -35.64 68.63 20.05
N LEU FA 140 -35.90 68.56 18.75
CA LEU FA 140 -37.24 68.40 18.24
C LEU FA 140 -37.53 66.93 18.02
N ASP FA 141 -38.73 66.65 17.53
CA ASP FA 141 -39.14 65.30 17.25
C ASP FA 141 -39.83 65.22 15.90
N GLU FA 142 -40.48 64.11 15.62
CA GLU FA 142 -41.11 63.92 14.33
C GLU FA 142 -42.47 64.58 14.23
N GLU FA 143 -42.87 65.37 15.22
CA GLU FA 143 -44.06 66.18 15.15
C GLU FA 143 -43.76 67.66 15.28
N GLY FA 144 -42.50 68.02 15.53
CA GLY FA 144 -42.13 69.40 15.70
C GLY FA 144 -42.31 69.94 17.09
N LYS FA 145 -42.05 69.12 18.11
CA LYS FA 145 -42.20 69.54 19.49
C LYS FA 145 -40.91 69.29 20.25
N GLY FA 146 -40.74 70.02 21.33
CA GLY FA 146 -39.54 69.90 22.14
C GLY FA 146 -39.48 68.57 22.88
N ALA FA 147 -38.25 68.13 23.15
CA ALA FA 147 -38.04 66.89 23.86
C ALA FA 147 -36.73 67.00 24.62
N VAL FA 148 -36.78 66.65 25.91
CA VAL FA 148 -35.63 66.73 26.79
C VAL FA 148 -35.44 65.37 27.43
N TYR FA 149 -34.22 64.86 27.36
CA TYR FA 149 -33.89 63.51 27.82
C TYR FA 149 -32.76 63.59 28.84
N SER FA 150 -33.08 63.41 30.11
CA SER FA 150 -32.09 63.49 31.16
C SER FA 150 -31.54 62.12 31.50
N PHE FA 151 -30.23 62.02 31.62
CA PHE FA 151 -29.56 60.74 31.74
C PHE FA 151 -28.89 60.65 33.11
N ASP FA 152 -28.09 59.61 33.28
CA ASP FA 152 -27.21 59.44 34.44
C ASP FA 152 -26.08 58.53 34.00
N PRO FA 153 -24.92 58.53 34.68
CA PRO FA 153 -23.78 57.78 34.13
C PRO FA 153 -23.82 56.28 34.32
N VAL FA 154 -24.99 55.66 34.15
CA VAL FA 154 -25.13 54.23 34.02
C VAL FA 154 -26.11 53.96 32.90
N GLY FA 155 -26.86 54.98 32.50
CA GLY FA 155 -27.67 54.93 31.32
C GLY FA 155 -29.17 54.85 31.51
N SER FA 156 -29.72 55.32 32.61
CA SER FA 156 -31.16 55.41 32.75
C SER FA 156 -31.66 56.73 32.19
N TYR FA 157 -32.89 56.73 31.68
CA TYR FA 157 -33.35 57.92 30.99
C TYR FA 157 -34.86 58.03 31.07
N GLN FA 158 -35.33 59.25 30.84
CA GLN FA 158 -36.75 59.56 30.81
C GLN FA 158 -36.93 60.88 30.10
N ARG FA 159 -38.17 61.15 29.71
CA ARG FA 159 -38.51 62.35 28.97
C ARG FA 159 -39.09 63.38 29.93
N ASP FA 160 -38.51 64.57 29.94
CA ASP FA 160 -38.98 65.64 30.80
C ASP FA 160 -39.25 66.88 29.98
N SER FA 161 -39.89 67.87 30.60
CA SER FA 161 -40.12 69.14 29.95
C SER FA 161 -38.94 70.09 30.16
N PHE FA 162 -38.20 69.91 31.25
CA PHE FA 162 -37.07 70.76 31.58
C PHE FA 162 -36.22 70.04 32.61
N LYS FA 163 -34.90 70.08 32.41
CA LYS FA 163 -33.95 69.57 33.38
C LYS FA 163 -32.75 70.47 33.44
N ALA FA 164 -31.97 70.29 34.49
CA ALA FA 164 -30.73 71.03 34.67
C ALA FA 164 -29.78 70.13 35.44
N GLY FA 165 -28.60 69.89 34.88
CA GLY FA 165 -27.63 69.02 35.50
C GLY FA 165 -26.28 69.70 35.60
N GLY FA 166 -25.39 69.08 36.37
CA GLY FA 166 -24.05 69.59 36.55
C GLY FA 166 -23.81 69.98 38.00
N SER FA 167 -22.90 70.94 38.19
CA SER FA 167 -22.52 71.35 39.53
C SER FA 167 -23.65 72.14 40.20
N ALA FA 168 -24.17 73.15 39.53
CA ALA FA 168 -25.29 73.92 40.08
C ALA FA 168 -26.62 73.37 39.63
N SER FA 169 -26.83 72.07 39.79
CA SER FA 169 -28.11 71.48 39.44
C SER FA 169 -29.17 71.78 40.48
N ALA FA 170 -28.78 71.83 41.76
CA ALA FA 170 -29.73 72.00 42.84
C ALA FA 170 -30.03 73.45 43.13
N MET FA 171 -29.53 74.36 42.31
CA MET FA 171 -29.91 75.77 42.42
C MET FA 171 -30.84 76.21 41.32
N LEU FA 172 -31.00 75.43 40.27
CA LEU FA 172 -31.81 75.83 39.14
C LEU FA 172 -33.11 75.07 39.03
N GLN FA 173 -33.18 73.85 39.56
CA GLN FA 173 -34.39 73.05 39.48
C GLN FA 173 -35.61 73.68 40.14
N PRO FA 174 -35.58 74.12 41.42
CA PRO FA 174 -36.85 74.50 42.04
C PRO FA 174 -37.38 75.83 41.54
N LEU FA 175 -36.53 76.66 40.94
CA LEU FA 175 -37.03 77.90 40.35
C LEU FA 175 -37.79 77.63 39.07
N LEU FA 176 -37.34 76.64 38.29
CA LEU FA 176 -38.08 76.29 37.08
C LEU FA 176 -39.39 75.61 37.42
N ASP FA 177 -39.46 74.94 38.57
CA ASP FA 177 -40.74 74.43 39.06
C ASP FA 177 -41.70 75.56 39.37
N ASN FA 178 -41.18 76.67 39.87
CA ASN FA 178 -42.06 77.78 40.20
C ASN FA 178 -42.49 78.53 38.96
N GLN FA 179 -41.59 78.74 38.01
CA GLN FA 179 -41.91 79.55 36.85
C GLN FA 179 -42.50 78.70 35.72
N VAL FA 180 -41.76 77.71 35.27
CA VAL FA 180 -42.23 76.90 34.15
C VAL FA 180 -43.24 75.88 34.61
N GLY FA 181 -42.97 75.20 35.72
CA GLY FA 181 -43.86 74.14 36.17
C GLY FA 181 -45.11 74.61 36.85
N PHE FA 182 -45.13 75.87 37.32
CA PHE FA 182 -46.25 76.50 38.02
C PHE FA 182 -46.67 75.68 39.24
N LYS FA 183 -45.70 75.48 40.13
CA LYS FA 183 -45.95 74.67 41.32
C LYS FA 183 -46.01 75.57 42.54
N ASN FA 184 -46.72 75.06 43.56
CA ASN FA 184 -46.88 75.69 44.88
C ASN FA 184 -47.51 77.08 44.78
N MET FA 185 -48.36 77.31 43.79
CA MET FA 185 -48.99 78.61 43.65
C MET FA 185 -50.50 78.47 43.64
N GLN FA 186 -51.15 79.50 44.15
CA GLN FA 186 -52.60 79.58 44.21
C GLN FA 186 -53.08 80.55 43.14
N ASN FA 187 -54.07 80.12 42.36
CA ASN FA 187 -54.78 80.95 41.38
C ASN FA 187 -53.84 81.49 40.30
N VAL FA 188 -53.04 80.60 39.74
CA VAL FA 188 -52.11 80.95 38.67
C VAL FA 188 -52.50 80.13 37.44
N GLU FA 189 -52.65 80.79 36.31
CA GLU FA 189 -53.04 80.11 35.09
C GLU FA 189 -51.84 79.39 34.47
N HIS FA 190 -52.13 78.37 33.69
CA HIS FA 190 -51.09 77.59 33.02
C HIS FA 190 -50.99 78.02 31.56
N VAL FA 191 -50.55 79.25 31.38
CA VAL FA 191 -50.23 79.77 30.04
C VAL FA 191 -48.94 79.10 29.57
N PRO FA 192 -48.87 78.66 28.31
CA PRO FA 192 -47.63 78.02 27.84
C PRO FA 192 -46.49 79.02 27.69
N LEU FA 193 -45.27 78.50 27.81
CA LEU FA 193 -44.10 79.34 27.69
C LEU FA 193 -43.85 79.69 26.23
N SER FA 194 -43.67 80.98 25.97
CA SER FA 194 -43.36 81.45 24.64
C SER FA 194 -41.85 81.38 24.45
N LEU FA 195 -41.37 81.82 23.29
CA LEU FA 195 -39.94 81.80 23.03
C LEU FA 195 -39.22 82.86 23.85
N ASP FA 196 -39.68 84.11 23.76
CA ASP FA 196 -38.98 85.20 24.43
C ASP FA 196 -39.12 85.13 25.93
N ARG FA 197 -40.24 84.59 26.43
CA ARG FA 197 -40.37 84.37 27.86
C ARG FA 197 -39.37 83.32 28.33
N ALA FA 198 -39.13 82.30 27.52
CA ALA FA 198 -38.13 81.30 27.87
C ALA FA 198 -36.72 81.86 27.76
N MET FA 199 -36.52 82.87 26.90
CA MET FA 199 -35.19 83.41 26.72
C MET FA 199 -34.71 84.17 27.95
N ARG FA 200 -35.61 84.93 28.58
CA ARG FA 200 -35.18 85.68 29.75
C ARG FA 200 -35.12 84.79 30.99
N LEU FA 201 -35.83 83.66 30.98
CA LEU FA 201 -35.71 82.74 32.10
C LEU FA 201 -34.35 82.07 32.13
N VAL FA 202 -33.80 81.73 30.95
CA VAL FA 202 -32.49 81.13 30.89
C VAL FA 202 -31.43 82.15 31.28
N LYS FA 203 -31.61 83.40 30.87
CA LYS FA 203 -30.60 84.42 31.17
C LYS FA 203 -30.60 84.79 32.64
N ASP FA 204 -31.76 84.70 33.30
CA ASP FA 204 -31.83 85.13 34.69
C ASP FA 204 -31.24 84.08 35.63
N VAL FA 205 -31.39 82.80 35.31
CA VAL FA 205 -30.96 81.78 36.26
C VAL FA 205 -29.45 81.67 36.30
N PHE FA 206 -28.76 81.86 35.17
CA PHE FA 206 -27.32 81.74 35.16
C PHE FA 206 -26.65 82.96 35.78
N ILE FA 207 -27.36 84.10 35.80
CA ILE FA 207 -26.85 85.22 36.58
C ILE FA 207 -26.90 84.89 38.06
N SER FA 208 -28.02 84.30 38.50
CA SER FA 208 -28.18 84.00 39.92
C SER FA 208 -27.29 82.84 40.34
N ALA FA 209 -27.06 81.88 39.45
CA ALA FA 209 -26.24 80.73 39.81
C ALA FA 209 -24.76 81.10 39.84
N ALA FA 210 -24.35 82.08 39.02
CA ALA FA 210 -22.96 82.51 39.04
C ALA FA 210 -22.62 83.26 40.31
N GLU FA 211 -23.61 83.83 40.98
CA GLU FA 211 -23.35 84.54 42.22
C GLU FA 211 -23.03 83.61 43.38
N ARG FA 212 -23.41 82.35 43.29
CA ARG FA 212 -23.25 81.44 44.42
C ARG FA 212 -22.35 80.26 44.10
N ASP FA 213 -22.48 79.71 42.91
CA ASP FA 213 -21.62 78.60 42.53
C ASP FA 213 -20.28 79.15 42.06
N VAL FA 214 -19.20 78.55 42.55
CA VAL FA 214 -17.88 78.97 42.11
C VAL FA 214 -17.51 78.43 40.75
N TYR FA 215 -18.20 77.39 40.27
CA TYR FA 215 -17.84 76.77 39.01
C TYR FA 215 -18.49 77.43 37.80
N THR FA 216 -19.38 78.39 38.02
CA THR FA 216 -20.13 78.94 36.89
C THR FA 216 -19.33 80.03 36.20
N GLY FA 217 -19.11 79.84 34.90
CA GLY FA 217 -18.12 80.63 34.18
C GLY FA 217 -18.63 81.96 33.71
N ASP FA 218 -18.07 82.39 32.58
CA ASP FA 218 -18.22 83.77 32.14
C ASP FA 218 -19.17 83.90 30.96
N ALA FA 219 -18.91 83.21 29.87
CA ALA FA 219 -19.82 83.32 28.74
C ALA FA 219 -20.89 82.24 28.85
N LEU FA 220 -22.08 82.57 28.39
CA LEU FA 220 -23.23 81.68 28.44
C LEU FA 220 -23.65 81.36 27.01
N ARG FA 221 -23.37 80.15 26.57
CA ARG FA 221 -23.67 79.71 25.22
C ARG FA 221 -25.08 79.14 25.21
N ILE FA 222 -25.97 79.78 24.47
CA ILE FA 222 -27.36 79.34 24.36
C ILE FA 222 -27.61 78.89 22.94
N CYS FA 223 -28.01 77.64 22.77
CA CYS FA 223 -28.36 77.08 21.47
C CYS FA 223 -29.87 76.93 21.41
N ILE FA 224 -30.48 77.51 20.39
CA ILE FA 224 -31.93 77.49 20.23
C ILE FA 224 -32.27 76.63 19.02
N VAL FA 225 -32.96 75.54 19.23
CA VAL FA 225 -33.33 74.61 18.17
C VAL FA 225 -34.78 74.85 17.82
N THR FA 226 -35.04 75.33 16.61
CA THR FA 226 -36.39 75.45 16.12
C THR FA 226 -36.54 74.54 14.92
N LYS FA 227 -37.66 74.63 14.21
CA LYS FA 227 -37.88 73.84 13.01
C LYS FA 227 -37.18 74.40 11.78
N GLU FA 228 -36.34 75.42 11.95
CA GLU FA 228 -35.70 76.10 10.85
C GLU FA 228 -34.19 76.10 10.94
N GLY FA 229 -33.63 75.91 12.12
CA GLY FA 229 -32.19 75.83 12.25
C GLY FA 229 -31.78 75.83 13.71
N ILE FA 230 -30.51 76.15 13.92
CA ILE FA 230 -29.94 76.31 15.25
C ILE FA 230 -29.37 77.70 15.37
N ARG FA 231 -29.93 78.51 16.26
CA ARG FA 231 -29.43 79.83 16.55
C ARG FA 231 -28.56 79.77 17.79
N GLU FA 232 -27.54 80.62 17.84
CA GLU FA 232 -26.65 80.67 18.99
C GLU FA 232 -26.52 82.09 19.47
N GLU FA 233 -26.54 82.27 20.80
CA GLU FA 233 -26.39 83.56 21.42
C GLU FA 233 -25.47 83.42 22.62
N THR FA 234 -24.51 84.34 22.76
CA THR FA 234 -23.54 84.29 23.82
C THR FA 234 -23.73 85.49 24.76
N VAL FA 235 -23.93 85.22 26.04
CA VAL FA 235 -24.14 86.25 27.05
C VAL FA 235 -23.02 86.15 28.07
N SER FA 236 -22.44 87.29 28.44
CA SER FA 236 -21.33 87.32 29.38
C SER FA 236 -21.85 87.37 30.81
N LEU FA 237 -21.07 86.81 31.74
CA LEU FA 237 -21.40 86.84 33.16
C LEU FA 237 -20.21 87.41 33.93
N ARG FA 238 -20.24 87.30 35.25
CA ARG FA 238 -19.15 87.87 36.04
C ARG FA 238 -17.94 86.96 35.99
N LYS FA 239 -16.76 87.56 36.17
CA LYS FA 239 -15.51 86.84 36.00
C LYS FA 239 -14.83 86.57 37.33
N ASP FA 240 -15.63 86.33 38.37
CA ASP FA 240 -15.10 86.08 39.70
C ASP FA 240 -14.31 84.77 39.79
N THR GA 45 2.64 53.69 34.10
CA THR GA 45 3.50 54.13 35.18
C THR GA 45 2.70 54.54 36.40
N GLN GA 46 2.95 53.86 37.51
CA GLN GA 46 2.31 54.19 38.78
C GLN GA 46 3.09 55.27 39.51
N ASN GA 47 4.41 55.11 39.60
CA ASN GA 47 5.24 55.99 40.40
C ASN GA 47 6.28 56.65 39.51
N PRO GA 48 6.23 57.96 39.31
CA PRO GA 48 7.24 58.61 38.48
C PRO GA 48 8.58 58.72 39.20
N MET GA 49 9.62 58.19 38.55
CA MET GA 49 10.94 58.26 39.15
C MET GA 49 11.62 59.59 38.86
N VAL GA 50 11.90 59.86 37.59
CA VAL GA 50 12.67 61.03 37.20
C VAL GA 50 11.72 62.02 36.56
N THR GA 51 11.36 63.07 37.29
CA THR GA 51 10.37 63.99 36.78
C THR GA 51 11.01 65.28 36.27
N GLY GA 52 10.30 65.92 35.35
CA GLY GA 52 10.62 67.28 34.95
C GLY GA 52 9.83 68.26 35.78
N THR GA 53 9.52 69.41 35.19
CA THR GA 53 8.77 70.46 35.88
C THR GA 53 8.02 71.35 34.89
N SER GA 54 7.62 72.54 35.33
CA SER GA 54 6.68 73.41 34.64
C SER GA 54 7.16 73.82 33.26
N VAL GA 55 6.23 73.88 32.32
CA VAL GA 55 6.48 74.25 30.93
C VAL GA 55 5.54 75.39 30.57
N LEU GA 56 6.07 76.42 29.92
CA LEU GA 56 5.26 77.55 29.53
C LEU GA 56 4.98 77.51 28.04
N GLY GA 57 4.20 78.48 27.58
CA GLY GA 57 3.86 78.57 26.17
C GLY GA 57 2.78 79.59 25.91
N VAL GA 58 2.94 80.39 24.85
CA VAL GA 58 1.99 81.44 24.54
C VAL GA 58 2.05 81.71 23.04
N LYS GA 59 0.92 82.09 22.47
CA LYS GA 59 0.84 82.48 21.07
C LYS GA 59 1.35 83.90 20.89
N PHE GA 60 1.76 84.20 19.67
CA PHE GA 60 1.99 85.59 19.30
C PHE GA 60 1.55 85.76 17.86
N GLU GA 61 1.83 86.94 17.31
CA GLU GA 61 1.43 87.27 15.95
C GLU GA 61 2.27 86.47 14.96
N GLY GA 62 1.68 85.42 14.41
CA GLY GA 62 2.39 84.54 13.51
C GLY GA 62 3.41 83.68 14.22
N GLY GA 63 2.94 82.79 15.09
CA GLY GA 63 3.85 81.89 15.76
C GLY GA 63 3.53 81.64 17.21
N VAL GA 64 4.18 80.63 17.78
CA VAL GA 64 3.97 80.19 19.15
C VAL GA 64 5.34 80.00 19.78
N VAL GA 65 5.54 80.53 20.97
CA VAL GA 65 6.80 80.40 21.70
C VAL GA 65 6.58 79.55 22.95
N ILE GA 66 7.50 78.61 23.20
CA ILE GA 66 7.42 77.67 24.32
C ILE GA 66 8.77 77.61 25.00
N ALA GA 67 8.80 77.72 26.32
CA ALA GA 67 10.03 77.60 27.10
C ALA GA 67 9.92 76.54 28.18
N ALA GA 68 11.05 75.92 28.50
CA ALA GA 68 11.15 74.96 29.59
C ALA GA 68 12.60 74.88 30.04
N ASP GA 69 12.80 74.38 31.25
CA ASP GA 69 14.15 74.32 31.80
C ASP GA 69 14.75 72.93 31.62
N MET GA 70 16.02 72.82 31.99
CA MET GA 70 16.83 71.66 31.70
C MET GA 70 17.16 70.99 33.02
N LEU GA 71 16.28 70.14 33.52
CA LEU GA 71 16.50 69.55 34.83
C LEU GA 71 15.74 68.22 34.92
N GLY GA 72 16.42 67.22 35.47
CA GLY GA 72 15.89 65.88 35.57
C GLY GA 72 15.75 65.39 36.99
N SER GA 73 15.14 66.19 37.86
CA SER GA 73 15.11 65.98 39.31
C SER GA 73 14.54 64.61 39.69
N TYR GA 74 14.99 64.15 40.86
CA TYR GA 74 14.61 62.85 41.41
C TYR GA 74 14.10 63.08 42.82
N GLY GA 75 12.82 63.38 42.94
CA GLY GA 75 12.22 63.64 44.22
C GLY GA 75 12.54 65.04 44.73
N SER GA 76 13.75 65.23 45.23
CA SER GA 76 14.20 66.53 45.67
C SER GA 76 15.64 66.74 45.26
N LEU GA 77 16.18 65.84 44.45
CA LEU GA 77 17.58 65.83 44.09
C LEU GA 77 17.72 66.27 42.65
N ALA GA 78 18.43 67.38 42.42
CA ALA GA 78 18.73 67.81 41.05
C ALA GA 78 19.80 66.88 40.50
N ARG GA 79 19.36 65.71 40.05
CA ARG GA 79 20.29 64.66 39.68
C ARG GA 79 20.85 64.88 38.27
N PHE GA 80 19.97 64.90 37.28
CA PHE GA 80 20.39 65.13 35.91
C PHE GA 80 20.11 66.57 35.55
N ARG GA 81 21.16 67.33 35.29
CA ARG GA 81 20.97 68.76 35.15
C ARG GA 81 21.37 69.29 33.78
N ASN GA 82 21.58 68.43 32.80
CA ASN GA 82 21.70 68.87 31.41
C ASN GA 82 20.90 67.90 30.54
N ILE GA 83 19.62 68.18 30.37
CA ILE GA 83 18.75 67.40 29.49
C ILE GA 83 17.92 68.36 28.64
N SER GA 84 17.27 67.82 27.62
CA SER GA 84 16.35 68.60 26.81
C SER GA 84 14.94 68.10 27.01
N ARG GA 85 14.00 69.02 27.21
CA ARG GA 85 12.61 68.67 27.42
C ARG GA 85 11.68 69.23 26.36
N ILE GA 86 12.21 69.76 25.25
CA ILE GA 86 11.42 70.29 24.16
C ILE GA 86 11.79 69.52 22.90
N MET GA 87 10.80 69.08 22.14
CA MET GA 87 11.04 68.30 20.94
C MET GA 87 10.50 69.02 19.71
N ARG GA 88 11.30 69.06 18.64
CA ARG GA 88 10.87 69.57 17.34
C ARG GA 88 10.34 68.40 16.53
N VAL GA 89 9.03 68.35 16.35
CA VAL GA 89 8.39 67.24 15.66
C VAL GA 89 8.65 67.35 14.16
N ASN GA 90 8.19 68.44 13.56
CA ASN GA 90 8.45 68.71 12.15
C ASN GA 90 8.54 70.21 11.94
N ASN GA 91 8.43 70.67 10.69
CA ASN GA 91 8.56 72.09 10.39
C ASN GA 91 7.29 72.87 10.72
N SER GA 92 6.30 72.21 11.30
CA SER GA 92 5.07 72.89 11.68
C SER GA 92 4.89 72.91 13.19
N THR GA 93 4.99 71.75 13.83
CA THR GA 93 4.63 71.71 15.23
C THR GA 93 5.83 71.35 16.11
N MET GA 94 5.56 71.28 17.42
CA MET GA 94 6.61 71.34 18.43
C MET GA 94 6.00 70.90 19.75
N LEU GA 95 6.77 70.20 20.57
CA LEU GA 95 6.25 69.56 21.77
C LEU GA 95 7.19 69.73 22.96
N GLY GA 96 6.62 70.08 24.11
CA GLY GA 96 7.34 70.12 25.37
C GLY GA 96 6.55 69.48 26.50
N ALA GA 97 7.16 68.62 27.30
CA ALA GA 97 6.39 67.86 28.26
C ALA GA 97 6.87 68.08 29.70
N SER GA 98 6.11 67.54 30.64
CA SER GA 98 6.48 67.50 32.05
C SER GA 98 6.19 66.09 32.56
N GLY GA 99 6.24 65.92 33.88
CA GLY GA 99 5.97 64.61 34.44
C GLY GA 99 7.17 63.71 34.26
N ASP GA 100 6.91 62.41 34.17
CA ASP GA 100 7.97 61.41 34.13
C ASP GA 100 8.77 61.51 32.84
N TYR GA 101 10.09 61.46 32.98
CA TYR GA 101 10.93 61.70 31.83
C TYR GA 101 11.14 60.46 30.99
N ALA GA 102 11.09 59.28 31.61
CA ALA GA 102 11.25 58.04 30.86
C ALA GA 102 10.06 57.80 29.94
N ASP GA 103 8.88 58.28 30.34
CA ASP GA 103 7.73 58.20 29.46
C ASP GA 103 7.81 59.21 28.33
N PHE GA 104 8.52 60.31 28.56
CA PHE GA 104 8.68 61.31 27.50
C PHE GA 104 9.57 60.79 26.38
N GLN GA 105 10.59 60.01 26.72
CA GLN GA 105 11.44 59.40 25.70
C GLN GA 105 10.67 58.35 24.92
N TYR GA 106 9.64 57.75 25.53
CA TYR GA 106 8.80 56.81 24.82
C TYR GA 106 7.98 57.50 23.75
N LEU GA 107 7.32 58.60 24.11
CA LEU GA 107 6.50 59.33 23.15
C LEU GA 107 7.37 60.04 22.14
N LYS GA 108 8.60 60.36 22.50
CA LYS GA 108 9.57 60.88 21.55
C LYS GA 108 9.89 59.83 20.48
N GLN GA 109 9.87 58.57 20.88
CA GLN GA 109 10.23 57.50 19.95
C GLN GA 109 9.08 57.17 19.02
N VAL GA 110 7.84 57.25 19.52
CA VAL GA 110 6.70 56.83 18.72
C VAL GA 110 6.33 57.91 17.73
N LEU GA 111 6.27 59.16 18.19
CA LEU GA 111 6.00 60.28 17.30
C LEU GA 111 7.10 60.48 16.28
N GLY GA 112 8.35 60.15 16.66
CA GLY GA 112 9.43 60.25 15.71
C GLY GA 112 9.28 59.30 14.55
N GLN GA 113 8.72 58.12 14.81
CA GLN GA 113 8.57 57.15 13.74
C GLN GA 113 7.39 57.49 12.85
N MET GA 114 6.32 58.03 13.43
CA MET GA 114 5.12 58.36 12.67
C MET GA 114 5.38 59.47 11.65
N VAL GA 115 6.24 60.42 12.00
CA VAL GA 115 6.57 61.48 11.07
C VAL GA 115 7.46 60.95 9.96
N ILE GA 116 8.40 60.06 10.30
CA ILE GA 116 9.24 59.42 9.30
C ILE GA 116 8.40 58.53 8.40
N ASP GA 117 7.31 57.97 8.95
CA ASP GA 117 6.41 57.16 8.15
C ASP GA 117 5.68 57.98 7.10
N GLU GA 118 5.26 59.19 7.45
CA GLU GA 118 4.44 59.97 6.54
C GLU GA 118 5.29 60.60 5.45
N GLU GA 119 6.56 60.89 5.75
CA GLU GA 119 7.43 61.46 4.74
C GLU GA 119 7.85 60.44 3.71
N LEU GA 120 8.02 59.19 4.10
CA LEU GA 120 8.55 58.20 3.18
C LEU GA 120 7.53 57.71 2.17
N LEU GA 121 6.24 57.93 2.42
CA LEU GA 121 5.27 57.70 1.36
C LEU GA 121 5.45 58.72 0.24
N GLY GA 122 5.21 59.99 0.54
CA GLY GA 122 5.44 61.07 -0.38
C GLY GA 122 4.16 61.31 -1.13
N ASP GA 123 3.36 62.26 -0.65
CA ASP GA 123 2.07 62.53 -1.29
C ASP GA 123 1.79 64.02 -1.31
N GLY GA 124 2.56 64.77 -0.53
CA GLY GA 124 2.24 66.17 -0.32
C GLY GA 124 1.21 66.37 0.78
N HIS GA 125 1.23 65.51 1.79
CA HIS GA 125 0.41 65.66 2.97
C HIS GA 125 1.31 65.56 4.20
N SER GA 126 0.92 66.26 5.25
CA SER GA 126 1.67 66.22 6.50
C SER GA 126 0.70 66.29 7.66
N TYR GA 127 1.16 65.91 8.84
CA TYR GA 127 0.35 66.03 10.03
C TYR GA 127 0.26 67.49 10.45
N SER GA 128 -0.96 67.99 10.53
CA SER GA 128 -1.18 69.30 11.12
C SER GA 128 -0.92 69.22 12.62
N PRO GA 129 -0.67 70.36 13.27
CA PRO GA 129 -0.52 70.35 14.73
C PRO GA 129 -1.77 69.91 15.47
N ARG GA 130 -2.94 70.16 14.88
CA ARG GA 130 -4.17 69.70 15.50
C ARG GA 130 -4.33 68.19 15.36
N ALA GA 131 -3.78 67.62 14.29
CA ALA GA 131 -3.90 66.18 14.09
C ALA GA 131 -3.05 65.43 15.10
N ILE GA 132 -1.91 66.00 15.48
CA ILE GA 132 -1.08 65.36 16.49
C ILE GA 132 -1.68 65.57 17.87
N HIS GA 133 -2.28 66.75 18.09
CA HIS GA 133 -2.99 67.01 19.34
C HIS GA 133 -4.20 66.11 19.48
N SER GA 134 -4.86 65.81 18.38
CA SER GA 134 -5.97 64.86 18.42
C SER GA 134 -5.47 63.45 18.67
N TRP GA 135 -4.36 63.07 18.04
CA TRP GA 135 -3.80 61.73 18.20
C TRP GA 135 -3.35 61.50 19.63
N LEU GA 136 -2.68 62.50 20.20
CA LEU GA 136 -2.05 62.30 21.49
C LEU GA 136 -3.07 62.27 22.61
N THR GA 137 -4.24 62.87 22.37
CA THR GA 137 -5.35 62.77 23.32
C THR GA 137 -5.88 61.35 23.37
N ARG GA 138 -6.04 60.72 22.21
CA ARG GA 138 -6.49 59.34 22.19
C ARG GA 138 -5.44 58.39 22.72
N ALA GA 139 -4.17 58.80 22.67
CA ALA GA 139 -3.11 57.99 23.23
C ALA GA 139 -3.19 57.97 24.75
N MET GA 140 -3.47 59.11 25.37
CA MET GA 140 -3.53 59.16 26.83
C MET GA 140 -4.75 58.45 27.36
N TYR GA 141 -5.91 58.65 26.72
CA TYR GA 141 -7.16 58.14 27.27
C TYR GA 141 -7.23 56.62 27.18
N SER GA 142 -6.67 56.06 26.13
CA SER GA 142 -6.62 54.61 26.04
C SER GA 142 -5.63 54.04 27.03
N ARG GA 143 -4.60 54.81 27.35
CA ARG GA 143 -3.56 54.32 28.25
C ARG GA 143 -4.03 54.33 29.69
N ARG GA 144 -4.86 55.30 30.07
CA ARG GA 144 -5.41 55.31 31.42
C ARG GA 144 -6.57 54.35 31.58
N SER GA 145 -7.22 53.94 30.50
CA SER GA 145 -8.37 53.08 30.64
C SER GA 145 -7.97 51.66 30.97
N LYS GA 146 -6.69 51.33 30.77
CA LYS GA 146 -6.12 50.09 31.23
C LYS GA 146 -5.59 50.18 32.65
N MET GA 147 -5.89 51.29 33.33
CA MET GA 147 -5.39 51.61 34.67
C MET GA 147 -3.87 51.59 34.75
N ASN GA 148 -3.23 52.03 33.68
CA ASN GA 148 -1.79 52.05 33.57
C ASN GA 148 -1.40 53.34 32.85
N PRO GA 149 -1.40 54.46 33.52
CA PRO GA 149 -1.31 55.74 32.79
C PRO GA 149 0.09 56.06 32.30
N LEU GA 150 0.23 57.16 31.57
CA LEU GA 150 1.53 57.74 31.26
C LEU GA 150 1.65 59.04 32.01
N TRP GA 151 2.56 59.09 32.98
CA TRP GA 151 2.65 60.21 33.89
C TRP GA 151 3.26 61.41 33.17
N ASN GA 152 2.46 62.14 32.40
CA ASN GA 152 2.96 63.31 31.70
C ASN GA 152 1.90 64.39 31.62
N THR GA 153 2.35 65.57 31.25
CA THR GA 153 1.49 66.72 30.96
C THR GA 153 2.19 67.47 29.83
N MET GA 154 1.53 67.58 28.70
CA MET GA 154 2.20 67.92 27.46
C MET GA 154 1.58 69.16 26.82
N VAL GA 155 2.42 69.96 26.18
CA VAL GA 155 2.02 71.20 25.54
C VAL GA 155 2.45 71.13 24.09
N ILE GA 156 1.49 71.24 23.18
CA ILE GA 156 1.78 71.21 21.76
C ILE GA 156 1.57 72.59 21.17
N GLY GA 157 2.60 73.11 20.53
CA GLY GA 157 2.50 74.38 19.85
C GLY GA 157 2.91 74.25 18.41
N GLY GA 158 2.05 74.68 17.48
CA GLY GA 158 2.34 74.60 16.07
C GLY GA 158 1.88 75.84 15.34
N TYR GA 159 2.31 75.94 14.09
CA TYR GA 159 1.93 77.06 13.25
C TYR GA 159 1.76 76.56 11.82
N ALA GA 160 0.53 76.46 11.37
CA ALA GA 160 0.25 75.99 10.02
C ALA GA 160 -0.94 76.77 9.46
N ASP GA 161 -0.89 77.00 8.15
CA ASP GA 161 -1.90 77.76 7.39
C ASP GA 161 -2.10 79.16 7.93
N GLY GA 162 -1.03 79.78 8.42
CA GLY GA 162 -1.16 81.08 9.03
C GLY GA 162 -1.92 81.09 10.33
N GLU GA 163 -1.96 79.97 11.03
CA GLU GA 163 -2.72 79.85 12.26
C GLU GA 163 -1.79 79.41 13.38
N SER GA 164 -1.82 80.14 14.48
CA SER GA 164 -1.11 79.72 15.66
C SER GA 164 -1.95 78.71 16.41
N PHE GA 165 -1.34 77.60 16.80
CA PHE GA 165 -2.04 76.57 17.54
C PHE GA 165 -1.31 76.30 18.84
N LEU GA 166 -2.06 76.14 19.92
CA LEU GA 166 -1.47 75.94 21.25
C LEU GA 166 -2.39 75.03 22.04
N GLY GA 167 -2.02 73.76 22.14
CA GLY GA 167 -2.84 72.76 22.78
C GLY GA 167 -2.27 72.20 24.06
N TYR GA 168 -3.16 71.71 24.91
CA TYR GA 168 -2.82 71.10 26.19
C TYR GA 168 -3.25 69.66 26.16
N VAL GA 169 -2.45 68.78 26.74
CA VAL GA 169 -2.81 67.37 26.90
C VAL GA 169 -2.44 66.98 28.32
N ASP GA 170 -3.39 66.41 29.05
CA ASP GA 170 -3.16 65.97 30.42
C ASP GA 170 -2.97 64.45 30.46
N MET GA 171 -2.56 63.96 31.62
CA MET GA 171 -2.43 62.51 31.84
C MET GA 171 -3.77 61.81 31.74
N LEU GA 172 -4.83 62.42 32.24
CA LEU GA 172 -6.13 61.76 32.25
C LEU GA 172 -6.89 61.92 30.94
N GLY GA 173 -6.32 62.57 29.94
CA GLY GA 173 -7.03 62.71 28.68
C GLY GA 173 -7.78 64.01 28.59
N VAL GA 174 -7.49 64.93 29.51
CA VAL GA 174 -8.10 66.24 29.49
C VAL GA 174 -7.33 67.13 28.53
N ALA GA 175 -7.96 67.55 27.46
CA ALA GA 175 -7.29 68.30 26.40
C ALA GA 175 -8.14 69.50 25.99
N TYR GA 176 -7.50 70.65 25.81
CA TYR GA 176 -8.19 71.85 25.37
C TYR GA 176 -7.20 72.74 24.63
N GLU GA 177 -7.66 73.92 24.24
CA GLU GA 177 -6.85 74.89 23.52
C GLU GA 177 -6.98 76.23 24.21
N ALA GA 178 -5.94 77.06 24.11
CA ALA GA 178 -5.91 78.32 24.84
C ALA GA 178 -4.89 79.23 24.18
N PRO GA 179 -4.97 80.55 24.36
CA PRO GA 179 -3.90 81.42 23.87
C PRO GA 179 -2.65 81.40 24.73
N SER GA 180 -2.72 80.87 25.96
CA SER GA 180 -1.56 80.76 26.82
C SER GA 180 -1.74 79.56 27.73
N LEU GA 181 -0.67 78.80 27.95
CA LEU GA 181 -0.74 77.60 28.75
C LEU GA 181 0.44 77.52 29.70
N ALA GA 182 0.24 76.76 30.77
CA ALA GA 182 1.29 76.50 31.75
C ALA GA 182 0.96 75.20 32.46
N THR GA 183 2.00 74.48 32.87
CA THR GA 183 1.87 73.20 33.53
C THR GA 183 2.43 73.28 34.94
N GLY GA 184 1.93 72.44 35.83
CA GLY GA 184 2.52 72.33 37.16
C GLY GA 184 2.29 73.56 38.00
N TYR GA 185 3.35 74.01 38.66
CA TYR GA 185 3.28 75.22 39.46
C TYR GA 185 3.30 76.49 38.63
N GLY GA 186 3.63 76.40 37.35
CA GLY GA 186 3.45 77.53 36.48
C GLY GA 186 1.99 77.86 36.24
N ALA GA 187 1.10 76.91 36.45
CA ALA GA 187 -0.33 77.17 36.40
C ALA GA 187 -0.81 77.98 37.60
N TYR GA 188 0.01 78.13 38.63
CA TYR GA 188 -0.31 78.98 39.75
C TYR GA 188 0.51 80.26 39.76
N LEU GA 189 1.63 80.29 39.05
CA LEU GA 189 2.55 81.41 39.13
C LEU GA 189 2.64 82.17 37.81
N ALA GA 190 2.96 81.52 36.71
CA ALA GA 190 3.09 82.24 35.45
C ALA GA 190 1.73 82.56 34.86
N GLN GA 191 0.77 81.66 35.04
CA GLN GA 191 -0.56 81.81 34.46
C GLN GA 191 -1.31 83.10 34.85
N PRO GA 192 -1.18 83.65 36.07
CA PRO GA 192 -1.73 85.00 36.27
C PRO GA 192 -1.02 86.08 35.46
N LEU GA 193 0.29 85.98 35.27
CA LEU GA 193 0.99 86.99 34.50
C LEU GA 193 0.65 86.90 33.02
N LEU GA 194 0.34 85.70 32.54
CA LEU GA 194 0.00 85.55 31.13
C LEU GA 194 -1.39 86.10 30.84
N ARG GA 195 -2.36 85.72 31.66
CA ARG GA 195 -3.76 86.07 31.40
C ARG GA 195 -4.02 87.54 31.65
N GLU GA 196 -3.22 88.18 32.50
CA GLU GA 196 -3.41 89.59 32.77
C GLU GA 196 -3.04 90.44 31.57
N VAL GA 197 -2.01 90.03 30.84
CA VAL GA 197 -1.59 90.80 29.68
C VAL GA 197 -2.51 90.53 28.50
N LEU GA 198 -2.94 89.29 28.33
CA LEU GA 198 -3.73 88.93 27.16
C LEU GA 198 -5.15 89.48 27.21
N GLU GA 199 -5.73 89.58 28.41
CA GLU GA 199 -7.01 90.26 28.52
C GLU GA 199 -6.89 91.76 28.30
N LYS GA 200 -5.76 92.35 28.69
CA LYS GA 200 -5.55 93.77 28.42
C LYS GA 200 -5.12 94.03 26.99
N GLN GA 201 -4.34 93.12 26.40
CA GLN GA 201 -3.90 93.27 25.04
C GLN GA 201 -4.06 91.93 24.33
N PRO GA 202 -4.97 91.83 23.37
CA PRO GA 202 -5.22 90.55 22.71
C PRO GA 202 -4.05 89.99 21.91
N VAL GA 203 -3.49 90.78 21.00
CA VAL GA 203 -2.42 90.27 20.16
C VAL GA 203 -1.08 90.83 20.63
N LEU GA 204 -0.04 90.01 20.47
CA LEU GA 204 1.30 90.37 20.89
C LEU GA 204 2.25 90.17 19.74
N SER GA 205 3.30 90.98 19.70
CA SER GA 205 4.34 90.78 18.70
C SER GA 205 5.27 89.68 19.20
N GLN GA 206 6.29 89.34 18.41
CA GLN GA 206 7.22 88.29 18.80
C GLN GA 206 8.12 88.70 19.95
N THR GA 207 8.72 89.89 19.86
CA THR GA 207 9.63 90.34 20.90
C THR GA 207 8.91 90.65 22.20
N GLU GA 208 7.66 91.09 22.11
CA GLU GA 208 6.86 91.29 23.30
C GLU GA 208 6.53 89.97 23.97
N ALA GA 209 6.33 88.91 23.16
CA ALA GA 209 6.05 87.61 23.73
C ALA GA 209 7.28 87.02 24.38
N ARG GA 210 8.45 87.20 23.76
CA ARG GA 210 9.65 86.56 24.25
C ARG GA 210 10.12 87.19 25.55
N ASP GA 211 9.98 88.51 25.68
CA ASP GA 211 10.36 89.16 26.91
C ASP GA 211 9.41 88.80 28.05
N LEU GA 212 8.14 88.58 27.72
CA LEU GA 212 7.17 88.26 28.76
C LEU GA 212 7.41 86.86 29.31
N VAL GA 213 7.94 85.97 28.48
CA VAL GA 213 8.27 84.63 28.93
C VAL GA 213 9.46 84.67 29.89
N GLU GA 214 10.44 85.53 29.58
CA GLU GA 214 11.63 85.63 30.43
C GLU GA 214 11.31 86.21 31.80
N ARG GA 215 10.22 86.97 31.89
CA ARG GA 215 9.79 87.47 33.19
C ARG GA 215 9.17 86.36 34.01
N CYS GA 216 8.40 85.48 33.38
CA CYS GA 216 7.71 84.43 34.12
C CYS GA 216 8.69 83.35 34.59
N MET GA 217 9.74 83.11 33.82
CA MET GA 217 10.73 82.12 34.21
C MET GA 217 11.52 82.61 35.42
N ARG GA 218 11.71 83.93 35.53
CA ARG GA 218 12.36 84.49 36.70
C ARG GA 218 11.49 84.30 37.94
N VAL GA 219 10.18 84.38 37.77
CA VAL GA 219 9.26 84.16 38.88
C VAL GA 219 9.27 82.71 39.30
N LEU GA 220 9.26 81.80 38.32
CA LEU GA 220 9.34 80.38 38.63
C LEU GA 220 10.68 80.01 39.22
N TYR GA 221 11.73 80.76 38.90
CA TYR GA 221 13.01 80.45 39.52
C TYR GA 221 13.05 80.89 40.98
N TYR GA 222 12.39 82.00 41.30
CA TYR GA 222 12.37 82.48 42.67
C TYR GA 222 11.46 81.64 43.56
N ARG GA 223 10.27 81.29 43.08
CA ARG GA 223 9.29 80.59 43.90
C ARG GA 223 9.06 79.21 43.32
N ASP GA 224 9.97 78.29 43.63
CA ASP GA 224 9.86 76.87 43.33
C ASP GA 224 11.03 76.17 44.00
N ALA GA 225 10.78 74.99 44.53
CA ALA GA 225 11.86 74.22 45.09
C ALA GA 225 12.61 73.41 44.05
N ARG GA 226 12.00 73.14 42.91
CA ARG GA 226 12.48 72.12 41.99
C ARG GA 226 12.64 72.72 40.60
N SER GA 227 13.27 73.88 40.53
CA SER GA 227 13.57 74.54 39.27
C SER GA 227 15.06 74.76 39.16
N TYR GA 228 15.49 75.25 38.01
CA TYR GA 228 16.91 75.38 37.69
C TYR GA 228 17.11 76.58 36.79
N ASN GA 229 18.24 77.28 36.98
CA ASN GA 229 18.47 78.56 36.31
C ASN GA 229 19.18 78.32 34.98
N ARG GA 230 18.57 77.47 34.16
CA ARG GA 230 19.11 77.14 32.85
C ARG GA 230 17.98 76.56 32.05
N PHE GA 231 17.56 77.28 31.01
CA PHE GA 231 16.37 76.92 30.25
C PHE GA 231 16.63 77.17 28.79
N GLN GA 232 15.64 76.83 27.98
CA GLN GA 232 15.76 76.98 26.54
C GLN GA 232 14.40 77.33 25.95
N ILE GA 233 14.44 78.18 24.94
CA ILE GA 233 13.26 78.78 24.34
C ILE GA 233 13.14 78.28 22.91
N ALA GA 234 11.96 77.79 22.54
CA ALA GA 234 11.72 77.20 21.23
C ALA GA 234 10.54 77.92 20.58
N THR GA 235 10.74 78.36 19.34
CA THR GA 235 9.81 79.26 18.67
C THR GA 235 9.44 78.68 17.31
N VAL GA 236 8.14 78.65 17.00
CA VAL GA 236 7.71 78.30 15.66
C VAL GA 236 7.31 79.57 14.93
N THR GA 237 7.54 79.58 13.62
CA THR GA 237 7.08 80.62 12.73
C THR GA 237 6.58 79.97 11.46
N GLU GA 238 6.36 80.77 10.43
CA GLU GA 238 6.22 80.26 9.08
C GLU GA 238 7.56 79.93 8.44
N LYS GA 239 8.66 80.19 9.15
CA LYS GA 239 9.98 79.86 8.64
C LYS GA 239 10.55 78.60 9.25
N GLY GA 240 9.90 78.04 10.26
CA GLY GA 240 10.36 76.78 10.80
C GLY GA 240 10.31 76.78 12.32
N VAL GA 241 11.00 75.80 12.89
CA VAL GA 241 11.10 75.63 14.33
C VAL GA 241 12.54 75.92 14.72
N GLU GA 242 12.72 76.79 15.71
CA GLU GA 242 14.04 77.21 16.13
C GLU GA 242 14.13 77.12 17.64
N ILE GA 243 15.18 76.46 18.14
CA ILE GA 243 15.38 76.24 19.56
C ILE GA 243 16.64 76.97 19.99
N GLU GA 244 16.51 77.91 20.93
CA GLU GA 244 17.67 78.61 21.43
C GLU GA 244 18.36 77.78 22.51
N GLY GA 245 19.61 78.12 22.80
CA GLY GA 245 20.44 77.34 23.68
C GLY GA 245 20.16 77.59 25.14
N PRO GA 246 21.09 77.19 26.00
CA PRO GA 246 20.89 77.37 27.44
C PRO GA 246 20.98 78.83 27.82
N LEU GA 247 20.01 79.29 28.60
CA LEU GA 247 19.89 80.69 28.95
C LEU GA 247 19.88 80.82 30.47
N SER GA 248 19.80 82.05 30.95
CA SER GA 248 19.74 82.29 32.38
C SER GA 248 18.94 83.55 32.66
N THR GA 249 18.61 83.75 33.93
CA THR GA 249 17.85 84.90 34.36
C THR GA 249 18.62 85.74 35.37
N GLU GA 250 18.46 87.06 35.28
CA GLU GA 250 19.13 87.96 36.22
C GLU GA 250 18.42 87.93 37.55
N THR GA 251 19.00 87.22 38.50
CA THR GA 251 18.42 87.15 39.82
C THR GA 251 18.68 88.42 40.59
N ASN GA 252 17.67 88.92 41.30
CA ASN GA 252 17.80 90.07 42.17
C ASN GA 252 17.76 89.62 43.61
N TRP GA 253 18.72 90.08 44.41
CA TRP GA 253 18.74 89.79 45.84
C TRP GA 253 19.02 91.10 46.56
N ASP GA 254 17.98 91.91 46.74
CA ASP GA 254 18.09 93.15 47.49
C ASP GA 254 17.29 93.15 48.77
N ILE GA 255 16.29 92.28 48.88
CA ILE GA 255 15.53 92.15 50.12
C ILE GA 255 16.26 91.32 51.16
N ALA GA 256 17.43 90.78 50.82
CA ALA GA 256 18.19 90.00 51.78
C ALA GA 256 18.84 90.88 52.84
N HIS GA 257 19.16 92.12 52.50
CA HIS GA 257 19.75 93.02 53.50
C HIS GA 257 18.69 93.55 54.44
N MET GA 258 17.43 93.53 54.03
CA MET GA 258 16.34 93.93 54.90
C MET GA 258 16.10 92.84 55.93
N ILE GA 259 16.09 93.22 57.20
CA ILE GA 259 15.80 92.27 58.25
C ILE GA 259 14.29 92.13 58.41
N SER HA 4 -4.47 104.07 120.66
CA SER HA 4 -4.73 102.88 121.47
C SER HA 4 -4.65 101.62 120.63
N SER HA 5 -5.01 100.49 121.23
CA SER HA 5 -4.89 99.19 120.58
C SER HA 5 -6.19 98.44 120.77
N ALA HA 6 -6.80 98.03 119.66
CA ALA HA 6 -8.01 97.23 119.67
C ALA HA 6 -7.75 95.91 118.96
N GLY HA 7 -8.19 94.80 119.56
CA GLY HA 7 -8.02 93.50 118.97
C GLY HA 7 -6.59 93.01 118.98
N PHE HA 8 -5.97 92.96 117.79
CA PHE HA 8 -4.56 92.61 117.63
C PHE HA 8 -3.91 93.53 116.62
N ASP HA 9 -4.24 94.83 116.72
CA ASP HA 9 -3.75 95.81 115.76
C ASP HA 9 -2.29 96.18 115.96
N ARG HA 10 -1.69 95.80 117.06
CA ARG HA 10 -0.25 95.95 117.21
C ARG HA 10 0.51 94.78 116.63
N HIS HA 11 -0.18 93.69 116.27
CA HIS HA 11 0.50 92.46 115.93
C HIS HA 11 0.36 92.11 114.46
N ILE HA 12 -0.87 92.05 113.97
CA ILE HA 12 -1.06 91.73 112.57
C ILE HA 12 -1.52 92.96 111.79
N THR HA 13 -1.52 92.84 110.48
CA THR HA 13 -1.85 93.97 109.61
C THR HA 13 -3.37 94.07 109.51
N ILE HA 14 -3.97 94.70 110.50
CA ILE HA 14 -5.38 95.06 110.46
C ILE HA 14 -5.47 96.55 110.82
N PHE HA 15 -6.67 97.09 110.90
CA PHE HA 15 -6.78 98.52 111.14
C PHE HA 15 -6.85 98.81 112.63
N SER HA 16 -6.58 100.07 112.95
CA SER HA 16 -6.68 100.65 114.27
C SER HA 16 -7.99 101.43 114.37
N PRO HA 17 -8.45 101.75 115.57
CA PRO HA 17 -9.61 102.66 115.66
C PRO HA 17 -9.33 104.05 115.16
N GLU HA 18 -8.07 104.48 115.14
CA GLU HA 18 -7.72 105.77 114.58
C GLU HA 18 -7.60 105.75 113.07
N GLY HA 19 -7.96 104.66 112.42
CA GLY HA 19 -7.84 104.58 110.99
C GLY HA 19 -6.42 104.37 110.50
N ARG HA 20 -5.53 103.87 111.35
CA ARG HA 20 -4.17 103.61 110.92
C ARG HA 20 -3.87 102.12 111.02
N LEU HA 21 -2.63 101.76 110.77
CA LEU HA 21 -2.12 100.45 111.10
C LEU HA 21 -0.68 100.64 111.58
N TYR HA 22 -0.09 99.59 112.15
CA TYR HA 22 1.12 99.83 112.89
C TYR HA 22 2.30 99.00 112.40
N GLN HA 23 2.02 97.80 111.88
CA GLN HA 23 3.09 96.93 111.42
C GLN HA 23 3.86 97.54 110.27
N VAL HA 24 3.16 98.20 109.35
CA VAL HA 24 3.81 98.77 108.19
C VAL HA 24 4.68 99.95 108.58
N GLU HA 25 4.20 100.78 109.51
CA GLU HA 25 5.03 101.89 109.93
C GLU HA 25 6.08 101.48 110.94
N TYR HA 26 6.00 100.27 111.48
CA TYR HA 26 7.18 99.71 112.13
C TYR HA 26 8.24 99.35 111.12
N ALA HA 27 7.82 98.90 109.94
CA ALA HA 27 8.74 98.45 108.91
C ALA HA 27 9.51 99.61 108.29
N PHE HA 28 8.94 100.82 108.32
CA PHE HA 28 9.67 101.98 107.82
C PHE HA 28 10.88 102.29 108.68
N LYS HA 29 10.79 102.07 109.97
CA LYS HA 29 11.98 102.19 110.79
C LYS HA 29 12.59 100.85 111.11
N ALA HA 30 12.32 99.85 110.28
CA ALA HA 30 13.15 98.66 110.27
C ALA HA 30 14.33 98.82 109.35
N ILE HA 31 14.31 99.82 108.49
CA ILE HA 31 15.47 100.17 107.69
C ILE HA 31 16.59 100.71 108.58
N ASN HA 32 16.25 101.51 109.59
CA ASN HA 32 17.26 102.25 110.33
C ASN HA 32 18.10 101.39 111.25
N GLN HA 33 17.74 100.13 111.47
CA GLN HA 33 18.67 99.19 112.09
C GLN HA 33 19.79 98.79 111.17
N GLY HA 34 19.69 99.06 109.88
CA GLY HA 34 20.79 98.79 108.97
C GLY HA 34 21.98 99.70 109.21
N GLY HA 35 21.71 100.97 109.52
CA GLY HA 35 22.77 101.92 109.79
C GLY HA 35 23.55 102.30 108.57
N LEU HA 36 22.88 102.91 107.60
CA LEU HA 36 23.48 103.17 106.29
C LEU HA 36 22.61 104.22 105.61
N THR HA 37 23.20 105.02 104.73
CA THR HA 37 22.46 106.07 104.04
C THR HA 37 22.91 106.14 102.59
N SER HA 38 21.95 106.12 101.66
CA SER HA 38 22.24 106.10 100.24
C SER HA 38 21.54 107.27 99.55
N VAL HA 39 22.18 107.85 98.55
CA VAL HA 39 21.72 109.06 97.89
C VAL HA 39 21.60 108.80 96.40
N ALA HA 40 20.49 109.24 95.80
CA ALA HA 40 20.25 109.15 94.36
C ALA HA 40 20.05 110.56 93.82
N VAL HA 41 20.79 110.91 92.76
CA VAL HA 41 20.68 112.21 92.10
C VAL HA 41 20.58 111.98 90.61
N ARG HA 42 19.55 112.57 89.98
CA ARG HA 42 19.40 112.55 88.54
C ARG HA 42 19.78 113.89 87.95
N GLY HA 43 20.68 113.88 86.98
CA GLY HA 43 21.07 115.06 86.25
C GLY HA 43 20.37 115.16 84.91
N LYS HA 44 20.91 116.00 84.04
CA LYS HA 44 20.31 116.19 82.73
C LYS HA 44 20.61 115.05 81.77
N ASP HA 45 21.76 114.39 81.93
CA ASP HA 45 22.05 113.26 81.06
C ASP HA 45 22.71 112.11 81.82
N CYS HA 46 22.40 111.96 83.10
CA CYS HA 46 23.00 110.92 83.91
C CYS HA 46 22.11 110.65 85.11
N ALA HA 47 22.55 109.73 85.96
CA ALA HA 47 21.83 109.35 87.17
C ALA HA 47 22.84 108.68 88.10
N VAL HA 48 23.11 109.31 89.23
CA VAL HA 48 24.18 108.87 90.13
C VAL HA 48 23.59 108.17 91.34
N ILE HA 49 24.19 107.06 91.73
CA ILE HA 49 23.87 106.39 92.99
C ILE HA 49 25.15 106.37 93.81
N VAL HA 50 25.09 106.84 95.05
CA VAL HA 50 26.26 106.84 95.93
C VAL HA 50 25.85 106.26 97.28
N THR HA 51 26.71 105.40 97.84
CA THR HA 51 26.44 104.69 99.08
C THR HA 51 27.77 104.31 99.72
N GLN HA 52 27.95 104.63 101.00
CA GLN HA 52 29.16 104.23 101.68
C GLN HA 52 29.06 102.76 102.08
N LYS HA 53 30.15 102.19 102.57
CA LYS HA 53 30.07 100.90 103.23
C LYS HA 53 30.92 100.95 104.48
N LYS HA 54 30.54 100.16 105.47
CA LYS HA 54 31.26 100.06 106.73
C LYS HA 54 31.93 98.71 106.78
N VAL HA 55 33.24 98.72 106.97
CA VAL HA 55 34.02 97.49 107.02
C VAL HA 55 34.54 97.33 108.44
N PRO HA 56 33.85 96.59 109.30
CA PRO HA 56 34.28 96.48 110.70
C PRO HA 56 35.48 95.57 110.89
N ASP HA 57 35.59 94.54 110.05
CA ASP HA 57 36.62 93.54 110.21
C ASP HA 57 37.66 93.66 109.11
N LYS HA 58 38.93 93.51 109.48
CA LYS HA 58 39.97 93.35 108.48
C LYS HA 58 39.91 91.98 107.85
N LEU HA 59 39.30 91.01 108.53
CA LEU HA 59 39.17 89.65 108.02
C LEU HA 59 37.88 89.49 107.23
N LEU HA 60 37.67 90.39 106.29
CA LEU HA 60 36.41 90.44 105.55
C LEU HA 60 36.72 91.07 104.20
N ASP HA 61 36.06 90.58 103.16
CA ASP HA 61 36.43 90.96 101.81
C ASP HA 61 35.92 92.36 101.48
N SER HA 62 36.52 92.95 100.46
CA SER HA 62 36.09 94.26 99.98
C SER HA 62 35.39 94.11 98.64
N SER HA 63 34.85 92.93 98.40
CA SER HA 63 34.20 92.61 97.15
C SER HA 63 32.78 92.11 97.33
N THR HA 64 32.52 91.36 98.40
CA THR HA 64 31.23 90.74 98.61
C THR HA 64 30.30 91.59 99.47
N VAL HA 65 30.53 92.90 99.52
CA VAL HA 65 29.87 93.75 100.50
C VAL HA 65 28.91 94.74 99.85
N THR HA 66 29.27 95.30 98.70
CA THR HA 66 28.62 96.50 98.17
C THR HA 66 27.19 96.20 97.73
N HIS HA 67 26.27 97.05 98.17
CA HIS HA 67 24.85 96.93 97.90
C HIS HA 67 24.47 97.28 96.47
N LEU HA 68 25.39 97.83 95.67
CA LEU HA 68 25.08 98.20 94.30
C LEU HA 68 24.89 96.94 93.47
N PHE HA 69 23.65 96.69 93.09
CA PHE HA 69 23.33 95.51 92.34
C PHE HA 69 22.93 95.88 90.92
N LYS HA 70 22.93 94.89 90.05
CA LYS HA 70 22.65 95.08 88.64
C LYS HA 70 21.44 94.22 88.29
N ILE HA 71 20.31 94.87 88.04
CA ILE HA 71 19.10 94.12 87.70
C ILE HA 71 19.19 93.63 86.28
N THR HA 72 19.31 94.54 85.33
CA THR HA 72 19.47 94.21 83.93
C THR HA 72 20.69 94.99 83.44
N GLU HA 73 21.00 94.87 82.15
CA GLU HA 73 22.15 95.56 81.61
C GLU HA 73 21.98 97.07 81.55
N ASN HA 74 20.75 97.56 81.65
CA ASN HA 74 20.50 98.98 81.59
C ASN HA 74 19.86 99.51 82.87
N ILE HA 75 19.68 98.67 83.88
CA ILE HA 75 19.03 99.06 85.12
C ILE HA 75 19.85 98.55 86.28
N GLY HA 76 20.27 99.47 87.15
CA GLY HA 76 20.90 99.12 88.40
C GLY HA 76 20.09 99.63 89.58
N CYS HA 77 20.52 99.21 90.77
CA CYS HA 77 19.76 99.57 91.97
C CYS HA 77 20.69 99.68 93.16
N VAL HA 78 20.12 100.08 94.29
CA VAL HA 78 20.79 100.08 95.57
C VAL HA 78 19.77 99.67 96.62
N MET HA 79 20.23 98.96 97.65
CA MET HA 79 19.35 98.44 98.68
C MET HA 79 19.75 99.02 100.02
N THR HA 80 18.75 99.41 100.81
CA THR HA 80 18.98 99.73 102.20
C THR HA 80 18.04 98.89 103.04
N GLY HA 81 18.20 99.01 104.36
CA GLY HA 81 17.43 98.20 105.27
C GLY HA 81 18.27 97.04 105.72
N MET HA 82 17.66 95.89 105.97
CA MET HA 82 18.47 94.74 106.33
C MET HA 82 18.89 94.03 105.06
N THR HA 83 19.78 93.05 105.18
CA THR HA 83 20.48 92.57 104.02
C THR HA 83 19.81 91.31 103.51
N ALA HA 84 19.29 90.51 104.44
CA ALA HA 84 18.65 89.26 104.06
C ALA HA 84 17.37 89.52 103.30
N ASP HA 85 16.65 90.57 103.67
CA ASP HA 85 15.45 90.92 102.93
C ASP HA 85 15.77 91.63 101.63
N SER HA 86 16.96 92.21 101.53
CA SER HA 86 17.31 92.97 100.35
C SER HA 86 17.58 92.05 99.18
N ARG HA 87 18.36 91.01 99.38
CA ARG HA 87 18.73 90.13 98.28
C ARG HA 87 17.56 89.28 97.83
N SER HA 88 16.59 89.04 98.72
CA SER HA 88 15.37 88.39 98.29
C SER HA 88 14.57 89.30 97.38
N GLN HA 89 14.64 90.60 97.64
CA GLN HA 89 13.93 91.57 96.81
C GLN HA 89 14.58 91.68 95.44
N VAL HA 90 15.90 91.49 95.38
CA VAL HA 90 16.62 91.69 94.12
C VAL HA 90 16.37 90.53 93.17
N GLN HA 91 16.32 89.30 93.70
CA GLN HA 91 16.06 88.15 92.84
C GLN HA 91 14.67 88.20 92.24
N ARG HA 92 13.71 88.80 92.95
CA ARG HA 92 12.41 89.04 92.36
C ARG HA 92 12.50 90.03 91.21
N ALA HA 93 13.32 91.06 91.38
CA ALA HA 93 13.44 92.08 90.34
C ALA HA 93 14.21 91.55 89.15
N ARG HA 94 15.21 90.69 89.38
CA ARG HA 94 15.91 90.05 88.29
C ARG HA 94 14.99 89.10 87.53
N TYR HA 95 14.10 88.44 88.26
CA TYR HA 95 13.25 87.42 87.64
C TYR HA 95 12.16 88.03 86.79
N GLU HA 96 11.58 89.13 87.22
CA GLU HA 96 10.46 89.69 86.46
C GLU HA 96 10.94 90.61 85.36
N ALA HA 97 12.21 91.02 85.40
CA ALA HA 97 12.75 91.75 84.26
C ALA HA 97 12.93 90.82 83.07
N ALA HA 98 13.32 89.58 83.32
CA ALA HA 98 13.55 88.64 82.24
C ALA HA 98 12.23 88.16 81.64
N ASN HA 99 11.18 88.10 82.45
CA ASN HA 99 9.89 87.66 81.95
C ASN HA 99 9.25 88.72 81.06
N TRP HA 100 9.64 89.97 81.26
CA TRP HA 100 9.20 91.00 80.33
C TRP HA 100 9.77 90.78 78.94
N LYS HA 101 11.02 90.32 78.87
CA LYS HA 101 11.62 90.01 77.59
C LYS HA 101 10.94 88.85 76.91
N TYR HA 102 10.68 87.78 77.66
CA TYR HA 102 10.16 86.56 77.06
C TYR HA 102 8.71 86.73 76.64
N LYS HA 103 7.96 87.53 77.38
CA LYS HA 103 6.56 87.72 77.03
C LYS HA 103 6.39 88.78 75.97
N TYR HA 104 7.11 89.88 76.09
CA TYR HA 104 6.76 91.08 75.33
C TYR HA 104 7.75 91.37 74.22
N GLY HA 105 9.04 91.10 74.45
CA GLY HA 105 9.96 91.17 73.34
C GLY HA 105 10.99 92.27 73.49
N TYR HA 106 10.59 93.38 74.08
CA TYR HA 106 11.50 94.51 74.22
C TYR HA 106 11.94 94.66 75.67
N GLU HA 107 12.87 95.57 75.89
CA GLU HA 107 13.45 95.77 77.20
C GLU HA 107 12.47 96.48 78.11
N ILE HA 108 12.41 96.06 79.37
CA ILE HA 108 11.44 96.62 80.32
C ILE HA 108 11.81 98.05 80.66
N PRO HA 109 10.84 98.96 80.75
CA PRO HA 109 11.14 100.30 81.27
C PRO HA 109 11.41 100.24 82.75
N VAL HA 110 12.14 101.25 83.23
CA VAL HA 110 12.48 101.28 84.65
C VAL HA 110 11.26 101.68 85.47
N ASP HA 111 10.29 102.34 84.85
CA ASP HA 111 9.07 102.70 85.54
C ASP HA 111 8.16 101.49 85.76
N MET HA 112 8.02 100.63 84.75
CA MET HA 112 7.10 99.50 84.85
C MET HA 112 7.58 98.47 85.86
N LEU HA 113 8.88 98.42 86.11
CA LEU HA 113 9.41 97.43 87.05
C LEU HA 113 9.02 97.79 88.47
N CYS HA 114 8.90 99.08 88.77
CA CYS HA 114 8.55 99.48 90.14
C CYS HA 114 7.10 99.19 90.45
N LYS HA 115 6.25 99.13 89.42
CA LYS HA 115 4.89 98.67 89.66
C LYS HA 115 4.86 97.22 90.07
N ARG HA 116 5.63 96.37 89.37
CA ARG HA 116 5.62 94.94 89.66
C ARG HA 116 6.17 94.66 91.04
N ILE HA 117 7.14 95.46 91.50
CA ILE HA 117 7.67 95.25 92.84
C ILE HA 117 6.69 95.72 93.89
N ALA HA 118 6.08 96.89 93.68
CA ALA HA 118 5.21 97.46 94.70
C ALA HA 118 3.90 96.71 94.81
N ASP HA 119 3.52 95.99 93.76
CA ASP HA 119 2.36 95.12 93.85
C ASP HA 119 2.63 93.95 94.78
N ILE HA 120 3.84 93.40 94.73
CA ILE HA 120 4.16 92.24 95.55
C ILE HA 120 4.27 92.66 97.01
N SER HA 121 4.80 93.86 97.26
CA SER HA 121 4.91 94.34 98.63
C SER HA 121 3.54 94.68 99.19
N GLN HA 122 2.62 95.10 98.33
CA GLN HA 122 1.23 95.29 98.71
C GLN HA 122 0.61 94.03 99.28
N VAL HA 123 0.83 92.89 98.64
CA VAL HA 123 0.15 91.66 99.04
C VAL HA 123 0.66 91.19 100.39
N TYR HA 124 1.93 91.44 100.67
CA TYR HA 124 2.52 91.03 101.93
C TYR HA 124 1.97 91.87 103.07
N THR HA 125 1.70 93.14 102.79
CA THR HA 125 0.92 93.98 103.69
C THR HA 125 -0.50 93.44 103.82
N GLN HA 126 -1.00 92.85 102.74
CA GLN HA 126 -2.42 92.63 102.63
C GLN HA 126 -2.87 91.39 103.38
N ASN HA 127 -2.33 90.22 103.02
CA ASN HA 127 -2.63 89.00 103.76
C ASN HA 127 -1.94 89.06 105.11
N ALA HA 128 -2.65 88.70 106.17
CA ALA HA 128 -2.18 88.98 107.51
C ALA HA 128 -1.18 87.96 108.06
N GLU HA 129 -1.05 86.80 107.44
CA GLU HA 129 -0.20 85.76 108.00
C GLU HA 129 1.21 85.75 107.43
N MET HA 130 1.76 86.90 107.06
CA MET HA 130 3.14 86.92 106.59
C MET HA 130 3.76 88.30 106.80
N ARG HA 131 5.09 88.30 106.78
CA ARG HA 131 5.93 89.44 107.16
C ARG HA 131 6.07 90.42 106.00
N PRO HA 132 6.08 91.72 106.25
CA PRO HA 132 6.06 92.70 105.16
C PRO HA 132 7.41 93.11 104.60
N LEU HA 133 8.52 92.41 104.88
CA LEU HA 133 9.81 92.64 104.23
C LEU HA 133 10.40 94.04 104.32
N GLY HA 134 10.88 94.47 105.48
CA GLY HA 134 11.31 95.85 105.56
C GLY HA 134 12.68 96.10 104.96
N CYS HA 135 12.67 96.67 103.76
CA CYS HA 135 13.86 97.14 103.05
C CYS HA 135 13.40 98.09 101.96
N CYS HA 136 14.26 99.03 101.61
CA CYS HA 136 13.88 99.99 100.58
C CYS HA 136 14.44 99.56 99.22
N MET HA 137 14.31 100.46 98.26
CA MET HA 137 14.57 100.15 96.86
C MET HA 137 14.73 101.46 96.11
N ILE HA 138 15.80 101.62 95.35
CA ILE HA 138 15.99 102.78 94.48
C ILE HA 138 16.50 102.27 93.14
N LEU HA 139 15.88 102.70 92.04
CA LEU HA 139 16.29 102.27 90.71
C LEU HA 139 16.77 103.46 89.89
N ILE HA 140 17.62 103.20 88.90
CA ILE HA 140 18.00 104.17 87.88
C ILE HA 140 17.97 103.49 86.52
N GLY HA 141 18.08 104.28 85.47
CA GLY HA 141 18.01 103.76 84.13
C GLY HA 141 17.64 104.86 83.14
N ILE HA 142 17.95 104.60 81.88
CA ILE HA 142 17.75 105.55 80.80
C ILE HA 142 16.60 105.06 79.93
N ASP HA 143 15.59 105.89 79.76
CA ASP HA 143 14.47 105.53 78.91
C ASP HA 143 14.62 106.22 77.56
N GLU HA 144 14.15 105.53 76.53
CA GLU HA 144 14.13 106.10 75.18
C GLU HA 144 13.09 107.21 75.12
N GLU HA 145 13.52 108.38 74.65
CA GLU HA 145 12.70 109.59 74.49
C GLU HA 145 12.13 110.08 75.82
N GLN HA 146 12.73 109.67 76.93
CA GLN HA 146 12.35 110.18 78.24
C GLN HA 146 13.54 110.51 79.12
N GLY HA 147 14.76 110.17 78.73
CA GLY HA 147 15.93 110.49 79.52
C GLY HA 147 16.09 109.59 80.71
N PRO HA 148 16.81 110.06 81.72
CA PRO HA 148 16.99 109.27 82.94
C PRO HA 148 15.78 109.29 83.84
N GLN HA 149 15.66 108.26 84.67
CA GLN HA 149 14.64 108.20 85.71
C GLN HA 149 15.23 107.70 87.01
N VAL HA 150 14.62 108.10 88.11
CA VAL HA 150 14.95 107.64 89.45
C VAL HA 150 13.65 107.33 90.16
N TYR HA 151 13.52 106.12 90.69
CA TYR HA 151 12.32 105.73 91.41
C TYR HA 151 12.66 105.16 92.78
N LYS HA 152 11.62 104.96 93.59
CA LYS HA 152 11.80 104.41 94.93
C LYS HA 152 10.58 103.58 95.29
N CYS HA 153 10.78 102.27 95.39
CA CYS HA 153 9.75 101.45 95.97
C CYS HA 153 9.85 101.46 97.49
N ASP HA 154 8.73 101.25 98.15
CA ASP HA 154 8.64 101.28 99.60
C ASP HA 154 7.99 100.01 100.09
N PRO HA 155 8.24 99.61 101.35
CA PRO HA 155 7.59 98.40 101.86
C PRO HA 155 6.10 98.54 102.09
N ALA HA 156 5.54 99.75 102.07
CA ALA HA 156 4.08 99.88 102.06
C ALA HA 156 3.55 99.49 100.69
N GLY HA 157 4.24 99.87 99.63
CA GLY HA 157 3.82 99.47 98.32
C GLY HA 157 3.59 100.61 97.37
N TYR HA 158 4.19 101.77 97.60
CA TYR HA 158 4.03 102.87 96.67
C TYR HA 158 5.38 103.36 96.18
N TYR HA 159 5.32 104.03 95.03
CA TYR HA 159 6.47 104.49 94.29
C TYR HA 159 6.12 105.82 93.67
N CYS HA 160 7.14 106.62 93.37
CA CYS HA 160 6.96 107.77 92.49
C CYS HA 160 8.32 108.15 91.93
N GLY HA 161 8.29 108.94 90.86
CA GLY HA 161 9.52 109.46 90.31
C GLY HA 161 10.11 110.55 91.16
N PHE HA 162 11.38 110.85 90.91
CA PHE HA 162 12.07 111.87 91.68
C PHE HA 162 13.04 112.59 90.78
N LYS HA 163 13.63 113.64 91.33
CA LYS HA 163 14.76 114.29 90.70
C LYS HA 163 16.05 114.03 91.45
N ALA HA 164 16.03 114.12 92.78
CA ALA HA 164 17.20 113.80 93.59
C ALA HA 164 16.73 113.43 94.99
N THR HA 165 16.77 112.16 95.36
CA THR HA 165 16.18 111.75 96.62
C THR HA 165 16.96 110.63 97.27
N ALA HA 166 17.36 110.86 98.52
CA ALA HA 166 18.14 109.92 99.30
C ALA HA 166 17.24 109.06 100.16
N ALA HA 167 17.82 108.00 100.70
CA ALA HA 167 17.12 107.10 101.62
C ALA HA 167 18.14 106.58 102.61
N GLY HA 168 17.66 105.76 103.54
CA GLY HA 168 18.53 105.17 104.54
C GLY HA 168 18.24 105.67 105.94
N VAL HA 169 19.27 106.13 106.63
CA VAL HA 169 19.13 106.66 107.97
C VAL HA 169 18.84 108.15 107.94
N LYS HA 170 19.63 108.90 107.20
CA LYS HA 170 19.56 110.35 107.19
C LYS HA 170 18.82 110.79 105.94
N GLN HA 171 17.57 111.16 106.09
CA GLN HA 171 16.89 111.77 104.96
C GLN HA 171 16.56 113.21 105.23
N THR HA 172 16.06 113.52 106.42
CA THR HA 172 15.51 114.84 106.70
C THR HA 172 16.57 115.91 106.73
N GLU HA 173 17.83 115.52 106.87
CA GLU HA 173 18.93 116.43 106.63
C GLU HA 173 19.41 116.33 105.20
N SER HA 174 19.29 115.14 104.60
CA SER HA 174 19.79 114.95 103.25
C SER HA 174 18.81 115.51 102.22
N THR HA 175 17.50 115.32 102.46
CA THR HA 175 16.52 115.87 101.54
C THR HA 175 16.41 117.38 101.70
N SER HA 176 16.65 117.88 102.91
CA SER HA 176 16.62 119.32 103.13
C SER HA 176 17.77 120.00 102.40
N PHE HA 177 18.91 119.31 102.28
CA PHE HA 177 20.01 119.88 101.53
C PHE HA 177 19.77 119.81 100.04
N LEU HA 178 19.14 118.73 99.57
CA LEU HA 178 18.91 118.59 98.14
C LEU HA 178 17.87 119.57 97.64
N GLU HA 179 16.90 119.92 98.48
CA GLU HA 179 15.94 120.96 98.11
C GLU HA 179 16.63 122.30 97.95
N LYS HA 180 17.55 122.63 98.86
CA LYS HA 180 18.31 123.86 98.74
C LYS HA 180 19.24 123.83 97.54
N LYS HA 181 19.60 122.63 97.08
CA LYS HA 181 20.45 122.53 95.91
C LYS HA 181 19.65 122.64 94.62
N VAL HA 182 18.44 122.10 94.59
CA VAL HA 182 17.68 122.04 93.34
C VAL HA 182 16.96 123.35 93.05
N LYS HA 183 16.28 123.92 94.06
CA LYS HA 183 15.41 125.06 93.83
C LYS HA 183 16.15 126.33 93.47
N LYS HA 184 17.47 126.36 93.61
CA LYS HA 184 18.24 127.51 93.16
C LYS HA 184 18.55 127.45 91.67
N LYS HA 185 18.07 126.41 90.98
CA LYS HA 185 18.06 126.29 89.53
C LYS HA 185 19.44 126.39 88.90
N PHE HA 186 20.32 125.46 89.23
CA PHE HA 186 21.67 125.46 88.71
C PHE HA 186 21.73 124.56 87.49
N ASP HA 187 22.92 124.45 86.92
CA ASP HA 187 23.17 123.53 85.83
C ASP HA 187 23.47 122.14 86.39
N TRP HA 188 23.35 121.12 85.53
CA TRP HA 188 23.55 119.74 85.93
C TRP HA 188 24.10 119.00 84.73
N THR HA 189 25.40 118.72 84.69
CA THR HA 189 25.87 118.15 83.45
C THR HA 189 26.30 116.69 83.56
N PHE HA 190 27.48 116.44 84.11
CA PHE HA 190 27.80 115.11 84.61
C PHE HA 190 28.51 115.21 85.95
N GLU HA 191 29.60 115.98 85.94
CA GLU HA 191 30.45 116.08 87.12
C GLU HA 191 29.85 117.06 88.10
N GLN HA 192 28.98 117.94 87.60
CA GLN HA 192 28.16 118.75 88.48
C GLN HA 192 27.20 117.86 89.26
N THR HA 193 26.71 116.79 88.63
CA THR HA 193 25.77 115.91 89.29
C THR HA 193 26.49 114.98 90.26
N VAL HA 194 27.70 114.55 89.92
CA VAL HA 194 28.43 113.63 90.78
C VAL HA 194 28.93 114.36 92.02
N GLU HA 195 29.37 115.61 91.86
CA GLU HA 195 29.95 116.34 92.97
C GLU HA 195 28.90 116.68 94.03
N THR HA 196 27.67 116.93 93.60
CA THR HA 196 26.60 117.20 94.57
C THR HA 196 26.19 115.93 95.28
N ALA HA 197 26.27 114.79 94.61
CA ALA HA 197 25.95 113.53 95.26
C ALA HA 197 26.99 113.15 96.30
N ILE HA 198 28.21 113.64 96.15
CA ILE HA 198 29.20 113.40 97.18
C ILE HA 198 29.03 114.38 98.32
N THR HA 199 28.92 115.68 98.01
CA THR HA 199 28.99 116.70 99.03
C THR HA 199 27.74 116.72 99.89
N CYS HA 200 26.61 116.25 99.37
CA CYS HA 200 25.43 116.09 100.21
C CYS HA 200 25.68 115.00 101.24
N LEU HA 201 26.17 113.85 100.79
CA LEU HA 201 26.52 112.78 101.70
C LEU HA 201 27.75 113.16 102.55
N SER HA 202 28.60 114.03 102.03
CA SER HA 202 29.72 114.51 102.83
C SER HA 202 29.26 115.42 103.95
N THR HA 203 28.39 116.38 103.66
CA THR HA 203 28.01 117.34 104.69
C THR HA 203 27.03 116.78 105.71
N VAL HA 204 26.17 115.87 105.29
CA VAL HA 204 25.21 115.29 106.25
C VAL HA 204 25.93 114.36 107.22
N LEU HA 205 26.75 113.47 106.69
CA LEU HA 205 27.47 112.54 107.54
C LEU HA 205 28.62 113.21 108.28
N SER HA 206 29.13 114.31 107.72
CA SER HA 206 30.25 115.09 108.28
C SER HA 206 31.49 114.22 108.50
N ILE HA 207 31.99 113.64 107.42
CA ILE HA 207 33.07 112.68 107.48
C ILE HA 207 34.33 113.17 106.79
N ASP HA 208 34.22 113.63 105.54
CA ASP HA 208 35.31 114.04 104.65
C ASP HA 208 36.29 112.88 104.49
N PHE HA 209 35.81 111.80 103.89
CA PHE HA 209 36.42 110.49 103.95
C PHE HA 209 37.55 110.34 102.93
N LYS HA 210 38.19 109.18 102.96
CA LYS HA 210 39.13 108.56 102.05
C LYS HA 210 38.36 107.81 100.99
N PRO HA 211 38.80 107.81 99.73
CA PRO HA 211 38.01 107.13 98.70
C PRO HA 211 38.05 105.62 98.79
N SER HA 212 37.46 105.04 99.82
CA SER HA 212 37.46 103.60 99.97
C SER HA 212 36.12 103.07 100.46
N GLU HA 213 35.26 103.95 100.95
CA GLU HA 213 33.99 103.52 101.51
C GLU HA 213 32.83 103.63 100.53
N ILE HA 214 32.81 104.64 99.70
CA ILE HA 214 31.63 104.90 98.89
C ILE HA 214 31.78 104.22 97.55
N GLU HA 215 30.65 103.94 96.91
CA GLU HA 215 30.62 103.37 95.57
C GLU HA 215 29.65 104.17 94.71
N VAL HA 216 30.02 104.35 93.45
CA VAL HA 216 29.25 105.17 92.53
C VAL HA 216 28.79 104.30 91.37
N GLY HA 217 27.51 104.38 91.02
CA GLY HA 217 26.90 103.51 90.06
C GLY HA 217 26.23 104.22 88.89
N VAL HA 218 26.92 105.17 88.27
CA VAL HA 218 26.28 106.10 87.34
C VAL HA 218 25.87 105.37 86.06
N VAL HA 219 24.81 105.87 85.44
CA VAL HA 219 24.40 105.48 84.10
C VAL HA 219 24.32 106.75 83.26
N THR HA 220 24.56 106.64 81.96
CA THR HA 220 24.69 107.81 81.11
C THR HA 220 23.82 107.62 79.88
N VAL HA 221 23.41 108.73 79.27
CA VAL HA 221 22.71 108.68 77.99
C VAL HA 221 23.62 108.13 76.89
N GLU HA 222 24.87 108.58 76.86
CA GLU HA 222 25.80 108.11 75.83
C GLU HA 222 26.19 106.66 76.05
N ASN HA 223 26.18 106.18 77.29
CA ASN HA 223 26.51 104.80 77.61
C ASN HA 223 25.44 104.27 78.55
N PRO HA 224 24.38 103.64 78.02
CA PRO HA 224 23.26 103.23 78.87
C PRO HA 224 23.55 102.01 79.73
N LYS HA 225 24.72 101.40 79.62
CA LYS HA 225 25.05 100.27 80.47
C LYS HA 225 25.22 100.71 81.91
N PHE HA 226 24.67 99.94 82.83
CA PHE HA 226 24.89 100.20 84.25
C PHE HA 226 26.34 99.91 84.58
N ARG HA 227 27.00 100.87 85.22
CA ARG HA 227 28.43 100.85 85.39
C ARG HA 227 28.79 101.20 86.82
N ILE HA 228 29.57 100.36 87.47
CA ILE HA 228 30.04 100.64 88.82
C ILE HA 228 31.46 101.18 88.74
N LEU HA 229 31.68 102.36 89.31
CA LEU HA 229 32.94 103.07 89.09
C LEU HA 229 34.09 102.42 89.85
N THR HA 230 35.28 102.56 89.27
CA THR HA 230 36.51 102.06 89.86
C THR HA 230 36.92 102.97 91.01
N GLU HA 231 37.63 102.39 91.98
CA GLU HA 231 38.07 103.15 93.15
C GLU HA 231 39.07 104.24 92.77
N ALA HA 232 39.83 104.02 91.70
CA ALA HA 232 40.76 105.04 91.22
C ALA HA 232 40.03 106.26 90.68
N GLU HA 233 39.04 106.04 89.81
CA GLU HA 233 38.33 107.15 89.22
C GLU HA 233 37.34 107.77 90.20
N ILE HA 234 36.94 107.03 91.23
CA ILE HA 234 36.24 107.65 92.36
C ILE HA 234 37.14 108.64 93.07
N ASP HA 235 38.42 108.27 93.23
CA ASP HA 235 39.39 109.20 93.80
C ASP HA 235 39.66 110.36 92.84
N ALA HA 236 39.50 110.12 91.53
CA ALA HA 236 39.75 111.18 90.56
C ALA HA 236 38.71 112.29 90.66
N HIS HA 237 37.44 111.93 90.82
CA HIS HA 237 36.40 112.95 90.99
C HIS HA 237 36.54 113.68 92.31
N LEU HA 238 37.00 113.00 93.35
CA LEU HA 238 37.00 113.60 94.68
C LEU HA 238 38.07 114.67 94.80
N VAL HA 239 39.25 114.43 94.23
CA VAL HA 239 40.28 115.46 94.23
C VAL HA 239 40.00 116.56 93.23
N ALA HA 240 39.15 116.29 92.23
CA ALA HA 240 38.86 117.32 91.23
C ALA HA 240 37.94 118.39 91.77
N LEU HA 241 36.89 118.00 92.48
CA LEU HA 241 36.04 118.97 93.16
C LEU HA 241 36.75 119.64 94.33
N ALA HA 242 37.77 118.99 94.88
CA ALA HA 242 38.60 119.61 95.90
C ALA HA 242 39.42 120.72 95.27
N GLU HA 243 39.38 121.90 95.89
CA GLU HA 243 40.14 123.03 95.41
C GLU HA 243 41.47 123.11 96.16
N GLU IA 2 0.30 79.34 102.46
CA GLU IA 2 -0.44 79.34 103.72
C GLU IA 2 -0.77 77.92 104.15
N ARG IA 3 -1.65 77.78 105.15
CA ARG IA 3 -1.88 76.50 105.81
C ARG IA 3 -3.30 75.96 105.63
N GLY IA 4 -4.29 76.84 105.53
CA GLY IA 4 -5.67 76.38 105.60
C GLY IA 4 -6.41 76.94 106.79
N TYR IA 5 -6.07 78.18 107.16
CA TYR IA 5 -6.72 78.84 108.30
C TYR IA 5 -8.05 79.45 107.86
N SER IA 6 -8.02 80.39 106.92
CA SER IA 6 -9.17 80.97 106.22
C SER IA 6 -10.28 81.47 107.15
N PHE IA 7 -9.91 81.92 108.35
CA PHE IA 7 -10.90 82.40 109.29
C PHE IA 7 -11.09 83.90 109.13
N SER IA 8 -12.35 84.31 109.02
CA SER IA 8 -12.67 85.72 108.85
C SER IA 8 -12.36 86.48 110.12
N LEU IA 9 -11.53 87.50 109.99
CA LEU IA 9 -11.16 88.34 111.11
C LEU IA 9 -12.08 89.55 111.27
N THR IA 10 -13.26 89.53 110.66
CA THR IA 10 -14.28 90.55 110.85
C THR IA 10 -15.57 89.84 111.26
N THR IA 11 -15.96 90.00 112.52
CA THR IA 11 -17.21 89.46 113.04
C THR IA 11 -18.06 90.57 113.63
N PHE IA 12 -19.28 90.22 114.02
CA PHE IA 12 -20.22 91.22 114.51
C PHE IA 12 -19.89 91.62 115.93
N SER IA 13 -20.11 92.90 116.23
CA SER IA 13 -20.00 93.37 117.59
C SER IA 13 -21.16 92.86 118.43
N PRO IA 14 -21.04 92.87 119.75
CA PRO IA 14 -22.22 92.62 120.60
C PRO IA 14 -23.30 93.67 120.44
N SER IA 15 -22.95 94.89 120.04
CA SER IA 15 -23.96 95.84 119.65
C SER IA 15 -24.66 95.39 118.38
N GLY IA 16 -23.90 94.87 117.42
CA GLY IA 16 -24.47 94.42 116.17
C GLY IA 16 -23.94 95.20 114.98
N LYS IA 17 -22.71 95.68 115.07
CA LYS IA 17 -22.09 96.41 113.98
C LYS IA 17 -20.80 95.70 113.61
N LEU IA 18 -20.22 96.04 112.47
CA LEU IA 18 -18.95 95.48 112.04
C LEU IA 18 -17.86 96.49 112.36
N VAL IA 19 -16.78 96.03 112.97
CA VAL IA 19 -15.85 96.95 113.57
C VAL IA 19 -14.83 97.43 112.54
N GLN IA 20 -14.27 96.51 111.76
CA GLN IA 20 -13.14 96.83 110.89
C GLN IA 20 -13.54 97.72 109.73
N ILE IA 21 -14.77 97.57 109.25
CA ILE IA 21 -15.24 98.39 108.15
C ILE IA 21 -15.40 99.83 108.60
N GLU IA 22 -15.86 100.04 109.83
CA GLU IA 22 -15.94 101.38 110.39
C GLU IA 22 -14.56 101.99 110.58
N TYR IA 23 -13.57 101.15 110.87
CA TYR IA 23 -12.22 101.67 110.98
C TYR IA 23 -11.63 101.94 109.60
N ALA IA 24 -12.05 101.17 108.61
CA ALA IA 24 -11.56 101.41 107.26
C ALA IA 24 -12.17 102.68 106.69
N LEU IA 25 -13.38 103.03 107.12
CA LEU IA 25 -13.95 104.31 106.71
C LEU IA 25 -13.22 105.47 107.35
N ALA IA 26 -12.58 105.24 108.50
CA ALA IA 26 -11.80 106.30 109.13
C ALA IA 26 -10.56 106.63 108.33
N ALA IA 27 -9.98 105.66 107.65
CA ALA IA 27 -8.81 105.93 106.83
C ALA IA 27 -9.20 106.69 105.57
N VAL IA 28 -10.41 106.47 105.08
CA VAL IA 28 -10.85 107.17 103.88
C VAL IA 28 -11.12 108.63 104.19
N ALA IA 29 -11.69 108.93 105.36
CA ALA IA 29 -12.02 110.30 105.71
C ALA IA 29 -10.79 111.15 105.95
N GLY IA 30 -9.65 110.54 106.25
CA GLY IA 30 -8.44 111.31 106.42
C GLY IA 30 -7.53 111.20 105.22
N GLY IA 31 -8.11 111.20 104.04
CA GLY IA 31 -7.30 111.12 102.83
C GLY IA 31 -7.33 112.41 102.05
N ALA IA 32 -6.87 112.37 100.83
CA ALA IA 32 -6.82 113.56 100.00
C ALA IA 32 -8.21 113.92 99.54
N PRO IA 33 -8.57 115.20 99.53
CA PRO IA 33 -9.92 115.58 99.12
C PRO IA 33 -10.14 115.41 97.64
N SER IA 34 -11.40 115.21 97.28
CA SER IA 34 -11.77 114.97 95.89
C SER IA 34 -13.23 115.37 95.70
N VAL IA 35 -13.59 115.67 94.46
CA VAL IA 35 -14.93 116.14 94.16
C VAL IA 35 -15.31 115.64 92.77
N GLY IA 36 -16.60 115.41 92.59
CA GLY IA 36 -17.14 114.97 91.31
C GLY IA 36 -18.52 115.51 91.07
N ILE IA 37 -18.77 116.07 89.89
CA ILE IA 37 -20.00 116.78 89.57
C ILE IA 37 -20.55 116.26 88.25
N LYS IA 38 -21.84 115.97 88.23
CA LYS IA 38 -22.53 115.44 87.06
C LYS IA 38 -23.47 116.52 86.53
N ALA IA 39 -23.24 116.96 85.28
CA ALA IA 39 -23.87 118.19 84.82
C ALA IA 39 -24.50 118.11 83.43
N ALA IA 40 -25.28 117.06 83.17
CA ALA IA 40 -26.25 116.96 82.08
C ALA IA 40 -25.66 116.94 80.67
N ASN IA 41 -24.35 117.06 80.54
CA ASN IA 41 -23.72 116.80 79.25
C ASN IA 41 -22.42 116.03 79.43
N GLY IA 42 -21.85 116.10 80.62
CA GLY IA 42 -20.66 115.33 80.97
C GLY IA 42 -20.52 115.30 82.47
N VAL IA 43 -19.53 114.54 82.93
CA VAL IA 43 -19.20 114.43 84.35
C VAL IA 43 -17.74 114.81 84.51
N VAL IA 44 -17.44 115.56 85.57
CA VAL IA 44 -16.11 116.09 85.83
C VAL IA 44 -15.61 115.50 87.14
N LEU IA 45 -14.42 114.92 87.11
CA LEU IA 45 -13.72 114.45 88.30
C LEU IA 45 -12.60 115.42 88.60
N ALA IA 46 -12.47 115.80 89.87
CA ALA IA 46 -11.39 116.67 90.32
C ALA IA 46 -10.83 116.12 91.62
N THR IA 47 -9.56 115.77 91.62
CA THR IA 47 -8.87 115.38 92.82
C THR IA 47 -7.93 116.51 93.26
N GLU IA 48 -7.14 116.26 94.28
CA GLU IA 48 -6.27 117.29 94.85
C GLU IA 48 -4.94 116.64 95.18
N LYS IA 49 -3.92 116.93 94.39
CA LYS IA 49 -2.64 116.24 94.45
C LYS IA 49 -1.57 117.18 94.99
N LYS IA 50 -0.98 116.80 96.11
CA LYS IA 50 0.11 117.57 96.69
C LYS IA 50 1.42 116.82 96.57
N GLN IA 51 2.49 117.52 96.90
CA GLN IA 51 3.82 116.92 96.91
C GLN IA 51 4.54 117.48 98.12
N LYS IA 52 5.10 116.59 98.94
CA LYS IA 52 5.76 117.02 100.17
C LYS IA 52 7.04 117.79 99.94
N SER IA 53 7.63 117.68 98.75
CA SER IA 53 8.87 118.36 98.45
C SER IA 53 8.75 119.04 97.10
N ILE IA 54 9.81 119.72 96.70
CA ILE IA 54 9.98 120.14 95.33
C ILE IA 54 10.73 119.08 94.53
N LEU IA 55 10.98 117.92 95.13
CA LEU IA 55 11.79 116.87 94.52
C LEU IA 55 10.96 115.79 93.86
N TYR IA 56 9.65 115.80 94.04
CA TYR IA 56 8.84 114.76 93.46
C TYR IA 56 8.62 115.06 91.98
N ASP IA 57 8.01 114.10 91.28
CA ASP IA 57 7.67 114.30 89.88
C ASP IA 57 6.18 114.11 89.70
N GLU IA 58 5.58 114.93 88.86
CA GLU IA 58 4.14 114.92 88.67
C GLU IA 58 3.72 114.20 87.40
N ARG IA 59 4.65 113.93 86.49
CA ARG IA 59 4.36 113.18 85.29
C ARG IA 59 4.45 111.68 85.52
N SER IA 60 4.46 111.23 86.77
CA SER IA 60 4.67 109.84 87.09
C SER IA 60 3.45 109.19 87.73
N VAL IA 61 3.03 109.66 88.89
CA VAL IA 61 1.87 109.10 89.58
C VAL IA 61 0.63 109.85 89.14
N HIS IA 62 -0.36 109.11 88.68
CA HIS IA 62 -1.58 109.70 88.17
C HIS IA 62 -2.76 109.28 89.03
N LYS IA 63 -3.63 110.24 89.35
CA LYS IA 63 -4.81 109.96 90.15
C LYS IA 63 -6.03 109.66 89.28
N VAL IA 64 -6.34 110.55 88.34
CA VAL IA 64 -7.41 110.28 87.39
C VAL IA 64 -6.90 109.21 86.45
N GLU IA 65 -7.59 108.07 86.42
CA GLU IA 65 -7.12 106.91 85.68
C GLU IA 65 -8.25 106.41 84.77
N PRO IA 66 -8.00 106.21 83.50
CA PRO IA 66 -9.07 105.74 82.62
C PRO IA 66 -9.26 104.25 82.72
N ILE IA 67 -10.44 103.76 82.34
CA ILE IA 67 -10.75 102.33 82.40
C ILE IA 67 -10.99 101.76 81.01
N THR IA 68 -11.97 102.30 80.27
CA THR IA 68 -12.18 101.66 78.99
C THR IA 68 -11.85 102.55 77.81
N LYS IA 69 -12.71 103.51 77.50
CA LYS IA 69 -12.36 104.62 76.65
C LYS IA 69 -13.24 105.78 77.07
N HIS IA 70 -14.18 105.46 77.95
CA HIS IA 70 -15.20 106.44 78.32
C HIS IA 70 -15.53 106.37 79.80
N ILE IA 71 -14.73 105.68 80.60
CA ILE IA 71 -15.02 105.45 82.01
C ILE IA 71 -13.79 105.84 82.81
N GLY IA 72 -13.91 106.89 83.61
CA GLY IA 72 -12.83 107.31 84.47
C GLY IA 72 -13.04 106.92 85.91
N LEU IA 73 -12.03 107.16 86.73
CA LEU IA 73 -12.05 106.63 88.09
C LEU IA 73 -11.03 107.40 88.92
N VAL IA 74 -11.47 107.97 90.04
CA VAL IA 74 -10.56 108.54 91.03
C VAL IA 74 -10.84 107.91 92.38
N TYR IA 75 -10.11 108.34 93.41
CA TYR IA 75 -10.28 107.77 94.73
C TYR IA 75 -10.04 108.86 95.77
N SER IA 76 -10.23 108.49 97.03
CA SER IA 76 -9.91 109.41 98.10
C SER IA 76 -9.25 108.75 99.30
N GLY IA 77 -8.99 107.45 99.27
CA GLY IA 77 -8.53 106.78 100.46
C GLY IA 77 -7.02 106.69 100.54
N MET IA 78 -6.47 105.50 100.33
CA MET IA 78 -5.02 105.33 100.39
C MET IA 78 -4.51 104.90 99.02
N GLY IA 79 -3.18 104.88 98.89
CA GLY IA 79 -2.53 104.82 97.60
C GLY IA 79 -2.26 103.46 97.00
N PRO IA 80 -1.51 102.59 97.70
CA PRO IA 80 -1.22 101.27 97.14
C PRO IA 80 -2.45 100.38 96.96
N ASP IA 81 -3.47 100.53 97.81
CA ASP IA 81 -4.66 99.72 97.65
C ASP IA 81 -5.48 100.19 96.45
N TYR IA 82 -5.31 101.44 96.05
CA TYR IA 82 -6.02 101.97 94.89
C TYR IA 82 -5.59 101.28 93.62
N ARG IA 83 -4.29 101.06 93.45
CA ARG IA 83 -3.77 100.52 92.20
C ARG IA 83 -4.13 99.06 92.04
N VAL IA 84 -4.43 98.37 93.15
CA VAL IA 84 -4.83 96.98 93.08
C VAL IA 84 -6.15 96.85 92.34
N LEU IA 85 -7.17 97.57 92.80
CA LEU IA 85 -8.48 97.40 92.22
C LEU IA 85 -8.63 98.18 90.92
N VAL IA 86 -7.64 99.00 90.55
CA VAL IA 86 -7.62 99.51 89.19
C VAL IA 86 -7.29 98.39 88.21
N HIS IA 87 -6.18 97.68 88.45
CA HIS IA 87 -5.80 96.56 87.60
C HIS IA 87 -6.84 95.45 87.64
N ARG IA 88 -7.54 95.31 88.76
CA ARG IA 88 -8.64 94.36 88.83
C ARG IA 88 -9.78 94.78 87.93
N ALA IA 89 -10.10 96.08 87.92
CA ALA IA 89 -11.23 96.54 87.11
C ALA IA 89 -10.89 96.59 85.63
N ARG IA 90 -9.61 96.79 85.31
CA ARG IA 90 -9.16 96.74 83.92
C ARG IA 90 -9.45 95.38 83.30
N LYS IA 91 -9.05 94.31 83.98
CA LYS IA 91 -9.31 92.97 83.48
C LYS IA 91 -10.79 92.65 83.52
N LEU IA 92 -11.51 93.25 84.47
CA LEU IA 92 -12.91 92.94 84.67
C LEU IA 92 -13.76 93.54 83.56
N ALA IA 93 -13.31 94.62 82.94
CA ALA IA 93 -14.00 95.17 81.79
C ALA IA 93 -13.67 94.43 80.51
N GLN IA 94 -12.66 93.57 80.52
CA GLN IA 94 -12.28 92.87 79.30
C GLN IA 94 -13.14 91.64 79.08
N GLN IA 95 -13.48 90.91 80.15
CA GLN IA 95 -14.36 89.76 80.02
C GLN IA 95 -15.75 90.18 79.59
N TYR IA 96 -16.14 91.42 79.88
CA TYR IA 96 -17.36 91.90 79.29
C TYR IA 96 -17.19 92.08 77.79
N TYR IA 97 -16.05 92.62 77.36
CA TYR IA 97 -15.92 92.99 75.96
C TYR IA 97 -15.56 91.80 75.09
N LEU IA 98 -14.90 90.79 75.64
CA LEU IA 98 -14.70 89.57 74.89
C LEU IA 98 -15.98 88.82 74.65
N VAL IA 99 -16.89 88.85 75.61
CA VAL IA 99 -18.10 88.06 75.49
C VAL IA 99 -19.15 88.82 74.69
N TYR IA 100 -19.43 90.05 75.08
CA TYR IA 100 -20.56 90.77 74.52
C TYR IA 100 -20.19 91.64 73.33
N GLN IA 101 -18.89 91.83 73.08
CA GLN IA 101 -18.35 92.62 71.97
C GLN IA 101 -18.92 94.03 71.95
N GLU IA 102 -18.92 94.66 73.12
CA GLU IA 102 -19.64 95.89 73.29
C GLU IA 102 -19.06 96.53 74.53
N PRO IA 103 -18.89 97.85 74.55
CA PRO IA 103 -18.32 98.50 75.74
C PRO IA 103 -19.21 98.39 76.96
N ILE IA 104 -18.60 98.10 78.11
CA ILE IA 104 -19.36 97.76 79.31
C ILE IA 104 -20.07 99.02 79.82
N PRO IA 105 -21.35 98.91 80.19
CA PRO IA 105 -22.04 100.05 80.81
C PRO IA 105 -21.46 100.33 82.17
N THR IA 106 -21.56 101.59 82.57
CA THR IA 106 -20.94 102.03 83.80
C THR IA 106 -21.60 101.43 85.02
N ALA IA 107 -22.91 101.20 84.97
CA ALA IA 107 -23.60 100.54 86.07
C ALA IA 107 -23.16 99.09 86.19
N GLN IA 108 -22.71 98.51 85.10
CA GLN IA 108 -22.36 97.10 85.12
C GLN IA 108 -21.00 96.87 85.75
N LEU IA 109 -20.07 97.83 85.60
CA LEU IA 109 -18.80 97.75 86.31
C LEU IA 109 -18.99 97.81 87.81
N VAL IA 110 -19.83 98.73 88.28
CA VAL IA 110 -19.89 99.03 89.69
C VAL IA 110 -20.56 97.89 90.45
N GLN IA 111 -21.47 97.17 89.78
CA GLN IA 111 -21.98 95.93 90.33
C GLN IA 111 -20.88 94.90 90.46
N ARG IA 112 -19.92 94.92 89.55
CA ARG IA 112 -18.88 93.90 89.57
C ARG IA 112 -17.73 94.28 90.48
N VAL IA 113 -17.39 95.57 90.54
CA VAL IA 113 -16.29 96.00 91.39
C VAL IA 113 -16.66 95.89 92.86
N ALA IA 114 -17.88 96.31 93.20
CA ALA IA 114 -18.33 96.21 94.59
C ALA IA 114 -18.51 94.75 95.00
N SER IA 115 -18.82 93.88 94.04
CA SER IA 115 -18.90 92.46 94.36
C SER IA 115 -17.52 91.88 94.65
N VAL IA 116 -16.50 92.40 93.96
CA VAL IA 116 -15.13 92.03 94.29
C VAL IA 116 -14.80 92.50 95.70
N MET IA 117 -15.24 93.70 96.03
CA MET IA 117 -14.78 94.34 97.26
C MET IA 117 -15.49 93.78 98.48
N GLN IA 118 -16.78 93.49 98.36
CA GLN IA 118 -17.50 92.88 99.49
C GLN IA 118 -16.99 91.49 99.79
N GLU IA 119 -16.94 90.64 98.76
CA GLU IA 119 -16.51 89.26 98.90
C GLU IA 119 -15.10 89.17 99.44
N TYR IA 120 -14.32 90.21 99.22
CA TYR IA 120 -13.00 90.36 99.78
C TYR IA 120 -13.02 90.53 101.30
N THR IA 121 -14.07 91.13 101.85
CA THR IA 121 -14.10 91.36 103.29
C THR IA 121 -14.59 90.17 104.07
N GLN IA 122 -15.45 89.34 103.48
CA GLN IA 122 -15.99 88.22 104.24
C GLN IA 122 -14.99 87.08 104.34
N SER IA 123 -14.13 86.94 103.33
CA SER IA 123 -13.14 85.87 103.32
C SER IA 123 -12.07 86.10 104.37
N GLY IA 124 -11.34 85.04 104.69
CA GLY IA 124 -10.49 85.06 105.87
C GLY IA 124 -9.07 85.55 105.61
N GLY IA 125 -8.45 86.01 106.70
CA GLY IA 125 -7.05 86.34 106.69
C GLY IA 125 -6.71 87.70 106.15
N VAL IA 126 -7.68 88.46 105.65
CA VAL IA 126 -7.38 89.73 104.99
C VAL IA 126 -8.09 90.87 105.67
N ARG IA 127 -7.60 92.10 105.44
CA ARG IA 127 -8.27 93.29 105.92
C ARG IA 127 -9.08 93.86 104.75
N PRO IA 128 -10.07 94.71 105.02
CA PRO IA 128 -10.74 95.39 103.91
C PRO IA 128 -9.83 96.43 103.27
N PHE IA 129 -10.27 96.94 102.13
CA PHE IA 129 -9.54 98.00 101.48
C PHE IA 129 -9.70 99.30 102.26
N GLY IA 130 -8.93 100.32 101.90
CA GLY IA 130 -9.04 101.59 102.57
C GLY IA 130 -9.26 102.69 101.55
N VAL IA 131 -10.05 102.38 100.53
CA VAL IA 131 -10.23 103.23 99.36
C VAL IA 131 -11.72 103.36 99.11
N SER IA 132 -12.18 104.59 98.88
CA SER IA 132 -13.49 104.82 98.28
C SER IA 132 -13.27 105.33 96.87
N LEU IA 133 -14.24 105.08 95.99
CA LEU IA 133 -14.06 105.39 94.58
C LEU IA 133 -15.11 106.36 94.08
N LEU IA 134 -14.80 107.01 92.95
CA LEU IA 134 -15.76 107.77 92.18
C LEU IA 134 -15.63 107.36 90.73
N ILE IA 135 -16.67 106.70 90.23
CA ILE IA 135 -16.64 106.20 88.87
C ILE IA 135 -17.63 106.99 88.04
N CYS IA 136 -17.28 107.28 86.79
CA CYS IA 136 -18.17 108.03 85.93
C CYS IA 136 -18.06 107.50 84.51
N GLY IA 137 -18.90 108.01 83.64
CA GLY IA 137 -18.95 107.58 82.27
C GLY IA 137 -20.21 108.07 81.58
N TRP IA 138 -20.11 108.25 80.26
CA TRP IA 138 -21.21 108.77 79.47
C TRP IA 138 -21.67 107.67 78.51
N ASN IA 139 -22.51 106.78 79.00
CA ASN IA 139 -22.96 105.62 78.25
C ASN IA 139 -24.43 105.77 77.89
N GLU IA 140 -24.73 105.55 76.61
CA GLU IA 140 -26.08 105.62 76.05
C GLU IA 140 -26.73 106.97 76.27
N GLY IA 141 -26.01 108.03 75.98
CA GLY IA 141 -26.58 109.36 76.08
C GLY IA 141 -26.48 109.96 77.46
N ARG IA 142 -27.07 109.32 78.43
CA ARG IA 142 -27.06 109.83 79.80
C ARG IA 142 -25.69 109.61 80.43
N PRO IA 143 -25.11 110.59 81.08
CA PRO IA 143 -23.89 110.34 81.84
C PRO IA 143 -24.18 109.73 83.19
N TYR IA 144 -23.17 109.23 83.90
CA TYR IA 144 -23.38 108.57 85.18
C TYR IA 144 -22.27 108.96 86.14
N LEU IA 145 -22.56 108.82 87.43
CA LEU IA 145 -21.59 109.08 88.50
C LEU IA 145 -21.96 108.25 89.71
N PHE IA 146 -21.10 107.32 90.08
CA PHE IA 146 -21.31 106.39 91.17
C PHE IA 146 -20.20 106.50 92.20
N GLN IA 147 -20.46 105.98 93.40
CA GLN IA 147 -19.50 106.00 94.49
C GLN IA 147 -19.53 104.66 95.20
N SER IA 148 -18.37 104.07 95.40
CA SER IA 148 -18.25 102.87 96.19
C SER IA 148 -17.58 103.18 97.52
N ASP IA 149 -17.34 102.14 98.32
CA ASP IA 149 -16.83 102.29 99.67
C ASP IA 149 -16.16 100.98 100.09
N PRO IA 150 -15.37 100.99 101.18
CA PRO IA 150 -14.80 99.73 101.66
C PRO IA 150 -15.80 98.67 102.09
N SER IA 151 -17.02 99.04 102.44
CA SER IA 151 -18.02 98.02 102.69
C SER IA 151 -18.45 97.31 101.42
N GLY IA 152 -18.43 98.01 100.30
CA GLY IA 152 -18.86 97.43 99.04
C GLY IA 152 -20.28 97.83 98.67
N ALA IA 153 -20.63 99.09 98.90
CA ALA IA 153 -21.96 99.57 98.60
C ALA IA 153 -21.86 100.71 97.60
N TYR IA 154 -22.73 100.68 96.61
CA TYR IA 154 -22.70 101.64 95.53
C TYR IA 154 -23.79 102.67 95.74
N PHE IA 155 -23.56 103.88 95.23
CA PHE IA 155 -24.55 104.93 95.29
C PHE IA 155 -24.58 105.63 93.95
N ALA IA 156 -25.42 106.65 93.82
CA ALA IA 156 -25.56 107.36 92.55
C ALA IA 156 -25.77 108.83 92.87
N TRP IA 157 -24.68 109.58 92.86
CA TRP IA 157 -24.71 110.97 93.29
C TRP IA 157 -24.95 111.88 92.08
N LYS IA 158 -25.49 113.04 92.37
CA LYS IA 158 -25.41 114.16 91.45
C LYS IA 158 -24.08 114.88 91.58
N ALA IA 159 -23.65 115.13 92.82
CA ALA IA 159 -22.39 115.80 93.13
C ALA IA 159 -22.03 115.45 94.56
N THR IA 160 -20.89 114.82 94.74
CA THR IA 160 -20.43 114.49 96.08
C THR IA 160 -18.97 114.90 96.27
N ALA IA 161 -18.47 114.66 97.47
CA ALA IA 161 -17.07 114.90 97.78
C ALA IA 161 -16.61 113.87 98.80
N MET IA 162 -15.30 113.66 98.84
CA MET IA 162 -14.73 112.69 99.77
C MET IA 162 -13.39 113.23 100.23
N GLY IA 163 -12.74 112.50 101.13
CA GLY IA 163 -11.48 112.95 101.68
C GLY IA 163 -11.68 113.86 102.88
N LYS IA 164 -10.71 114.76 103.08
CA LYS IA 164 -10.79 115.71 104.18
C LYS IA 164 -11.86 116.75 103.93
N ASN IA 165 -12.55 117.13 105.02
CA ASN IA 165 -13.48 118.26 105.06
C ASN IA 165 -14.64 118.08 104.07
N TYR IA 166 -15.03 116.82 103.88
CA TYR IA 166 -16.00 116.50 102.85
C TYR IA 166 -17.38 117.03 103.19
N VAL IA 167 -17.70 117.14 104.49
CA VAL IA 167 -18.97 117.72 104.88
C VAL IA 167 -19.02 119.20 104.54
N ASN IA 168 -17.88 119.88 104.59
CA ASN IA 168 -17.84 121.28 104.19
C ASN IA 168 -18.05 121.41 102.70
N GLY IA 169 -17.44 120.51 101.93
CA GLY IA 169 -17.69 120.48 100.50
C GLY IA 169 -19.09 119.97 100.17
N LYS IA 170 -19.68 119.22 101.08
CA LYS IA 170 -21.03 118.71 100.85
C LYS IA 170 -22.06 119.82 100.93
N THR IA 171 -21.93 120.69 101.94
CA THR IA 171 -22.83 121.81 102.05
C THR IA 171 -22.58 122.84 100.97
N PHE IA 172 -21.35 122.94 100.49
CA PHE IA 172 -21.05 123.92 99.45
C PHE IA 172 -21.70 123.54 98.14
N LEU IA 173 -21.60 122.27 97.75
CA LEU IA 173 -22.27 121.80 96.55
C LEU IA 173 -23.78 121.83 96.69
N GLU IA 174 -24.29 121.72 97.92
CA GLU IA 174 -25.72 121.76 98.14
C GLU IA 174 -26.29 123.13 97.83
N LYS IA 175 -25.48 124.18 97.94
CA LYS IA 175 -25.87 125.49 97.50
C LYS IA 175 -25.38 125.84 96.10
N ARG IA 176 -24.27 125.25 95.66
CA ARG IA 176 -23.72 125.61 94.37
C ARG IA 176 -24.39 124.87 93.23
N TYR IA 177 -24.63 123.58 93.39
CA TYR IA 177 -25.19 122.79 92.30
C TYR IA 177 -26.66 123.12 92.12
N ASN IA 178 -27.09 123.05 90.86
CA ASN IA 178 -28.48 123.27 90.53
C ASN IA 178 -29.00 122.06 89.77
N GLU IA 179 -30.16 122.21 89.16
CA GLU IA 179 -30.73 121.20 88.26
C GLU IA 179 -29.78 120.87 87.12
N ASP IA 180 -29.22 121.90 86.48
CA ASP IA 180 -28.38 121.67 85.32
C ASP IA 180 -27.41 122.81 85.09
N LEU IA 181 -26.28 122.47 84.48
CA LEU IA 181 -25.27 123.44 84.06
C LEU IA 181 -24.76 122.98 82.70
N GLU IA 182 -23.62 123.52 82.30
CA GLU IA 182 -22.86 122.97 81.20
C GLU IA 182 -21.63 122.27 81.76
N LEU IA 183 -20.79 121.76 80.86
CA LEU IA 183 -19.58 121.09 81.31
C LEU IA 183 -18.57 122.07 81.86
N GLU IA 184 -18.42 123.23 81.21
CA GLU IA 184 -17.41 124.19 81.64
C GLU IA 184 -17.79 124.82 82.97
N ASP IA 185 -19.08 125.06 83.20
CA ASP IA 185 -19.52 125.58 84.48
C ASP IA 185 -19.27 124.57 85.58
N ALA IA 186 -19.38 123.28 85.25
CA ALA IA 186 -19.12 122.23 86.22
C ALA IA 186 -17.65 122.19 86.61
N ILE IA 187 -16.77 122.45 85.64
CA ILE IA 187 -15.33 122.52 85.93
C ILE IA 187 -15.04 123.72 86.81
N HIS IA 188 -15.77 124.80 86.59
CA HIS IA 188 -15.51 126.02 87.35
C HIS IA 188 -15.97 125.88 88.79
N THR IA 189 -17.05 125.14 89.03
CA THR IA 189 -17.46 124.95 90.41
C THR IA 189 -16.72 123.80 91.07
N ALA IA 190 -16.15 122.89 90.28
CA ALA IA 190 -15.35 121.82 90.87
C ALA IA 190 -14.03 122.33 91.40
N ILE IA 191 -13.43 123.29 90.70
CA ILE IA 191 -12.22 123.90 91.22
C ILE IA 191 -12.56 124.80 92.40
N LEU IA 192 -13.77 125.37 92.40
CA LEU IA 192 -14.21 126.22 93.49
C LEU IA 192 -14.35 125.43 94.78
N THR IA 193 -14.94 124.24 94.71
CA THR IA 193 -15.08 123.43 95.92
C THR IA 193 -13.79 122.74 96.31
N LEU IA 194 -12.87 122.50 95.37
CA LEU IA 194 -11.58 121.99 95.76
C LEU IA 194 -10.70 123.07 96.32
N LYS IA 195 -10.94 124.33 95.97
CA LYS IA 195 -10.21 125.46 96.53
C LYS IA 195 -10.70 125.80 97.93
N GLU IA 196 -11.75 125.14 98.40
CA GLU IA 196 -12.23 125.34 99.76
C GLU IA 196 -11.21 124.90 100.78
N SER IA 197 -10.72 123.67 100.66
CA SER IA 197 -9.87 123.08 101.69
C SER IA 197 -8.45 122.93 101.19
N PHE IA 198 -8.08 123.68 100.16
CA PHE IA 198 -6.75 123.54 99.60
C PHE IA 198 -5.73 124.36 100.38
N GLU IA 199 -4.55 124.52 99.81
CA GLU IA 199 -3.56 125.42 100.37
C GLU IA 199 -3.29 126.52 99.36
N GLY IA 200 -2.33 127.39 99.63
CA GLY IA 200 -2.21 128.64 98.92
C GLY IA 200 -1.77 128.51 97.47
N GLN IA 201 -0.80 127.66 97.21
CA GLN IA 201 -0.39 127.43 95.84
C GLN IA 201 -1.40 126.52 95.17
N MET IA 202 -2.17 127.06 94.23
CA MET IA 202 -2.98 126.24 93.35
C MET IA 202 -2.46 126.49 91.95
N THR IA 203 -1.53 125.64 91.52
CA THR IA 203 -0.93 125.72 90.22
C THR IA 203 -1.61 124.70 89.32
N GLU IA 204 -1.05 124.49 88.13
CA GLU IA 204 -1.46 123.40 87.27
C GLU IA 204 -1.06 122.03 87.81
N ASP IA 205 -0.20 121.99 88.83
CA ASP IA 205 0.29 120.73 89.37
C ASP IA 205 -0.40 120.33 90.66
N ASN IA 206 -1.08 121.26 91.33
CA ASN IA 206 -1.70 120.95 92.61
C ASN IA 206 -3.05 120.29 92.45
N ILE IA 207 -3.67 120.37 91.28
CA ILE IA 207 -4.94 119.74 91.01
C ILE IA 207 -4.75 118.85 89.79
N GLU IA 208 -5.73 117.98 89.56
CA GLU IA 208 -5.60 117.03 88.47
C GLU IA 208 -7.00 116.59 88.08
N VAL IA 209 -7.43 116.93 86.86
CA VAL IA 209 -8.85 116.94 86.49
C VAL IA 209 -9.06 116.06 85.27
N GLY IA 210 -10.06 115.19 85.33
CA GLY IA 210 -10.47 114.38 84.20
C GLY IA 210 -11.94 114.49 83.91
N ILE IA 211 -12.32 114.61 82.64
CA ILE IA 211 -13.72 114.76 82.28
C ILE IA 211 -14.21 113.53 81.51
N CYS IA 212 -15.53 113.42 81.37
CA CYS IA 212 -16.16 112.46 80.48
C CYS IA 212 -17.13 113.16 79.53
N ASN IA 213 -16.71 113.36 78.30
CA ASN IA 213 -17.61 113.81 77.26
C ASN IA 213 -18.53 112.67 76.86
N GLU IA 214 -19.56 113.01 76.09
CA GLU IA 214 -20.25 111.94 75.38
C GLU IA 214 -19.41 111.48 74.21
N ALA IA 215 -18.47 112.34 73.78
CA ALA IA 215 -17.45 111.93 72.84
C ALA IA 215 -16.47 110.94 73.46
N GLY IA 216 -16.33 110.95 74.78
CA GLY IA 216 -15.52 109.94 75.43
C GLY IA 216 -14.88 110.49 76.68
N PHE IA 217 -14.10 109.63 77.33
CA PHE IA 217 -13.27 110.06 78.43
C PHE IA 217 -12.16 110.94 77.89
N ARG IA 218 -11.75 111.90 78.69
CA ARG IA 218 -10.67 112.80 78.30
C ARG IA 218 -10.02 113.25 79.59
N ARG IA 219 -8.71 113.14 79.64
CA ARG IA 219 -7.98 113.67 80.78
C ARG IA 219 -7.35 115.00 80.41
N LEU IA 220 -7.44 115.98 81.30
CA LEU IA 220 -6.98 117.32 80.98
C LEU IA 220 -5.47 117.44 81.22
N THR IA 221 -4.77 117.98 80.22
CA THR IA 221 -3.36 118.26 80.36
C THR IA 221 -3.19 119.47 81.27
N PRO IA 222 -2.01 119.65 81.88
CA PRO IA 222 -1.81 120.82 82.76
C PRO IA 222 -1.84 122.16 82.06
N THR IA 223 -1.73 122.19 80.73
CA THR IA 223 -1.77 123.47 80.01
C THR IA 223 -3.14 124.13 80.13
N GLU IA 224 -4.20 123.37 79.88
CA GLU IA 224 -5.54 123.94 79.99
C GLU IA 224 -5.90 124.23 81.44
N VAL IA 225 -5.45 123.38 82.36
CA VAL IA 225 -5.76 123.59 83.77
C VAL IA 225 -5.04 124.82 84.29
N LYS IA 226 -3.87 125.13 83.73
CA LYS IA 226 -3.27 126.43 83.99
C LYS IA 226 -4.08 127.54 83.35
N ASP IA 227 -4.65 127.29 82.17
CA ASP IA 227 -5.41 128.33 81.48
C ASP IA 227 -6.81 128.46 82.06
N TYR IA 228 -7.37 127.37 82.55
CA TYR IA 228 -8.72 127.46 83.09
C TYR IA 228 -8.74 127.98 84.50
N LEU IA 229 -7.62 127.87 85.22
CA LEU IA 229 -7.56 128.39 86.58
C LEU IA 229 -7.43 129.91 86.63
N ALA IA 230 -7.30 130.57 85.48
CA ALA IA 230 -7.35 132.02 85.45
C ALA IA 230 -8.77 132.48 85.79
N ALA IA 231 -8.86 133.31 86.85
CA ALA IA 231 -10.11 133.72 87.49
C ALA IA 231 -10.95 132.50 87.87
N ILE IA 232 -10.33 131.63 88.66
CA ILE IA 232 -10.99 130.42 89.13
C ILE IA 232 -11.91 130.78 90.27
N ALA IA 233 -12.93 129.93 90.50
CA ALA IA 233 -13.93 130.04 91.58
C ALA IA 233 -14.69 131.38 91.59
N SER JA 1 -1.39 82.72 115.33
CA SER JA 1 -1.48 81.37 114.79
C SER JA 1 -2.89 80.83 114.98
N ARG JA 2 -3.27 80.62 116.23
CA ARG JA 2 -4.60 80.14 116.56
C ARG JA 2 -5.27 81.11 117.52
N ARG JA 3 -4.50 82.05 118.06
CA ARG JA 3 -5.02 82.99 119.03
C ARG JA 3 -5.66 84.21 118.40
N TYR JA 4 -5.83 84.21 117.08
CA TYR JA 4 -6.54 85.29 116.40
C TYR JA 4 -7.93 84.85 115.95
N ASP JA 5 -8.33 83.62 116.25
CA ASP JA 5 -9.60 83.07 115.80
C ASP JA 5 -10.70 83.50 116.75
N SER JA 6 -11.82 83.97 116.18
CA SER JA 6 -12.87 84.55 116.99
C SER JA 6 -13.87 83.51 117.50
N ARG JA 7 -13.85 82.30 116.94
CA ARG JA 7 -14.65 81.15 117.38
C ARG JA 7 -16.15 81.45 117.31
N THR JA 8 -16.62 81.64 116.08
CA THR JA 8 -18.03 81.86 115.80
C THR JA 8 -18.84 80.58 115.75
N THR JA 9 -18.21 79.45 116.01
CA THR JA 9 -18.84 78.15 115.81
C THR JA 9 -19.35 77.59 117.13
N ILE JA 10 -18.64 77.85 118.23
CA ILE JA 10 -18.94 77.26 119.52
C ILE JA 10 -20.25 77.81 120.06
N PHE JA 11 -21.05 76.93 120.68
CA PHE JA 11 -22.23 77.33 121.42
C PHE JA 11 -21.88 78.26 122.57
N SER JA 12 -22.88 78.97 123.05
CA SER JA 12 -22.73 79.68 124.31
C SER JA 12 -22.67 78.68 125.45
N PRO JA 13 -21.94 79.01 126.53
CA PRO JA 13 -22.02 78.19 127.74
C PRO JA 13 -23.40 78.18 128.36
N GLU JA 14 -24.21 79.22 128.08
CA GLU JA 14 -25.64 79.19 128.32
C GLU JA 14 -26.31 78.03 127.61
N GLY JA 15 -25.78 77.61 126.47
CA GLY JA 15 -26.35 76.51 125.74
C GLY JA 15 -27.25 76.99 124.64
N ARG JA 16 -26.82 78.05 123.96
CA ARG JA 16 -27.55 78.59 122.83
C ARG JA 16 -26.53 79.22 121.90
N LEU JA 17 -26.99 79.93 120.89
CA LEU JA 17 -26.02 80.56 119.99
C LEU JA 17 -25.58 81.90 120.54
N TYR JA 18 -24.49 82.40 119.96
CA TYR JA 18 -23.86 83.60 120.50
C TYR JA 18 -23.61 84.65 119.42
N GLN JA 19 -23.23 84.19 118.23
CA GLN JA 19 -22.89 85.10 117.14
C GLN JA 19 -24.09 85.36 116.23
N VAL JA 20 -24.90 84.33 115.99
CA VAL JA 20 -26.12 84.49 115.19
C VAL JA 20 -27.13 85.34 115.94
N GLU JA 21 -27.07 85.32 117.27
CA GLU JA 21 -27.91 86.18 118.07
C GLU JA 21 -27.59 87.64 117.84
N TYR JA 22 -26.32 87.96 117.56
CA TYR JA 22 -25.96 89.35 117.33
C TYR JA 22 -26.54 89.89 116.05
N ALA JA 23 -26.54 89.07 114.99
CA ALA JA 23 -27.08 89.54 113.72
C ALA JA 23 -28.59 89.67 113.75
N MET JA 24 -29.27 88.75 114.42
CA MET JA 24 -30.72 88.83 114.51
C MET JA 24 -31.17 89.96 115.42
N GLU JA 25 -30.33 90.33 116.39
CA GLU JA 25 -30.68 91.49 117.20
C GLU JA 25 -30.18 92.78 116.57
N ALA JA 26 -29.29 92.68 115.58
CA ALA JA 26 -28.93 93.84 114.79
C ALA JA 26 -29.99 94.18 113.76
N ILE JA 27 -30.59 93.17 113.13
CA ILE JA 27 -31.33 93.30 111.88
C ILE JA 27 -32.55 94.20 112.01
N GLY JA 28 -33.04 94.45 113.22
CA GLY JA 28 -34.20 95.29 113.38
C GLY JA 28 -33.95 96.77 113.20
N HIS JA 29 -32.69 97.18 113.12
CA HIS JA 29 -32.37 98.58 112.96
C HIS JA 29 -32.25 98.93 111.48
N ALA JA 30 -32.81 100.10 111.14
CA ALA JA 30 -32.61 100.78 109.86
C ALA JA 30 -33.10 99.98 108.67
N GLY JA 31 -34.42 99.94 108.48
CA GLY JA 31 -35.07 99.25 107.39
C GLY JA 31 -36.45 98.83 107.85
N THR JA 32 -37.46 99.01 106.99
CA THR JA 32 -38.84 98.68 107.34
C THR JA 32 -39.52 98.16 106.08
N CYS JA 33 -39.81 96.87 106.05
CA CYS JA 33 -40.50 96.26 104.91
C CYS JA 33 -41.74 95.56 105.42
N LEU JA 34 -42.77 95.46 104.59
CA LEU JA 34 -43.91 94.63 104.92
C LEU JA 34 -44.58 94.16 103.63
N GLY JA 35 -45.62 93.36 103.78
CA GLY JA 35 -46.33 92.79 102.66
C GLY JA 35 -47.63 92.14 103.10
N ILE JA 36 -48.66 92.24 102.28
CA ILE JA 36 -49.98 91.77 102.67
C ILE JA 36 -50.62 91.04 101.50
N LEU JA 37 -51.48 90.08 101.82
CA LEU JA 37 -52.37 89.45 100.86
C LEU JA 37 -53.57 88.89 101.58
N ALA JA 38 -54.73 88.96 100.95
CA ALA JA 38 -55.85 88.13 101.36
C ALA JA 38 -56.59 87.62 100.12
N ASN JA 39 -56.35 88.27 98.99
CA ASN JA 39 -56.94 87.88 97.72
C ASN JA 39 -55.94 88.04 96.61
N ASP JA 40 -56.43 88.09 95.37
CA ASP JA 40 -55.60 88.01 94.18
C ASP JA 40 -54.76 89.26 94.08
N GLY JA 41 -53.48 89.11 94.41
CA GLY JA 41 -52.57 90.23 94.51
C GLY JA 41 -51.78 90.15 95.81
N VAL JA 42 -50.59 90.73 95.80
CA VAL JA 42 -49.74 90.81 96.98
C VAL JA 42 -48.80 91.99 96.77
N LEU JA 43 -48.54 92.74 97.84
CA LEU JA 43 -47.78 93.97 97.74
C LEU JA 43 -46.53 93.90 98.60
N LEU JA 44 -45.69 94.93 98.47
CA LEU JA 44 -44.46 95.06 99.24
C LEU JA 44 -44.22 96.56 99.47
N ALA JA 45 -44.48 97.03 100.67
CA ALA JA 45 -44.19 98.41 101.00
C ALA JA 45 -42.78 98.51 101.56
N ALA JA 46 -41.98 99.39 101.00
CA ALA JA 46 -40.62 99.62 101.46
C ALA JA 46 -40.51 100.98 102.13
N GLU JA 47 -39.28 101.37 102.45
CA GLU JA 47 -39.04 102.65 103.10
C GLU JA 47 -37.64 103.12 102.74
N ARG JA 48 -37.55 104.26 102.06
CA ARG JA 48 -36.27 104.86 101.74
C ARG JA 48 -35.61 105.34 103.02
N ARG JA 49 -34.50 104.72 103.39
CA ARG JA 49 -33.88 105.00 104.69
C ARG JA 49 -33.27 106.40 104.73
N ASN JA 50 -32.54 106.79 103.69
CA ASN JA 50 -32.02 108.15 103.58
C ASN JA 50 -32.35 108.68 102.20
N ILE JA 51 -33.09 109.79 102.16
CA ILE JA 51 -33.38 110.45 100.89
C ILE JA 51 -32.70 111.80 100.90
N HIS JA 52 -31.48 111.87 100.36
CA HIS JA 52 -30.77 113.13 100.26
C HIS JA 52 -31.04 113.77 98.90
N LYS JA 53 -30.90 115.09 98.85
CA LYS JA 53 -31.22 115.86 97.67
C LYS JA 53 -30.19 115.75 96.55
N LEU JA 54 -29.17 114.89 96.69
CA LEU JA 54 -28.16 114.80 95.65
C LEU JA 54 -28.01 113.39 95.11
N LEU JA 55 -29.10 112.64 95.06
CA LEU JA 55 -29.08 111.28 94.53
C LEU JA 55 -29.78 111.24 93.18
N ASP JA 56 -29.69 110.08 92.53
CA ASP JA 56 -30.14 109.95 91.15
C ASP JA 56 -31.39 109.09 90.99
N GLU JA 57 -31.38 107.90 91.60
CA GLU JA 57 -32.41 106.86 91.42
C GLU JA 57 -32.63 106.53 89.95
N VAL JA 58 -31.54 106.21 89.25
CA VAL JA 58 -31.61 105.86 87.83
C VAL JA 58 -32.09 104.44 87.60
N PHE JA 59 -32.23 103.63 88.65
CA PHE JA 59 -32.53 102.22 88.50
C PHE JA 59 -34.01 101.91 88.56
N PHE JA 60 -34.77 102.73 89.27
CA PHE JA 60 -36.22 102.62 89.49
C PHE JA 60 -36.62 101.34 90.20
N SER JA 61 -35.67 100.64 90.81
CA SER JA 61 -35.94 99.54 91.71
C SER JA 61 -34.81 99.48 92.71
N GLU JA 62 -35.00 100.11 93.87
CA GLU JA 62 -33.89 100.27 94.80
C GLU JA 62 -33.82 99.09 95.76
N LYS JA 63 -34.91 98.84 96.48
CA LYS JA 63 -34.91 97.78 97.47
C LYS JA 63 -35.56 96.51 96.93
N ILE JA 64 -36.54 96.65 96.04
CA ILE JA 64 -37.24 95.50 95.46
C ILE JA 64 -36.34 94.91 94.39
N TYR JA 65 -36.13 93.60 94.43
CA TYR JA 65 -35.38 92.94 93.38
C TYR JA 65 -36.26 91.91 92.69
N LYS JA 66 -36.53 92.14 91.41
CA LYS JA 66 -37.27 91.16 90.60
C LYS JA 66 -36.31 90.03 90.27
N LEU JA 67 -36.40 88.98 91.07
CA LEU JA 67 -35.47 87.86 90.96
C LEU JA 67 -35.91 86.80 89.96
N ASN JA 68 -37.11 86.92 89.42
CA ASN JA 68 -37.66 85.92 88.53
C ASN JA 68 -38.80 86.56 87.77
N GLU JA 69 -39.39 85.83 86.83
CA GLU JA 69 -40.57 86.35 86.17
C GLU JA 69 -41.81 86.27 87.04
N ASP JA 70 -41.76 85.51 88.14
CA ASP JA 70 -42.92 85.35 88.99
C ASP JA 70 -42.69 85.74 90.44
N MET JA 71 -41.47 86.08 90.83
CA MET JA 71 -41.17 86.33 92.22
C MET JA 71 -40.27 87.55 92.37
N ALA JA 72 -40.32 88.14 93.56
CA ALA JA 72 -39.47 89.28 93.90
C ALA JA 72 -39.23 89.25 95.39
N CYS JA 73 -38.38 90.16 95.86
CA CYS JA 73 -37.96 90.11 97.26
C CYS JA 73 -37.71 91.51 97.77
N SER JA 74 -37.65 91.62 99.09
CA SER JA 74 -37.43 92.89 99.74
C SER JA 74 -36.42 92.63 100.85
N VAL JA 75 -35.23 93.19 100.69
CA VAL JA 75 -34.11 92.87 101.56
C VAL JA 75 -33.91 94.00 102.55
N ALA JA 76 -33.52 93.64 103.77
CA ALA JA 76 -33.24 94.61 104.82
C ALA JA 76 -32.07 94.08 105.64
N GLY JA 77 -30.93 94.77 105.57
CA GLY JA 77 -29.73 94.36 106.29
C GLY JA 77 -28.49 95.05 105.79
N ILE JA 78 -27.40 94.30 105.62
CA ILE JA 78 -26.22 94.87 104.97
C ILE JA 78 -26.46 94.88 103.47
N THR JA 79 -26.24 96.04 102.85
CA THR JA 79 -26.45 96.22 101.41
C THR JA 79 -25.50 95.36 100.61
N SER JA 80 -24.24 95.27 101.06
CA SER JA 80 -23.25 94.49 100.34
C SER JA 80 -23.58 93.02 100.45
N ASP JA 81 -24.16 92.62 101.57
CA ASP JA 81 -24.54 91.24 101.78
C ASP JA 81 -25.77 90.88 100.97
N ALA JA 82 -26.57 91.89 100.61
CA ALA JA 82 -27.76 91.65 99.81
C ALA JA 82 -27.40 91.28 98.39
N ASN JA 83 -26.36 91.91 97.83
CA ASN JA 83 -25.99 91.65 96.46
C ASN JA 83 -25.39 90.26 96.30
N VAL JA 84 -24.86 89.71 97.39
CA VAL JA 84 -24.32 88.36 97.34
C VAL JA 84 -25.44 87.35 97.23
N LEU JA 85 -26.49 87.50 98.05
CA LEU JA 85 -27.55 86.51 98.06
C LEU JA 85 -28.45 86.63 96.85
N THR JA 86 -28.78 87.86 96.44
CA THR JA 86 -29.72 88.03 95.35
C THR JA 86 -29.10 87.65 94.01
N ASN JA 87 -27.79 87.74 93.87
CA ASN JA 87 -27.15 87.18 92.69
C ASN JA 87 -27.16 85.67 92.74
N GLU JA 88 -27.12 85.10 93.94
CA GLU JA 88 -27.12 83.65 94.06
C GLU JA 88 -28.53 83.09 93.93
N LEU JA 89 -29.50 83.75 94.55
CA LEU JA 89 -30.87 83.26 94.54
C LEU JA 89 -31.48 83.38 93.15
N ARG JA 90 -31.03 84.37 92.38
CA ARG JA 90 -31.48 84.51 91.01
C ARG JA 90 -30.94 83.39 90.14
N LEU JA 91 -29.77 82.87 90.49
CA LEU JA 91 -29.17 81.83 89.67
C LEU JA 91 -29.71 80.46 90.07
N ILE JA 92 -30.21 80.33 91.30
CA ILE JA 92 -30.87 79.10 91.74
C ILE JA 92 -32.13 78.86 90.95
N ALA JA 93 -32.91 79.91 90.74
CA ALA JA 93 -34.19 79.79 90.05
C ALA JA 93 -33.98 79.49 88.57
N GLN JA 94 -32.81 79.82 88.05
CA GLN JA 94 -32.62 79.71 86.61
C GLN JA 94 -32.11 78.33 86.22
N ARG JA 95 -31.33 77.68 87.08
CA ARG JA 95 -30.89 76.32 86.79
C ARG JA 95 -32.01 75.31 87.00
N TYR JA 96 -33.02 75.68 87.77
CA TYR JA 96 -34.21 74.84 87.88
C TYR JA 96 -34.95 74.80 86.55
N LEU JA 97 -35.10 75.96 85.93
CA LEU JA 97 -35.79 76.06 84.66
C LEU JA 97 -35.03 75.35 83.56
N LEU JA 98 -33.70 75.37 83.63
CA LEU JA 98 -32.89 74.61 82.68
C LEU JA 98 -33.13 73.12 82.82
N GLN JA 99 -33.37 72.65 84.04
CA GLN JA 99 -33.47 71.22 84.25
C GLN JA 99 -34.87 70.70 83.95
N TYR JA 100 -35.91 71.50 84.22
CA TYR JA 100 -37.27 71.00 84.14
C TYR JA 100 -38.13 71.67 83.07
N GLN JA 101 -37.69 72.78 82.49
CA GLN JA 101 -38.49 73.66 81.62
C GLN JA 101 -39.83 74.03 82.27
N GLU JA 102 -39.76 74.39 83.54
CA GLU JA 102 -40.95 74.69 84.30
C GLU JA 102 -40.57 75.72 85.36
N PRO JA 103 -41.43 76.71 85.60
CA PRO JA 103 -41.11 77.74 86.58
C PRO JA 103 -41.02 77.24 88.01
N ILE JA 104 -40.00 77.68 88.72
CA ILE JA 104 -39.70 77.25 90.08
C ILE JA 104 -40.79 77.61 91.08
N PRO JA 105 -41.29 76.64 91.84
CA PRO JA 105 -42.25 76.95 92.90
C PRO JA 105 -41.60 77.70 94.04
N CYS JA 106 -42.37 78.40 94.84
CA CYS JA 106 -41.79 79.40 95.72
C CYS JA 106 -41.19 78.81 96.99
N GLU JA 107 -41.66 77.68 97.48
CA GLU JA 107 -41.13 77.11 98.72
C GLU JA 107 -39.73 76.58 98.51
N GLN JA 108 -39.53 75.83 97.43
CA GLN JA 108 -38.23 75.20 97.22
C GLN JA 108 -37.24 76.16 96.60
N LEU JA 109 -37.65 77.40 96.36
CA LEU JA 109 -36.66 78.45 96.20
C LEU JA 109 -36.17 78.95 97.55
N VAL JA 110 -37.07 79.07 98.52
CA VAL JA 110 -36.71 79.59 99.83
C VAL JA 110 -35.87 78.58 100.59
N THR JA 111 -36.21 77.30 100.50
CA THR JA 111 -35.43 76.28 101.18
C THR JA 111 -34.07 76.10 100.52
N ALA JA 112 -33.96 76.49 99.25
CA ALA JA 112 -32.66 76.45 98.60
C ALA JA 112 -31.73 77.50 99.18
N LEU JA 113 -32.26 78.68 99.51
CA LEU JA 113 -31.41 79.74 100.05
C LEU JA 113 -31.08 79.49 101.51
N CYS JA 114 -32.08 79.08 102.29
CA CYS JA 114 -31.91 78.98 103.74
C CYS JA 114 -30.94 77.87 104.11
N ASP JA 115 -30.76 76.89 103.23
CA ASP JA 115 -29.74 75.88 103.48
C ASP JA 115 -28.36 76.41 103.17
N ILE JA 116 -28.27 77.42 102.31
CA ILE JA 116 -26.98 78.06 102.08
C ILE JA 116 -26.63 78.96 103.26
N LYS JA 117 -27.62 79.66 103.81
CA LYS JA 117 -27.37 80.56 104.93
C LYS JA 117 -27.01 79.81 106.19
N GLN JA 118 -27.58 78.63 106.38
CA GLN JA 118 -27.25 77.83 107.55
C GLN JA 118 -25.82 77.33 107.49
N ALA JA 119 -25.40 76.78 106.35
CA ALA JA 119 -24.13 76.07 106.28
C ALA JA 119 -22.94 76.98 106.47
N TYR JA 120 -23.10 78.28 106.28
CA TYR JA 120 -22.03 79.21 106.56
C TYR JA 120 -22.04 79.66 108.01
N THR JA 121 -22.92 79.09 108.83
CA THR JA 121 -22.84 79.32 110.27
C THR JA 121 -22.11 78.19 110.98
N GLN JA 122 -22.29 76.96 110.52
CA GLN JA 122 -21.69 75.84 111.25
C GLN JA 122 -20.20 75.69 111.00
N PHE JA 123 -19.81 75.36 109.78
CA PHE JA 123 -18.42 75.00 109.58
C PHE JA 123 -17.68 76.07 108.79
N GLY JA 124 -16.46 76.35 109.22
CA GLY JA 124 -15.61 77.35 108.61
C GLY JA 124 -15.27 78.51 109.52
N GLY JA 125 -16.11 78.81 110.51
CA GLY JA 125 -15.90 80.03 111.26
C GLY JA 125 -16.09 81.27 110.42
N LYS JA 126 -16.91 81.18 109.38
CA LYS JA 126 -17.16 82.29 108.50
C LYS JA 126 -18.17 83.23 109.16
N ARG JA 127 -18.10 84.50 108.81
CA ARG JA 127 -19.08 85.45 109.30
C ARG JA 127 -20.45 85.12 108.74
N PRO JA 128 -21.46 84.98 109.58
CA PRO JA 128 -22.81 84.72 109.07
C PRO JA 128 -23.38 85.96 108.42
N PHE JA 129 -24.51 85.77 107.75
CA PHE JA 129 -25.10 86.85 106.99
C PHE JA 129 -25.97 87.72 107.88
N GLY JA 130 -26.08 88.97 107.49
CA GLY JA 130 -26.85 89.94 108.25
C GLY JA 130 -28.05 90.39 107.45
N VAL JA 131 -28.77 89.43 106.90
CA VAL JA 131 -29.85 89.69 105.94
C VAL JA 131 -31.11 88.95 106.38
N SER JA 132 -32.21 89.68 106.51
CA SER JA 132 -33.55 89.09 106.63
C SER JA 132 -34.34 89.67 105.47
N LEU JA 133 -34.87 88.82 104.62
CA LEU JA 133 -35.60 89.34 103.49
C LEU JA 133 -36.95 88.65 103.36
N LEU JA 134 -37.80 89.19 102.48
CA LEU JA 134 -39.17 88.72 102.30
C LEU JA 134 -39.34 88.16 100.89
N TYR JA 135 -40.46 87.50 100.67
CA TYR JA 135 -40.71 86.80 99.40
C TYR JA 135 -42.16 86.97 99.00
N ILE JA 136 -42.39 87.31 97.74
CA ILE JA 136 -43.73 87.26 97.18
C ILE JA 136 -43.66 86.41 95.92
N GLY JA 137 -44.79 85.97 95.42
CA GLY JA 137 -44.79 85.22 94.20
C GLY JA 137 -46.04 84.37 94.06
N TRP JA 138 -46.09 83.69 92.93
CA TRP JA 138 -47.27 82.95 92.52
C TRP JA 138 -46.80 81.64 91.90
N ASP JA 139 -47.48 80.55 92.22
CA ASP JA 139 -47.18 79.26 91.64
C ASP JA 139 -48.45 78.58 91.17
N LYS JA 140 -48.32 77.31 90.81
CA LYS JA 140 -49.42 76.52 90.30
C LYS JA 140 -50.01 75.59 91.34
N HIS JA 141 -49.67 75.78 92.60
CA HIS JA 141 -50.11 74.83 93.61
C HIS JA 141 -50.91 75.54 94.68
N TYR JA 142 -50.44 76.72 95.08
CA TYR JA 142 -51.15 77.45 96.11
C TYR JA 142 -51.53 78.82 95.59
N GLY JA 143 -50.59 79.51 94.96
CA GLY JA 143 -50.89 80.82 94.43
C GLY JA 143 -50.07 81.92 95.09
N PHE JA 144 -50.75 82.94 95.58
CA PHE JA 144 -50.05 84.10 96.12
C PHE JA 144 -49.56 83.78 97.52
N GLN JA 145 -48.26 83.95 97.75
CA GLN JA 145 -47.60 83.49 98.96
C GLN JA 145 -46.68 84.57 99.52
N LEU JA 146 -46.46 84.52 100.82
CA LEU JA 146 -45.49 85.36 101.52
C LEU JA 146 -44.55 84.50 102.34
N TYR JA 147 -43.28 84.89 102.38
CA TYR JA 147 -42.32 84.16 103.20
C TYR JA 147 -41.37 85.13 103.89
N GLN JA 148 -40.94 84.71 105.08
CA GLN JA 148 -39.99 85.42 105.91
C GLN JA 148 -38.70 84.63 105.92
N SER JA 149 -37.57 85.30 105.84
CA SER JA 149 -36.27 84.65 105.92
C SER JA 149 -35.49 85.21 107.09
N ASP JA 150 -34.65 84.38 107.70
CA ASP JA 150 -33.87 84.75 108.86
C ASP JA 150 -32.39 84.54 108.57
N PRO JA 151 -31.50 85.20 109.32
CA PRO JA 151 -30.07 84.93 109.12
C PRO JA 151 -29.65 83.58 109.62
N SER JA 152 -30.45 82.95 110.47
CA SER JA 152 -30.15 81.59 110.92
C SER JA 152 -30.34 80.57 109.80
N GLY JA 153 -31.31 80.80 108.93
CA GLY JA 153 -31.64 79.83 107.90
C GLY JA 153 -33.01 79.27 108.17
N ASN JA 154 -33.78 80.00 108.95
CA ASN JA 154 -35.11 79.60 109.37
C ASN JA 154 -36.13 80.41 108.59
N TYR JA 155 -37.21 79.78 108.15
CA TYR JA 155 -38.17 80.51 107.35
C TYR JA 155 -39.59 80.26 107.81
N GLY JA 156 -40.58 80.81 107.10
CA GLY JA 156 -41.96 80.56 107.43
C GLY JA 156 -42.95 81.20 106.49
N GLY JA 157 -44.14 80.62 106.37
CA GLY JA 157 -45.22 81.21 105.61
C GLY JA 157 -46.01 82.19 106.45
N TRP JA 158 -46.36 83.34 105.89
CA TRP JA 158 -47.01 84.40 106.63
C TRP JA 158 -48.14 85.00 105.81
N LYS JA 159 -48.85 85.95 106.39
CA LYS JA 159 -49.76 86.78 105.61
C LYS JA 159 -49.62 88.27 105.86
N ALA JA 160 -49.00 88.69 106.96
CA ALA JA 160 -48.85 90.12 107.19
C ALA JA 160 -47.54 90.44 107.88
N THR JA 161 -46.50 89.66 107.63
CA THR JA 161 -45.26 89.82 108.39
C THR JA 161 -44.50 91.07 107.96
N CYS JA 162 -43.39 91.34 108.65
CA CYS JA 162 -42.56 92.51 108.42
C CYS JA 162 -41.11 92.16 108.70
N ILE JA 163 -40.25 93.18 108.77
CA ILE JA 163 -38.85 92.93 109.08
C ILE JA 163 -38.37 93.81 110.23
N GLY JA 164 -38.47 95.13 110.05
CA GLY JA 164 -37.82 96.07 110.95
C GLY JA 164 -38.40 96.09 112.34
N ASN JA 165 -37.54 96.42 113.31
CA ASN JA 165 -37.97 96.37 114.70
C ASN JA 165 -38.88 97.53 115.06
N ASN JA 166 -38.86 98.60 114.26
CA ASN JA 166 -39.84 99.65 114.44
C ASN JA 166 -41.25 99.19 114.08
N SER JA 167 -41.36 98.09 113.35
CA SER JA 167 -42.62 97.52 112.94
C SER JA 167 -43.18 96.52 113.95
N ALA JA 168 -42.66 96.47 115.17
CA ALA JA 168 -43.31 95.67 116.21
C ALA JA 168 -44.68 96.26 116.57
N ALA JA 169 -44.79 97.58 116.52
CA ALA JA 169 -46.09 98.22 116.70
C ALA JA 169 -47.01 97.97 115.51
N ALA JA 170 -46.43 97.68 114.35
CA ALA JA 170 -47.24 97.44 113.17
C ALA JA 170 -47.88 96.05 113.21
N VAL JA 171 -47.14 95.06 113.70
CA VAL JA 171 -47.69 93.71 113.80
C VAL JA 171 -48.81 93.69 114.84
N SER JA 172 -48.67 94.51 115.88
CA SER JA 172 -49.77 94.69 116.83
C SER JA 172 -50.97 95.35 116.16
N MET JA 173 -50.71 96.28 115.25
CA MET JA 173 -51.79 96.86 114.46
C MET JA 173 -52.40 95.83 113.52
N LEU JA 174 -51.57 94.96 112.97
CA LEU JA 174 -52.08 93.97 112.03
C LEU JA 174 -52.86 92.88 112.73
N LYS JA 175 -52.46 92.51 113.95
CA LYS JA 175 -53.32 91.66 114.74
C LYS JA 175 -54.59 92.38 115.14
N GLN JA 176 -54.52 93.70 115.32
CA GLN JA 176 -55.72 94.48 115.58
C GLN JA 176 -56.57 94.61 114.33
N ASP JA 177 -55.94 94.78 113.17
CA ASP JA 177 -56.65 95.06 111.93
C ASP JA 177 -56.12 94.15 110.84
N TYR JA 178 -56.87 93.10 110.54
CA TYR JA 178 -56.63 92.29 109.35
C TYR JA 178 -57.90 91.54 109.02
N LYS JA 179 -58.06 91.23 107.75
CA LYS JA 179 -59.26 90.66 107.18
C LYS JA 179 -58.94 89.28 106.63
N GLU JA 180 -59.95 88.45 106.39
CA GLU JA 180 -59.72 87.08 105.97
C GLU JA 180 -60.41 86.87 104.62
N GLY JA 181 -59.67 87.07 103.55
CA GLY JA 181 -60.23 87.01 102.22
C GLY JA 181 -60.97 88.26 101.80
N GLU JA 182 -60.50 89.44 102.20
CA GLU JA 182 -61.13 90.66 101.74
C GLU JA 182 -60.12 91.66 101.21
N MET JA 183 -58.99 91.20 100.69
CA MET JA 183 -58.05 92.12 100.06
C MET JA 183 -58.63 92.57 98.74
N THR JA 184 -58.76 93.86 98.57
CA THR JA 184 -58.76 94.38 97.24
C THR JA 184 -57.38 94.96 97.02
N LEU JA 185 -57.18 95.55 95.86
CA LEU JA 185 -56.02 96.41 95.69
C LEU JA 185 -56.36 97.86 96.01
N LYS JA 186 -57.39 98.08 96.82
CA LYS JA 186 -57.59 99.37 97.45
C LYS JA 186 -57.52 99.15 98.95
N SER JA 187 -58.06 98.01 99.40
CA SER JA 187 -58.14 97.72 100.82
C SER JA 187 -56.76 97.48 101.41
N ALA JA 188 -55.97 96.64 100.75
CA ALA JA 188 -54.64 96.35 101.27
C ALA JA 188 -53.69 97.53 101.09
N LEU JA 189 -53.85 98.29 100.01
CA LEU JA 189 -52.97 99.43 99.78
C LEU JA 189 -53.25 100.56 100.75
N ALA JA 190 -54.53 100.83 101.03
CA ALA JA 190 -54.84 101.87 102.01
C ALA JA 190 -54.46 101.43 103.41
N LEU JA 191 -54.47 100.12 103.66
CA LEU JA 191 -54.04 99.62 104.96
C LEU JA 191 -52.53 99.76 105.12
N ALA JA 192 -51.78 99.55 104.04
CA ALA JA 192 -50.33 99.66 104.12
C ALA JA 192 -49.90 101.12 104.24
N ILE JA 193 -50.64 102.03 103.58
CA ILE JA 193 -50.35 103.46 103.73
C ILE JA 193 -50.71 103.92 105.14
N LYS JA 194 -51.69 103.24 105.76
CA LYS JA 194 -52.05 103.56 107.13
C LYS JA 194 -50.97 103.12 108.10
N VAL JA 195 -50.30 102.01 107.80
CA VAL JA 195 -49.32 101.46 108.72
C VAL JA 195 -48.07 102.32 108.76
N LEU JA 196 -47.50 102.63 107.59
CA LEU JA 196 -46.26 103.38 107.54
C LEU JA 196 -46.44 104.83 107.96
N ASN JA 197 -47.69 105.30 107.99
CA ASN JA 197 -47.95 106.64 108.52
C ASN JA 197 -47.68 106.69 110.01
N LYS JA 198 -48.11 105.68 110.75
CA LYS JA 198 -47.93 105.70 112.19
C LYS JA 198 -46.57 105.16 112.61
N THR JA 199 -46.12 104.07 111.98
CA THR JA 199 -44.92 103.39 112.47
C THR JA 199 -43.66 104.17 112.12
N MET JA 200 -43.54 104.63 110.89
CA MET JA 200 -42.42 105.48 110.55
C MET JA 200 -42.63 106.86 111.16
N ASP JA 201 -41.53 107.52 111.47
CA ASP JA 201 -41.56 108.84 112.09
C ASP JA 201 -41.61 109.97 111.07
N VAL JA 202 -41.81 109.64 109.80
CA VAL JA 202 -41.93 110.67 108.78
C VAL JA 202 -43.25 111.40 108.96
N SER JA 203 -43.17 112.70 109.16
CA SER JA 203 -44.37 113.52 109.28
C SER JA 203 -45.03 113.63 107.91
N LYS JA 204 -46.34 113.33 107.88
CA LYS JA 204 -47.23 113.45 106.73
C LYS JA 204 -46.87 112.52 105.57
N LEU JA 205 -45.90 111.62 105.78
CA LEU JA 205 -45.54 110.53 104.87
C LEU JA 205 -45.17 111.06 103.49
N SER JA 206 -44.00 111.69 103.38
CA SER JA 206 -43.48 112.12 102.09
C SER JA 206 -43.38 110.95 101.12
N ALA JA 207 -43.92 111.15 99.91
CA ALA JA 207 -44.09 110.05 98.96
C ALA JA 207 -42.78 109.56 98.37
N GLU JA 208 -41.69 110.30 98.58
CA GLU JA 208 -40.37 109.91 98.12
C GLU JA 208 -39.62 109.11 99.16
N LYS JA 209 -40.25 108.82 100.29
CA LYS JA 209 -39.57 108.07 101.34
C LYS JA 209 -40.12 106.66 101.36
N VAL JA 210 -41.18 106.42 100.59
CA VAL JA 210 -41.77 105.09 100.51
C VAL JA 210 -41.67 104.58 99.10
N GLU JA 211 -41.99 103.30 98.96
CA GLU JA 211 -41.89 102.60 97.68
C GLU JA 211 -42.76 101.36 97.77
N ILE JA 212 -43.57 101.11 96.75
CA ILE JA 212 -44.55 100.03 96.78
C ILE JA 212 -44.45 99.22 95.49
N ALA JA 213 -44.32 97.91 95.62
CA ALA JA 213 -44.29 97.00 94.49
C ALA JA 213 -45.43 96.00 94.68
N THR JA 214 -46.27 95.84 93.65
CA THR JA 214 -47.35 94.89 93.70
C THR JA 214 -47.17 93.79 92.67
N LEU JA 215 -47.99 92.75 92.78
CA LEU JA 215 -47.93 91.61 91.87
C LEU JA 215 -49.34 91.11 91.64
N THR JA 216 -49.79 91.13 90.39
CA THR JA 216 -51.08 90.56 90.02
C THR JA 216 -50.88 89.51 88.95
N ARG JA 217 -51.87 88.64 88.82
CA ARG JA 217 -51.87 87.54 87.87
C ARG JA 217 -52.78 87.92 86.72
N GLU JA 218 -52.19 88.39 85.62
CA GLU JA 218 -52.99 89.12 84.65
C GLU JA 218 -53.79 88.22 83.71
N ASN JA 219 -53.11 87.50 82.82
CA ASN JA 219 -53.76 86.42 82.11
C ASN JA 219 -53.01 85.12 82.29
N GLY JA 220 -51.75 85.15 81.93
CA GLY JA 220 -50.83 84.07 82.22
C GLY JA 220 -49.47 84.69 82.42
N LYS JA 221 -49.45 85.99 82.70
CA LYS JA 221 -48.20 86.72 82.60
C LYS JA 221 -47.59 87.01 83.97
N THR JA 222 -48.41 87.08 85.01
CA THR JA 222 -48.03 87.43 86.37
C THR JA 222 -47.27 88.75 86.39
N VAL JA 223 -47.97 89.84 86.07
CA VAL JA 223 -47.36 91.15 85.90
C VAL JA 223 -46.86 91.64 87.24
N ILE JA 224 -45.56 91.90 87.33
CA ILE JA 224 -44.99 92.56 88.50
C ILE JA 224 -45.03 94.06 88.28
N ARG JA 225 -45.91 94.72 88.99
CA ARG JA 225 -46.10 96.16 88.85
C ARG JA 225 -45.23 96.89 89.85
N VAL JA 226 -44.50 97.90 89.38
CA VAL JA 226 -43.83 98.86 90.24
C VAL JA 226 -44.39 100.23 89.90
N LEU JA 227 -45.16 100.79 90.82
CA LEU JA 227 -45.83 102.07 90.60
C LEU JA 227 -44.87 103.22 90.88
N LYS JA 228 -45.02 104.33 90.14
CA LYS JA 228 -43.93 105.27 90.01
C LYS JA 228 -44.13 106.49 90.92
N GLN JA 229 -45.09 107.37 90.65
CA GLN JA 229 -45.10 108.55 91.51
C GLN JA 229 -46.45 109.08 91.99
N LYS JA 230 -47.41 109.25 91.08
CA LYS JA 230 -48.53 110.14 91.37
C LYS JA 230 -49.67 109.39 92.01
N GLU JA 231 -49.78 108.11 91.67
CA GLU JA 231 -50.70 107.18 92.33
C GLU JA 231 -50.39 107.03 93.81
N VAL JA 232 -49.13 107.20 94.21
CA VAL JA 232 -48.79 107.21 95.62
C VAL JA 232 -49.30 108.48 96.27
N GLU JA 233 -49.15 109.61 95.56
CA GLU JA 233 -49.48 110.91 96.10
C GLU JA 233 -50.98 111.06 96.31
N GLN JA 234 -51.76 110.66 95.31
CA GLN JA 234 -53.21 110.70 95.44
C GLN JA 234 -53.71 109.66 96.43
N LEU JA 235 -52.92 108.62 96.67
CA LEU JA 235 -53.26 107.67 97.73
C LEU JA 235 -53.13 108.30 99.10
N ILE JA 236 -52.07 109.08 99.30
CA ILE JA 236 -51.86 109.78 100.57
C ILE JA 236 -52.93 110.85 100.76
N LYS JA 237 -53.27 111.56 99.67
CA LYS JA 237 -54.36 112.51 99.74
C LYS JA 237 -55.69 111.81 99.99
N LYS JA 238 -55.83 110.58 99.50
CA LYS JA 238 -56.99 109.79 99.85
C LYS JA 238 -56.95 109.39 101.32
N HIS JA 239 -55.76 109.01 101.81
CA HIS JA 239 -55.64 108.55 103.19
C HIS JA 239 -55.83 109.69 104.18
N GLU JA 240 -55.28 110.87 103.87
CA GLU JA 240 -55.46 112.02 104.74
C GLU JA 240 -56.90 112.50 104.72
N GLU JA 241 -57.58 112.31 103.59
CA GLU JA 241 -59.00 112.66 103.52
C GLU JA 241 -59.82 111.70 104.37
N GLU JA 242 -59.49 110.40 104.33
CA GLU JA 242 -60.22 109.45 105.15
C GLU JA 242 -59.89 109.61 106.63
N GLU JA 243 -58.72 110.16 106.92
CA GLU JA 243 -58.44 110.56 108.29
C GLU JA 243 -59.24 111.79 108.67
N ALA JA 244 -59.29 112.78 107.78
CA ALA JA 244 -60.02 114.01 108.07
C ALA JA 244 -61.52 113.78 108.12
N LYS JA 245 -62.03 112.83 107.34
CA LYS JA 245 -63.45 112.54 107.40
C LYS JA 245 -63.83 111.83 108.69
N ALA JA 246 -63.02 110.87 109.12
CA ALA JA 246 -63.37 110.04 110.26
C ALA JA 246 -63.25 110.79 111.58
N GLU JA 247 -62.41 111.83 111.63
CA GLU JA 247 -62.22 112.60 112.85
C GLU JA 247 -63.33 113.61 113.11
N ARG JA 248 -64.33 113.70 112.22
CA ARG JA 248 -65.45 114.60 112.44
C ARG JA 248 -66.35 114.16 113.57
N GLU JA 249 -66.33 112.86 113.92
CA GLU JA 249 -67.13 112.38 115.04
C GLU JA 249 -66.48 112.71 116.38
N LYS JA 250 -65.20 113.05 116.39
CA LYS JA 250 -64.48 113.35 117.63
C LYS JA 250 -64.92 114.70 118.20
N SER KA 1 -10.96 74.47 103.57
CA SER KA 1 -9.74 74.28 104.36
C SER KA 1 -9.87 74.92 105.73
N TYR KA 2 -10.27 74.12 106.72
CA TYR KA 2 -10.38 74.61 108.09
C TYR KA 2 -9.88 73.52 109.02
N ASP KA 3 -8.75 73.78 109.67
CA ASP KA 3 -8.11 72.80 110.53
C ASP KA 3 -8.11 73.38 111.93
N ARG KA 4 -9.20 73.17 112.66
CA ARG KA 4 -9.27 73.63 114.04
C ARG KA 4 -10.18 72.67 114.80
N ALA KA 5 -9.61 71.97 115.77
CA ALA KA 5 -10.41 71.12 116.63
C ALA KA 5 -11.32 71.98 117.50
N ILE KA 6 -12.59 71.60 117.58
CA ILE KA 6 -13.58 72.32 118.36
C ILE KA 6 -13.95 71.56 119.61
N THR KA 7 -14.20 70.26 119.46
CA THR KA 7 -14.60 69.43 120.59
C THR KA 7 -13.37 68.74 121.18
N VAL KA 8 -13.02 69.12 122.41
CA VAL KA 8 -11.87 68.55 123.10
C VAL KA 8 -12.34 67.98 124.42
N PHE KA 9 -11.43 67.39 125.18
CA PHE KA 9 -11.78 66.82 126.47
C PHE KA 9 -11.66 67.85 127.57
N SER KA 10 -12.07 67.45 128.76
CA SER KA 10 -12.08 68.26 129.97
C SER KA 10 -11.22 67.58 131.02
N PRO KA 11 -10.69 68.32 131.99
CA PRO KA 11 -9.83 67.69 133.01
C PRO KA 11 -10.54 66.69 133.90
N ASP KA 12 -11.85 66.82 134.10
CA ASP KA 12 -12.56 65.84 134.91
C ASP KA 12 -12.90 64.60 134.09
N GLY KA 13 -12.90 64.72 132.77
CA GLY KA 13 -13.12 63.56 131.94
C GLY KA 13 -14.42 63.60 131.15
N HIS KA 14 -14.87 64.79 130.79
CA HIS KA 14 -16.11 64.91 130.04
C HIS KA 14 -15.86 65.66 128.74
N LEU KA 15 -16.93 66.01 128.04
CA LEU KA 15 -16.84 66.92 126.91
C LEU KA 15 -17.45 68.25 127.31
N PHE KA 16 -17.46 69.17 126.38
CA PHE KA 16 -18.13 70.45 126.56
C PHE KA 16 -19.24 70.67 125.56
N GLN KA 17 -19.00 70.36 124.29
CA GLN KA 17 -19.92 70.76 123.25
C GLN KA 17 -21.18 69.93 123.26
N VAL KA 18 -21.07 68.65 123.62
CA VAL KA 18 -22.22 67.76 123.62
C VAL KA 18 -23.18 68.14 124.74
N GLU KA 19 -22.64 68.49 125.90
CA GLU KA 19 -23.48 68.94 127.01
C GLU KA 19 -24.08 70.30 126.71
N TYR KA 20 -23.39 71.11 125.92
CA TYR KA 20 -23.97 72.37 125.50
C TYR KA 20 -25.01 72.16 124.43
N ALA KA 21 -24.86 71.10 123.63
CA ALA KA 21 -25.81 70.83 122.58
C ALA KA 21 -27.11 70.25 123.13
N GLN KA 22 -27.03 69.46 124.19
CA GLN KA 22 -28.24 68.87 124.74
C GLN KA 22 -29.08 69.88 125.49
N GLU KA 23 -28.53 71.04 125.83
CA GLU KA 23 -29.33 72.11 126.39
C GLU KA 23 -30.29 72.67 125.34
N ALA KA 24 -29.87 72.71 124.08
CA ALA KA 24 -30.75 73.19 123.02
C ALA KA 24 -31.92 72.25 122.80
N VAL KA 25 -31.72 70.96 123.02
CA VAL KA 25 -32.82 70.02 123.02
C VAL KA 25 -33.71 70.27 124.23
N LYS KA 26 -33.12 70.63 125.37
CA LYS KA 26 -33.90 70.95 126.54
C LYS KA 26 -34.70 72.23 126.38
N LYS KA 27 -34.22 73.17 125.57
CA LYS KA 27 -35.01 74.36 125.26
C LYS KA 27 -35.76 74.18 123.96
N GLY KA 28 -36.68 73.21 123.90
CA GLY KA 28 -37.46 73.01 122.71
C GLY KA 28 -38.84 72.49 123.02
N SER KA 29 -39.71 72.42 122.02
CA SER KA 29 -41.06 71.93 122.25
C SER KA 29 -41.06 70.43 122.45
N THR KA 30 -42.00 69.95 123.24
CA THR KA 30 -42.04 68.55 123.62
C THR KA 30 -42.75 67.74 122.56
N ALA KA 31 -42.28 66.51 122.36
CA ALA KA 31 -42.90 65.59 121.41
C ALA KA 31 -42.77 64.19 121.99
N VAL KA 32 -43.90 63.52 122.18
CA VAL KA 32 -43.88 62.18 122.74
C VAL KA 32 -44.24 61.19 121.65
N GLY KA 33 -44.11 59.91 121.94
CA GLY KA 33 -44.49 58.89 121.00
C GLY KA 33 -44.51 57.52 121.65
N VAL KA 34 -45.61 56.80 121.48
CA VAL KA 34 -45.72 55.45 122.00
C VAL KA 34 -45.90 54.51 120.82
N ARG KA 35 -45.92 53.21 121.09
CA ARG KA 35 -46.13 52.25 120.04
C ARG KA 35 -47.15 51.24 120.53
N GLY KA 36 -47.42 50.25 119.70
CA GLY KA 36 -48.34 49.20 120.03
C GLY KA 36 -47.92 47.92 119.33
N ARG KA 37 -48.89 47.15 118.86
CA ARG KA 37 -48.58 45.90 118.19
C ARG KA 37 -49.07 45.95 116.76
N ASP KA 38 -49.96 46.90 116.46
CA ASP KA 38 -50.52 47.05 115.13
C ASP KA 38 -50.41 48.46 114.59
N ILE KA 39 -50.60 49.48 115.42
CA ILE KA 39 -50.54 50.87 115.00
C ILE KA 39 -49.66 51.63 115.96
N VAL KA 40 -49.06 52.70 115.47
CA VAL KA 40 -48.18 53.55 116.28
C VAL KA 40 -48.83 54.90 116.42
N VAL KA 41 -48.23 55.77 117.23
CA VAL KA 41 -48.76 57.11 117.43
C VAL KA 41 -47.62 57.99 117.90
N LEU KA 42 -47.64 59.25 117.47
CA LEU KA 42 -46.72 60.23 118.01
C LEU KA 42 -47.37 61.60 117.90
N GLY KA 43 -47.10 62.45 118.87
CA GLY KA 43 -47.65 63.78 118.85
C GLY KA 43 -46.62 64.80 119.23
N VAL KA 44 -47.02 66.06 119.17
CA VAL KA 44 -46.13 67.16 119.50
C VAL KA 44 -46.95 68.22 120.20
N GLU KA 45 -46.29 68.98 121.07
CA GLU KA 45 -46.94 70.04 121.82
C GLU KA 45 -46.28 71.36 121.51
N LYS KA 46 -46.75 72.39 122.20
CA LYS KA 46 -46.26 73.78 122.14
C LYS KA 46 -46.30 74.30 120.69
N LYS KA 47 -47.51 74.33 120.15
CA LYS KA 47 -47.71 74.95 118.85
C LYS KA 47 -47.45 76.44 118.91
N SER KA 48 -48.17 77.13 119.80
CA SER KA 48 -48.07 78.58 120.05
C SER KA 48 -48.27 79.36 118.76
N VAL KA 49 -49.38 79.05 118.10
CA VAL KA 49 -49.67 79.57 116.77
C VAL KA 49 -50.18 80.99 116.91
N ALA KA 50 -49.79 81.83 115.96
CA ALA KA 50 -50.20 83.23 115.98
C ALA KA 50 -51.64 83.42 115.51
N LYS KA 51 -52.27 82.35 115.00
CA LYS KA 51 -53.72 82.27 114.74
C LYS KA 51 -54.19 83.26 113.66
N LEU KA 52 -53.25 83.81 112.90
CA LEU KA 52 -53.59 84.65 111.76
C LEU KA 52 -52.63 84.34 110.63
N GLN KA 53 -51.85 83.27 110.78
CA GLN KA 53 -50.71 83.03 109.93
C GLN KA 53 -50.79 81.64 109.32
N ASP KA 54 -49.86 81.34 108.41
CA ASP KA 54 -49.91 80.05 107.75
C ASP KA 54 -49.28 79.00 108.65
N GLU KA 55 -49.71 77.76 108.46
CA GLU KA 55 -49.29 76.66 109.32
C GLU KA 55 -48.98 75.38 108.57
N ARG KA 56 -49.11 75.36 107.25
CA ARG KA 56 -48.68 74.18 106.51
C ARG KA 56 -47.17 74.13 106.38
N THR KA 57 -46.49 75.24 106.63
CA THR KA 57 -45.04 75.28 106.66
C THR KA 57 -44.48 75.08 108.05
N VAL KA 58 -45.31 75.07 109.10
CA VAL KA 58 -44.77 74.92 110.44
C VAL KA 58 -44.81 73.46 110.89
N ARG KA 59 -45.05 72.54 109.97
CA ARG KA 59 -45.14 71.12 110.29
C ARG KA 59 -43.80 70.56 110.74
N LYS KA 60 -43.79 69.89 111.90
CA LYS KA 60 -42.59 69.33 112.50
C LYS KA 60 -42.67 67.82 112.65
N ILE KA 61 -43.56 67.18 111.90
CA ILE KA 61 -43.60 65.74 111.74
C ILE KA 61 -43.52 65.48 110.25
N CYS KA 62 -42.51 64.75 109.81
CA CYS KA 62 -42.42 64.44 108.40
C CYS KA 62 -42.11 62.96 108.21
N ALA KA 63 -41.89 62.55 106.97
CA ALA KA 63 -41.68 61.15 106.66
C ALA KA 63 -40.48 61.01 105.74
N LEU KA 64 -39.64 60.03 106.04
CA LEU KA 64 -38.50 59.78 105.17
C LEU KA 64 -38.89 58.93 103.98
N ASP KA 65 -39.75 57.95 104.21
CA ASP KA 65 -40.19 57.08 103.12
C ASP KA 65 -41.60 56.64 103.49
N ASP KA 66 -42.13 55.62 102.84
CA ASP KA 66 -43.50 55.17 103.09
C ASP KA 66 -43.65 54.35 104.35
N ASN KA 67 -42.60 54.26 105.17
CA ASN KA 67 -42.68 53.54 106.41
C ASN KA 67 -42.22 54.44 107.56
N VAL KA 68 -41.22 55.25 107.31
CA VAL KA 68 -40.46 55.87 108.38
C VAL KA 68 -41.01 57.26 108.67
N CYS KA 69 -41.19 57.58 109.94
CA CYS KA 69 -41.75 58.84 110.36
C CYS KA 69 -40.80 59.58 111.30
N MET KA 70 -40.94 60.91 111.35
CA MET KA 70 -40.01 61.77 112.08
C MET KA 70 -40.73 62.61 113.13
N ALA KA 71 -39.99 62.91 114.20
CA ALA KA 71 -40.40 63.87 115.22
C ALA KA 71 -39.18 64.35 115.98
N PHE KA 72 -38.84 65.62 115.86
CA PHE KA 72 -37.60 66.10 116.43
C PHE KA 72 -37.86 67.15 117.51
N ALA KA 73 -36.78 67.57 118.16
CA ALA KA 73 -36.78 68.73 119.04
C ALA KA 73 -35.51 69.51 118.77
N GLY KA 74 -35.28 70.52 119.59
CA GLY KA 74 -34.08 71.31 119.47
C GLY KA 74 -34.33 72.50 118.58
N LEU KA 75 -33.33 72.87 117.80
CA LEU KA 75 -33.52 73.94 116.84
C LEU KA 75 -34.03 73.34 115.53
N THR KA 76 -34.37 74.22 114.60
CA THR KA 76 -35.11 73.82 113.42
C THR KA 76 -34.26 73.78 112.17
N ALA KA 77 -33.28 74.66 112.05
CA ALA KA 77 -32.42 74.68 110.87
C ALA KA 77 -31.56 73.44 110.79
N ASP KA 78 -31.06 72.97 111.93
CA ASP KA 78 -30.23 71.78 111.91
C ASP KA 78 -31.04 70.53 111.68
N ALA KA 79 -32.34 70.57 111.97
CA ALA KA 79 -33.19 69.41 111.70
C ALA KA 79 -33.41 69.23 110.22
N ARG KA 80 -33.47 70.34 109.47
CA ARG KA 80 -33.79 70.27 108.05
C ARG KA 80 -32.66 69.64 107.26
N ILE KA 81 -31.42 69.80 107.72
CA ILE KA 81 -30.29 69.19 107.03
C ILE KA 81 -30.31 67.69 107.25
N VAL KA 82 -30.64 67.27 108.47
CA VAL KA 82 -30.66 65.86 108.82
C VAL KA 82 -31.75 65.12 108.06
N ILE KA 83 -32.90 65.78 107.87
CA ILE KA 83 -34.01 65.14 107.19
C ILE KA 83 -33.70 64.96 105.72
N ASN KA 84 -33.20 66.01 105.06
CA ASN KA 84 -32.89 65.89 103.64
C ASN KA 84 -31.65 65.05 103.41
N ARG KA 85 -30.83 64.87 104.44
CA ARG KA 85 -29.78 63.86 104.34
C ARG KA 85 -30.36 62.46 104.39
N ALA KA 86 -31.37 62.26 105.22
CA ALA KA 86 -31.88 60.92 105.45
C ALA KA 86 -32.82 60.47 104.34
N ARG KA 87 -33.48 61.40 103.68
CA ARG KA 87 -34.36 61.05 102.57
C ARG KA 87 -33.56 60.50 101.40
N VAL KA 88 -32.34 61.01 101.22
CA VAL KA 88 -31.48 60.54 100.15
C VAL KA 88 -31.03 59.11 100.41
N GLU KA 89 -30.68 58.81 101.66
CA GLU KA 89 -30.10 57.51 101.98
C GLU KA 89 -31.15 56.40 101.90
N CYS KA 90 -32.34 56.65 102.42
CA CYS KA 90 -33.40 55.66 102.32
C CYS KA 90 -33.89 55.51 100.89
N GLN KA 91 -33.63 56.50 100.04
CA GLN KA 91 -33.96 56.32 98.65
C GLN KA 91 -32.88 55.54 97.93
N SER KA 92 -31.61 55.76 98.31
CA SER KA 92 -30.51 55.06 97.68
C SER KA 92 -30.38 53.63 98.19
N HIS KA 93 -30.88 53.36 99.40
CA HIS KA 93 -30.95 51.97 99.85
C HIS KA 93 -31.93 51.19 99.00
N ARG KA 94 -33.05 51.81 98.64
CA ARG KA 94 -34.03 51.19 97.75
C ARG KA 94 -33.47 50.96 96.36
N LEU KA 95 -32.47 51.76 95.95
CA LEU KA 95 -31.85 51.58 94.65
C LEU KA 95 -31.09 50.27 94.59
N THR KA 96 -30.24 49.98 95.57
CA THR KA 96 -29.45 48.76 95.49
C THR KA 96 -30.29 47.58 95.93
N VAL KA 97 -30.68 47.57 97.20
CA VAL KA 97 -31.50 46.48 97.69
C VAL KA 97 -32.96 46.83 97.46
N GLU KA 98 -33.72 45.91 96.87
CA GLU KA 98 -35.07 46.23 96.43
C GLU KA 98 -36.10 46.16 97.55
N ASP KA 99 -35.68 46.23 98.79
CA ASP KA 99 -36.57 46.23 99.92
C ASP KA 99 -37.05 47.65 100.22
N PRO KA 100 -38.08 47.79 101.04
CA PRO KA 100 -38.20 49.02 101.83
C PRO KA 100 -37.13 49.03 102.90
N VAL KA 101 -36.72 50.23 103.26
CA VAL KA 101 -35.66 50.40 104.25
C VAL KA 101 -36.19 50.00 105.62
N THR KA 102 -35.42 49.20 106.36
CA THR KA 102 -35.80 48.89 107.72
C THR KA 102 -35.57 50.13 108.56
N VAL KA 103 -36.35 50.28 109.63
CA VAL KA 103 -36.27 51.44 110.50
C VAL KA 103 -34.99 51.40 111.34
N GLU KA 104 -34.39 50.22 111.50
CA GLU KA 104 -33.14 50.14 112.24
C GLU KA 104 -31.99 50.64 111.38
N TYR KA 105 -32.09 50.45 110.07
CA TYR KA 105 -31.00 50.85 109.19
C TYR KA 105 -30.88 52.35 109.11
N ILE KA 106 -32.00 53.07 109.13
CA ILE KA 106 -31.92 54.51 108.91
C ILE KA 106 -31.49 55.22 110.19
N THR KA 107 -31.77 54.63 111.36
CA THR KA 107 -31.32 55.23 112.60
C THR KA 107 -29.83 55.06 112.79
N ARG KA 108 -29.26 53.98 112.25
CA ARG KA 108 -27.80 53.87 112.24
C ARG KA 108 -27.21 54.87 111.27
N TYR KA 109 -27.95 55.25 110.24
CA TYR KA 109 -27.42 56.24 109.32
C TYR KA 109 -27.38 57.61 109.96
N ILE KA 110 -28.40 57.96 110.73
CA ILE KA 110 -28.46 59.27 111.36
C ILE KA 110 -27.45 59.36 112.49
N ALA KA 111 -27.35 58.31 113.29
CA ALA KA 111 -26.44 58.33 114.44
C ALA KA 111 -24.99 58.31 114.00
N SER KA 112 -24.68 57.59 112.93
CA SER KA 112 -23.32 57.62 112.41
C SER KA 112 -23.02 58.92 111.70
N LEU KA 113 -24.06 59.57 111.16
CA LEU KA 113 -23.89 60.91 110.63
C LEU KA 113 -23.48 61.86 111.72
N LYS KA 114 -24.12 61.74 112.88
CA LYS KA 114 -23.96 62.77 113.89
C LYS KA 114 -22.70 62.54 114.71
N GLN KA 115 -22.24 61.30 114.79
CA GLN KA 115 -21.03 61.00 115.55
C GLN KA 115 -19.78 61.47 114.84
N ARG KA 116 -19.65 61.19 113.55
CA ARG KA 116 -18.52 61.70 112.78
C ARG KA 116 -18.56 63.21 112.63
N TYR KA 117 -19.68 63.81 112.97
CA TYR KA 117 -19.89 65.23 112.86
C TYR KA 117 -19.49 65.96 114.13
N THR KA 118 -19.43 65.25 115.26
CA THR KA 118 -18.79 65.76 116.46
C THR KA 118 -17.31 65.41 116.51
N GLN KA 119 -16.90 64.42 115.74
CA GLN KA 119 -15.52 63.96 115.74
C GLN KA 119 -14.61 64.89 114.96
N SER KA 120 -15.09 65.40 113.84
CA SER KA 120 -14.23 66.14 112.92
C SER KA 120 -13.94 67.55 113.42
N ASN KA 121 -13.22 68.29 112.58
CA ASN KA 121 -12.64 69.57 112.94
C ASN KA 121 -13.42 70.73 112.34
N GLY KA 122 -13.62 71.76 113.14
CA GLY KA 122 -14.25 72.97 112.63
C GLY KA 122 -15.76 72.93 112.56
N ARG KA 123 -16.39 71.94 113.16
CA ARG KA 123 -17.80 71.66 112.90
C ARG KA 123 -18.58 71.72 114.19
N ARG KA 124 -19.54 72.64 114.25
CA ARG KA 124 -20.46 72.71 115.37
C ARG KA 124 -21.35 71.48 115.37
N PRO KA 125 -21.45 70.75 116.47
CA PRO KA 125 -22.33 69.57 116.49
C PRO KA 125 -23.79 69.95 116.38
N PHE KA 126 -24.60 68.97 115.98
CA PHE KA 126 -26.03 69.16 115.79
C PHE KA 126 -26.73 69.39 117.12
N GLY KA 127 -27.97 69.85 117.04
CA GLY KA 127 -28.71 70.22 118.22
C GLY KA 127 -30.12 69.70 118.18
N ILE KA 128 -30.32 68.52 117.59
CA ILE KA 128 -31.64 67.94 117.48
C ILE KA 128 -31.67 66.64 118.27
N SER KA 129 -32.87 66.07 118.39
CA SER KA 129 -33.08 64.76 118.98
C SER KA 129 -34.35 64.20 118.36
N ALA KA 130 -34.20 63.18 117.54
CA ALA KA 130 -35.29 62.71 116.72
C ALA KA 130 -36.01 61.52 117.36
N LEU KA 131 -37.25 61.33 116.97
CA LEU KA 131 -38.01 60.12 117.29
C LEU KA 131 -38.34 59.45 115.96
N ILE KA 132 -37.79 58.27 115.75
CA ILE KA 132 -37.92 57.59 114.47
C ILE KA 132 -38.92 56.46 114.65
N VAL KA 133 -40.06 56.54 113.97
CA VAL KA 133 -41.14 55.58 114.15
C VAL KA 133 -41.47 54.97 112.80
N GLY KA 134 -41.54 53.64 112.75
CA GLY KA 134 -41.95 52.94 111.55
C GLY KA 134 -42.10 51.45 111.80
N PHE KA 135 -43.07 50.82 111.14
CA PHE KA 135 -43.28 49.39 111.29
C PHE KA 135 -42.68 48.66 110.10
N ASP KA 136 -41.71 47.78 110.37
CA ASP KA 136 -40.96 47.11 109.31
C ASP KA 136 -41.81 46.03 108.64
N PHE KA 137 -41.16 45.23 107.80
CA PHE KA 137 -41.79 44.03 107.28
C PHE KA 137 -42.02 43.03 108.42
N ASP KA 138 -42.93 42.10 108.16
CA ASP KA 138 -43.51 41.13 109.10
C ASP KA 138 -44.29 41.84 110.23
N GLY KA 139 -44.67 43.11 110.02
CA GLY KA 139 -45.47 43.86 110.97
C GLY KA 139 -44.85 44.02 112.35
N THR KA 140 -43.72 44.70 112.44
CA THR KA 140 -43.00 44.87 113.69
C THR KA 140 -42.95 46.35 114.01
N PRO KA 141 -43.93 46.88 114.74
CA PRO KA 141 -43.91 48.30 115.08
C PRO KA 141 -42.92 48.59 116.18
N ARG KA 142 -42.09 49.61 115.98
CA ARG KA 142 -41.07 49.97 116.95
C ARG KA 142 -40.72 51.43 116.78
N LEU KA 143 -40.08 51.98 117.79
CA LEU KA 143 -39.63 53.36 117.74
C LEU KA 143 -38.26 53.46 118.38
N TYR KA 144 -37.41 54.26 117.76
CA TYR KA 144 -36.08 54.50 118.30
C TYR KA 144 -35.95 55.96 118.67
N GLN KA 145 -34.79 56.36 119.18
CA GLN KA 145 -34.53 57.77 119.41
C GLN KA 145 -33.08 58.05 119.05
N THR KA 146 -32.74 59.32 119.00
CA THR KA 146 -31.37 59.76 118.78
C THR KA 146 -30.91 60.59 119.97
N ASP KA 147 -29.72 61.13 119.82
CA ASP KA 147 -29.10 61.99 120.81
C ASP KA 147 -28.09 62.86 120.08
N PRO KA 148 -27.85 64.09 120.54
CA PRO KA 148 -26.81 64.91 119.90
C PRO KA 148 -25.41 64.36 119.99
N SER KA 149 -25.13 63.45 120.92
CA SER KA 149 -23.84 62.78 120.92
C SER KA 149 -23.73 61.73 119.83
N GLY KA 150 -24.86 61.19 119.37
CA GLY KA 150 -24.85 60.16 118.35
C GLY KA 150 -25.22 58.78 118.83
N THR KA 151 -25.76 58.64 120.04
CA THR KA 151 -26.20 57.35 120.51
C THR KA 151 -27.67 57.15 120.20
N TYR KA 152 -28.13 55.91 120.30
CA TYR KA 152 -29.50 55.58 119.93
C TYR KA 152 -29.94 54.34 120.67
N HIS KA 153 -31.25 54.21 120.89
CA HIS KA 153 -31.82 53.12 121.65
C HIS KA 153 -33.13 52.67 121.02
N ALA KA 154 -33.90 51.93 121.79
CA ALA KA 154 -35.25 51.52 121.43
C ALA KA 154 -36.12 51.71 122.66
N TRP KA 155 -37.04 52.67 122.63
CA TRP KA 155 -37.92 52.84 123.77
C TRP KA 155 -39.33 52.40 123.42
N LYS KA 156 -40.13 52.26 124.47
CA LYS KA 156 -41.56 52.04 124.30
C LYS KA 156 -42.37 53.32 124.44
N ALA KA 157 -41.80 54.36 125.06
CA ALA KA 157 -42.45 55.66 125.22
C ALA KA 157 -41.37 56.69 125.47
N ASN KA 158 -41.18 57.59 124.52
CA ASN KA 158 -40.16 58.62 124.67
C ASN KA 158 -40.82 59.97 124.97
N ALA KA 159 -40.01 60.87 125.52
CA ALA KA 159 -40.37 62.27 125.65
C ALA KA 159 -39.10 63.08 125.58
N ILE KA 160 -39.14 64.20 124.86
CA ILE KA 160 -38.05 65.17 124.77
C ILE KA 160 -38.60 66.58 124.90
N GLY KA 161 -37.74 67.57 124.75
CA GLY KA 161 -38.19 68.96 124.77
C GLY KA 161 -38.19 69.58 126.16
N ARG KA 162 -38.88 70.72 126.26
CA ARG KA 162 -38.90 71.50 127.49
C ARG KA 162 -39.80 70.80 128.50
N GLY KA 163 -39.18 70.00 129.36
CA GLY KA 163 -39.93 69.34 130.41
C GLY KA 163 -40.37 67.94 130.04
N ALA KA 164 -39.41 67.11 129.66
CA ALA KA 164 -39.69 65.72 129.36
C ALA KA 164 -39.70 64.83 130.59
N LYS KA 165 -38.98 65.22 131.65
CA LYS KA 165 -38.83 64.36 132.81
C LYS KA 165 -40.14 64.27 133.57
N SER KA 166 -40.93 65.34 133.56
CA SER KA 166 -42.30 65.26 134.06
C SER KA 166 -43.13 64.34 133.20
N VAL KA 167 -42.96 64.41 131.88
CA VAL KA 167 -43.66 63.51 131.00
C VAL KA 167 -43.13 62.10 131.15
N ARG KA 168 -41.81 61.95 131.31
CA ARG KA 168 -41.22 60.65 131.56
C ARG KA 168 -41.68 60.08 132.90
N GLU KA 169 -41.93 60.96 133.87
CA GLU KA 169 -42.53 60.50 135.12
C GLU KA 169 -43.99 60.11 134.93
N PHE KA 170 -44.71 60.85 134.08
CA PHE KA 170 -46.12 60.55 133.86
C PHE KA 170 -46.27 59.25 133.09
N LEU KA 171 -45.35 58.98 132.16
CA LEU KA 171 -45.36 57.71 131.48
C LEU KA 171 -44.81 56.59 132.34
N GLU KA 172 -44.10 56.94 133.42
CA GLU KA 172 -43.51 55.93 134.28
C GLU KA 172 -44.58 55.24 135.11
N LYS KA 173 -45.53 55.99 135.63
CA LYS KA 173 -46.69 55.34 136.26
C LYS KA 173 -47.79 55.09 135.26
N ASN KA 174 -47.45 54.53 134.10
CA ASN KA 174 -48.45 54.25 133.09
C ASN KA 174 -48.11 52.96 132.36
N TYR KA 175 -47.62 51.97 133.10
CA TYR KA 175 -47.04 50.77 132.51
C TYR KA 175 -48.11 49.71 132.27
N THR KA 176 -49.09 50.02 131.44
CA THR KA 176 -50.23 49.15 131.23
C THR KA 176 -50.23 48.65 129.80
N ASP KA 177 -50.40 47.34 129.62
CA ASP KA 177 -50.59 46.80 128.29
C ASP KA 177 -52.00 47.03 127.79
N GLU KA 178 -52.95 47.29 128.69
CA GLU KA 178 -54.34 47.48 128.29
C GLU KA 178 -54.51 48.80 127.56
N ALA KA 179 -53.69 49.80 127.87
CA ALA KA 179 -53.74 51.05 127.11
C ALA KA 179 -53.18 50.90 125.71
N ILE KA 180 -52.44 49.83 125.44
CA ILE KA 180 -51.88 49.59 124.12
C ILE KA 180 -52.68 48.46 123.48
N GLU KA 181 -53.93 48.32 123.88
CA GLU KA 181 -54.83 47.32 123.30
C GLU KA 181 -55.83 47.95 122.34
N THR KA 182 -56.58 48.94 122.80
CA THR KA 182 -57.48 49.66 121.90
C THR KA 182 -56.74 50.83 121.28
N ASP KA 183 -57.02 51.05 119.99
CA ASP KA 183 -56.29 52.06 119.23
C ASP KA 183 -56.62 53.47 119.69
N ASP KA 184 -57.91 53.78 119.84
CA ASP KA 184 -58.32 55.11 120.29
C ASP KA 184 -57.94 55.34 121.76
N LEU KA 185 -57.81 54.25 122.52
CA LEU KA 185 -57.34 54.37 123.90
C LEU KA 185 -55.88 54.79 123.94
N THR KA 186 -55.08 54.32 122.99
CA THR KA 186 -53.68 54.72 122.93
C THR KA 186 -53.55 56.18 122.54
N ILE KA 187 -54.44 56.67 121.67
CA ILE KA 187 -54.32 58.03 121.16
C ILE KA 187 -54.74 59.03 122.22
N LYS KA 188 -55.81 58.73 122.95
CA LYS KA 188 -56.22 59.59 124.06
C LYS KA 188 -55.21 59.55 125.18
N LEU KA 189 -54.46 58.45 125.29
CA LEU KA 189 -53.40 58.35 126.28
C LEU KA 189 -52.27 59.34 125.98
N VAL KA 190 -51.89 59.44 124.71
CA VAL KA 190 -50.92 60.44 124.29
C VAL KA 190 -51.46 61.84 124.53
N ILE KA 191 -52.75 62.05 124.27
CA ILE KA 191 -53.38 63.33 124.55
C ILE KA 191 -53.45 63.57 126.05
N LYS KA 192 -53.63 62.49 126.83
CA LYS KA 192 -53.59 62.62 128.28
C LYS KA 192 -52.19 62.99 128.74
N ALA KA 193 -51.17 62.45 128.08
CA ALA KA 193 -49.80 62.78 128.46
C ALA KA 193 -49.42 64.19 128.02
N LEU KA 194 -49.82 64.59 126.82
CA LEU KA 194 -49.44 65.89 126.30
C LEU KA 194 -50.17 67.02 127.03
N LEU KA 195 -51.41 66.79 127.44
CA LEU KA 195 -52.12 67.77 128.24
C LEU KA 195 -51.54 67.89 129.65
N GLU KA 196 -50.88 66.84 130.13
CA GLU KA 196 -50.19 66.91 131.41
C GLU KA 196 -48.96 67.81 131.38
N VAL KA 197 -48.45 68.16 130.21
CA VAL KA 197 -47.30 69.04 130.12
C VAL KA 197 -47.73 70.42 129.66
N VAL KA 198 -48.26 70.50 128.45
CA VAL KA 198 -48.64 71.78 127.87
C VAL KA 198 -49.99 72.19 128.43
N GLN KA 199 -50.36 73.46 128.25
CA GLN KA 199 -51.67 73.92 128.69
C GLN KA 199 -52.80 73.34 127.85
N SER KA 200 -52.50 73.03 126.57
CA SER KA 200 -53.31 72.20 125.69
C SER KA 200 -54.74 72.67 125.53
N GLY KA 201 -54.94 73.86 125.00
CA GLY KA 201 -56.27 74.38 124.79
C GLY KA 201 -56.91 73.94 123.48
N GLY KA 202 -56.72 72.67 123.10
CA GLY KA 202 -57.34 72.10 121.93
C GLY KA 202 -56.83 72.60 120.60
N LYS KA 203 -55.82 73.45 120.59
CA LYS KA 203 -55.29 74.00 119.35
C LYS KA 203 -53.77 73.99 119.39
N ASN KA 204 -53.21 73.35 120.41
CA ASN KA 204 -51.77 73.29 120.59
C ASN KA 204 -51.23 71.87 120.51
N ILE KA 205 -52.05 70.93 120.05
CA ILE KA 205 -51.70 69.52 120.00
C ILE KA 205 -51.78 69.06 118.56
N GLU KA 206 -50.70 68.46 118.06
CA GLU KA 206 -50.69 67.89 116.72
C GLU KA 206 -50.24 66.44 116.84
N LEU KA 207 -51.19 65.52 116.75
CA LEU KA 207 -50.90 64.10 116.80
C LEU KA 207 -51.07 63.50 115.42
N ALA KA 208 -50.45 62.34 115.21
CA ALA KA 208 -50.45 61.67 113.92
C ALA KA 208 -50.15 60.21 114.14
N VAL KA 209 -50.88 59.34 113.45
CA VAL KA 209 -50.76 57.91 113.65
C VAL KA 209 -50.29 57.26 112.36
N MET KA 210 -50.09 55.95 112.43
CA MET KA 210 -49.74 55.14 111.27
C MET KA 210 -50.11 53.70 111.57
N ARG KA 211 -51.01 53.15 110.76
CA ARG KA 211 -51.59 51.83 111.02
C ARG KA 211 -50.80 50.69 110.39
N ARG KA 212 -49.50 50.92 110.14
CA ARG KA 212 -48.54 49.92 109.63
C ARG KA 212 -48.90 49.39 108.25
N ASP KA 213 -49.83 50.05 107.56
CA ASP KA 213 -50.28 49.66 106.24
C ASP KA 213 -50.38 50.84 105.29
N GLN KA 214 -50.40 52.06 105.82
CA GLN KA 214 -50.71 53.24 105.05
C GLN KA 214 -49.81 54.36 105.56
N SER KA 215 -49.61 55.38 104.72
CA SER KA 215 -48.85 56.55 105.13
C SER KA 215 -49.59 57.31 106.22
N LEU KA 216 -48.85 58.17 106.91
CA LEU KA 216 -49.34 58.80 108.13
C LEU KA 216 -50.46 59.79 107.82
N LYS KA 217 -51.38 59.92 108.77
CA LYS KA 217 -52.50 60.82 108.60
C LYS KA 217 -52.58 61.71 109.83
N ILE KA 218 -52.44 63.00 109.60
CA ILE KA 218 -52.73 63.99 110.65
C ILE KA 218 -54.21 63.93 110.95
N LEU KA 219 -54.55 63.74 112.23
CA LEU KA 219 -55.95 63.71 112.60
C LEU KA 219 -56.59 65.08 112.48
N ASN KA 220 -57.89 65.08 112.35
CA ASN KA 220 -58.63 66.32 112.19
C ASN KA 220 -58.74 67.05 113.53
N PRO KA 221 -58.79 68.37 113.52
CA PRO KA 221 -58.93 69.12 114.78
C PRO KA 221 -60.26 68.88 115.49
N GLU KA 222 -61.28 68.40 114.77
CA GLU KA 222 -62.47 67.90 115.43
C GLU KA 222 -62.17 66.66 116.26
N GLU KA 223 -61.28 65.79 115.74
CA GLU KA 223 -60.94 64.57 116.45
C GLU KA 223 -60.07 64.83 117.67
N ILE KA 224 -59.26 65.90 117.62
CA ILE KA 224 -58.54 66.32 118.80
C ILE KA 224 -59.51 66.80 119.86
N GLU KA 225 -60.54 67.52 119.45
CA GLU KA 225 -61.59 67.92 120.39
C GLU KA 225 -62.44 66.73 120.81
N LYS KA 226 -62.64 65.78 119.89
CA LYS KA 226 -63.42 64.58 120.21
C LYS KA 226 -62.69 63.70 121.21
N TYR KA 227 -61.36 63.61 121.08
CA TYR KA 227 -60.60 62.78 122.01
C TYR KA 227 -60.39 63.47 123.34
N VAL KA 228 -60.31 64.81 123.33
CA VAL KA 228 -60.12 65.53 124.59
C VAL KA 228 -61.40 65.53 125.40
N ALA KA 229 -62.54 65.47 124.72
CA ALA KA 229 -63.82 65.46 125.42
C ALA KA 229 -64.04 64.13 126.13
N GLU KA 230 -63.74 63.02 125.46
CA GLU KA 230 -63.86 61.72 126.10
C GLU KA 230 -62.76 61.51 127.13
N ILE KA 231 -61.65 62.23 127.01
CA ILE KA 231 -60.64 62.23 128.06
C ILE KA 231 -61.16 62.99 129.27
N GLU KA 232 -61.87 64.10 129.03
CA GLU KA 232 -62.47 64.83 130.13
C GLU KA 232 -63.64 64.05 130.74
N LYS KA 233 -64.36 63.29 129.92
CA LYS KA 233 -65.50 62.53 130.42
C LYS KA 233 -65.05 61.35 131.25
N GLU KA 234 -64.02 60.64 130.81
CA GLU KA 234 -63.52 59.50 131.58
C GLU KA 234 -62.81 59.94 132.85
N LYS KA 235 -62.21 61.13 132.84
CA LYS KA 235 -61.57 61.65 134.04
C LYS KA 235 -62.55 62.23 135.04
N GLU KA 236 -63.74 62.62 134.59
CA GLU KA 236 -64.74 63.20 135.48
C GLU KA 236 -65.42 62.15 136.36
N GLU KA 237 -65.15 60.86 136.15
CA GLU KA 237 -65.74 59.79 136.92
C GLU KA 237 -64.91 59.41 138.14
N ASN KA 238 -64.14 60.35 138.69
CA ASN KA 238 -63.29 60.09 139.83
C ASN KA 238 -64.05 59.90 141.13
N GLU KA 239 -65.30 60.34 141.19
CA GLU KA 239 -66.12 60.18 142.39
C GLU KA 239 -66.62 58.74 142.53
N TYR LA 7 -7.82 79.23 129.13
CA TYR LA 7 -8.00 77.81 129.39
C TYR LA 7 -7.98 77.00 128.10
N ASP LA 8 -7.21 77.47 127.12
CA ASP LA 8 -7.10 76.85 125.80
C ASP LA 8 -5.64 76.83 125.37
N ARG LA 9 -4.94 75.74 125.70
CA ARG LA 9 -3.58 75.50 125.21
C ARG LA 9 -3.65 74.71 123.90
N GLY LA 10 -2.51 74.23 123.44
CA GLY LA 10 -2.50 73.37 122.26
C GLY LA 10 -3.03 71.99 122.62
N VAL LA 11 -3.65 71.33 121.63
CA VAL LA 11 -4.16 69.98 121.86
C VAL LA 11 -3.09 68.91 121.73
N ASN LA 12 -1.96 69.26 121.14
CA ASN LA 12 -0.89 68.31 120.87
C ASN LA 12 0.38 68.90 121.48
N THR LA 13 0.54 68.71 122.78
CA THR LA 13 1.58 69.40 123.53
C THR LA 13 2.00 68.53 124.70
N PHE LA 14 3.30 68.32 124.83
CA PHE LA 14 3.80 67.58 125.98
C PHE LA 14 3.69 68.44 127.24
N SER LA 15 3.38 67.77 128.35
CA SER LA 15 3.48 68.40 129.65
C SER LA 15 4.93 68.77 129.94
N PRO LA 16 5.16 69.80 130.76
CA PRO LA 16 6.51 70.05 131.26
C PRO LA 16 7.05 68.92 132.11
N GLU LA 17 6.17 68.13 132.73
CA GLU LA 17 6.61 66.91 133.38
C GLU LA 17 6.98 65.84 132.37
N GLY LA 18 6.25 65.79 131.26
CA GLY LA 18 6.65 64.91 130.19
C GLY LA 18 5.51 64.13 129.58
N ARG LA 19 4.37 64.10 130.24
CA ARG LA 19 3.24 63.33 129.74
C ARG LA 19 2.47 64.13 128.70
N LEU LA 20 1.34 63.60 128.24
CA LEU LA 20 0.50 64.37 127.35
C LEU LA 20 -0.70 64.94 128.09
N PHE LA 21 -1.38 65.91 127.47
CA PHE LA 21 -2.52 66.56 128.09
C PHE LA 21 -3.81 65.83 127.74
N GLN LA 22 -4.14 65.69 126.46
CA GLN LA 22 -5.48 65.25 126.11
C GLN LA 22 -5.59 63.74 126.19
N VAL LA 23 -4.49 63.02 125.95
CA VAL LA 23 -4.49 61.57 126.12
C VAL LA 23 -4.66 61.21 127.58
N GLU LA 24 -4.11 62.04 128.47
CA GLU LA 24 -4.32 61.85 129.90
C GLU LA 24 -5.78 62.03 130.27
N TYR LA 25 -6.46 62.95 129.60
CA TYR LA 25 -7.86 63.19 129.91
C TYR LA 25 -8.74 62.09 129.35
N ALA LA 26 -8.28 61.44 128.27
CA ALA LA 26 -9.05 60.38 127.64
C ALA LA 26 -9.14 59.16 128.55
N ILE LA 27 -8.08 58.88 129.30
CA ILE LA 27 -8.08 57.76 130.23
C ILE LA 27 -9.07 58.02 131.36
N GLU LA 28 -9.23 59.29 131.72
CA GLU LA 28 -10.12 59.63 132.81
C GLU LA 28 -11.58 59.49 132.41
N ALA LA 29 -11.88 59.68 131.13
CA ALA LA 29 -13.26 59.58 130.65
C ALA LA 29 -13.77 58.16 130.66
N ILE LA 30 -12.90 57.16 130.69
CA ILE LA 30 -13.33 55.77 130.80
C ILE LA 30 -13.97 55.47 132.14
N LYS LA 31 -13.53 56.15 133.20
CA LYS LA 31 -13.86 55.77 134.57
C LYS LA 31 -15.34 55.96 134.87
N LEU LA 32 -16.00 56.84 134.16
CA LEU LA 32 -17.44 57.02 134.33
C LEU LA 32 -18.26 56.06 133.47
N GLY LA 33 -17.67 55.01 132.91
CA GLY LA 33 -18.38 54.09 132.06
C GLY LA 33 -18.82 52.83 132.78
N SER LA 34 -19.56 52.00 132.06
CA SER LA 34 -20.06 50.74 132.59
C SER LA 34 -18.92 49.74 132.74
N THR LA 35 -18.99 48.94 133.79
CA THR LA 35 -17.91 48.01 134.11
C THR LA 35 -18.00 46.75 133.26
N ALA LA 36 -16.87 46.06 133.13
CA ALA LA 36 -16.78 44.86 132.30
C ALA LA 36 -15.64 43.99 132.79
N ILE LA 37 -15.85 42.67 132.78
CA ILE LA 37 -14.91 41.70 133.31
C ILE LA 37 -14.72 40.59 132.29
N GLY LA 38 -13.46 40.24 132.01
CA GLY LA 38 -13.15 39.10 131.18
C GLY LA 38 -12.09 38.22 131.80
N ILE LA 39 -12.18 36.90 131.65
CA ILE LA 39 -11.23 35.95 132.20
C ILE LA 39 -10.81 34.99 131.09
N GLN LA 40 -9.50 34.81 130.93
CA GLN LA 40 -8.97 33.79 130.03
C GLN LA 40 -8.77 32.49 130.78
N THR LA 41 -9.23 31.39 130.18
CA THR LA 41 -9.10 30.06 130.74
C THR LA 41 -8.82 29.13 129.58
N SER LA 42 -8.00 28.10 129.80
CA SER LA 42 -7.62 27.17 128.74
C SER LA 42 -8.80 26.42 128.16
N GLU LA 43 -9.88 26.28 128.93
CA GLU LA 43 -11.09 25.70 128.37
C GLU LA 43 -11.81 26.69 127.46
N GLY LA 44 -11.62 27.98 127.67
CA GLY LA 44 -12.29 28.98 126.87
C GLY LA 44 -12.26 30.35 127.52
N VAL LA 45 -12.48 31.39 126.73
CA VAL LA 45 -12.50 32.74 127.26
C VAL LA 45 -13.95 33.14 127.58
N CYS LA 46 -14.21 33.47 128.83
CA CYS LA 46 -15.50 34.03 129.21
C CYS LA 46 -15.41 35.53 129.27
N LEU LA 47 -16.57 36.18 129.39
CA LEU LA 47 -16.62 37.62 129.27
C LEU LA 47 -17.94 38.11 129.86
N ALA LA 48 -17.87 39.18 130.66
CA ALA LA 48 -19.02 39.67 131.41
C ALA LA 48 -19.09 41.19 131.34
N VAL LA 49 -20.31 41.72 131.46
CA VAL LA 49 -20.51 43.17 131.44
C VAL LA 49 -21.81 43.47 132.17
N GLU LA 50 -22.00 44.73 132.55
CA GLU LA 50 -23.22 45.24 133.17
C GLU LA 50 -23.86 46.25 132.24
N LYS LA 51 -25.18 46.19 132.10
CA LYS LA 51 -25.85 47.02 131.10
C LYS LA 51 -26.14 48.43 131.60
N ARG LA 52 -26.44 48.59 132.90
CA ARG LA 52 -26.82 49.85 133.52
C ARG LA 52 -28.07 50.45 132.85
N ILE LA 53 -29.20 49.78 132.99
CA ILE LA 53 -30.46 50.27 132.45
C ILE LA 53 -30.91 51.47 133.27
N THR LA 54 -31.31 52.54 132.58
CA THR LA 54 -31.77 53.75 133.24
C THR LA 54 -33.29 53.84 133.37
N SER LA 55 -34.05 53.17 132.51
CA SER LA 55 -35.50 53.29 132.56
C SER LA 55 -36.18 52.00 132.19
N PRO LA 56 -37.29 51.66 132.85
CA PRO LA 56 -38.06 50.48 132.44
C PRO LA 56 -38.71 50.63 131.08
N LEU LA 57 -39.02 51.86 130.67
CA LEU LA 57 -39.51 52.11 129.32
C LEU LA 57 -38.48 51.77 128.26
N MET LA 58 -37.20 51.87 128.58
CA MET LA 58 -36.16 51.55 127.62
C MET LA 58 -36.06 50.05 127.43
N GLU LA 59 -36.12 49.63 126.18
CA GLU LA 59 -36.00 48.22 125.88
C GLU LA 59 -34.55 47.81 126.10
N PRO LA 60 -34.30 46.72 126.83
CA PRO LA 60 -32.93 46.40 127.23
C PRO LA 60 -32.05 45.88 126.11
N SER LA 61 -32.61 45.06 125.21
CA SER LA 61 -31.76 44.35 124.26
C SER LA 61 -31.29 45.23 123.11
N SER LA 62 -31.76 46.48 123.04
CA SER LA 62 -31.17 47.42 122.08
C SER LA 62 -29.81 47.90 122.57
N ILE LA 63 -29.50 47.69 123.83
CA ILE LA 63 -28.21 48.06 124.41
C ILE LA 63 -27.34 46.82 124.42
N GLU LA 64 -26.14 46.93 123.88
CA GLU LA 64 -25.17 45.83 123.95
C GLU LA 64 -23.77 46.36 124.19
N LYS LA 65 -22.94 45.49 124.76
CA LYS LA 65 -21.53 45.75 124.96
C LYS LA 65 -20.68 44.66 124.34
N ILE LA 66 -21.10 43.41 124.44
CA ILE LA 66 -20.46 42.32 123.72
C ILE LA 66 -20.88 42.42 122.26
N VAL LA 67 -19.89 42.49 121.38
CA VAL LA 67 -20.09 42.54 119.94
C VAL LA 67 -19.15 41.52 119.32
N GLU LA 68 -19.67 40.65 118.47
CA GLU LA 68 -18.80 39.71 117.79
C GLU LA 68 -17.99 40.40 116.71
N ILE LA 69 -16.88 39.78 116.33
CA ILE LA 69 -16.00 40.40 115.36
C ILE LA 69 -15.99 39.58 114.08
N ASP LA 70 -15.46 38.36 114.13
CA ASP LA 70 -15.53 37.57 112.90
C ASP LA 70 -16.38 36.33 113.05
N ALA LA 71 -15.90 35.33 113.78
CA ALA LA 71 -16.73 34.18 114.09
C ALA LA 71 -16.36 33.68 115.47
N HIS LA 72 -15.20 34.13 115.93
CA HIS LA 72 -14.57 33.53 117.09
C HIS LA 72 -13.89 34.58 117.95
N ILE LA 73 -14.21 35.85 117.73
CA ILE LA 73 -13.60 36.95 118.46
C ILE LA 73 -14.71 37.83 118.96
N GLY LA 74 -14.77 38.03 120.28
CA GLY LA 74 -15.73 38.92 120.88
C GLY LA 74 -15.10 40.24 121.27
N CYS LA 75 -15.91 41.10 121.87
CA CYS LA 75 -15.43 42.42 122.29
C CYS LA 75 -16.17 42.85 123.53
N ALA LA 76 -15.70 43.95 124.11
CA ALA LA 76 -16.36 44.54 125.28
C ALA LA 76 -15.96 46.01 125.33
N MET LA 77 -16.92 46.89 125.10
CA MET LA 77 -16.63 48.31 125.14
C MET LA 77 -16.99 48.90 126.49
N SER LA 78 -16.33 50.00 126.82
CA SER LA 78 -16.58 50.75 128.05
C SER LA 78 -16.13 52.18 127.82
N GLY LA 79 -17.00 53.14 128.08
CA GLY LA 79 -16.68 54.52 127.84
C GLY LA 79 -17.77 55.20 127.05
N LEU LA 80 -17.44 55.70 125.86
CA LEU LA 80 -18.45 56.27 125.00
C LEU LA 80 -18.95 55.21 124.04
N ILE LA 81 -20.24 55.28 123.74
CA ILE LA 81 -20.85 54.27 122.89
C ILE LA 81 -20.47 54.48 121.44
N ALA LA 82 -20.74 55.67 120.90
CA ALA LA 82 -20.67 55.82 119.45
C ALA LA 82 -19.24 55.94 118.96
N ASP LA 83 -18.30 56.29 119.84
CA ASP LA 83 -16.90 56.27 119.43
C ASP LA 83 -16.38 54.86 119.28
N ALA LA 84 -16.97 53.89 119.96
CA ALA LA 84 -16.58 52.51 119.80
C ALA LA 84 -17.10 51.90 118.52
N LYS LA 85 -18.23 52.40 118.00
CA LYS LA 85 -18.83 51.81 116.82
C LYS LA 85 -17.99 52.10 115.58
N THR LA 86 -17.14 53.12 115.64
CA THR LA 86 -16.19 53.33 114.56
C THR LA 86 -15.11 52.26 114.59
N LEU LA 87 -14.61 51.93 115.77
CA LEU LA 87 -13.54 50.95 115.89
C LEU LA 87 -14.02 49.54 115.61
N ILE LA 88 -15.26 49.23 116.01
CA ILE LA 88 -15.81 47.90 115.79
C ILE LA 88 -15.96 47.61 114.31
N ASP LA 89 -16.49 48.57 113.56
CA ASP LA 89 -16.76 48.34 112.15
C ASP LA 89 -15.46 48.20 111.37
N LYS LA 90 -14.41 48.87 111.81
CA LYS LA 90 -13.12 48.72 111.16
C LYS LA 90 -12.49 47.38 111.51
N ALA LA 91 -12.66 46.93 112.75
CA ALA LA 91 -12.08 45.66 113.17
C ALA LA 91 -12.75 44.49 112.48
N ARG LA 92 -14.02 44.65 112.12
CA ARG LA 92 -14.69 43.60 111.35
C ARG LA 92 -14.14 43.51 109.94
N VAL LA 93 -13.90 44.67 109.31
CA VAL LA 93 -13.50 44.70 107.91
C VAL LA 93 -12.11 44.11 107.72
N GLU LA 94 -11.21 44.42 108.65
CA GLU LA 94 -9.81 44.06 108.45
C GLU LA 94 -9.57 42.58 108.67
N THR LA 95 -10.46 41.90 109.37
CA THR LA 95 -10.45 40.45 109.38
C THR LA 95 -10.87 39.91 108.02
N GLN LA 96 -11.83 40.56 107.38
CA GLN LA 96 -12.32 40.08 106.09
C GLN LA 96 -11.30 40.35 104.99
N ASN LA 97 -10.54 41.44 105.11
CA ASN LA 97 -9.44 41.64 104.20
C ASN LA 97 -8.36 40.59 104.39
N HIS LA 98 -8.22 40.09 105.61
CA HIS LA 98 -7.25 39.05 105.86
C HIS LA 98 -7.73 37.72 105.29
N TRP LA 99 -9.02 37.43 105.41
CA TRP LA 99 -9.48 36.12 104.97
C TRP LA 99 -9.63 36.06 103.47
N PHE LA 100 -10.00 37.16 102.85
CA PHE LA 100 -10.13 37.18 101.41
C PHE LA 100 -8.88 37.67 100.72
N THR LA 101 -7.74 37.56 101.39
CA THR LA 101 -6.43 37.64 100.77
C THR LA 101 -5.49 36.53 101.21
N TYR LA 102 -5.85 35.75 102.23
CA TYR LA 102 -4.97 34.69 102.71
C TYR LA 102 -5.67 33.37 103.00
N ASN LA 103 -7.00 33.30 102.94
CA ASN LA 103 -7.80 32.13 103.30
C ASN LA 103 -7.52 31.60 104.70
N GLU LA 104 -7.26 32.49 105.64
CA GLU LA 104 -7.08 32.05 107.01
C GLU LA 104 -7.63 33.12 107.94
N THR LA 105 -7.94 32.72 109.16
CA THR LA 105 -8.50 33.65 110.13
C THR LA 105 -7.39 34.48 110.75
N MET LA 106 -7.61 35.79 110.81
CA MET LA 106 -6.68 36.68 111.47
C MET LA 106 -6.68 36.41 112.96
N THR LA 107 -5.49 36.26 113.53
CA THR LA 107 -5.35 35.91 114.93
C THR LA 107 -5.71 37.09 115.82
N VAL LA 108 -5.98 36.78 117.09
CA VAL LA 108 -6.60 37.75 118.01
C VAL LA 108 -5.64 38.88 118.32
N GLU LA 109 -4.35 38.55 118.46
CA GLU LA 109 -3.34 39.56 118.67
C GLU LA 109 -3.21 40.48 117.46
N SER LA 110 -3.23 39.89 116.28
CA SER LA 110 -2.99 40.66 115.07
C SER LA 110 -4.20 41.51 114.69
N VAL LA 111 -5.36 41.23 115.27
CA VAL LA 111 -6.51 42.12 115.11
C VAL LA 111 -6.26 43.42 115.85
N THR LA 112 -5.80 43.29 117.10
CA THR LA 112 -5.66 44.43 117.99
C THR LA 112 -4.56 45.36 117.54
N GLN LA 113 -3.57 44.82 116.84
CA GLN LA 113 -2.56 45.65 116.20
C GLN LA 113 -3.15 46.55 115.13
N ALA LA 114 -4.09 46.01 114.38
CA ALA LA 114 -4.71 46.81 113.32
C ALA LA 114 -5.62 47.87 113.91
N VAL LA 115 -6.27 47.58 115.04
CA VAL LA 115 -7.13 48.56 115.66
C VAL LA 115 -6.31 49.68 116.28
N SER LA 116 -5.24 49.33 116.98
CA SER LA 116 -4.47 50.28 117.77
C SER LA 116 -3.61 51.20 116.93
N ASN LA 117 -3.55 51.02 115.62
CA ASN LA 117 -2.75 51.91 114.79
C ASN LA 117 -3.37 53.31 114.74
N LEU LA 118 -4.69 53.39 114.58
CA LEU LA 118 -5.36 54.68 114.55
C LEU LA 118 -5.92 55.09 115.90
N ALA LA 119 -5.36 54.57 116.98
CA ALA LA 119 -5.73 55.11 118.28
C ALA LA 119 -5.14 56.49 118.51
N LEU LA 120 -3.94 56.76 118.00
CA LEU LA 120 -3.36 58.09 118.11
C LEU LA 120 -2.97 58.66 116.75
N GLN LA 121 -3.87 58.60 115.77
CA GLN LA 121 -3.63 59.23 114.48
C GLN LA 121 -4.48 60.47 114.26
N PHE LA 122 -4.71 61.27 115.31
CA PHE LA 122 -5.44 62.50 115.15
C PHE LA 122 -4.50 63.67 114.89
N GLY LA 123 -5.03 64.71 114.26
CA GLY LA 123 -4.22 65.87 113.94
C GLY LA 123 -5.02 66.87 113.11
N GLU LA 124 -4.29 67.78 112.48
CA GLU LA 124 -4.92 68.76 111.60
C GLU LA 124 -4.92 68.32 110.14
N GLU LA 125 -3.84 67.69 109.68
CA GLU LA 125 -3.76 67.17 108.33
C GLU LA 125 -3.83 65.64 108.37
N ASP LA 126 -3.62 65.04 107.20
CA ASP LA 126 -3.65 63.59 106.96
C ASP LA 126 -4.99 62.96 107.34
N SER LA 133 -8.39 65.56 114.50
CA SER LA 133 -9.50 65.24 115.38
C SER LA 133 -9.03 65.10 116.83
N ARG LA 134 -9.57 64.13 117.55
CA ARG LA 134 -9.31 63.96 118.97
C ARG LA 134 -9.13 62.47 119.26
N PRO LA 135 -8.49 62.13 120.38
CA PRO LA 135 -8.37 60.71 120.72
C PRO LA 135 -9.70 60.11 121.15
N PHE LA 136 -9.83 58.81 120.90
CA PHE LA 136 -11.06 58.07 121.18
C PHE LA 136 -11.26 57.92 122.69
N GLY LA 137 -12.47 57.58 123.07
CA GLY LA 137 -12.82 57.55 124.47
C GLY LA 137 -13.35 56.22 124.94
N VAL LA 138 -12.74 55.12 124.50
CA VAL LA 138 -13.25 53.80 124.82
C VAL LA 138 -12.08 52.86 125.09
N ALA LA 139 -12.24 51.98 126.07
CA ALA LA 139 -11.34 50.87 126.29
C ALA LA 139 -12.00 49.60 125.79
N LEU LA 140 -11.20 48.63 125.36
CA LEU LA 140 -11.73 47.42 124.75
C LEU LA 140 -11.12 46.17 125.38
N LEU LA 141 -11.82 45.05 125.23
CA LEU LA 141 -11.36 43.74 125.67
C LEU LA 141 -11.65 42.75 124.56
N PHE LA 142 -10.63 42.41 123.79
CA PHE LA 142 -10.75 41.41 122.75
C PHE LA 142 -10.42 40.04 123.32
N GLY LA 143 -11.29 39.07 123.07
CA GLY LA 143 -11.04 37.72 123.53
C GLY LA 143 -11.49 36.73 122.48
N GLY LA 144 -10.72 35.67 122.33
CA GLY LA 144 -11.10 34.69 121.33
C GLY LA 144 -10.14 33.53 121.31
N VAL LA 145 -10.37 32.64 120.35
CA VAL LA 145 -9.57 31.43 120.20
C VAL LA 145 -8.94 31.49 118.81
N ASP LA 146 -7.62 31.38 118.77
CA ASP LA 146 -6.83 31.27 117.56
C ASP LA 146 -6.05 29.95 117.60
N GLU LA 147 -5.08 29.80 116.69
CA GLU LA 147 -4.23 28.61 116.68
C GLU LA 147 -3.36 28.50 117.92
N LYS LA 148 -3.14 29.59 118.65
CA LYS LA 148 -2.42 29.57 119.91
C LYS LA 148 -3.35 29.42 121.10
N GLY LA 149 -4.51 28.80 120.92
CA GLY LA 149 -5.43 28.55 122.00
C GLY LA 149 -6.34 29.71 122.28
N PRO LA 150 -6.90 29.76 123.49
CA PRO LA 150 -7.70 30.92 123.89
C PRO LA 150 -6.81 32.08 124.29
N GLN LA 151 -7.20 33.29 123.91
CA GLN LA 151 -6.42 34.49 124.16
C GLN LA 151 -7.32 35.61 124.64
N LEU LA 152 -6.72 36.59 125.31
CA LEU LA 152 -7.44 37.74 125.83
C LEU LA 152 -6.52 38.93 125.86
N PHE LA 153 -6.93 40.03 125.22
CA PHE LA 153 -6.10 41.20 125.11
C PHE LA 153 -6.89 42.42 125.57
N HIS LA 154 -6.14 43.48 125.85
CA HIS LA 154 -6.68 44.74 126.34
C HIS LA 154 -5.99 45.89 125.64
N MET LA 155 -6.74 46.91 125.27
CA MET LA 155 -6.17 48.13 124.75
C MET LA 155 -6.81 49.31 125.45
N ASP LA 156 -6.32 50.50 125.10
CA ASP LA 156 -6.69 51.74 125.76
C ASP LA 156 -6.61 52.86 124.73
N PRO LA 157 -7.16 54.05 125.02
CA PRO LA 157 -7.04 55.16 124.07
C PRO LA 157 -5.63 55.66 123.81
N SER LA 158 -4.64 55.24 124.59
CA SER LA 158 -3.27 55.58 124.26
C SER LA 158 -2.68 54.67 123.20
N GLY LA 159 -3.43 53.68 122.74
CA GLY LA 159 -2.91 52.70 121.80
C GLY LA 159 -1.88 51.78 122.39
N THR LA 160 -1.95 51.53 123.70
CA THR LA 160 -0.99 50.70 124.39
C THR LA 160 -1.60 49.32 124.46
N PHE LA 161 -1.29 48.52 123.48
CA PHE LA 161 -1.77 47.15 123.40
C PHE LA 161 -1.04 46.25 124.39
N VAL LA 162 -1.79 45.36 125.05
CA VAL LA 162 -1.24 44.48 126.09
C VAL LA 162 -2.10 43.23 126.21
N GLN LA 163 -1.52 42.14 126.71
CA GLN LA 163 -2.25 40.92 127.01
C GLN LA 163 -2.46 40.80 128.51
N CYS LA 164 -3.69 40.49 128.92
CA CYS LA 164 -3.98 40.21 130.32
C CYS LA 164 -4.54 38.82 130.44
N ASP LA 165 -4.39 38.21 131.62
CA ASP LA 165 -5.04 36.93 131.87
C ASP LA 165 -6.47 37.10 132.30
N ALA LA 166 -6.75 38.04 133.20
CA ALA LA 166 -8.13 38.34 133.56
C ALA LA 166 -8.20 39.82 133.96
N ARG LA 167 -8.61 40.65 133.02
CA ARG LA 167 -8.65 42.08 133.19
C ARG LA 167 -10.08 42.48 133.52
N ALA LA 168 -10.23 43.51 134.35
CA ALA LA 168 -11.54 44.10 134.63
C ALA LA 168 -11.42 45.61 134.50
N ILE LA 169 -12.26 46.20 133.65
CA ILE LA 169 -12.24 47.63 133.40
C ILE LA 169 -13.62 48.25 133.57
N GLY LA 170 -13.71 49.56 133.41
CA GLY LA 170 -14.97 50.25 133.66
C GLY LA 170 -14.88 51.10 134.91
N SER LA 171 -16.04 51.35 135.53
CA SER LA 171 -16.06 52.15 136.76
C SER LA 171 -15.47 51.38 137.92
N ALA LA 172 -15.99 50.18 138.19
CA ALA LA 172 -15.34 49.28 139.13
C ALA LA 172 -14.09 48.73 138.45
N SER LA 173 -12.98 49.41 138.62
CA SER LA 173 -11.75 48.99 137.97
C SER LA 173 -10.74 48.55 139.01
N GLU LA 174 -10.53 49.39 140.02
CA GLU LA 174 -9.52 49.08 141.02
C GLU LA 174 -10.02 48.01 141.99
N GLY LA 175 -11.27 48.15 142.45
CA GLY LA 175 -11.82 47.17 143.37
C GLY LA 175 -12.07 45.84 142.71
N ALA LA 176 -12.34 45.85 141.41
CA ALA LA 176 -12.59 44.61 140.70
C ALA LA 176 -11.30 43.81 140.53
N GLN LA 177 -10.21 44.49 140.15
CA GLN LA 177 -8.92 43.81 139.99
C GLN LA 177 -8.40 43.25 141.29
N SER LA 178 -8.66 43.94 142.40
CA SER LA 178 -8.18 43.46 143.70
C SER LA 178 -8.95 42.24 144.14
N SER LA 179 -10.26 42.21 143.92
CA SER LA 179 -11.05 41.04 144.27
C SER LA 179 -10.77 39.89 143.31
N LEU LA 180 -10.30 40.19 142.11
CA LEU LA 180 -10.07 39.14 141.14
C LEU LA 180 -8.73 38.45 141.35
N GLN LA 181 -7.70 39.21 141.74
CA GLN LA 181 -6.43 38.62 142.11
C GLN LA 181 -6.53 37.81 143.39
N GLU LA 182 -7.54 38.10 144.20
CA GLU LA 182 -7.82 37.31 145.40
C GLU LA 182 -8.11 35.86 145.04
N VAL LA 183 -8.99 35.63 144.08
CA VAL LA 183 -9.35 34.27 143.71
C VAL LA 183 -9.21 34.04 142.21
N TYR LA 184 -8.03 33.57 141.81
CA TYR LA 184 -7.73 33.20 140.44
C TYR LA 184 -6.48 32.34 140.45
N HIS LA 185 -6.47 31.32 139.60
CA HIS LA 185 -5.30 30.49 139.43
C HIS LA 185 -5.20 30.11 137.96
N LYS LA 186 -4.16 29.36 137.62
CA LYS LA 186 -3.93 28.99 136.23
C LYS LA 186 -4.84 27.88 135.76
N SER LA 187 -5.17 26.93 136.63
CA SER LA 187 -5.95 25.77 136.24
C SER LA 187 -7.43 25.95 136.51
N MET LA 188 -7.99 27.06 136.05
CA MET LA 188 -9.42 27.31 136.17
C MET LA 188 -10.20 26.38 135.27
N THR LA 189 -11.47 26.20 135.58
CA THR LA 189 -12.36 25.58 134.60
C THR LA 189 -13.31 26.66 134.12
N LEU LA 190 -14.13 26.33 133.11
CA LEU LA 190 -14.93 27.36 132.47
C LEU LA 190 -16.13 27.75 133.32
N LYS LA 191 -16.84 26.75 133.87
CA LYS LA 191 -17.97 27.04 134.74
C LYS LA 191 -17.53 27.72 136.03
N GLU LA 192 -16.33 27.39 136.49
CA GLU LA 192 -15.77 28.06 137.67
C GLU LA 192 -15.49 29.53 137.37
N ALA LA 193 -14.93 29.81 136.19
CA ALA LA 193 -14.59 31.18 135.84
C ALA LA 193 -15.84 32.01 135.58
N ILE LA 194 -16.90 31.37 135.11
CA ILE LA 194 -18.16 32.08 134.89
C ILE LA 194 -18.77 32.50 136.22
N LYS LA 195 -18.92 31.56 137.15
CA LYS LA 195 -19.62 31.87 138.39
C LYS LA 195 -18.78 32.75 139.30
N SER LA 196 -17.46 32.77 139.11
CA SER LA 196 -16.61 33.65 139.89
C SER LA 196 -16.80 35.10 139.46
N SER LA 197 -17.04 35.32 138.17
CA SER LA 197 -17.10 36.67 137.64
C SER LA 197 -18.34 37.40 138.11
N LEU LA 198 -19.49 36.73 138.13
CA LEU LA 198 -20.73 37.42 138.48
C LEU LA 198 -20.82 37.68 139.98
N ILE LA 199 -20.11 36.88 140.78
CA ILE LA 199 -19.97 37.19 142.20
C ILE LA 199 -19.24 38.51 142.38
N ILE LA 200 -18.25 38.76 141.53
CA ILE LA 200 -17.56 40.05 141.54
C ILE LA 200 -18.52 41.15 141.06
N LEU LA 201 -19.39 40.82 140.12
CA LEU LA 201 -20.29 41.81 139.53
C LEU LA 201 -21.35 42.28 140.53
N LYS LA 202 -22.02 41.34 141.21
CA LYS LA 202 -23.09 41.76 142.10
C LYS LA 202 -22.56 42.36 143.39
N GLN LA 203 -21.25 42.28 143.64
CA GLN LA 203 -20.65 43.05 144.70
C GLN LA 203 -20.38 44.49 144.29
N VAL LA 204 -20.17 44.76 143.01
CA VAL LA 204 -19.75 46.08 142.59
C VAL LA 204 -20.85 46.86 141.88
N MET LA 205 -21.98 46.23 141.60
CA MET LA 205 -23.08 46.96 140.99
C MET LA 205 -24.02 47.51 142.06
N GLU LA 206 -25.06 48.20 141.61
CA GLU LA 206 -25.97 48.91 142.49
C GLU LA 206 -27.41 48.46 142.37
N GLU LA 207 -27.79 47.78 141.29
CA GLU LA 207 -29.09 47.15 141.20
C GLU LA 207 -28.94 45.69 141.59
N LYS LA 208 -30.02 44.94 141.52
CA LYS LA 208 -29.94 43.52 141.77
C LYS LA 208 -29.60 42.78 140.48
N LEU LA 209 -29.00 41.61 140.64
CA LEU LA 209 -28.52 40.81 139.53
C LEU LA 209 -29.69 40.01 138.99
N ASN LA 210 -30.05 40.25 137.72
CA ASN LA 210 -31.20 39.60 137.13
C ASN LA 210 -30.85 39.26 135.68
N ALA LA 211 -31.87 38.92 134.91
CA ALA LA 211 -31.69 38.53 133.52
C ALA LA 211 -31.63 39.73 132.59
N THR LA 212 -31.68 40.95 133.13
CA THR LA 212 -31.72 42.14 132.30
C THR LA 212 -30.56 43.09 132.52
N ASN LA 213 -29.75 42.91 133.56
CA ASN LA 213 -28.68 43.86 133.83
C ASN LA 213 -27.34 43.42 133.32
N ILE LA 214 -27.12 42.13 133.13
CA ILE LA 214 -25.82 41.61 132.72
C ILE LA 214 -26.00 40.72 131.52
N GLU LA 215 -24.89 40.44 130.84
CA GLU LA 215 -24.87 39.46 129.77
C GLU LA 215 -23.48 38.85 129.66
N LEU LA 216 -23.46 37.59 129.22
CA LEU LA 216 -22.24 36.81 129.07
C LEU LA 216 -22.07 36.44 127.62
N ALA LA 217 -20.84 36.03 127.28
CA ALA LA 217 -20.51 35.48 125.97
C ALA LA 217 -19.19 34.74 126.14
N THR LA 218 -19.24 33.43 125.91
CA THR LA 218 -18.07 32.58 126.06
C THR LA 218 -17.73 31.94 124.74
N VAL LA 219 -16.46 32.01 124.36
CA VAL LA 219 -15.95 31.34 123.17
C VAL LA 219 -15.06 30.18 123.61
N GLN LA 220 -15.32 29.01 123.03
CA GLN LA 220 -14.59 27.78 123.30
C GLN LA 220 -13.81 27.38 122.05
N PRO LA 221 -12.81 26.49 122.16
CA PRO LA 221 -12.18 25.96 120.95
C PRO LA 221 -13.13 25.21 120.04
N GLY LA 222 -14.10 24.48 120.59
CA GLY LA 222 -15.04 23.76 119.75
C GLY LA 222 -16.23 24.60 119.37
N GLN LA 223 -16.93 25.14 120.36
CA GLN LA 223 -18.06 26.03 120.14
C GLN LA 223 -17.43 27.41 119.98
N ASN LA 224 -16.99 27.70 118.77
CA ASN LA 224 -16.37 29.00 118.49
C ASN LA 224 -17.43 30.07 118.38
N PHE LA 225 -18.63 29.69 117.98
CA PHE LA 225 -19.74 30.63 117.89
C PHE LA 225 -20.22 30.90 119.31
N HIS LA 226 -19.75 32.00 119.89
CA HIS LA 226 -20.12 32.34 121.24
C HIS LA 226 -21.58 32.73 121.33
N MET LA 227 -22.29 32.09 122.25
CA MET LA 227 -23.74 32.10 122.20
C MET LA 227 -24.25 32.02 123.62
N PHE LA 228 -24.85 33.09 124.12
CA PHE LA 228 -25.37 33.09 125.48
C PHE LA 228 -26.56 34.03 125.54
N THR LA 229 -27.72 33.51 125.93
CA THR LA 229 -28.95 34.29 125.98
C THR LA 229 -29.52 34.17 127.38
N LYS LA 230 -30.72 34.69 127.63
CA LYS LA 230 -31.42 34.45 128.88
C LYS LA 230 -32.00 33.04 128.86
N GLU LA 231 -32.55 32.63 130.00
CA GLU LA 231 -33.13 31.32 130.33
C GLU LA 231 -32.06 30.22 130.42
N GLU LA 232 -30.83 30.55 130.03
CA GLU LA 232 -29.65 29.90 130.56
C GLU LA 232 -28.99 30.80 131.58
N LEU LA 233 -29.10 32.11 131.35
CA LEU LA 233 -28.58 33.10 132.27
C LEU LA 233 -29.31 33.03 133.59
N GLU LA 234 -30.63 32.80 133.55
CA GLU LA 234 -31.40 32.63 134.77
C GLU LA 234 -31.04 31.33 135.47
N GLU LA 235 -30.63 30.32 134.71
CA GLU LA 235 -30.16 29.08 135.30
C GLU LA 235 -28.85 29.28 136.05
N VAL LA 236 -28.01 30.18 135.54
CA VAL LA 236 -26.72 30.43 136.17
C VAL LA 236 -26.88 31.16 137.49
N ILE LA 237 -27.80 32.13 137.54
CA ILE LA 237 -27.99 32.93 138.76
C ILE LA 237 -28.64 32.09 139.85
N LYS LA 238 -29.62 31.26 139.50
CA LYS LA 238 -30.35 30.53 140.52
C LYS LA 238 -29.55 29.37 141.09
N ASP LA 239 -28.46 28.98 140.44
CA ASP LA 239 -27.57 27.94 140.96
C ASP LA 239 -26.42 28.52 141.77
N ILE LA 240 -26.50 29.79 142.14
CA ILE LA 240 -25.40 30.43 142.85
C ILE LA 240 -26.00 31.50 143.76
N ASN MA 9 6.41 81.87 130.84
CA ASN MA 9 5.75 80.60 130.65
C ASN MA 9 4.98 80.53 129.34
N GLN MA 10 4.72 81.71 128.77
CA GLN MA 10 3.90 81.82 127.58
C GLN MA 10 4.60 81.33 126.32
N TYR MA 11 5.91 81.14 126.35
CA TYR MA 11 6.66 80.64 125.22
C TYR MA 11 7.09 79.21 125.39
N ASP MA 12 6.36 78.45 126.21
CA ASP MA 12 6.71 77.06 126.45
C ASP MA 12 5.57 76.18 125.96
N ASN MA 13 4.88 76.62 124.91
CA ASN MA 13 3.69 75.93 124.47
C ASN MA 13 3.87 75.36 123.07
N ASP MA 14 4.49 76.14 122.19
CA ASP MA 14 4.62 75.73 120.79
C ASP MA 14 6.04 75.32 120.46
N VAL MA 15 6.18 74.55 119.39
CA VAL MA 15 7.49 74.13 118.93
C VAL MA 15 8.16 75.26 118.17
N THR MA 16 7.38 76.07 117.48
CA THR MA 16 7.92 77.13 116.64
C THR MA 16 8.54 78.25 117.47
N VAL MA 17 8.06 78.45 118.69
CA VAL MA 17 8.49 79.61 119.46
C VAL MA 17 9.85 79.34 120.07
N TRP MA 18 10.79 80.26 119.84
CA TRP MA 18 12.09 80.21 120.48
C TRP MA 18 12.00 80.74 121.91
N SER MA 19 13.16 80.90 122.53
CA SER MA 19 13.14 81.41 123.88
C SER MA 19 13.98 82.67 123.97
N PRO MA 20 13.70 83.54 124.94
CA PRO MA 20 14.63 84.62 125.25
C PRO MA 20 15.92 84.13 125.86
N GLN MA 21 15.99 82.88 126.30
CA GLN MA 21 17.23 82.23 126.67
C GLN MA 21 17.84 81.45 125.52
N GLY MA 22 17.08 81.17 124.47
CA GLY MA 22 17.60 80.53 123.29
C GLY MA 22 17.34 79.05 123.15
N ARG MA 23 16.52 78.46 124.01
CA ARG MA 23 16.31 77.02 124.02
C ARG MA 23 14.83 76.70 123.86
N ILE MA 24 14.51 75.87 122.87
CA ILE MA 24 13.12 75.46 122.66
C ILE MA 24 12.71 74.49 123.75
N HIS MA 25 11.64 74.81 124.47
CA HIS MA 25 11.28 74.00 125.62
C HIS MA 25 10.50 72.76 125.27
N GLN MA 26 9.89 72.70 124.07
CA GLN MA 26 9.10 71.53 123.72
C GLN MA 26 9.97 70.31 123.44
N ILE MA 27 11.21 70.53 122.98
CA ILE MA 27 12.15 69.42 122.86
C ILE MA 27 12.58 68.95 124.23
N GLU MA 28 12.83 69.89 125.14
CA GLU MA 28 13.29 69.55 126.49
C GLU MA 28 12.22 68.80 127.27
N TYR MA 29 10.97 69.01 126.94
CA TYR MA 29 9.91 68.26 127.59
C TYR MA 29 9.85 66.85 127.05
N ALA MA 30 10.26 66.67 125.79
CA ALA MA 30 10.21 65.35 125.18
C ALA MA 30 11.35 64.48 125.67
N MET MA 31 12.46 65.10 126.08
CA MET MA 31 13.53 64.35 126.74
C MET MA 31 13.05 63.73 128.04
N GLU MA 32 12.13 64.40 128.73
CA GLU MA 32 11.68 63.88 130.02
C GLU MA 32 10.71 62.73 129.83
N ALA MA 33 10.08 62.65 128.67
CA ALA MA 33 9.20 61.52 128.39
C ALA MA 33 10.00 60.25 128.17
N VAL MA 34 11.23 60.37 127.68
CA VAL MA 34 12.09 59.20 127.51
C VAL MA 34 12.52 58.67 128.87
N LYS MA 35 12.72 59.55 129.84
CA LYS MA 35 13.11 59.15 131.18
C LYS MA 35 12.00 58.46 131.95
N GLN MA 36 10.76 58.51 131.47
CA GLN MA 36 9.67 57.83 132.12
C GLN MA 36 9.59 56.36 131.76
N GLY MA 37 10.30 55.93 130.73
CA GLY MA 37 10.30 54.54 130.31
C GLY MA 37 11.24 53.71 131.15
N SER MA 38 11.22 52.41 130.90
CA SER MA 38 12.11 51.52 131.62
C SER MA 38 13.50 51.57 131.01
N ALA MA 39 14.43 50.90 131.65
CA ALA MA 39 15.84 51.00 131.29
C ALA MA 39 16.21 49.90 130.32
N THR MA 40 17.23 50.16 129.52
CA THR MA 40 17.79 49.17 128.61
C THR MA 40 19.22 49.52 128.29
N VAL MA 41 20.03 48.52 127.98
CA VAL MA 41 21.46 48.66 127.82
C VAL MA 41 21.89 48.01 126.51
N GLY MA 42 22.59 48.78 125.68
CA GLY MA 42 23.20 48.23 124.48
C GLY MA 42 24.70 48.37 124.49
N LEU MA 43 25.40 47.32 124.08
CA LEU MA 43 26.85 47.31 123.98
C LEU MA 43 27.31 46.45 122.81
N LYS MA 44 28.60 46.48 122.54
CA LYS MA 44 29.08 45.74 121.38
C LYS MA 44 30.46 45.17 121.68
N SER MA 45 30.99 44.44 120.70
CA SER MA 45 32.30 43.80 120.77
C SER MA 45 32.90 43.85 119.38
N LYS MA 46 33.88 43.01 119.10
CA LYS MA 46 34.41 42.93 117.76
C LYS MA 46 33.46 42.27 116.78
N THR MA 47 32.61 41.36 117.26
CA THR MA 47 31.78 40.57 116.37
C THR MA 47 30.31 40.56 116.74
N HIS MA 48 29.90 41.19 117.84
CA HIS MA 48 28.53 41.08 118.29
C HIS MA 48 28.03 42.39 118.84
N ALA MA 49 26.71 42.52 118.87
CA ALA MA 49 26.02 43.77 119.15
C ALA MA 49 24.87 43.52 120.13
N VAL MA 50 25.17 42.87 121.25
CA VAL MA 50 24.16 42.48 122.22
C VAL MA 50 23.54 43.71 122.87
N LEU MA 51 22.21 43.79 122.86
CA LEU MA 51 21.49 44.75 123.68
C LEU MA 51 20.52 43.99 124.59
N VAL MA 52 20.42 44.44 125.84
CA VAL MA 52 19.61 43.80 126.87
C VAL MA 52 18.64 44.83 127.42
N ALA MA 53 17.36 44.48 127.47
CA ALA MA 53 16.32 45.39 127.93
C ALA MA 53 15.66 44.87 129.19
N LEU MA 54 14.83 45.73 129.79
CA LEU MA 54 14.15 45.42 131.04
C LEU MA 54 12.66 45.64 130.85
N LYS MA 55 11.88 44.57 130.96
CA LYS MA 55 10.45 44.66 130.78
C LYS MA 55 9.77 45.16 132.05
N ARG MA 56 8.57 45.67 131.89
CA ARG MA 56 7.69 45.97 133.00
C ARG MA 56 6.32 45.40 132.72
N ALA MA 57 5.62 45.02 133.79
CA ALA MA 57 4.25 44.57 133.70
C ALA MA 57 3.35 45.57 134.40
N GLN MA 58 2.09 45.59 133.99
CA GLN MA 58 1.15 46.53 134.58
C GLN MA 58 0.56 46.00 135.87
N SER MA 59 0.24 44.72 135.91
CA SER MA 59 -0.32 44.10 137.10
C SER MA 59 0.38 42.75 137.28
N GLU MA 60 -0.09 41.99 138.27
CA GLU MA 60 0.50 40.69 138.56
C GLU MA 60 0.10 39.63 137.55
N LEU MA 61 -1.04 39.82 136.89
CA LEU MA 61 -1.54 38.82 135.96
C LEU MA 61 -1.39 39.24 134.50
N ALA MA 62 -1.15 40.52 134.24
CA ALA MA 62 -0.94 40.98 132.88
C ALA MA 62 0.44 40.57 132.40
N ALA MA 63 0.61 40.54 131.09
CA ALA MA 63 1.91 40.22 130.52
C ALA MA 63 2.82 41.43 130.57
N HIS MA 64 4.13 41.17 130.53
CA HIS MA 64 5.11 42.23 130.50
C HIS MA 64 5.14 42.88 129.12
N GLN MA 65 5.36 44.18 129.10
CA GLN MA 65 5.36 44.92 127.84
C GLN MA 65 6.69 44.72 127.13
N LYS MA 66 6.62 44.41 125.84
CA LYS MA 66 7.82 44.04 125.12
C LYS MA 66 8.64 45.27 124.73
N LYS MA 67 9.95 45.06 124.61
CA LYS MA 67 10.89 46.14 124.36
C LYS MA 67 11.64 45.93 123.05
N ILE MA 68 12.32 44.80 122.90
CA ILE MA 68 13.12 44.55 121.71
C ILE MA 68 12.20 44.07 120.60
N LEU MA 69 12.35 44.64 119.41
CA LEU MA 69 11.51 44.23 118.30
C LEU MA 69 12.30 44.17 117.00
N HIS MA 70 12.04 43.12 116.24
CA HIS MA 70 12.79 42.77 115.05
C HIS MA 70 12.50 43.74 113.92
N VAL MA 71 13.54 44.13 113.20
CA VAL MA 71 13.43 45.03 112.06
C VAL MA 71 13.86 44.35 110.78
N ASP MA 72 15.09 43.86 110.74
CA ASP MA 72 15.58 43.15 109.58
C ASP MA 72 16.45 42.01 110.09
N ASN MA 73 17.11 41.30 109.18
CA ASN MA 73 17.91 40.17 109.59
C ASN MA 73 19.22 40.58 110.23
N HIS MA 74 19.56 41.85 110.20
CA HIS MA 74 20.83 42.29 110.74
C HIS MA 74 20.68 43.59 111.53
N ILE MA 75 19.45 44.03 111.76
CA ILE MA 75 19.17 45.26 112.50
C ILE MA 75 18.01 45.00 113.44
N GLY MA 76 18.21 45.30 114.72
CA GLY MA 76 17.12 45.27 115.68
C GLY MA 76 17.22 46.40 116.66
N ILE MA 77 16.10 46.90 117.16
CA ILE MA 77 16.10 48.09 118.00
C ILE MA 77 15.50 47.79 119.36
N SER MA 78 15.69 48.73 120.29
CA SER MA 78 15.02 48.74 121.58
C SER MA 78 14.10 49.95 121.65
N ILE MA 79 13.48 50.21 122.80
CA ILE MA 79 12.47 51.25 122.80
C ILE MA 79 12.45 51.99 124.14
N ALA MA 80 12.21 53.29 124.11
CA ALA MA 80 12.23 54.04 125.36
C ALA MA 80 11.21 55.17 125.48
N GLY MA 81 10.09 55.14 124.76
CA GLY MA 81 9.18 56.26 124.85
C GLY MA 81 7.71 55.92 124.79
N LEU MA 82 6.96 56.64 123.99
CA LEU MA 82 5.55 56.33 123.76
C LEU MA 82 5.47 55.10 122.86
N THR MA 83 4.31 54.47 122.83
CA THR MA 83 4.14 53.27 122.05
C THR MA 83 3.55 53.51 120.69
N ALA MA 84 2.81 54.62 120.52
CA ALA MA 84 2.35 54.99 119.19
C ALA MA 84 3.52 55.45 118.33
N ASP MA 85 4.38 56.30 118.89
CA ASP MA 85 5.55 56.74 118.15
C ASP MA 85 6.56 55.62 117.98
N ALA MA 86 6.48 54.59 118.83
CA ALA MA 86 7.27 53.39 118.64
C ALA MA 86 6.92 52.68 117.35
N ARG MA 87 5.65 52.33 117.18
CA ARG MA 87 5.25 51.56 116.01
C ARG MA 87 5.23 52.43 114.76
N LEU MA 88 5.11 53.74 114.95
CA LEU MA 88 5.10 54.64 113.79
C LEU MA 88 6.49 54.72 113.18
N LEU MA 89 7.54 54.72 114.01
CA LEU MA 89 8.89 54.70 113.46
C LEU MA 89 9.31 53.30 113.05
N CYS MA 90 8.76 52.29 113.71
CA CYS MA 90 9.06 50.91 113.33
C CYS MA 90 8.53 50.59 111.95
N ASN MA 91 7.32 51.04 111.63
CA ASN MA 91 6.75 50.75 110.32
C ASN MA 91 7.44 51.55 109.23
N PHE MA 92 7.97 52.73 109.59
CA PHE MA 92 8.87 53.43 108.67
C PHE MA 92 10.17 52.66 108.53
N MET MA 93 10.63 52.05 109.61
CA MET MA 93 11.94 51.41 109.60
C MET MA 93 11.93 50.13 108.79
N ARG MA 94 10.88 49.31 108.95
CA ARG MA 94 10.72 48.11 108.13
C ARG MA 94 10.61 48.47 106.65
N GLN MA 95 9.95 49.59 106.36
CA GLN MA 95 9.70 49.96 104.98
C GLN MA 95 10.99 50.30 104.26
N GLU MA 96 11.91 50.99 104.95
CA GLU MA 96 13.12 51.46 104.29
C GLU MA 96 14.09 50.33 104.02
N CYS MA 97 14.10 49.29 104.85
CA CYS MA 97 15.04 48.20 104.64
C CYS MA 97 14.66 47.36 103.43
N LEU MA 98 13.36 47.11 103.25
CA LEU MA 98 12.96 46.25 102.16
C LEU MA 98 12.98 46.98 100.82
N ASP MA 99 12.92 48.30 100.83
CA ASP MA 99 13.03 49.05 99.58
C ASP MA 99 14.43 48.95 99.01
N SER MA 100 15.45 49.12 99.86
CA SER MA 100 16.82 48.88 99.42
C SER MA 100 17.05 47.42 99.10
N ARG MA 101 16.32 46.53 99.77
CA ARG MA 101 16.38 45.13 99.43
C ARG MA 101 15.74 44.86 98.07
N PHE MA 102 14.66 45.58 97.77
CA PHE MA 102 14.01 45.38 96.48
C PHE MA 102 14.74 46.08 95.34
N VAL MA 103 15.39 47.19 95.60
CA VAL MA 103 15.99 47.96 94.52
C VAL MA 103 17.43 47.53 94.29
N PHE MA 104 18.27 47.70 95.31
CA PHE MA 104 19.69 47.45 95.11
C PHE MA 104 20.06 46.00 95.32
N ASP MA 105 19.16 45.24 95.96
CA ASP MA 105 19.38 43.85 96.38
C ASP MA 105 20.62 43.74 97.26
N ARG MA 106 20.61 44.51 98.34
CA ARG MA 106 21.65 44.48 99.34
C ARG MA 106 21.05 44.97 100.64
N PRO MA 107 21.58 44.55 101.78
CA PRO MA 107 21.10 45.10 103.04
C PRO MA 107 21.65 46.52 103.23
N LEU MA 108 20.87 47.36 103.89
CA LEU MA 108 21.33 48.71 104.17
C LEU MA 108 22.49 48.69 105.16
N PRO MA 109 23.48 49.54 104.99
CA PRO MA 109 24.37 49.85 106.10
C PRO MA 109 23.58 50.56 107.18
N VAL MA 110 23.99 50.36 108.42
CA VAL MA 110 23.24 50.90 109.53
C VAL MA 110 23.43 52.40 109.62
N SER MA 111 24.60 52.90 109.20
CA SER MA 111 24.92 54.32 109.35
C SER MA 111 24.04 55.20 108.48
N ARG MA 112 23.74 54.75 107.27
CA ARG MA 112 22.92 55.58 106.40
C ARG MA 112 21.44 55.35 106.64
N LEU MA 113 21.07 54.30 107.39
CA LEU MA 113 19.68 54.14 107.79
C LEU MA 113 19.29 55.20 108.81
N VAL MA 114 20.18 55.48 109.75
CA VAL MA 114 19.83 56.33 110.87
C VAL MA 114 19.77 57.79 110.45
N SER MA 115 20.52 58.17 109.42
CA SER MA 115 20.43 59.51 108.90
C SER MA 115 19.09 59.75 108.23
N LEU MA 116 18.44 58.69 107.75
CA LEU MA 116 17.06 58.83 107.30
C LEU MA 116 16.13 59.07 108.48
N ILE MA 117 16.46 58.51 109.64
CA ILE MA 117 15.62 58.67 110.80
C ILE MA 117 15.75 60.07 111.36
N GLY MA 118 16.99 60.58 111.43
CA GLY MA 118 17.20 61.93 111.92
C GLY MA 118 16.65 62.98 110.98
N SER MA 119 16.58 62.66 109.69
CA SER MA 119 15.87 63.53 108.77
C SER MA 119 14.38 63.43 108.96
N LYS MA 120 13.89 62.22 109.27
CA LYS MA 120 12.45 62.00 109.42
C LYS MA 120 11.89 62.74 110.63
N THR MA 121 12.59 62.71 111.74
CA THR MA 121 12.10 63.35 112.96
C THR MA 121 12.30 64.85 112.96
N GLN MA 122 13.04 65.40 112.00
CA GLN MA 122 13.31 66.83 111.98
C GLN MA 122 12.08 67.65 111.66
N ILE MA 123 11.32 67.23 110.63
CA ILE MA 123 10.18 68.03 110.15
C ILE MA 123 9.11 68.31 111.20
N PRO MA 124 8.65 67.32 112.03
CA PRO MA 124 7.63 67.69 113.03
C PRO MA 124 8.15 68.53 114.19
N THR MA 125 9.43 68.85 114.19
CA THR MA 125 10.04 69.71 115.21
C THR MA 125 10.29 71.10 114.69
N GLN MA 126 9.73 71.43 113.54
CA GLN MA 126 9.87 72.80 113.06
C GLN MA 126 8.54 73.39 112.64
N ARG MA 127 7.67 72.59 112.05
CA ARG MA 127 6.40 73.12 111.57
C ARG MA 127 5.40 73.22 112.71
N TYR MA 128 4.45 74.13 112.56
CA TYR MA 128 3.46 74.36 113.60
C TYR MA 128 2.42 73.25 113.60
N GLY MA 129 1.96 72.88 114.79
CA GLY MA 129 0.87 71.94 114.92
C GLY MA 129 1.31 70.50 115.07
N ARG MA 130 2.61 70.24 115.06
CA ARG MA 130 3.13 68.90 115.15
C ARG MA 130 3.81 68.69 116.49
N ARG MA 131 3.80 67.46 116.96
CA ARG MA 131 4.60 67.19 118.14
C ARG MA 131 5.88 66.47 117.73
N PRO MA 132 6.94 66.60 118.52
CA PRO MA 132 8.11 65.75 118.29
C PRO MA 132 7.80 64.32 118.65
N TYR MA 133 8.59 63.40 118.08
CA TYR MA 133 8.45 62.00 118.43
C TYR MA 133 9.05 61.74 119.80
N GLY MA 134 8.20 61.58 120.80
CA GLY MA 134 8.69 61.39 122.15
C GLY MA 134 9.15 59.97 122.42
N VAL MA 135 10.31 59.61 121.89
CA VAL MA 135 10.82 58.25 121.97
C VAL MA 135 12.32 58.27 121.71
N GLY MA 136 13.05 57.37 122.38
CA GLY MA 136 14.46 57.19 122.14
C GLY MA 136 14.78 55.78 121.71
N LEU MA 137 15.76 55.61 120.82
CA LEU MA 137 16.07 54.28 120.33
C LEU MA 137 17.47 53.84 120.73
N LEU MA 138 17.68 52.52 120.64
CA LEU MA 138 19.00 51.90 120.68
C LEU MA 138 19.05 50.93 119.51
N ILE MA 139 19.75 51.32 118.46
CA ILE MA 139 19.83 50.49 117.26
C ILE MA 139 21.12 49.68 117.31
N ALA MA 140 21.01 48.38 117.10
CA ALA MA 140 22.17 47.50 117.06
C ALA MA 140 22.16 46.78 115.72
N GLY MA 141 23.13 47.11 114.89
CA GLY MA 141 23.18 46.49 113.59
C GLY MA 141 24.46 45.74 113.34
N TYR MA 142 24.64 45.29 112.11
CA TYR MA 142 25.86 44.61 111.69
C TYR MA 142 25.95 44.72 110.18
N ASP MA 143 27.10 45.14 109.70
CA ASP MA 143 27.28 45.32 108.27
C ASP MA 143 28.72 45.06 107.90
N ASP MA 144 29.15 45.56 106.74
CA ASP MA 144 30.44 45.20 106.18
C ASP MA 144 31.62 45.89 106.86
N MET MA 145 31.36 46.62 107.94
CA MET MA 145 32.44 47.24 108.69
C MET MA 145 32.25 47.00 110.18
N GLY MA 146 31.36 46.09 110.54
CA GLY MA 146 31.29 45.60 111.89
C GLY MA 146 29.98 45.88 112.58
N PRO MA 147 29.88 45.53 113.85
CA PRO MA 147 28.69 45.89 114.62
C PRO MA 147 28.67 47.38 114.94
N HIS MA 148 27.49 47.89 115.23
CA HIS MA 148 27.30 49.30 115.53
C HIS MA 148 26.22 49.45 116.59
N ILE MA 149 26.38 50.46 117.45
CA ILE MA 149 25.38 50.81 118.45
C ILE MA 149 25.05 52.29 118.24
N PHE MA 150 23.80 52.59 117.95
CA PHE MA 150 23.34 53.94 117.71
C PHE MA 150 22.23 54.28 118.67
N GLN MA 151 22.38 55.37 119.41
CA GLN MA 151 21.28 55.88 120.21
C GLN MA 151 20.73 57.14 119.58
N THR MA 152 19.45 57.38 119.78
CA THR MA 152 18.80 58.57 119.28
C THR MA 152 18.19 59.37 120.43
N CYS MA 153 17.40 60.36 120.05
CA CYS MA 153 16.74 61.26 120.99
C CYS MA 153 15.65 61.99 120.24
N PRO MA 154 14.68 62.58 120.95
CA PRO MA 154 13.68 63.40 120.25
C PRO MA 154 14.24 64.70 119.69
N SER MA 155 15.45 65.10 120.06
CA SER MA 155 16.07 66.27 119.47
C SER MA 155 16.75 65.97 118.15
N ALA MA 156 16.53 64.77 117.59
CA ALA MA 156 17.07 64.34 116.29
C ALA MA 156 18.60 64.38 116.24
N ASN MA 157 19.22 63.93 117.32
CA ASN MA 157 20.67 63.80 117.38
C ASN MA 157 20.97 62.32 117.57
N TYR MA 158 21.62 61.71 116.59
CA TYR MA 158 21.99 60.32 116.71
C TYR MA 158 23.48 60.20 116.98
N PHE MA 159 23.84 59.23 117.80
CA PHE MA 159 25.17 59.13 118.37
C PHE MA 159 25.78 57.77 118.06
N ASP MA 160 26.98 57.78 117.51
CA ASP MA 160 27.74 56.54 117.30
C ASP MA 160 28.49 56.26 118.60
N CYS MA 161 27.85 55.51 119.47
CA CYS MA 161 28.43 55.14 120.75
C CYS MA 161 28.98 53.73 120.71
N ARG MA 162 29.67 53.34 121.76
CA ARG MA 162 30.07 51.95 121.92
C ARG MA 162 29.31 51.22 123.01
N ALA MA 163 28.76 51.95 123.99
CA ALA MA 163 27.89 51.38 125.00
C ALA MA 163 27.09 52.52 125.61
N MET MA 164 25.77 52.41 125.60
CA MET MA 164 24.92 53.40 126.24
C MET MA 164 23.73 52.74 126.91
N SER MA 165 23.02 53.55 127.68
CA SER MA 165 21.81 53.15 128.36
C SER MA 165 20.90 54.34 128.48
N ILE MA 166 19.61 54.10 128.23
CA ILE MA 166 18.59 55.14 128.28
C ILE MA 166 17.31 54.57 128.89
N GLY MA 167 16.54 55.47 129.51
CA GLY MA 167 15.36 55.09 130.24
C GLY MA 167 15.37 55.73 131.64
N ALA MA 168 14.89 54.96 132.62
CA ALA MA 168 14.87 55.41 134.00
C ALA MA 168 16.10 54.92 134.72
N ARG MA 169 16.66 55.80 135.56
CA ARG MA 169 17.91 55.64 136.36
C ARG MA 169 19.03 54.97 135.57
N SER MA 170 19.18 55.40 134.32
CA SER MA 170 20.21 54.87 133.43
C SER MA 170 21.59 55.41 133.77
N GLN MA 171 21.69 56.35 134.71
CA GLN MA 171 22.98 56.91 135.08
C GLN MA 171 23.85 55.87 135.77
N SER MA 172 23.28 55.06 136.66
CA SER MA 172 24.06 54.05 137.35
C SER MA 172 24.51 52.95 136.39
N ALA MA 173 23.77 52.76 135.29
CA ALA MA 173 24.22 51.84 134.27
C ALA MA 173 25.37 52.43 133.47
N ARG MA 174 25.37 53.74 133.26
CA ARG MA 174 26.47 54.37 132.53
C ARG MA 174 27.76 54.32 133.34
N THR MA 175 27.65 54.48 134.66
CA THR MA 175 28.83 54.43 135.51
C THR MA 175 29.44 53.04 135.55
N TYR MA 176 28.62 52.01 135.37
CA TYR MA 176 29.17 50.67 135.26
C TYR MA 176 29.95 50.49 133.97
N LEU MA 177 29.43 51.04 132.87
CA LEU MA 177 30.07 50.83 131.58
C LEU MA 177 31.31 51.69 131.39
N GLU MA 178 31.48 52.73 132.20
CA GLU MA 178 32.68 53.53 132.10
C GLU MA 178 33.89 52.79 132.67
N ARG MA 179 33.74 52.16 133.82
CA ARG MA 179 34.84 51.44 134.42
C ARG MA 179 34.97 50.02 133.91
N HIS MA 180 34.23 49.65 132.87
CA HIS MA 180 34.39 48.35 132.23
C HIS MA 180 34.40 48.46 130.72
N MET MA 181 34.65 49.65 130.18
CA MET MA 181 34.62 49.82 128.73
C MET MA 181 35.78 49.17 128.02
N SER MA 182 36.89 48.93 128.72
CA SER MA 182 38.03 48.30 128.09
C SER MA 182 37.82 46.83 127.83
N GLU MA 183 37.05 46.16 128.68
CA GLU MA 183 36.86 44.71 128.60
C GLU MA 183 35.96 44.28 127.45
N PHE MA 184 35.29 45.21 126.80
CA PHE MA 184 34.20 44.89 125.91
C PHE MA 184 34.66 44.52 124.51
N MET MA 185 35.96 44.52 124.26
CA MET MA 185 36.46 44.13 122.94
C MET MA 185 36.76 42.63 122.95
N GLU MA 186 37.49 42.18 123.97
CA GLU MA 186 37.94 40.81 124.05
C GLU MA 186 37.02 39.98 124.95
N CYS MA 187 35.80 39.82 124.46
CA CYS MA 187 34.80 39.00 125.10
C CYS MA 187 33.88 38.45 124.02
N ASN MA 188 33.46 37.20 124.18
CA ASN MA 188 32.88 36.52 123.03
C ASN MA 188 31.36 36.57 122.94
N LEU MA 189 30.63 35.79 123.73
CA LEU MA 189 29.20 36.01 123.90
C LEU MA 189 28.77 35.90 125.34
N ASN MA 190 29.32 34.93 126.07
CA ASN MA 190 28.81 34.65 127.40
C ASN MA 190 29.20 35.75 128.36
N GLU MA 191 30.49 36.07 128.42
CA GLU MA 191 30.93 37.21 129.21
C GLU MA 191 30.62 38.54 128.52
N LEU MA 192 30.22 38.49 127.24
CA LEU MA 192 29.71 39.70 126.63
C LEU MA 192 28.30 40.01 127.12
N VAL MA 193 27.45 38.98 127.23
CA VAL MA 193 26.11 39.18 127.72
C VAL MA 193 26.11 39.46 129.22
N LYS MA 194 26.86 38.65 129.99
CA LYS MA 194 26.77 38.78 131.43
C LYS MA 194 27.55 39.98 131.95
N HIS MA 195 28.28 40.67 131.06
CA HIS MA 195 28.62 42.06 131.35
C HIS MA 195 27.38 42.94 131.29
N GLY MA 196 26.52 42.73 130.29
CA GLY MA 196 25.45 43.67 130.03
C GLY MA 196 24.33 43.61 131.05
N LEU MA 197 23.99 42.42 131.52
CA LEU MA 197 22.95 42.33 132.52
C LEU MA 197 23.45 42.71 133.90
N ARG MA 198 24.77 42.78 134.09
CA ARG MA 198 25.26 43.44 135.30
C ARG MA 198 25.03 44.95 135.26
N ALA MA 199 24.85 45.51 134.07
CA ALA MA 199 24.56 46.94 134.00
C ALA MA 199 23.11 47.24 134.35
N LEU MA 200 22.18 46.35 134.00
CA LEU MA 200 20.78 46.60 134.32
C LEU MA 200 20.50 46.43 135.79
N ARG MA 201 21.19 45.52 136.45
CA ARG MA 201 20.89 45.27 137.85
C ARG MA 201 21.37 46.39 138.75
N GLU MA 202 22.23 47.27 138.27
CA GLU MA 202 22.52 48.49 139.01
C GLU MA 202 21.45 49.55 138.79
N THR MA 203 20.51 49.31 137.89
CA THR MA 203 19.33 50.15 137.78
C THR MA 203 18.14 49.55 138.52
N LEU MA 204 18.36 48.74 139.44
CA LEU MA 204 17.23 48.17 140.16
C LEU MA 204 17.31 48.51 141.64
N PRO MA 205 16.18 48.53 142.32
CA PRO MA 205 16.20 48.54 143.78
C PRO MA 205 16.76 47.24 144.35
N ALA MA 206 17.04 47.23 145.65
CA ALA MA 206 17.77 46.12 146.27
C ALA MA 206 16.84 45.05 146.81
N GLU MA 207 15.68 44.83 146.19
CA GLU MA 207 14.79 43.78 146.65
C GLU MA 207 14.20 42.96 145.51
N GLN MA 208 14.57 43.23 144.26
CA GLN MA 208 14.10 42.42 143.15
C GLN MA 208 15.16 42.48 142.08
N ASP MA 209 15.09 41.53 141.16
CA ASP MA 209 16.07 41.47 140.10
C ASP MA 209 15.43 40.84 138.87
N LEU MA 210 16.26 40.38 137.95
CA LEU MA 210 15.87 39.73 136.72
C LEU MA 210 15.41 38.30 137.01
N THR MA 211 14.16 38.02 136.63
CA THR MA 211 13.45 36.81 137.03
C THR MA 211 13.08 35.90 135.87
N THR MA 212 13.72 36.05 134.70
CA THR MA 212 13.34 35.44 133.42
C THR MA 212 11.88 35.71 133.07
N LYS MA 213 11.37 36.85 133.52
CA LYS MA 213 9.99 37.24 133.23
C LYS MA 213 10.01 38.71 132.87
N ASN MA 214 11.13 39.36 133.11
CA ASN MA 214 11.25 40.79 132.92
C ASN MA 214 12.59 41.14 132.29
N VAL MA 215 13.02 40.33 131.32
CA VAL MA 215 14.31 40.52 130.70
C VAL MA 215 14.29 39.92 129.29
N SER MA 216 14.82 40.67 128.32
CA SER MA 216 14.99 40.18 126.96
C SER MA 216 16.38 40.54 126.46
N ILE MA 217 16.91 39.71 125.58
CA ILE MA 217 18.24 39.89 125.04
C ILE MA 217 18.14 39.78 123.53
N GLY MA 218 18.71 40.74 122.82
CA GLY MA 218 18.81 40.69 121.38
C GLY MA 218 20.27 40.69 120.95
N ILE MA 219 20.66 39.65 120.23
CA ILE MA 219 22.02 39.49 119.73
C ILE MA 219 21.97 39.48 118.22
N VAL MA 220 22.87 40.24 117.59
CA VAL MA 220 23.14 40.12 116.17
C VAL MA 220 24.65 40.08 115.99
N GLY MA 221 25.13 39.20 115.12
CA GLY MA 221 26.54 38.95 115.02
C GLY MA 221 26.95 38.69 113.60
N LYS MA 222 28.16 38.15 113.44
CA LYS MA 222 28.73 37.95 112.11
C LYS MA 222 27.99 36.87 111.34
N ASP MA 223 28.03 35.64 111.81
CA ASP MA 223 27.27 34.55 111.22
C ASP MA 223 25.93 34.36 111.91
N LEU MA 224 25.40 35.38 112.56
CA LEU MA 224 24.27 35.23 113.45
C LEU MA 224 23.22 36.27 113.12
N GLU MA 225 22.06 35.80 112.69
CA GLU MA 225 20.92 36.66 112.41
C GLU MA 225 20.38 37.19 113.73
N PHE MA 226 19.78 38.38 113.67
CA PHE MA 226 19.28 39.07 114.87
C PHE MA 226 18.16 38.25 115.50
N THR MA 227 18.37 37.87 116.76
CA THR MA 227 17.49 36.93 117.43
C THR MA 227 17.06 37.48 118.78
N ILE MA 228 15.78 37.34 119.09
CA ILE MA 228 15.24 37.81 120.36
C ILE MA 228 15.01 36.60 121.26
N TYR MA 229 15.60 36.63 122.45
CA TYR MA 229 15.38 35.59 123.46
C TYR MA 229 14.58 36.16 124.61
N ASP MA 230 13.60 35.41 125.09
CA ASP MA 230 12.76 35.85 126.20
C ASP MA 230 12.09 34.64 126.86
N ASP MA 231 12.21 34.62 128.19
CA ASP MA 231 11.41 33.87 129.17
C ASP MA 231 11.68 32.37 129.20
N ASP MA 232 12.39 31.83 128.21
CA ASP MA 232 12.72 30.42 128.24
C ASP MA 232 14.22 30.22 128.02
N ASP MA 233 14.78 31.01 127.11
CA ASP MA 233 16.17 30.90 126.71
C ASP MA 233 17.03 31.96 127.38
N VAL MA 234 16.55 32.50 128.49
CA VAL MA 234 17.30 33.49 129.23
C VAL MA 234 17.89 32.74 130.42
N SER MA 235 17.19 31.70 130.83
CA SER MA 235 17.72 30.80 131.85
C SER MA 235 19.05 30.13 131.50
N PRO MA 236 19.38 29.80 130.23
CA PRO MA 236 20.79 29.46 129.95
C PRO MA 236 21.74 30.63 130.10
N PHE MA 237 21.27 31.85 129.94
CA PHE MA 237 22.13 33.00 130.16
C PHE MA 237 22.20 33.43 131.61
N LEU MA 238 21.10 33.28 132.36
CA LEU MA 238 21.09 33.70 133.76
C LEU MA 238 21.66 32.58 134.63
N GLU MA 239 22.97 32.43 134.50
CA GLU MA 239 23.75 31.52 135.31
C GLU MA 239 25.17 32.06 135.39
N GLY MA 240 25.87 31.69 136.44
CA GLY MA 240 27.16 32.31 136.67
C GLY MA 240 27.07 33.76 137.05
N LEU MA 241 26.02 34.14 137.78
CA LEU MA 241 25.89 35.50 138.29
C LEU MA 241 26.29 35.54 139.75
N GLU MA 242 25.98 36.65 140.41
CA GLU MA 242 26.22 36.81 141.83
C GLU MA 242 25.18 37.77 142.38
N GLU MA 243 24.97 37.74 143.69
CA GLU MA 243 24.15 38.76 144.32
C GLU MA 243 24.92 40.08 144.40
N ARG MA 244 24.20 41.16 144.59
CA ARG MA 244 24.85 42.45 144.78
C ARG MA 244 25.29 42.59 146.23
N PRO MA 245 26.48 43.15 146.50
CA PRO MA 245 26.95 43.24 147.89
C PRO MA 245 26.25 44.33 148.68
N GLN MA 246 26.46 44.30 149.99
CA GLN MA 246 25.85 45.28 150.89
C GLN MA 246 26.92 46.06 151.66
N THR NA 5 8.43 92.35 125.15
CA THR NA 5 7.49 91.24 125.24
C THR NA 5 6.22 91.59 124.51
N GLY NA 6 5.39 90.58 124.24
CA GLY NA 6 4.19 90.74 123.46
C GLY NA 6 4.42 90.76 121.96
N TYR NA 7 5.62 91.08 121.52
CA TYR NA 7 5.95 91.21 120.10
C TYR NA 7 6.93 90.16 119.65
N ASP NA 8 7.38 89.29 120.55
CA ASP NA 8 8.51 88.41 120.30
C ASP NA 8 8.10 86.95 120.23
N LEU NA 9 6.91 86.68 119.70
CA LEU NA 9 6.40 85.32 119.64
C LEU NA 9 6.45 84.78 118.22
N SER NA 10 6.13 85.60 117.23
CA SER NA 10 6.13 85.15 115.85
C SER NA 10 7.30 85.73 115.07
N ALA NA 11 7.55 85.15 113.91
CA ALA NA 11 8.48 85.73 112.96
C ALA NA 11 7.79 86.68 111.99
N SER NA 12 6.48 86.84 112.11
CA SER NA 12 5.78 87.77 111.22
C SER NA 12 5.66 89.16 111.80
N THR NA 13 5.69 89.30 113.12
CA THR NA 13 5.50 90.60 113.75
C THR NA 13 6.83 91.32 113.90
N PHE NA 14 6.77 92.64 113.92
CA PHE NA 14 7.92 93.48 114.18
C PHE NA 14 7.89 93.99 115.62
N SER NA 15 8.93 94.52 116.00
CA SER NA 15 8.98 95.18 117.28
C SER NA 15 8.45 96.59 117.14
N PRO NA 16 8.09 97.27 118.24
CA PRO NA 16 7.71 98.68 118.10
C PRO NA 16 8.82 99.58 117.63
N ASP NA 17 10.09 99.19 117.76
CA ASP NA 17 11.15 99.99 117.17
C ASP NA 17 11.66 99.39 115.86
N GLY NA 18 11.22 98.19 115.51
CA GLY NA 18 11.46 97.73 114.16
C GLY NA 18 12.50 96.63 113.98
N ARG NA 19 12.56 95.68 114.89
CA ARG NA 19 13.39 94.51 114.67
C ARG NA 19 12.57 93.26 114.95
N VAL NA 20 13.17 92.09 114.73
CA VAL NA 20 12.49 90.81 114.89
C VAL NA 20 13.24 90.02 115.93
N PHE NA 21 12.58 89.73 117.05
CA PHE NA 21 13.30 89.10 118.15
C PHE NA 21 13.51 87.62 117.94
N GLN NA 22 12.68 86.96 117.13
CA GLN NA 22 12.86 85.53 116.90
C GLN NA 22 14.14 85.24 116.15
N VAL NA 23 14.54 86.15 115.25
CA VAL NA 23 15.86 86.04 114.64
C VAL NA 23 16.93 86.37 115.68
N GLU NA 24 16.66 87.37 116.53
CA GLU NA 24 17.61 87.75 117.58
C GLU NA 24 17.80 86.62 118.58
N TYR NA 25 16.74 85.86 118.85
CA TYR NA 25 16.86 84.76 119.80
C TYR NA 25 17.65 83.61 119.21
N ALA NA 26 17.47 83.34 117.93
CA ALA NA 26 18.15 82.20 117.31
C ALA NA 26 19.63 82.51 117.09
N MET NA 27 19.99 83.80 117.03
CA MET NA 27 21.40 84.15 116.86
C MET NA 27 22.21 83.80 118.10
N LYS NA 28 21.65 84.03 119.29
CA LYS NA 28 22.39 83.71 120.49
C LYS NA 28 22.23 82.24 120.87
N ALA NA 29 21.40 81.49 120.16
CA ALA NA 29 21.43 80.05 120.33
C ALA NA 29 22.68 79.45 119.71
N VAL NA 30 23.12 80.00 118.58
CA VAL NA 30 24.33 79.52 117.94
C VAL NA 30 25.54 79.96 118.73
N GLU NA 31 25.43 81.09 119.42
CA GLU NA 31 26.56 81.62 120.19
C GLU NA 31 26.89 80.72 121.37
N ASN NA 32 25.90 80.00 121.89
CA ASN NA 32 26.12 79.04 122.97
C ASN NA 32 26.39 77.67 122.37
N SER NA 33 27.43 77.60 121.56
CA SER NA 33 27.89 76.34 121.00
C SER NA 33 29.40 76.43 120.86
N SER NA 34 30.04 75.30 120.57
CA SER NA 34 31.49 75.23 120.61
C SER NA 34 32.11 75.93 119.41
N THR NA 35 33.42 76.10 119.48
CA THR NA 35 34.11 77.01 118.56
C THR NA 35 34.49 76.28 117.29
N ALA NA 36 34.29 76.94 116.15
CA ALA NA 36 34.69 76.41 114.86
C ALA NA 36 35.21 77.56 114.02
N ILE NA 37 36.41 77.42 113.47
CA ILE NA 37 37.02 78.48 112.69
C ILE NA 37 37.23 78.00 111.27
N GLY NA 38 37.46 78.95 110.38
CA GLY NA 38 37.81 78.66 109.00
C GLY NA 38 38.69 79.75 108.45
N ILE NA 39 39.76 79.36 107.75
CA ILE NA 39 40.74 80.30 107.23
C ILE NA 39 41.21 79.79 105.89
N ARG NA 40 41.45 80.70 104.95
CA ARG NA 40 42.00 80.31 103.66
C ARG NA 40 43.41 80.87 103.51
N CYS NA 41 44.31 80.01 103.02
CA CYS NA 41 45.62 80.47 102.61
C CYS NA 41 45.56 80.75 101.12
N LYS NA 42 46.69 80.94 100.47
CA LYS NA 42 46.70 81.36 99.09
C LYS NA 42 46.29 80.28 98.09
N ASP NA 43 46.31 79.00 98.49
CA ASP NA 43 45.88 77.96 97.56
C ASP NA 43 45.01 76.93 98.26
N GLY NA 44 44.11 77.38 99.12
CA GLY NA 44 43.16 76.47 99.71
C GLY NA 44 42.50 76.99 100.96
N VAL NA 45 41.59 76.21 101.51
CA VAL NA 45 40.82 76.56 102.70
C VAL NA 45 41.03 75.46 103.73
N VAL NA 46 41.24 75.86 104.98
CA VAL NA 46 41.42 74.91 106.07
C VAL NA 46 40.27 75.10 107.05
N PHE NA 47 39.63 74.00 107.43
CA PHE NA 47 38.57 74.00 108.44
C PHE NA 47 39.08 73.45 109.76
N GLY NA 48 38.58 74.02 110.85
CA GLY NA 48 38.92 73.55 112.17
C GLY NA 48 37.76 73.63 113.13
N VAL NA 49 37.44 72.52 113.80
CA VAL NA 49 36.31 72.47 114.72
C VAL NA 49 36.78 71.92 116.06
N GLU NA 50 36.60 72.69 117.12
CA GLU NA 50 36.74 72.15 118.46
C GLU NA 50 35.53 71.31 118.79
N LYS NA 51 35.75 70.07 119.15
CA LYS NA 51 34.67 69.11 119.35
C LYS NA 51 34.80 68.49 120.73
N LEU NA 52 33.73 68.56 121.52
CA LEU NA 52 33.78 68.28 122.94
C LEU NA 52 33.44 66.81 123.20
N VAL NA 53 34.17 66.19 124.12
CA VAL NA 53 33.88 64.86 124.62
C VAL NA 53 33.61 65.01 126.10
N LEU NA 54 32.49 64.47 126.57
CA LEU NA 54 32.15 64.77 127.95
C LEU NA 54 32.89 63.85 128.92
N SER NA 55 32.56 62.56 128.94
CA SER NA 55 33.50 61.61 129.55
C SER NA 55 33.92 60.55 128.54
N LYS NA 56 32.95 59.76 128.09
CA LYS NA 56 33.15 58.91 126.92
C LYS NA 56 32.14 59.31 125.86
N LEU NA 57 30.86 59.07 126.15
CA LEU NA 57 29.67 59.67 125.57
C LEU NA 57 29.38 59.31 124.12
N TYR NA 58 30.36 58.71 123.44
CA TYR NA 58 30.31 58.12 122.10
C TYR NA 58 31.64 57.44 121.79
N GLU NA 59 31.84 57.13 120.52
CA GLU NA 59 33.06 56.59 119.96
C GLU NA 59 34.18 57.63 119.94
N GLU NA 60 35.14 57.42 119.04
CA GLU NA 60 36.02 58.49 118.59
C GLU NA 60 35.72 58.70 117.11
N GLY NA 61 34.84 59.64 116.81
CA GLY NA 61 34.49 59.89 115.43
C GLY NA 61 33.00 59.87 115.15
N SER NA 62 32.18 60.03 116.18
CA SER NA 62 30.76 60.25 115.98
C SER NA 62 30.53 61.71 115.62
N ASN NA 63 29.33 61.96 115.06
CA ASN NA 63 28.68 63.28 114.87
C ASN NA 63 29.63 64.44 114.53
N LYS NA 64 30.42 64.23 113.50
CA LYS NA 64 31.38 65.22 113.02
C LYS NA 64 30.64 66.40 112.42
N ARG NA 65 31.11 67.60 112.70
CA ARG NA 65 30.51 68.78 112.09
C ARG NA 65 31.26 69.26 110.86
N LEU NA 66 32.11 68.43 110.26
CA LEU NA 66 32.74 68.75 108.99
C LEU NA 66 32.03 67.95 107.89
N PHE NA 67 30.92 68.49 107.42
CA PHE NA 67 30.15 67.82 106.39
C PHE NA 67 30.84 67.99 105.04
N ASN NA 68 30.37 67.24 104.06
CA ASN NA 68 31.00 67.24 102.75
C ASN NA 68 29.88 67.32 101.72
N VAL NA 69 29.55 68.54 101.31
CA VAL NA 69 28.39 68.75 100.46
C VAL NA 69 28.71 68.36 99.02
N ASP NA 70 29.62 69.07 98.39
CA ASP NA 70 29.89 68.69 97.01
C ASP NA 70 31.30 68.11 96.96
N ARG NA 71 31.71 67.69 95.77
CA ARG NA 71 33.04 67.12 95.58
C ARG NA 71 34.14 68.16 95.87
N HIS NA 72 33.81 69.44 95.80
CA HIS NA 72 34.77 70.51 96.02
C HIS NA 72 34.26 71.53 97.04
N VAL NA 73 33.31 71.16 97.91
CA VAL NA 73 32.66 72.12 98.81
C VAL NA 73 32.62 71.51 100.21
N GLY NA 74 33.00 72.31 101.22
CA GLY NA 74 32.95 71.87 102.60
C GLY NA 74 31.99 72.64 103.50
N MET NA 75 31.83 72.14 104.72
CA MET NA 75 30.94 72.69 105.73
C MET NA 75 31.64 72.79 107.07
N ALA NA 76 31.26 73.78 107.85
CA ALA NA 76 31.78 73.89 109.21
C ALA NA 76 30.69 74.28 110.19
N VAL NA 77 29.60 73.52 110.23
CA VAL NA 77 28.40 73.89 110.99
C VAL NA 77 28.71 74.00 112.48
N ALA NA 78 27.94 74.86 113.14
CA ALA NA 78 27.96 75.00 114.59
C ALA NA 78 26.63 75.59 115.00
N GLY NA 79 26.11 75.12 116.14
CA GLY NA 79 24.79 75.52 116.59
C GLY NA 79 23.97 74.31 116.93
N LEU NA 80 22.69 74.33 116.59
CA LEU NA 80 21.83 73.19 116.86
C LEU NA 80 22.09 72.14 115.79
N LEU NA 81 22.57 70.97 116.21
CA LEU NA 81 23.15 70.01 115.28
C LEU NA 81 22.12 69.34 114.38
N ALA NA 82 20.88 69.20 114.85
CA ALA NA 82 19.87 68.51 114.05
C ALA NA 82 19.48 69.34 112.83
N ASP NA 83 19.39 70.66 113.00
CA ASP NA 83 19.07 71.52 111.87
C ASP NA 83 20.24 71.65 110.91
N ALA NA 84 21.46 71.42 111.38
CA ALA NA 84 22.63 71.50 110.52
C ALA NA 84 22.64 70.35 109.52
N ARG NA 85 22.17 69.17 109.94
CA ARG NA 85 22.10 68.06 109.02
C ARG NA 85 20.97 68.23 108.02
N SER NA 86 20.02 69.13 108.30
CA SER NA 86 18.99 69.42 107.31
C SER NA 86 19.55 70.27 106.19
N LEU NA 87 20.30 71.31 106.54
CA LEU NA 87 20.90 72.20 105.55
C LEU NA 87 21.91 71.46 104.69
N ALA NA 88 22.60 70.47 105.25
CA ALA NA 88 23.52 69.66 104.47
C ALA NA 88 22.78 68.84 103.43
N ASP NA 89 21.56 68.43 103.72
CA ASP NA 89 20.76 67.75 102.71
C ASP NA 89 20.25 68.73 101.66
N ILE NA 90 19.92 69.95 102.08
CA ILE NA 90 19.43 70.95 101.16
C ILE NA 90 20.55 71.44 100.24
N ALA NA 91 21.73 71.69 100.81
CA ALA NA 91 22.85 72.17 100.02
C ALA NA 91 23.37 71.08 99.09
N ARG NA 92 23.29 69.82 99.51
CA ARG NA 92 23.62 68.71 98.62
C ARG NA 92 22.64 68.65 97.46
N GLU NA 93 21.35 68.78 97.77
CA GLU NA 93 20.32 68.64 96.76
C GLU NA 93 20.36 69.80 95.77
N GLU NA 94 20.80 70.97 96.22
CA GLU NA 94 20.88 72.12 95.34
C GLU NA 94 21.98 71.97 94.31
N ALA NA 95 23.13 71.46 94.73
CA ALA NA 95 24.27 71.32 93.82
C ALA NA 95 24.01 70.24 92.77
N SER NA 96 23.17 69.27 93.10
CA SER NA 96 22.86 68.20 92.16
C SER NA 96 22.01 68.70 91.00
N ASN NA 97 21.04 69.57 91.29
CA ASN NA 97 20.18 70.06 90.23
C ASN NA 97 20.91 71.06 89.35
N PHE NA 98 21.94 71.70 89.91
CA PHE NA 98 22.83 72.50 89.07
C PHE NA 98 23.60 71.61 88.11
N ARG NA 99 24.01 70.44 88.59
CA ARG NA 99 24.72 69.49 87.75
C ARG NA 99 23.80 68.92 86.67
N SER NA 100 22.52 68.77 86.99
CA SER NA 100 21.60 68.13 86.06
C SER NA 100 21.21 69.06 84.93
N ASN NA 101 20.82 70.30 85.26
CA ASN NA 101 20.35 71.22 84.24
C ASN NA 101 21.50 71.71 83.39
N PHE NA 102 22.51 72.24 84.04
CA PHE NA 102 23.83 72.64 83.58
C PHE NA 102 24.67 71.38 83.65
N GLY NA 103 25.93 71.44 84.06
CA GLY NA 103 26.77 70.29 83.84
C GLY NA 103 28.22 70.65 83.90
N TYR NA 104 28.48 71.84 84.41
CA TYR NA 104 29.75 72.11 85.07
C TYR NA 104 29.46 72.17 86.56
N ASN NA 105 30.52 72.22 87.37
CA ASN NA 105 30.35 72.17 88.82
C ASN NA 105 29.78 73.48 89.34
N ILE NA 106 29.08 73.41 90.47
CA ILE NA 106 28.44 74.56 91.09
C ILE NA 106 29.48 75.57 91.56
N PRO NA 107 29.34 76.83 91.19
CA PRO NA 107 30.21 77.86 91.77
C PRO NA 107 29.80 78.14 93.20
N LEU NA 108 30.77 78.59 93.99
CA LEU NA 108 30.50 78.74 95.42
C LEU NA 108 29.68 79.99 95.69
N LYS NA 109 29.74 80.98 94.79
CA LYS NA 109 28.95 82.19 94.97
C LYS NA 109 27.45 81.90 94.85
N HIS NA 110 27.07 81.01 93.93
CA HIS NA 110 25.67 80.61 93.86
C HIS NA 110 25.26 79.80 95.08
N LEU NA 111 26.09 78.87 95.52
CA LEU NA 111 25.68 77.94 96.57
C LEU NA 111 25.53 78.66 97.90
N ALA NA 112 26.24 79.78 98.08
CA ALA NA 112 25.94 80.64 99.21
C ALA NA 112 24.58 81.30 99.04
N ASP NA 113 24.26 81.73 97.81
CA ASP NA 113 23.02 82.45 97.59
C ASP NA 113 21.82 81.53 97.67
N ARG NA 114 21.91 80.36 97.05
CA ARG NA 114 20.76 79.47 96.94
C ARG NA 114 20.39 78.89 98.28
N VAL NA 115 21.37 78.70 99.16
CA VAL NA 115 21.06 78.20 100.49
C VAL NA 115 20.48 79.30 101.36
N ALA NA 116 21.09 80.50 101.30
CA ALA NA 116 20.70 81.57 102.22
C ALA NA 116 19.31 82.10 101.92
N MET NA 117 18.83 81.90 100.69
CA MET NA 117 17.43 82.19 100.42
C MET NA 117 16.52 81.24 101.18
N TYR NA 118 16.91 79.97 101.28
CA TYR NA 118 16.08 79.00 102.01
C TYR NA 118 16.14 79.23 103.50
N VAL NA 119 17.24 79.81 103.98
CA VAL NA 119 17.30 80.24 105.37
C VAL NA 119 16.40 81.43 105.57
N HIS NA 120 16.46 82.40 104.65
CA HIS NA 120 15.68 83.61 104.76
C HIS NA 120 14.18 83.35 104.67
N ALA NA 121 13.78 82.31 103.94
CA ALA NA 121 12.38 81.99 103.78
C ALA NA 121 11.73 81.53 105.08
N TYR NA 122 12.53 81.01 106.01
CA TYR NA 122 12.00 80.60 107.30
C TYR NA 122 11.99 81.71 108.33
N THR NA 123 12.21 82.95 107.92
CA THR NA 123 12.19 84.09 108.81
C THR NA 123 11.04 85.04 108.50
N LEU NA 124 10.01 84.55 107.83
CA LEU NA 124 8.88 85.37 107.42
C LEU NA 124 7.58 84.96 108.08
N TYR NA 125 7.34 83.67 108.21
CA TYR NA 125 6.02 83.16 108.49
C TYR NA 125 5.89 82.79 109.95
N SER NA 126 4.65 82.79 110.42
CA SER NA 126 4.35 82.32 111.76
C SER NA 126 4.24 80.81 111.84
N ALA NA 127 4.26 80.12 110.70
CA ALA NA 127 4.21 78.66 110.72
C ALA NA 127 5.54 78.07 111.18
N VAL NA 128 6.62 78.44 110.51
CA VAL NA 128 7.92 77.85 110.76
C VAL NA 128 8.74 78.77 111.64
N ARG NA 129 9.84 78.24 112.18
CA ARG NA 129 10.75 79.04 112.97
C ARG NA 129 12.05 79.27 112.21
N PRO NA 130 12.89 80.22 112.62
CA PRO NA 130 14.23 80.30 112.02
C PRO NA 130 15.09 79.13 112.43
N PHE NA 131 15.99 78.73 111.53
CA PHE NA 131 17.03 77.79 111.83
C PHE NA 131 17.96 78.33 112.91
N GLY NA 132 18.52 77.42 113.68
CA GLY NA 132 19.48 77.79 114.71
C GLY NA 132 20.88 77.37 114.34
N CYS NA 133 21.27 77.57 113.08
CA CYS NA 133 22.57 77.13 112.60
C CYS NA 133 23.35 78.28 111.99
N SER NA 134 24.66 78.07 111.92
CA SER NA 134 25.56 78.96 111.20
C SER NA 134 26.73 78.11 110.74
N PHE NA 135 27.30 78.44 109.58
CA PHE NA 135 28.26 77.55 108.96
C PHE NA 135 29.12 78.26 107.94
N MET NA 136 30.13 77.53 107.48
CA MET NA 136 31.17 78.03 106.59
C MET NA 136 31.09 77.22 105.31
N LEU NA 137 31.34 77.87 104.18
CA LEU NA 137 31.41 77.18 102.90
C LEU NA 137 32.81 77.40 102.33
N GLY NA 138 33.52 76.31 102.10
CA GLY NA 138 34.86 76.40 101.57
C GLY NA 138 35.04 75.63 100.28
N SER NA 139 35.64 76.25 99.28
CA SER NA 139 35.91 75.58 98.02
C SER NA 139 37.29 75.92 97.50
N TYR NA 140 37.60 75.31 96.36
CA TYR NA 140 38.80 75.62 95.60
C TYR NA 140 38.56 75.28 94.16
N SER NA 141 39.03 76.13 93.26
CA SER NA 141 38.96 75.84 91.84
C SER NA 141 40.11 76.53 91.13
N VAL NA 142 40.64 75.87 90.11
CA VAL NA 142 41.78 76.43 89.38
C VAL NA 142 41.37 77.59 88.48
N ASN NA 143 40.09 77.75 88.22
CA ASN NA 143 39.60 78.92 87.51
C ASN NA 143 39.22 80.06 88.44
N ASP NA 144 38.97 79.78 89.72
CA ASP NA 144 38.42 80.79 90.61
C ASP NA 144 39.18 80.95 91.91
N GLY NA 145 40.22 80.16 92.15
CA GLY NA 145 40.89 80.23 93.42
C GLY NA 145 40.09 79.51 94.49
N ALA NA 146 40.35 79.90 95.73
CA ALA NA 146 39.56 79.44 96.87
C ALA NA 146 38.63 80.56 97.30
N GLN NA 147 37.46 80.21 97.81
CA GLN NA 147 36.55 81.17 98.41
C GLN NA 147 36.04 80.66 99.74
N LEU NA 148 35.71 81.58 100.63
CA LEU NA 148 35.21 81.23 101.96
C LEU NA 148 34.01 82.09 102.29
N TYR NA 149 32.91 81.44 102.66
CA TYR NA 149 31.64 82.09 102.90
C TYR NA 149 31.12 81.74 104.28
N MET NA 150 30.05 82.42 104.69
CA MET NA 150 29.61 82.44 106.07
C MET NA 150 28.14 82.86 106.17
N ILE NA 151 27.31 81.96 106.67
CA ILE NA 151 25.87 82.19 106.75
C ILE NA 151 25.47 82.27 108.21
N ASP NA 152 24.67 83.28 108.55
CA ASP NA 152 24.05 83.46 109.85
C ASP NA 152 22.61 82.94 109.83
N PRO NA 153 21.92 82.84 110.98
CA PRO NA 153 20.50 82.43 110.92
C PRO NA 153 19.58 83.43 110.26
N SER NA 154 19.99 84.69 110.08
CA SER NA 154 19.12 85.63 109.39
C SER NA 154 19.18 85.36 107.89
N GLY NA 155 20.38 85.17 107.37
CA GLY NA 155 20.53 84.88 105.95
C GLY NA 155 21.56 85.77 105.30
N VAL NA 156 22.20 86.61 106.11
CA VAL NA 156 23.22 87.53 105.63
C VAL NA 156 24.48 86.74 105.34
N SER NA 157 24.85 86.64 104.07
CA SER NA 157 25.91 85.74 103.66
C SER NA 157 26.89 86.47 102.74
N TYR NA 158 28.15 86.57 103.17
CA TYR NA 158 29.20 87.06 102.30
C TYR NA 158 30.60 86.61 102.69
N GLY NA 159 31.61 87.20 102.04
CA GLY NA 159 32.93 86.64 102.01
C GLY NA 159 33.83 87.04 103.15
N TYR NA 160 34.74 86.15 103.49
CA TYR NA 160 35.68 86.35 104.58
C TYR NA 160 37.03 85.81 104.15
N TRP NA 161 38.05 86.20 104.91
CA TRP NA 161 39.27 85.41 104.90
C TRP NA 161 39.35 84.48 106.10
N GLY NA 162 39.07 85.00 107.29
CA GLY NA 162 39.02 84.17 108.47
C GLY NA 162 37.82 84.50 109.31
N CYS NA 163 37.00 83.50 109.62
CA CYS NA 163 35.87 83.69 110.51
C CYS NA 163 35.87 82.63 111.60
N ALA NA 164 34.95 82.77 112.55
CA ALA NA 164 34.92 81.90 113.73
C ALA NA 164 33.51 81.89 114.27
N ILE NA 165 33.01 80.69 114.54
CA ILE NA 165 31.63 80.49 114.95
C ILE NA 165 31.65 79.80 116.30
N GLY NA 166 30.86 80.30 117.24
CA GLY NA 166 30.69 79.63 118.51
C GLY NA 166 30.81 80.59 119.67
N LYS NA 167 31.14 80.04 120.84
CA LYS NA 167 31.36 80.87 122.01
C LYS NA 167 32.57 81.76 121.82
N ALA NA 168 33.68 81.20 121.34
CA ALA NA 168 34.88 81.99 121.12
C ALA NA 168 34.82 82.61 119.72
N ARG NA 169 34.08 83.71 119.65
CA ARG NA 169 33.93 84.39 118.37
C ARG NA 169 34.85 85.58 118.25
N GLN NA 170 34.69 86.57 119.13
CA GLN NA 170 35.59 87.71 119.13
C GLN NA 170 36.93 87.37 119.72
N ALA NA 171 37.00 86.36 120.57
CA ALA NA 171 38.25 85.98 121.20
C ALA NA 171 39.14 85.18 120.27
N ALA NA 172 38.58 84.55 119.24
CA ALA NA 172 39.37 83.77 118.32
C ALA NA 172 39.85 84.56 117.11
N LYS NA 173 39.04 85.46 116.59
CA LYS NA 173 39.43 86.27 115.44
C LYS NA 173 40.29 87.46 115.85
N THR NA 174 40.58 87.59 117.14
CA THR NA 174 41.57 88.55 117.59
C THR NA 174 42.95 88.17 117.05
N GLU NA 175 43.29 86.90 117.08
CA GLU NA 175 44.61 86.44 116.68
C GLU NA 175 44.62 85.76 115.32
N ILE NA 176 43.48 85.62 114.66
CA ILE NA 176 43.51 85.20 113.27
C ILE NA 176 44.12 86.28 112.40
N GLU NA 177 43.70 87.53 112.63
CA GLU NA 177 44.18 88.66 111.87
C GLU NA 177 45.62 89.02 112.17
N LYS NA 178 46.21 88.46 113.22
CA LYS NA 178 47.63 88.65 113.45
C LYS NA 178 48.49 87.94 112.42
N LEU NA 179 47.95 86.91 111.77
CA LEU NA 179 48.73 86.14 110.82
C LEU NA 179 48.76 86.84 109.47
N GLN NA 180 49.38 86.19 108.51
CA GLN NA 180 49.29 86.58 107.11
C GLN NA 180 48.35 85.61 106.40
N MET NA 181 47.95 85.97 105.20
CA MET NA 181 46.96 85.16 104.50
C MET NA 181 47.45 84.82 103.10
N LYS NA 182 48.20 85.73 102.49
CA LYS NA 182 48.67 85.52 101.13
C LYS NA 182 50.01 84.81 101.09
N GLU NA 183 50.82 84.99 102.12
CA GLU NA 183 52.18 84.47 102.16
C GLU NA 183 52.23 83.13 102.89
N MET NA 184 51.16 82.37 102.81
CA MET NA 184 51.03 81.15 103.57
C MET NA 184 50.68 80.00 102.65
N THR NA 185 51.43 78.91 102.74
CA THR NA 185 50.93 77.64 102.26
C THR NA 185 49.92 77.11 103.27
N CYS NA 186 48.93 76.38 102.77
CA CYS NA 186 47.91 75.85 103.66
C CYS NA 186 48.44 74.75 104.58
N ARG NA 187 49.52 74.07 104.19
CA ARG NA 187 50.14 73.10 105.07
C ARG NA 187 50.74 73.77 106.30
N ASP NA 188 51.26 74.99 106.13
CA ASP NA 188 51.65 75.80 107.27
C ASP NA 188 50.44 76.27 108.08
N ILE NA 189 49.33 76.53 107.39
CA ILE NA 189 48.12 77.03 108.03
C ILE NA 189 47.48 75.95 108.90
N VAL NA 190 47.68 74.67 108.55
CA VAL NA 190 47.09 73.56 109.28
C VAL NA 190 47.57 73.54 110.73
N LYS NA 191 48.87 73.70 110.95
CA LYS NA 191 49.34 73.76 112.31
C LYS NA 191 49.08 75.12 112.93
N GLU NA 192 48.80 76.14 112.12
CA GLU NA 192 48.44 77.43 112.67
C GLU NA 192 47.01 77.44 113.16
N VAL NA 193 46.15 76.63 112.54
CA VAL NA 193 44.78 76.46 113.04
C VAL NA 193 44.80 75.79 114.40
N ALA NA 194 45.64 74.77 114.56
CA ALA NA 194 45.55 73.88 115.70
C ALA NA 194 45.99 74.58 116.98
N LYS NA 195 46.85 75.58 116.87
CA LYS NA 195 47.22 76.29 118.08
C LYS NA 195 46.07 77.17 118.58
N ILE NA 196 45.25 77.69 117.67
CA ILE NA 196 44.20 78.63 118.06
C ILE NA 196 43.08 77.89 118.77
N ILE NA 197 42.76 76.69 118.31
CA ILE NA 197 41.88 75.80 119.04
C ILE NA 197 42.50 75.44 120.38
N TYR NA 198 43.81 75.22 120.39
CA TYR NA 198 44.48 74.88 121.64
C TYR NA 198 44.63 76.10 122.54
N ILE NA 199 44.79 77.29 121.96
CA ILE NA 199 44.87 78.51 122.76
C ILE NA 199 43.55 78.78 123.44
N VAL NA 200 42.46 78.79 122.68
CA VAL NA 200 41.19 79.18 123.27
C VAL NA 200 40.54 77.95 123.90
N HIS NA 201 39.52 78.20 124.73
CA HIS NA 201 38.84 77.19 125.55
C HIS NA 201 39.79 76.44 126.47
N ASP NA 202 40.24 77.11 127.53
CA ASP NA 202 40.88 76.41 128.63
C ASP NA 202 39.96 75.34 129.18
N GLU NA 203 40.56 74.21 129.59
CA GLU NA 203 39.82 73.07 130.08
C GLU NA 203 39.46 73.31 131.55
N VAL NA 204 38.53 74.22 131.77
CA VAL NA 204 38.01 74.50 133.10
C VAL NA 204 36.60 73.93 133.14
N LYS NA 205 35.84 74.18 132.08
CA LYS NA 205 34.53 73.58 131.92
C LYS NA 205 34.58 72.18 131.32
N ASP NA 206 35.39 71.96 130.29
CA ASP NA 206 35.41 70.71 129.56
C ASP NA 206 36.83 70.20 129.44
N LYS NA 207 37.11 69.06 130.06
CA LYS NA 207 38.43 68.47 130.04
C LYS NA 207 38.78 67.93 128.66
N ALA NA 208 37.94 67.03 128.16
CA ALA NA 208 38.26 66.38 126.89
C ALA NA 208 37.68 67.18 125.74
N PHE NA 209 38.48 67.34 124.69
CA PHE NA 209 38.00 67.92 123.46
C PHE NA 209 38.80 67.33 122.31
N GLU NA 210 38.15 67.14 121.18
CA GLU NA 210 38.80 66.64 119.98
C GLU NA 210 39.23 67.81 119.10
N LEU NA 211 39.86 67.48 118.00
CA LEU NA 211 40.27 68.47 117.01
C LEU NA 211 40.17 67.82 115.64
N GLU NA 212 39.11 68.15 114.91
CA GLU NA 212 38.91 67.66 113.55
C GLU NA 212 39.28 68.74 112.56
N LEU NA 213 40.15 68.40 111.63
CA LEU NA 213 40.61 69.34 110.62
C LEU NA 213 40.28 68.82 109.25
N SER NA 214 39.79 69.71 108.40
CA SER NA 214 39.47 69.36 107.02
C SER NA 214 40.10 70.40 106.13
N TRP NA 215 40.30 70.05 104.86
CA TRP NA 215 41.34 70.70 104.09
C TRP NA 215 41.08 70.47 102.60
N VAL NA 216 40.70 71.53 101.91
CA VAL NA 216 40.51 71.49 100.46
C VAL NA 216 41.40 72.56 99.86
N GLY NA 217 42.01 72.24 98.73
CA GLY NA 217 42.81 73.23 98.07
C GLY NA 217 43.56 72.69 96.87
N GLU NA 218 44.72 73.26 96.62
CA GLU NA 218 45.50 72.89 95.45
C GLU NA 218 46.10 71.52 95.59
N LEU NA 219 46.54 71.17 96.80
CA LEU NA 219 47.23 69.90 97.00
C LEU NA 219 46.26 68.74 96.95
N THR NA 220 45.00 68.97 97.29
CA THR NA 220 44.00 67.93 97.22
C THR NA 220 43.24 67.95 95.90
N ASN NA 221 43.75 68.69 94.91
CA ASN NA 221 43.23 68.74 93.54
C ASN NA 221 41.79 69.23 93.47
N GLY NA 222 41.38 70.05 94.43
CA GLY NA 222 40.03 70.51 94.49
C GLY NA 222 39.08 69.59 95.22
N ARG NA 223 39.40 68.30 95.34
CA ARG NA 223 38.57 67.40 96.11
C ARG NA 223 38.68 67.75 97.59
N HIS NA 224 37.54 67.79 98.26
CA HIS NA 224 37.51 68.09 99.68
C HIS NA 224 37.60 66.79 100.45
N GLU NA 225 38.50 66.72 101.42
CA GLU NA 225 38.52 65.60 102.33
C GLU NA 225 39.11 66.05 103.66
N ILE NA 226 39.01 65.16 104.64
CA ILE NA 226 39.57 65.38 105.96
C ILE NA 226 41.10 65.35 105.85
N VAL NA 227 41.79 65.96 106.80
CA VAL NA 227 43.26 65.89 106.81
C VAL NA 227 43.64 64.44 107.13
N PRO NA 228 44.82 63.99 106.74
CA PRO NA 228 45.33 62.74 107.30
C PRO NA 228 45.62 62.99 108.77
N LYS NA 229 44.73 62.46 109.62
CA LYS NA 229 44.69 62.88 111.02
C LYS NA 229 45.62 62.06 111.88
N ASP NA 230 45.38 60.75 111.96
CA ASP NA 230 46.31 59.84 112.61
C ASP NA 230 47.63 59.78 111.89
N ILE NA 231 47.61 60.03 110.58
CA ILE NA 231 48.84 60.13 109.83
C ILE NA 231 49.53 61.45 110.18
N ARG NA 232 50.80 61.32 110.57
CA ARG NA 232 51.80 62.38 110.69
C ARG NA 232 51.57 63.33 111.85
N GLU NA 233 50.32 63.49 112.30
CA GLU NA 233 49.79 64.11 113.52
C GLU NA 233 50.61 65.31 114.02
N GLU NA 234 50.98 66.21 113.11
CA GLU NA 234 51.91 67.27 113.45
C GLU NA 234 51.24 68.47 114.07
N ALA NA 235 49.92 68.51 114.06
CA ALA NA 235 49.20 69.66 114.58
C ALA NA 235 49.30 69.73 116.09
N GLU NA 236 48.87 68.67 116.78
CA GLU NA 236 48.76 68.68 118.23
C GLU NA 236 50.13 68.65 118.88
N LYS NA 237 51.09 68.00 118.24
CA LYS NA 237 52.48 68.03 118.71
C LYS NA 237 53.03 69.43 118.67
N TYR NA 238 52.70 70.19 117.64
CA TYR NA 238 53.08 71.59 117.56
C TYR NA 238 52.19 72.48 118.40
N ALA NA 239 50.92 72.08 118.60
CA ALA NA 239 50.00 72.93 119.33
C ALA NA 239 50.33 73.00 120.81
N LYS NA 240 50.76 71.90 121.42
CA LYS NA 240 51.05 71.87 122.85
C LYS NA 240 52.45 72.37 123.17
N GLU NA 241 53.08 73.08 122.24
CA GLU NA 241 54.36 73.73 122.45
C GLU NA 241 54.18 75.13 123.04
N SER NA 242 52.98 75.47 123.49
CA SER NA 242 52.64 76.82 123.89
C SER NA 242 52.23 76.84 125.35
N LEU NA 243 52.99 76.16 126.19
CA LEU NA 243 52.68 76.02 127.60
C LEU NA 243 53.00 77.27 128.42
N LYS NA 244 53.76 78.20 127.85
CA LYS NA 244 54.09 79.44 128.54
C LYS NA 244 53.95 80.60 127.57
N THR OA 34 17.83 73.17 53.24
CA THR OA 34 18.41 73.64 54.49
C THR OA 34 19.75 72.97 54.70
N THR OA 35 20.79 73.78 54.84
CA THR OA 35 22.13 73.28 55.10
C THR OA 35 22.83 74.22 56.05
N ILE OA 36 23.31 73.69 57.16
CA ILE OA 36 24.02 74.50 58.15
C ILE OA 36 25.43 73.97 58.30
N MET OA 37 26.30 74.83 58.81
CA MET OA 37 27.74 74.66 58.71
C MET OA 37 28.40 75.36 59.89
N ALA OA 38 29.42 74.73 60.47
CA ALA OA 38 30.16 75.37 61.55
C ALA OA 38 31.56 74.79 61.59
N VAL OA 39 32.58 75.64 61.58
CA VAL OA 39 33.98 75.23 61.60
C VAL OA 39 34.69 76.07 62.65
N GLN OA 40 35.43 75.42 63.54
CA GLN OA 40 36.22 76.18 64.50
C GLN OA 40 37.64 76.35 63.97
N PHE OA 41 38.34 77.30 64.57
CA PHE OA 41 39.74 77.53 64.24
C PHE OA 41 40.48 78.01 65.49
N ASP OA 42 41.67 78.56 65.32
CA ASP OA 42 42.53 78.83 66.47
C ASP OA 42 41.99 79.98 67.32
N GLY OA 43 41.23 80.88 66.72
CA GLY OA 43 40.62 81.92 67.49
C GLY OA 43 39.23 81.49 67.90
N GLY OA 44 38.22 82.01 67.22
CA GLY OA 44 36.85 81.64 67.44
C GLY OA 44 36.37 80.61 66.45
N VAL OA 45 35.14 80.79 65.99
CA VAL OA 45 34.48 79.86 65.09
C VAL OA 45 33.95 80.64 63.90
N VAL OA 46 33.47 79.89 62.91
CA VAL OA 46 32.84 80.44 61.70
C VAL OA 46 31.56 79.67 61.44
N LEU OA 47 30.45 80.36 61.31
CA LEU OA 47 29.16 79.73 61.04
C LEU OA 47 28.69 80.07 59.64
N GLY OA 48 27.71 79.31 59.17
CA GLY OA 48 27.17 79.54 57.85
C GLY OA 48 25.94 78.72 57.54
N ALA OA 49 25.01 79.29 56.79
CA ALA OA 49 23.79 78.59 56.40
C ALA OA 49 23.24 79.18 55.12
N ASP OA 50 22.29 78.48 54.54
CA ASP OA 50 21.55 78.99 53.39
C ASP OA 50 20.36 79.82 53.89
N SER OA 51 19.43 80.13 53.02
CA SER OA 51 18.38 81.08 53.37
C SER OA 51 17.00 80.66 52.88
N ARG OA 52 16.89 79.44 52.36
CA ARG OA 52 15.71 79.03 51.59
C ARG OA 52 14.77 78.25 52.49
N THR OA 53 13.57 78.77 52.70
CA THR OA 53 12.55 78.08 53.46
C THR OA 53 11.46 77.57 52.53
N THR OA 54 11.24 76.26 52.54
CA THR OA 54 10.26 75.63 51.66
C THR OA 54 9.07 75.15 52.46
N THR OA 55 7.92 75.05 51.80
CA THR OA 55 6.74 74.42 52.39
C THR OA 55 6.40 73.12 51.67
N GLY OA 56 7.35 72.58 50.91
CA GLY OA 56 7.27 71.24 50.37
C GLY OA 56 7.58 71.19 48.89
N SER OA 57 7.02 72.12 48.14
CA SER OA 57 7.55 72.39 46.82
C SER OA 57 7.51 73.87 46.50
N TYR OA 58 7.08 74.71 47.42
CA TYR OA 58 6.96 76.14 47.21
C TYR OA 58 7.86 76.87 48.18
N ILE OA 59 8.51 77.91 47.69
CA ILE OA 59 9.43 78.69 48.51
C ILE OA 59 8.57 79.68 49.28
N ALA OA 60 8.43 79.47 50.58
CA ALA OA 60 7.70 80.45 51.36
C ALA OA 60 8.56 81.66 51.68
N ASN OA 61 9.88 81.53 51.59
CA ASN OA 61 10.76 82.62 51.95
C ASN OA 61 12.09 82.41 51.25
N ARG OA 62 12.49 83.42 50.46
CA ARG OA 62 13.74 83.37 49.71
C ARG OA 62 14.93 83.49 50.65
N VAL OA 63 14.81 84.38 51.63
CA VAL OA 63 15.90 84.78 52.48
C VAL OA 63 15.48 84.61 53.94
N THR OA 64 16.27 83.85 54.69
CA THR OA 64 15.90 83.51 56.04
C THR OA 64 17.13 83.56 56.93
N ASP OA 65 17.01 84.22 58.08
CA ASP OA 65 18.03 84.12 59.12
C ASP OA 65 17.90 82.79 59.81
N LYS OA 66 18.60 81.78 59.29
CA LYS OA 66 18.65 80.49 59.96
C LYS OA 66 19.38 80.56 61.29
N LEU OA 67 20.33 81.48 61.41
CA LEU OA 67 21.16 81.56 62.60
C LEU OA 67 20.63 82.63 63.54
N THR OA 68 20.88 82.42 64.83
CA THR OA 68 20.18 83.18 65.87
C THR OA 68 21.13 83.61 66.97
N PRO OA 69 21.22 84.88 67.27
CA PRO OA 69 21.99 85.31 68.44
C PRO OA 69 21.31 84.96 69.75
N ILE OA 70 21.88 84.02 70.49
CA ILE OA 70 21.42 83.77 71.86
C ILE OA 70 22.07 84.81 72.76
N HIS OA 71 23.38 84.80 72.80
CA HIS OA 71 24.17 85.71 73.61
C HIS OA 71 25.16 86.40 72.68
N ASP OA 72 25.95 87.32 73.23
CA ASP OA 72 26.83 88.16 72.41
C ASP OA 72 27.99 87.39 71.80
N ARG OA 73 28.30 86.20 72.30
CA ARG OA 73 29.38 85.42 71.75
C ARG OA 73 28.93 84.03 71.33
N ILE OA 74 27.65 83.72 71.49
CA ILE OA 74 27.13 82.38 71.27
C ILE OA 74 25.99 82.47 70.29
N PHE OA 75 26.14 81.82 69.13
CA PHE OA 75 25.04 81.68 68.21
C PHE OA 75 24.56 80.24 68.17
N CYS OA 76 23.49 80.01 67.43
CA CYS OA 76 23.11 78.68 67.01
C CYS OA 76 22.72 78.79 65.55
N CYS OA 77 22.45 77.65 64.92
CA CYS OA 77 21.91 77.66 63.58
C CYS OA 77 20.98 76.46 63.47
N ARG OA 78 19.72 76.75 63.20
CA ARG OA 78 18.64 75.83 63.47
C ARG OA 78 18.21 75.13 62.19
N SER OA 79 17.68 73.92 62.34
CA SER OA 79 17.27 73.11 61.21
C SER OA 79 16.17 72.17 61.64
N GLY OA 80 15.49 71.61 60.65
CA GLY OA 80 14.37 70.72 60.91
C GLY OA 80 13.07 71.46 60.76
N SER OA 81 12.32 71.59 61.85
CA SER OA 81 11.05 72.29 61.79
C SER OA 81 11.32 73.79 61.90
N ALA OA 82 10.28 74.61 61.78
CA ALA OA 82 10.47 76.04 61.83
C ALA OA 82 9.82 76.59 63.09
N ALA OA 83 8.59 76.15 63.36
CA ALA OA 83 7.90 76.59 64.57
C ALA OA 83 8.57 76.01 65.81
N ASP OA 84 9.14 74.81 65.70
CA ASP OA 84 9.75 74.19 66.86
C ASP OA 84 11.06 74.86 67.22
N THR OA 85 11.92 75.09 66.23
CA THR OA 85 13.25 75.60 66.51
C THR OA 85 13.21 77.06 66.93
N GLN OA 86 12.22 77.81 66.45
CA GLN OA 86 12.06 79.17 66.94
C GLN OA 86 11.55 79.17 68.38
N ALA OA 87 10.79 78.14 68.75
CA ALA OA 87 10.27 78.07 70.11
C ALA OA 87 11.38 77.73 71.11
N VAL OA 88 12.26 76.82 70.73
CA VAL OA 88 13.32 76.39 71.63
C VAL OA 88 14.35 77.48 71.80
N ALA OA 89 14.69 78.17 70.70
CA ALA OA 89 15.76 79.16 70.74
C ALA OA 89 15.37 80.39 71.53
N ASP OA 90 14.08 80.63 71.70
CA ASP OA 90 13.67 81.72 72.56
C ASP OA 90 13.79 81.35 74.02
N ALA OA 91 13.43 80.11 74.37
CA ALA OA 91 13.44 79.69 75.76
C ALA OA 91 14.86 79.53 76.28
N VAL OA 92 15.77 79.08 75.43
CA VAL OA 92 17.16 78.97 75.81
C VAL OA 92 17.76 80.35 75.98
N THR OA 93 17.36 81.29 75.12
CA THR OA 93 17.84 82.67 75.25
C THR OA 93 17.30 83.30 76.53
N TYR OA 94 16.08 82.92 76.92
CA TYR OA 94 15.51 83.36 78.19
C TYR OA 94 16.27 82.79 79.37
N GLN OA 95 16.56 81.51 79.36
CA GLN OA 95 17.17 80.89 80.54
C GLN OA 95 18.64 81.23 80.67
N LEU OA 96 19.34 81.31 79.54
CA LEU OA 96 20.76 81.67 79.60
C LEU OA 96 20.92 83.14 79.94
N GLY OA 97 19.96 83.97 79.54
CA GLY OA 97 20.04 85.38 79.86
C GLY OA 97 19.86 85.65 81.33
N PHE OA 98 18.91 84.95 81.95
CA PHE OA 98 18.70 85.08 83.39
C PHE OA 98 19.88 84.51 84.18
N HIS OA 99 20.45 83.43 83.69
CA HIS OA 99 21.51 82.75 84.41
C HIS OA 99 22.80 83.55 84.42
N SER OA 100 23.07 84.28 83.34
CA SER OA 100 24.32 85.00 83.23
C SER OA 100 24.32 86.30 83.99
N ILE OA 101 23.16 86.97 84.07
CA ILE OA 101 23.04 88.18 84.86
C ILE OA 101 23.23 87.86 86.33
N GLU OA 102 22.61 86.77 86.78
CA GLU OA 102 22.74 86.34 88.16
C GLU OA 102 24.16 85.95 88.50
N LEU OA 103 24.88 85.33 87.58
CA LEU OA 103 26.24 84.92 87.84
C LEU OA 103 27.24 86.04 87.53
N ASN OA 104 26.78 87.06 86.79
CA ASN OA 104 27.49 88.33 86.55
C ASN OA 104 28.80 88.11 85.80
N GLU OA 105 28.79 87.14 84.89
CA GLU OA 105 29.91 86.82 84.04
C GLU OA 105 29.38 86.42 82.67
N PRO OA 106 30.19 86.53 81.63
CA PRO OA 106 29.84 85.93 80.34
C PRO OA 106 29.80 84.42 80.45
N PRO OA 107 28.77 83.77 79.90
CA PRO OA 107 28.58 82.35 80.17
C PRO OA 107 29.47 81.46 79.33
N LEU OA 108 29.30 80.15 79.47
CA LEU OA 108 30.08 79.18 78.74
C LEU OA 108 29.29 78.66 77.57
N VAL OA 109 29.99 78.32 76.49
CA VAL OA 109 29.33 77.76 75.33
C VAL OA 109 28.85 76.36 75.65
N HIS OA 110 29.58 75.63 76.48
CA HIS OA 110 29.13 74.31 76.89
C HIS OA 110 27.91 74.38 77.79
N THR OA 111 27.74 75.49 78.51
CA THR OA 111 26.55 75.65 79.32
C THR OA 111 25.32 75.84 78.44
N ALA OA 112 25.46 76.60 77.36
CA ALA OA 112 24.35 76.82 76.44
C ALA OA 112 24.04 75.56 75.64
N ALA OA 113 25.05 74.73 75.40
CA ALA OA 113 24.81 73.49 74.68
C ALA OA 113 24.07 72.49 75.55
N SER OA 114 24.22 72.61 76.88
CA SER OA 114 23.50 71.72 77.78
C SER OA 114 22.02 72.03 77.78
N LEU OA 115 21.66 73.30 77.60
CA LEU OA 115 20.26 73.69 77.73
C LEU OA 115 19.44 73.24 76.53
N PHE OA 116 20.06 73.24 75.34
CA PHE OA 116 19.39 72.64 74.18
C PHE OA 116 19.24 71.15 74.35
N LYS OA 117 20.17 70.51 75.04
CA LYS OA 117 20.11 69.06 75.23
C LYS OA 117 18.96 68.69 76.14
N GLU OA 118 18.74 69.47 77.19
CA GLU OA 118 17.74 69.12 78.19
C GLU OA 118 16.33 69.26 77.64
N MET OA 119 16.12 70.22 76.74
CA MET OA 119 14.78 70.37 76.18
C MET OA 119 14.53 69.36 75.07
N CYS OA 120 15.51 69.16 74.20
CA CYS OA 120 15.31 68.29 73.06
C CYS OA 120 15.30 66.82 73.45
N TYR OA 121 15.89 66.47 74.59
CA TYR OA 121 15.77 65.09 75.04
C TYR OA 121 14.45 64.85 75.75
N ARG OA 122 13.99 65.84 76.50
CA ARG OA 122 12.74 65.69 77.24
C ARG OA 122 11.56 65.66 76.30
N TYR OA 123 11.60 66.42 75.22
CA TYR OA 123 10.48 66.49 74.31
C TYR OA 123 10.89 65.93 72.96
N ARG OA 124 11.65 64.84 72.96
CA ARG OA 124 12.10 64.21 71.73
C ARG OA 124 10.96 63.57 70.96
N GLU OA 125 9.84 63.31 71.62
CA GLU OA 125 8.65 62.82 70.95
C GLU OA 125 7.85 63.91 70.28
N ASP OA 126 8.19 65.17 70.52
CA ASP OA 126 7.37 66.29 70.06
C ASP OA 126 8.16 67.33 69.30
N LEU OA 127 9.47 67.16 69.15
CA LEU OA 127 10.31 68.15 68.50
C LEU OA 127 11.13 67.47 67.41
N MET OA 128 11.15 68.08 66.24
CA MET OA 128 12.03 67.68 65.15
C MET OA 128 12.98 68.83 64.92
N ALA OA 129 14.08 68.83 65.67
CA ALA OA 129 15.01 69.94 65.67
C ALA OA 129 16.44 69.43 65.57
N GLY OA 130 17.21 70.07 64.71
CA GLY OA 130 18.63 69.81 64.63
C GLY OA 130 19.40 71.10 64.82
N ILE OA 131 20.15 71.19 65.91
CA ILE OA 131 20.78 72.45 66.28
C ILE OA 131 22.29 72.25 66.29
N ILE OA 132 23.01 73.21 65.72
CA ILE OA 132 24.45 73.31 65.91
C ILE OA 132 24.70 74.58 66.70
N ILE OA 133 25.27 74.43 67.89
CA ILE OA 133 25.67 75.56 68.71
C ILE OA 133 27.16 75.77 68.52
N ALA OA 134 27.54 77.01 68.25
CA ALA OA 134 28.96 77.33 68.08
C ALA OA 134 29.16 78.75 68.59
N GLY OA 135 30.17 78.94 69.42
CA GLY OA 135 30.47 80.27 69.92
C GLY OA 135 31.82 80.35 70.56
N TRP OA 136 32.30 81.57 70.72
CA TRP OA 136 33.57 81.80 71.39
C TRP OA 136 33.34 81.89 72.89
N ASP OA 137 34.31 81.41 73.65
CA ASP OA 137 34.24 81.46 75.10
C ASP OA 137 35.58 81.92 75.66
N PRO OA 138 35.57 82.72 76.73
CA PRO OA 138 36.84 83.21 77.29
C PRO OA 138 37.64 82.13 77.97
N GLN OA 139 36.99 81.08 78.45
CA GLN OA 139 37.70 80.05 79.20
C GLN OA 139 38.38 79.09 78.23
N GLU OA 140 37.67 78.71 77.16
CA GLU OA 140 38.11 77.62 76.30
C GLU OA 140 38.10 77.98 74.82
N GLY OA 141 38.20 79.25 74.48
CA GLY OA 141 38.31 79.64 73.08
C GLY OA 141 37.06 79.43 72.26
N GLY OA 142 37.20 78.73 71.13
CA GLY OA 142 36.09 78.51 70.23
C GLY OA 142 35.65 77.06 70.25
N GLN OA 143 34.34 76.84 70.27
CA GLN OA 143 33.76 75.53 70.45
C GLN OA 143 32.61 75.34 69.47
N VAL OA 144 32.41 74.10 69.03
CA VAL OA 144 31.29 73.75 68.14
C VAL OA 144 30.64 72.49 68.71
N TYR OA 145 29.33 72.55 68.94
CA TYR OA 145 28.58 71.40 69.42
C TYR OA 145 27.50 71.02 68.43
N SER OA 146 26.98 69.81 68.58
CA SER OA 146 25.99 69.27 67.66
C SER OA 146 24.90 68.61 68.48
N VAL OA 147 23.68 69.11 68.35
CA VAL OA 147 22.54 68.48 69.01
C VAL OA 147 21.59 68.00 67.93
N PRO OA 148 21.71 66.77 67.48
CA PRO OA 148 20.79 66.26 66.47
C PRO OA 148 19.44 65.89 67.04
N MET OA 149 18.58 65.31 66.20
CA MET OA 149 17.17 65.14 66.54
C MET OA 149 16.90 64.15 67.66
N GLY OA 150 17.87 63.32 68.01
CA GLY OA 150 17.67 62.45 69.16
C GLY OA 150 17.75 63.19 70.47
N GLY OA 151 18.69 64.13 70.56
CA GLY OA 151 18.87 64.87 71.77
C GLY OA 151 20.18 64.57 72.46
N MET OA 152 21.17 64.13 71.70
CA MET OA 152 22.51 63.94 72.22
C MET OA 152 23.34 65.19 71.97
N MET OA 153 24.57 65.17 72.44
CA MET OA 153 25.44 66.35 72.37
C MET OA 153 26.87 65.89 72.24
N VAL OA 154 27.60 66.49 71.31
CA VAL OA 154 28.99 66.08 71.05
C VAL OA 154 29.76 67.27 70.50
N ARG OA 155 30.96 67.49 71.02
CA ARG OA 155 31.84 68.56 70.53
C ARG OA 155 32.56 68.06 69.29
N GLN OA 156 32.66 68.90 68.28
CA GLN OA 156 33.37 68.55 67.06
C GLN OA 156 34.24 69.72 66.61
N SER OA 157 35.18 69.42 65.72
CA SER OA 157 35.99 70.46 65.12
C SER OA 157 35.19 71.20 64.05
N PHE OA 158 34.58 70.45 63.14
CA PHE OA 158 33.60 70.99 62.21
C PHE OA 158 32.33 70.16 62.32
N ALA OA 159 31.20 70.77 61.99
CA ALA OA 159 29.91 70.13 62.15
C ALA OA 159 28.96 70.65 61.09
N ILE OA 160 28.27 69.75 60.40
CA ILE OA 160 27.30 70.13 59.39
C ILE OA 160 25.97 69.48 59.74
N GLY OA 161 24.91 69.99 59.13
CA GLY OA 161 23.59 69.48 59.39
C GLY OA 161 22.60 70.01 58.39
N GLY OA 162 21.40 69.45 58.44
CA GLY OA 162 20.34 69.86 57.55
C GLY OA 162 20.07 68.83 56.47
N SER OA 163 19.08 69.15 55.66
CA SER OA 163 18.62 68.26 54.60
C SER OA 163 19.57 68.21 53.42
N GLY OA 164 20.41 69.21 53.25
CA GLY OA 164 21.30 69.22 52.12
C GLY OA 164 22.70 68.83 52.52
N SER OA 165 22.88 68.50 53.80
CA SER OA 165 24.20 68.20 54.31
C SER OA 165 24.69 66.81 53.92
N SER OA 166 23.83 65.98 53.36
CA SER OA 166 24.24 64.64 52.96
C SER OA 166 25.04 64.64 51.67
N TYR OA 167 25.13 65.77 50.98
CA TYR OA 167 25.72 65.82 49.66
C TYR OA 167 27.15 66.32 49.69
N ILE OA 168 27.65 66.69 50.86
CA ILE OA 168 28.96 67.32 50.97
C ILE OA 168 29.81 66.60 52.00
N TYR OA 169 29.41 65.38 52.35
CA TYR OA 169 30.21 64.56 53.25
C TYR OA 169 31.58 64.25 52.65
N GLY OA 170 31.62 63.87 51.39
CA GLY OA 170 32.88 63.54 50.77
C GLY OA 170 33.77 64.75 50.56
N TYR OA 171 33.16 65.89 50.25
CA TYR OA 171 33.95 67.09 50.05
C TYR OA 171 34.54 67.61 51.34
N VAL OA 172 33.77 67.58 52.42
CA VAL OA 172 34.24 68.15 53.68
C VAL OA 172 35.30 67.27 54.33
N ASP OA 173 35.38 65.99 53.96
CA ASP OA 173 36.37 65.10 54.53
C ASP OA 173 37.70 65.16 53.82
N ALA OA 174 37.71 65.48 52.53
CA ALA OA 174 38.95 65.58 51.79
C ALA OA 174 39.51 66.98 51.76
N THR OA 175 38.76 67.98 52.19
CA THR OA 175 39.19 69.35 52.11
C THR OA 175 39.58 69.92 53.47
N TYR OA 176 39.00 69.40 54.55
CA TYR OA 176 39.33 69.89 55.87
C TYR OA 176 40.75 69.50 56.25
N ARG OA 177 41.50 70.49 56.74
CA ARG OA 177 42.86 70.31 57.18
C ARG OA 177 43.02 71.04 58.49
N GLU OA 178 43.72 70.43 59.43
CA GLU OA 178 43.77 70.95 60.79
C GLU OA 178 44.77 72.09 60.88
N GLY OA 179 44.33 73.24 61.39
CA GLY OA 179 45.20 74.36 61.63
C GLY OA 179 44.97 75.53 60.70
N MET OA 180 43.73 75.70 60.26
CA MET OA 180 43.39 76.74 59.30
C MET OA 180 43.36 78.10 59.99
N THR OA 181 43.49 79.14 59.17
CA THR OA 181 43.31 80.50 59.67
C THR OA 181 41.84 80.85 59.59
N LYS OA 182 41.49 82.11 59.85
CA LYS OA 182 40.10 82.52 59.74
C LYS OA 182 39.65 82.61 58.29
N GLU OA 183 40.46 83.22 57.43
CA GLU OA 183 40.05 83.46 56.05
C GLU OA 183 40.00 82.17 55.26
N GLU OA 184 40.79 81.17 55.67
CA GLU OA 184 40.68 79.86 55.06
C GLU OA 184 39.35 79.21 55.41
N CYS OA 185 38.89 79.41 56.65
CA CYS OA 185 37.61 78.83 57.05
C CYS OA 185 36.45 79.53 56.37
N LEU OA 186 36.55 80.85 56.17
CA LEU OA 186 35.53 81.56 55.41
C LEU OA 186 35.46 81.09 53.97
N GLN OA 187 36.62 80.81 53.38
CA GLN OA 187 36.61 80.27 52.04
C GLN OA 187 36.15 78.81 52.05
N PHE OA 188 36.42 78.10 53.15
CA PHE OA 188 36.06 76.70 53.23
C PHE OA 188 34.55 76.52 53.33
N THR OA 189 33.89 77.28 54.19
CA THR OA 189 32.45 77.15 54.34
C THR OA 189 31.70 77.73 53.16
N ALA OA 190 32.33 78.67 52.44
CA ALA OA 190 31.66 79.25 51.28
C ALA OA 190 31.57 78.24 50.15
N ASN OA 191 32.62 77.46 49.92
CA ASN OA 191 32.57 76.45 48.88
C ASN OA 191 31.67 75.29 49.30
N ALA OA 192 31.62 75.00 50.60
CA ALA OA 192 30.85 73.85 51.06
C ALA OA 192 29.36 74.10 50.95
N LEU OA 193 28.92 75.32 51.27
CA LEU OA 193 27.50 75.62 51.15
C LEU OA 193 27.09 75.80 49.69
N ALA OA 194 28.02 76.25 48.85
CA ALA OA 194 27.68 76.51 47.46
C ALA OA 194 27.42 75.23 46.69
N LEU OA 195 28.07 74.14 47.10
CA LEU OA 195 27.85 72.86 46.43
C LEU OA 195 26.49 72.28 46.77
N ALA OA 196 26.09 72.34 48.04
CA ALA OA 196 24.84 71.73 48.44
C ALA OA 196 23.64 72.52 47.94
N MET OA 197 23.78 73.84 47.85
CA MET OA 197 22.72 74.67 47.27
C MET OA 197 22.50 74.37 45.80
N GLU OA 198 23.58 74.08 45.08
CA GLU OA 198 23.49 73.73 43.67
C GLU OA 198 22.79 72.39 43.47
N ARG OA 199 23.11 71.42 44.32
CA ARG OA 199 22.70 70.03 44.06
C ARG OA 199 21.36 69.72 44.72
N ASP OA 200 21.15 70.19 45.94
CA ASP OA 200 19.87 69.96 46.59
C ASP OA 200 18.84 70.96 46.12
N GLY OA 201 17.59 70.51 46.03
CA GLY OA 201 16.51 71.42 45.69
C GLY OA 201 15.98 72.21 46.86
N SER OA 202 15.99 71.62 48.05
CA SER OA 202 15.46 72.30 49.22
C SER OA 202 16.39 73.37 49.75
N SER OA 203 17.65 73.37 49.32
CA SER OA 203 18.61 74.36 49.77
C SER OA 203 18.94 75.32 48.64
N GLY OA 204 19.09 76.59 49.00
CA GLY OA 204 19.45 77.61 48.04
C GLY OA 204 19.24 79.00 48.59
N GLY OA 205 18.98 79.96 47.70
CA GLY OA 205 18.78 81.31 48.16
C GLY OA 205 20.09 82.06 48.22
N VAL OA 206 20.49 82.48 49.41
CA VAL OA 206 21.68 83.30 49.59
C VAL OA 206 22.45 82.74 50.77
N ILE OA 207 23.74 83.07 50.85
CA ILE OA 207 24.59 82.51 51.89
C ILE OA 207 24.81 83.54 52.99
N ARG OA 208 24.54 83.15 54.22
CA ARG OA 208 24.79 83.99 55.37
C ARG OA 208 25.95 83.42 56.17
N LEU OA 209 26.92 84.27 56.49
CA LEU OA 209 28.10 83.87 57.23
C LEU OA 209 28.23 84.72 58.48
N ALA OA 210 28.96 84.20 59.45
CA ALA OA 210 29.16 84.87 60.74
C ALA OA 210 30.43 84.34 61.36
N ALA OA 211 31.36 85.23 61.69
CA ALA OA 211 32.60 84.85 62.34
C ALA OA 211 32.61 85.41 63.75
N ILE OA 212 32.55 84.53 64.73
CA ILE OA 212 32.54 84.92 66.13
C ILE OA 212 33.95 84.78 66.66
N ALA OA 213 34.45 85.81 67.31
CA ALA OA 213 35.78 85.77 67.90
C ALA OA 213 35.75 86.48 69.24
N GLU OA 214 36.95 86.68 69.81
CA GLU OA 214 37.06 87.43 71.06
C GLU OA 214 36.70 88.89 70.83
N SER OA 215 37.05 89.44 69.67
CA SER OA 215 36.78 90.85 69.40
C SER OA 215 35.29 91.09 69.19
N GLY OA 216 34.72 90.51 68.15
CA GLY OA 216 33.36 90.84 67.79
C GLY OA 216 32.71 89.73 67.01
N VAL OA 217 31.59 90.07 66.39
CA VAL OA 217 30.89 89.20 65.46
C VAL OA 217 30.86 89.87 64.11
N GLU OA 218 31.38 89.20 63.09
CA GLU OA 218 31.44 89.74 61.74
C GLU OA 218 30.46 88.98 60.86
N ARG OA 219 29.39 89.63 60.45
CA ARG OA 219 28.34 88.98 59.69
C ARG OA 219 28.35 89.52 58.27
N GLN OA 220 28.22 88.63 57.31
CA GLN OA 220 28.26 89.01 55.90
C GLN OA 220 27.41 88.07 55.06
N VAL OA 221 27.00 88.55 53.90
CA VAL OA 221 26.08 87.87 53.00
C VAL OA 221 26.73 87.81 51.63
N LEU OA 222 26.90 86.60 51.10
CA LEU OA 222 27.65 86.40 49.86
C LEU OA 222 26.76 85.80 48.78
N LEU OA 223 27.39 85.61 47.61
CA LEU OA 223 26.86 84.79 46.54
C LEU OA 223 28.03 84.34 45.67
N GLY OA 224 28.10 83.04 45.42
CA GLY OA 224 29.19 82.46 44.65
C GLY OA 224 30.00 81.43 45.41
N THR PA 43 -9.77 82.75 49.50
CA THR PA 43 -9.25 83.76 50.41
C THR PA 43 -7.88 84.21 49.95
N THR PA 44 -7.72 85.52 49.80
CA THR PA 44 -6.48 86.08 49.28
C THR PA 44 -6.18 87.36 50.05
N ILE PA 45 -5.08 87.34 50.80
CA ILE PA 45 -4.63 88.51 51.54
C ILE PA 45 -3.18 88.79 51.19
N ALA PA 46 -2.81 90.06 51.26
CA ALA PA 46 -1.45 90.47 50.97
C ALA PA 46 -1.13 91.71 51.80
N GLY PA 47 0.05 92.24 51.62
CA GLY PA 47 0.52 93.37 52.40
C GLY PA 47 1.93 93.72 51.97
N VAL PA 48 2.27 94.99 52.10
CA VAL PA 48 3.55 95.49 51.59
C VAL PA 48 3.97 96.67 52.44
N VAL PA 49 5.26 96.97 52.43
CA VAL PA 49 5.81 98.11 53.16
C VAL PA 49 6.36 99.11 52.15
N TYR PA 50 5.81 100.31 52.13
CA TYR PA 50 6.38 101.37 51.32
C TYR PA 50 7.19 102.29 52.22
N LYS PA 51 7.67 103.42 51.66
CA LYS PA 51 8.63 104.28 52.33
C LYS PA 51 8.12 104.88 53.63
N ASP PA 52 6.82 105.03 53.79
CA ASP PA 52 6.31 105.63 55.01
C ASP PA 52 5.52 104.63 55.83
N GLY PA 53 4.53 104.01 55.21
CA GLY PA 53 3.61 103.18 55.95
C GLY PA 53 3.55 101.75 55.46
N ILE PA 54 2.35 101.17 55.62
CA ILE PA 54 2.06 99.79 55.30
C ILE PA 54 0.68 99.75 54.65
N VAL PA 55 0.58 99.06 53.52
CA VAL PA 55 -0.69 98.88 52.84
C VAL PA 55 -1.10 97.41 52.97
N LEU PA 56 -2.30 97.18 53.46
CA LEU PA 56 -2.89 95.85 53.56
C LEU PA 56 -4.02 95.72 52.55
N GLY PA 57 -4.42 94.48 52.27
CA GLY PA 57 -5.49 94.24 51.31
C GLY PA 57 -6.07 92.84 51.32
N ALA PA 58 -7.35 92.72 50.98
CA ALA PA 58 -8.04 91.44 50.98
C ALA PA 58 -9.26 91.52 50.08
N ASP PA 59 -9.80 90.36 49.74
CA ASP PA 59 -11.09 90.24 49.07
C ASP PA 59 -12.21 90.13 50.10
N THR PA 60 -13.43 90.03 49.62
CA THR PA 60 -14.59 89.83 50.49
C THR PA 60 -15.40 88.64 50.00
N ARG PA 61 -14.96 87.42 50.33
CA ARG PA 61 -15.72 86.25 49.97
C ARG PA 61 -15.42 85.12 50.93
N ALA PA 62 -16.47 84.54 51.52
CA ALA PA 62 -16.37 83.38 52.39
C ALA PA 62 -17.17 82.26 51.75
N THR PA 63 -16.48 81.25 51.23
CA THR PA 63 -17.16 80.11 50.66
C THR PA 63 -17.31 79.00 51.70
N GLU PA 64 -18.42 78.28 51.61
CA GLU PA 64 -18.68 77.13 52.46
C GLU PA 64 -18.72 75.90 51.57
N GLY PA 65 -17.62 75.18 51.51
CA GLY PA 65 -17.51 74.09 50.56
C GLY PA 65 -17.22 74.66 49.18
N MET PA 66 -18.16 74.49 48.25
CA MET PA 66 -18.02 75.11 46.95
C MET PA 66 -19.15 76.07 46.65
N VAL PA 67 -19.84 76.58 47.66
CA VAL PA 67 -20.95 77.50 47.51
C VAL PA 67 -20.57 78.81 48.20
N VAL PA 68 -20.79 79.93 47.50
CA VAL PA 68 -20.45 81.23 48.06
C VAL PA 68 -21.44 81.55 49.17
N ALA PA 69 -20.95 81.59 50.40
CA ALA PA 69 -21.81 81.88 51.54
C ALA PA 69 -21.90 83.35 51.85
N ASP PA 70 -20.95 84.17 51.39
CA ASP PA 70 -20.96 85.59 51.69
C ASP PA 70 -20.35 86.34 50.53
N LYS PA 71 -21.11 87.28 49.98
CA LYS PA 71 -20.62 88.15 48.94
C LYS PA 71 -19.82 89.32 49.48
N ASN PA 72 -19.90 89.58 50.78
CA ASN PA 72 -19.18 90.70 51.38
C ASN PA 72 -18.83 90.30 52.81
N CYS PA 73 -17.63 89.79 53.00
CA CYS PA 73 -17.10 89.51 54.31
C CYS PA 73 -16.26 90.69 54.79
N SER PA 74 -15.47 90.45 55.84
CA SER PA 74 -14.61 91.48 56.40
C SER PA 74 -13.40 90.79 57.00
N LYS PA 75 -12.25 90.86 56.32
CA LYS PA 75 -11.10 90.08 56.76
C LYS PA 75 -9.93 90.93 57.22
N ILE PA 76 -10.07 92.24 57.29
CA ILE PA 76 -9.05 93.09 57.90
C ILE PA 76 -9.50 93.43 59.31
N HIS PA 77 -8.73 93.01 60.30
CA HIS PA 77 -9.20 93.14 61.67
C HIS PA 77 -8.47 94.26 62.41
N PHE PA 78 -9.10 94.75 63.46
CA PHE PA 78 -8.52 95.75 64.35
C PHE PA 78 -7.68 95.07 65.41
N ILE PA 79 -6.51 95.63 65.71
CA ILE PA 79 -5.74 95.20 66.87
C ILE PA 79 -5.52 96.40 67.78
N SER PA 80 -4.93 97.45 67.22
CA SER PA 80 -4.63 98.66 67.98
C SER PA 80 -4.80 99.81 67.02
N PRO PA 81 -4.80 101.06 67.50
CA PRO PA 81 -4.83 102.20 66.58
C PRO PA 81 -3.63 102.34 65.65
N ASN PA 82 -2.59 101.51 65.80
CA ASN PA 82 -1.50 101.50 64.84
C ASN PA 82 -1.23 100.13 64.23
N ILE PA 83 -1.90 99.08 64.67
CA ILE PA 83 -1.66 97.73 64.17
C ILE PA 83 -2.98 97.15 63.72
N TYR PA 84 -3.04 96.68 62.47
CA TYR PA 84 -4.14 95.83 62.02
C TYR PA 84 -3.62 94.45 61.64
N CYS PA 85 -4.54 93.57 61.27
CA CYS PA 85 -4.19 92.20 60.93
C CYS PA 85 -5.20 91.67 59.92
N CYS PA 86 -4.73 90.73 59.11
CA CYS PA 86 -5.55 90.04 58.13
C CYS PA 86 -5.48 88.54 58.40
N GLY PA 87 -6.58 87.85 58.16
CA GLY PA 87 -6.64 86.44 58.49
C GLY PA 87 -7.04 85.55 57.34
N ALA PA 88 -6.71 84.27 57.44
CA ALA PA 88 -7.06 83.31 56.40
C ALA PA 88 -7.26 81.95 57.04
N GLY PA 89 -7.73 81.01 56.23
CA GLY PA 89 -7.98 79.66 56.72
C GLY PA 89 -9.32 79.51 57.41
N THR PA 90 -9.31 78.99 58.64
CA THR PA 90 -10.54 78.80 59.37
C THR PA 90 -11.11 80.15 59.80
N ALA PA 91 -12.42 80.30 59.62
CA ALA PA 91 -13.08 81.57 59.85
C ALA PA 91 -13.14 81.91 61.34
N ALA PA 92 -13.70 81.02 62.14
CA ALA PA 92 -13.92 81.33 63.56
C ALA PA 92 -12.62 81.34 64.34
N ASP PA 93 -11.64 80.55 63.91
CA ASP PA 93 -10.39 80.49 64.66
C ASP PA 93 -9.55 81.76 64.45
N THR PA 94 -9.76 82.45 63.33
CA THR PA 94 -9.09 83.73 63.16
C THR PA 94 -9.84 84.84 63.86
N ASP PA 95 -11.15 84.68 64.02
CA ASP PA 95 -11.94 85.68 64.74
C ASP PA 95 -11.59 85.70 66.22
N MET PA 96 -11.65 84.55 66.87
CA MET PA 96 -11.54 84.52 68.33
C MET PA 96 -10.11 84.70 68.77
N THR PA 97 -9.15 84.43 67.89
CA THR PA 97 -7.76 84.70 68.21
C THR PA 97 -7.49 86.19 68.17
N THR PA 98 -7.92 86.85 67.09
CA THR PA 98 -7.55 88.23 66.89
C THR PA 98 -8.33 89.16 67.82
N GLN PA 99 -9.41 88.67 68.43
CA GLN PA 99 -10.09 89.47 69.43
C GLN PA 99 -9.41 89.33 70.79
N LEU PA 100 -8.81 88.18 71.03
CA LEU PA 100 -8.12 87.96 72.29
C LEU PA 100 -6.85 88.79 72.39
N ILE PA 101 -6.11 88.88 71.30
CA ILE PA 101 -4.86 89.61 71.31
C ILE PA 101 -5.11 91.10 71.32
N SER PA 102 -6.19 91.53 70.66
CA SER PA 102 -6.57 92.93 70.70
C SER PA 102 -7.08 93.31 72.08
N SER PA 103 -7.59 92.34 72.83
CA SER PA 103 -7.93 92.58 74.22
C SER PA 103 -6.69 92.78 75.07
N ASN PA 104 -5.68 91.92 74.91
CA ASN PA 104 -4.53 91.97 75.79
C ASN PA 104 -3.64 93.16 75.52
N LEU PA 105 -3.49 93.54 74.24
CA LEU PA 105 -2.68 94.71 73.93
C LEU PA 105 -3.36 95.99 74.37
N GLU PA 106 -4.69 96.04 74.31
CA GLU PA 106 -5.39 97.16 74.90
C GLU PA 106 -5.20 97.16 76.41
N LEU PA 107 -5.18 95.98 77.01
CA LEU PA 107 -4.90 95.88 78.43
C LEU PA 107 -3.46 96.26 78.75
N HIS PA 108 -2.51 95.85 77.91
CA HIS PA 108 -1.11 96.15 78.15
C HIS PA 108 -0.82 97.63 77.96
N SER PA 109 -1.25 98.19 76.84
CA SER PA 109 -0.92 99.57 76.52
C SER PA 109 -1.65 100.55 77.41
N LEU PA 110 -2.75 100.14 78.01
CA LEU PA 110 -3.41 101.04 78.95
C LEU PA 110 -2.71 101.00 80.29
N SER PA 111 -1.95 99.95 80.56
CA SER PA 111 -1.17 99.88 81.78
C SER PA 111 0.14 100.63 81.66
N THR PA 112 0.86 100.42 80.56
CA THR PA 112 2.09 101.18 80.33
C THR PA 112 1.76 102.62 80.01
N GLY PA 113 0.66 102.85 79.32
CA GLY PA 113 0.26 104.18 78.96
C GLY PA 113 0.99 104.76 77.78
N ARG PA 114 1.65 103.93 76.95
CA ARG PA 114 2.43 104.56 75.90
C ARG PA 114 1.92 104.27 74.49
N LEU PA 115 2.05 103.02 74.04
CA LEU PA 115 1.78 102.65 72.65
C LEU PA 115 2.01 101.16 72.57
N PRO PA 116 1.25 100.43 71.77
CA PRO PA 116 1.60 99.04 71.50
C PRO PA 116 2.79 98.96 70.56
N ARG PA 117 3.42 97.79 70.52
CA ARG PA 117 4.48 97.52 69.58
C ARG PA 117 4.18 96.26 68.80
N VAL PA 118 4.62 96.24 67.54
CA VAL PA 118 4.29 95.15 66.63
C VAL PA 118 5.01 93.87 67.04
N VAL PA 119 6.21 93.97 67.60
CA VAL PA 119 6.92 92.79 68.09
C VAL PA 119 6.21 92.18 69.28
N THR PA 120 5.44 92.97 70.03
CA THR PA 120 4.67 92.42 71.13
C THR PA 120 3.50 91.62 70.61
N ALA PA 121 2.84 92.12 69.56
CA ALA PA 121 1.75 91.38 68.95
C ALA PA 121 2.25 90.13 68.25
N ASN PA 122 3.48 90.18 67.76
CA ASN PA 122 4.07 89.00 67.14
C ASN PA 122 4.38 87.95 68.21
N ARG PA 123 4.86 88.39 69.36
CA ARG PA 123 5.31 87.44 70.37
C ARG PA 123 4.13 86.77 71.06
N MET PA 124 3.03 87.50 71.25
CA MET PA 124 1.85 86.90 71.87
C MET PA 124 1.21 85.87 70.94
N LEU PA 125 1.24 86.12 69.64
CA LEU PA 125 0.58 85.23 68.71
C LEU PA 125 1.35 83.93 68.52
N LYS PA 126 2.66 84.00 68.35
CA LYS PA 126 3.41 82.78 68.07
C LYS PA 126 3.52 81.92 69.32
N GLN PA 127 3.39 82.53 70.50
CA GLN PA 127 3.49 81.75 71.72
C GLN PA 127 2.16 81.06 72.02
N MET PA 128 1.06 81.68 71.59
CA MET PA 128 -0.24 81.05 71.76
C MET PA 128 -0.44 79.90 70.77
N LEU PA 129 -0.13 80.13 69.50
CA LEU PA 129 -0.43 79.15 68.47
C LEU PA 129 0.43 77.91 68.60
N PHE PA 130 1.67 78.08 69.06
CA PHE PA 130 2.52 76.93 69.29
C PHE PA 130 2.02 76.09 70.46
N ARG PA 131 1.34 76.72 71.41
CA ARG PA 131 0.85 75.99 72.58
C ARG PA 131 -0.26 75.02 72.21
N TYR PA 132 -1.04 75.35 71.19
CA TYR PA 132 -2.13 74.48 70.76
C TYR PA 132 -1.73 73.52 69.66
N GLN PA 133 -0.42 73.36 69.42
CA GLN PA 133 0.14 72.32 68.55
C GLN PA 133 -0.37 72.42 67.12
N GLY PA 134 -0.79 73.60 66.69
CA GLY PA 134 -1.29 73.74 65.34
C GLY PA 134 -2.68 73.23 65.11
N TYR PA 135 -3.44 72.95 66.17
CA TYR PA 135 -4.83 72.56 65.99
C TYR PA 135 -5.77 73.73 65.81
N ILE PA 136 -5.24 74.95 65.72
CA ILE PA 136 -6.04 76.14 65.51
C ILE PA 136 -5.60 76.74 64.19
N GLY PA 137 -6.44 76.60 63.16
CA GLY PA 137 -6.10 77.11 61.86
C GLY PA 137 -6.21 78.61 61.79
N ALA PA 138 -5.07 79.29 61.75
CA ALA PA 138 -5.04 80.75 61.71
C ALA PA 138 -3.79 81.17 60.94
N ALA PA 139 -3.97 81.57 59.70
CA ALA PA 139 -2.88 82.05 58.86
C ALA PA 139 -2.95 83.58 58.75
N LEU PA 140 -2.16 84.24 59.58
CA LEU PA 140 -2.31 85.68 59.74
C LEU PA 140 -1.29 86.47 58.94
N VAL PA 141 -1.59 87.75 58.73
CA VAL PA 141 -0.65 88.73 58.22
C VAL PA 141 -0.71 89.92 59.17
N LEU PA 142 0.40 90.18 59.85
CA LEU PA 142 0.44 91.20 60.87
C LEU PA 142 1.25 92.40 60.37
N GLY PA 143 0.67 93.59 60.50
CA GLY PA 143 1.36 94.78 60.05
C GLY PA 143 1.01 96.01 60.84
N GLY PA 144 2.02 96.81 61.20
CA GLY PA 144 1.76 98.02 61.95
C GLY PA 144 3.00 98.89 62.00
N VAL PA 145 2.80 100.12 62.48
CA VAL PA 145 3.84 101.12 62.56
C VAL PA 145 4.08 101.46 64.02
N ASP PA 146 5.31 101.26 64.49
CA ASP PA 146 5.72 101.50 65.86
C ASP PA 146 6.47 102.83 65.96
N VAL PA 147 7.05 103.08 67.13
CA VAL PA 147 8.06 104.11 67.31
C VAL PA 147 9.28 103.84 66.44
N THR PA 148 9.63 102.56 66.29
CA THR PA 148 10.78 102.20 65.48
C THR PA 148 10.49 102.39 63.99
N GLY PA 149 9.29 102.04 63.55
CA GLY PA 149 8.95 102.16 62.15
C GLY PA 149 7.95 101.11 61.71
N PRO PA 150 7.75 100.97 60.41
CA PRO PA 150 6.80 99.98 59.91
C PRO PA 150 7.38 98.57 60.01
N HIS PA 151 6.49 97.61 60.25
CA HIS PA 151 6.89 96.22 60.38
C HIS PA 151 5.79 95.33 59.83
N LEU PA 152 6.19 94.26 59.17
CA LEU PA 152 5.23 93.37 58.51
C LEU PA 152 5.60 91.93 58.83
N TYR PA 153 4.60 91.12 59.14
CA TYR PA 153 4.81 89.79 59.67
C TYR PA 153 3.84 88.80 59.02
N SER PA 154 4.33 87.59 58.80
CA SER PA 154 3.50 86.49 58.32
C SER PA 154 3.57 85.42 59.40
N ILE PA 155 2.42 84.90 59.81
CA ILE PA 155 2.32 83.95 60.91
C ILE PA 155 1.65 82.69 60.40
N TYR PA 156 2.31 81.56 60.58
CA TYR PA 156 1.74 80.29 60.18
C TYR PA 156 1.10 79.59 61.38
N PRO PA 157 0.08 78.76 61.16
CA PRO PA 157 -0.70 78.24 62.30
C PRO PA 157 0.02 77.24 63.18
N HIS PA 158 1.25 76.83 62.84
CA HIS PA 158 2.03 76.05 63.78
C HIS PA 158 2.87 76.93 64.69
N GLY PA 159 3.11 78.17 64.32
CA GLY PA 159 3.84 79.07 65.17
C GLY PA 159 5.04 79.72 64.54
N SER PA 160 5.37 79.32 63.31
CA SER PA 160 6.53 79.88 62.64
C SER PA 160 6.18 81.24 62.06
N THR PA 161 7.04 82.23 62.31
CA THR PA 161 6.79 83.60 61.89
C THR PA 161 7.97 84.11 61.07
N ASP PA 162 7.71 85.15 60.28
CA ASP PA 162 8.71 85.75 59.40
C ASP PA 162 8.55 87.26 59.38
N LYS PA 163 9.68 87.95 59.20
CA LYS PA 163 9.68 89.41 59.02
C LYS PA 163 10.09 89.68 57.58
N LEU PA 164 9.16 90.17 56.77
CA LEU PA 164 9.41 90.33 55.35
C LEU PA 164 8.92 91.70 54.88
N PRO PA 165 9.45 92.19 53.76
CA PRO PA 165 8.90 93.44 53.21
C PRO PA 165 7.57 93.27 52.51
N TYR PA 166 7.22 92.07 52.06
CA TYR PA 166 5.93 91.84 51.41
C TYR PA 166 5.57 90.37 51.53
N VAL PA 167 4.31 90.10 51.89
CA VAL PA 167 3.83 88.74 52.12
C VAL PA 167 2.46 88.57 51.48
N THR PA 168 2.14 87.32 51.15
CA THR PA 168 0.81 86.94 50.70
C THR PA 168 0.42 85.65 51.40
N MET PA 169 -0.82 85.57 51.88
CA MET PA 169 -1.35 84.35 52.45
C MET PA 169 -2.69 84.03 51.80
N GLY PA 170 -3.15 82.81 52.01
CA GLY PA 170 -4.45 82.39 51.55
C GLY PA 170 -4.40 81.40 50.43
N SER PA 171 -5.57 81.11 49.87
CA SER PA 171 -5.71 80.17 48.77
C SER PA 171 -5.11 80.73 47.49
N GLY PA 172 -5.48 81.96 47.14
CA GLY PA 172 -4.94 82.60 45.96
C GLY PA 172 -3.69 83.40 46.26
N SER PA 173 -2.87 82.90 47.18
CA SER PA 173 -1.64 83.56 47.51
C SER PA 173 -0.54 83.36 46.48
N LEU PA 174 -0.59 82.27 45.72
CA LEU PA 174 0.45 82.05 44.73
C LEU PA 174 0.28 83.00 43.55
N ALA PA 175 -0.97 83.32 43.23
CA ALA PA 175 -1.22 84.31 42.19
C ALA PA 175 -0.79 85.70 42.63
N ALA PA 176 -1.00 86.00 43.91
CA ALA PA 176 -0.69 87.34 44.40
C ALA PA 176 0.81 87.56 44.51
N MET PA 177 1.56 86.50 44.79
CA MET PA 177 3.01 86.63 44.90
C MET PA 177 3.64 86.85 43.54
N ALA PA 178 2.97 86.42 42.48
CA ALA PA 178 3.48 86.62 41.13
C ALA PA 178 3.49 88.10 40.77
N VAL PA 179 2.48 88.85 41.21
CA VAL PA 179 2.44 90.26 40.90
C VAL PA 179 3.44 91.03 41.75
N PHE PA 180 3.57 90.65 43.02
CA PHE PA 180 4.54 91.30 43.90
C PHE PA 180 5.95 91.13 43.40
N GLU PA 181 6.31 89.93 42.95
CA GLU PA 181 7.70 89.74 42.59
C GLU PA 181 8.04 90.37 41.25
N ASP PA 182 7.13 90.28 40.28
CA ASP PA 182 7.36 90.92 38.99
C ASP PA 182 7.34 92.43 39.09
N LYS PA 183 6.59 92.97 40.05
CA LYS PA 183 6.45 94.41 40.21
C LYS PA 183 6.68 94.77 41.67
N PHE PA 184 7.92 95.07 42.01
CA PHE PA 184 8.24 95.62 43.32
C PHE PA 184 9.54 96.37 43.21
N ARG PA 185 9.60 97.48 43.94
CA ARG PA 185 10.85 98.17 44.15
C ARG PA 185 10.83 98.66 45.57
N PRO PA 186 11.97 98.72 46.24
CA PRO PA 186 12.00 99.31 47.57
C PRO PA 186 11.75 100.80 47.51
N ASP PA 187 11.22 101.33 48.62
CA ASP PA 187 10.92 102.74 48.82
C ASP PA 187 9.95 103.28 47.79
N MET PA 188 8.75 102.72 47.73
CA MET PA 188 7.73 103.21 46.83
C MET PA 188 7.03 104.42 47.45
N GLU PA 189 6.10 104.97 46.70
CA GLU PA 189 5.23 106.01 47.21
C GLU PA 189 3.94 105.36 47.69
N GLU PA 190 3.02 106.18 48.22
CA GLU PA 190 1.77 105.63 48.72
C GLU PA 190 0.84 105.23 47.60
N GLU PA 191 0.74 106.07 46.56
CA GLU PA 191 -0.14 105.74 45.44
C GLU PA 191 0.45 104.63 44.60
N GLU PA 192 1.76 104.53 44.57
CA GLU PA 192 2.40 103.40 43.88
C GLU PA 192 2.10 102.10 44.60
N ALA PA 193 2.10 102.14 45.93
CA ALA PA 193 1.83 100.94 46.72
C ALA PA 193 0.36 100.55 46.66
N LYS PA 194 -0.54 101.54 46.73
CA LYS PA 194 -1.97 101.24 46.67
C LYS PA 194 -2.36 100.72 45.30
N ASN PA 195 -1.66 101.15 44.26
CA ASN PA 195 -1.89 100.57 42.95
C ASN PA 195 -1.35 99.15 42.88
N LEU PA 196 -0.29 98.88 43.65
CA LEU PA 196 0.35 97.57 43.56
C LEU PA 196 -0.47 96.49 44.25
N VAL PA 197 -0.98 96.80 45.45
CA VAL PA 197 -1.69 95.79 46.23
C VAL PA 197 -3.03 95.47 45.59
N SER PA 198 -3.73 96.49 45.10
CA SER PA 198 -4.98 96.26 44.39
C SER PA 198 -4.77 95.49 43.10
N GLU PA 199 -3.60 95.64 42.49
CA GLU PA 199 -3.25 94.79 41.36
C GLU PA 199 -3.02 93.35 41.80
N ALA PA 200 -2.44 93.16 42.98
CA ALA PA 200 -2.12 91.81 43.42
C ALA PA 200 -3.37 91.07 43.88
N ILE PA 201 -4.31 91.79 44.52
CA ILE PA 201 -5.55 91.18 44.97
C ILE PA 201 -6.44 90.85 43.77
N ALA PA 202 -6.45 91.71 42.76
CA ALA PA 202 -7.26 91.45 41.58
C ALA PA 202 -6.76 90.24 40.81
N ALA PA 203 -5.46 89.97 40.88
CA ALA PA 203 -4.91 88.75 40.28
C ALA PA 203 -5.36 87.53 41.06
N GLY PA 204 -5.53 87.67 42.37
CA GLY PA 204 -6.04 86.57 43.16
C GLY PA 204 -7.50 86.27 42.89
N ILE PA 205 -8.27 87.27 42.48
CA ILE PA 205 -9.70 87.06 42.24
C ILE PA 205 -9.93 86.38 40.91
N PHE PA 206 -9.33 86.93 39.86
CA PHE PA 206 -9.56 86.51 38.49
C PHE PA 206 -8.87 85.20 38.13
N ASN PA 207 -8.08 84.62 39.03
CA ASN PA 207 -7.34 83.40 38.70
C ASN PA 207 -7.47 82.35 39.79
N ASP PA 208 -8.55 82.41 40.57
CA ASP PA 208 -8.72 81.48 41.67
C ASP PA 208 -10.21 81.40 42.00
N LEU PA 209 -10.63 80.25 42.52
CA LEU PA 209 -12.03 80.04 42.84
C LEU PA 209 -12.37 80.40 44.28
N GLY PA 210 -11.38 80.68 45.11
CA GLY PA 210 -11.68 81.11 46.46
C GLY PA 210 -11.81 82.61 46.65
N SER PA 211 -11.61 83.38 45.59
CA SER PA 211 -11.65 84.82 45.69
C SER PA 211 -12.52 85.38 44.58
N GLY PA 212 -13.60 86.08 44.97
CA GLY PA 212 -14.53 86.51 43.97
C GLY PA 212 -15.25 87.83 44.13
N SER PA 213 -14.72 88.81 44.88
CA SER PA 213 -15.54 90.00 45.16
C SER PA 213 -14.73 91.27 45.32
N ASN PA 214 -15.31 92.24 46.02
CA ASN PA 214 -14.77 93.57 46.24
C ASN PA 214 -13.39 93.52 46.90
N ILE PA 215 -12.66 94.61 46.75
CA ILE PA 215 -11.29 94.74 47.26
C ILE PA 215 -11.31 95.69 48.43
N ASP PA 216 -10.70 95.28 49.54
CA ASP PA 216 -10.51 96.15 50.68
C ASP PA 216 -9.07 96.62 50.69
N LEU PA 217 -8.82 97.79 51.26
CA LEU PA 217 -7.46 98.22 51.56
C LEU PA 217 -7.39 98.82 52.94
N CYS PA 218 -6.16 99.05 53.39
CA CYS PA 218 -5.89 99.79 54.60
C CYS PA 218 -4.48 100.33 54.54
N VAL PA 219 -4.32 101.64 54.73
CA VAL PA 219 -3.01 102.27 54.74
C VAL PA 219 -2.74 102.75 56.15
N ILE PA 220 -1.64 102.28 56.72
CA ILE PA 220 -1.24 102.69 58.07
C ILE PA 220 0.07 103.43 57.99
N SER PA 221 0.03 104.75 57.96
CA SER PA 221 1.27 105.51 57.95
C SER PA 221 1.63 105.84 59.40
N LYS PA 222 2.61 106.71 59.59
CA LYS PA 222 3.03 107.10 60.94
C LYS PA 222 1.98 107.92 61.67
N ASN PA 223 1.08 108.58 60.96
CA ASN PA 223 0.05 109.41 61.59
C ASN PA 223 -1.33 109.15 61.02
N LYS PA 224 -1.40 108.72 59.77
CA LYS PA 224 -2.67 108.57 59.08
C LYS PA 224 -3.09 107.11 59.04
N LEU PA 225 -4.37 106.86 59.35
CA LEU PA 225 -4.97 105.53 59.27
C LEU PA 225 -6.16 105.60 58.32
N ASP PA 226 -5.99 105.06 57.12
CA ASP PA 226 -7.06 105.00 56.13
C ASP PA 226 -7.56 103.57 56.06
N PHE PA 227 -8.87 103.40 55.98
CA PHE PA 227 -9.48 102.07 55.99
C PHE PA 227 -10.64 102.11 55.00
N LEU PA 228 -10.44 101.51 53.83
CA LEU PA 228 -11.28 101.72 52.68
C LEU PA 228 -11.99 100.43 52.30
N ARG PA 229 -13.22 100.26 52.81
CA ARG PA 229 -13.88 98.97 52.64
C ARG PA 229 -14.41 98.80 51.22
N PRO PA 230 -15.19 99.71 50.60
CA PRO PA 230 -15.23 99.63 49.14
C PRO PA 230 -14.07 100.39 48.52
N TYR PA 231 -13.11 99.68 47.92
CA TYR PA 231 -12.03 100.34 47.22
C TYR PA 231 -12.21 100.15 45.71
N THR PA 232 -12.47 98.93 45.27
CA THR PA 232 -12.68 98.66 43.85
C THR PA 232 -13.71 97.55 43.75
N VAL PA 233 -14.74 97.76 42.93
CA VAL PA 233 -15.72 96.73 42.63
C VAL PA 233 -15.44 96.23 41.21
N PRO PA 234 -14.74 95.12 41.03
CA PRO PA 234 -14.44 94.66 39.67
C PRO PA 234 -15.59 93.90 39.04
N ASN PA 235 -16.44 93.28 39.84
CA ASN PA 235 -17.51 92.43 39.33
C ASN PA 235 -18.86 92.96 39.79
N LYS PA 236 -19.74 93.26 38.84
CA LYS PA 236 -21.09 93.64 39.16
C LYS PA 236 -22.02 92.43 39.15
N LYS PA 237 -23.31 92.67 39.25
CA LYS PA 237 -24.32 91.64 39.06
C LYS PA 237 -25.19 92.07 37.90
N GLY PA 238 -25.49 91.12 37.01
CA GLY PA 238 -26.38 91.41 35.91
C GLY PA 238 -27.80 91.65 36.38
N THR PA 239 -28.53 92.42 35.58
CA THR PA 239 -29.86 92.84 36.00
C THR PA 239 -30.90 91.78 35.66
N ARG PA 240 -32.05 91.88 36.30
CA ARG PA 240 -33.17 90.97 36.10
C ARG PA 240 -34.02 91.50 34.97
N LEU PA 241 -34.41 90.61 34.06
CA LEU PA 241 -35.21 91.01 32.91
C LEU PA 241 -36.64 90.51 32.97
N GLY PA 242 -37.03 89.84 34.07
CA GLY PA 242 -38.36 89.28 34.13
C GLY PA 242 -39.08 89.52 35.44
N ARG PA 243 -40.30 90.05 35.35
CA ARG PA 243 -41.14 90.19 36.53
C ARG PA 243 -41.61 88.82 36.98
N TYR PA 244 -41.25 88.44 38.20
CA TYR PA 244 -41.63 87.15 38.74
C TYR PA 244 -42.67 87.27 39.84
N ARG PA 245 -42.90 88.48 40.35
CA ARG PA 245 -43.85 88.67 41.43
C ARG PA 245 -45.26 88.48 40.94
N CYS PA 246 -45.97 87.56 41.57
CA CYS PA 246 -47.39 87.35 41.33
C CYS PA 246 -48.17 88.27 42.26
N GLU PA 247 -49.48 88.27 42.08
CA GLU PA 247 -50.35 89.08 42.91
C GLU PA 247 -50.38 88.55 44.33
N LYS PA 248 -50.72 89.43 45.27
CA LYS PA 248 -50.73 89.06 46.68
C LYS PA 248 -51.90 88.14 46.97
N GLY PA 249 -51.61 86.96 47.51
CA GLY PA 249 -52.63 85.97 47.75
C GLY PA 249 -52.48 84.77 46.85
N THR PA 250 -51.31 84.61 46.25
CA THR PA 250 -51.02 83.46 45.42
C THR PA 250 -50.46 82.29 46.23
N THR PA 251 -50.63 82.29 47.55
CA THR PA 251 -50.13 81.24 48.42
C THR PA 251 -51.26 80.75 49.31
N ALA PA 252 -51.43 79.44 49.37
CA ALA PA 252 -52.47 78.85 50.20
C ALA PA 252 -52.04 78.83 51.67
N VAL PA 253 -52.92 79.32 52.54
CA VAL PA 253 -52.63 79.45 53.96
C VAL PA 253 -53.61 78.58 54.74
N LEU PA 254 -53.08 77.70 55.60
CA LEU PA 254 -53.95 76.90 56.43
C LEU PA 254 -54.47 77.70 57.62
N THR PA 255 -53.59 78.18 58.47
CA THR PA 255 -53.97 78.81 59.72
C THR PA 255 -53.12 80.05 59.96
N GLU PA 256 -53.78 81.20 60.11
CA GLU PA 256 -53.12 82.44 60.45
C GLU PA 256 -53.30 82.71 61.95
N LYS PA 257 -52.53 83.68 62.44
CA LYS PA 257 -52.54 84.02 63.85
C LYS PA 257 -51.97 85.42 64.03
N ILE PA 258 -52.64 86.25 64.81
CA ILE PA 258 -52.23 87.64 65.04
C ILE PA 258 -51.96 87.82 66.53
N THR PA 259 -50.82 88.42 66.85
CA THR PA 259 -50.48 88.77 68.22
C THR PA 259 -50.04 90.23 68.25
N PRO PA 260 -50.85 91.12 68.79
CA PRO PA 260 -50.46 92.53 68.85
C PRO PA 260 -49.37 92.76 69.87
N LEU PA 261 -48.61 93.82 69.65
CA LEU PA 261 -47.54 94.18 70.56
C LEU PA 261 -47.76 95.57 71.14
N GLU PA 262 -46.78 96.06 71.88
CA GLU PA 262 -46.88 97.37 72.49
C GLU PA 262 -46.12 98.42 71.69
N SER QA 1 -25.17 62.46 56.42
CA SER QA 1 -24.20 62.99 57.37
C SER QA 1 -24.83 63.22 58.73
N ILE QA 2 -24.05 63.80 59.63
CA ILE QA 2 -24.54 64.10 60.97
C ILE QA 2 -25.52 65.25 60.92
N MET QA 3 -25.28 66.22 60.04
CA MET QA 3 -26.28 67.25 59.80
C MET QA 3 -27.49 66.69 59.08
N SER QA 4 -27.32 65.64 58.28
CA SER QA 4 -28.42 65.03 57.55
C SER QA 4 -29.11 63.93 58.33
N TYR QA 5 -28.91 63.89 59.64
CA TYR QA 5 -29.50 62.84 60.44
C TYR QA 5 -30.97 63.09 60.71
N ASN QA 6 -31.38 64.33 60.80
CA ASN QA 6 -32.78 64.64 61.05
C ASN QA 6 -33.36 65.61 60.03
N GLY QA 7 -32.52 66.37 59.36
CA GLY QA 7 -33.00 67.32 58.37
C GLY QA 7 -33.43 68.62 59.02
N GLY QA 8 -33.71 69.60 58.17
CA GLY QA 8 -34.10 70.90 58.67
C GLY QA 8 -33.83 72.01 57.68
N ALA QA 9 -34.55 73.12 57.82
CA ALA QA 9 -34.40 74.26 56.93
C ALA QA 9 -34.88 75.49 57.69
N VAL QA 10 -34.01 76.49 57.81
CA VAL QA 10 -34.37 77.76 58.43
C VAL QA 10 -33.97 78.89 57.49
N MET QA 11 -34.93 79.75 57.17
CA MET QA 11 -34.68 80.90 56.30
C MET QA 11 -35.15 82.15 57.01
N ALA QA 12 -34.39 83.23 56.89
CA ALA QA 12 -34.79 84.53 57.39
C ALA QA 12 -34.53 85.57 56.31
N MET QA 13 -35.49 86.45 56.09
CA MET QA 13 -35.42 87.42 55.00
C MET QA 13 -35.74 88.81 55.51
N LYS QA 14 -34.92 89.78 55.13
CA LYS QA 14 -35.09 91.16 55.57
C LYS QA 14 -36.02 91.91 54.63
N GLY QA 15 -37.01 92.59 55.21
CA GLY QA 15 -37.92 93.37 54.40
C GLY QA 15 -37.62 94.85 54.43
N LYS QA 16 -38.66 95.68 54.53
CA LYS QA 16 -38.46 97.13 54.55
C LYS QA 16 -38.36 97.65 55.98
N ASN QA 17 -39.43 97.51 56.76
CA ASN QA 17 -39.43 97.87 58.16
C ASN QA 17 -39.84 96.68 59.00
N CYS QA 18 -39.48 95.49 58.54
CA CYS QA 18 -40.01 94.24 59.06
C CYS QA 18 -39.08 93.13 58.61
N VAL QA 19 -39.17 92.00 59.28
CA VAL QA 19 -38.33 90.84 58.97
C VAL QA 19 -39.18 89.59 59.14
N ALA QA 20 -38.97 88.60 58.29
CA ALA QA 20 -39.72 87.35 58.33
C ALA QA 20 -38.77 86.18 58.50
N ILE QA 21 -39.26 85.13 59.15
CA ILE QA 21 -38.48 83.94 59.43
C ILE QA 21 -39.38 82.74 59.16
N ALA QA 22 -38.80 81.63 58.75
CA ALA QA 22 -39.57 80.45 58.42
C ALA QA 22 -38.77 79.19 58.71
N ALA QA 23 -39.50 78.10 58.90
CA ALA QA 23 -38.89 76.79 59.10
C ALA QA 23 -39.88 75.73 58.66
N ASP QA 24 -39.40 74.50 58.59
CA ASP QA 24 -40.25 73.36 58.29
C ASP QA 24 -40.70 72.67 59.56
N ARG QA 25 -41.48 71.61 59.39
CA ARG QA 25 -42.17 71.01 60.52
C ARG QA 25 -41.94 69.51 60.63
N ARG QA 26 -40.74 69.02 60.33
CA ARG QA 26 -40.54 67.58 60.27
C ARG QA 26 -39.51 67.14 61.28
N PHE QA 27 -39.84 66.11 62.06
CA PHE QA 27 -38.90 65.42 62.92
C PHE QA 27 -38.85 63.94 62.56
N GLY QA 28 -37.74 63.50 62.00
CA GLY QA 28 -37.59 62.12 61.63
C GLY QA 28 -36.20 61.57 61.83
N ILE QA 29 -36.02 60.27 61.64
CA ILE QA 29 -34.72 59.64 61.75
C ILE QA 29 -34.39 59.04 60.40
N GLN QA 30 -33.79 59.86 59.53
CA GLN QA 30 -33.09 59.53 58.28
C GLN QA 30 -33.96 59.03 57.13
N ALA QA 31 -35.09 58.42 57.42
CA ALA QA 31 -36.08 58.11 56.39
C ALA QA 31 -37.48 58.12 56.96
N GLN QA 32 -37.58 58.01 58.27
CA GLN QA 32 -38.80 57.68 58.95
C GLN QA 32 -39.19 58.87 59.81
N MET QA 33 -40.25 59.56 59.40
CA MET QA 33 -40.77 60.67 60.19
C MET QA 33 -41.35 60.16 61.50
N VAL QA 34 -41.49 61.08 62.46
CA VAL QA 34 -42.06 60.73 63.75
C VAL QA 34 -43.25 61.64 64.03
N THR QA 35 -43.04 62.95 63.91
CA THR QA 35 -44.09 63.91 64.21
C THR QA 35 -44.03 65.05 63.21
N THR QA 36 -45.07 65.87 63.23
CA THR QA 36 -45.27 66.92 62.25
C THR QA 36 -45.26 68.30 62.87
N ASP QA 37 -44.89 68.39 64.15
CA ASP QA 37 -45.06 69.64 64.88
C ASP QA 37 -43.81 69.96 65.70
N PHE QA 38 -42.64 69.65 65.17
CA PHE QA 38 -41.39 69.90 65.88
C PHE QA 38 -41.06 71.38 65.79
N GLN QA 39 -40.78 72.00 66.93
CA GLN QA 39 -40.51 73.43 66.95
C GLN QA 39 -39.03 73.70 66.68
N LYS QA 40 -38.76 74.63 65.77
CA LYS QA 40 -37.41 75.02 65.44
C LYS QA 40 -37.16 76.51 65.54
N ILE QA 41 -38.17 77.32 65.82
CA ILE QA 41 -38.04 78.76 65.94
C ILE QA 41 -38.36 79.13 67.39
N PHE QA 42 -37.44 79.82 68.04
CA PHE QA 42 -37.71 80.07 69.44
C PHE QA 42 -37.75 81.56 69.73
N PRO QA 43 -38.71 82.00 70.53
CA PRO QA 43 -38.77 83.43 70.88
C PRO QA 43 -37.70 83.80 71.89
N MET QA 44 -37.04 84.93 71.64
CA MET QA 44 -36.06 85.47 72.56
C MET QA 44 -36.42 86.91 72.90
N GLY QA 45 -37.67 87.13 73.25
CA GLY QA 45 -38.14 88.47 73.55
C GLY QA 45 -39.21 88.88 72.58
N ASP QA 46 -39.41 90.18 72.41
CA ASP QA 46 -40.39 90.69 71.47
C ASP QA 46 -39.65 91.26 70.27
N ARG QA 47 -40.15 90.94 69.08
CA ARG QA 47 -39.56 91.37 67.80
C ARG QA 47 -38.12 90.90 67.65
N LEU QA 48 -37.84 89.71 68.17
CA LEU QA 48 -36.50 89.13 68.08
C LEU QA 48 -36.61 87.61 68.28
N TYR QA 49 -36.42 86.85 67.21
CA TYR QA 49 -36.54 85.40 67.22
C TYR QA 49 -35.23 84.74 66.83
N ILE QA 50 -35.20 83.42 66.92
CA ILE QA 50 -34.03 82.64 66.53
C ILE QA 50 -34.50 81.29 65.98
N GLY QA 51 -33.87 80.84 64.90
CA GLY QA 51 -34.16 79.55 64.32
C GLY QA 51 -32.95 78.64 64.42
N LEU QA 52 -33.20 77.35 64.59
CA LEU QA 52 -32.16 76.37 64.76
C LEU QA 52 -32.38 75.19 63.83
N ALA QA 53 -31.30 74.66 63.28
CA ALA QA 53 -31.38 73.51 62.40
C ALA QA 53 -30.25 72.56 62.74
N GLY QA 54 -30.22 71.45 62.04
CA GLY QA 54 -29.16 70.49 62.28
C GLY QA 54 -29.62 69.35 63.16
N LEU QA 55 -28.78 68.95 64.09
CA LEU QA 55 -29.07 67.79 64.93
C LEU QA 55 -30.09 68.17 65.99
N ALA QA 56 -31.13 67.33 66.12
CA ALA QA 56 -32.30 67.70 66.91
C ALA QA 56 -32.01 67.73 68.41
N THR QA 57 -30.94 67.05 68.83
CA THR QA 57 -30.47 67.19 70.20
C THR QA 57 -29.95 68.59 70.46
N ASP QA 58 -29.07 69.05 69.57
CA ASP QA 58 -28.43 70.34 69.78
C ASP QA 58 -29.37 71.48 69.46
N VAL QA 59 -30.44 71.20 68.72
CA VAL QA 59 -31.52 72.16 68.58
C VAL QA 59 -32.16 72.44 69.94
N GLN QA 60 -32.49 71.38 70.67
CA GLN QA 60 -33.19 71.57 71.93
C GLN QA 60 -32.25 72.00 73.04
N THR QA 61 -31.00 71.56 73.00
CA THR QA 61 -30.08 71.87 74.09
C THR QA 61 -29.63 73.33 74.04
N VAL QA 62 -29.23 73.79 72.87
CA VAL QA 62 -28.68 75.14 72.73
C VAL QA 62 -29.77 76.17 72.97
N ALA QA 63 -31.01 75.87 72.56
CA ALA QA 63 -32.12 76.77 72.81
C ALA QA 63 -32.42 76.91 74.29
N GLN QA 64 -32.07 75.89 75.09
CA GLN QA 64 -32.26 76.00 76.52
C GLN QA 64 -31.08 76.70 77.19
N ARG QA 65 -29.86 76.42 76.75
CA ARG QA 65 -28.68 77.08 77.31
C ARG QA 65 -28.66 78.55 76.98
N LEU QA 66 -29.14 78.92 75.80
CA LEU QA 66 -29.21 80.32 75.44
C LEU QA 66 -30.26 81.04 76.26
N LYS QA 67 -31.37 80.35 76.57
CA LYS QA 67 -32.39 80.96 77.40
C LYS QA 67 -31.90 81.10 78.83
N PHE QA 68 -31.00 80.22 79.25
CA PHE QA 68 -30.41 80.29 80.57
C PHE QA 68 -29.58 81.56 80.74
N ARG QA 69 -28.77 81.88 79.74
CA ARG QA 69 -27.93 83.07 79.82
C ARG QA 69 -28.74 84.33 79.55
N LEU QA 70 -29.84 84.20 78.83
CA LEU QA 70 -30.59 85.39 78.45
C LEU QA 70 -31.41 85.91 79.60
N ASN QA 71 -32.00 85.02 80.40
CA ASN QA 71 -32.81 85.48 81.52
C ASN QA 71 -31.95 86.06 82.63
N LEU QA 72 -30.69 85.62 82.73
CA LEU QA 72 -29.79 86.25 83.68
C LEU QA 72 -29.38 87.63 83.22
N TYR QA 73 -29.22 87.79 81.91
CA TYR QA 73 -28.78 89.07 81.36
C TYR QA 73 -29.83 90.15 81.52
N GLU QA 74 -31.09 89.83 81.31
CA GLU QA 74 -32.14 90.84 81.42
C GLU QA 74 -32.51 91.14 82.86
N LEU QA 75 -32.04 90.34 83.81
CA LEU QA 75 -32.28 90.66 85.20
C LEU QA 75 -31.14 91.44 85.82
N LYS QA 76 -29.90 91.12 85.45
CA LYS QA 76 -28.77 91.90 85.93
C LYS QA 76 -28.74 93.29 85.34
N GLU QA 77 -29.39 93.49 84.21
CA GLU QA 77 -29.56 94.80 83.64
C GLU QA 77 -31.04 95.12 83.67
N GLY QA 78 -31.44 96.27 83.16
CA GLY QA 78 -32.84 96.62 83.23
C GLY QA 78 -33.48 96.56 81.86
N ARG QA 79 -32.64 96.41 80.84
CA ARG QA 79 -33.09 96.53 79.47
C ARG QA 79 -33.27 95.15 78.83
N GLN QA 80 -33.77 95.16 77.61
CA GLN QA 80 -33.79 93.97 76.78
C GLN QA 80 -32.49 93.89 76.02
N ILE QA 81 -32.33 92.88 75.16
CA ILE QA 81 -31.03 92.64 74.55
C ILE QA 81 -31.08 93.19 73.13
N LYS QA 82 -30.05 93.74 72.74
CA LYS QA 82 -29.80 94.18 71.38
C LYS QA 82 -29.38 93.00 70.52
N PRO QA 83 -29.73 93.01 69.24
CA PRO QA 83 -29.48 91.82 68.41
C PRO QA 83 -28.02 91.54 68.14
N TYR QA 84 -27.17 92.55 68.18
CA TYR QA 84 -25.73 92.31 68.10
C TYR QA 84 -25.23 91.56 69.32
N THR QA 85 -25.76 91.91 70.49
CA THR QA 85 -25.32 91.30 71.73
C THR QA 85 -25.71 89.84 71.79
N LEU QA 86 -26.89 89.51 71.22
CA LEU QA 86 -27.32 88.12 71.16
C LEU QA 86 -26.42 87.31 70.24
N MET QA 87 -26.02 87.91 69.11
CA MET QA 87 -25.13 87.24 68.18
C MET QA 87 -23.77 86.98 68.81
N SER QA 88 -23.27 87.92 69.60
CA SER QA 88 -22.01 87.70 70.29
C SER QA 88 -22.18 86.68 71.42
N MET QA 89 -23.37 86.61 72.00
CA MET QA 89 -23.60 85.66 73.07
C MET QA 89 -23.66 84.24 72.54
N VAL QA 90 -24.27 84.05 71.37
CA VAL QA 90 -24.35 82.72 70.78
C VAL QA 90 -23.00 82.26 70.29
N ALA QA 91 -22.23 83.18 69.68
CA ALA QA 91 -20.91 82.83 69.16
C ALA QA 91 -19.94 82.50 70.28
N ASN QA 92 -20.18 83.04 71.47
CA ASN QA 92 -19.42 82.59 72.62
C ASN QA 92 -19.80 81.16 72.99
N LEU QA 93 -21.09 80.85 72.99
CA LEU QA 93 -21.56 79.57 73.50
C LEU QA 93 -21.15 78.44 72.57
N LEU QA 94 -21.00 78.73 71.28
CA LEU QA 94 -20.58 77.69 70.35
C LEU QA 94 -19.08 77.48 70.42
N TYR QA 95 -18.31 78.54 70.61
CA TYR QA 95 -16.86 78.42 70.53
C TYR QA 95 -16.26 77.79 71.78
N GLU QA 96 -17.01 77.78 72.89
CA GLU QA 96 -16.56 77.07 74.08
C GLU QA 96 -16.46 75.58 73.84
N LYS QA 97 -17.39 75.03 73.08
CA LYS QA 97 -17.34 73.64 72.65
C LYS QA 97 -16.61 73.65 71.32
N ARG QA 98 -15.31 73.95 71.36
CA ARG QA 98 -14.55 74.08 70.14
C ARG QA 98 -14.21 72.73 69.52
N PHE QA 99 -13.77 71.80 70.34
CA PHE QA 99 -13.30 70.54 69.78
C PHE QA 99 -14.46 69.59 69.50
N GLY QA 100 -15.39 69.46 70.43
CA GLY QA 100 -16.61 68.75 70.13
C GLY QA 100 -17.76 69.71 70.13
N PRO QA 101 -18.24 70.07 68.96
CA PRO QA 101 -19.20 71.18 68.85
C PRO QA 101 -20.63 70.71 68.94
N TYR QA 102 -21.53 71.67 69.06
CA TYR QA 102 -22.94 71.42 68.89
C TYR QA 102 -23.25 71.43 67.41
N TYR QA 103 -23.85 70.37 66.92
CA TYR QA 103 -24.16 70.27 65.50
C TYR QA 103 -25.43 71.04 65.23
N THR QA 104 -25.28 72.35 65.08
CA THR QA 104 -26.40 73.22 64.77
C THR QA 104 -25.87 74.45 64.05
N GLU QA 105 -26.79 75.17 63.43
CA GLU QA 105 -26.48 76.39 62.67
C GLU QA 105 -27.56 77.41 62.96
N PRO QA 106 -27.35 78.31 63.91
CA PRO QA 106 -28.42 79.23 64.30
C PRO QA 106 -28.59 80.37 63.31
N VAL QA 107 -29.81 80.88 63.25
CA VAL QA 107 -30.19 82.01 62.41
C VAL QA 107 -30.95 82.97 63.28
N ILE QA 108 -30.46 84.20 63.39
CA ILE QA 108 -31.07 85.22 64.23
C ILE QA 108 -31.71 86.27 63.33
N ALA QA 109 -32.97 86.60 63.62
CA ALA QA 109 -33.68 87.65 62.90
C ALA QA 109 -34.56 88.39 63.90
N GLY QA 110 -34.30 89.68 64.08
CA GLY QA 110 -35.10 90.52 64.92
C GLY QA 110 -35.10 91.97 64.49
N LEU QA 111 -35.70 92.81 65.33
CA LEU QA 111 -35.70 94.24 65.10
C LEU QA 111 -34.90 94.95 66.17
N ASP QA 112 -34.83 96.27 66.09
CA ASP QA 112 -34.20 97.09 67.10
C ASP QA 112 -35.15 97.18 68.28
N PRO QA 113 -34.69 97.14 69.52
CA PRO QA 113 -35.55 97.59 70.62
C PRO QA 113 -35.64 99.11 70.73
N LYS QA 114 -34.77 99.85 70.05
CA LYS QA 114 -34.84 101.32 70.13
C LYS QA 114 -35.59 101.91 68.95
N THR QA 115 -35.51 101.26 67.79
CA THR QA 115 -36.18 101.70 66.57
C THR QA 115 -36.80 100.49 65.91
N PHE QA 116 -37.11 100.59 64.63
CA PHE QA 116 -37.66 99.43 63.94
C PHE QA 116 -36.66 98.78 63.00
N LYS QA 117 -35.36 98.99 63.19
CA LYS QA 117 -34.39 98.61 62.19
C LYS QA 117 -34.19 97.09 62.18
N PRO QA 118 -34.35 96.43 61.05
CA PRO QA 118 -34.23 94.97 61.02
C PRO QA 118 -32.78 94.50 61.04
N PHE QA 119 -32.61 93.27 61.48
CA PHE QA 119 -31.30 92.64 61.64
C PHE QA 119 -31.41 91.17 61.31
N ILE QA 120 -30.46 90.65 60.56
CA ILE QA 120 -30.35 89.21 60.29
C ILE QA 120 -28.90 88.79 60.33
N CYS QA 121 -28.67 87.57 60.81
CA CYS QA 121 -27.34 86.97 60.77
C CYS QA 121 -27.49 85.46 60.88
N SER QA 122 -26.41 84.77 60.57
CA SER QA 122 -26.34 83.33 60.74
C SER QA 122 -24.93 82.96 61.16
N LEU QA 123 -24.79 81.78 61.77
CA LEU QA 123 -23.51 81.37 62.32
C LEU QA 123 -23.15 79.99 61.82
N ASP QA 124 -21.88 79.65 61.99
CA ASP QA 124 -21.41 78.30 61.72
C ASP QA 124 -21.65 77.42 62.93
N LEU QA 125 -21.16 76.19 62.89
CA LEU QA 125 -21.23 75.32 64.04
C LEU QA 125 -20.14 75.60 65.05
N ILE QA 126 -19.23 76.52 64.73
CA ILE QA 126 -18.23 76.98 65.69
C ILE QA 126 -18.30 78.47 65.94
N GLY QA 127 -19.17 79.22 65.27
CA GLY QA 127 -19.41 80.59 65.68
C GLY QA 127 -18.77 81.68 64.86
N CYS QA 128 -18.85 81.60 63.53
CA CYS QA 128 -18.44 82.73 62.72
C CYS QA 128 -19.64 83.62 62.46
N PRO QA 129 -19.70 84.81 63.02
CA PRO QA 129 -20.89 85.65 62.88
C PRO QA 129 -20.98 86.36 61.54
N MET QA 130 -21.59 85.70 60.57
CA MET QA 130 -21.80 86.29 59.25
C MET QA 130 -23.14 87.03 59.24
N VAL QA 131 -23.10 88.33 58.98
CA VAL QA 131 -24.32 89.12 58.82
C VAL QA 131 -24.50 89.42 57.35
N THR QA 132 -25.76 89.63 56.94
CA THR QA 132 -26.08 90.07 55.59
C THR QA 132 -27.10 91.19 55.66
N ASP QA 133 -27.62 91.55 54.49
CA ASP QA 133 -28.57 92.64 54.36
C ASP QA 133 -29.79 92.22 53.53
N ASP QA 134 -29.78 90.99 53.03
CA ASP QA 134 -30.89 90.53 52.22
C ASP QA 134 -31.58 89.30 52.79
N PHE QA 135 -30.83 88.25 53.08
CA PHE QA 135 -31.39 86.99 53.54
C PHE QA 135 -30.26 86.12 54.07
N VAL QA 136 -30.63 85.18 54.94
CA VAL QA 136 -29.73 84.12 55.40
C VAL QA 136 -30.51 82.83 55.41
N VAL QA 137 -29.82 81.72 55.10
CA VAL QA 137 -30.43 80.41 55.08
C VAL QA 137 -29.52 79.45 55.82
N SER QA 138 -30.12 78.37 56.32
CA SER QA 138 -29.38 77.30 56.96
C SER QA 138 -30.22 76.05 56.94
N GLY QA 139 -29.55 74.91 56.92
CA GLY QA 139 -30.22 73.64 56.89
C GLY QA 139 -29.57 72.74 55.87
N THR QA 140 -30.20 71.58 55.67
CA THR QA 140 -29.63 70.58 54.77
C THR QA 140 -29.86 70.96 53.32
N CYS QA 141 -31.03 71.50 53.01
CA CYS QA 141 -31.37 71.89 51.65
C CYS QA 141 -30.99 73.35 51.39
N ALA QA 142 -29.69 73.62 51.50
CA ALA QA 142 -29.23 75.00 51.49
C ALA QA 142 -29.18 75.57 50.08
N GLU QA 143 -28.77 74.77 49.09
CA GLU QA 143 -28.53 75.31 47.76
C GLU QA 143 -29.83 75.64 47.05
N GLN QA 144 -30.90 74.89 47.33
CA GLN QA 144 -32.20 75.22 46.76
C GLN QA 144 -32.70 76.55 47.29
N MET QA 145 -32.37 76.86 48.53
CA MET QA 145 -32.83 78.12 49.11
C MET QA 145 -32.05 79.31 48.55
N TYR QA 146 -30.81 79.09 48.10
CA TYR QA 146 -30.13 80.16 47.37
C TYR QA 146 -30.70 80.32 45.98
N GLY QA 147 -31.32 79.27 45.44
CA GLY QA 147 -31.92 79.38 44.12
C GLY QA 147 -33.15 80.27 44.12
N MET QA 148 -33.79 80.42 45.29
CA MET QA 148 -34.99 81.23 45.36
C MET QA 148 -34.64 82.68 45.64
N CYS QA 149 -33.86 82.92 46.68
CA CYS QA 149 -33.74 84.27 47.21
C CYS QA 149 -32.84 85.13 46.33
N GLU QA 150 -31.86 84.52 45.66
CA GLU QA 150 -31.13 85.25 44.63
C GLU QA 150 -32.04 85.64 43.48
N SER QA 151 -33.06 84.84 43.22
CA SER QA 151 -33.94 85.13 42.11
C SER QA 151 -35.17 85.90 42.55
N LEU QA 152 -35.56 85.79 43.80
CA LEU QA 152 -36.78 86.43 44.30
C LEU QA 152 -36.42 87.25 45.52
N TRP QA 153 -35.96 88.48 45.31
CA TRP QA 153 -35.75 89.41 46.40
C TRP QA 153 -35.72 90.81 45.83
N GLU QA 154 -36.39 91.73 46.51
CA GLU QA 154 -36.37 93.12 46.12
C GLU QA 154 -36.03 93.93 47.36
N PRO QA 155 -35.46 95.11 47.22
CA PRO QA 155 -35.04 95.87 48.39
C PRO QA 155 -36.16 96.36 49.30
N ASN QA 156 -37.10 97.12 48.78
CA ASN QA 156 -38.08 97.78 49.64
C ASN QA 156 -39.39 97.03 49.53
N MET QA 157 -39.67 96.17 50.51
CA MET QA 157 -40.78 95.26 50.42
C MET QA 157 -41.74 95.48 51.59
N ASP QA 158 -42.98 95.79 51.26
CA ASP QA 158 -44.06 95.76 52.23
C ASP QA 158 -44.25 94.34 52.78
N PRO QA 159 -44.81 94.22 53.99
CA PRO QA 159 -45.00 92.88 54.58
C PRO QA 159 -45.93 91.96 53.82
N ASP QA 160 -46.77 92.48 52.93
CA ASP QA 160 -47.55 91.61 52.07
C ASP QA 160 -46.66 90.87 51.09
N HIS QA 161 -45.87 91.61 50.32
CA HIS QA 161 -45.03 90.96 49.32
C HIS QA 161 -43.84 90.30 49.97
N LEU QA 162 -43.48 90.71 51.18
CA LEU QA 162 -42.48 89.97 51.92
C LEU QA 162 -42.99 88.59 52.31
N PHE QA 163 -44.28 88.51 52.67
CA PHE QA 163 -44.85 87.21 52.97
C PHE QA 163 -44.96 86.35 51.72
N GLU QA 164 -45.33 86.95 50.60
CA GLU QA 164 -45.54 86.17 49.38
C GLU QA 164 -44.21 85.69 48.82
N THR QA 165 -43.13 86.41 49.10
CA THR QA 165 -41.84 86.00 48.57
C THR QA 165 -41.24 84.87 49.38
N ILE QA 166 -41.26 84.98 50.72
CA ILE QA 166 -40.64 83.96 51.55
C ILE QA 166 -41.50 82.69 51.56
N SER QA 167 -42.78 82.80 51.23
CA SER QA 167 -43.61 81.61 51.18
C SER QA 167 -43.31 80.81 49.91
N GLN QA 168 -43.14 81.50 48.79
CA GLN QA 168 -42.82 80.78 47.56
C GLN QA 168 -41.37 80.34 47.55
N ALA QA 169 -40.54 80.97 48.37
CA ALA QA 169 -39.15 80.54 48.48
C ALA QA 169 -39.05 79.22 49.22
N MET QA 170 -39.77 79.09 50.32
CA MET QA 170 -39.67 77.88 51.13
C MET QA 170 -40.37 76.70 50.47
N LEU QA 171 -41.57 76.92 49.91
CA LEU QA 171 -42.35 75.81 49.37
C LEU QA 171 -41.69 75.17 48.17
N ASN QA 172 -40.90 75.92 47.41
CA ASN QA 172 -40.27 75.33 46.25
C ASN QA 172 -38.93 74.68 46.59
N ALA QA 173 -38.24 75.22 47.59
CA ALA QA 173 -36.94 74.66 47.97
C ALA QA 173 -37.10 73.40 48.79
N VAL QA 174 -38.07 73.38 49.70
CA VAL QA 174 -38.23 72.26 50.61
C VAL QA 174 -38.82 71.06 49.88
N ASP QA 175 -39.75 71.31 48.96
CA ASP QA 175 -40.38 70.20 48.25
C ASP QA 175 -39.47 69.58 47.21
N ARG QA 176 -38.30 70.17 46.97
CA ARG QA 176 -37.24 69.49 46.22
C ARG QA 176 -36.39 68.63 47.16
N ASP QA 177 -36.38 68.95 48.45
CA ASP QA 177 -35.60 68.17 49.40
C ASP QA 177 -36.36 66.90 49.80
N ALA QA 178 -35.60 65.85 50.11
CA ALA QA 178 -36.18 64.58 50.50
C ALA QA 178 -36.46 64.47 51.99
N VAL QA 179 -35.66 65.10 52.84
CA VAL QA 179 -35.77 64.90 54.27
C VAL QA 179 -36.33 66.13 54.96
N SER QA 180 -36.92 67.05 54.21
CA SER QA 180 -37.56 68.22 54.79
C SER QA 180 -38.93 68.37 54.16
N GLY QA 181 -39.89 68.75 54.96
CA GLY QA 181 -41.23 68.91 54.47
C GLY QA 181 -42.21 68.88 55.62
N MET QA 182 -43.38 68.31 55.33
CA MET QA 182 -44.45 68.06 56.30
C MET QA 182 -44.96 69.37 56.91
N GLY QA 183 -44.97 70.44 56.12
CA GLY QA 183 -45.49 71.70 56.61
C GLY QA 183 -44.45 72.77 56.82
N VAL QA 184 -44.82 74.03 56.64
CA VAL QA 184 -43.94 75.19 56.82
C VAL QA 184 -44.67 76.21 57.68
N ILE QA 185 -43.99 76.75 58.68
CA ILE QA 185 -44.51 77.82 59.50
C ILE QA 185 -43.72 79.09 59.20
N VAL QA 186 -44.40 80.24 59.21
CA VAL QA 186 -43.80 81.52 58.87
C VAL QA 186 -44.19 82.54 59.92
N HIS QA 187 -43.19 83.14 60.57
CA HIS QA 187 -43.39 84.28 61.45
C HIS QA 187 -42.96 85.53 60.71
N ILE QA 188 -43.87 86.46 60.54
CA ILE QA 188 -43.55 87.78 59.99
C ILE QA 188 -43.83 88.82 61.06
N ILE QA 189 -42.78 89.50 61.49
CA ILE QA 189 -42.83 90.41 62.62
C ILE QA 189 -42.48 91.80 62.14
N GLU QA 190 -42.98 92.79 62.88
CA GLU QA 190 -42.80 94.19 62.53
C GLU QA 190 -42.97 95.01 63.79
N LYS QA 191 -43.07 96.33 63.61
CA LYS QA 191 -43.10 97.22 64.76
C LYS QA 191 -44.42 97.13 65.51
N ASP QA 192 -45.51 96.91 64.78
CA ASP QA 192 -46.84 96.94 65.38
C ASP QA 192 -47.19 95.62 66.04
N LYS QA 193 -47.05 94.52 65.31
CA LYS QA 193 -47.54 93.23 65.76
C LYS QA 193 -46.72 92.11 65.15
N ILE QA 194 -47.12 90.89 65.47
CA ILE QA 194 -46.47 89.66 65.03
C ILE QA 194 -47.52 88.77 64.40
N THR QA 195 -47.24 88.32 63.18
CA THR QA 195 -48.15 87.44 62.46
C THR QA 195 -47.52 86.07 62.27
N THR QA 196 -48.26 85.03 62.62
CA THR QA 196 -47.82 83.65 62.49
C THR QA 196 -48.75 82.93 61.55
N ARG QA 197 -48.25 82.48 60.42
CA ARG QA 197 -49.06 81.73 59.48
C ARG QA 197 -48.43 80.37 59.20
N THR QA 198 -49.28 79.40 58.92
CA THR QA 198 -48.86 78.05 58.57
C THR QA 198 -49.33 77.75 57.15
N LEU QA 199 -48.39 77.42 56.28
CA LEU QA 199 -48.71 77.29 54.87
C LEU QA 199 -49.34 75.94 54.58
N LYS QA 200 -49.68 75.71 53.32
CA LYS QA 200 -50.30 74.47 52.86
C LYS QA 200 -49.29 73.76 51.97
N ALA QA 201 -48.59 72.78 52.54
CA ALA QA 201 -47.47 72.14 51.87
C ALA QA 201 -47.82 70.70 51.50
N ARG QA 202 -46.88 70.07 50.81
CA ARG QA 202 -47.03 68.66 50.44
C ARG QA 202 -46.74 67.80 51.65
N MET QA 203 -47.68 66.93 52.00
CA MET QA 203 -47.52 66.07 53.18
C MET QA 203 -47.02 64.70 52.75
N ASP QA 204 -45.79 64.69 52.24
CA ASP QA 204 -45.13 63.43 51.91
C ASP QA 204 -43.64 63.45 52.20
N MET RA 1 -34.96 45.50 68.13
CA MET RA 1 -35.02 44.08 68.44
C MET RA 1 -36.36 43.73 69.05
N GLU RA 2 -36.57 44.14 70.31
CA GLU RA 2 -37.87 43.99 70.94
C GLU RA 2 -38.76 45.18 70.58
N TYR RA 3 -40.01 45.12 71.04
CA TYR RA 3 -41.06 45.96 70.48
C TYR RA 3 -41.93 46.56 71.56
N LEU RA 4 -42.07 47.88 71.54
CA LEU RA 4 -42.97 48.59 72.43
C LEU RA 4 -43.89 49.48 71.61
N ILE RA 5 -44.99 49.92 72.22
CA ILE RA 5 -46.07 50.60 71.52
C ILE RA 5 -46.93 51.38 72.52
N GLY RA 6 -47.28 52.62 72.17
CA GLY RA 6 -48.18 53.43 72.97
C GLY RA 6 -49.22 54.20 72.18
N ILE RA 7 -50.46 54.25 72.67
CA ILE RA 7 -51.54 54.97 72.00
C ILE RA 7 -52.12 56.02 72.92
N GLN RA 8 -52.24 57.25 72.43
CA GLN RA 8 -52.82 58.37 73.16
C GLN RA 8 -54.31 58.47 72.88
N GLY RA 9 -55.11 58.57 73.94
CA GLY RA 9 -56.53 58.73 73.79
C GLY RA 9 -57.02 60.12 74.14
N PRO RA 10 -58.34 60.31 74.18
CA PRO RA 10 -58.87 61.60 74.63
C PRO RA 10 -58.67 61.83 76.12
N ASP RA 11 -58.73 60.77 76.92
CA ASP RA 11 -58.51 60.88 78.36
C ASP RA 11 -57.73 59.70 78.93
N TYR RA 12 -56.99 58.98 78.11
CA TYR RA 12 -56.25 57.82 78.58
C TYR RA 12 -55.00 57.63 77.73
N VAL RA 13 -54.07 56.86 78.25
CA VAL RA 13 -52.89 56.44 77.49
C VAL RA 13 -52.81 54.93 77.56
N LEU RA 14 -52.83 54.28 76.40
CA LEU RA 14 -52.75 52.83 76.30
C LEU RA 14 -51.35 52.48 75.84
N VAL RA 15 -50.65 51.67 76.62
CA VAL RA 15 -49.32 51.21 76.26
C VAL RA 15 -49.30 49.69 76.28
N ALA RA 16 -48.31 49.12 75.59
CA ALA RA 16 -48.15 47.68 75.54
C ALA RA 16 -46.70 47.35 75.27
N SER RA 17 -46.24 46.26 75.86
CA SER RA 17 -44.85 45.85 75.79
C SER RA 17 -44.81 44.35 75.52
N ASP RA 18 -43.65 43.87 75.09
CA ASP RA 18 -43.45 42.44 74.94
C ASP RA 18 -42.79 41.86 76.19
N ARG RA 19 -42.70 40.53 76.22
CA ARG RA 19 -42.30 39.84 77.42
C ARG RA 19 -41.14 38.89 77.17
N VAL RA 20 -40.19 39.27 76.34
CA VAL RA 20 -39.14 38.36 75.88
C VAL RA 20 -37.79 38.90 76.34
N ALA RA 21 -36.96 38.02 76.89
CA ALA RA 21 -35.58 38.33 77.26
C ALA RA 21 -34.70 37.27 76.63
N ALA RA 22 -34.24 37.54 75.41
CA ALA RA 22 -33.44 36.58 74.67
C ALA RA 22 -31.96 36.85 74.88
N SER RA 23 -31.13 35.83 74.65
CA SER RA 23 -29.71 36.04 74.83
C SER RA 23 -28.91 35.92 73.54
N ASN RA 24 -28.89 34.73 72.94
CA ASN RA 24 -28.09 34.59 71.73
C ASN RA 24 -28.94 34.19 70.54
N ILE RA 25 -29.52 33.00 70.62
CA ILE RA 25 -30.42 32.46 69.63
C ILE RA 25 -31.60 31.90 70.39
N VAL RA 26 -31.46 31.86 71.70
CA VAL RA 26 -32.42 31.23 72.58
C VAL RA 26 -33.19 32.32 73.30
N GLN RA 27 -34.33 31.93 73.84
CA GLN RA 27 -35.22 32.82 74.57
C GLN RA 27 -35.15 32.41 76.03
N MET RA 28 -34.39 33.16 76.82
CA MET RA 28 -34.15 32.78 78.20
C MET RA 28 -35.40 32.96 79.04
N LYS RA 29 -35.90 34.19 79.08
CA LYS RA 29 -37.05 34.48 79.92
C LYS RA 29 -38.22 34.94 79.06
N ASP RA 30 -39.35 34.27 79.19
CA ASP RA 30 -40.55 34.55 78.41
C ASP RA 30 -41.65 35.20 79.23
N ASP RA 31 -41.31 35.81 80.35
CA ASP RA 31 -42.27 36.64 81.07
C ASP RA 31 -41.55 37.87 81.63
N HIS RA 32 -40.63 38.41 80.85
CA HIS RA 32 -39.83 39.54 81.30
C HIS RA 32 -40.66 40.81 81.27
N ASP RA 33 -40.56 41.61 82.31
CA ASP RA 33 -41.29 42.86 82.35
C ASP RA 33 -40.39 43.98 81.89
N LYS RA 34 -41.00 45.00 81.28
CA LYS RA 34 -40.26 46.16 80.80
C LYS RA 34 -40.69 47.45 81.49
N MET RA 35 -41.58 47.37 82.47
CA MET RA 35 -42.28 48.54 82.97
C MET RA 35 -41.60 49.09 84.22
N PHE RA 36 -41.79 50.38 84.47
CA PHE RA 36 -41.20 51.04 85.63
C PHE RA 36 -42.22 52.05 86.13
N LYS RA 37 -42.86 51.76 87.25
CA LYS RA 37 -43.81 52.70 87.84
C LYS RA 37 -43.05 53.83 88.47
N MET RA 38 -42.92 54.94 87.74
CA MET RA 38 -42.29 56.13 88.31
C MET RA 38 -43.17 56.76 89.38
N SER RA 39 -44.46 56.88 89.12
CA SER RA 39 -45.36 57.46 90.10
C SER RA 39 -46.73 56.84 89.97
N GLU RA 40 -47.73 57.46 90.58
CA GLU RA 40 -49.09 56.94 90.52
C GLU RA 40 -49.77 57.24 89.20
N LYS RA 41 -49.19 58.11 88.38
CA LYS RA 41 -49.83 58.48 87.14
C LYS RA 41 -48.80 58.54 86.01
N ILE RA 42 -47.61 58.01 86.25
CA ILE RA 42 -46.52 58.03 85.27
C ILE RA 42 -45.91 56.65 85.17
N LEU RA 43 -45.95 56.07 83.97
CA LEU RA 43 -45.22 54.85 83.68
C LEU RA 43 -43.96 55.13 82.88
N LEU RA 44 -43.12 54.12 82.76
CA LEU RA 44 -41.86 54.22 82.05
C LEU RA 44 -41.46 52.82 81.62
N LEU RA 45 -41.12 52.68 80.35
CA LEU RA 45 -40.62 51.42 79.82
C LEU RA 45 -39.21 51.70 79.34
N CYS RA 46 -38.49 50.67 78.88
CA CYS RA 46 -37.15 50.93 78.37
C CYS RA 46 -36.71 49.87 77.38
N VAL RA 47 -36.00 50.29 76.33
CA VAL RA 47 -35.49 49.42 75.28
C VAL RA 47 -34.10 49.89 74.89
N GLY RA 48 -33.15 48.96 74.87
CA GLY RA 48 -31.84 49.29 74.36
C GLY RA 48 -30.75 48.32 74.74
N GLU RA 49 -29.60 48.86 75.15
CA GLU RA 49 -28.44 48.03 75.44
C GLU RA 49 -28.64 47.28 76.74
N ALA RA 50 -28.36 45.98 76.71
CA ALA RA 50 -28.55 45.11 77.86
C ALA RA 50 -27.58 45.45 78.97
N GLY RA 51 -28.09 46.09 80.02
CA GLY RA 51 -27.24 46.59 81.07
C GLY RA 51 -27.44 48.07 81.25
N ASP RA 52 -27.65 48.77 80.14
CA ASP RA 52 -27.95 50.20 80.20
C ASP RA 52 -29.43 50.48 80.40
N THR RA 53 -30.30 49.52 80.09
CA THR RA 53 -31.73 49.75 80.25
C THR RA 53 -32.12 49.82 81.71
N VAL RA 54 -31.60 48.89 82.51
CA VAL RA 54 -32.08 48.79 83.88
C VAL RA 54 -31.47 49.89 84.74
N GLN RA 55 -30.16 50.11 84.63
CA GLN RA 55 -29.51 50.99 85.57
C GLN RA 55 -29.81 52.45 85.28
N PHE RA 56 -30.12 52.78 84.03
CA PHE RA 56 -30.57 54.15 83.76
C PHE RA 56 -31.99 54.36 84.27
N ALA RA 57 -32.85 53.35 84.13
CA ALA RA 57 -34.23 53.48 84.55
C ALA RA 57 -34.33 53.61 86.06
N GLU RA 58 -33.39 53.03 86.80
CA GLU RA 58 -33.43 53.14 88.25
C GLU RA 58 -32.94 54.50 88.71
N TYR RA 59 -32.09 55.16 87.92
CA TYR RA 59 -31.67 56.52 88.28
C TYR RA 59 -32.84 57.48 88.22
N ILE RA 60 -33.69 57.31 87.22
CA ILE RA 60 -34.86 58.16 87.08
C ILE RA 60 -35.89 57.80 88.13
N GLN RA 61 -36.01 56.51 88.43
CA GLN RA 61 -37.06 56.01 89.31
C GLN RA 61 -36.88 56.54 90.73
N LYS RA 62 -35.64 56.55 91.22
CA LYS RA 62 -35.43 56.97 92.58
C LYS RA 62 -35.41 58.48 92.71
N ASN RA 63 -34.99 59.18 91.65
CA ASN RA 63 -34.93 60.63 91.74
C ASN RA 63 -36.32 61.24 91.69
N VAL RA 64 -37.24 60.60 90.99
CA VAL RA 64 -38.61 61.10 90.92
C VAL RA 64 -39.33 60.84 92.23
N GLN RA 65 -39.10 59.68 92.84
CA GLN RA 65 -39.66 59.41 94.16
C GLN RA 65 -39.07 60.34 95.21
N LEU RA 66 -37.83 60.76 95.01
CA LEU RA 66 -37.20 61.65 95.97
C LEU RA 66 -37.80 63.05 95.90
N TYR RA 67 -38.16 63.49 94.69
CA TYR RA 67 -38.82 64.79 94.52
C TYR RA 67 -40.17 64.79 95.21
N LYS RA 68 -40.91 63.70 95.06
CA LYS RA 68 -42.25 63.61 95.65
C LYS RA 68 -42.16 63.50 97.16
N MET RA 69 -41.09 62.90 97.67
CA MET RA 69 -40.95 62.78 99.12
C MET RA 69 -40.60 64.11 99.75
N ARG RA 70 -39.78 64.90 99.05
CA ARG RA 70 -39.31 66.16 99.58
C ARG RA 70 -40.32 67.29 99.48
N ASN RA 71 -41.29 67.18 98.59
CA ASN RA 71 -42.22 68.27 98.41
C ASN RA 71 -43.67 67.87 98.55
N GLY RA 72 -43.97 66.58 98.65
CA GLY RA 72 -45.35 66.17 98.84
C GLY RA 72 -46.08 65.92 97.54
N TYR RA 73 -46.02 66.89 96.63
CA TYR RA 73 -46.72 66.75 95.37
C TYR RA 73 -45.85 66.05 94.33
N GLU RA 74 -46.53 65.48 93.35
CA GLU RA 74 -45.93 64.66 92.30
C GLU RA 74 -45.45 65.53 91.16
N LEU RA 75 -44.44 65.06 90.42
CA LEU RA 75 -44.05 65.75 89.19
C LEU RA 75 -45.15 65.65 88.13
N SER RA 76 -45.12 66.57 87.25
CA SER RA 76 -45.95 66.45 86.07
C SER RA 76 -45.27 65.53 85.07
N PRO RA 77 -46.01 64.96 84.12
CA PRO RA 77 -45.35 64.18 83.07
C PRO RA 77 -44.46 65.02 82.17
N THR RA 78 -44.77 66.30 82.02
CA THR RA 78 -43.91 67.18 81.23
C THR RA 78 -42.57 67.40 81.93
N ALA RA 79 -42.59 67.58 83.25
CA ALA RA 79 -41.36 67.79 83.98
C ALA RA 79 -40.53 66.53 84.04
N ALA RA 80 -41.18 65.37 84.11
CA ALA RA 80 -40.46 64.11 84.08
C ALA RA 80 -39.86 63.86 82.71
N ALA RA 81 -40.48 64.41 81.67
CA ALA RA 81 -39.96 64.21 80.32
C ALA RA 81 -38.67 64.96 80.11
N ASN RA 82 -38.59 66.20 80.60
CA ASN RA 82 -37.36 66.94 80.41
C ASN RA 82 -36.26 66.41 81.30
N PHE RA 83 -36.61 65.92 82.49
CA PHE RA 83 -35.62 65.47 83.45
C PHE RA 83 -34.85 64.26 82.95
N THR RA 84 -35.52 63.37 82.21
CA THR RA 84 -34.80 62.28 81.58
C THR RA 84 -33.94 62.79 80.44
N ARG RA 85 -34.45 63.76 79.68
CA ARG RA 85 -33.75 64.22 78.49
C ARG RA 85 -32.48 64.98 78.87
N ARG RA 86 -32.46 65.58 80.05
CA ARG RA 86 -31.23 66.21 80.51
C ARG RA 86 -30.18 65.16 80.84
N ASN RA 87 -30.60 64.00 81.33
CA ASN RA 87 -29.65 63.03 81.83
C ASN RA 87 -28.97 62.26 80.71
N LEU RA 88 -29.67 62.04 79.60
CA LEU RA 88 -28.99 61.45 78.45
C LEU RA 88 -28.00 62.42 77.83
N ALA RA 89 -28.40 63.68 77.70
CA ALA RA 89 -27.58 64.66 77.01
C ALA RA 89 -26.30 64.95 77.78
N ASP RA 90 -26.37 64.92 79.11
CA ASP RA 90 -25.16 65.08 79.89
C ASP RA 90 -24.28 63.85 79.82
N CYS RA 91 -24.89 62.67 79.76
CA CYS RA 91 -24.11 61.44 79.71
C CYS RA 91 -23.66 61.13 78.29
N LEU RA 92 -24.19 61.86 77.31
CA LEU RA 92 -23.86 61.61 75.90
C LEU RA 92 -22.43 62.00 75.58
N ARG RA 93 -22.01 63.19 76.00
CA ARG RA 93 -20.64 63.65 75.78
C ARG RA 93 -19.77 63.23 76.95
N SER RA 94 -19.70 61.93 77.17
CA SER RA 94 -18.95 61.42 78.31
C SER RA 94 -18.16 60.19 77.91
N ARG RA 95 -17.46 59.60 78.86
CA ARG RA 95 -16.67 58.42 78.61
C ARG RA 95 -17.49 57.17 78.37
N THR RA 96 -18.73 57.13 78.87
CA THR RA 96 -19.62 55.99 78.69
C THR RA 96 -21.05 56.49 78.60
N PRO RA 97 -21.55 56.70 77.39
CA PRO RA 97 -22.96 57.07 77.24
C PRO RA 97 -23.87 55.86 77.42
N TYR RA 98 -25.16 56.15 77.51
CA TYR RA 98 -26.19 55.14 77.58
C TYR RA 98 -26.79 54.94 76.19
N HIS RA 99 -27.34 53.75 75.96
CA HIS RA 99 -27.95 53.45 74.67
C HIS RA 99 -29.33 52.88 74.94
N VAL RA 100 -30.30 53.76 75.12
CA VAL RA 100 -31.65 53.35 75.49
C VAL RA 100 -32.63 54.09 74.59
N ASN RA 101 -33.78 53.50 74.34
CA ASN RA 101 -34.72 54.12 73.41
C ASN RA 101 -36.12 54.00 73.98
N LEU RA 102 -36.54 54.96 74.80
CA LEU RA 102 -37.94 54.88 75.19
C LEU RA 102 -38.53 56.20 75.66
N LEU RA 103 -39.77 56.38 75.23
CA LEU RA 103 -40.77 57.37 75.56
C LEU RA 103 -41.24 57.43 77.01
N LEU RA 104 -42.21 58.30 77.27
CA LEU RA 104 -42.92 58.34 78.52
C LEU RA 104 -44.41 58.34 78.27
N ALA RA 105 -45.15 58.11 79.34
CA ALA RA 105 -46.61 58.00 79.24
C ALA RA 105 -47.18 58.39 80.59
N GLY RA 106 -47.84 59.52 80.65
CA GLY RA 106 -48.38 59.94 81.92
C GLY RA 106 -49.76 60.54 81.82
N TYR RA 107 -50.28 60.98 82.95
CA TYR RA 107 -51.57 61.65 82.98
C TYR RA 107 -51.47 62.81 83.96
N ASP RA 108 -51.64 64.02 83.46
CA ASP RA 108 -51.68 65.17 84.34
C ASP RA 108 -53.11 65.37 84.82
N GLU RA 109 -53.23 65.85 86.06
CA GLU RA 109 -54.53 66.21 86.59
C GLU RA 109 -55.08 67.48 85.96
N HIS RA 110 -54.21 68.30 85.39
CA HIS RA 110 -54.62 69.53 84.72
C HIS RA 110 -54.52 69.42 83.21
N GLU RA 111 -53.41 68.92 82.70
CA GLU RA 111 -53.21 68.89 81.25
C GLU RA 111 -53.78 67.66 80.60
N GLY RA 112 -54.18 66.66 81.39
CA GLY RA 112 -54.69 65.45 80.82
C GLY RA 112 -53.57 64.52 80.42
N PRO RA 113 -53.87 63.58 79.54
CA PRO RA 113 -52.89 62.54 79.22
C PRO RA 113 -51.83 63.05 78.27
N ALA RA 114 -50.66 62.42 78.34
CA ALA RA 114 -49.53 62.83 77.53
C ALA RA 114 -48.72 61.60 77.15
N LEU RA 115 -48.11 61.66 75.97
CA LEU RA 115 -47.31 60.56 75.46
C LEU RA 115 -46.09 61.16 74.76
N TYR RA 116 -44.92 60.88 75.28
CA TYR RA 116 -43.70 61.47 74.76
C TYR RA 116 -42.97 60.48 73.87
N TYR RA 117 -41.73 60.80 73.52
CA TYR RA 117 -40.89 59.95 72.69
C TYR RA 117 -39.44 60.31 72.96
N MET RA 118 -38.56 59.32 72.86
CA MET RA 118 -37.16 59.58 73.15
C MET RA 118 -36.30 58.69 72.28
N ASP RA 119 -35.26 59.26 71.70
CA ASP RA 119 -34.30 58.53 70.92
C ASP RA 119 -33.13 58.18 71.86
N TYR RA 120 -32.10 57.54 71.32
CA TYR RA 120 -30.90 57.34 72.12
C TYR RA 120 -29.92 58.46 71.94
N LEU RA 121 -30.33 59.49 71.21
CA LEU RA 121 -29.59 60.73 71.14
C LEU RA 121 -30.33 61.84 71.84
N ALA RA 122 -31.29 61.51 72.71
CA ALA RA 122 -32.03 62.44 73.56
C ALA RA 122 -32.78 63.52 72.80
N ALA RA 123 -33.76 63.12 71.98
CA ALA RA 123 -34.62 64.07 71.29
C ALA RA 123 -36.05 63.80 71.70
N LEU RA 124 -36.64 64.71 72.46
CA LEU RA 124 -38.04 64.58 72.85
C LEU RA 124 -38.96 64.81 71.67
N ALA RA 125 -40.15 64.22 71.76
CA ALA RA 125 -41.21 64.44 70.79
C ALA RA 125 -42.53 64.16 71.47
N LYS RA 126 -43.42 65.15 71.46
CA LYS RA 126 -44.78 64.97 71.93
C LYS RA 126 -45.56 64.30 70.79
N ALA RA 127 -45.95 63.05 70.99
CA ALA RA 127 -46.53 62.29 69.89
C ALA RA 127 -47.90 61.74 70.26
N PRO RA 128 -48.82 61.60 69.29
CA PRO RA 128 -50.11 60.98 69.61
C PRO RA 128 -50.09 59.47 69.52
N PHE RA 129 -49.05 58.87 68.94
CA PHE RA 129 -48.74 57.45 69.05
C PHE RA 129 -47.32 57.25 68.59
N ALA RA 130 -46.67 56.22 69.11
CA ALA RA 130 -45.28 55.93 68.76
C ALA RA 130 -44.98 54.48 69.06
N ALA RA 131 -43.85 54.02 68.52
CA ALA RA 131 -43.40 52.66 68.74
C ALA RA 131 -41.90 52.61 68.51
N HIS RA 132 -41.24 51.65 69.15
CA HIS RA 132 -39.83 51.39 68.95
C HIS RA 132 -39.62 49.99 68.42
N GLY RA 133 -38.39 49.71 68.04
CA GLY RA 133 -38.00 48.38 67.61
C GLY RA 133 -38.17 48.19 66.12
N TYR RA 134 -37.74 47.00 65.67
CA TYR RA 134 -37.92 46.65 64.27
C TYR RA 134 -39.38 46.43 63.94
N GLY RA 135 -40.19 46.04 64.92
CA GLY RA 135 -41.61 45.87 64.69
C GLY RA 135 -42.38 47.14 64.48
N ALA RA 136 -41.77 48.30 64.73
CA ALA RA 136 -42.41 49.56 64.43
C ALA RA 136 -42.49 49.84 62.94
N PHE RA 137 -41.69 49.15 62.13
CA PHE RA 137 -41.76 49.39 60.71
C PHE RA 137 -42.99 48.76 60.09
N LEU RA 138 -43.56 47.73 60.70
CA LEU RA 138 -44.77 47.18 60.15
C LEU RA 138 -46.04 47.79 60.75
N THR RA 139 -45.98 48.31 61.96
CA THR RA 139 -47.20 48.56 62.71
C THR RA 139 -47.64 50.01 62.69
N LEU RA 140 -46.81 50.94 62.23
CA LEU RA 140 -47.23 52.33 62.19
C LEU RA 140 -48.29 52.56 61.13
N SER RA 141 -48.21 51.84 60.01
CA SER RA 141 -49.12 52.11 58.91
C SER RA 141 -50.52 51.58 59.20
N ILE RA 142 -50.64 50.51 60.00
CA ILE RA 142 -51.96 50.16 60.53
C ILE RA 142 -52.45 51.26 61.44
N LEU RA 143 -51.58 51.73 62.32
CA LEU RA 143 -51.99 52.65 63.36
C LEU RA 143 -52.21 54.04 62.80
N ASP RA 144 -51.53 54.40 61.72
CA ASP RA 144 -51.79 55.68 61.09
C ASP RA 144 -53.08 55.63 60.30
N ARG RA 145 -53.45 54.45 59.82
CA ARG RA 145 -54.70 54.27 59.10
C ARG RA 145 -55.89 54.40 60.04
N TYR RA 146 -55.97 53.54 61.05
CA TYR RA 146 -57.20 53.36 61.83
C TYR RA 146 -57.19 54.21 63.10
N TYR RA 147 -56.84 55.47 62.96
CA TYR RA 147 -56.75 56.33 64.13
C TYR RA 147 -57.68 57.51 64.00
N THR RA 148 -58.32 57.83 65.13
CA THR RA 148 -59.20 58.94 65.26
C THR RA 148 -58.74 59.59 66.56
N PRO RA 149 -58.58 60.91 66.60
CA PRO RA 149 -58.20 61.57 67.86
C PRO RA 149 -59.27 61.47 68.92
N THR RA 150 -60.52 61.22 68.55
CA THR RA 150 -61.59 60.93 69.48
C THR RA 150 -61.91 59.46 69.32
N ILE RA 151 -61.22 58.62 70.07
CA ILE RA 151 -61.37 57.18 69.96
C ILE RA 151 -61.73 56.64 71.34
N SER RA 152 -62.54 55.59 71.38
CA SER RA 152 -62.91 55.02 72.66
C SER RA 152 -61.84 53.99 73.03
N ARG RA 153 -61.77 53.61 74.30
CA ARG RA 153 -60.72 52.70 74.72
C ARG RA 153 -60.99 51.26 74.32
N GLU RA 154 -62.24 50.93 74.02
CA GLU RA 154 -62.55 49.60 73.52
C GLU RA 154 -62.09 49.47 72.07
N ARG RA 155 -62.21 50.55 71.31
CA ARG RA 155 -61.61 50.59 69.99
C ARG RA 155 -60.09 50.52 70.06
N ALA RA 156 -59.50 51.12 71.10
CA ALA RA 156 -58.06 51.16 71.21
C ALA RA 156 -57.49 49.78 71.48
N VAL RA 157 -58.17 48.98 72.30
CA VAL RA 157 -57.74 47.62 72.52
C VAL RA 157 -57.97 46.79 71.26
N GLU RA 158 -59.09 47.07 70.56
CA GLU RA 158 -59.36 46.38 69.31
C GLU RA 158 -58.35 46.76 68.24
N LEU RA 159 -57.96 48.04 68.19
CA LEU RA 159 -56.90 48.46 67.28
C LEU RA 159 -55.56 47.85 67.68
N LEU RA 160 -55.37 47.61 68.97
CA LEU RA 160 -54.14 46.98 69.41
C LEU RA 160 -54.10 45.51 69.02
N ARG RA 161 -55.26 44.88 68.87
CA ARG RA 161 -55.30 43.51 68.33
C ARG RA 161 -54.83 43.49 66.89
N LYS RA 162 -55.21 44.50 66.11
CA LYS RA 162 -54.84 44.56 64.70
C LYS RA 162 -53.35 44.80 64.55
N CYS RA 163 -52.80 45.63 65.43
CA CYS RA 163 -51.36 45.90 65.43
C CYS RA 163 -50.56 44.66 65.79
N LEU RA 164 -51.09 43.85 66.70
CA LEU RA 164 -50.34 42.74 67.24
C LEU RA 164 -50.40 41.51 66.37
N GLU RA 165 -51.42 41.39 65.53
CA GLU RA 165 -51.54 40.21 64.70
C GLU RA 165 -50.60 40.28 63.50
N GLU RA 166 -50.17 41.48 63.13
CA GLU RA 166 -49.24 41.61 62.03
C GLU RA 166 -47.84 41.17 62.41
N LEU RA 167 -47.50 41.26 63.69
CA LEU RA 167 -46.20 40.78 64.13
C LEU RA 167 -46.15 39.26 64.17
N GLN RA 168 -47.30 38.61 64.09
CA GLN RA 168 -47.27 37.16 64.01
C GLN RA 168 -47.82 36.71 62.66
N LYS RA 169 -47.72 37.60 61.68
CA LYS RA 169 -48.04 37.19 60.32
C LYS RA 169 -46.81 37.36 59.45
N ARG RA 170 -46.22 38.55 59.45
CA ARG RA 170 -45.00 38.81 58.69
C ARG RA 170 -43.98 39.42 59.61
N PHE RA 171 -43.30 38.58 60.39
CA PHE RA 171 -42.20 39.07 61.20
C PHE RA 171 -41.36 37.87 61.57
N ILE RA 172 -40.04 38.00 61.44
CA ILE RA 172 -39.18 36.82 61.49
C ILE RA 172 -38.93 36.38 62.92
N LEU RA 173 -39.19 37.26 63.88
CA LEU RA 173 -38.94 36.91 65.27
C LEU RA 173 -40.17 36.22 65.84
N ASN RA 174 -40.03 35.72 67.05
CA ASN RA 174 -41.05 34.85 67.61
C ASN RA 174 -42.20 35.69 68.16
N LEU RA 175 -41.90 36.48 69.19
CA LEU RA 175 -42.82 37.36 69.90
C LEU RA 175 -44.12 36.70 70.35
N PRO RA 176 -44.09 35.89 71.42
CA PRO RA 176 -45.32 35.43 72.08
C PRO RA 176 -46.04 36.54 72.84
N THR RA 177 -46.82 36.15 73.84
CA THR RA 177 -47.71 36.99 74.64
C THR RA 177 -47.13 38.35 75.03
N PHE RA 178 -47.99 39.37 75.05
CA PHE RA 178 -47.60 40.74 75.38
C PHE RA 178 -48.32 41.27 76.61
N SER RA 179 -47.88 42.39 77.15
CA SER RA 179 -48.41 42.89 78.42
C SER RA 179 -48.88 44.32 78.24
N VAL RA 180 -50.07 44.62 78.76
CA VAL RA 180 -50.79 45.86 78.45
C VAL RA 180 -51.13 46.58 79.75
N ARG RA 181 -50.92 47.89 79.78
CA ARG RA 181 -51.39 48.75 80.85
C ARG RA 181 -52.28 49.84 80.27
N ILE RA 182 -52.96 50.55 81.16
CA ILE RA 182 -53.79 51.69 80.80
C ILE RA 182 -53.71 52.72 81.92
N ILE RA 183 -53.58 53.99 81.53
CA ILE RA 183 -53.41 55.10 82.48
C ILE RA 183 -54.58 56.04 82.30
N ASP RA 184 -55.22 56.41 83.41
CA ASP RA 184 -56.42 57.23 83.35
C ASP RA 184 -56.40 58.24 84.48
N LYS RA 185 -57.55 58.82 84.79
CA LYS RA 185 -57.70 59.69 85.94
C LYS RA 185 -57.55 58.97 87.26
N ASN RA 186 -57.74 57.66 87.28
CA ASN RA 186 -57.67 56.93 88.54
C ASN RA 186 -56.25 56.46 88.84
N GLY RA 187 -55.51 56.05 87.82
CA GLY RA 187 -54.15 55.61 88.07
C GLY RA 187 -53.63 54.71 86.98
N ILE RA 188 -52.99 53.63 87.39
CA ILE RA 188 -52.38 52.69 86.48
C ILE RA 188 -53.16 51.39 86.62
N HIS RA 189 -53.92 51.03 85.60
CA HIS RA 189 -54.68 49.79 85.67
C HIS RA 189 -54.06 48.76 84.75
N ASP RA 190 -53.95 47.55 85.27
CA ASP RA 190 -53.44 46.43 84.51
C ASP RA 190 -54.57 45.80 83.71
N LEU RA 191 -54.42 45.81 82.39
CA LEU RA 191 -55.32 45.07 81.55
C LEU RA 191 -54.81 43.64 81.45
N ASP RA 192 -55.55 42.79 80.73
CA ASP RA 192 -55.22 41.38 80.70
C ASP RA 192 -53.97 41.12 79.87
N ASN RA 193 -53.34 39.99 80.17
CA ASN RA 193 -52.12 39.57 79.50
C ASN RA 193 -52.52 39.10 78.10
N ILE RA 194 -52.28 39.94 77.10
CA ILE RA 194 -52.64 39.57 75.73
C ILE RA 194 -51.72 38.47 75.25
N SER RA 195 -52.29 37.38 74.78
CA SER RA 195 -51.55 36.17 74.51
C SER RA 195 -51.82 35.70 73.10
N PHE RA 196 -51.01 34.73 72.67
CA PHE RA 196 -51.21 34.04 71.41
C PHE RA 196 -50.83 32.58 71.62
N PRO RA 197 -51.78 31.66 71.59
CA PRO RA 197 -51.45 30.24 71.79
C PRO RA 197 -50.63 29.67 70.64
N LYS RA 198 -50.04 28.49 70.89
CA LYS RA 198 -49.17 27.85 69.91
C LYS RA 198 -49.78 26.61 69.28
N GLN RA 199 -50.53 25.81 70.03
CA GLN RA 199 -51.10 24.59 69.48
C GLN RA 199 -52.60 24.76 69.24
N THR SA 59 -17.82 23.81 78.72
CA THR SA 59 -18.40 24.36 79.94
C THR SA 59 -19.91 24.40 79.86
N THR SA 60 -20.58 23.74 80.78
CA THR SA 60 -22.04 23.71 80.79
C THR SA 60 -22.54 23.67 82.21
N THR SA 61 -23.26 24.70 82.62
CA THR SA 61 -23.90 24.76 83.91
C THR SA 61 -25.40 24.87 83.72
N LEU SA 62 -26.14 24.40 84.70
CA LEU SA 62 -27.58 24.61 84.67
C LEU SA 62 -28.09 24.70 86.08
N ALA SA 63 -29.26 25.32 86.23
CA ALA SA 63 -29.89 25.44 87.53
C ALA SA 63 -31.38 25.59 87.32
N PHE SA 64 -32.18 24.90 88.12
CA PHE SA 64 -33.61 25.08 88.08
C PHE SA 64 -34.17 24.93 89.49
N LYS SA 65 -35.26 25.62 89.75
CA LYS SA 65 -35.93 25.53 91.03
C LYS SA 65 -37.27 24.84 90.88
N PHE SA 66 -37.69 24.18 91.95
CA PHE SA 66 -38.93 23.41 91.93
C PHE SA 66 -39.51 23.45 93.34
N ARG SA 67 -40.39 22.52 93.66
CA ARG SA 67 -41.02 22.48 94.97
C ARG SA 67 -40.01 22.34 96.10
N HIS SA 68 -39.07 21.41 95.97
CA HIS SA 68 -38.12 21.14 97.03
C HIS SA 68 -36.77 21.79 96.71
N GLY SA 69 -36.72 23.10 96.84
CA GLY SA 69 -35.47 23.81 96.66
C GLY SA 69 -34.98 23.88 95.23
N VAL SA 70 -33.68 24.17 95.11
CA VAL SA 70 -33.02 24.48 93.85
C VAL SA 70 -31.95 23.44 93.59
N ILE SA 71 -31.87 22.97 92.34
CA ILE SA 71 -30.85 22.01 91.91
C ILE SA 71 -29.85 22.74 91.03
N VAL SA 72 -28.57 22.61 91.35
CA VAL SA 72 -27.49 23.22 90.59
C VAL SA 72 -26.55 22.11 90.13
N ALA SA 73 -26.24 22.09 88.83
CA ALA SA 73 -25.37 21.06 88.28
C ALA SA 73 -24.46 21.66 87.23
N ALA SA 74 -23.28 21.08 87.08
CA ALA SA 74 -22.28 21.57 86.15
C ALA SA 74 -21.33 20.45 85.78
N ASP SA 75 -20.45 20.72 84.83
CA ASP SA 75 -19.41 19.81 84.36
C ASP SA 75 -18.06 20.29 84.86
N SER SA 76 -16.98 19.67 84.36
CA SER SA 76 -15.66 20.09 84.80
C SER SA 76 -14.68 19.85 83.64
N ARG SA 77 -14.42 20.90 82.88
CA ARG SA 77 -13.36 20.87 81.86
C ARG SA 77 -12.96 22.30 81.56
N ALA SA 78 -11.67 22.58 81.61
CA ALA SA 78 -11.13 23.89 81.29
C ALA SA 78 -10.16 23.72 80.12
N THR SA 79 -10.57 24.19 78.95
CA THR SA 79 -9.72 24.06 77.79
C THR SA 79 -8.80 25.27 77.66
N ALA SA 80 -7.95 25.25 76.65
CA ALA SA 80 -7.06 26.36 76.34
C ALA SA 80 -7.11 26.63 74.84
N GLY SA 81 -8.32 26.69 74.30
CA GLY SA 81 -8.51 26.83 72.87
C GLY SA 81 -8.71 25.48 72.19
N ALA SA 82 -7.66 24.66 72.18
CA ALA SA 82 -7.80 23.30 71.66
C ALA SA 82 -7.04 22.32 72.54
N TYR SA 83 -6.76 22.71 73.78
CA TYR SA 83 -5.95 21.90 74.66
C TYR SA 83 -6.60 21.89 76.03
N ILE SA 84 -6.86 20.71 76.56
CA ILE SA 84 -7.51 20.60 77.86
C ILE SA 84 -6.48 20.80 78.96
N ALA SA 85 -6.70 21.82 79.79
CA ALA SA 85 -5.83 22.02 80.93
C ALA SA 85 -6.10 20.99 82.01
N SER SA 86 -7.34 20.91 82.48
CA SER SA 86 -7.67 20.00 83.56
C SER SA 86 -9.05 19.41 83.33
N GLN SA 87 -9.27 18.25 83.96
CA GLN SA 87 -10.58 17.64 84.02
C GLN SA 87 -11.28 17.86 85.36
N THR SA 88 -10.54 18.20 86.39
CA THR SA 88 -11.09 18.41 87.73
C THR SA 88 -11.15 19.90 88.04
N VAL SA 89 -12.19 20.56 87.56
CA VAL SA 89 -12.38 21.99 87.80
C VAL SA 89 -13.69 22.16 88.55
N LYS SA 90 -13.61 22.63 89.79
CA LYS SA 90 -14.81 22.84 90.58
C LYS SA 90 -15.54 24.10 90.12
N LYS SA 91 -16.52 23.93 89.23
CA LYS SA 91 -17.13 25.09 88.60
C LYS SA 91 -18.27 25.67 89.40
N VAL SA 92 -18.69 25.04 90.49
CA VAL SA 92 -19.72 25.63 91.33
C VAL SA 92 -19.09 26.17 92.59
N ILE SA 93 -19.15 27.48 92.77
CA ILE SA 93 -18.38 28.14 93.82
C ILE SA 93 -19.24 28.31 95.07
N GLU SA 94 -18.75 27.77 96.18
CA GLU SA 94 -19.47 27.80 97.44
C GLU SA 94 -19.26 29.13 98.13
N ILE SA 95 -20.20 30.06 97.95
CA ILE SA 95 -20.04 31.40 98.47
C ILE SA 95 -20.23 31.41 99.98
N ASN SA 96 -21.32 30.82 100.44
CA ASN SA 96 -21.72 30.78 101.83
C ASN SA 96 -22.22 29.38 102.13
N PRO SA 97 -22.59 29.10 103.38
CA PRO SA 97 -23.43 27.90 103.62
C PRO SA 97 -24.85 28.01 103.10
N TYR SA 98 -25.24 29.11 102.45
CA TYR SA 98 -26.60 29.32 102.00
C TYR SA 98 -26.69 29.99 100.63
N LEU SA 99 -25.56 30.19 99.95
CA LEU SA 99 -25.55 30.74 98.60
C LEU SA 99 -24.55 29.97 97.77
N LEU SA 100 -24.86 29.78 96.49
CA LEU SA 100 -23.94 29.15 95.56
C LEU SA 100 -23.76 30.04 94.34
N GLY SA 101 -22.68 29.82 93.61
CA GLY SA 101 -22.41 30.58 92.41
C GLY SA 101 -21.67 29.73 91.40
N THR SA 102 -22.02 29.93 90.13
CA THR SA 102 -21.41 29.14 89.07
C THR SA 102 -20.22 29.86 88.45
N MET SA 103 -19.74 29.32 87.34
CA MET SA 103 -18.55 29.83 86.67
C MET SA 103 -18.73 29.64 85.17
N ALA SA 104 -18.68 30.75 84.43
CA ALA SA 104 -18.86 30.70 82.99
C ALA SA 104 -18.21 31.94 82.39
N GLY SA 105 -17.40 31.74 81.37
CA GLY SA 105 -16.59 32.81 80.82
C GLY SA 105 -15.19 32.77 81.39
N GLY SA 106 -14.72 33.91 81.88
CA GLY SA 106 -13.41 33.96 82.49
C GLY SA 106 -13.42 33.25 83.83
N ALA SA 107 -12.57 32.23 83.98
CA ALA SA 107 -12.53 31.48 85.22
C ALA SA 107 -11.96 32.31 86.36
N ALA SA 108 -10.98 33.15 86.05
CA ALA SA 108 -10.45 34.04 87.08
C ALA SA 108 -11.41 35.16 87.40
N ASP SA 109 -12.17 35.62 86.40
CA ASP SA 109 -13.12 36.70 86.61
C ASP SA 109 -14.29 36.23 87.46
N CYS SA 110 -14.77 35.03 87.23
CA CYS SA 110 -15.85 34.51 88.06
C CYS SA 110 -15.36 34.19 89.46
N SER SA 111 -14.12 33.71 89.58
CA SER SA 111 -13.61 33.32 90.89
C SER SA 111 -13.26 34.54 91.72
N PHE SA 112 -12.91 35.65 91.08
CA PHE SA 112 -12.55 36.83 91.83
C PHE SA 112 -13.77 37.53 92.38
N TRP SA 113 -14.70 37.90 91.50
CA TRP SA 113 -15.75 38.82 91.88
C TRP SA 113 -16.77 38.15 92.78
N GLU SA 114 -16.96 36.85 92.64
CA GLU SA 114 -17.81 36.15 93.59
C GLU SA 114 -17.16 36.04 94.94
N ARG SA 115 -15.83 35.91 94.96
CA ARG SA 115 -15.12 35.92 96.23
C ARG SA 115 -15.21 37.30 96.87
N LEU SA 116 -15.18 38.34 96.05
CA LEU SA 116 -15.37 39.69 96.57
C LEU SA 116 -16.82 39.90 97.00
N LEU SA 117 -17.75 39.17 96.38
CA LEU SA 117 -19.15 39.24 96.80
C LEU SA 117 -19.34 38.61 98.17
N ALA SA 118 -18.58 37.55 98.47
CA ALA SA 118 -18.72 36.88 99.76
C ALA SA 118 -18.20 37.75 100.89
N ARG SA 119 -17.25 38.63 100.58
CA ARG SA 119 -16.79 39.63 101.54
C ARG SA 119 -17.91 40.57 101.93
N GLN SA 120 -18.69 41.01 100.94
CA GLN SA 120 -19.71 42.01 101.21
C GLN SA 120 -20.90 41.38 101.94
N CYS SA 121 -21.20 40.12 101.65
CA CYS SA 121 -22.31 39.46 102.32
C CYS SA 121 -22.00 39.19 103.78
N ARG SA 122 -20.73 38.94 104.09
CA ARG SA 122 -20.35 38.68 105.47
C ARG SA 122 -20.43 39.95 106.30
N ILE SA 123 -20.00 41.07 105.72
CA ILE SA 123 -20.05 42.35 106.43
C ILE SA 123 -21.49 42.80 106.62
N TYR SA 124 -22.35 42.51 105.64
CA TYR SA 124 -23.76 42.82 105.77
C TYR SA 124 -24.40 42.02 106.89
N GLU SA 125 -23.94 40.79 107.08
CA GLU SA 125 -24.53 39.94 108.11
C GLU SA 125 -24.13 40.42 109.50
N LEU SA 126 -22.92 40.93 109.65
CA LEU SA 126 -22.47 41.37 110.97
C LEU SA 126 -23.12 42.67 111.36
N ARG SA 127 -23.36 43.57 110.42
CA ARG SA 127 -23.92 44.86 110.76
C ARG SA 127 -25.42 44.79 111.01
N ASN SA 128 -26.11 43.87 110.35
CA ASN SA 128 -27.55 43.81 110.39
C ASN SA 128 -28.08 42.65 111.21
N LYS SA 129 -27.22 41.70 111.59
CA LYS SA 129 -27.57 40.51 112.36
C LYS SA 129 -28.65 39.69 111.65
N GLU SA 130 -28.47 39.52 110.35
CA GLU SA 130 -29.44 38.86 109.49
C GLU SA 130 -28.73 38.53 108.17
N ARG SA 131 -28.99 37.34 107.65
CA ARG SA 131 -28.40 36.96 106.37
C ARG SA 131 -29.02 37.76 105.24
N ILE SA 132 -28.26 37.95 104.18
CA ILE SA 132 -28.70 38.78 103.07
C ILE SA 132 -29.68 38.00 102.21
N SER SA 133 -30.60 38.71 101.56
CA SER SA 133 -31.55 38.09 100.66
C SER SA 133 -30.85 37.76 99.35
N VAL SA 134 -31.46 36.90 98.54
CA VAL SA 134 -30.87 36.49 97.28
C VAL SA 134 -30.94 37.62 96.25
N ALA SA 135 -32.04 38.37 96.29
CA ALA SA 135 -32.22 39.47 95.35
C ALA SA 135 -31.23 40.60 95.60
N ALA SA 136 -30.86 40.80 96.87
CA ALA SA 136 -29.90 41.85 97.19
C ALA SA 136 -28.50 41.45 96.76
N ALA SA 137 -28.14 40.19 96.94
CA ALA SA 137 -26.77 39.77 96.67
C ALA SA 137 -26.50 39.72 95.18
N SER SA 138 -27.53 39.42 94.38
CA SER SA 138 -27.38 39.47 92.94
C SER SA 138 -27.21 40.89 92.46
N LYS SA 139 -27.91 41.83 93.09
CA LYS SA 139 -27.84 43.21 92.65
C LYS SA 139 -26.50 43.85 93.02
N LEU SA 140 -25.95 43.47 94.18
CA LEU SA 140 -24.63 43.94 94.57
C LEU SA 140 -23.56 43.46 93.60
N LEU SA 141 -23.74 42.27 93.04
CA LEU SA 141 -22.78 41.76 92.08
C LEU SA 141 -22.88 42.51 90.77
N ALA SA 142 -24.09 42.84 90.33
CA ALA SA 142 -24.27 43.48 89.04
C ALA SA 142 -23.75 44.91 89.07
N ASN SA 143 -23.79 45.56 90.22
CA ASN SA 143 -23.31 46.94 90.28
C ASN SA 143 -21.79 46.99 90.31
N MET SA 144 -21.15 45.97 90.87
CA MET SA 144 -19.68 45.94 90.87
C MET SA 144 -19.15 45.70 89.47
N VAL SA 145 -19.81 44.84 88.71
CA VAL SA 145 -19.32 44.49 87.38
C VAL SA 145 -19.56 45.63 86.40
N TYR SA 146 -20.61 46.45 86.64
CA TYR SA 146 -21.01 47.48 85.70
C TYR SA 146 -19.97 48.58 85.55
N GLN SA 147 -19.14 48.79 86.56
CA GLN SA 147 -18.09 49.81 86.48
C GLN SA 147 -17.02 49.47 85.47
N TYR SA 148 -16.89 48.21 85.09
CA TYR SA 148 -15.85 47.81 84.15
C TYR SA 148 -16.49 47.40 82.84
N LYS SA 149 -17.60 48.04 82.50
CA LYS SA 149 -18.35 47.67 81.32
C LYS SA 149 -17.58 48.06 80.07
N GLY SA 150 -17.41 47.10 79.17
CA GLY SA 150 -16.63 47.35 77.97
C GLY SA 150 -15.14 47.43 78.23
N MET SA 151 -14.67 46.81 79.30
CA MET SA 151 -13.24 46.70 79.54
C MET SA 151 -12.74 45.29 79.37
N GLY SA 152 -13.55 44.40 78.82
CA GLY SA 152 -13.12 43.04 78.57
C GLY SA 152 -13.26 42.12 79.75
N LEU SA 153 -14.47 42.01 80.29
CA LEU SA 153 -14.76 41.01 81.30
C LEU SA 153 -15.74 40.00 80.74
N SER SA 154 -15.52 38.73 81.06
CA SER SA 154 -16.36 37.65 80.59
C SER SA 154 -16.86 36.91 81.81
N MET SA 155 -18.04 37.29 82.29
CA MET SA 155 -18.63 36.72 83.47
C MET SA 155 -20.09 36.46 83.21
N GLY SA 156 -20.54 35.22 83.42
CA GLY SA 156 -21.90 34.85 83.10
C GLY SA 156 -22.58 34.00 84.16
N THR SA 157 -22.24 34.23 85.43
CA THR SA 157 -22.62 33.29 86.46
C THR SA 157 -24.10 33.39 86.84
N MET SA 158 -24.50 32.48 87.72
CA MET SA 158 -25.85 32.39 88.25
C MET SA 158 -25.76 32.37 89.77
N ILE SA 159 -26.60 33.16 90.42
CA ILE SA 159 -26.62 33.22 91.87
C ILE SA 159 -27.85 32.49 92.38
N CYS SA 160 -27.62 31.47 93.19
CA CYS SA 160 -28.68 30.61 93.68
C CYS SA 160 -28.73 30.69 95.19
N GLY SA 161 -29.86 30.31 95.76
CA GLY SA 161 -29.93 30.22 97.20
C GLY SA 161 -31.35 30.33 97.71
N TRP SA 162 -31.47 30.15 99.01
CA TRP SA 162 -32.76 30.18 99.69
C TRP SA 162 -32.92 31.55 100.33
N ASP SA 163 -34.16 31.99 100.46
CA ASP SA 163 -34.45 33.30 100.98
C ASP SA 163 -35.68 33.21 101.88
N LYS SA 164 -35.96 34.29 102.61
CA LYS SA 164 -37.17 34.35 103.41
C LYS SA 164 -38.43 34.40 102.56
N ARG SA 165 -38.31 34.83 101.31
CA ARG SA 165 -39.41 34.78 100.37
C ARG SA 165 -39.47 33.47 99.60
N GLY SA 166 -38.58 32.52 99.88
CA GLY SA 166 -38.63 31.24 99.23
C GLY SA 166 -37.36 30.95 98.46
N PRO SA 167 -37.44 30.04 97.48
CA PRO SA 167 -36.28 29.76 96.64
C PRO SA 167 -35.92 30.94 95.77
N GLY SA 168 -34.63 31.16 95.60
CA GLY SA 168 -34.18 32.27 94.78
C GLY SA 168 -33.26 31.83 93.66
N LEU SA 169 -33.40 32.45 92.50
CA LEU SA 169 -32.52 32.14 91.38
C LEU SA 169 -32.41 33.36 90.49
N TYR SA 170 -31.18 33.80 90.23
CA TYR SA 170 -30.96 34.96 89.39
C TYR SA 170 -29.86 34.61 88.39
N TYR SA 171 -29.54 35.54 87.52
CA TYR SA 171 -28.58 35.28 86.44
C TYR SA 171 -27.90 36.60 86.07
N VAL SA 172 -26.62 36.69 86.36
CA VAL SA 172 -25.87 37.94 86.25
C VAL SA 172 -24.83 37.81 85.17
N ASP SA 173 -24.79 38.76 84.25
CA ASP SA 173 -23.77 38.79 83.22
C ASP SA 173 -22.77 39.92 83.38
N SER SA 174 -21.71 39.86 82.59
CA SER SA 174 -20.75 40.95 82.48
C SER SA 174 -21.27 42.09 81.63
N GLU SA 175 -22.39 41.90 80.95
CA GLU SA 175 -23.01 42.97 80.21
C GLU SA 175 -23.92 43.82 81.10
N GLY SA 176 -24.54 43.20 82.09
CA GLY SA 176 -25.44 43.92 82.96
C GLY SA 176 -26.82 43.32 82.94
N ASN SA 177 -26.93 42.10 82.44
CA ASN SA 177 -28.15 41.34 82.54
C ASN SA 177 -28.34 40.86 83.96
N ARG SA 178 -29.54 41.07 84.49
CA ARG SA 178 -29.88 40.56 85.81
C ARG SA 178 -31.37 40.22 85.74
N ILE SA 179 -31.66 38.95 85.51
CA ILE SA 179 -33.03 38.49 85.45
C ILE SA 179 -33.20 37.32 86.42
N SER SA 180 -34.44 37.13 86.83
CA SER SA 180 -34.83 36.00 87.63
C SER SA 180 -35.39 34.94 86.68
N GLY SA 181 -35.91 33.87 87.25
CA GLY SA 181 -36.52 32.85 86.43
C GLY SA 181 -36.50 31.53 87.15
N ALA SA 182 -36.93 30.50 86.41
CA ALA SA 182 -37.12 29.17 86.99
C ALA SA 182 -36.21 28.11 86.41
N THR SA 183 -35.73 28.27 85.18
CA THR SA 183 -34.72 27.41 84.58
C THR SA 183 -33.66 28.28 83.93
N PHE SA 184 -32.40 27.88 84.03
CA PHE SA 184 -31.35 28.55 83.29
C PHE SA 184 -30.32 27.52 82.84
N SER SA 185 -29.57 27.86 81.80
CA SER SA 185 -28.42 27.05 81.41
C SER SA 185 -27.39 27.96 80.77
N VAL SA 186 -26.19 28.00 81.31
CA VAL SA 186 -25.16 28.92 80.86
C VAL SA 186 -23.95 28.11 80.43
N GLY SA 187 -23.33 28.51 79.33
CA GLY SA 187 -22.11 27.87 78.89
C GLY SA 187 -22.09 27.71 77.39
N SER SA 188 -21.01 27.09 76.91
CA SER SA 188 -20.87 26.81 75.49
C SER SA 188 -21.84 25.72 75.05
N GLY SA 189 -22.06 24.73 75.90
CA GLY SA 189 -23.00 23.67 75.60
C GLY SA 189 -24.31 23.88 76.31
N SER SA 190 -24.68 25.14 76.51
CA SER SA 190 -25.92 25.45 77.20
C SER SA 190 -27.14 25.16 76.35
N VAL SA 191 -27.01 25.26 75.03
CA VAL SA 191 -28.14 24.99 74.17
C VAL SA 191 -28.45 23.50 74.13
N TYR SA 192 -27.47 22.66 74.40
CA TYR SA 192 -27.73 21.23 74.47
C TYR SA 192 -28.44 20.88 75.76
N ALA SA 193 -28.22 21.66 76.80
CA ALA SA 193 -28.88 21.38 78.06
C ALA SA 193 -30.31 21.91 78.08
N TYR SA 194 -30.61 22.91 77.25
CA TYR SA 194 -31.97 23.45 77.21
C TYR SA 194 -32.97 22.45 76.69
N GLY SA 195 -32.54 21.54 75.83
CA GLY SA 195 -33.48 20.64 75.19
C GLY SA 195 -34.06 19.62 76.16
N VAL SA 196 -33.21 18.79 76.74
CA VAL SA 196 -33.70 17.70 77.58
C VAL SA 196 -34.20 18.22 78.92
N MET SA 197 -33.74 19.40 79.35
CA MET SA 197 -34.29 19.97 80.57
C MET SA 197 -35.70 20.48 80.38
N ASP SA 198 -35.97 21.15 79.26
CA ASP SA 198 -37.32 21.66 79.02
C ASP SA 198 -38.31 20.54 78.77
N ARG SA 199 -37.82 19.38 78.34
CA ARG SA 199 -38.74 18.30 78.06
C ARG SA 199 -39.18 17.61 79.34
N GLY SA 200 -38.24 17.18 80.16
CA GLY SA 200 -38.60 16.58 81.42
C GLY SA 200 -38.59 17.51 82.61
N TYR SA 201 -39.33 18.62 82.56
CA TYR SA 201 -39.37 19.54 83.68
C TYR SA 201 -40.78 19.60 84.23
N SER SA 202 -40.87 19.66 85.55
CA SER SA 202 -42.13 19.90 86.23
C SER SA 202 -41.82 20.60 87.53
N TYR SA 203 -42.73 21.49 87.94
CA TYR SA 203 -42.59 22.07 89.27
C TYR SA 203 -42.88 21.05 90.35
N ASP SA 204 -43.66 20.03 90.04
CA ASP SA 204 -43.98 18.97 90.99
C ASP SA 204 -43.18 17.73 90.59
N LEU SA 205 -41.95 17.66 91.07
CA LEU SA 205 -41.14 16.46 90.88
C LEU SA 205 -40.76 15.90 92.23
N GLU SA 206 -39.88 14.92 92.25
CA GLU SA 206 -39.38 14.39 93.50
C GLU SA 206 -37.91 14.75 93.60
N VAL SA 207 -37.29 14.35 94.71
CA VAL SA 207 -35.89 14.63 94.90
C VAL SA 207 -35.03 13.70 94.05
N GLU SA 208 -35.40 12.42 94.03
CA GLU SA 208 -34.67 11.48 93.19
C GLU SA 208 -34.96 11.71 91.71
N GLN SA 209 -36.16 12.20 91.40
CA GLN SA 209 -36.48 12.53 90.02
C GLN SA 209 -35.68 13.72 89.53
N ALA SA 210 -35.54 14.74 90.35
CA ALA SA 210 -34.80 15.92 89.94
C ALA SA 210 -33.31 15.65 89.87
N TYR SA 211 -32.83 14.68 90.65
CA TYR SA 211 -31.42 14.33 90.57
C TYR SA 211 -31.11 13.64 89.25
N ASP SA 212 -32.00 12.76 88.80
CA ASP SA 212 -31.72 12.02 87.58
C ASP SA 212 -31.90 12.89 86.35
N LEU SA 213 -32.70 13.95 86.48
CA LEU SA 213 -32.88 14.88 85.37
C LEU SA 213 -31.61 15.67 85.10
N ALA SA 214 -31.12 16.38 86.11
CA ALA SA 214 -29.98 17.26 85.92
C ALA SA 214 -28.71 16.47 85.68
N ARG SA 215 -28.66 15.22 86.14
CA ARG SA 215 -27.52 14.38 85.86
C ARG SA 215 -27.46 14.01 84.39
N ARG SA 216 -28.61 13.85 83.75
CA ARG SA 216 -28.62 13.42 82.36
C ARG SA 216 -28.41 14.59 81.42
N ALA SA 217 -28.90 15.77 81.79
CA ALA SA 217 -28.79 16.94 80.93
C ALA SA 217 -27.35 17.35 80.75
N ILE SA 218 -26.55 17.23 81.81
CA ILE SA 218 -25.12 17.47 81.67
C ILE SA 218 -24.47 16.40 80.82
N TYR SA 219 -24.95 15.15 80.95
CA TYR SA 219 -24.38 14.06 80.15
C TYR SA 219 -24.67 14.24 78.66
N GLN SA 220 -25.86 14.72 78.32
CA GLN SA 220 -26.16 14.96 76.92
C GLN SA 220 -25.40 16.16 76.39
N ALA SA 221 -25.05 17.10 77.27
CA ALA SA 221 -24.31 18.27 76.82
C ALA SA 221 -22.87 17.93 76.53
N THR SA 222 -22.24 17.10 77.36
CA THR SA 222 -20.85 16.72 77.13
C THR SA 222 -20.70 15.78 75.95
N TYR SA 223 -21.79 15.16 75.51
CA TYR SA 223 -21.72 14.27 74.37
C TYR SA 223 -21.60 15.06 73.08
N ARG SA 224 -22.56 15.95 72.81
CA ARG SA 224 -22.55 16.75 71.59
C ARG SA 224 -21.38 17.72 71.58
N ASP SA 225 -21.23 18.51 72.65
CA ASP SA 225 -20.23 19.56 72.69
C ASP SA 225 -18.84 18.97 72.88
N ALA SA 226 -17.85 19.66 72.34
CA ALA SA 226 -16.46 19.25 72.48
C ALA SA 226 -15.78 19.92 73.65
N TYR SA 227 -16.29 21.07 74.10
CA TYR SA 227 -15.69 21.80 75.21
C TYR SA 227 -16.33 21.43 76.54
N SER SA 228 -16.85 20.23 76.69
CA SER SA 228 -17.56 19.84 77.89
C SER SA 228 -17.27 18.39 78.21
N GLY SA 229 -16.88 18.13 79.45
CA GLY SA 229 -16.58 16.77 79.86
C GLY SA 229 -16.17 16.73 81.32
N GLY SA 230 -15.48 15.67 81.68
CA GLY SA 230 -14.96 15.52 83.03
C GLY SA 230 -15.93 14.80 83.94
N ALA SA 231 -16.27 15.42 85.05
CA ALA SA 231 -17.23 14.86 85.98
C ALA SA 231 -18.50 15.69 85.99
N VAL SA 232 -19.51 15.19 86.69
CA VAL SA 232 -20.80 15.88 86.79
C VAL SA 232 -21.04 16.15 88.27
N ASN SA 233 -20.85 17.39 88.68
CA ASN SA 233 -21.06 17.79 90.06
C ASN SA 233 -22.52 18.21 90.23
N LEU SA 234 -23.11 17.84 91.36
CA LEU SA 234 -24.54 18.02 91.57
C LEU SA 234 -24.79 18.51 92.98
N TYR SA 235 -25.41 19.68 93.12
CA TYR SA 235 -25.73 20.26 94.42
C TYR SA 235 -27.23 20.43 94.56
N HIS SA 236 -27.66 20.61 95.81
CA HIS SA 236 -29.07 20.82 96.12
C HIS SA 236 -29.16 21.91 97.19
N VAL SA 237 -29.72 23.06 96.83
CA VAL SA 237 -29.99 24.10 97.80
C VAL SA 237 -31.32 23.78 98.47
N ARG SA 238 -31.27 23.50 99.77
CA ARG SA 238 -32.46 23.29 100.55
C ARG SA 238 -32.76 24.54 101.36
N GLU SA 239 -33.73 24.45 102.24
CA GLU SA 239 -34.13 25.61 103.03
C GLU SA 239 -33.09 25.97 104.08
N ASP SA 240 -32.52 24.97 104.74
CA ASP SA 240 -31.51 25.23 105.76
C ASP SA 240 -30.13 25.46 105.18
N GLY SA 241 -29.93 25.27 103.89
CA GLY SA 241 -28.62 25.47 103.30
C GLY SA 241 -28.45 24.52 102.14
N TRP SA 242 -27.27 24.57 101.55
CA TRP SA 242 -27.01 23.68 100.44
C TRP SA 242 -26.37 22.39 100.92
N ILE SA 243 -26.50 21.35 100.10
CA ILE SA 243 -25.91 20.05 100.39
C ILE SA 243 -25.35 19.49 99.11
N ARG SA 244 -24.10 19.03 99.16
CA ARG SA 244 -23.50 18.36 98.02
C ARG SA 244 -24.13 16.99 97.83
N VAL SA 245 -24.67 16.74 96.66
CA VAL SA 245 -25.39 15.49 96.43
C VAL SA 245 -24.41 14.41 96.03
N SER SA 246 -23.74 14.60 94.90
CA SER SA 246 -22.92 13.55 94.31
C SER SA 246 -21.96 14.17 93.33
N SER SA 247 -21.09 13.34 92.76
CA SER SA 247 -20.16 13.75 91.72
C SER SA 247 -19.75 12.50 90.96
N ASP SA 248 -20.20 12.38 89.72
CA ASP SA 248 -19.99 11.17 88.94
C ASP SA 248 -19.23 11.49 87.67
N ASN SA 249 -18.50 10.49 87.19
CA ASN SA 249 -17.72 10.60 85.97
C ASN SA 249 -18.62 10.27 84.78
N VAL SA 250 -18.26 10.82 83.62
CA VAL SA 250 -19.10 10.65 82.44
C VAL SA 250 -18.98 9.22 81.92
N ALA SA 251 -17.79 8.63 82.02
CA ALA SA 251 -17.57 7.28 81.52
C ALA SA 251 -18.38 6.25 82.30
N ASP SA 252 -18.65 6.53 83.57
CA ASP SA 252 -19.56 5.68 84.33
C ASP SA 252 -21.00 5.89 83.88
N LEU SA 253 -21.36 7.15 83.61
CA LEU SA 253 -22.70 7.45 83.15
C LEU SA 253 -22.92 6.94 81.73
N HIS SA 254 -21.85 6.87 80.94
CA HIS SA 254 -21.97 6.27 79.61
C HIS SA 254 -22.29 4.79 79.71
N GLU SA 255 -21.79 4.13 80.75
CA GLU SA 255 -22.15 2.73 80.96
C GLU SA 255 -23.51 2.60 81.62
N LYS SA 256 -24.00 3.67 82.24
CA LYS SA 256 -25.33 3.64 82.83
C LYS SA 256 -26.39 3.90 81.79
N TYR SA 257 -26.18 4.91 80.94
CA TYR SA 257 -27.11 5.20 79.86
C TYR SA 257 -26.68 4.48 78.59
N SER SA 258 -26.47 3.18 78.71
CA SER SA 258 -26.11 2.34 77.58
C SER SA 258 -27.11 1.22 77.33
N GLY SA 259 -27.61 0.59 78.38
CA GLY SA 259 -28.61 -0.45 78.24
C GLY SA 259 -30.01 0.07 78.49
N ARG TA 28 6.18 48.65 66.00
CA ARG TA 28 6.20 49.42 67.24
C ARG TA 28 6.96 48.67 68.32
N PHE TA 29 6.89 49.22 69.53
CA PHE TA 29 7.47 48.58 70.69
C PHE TA 29 6.56 47.50 71.23
N SER TA 30 7.10 46.29 71.39
CA SER TA 30 6.36 45.16 71.94
C SER TA 30 6.83 44.87 73.36
N PRO TA 31 5.92 44.83 74.34
CA PRO TA 31 6.35 44.77 75.74
C PRO TA 31 6.63 43.37 76.24
N TYR TA 32 6.32 42.34 75.46
CA TYR TA 32 6.42 40.95 75.89
C TYR TA 32 7.40 40.19 74.98
N VAL TA 33 7.97 39.11 75.50
CA VAL TA 33 8.73 38.15 74.70
C VAL TA 33 8.65 36.80 75.42
N PHE TA 34 8.84 35.72 74.67
CA PHE TA 34 8.74 34.38 75.24
C PHE TA 34 10.13 33.76 75.36
N ASN TA 35 10.44 33.25 76.54
CA ASN TA 35 11.78 32.74 76.84
C ASN TA 35 11.85 31.23 76.95
N GLY TA 36 10.76 30.55 77.22
CA GLY TA 36 10.76 29.11 77.26
C GLY TA 36 11.15 28.60 78.62
N GLY TA 37 10.98 27.29 78.79
CA GLY TA 37 11.19 26.64 80.07
C GLY TA 37 10.06 25.68 80.38
N THR TA 38 10.34 24.81 81.34
CA THR TA 38 9.40 23.74 81.68
C THR TA 38 9.45 23.49 83.17
N ILE TA 39 8.29 23.52 83.82
CA ILE TA 39 8.18 23.31 85.25
C ILE TA 39 7.39 22.03 85.48
N LEU TA 40 7.79 21.24 86.46
CA LEU TA 40 7.09 20.02 86.82
C LEU TA 40 6.98 19.92 88.33
N ALA TA 41 5.79 19.58 88.81
CA ALA TA 41 5.58 19.43 90.25
C ALA TA 41 4.78 18.17 90.51
N ILE TA 42 5.16 17.44 91.56
CA ILE TA 42 4.45 16.24 92.00
C ILE TA 42 4.21 16.36 93.49
N ALA TA 43 2.96 16.24 93.89
CA ALA TA 43 2.62 16.16 95.30
C ALA TA 43 2.60 14.70 95.72
N GLY TA 44 3.47 14.34 96.63
CA GLY TA 44 3.49 12.98 97.10
C GLY TA 44 2.66 12.83 98.35
N GLU TA 45 2.86 11.74 99.07
CA GLU TA 45 2.14 11.55 100.32
C GLU TA 45 2.70 12.43 101.42
N ASP TA 46 4.03 12.47 101.54
CA ASP TA 46 4.69 13.23 102.60
C ASP TA 46 5.90 13.96 102.05
N PHE TA 47 5.83 14.35 100.78
CA PHE TA 47 6.91 15.10 100.16
C PHE TA 47 6.33 15.95 99.05
N ALA TA 48 7.22 16.69 98.41
CA ALA TA 48 6.88 17.49 97.24
C ALA TA 48 8.12 17.64 96.39
N ILE TA 49 7.98 17.49 95.09
CA ILE TA 49 9.08 17.58 94.15
C ILE TA 49 8.77 18.73 93.19
N VAL TA 50 9.72 19.62 92.99
CA VAL TA 50 9.63 20.66 91.98
C VAL TA 50 10.89 20.58 91.12
N ALA TA 51 10.71 20.44 89.82
CA ALA TA 51 11.83 20.30 88.91
C ALA TA 51 11.68 21.28 87.74
N SER TA 52 12.81 21.74 87.23
CA SER TA 52 12.81 22.62 86.07
C SER TA 52 14.15 22.49 85.38
N ASP TA 53 14.14 22.83 84.09
CA ASP TA 53 15.37 22.85 83.30
C ASP TA 53 16.13 24.14 83.55
N THR TA 54 17.31 24.24 82.94
CA THR TA 54 18.13 25.43 83.02
C THR TA 54 18.49 25.88 81.60
N ARG TA 55 17.63 26.68 81.00
CA ARG TA 55 17.95 27.32 79.73
C ARG TA 55 17.18 28.61 79.62
N LEU TA 56 17.88 29.69 79.30
CA LEU TA 56 17.26 30.97 79.02
C LEU TA 56 17.48 31.21 77.53
N SER TA 57 16.47 30.95 76.74
CA SER TA 57 16.54 31.14 75.31
C SER TA 57 15.71 32.35 74.93
N GLU TA 58 15.96 32.86 73.72
CA GLU TA 58 15.16 33.98 73.21
C GLU TA 58 15.20 33.90 71.68
N GLY TA 59 14.06 33.60 71.09
CA GLY TA 59 13.97 33.47 69.66
C GLY TA 59 14.67 32.21 69.19
N PHE TA 60 15.75 32.37 68.47
CA PHE TA 60 16.56 31.26 67.98
C PHE TA 60 17.95 31.28 68.57
N SER TA 61 18.07 31.78 69.80
CA SER TA 61 19.36 31.96 70.41
C SER TA 61 19.34 31.41 71.82
N ILE TA 62 20.52 31.19 72.37
CA ILE TA 62 20.69 30.78 73.74
C ILE TA 62 21.36 31.93 74.47
N HIS TA 63 20.73 32.42 75.53
CA HIS TA 63 21.43 33.37 76.38
C HIS TA 63 22.36 32.68 77.35
N THR TA 64 21.84 31.74 78.13
CA THR TA 64 22.69 30.99 79.03
C THR TA 64 22.20 29.56 79.11
N ARG TA 65 23.02 28.72 79.71
CA ARG TA 65 22.68 27.32 79.92
C ARG TA 65 22.51 26.99 81.40
N ASP TA 66 22.59 27.99 82.28
CA ASP TA 66 22.45 27.77 83.71
C ASP TA 66 21.60 28.91 84.26
N SER TA 67 20.29 28.69 84.27
CA SER TA 67 19.34 29.64 84.83
C SER TA 67 18.16 28.86 85.33
N PRO TA 68 18.20 28.40 86.58
CA PRO TA 68 17.13 27.54 87.08
C PRO TA 68 15.88 28.34 87.36
N LYS TA 69 14.75 27.64 87.42
CA LYS TA 69 13.45 28.27 87.62
C LYS TA 69 12.87 27.97 89.00
N CYS TA 70 13.61 27.28 89.86
CA CYS TA 70 13.11 26.89 91.17
C CYS TA 70 13.55 27.92 92.20
N TYR TA 71 12.61 28.35 93.03
CA TYR TA 71 12.88 29.38 94.04
C TYR TA 71 12.37 28.88 95.38
N LYS TA 72 13.27 28.73 96.36
CA LYS TA 72 12.88 28.32 97.70
C LYS TA 72 12.23 29.50 98.40
N LEU TA 73 10.94 29.40 98.70
CA LEU TA 73 10.29 30.55 99.30
C LEU TA 73 10.53 30.63 100.79
N THR TA 74 9.98 29.70 101.59
CA THR TA 74 10.30 29.81 103.00
C THR TA 74 11.21 28.70 103.50
N ASP TA 75 10.63 27.54 103.73
CA ASP TA 75 11.30 26.32 104.15
C ASP TA 75 10.67 25.09 103.56
N LYS TA 76 9.39 25.16 103.27
CA LYS TA 76 8.56 24.04 102.87
C LYS TA 76 7.77 24.43 101.65
N THR TA 77 8.29 25.36 100.86
CA THR TA 77 7.53 25.90 99.74
C THR TA 77 8.51 26.33 98.67
N VAL TA 78 8.37 25.77 97.48
CA VAL TA 78 9.19 26.12 96.33
C VAL TA 78 8.25 26.53 95.22
N ILE TA 79 8.55 27.65 94.57
CA ILE TA 79 7.73 28.17 93.48
C ILE TA 79 8.52 28.05 92.18
N GLY TA 80 7.81 27.79 91.09
CA GLY TA 80 8.40 27.80 89.76
C GLY TA 80 7.81 28.93 88.93
N CYS TA 81 8.62 29.46 88.02
CA CYS TA 81 8.21 30.59 87.19
C CYS TA 81 8.68 30.34 85.76
N SER TA 82 7.75 30.29 84.82
CA SER TA 82 8.10 30.17 83.41
C SER TA 82 7.33 31.19 82.60
N GLY TA 83 7.89 31.56 81.46
CA GLY TA 83 7.29 32.57 80.60
C GLY TA 83 8.23 33.72 80.34
N PHE TA 84 7.71 34.95 80.41
CA PHE TA 84 8.53 36.12 80.20
C PHE TA 84 9.44 36.34 81.39
N HIS TA 85 10.75 36.35 81.14
CA HIS TA 85 11.72 36.30 82.22
C HIS TA 85 11.80 37.63 82.97
N GLY TA 86 11.43 38.73 82.31
CA GLY TA 86 11.43 40.01 83.00
C GLY TA 86 10.36 40.11 84.06
N ASP TA 87 9.24 39.43 83.83
CA ASP TA 87 8.20 39.38 84.86
C ASP TA 87 8.56 38.36 85.94
N CYS TA 88 9.31 37.32 85.58
CA CYS TA 88 9.69 36.32 86.57
C CYS TA 88 10.67 36.89 87.58
N LEU TA 89 11.46 37.88 87.16
CA LEU TA 89 12.36 38.52 88.11
C LEU TA 89 11.61 39.49 89.01
N THR TA 90 10.59 40.14 88.47
CA THR TA 90 9.84 41.11 89.26
C THR TA 90 8.92 40.41 90.24
N LEU TA 91 8.20 39.39 89.76
CA LEU TA 91 7.17 38.76 90.57
C LEU TA 91 7.78 37.95 91.70
N THR TA 92 9.00 37.48 91.51
CA THR TA 92 9.70 36.79 92.59
C THR TA 92 10.07 37.75 93.71
N LYS TA 93 10.49 38.97 93.35
CA LYS TA 93 10.95 39.91 94.35
C LYS TA 93 9.79 40.55 95.09
N ILE TA 94 8.59 40.50 94.51
CA ILE TA 94 7.42 41.01 95.23
C ILE TA 94 7.00 40.05 96.32
N ILE TA 95 7.00 38.76 96.01
CA ILE TA 95 6.55 37.74 96.95
C ILE TA 95 7.47 37.67 98.16
N GLU TA 96 8.78 37.76 97.93
CA GLU TA 96 9.73 37.75 99.03
C GLU TA 96 9.61 38.99 99.89
N ALA TA 97 9.14 40.09 99.31
CA ALA TA 97 8.86 41.27 100.13
C ALA TA 97 7.65 41.05 101.02
N ARG TA 98 6.62 40.40 100.49
CA ARG TA 98 5.39 40.28 101.26
C ARG TA 98 5.45 39.14 102.27
N LEU TA 99 6.41 38.22 102.10
CA LEU TA 99 6.62 37.23 103.13
C LEU TA 99 7.17 37.87 104.40
N LYS TA 100 8.00 38.89 104.25
CA LYS TA 100 8.56 39.55 105.41
C LYS TA 100 7.54 40.44 106.09
N MET TA 101 6.63 41.02 105.31
CA MET TA 101 5.63 41.91 105.86
C MET TA 101 4.58 41.13 106.65
N TYR TA 102 4.36 39.88 106.28
CA TYR TA 102 3.51 39.00 107.07
C TYR TA 102 4.17 38.71 108.41
N LYS TA 103 5.45 38.38 108.38
CA LYS TA 103 6.13 37.88 109.57
C LYS TA 103 6.44 39.00 110.55
N HIS TA 104 6.72 40.20 110.04
CA HIS TA 104 6.86 41.34 110.93
C HIS TA 104 5.54 41.75 111.55
N SER TA 105 4.43 41.39 110.92
CA SER TA 105 3.11 41.68 111.49
C SER TA 105 2.60 40.53 112.34
N ASN TA 106 2.49 39.36 111.76
CA ASN TA 106 1.74 38.26 112.36
C ASN TA 106 2.59 37.31 113.17
N ASN TA 107 3.91 37.52 113.18
CA ASN TA 107 4.87 36.81 114.04
C ASN TA 107 4.88 35.30 113.80
N LYS TA 108 4.81 34.92 112.53
CA LYS TA 108 4.86 33.54 112.09
C LYS TA 108 5.12 33.52 110.60
N ALA TA 109 5.34 32.32 110.08
CA ALA TA 109 5.59 32.15 108.66
C ALA TA 109 4.30 31.78 107.95
N MET TA 110 4.22 32.13 106.67
CA MET TA 110 3.03 31.80 105.89
C MET TA 110 2.98 30.32 105.59
N THR TA 111 1.78 29.79 105.51
CA THR TA 111 1.59 28.42 105.09
C THR TA 111 1.58 28.37 103.57
N THR TA 112 1.38 27.19 103.01
CA THR TA 112 1.37 27.05 101.56
C THR TA 112 0.08 27.59 100.95
N GLY TA 113 -1.07 27.27 101.56
CA GLY TA 113 -2.33 27.76 101.01
C GLY TA 113 -2.50 29.25 101.19
N ALA TA 114 -1.83 29.83 102.18
CA ALA TA 114 -1.88 31.28 102.36
C ALA TA 114 -1.14 31.98 101.25
N ILE TA 115 -0.05 31.39 100.76
CA ILE TA 115 0.70 31.99 99.67
C ILE TA 115 -0.10 31.93 98.38
N ALA TA 116 -0.77 30.81 98.14
CA ALA TA 116 -1.55 30.66 96.91
C ALA TA 116 -2.74 31.59 96.89
N ALA TA 117 -3.33 31.86 98.05
CA ALA TA 117 -4.39 32.85 98.12
C ALA TA 117 -3.83 34.26 97.96
N MET TA 118 -2.63 34.50 98.47
CA MET TA 118 -2.02 35.82 98.33
C MET TA 118 -1.65 36.10 96.89
N LEU TA 119 -1.10 35.11 96.19
CA LEU TA 119 -0.58 35.36 94.86
C LEU TA 119 -1.70 35.46 93.84
N SER TA 120 -2.88 34.93 94.18
CA SER TA 120 -4.02 35.06 93.29
C SER TA 120 -4.49 36.49 93.21
N THR TA 121 -4.32 37.26 94.30
CA THR TA 121 -4.70 38.65 94.26
C THR TA 121 -3.63 39.50 93.59
N ILE TA 122 -2.38 39.07 93.68
CA ILE TA 122 -1.29 39.82 93.06
C ILE TA 122 -1.38 39.73 91.55
N LEU TA 123 -1.67 38.55 91.04
CA LEU TA 123 -1.80 38.37 89.60
C LEU TA 123 -3.02 39.09 89.05
N TYR TA 124 -4.13 39.08 89.77
CA TYR TA 124 -5.32 39.71 89.25
C TYR TA 124 -5.26 41.22 89.36
N SER TA 125 -4.37 41.74 90.20
CA SER TA 125 -4.25 43.18 90.37
C SER TA 125 -3.81 43.87 89.09
N ARG TA 126 -2.95 43.22 88.31
CA ARG TA 126 -2.62 43.68 86.98
C ARG TA 126 -3.50 42.92 86.00
N ARG TA 127 -4.80 43.16 86.07
CA ARG TA 127 -5.72 42.47 85.18
C ARG TA 127 -5.58 42.97 83.75
N PHE TA 128 -5.18 44.23 83.59
CA PHE TA 128 -5.29 44.83 82.27
C PHE TA 128 -3.95 44.97 81.58
N PHE TA 129 -2.85 44.97 82.33
CA PHE TA 129 -1.51 44.84 81.79
C PHE TA 129 -0.86 43.66 82.49
N PRO TA 130 -1.18 42.44 82.07
CA PRO TA 130 -0.95 41.26 82.90
C PRO TA 130 0.51 40.81 82.88
N TYR TA 131 0.81 39.86 83.74
CA TYR TA 131 2.08 39.15 83.72
C TYR TA 131 2.06 38.15 82.58
N TYR TA 132 3.16 37.45 82.40
CA TYR TA 132 3.21 36.41 81.40
C TYR TA 132 3.94 35.24 82.05
N VAL TA 133 3.51 34.89 83.25
CA VAL TA 133 4.20 33.92 84.10
C VAL TA 133 3.26 32.77 84.39
N TYR TA 134 3.72 31.55 84.17
CA TYR TA 134 3.00 30.35 84.60
C TYR TA 134 3.64 29.87 85.89
N ASN TA 135 2.88 29.94 86.97
CA ASN TA 135 3.41 29.61 88.28
C ASN TA 135 2.86 28.29 88.78
N ILE TA 136 3.71 27.51 89.44
CA ILE TA 136 3.29 26.32 90.16
C ILE TA 136 3.94 26.38 91.52
N ILE TA 137 3.15 26.41 92.58
CA ILE TA 137 3.64 26.35 93.94
C ILE TA 137 3.54 24.92 94.41
N GLY TA 138 4.67 24.37 94.84
CA GLY TA 138 4.70 23.04 95.38
C GLY TA 138 5.36 23.01 96.74
N GLY TA 139 4.71 22.42 97.72
CA GLY TA 139 5.31 22.26 99.02
C GLY TA 139 4.47 21.41 99.94
N LEU TA 140 4.77 21.49 101.22
CA LEU TA 140 4.04 20.76 102.24
C LEU TA 140 2.93 21.62 102.80
N ASP TA 141 2.21 21.06 103.76
CA ASP TA 141 1.11 21.77 104.39
C ASP TA 141 1.18 21.58 105.89
N GLU TA 142 0.12 21.95 106.59
CA GLU TA 142 0.10 21.86 108.03
C GLU TA 142 -0.21 20.47 108.55
N GLU TA 143 -0.27 19.47 107.68
CA GLU TA 143 -0.39 18.08 108.08
C GLU TA 143 0.77 17.24 107.59
N GLY TA 144 1.67 17.83 106.81
CA GLY TA 144 2.82 17.10 106.30
C GLY TA 144 2.54 16.36 105.00
N LYS TA 145 1.72 16.93 104.12
CA LYS TA 145 1.39 16.29 102.87
C LYS TA 145 1.69 17.23 101.72
N GLY TA 146 1.89 16.65 100.54
CA GLY TA 146 2.21 17.43 99.36
C GLY TA 146 1.04 18.27 98.90
N ALA TA 147 1.35 19.38 98.24
CA ALA TA 147 0.34 20.26 97.71
C ALA TA 147 0.90 20.97 96.49
N VAL TA 148 0.13 20.94 95.41
CA VAL TA 148 0.54 21.54 94.14
C VAL TA 148 -0.56 22.51 93.72
N TYR TA 149 -0.17 23.72 93.38
CA TYR TA 149 -1.08 24.81 93.06
C TYR TA 149 -0.74 25.36 91.68
N SER TA 150 -1.56 25.04 90.69
CA SER TA 150 -1.30 25.50 89.33
C SER TA 150 -2.08 26.76 89.04
N PHE TA 151 -1.41 27.72 88.43
CA PHE TA 151 -1.96 29.06 88.27
C PHE TA 151 -2.14 29.35 86.78
N ASP TA 152 -2.46 30.61 86.48
CA ASP TA 152 -2.50 31.13 85.12
C ASP TA 152 -2.30 32.63 85.22
N PRO TA 153 -1.87 33.32 84.14
CA PRO TA 153 -1.48 34.73 84.33
C PRO TA 153 -2.64 35.71 84.42
N VAL TA 154 -3.70 35.35 85.13
CA VAL TA 154 -4.75 36.27 85.54
C VAL TA 154 -5.09 35.97 86.99
N GLY TA 155 -4.67 34.82 87.46
CA GLY TA 155 -4.73 34.49 88.86
C GLY TA 155 -5.76 33.47 89.30
N SER TA 156 -6.18 32.56 88.44
CA SER TA 156 -7.04 31.46 88.85
C SER TA 156 -6.18 30.30 89.35
N TYR TA 157 -6.74 29.54 90.29
CA TYR TA 157 -5.92 28.50 90.89
C TYR TA 157 -6.77 27.36 91.40
N GLN TA 158 -6.11 26.22 91.59
CA GLN TA 158 -6.73 25.03 92.13
C GLN TA 158 -5.63 24.11 92.63
N ARG TA 159 -6.03 23.12 93.42
CA ARG TA 159 -5.11 22.18 94.02
C ARG TA 159 -5.11 20.90 93.21
N ASP TA 160 -3.93 20.47 92.78
CA ASP TA 160 -3.80 19.24 92.01
C ASP TA 160 -2.77 18.34 92.66
N SER TA 161 -2.70 17.11 92.17
CA SER TA 161 -1.69 16.19 92.65
C SER TA 161 -0.41 16.31 91.84
N PHE TA 162 -0.51 16.75 90.60
CA PHE TA 162 0.63 16.89 89.71
C PHE TA 162 0.25 17.80 88.56
N LYS TA 163 1.13 18.73 88.21
CA LYS TA 163 0.96 19.58 87.06
C LYS TA 163 2.30 19.78 86.38
N ALA TA 164 2.23 20.27 85.15
CA ALA TA 164 3.42 20.59 84.38
C ALA TA 164 3.06 21.74 83.45
N GLY TA 165 3.81 22.83 83.55
CA GLY TA 165 3.55 24.00 82.74
C GLY TA 165 4.80 24.45 82.01
N GLY TA 166 4.61 25.37 81.08
CA GLY TA 166 5.69 25.92 80.29
C GLY TA 166 5.55 25.57 78.82
N SER TA 167 6.69 25.49 78.15
CA SER TA 167 6.68 25.24 76.70
C SER TA 167 6.30 23.79 76.42
N ALA TA 168 6.96 22.84 77.06
CA ALA TA 168 6.62 21.43 76.88
C ALA TA 168 5.61 20.95 77.89
N SER TA 169 4.50 21.68 78.05
CA SER TA 169 3.47 21.26 78.96
C SER TA 169 2.63 20.14 78.39
N ALA TA 170 2.40 20.15 77.08
CA ALA TA 170 1.53 19.18 76.43
C ALA TA 170 2.26 17.90 76.06
N MET TA 171 3.52 17.76 76.45
CA MET TA 171 4.23 16.51 76.27
C MET TA 171 4.42 15.75 77.55
N LEU TA 172 4.18 16.36 78.70
CA LEU TA 172 4.42 15.72 79.97
C LEU TA 172 3.14 15.36 80.71
N GLN TA 173 2.04 16.07 80.45
CA GLN TA 173 0.79 15.77 81.14
C GLN TA 173 0.24 14.37 80.90
N PRO TA 174 0.08 13.87 79.67
CA PRO TA 174 -0.66 12.61 79.55
C PRO TA 174 0.15 11.40 79.98
N LEU TA 175 1.48 11.52 80.06
CA LEU TA 175 2.27 10.43 80.57
C LEU TA 175 2.11 10.30 82.09
N LEU TA 176 2.00 11.44 82.78
CA LEU TA 176 1.78 11.38 84.21
C LEU TA 176 0.38 10.88 84.54
N ASP TA 177 -0.58 11.10 83.64
CA ASP TA 177 -1.88 10.47 83.78
C ASP TA 177 -1.79 8.96 83.68
N ASN TA 178 -0.89 8.46 82.85
CA ASN TA 178 -0.76 7.02 82.70
C ASN TA 178 -0.02 6.41 83.88
N GLN TA 179 1.03 7.07 84.34
CA GLN TA 179 1.85 6.49 85.39
C GLN TA 179 1.35 6.86 86.78
N VAL TA 180 1.27 8.16 87.06
CA VAL TA 180 0.86 8.58 88.40
C VAL TA 180 -0.65 8.49 88.55
N GLY TA 181 -1.39 8.96 87.54
CA GLY TA 181 -2.83 9.01 87.65
C GLY TA 181 -3.52 7.67 87.46
N PHE TA 182 -2.83 6.71 86.84
CA PHE TA 182 -3.33 5.37 86.53
C PHE TA 182 -4.62 5.43 85.73
N LYS TA 183 -4.54 6.08 84.58
CA LYS TA 183 -5.70 6.26 83.72
C LYS TA 183 -5.59 5.39 82.50
N ASN TA 184 -6.77 5.05 81.94
CA ASN TA 184 -6.93 4.28 80.71
C ASN TA 184 -6.30 2.90 80.81
N MET TA 185 -6.26 2.32 82.01
CA MET TA 185 -5.67 1.00 82.17
C MET TA 185 -6.68 0.05 82.80
N GLN TA 186 -6.54 -1.22 82.41
CA GLN TA 186 -7.38 -2.30 82.91
C GLN TA 186 -6.57 -3.11 83.91
N ASN TA 187 -7.16 -3.38 85.08
CA ASN TA 187 -6.62 -4.27 86.11
C ASN TA 187 -5.26 -3.80 86.63
N VAL TA 188 -5.18 -2.52 86.96
CA VAL TA 188 -3.97 -1.93 87.52
C VAL TA 188 -4.31 -1.41 88.91
N GLU TA 189 -3.49 -1.78 89.89
CA GLU TA 189 -3.73 -1.36 91.26
C GLU TA 189 -3.28 0.08 91.46
N HIS TA 190 -3.87 0.72 92.46
CA HIS TA 190 -3.53 2.11 92.79
C HIS TA 190 -2.60 2.14 93.99
N VAL TA 191 -1.40 1.62 93.78
CA VAL TA 191 -0.33 1.73 94.78
C VAL TA 191 0.16 3.18 94.82
N PRO TA 192 0.38 3.76 95.99
CA PRO TA 192 0.85 5.15 96.05
C PRO TA 192 2.28 5.28 95.56
N LEU TA 193 2.61 6.45 95.06
CA LEU TA 193 3.95 6.72 94.57
C LEU TA 193 4.91 6.91 95.74
N SER TA 194 6.02 6.19 95.69
CA SER TA 194 7.05 6.31 96.70
C SER TA 194 7.98 7.45 96.28
N LEU TA 195 9.03 7.67 97.07
CA LEU TA 195 9.96 8.74 96.75
C LEU TA 195 10.83 8.36 95.55
N ASP TA 196 11.47 7.19 95.60
CA ASP TA 196 12.39 6.79 94.56
C ASP TA 196 11.67 6.48 93.26
N ARG TA 197 10.42 6.00 93.33
CA ARG TA 197 9.65 5.80 92.12
C ARG TA 197 9.31 7.14 91.47
N ALA TA 198 9.07 8.16 92.29
CA ALA TA 198 8.83 9.49 91.75
C ALA TA 198 10.10 10.11 91.21
N MET TA 199 11.26 9.70 91.73
CA MET TA 199 12.52 10.28 91.28
C MET TA 199 12.85 9.87 89.86
N ARG TA 200 12.61 8.61 89.51
CA ARG TA 200 12.93 8.18 88.16
C ARG TA 200 11.88 8.62 87.17
N LEU TA 201 10.65 8.92 87.64
CA LEU TA 201 9.64 9.45 86.73
C LEU TA 201 9.99 10.85 86.28
N VAL TA 202 10.53 11.66 87.19
CA VAL TA 202 10.92 13.02 86.82
C VAL TA 202 12.12 12.99 85.89
N LYS TA 203 13.05 12.05 86.12
CA LYS TA 203 14.25 12.00 85.30
C LYS TA 203 13.93 11.49 83.90
N ASP TA 204 12.92 10.63 83.78
CA ASP TA 204 12.64 10.04 82.46
C ASP TA 204 11.90 11.00 81.56
N VAL TA 205 11.03 11.84 82.12
CA VAL TA 205 10.21 12.68 81.25
C VAL TA 205 11.02 13.82 80.64
N PHE TA 206 12.00 14.37 81.37
CA PHE TA 206 12.78 15.45 80.83
C PHE TA 206 13.80 14.97 79.82
N ILE TA 207 14.16 13.68 79.87
CA ILE TA 207 14.95 13.11 78.80
C ILE TA 207 14.12 13.05 77.53
N SER TA 208 12.87 12.60 77.66
CA SER TA 208 12.01 12.45 76.50
C SER TA 208 11.56 13.80 75.95
N ALA TA 209 11.38 14.79 76.83
CA ALA TA 209 10.93 16.09 76.37
C ALA TA 209 12.06 16.86 75.70
N ALA TA 210 13.30 16.61 76.12
CA ALA TA 210 14.44 17.28 75.49
C ALA TA 210 14.67 16.78 74.07
N GLU TA 211 14.22 15.58 73.76
CA GLU TA 211 14.38 15.04 72.43
C GLU TA 211 13.48 15.70 71.41
N ARG TA 212 12.39 16.33 71.85
CA ARG TA 212 11.42 16.86 70.90
C ARG TA 212 11.26 18.37 71.04
N ASP TA 213 11.26 18.88 72.26
CA ASP TA 213 11.15 20.32 72.45
C ASP TA 213 12.51 20.95 72.26
N VAL TA 214 12.55 22.03 71.48
CA VAL TA 214 13.81 22.74 71.29
C VAL TA 214 14.18 23.62 72.47
N TYR TA 215 13.23 23.94 73.35
CA TYR TA 215 13.48 24.84 74.46
C TYR TA 215 14.04 24.14 75.68
N THR TA 216 14.08 22.82 75.70
CA THR TA 216 14.45 22.11 76.90
C THR TA 216 15.97 22.04 77.04
N GLY TA 217 16.48 22.56 78.15
CA GLY TA 217 17.88 22.82 78.30
C GLY TA 217 18.72 21.62 78.70
N ASP TA 218 19.78 21.92 79.44
CA ASP TA 218 20.83 20.94 79.66
C ASP TA 218 20.80 20.38 81.08
N ALA TA 219 20.91 21.24 82.08
CA ALA TA 219 20.87 20.73 83.44
C ALA TA 219 19.43 20.70 83.94
N LEU TA 220 19.13 19.72 84.77
CA LEU TA 220 17.79 19.54 85.32
C LEU TA 220 17.88 19.72 86.83
N ARG TA 221 17.35 20.83 87.32
CA ARG TA 221 17.40 21.16 88.73
C ARG TA 221 16.17 20.58 89.39
N ILE TA 222 16.36 19.63 90.30
CA ILE TA 222 15.26 18.99 91.01
C ILE TA 222 15.35 19.38 92.48
N CYS TA 223 14.29 20.00 92.99
CA CYS TA 223 14.20 20.37 94.39
C CYS TA 223 13.21 19.44 95.07
N ILE TA 224 13.65 18.79 96.14
CA ILE TA 224 12.83 17.82 96.85
C ILE TA 224 12.50 18.38 98.22
N VAL TA 225 11.22 18.62 98.49
CA VAL TA 225 10.78 19.19 99.74
C VAL TA 225 10.20 18.08 100.59
N THR TA 226 10.86 17.78 101.70
CA THR TA 226 10.33 16.84 102.67
C THR TA 226 10.07 17.58 103.96
N LYS TA 227 9.73 16.86 105.02
CA LYS TA 227 9.50 17.46 106.32
C LYS TA 227 10.79 17.79 107.06
N GLU TA 228 11.94 17.63 106.42
CA GLU TA 228 13.24 17.80 107.05
C GLU TA 228 14.10 18.84 106.37
N GLY TA 229 13.84 19.15 105.11
CA GLY TA 229 14.60 20.19 104.45
C GLY TA 229 14.29 20.21 102.97
N ILE TA 230 15.18 20.85 102.22
CA ILE TA 230 15.12 20.90 100.77
C ILE TA 230 16.40 20.31 100.22
N ARG TA 231 16.27 19.20 99.51
CA ARG TA 231 17.40 18.59 98.82
C ARG TA 231 17.39 19.01 97.36
N GLU TA 232 18.58 19.13 96.78
CA GLU TA 232 18.70 19.52 95.39
C GLU TA 232 19.59 18.53 94.65
N GLU TA 233 19.18 18.16 93.44
CA GLU TA 233 19.94 17.26 92.60
C GLU TA 233 19.92 17.79 91.17
N THR TA 234 21.09 17.79 90.53
CA THR TA 234 21.23 18.32 89.18
C THR TA 234 21.59 17.20 88.22
N VAL TA 235 20.79 17.01 87.18
CA VAL TA 235 20.98 15.98 86.18
C VAL TA 235 21.20 16.65 84.84
N SER TA 236 22.20 16.19 84.09
CA SER TA 236 22.52 16.77 82.80
C SER TA 236 21.69 16.13 81.69
N LEU TA 237 21.42 16.89 80.64
CA LEU TA 237 20.68 16.40 79.48
C LEU TA 237 21.50 16.69 78.23
N ARG TA 238 20.90 16.52 77.05
CA ARG TA 238 21.63 16.75 75.82
C ARG TA 238 21.74 18.24 75.54
N LYS TA 239 22.79 18.60 74.82
CA LYS TA 239 23.11 20.01 74.60
C LYS TA 239 22.81 20.44 73.18
N ASP TA 240 21.77 19.87 72.59
CA ASP TA 240 21.39 20.17 71.21
C ASP TA 240 20.92 21.61 71.04
N THR UA 45 11.53 56.15 74.68
CA THR UA 45 11.94 56.27 73.29
C THR UA 45 11.28 55.21 72.42
N GLN UA 46 10.52 55.67 71.44
CA GLN UA 46 9.89 54.77 70.48
C GLN UA 46 10.84 54.45 69.32
N ASN UA 47 11.47 55.47 68.76
CA ASN UA 47 12.29 55.30 67.58
C ASN UA 47 13.71 55.73 67.86
N PRO UA 48 14.68 54.83 67.85
CA PRO UA 48 16.07 55.24 68.10
C PRO UA 48 16.66 55.97 66.91
N MET UA 49 17.16 57.17 67.18
CA MET UA 49 17.77 57.95 66.11
C MET UA 49 19.21 57.55 65.89
N VAL UA 50 20.06 57.79 66.90
CA VAL UA 50 21.50 57.59 66.74
C VAL UA 50 21.87 56.34 67.54
N THR UA 51 22.11 55.24 66.84
CA THR UA 51 22.36 54.00 67.52
C THR UA 51 23.85 53.65 67.54
N GLY UA 52 24.23 52.86 68.53
CA GLY UA 52 25.53 52.22 68.55
C GLY UA 52 25.43 50.84 67.93
N THR UA 53 26.28 49.93 68.39
CA THR UA 53 26.31 48.56 67.89
C THR UA 53 26.86 47.60 68.92
N SER UA 54 27.30 46.41 68.47
CA SER UA 54 27.61 45.27 69.31
C SER UA 54 28.71 45.57 70.32
N VAL UA 55 28.57 45.02 71.53
CA VAL UA 55 29.51 45.19 72.63
C VAL UA 55 29.89 43.81 73.12
N LEU UA 56 31.18 43.57 73.33
CA LEU UA 56 31.64 42.29 73.81
C LEU UA 56 32.02 42.37 75.28
N GLY UA 57 32.41 41.24 75.84
CA GLY UA 57 32.81 41.19 77.24
C GLY UA 57 32.99 39.77 77.72
N VAL UA 58 34.06 39.51 78.48
CA VAL UA 58 34.35 38.17 78.96
C VAL UA 58 35.15 38.29 80.25
N LYS UA 59 34.96 37.33 81.15
CA LYS UA 59 35.72 37.25 82.37
C LYS UA 59 37.09 36.65 82.10
N PHE UA 60 38.03 36.94 82.99
CA PHE UA 60 39.28 36.21 83.01
C PHE UA 60 39.70 36.04 84.46
N GLU UA 61 40.90 35.51 84.65
CA GLU UA 61 41.42 35.24 85.99
C GLU UA 61 41.74 36.55 86.68
N GLY UA 62 40.86 36.95 87.60
CA GLY UA 62 41.02 38.21 88.28
C GLY UA 62 40.75 39.40 87.39
N GLY UA 63 39.51 39.53 86.93
CA GLY UA 63 39.15 40.68 86.12
C GLY UA 63 38.23 40.38 84.98
N VAL UA 64 37.69 41.44 84.37
CA VAL UA 64 36.73 41.36 83.28
C VAL UA 64 37.17 42.34 82.21
N VAL UA 65 37.21 41.90 80.96
CA VAL UA 65 37.58 42.76 79.84
C VAL UA 65 36.37 42.98 78.94
N ILE UA 66 36.16 44.23 78.50
CA ILE UA 66 35.02 44.62 77.68
C ILE UA 66 35.53 45.50 76.55
N ALA UA 67 35.10 45.21 75.31
CA ALA UA 67 35.46 46.02 74.16
C ALA UA 67 34.23 46.49 73.41
N ALA UA 68 34.35 47.65 72.77
CA ALA UA 68 33.32 48.21 71.91
C ALA UA 68 33.95 49.20 70.96
N ASP UA 69 33.25 49.48 69.86
CA ASP UA 69 33.80 50.37 68.86
C ASP UA 69 33.26 51.79 69.02
N MET UA 70 33.79 52.69 68.21
CA MET UA 70 33.58 54.11 68.35
C MET UA 70 32.80 54.58 67.13
N LEU UA 71 31.48 54.45 67.16
CA LEU UA 71 30.68 54.80 66.00
C LEU UA 71 29.27 55.17 66.42
N GLY UA 72 28.75 56.23 65.84
CA GLY UA 72 27.46 56.78 66.17
C GLY UA 72 26.49 56.78 65.01
N SER UA 73 26.35 55.64 64.33
CA SER UA 73 25.62 55.51 63.08
C SER UA 73 24.18 56.00 63.16
N TYR UA 74 23.66 56.43 62.01
CA TYR UA 74 22.32 56.97 61.88
C TYR UA 74 21.63 56.21 60.76
N GLY UA 75 21.03 55.08 61.10
CA GLY UA 75 20.36 54.25 60.12
C GLY UA 75 21.33 53.43 59.31
N SER UA 76 22.00 54.06 58.35
CA SER UA 76 23.02 53.40 57.56
C SER UA 76 24.19 54.33 57.33
N LEU UA 77 24.19 55.48 58.01
CA LEU UA 77 25.16 56.52 57.80
C LEU UA 77 26.11 56.57 58.98
N ALA UA 78 27.40 56.34 58.73
CA ALA UA 78 28.40 56.49 59.77
C ALA UA 78 28.61 57.98 60.03
N ARG UA 79 27.69 58.56 60.79
CA ARG UA 79 27.65 60.00 60.94
C ARG UA 79 28.68 60.47 61.97
N PHE UA 80 28.55 60.03 63.20
CA PHE UA 80 29.49 60.39 64.24
C PHE UA 80 30.48 59.27 64.44
N ARG UA 81 31.73 59.52 64.14
CA ARG UA 81 32.69 58.42 64.10
C ARG UA 81 33.82 58.57 65.10
N ASN UA 82 33.73 59.48 66.05
CA ASN UA 82 34.64 59.51 67.19
C ASN UA 82 33.80 59.77 68.45
N ILE UA 83 33.31 58.70 69.06
CA ILE UA 83 32.58 58.78 70.32
C ILE UA 83 33.08 57.68 71.24
N SER UA 84 32.72 57.77 72.51
CA SER UA 84 33.03 56.73 73.48
C SER UA 84 31.74 56.05 73.92
N ARG UA 85 31.76 54.72 73.95
CA ARG UA 85 30.61 53.95 74.37
C ARG UA 85 30.85 53.10 75.60
N ILE UA 86 31.97 53.30 76.30
CA ILE UA 86 32.29 52.56 77.51
C ILE UA 86 32.45 53.58 78.64
N MET UA 87 31.85 53.31 79.79
CA MET UA 87 31.90 54.22 80.92
C MET UA 87 32.56 53.56 82.11
N ARG UA 88 33.47 54.27 82.77
CA ARG UA 88 34.08 53.84 84.02
C ARG UA 88 33.25 54.43 85.15
N VAL UA 89 32.50 53.57 85.84
CA VAL UA 89 31.61 54.01 86.90
C VAL UA 89 32.41 54.36 88.15
N ASN UA 90 33.13 53.40 88.68
CA ASN UA 90 34.03 53.65 89.81
C ASN UA 90 35.22 52.69 89.72
N ASN UA 91 35.96 52.52 90.81
CA ASN UA 91 37.14 51.68 90.80
C ASN UA 91 36.81 50.20 90.86
N SER UA 92 35.52 49.85 90.84
CA SER UA 92 35.13 48.46 90.85
C SER UA 92 34.45 48.07 89.55
N THR UA 93 33.44 48.82 89.12
CA THR UA 93 32.67 48.35 87.99
C THR UA 93 32.79 49.29 86.80
N MET UA 94 32.08 48.93 85.73
CA MET UA 94 32.36 49.44 84.40
C MET UA 94 31.18 49.09 83.50
N LEU UA 95 30.82 49.99 82.58
CA LEU UA 95 29.60 49.84 81.80
C LEU UA 95 29.82 50.18 80.33
N GLY UA 96 29.30 49.34 79.45
CA GLY UA 96 29.27 49.60 78.02
C GLY UA 96 27.91 49.30 77.42
N ALA UA 97 27.36 50.18 76.60
CA ALA UA 97 25.99 50.00 76.14
C ALA UA 97 25.88 49.95 74.63
N SER UA 98 24.68 49.62 74.15
CA SER UA 98 24.33 49.66 72.74
C SER UA 98 22.97 50.35 72.63
N GLY UA 99 22.37 50.27 71.44
CA GLY UA 99 21.09 50.89 71.25
C GLY UA 99 21.23 52.38 71.10
N ASP UA 100 20.19 53.11 71.49
CA ASP UA 100 20.14 54.56 71.28
C ASP UA 100 21.18 55.27 72.13
N TYR UA 101 21.89 56.21 71.51
CA TYR UA 101 23.01 56.83 72.18
C TYR UA 101 22.57 57.98 73.08
N ALA UA 102 21.47 58.65 72.73
CA ALA UA 102 20.99 59.75 73.55
C ALA UA 102 20.46 59.24 74.88
N ASP UA 103 19.95 58.01 74.90
CA ASP UA 103 19.54 57.41 76.15
C ASP UA 103 20.73 56.97 76.98
N PHE UA 104 21.85 56.67 76.32
CA PHE UA 104 23.04 56.27 77.05
C PHE UA 104 23.64 57.45 77.80
N GLN UA 105 23.58 58.64 77.23
CA GLN UA 105 24.04 59.83 77.93
C GLN UA 105 23.15 60.15 79.11
N TYR UA 106 21.89 59.73 79.05
CA TYR UA 106 20.99 59.93 80.18
C TYR UA 106 21.39 59.04 81.35
N LEU UA 107 21.63 57.76 81.09
CA LEU UA 107 22.03 56.86 82.16
C LEU UA 107 23.44 57.14 82.64
N LYS UA 108 24.25 57.73 81.77
CA LYS UA 108 25.57 58.21 82.18
C LYS UA 108 25.44 59.35 83.18
N GLN UA 109 24.38 60.15 83.04
CA GLN UA 109 24.20 61.29 83.92
C GLN UA 109 23.63 60.86 85.26
N VAL UA 110 22.77 59.86 85.28
CA VAL UA 110 22.09 59.49 86.52
C VAL UA 110 23.01 58.64 87.39
N LEU UA 111 23.68 57.66 86.78
CA LEU UA 111 24.65 56.85 87.50
C LEU UA 111 25.84 57.67 87.96
N GLY UA 112 26.21 58.70 87.20
CA GLY UA 112 27.30 59.55 87.62
C GLY UA 112 26.98 60.31 88.89
N GLN UA 113 25.72 60.69 89.07
CA GLN UA 113 25.36 61.45 90.25
C GLN UA 113 25.22 60.54 91.47
N MET UA 114 24.74 59.31 91.26
CA MET UA 114 24.56 58.36 92.37
C MET UA 114 25.88 57.97 92.99
N VAL UA 115 26.93 57.84 92.18
CA VAL UA 115 28.24 57.49 92.74
C VAL UA 115 28.83 58.69 93.48
N ILE UA 116 28.62 59.89 92.96
CA ILE UA 116 29.07 61.11 93.64
C ILE UA 116 28.28 61.29 94.93
N ASP UA 117 27.03 60.81 94.95
CA ASP UA 117 26.22 60.88 96.17
C ASP UA 117 26.78 59.98 97.26
N GLU UA 118 27.24 58.80 96.90
CA GLU UA 118 27.64 57.83 97.91
C GLU UA 118 29.02 58.18 98.47
N GLU UA 119 29.86 58.81 97.65
CA GLU UA 119 31.17 59.21 98.13
C GLU UA 119 31.11 60.39 99.08
N LEU UA 120 30.18 61.30 98.87
CA LEU UA 120 30.15 62.51 99.66
C LEU UA 120 29.58 62.31 101.05
N LEU UA 121 28.87 61.21 101.30
CA LEU UA 121 28.55 60.88 102.67
C LEU UA 121 29.80 60.50 103.44
N GLY UA 122 30.43 59.40 103.06
CA GLY UA 122 31.68 58.97 103.62
C GLY UA 122 31.38 58.03 104.75
N ASP UA 123 31.38 56.73 104.48
CA ASP UA 123 31.05 55.76 105.50
C ASP UA 123 31.93 54.52 105.37
N GLY UA 124 32.62 54.41 104.26
CA GLY UA 124 33.32 53.18 103.95
C GLY UA 124 32.44 52.14 103.32
N HIS UA 125 31.45 52.57 102.53
CA HIS UA 125 30.62 51.69 101.76
C HIS UA 125 30.60 52.17 100.32
N SER UA 126 30.46 51.24 99.40
CA SER UA 126 30.40 51.57 97.98
C SER UA 126 29.43 50.64 97.29
N TYR UA 127 28.98 51.03 96.10
CA TYR UA 127 28.12 50.18 95.31
C TYR UA 127 28.93 49.03 94.72
N SER UA 128 28.52 47.81 95.04
CA SER UA 128 29.08 46.65 94.38
C SER UA 128 28.61 46.62 92.93
N PRO UA 129 29.32 45.91 92.05
CA PRO UA 129 28.82 45.77 90.67
C PRO UA 129 27.49 45.06 90.57
N ARG UA 130 27.18 44.17 91.51
CA ARG UA 130 25.88 43.53 91.50
C ARG UA 130 24.79 44.47 91.95
N ALA UA 131 25.12 45.44 92.80
CA ALA UA 131 24.12 46.38 93.26
C ALA UA 131 23.71 47.32 92.14
N ILE UA 132 24.64 47.67 91.27
CA ILE UA 132 24.31 48.51 90.13
C ILE UA 132 23.56 47.70 89.08
N HIS UA 133 23.94 46.43 88.91
CA HIS UA 133 23.23 45.55 88.01
C HIS UA 133 21.82 45.29 88.49
N SER UA 134 21.63 45.23 89.81
CA SER UA 134 20.29 45.10 90.36
C SER UA 134 19.49 46.38 90.17
N TRP UA 135 20.15 47.53 90.37
CA TRP UA 135 19.47 48.81 90.24
C TRP UA 135 19.03 49.05 88.81
N LEU UA 136 19.90 48.73 87.86
CA LEU UA 136 19.65 49.09 86.48
C LEU UA 136 18.59 48.20 85.88
N THR UA 137 18.40 47.01 86.44
CA THR UA 137 17.31 46.14 86.03
C THR UA 137 15.98 46.73 86.42
N ARG UA 138 15.87 47.26 87.63
CA ARG UA 138 14.63 47.89 88.07
C ARG UA 138 14.40 49.20 87.33
N ALA UA 139 15.47 49.81 86.83
CA ALA UA 139 15.32 51.02 86.04
C ALA UA 139 14.66 50.72 84.69
N MET UA 140 15.06 49.62 84.05
CA MET UA 140 14.50 49.30 82.75
C MET UA 140 13.06 48.84 82.86
N TYR UA 141 12.76 48.01 83.85
CA TYR UA 141 11.45 47.38 83.92
C TYR UA 141 10.37 48.39 84.27
N SER UA 142 10.70 49.36 85.12
CA SER UA 142 9.75 50.40 85.42
C SER UA 142 9.57 51.33 84.23
N ARG UA 143 10.59 51.46 83.41
CA ARG UA 143 10.53 52.37 82.29
C ARG UA 143 9.70 51.79 81.15
N ARG UA 144 9.74 50.47 80.96
CA ARG UA 144 8.90 49.84 79.96
C ARG UA 144 7.47 49.67 80.41
N SER UA 145 7.22 49.68 81.71
CA SER UA 145 5.86 49.44 82.18
C SER UA 145 4.98 50.65 81.97
N LYS UA 146 5.57 51.81 81.71
CA LYS UA 146 4.87 52.99 81.27
C LYS UA 146 4.71 53.06 79.77
N MET UA 147 5.05 51.96 79.07
CA MET UA 147 5.05 51.85 77.61
C MET UA 147 5.92 52.93 76.96
N ASN UA 148 7.02 53.25 77.61
CA ASN UA 148 7.95 54.27 77.15
C ASN UA 148 9.35 53.77 77.43
N PRO UA 149 9.89 52.88 76.64
CA PRO UA 149 11.12 52.19 77.05
C PRO UA 149 12.37 53.04 76.90
N LEU UA 150 13.51 52.50 77.33
CA LEU UA 150 14.81 53.07 77.00
C LEU UA 150 15.52 52.12 76.06
N TRP UA 151 15.72 52.57 74.83
CA TRP UA 151 16.21 51.70 73.77
C TRP UA 151 17.69 51.42 73.98
N ASN UA 152 18.03 50.49 74.87
CA ASN UA 152 19.42 50.14 75.11
C ASN UA 152 19.57 48.67 75.42
N THR UA 153 20.83 48.24 75.39
CA THR UA 153 21.22 46.89 75.78
C THR UA 153 22.60 47.06 76.41
N MET UA 154 22.72 46.71 77.67
CA MET UA 154 23.84 47.15 78.49
C MET UA 154 24.59 45.98 79.10
N VAL UA 155 25.90 46.13 79.22
CA VAL UA 155 26.77 45.09 79.75
C VAL UA 155 27.55 45.69 80.91
N ILE UA 156 27.39 45.11 82.09
CA ILE UA 156 28.09 45.58 83.27
C ILE UA 156 29.17 44.57 83.65
N GLY UA 157 30.40 45.04 83.75
CA GLY UA 157 31.49 44.21 84.19
C GLY UA 157 32.21 44.85 85.36
N GLY UA 158 32.34 44.10 86.46
CA GLY UA 158 33.00 44.61 87.65
C GLY UA 158 33.89 43.55 88.27
N TYR UA 159 34.69 44.00 89.23
CA TYR UA 159 35.58 43.10 89.95
C TYR UA 159 35.68 43.58 91.39
N ALA UA 160 35.04 42.85 92.30
CA ALA UA 160 35.06 43.22 93.70
C ALA UA 160 35.12 41.95 94.54
N ASP UA 161 35.81 42.05 95.68
CA ASP UA 161 36.04 40.95 96.63
C ASP UA 161 36.69 39.74 95.98
N GLY UA 162 37.58 39.98 95.02
CA GLY UA 162 38.19 38.89 94.30
C GLY UA 162 37.24 38.12 93.42
N GLU UA 163 36.15 38.74 92.99
CA GLU UA 163 35.14 38.08 92.18
C GLU UA 163 34.96 38.84 90.88
N SER UA 164 35.03 38.13 89.77
CA SER UA 164 34.70 38.72 88.49
C SER UA 164 33.20 38.69 88.30
N PHE UA 165 32.64 39.82 87.91
CA PHE UA 165 31.21 39.91 87.68
C PHE UA 165 30.96 40.39 86.26
N LEU UA 166 29.97 39.79 85.59
CA LEU UA 166 29.69 40.12 84.20
C LEU UA 166 28.18 39.96 83.99
N GLY UA 167 27.48 41.08 83.96
CA GLY UA 167 26.03 41.08 83.87
C GLY UA 167 25.49 41.65 82.58
N TYR UA 168 24.28 41.22 82.24
CA TYR UA 168 23.56 41.64 81.05
C TYR UA 168 22.30 42.35 81.49
N VAL UA 169 21.94 43.43 80.80
CA VAL UA 169 20.68 44.11 81.02
C VAL UA 169 20.08 44.40 79.66
N ASP UA 170 18.82 44.01 79.46
CA ASP UA 170 18.12 44.24 78.21
C ASP UA 170 17.15 45.40 78.35
N MET UA 171 16.60 45.84 77.22
CA MET UA 171 15.59 46.89 77.21
C MET UA 171 14.32 46.45 77.95
N LEU UA 172 13.93 45.20 77.80
CA LEU UA 172 12.68 44.74 78.41
C LEU UA 172 12.84 44.32 79.86
N GLY UA 173 14.02 44.44 80.43
CA GLY UA 173 14.18 44.07 81.83
C GLY UA 173 14.70 42.66 81.98
N VAL UA 174 15.15 42.07 80.88
CA VAL UA 174 15.72 40.74 80.91
C VAL UA 174 17.18 40.83 81.34
N ALA UA 175 17.51 40.27 82.49
CA ALA UA 175 18.84 40.41 83.06
C ALA UA 175 19.33 39.06 83.56
N TYR UA 176 20.59 38.75 83.29
CA TYR UA 176 21.21 37.51 83.76
C TYR UA 176 22.70 37.71 83.88
N GLU UA 177 23.41 36.64 84.23
CA GLU UA 177 24.85 36.66 84.40
C GLU UA 177 25.44 35.53 83.60
N ALA UA 178 26.70 35.71 83.15
CA ALA UA 178 27.32 34.74 82.26
C ALA UA 178 28.82 34.93 82.32
N PRO UA 179 29.62 33.93 81.97
CA PRO UA 179 31.06 34.17 81.85
C PRO UA 179 31.46 34.91 80.58
N SER UA 180 30.58 35.02 79.59
CA SER UA 180 30.87 35.76 78.38
C SER UA 180 29.57 36.30 77.82
N LEU UA 181 29.59 37.53 77.34
CA LEU UA 181 28.39 38.18 76.84
C LEU UA 181 28.68 38.90 75.54
N ALA UA 182 27.61 39.10 74.77
CA ALA UA 182 27.68 39.85 73.52
C ALA UA 182 26.29 40.40 73.22
N THR UA 183 26.25 41.55 72.57
CA THR UA 183 25.01 42.23 72.23
C THR UA 183 24.88 42.33 70.72
N GLY UA 184 23.64 42.40 70.25
CA GLY UA 184 23.39 42.66 68.83
C GLY UA 184 23.80 41.51 67.95
N TYR UA 185 24.50 41.82 66.87
CA TYR UA 185 25.00 40.80 65.96
C TYR UA 185 26.21 40.07 66.49
N GLY UA 186 26.85 40.60 67.54
CA GLY UA 186 27.87 39.84 68.22
C GLY UA 186 27.33 38.62 68.95
N ALA UA 187 26.04 38.63 69.27
CA ALA UA 187 25.39 37.45 69.81
C ALA UA 187 25.21 36.34 68.78
N TYR UA 188 25.40 36.64 67.50
CA TYR UA 188 25.38 35.63 66.47
C TYR UA 188 26.77 35.31 65.94
N LEU UA 189 27.73 36.21 66.14
CA LEU UA 189 29.05 36.07 65.52
C LEU UA 189 30.14 35.83 66.54
N ALA UA 190 30.29 36.70 67.53
CA ALA UA 190 31.36 36.50 68.49
C ALA UA 190 31.01 35.44 69.52
N GLN UA 191 29.72 35.35 69.86
CA GLN UA 191 29.27 34.41 70.88
C GLN UA 191 29.56 32.93 70.60
N PRO UA 192 29.56 32.42 69.36
CA PRO UA 192 30.12 31.07 69.16
C PRO UA 192 31.60 30.97 69.44
N LEU UA 193 32.38 32.00 69.13
CA LEU UA 193 33.82 31.92 69.39
C LEU UA 193 34.11 31.99 70.87
N LEU UA 194 33.27 32.68 71.63
CA LEU UA 194 33.51 32.79 73.07
C LEU UA 194 33.18 31.49 73.77
N ARG UA 195 32.01 30.93 73.46
CA ARG UA 195 31.53 29.75 74.19
C ARG UA 195 32.31 28.51 73.81
N GLU UA 196 32.91 28.49 72.63
CA GLU UA 196 33.68 27.33 72.22
C GLU UA 196 34.95 27.20 73.02
N VAL UA 197 35.57 28.34 73.36
CA VAL UA 197 36.81 28.30 74.12
C VAL UA 197 36.53 28.04 75.60
N LEU UA 198 35.45 28.63 76.12
CA LEU UA 198 35.18 28.52 77.54
C LEU UA 198 34.72 27.14 77.95
N GLU UA 199 33.98 26.45 77.08
CA GLU UA 199 33.64 25.07 77.36
C GLU UA 199 34.85 24.17 77.26
N LYS UA 200 35.79 24.47 76.37
CA LYS UA 200 37.02 23.69 76.29
C LYS UA 200 38.00 24.06 77.39
N GLN UA 201 38.06 25.33 77.77
CA GLN UA 201 38.96 25.78 78.81
C GLN UA 201 38.19 26.71 79.73
N PRO UA 202 37.95 26.31 80.98
CA PRO UA 202 37.14 27.12 81.89
C PRO UA 202 37.76 28.47 82.25
N VAL UA 203 39.00 28.47 82.72
CA VAL UA 203 39.61 29.72 83.16
C VAL UA 203 40.62 30.21 82.12
N LEU UA 204 40.72 31.52 82.00
CA LEU UA 204 41.62 32.14 81.04
C LEU UA 204 42.50 33.16 81.75
N SER UA 205 43.70 33.33 81.24
CA SER UA 205 44.57 34.37 81.77
C SER UA 205 44.16 35.70 81.15
N GLN UA 206 44.83 36.78 81.52
CA GLN UA 206 44.49 38.09 80.99
C GLN UA 206 44.89 38.25 79.52
N THR UA 207 46.11 37.86 79.17
CA THR UA 207 46.57 38.02 77.80
C THR UA 207 45.86 37.07 76.85
N GLU UA 208 45.46 35.90 77.34
CA GLU UA 208 44.65 34.99 76.54
C GLU UA 208 43.28 35.57 76.29
N ALA UA 209 42.73 36.29 77.27
CA ALA UA 209 41.42 36.90 77.09
C ALA UA 209 41.49 38.06 76.12
N ARG UA 210 42.56 38.85 76.20
CA ARG UA 210 42.65 40.07 75.39
C ARG UA 210 42.87 39.73 73.92
N ASP UA 211 43.65 38.70 73.65
CA ASP UA 211 43.87 38.30 72.26
C ASP UA 211 42.61 37.68 71.67
N LEU UA 212 41.82 36.99 72.49
CA LEU UA 212 40.60 36.36 71.99
C LEU UA 212 39.57 37.40 71.62
N VAL UA 213 39.57 38.53 72.33
CA VAL UA 213 38.65 39.62 72.00
C VAL UA 213 39.02 40.26 70.67
N GLU UA 214 40.33 40.41 70.41
CA GLU UA 214 40.79 41.03 69.18
C GLU UA 214 40.48 40.16 67.97
N ARG UA 215 40.32 38.85 68.18
CA ARG UA 215 39.91 37.98 67.09
C ARG UA 215 38.44 38.16 66.76
N CYS UA 216 37.61 38.35 67.78
CA CYS UA 216 36.18 38.47 67.54
C CYS UA 216 35.83 39.81 66.93
N MET UA 217 36.58 40.85 67.26
CA MET UA 217 36.33 42.16 66.68
C MET UA 217 36.68 42.18 65.21
N ARG UA 218 37.66 41.38 64.81
CA ARG UA 218 37.99 41.24 63.40
C ARG UA 218 36.87 40.55 62.65
N VAL UA 219 36.21 39.60 63.30
CA VAL UA 219 35.08 38.91 62.68
C VAL UA 219 33.90 39.86 62.55
N LEU UA 220 33.64 40.65 63.59
CA LEU UA 220 32.57 41.63 63.51
C LEU UA 220 32.87 42.72 62.51
N TYR UA 221 34.15 43.00 62.27
CA TYR UA 221 34.46 44.00 61.26
C TYR UA 221 34.23 43.47 59.86
N TYR UA 222 34.51 42.19 59.63
CA TYR UA 222 34.29 41.61 58.32
C TYR UA 222 32.82 41.39 58.01
N ARG UA 223 32.04 40.88 58.96
CA ARG UA 223 30.66 40.54 58.70
C ARG UA 223 29.77 41.44 59.56
N ASP UA 224 29.54 42.65 59.08
CA ASP UA 224 28.59 43.61 59.64
C ASP UA 224 28.54 44.79 58.69
N ALA UA 225 27.36 45.34 58.51
CA ALA UA 225 27.25 46.54 57.70
C ALA UA 225 27.52 47.81 58.49
N ARG UA 226 27.42 47.76 59.81
CA ARG UA 226 27.34 48.96 60.63
C ARG UA 226 28.39 48.90 61.73
N SER UA 227 29.62 48.55 61.35
CA SER UA 227 30.74 48.52 62.27
C SER UA 227 31.83 49.44 61.75
N TYR UA 228 32.88 49.61 62.55
CA TYR UA 228 33.93 50.56 62.26
C TYR UA 228 35.25 50.02 62.80
N ASN UA 229 36.34 50.31 62.08
CA ASN UA 229 37.63 49.70 62.38
C ASN UA 229 38.41 50.59 63.36
N ARG UA 230 37.75 50.90 64.47
CA ARG UA 230 38.35 51.73 65.50
C ARG UA 230 37.57 51.47 66.77
N PHE UA 231 38.23 50.86 67.76
CA PHE UA 231 37.56 50.40 68.95
C PHE UA 231 38.45 50.66 70.14
N GLN UA 232 37.94 50.34 71.32
CA GLN UA 232 38.66 50.57 72.55
C GLN UA 232 38.33 49.48 73.55
N ILE UA 233 39.34 49.10 74.32
CA ILE UA 233 39.28 47.95 75.22
C ILE UA 233 39.41 48.46 76.64
N ALA UA 234 38.51 48.03 77.51
CA ALA UA 234 38.44 48.50 78.89
C ALA UA 234 38.50 47.29 79.82
N THR UA 235 39.42 47.34 80.78
CA THR UA 235 39.75 46.18 81.61
C THR UA 235 39.64 46.55 83.09
N VAL UA 236 38.97 45.72 83.87
CA VAL UA 236 38.98 45.89 85.32
C VAL UA 236 39.91 44.86 85.92
N THR UA 237 40.56 45.24 87.01
CA THR UA 237 41.37 44.34 87.83
C THR UA 237 41.09 44.66 89.28
N GLU UA 238 41.93 44.14 90.17
CA GLU UA 238 42.00 44.62 91.53
C GLU UA 238 42.81 45.90 91.64
N LYS UA 239 43.39 46.38 90.54
CA LYS UA 239 44.14 47.61 90.54
C LYS UA 239 43.35 48.78 89.97
N GLY UA 240 42.17 48.54 89.40
CA GLY UA 240 41.35 49.64 88.94
C GLY UA 240 40.75 49.34 87.60
N VAL UA 241 40.25 50.40 86.97
CA VAL UA 241 39.64 50.34 85.65
C VAL UA 241 40.54 51.08 84.68
N GLU UA 242 40.90 50.44 83.59
CA GLU UA 242 41.81 51.01 82.61
C GLU UA 242 41.22 50.88 81.22
N ILE UA 243 41.20 51.97 80.48
CA ILE UA 243 40.60 52.02 79.15
C ILE UA 243 41.70 52.33 78.14
N GLU UA 244 41.93 51.42 77.19
CA GLU UA 244 42.93 51.67 76.17
C GLU UA 244 42.33 52.54 75.07
N GLY UA 245 43.22 53.13 74.26
CA GLY UA 245 42.82 54.11 73.27
C GLY UA 245 42.25 53.48 72.01
N PRO UA 246 42.20 54.27 70.94
CA PRO UA 246 41.66 53.74 69.68
C PRO UA 246 42.60 52.73 69.06
N LEU UA 247 42.04 51.61 68.65
CA LEU UA 247 42.81 50.48 68.14
C LEU UA 247 42.32 50.14 66.75
N SER UA 248 42.95 49.14 66.14
CA SER UA 248 42.54 48.69 64.82
C SER UA 248 42.83 47.21 64.67
N THR UA 249 42.29 46.62 63.61
CA THR UA 249 42.47 45.21 63.32
C THR UA 249 43.13 45.00 61.97
N GLU UA 250 44.01 44.00 61.89
CA GLU UA 250 44.68 43.69 60.64
C GLU UA 250 43.70 42.98 59.71
N THR UA 251 43.20 43.71 58.73
CA THR UA 251 42.28 43.12 57.78
C THR UA 251 43.04 42.29 56.76
N ASN UA 252 42.52 41.12 56.44
CA ASN UA 252 43.08 40.26 55.40
C ASN UA 252 42.17 40.30 54.19
N TRP UA 253 42.77 40.52 53.02
CA TRP UA 253 42.03 40.49 51.76
C TRP UA 253 42.83 39.65 50.78
N ASP UA 254 42.71 38.33 50.88
CA ASP UA 254 43.36 37.42 49.95
C ASP UA 254 42.39 36.63 49.10
N ILE UA 255 41.13 36.52 49.53
CA ILE UA 255 40.12 35.86 48.72
C ILE UA 255 39.57 36.77 47.64
N ALA UA 256 40.02 38.02 47.58
CA ALA UA 256 39.55 38.93 46.55
C ALA UA 256 40.15 38.59 45.19
N HIS UA 257 41.35 38.01 45.17
CA HIS UA 257 41.94 37.63 43.90
C HIS UA 257 41.32 36.36 43.35
N MET UA 258 40.71 35.56 44.21
CA MET UA 258 40.01 34.37 43.78
C MET UA 258 38.70 34.78 43.12
N ILE UA 259 38.48 34.29 41.91
CA ILE UA 259 37.23 34.57 41.23
C ILE UA 259 36.17 33.57 41.70
#